data_8YAO
#
_entry.id   8YAO
#
_cell.length_a   1.00
_cell.length_b   1.00
_cell.length_c   1.00
_cell.angle_alpha   90.00
_cell.angle_beta   90.00
_cell.angle_gamma   90.00
#
_symmetry.space_group_name_H-M   'P 1'
#
loop_
_entity.id
_entity.type
_entity.pdbx_description
1 polymer Huntingtin
2 polymer 'Actin, alpha skeletal muscle'
#
loop_
_entity_poly.entity_id
_entity_poly.type
_entity_poly.pdbx_seq_one_letter_code
_entity_poly.pdbx_strand_id
1 'polypeptide(L)'
;GAMATLEKLMKAFESLKSFQQQQQQQQQQQQQQQQQQQQQPPPPPPPPPPPQLPQPPPQAQPLLPQPQPPPPPPPPPPGP
AVAEEPLHRPKKELSATKKDRVNHCLTICENIVAQSVRNSPEFQKLLGIAMELFLLCSDDAESDVRMVADECLNKVIKAL
MDSNLPRLQLELYKEIKKNGAPRSLRAALWRFAELAHLVRPQKCRPYLVNLLPCLTRTSKRPEESVQETLAAAVPKIMAS
FGNFANDNEIKVLLKAFIANLKSSSPTIRRTAAGSAVSICQHSRRTQYFYSWLLNVLLGLLVPVEDEHSTLLILGVLLTL
RYLVPLLQQQVKDTSLKGSFGVTRKEMEVSPSAEQLVQVYELTLHHTQHQDHNVVTGALELLQQLFRTPPPELLQTLTAV
GGIGQLTAAKEESGGRSRSGSIVELIAGGGSSCSPVLSRKQKGKVLLGEEEALEDDSESRSDVSSSALTASVKDEISGEL
AASSGVSTPGSAGHDIITEQPRSQHTLQADSVDLASCDLTSSATDGDEEDILSHSSSQVSAVPSDPAMDLNDGTQASSPI
SDSSQTTTEGPDSAVTPSDSSEIVLDGTDNQYLGLQIGQPQDEDEEATGILPDEASEAFRNSSMALQQAHLLKNMSHCRQ
PSDSSVDKFVLRDEATEPGDQENKPCRIKGDIGQSTDDDSAPLVHCVRLLSASFLLTGGKNVLVPDRDVRVSVKALALSC
VGAAVALHPESFFSKLYKVPLDTTEYPEEQYVSDILNYIDHGDPQVRGATAILCGTLICSILSRSRFHVGDWMGTIRTLT
GNTFSLADCIPLLRKTLKDESSVTCKLACTAVRNCVMSLCSSSYSELGLQLIIDVLTLRNSSYWLVRTELLETLAEIDFR
LVSFLEAKAENLHRGAHHYTGLLKLQERVLNNVVIHLLGDEDPRVRHVAAASLIRLVPKLFYKCDQGQADPVVAVARDQS
SVYLKLLMHETQPPSHFSVSTITRIYRGYNLLPSITDVTMENNLSRVIAAVSHELITSTTRALTFGCCEALCLLSTAFPV
CIWSLGWHCGVPPLSASDESRKSCTVGMATMILTLLSSAWFPLDLSAHQDALILAGNLLAASAPKSLRSSWASEEEANPA
ATKQEEVWPALGDRALVPMVEQLFSHLLKVINICAHVLDDVAPGPAIKAALPSLTNPPSLSPIRRKGKEKEPGEQASVPL
SPKKGSEASAASRQSDTSGPVTTSKSSSLGSFYHLPSYLRLHDVLKATHANYKVTLDLQNSTEKFGGFLRSALDVLSQIL
ELATLQDIGKCVEEILGYLKSCFSREPMMATVCVQQLLKTLFGTNLASQFDGLSSNPSKSQGRAQRLGSSSVRPGLYHYC
FMAPYTHFTQALADASLRNMVQAEQENDTSGWFDVLQKVSTQLKTNLTSVTKNRADKNAIHNHIRLFEPLVIKALKQYTT
TTCVQLQKQVLDLLAQLVQLRVNYCLLDSDQVFIGFVLKQFEYIEVGQFRESEAIIPNIFFFLVLLSYERYHSKQIIGIP
KIIQLCDGIMASGRKAVTHAIPALQPIVHDLFVLRGTNKADAGKELETQKEVVVSMLLRLIQYHQVLEMFILVLQQCHKE
NEDKWKRLSRQIADIILPMLAKQQMHIDSHEALGVLNTLFEILAPSSLRPVDMLLRSMFVTPNTMASVSTVQLWISGILA
ILRVLISQSTEDIVLSRIQELSFSPYLISCTVINRLRDGDSTSTLEEHSEGKQIKNLPEETFSRFLLQLVGILLEDIVTK
QLKVEMSEQQHTFYCQELGTLLMCLIHIFKSGMFRRITAAATRLFRSDGCGGSFYTLDSLNLRARSMITTHPALVLLWCQ
ILLLVNHTDYRWWAEVQQTPKRHSLSSTKLLSPQMSGEEEDSDLAAKLGMCNREIVRRGALILFCDYVCQNLHDSEHLTW
LIVNHIQDLISLSHEPPVQDFISAVHRNSAASGLFIQAIQSRCENLSTPTMLKKTLQCLEGIHLSQSGAVLTLYVDRLLC
TPFRVLARMVDILACRRVEMLLAANLQSSMAQLPMEELNRIQEYLQSSGLAQRHQRLYSLLDRFRLSTMQDSLSPSPPVS
SHPLDGDGHVSLETVSPDKDWYVHLVKSQCWTRSDSALLEGAELVNRIPAEDMNAFMMNSEFNLSLLAPCLSLGMSEISG
GQKSALFEAAREVTLARVSGTVQQLPAVHHVFQPELPAEPAAYWSKLNDLFGDAALYQSLPTLARALAQYLVVVSKLPSH
LHLPPEKEKDIVKFVVATLEALSWHLIHEQIPLSLDLQAGLDCCCLALQLPGLWSVVSSTEFVTHACSLIYCVHFILEAV
AVQPGEQLLSPERRTNTPKAISEEEEEVDPNTQNPKYITAACEMVAEMVESLQSVLALGHKRNSGVPAFLTPLLRNIIIS
LARLPLVNSYTRVPPLVWKLGWSPKPGGDFGTAFPEIPVEFLQEKEVFKEFIYRINTLGWTSRTQFEETWATLLGVLVTQ
PLVMEQEESPPEEDTERTQINVLAVQAITSLVLSAMTVPVAGNPAVSCLEQQPRNKPLKALDTRFGRKLSIIRGIVEQEI
QAMVSKRENIATHHLYQAWDPVPSLSPATTGALISHEKLLLQINPERELGSMSYKLGQVSIHSVWLGNSITPLREEEWDE
EEEEEADAPAPSSPPTSPVNSRKHRAGVDIHSCSQFLLELYSRWILPSSSARRTPAILISEVVRSLLVVSDLFTERNQFE
LMYVTLTELRRVHPSEDEILAQYLVPATCKAAAVLGMDKAVAEPVSRLLESTLRSSHLPSRVGALHGVLYVLECDLLDDT
AKQLIPVISDYLLSNLKGIAHCVNIHSQQHVLVMCATAFYLIENYPLDVGPEFSASIIQMCGVMLSGSEESTPSIIYHCA
LRGLERLLLSEQLSRLDAESLVKLSVDRVNVHSPHRAMAALGLMLTCMYTGKEKVSPGRTSDPNPAAPDSESVIVAMERV
SVLFDRIRKGFPCEARVVARILPQFLDDFFPPQDIMNKVIGEFLSNQQPYPQFMATVVYKVFQTLHSTGQSSMVRDWVML
SLSNFTQRAPVAMATWSLSCFFVSASTSPWVAAILPHVISRMGKLEQVDVNLFCLVATDFYRHQIEEELDRRAFQSVLEV
VAAPGSPYHRLLTCLRNVHKVTTC
;
A,a
2 'polypeptide(L)'
;DEDETTALVCDNGSGLVKAGFAGDDAPRAVFPSIVGRPRHQGVMVGMGQKDSYVGDEAQSKRGILTLKYPIEHGIITNWD
DMEKIWHHTFYNELRVAPEEHPTLLTEAPLNPKANREKMTQIMFETFNVPAMYVAIQAVLSLYASGRTTGIVLDSGDGVT
HNVPIYEGYALPHAIMRLDLAGRDLTDYLMKILTERGYSFVTTAEREIVRDIKEKLCYVALDFENEMATAASSSSLEKSY
ELPDGQVITIGNERFRCPETLFQPSFIGMESAGIHETTYNSIMKCDIDIRKDLYANNVMSGGTTMYPGIADRMQKEITAL
APSTMKIKIIAPPERKYSVWIGGSILASLSTFQQMWITKQEYDEAGPSIVHRKCF
;
N,B,C,D,E,F,G,H,I,J,K,L,M,n,b,c,d,e,f,g,h,i,j,k,l,m
#
# COMPACT_ATOMS: atom_id res chain seq x y z
N THR A 97 66.51 -9.71 -71.94
CA THR A 97 65.67 -9.48 -70.78
C THR A 97 65.07 -10.77 -70.25
N LYS A 98 65.74 -11.90 -70.51
CA LYS A 98 65.24 -13.19 -70.06
C LYS A 98 65.33 -13.34 -68.54
N LYS A 99 66.33 -12.71 -67.92
CA LYS A 99 66.33 -12.62 -66.46
C LYS A 99 65.56 -11.39 -65.99
N ASP A 100 65.35 -10.41 -66.88
CA ASP A 100 64.48 -9.30 -66.52
C ASP A 100 63.01 -9.68 -66.59
N ARG A 101 62.66 -10.76 -67.32
CA ARG A 101 61.25 -11.13 -67.41
C ARG A 101 60.81 -11.92 -66.17
N VAL A 102 61.77 -12.52 -65.45
CA VAL A 102 61.42 -13.36 -64.30
C VAL A 102 60.99 -12.50 -63.12
N ASN A 103 61.69 -11.38 -62.91
CA ASN A 103 61.42 -10.53 -61.75
C ASN A 103 60.12 -9.74 -61.89
N HIS A 104 59.56 -9.65 -63.10
CA HIS A 104 58.37 -8.83 -63.30
C HIS A 104 57.11 -9.55 -62.83
N CYS A 105 57.05 -10.86 -63.08
CA CYS A 105 55.81 -11.61 -62.81
C CYS A 105 55.62 -11.83 -61.31
N LEU A 106 56.71 -11.86 -60.55
CA LEU A 106 56.65 -12.32 -59.17
C LEU A 106 56.32 -11.19 -58.21
N THR A 107 56.56 -9.94 -58.60
CA THR A 107 56.30 -8.82 -57.72
C THR A 107 54.87 -8.37 -57.80
N ILE A 108 54.16 -8.74 -58.85
CA ILE A 108 52.73 -8.44 -58.96
C ILE A 108 51.94 -9.32 -57.99
N CYS A 109 52.45 -10.51 -57.71
CA CYS A 109 51.72 -11.48 -56.89
C CYS A 109 51.63 -11.06 -55.43
N GLU A 110 52.73 -10.58 -54.86
CA GLU A 110 52.79 -10.36 -53.41
C GLU A 110 52.08 -9.09 -53.00
N ASN A 111 51.88 -8.15 -53.93
CA ASN A 111 51.29 -6.87 -53.59
C ASN A 111 49.78 -6.87 -53.78
N ILE A 112 49.20 -8.06 -53.98
CA ILE A 112 47.74 -8.21 -53.96
C ILE A 112 47.30 -8.81 -52.64
N VAL A 113 48.01 -9.85 -52.19
CA VAL A 113 47.72 -10.51 -50.93
C VAL A 113 48.06 -9.61 -49.76
N ALA A 114 49.14 -8.82 -49.86
CA ALA A 114 49.53 -7.95 -48.76
C ALA A 114 48.79 -6.61 -48.80
N GLN A 115 47.79 -6.47 -49.67
CA GLN A 115 46.91 -5.31 -49.59
C GLN A 115 46.11 -5.33 -48.29
N SER A 116 45.52 -6.49 -47.97
CA SER A 116 44.52 -6.67 -46.90
C SER A 116 43.34 -5.71 -47.07
N VAL A 117 43.00 -5.41 -48.33
CA VAL A 117 41.82 -4.62 -48.65
C VAL A 117 41.16 -5.20 -49.90
N ARG A 118 40.00 -5.81 -49.70
CA ARG A 118 39.29 -6.42 -50.81
C ARG A 118 37.88 -5.83 -50.92
N ASN A 119 37.19 -6.19 -52.01
CA ASN A 119 35.83 -5.74 -52.34
C ASN A 119 35.74 -4.22 -52.40
N SER A 120 36.80 -3.58 -52.86
CA SER A 120 36.88 -2.14 -52.94
C SER A 120 36.78 -1.68 -54.39
N PRO A 121 36.17 -0.53 -54.66
CA PRO A 121 36.10 -0.04 -56.05
C PRO A 121 37.45 0.39 -56.62
N GLU A 122 38.46 0.54 -55.78
CA GLU A 122 39.83 0.62 -56.29
C GLU A 122 40.42 -0.78 -56.49
N PHE A 123 40.06 -1.74 -55.63
CA PHE A 123 40.69 -3.05 -55.72
C PHE A 123 40.07 -3.90 -56.83
N GLN A 124 38.90 -3.52 -57.34
CA GLN A 124 38.29 -4.35 -58.39
C GLN A 124 39.00 -4.18 -59.74
N LYS A 125 39.48 -2.99 -60.04
CA LYS A 125 40.09 -2.74 -61.35
C LYS A 125 41.46 -3.37 -61.46
N LEU A 126 42.16 -3.53 -60.34
CA LEU A 126 43.56 -3.96 -60.38
C LEU A 126 43.67 -5.47 -60.62
N LEU A 127 42.65 -6.23 -60.26
CA LEU A 127 42.81 -7.68 -60.32
C LEU A 127 42.47 -8.21 -61.70
N GLY A 128 41.71 -7.47 -62.50
CA GLY A 128 41.41 -7.94 -63.84
C GLY A 128 42.60 -7.86 -64.79
N ILE A 129 43.37 -6.77 -64.68
CA ILE A 129 44.38 -6.45 -65.69
C ILE A 129 45.58 -7.38 -65.58
N ALA A 130 46.15 -7.49 -64.38
CA ALA A 130 47.38 -8.24 -64.22
C ALA A 130 47.13 -9.72 -63.95
N MET A 131 45.92 -10.21 -64.20
CA MET A 131 45.62 -11.62 -64.02
C MET A 131 45.80 -12.38 -65.33
N GLU A 132 45.45 -11.73 -66.43
CA GLU A 132 45.77 -12.27 -67.74
C GLU A 132 47.28 -12.19 -68.01
N LEU A 133 48.00 -11.37 -67.27
CA LEU A 133 49.42 -11.22 -67.48
C LEU A 133 50.23 -12.33 -66.79
N PHE A 134 49.61 -13.14 -65.93
CA PHE A 134 50.33 -14.25 -65.33
C PHE A 134 50.54 -15.40 -66.30
N LEU A 135 49.82 -15.41 -67.42
CA LEU A 135 49.87 -16.58 -68.30
C LEU A 135 50.74 -16.33 -69.52
N LEU A 136 50.96 -15.06 -69.86
CA LEU A 136 51.97 -14.69 -70.84
C LEU A 136 53.37 -15.00 -70.35
N CYS A 137 53.57 -14.99 -69.03
CA CYS A 137 54.81 -15.46 -68.42
C CYS A 137 55.00 -16.95 -68.65
N SER A 138 53.90 -17.70 -68.73
CA SER A 138 53.96 -19.12 -69.03
C SER A 138 53.95 -19.37 -70.54
N ASP A 139 53.38 -18.45 -71.30
CA ASP A 139 53.32 -18.59 -72.75
C ASP A 139 54.69 -18.40 -73.38
N ASP A 140 55.59 -17.66 -72.74
CA ASP A 140 56.93 -17.48 -73.28
C ASP A 140 57.78 -18.72 -73.06
N ALA A 141 58.44 -19.17 -74.12
CA ALA A 141 59.02 -20.50 -74.15
C ALA A 141 60.43 -20.51 -73.57
N GLU A 142 60.51 -20.73 -72.26
CA GLU A 142 61.75 -21.07 -71.57
C GLU A 142 61.40 -21.80 -70.28
N SER A 143 62.09 -22.91 -70.01
CA SER A 143 61.74 -23.73 -68.84
C SER A 143 62.14 -23.04 -67.54
N ASP A 144 63.10 -22.11 -67.61
CA ASP A 144 63.38 -21.26 -66.46
C ASP A 144 62.26 -20.24 -66.25
N VAL A 145 61.55 -19.88 -67.32
CA VAL A 145 60.42 -18.96 -67.20
C VAL A 145 59.09 -19.69 -67.04
N ARG A 146 58.90 -20.82 -67.73
CA ARG A 146 57.65 -21.56 -67.66
C ARG A 146 57.47 -22.27 -66.32
N MET A 147 58.51 -22.79 -65.70
CA MET A 147 58.34 -23.44 -64.40
C MET A 147 58.16 -22.44 -63.27
N VAL A 148 58.85 -21.30 -63.34
CA VAL A 148 58.88 -20.39 -62.20
C VAL A 148 57.56 -19.63 -62.08
N ALA A 149 57.01 -19.15 -63.19
CA ALA A 149 55.87 -18.24 -63.05
C ALA A 149 54.53 -18.94 -63.12
N ASP A 150 54.48 -20.26 -63.14
CA ASP A 150 53.20 -20.97 -63.09
C ASP A 150 52.84 -21.36 -61.67
N GLU A 151 53.86 -21.58 -60.83
CA GLU A 151 53.63 -21.83 -59.41
C GLU A 151 53.29 -20.53 -58.68
N CYS A 152 53.49 -19.39 -59.33
CA CYS A 152 53.23 -18.11 -58.68
C CYS A 152 51.78 -17.68 -58.88
N LEU A 153 51.15 -18.16 -59.95
CA LEU A 153 49.73 -17.89 -60.16
C LEU A 153 48.87 -18.65 -59.16
N ASN A 154 49.40 -19.73 -58.58
CA ASN A 154 48.61 -20.46 -57.61
C ASN A 154 48.68 -19.82 -56.23
N LYS A 155 49.60 -18.89 -56.01
CA LYS A 155 49.63 -18.17 -54.73
C LYS A 155 48.47 -17.17 -54.64
N VAL A 156 47.96 -16.71 -55.78
CA VAL A 156 46.93 -15.68 -55.78
C VAL A 156 45.57 -16.27 -55.44
N ILE A 157 45.26 -17.42 -56.05
CA ILE A 157 43.91 -18.00 -56.05
C ILE A 157 43.52 -18.46 -54.65
N LYS A 158 44.41 -19.20 -54.01
CA LYS A 158 44.14 -19.90 -52.77
C LYS A 158 44.08 -18.95 -51.59
N ALA A 159 44.75 -17.81 -51.70
CA ALA A 159 44.62 -16.74 -50.71
C ALA A 159 43.38 -15.91 -50.98
N LEU A 160 42.72 -16.15 -52.11
CA LEU A 160 41.52 -15.40 -52.45
C LEU A 160 40.31 -16.28 -52.72
N MET A 161 40.33 -17.56 -52.35
CA MET A 161 39.14 -18.40 -52.50
C MET A 161 38.06 -18.00 -51.50
N ASP A 162 38.45 -17.43 -50.38
CA ASP A 162 37.46 -16.91 -49.43
C ASP A 162 36.92 -15.56 -49.92
N SER A 163 37.81 -14.63 -50.24
CA SER A 163 37.39 -13.25 -50.36
C SER A 163 36.78 -12.96 -51.72
N ASN A 164 37.56 -13.07 -52.79
CA ASN A 164 37.09 -12.72 -54.12
C ASN A 164 37.09 -13.96 -54.99
N LEU A 165 36.03 -14.75 -54.90
CA LEU A 165 35.75 -15.80 -55.87
C LEU A 165 34.94 -15.31 -57.08
N PRO A 166 33.90 -14.46 -56.97
CA PRO A 166 33.24 -14.01 -58.21
C PRO A 166 34.08 -13.08 -59.06
N ARG A 167 35.12 -12.45 -58.50
CA ARG A 167 36.00 -11.65 -59.34
C ARG A 167 37.03 -12.53 -60.03
N LEU A 168 37.50 -13.59 -59.37
CA LEU A 168 38.42 -14.53 -59.98
C LEU A 168 37.84 -15.27 -61.16
N GLN A 169 36.61 -15.79 -61.06
CA GLN A 169 36.12 -16.64 -62.12
C GLN A 169 35.56 -15.88 -63.33
N LEU A 170 35.60 -14.56 -63.33
CA LEU A 170 35.07 -13.86 -64.50
C LEU A 170 36.17 -13.56 -65.51
N GLU A 171 37.40 -13.33 -65.04
CA GLU A 171 38.52 -13.09 -65.96
C GLU A 171 38.95 -14.39 -66.65
N LEU A 172 38.56 -15.52 -66.08
CA LEU A 172 39.14 -16.80 -66.45
C LEU A 172 38.33 -17.48 -67.55
N TYR A 173 37.02 -17.28 -67.54
CA TYR A 173 36.18 -17.71 -68.64
C TYR A 173 36.51 -16.96 -69.92
N LYS A 174 37.10 -15.76 -69.82
CA LYS A 174 37.38 -14.97 -71.02
C LYS A 174 38.47 -15.62 -71.88
N GLU A 175 39.44 -16.26 -71.26
CA GLU A 175 40.58 -16.80 -72.00
C GLU A 175 40.25 -18.05 -72.82
N ILE A 176 39.28 -18.84 -72.41
CA ILE A 176 38.92 -20.02 -73.20
C ILE A 176 38.24 -19.62 -74.51
N LYS A 177 37.34 -18.64 -74.45
CA LYS A 177 36.70 -18.03 -75.59
C LYS A 177 37.68 -17.29 -76.48
N LYS A 178 38.79 -16.79 -75.91
CA LYS A 178 39.88 -16.27 -76.73
C LYS A 178 40.50 -17.36 -77.58
N ASN A 179 40.50 -18.60 -77.07
CA ASN A 179 40.94 -19.81 -77.77
C ASN A 179 42.41 -19.67 -78.19
N GLY A 180 43.25 -19.40 -77.21
CA GLY A 180 44.61 -18.96 -77.49
C GLY A 180 45.58 -20.05 -77.88
N ALA A 181 46.83 -19.88 -77.46
CA ALA A 181 47.88 -20.80 -77.83
C ALA A 181 47.69 -22.14 -77.13
N PRO A 182 48.19 -23.23 -77.71
CA PRO A 182 48.03 -24.54 -77.03
C PRO A 182 48.83 -24.67 -75.75
N ARG A 183 49.80 -23.78 -75.50
CA ARG A 183 50.42 -23.75 -74.18
C ARG A 183 49.68 -22.80 -73.25
N SER A 184 49.09 -21.74 -73.80
CA SER A 184 48.38 -20.77 -72.97
C SER A 184 47.02 -21.31 -72.54
N LEU A 185 46.31 -21.98 -73.45
CA LEU A 185 44.98 -22.48 -73.13
C LEU A 185 45.03 -23.69 -72.20
N ARG A 186 46.19 -24.34 -72.08
CA ARG A 186 46.25 -25.61 -71.35
C ARG A 186 46.28 -25.41 -69.85
N ALA A 187 47.22 -24.61 -69.36
CA ALA A 187 47.46 -24.50 -67.92
C ALA A 187 46.41 -23.60 -67.25
N ALA A 188 45.56 -22.96 -68.05
CA ALA A 188 44.38 -22.32 -67.48
C ALA A 188 43.28 -23.34 -67.25
N LEU A 189 43.39 -24.53 -67.83
CA LEU A 189 42.26 -25.44 -67.75
C LEU A 189 42.37 -26.33 -66.52
N TRP A 190 43.56 -26.41 -65.92
CA TRP A 190 43.70 -26.98 -64.58
C TRP A 190 42.94 -26.15 -63.56
N ARG A 191 42.96 -24.83 -63.71
CA ARG A 191 42.49 -23.92 -62.66
C ARG A 191 40.97 -23.91 -62.56
N PHE A 192 40.28 -24.40 -63.59
CA PHE A 192 38.86 -24.07 -63.71
C PHE A 192 38.00 -25.26 -63.34
N ALA A 193 38.62 -26.43 -63.23
CA ALA A 193 37.89 -27.61 -62.78
C ALA A 193 37.93 -27.71 -61.26
N GLU A 194 38.93 -27.09 -60.64
CA GLU A 194 39.08 -27.20 -59.19
C GLU A 194 38.25 -26.14 -58.48
N LEU A 195 37.85 -25.11 -59.21
CA LEU A 195 36.98 -24.05 -58.72
C LEU A 195 35.56 -24.22 -59.22
N ALA A 196 35.25 -25.37 -59.80
CA ALA A 196 33.89 -25.62 -60.27
C ALA A 196 32.98 -25.95 -59.11
N HIS A 197 33.49 -26.69 -58.12
CA HIS A 197 32.71 -26.98 -56.93
C HIS A 197 32.83 -25.88 -55.87
N LEU A 198 33.35 -24.72 -56.23
CA LEU A 198 33.38 -23.55 -55.36
C LEU A 198 32.38 -22.49 -55.78
N VAL A 199 31.66 -22.69 -56.87
CA VAL A 199 30.68 -21.69 -57.29
C VAL A 199 29.45 -21.78 -56.41
N ARG A 200 28.67 -20.80 -56.46
CA ARG A 200 27.41 -20.89 -55.76
C ARG A 200 26.32 -21.41 -56.70
N PRO A 201 25.28 -22.07 -56.19
CA PRO A 201 24.17 -22.46 -57.08
C PRO A 201 23.25 -21.31 -57.42
N GLN A 202 23.48 -20.12 -56.89
CA GLN A 202 22.71 -18.95 -57.33
C GLN A 202 23.22 -18.45 -58.67
N LYS A 203 24.53 -18.50 -58.88
CA LYS A 203 25.19 -17.95 -60.06
C LYS A 203 25.57 -19.03 -61.06
N CYS A 204 25.23 -20.29 -60.78
CA CYS A 204 25.73 -21.42 -61.56
C CYS A 204 25.10 -21.49 -62.95
N ARG A 205 23.79 -21.27 -63.04
CA ARG A 205 23.08 -21.38 -64.32
C ARG A 205 23.56 -20.39 -65.39
N PRO A 206 23.96 -19.15 -65.09
CA PRO A 206 24.70 -18.39 -66.13
C PRO A 206 26.04 -19.00 -66.53
N TYR A 207 26.72 -19.73 -65.64
CA TYR A 207 28.02 -20.29 -66.03
C TYR A 207 27.87 -21.53 -66.90
N LEU A 208 26.70 -22.16 -66.91
CA LEU A 208 26.59 -23.39 -67.72
C LEU A 208 26.42 -23.08 -69.19
N VAL A 209 25.65 -22.04 -69.52
CA VAL A 209 25.27 -21.80 -70.92
C VAL A 209 26.47 -21.33 -71.72
N ASN A 210 27.40 -20.63 -71.06
CA ASN A 210 28.53 -20.03 -71.73
C ASN A 210 29.66 -21.01 -72.03
N LEU A 211 29.67 -22.18 -71.40
CA LEU A 211 30.77 -23.13 -71.56
C LEU A 211 30.58 -24.08 -72.73
N LEU A 212 29.36 -24.39 -73.09
CA LEU A 212 29.12 -25.36 -74.17
C LEU A 212 29.50 -24.83 -75.56
N PRO A 213 29.39 -23.53 -75.87
CA PRO A 213 30.18 -23.04 -77.02
C PRO A 213 31.68 -23.14 -76.80
N CYS A 214 32.16 -23.00 -75.58
CA CYS A 214 33.60 -23.03 -75.35
C CYS A 214 34.11 -24.47 -75.20
N LEU A 215 33.24 -25.41 -74.83
CA LEU A 215 33.72 -26.77 -74.63
C LEU A 215 33.65 -27.61 -75.91
N THR A 216 33.13 -27.05 -76.99
CA THR A 216 33.16 -27.81 -78.23
C THR A 216 34.37 -27.45 -79.09
N ARG A 217 34.90 -26.24 -78.93
CA ARG A 217 36.05 -25.82 -79.73
C ARG A 217 37.32 -26.55 -79.32
N THR A 218 37.49 -26.77 -78.02
CA THR A 218 38.60 -27.54 -77.47
C THR A 218 38.40 -29.04 -77.62
N SER A 219 37.28 -29.47 -78.17
CA SER A 219 37.12 -30.85 -78.60
C SER A 219 37.51 -31.02 -80.07
N LYS A 220 37.43 -29.95 -80.86
CA LYS A 220 37.82 -29.98 -82.26
C LYS A 220 39.30 -29.68 -82.45
N ARG A 221 40.04 -29.45 -81.37
CA ARG A 221 41.45 -29.10 -81.51
C ARG A 221 42.32 -30.35 -81.59
N PRO A 222 43.18 -30.44 -82.59
CA PRO A 222 44.02 -31.64 -82.77
C PRO A 222 45.31 -31.66 -81.98
N GLU A 223 45.56 -30.68 -81.11
CA GLU A 223 46.76 -30.70 -80.29
C GLU A 223 46.63 -31.79 -79.22
N GLU A 224 47.57 -32.73 -79.21
CA GLU A 224 47.44 -33.91 -78.35
C GLU A 224 47.69 -33.59 -76.89
N SER A 225 48.24 -32.41 -76.58
CA SER A 225 48.40 -32.02 -75.19
C SER A 225 47.18 -31.28 -74.67
N VAL A 226 46.48 -30.56 -75.55
CA VAL A 226 45.27 -29.85 -75.14
C VAL A 226 44.14 -30.84 -74.87
N GLN A 227 44.10 -31.94 -75.63
CA GLN A 227 43.02 -32.90 -75.47
C GLN A 227 43.14 -33.72 -74.19
N GLU A 228 44.31 -33.73 -73.56
CA GLU A 228 44.51 -34.60 -72.40
C GLU A 228 43.89 -34.00 -71.14
N THR A 229 44.13 -32.71 -70.89
CA THR A 229 43.65 -32.08 -69.67
C THR A 229 42.13 -31.94 -69.63
N LEU A 230 41.47 -32.04 -70.78
CA LEU A 230 40.02 -31.96 -70.83
C LEU A 230 39.40 -33.26 -70.33
N ALA A 231 40.13 -34.38 -70.40
CA ALA A 231 39.67 -35.62 -69.80
C ALA A 231 39.99 -35.68 -68.32
N ALA A 232 40.60 -34.63 -67.77
CA ALA A 232 40.72 -34.43 -66.34
C ALA A 232 39.99 -33.18 -65.87
N ALA A 233 39.07 -32.64 -66.67
CA ALA A 233 38.19 -31.57 -66.25
C ALA A 233 36.72 -31.87 -66.50
N VAL A 234 36.38 -32.53 -67.59
CA VAL A 234 35.03 -33.01 -67.87
C VAL A 234 34.63 -34.09 -66.86
N PRO A 235 35.55 -34.85 -66.24
CA PRO A 235 35.21 -35.41 -64.93
C PRO A 235 34.84 -34.37 -63.87
N LYS A 236 35.58 -33.28 -63.72
CA LYS A 236 35.33 -32.41 -62.56
C LYS A 236 34.32 -31.30 -62.84
N ILE A 237 34.20 -30.83 -64.09
CA ILE A 237 33.31 -29.70 -64.34
C ILE A 237 31.86 -30.15 -64.38
N MET A 238 31.54 -31.13 -65.22
CA MET A 238 30.16 -31.58 -65.40
C MET A 238 29.67 -32.50 -64.30
N ALA A 239 30.36 -32.58 -63.16
CA ALA A 239 29.78 -33.21 -61.98
C ALA A 239 29.24 -32.18 -61.02
N SER A 240 29.76 -30.96 -61.08
CA SER A 240 29.25 -29.87 -60.27
C SER A 240 28.42 -28.91 -61.11
N PHE A 241 28.74 -28.76 -62.39
CA PHE A 241 27.84 -28.14 -63.33
C PHE A 241 26.98 -29.15 -64.07
N GLY A 242 26.70 -30.29 -63.47
CA GLY A 242 25.93 -31.31 -64.18
C GLY A 242 24.44 -31.07 -64.13
N ASN A 243 23.89 -30.88 -62.94
CA ASN A 243 22.45 -30.91 -62.70
C ASN A 243 21.72 -29.69 -63.24
N PHE A 244 22.42 -28.69 -63.76
CA PHE A 244 21.85 -27.40 -64.09
C PHE A 244 21.45 -27.30 -65.55
N ALA A 245 21.60 -28.36 -66.32
CA ALA A 245 21.27 -28.35 -67.74
C ALA A 245 20.07 -29.23 -68.04
N ASN A 246 19.33 -28.84 -69.07
CA ASN A 246 18.12 -29.53 -69.46
C ASN A 246 18.48 -30.62 -70.46
N ASP A 247 17.45 -31.21 -71.09
CA ASP A 247 17.67 -32.28 -72.05
C ASP A 247 18.03 -31.72 -73.42
N ASN A 248 17.92 -30.40 -73.59
CA ASN A 248 18.29 -29.80 -74.86
C ASN A 248 19.80 -29.60 -74.96
N GLU A 249 20.42 -29.12 -73.88
CA GLU A 249 21.83 -28.73 -73.93
C GLU A 249 22.75 -29.94 -73.96
N ILE A 250 22.33 -31.07 -73.40
CA ILE A 250 23.26 -32.17 -73.23
C ILE A 250 23.21 -33.14 -74.42
N LYS A 251 22.19 -33.05 -75.28
CA LYS A 251 22.22 -33.90 -76.47
C LYS A 251 23.16 -33.33 -77.53
N VAL A 252 23.42 -32.03 -77.50
CA VAL A 252 24.32 -31.42 -78.48
C VAL A 252 25.78 -31.80 -78.18
N LEU A 253 26.11 -31.94 -76.90
CA LEU A 253 27.51 -32.03 -76.49
C LEU A 253 28.09 -33.42 -76.77
N LEU A 254 27.23 -34.43 -76.85
CA LEU A 254 27.69 -35.81 -76.97
C LEU A 254 27.78 -36.24 -78.42
N LYS A 255 27.21 -35.49 -79.35
CA LYS A 255 27.39 -35.80 -80.76
C LYS A 255 28.74 -35.29 -81.26
N ALA A 256 29.39 -34.42 -80.49
CA ALA A 256 30.67 -33.86 -80.91
C ALA A 256 31.83 -34.79 -80.56
N PHE A 257 31.80 -35.37 -79.35
CA PHE A 257 32.89 -36.23 -78.89
C PHE A 257 32.97 -37.55 -79.64
N ILE A 258 31.88 -38.01 -80.24
CA ILE A 258 31.89 -39.24 -81.02
C ILE A 258 32.58 -39.01 -82.36
N ALA A 259 32.48 -37.78 -82.88
CA ALA A 259 33.29 -37.34 -84.00
C ALA A 259 34.75 -37.10 -83.62
N ASN A 260 35.08 -37.18 -82.34
CA ASN A 260 36.47 -37.30 -81.89
C ASN A 260 36.85 -38.74 -81.61
N LEU A 261 35.97 -39.70 -81.90
CA LEU A 261 36.43 -41.08 -81.97
C LEU A 261 36.91 -41.42 -83.38
N LYS A 262 36.69 -40.53 -84.33
CA LYS A 262 37.12 -40.74 -85.70
C LYS A 262 38.50 -40.18 -86.00
N SER A 263 39.36 -40.07 -84.99
CA SER A 263 40.74 -39.66 -85.21
C SER A 263 41.69 -40.80 -84.91
N SER A 264 42.90 -40.70 -85.47
CA SER A 264 43.84 -41.80 -85.49
C SER A 264 44.88 -41.74 -84.37
N SER A 265 44.78 -40.80 -83.45
CA SER A 265 45.81 -40.71 -82.44
C SER A 265 45.40 -41.47 -81.18
N PRO A 266 46.30 -42.27 -80.61
CA PRO A 266 45.95 -43.01 -79.39
C PRO A 266 45.78 -42.12 -78.18
N THR A 267 46.35 -40.91 -78.20
CA THR A 267 46.12 -39.99 -77.10
C THR A 267 44.76 -39.32 -77.23
N ILE A 268 44.27 -39.15 -78.46
CA ILE A 268 43.02 -38.43 -78.64
C ILE A 268 41.84 -39.40 -78.62
N ARG A 269 42.09 -40.71 -78.71
CA ARG A 269 40.96 -41.64 -78.67
C ARG A 269 40.46 -41.87 -77.26
N ARG A 270 41.34 -41.81 -76.26
CA ARG A 270 40.92 -42.14 -74.91
C ARG A 270 40.47 -40.93 -74.12
N THR A 271 40.57 -39.72 -74.67
CA THR A 271 40.07 -38.55 -73.95
C THR A 271 38.65 -38.21 -74.39
N ALA A 272 38.21 -38.71 -75.54
CA ALA A 272 36.84 -38.48 -75.95
C ALA A 272 35.91 -39.56 -75.43
N ALA A 273 36.48 -40.62 -74.85
CA ALA A 273 35.66 -41.72 -74.36
C ALA A 273 35.30 -41.51 -72.90
N GLY A 274 36.21 -40.91 -72.13
CA GLY A 274 35.91 -40.62 -70.74
C GLY A 274 35.15 -39.32 -70.55
N SER A 275 34.81 -38.66 -71.65
CA SER A 275 34.00 -37.46 -71.57
C SER A 275 32.52 -37.75 -71.75
N ALA A 276 32.19 -38.78 -72.53
CA ALA A 276 30.80 -39.13 -72.75
C ALA A 276 30.20 -39.79 -71.51
N VAL A 277 31.03 -40.40 -70.69
CA VAL A 277 30.53 -41.27 -69.63
C VAL A 277 30.51 -40.53 -68.29
N SER A 278 31.19 -39.39 -68.20
CA SER A 278 31.18 -38.64 -66.95
C SER A 278 30.00 -37.69 -66.89
N ILE A 279 29.38 -37.42 -68.03
CA ILE A 279 28.21 -36.57 -68.09
C ILE A 279 26.97 -37.34 -67.63
N CYS A 280 26.83 -38.57 -68.12
CA CYS A 280 25.68 -39.40 -67.85
C CYS A 280 25.57 -39.85 -66.39
N GLN A 281 26.62 -39.67 -65.59
CA GLN A 281 26.51 -39.82 -64.15
C GLN A 281 25.82 -38.62 -63.53
N HIS A 282 25.85 -37.48 -64.21
CA HIS A 282 25.44 -36.22 -63.60
C HIS A 282 24.52 -35.40 -64.49
N SER A 283 24.00 -35.98 -65.57
CA SER A 283 23.39 -35.17 -66.63
C SER A 283 22.12 -34.43 -66.22
N ARG A 284 20.99 -35.11 -66.17
CA ARG A 284 19.87 -34.69 -65.33
C ARG A 284 19.24 -35.96 -64.77
N ARG A 285 19.18 -36.96 -65.64
CA ARG A 285 18.60 -38.27 -65.38
C ARG A 285 19.72 -39.27 -65.62
N THR A 286 20.21 -39.84 -64.53
CA THR A 286 21.38 -40.71 -64.62
C THR A 286 21.07 -42.01 -65.34
N GLN A 287 19.82 -42.49 -65.24
CA GLN A 287 19.49 -43.76 -65.87
C GLN A 287 18.92 -43.57 -67.26
N TYR A 288 18.37 -42.40 -67.56
CA TYR A 288 17.86 -42.19 -68.92
C TYR A 288 19.00 -42.03 -69.92
N PHE A 289 20.12 -41.46 -69.50
CA PHE A 289 21.21 -41.24 -70.45
C PHE A 289 22.16 -42.42 -70.57
N TYR A 290 21.92 -43.51 -69.84
CA TYR A 290 22.73 -44.71 -70.09
C TYR A 290 22.17 -45.50 -71.26
N SER A 291 20.86 -45.48 -71.45
CA SER A 291 20.24 -46.22 -72.54
C SER A 291 20.42 -45.51 -73.86
N TRP A 292 20.82 -44.25 -73.85
CA TRP A 292 20.87 -43.48 -75.09
C TRP A 292 22.25 -43.59 -75.73
N LEU A 293 23.29 -43.86 -74.95
CA LEU A 293 24.59 -44.07 -75.55
C LEU A 293 24.74 -45.45 -76.13
N LEU A 294 23.86 -46.39 -75.78
CA LEU A 294 24.01 -47.72 -76.36
C LEU A 294 23.33 -47.84 -77.73
N ASN A 295 22.44 -46.91 -78.07
CA ASN A 295 21.80 -46.98 -79.38
C ASN A 295 22.68 -46.36 -80.47
N VAL A 296 23.50 -45.39 -80.09
CA VAL A 296 24.30 -44.62 -81.05
C VAL A 296 25.48 -45.45 -81.56
N LEU A 297 25.97 -46.36 -80.71
CA LEU A 297 27.26 -46.99 -80.96
C LEU A 297 27.10 -48.29 -81.74
N LEU A 298 25.93 -48.92 -81.64
CA LEU A 298 25.75 -50.21 -82.26
C LEU A 298 25.26 -50.08 -83.69
N GLY A 299 24.89 -48.86 -84.10
CA GLY A 299 24.72 -48.58 -85.51
C GLY A 299 26.03 -48.30 -86.19
N LEU A 300 27.06 -47.96 -85.41
CA LEU A 300 28.42 -47.90 -85.91
C LEU A 300 28.98 -49.29 -86.12
N LEU A 301 28.36 -50.31 -85.53
CA LEU A 301 28.68 -51.70 -85.78
C LEU A 301 27.43 -52.53 -86.06
N VAL A 302 26.51 -51.99 -86.85
CA VAL A 302 25.30 -52.67 -87.29
C VAL A 302 25.79 -53.54 -88.45
N PRO A 303 25.04 -54.61 -88.91
CA PRO A 303 25.60 -55.98 -88.94
C PRO A 303 27.08 -56.14 -89.25
N VAL A 304 27.73 -56.99 -88.45
CA VAL A 304 29.19 -56.98 -88.27
C VAL A 304 29.96 -57.41 -89.52
N GLU A 305 29.27 -57.95 -90.52
CA GLU A 305 29.92 -58.41 -91.73
C GLU A 305 30.00 -57.27 -92.75
N ASP A 306 30.69 -56.20 -92.34
CA ASP A 306 30.89 -55.01 -93.16
C ASP A 306 32.34 -54.56 -93.02
N GLU A 307 32.68 -53.50 -93.74
CA GLU A 307 33.94 -52.82 -93.53
C GLU A 307 33.72 -51.66 -92.55
N HIS A 308 34.34 -51.74 -91.38
CA HIS A 308 34.03 -50.83 -90.30
C HIS A 308 35.15 -49.88 -89.91
N SER A 309 36.16 -49.68 -90.77
CA SER A 309 37.19 -48.65 -90.60
C SER A 309 37.98 -48.82 -89.31
N THR A 310 38.88 -49.82 -89.25
CA THR A 310 39.31 -50.46 -88.01
C THR A 310 39.93 -49.52 -86.96
N LEU A 311 40.16 -48.26 -87.32
CA LEU A 311 40.40 -47.26 -86.27
C LEU A 311 39.11 -46.92 -85.54
N LEU A 312 37.97 -46.94 -86.26
CA LEU A 312 36.70 -46.59 -85.64
C LEU A 312 36.10 -47.76 -84.88
N ILE A 313 36.61 -48.98 -85.11
CA ILE A 313 36.17 -50.10 -84.28
C ILE A 313 36.72 -49.94 -82.86
N LEU A 314 37.85 -49.25 -82.73
CA LEU A 314 38.45 -49.10 -81.41
C LEU A 314 37.84 -47.93 -80.65
N GLY A 315 37.05 -47.10 -81.31
CA GLY A 315 36.44 -45.99 -80.60
C GLY A 315 35.22 -46.41 -79.80
N VAL A 316 34.54 -47.46 -80.23
CA VAL A 316 33.29 -47.87 -79.64
C VAL A 316 33.54 -48.78 -78.44
N LEU A 317 34.69 -49.45 -78.40
CA LEU A 317 34.95 -50.40 -77.33
C LEU A 317 35.63 -49.75 -76.13
N LEU A 318 36.02 -48.48 -76.23
CA LEU A 318 36.66 -47.85 -75.07
C LEU A 318 35.66 -47.01 -74.28
N THR A 319 34.59 -46.54 -74.94
CA THR A 319 33.52 -45.89 -74.19
C THR A 319 32.69 -46.91 -73.43
N LEU A 320 32.87 -48.20 -73.70
CA LEU A 320 32.09 -49.22 -73.03
C LEU A 320 32.83 -49.85 -71.87
N ARG A 321 34.09 -49.50 -71.65
CA ARG A 321 34.73 -49.95 -70.43
C ARG A 321 34.48 -48.98 -69.29
N TYR A 322 34.00 -47.79 -69.61
CA TYR A 322 33.78 -46.77 -68.59
C TYR A 322 32.34 -46.72 -68.12
N LEU A 323 31.42 -47.37 -68.83
CA LEU A 323 29.99 -47.24 -68.62
C LEU A 323 29.34 -48.48 -68.03
N VAL A 324 29.89 -49.66 -68.34
CA VAL A 324 29.53 -50.88 -67.63
C VAL A 324 29.77 -50.80 -66.12
N PRO A 325 30.79 -50.09 -65.61
CA PRO A 325 30.77 -49.78 -64.16
C PRO A 325 29.60 -48.94 -63.69
N LEU A 326 28.87 -48.28 -64.59
CA LEU A 326 27.79 -47.42 -64.16
C LEU A 326 26.43 -48.06 -64.38
N LEU A 327 26.40 -49.24 -65.01
CA LEU A 327 25.15 -49.93 -65.28
C LEU A 327 24.85 -50.94 -64.18
N GLN A 328 24.89 -50.51 -62.93
CA GLN A 328 24.62 -51.43 -61.84
C GLN A 328 24.15 -50.72 -60.58
N VAL A 349 13.28 -44.16 -69.20
CA VAL A 349 13.46 -45.52 -69.65
C VAL A 349 14.89 -45.99 -69.29
N SER A 350 15.00 -47.23 -68.85
CA SER A 350 16.25 -47.81 -68.37
C SER A 350 16.95 -48.48 -69.55
N PRO A 351 18.25 -48.79 -69.40
CA PRO A 351 18.89 -49.65 -70.41
C PRO A 351 18.34 -51.06 -70.36
N SER A 352 17.70 -51.46 -71.46
CA SER A 352 16.80 -52.60 -71.49
C SER A 352 17.61 -53.90 -71.43
N ALA A 353 16.93 -54.99 -71.08
CA ALA A 353 17.57 -56.30 -71.01
C ALA A 353 17.83 -56.89 -72.38
N GLU A 354 17.14 -56.39 -73.42
CA GLU A 354 17.51 -56.79 -74.77
C GLU A 354 18.47 -55.80 -75.41
N GLN A 355 18.67 -54.62 -74.80
CA GLN A 355 19.72 -53.74 -75.30
C GLN A 355 21.09 -54.22 -74.86
N LEU A 356 21.19 -54.86 -73.72
CA LEU A 356 22.51 -55.26 -73.23
C LEU A 356 22.99 -56.57 -73.84
N VAL A 357 22.11 -57.38 -74.44
CA VAL A 357 22.57 -58.63 -75.03
C VAL A 357 23.01 -58.40 -76.48
N GLN A 358 22.76 -57.22 -77.01
CA GLN A 358 23.34 -56.88 -78.31
C GLN A 358 24.79 -56.46 -78.17
N VAL A 359 25.20 -56.00 -76.98
CA VAL A 359 26.59 -55.62 -76.72
C VAL A 359 27.49 -56.85 -76.70
N TYR A 360 26.94 -57.99 -76.32
CA TYR A 360 27.77 -59.13 -75.95
C TYR A 360 28.15 -59.99 -77.14
N GLU A 361 27.26 -60.14 -78.11
CA GLU A 361 27.59 -60.88 -79.32
C GLU A 361 28.49 -60.06 -80.25
N LEU A 362 28.61 -58.77 -79.98
CA LEU A 362 29.40 -57.87 -80.79
C LEU A 362 30.88 -58.07 -80.56
N THR A 363 31.25 -58.62 -79.41
CA THR A 363 32.64 -58.70 -79.02
C THR A 363 33.28 -60.02 -79.40
N LEU A 364 32.50 -61.11 -79.39
CA LEU A 364 33.04 -62.43 -79.71
C LEU A 364 33.43 -62.52 -81.17
N HIS A 365 32.78 -61.74 -82.03
CA HIS A 365 33.23 -61.58 -83.41
C HIS A 365 34.52 -60.75 -83.48
N HIS A 366 34.75 -59.90 -82.48
CA HIS A 366 35.86 -58.98 -82.46
C HIS A 366 37.01 -59.47 -81.60
N THR A 367 36.86 -60.60 -80.93
CA THR A 367 38.03 -61.31 -80.45
C THR A 367 38.71 -62.11 -81.54
N GLN A 368 38.08 -62.20 -82.72
CA GLN A 368 38.60 -62.93 -83.85
C GLN A 368 39.08 -62.04 -84.98
N HIS A 369 38.58 -60.80 -85.05
CA HIS A 369 38.97 -59.87 -86.10
C HIS A 369 40.44 -59.49 -85.94
N GLN A 370 41.25 -59.82 -86.94
CA GLN A 370 42.70 -59.84 -86.77
C GLN A 370 43.26 -58.42 -86.75
N ASP A 371 44.07 -58.15 -85.72
CA ASP A 371 44.92 -57.00 -85.49
C ASP A 371 45.63 -57.34 -84.18
N HIS A 372 46.48 -56.43 -83.72
CA HIS A 372 46.95 -56.56 -82.36
C HIS A 372 46.49 -55.37 -81.52
N ASN A 373 45.95 -54.35 -82.18
CA ASN A 373 45.35 -53.24 -81.45
C ASN A 373 43.84 -53.38 -81.39
N VAL A 374 43.24 -54.24 -82.21
CA VAL A 374 41.80 -54.44 -82.15
C VAL A 374 41.46 -55.73 -81.41
N VAL A 375 42.39 -56.68 -81.36
CA VAL A 375 42.17 -57.86 -80.52
C VAL A 375 42.34 -57.49 -79.05
N THR A 376 43.23 -56.54 -78.73
CA THR A 376 43.40 -56.18 -77.32
C THR A 376 42.33 -55.21 -76.82
N GLY A 377 41.46 -54.71 -77.70
CA GLY A 377 40.48 -53.73 -77.27
C GLY A 377 39.20 -54.38 -76.75
N ALA A 378 38.83 -55.52 -77.33
CA ALA A 378 37.61 -56.21 -76.92
C ALA A 378 37.89 -57.27 -75.87
N LEU A 379 39.12 -57.33 -75.36
CA LEU A 379 39.44 -58.29 -74.32
C LEU A 379 39.60 -57.61 -72.96
N GLU A 380 39.73 -56.29 -72.95
CA GLU A 380 39.60 -55.57 -71.69
C GLU A 380 38.14 -55.24 -71.43
N LEU A 381 37.30 -55.31 -72.45
CA LEU A 381 35.88 -55.07 -72.28
C LEU A 381 35.16 -56.30 -71.75
N LEU A 382 35.77 -57.47 -71.85
CA LEU A 382 35.08 -58.69 -71.44
C LEU A 382 35.48 -59.09 -70.03
N GLN A 383 36.64 -58.63 -69.57
CA GLN A 383 37.12 -58.92 -68.23
C GLN A 383 36.36 -58.11 -67.19
N GLN A 384 35.68 -57.05 -67.62
CA GLN A 384 35.10 -56.09 -66.70
C GLN A 384 33.58 -56.22 -66.60
N LEU A 385 32.96 -56.84 -67.61
CA LEU A 385 31.52 -57.07 -67.67
C LEU A 385 31.13 -58.34 -66.94
N PHE A 386 32.12 -59.11 -66.50
CA PHE A 386 31.85 -60.28 -65.66
C PHE A 386 32.13 -59.95 -64.20
N ARG A 387 33.06 -59.02 -63.96
CA ARG A 387 33.36 -58.60 -62.60
C ARG A 387 32.27 -57.71 -62.04
N THR A 388 31.86 -56.68 -62.80
CA THR A 388 30.75 -55.80 -62.43
C THR A 388 29.68 -55.90 -63.50
N PRO A 389 28.91 -56.99 -63.51
CA PRO A 389 27.95 -57.19 -64.59
C PRO A 389 26.71 -56.34 -64.39
N PRO A 390 26.06 -55.91 -65.47
CA PRO A 390 24.73 -55.34 -65.32
C PRO A 390 23.72 -56.43 -65.02
N PRO A 391 22.81 -56.19 -64.07
CA PRO A 391 22.01 -57.30 -63.54
C PRO A 391 20.94 -57.80 -64.50
N GLU A 392 20.60 -57.03 -65.53
CA GLU A 392 19.72 -57.55 -66.57
C GLU A 392 20.47 -58.55 -67.45
N LEU A 393 21.71 -58.20 -67.82
CA LEU A 393 22.51 -59.09 -68.65
C LEU A 393 22.94 -60.34 -67.89
N LEU A 394 22.95 -60.27 -66.55
CA LEU A 394 23.62 -61.32 -65.80
C LEU A 394 22.75 -62.55 -65.67
N GLN A 395 21.43 -62.42 -65.81
CA GLN A 395 20.56 -63.57 -65.68
C GLN A 395 20.34 -64.28 -67.00
N THR A 396 20.59 -63.61 -68.13
CA THR A 396 20.38 -64.22 -69.44
C THR A 396 21.51 -65.16 -69.86
N LEU A 397 22.64 -65.14 -69.16
CA LEU A 397 23.78 -65.98 -69.50
C LEU A 397 23.88 -67.22 -68.62
N THR A 398 23.52 -67.10 -67.35
CA THR A 398 23.51 -68.23 -66.44
C THR A 398 22.34 -69.17 -66.75
N ALA A 399 21.30 -68.63 -67.38
CA ALA A 399 20.10 -69.40 -67.70
C ALA A 399 20.42 -70.49 -68.72
N VAL A 400 19.57 -71.52 -68.72
CA VAL A 400 19.86 -72.73 -69.50
C VAL A 400 19.64 -72.47 -70.98
N GLY A 401 18.47 -71.97 -71.34
CA GLY A 401 18.25 -71.60 -72.73
C GLY A 401 18.99 -70.32 -73.10
N GLY A 402 18.80 -69.27 -72.32
CA GLY A 402 19.63 -68.09 -72.47
C GLY A 402 19.16 -67.21 -73.60
N ILE A 403 20.00 -67.10 -74.64
CA ILE A 403 19.73 -66.21 -75.75
C ILE A 403 18.63 -66.75 -76.65
N GLY A 404 18.32 -68.04 -76.55
CA GLY A 404 17.29 -68.62 -77.41
C GLY A 404 15.89 -68.15 -77.07
N GLN A 405 15.67 -67.67 -75.85
CA GLN A 405 14.36 -67.10 -75.52
C GLN A 405 14.28 -65.63 -75.89
N LEU A 406 15.43 -64.95 -75.95
CA LEU A 406 15.42 -63.54 -76.33
C LEU A 406 15.18 -63.37 -77.82
N THR A 407 15.50 -64.40 -78.61
CA THR A 407 15.25 -64.31 -80.05
C THR A 407 13.84 -64.76 -80.40
N ALA A 408 13.13 -65.32 -79.44
CA ALA A 408 11.78 -65.82 -79.67
C ALA A 408 10.85 -65.47 -78.51
N ARG A 667 41.92 -70.54 -86.68
CA ARG A 667 42.53 -71.23 -85.55
C ARG A 667 41.55 -72.18 -84.86
N ILE A 668 40.26 -71.86 -84.95
CA ILE A 668 39.21 -72.75 -84.46
C ILE A 668 38.73 -73.59 -85.64
N LYS A 669 38.54 -74.89 -85.41
CA LYS A 669 38.27 -75.82 -86.50
C LYS A 669 37.23 -76.88 -86.15
N GLY A 670 36.25 -76.56 -85.31
CA GLY A 670 35.25 -77.51 -84.94
C GLY A 670 33.90 -76.87 -84.70
N ASP A 671 32.90 -77.73 -84.47
CA ASP A 671 31.58 -77.28 -84.08
C ASP A 671 31.60 -76.89 -82.61
N ILE A 672 31.81 -75.61 -82.34
CA ILE A 672 31.74 -75.12 -80.96
C ILE A 672 30.29 -75.08 -80.51
N GLY A 673 29.41 -74.55 -81.35
CA GLY A 673 28.03 -74.33 -80.97
C GLY A 673 27.86 -72.91 -80.50
N GLN A 674 27.16 -72.10 -81.31
CA GLN A 674 27.15 -70.66 -81.10
C GLN A 674 26.26 -70.26 -79.93
N SER A 675 26.24 -68.97 -79.63
CA SER A 675 25.45 -68.44 -78.52
C SER A 675 24.02 -68.16 -78.95
N THR A 676 23.37 -69.16 -79.56
CA THR A 676 21.97 -69.07 -79.91
C THR A 676 21.37 -70.43 -79.57
N ASP A 677 22.25 -71.41 -79.40
CA ASP A 677 21.83 -72.79 -79.20
C ASP A 677 21.25 -73.00 -77.80
N ASP A 678 20.28 -73.90 -77.71
CA ASP A 678 19.74 -74.30 -76.43
C ASP A 678 20.51 -75.51 -75.89
N ASP A 679 20.00 -76.08 -74.80
CA ASP A 679 20.52 -77.23 -74.05
C ASP A 679 21.91 -76.97 -73.48
N SER A 680 22.33 -75.71 -73.38
CA SER A 680 23.60 -75.29 -72.82
C SER A 680 23.52 -73.80 -72.57
N ALA A 681 24.12 -73.36 -71.46
CA ALA A 681 24.14 -71.95 -71.15
C ALA A 681 25.09 -71.22 -72.11
N PRO A 682 24.89 -69.93 -72.33
CA PRO A 682 25.86 -69.18 -73.14
C PRO A 682 27.22 -69.02 -72.46
N LEU A 683 27.29 -69.06 -71.13
CA LEU A 683 28.60 -69.07 -70.50
C LEU A 683 29.26 -70.43 -70.58
N VAL A 684 28.49 -71.49 -70.86
CA VAL A 684 29.15 -72.72 -71.30
C VAL A 684 29.71 -72.52 -72.71
N HIS A 685 28.98 -71.77 -73.54
CA HIS A 685 29.49 -71.45 -74.86
C HIS A 685 30.68 -70.50 -74.85
N CYS A 686 30.75 -69.54 -73.93
CA CYS A 686 31.75 -68.48 -74.11
C CYS A 686 33.15 -68.88 -73.65
N VAL A 687 33.30 -70.04 -73.03
CA VAL A 687 34.62 -70.48 -72.62
C VAL A 687 35.22 -71.39 -73.68
N ARG A 688 34.39 -72.02 -74.50
CA ARG A 688 34.89 -72.84 -75.60
C ARG A 688 35.52 -71.98 -76.70
N LEU A 689 35.13 -70.72 -76.77
CA LEU A 689 35.41 -69.88 -77.94
C LEU A 689 36.69 -69.09 -77.75
N LEU A 690 36.94 -68.64 -76.53
CA LEU A 690 38.08 -67.79 -76.26
C LEU A 690 39.33 -68.62 -76.01
N SER A 691 39.21 -69.94 -76.07
CA SER A 691 40.32 -70.81 -75.75
C SER A 691 40.98 -71.37 -77.01
N ALA A 692 40.19 -71.93 -77.93
CA ALA A 692 40.74 -72.53 -79.13
C ALA A 692 41.22 -71.51 -80.14
N SER A 693 40.95 -70.23 -79.92
CA SER A 693 41.44 -69.20 -80.82
C SER A 693 42.71 -68.56 -80.28
N PHE A 694 42.81 -68.43 -78.96
CA PHE A 694 43.94 -67.73 -78.35
C PHE A 694 44.98 -68.68 -77.79
N LEU A 695 44.58 -69.56 -76.87
CA LEU A 695 45.55 -70.18 -75.98
C LEU A 695 45.46 -71.70 -75.91
N LEU A 696 44.82 -72.36 -76.86
CA LEU A 696 44.73 -73.80 -76.80
C LEU A 696 44.53 -74.35 -78.21
N THR A 697 45.13 -75.51 -78.45
CA THR A 697 44.98 -76.25 -79.71
C THR A 697 44.21 -77.51 -79.43
N GLY A 698 43.20 -77.79 -80.26
CA GLY A 698 42.18 -78.77 -79.93
C GLY A 698 42.59 -80.23 -79.98
N GLY A 699 43.87 -80.56 -80.07
CA GLY A 699 44.26 -81.95 -80.24
C GLY A 699 44.94 -82.60 -79.06
N LYS A 700 45.71 -81.82 -78.29
CA LYS A 700 46.61 -82.38 -77.31
C LYS A 700 46.95 -81.29 -76.30
N ASN A 701 47.32 -81.70 -75.09
CA ASN A 701 47.79 -80.75 -74.08
C ASN A 701 49.15 -80.20 -74.49
N VAL A 702 49.13 -79.02 -75.10
CA VAL A 702 50.33 -78.41 -75.66
C VAL A 702 50.17 -76.90 -75.63
N LEU A 703 51.27 -76.20 -75.36
CA LEU A 703 51.27 -74.76 -75.37
C LEU A 703 51.12 -74.23 -76.79
N VAL A 704 50.53 -73.05 -76.90
CA VAL A 704 50.57 -72.33 -78.18
C VAL A 704 51.81 -71.43 -78.16
N PRO A 705 52.48 -71.24 -79.28
CA PRO A 705 53.70 -70.43 -79.27
C PRO A 705 53.40 -68.95 -79.09
N ASP A 706 54.36 -68.25 -78.49
CA ASP A 706 54.25 -66.81 -78.29
C ASP A 706 54.43 -66.04 -79.59
N ARG A 707 54.95 -66.69 -80.63
CA ARG A 707 55.09 -66.06 -81.94
C ARG A 707 53.72 -65.80 -82.57
N ASP A 708 52.78 -66.71 -82.37
CA ASP A 708 51.47 -66.61 -83.01
C ASP A 708 50.62 -65.53 -82.33
N VAL A 709 50.41 -65.67 -81.02
CA VAL A 709 49.63 -64.74 -80.22
C VAL A 709 50.57 -64.10 -79.21
N ARG A 710 50.53 -62.77 -79.11
CA ARG A 710 51.42 -62.05 -78.21
C ARG A 710 51.13 -62.38 -76.76
N VAL A 711 52.13 -62.18 -75.90
CA VAL A 711 51.97 -62.49 -74.49
C VAL A 711 51.41 -61.29 -73.75
N SER A 712 51.14 -60.21 -74.49
CA SER A 712 50.20 -59.21 -73.98
C SER A 712 48.77 -59.60 -74.33
N VAL A 713 48.61 -60.40 -75.39
CA VAL A 713 47.28 -60.85 -75.78
C VAL A 713 46.92 -62.15 -75.07
N LYS A 714 47.92 -62.94 -74.68
CA LYS A 714 47.62 -64.15 -73.91
C LYS A 714 47.37 -63.84 -72.44
N ALA A 715 47.62 -62.60 -72.02
CA ALA A 715 47.49 -62.27 -70.61
C ALA A 715 46.07 -61.86 -70.27
N LEU A 716 45.39 -61.21 -71.21
CA LEU A 716 44.02 -60.76 -70.96
C LEU A 716 43.02 -61.87 -71.27
N ALA A 717 43.47 -63.02 -71.75
CA ALA A 717 42.56 -64.11 -72.08
C ALA A 717 42.49 -65.12 -70.95
N LEU A 718 43.45 -65.08 -70.03
CA LEU A 718 43.39 -65.93 -68.86
C LEU A 718 42.60 -65.28 -67.74
N SER A 719 42.39 -63.97 -67.82
CA SER A 719 41.63 -63.29 -66.77
C SER A 719 40.16 -63.19 -67.12
N CYS A 720 39.77 -63.59 -68.34
CA CYS A 720 38.36 -63.59 -68.70
C CYS A 720 37.73 -64.96 -68.48
N VAL A 721 38.55 -66.02 -68.47
CA VAL A 721 38.04 -67.35 -68.20
C VAL A 721 37.80 -67.50 -66.70
N GLY A 722 38.45 -66.70 -65.86
CA GLY A 722 38.30 -66.77 -64.43
C GLY A 722 37.14 -66.01 -63.83
N ALA A 723 36.67 -64.95 -64.52
CA ALA A 723 35.60 -64.15 -63.96
C ALA A 723 34.24 -64.71 -64.34
N ALA A 724 34.21 -65.74 -65.19
CA ALA A 724 32.95 -66.36 -65.59
C ALA A 724 32.65 -67.59 -64.74
N VAL A 725 33.69 -68.20 -64.18
CA VAL A 725 33.52 -69.36 -63.32
C VAL A 725 32.85 -68.93 -62.02
N ALA A 726 33.16 -67.72 -61.55
CA ALA A 726 32.44 -67.10 -60.47
C ALA A 726 30.98 -66.83 -60.83
N LEU A 727 30.65 -66.75 -62.11
CA LEU A 727 29.26 -66.62 -62.55
C LEU A 727 28.65 -67.96 -62.92
N HIS A 728 29.29 -68.74 -63.78
CA HIS A 728 28.73 -70.04 -64.20
C HIS A 728 29.82 -71.08 -64.15
N PRO A 729 29.87 -71.88 -63.08
CA PRO A 729 31.05 -72.72 -62.84
C PRO A 729 31.05 -74.00 -63.64
N GLU A 730 30.01 -74.27 -64.43
CA GLU A 730 29.93 -75.53 -65.13
C GLU A 730 30.62 -75.45 -66.49
N SER A 731 31.23 -74.32 -66.80
CA SER A 731 31.87 -74.16 -68.10
C SER A 731 33.26 -74.79 -68.13
N PHE A 732 33.98 -74.73 -67.01
CA PHE A 732 35.37 -75.18 -66.95
C PHE A 732 35.50 -76.69 -67.06
N PHE A 733 34.42 -77.44 -66.84
CA PHE A 733 34.49 -78.88 -66.93
C PHE A 733 34.02 -79.40 -68.28
N SER A 734 33.78 -78.52 -69.24
CA SER A 734 33.19 -78.90 -70.51
C SER A 734 34.26 -79.36 -71.50
N LYS A 735 33.80 -80.05 -72.54
CA LYS A 735 34.66 -80.46 -73.62
C LYS A 735 34.93 -79.24 -74.51
N LEU A 736 36.09 -79.24 -75.18
CA LEU A 736 36.48 -78.07 -75.96
C LEU A 736 35.64 -77.97 -77.23
N TYR A 737 35.54 -79.06 -78.00
CA TYR A 737 34.67 -79.10 -79.16
C TYR A 737 33.42 -79.89 -78.83
N LYS A 738 32.27 -79.42 -79.30
CA LYS A 738 31.02 -80.13 -79.03
C LYS A 738 30.93 -81.38 -79.88
N VAL A 739 31.08 -81.24 -81.20
CA VAL A 739 31.28 -82.37 -82.10
C VAL A 739 32.77 -82.67 -82.13
N PRO A 740 33.19 -83.91 -81.88
CA PRO A 740 34.62 -84.20 -81.75
C PRO A 740 35.37 -84.06 -83.07
N LEU A 741 36.67 -83.83 -82.94
CA LEU A 741 37.50 -83.34 -84.04
C LEU A 741 38.44 -84.46 -84.48
N ASP A 742 37.99 -85.25 -85.46
CA ASP A 742 38.84 -85.99 -86.39
C ASP A 742 39.79 -86.97 -85.71
N THR A 743 39.25 -88.07 -85.17
CA THR A 743 40.05 -89.04 -84.43
C THR A 743 41.13 -89.71 -85.28
N THR A 744 41.06 -89.58 -86.61
CA THR A 744 42.14 -90.04 -87.48
C THR A 744 43.41 -89.22 -87.24
N GLU A 745 43.28 -87.89 -87.23
CA GLU A 745 44.46 -87.04 -87.07
C GLU A 745 44.95 -87.05 -85.63
N TYR A 746 44.04 -86.87 -84.67
CA TYR A 746 44.41 -86.67 -83.27
C TYR A 746 43.96 -87.89 -82.47
N PRO A 747 44.83 -88.43 -81.61
CA PRO A 747 44.47 -89.67 -80.89
C PRO A 747 43.39 -89.47 -79.86
N GLU A 748 43.50 -88.42 -79.05
CA GLU A 748 42.59 -88.17 -77.94
C GLU A 748 42.07 -86.75 -78.00
N GLU A 749 40.83 -86.56 -77.55
CA GLU A 749 40.30 -85.23 -77.41
C GLU A 749 40.48 -84.76 -75.98
N GLN A 750 40.71 -83.47 -75.79
CA GLN A 750 40.98 -82.93 -74.46
C GLN A 750 39.90 -81.96 -74.04
N TYR A 751 39.86 -81.67 -72.75
CA TYR A 751 38.89 -80.79 -72.14
C TYR A 751 39.55 -79.44 -71.89
N VAL A 752 38.85 -78.49 -71.29
CA VAL A 752 39.50 -77.22 -70.90
C VAL A 752 40.05 -77.45 -69.50
N SER A 753 41.18 -78.14 -69.46
CA SER A 753 42.03 -78.22 -68.29
C SER A 753 43.47 -77.94 -68.67
N ASP A 754 43.74 -77.76 -69.96
CA ASP A 754 45.04 -77.35 -70.42
C ASP A 754 45.23 -75.86 -70.29
N ILE A 755 44.18 -75.12 -69.91
CA ILE A 755 44.33 -73.76 -69.43
C ILE A 755 45.23 -73.74 -68.20
N LEU A 756 45.12 -74.77 -67.36
CA LEU A 756 45.95 -74.92 -66.17
C LEU A 756 47.27 -75.64 -66.44
N ASN A 757 47.78 -75.57 -67.66
CA ASN A 757 49.17 -75.90 -67.92
C ASN A 757 49.99 -74.67 -68.23
N TYR A 758 49.42 -73.47 -68.07
CA TYR A 758 50.14 -72.23 -68.28
C TYR A 758 50.68 -71.66 -66.98
N ILE A 759 51.08 -72.53 -66.07
CA ILE A 759 51.87 -72.11 -64.91
C ILE A 759 53.34 -72.14 -65.24
N ASP A 760 53.73 -72.95 -66.23
CA ASP A 760 55.13 -73.02 -66.60
C ASP A 760 55.50 -72.06 -67.73
N HIS A 761 54.55 -71.27 -68.22
CA HIS A 761 54.77 -70.44 -69.40
C HIS A 761 55.47 -69.13 -69.03
N GLY A 762 56.80 -69.15 -69.03
CA GLY A 762 57.61 -67.95 -69.18
C GLY A 762 57.47 -66.80 -68.20
N ASP A 763 56.87 -65.73 -68.66
CA ASP A 763 56.91 -64.43 -67.99
C ASP A 763 55.93 -64.40 -66.82
N PRO A 764 55.97 -63.33 -66.00
CA PRO A 764 54.81 -63.02 -65.16
C PRO A 764 53.58 -62.65 -65.97
N GLN A 765 52.45 -62.57 -65.26
CA GLN A 765 51.11 -62.26 -65.74
C GLN A 765 50.56 -63.29 -66.71
N VAL A 766 51.19 -64.47 -66.84
CA VAL A 766 50.59 -65.65 -67.42
C VAL A 766 50.64 -66.82 -66.45
N ARG A 767 51.80 -67.05 -65.84
CA ARG A 767 51.84 -67.92 -64.68
C ARG A 767 51.21 -67.25 -63.46
N GLY A 768 51.05 -65.94 -63.47
CA GLY A 768 50.36 -65.24 -62.41
C GLY A 768 48.88 -65.09 -62.72
N ALA A 769 48.52 -65.14 -63.99
CA ALA A 769 47.12 -65.15 -64.35
C ALA A 769 46.61 -66.56 -64.64
N THR A 770 47.42 -67.59 -64.42
CA THR A 770 46.86 -68.89 -64.11
C THR A 770 47.06 -69.22 -62.65
N ALA A 771 47.75 -68.36 -61.92
CA ALA A 771 47.65 -68.42 -60.48
C ALA A 771 46.28 -67.96 -60.02
N ILE A 772 45.68 -66.98 -60.72
CA ILE A 772 44.37 -66.48 -60.33
C ILE A 772 43.24 -67.25 -61.01
N LEU A 773 43.54 -68.17 -61.93
CA LEU A 773 42.48 -68.96 -62.52
C LEU A 773 42.11 -70.14 -61.64
N CYS A 774 42.99 -70.53 -60.72
CA CYS A 774 42.67 -71.61 -59.79
C CYS A 774 42.11 -71.04 -58.49
N GLY A 775 42.14 -69.73 -58.32
CA GLY A 775 41.57 -69.15 -57.11
C GLY A 775 40.06 -69.10 -57.15
N THR A 776 39.51 -68.64 -58.25
CA THR A 776 38.07 -68.49 -58.38
C THR A 776 37.41 -69.70 -59.03
N LEU A 777 38.15 -70.79 -59.26
CA LEU A 777 37.51 -72.06 -59.59
C LEU A 777 37.19 -72.83 -58.33
N ILE A 778 37.88 -72.53 -57.24
CA ILE A 778 37.59 -73.17 -55.96
C ILE A 778 36.63 -72.31 -55.16
N CYS A 779 36.64 -71.00 -55.42
CA CYS A 779 35.71 -70.09 -54.74
C CYS A 779 34.28 -70.35 -55.14
N SER A 780 34.06 -70.91 -56.33
CA SER A 780 32.73 -70.86 -56.92
C SER A 780 32.20 -72.25 -57.25
N ILE A 781 32.81 -73.30 -56.70
CA ILE A 781 32.15 -74.61 -56.68
C ILE A 781 31.53 -74.82 -55.32
N LEU A 782 32.21 -74.34 -54.28
CA LEU A 782 31.73 -74.38 -52.92
C LEU A 782 30.47 -73.52 -52.73
N SER A 783 30.38 -72.39 -53.44
CA SER A 783 29.21 -71.54 -53.32
C SER A 783 28.14 -71.94 -54.32
N ARG A 784 28.50 -72.78 -55.29
CA ARG A 784 27.53 -73.22 -56.29
C ARG A 784 26.71 -74.39 -55.77
N SER A 785 27.37 -75.51 -55.51
CA SER A 785 26.81 -76.59 -54.72
C SER A 785 27.31 -76.40 -53.30
N ARG A 786 26.40 -76.37 -52.34
CA ARG A 786 26.65 -75.79 -51.01
C ARG A 786 27.62 -76.67 -50.22
N PHE A 787 28.89 -76.54 -50.59
CA PHE A 787 30.07 -77.22 -50.05
C PHE A 787 29.97 -78.74 -50.22
N HIS A 788 29.10 -79.20 -51.13
CA HIS A 788 28.98 -80.62 -51.44
C HIS A 788 29.87 -80.92 -52.64
N VAL A 789 31.16 -81.09 -52.36
CA VAL A 789 32.10 -81.43 -53.42
C VAL A 789 32.03 -82.92 -53.70
N GLY A 790 31.42 -83.68 -52.79
CA GLY A 790 31.17 -85.08 -53.08
C GLY A 790 30.11 -85.30 -54.12
N ASP A 791 28.92 -84.72 -53.92
CA ASP A 791 27.79 -85.07 -54.77
C ASP A 791 27.81 -84.31 -56.09
N TRP A 792 28.41 -83.12 -56.12
CA TRP A 792 28.30 -82.32 -57.34
C TRP A 792 29.26 -82.81 -58.42
N MET A 793 30.37 -83.43 -58.02
CA MET A 793 31.33 -83.92 -59.00
C MET A 793 30.88 -85.21 -59.65
N GLY A 794 29.88 -85.89 -59.09
CA GLY A 794 29.39 -87.10 -59.72
C GLY A 794 28.55 -86.81 -60.96
N THR A 795 27.83 -85.69 -60.95
CA THR A 795 26.89 -85.40 -62.03
C THR A 795 27.60 -85.00 -63.31
N ILE A 796 28.81 -84.44 -63.18
CA ILE A 796 29.51 -83.90 -64.35
C ILE A 796 30.22 -85.01 -65.13
N ARG A 797 30.78 -85.98 -64.40
CA ARG A 797 31.72 -86.97 -64.94
C ARG A 797 31.05 -87.94 -65.89
N THR A 798 29.79 -88.27 -65.64
CA THR A 798 28.99 -89.06 -66.57
C THR A 798 28.41 -88.21 -67.70
N LEU A 799 28.56 -86.88 -67.64
CA LEU A 799 28.07 -85.97 -68.66
C LEU A 799 29.22 -85.46 -69.53
N THR A 800 30.24 -84.89 -68.91
CA THR A 800 31.51 -84.62 -69.57
C THR A 800 32.60 -85.39 -68.84
N GLY A 801 33.23 -86.32 -69.56
CA GLY A 801 34.01 -87.37 -68.92
C GLY A 801 35.39 -87.00 -68.43
N ASN A 802 35.65 -85.74 -68.10
CA ASN A 802 36.98 -85.36 -67.63
C ASN A 802 37.22 -85.88 -66.21
N THR A 803 38.49 -86.03 -65.88
CA THR A 803 38.93 -86.45 -64.55
C THR A 803 39.72 -85.29 -63.97
N PHE A 804 39.01 -84.35 -63.34
CA PHE A 804 39.64 -83.15 -62.79
C PHE A 804 39.02 -82.88 -61.42
N SER A 805 39.71 -83.30 -60.37
CA SER A 805 39.29 -82.98 -59.02
C SER A 805 40.04 -81.74 -58.54
N LEU A 806 39.63 -81.26 -57.37
CA LEU A 806 40.32 -80.14 -56.74
C LEU A 806 41.53 -80.59 -55.92
N ALA A 807 41.89 -81.86 -56.01
CA ALA A 807 43.17 -82.31 -55.47
C ALA A 807 44.31 -82.03 -56.44
N ASP A 808 44.00 -81.70 -57.69
CA ASP A 808 45.01 -81.42 -58.70
C ASP A 808 45.12 -79.96 -59.06
N CYS A 809 44.62 -79.05 -58.22
CA CYS A 809 44.76 -77.63 -58.51
C CYS A 809 45.38 -76.85 -57.37
N ILE A 810 45.17 -77.27 -56.12
CA ILE A 810 45.79 -76.61 -54.98
C ILE A 810 47.31 -76.82 -54.95
N PRO A 811 47.88 -78.00 -55.29
CA PRO A 811 49.34 -78.03 -55.52
C PRO A 811 49.80 -77.28 -56.75
N LEU A 812 48.89 -76.86 -57.64
CA LEU A 812 49.26 -75.90 -58.68
C LEU A 812 49.18 -74.47 -58.14
N LEU A 813 48.47 -74.27 -57.02
CA LEU A 813 48.38 -72.94 -56.44
C LEU A 813 49.38 -72.78 -55.31
N ARG A 814 49.86 -73.89 -54.75
CA ARG A 814 50.89 -73.84 -53.73
C ARG A 814 52.25 -73.52 -54.35
N LYS A 815 52.38 -73.72 -55.66
CA LYS A 815 53.67 -73.58 -56.31
C LYS A 815 53.94 -72.14 -56.74
N THR A 816 52.93 -71.46 -57.28
CA THR A 816 53.11 -70.07 -57.71
C THR A 816 53.26 -69.10 -56.54
N LEU A 817 52.92 -69.50 -55.32
CA LEU A 817 53.28 -68.69 -54.16
C LEU A 817 54.78 -68.71 -53.92
N LYS A 818 55.45 -69.79 -54.32
CA LYS A 818 56.89 -69.92 -54.19
C LYS A 818 57.64 -69.53 -55.45
N ASP A 819 57.04 -68.73 -56.32
CA ASP A 819 57.67 -68.42 -57.60
C ASP A 819 58.74 -67.34 -57.41
N GLU A 820 59.60 -67.19 -58.42
CA GLU A 820 60.78 -66.35 -58.27
C GLU A 820 60.44 -64.86 -58.36
N SER A 821 59.82 -64.45 -59.47
CA SER A 821 59.67 -63.02 -59.76
C SER A 821 58.64 -62.38 -58.84
N SER A 822 58.93 -61.14 -58.43
CA SER A 822 58.07 -60.44 -57.49
C SER A 822 56.82 -59.88 -58.16
N VAL A 823 56.71 -60.01 -59.48
CA VAL A 823 55.44 -59.73 -60.15
C VAL A 823 54.60 -61.00 -60.19
N THR A 824 55.25 -62.17 -60.20
CA THR A 824 54.51 -63.42 -60.15
C THR A 824 53.94 -63.67 -58.77
N CYS A 825 54.44 -63.00 -57.74
CA CYS A 825 53.96 -63.30 -56.38
C CYS A 825 52.85 -62.35 -55.95
N LYS A 826 52.63 -61.26 -56.68
CA LYS A 826 51.53 -60.36 -56.34
C LYS A 826 50.21 -60.93 -56.80
N LEU A 827 50.23 -61.74 -57.86
CA LEU A 827 48.99 -62.21 -58.47
C LEU A 827 48.55 -63.55 -57.89
N ALA A 828 49.43 -64.25 -57.19
CA ALA A 828 49.06 -65.53 -56.61
C ALA A 828 48.55 -65.38 -55.19
N CYS A 829 48.69 -64.19 -54.60
CA CYS A 829 48.20 -64.00 -53.24
C CYS A 829 46.88 -63.25 -53.23
N THR A 830 46.42 -62.77 -54.39
CA THR A 830 45.02 -62.40 -54.50
C THR A 830 44.15 -63.60 -54.81
N ALA A 831 44.78 -64.69 -55.23
CA ALA A 831 44.05 -65.92 -55.47
C ALA A 831 43.74 -66.62 -54.16
N VAL A 832 44.40 -66.24 -53.07
CA VAL A 832 44.08 -66.84 -51.78
C VAL A 832 43.15 -65.91 -50.99
N ARG A 833 42.81 -64.76 -51.53
CA ARG A 833 41.78 -63.93 -50.91
C ARG A 833 40.40 -64.51 -51.19
N ASN A 834 40.28 -65.28 -52.27
CA ASN A 834 39.01 -65.79 -52.73
C ASN A 834 38.77 -67.23 -52.30
N CYS A 835 39.82 -67.92 -51.87
CA CYS A 835 39.92 -69.36 -51.95
C CYS A 835 40.16 -70.05 -50.62
N VAL A 836 40.39 -69.31 -49.54
CA VAL A 836 40.73 -69.95 -48.28
C VAL A 836 39.67 -69.65 -47.24
N MET A 837 38.66 -68.85 -47.60
CA MET A 837 37.47 -68.77 -46.78
C MET A 837 36.40 -69.74 -47.23
N SER A 838 36.63 -70.41 -48.36
CA SER A 838 35.64 -71.36 -48.82
C SER A 838 36.08 -72.80 -48.56
N LEU A 839 37.39 -73.05 -48.51
CA LEU A 839 37.89 -74.38 -48.23
C LEU A 839 37.83 -74.72 -46.76
N CYS A 840 38.17 -73.73 -45.92
CA CYS A 840 38.44 -73.98 -44.51
C CYS A 840 37.16 -74.37 -43.77
N SER A 841 36.01 -73.98 -44.30
CA SER A 841 34.74 -74.48 -43.81
C SER A 841 34.13 -75.54 -44.72
N SER A 842 34.94 -76.18 -45.56
CA SER A 842 34.44 -77.25 -46.42
C SER A 842 35.09 -78.58 -46.08
N SER A 843 34.73 -79.61 -46.84
CA SER A 843 35.25 -80.95 -46.63
C SER A 843 36.71 -81.11 -47.03
N TYR A 844 37.22 -80.23 -47.89
CA TYR A 844 38.63 -80.21 -48.26
C TYR A 844 39.44 -79.32 -47.34
N SER A 845 39.03 -79.17 -46.08
CA SER A 845 39.77 -78.26 -45.19
C SER A 845 41.00 -78.91 -44.58
N GLU A 846 41.42 -80.07 -45.07
CA GLU A 846 42.81 -80.48 -44.85
C GLU A 846 43.75 -79.66 -45.71
N LEU A 847 43.41 -79.53 -47.00
CA LEU A 847 44.24 -78.74 -47.90
C LEU A 847 44.02 -77.25 -47.69
N GLY A 848 42.96 -76.86 -46.98
CA GLY A 848 42.68 -75.44 -46.81
C GLY A 848 43.54 -74.80 -45.75
N LEU A 849 44.07 -75.59 -44.84
CA LEU A 849 44.87 -75.04 -43.76
C LEU A 849 46.31 -74.85 -44.20
N GLN A 850 46.75 -75.66 -45.16
CA GLN A 850 48.12 -75.59 -45.66
C GLN A 850 48.41 -74.28 -46.38
N LEU A 851 47.41 -73.73 -47.07
CA LEU A 851 47.61 -72.45 -47.76
C LEU A 851 47.59 -71.29 -46.78
N ILE A 852 47.08 -71.47 -45.58
CA ILE A 852 47.28 -70.47 -44.54
C ILE A 852 48.75 -70.48 -44.11
N ILE A 853 49.38 -71.65 -44.12
CA ILE A 853 50.75 -71.78 -43.62
C ILE A 853 51.76 -71.13 -44.57
N ASP A 854 51.56 -71.27 -45.88
CA ASP A 854 52.63 -70.87 -46.81
C ASP A 854 52.71 -69.37 -47.04
N VAL A 855 51.60 -68.65 -46.89
CA VAL A 855 51.58 -67.19 -47.02
C VAL A 855 52.40 -66.56 -45.91
N LEU A 856 52.48 -67.23 -44.76
CA LEU A 856 53.28 -66.77 -43.63
C LEU A 856 54.78 -66.74 -43.95
N THR A 857 55.24 -67.52 -44.93
CA THR A 857 56.63 -67.44 -45.35
C THR A 857 56.85 -66.30 -46.34
N LEU A 858 55.77 -65.74 -46.86
CA LEU A 858 55.84 -64.67 -47.84
C LEU A 858 55.85 -63.29 -47.17
N ARG A 859 56.03 -63.25 -45.84
CA ARG A 859 55.97 -62.01 -45.09
C ARG A 859 57.23 -61.18 -45.20
N ASN A 860 58.34 -61.74 -45.69
CA ASN A 860 59.59 -61.02 -45.73
C ASN A 860 60.19 -61.01 -47.14
N SER A 861 59.35 -60.77 -48.13
CA SER A 861 59.86 -60.50 -49.47
C SER A 861 59.82 -58.99 -49.72
N SER A 862 60.79 -58.52 -50.52
CA SER A 862 61.15 -57.11 -50.56
C SER A 862 60.47 -56.34 -51.67
N TYR A 863 59.25 -56.71 -52.05
CA TYR A 863 58.46 -55.91 -52.97
C TYR A 863 57.21 -55.44 -52.24
N TRP A 864 57.01 -54.12 -52.21
CA TRP A 864 56.08 -53.53 -51.25
C TRP A 864 54.64 -53.80 -51.62
N LEU A 865 54.38 -54.24 -52.86
CA LEU A 865 53.04 -54.69 -53.20
C LEU A 865 52.86 -56.18 -52.92
N VAL A 866 53.95 -56.90 -52.68
CA VAL A 866 53.78 -58.31 -52.33
C VAL A 866 53.36 -58.45 -50.88
N ARG A 867 53.79 -57.53 -50.01
CA ARG A 867 53.47 -57.67 -48.59
C ARG A 867 52.09 -57.14 -48.20
N THR A 868 51.44 -56.31 -49.00
CA THR A 868 50.16 -55.76 -48.53
C THR A 868 48.97 -56.53 -49.09
N GLU A 869 49.18 -57.46 -50.01
CA GLU A 869 48.09 -58.35 -50.41
C GLU A 869 48.20 -59.69 -49.72
N LEU A 870 49.18 -59.82 -48.82
CA LEU A 870 49.23 -60.91 -47.86
C LEU A 870 48.25 -60.67 -46.73
N LEU A 871 48.37 -59.51 -46.10
CA LEU A 871 47.67 -59.13 -44.89
C LEU A 871 46.19 -58.89 -45.12
N GLU A 872 45.77 -58.71 -46.37
CA GLU A 872 44.34 -58.71 -46.67
C GLU A 872 43.82 -60.13 -46.75
N THR A 873 44.68 -61.09 -47.10
CA THR A 873 44.29 -62.49 -46.97
C THR A 873 44.70 -63.06 -45.63
N LEU A 874 45.13 -62.19 -44.71
CA LEU A 874 45.19 -62.51 -43.28
C LEU A 874 44.32 -61.57 -42.48
N ALA A 875 43.53 -60.74 -43.13
CA ALA A 875 42.48 -60.02 -42.44
C ALA A 875 41.13 -60.69 -42.65
N GLU A 876 40.94 -61.31 -43.81
CA GLU A 876 39.69 -62.00 -44.10
C GLU A 876 39.65 -63.41 -43.55
N ILE A 877 40.68 -63.84 -42.84
CA ILE A 877 40.66 -65.13 -42.17
C ILE A 877 39.77 -65.02 -40.95
N ASP A 878 38.99 -66.07 -40.69
CA ASP A 878 38.23 -66.19 -39.45
C ASP A 878 39.03 -67.08 -38.50
N PHE A 879 39.86 -66.45 -37.66
CA PHE A 879 40.71 -67.24 -36.78
C PHE A 879 39.98 -67.82 -35.59
N ARG A 880 38.65 -67.83 -35.56
CA ARG A 880 37.96 -68.74 -34.65
C ARG A 880 37.60 -70.03 -35.36
N LEU A 881 37.44 -69.99 -36.68
CA LEU A 881 37.24 -71.24 -37.40
C LEU A 881 38.58 -71.92 -37.66
N VAL A 882 39.68 -71.18 -37.60
CA VAL A 882 40.98 -71.74 -37.89
C VAL A 882 41.54 -72.49 -36.68
N SER A 883 41.19 -72.06 -35.48
CA SER A 883 41.67 -72.73 -34.27
C SER A 883 40.98 -74.07 -34.07
N PHE A 884 39.83 -74.26 -34.71
CA PHE A 884 39.09 -75.52 -34.58
C PHE A 884 39.78 -76.66 -35.30
N LEU A 885 40.42 -76.40 -36.44
CA LEU A 885 41.07 -77.48 -37.19
C LEU A 885 42.37 -77.96 -36.57
N GLU A 886 42.97 -77.16 -35.70
CA GLU A 886 44.26 -77.53 -35.12
C GLU A 886 44.09 -78.68 -34.14
N ALA A 887 43.00 -78.66 -33.38
CA ALA A 887 42.73 -79.68 -32.37
C ALA A 887 42.42 -81.03 -33.02
N LYS A 888 41.90 -81.00 -34.25
CA LYS A 888 41.55 -82.24 -34.93
C LYS A 888 42.75 -82.84 -35.63
N ALA A 889 43.77 -82.03 -35.90
CA ALA A 889 44.93 -82.52 -36.64
C ALA A 889 45.85 -83.32 -35.74
N GLU A 890 46.46 -84.36 -36.31
CA GLU A 890 47.57 -85.08 -35.68
C GLU A 890 48.78 -85.20 -36.60
N ASN A 891 48.54 -85.36 -37.90
CA ASN A 891 49.64 -85.39 -38.85
C ASN A 891 49.97 -84.01 -39.39
N LEU A 892 49.02 -83.07 -39.33
CA LEU A 892 49.26 -81.74 -39.88
C LEU A 892 50.12 -80.91 -38.94
N HIS A 893 50.02 -81.16 -37.63
CA HIS A 893 50.95 -80.57 -36.67
C HIS A 893 52.38 -80.99 -36.96
N ARG A 894 52.56 -82.25 -37.34
CA ARG A 894 53.88 -82.70 -37.79
C ARG A 894 54.21 -82.12 -39.16
N GLY A 895 53.42 -82.50 -40.18
CA GLY A 895 53.63 -82.03 -41.53
C GLY A 895 54.91 -82.58 -42.13
N ALA A 896 55.66 -81.68 -42.76
CA ALA A 896 57.01 -82.00 -43.17
C ALA A 896 57.92 -82.09 -41.95
N HIS A 897 59.01 -82.84 -42.10
CA HIS A 897 60.12 -83.04 -41.15
C HIS A 897 59.73 -83.47 -39.73
N HIS A 898 58.47 -83.87 -39.52
CA HIS A 898 57.97 -84.50 -38.30
C HIS A 898 58.22 -83.66 -37.05
N TYR A 899 57.65 -82.45 -37.05
CA TYR A 899 57.77 -81.53 -35.92
C TYR A 899 56.99 -82.05 -34.72
N THR A 900 57.46 -81.69 -33.52
CA THR A 900 56.74 -81.98 -32.29
C THR A 900 56.34 -80.67 -31.62
N GLY A 901 55.10 -80.60 -31.17
CA GLY A 901 54.56 -79.39 -30.62
C GLY A 901 53.26 -79.01 -31.31
N LEU A 902 52.73 -77.87 -30.90
CA LEU A 902 51.50 -77.38 -31.49
C LEU A 902 51.78 -76.44 -32.66
N LEU A 903 50.86 -76.46 -33.62
CA LEU A 903 50.92 -75.60 -34.79
C LEU A 903 50.13 -74.34 -34.45
N LYS A 904 50.79 -73.39 -33.81
CA LYS A 904 50.13 -72.20 -33.29
C LYS A 904 50.03 -71.19 -34.42
N LEU A 905 48.92 -71.24 -35.17
CA LEU A 905 48.71 -70.24 -36.22
C LEU A 905 48.44 -68.87 -35.64
N GLN A 906 47.62 -68.78 -34.60
CA GLN A 906 47.10 -67.48 -34.18
C GLN A 906 48.17 -66.59 -33.53
N GLU A 907 48.97 -67.10 -32.60
CA GLU A 907 50.01 -66.26 -32.03
C GLU A 907 51.16 -66.01 -32.99
N ARG A 908 51.29 -66.79 -34.06
CA ARG A 908 52.34 -66.57 -35.06
C ARG A 908 51.89 -65.62 -36.17
N VAL A 909 50.58 -65.51 -36.42
CA VAL A 909 50.05 -64.63 -37.44
C VAL A 909 49.66 -63.27 -36.88
N LEU A 910 49.76 -63.10 -35.56
CA LEU A 910 49.39 -61.85 -34.91
C LEU A 910 50.57 -61.16 -34.27
N ASN A 911 51.56 -61.90 -33.76
CA ASN A 911 52.80 -61.32 -33.24
C ASN A 911 53.86 -61.16 -34.31
N ASN A 912 53.87 -62.05 -35.32
CA ASN A 912 55.01 -62.08 -36.22
C ASN A 912 54.64 -61.71 -37.64
N VAL A 913 53.40 -61.28 -37.88
CA VAL A 913 53.08 -60.62 -39.14
C VAL A 913 52.50 -59.24 -38.89
N VAL A 914 51.32 -59.18 -38.28
CA VAL A 914 50.47 -58.00 -38.34
C VAL A 914 51.02 -56.90 -37.46
N ILE A 915 51.44 -57.25 -36.25
CA ILE A 915 52.15 -56.27 -35.43
C ILE A 915 53.57 -56.09 -35.95
N HIS A 916 54.14 -57.14 -36.54
CA HIS A 916 55.48 -57.03 -37.11
C HIS A 916 55.51 -56.15 -38.35
N LEU A 917 54.51 -56.24 -39.22
CA LEU A 917 54.48 -55.36 -40.40
C LEU A 917 54.07 -53.95 -40.06
N LEU A 918 53.72 -53.64 -38.80
CA LEU A 918 53.68 -52.25 -38.40
C LEU A 918 55.07 -51.63 -38.41
N GLY A 919 56.11 -52.43 -38.17
CA GLY A 919 57.46 -51.90 -38.11
C GLY A 919 58.18 -51.98 -39.43
N ASP A 920 57.48 -51.65 -40.50
CA ASP A 920 58.08 -51.66 -41.83
C ASP A 920 58.51 -50.24 -42.19
N GLU A 921 59.38 -50.13 -43.18
CA GLU A 921 59.94 -48.82 -43.52
C GLU A 921 58.99 -47.98 -44.36
N ASP A 922 58.10 -48.60 -45.12
CA ASP A 922 57.29 -47.84 -46.06
C ASP A 922 56.11 -47.19 -45.35
N PRO A 923 55.75 -45.96 -45.73
CA PRO A 923 54.46 -45.42 -45.30
C PRO A 923 53.28 -46.12 -45.96
N ARG A 924 53.50 -46.91 -47.01
CA ARG A 924 52.39 -47.66 -47.60
C ARG A 924 52.12 -48.93 -46.83
N VAL A 925 53.16 -49.56 -46.28
CA VAL A 925 52.97 -50.85 -45.63
C VAL A 925 52.51 -50.65 -44.18
N ARG A 926 52.77 -49.49 -43.58
CA ARG A 926 52.37 -49.31 -42.19
C ARG A 926 50.89 -49.01 -42.06
N HIS A 927 50.26 -48.42 -43.08
CA HIS A 927 48.86 -48.01 -42.93
C HIS A 927 47.91 -49.19 -43.14
N VAL A 928 48.28 -50.14 -43.98
CA VAL A 928 47.37 -51.22 -44.32
C VAL A 928 47.32 -52.24 -43.19
N ALA A 929 48.33 -52.26 -42.33
CA ALA A 929 48.40 -53.25 -41.26
C ALA A 929 47.56 -52.83 -40.06
N ALA A 930 47.21 -51.55 -39.98
CA ALA A 930 46.33 -51.11 -38.90
C ALA A 930 44.89 -51.55 -39.14
N ALA A 931 44.47 -51.56 -40.40
CA ALA A 931 43.07 -51.82 -40.74
C ALA A 931 42.73 -53.30 -40.59
N SER A 932 43.74 -54.15 -40.49
CA SER A 932 43.54 -55.56 -40.24
C SER A 932 43.26 -55.83 -38.77
N LEU A 933 43.86 -55.04 -37.86
CA LEU A 933 43.55 -55.16 -36.44
C LEU A 933 42.19 -54.53 -36.13
N ILE A 934 41.57 -53.89 -37.10
CA ILE A 934 40.15 -53.62 -36.97
C ILE A 934 39.35 -54.83 -37.45
N ARG A 935 39.92 -55.63 -38.35
CA ARG A 935 39.24 -56.80 -38.88
C ARG A 935 39.63 -58.10 -38.17
N LEU A 936 40.65 -58.09 -37.32
CA LEU A 936 41.04 -59.30 -36.59
C LEU A 936 40.40 -59.44 -35.22
N VAL A 937 40.13 -58.32 -34.55
CA VAL A 937 39.69 -58.38 -33.15
C VAL A 937 38.33 -59.06 -32.97
N PRO A 938 37.32 -58.89 -33.85
CA PRO A 938 36.14 -59.76 -33.68
C PRO A 938 36.35 -61.22 -34.06
N LYS A 939 37.55 -61.63 -34.45
CA LYS A 939 37.78 -62.96 -35.00
C LYS A 939 38.98 -63.68 -34.37
N LEU A 940 39.11 -63.72 -33.05
CA LEU A 940 40.36 -64.22 -32.50
C LEU A 940 40.24 -65.63 -31.90
N PHE A 941 39.36 -65.80 -30.91
CA PHE A 941 39.23 -67.03 -30.12
C PHE A 941 40.54 -67.41 -29.43
N TYR A 942 40.87 -66.64 -28.40
CA TYR A 942 41.84 -67.11 -27.42
C TYR A 942 41.21 -68.10 -26.46
N LYS A 943 42.04 -68.98 -25.91
CA LYS A 943 41.58 -70.20 -25.25
C LYS A 943 40.98 -69.91 -23.88
N CYS A 944 39.86 -70.58 -23.61
CA CYS A 944 39.21 -70.64 -22.29
C CYS A 944 38.79 -69.28 -21.77
N ASP A 945 37.87 -68.66 -22.50
CA ASP A 945 37.10 -67.54 -22.00
C ASP A 945 36.02 -68.04 -21.04
N GLN A 946 35.32 -67.11 -20.41
CA GLN A 946 34.19 -67.44 -19.55
C GLN A 946 32.87 -67.32 -20.29
N GLY A 947 32.94 -67.38 -21.61
CA GLY A 947 31.82 -67.60 -22.49
C GLY A 947 32.03 -68.86 -23.30
N GLN A 948 32.36 -68.68 -24.57
CA GLN A 948 32.78 -69.76 -25.46
C GLN A 948 33.95 -70.56 -24.88
N ALA A 949 33.74 -71.86 -24.69
CA ALA A 949 34.76 -72.72 -24.10
C ALA A 949 35.54 -73.49 -25.17
N ASP A 950 34.86 -74.32 -25.94
CA ASP A 950 35.50 -75.11 -26.98
C ASP A 950 35.72 -74.26 -28.22
N PRO A 951 36.52 -74.74 -29.18
CA PRO A 951 36.46 -74.15 -30.52
C PRO A 951 35.23 -74.59 -31.30
N VAL A 952 34.50 -75.60 -30.84
CA VAL A 952 33.22 -75.95 -31.45
C VAL A 952 32.19 -74.88 -31.13
N VAL A 953 32.18 -74.39 -29.89
CA VAL A 953 31.17 -73.43 -29.45
C VAL A 953 31.53 -72.04 -29.96
N ALA A 954 32.73 -71.84 -30.47
CA ALA A 954 33.15 -70.51 -30.91
C ALA A 954 32.53 -70.12 -32.26
N VAL A 955 32.47 -71.07 -33.18
CA VAL A 955 31.96 -70.81 -34.52
C VAL A 955 30.44 -70.66 -34.48
N ALA A 956 29.82 -71.17 -33.42
CA ALA A 956 28.36 -71.20 -33.35
C ALA A 956 27.77 -69.88 -32.89
N ARG A 957 28.59 -68.97 -32.37
CA ARG A 957 27.99 -67.74 -31.87
C ARG A 957 28.14 -66.59 -32.86
N ASP A 958 29.03 -66.70 -33.83
CA ASP A 958 29.09 -65.66 -34.86
C ASP A 958 28.08 -65.90 -35.99
N GLN A 959 27.44 -67.07 -36.00
CA GLN A 959 26.49 -67.36 -37.06
C GLN A 959 25.08 -67.47 -36.52
N SER A 960 24.88 -67.05 -35.27
CA SER A 960 23.53 -67.02 -34.73
C SER A 960 23.05 -65.59 -34.54
N SER A 961 23.98 -64.66 -34.33
CA SER A 961 23.63 -63.24 -34.38
C SER A 961 23.26 -62.82 -35.80
N VAL A 962 23.82 -63.49 -36.81
CA VAL A 962 23.48 -63.18 -38.18
C VAL A 962 22.07 -63.69 -38.51
N TYR A 963 21.76 -64.92 -38.10
CA TYR A 963 20.57 -65.61 -38.58
C TYR A 963 19.49 -65.78 -37.52
N LEU A 964 19.63 -65.15 -36.35
CA LEU A 964 18.59 -65.18 -35.32
C LEU A 964 18.60 -63.81 -34.64
N LYS A 965 17.61 -62.99 -34.95
CA LYS A 965 17.40 -61.77 -34.20
C LYS A 965 15.93 -61.56 -33.89
N ARG A 984 23.94 -32.41 -25.97
CA ARG A 984 24.66 -33.48 -26.66
C ARG A 984 26.15 -33.45 -26.34
N ILE A 985 26.62 -34.48 -25.64
CA ILE A 985 28.03 -34.58 -25.29
C ILE A 985 28.86 -34.89 -26.52
N TYR A 986 30.16 -34.63 -26.43
CA TYR A 986 31.03 -34.73 -27.59
C TYR A 986 31.31 -36.22 -27.88
N ARG A 987 31.92 -36.47 -29.05
CA ARG A 987 31.93 -37.81 -29.63
C ARG A 987 32.83 -38.78 -28.89
N GLY A 988 33.61 -38.30 -27.93
CA GLY A 988 34.64 -39.14 -27.34
C GLY A 988 34.09 -40.16 -26.36
N TYR A 989 33.15 -39.76 -25.52
CA TYR A 989 32.88 -40.53 -24.32
C TYR A 989 31.40 -40.70 -24.01
N ASN A 990 31.13 -41.47 -22.95
CA ASN A 990 29.85 -42.13 -22.72
C ASN A 990 29.50 -42.08 -21.24
N LEU A 991 28.21 -42.11 -20.93
CA LEU A 991 27.72 -42.11 -19.55
C LEU A 991 26.70 -43.21 -19.28
N LEU A 992 26.46 -44.10 -20.24
CA LEU A 992 25.48 -45.18 -20.10
C LEU A 992 25.99 -46.25 -19.13
N PRO A 993 25.14 -47.21 -18.73
CA PRO A 993 25.69 -48.40 -18.06
C PRO A 993 26.48 -49.30 -18.99
N SER A 994 26.33 -49.12 -20.30
CA SER A 994 27.18 -49.69 -21.35
C SER A 994 27.16 -51.21 -21.35
N ILE A 995 26.02 -51.80 -21.70
CA ILE A 995 25.89 -53.23 -21.91
C ILE A 995 26.87 -53.65 -23.00
N THR A 996 27.62 -54.71 -22.74
CA THR A 996 28.76 -55.08 -23.55
C THR A 996 28.89 -56.60 -23.55
N ASP A 997 29.46 -57.14 -24.62
CA ASP A 997 29.74 -58.57 -24.66
C ASP A 997 30.93 -58.88 -23.78
N VAL A 998 30.77 -59.89 -22.92
CA VAL A 998 31.83 -60.23 -21.96
C VAL A 998 33.01 -60.87 -22.68
N THR A 999 32.75 -61.61 -23.75
CA THR A 999 33.82 -62.32 -24.43
C THR A 999 34.39 -61.51 -25.58
N MET A 1000 33.71 -60.45 -25.99
CA MET A 1000 34.30 -59.55 -26.98
C MET A 1000 35.15 -58.48 -26.31
N GLU A 1001 35.02 -58.34 -24.98
CA GLU A 1001 35.98 -57.51 -24.26
C GLU A 1001 37.29 -58.22 -23.99
N ASN A 1002 37.38 -59.53 -24.27
CA ASN A 1002 38.60 -60.25 -23.96
C ASN A 1002 39.52 -60.32 -25.17
N ASN A 1003 38.97 -60.23 -26.37
CA ASN A 1003 39.80 -60.29 -27.56
C ASN A 1003 40.40 -58.92 -27.87
N LEU A 1004 39.81 -57.86 -27.32
CA LEU A 1004 40.33 -56.51 -27.56
C LEU A 1004 41.35 -56.13 -26.52
N SER A 1005 41.53 -56.94 -25.48
CA SER A 1005 42.54 -56.60 -24.49
C SER A 1005 43.81 -57.39 -24.69
N ARG A 1006 43.84 -58.29 -25.67
CA ARG A 1006 45.08 -58.98 -26.00
C ARG A 1006 45.73 -58.36 -27.23
N VAL A 1007 45.02 -57.48 -27.92
CA VAL A 1007 45.60 -56.80 -29.07
C VAL A 1007 46.13 -55.42 -28.66
N ILE A 1008 45.76 -54.96 -27.48
CA ILE A 1008 46.38 -53.75 -26.92
C ILE A 1008 47.43 -54.14 -25.88
N ALA A 1009 47.71 -55.43 -25.73
CA ALA A 1009 48.83 -55.84 -24.90
C ALA A 1009 50.11 -55.96 -25.70
N ALA A 1010 50.03 -56.54 -26.90
CA ALA A 1010 51.23 -56.71 -27.72
C ALA A 1010 51.50 -55.48 -28.57
N VAL A 1011 50.66 -54.44 -28.45
CA VAL A 1011 50.84 -53.23 -29.24
C VAL A 1011 51.48 -52.13 -28.42
N SER A 1012 51.26 -52.14 -27.10
CA SER A 1012 51.99 -51.23 -26.23
C SER A 1012 53.35 -51.81 -25.84
N HIS A 1013 53.76 -52.88 -26.49
CA HIS A 1013 55.02 -53.54 -26.14
C HIS A 1013 56.08 -53.32 -27.22
N GLU A 1014 55.67 -53.19 -28.47
CA GLU A 1014 56.53 -52.70 -29.54
C GLU A 1014 56.50 -51.18 -29.68
N LEU A 1015 56.06 -50.49 -28.64
CA LEU A 1015 56.13 -49.05 -28.52
C LEU A 1015 56.97 -48.61 -27.34
N ILE A 1016 57.24 -49.52 -26.40
CA ILE A 1016 58.07 -49.22 -25.25
C ILE A 1016 59.37 -50.02 -25.29
N THR A 1017 59.31 -51.31 -25.63
CA THR A 1017 60.51 -52.11 -25.76
C THR A 1017 61.08 -52.11 -27.16
N SER A 1018 60.68 -51.15 -27.99
CA SER A 1018 61.18 -51.06 -29.35
C SER A 1018 62.50 -50.30 -29.40
N THR A 1019 63.33 -50.66 -30.37
CA THR A 1019 64.65 -50.05 -30.52
C THR A 1019 64.80 -49.22 -31.78
N THR A 1020 63.76 -49.14 -32.61
CA THR A 1020 63.88 -48.44 -33.88
C THR A 1020 62.99 -47.21 -33.87
N ARG A 1021 63.31 -46.28 -34.77
CA ARG A 1021 62.41 -45.19 -35.12
C ARG A 1021 61.14 -45.69 -35.79
N ALA A 1022 61.21 -46.78 -36.54
CA ALA A 1022 60.06 -47.22 -37.31
C ALA A 1022 59.07 -48.06 -36.52
N LEU A 1023 59.43 -48.59 -35.36
CA LEU A 1023 58.43 -49.29 -34.56
C LEU A 1023 57.61 -48.34 -33.70
N THR A 1024 58.20 -47.24 -33.24
CA THR A 1024 57.44 -46.29 -32.43
C THR A 1024 56.48 -45.47 -33.27
N PHE A 1025 56.73 -45.40 -34.57
CA PHE A 1025 56.14 -44.36 -35.40
C PHE A 1025 54.88 -44.81 -36.13
N GLY A 1026 54.73 -46.10 -36.35
CA GLY A 1026 53.64 -46.62 -37.13
C GLY A 1026 52.81 -47.53 -36.27
N CYS A 1027 53.06 -47.47 -34.97
CA CYS A 1027 52.21 -48.14 -34.01
C CYS A 1027 51.49 -47.12 -33.13
N CYS A 1028 51.75 -45.84 -33.33
CA CYS A 1028 50.79 -44.83 -32.91
C CYS A 1028 49.76 -44.59 -33.99
N GLU A 1029 49.95 -45.16 -35.20
CA GLU A 1029 48.89 -45.10 -36.20
C GLU A 1029 47.95 -46.29 -36.10
N ALA A 1030 48.35 -47.35 -35.41
CA ALA A 1030 47.47 -48.50 -35.27
C ALA A 1030 46.64 -48.42 -34.00
N LEU A 1031 46.93 -47.45 -33.14
CA LEU A 1031 46.12 -47.27 -31.95
C LEU A 1031 45.08 -46.18 -32.16
N CYS A 1032 45.21 -45.39 -33.21
CA CYS A 1032 44.19 -44.38 -33.48
C CYS A 1032 43.08 -44.94 -34.35
N LEU A 1033 43.30 -46.09 -34.98
CA LEU A 1033 42.23 -46.68 -35.79
C LEU A 1033 41.47 -47.76 -35.04
N LEU A 1034 41.93 -48.16 -33.85
CA LEU A 1034 41.09 -48.95 -32.98
C LEU A 1034 40.03 -48.08 -32.31
N SER A 1035 40.43 -46.88 -31.89
CA SER A 1035 39.59 -46.06 -31.03
C SER A 1035 38.52 -45.31 -31.82
N THR A 1036 38.51 -45.47 -33.14
CA THR A 1036 37.44 -44.93 -33.95
C THR A 1036 36.51 -46.02 -34.48
N ALA A 1037 36.81 -47.28 -34.19
CA ALA A 1037 35.91 -48.39 -34.48
C ALA A 1037 35.53 -49.15 -33.22
N PHE A 1038 36.50 -49.32 -32.31
CA PHE A 1038 36.29 -49.86 -30.97
C PHE A 1038 36.63 -48.75 -30.00
N PRO A 1039 35.68 -47.88 -29.66
CA PRO A 1039 36.00 -46.70 -28.83
C PRO A 1039 36.37 -47.10 -27.41
N VAL A 1040 37.04 -46.21 -26.70
CA VAL A 1040 37.57 -46.54 -25.38
C VAL A 1040 36.46 -46.49 -24.35
N CYS A 1041 35.51 -45.57 -24.54
CA CYS A 1041 34.46 -45.38 -23.55
C CYS A 1041 33.48 -46.55 -23.52
N ILE A 1042 33.33 -47.24 -24.66
CA ILE A 1042 32.40 -48.36 -24.69
C ILE A 1042 33.10 -49.65 -24.27
N TRP A 1043 34.38 -49.79 -24.62
CA TRP A 1043 35.09 -51.04 -24.38
C TRP A 1043 36.18 -50.87 -23.34
N SER A 1044 35.87 -50.17 -22.25
CA SER A 1044 36.90 -49.70 -21.33
C SER A 1044 37.56 -50.84 -20.56
N LEU A 1045 36.88 -51.97 -20.41
CA LEU A 1045 37.48 -53.08 -19.69
C LEU A 1045 38.51 -53.80 -20.56
N GLY A 1046 38.49 -53.57 -21.86
CA GLY A 1046 39.58 -54.05 -22.70
C GLY A 1046 40.77 -53.11 -22.66
N TRP A 1047 40.52 -51.80 -22.64
CA TRP A 1047 41.61 -50.83 -22.67
C TRP A 1047 42.28 -50.68 -21.31
N HIS A 1048 41.65 -51.19 -20.25
CA HIS A 1048 42.13 -50.92 -18.91
C HIS A 1048 43.42 -51.65 -18.62
N CYS A 1049 44.42 -50.89 -18.19
CA CYS A 1049 45.67 -51.44 -17.70
C CYS A 1049 46.16 -50.58 -16.55
N GLY A 1050 45.79 -50.94 -15.33
CA GLY A 1050 46.26 -50.14 -14.22
C GLY A 1050 45.34 -49.07 -13.73
N VAL A 1051 45.51 -47.86 -14.26
CA VAL A 1051 45.01 -46.57 -13.78
C VAL A 1051 43.48 -46.64 -13.64
N PRO A 1052 42.83 -45.69 -12.96
CA PRO A 1052 42.28 -45.96 -11.62
C PRO A 1052 41.90 -47.41 -11.44
N PRO A 1053 42.51 -48.11 -10.49
CA PRO A 1053 42.21 -49.53 -10.29
C PRO A 1053 40.85 -49.72 -9.64
N LEU A 1054 39.89 -50.16 -10.44
CA LEU A 1054 38.51 -50.25 -10.01
C LEU A 1054 38.28 -51.39 -9.02
N CYS A 1064 35.20 -46.11 -17.61
CA CYS A 1064 35.57 -45.88 -16.23
C CYS A 1064 37.07 -46.00 -16.04
N THR A 1065 37.82 -45.97 -17.14
CA THR A 1065 39.25 -46.27 -17.13
C THR A 1065 40.06 -45.14 -17.75
N VAL A 1066 41.35 -45.12 -17.43
CA VAL A 1066 42.36 -44.34 -18.14
C VAL A 1066 43.41 -45.34 -18.59
N GLY A 1067 43.24 -45.89 -19.78
CA GLY A 1067 44.14 -46.94 -20.18
C GLY A 1067 45.32 -46.44 -20.97
N MET A 1068 46.53 -46.67 -20.44
CA MET A 1068 47.79 -46.66 -21.22
C MET A 1068 48.17 -45.24 -21.66
N ALA A 1069 47.52 -44.23 -21.09
CA ALA A 1069 47.72 -42.86 -21.57
C ALA A 1069 48.92 -42.20 -20.94
N THR A 1070 49.69 -42.92 -20.13
CA THR A 1070 50.81 -42.27 -19.46
C THR A 1070 52.08 -42.41 -20.30
N MET A 1071 52.15 -43.43 -21.14
CA MET A 1071 53.31 -43.59 -22.02
C MET A 1071 53.31 -42.57 -23.14
N ILE A 1072 52.13 -42.25 -23.68
CA ILE A 1072 52.04 -41.56 -24.95
C ILE A 1072 52.27 -40.05 -24.76
N LEU A 1073 51.99 -39.53 -23.57
CA LEU A 1073 52.41 -38.17 -23.27
C LEU A 1073 53.92 -38.02 -23.19
N THR A 1074 54.64 -39.07 -22.82
CA THR A 1074 56.10 -39.01 -22.83
C THR A 1074 56.65 -39.15 -24.25
N LEU A 1075 55.86 -39.63 -25.20
CA LEU A 1075 56.28 -39.55 -26.59
C LEU A 1075 56.17 -38.12 -27.10
N LEU A 1076 55.11 -37.41 -26.72
CA LEU A 1076 54.90 -36.08 -27.27
C LEU A 1076 55.81 -35.05 -26.64
N SER A 1077 56.16 -35.21 -25.37
CA SER A 1077 57.02 -34.24 -24.71
C SER A 1077 58.49 -34.41 -25.06
N SER A 1078 58.85 -35.48 -25.76
CA SER A 1078 60.18 -35.57 -26.34
C SER A 1078 60.28 -34.61 -27.52
N ALA A 1079 61.50 -34.17 -27.80
CA ALA A 1079 61.76 -33.27 -28.91
C ALA A 1079 62.10 -34.00 -30.20
N TRP A 1080 61.76 -35.28 -30.30
CA TRP A 1080 62.03 -36.08 -31.48
C TRP A 1080 60.78 -36.43 -32.27
N PHE A 1081 59.74 -36.91 -31.57
CA PHE A 1081 58.53 -37.48 -32.14
C PHE A 1081 57.53 -36.51 -32.79
N PRO A 1082 57.31 -35.28 -32.31
CA PRO A 1082 56.41 -34.39 -33.06
C PRO A 1082 56.98 -33.81 -34.36
N LEU A 1083 58.22 -34.13 -34.74
CA LEU A 1083 58.85 -33.42 -35.86
C LEU A 1083 58.44 -33.96 -37.22
N ASP A 1084 57.37 -34.75 -37.29
CA ASP A 1084 56.85 -35.27 -38.54
C ASP A 1084 55.35 -35.49 -38.42
N LEU A 1085 54.61 -34.84 -39.32
CA LEU A 1085 53.19 -34.64 -39.13
C LEU A 1085 52.36 -35.83 -39.61
N SER A 1086 53.00 -36.86 -40.13
CA SER A 1086 52.26 -38.03 -40.59
C SER A 1086 51.79 -38.92 -39.45
N ALA A 1087 52.50 -38.90 -38.32
CA ALA A 1087 52.04 -39.63 -37.14
C ALA A 1087 52.14 -38.84 -35.86
N HIS A 1088 52.31 -37.52 -35.92
CA HIS A 1088 52.00 -36.72 -34.75
C HIS A 1088 50.54 -36.30 -34.73
N GLN A 1089 49.85 -36.43 -35.85
CA GLN A 1089 48.43 -36.09 -35.83
C GLN A 1089 47.58 -37.28 -35.39
N ASP A 1090 48.16 -38.49 -35.37
CA ASP A 1090 47.42 -39.63 -34.85
C ASP A 1090 47.73 -39.90 -33.39
N ALA A 1091 48.69 -39.19 -32.80
CA ALA A 1091 48.91 -39.34 -31.37
C ALA A 1091 48.16 -38.29 -30.57
N LEU A 1092 47.44 -37.40 -31.24
CA LEU A 1092 46.61 -36.43 -30.53
C LEU A 1092 45.16 -36.85 -30.52
N ILE A 1093 44.73 -37.65 -31.49
CA ILE A 1093 43.35 -38.13 -31.48
C ILE A 1093 43.24 -39.31 -30.53
N LEU A 1094 44.36 -39.90 -30.12
CA LEU A 1094 44.32 -41.06 -29.25
C LEU A 1094 44.62 -40.69 -27.79
N ALA A 1095 45.11 -39.50 -27.52
CA ALA A 1095 45.31 -39.13 -26.13
C ALA A 1095 44.09 -38.41 -25.59
N GLY A 1096 43.13 -38.09 -26.45
CA GLY A 1096 41.88 -37.53 -25.99
C GLY A 1096 40.81 -38.59 -25.83
N ASN A 1097 41.07 -39.80 -26.30
CA ASN A 1097 40.14 -40.90 -26.06
C ASN A 1097 40.44 -41.59 -24.75
N LEU A 1098 41.61 -41.36 -24.17
CA LEU A 1098 41.99 -42.08 -22.97
C LEU A 1098 41.88 -41.23 -21.72
N LEU A 1099 41.57 -39.95 -21.86
CA LEU A 1099 41.26 -39.10 -20.72
C LEU A 1099 39.79 -38.77 -20.64
N ALA A 1100 38.99 -39.32 -21.54
CA ALA A 1100 37.57 -39.11 -21.55
C ALA A 1100 36.81 -40.32 -21.06
N ALA A 1101 37.43 -41.49 -21.08
CA ALA A 1101 36.81 -42.67 -20.51
C ALA A 1101 36.81 -42.64 -18.98
N SER A 1102 37.48 -41.68 -18.35
CA SER A 1102 37.37 -41.48 -16.92
C SER A 1102 36.19 -40.60 -16.53
N ALA A 1103 35.50 -40.01 -17.51
CA ALA A 1103 34.34 -39.15 -17.26
C ALA A 1103 33.13 -39.79 -16.59
N PRO A 1104 32.76 -41.07 -16.81
CA PRO A 1104 31.69 -41.63 -15.97
C PRO A 1104 32.08 -41.90 -14.53
N LYS A 1105 33.35 -41.74 -14.16
CA LYS A 1105 33.76 -41.99 -12.79
C LYS A 1105 34.18 -40.74 -12.03
N SER A 1106 35.13 -39.97 -12.58
CA SER A 1106 35.96 -39.11 -11.76
C SER A 1106 35.32 -37.79 -11.36
N LEU A 1107 34.24 -37.37 -12.01
CA LEU A 1107 33.93 -35.95 -12.09
C LEU A 1107 33.41 -35.30 -10.80
N ARG A 1108 32.79 -36.06 -9.90
CA ARG A 1108 32.28 -35.44 -8.68
C ARG A 1108 33.40 -35.16 -7.69
N VAL A 1127 43.80 -26.63 -9.27
CA VAL A 1127 43.28 -26.36 -10.60
C VAL A 1127 42.42 -27.52 -11.06
N TRP A 1128 41.57 -27.24 -12.06
CA TRP A 1128 40.68 -28.18 -12.73
C TRP A 1128 39.75 -28.85 -11.72
N PRO A 1129 38.76 -28.13 -11.18
CA PRO A 1129 37.99 -28.68 -10.05
C PRO A 1129 37.05 -29.78 -10.45
N ALA A 1130 36.74 -29.93 -11.74
CA ALA A 1130 35.80 -30.95 -12.16
C ALA A 1130 36.47 -32.28 -12.45
N LEU A 1131 37.80 -32.38 -12.34
CA LEU A 1131 38.44 -33.67 -12.58
C LEU A 1131 38.32 -34.59 -11.37
N GLY A 1132 38.53 -34.06 -10.17
CA GLY A 1132 38.27 -34.79 -8.94
C GLY A 1132 39.11 -36.03 -8.70
N ASP A 1133 40.25 -36.14 -9.38
CA ASP A 1133 41.14 -37.29 -9.23
C ASP A 1133 42.56 -36.77 -9.48
N ARG A 1134 43.33 -36.63 -8.41
CA ARG A 1134 44.58 -35.89 -8.50
C ARG A 1134 45.69 -36.70 -9.14
N ALA A 1135 45.46 -38.00 -9.36
CA ALA A 1135 46.40 -38.78 -10.16
C ALA A 1135 46.09 -38.64 -11.64
N LEU A 1136 45.03 -37.91 -11.98
CA LEU A 1136 44.61 -37.77 -13.37
C LEU A 1136 44.84 -36.36 -13.89
N VAL A 1137 45.07 -35.41 -12.98
CA VAL A 1137 45.24 -34.01 -13.39
C VAL A 1137 46.52 -33.74 -14.17
N PRO A 1138 47.70 -34.32 -13.84
CA PRO A 1138 48.86 -34.07 -14.72
C PRO A 1138 48.74 -34.64 -16.13
N MET A 1139 47.82 -35.57 -16.39
CA MET A 1139 47.60 -36.01 -17.76
C MET A 1139 46.76 -35.00 -18.54
N VAL A 1140 45.94 -34.21 -17.82
CA VAL A 1140 45.07 -33.25 -18.49
C VAL A 1140 45.70 -31.86 -18.49
N GLU A 1141 46.51 -31.56 -17.47
CA GLU A 1141 47.32 -30.34 -17.48
C GLU A 1141 48.31 -30.35 -18.63
N GLN A 1142 48.77 -31.53 -19.04
CA GLN A 1142 49.80 -31.59 -20.07
C GLN A 1142 49.19 -31.41 -21.46
N LEU A 1143 48.12 -32.15 -21.79
CA LEU A 1143 47.53 -32.01 -23.12
C LEU A 1143 46.90 -30.65 -23.34
N PHE A 1144 46.33 -30.05 -22.30
CA PHE A 1144 45.78 -28.71 -22.49
C PHE A 1144 46.90 -27.67 -22.54
N SER A 1145 48.08 -28.02 -22.01
CA SER A 1145 49.26 -27.23 -22.30
C SER A 1145 49.85 -27.62 -23.65
N HIS A 1146 49.57 -28.84 -24.11
CA HIS A 1146 50.16 -29.27 -25.38
C HIS A 1146 49.28 -28.84 -26.55
N LEU A 1147 48.00 -28.55 -26.31
CA LEU A 1147 47.14 -28.21 -27.43
C LEU A 1147 46.92 -26.71 -27.56
N LEU A 1148 47.42 -25.92 -26.62
CA LEU A 1148 47.41 -24.48 -26.83
C LEU A 1148 48.73 -24.00 -27.38
N LYS A 1149 49.76 -24.85 -27.38
CA LYS A 1149 51.01 -24.49 -28.01
C LYS A 1149 51.08 -25.01 -29.45
N VAL A 1150 50.04 -25.71 -29.91
CA VAL A 1150 50.01 -26.22 -31.28
C VAL A 1150 48.91 -25.51 -32.07
N ILE A 1151 48.02 -24.79 -31.37
CA ILE A 1151 47.23 -23.78 -32.05
C ILE A 1151 47.97 -22.44 -31.96
N ASN A 1152 49.07 -22.40 -31.24
CA ASN A 1152 49.89 -21.18 -31.24
C ASN A 1152 50.94 -21.23 -32.35
N ILE A 1153 51.27 -22.41 -32.86
CA ILE A 1153 52.20 -22.48 -33.98
C ILE A 1153 51.42 -22.53 -35.31
N CYS A 1154 50.14 -22.87 -35.23
CA CYS A 1154 49.33 -22.79 -36.45
C CYS A 1154 48.73 -21.40 -36.64
N ALA A 1155 48.83 -20.52 -35.65
CA ALA A 1155 48.38 -19.15 -35.85
C ALA A 1155 49.49 -18.29 -36.43
N HIS A 1156 50.73 -18.52 -36.01
CA HIS A 1156 51.89 -17.81 -36.57
C HIS A 1156 52.38 -18.37 -37.89
N VAL A 1157 51.74 -19.40 -38.44
CA VAL A 1157 52.11 -19.92 -39.75
C VAL A 1157 51.14 -19.48 -40.84
N LEU A 1158 49.83 -19.53 -40.55
CA LEU A 1158 48.82 -19.06 -41.50
C LEU A 1158 48.92 -17.55 -41.70
N ASP A 1159 49.42 -16.84 -40.70
CA ASP A 1159 49.80 -15.44 -40.85
C ASP A 1159 51.30 -15.33 -40.66
N ASP A 1160 51.99 -14.69 -41.61
CA ASP A 1160 53.46 -14.67 -41.61
C ASP A 1160 53.97 -13.72 -40.53
N VAL A 1161 53.92 -14.20 -39.29
CA VAL A 1161 54.41 -13.46 -38.12
C VAL A 1161 55.60 -14.22 -37.57
N ALA A 1162 56.68 -13.51 -37.28
CA ALA A 1162 57.91 -14.14 -36.85
C ALA A 1162 57.75 -14.69 -35.43
N PRO A 1163 58.32 -15.87 -35.14
CA PRO A 1163 58.26 -16.45 -33.80
C PRO A 1163 59.16 -15.74 -32.79
N LEU A 1229 49.83 -18.08 -21.60
CA LEU A 1229 49.91 -19.48 -21.23
C LEU A 1229 50.58 -20.26 -22.35
N GLY A 1230 49.87 -20.41 -23.46
CA GLY A 1230 50.45 -21.02 -24.64
C GLY A 1230 51.48 -20.10 -25.25
N SER A 1231 52.74 -20.52 -25.28
CA SER A 1231 53.82 -19.72 -25.83
C SER A 1231 54.96 -20.65 -26.19
N PHE A 1232 55.45 -20.56 -27.41
CA PHE A 1232 56.52 -21.42 -27.88
C PHE A 1232 57.80 -20.66 -28.19
N TYR A 1233 57.93 -19.42 -27.69
CA TYR A 1233 59.15 -18.65 -27.96
C TYR A 1233 60.33 -19.21 -27.17
N HIS A 1234 60.20 -19.28 -25.85
CA HIS A 1234 61.35 -19.59 -25.01
C HIS A 1234 61.68 -21.07 -25.00
N LEU A 1235 60.80 -21.91 -25.54
CA LEU A 1235 61.12 -23.32 -25.66
C LEU A 1235 61.95 -23.57 -26.92
N PRO A 1236 63.09 -24.24 -26.82
CA PRO A 1236 63.82 -24.64 -28.03
C PRO A 1236 63.24 -25.93 -28.60
N SER A 1237 62.48 -26.65 -27.78
CA SER A 1237 61.81 -27.85 -28.24
C SER A 1237 60.69 -27.54 -29.22
N TYR A 1238 59.97 -26.44 -29.01
CA TYR A 1238 58.93 -26.05 -29.96
C TYR A 1238 59.38 -24.99 -30.94
N LEU A 1239 60.67 -24.63 -30.99
CA LEU A 1239 61.10 -23.94 -32.20
C LEU A 1239 61.48 -24.95 -33.27
N ARG A 1240 61.65 -26.21 -32.91
CA ARG A 1240 61.77 -27.24 -33.93
C ARG A 1240 60.42 -27.54 -34.56
N LEU A 1241 59.32 -27.30 -33.84
CA LEU A 1241 58.01 -27.55 -34.43
C LEU A 1241 57.54 -26.40 -35.31
N HIS A 1242 58.33 -25.34 -35.43
CA HIS A 1242 57.90 -24.24 -36.30
C HIS A 1242 58.52 -24.38 -37.67
N ASP A 1243 59.56 -25.20 -37.81
CA ASP A 1243 60.13 -25.42 -39.13
C ASP A 1243 59.49 -26.61 -39.83
N VAL A 1244 58.57 -27.30 -39.16
CA VAL A 1244 57.96 -28.47 -39.77
C VAL A 1244 56.53 -28.16 -40.22
N LEU A 1245 55.88 -27.19 -39.58
CA LEU A 1245 54.59 -26.71 -40.07
C LEU A 1245 54.77 -25.67 -41.17
N LYS A 1246 56.01 -25.32 -41.51
CA LYS A 1246 56.26 -24.33 -42.54
C LYS A 1246 56.80 -24.98 -43.80
N ALA A 1247 57.07 -26.28 -43.77
CA ALA A 1247 57.43 -26.99 -45.00
C ALA A 1247 56.17 -27.53 -45.68
N THR A 1248 55.16 -27.87 -44.89
CA THR A 1248 53.93 -28.40 -45.46
C THR A 1248 52.98 -27.29 -45.87
N HIS A 1249 53.26 -26.05 -45.51
CA HIS A 1249 52.41 -24.95 -45.91
C HIS A 1249 53.00 -24.16 -47.08
N ALA A 1250 54.21 -24.50 -47.52
CA ALA A 1250 54.74 -23.89 -48.73
C ALA A 1250 54.40 -24.74 -49.95
N ASN A 1251 53.85 -25.92 -49.71
CA ASN A 1251 53.45 -26.77 -50.83
C ASN A 1251 51.96 -26.70 -51.11
N TYR A 1252 51.18 -26.17 -50.17
CA TYR A 1252 49.75 -25.98 -50.41
C TYR A 1252 49.47 -24.69 -51.18
N LYS A 1253 50.04 -23.58 -50.71
CA LYS A 1253 49.91 -22.26 -51.29
C LYS A 1253 50.61 -22.14 -52.65
N VAL A 1254 51.40 -23.13 -53.04
CA VAL A 1254 52.09 -23.10 -54.32
C VAL A 1254 51.47 -24.12 -55.28
N THR A 1255 50.99 -25.25 -54.78
CA THR A 1255 50.35 -26.25 -55.62
C THR A 1255 48.85 -26.30 -55.34
N LEU A 1256 48.06 -25.88 -56.33
CA LEU A 1256 46.60 -25.85 -56.21
C LEU A 1256 46.06 -27.26 -56.44
N ASP A 1257 45.54 -27.85 -55.37
CA ASP A 1257 44.81 -29.12 -55.41
C ASP A 1257 43.88 -29.08 -54.20
N LEU A 1258 42.59 -28.91 -54.46
CA LEU A 1258 41.66 -28.64 -53.38
C LEU A 1258 41.17 -29.92 -52.72
N GLN A 1259 40.83 -30.93 -53.50
CA GLN A 1259 40.21 -32.14 -52.99
C GLN A 1259 41.27 -33.17 -52.67
N ASN A 1260 41.96 -32.97 -51.54
CA ASN A 1260 42.87 -33.95 -50.97
C ASN A 1260 42.43 -34.25 -49.55
N SER A 1261 42.29 -35.54 -49.25
CA SER A 1261 42.04 -35.93 -47.86
C SER A 1261 43.31 -35.81 -47.03
N THR A 1262 44.43 -36.23 -47.59
CA THR A 1262 45.71 -36.27 -46.89
C THR A 1262 46.54 -35.07 -47.33
N GLU A 1263 46.81 -34.15 -46.40
CA GLU A 1263 47.55 -32.93 -46.69
C GLU A 1263 48.69 -32.72 -45.69
N LYS A 1264 48.58 -33.30 -44.49
CA LYS A 1264 49.56 -33.29 -43.40
C LYS A 1264 49.80 -31.92 -42.78
N PHE A 1265 49.10 -30.89 -43.26
CA PHE A 1265 48.84 -29.72 -42.44
C PHE A 1265 47.33 -29.55 -42.38
N GLY A 1266 46.70 -29.71 -43.55
CA GLY A 1266 45.24 -29.78 -43.58
C GLY A 1266 44.74 -31.08 -42.98
N GLY A 1267 45.59 -32.09 -42.97
CA GLY A 1267 45.33 -33.24 -42.12
C GLY A 1267 45.80 -33.02 -40.70
N PHE A 1268 46.76 -32.11 -40.49
CA PHE A 1268 47.25 -31.89 -39.14
C PHE A 1268 46.44 -30.83 -38.41
N LEU A 1269 45.83 -29.90 -39.12
CA LEU A 1269 45.03 -28.91 -38.40
C LEU A 1269 43.68 -29.48 -38.03
N ARG A 1270 43.29 -30.60 -38.65
CA ARG A 1270 42.05 -31.26 -38.30
C ARG A 1270 42.17 -32.03 -37.00
N SER A 1271 43.41 -32.33 -36.59
CA SER A 1271 43.60 -33.25 -35.48
C SER A 1271 43.70 -32.52 -34.15
N ALA A 1272 44.08 -31.26 -34.15
CA ALA A 1272 44.37 -30.52 -32.93
C ALA A 1272 43.33 -29.45 -32.61
N LEU A 1273 42.24 -29.41 -33.35
CA LEU A 1273 41.01 -28.73 -32.96
C LEU A 1273 39.90 -29.69 -32.65
N ASP A 1274 40.12 -30.98 -32.92
CA ASP A 1274 39.18 -32.01 -32.52
C ASP A 1274 39.39 -32.39 -31.07
N VAL A 1275 40.62 -32.24 -30.58
CA VAL A 1275 40.96 -32.72 -29.25
C VAL A 1275 41.14 -31.53 -28.30
N LEU A 1276 41.19 -30.31 -28.81
CA LEU A 1276 40.99 -29.17 -27.92
C LEU A 1276 39.52 -29.05 -27.53
N SER A 1277 38.63 -29.64 -28.30
CA SER A 1277 37.20 -29.66 -28.02
C SER A 1277 36.84 -30.58 -26.86
N GLN A 1278 37.45 -31.76 -26.84
CA GLN A 1278 36.98 -32.85 -26.01
C GLN A 1278 37.43 -32.68 -24.56
N ILE A 1279 38.39 -31.77 -24.33
CA ILE A 1279 38.92 -31.50 -23.02
C ILE A 1279 38.10 -30.42 -22.32
N LEU A 1280 37.58 -29.45 -23.07
CA LEU A 1280 36.78 -28.36 -22.52
C LEU A 1280 35.51 -28.84 -21.86
N GLU A 1281 35.00 -30.00 -22.27
CA GLU A 1281 33.90 -30.66 -21.58
C GLU A 1281 34.27 -30.99 -20.14
N LEU A 1282 35.52 -31.42 -19.91
CA LEU A 1282 35.96 -31.66 -18.54
C LEU A 1282 36.22 -30.35 -17.81
N ALA A 1283 36.51 -29.29 -18.54
CA ALA A 1283 36.83 -28.01 -17.92
C ALA A 1283 35.58 -27.34 -17.39
N THR A 1284 35.78 -26.27 -16.63
CA THR A 1284 34.72 -25.42 -16.12
C THR A 1284 34.97 -23.97 -16.51
N LEU A 1285 34.11 -23.09 -16.02
CA LEU A 1285 34.30 -21.65 -16.24
C LEU A 1285 35.53 -21.14 -15.50
N GLN A 1286 35.83 -21.71 -14.34
CA GLN A 1286 36.90 -21.17 -13.50
C GLN A 1286 38.27 -21.48 -14.07
N ASP A 1287 38.42 -22.61 -14.75
CA ASP A 1287 39.68 -22.95 -15.40
C ASP A 1287 39.86 -22.22 -16.74
N ILE A 1288 38.77 -21.95 -17.44
CA ILE A 1288 38.84 -21.33 -18.75
C ILE A 1288 38.73 -19.81 -18.68
N GLY A 1289 38.28 -19.26 -17.55
CA GLY A 1289 38.07 -17.83 -17.38
C GLY A 1289 39.31 -16.97 -17.53
N LYS A 1290 40.51 -17.54 -17.44
CA LYS A 1290 41.74 -16.86 -17.77
C LYS A 1290 42.24 -17.23 -19.16
N CYS A 1291 41.41 -17.88 -19.97
CA CYS A 1291 41.84 -18.40 -21.25
C CYS A 1291 40.82 -18.16 -22.36
N VAL A 1292 39.64 -17.59 -22.03
CA VAL A 1292 38.69 -17.15 -23.04
C VAL A 1292 39.27 -16.00 -23.86
N GLU A 1293 40.15 -15.21 -23.24
CA GLU A 1293 40.98 -14.28 -23.99
C GLU A 1293 41.87 -15.01 -24.99
N GLU A 1294 42.43 -16.15 -24.59
CA GLU A 1294 43.52 -16.75 -25.35
C GLU A 1294 43.02 -17.53 -26.56
N ILE A 1295 42.04 -18.41 -26.38
CA ILE A 1295 41.72 -19.36 -27.45
C ILE A 1295 40.92 -18.68 -28.55
N LEU A 1296 40.41 -17.47 -28.30
CA LEU A 1296 39.61 -16.83 -29.33
C LEU A 1296 40.45 -16.02 -30.32
N GLY A 1297 41.67 -15.63 -29.94
CA GLY A 1297 42.52 -14.92 -30.87
C GLY A 1297 43.07 -15.83 -31.95
N TYR A 1298 43.35 -17.08 -31.60
CA TYR A 1298 44.02 -17.99 -32.52
C TYR A 1298 43.09 -18.47 -33.62
N LEU A 1299 41.80 -18.61 -33.34
CA LEU A 1299 40.84 -19.16 -34.26
C LEU A 1299 40.44 -18.18 -35.36
N LYS A 1300 40.58 -16.87 -35.14
CA LYS A 1300 40.35 -15.89 -36.19
C LYS A 1300 41.38 -16.02 -37.29
N SER A 1301 42.59 -16.45 -36.94
CA SER A 1301 43.57 -16.81 -37.95
C SER A 1301 43.44 -18.26 -38.38
N CYS A 1302 42.86 -19.09 -37.53
CA CYS A 1302 42.68 -20.51 -37.82
C CYS A 1302 41.30 -20.80 -38.42
N PHE A 1303 40.60 -19.75 -38.85
CA PHE A 1303 39.26 -19.88 -39.41
C PHE A 1303 39.24 -20.19 -40.89
N SER A 1304 40.14 -19.57 -41.66
CA SER A 1304 40.04 -19.65 -43.11
C SER A 1304 40.53 -20.98 -43.67
N ARG A 1305 41.51 -21.61 -43.02
CA ARG A 1305 42.07 -22.84 -43.57
C ARG A 1305 41.11 -24.01 -43.41
N GLU A 1306 40.53 -24.18 -42.21
CA GLU A 1306 39.59 -25.25 -41.94
C GLU A 1306 38.49 -24.74 -41.04
N PRO A 1307 37.42 -24.15 -41.61
CA PRO A 1307 36.31 -23.68 -40.79
C PRO A 1307 35.30 -24.77 -40.42
N MET A 1308 35.46 -25.98 -40.93
CA MET A 1308 34.50 -27.03 -40.62
C MET A 1308 34.66 -27.52 -39.19
N MET A 1309 35.90 -27.68 -38.74
CA MET A 1309 36.18 -28.03 -37.35
C MET A 1309 36.95 -26.94 -36.64
N ALA A 1310 36.67 -25.69 -36.98
CA ALA A 1310 37.05 -24.56 -36.14
C ALA A 1310 35.83 -23.92 -35.50
N THR A 1311 34.63 -24.33 -35.89
CA THR A 1311 33.43 -24.04 -35.12
C THR A 1311 33.07 -25.17 -34.17
N VAL A 1312 33.56 -26.39 -34.43
CA VAL A 1312 33.47 -27.46 -33.45
C VAL A 1312 34.38 -27.14 -32.26
N CYS A 1313 35.42 -26.34 -32.50
CA CYS A 1313 36.12 -25.74 -31.37
C CYS A 1313 35.32 -24.62 -30.74
N VAL A 1314 34.45 -23.95 -31.50
CA VAL A 1314 33.68 -22.84 -30.93
C VAL A 1314 32.34 -23.32 -30.38
N GLN A 1315 31.85 -24.47 -30.83
CA GLN A 1315 30.57 -24.99 -30.33
C GLN A 1315 30.68 -25.44 -28.87
N GLN A 1316 31.88 -25.80 -28.43
CA GLN A 1316 32.05 -26.46 -27.14
C GLN A 1316 32.44 -25.49 -26.04
N LEU A 1317 33.15 -24.41 -26.40
CA LEU A 1317 33.60 -23.41 -25.45
C LEU A 1317 32.42 -22.71 -24.81
N LEU A 1318 31.38 -22.47 -25.59
CA LEU A 1318 30.15 -21.82 -25.17
C LEU A 1318 29.29 -22.71 -24.30
N LYS A 1319 29.47 -24.04 -24.40
CA LYS A 1319 28.88 -24.95 -23.41
C LYS A 1319 29.51 -24.74 -22.06
N THR A 1320 30.83 -24.82 -21.98
CA THR A 1320 31.55 -24.68 -20.73
C THR A 1320 32.13 -23.29 -20.55
N LEU A 1321 31.47 -22.29 -21.13
CA LEU A 1321 31.46 -20.95 -20.57
C LEU A 1321 30.07 -20.64 -20.00
N PHE A 1322 29.06 -21.42 -20.39
CA PHE A 1322 27.72 -21.33 -19.83
C PHE A 1322 27.35 -22.59 -19.05
N GLY A 1323 28.31 -23.19 -18.35
CA GLY A 1323 28.03 -24.30 -17.47
C GLY A 1323 27.89 -25.66 -18.12
N THR A 1324 27.09 -25.77 -19.18
CA THR A 1324 26.85 -27.06 -19.83
C THR A 1324 28.08 -27.59 -20.55
N PRO A 1354 27.08 -71.35 -21.18
CA PRO A 1354 27.23 -70.82 -22.53
C PRO A 1354 27.84 -71.86 -23.46
N GLY A 1355 27.16 -73.00 -23.57
CA GLY A 1355 27.74 -74.18 -24.16
C GLY A 1355 27.07 -74.80 -25.37
N LEU A 1356 26.69 -74.01 -26.37
CA LEU A 1356 26.14 -74.45 -27.67
C LEU A 1356 24.70 -74.95 -27.56
N TYR A 1357 24.15 -75.10 -26.36
CA TYR A 1357 22.71 -75.09 -26.17
C TYR A 1357 22.19 -73.73 -25.75
N HIS A 1358 22.98 -72.99 -24.97
CA HIS A 1358 22.66 -71.61 -24.66
C HIS A 1358 22.62 -70.76 -25.92
N TYR A 1359 23.72 -70.71 -26.67
CA TYR A 1359 23.91 -69.83 -27.82
C TYR A 1359 22.97 -70.10 -28.98
N CYS A 1360 22.80 -71.36 -29.38
CA CYS A 1360 21.99 -71.62 -30.57
C CYS A 1360 20.50 -71.58 -30.27
N PHE A 1361 20.07 -72.14 -29.14
CA PHE A 1361 18.65 -72.17 -28.83
C PHE A 1361 18.27 -71.40 -27.57
N MET A 1362 18.85 -71.73 -26.41
CA MET A 1362 18.20 -71.37 -25.15
C MET A 1362 18.38 -69.90 -24.80
N ALA A 1363 19.44 -69.27 -25.29
CA ALA A 1363 19.48 -67.82 -25.12
C ALA A 1363 18.67 -67.05 -26.16
N PRO A 1364 18.57 -67.44 -27.45
CA PRO A 1364 17.63 -66.71 -28.30
C PRO A 1364 16.19 -67.18 -28.21
N TYR A 1365 15.89 -68.36 -27.65
CA TYR A 1365 14.48 -68.74 -27.52
C TYR A 1365 13.77 -67.93 -26.44
N THR A 1366 14.50 -67.37 -25.48
CA THR A 1366 13.82 -66.75 -24.37
C THR A 1366 13.85 -65.23 -24.43
N HIS A 1367 14.45 -64.65 -25.46
CA HIS A 1367 14.12 -63.26 -25.79
C HIS A 1367 12.85 -63.19 -26.62
N PHE A 1368 12.37 -64.34 -27.10
CA PHE A 1368 11.17 -64.39 -27.90
C PHE A 1368 9.93 -64.30 -27.02
N THR A 1369 9.86 -65.14 -25.98
CA THR A 1369 8.67 -65.27 -25.16
C THR A 1369 8.57 -64.19 -24.09
N GLN A 1370 9.60 -63.35 -23.93
CA GLN A 1370 9.57 -62.35 -22.89
C GLN A 1370 9.05 -61.02 -23.43
N ALA A 1371 9.19 -60.79 -24.73
CA ALA A 1371 8.58 -59.62 -25.34
C ALA A 1371 7.19 -59.91 -25.88
N LEU A 1372 6.57 -61.03 -25.46
CA LEU A 1372 5.17 -61.28 -25.78
C LEU A 1372 4.27 -61.03 -24.59
N ALA A 1373 4.74 -61.32 -23.37
CA ALA A 1373 3.99 -60.99 -22.17
C ALA A 1373 3.90 -59.49 -21.97
N ASP A 1374 4.91 -58.75 -22.44
CA ASP A 1374 4.85 -57.30 -22.50
C ASP A 1374 3.99 -56.81 -23.65
N ALA A 1375 3.70 -57.68 -24.62
CA ALA A 1375 2.74 -57.36 -25.66
C ALA A 1375 1.32 -57.69 -25.23
N SER A 1376 1.16 -58.35 -24.08
CA SER A 1376 -0.16 -58.43 -23.47
C SER A 1376 -0.46 -57.19 -22.65
N LEU A 1377 0.55 -56.34 -22.45
CA LEU A 1377 0.37 -55.09 -21.72
C LEU A 1377 -0.25 -54.03 -22.63
N ARG A 1425 30.90 -11.02 -24.07
CA ARG A 1425 30.73 -11.42 -25.45
C ARG A 1425 31.94 -11.06 -26.30
N LEU A 1426 33.01 -11.81 -26.11
CA LEU A 1426 34.17 -11.77 -27.01
C LEU A 1426 33.94 -12.57 -28.27
N PHE A 1427 32.82 -13.28 -28.36
CA PHE A 1427 32.43 -14.03 -29.56
C PHE A 1427 31.93 -13.13 -30.67
N GLU A 1428 31.46 -11.92 -30.35
CA GLU A 1428 30.88 -10.99 -31.30
C GLU A 1428 31.78 -10.64 -32.49
N PRO A 1429 33.13 -10.53 -32.36
CA PRO A 1429 33.93 -10.54 -33.59
C PRO A 1429 33.99 -11.90 -34.25
N LEU A 1430 33.95 -13.00 -33.48
CA LEU A 1430 34.11 -14.30 -34.12
C LEU A 1430 32.78 -14.85 -34.64
N VAL A 1431 31.64 -14.42 -34.08
CA VAL A 1431 30.36 -14.98 -34.53
C VAL A 1431 29.92 -14.34 -35.84
N ILE A 1432 30.27 -13.08 -36.07
CA ILE A 1432 29.84 -12.38 -37.29
C ILE A 1432 30.57 -12.94 -38.52
N LYS A 1433 31.76 -13.51 -38.32
CA LYS A 1433 32.54 -14.00 -39.44
C LYS A 1433 32.00 -15.34 -39.95
N ALA A 1434 31.30 -16.09 -39.12
CA ALA A 1434 30.86 -17.42 -39.52
C ALA A 1434 29.58 -17.37 -40.33
N LEU A 1435 28.91 -16.22 -40.37
CA LEU A 1435 27.66 -16.11 -41.10
C LEU A 1435 27.90 -15.67 -42.54
N LYS A 1436 29.01 -15.00 -42.80
CA LYS A 1436 29.37 -14.61 -44.16
C LYS A 1436 29.87 -15.82 -44.94
N GLN A 1437 30.20 -16.90 -44.25
CA GLN A 1437 30.77 -18.08 -44.89
C GLN A 1437 29.67 -18.98 -45.43
N TYR A 1438 28.53 -19.05 -44.75
CA TYR A 1438 27.45 -19.95 -45.11
C TYR A 1438 26.75 -19.50 -46.39
N THR A 1439 26.71 -18.20 -46.66
CA THR A 1439 26.12 -17.70 -47.88
C THR A 1439 27.01 -17.91 -49.09
N THR A 1440 28.32 -18.10 -48.89
CA THR A 1440 29.27 -18.12 -49.99
C THR A 1440 30.03 -19.42 -50.12
N THR A 1441 29.83 -20.38 -49.22
CA THR A 1441 30.53 -21.65 -49.38
C THR A 1441 29.73 -22.60 -50.26
N THR A 1442 30.35 -23.73 -50.57
CA THR A 1442 29.66 -24.76 -51.34
C THR A 1442 29.85 -26.15 -50.76
N CYS A 1443 30.89 -26.41 -49.96
CA CYS A 1443 31.06 -27.73 -49.35
C CYS A 1443 30.05 -27.92 -48.23
N VAL A 1444 29.36 -29.06 -48.25
CA VAL A 1444 28.18 -29.23 -47.40
C VAL A 1444 28.57 -29.99 -46.13
N GLN A 1445 29.86 -30.22 -45.92
CA GLN A 1445 30.30 -30.56 -44.58
C GLN A 1445 30.41 -29.30 -43.72
N LEU A 1446 30.66 -28.15 -44.35
CA LEU A 1446 30.73 -26.91 -43.59
C LEU A 1446 29.35 -26.31 -43.39
N GLN A 1447 28.38 -26.64 -44.23
CA GLN A 1447 27.06 -26.04 -44.04
C GLN A 1447 26.30 -26.73 -42.92
N LYS A 1448 26.78 -27.88 -42.46
CA LYS A 1448 26.06 -28.63 -41.44
C LYS A 1448 26.51 -28.22 -40.04
N GLN A 1449 27.75 -27.76 -39.89
CA GLN A 1449 28.22 -27.38 -38.56
C GLN A 1449 27.89 -25.94 -38.22
N VAL A 1450 27.26 -25.21 -39.15
CA VAL A 1450 26.89 -23.82 -38.90
C VAL A 1450 25.41 -23.75 -38.54
N LEU A 1451 24.64 -24.80 -38.82
CA LEU A 1451 23.27 -24.81 -38.36
C LEU A 1451 23.16 -25.41 -36.96
N ASP A 1452 24.25 -25.93 -36.41
CA ASP A 1452 24.21 -26.33 -35.01
C ASP A 1452 24.78 -25.24 -34.10
N LEU A 1453 25.50 -24.27 -34.65
CA LEU A 1453 26.03 -23.19 -33.84
C LEU A 1453 24.95 -22.15 -33.56
N LEU A 1454 23.87 -22.18 -34.32
CA LEU A 1454 22.81 -21.20 -34.14
C LEU A 1454 21.61 -21.78 -33.43
N ALA A 1455 21.57 -23.10 -33.24
CA ALA A 1455 20.54 -23.69 -32.40
C ALA A 1455 20.95 -23.69 -30.95
N GLN A 1456 22.15 -23.18 -30.66
CA GLN A 1456 22.66 -23.13 -29.31
C GLN A 1456 22.67 -21.70 -28.78
N LEU A 1457 22.57 -20.72 -29.68
CA LEU A 1457 22.48 -19.34 -29.28
C LEU A 1457 21.03 -18.94 -29.02
N VAL A 1458 20.10 -19.84 -29.30
CA VAL A 1458 18.69 -19.55 -29.06
C VAL A 1458 18.21 -20.29 -27.83
N GLN A 1459 18.74 -21.50 -27.60
CA GLN A 1459 18.49 -22.19 -26.33
C GLN A 1459 19.13 -21.44 -25.17
N LEU A 1460 20.44 -21.29 -25.21
CA LEU A 1460 21.13 -20.35 -24.34
C LEU A 1460 20.80 -18.96 -24.89
N ARG A 1461 19.91 -18.24 -24.19
CA ARG A 1461 19.19 -17.13 -24.80
C ARG A 1461 20.07 -15.93 -25.10
N VAL A 1462 20.87 -16.03 -26.16
CA VAL A 1462 21.49 -14.87 -26.79
C VAL A 1462 20.40 -14.16 -27.58
N ASN A 1463 20.21 -12.88 -27.29
CA ASN A 1463 19.19 -12.06 -27.94
C ASN A 1463 19.46 -11.98 -29.44
N TYR A 1464 18.38 -11.87 -30.21
CA TYR A 1464 18.46 -11.94 -31.67
C TYR A 1464 19.02 -10.63 -32.23
N CYS A 1465 20.31 -10.43 -31.96
CA CYS A 1465 21.07 -9.26 -32.36
C CYS A 1465 22.24 -9.61 -33.25
N LEU A 1466 22.27 -10.85 -33.76
CA LEU A 1466 23.28 -11.24 -34.75
C LEU A 1466 23.03 -10.52 -36.07
N LEU A 1467 21.78 -10.13 -36.30
CA LEU A 1467 21.33 -9.43 -37.50
C LEU A 1467 20.75 -8.06 -37.16
N ASP A 1468 21.50 -7.22 -36.46
CA ASP A 1468 21.09 -6.03 -35.70
C ASP A 1468 19.98 -5.15 -36.31
N SER A 1469 20.06 -4.87 -37.62
CA SER A 1469 19.01 -4.09 -38.25
C SER A 1469 18.07 -4.96 -39.08
N ASP A 1470 18.62 -5.71 -40.02
CA ASP A 1470 17.86 -6.41 -41.05
C ASP A 1470 17.53 -7.84 -40.61
N GLN A 1471 17.14 -8.68 -41.57
CA GLN A 1471 16.91 -10.11 -41.36
C GLN A 1471 17.72 -10.88 -42.42
N VAL A 1472 19.01 -10.53 -42.51
CA VAL A 1472 19.88 -10.95 -43.61
C VAL A 1472 20.06 -12.47 -43.63
N PHE A 1473 20.29 -13.08 -42.48
CA PHE A 1473 20.60 -14.51 -42.49
C PHE A 1473 19.35 -15.36 -42.62
N ILE A 1474 18.20 -14.87 -42.14
CA ILE A 1474 17.03 -15.74 -42.19
C ILE A 1474 16.38 -15.68 -43.57
N GLY A 1475 16.69 -14.67 -44.36
CA GLY A 1475 16.18 -14.63 -45.72
C GLY A 1475 16.87 -15.62 -46.63
N PHE A 1476 18.04 -16.11 -46.23
CA PHE A 1476 18.84 -16.94 -47.12
C PHE A 1476 18.51 -18.42 -46.92
N VAL A 1477 17.84 -18.76 -45.83
CA VAL A 1477 17.50 -20.16 -45.62
C VAL A 1477 16.23 -20.51 -46.40
N LEU A 1478 15.41 -19.50 -46.70
CA LEU A 1478 14.19 -19.74 -47.46
C LEU A 1478 14.49 -20.02 -48.94
N LYS A 1479 15.55 -19.42 -49.48
CA LYS A 1479 15.88 -19.59 -50.89
C LYS A 1479 16.44 -20.98 -51.18
N GLN A 1480 17.05 -21.61 -50.17
CA GLN A 1480 17.65 -22.92 -50.34
C GLN A 1480 16.59 -24.01 -50.46
N PHE A 1481 15.35 -23.71 -50.09
CA PHE A 1481 14.28 -24.66 -50.35
C PHE A 1481 13.88 -24.65 -51.81
N GLU A 1482 14.29 -23.64 -52.58
CA GLU A 1482 13.98 -23.64 -54.01
C GLU A 1482 14.90 -24.59 -54.77
N TYR A 1483 16.08 -24.91 -54.23
CA TYR A 1483 17.06 -25.64 -55.01
C TYR A 1483 16.98 -27.15 -54.76
N ILE A 1484 16.18 -27.57 -53.78
CA ILE A 1484 16.10 -28.97 -53.40
C ILE A 1484 14.92 -29.64 -54.09
N GLU A 1485 13.80 -28.94 -54.18
CA GLU A 1485 12.59 -29.44 -54.84
C GLU A 1485 12.82 -29.65 -56.33
N VAL A 1486 13.38 -28.64 -57.00
CA VAL A 1486 13.74 -28.78 -58.40
C VAL A 1486 14.91 -29.73 -58.54
N GLY A 1487 15.86 -29.68 -57.61
CA GLY A 1487 17.03 -30.52 -57.65
C GLY A 1487 18.30 -29.81 -58.04
N GLN A 1488 18.33 -28.48 -57.95
CA GLN A 1488 19.52 -27.71 -58.31
C GLN A 1488 20.40 -27.48 -57.08
N PHE A 1489 20.71 -28.57 -56.39
CA PHE A 1489 21.51 -28.51 -55.18
C PHE A 1489 22.19 -29.87 -55.02
N ARG A 1490 23.47 -29.84 -54.65
CA ARG A 1490 24.31 -31.01 -54.83
C ARG A 1490 24.20 -32.03 -53.70
N GLU A 1491 24.29 -31.58 -52.45
CA GLU A 1491 24.35 -32.48 -51.31
C GLU A 1491 23.30 -32.09 -50.26
N SER A 1492 22.05 -31.99 -50.72
CA SER A 1492 20.93 -31.68 -49.84
C SER A 1492 20.68 -32.73 -48.78
N GLU A 1493 21.21 -33.94 -48.95
CA GLU A 1493 20.93 -35.02 -48.01
C GLU A 1493 21.53 -34.76 -46.63
N ALA A 1494 22.76 -34.27 -46.57
CA ALA A 1494 23.45 -34.07 -45.30
C ALA A 1494 23.16 -32.71 -44.68
N ILE A 1495 22.21 -31.96 -45.20
CA ILE A 1495 21.84 -30.68 -44.62
C ILE A 1495 20.35 -30.63 -44.28
N ILE A 1496 19.52 -31.44 -44.94
CA ILE A 1496 18.07 -31.38 -44.70
C ILE A 1496 17.62 -31.90 -43.33
N PRO A 1497 18.34 -32.78 -42.61
CA PRO A 1497 17.97 -32.93 -41.20
C PRO A 1497 18.36 -31.75 -40.34
N ASN A 1498 19.41 -31.01 -40.68
CA ASN A 1498 19.78 -29.90 -39.80
C ASN A 1498 19.28 -28.55 -40.28
N ILE A 1499 18.73 -28.44 -41.49
CA ILE A 1499 18.04 -27.20 -41.86
C ILE A 1499 16.79 -27.03 -41.02
N PHE A 1500 16.03 -28.10 -40.81
CA PHE A 1500 14.74 -28.00 -40.15
C PHE A 1500 14.81 -27.97 -38.63
N PHE A 1501 15.95 -28.21 -38.02
CA PHE A 1501 16.00 -28.03 -36.57
C PHE A 1501 16.16 -26.57 -36.21
N PHE A 1502 16.79 -25.80 -37.09
CA PHE A 1502 17.01 -24.38 -36.78
C PHE A 1502 15.72 -23.58 -36.87
N LEU A 1503 14.75 -24.04 -37.65
CA LEU A 1503 13.61 -23.20 -37.98
C LEU A 1503 12.49 -23.31 -36.94
N VAL A 1504 12.30 -24.50 -36.37
CA VAL A 1504 11.19 -24.70 -35.45
C VAL A 1504 11.51 -24.10 -34.08
N LEU A 1505 12.79 -23.91 -33.79
CA LEU A 1505 13.23 -23.55 -32.45
C LEU A 1505 13.26 -22.03 -32.31
N LEU A 1506 13.15 -21.32 -33.43
CA LEU A 1506 13.10 -19.87 -33.44
C LEU A 1506 11.67 -19.38 -33.23
N SER A 1507 10.69 -20.21 -33.56
CA SER A 1507 9.29 -19.80 -33.54
C SER A 1507 8.76 -19.71 -32.13
N TYR A 1508 9.49 -20.24 -31.16
CA TYR A 1508 9.08 -20.10 -29.77
C TYR A 1508 9.40 -18.70 -29.26
N GLU A 1509 10.26 -17.97 -29.96
CA GLU A 1509 10.50 -16.57 -29.66
C GLU A 1509 9.43 -15.70 -30.32
N ILE A 1517 9.71 -16.67 -38.37
CA ILE A 1517 9.00 -17.73 -39.06
C ILE A 1517 8.23 -18.59 -38.08
N GLY A 1518 6.91 -18.61 -38.22
CA GLY A 1518 6.05 -19.31 -37.29
C GLY A 1518 5.69 -20.69 -37.78
N ILE A 1519 5.20 -21.52 -36.84
CA ILE A 1519 4.80 -22.89 -37.18
C ILE A 1519 3.67 -22.97 -38.20
N PRO A 1520 2.82 -21.91 -38.44
CA PRO A 1520 2.10 -21.91 -39.72
C PRO A 1520 3.00 -21.93 -40.95
N LYS A 1521 4.08 -21.14 -40.96
CA LYS A 1521 4.90 -21.06 -42.17
C LYS A 1521 5.87 -22.23 -42.29
N ILE A 1522 6.17 -22.92 -41.19
CA ILE A 1522 7.20 -23.97 -41.24
C ILE A 1522 6.69 -25.20 -41.97
N ILE A 1523 5.40 -25.50 -41.84
CA ILE A 1523 4.88 -26.75 -42.37
C ILE A 1523 4.43 -26.60 -43.82
N GLN A 1524 4.37 -25.39 -44.36
CA GLN A 1524 4.13 -25.28 -45.80
C GLN A 1524 5.39 -25.57 -46.61
N LEU A 1525 6.57 -25.42 -46.02
CA LEU A 1525 7.81 -25.67 -46.76
C LEU A 1525 8.08 -27.17 -46.92
N CYS A 1526 7.64 -27.98 -45.95
CA CYS A 1526 7.93 -29.40 -45.96
C CYS A 1526 7.02 -30.14 -46.92
N ASP A 1527 5.90 -29.55 -47.29
CA ASP A 1527 4.94 -30.20 -48.18
C ASP A 1527 5.38 -30.08 -49.63
N GLY A 1528 6.26 -29.12 -49.92
CA GLY A 1528 6.75 -28.98 -51.28
C GLY A 1528 7.75 -30.05 -51.64
N ILE A 1529 8.62 -30.42 -50.69
CA ILE A 1529 9.74 -31.34 -50.96
C ILE A 1529 9.22 -32.73 -51.29
N MET A 1530 8.08 -33.11 -50.70
CA MET A 1530 7.63 -34.49 -50.71
C MET A 1530 6.96 -34.84 -52.04
N ALA A 1531 5.90 -34.11 -52.38
CA ALA A 1531 5.17 -34.34 -53.62
C ALA A 1531 5.86 -33.74 -54.83
N SER A 1532 6.63 -32.67 -54.66
CA SER A 1532 7.30 -32.01 -55.78
C SER A 1532 8.81 -31.99 -55.48
N GLY A 1533 9.48 -33.08 -55.74
CA GLY A 1533 10.90 -33.17 -55.44
C GLY A 1533 11.36 -34.61 -55.48
N ARG A 1534 12.49 -34.84 -54.81
CA ARG A 1534 13.18 -36.11 -54.88
C ARG A 1534 12.48 -37.15 -54.01
N LYS A 1535 13.14 -38.30 -53.86
CA LYS A 1535 12.59 -39.42 -53.11
C LYS A 1535 12.62 -39.13 -51.61
N ALA A 1536 11.98 -40.02 -50.86
CA ALA A 1536 11.62 -39.71 -49.48
C ALA A 1536 12.70 -40.08 -48.46
N VAL A 1537 13.45 -41.16 -48.68
CA VAL A 1537 14.34 -41.66 -47.64
C VAL A 1537 15.59 -40.82 -47.41
N THR A 1538 15.76 -39.74 -48.16
CA THR A 1538 16.82 -38.76 -47.91
C THR A 1538 16.29 -37.39 -47.59
N HIS A 1539 15.25 -36.92 -48.28
CA HIS A 1539 14.73 -35.58 -48.11
C HIS A 1539 13.50 -35.53 -47.22
N ALA A 1540 12.43 -36.23 -47.60
CA ALA A 1540 11.12 -36.01 -46.99
C ALA A 1540 11.02 -36.65 -45.61
N ILE A 1541 11.61 -37.82 -45.43
CA ILE A 1541 11.52 -38.52 -44.14
C ILE A 1541 12.46 -37.93 -43.10
N PRO A 1542 13.72 -37.51 -43.39
CA PRO A 1542 14.44 -36.73 -42.37
C PRO A 1542 13.94 -35.31 -42.20
N ALA A 1543 12.95 -34.87 -42.98
CA ALA A 1543 12.46 -33.50 -42.82
C ALA A 1543 11.56 -33.36 -41.61
N LEU A 1544 10.92 -34.45 -41.17
CA LEU A 1544 9.90 -34.37 -40.13
C LEU A 1544 10.38 -34.85 -38.77
N GLN A 1545 11.50 -35.58 -38.73
CA GLN A 1545 12.15 -35.87 -37.45
C GLN A 1545 12.49 -34.65 -36.61
N PRO A 1546 12.80 -33.44 -37.16
CA PRO A 1546 12.83 -32.28 -36.28
C PRO A 1546 11.46 -31.74 -35.89
N ILE A 1547 10.46 -31.92 -36.74
CA ILE A 1547 9.17 -31.28 -36.46
C ILE A 1547 8.37 -32.08 -35.44
N VAL A 1548 8.24 -33.39 -35.65
CA VAL A 1548 7.34 -34.21 -34.84
C VAL A 1548 7.84 -34.33 -33.40
N HIS A 1549 9.14 -34.53 -33.21
CA HIS A 1549 9.73 -34.50 -31.88
C HIS A 1549 9.62 -33.13 -31.22
N ASP A 1550 9.57 -32.04 -31.98
CA ASP A 1550 9.41 -30.72 -31.39
C ASP A 1550 7.99 -30.19 -31.52
N LEU A 1551 7.04 -31.02 -31.85
CA LEU A 1551 5.66 -30.56 -31.79
C LEU A 1551 4.76 -31.48 -30.98
N PHE A 1552 4.95 -32.79 -31.07
CA PHE A 1552 4.13 -33.71 -30.30
C PHE A 1552 4.66 -33.91 -28.88
N VAL A 1553 5.98 -33.95 -28.72
CA VAL A 1553 6.54 -34.15 -27.39
C VAL A 1553 6.48 -32.86 -26.58
N LEU A 1554 7.01 -31.78 -27.13
CA LEU A 1554 7.04 -30.50 -26.41
C LEU A 1554 5.82 -29.66 -26.76
N GLY A 1563 -3.35 -22.55 -27.22
CA GLY A 1563 -4.46 -23.42 -26.86
C GLY A 1563 -5.21 -23.96 -28.06
N LYS A 1564 -6.14 -23.17 -28.57
CA LYS A 1564 -6.91 -23.60 -29.74
C LYS A 1564 -6.11 -23.48 -31.03
N GLU A 1565 -5.00 -22.72 -31.01
CA GLU A 1565 -4.15 -22.68 -32.18
C GLU A 1565 -3.31 -23.93 -32.29
N LEU A 1566 -2.99 -24.56 -31.16
CA LEU A 1566 -2.16 -25.76 -31.19
C LEU A 1566 -2.97 -27.00 -31.57
N GLU A 1567 -4.29 -26.92 -31.53
CA GLU A 1567 -5.09 -28.10 -31.86
C GLU A 1567 -5.21 -28.30 -33.36
N THR A 1568 -5.22 -27.20 -34.13
CA THR A 1568 -5.44 -27.31 -35.56
C THR A 1568 -4.20 -27.81 -36.29
N GLN A 1569 -3.02 -27.57 -35.72
CA GLN A 1569 -1.79 -27.94 -36.41
C GLN A 1569 -1.41 -29.40 -36.19
N LYS A 1570 -2.04 -30.07 -35.22
CA LYS A 1570 -1.75 -31.48 -35.02
C LYS A 1570 -2.54 -32.36 -35.98
N GLU A 1571 -3.65 -31.84 -36.51
CA GLU A 1571 -4.39 -32.60 -37.51
C GLU A 1571 -3.69 -32.60 -38.86
N VAL A 1572 -2.81 -31.63 -39.09
CA VAL A 1572 -2.19 -31.46 -40.41
C VAL A 1572 -1.04 -32.44 -40.59
N VAL A 1573 -0.32 -32.75 -39.52
CA VAL A 1573 0.92 -33.51 -39.63
C VAL A 1573 0.63 -35.01 -39.70
N VAL A 1574 -0.53 -35.44 -39.20
CA VAL A 1574 -0.85 -36.85 -39.19
C VAL A 1574 -1.40 -37.29 -40.54
N SER A 1575 -1.90 -36.35 -41.34
CA SER A 1575 -2.45 -36.70 -42.65
C SER A 1575 -1.33 -36.93 -43.67
N MET A 1576 -0.17 -36.35 -43.43
CA MET A 1576 0.92 -36.39 -44.41
C MET A 1576 1.65 -37.71 -44.34
N LEU A 1577 1.67 -38.33 -43.17
CA LEU A 1577 2.39 -39.57 -42.95
C LEU A 1577 1.62 -40.76 -43.51
N LEU A 1578 0.30 -40.61 -43.66
CA LEU A 1578 -0.54 -41.66 -44.21
C LEU A 1578 -0.27 -41.85 -45.69
N ARG A 1579 0.18 -40.78 -46.34
CA ARG A 1579 0.71 -40.86 -47.69
C ARG A 1579 2.09 -41.50 -47.69
N LEU A 1580 2.74 -41.57 -46.52
CA LEU A 1580 4.12 -42.06 -46.44
C LEU A 1580 4.31 -43.26 -45.52
N ILE A 1581 3.27 -44.05 -45.22
CA ILE A 1581 3.40 -45.16 -44.26
C ILE A 1581 4.35 -46.22 -44.81
N GLN A 1582 4.46 -46.30 -46.14
CA GLN A 1582 5.22 -47.32 -46.85
C GLN A 1582 6.68 -47.47 -46.41
N TYR A 1583 7.29 -46.43 -45.84
CA TYR A 1583 8.69 -46.46 -45.47
C TYR A 1583 8.84 -46.77 -43.99
N HIS A 1584 9.85 -47.59 -43.65
CA HIS A 1584 10.03 -48.03 -42.28
C HIS A 1584 10.69 -46.99 -41.41
N GLN A 1585 11.22 -45.90 -41.99
CA GLN A 1585 11.66 -44.80 -41.16
C GLN A 1585 10.50 -43.91 -40.77
N VAL A 1586 9.40 -43.97 -41.54
CA VAL A 1586 8.21 -43.22 -41.16
C VAL A 1586 7.49 -43.97 -40.05
N LEU A 1587 7.80 -45.24 -39.81
CA LEU A 1587 7.10 -45.94 -38.73
C LEU A 1587 7.81 -45.77 -37.39
N GLU A 1588 8.97 -45.13 -37.34
CA GLU A 1588 9.56 -44.78 -36.03
C GLU A 1588 9.00 -43.47 -35.51
N MET A 1589 8.59 -42.59 -36.41
CA MET A 1589 8.03 -41.31 -36.04
C MET A 1589 6.63 -41.44 -35.45
N PHE A 1590 5.97 -42.55 -35.72
CA PHE A 1590 4.57 -42.78 -35.39
C PHE A 1590 4.42 -43.65 -34.16
N ILE A 1591 5.53 -44.15 -33.62
CA ILE A 1591 5.53 -44.70 -32.28
C ILE A 1591 5.60 -43.57 -31.26
N LEU A 1592 6.09 -42.41 -31.68
CA LEU A 1592 6.03 -41.23 -30.82
C LEU A 1592 4.60 -40.70 -30.69
N VAL A 1593 3.76 -40.91 -31.70
CA VAL A 1593 2.45 -40.26 -31.69
C VAL A 1593 1.48 -40.99 -30.77
N LEU A 1594 1.65 -42.31 -30.65
CA LEU A 1594 0.69 -43.13 -29.94
C LEU A 1594 0.96 -43.13 -28.44
N GLN A 1595 2.13 -42.66 -28.02
CA GLN A 1595 2.47 -42.74 -26.61
C GLN A 1595 2.10 -41.46 -25.88
N GLN A 1596 1.75 -40.41 -26.62
CA GLN A 1596 1.29 -39.19 -25.99
C GLN A 1596 -0.21 -39.18 -25.73
N CYS A 1597 -0.98 -39.85 -26.60
CA CYS A 1597 -2.42 -39.95 -26.46
C CYS A 1597 -2.85 -40.86 -25.31
N HIS A 1598 -2.01 -41.82 -24.93
CA HIS A 1598 -2.20 -42.63 -23.75
C HIS A 1598 -1.88 -41.84 -22.48
N LYS A 1599 -1.18 -40.73 -22.61
CA LYS A 1599 -0.83 -39.87 -21.50
C LYS A 1599 -1.74 -38.65 -21.45
N GLU A 1600 -2.06 -38.07 -22.62
CA GLU A 1600 -2.88 -36.86 -22.64
C GLU A 1600 -4.35 -37.19 -22.40
N ASN A 1601 -4.93 -38.00 -23.27
CA ASN A 1601 -6.38 -38.23 -23.27
C ASN A 1601 -6.72 -39.59 -23.85
N GLU A 1602 -7.09 -40.53 -22.97
CA GLU A 1602 -7.29 -41.91 -23.38
C GLU A 1602 -8.55 -42.10 -24.21
N ASP A 1603 -9.46 -41.11 -24.25
CA ASP A 1603 -10.53 -41.17 -25.22
C ASP A 1603 -10.00 -40.88 -26.63
N LYS A 1604 -9.01 -39.98 -26.73
CA LYS A 1604 -8.42 -39.69 -28.03
C LYS A 1604 -7.42 -40.78 -28.44
N TRP A 1605 -6.99 -41.63 -27.51
CA TRP A 1605 -5.98 -42.63 -27.86
C TRP A 1605 -6.57 -43.76 -28.69
N LYS A 1606 -7.85 -44.07 -28.52
CA LYS A 1606 -8.40 -45.23 -29.21
C LYS A 1606 -8.99 -44.85 -30.56
N ARG A 1607 -9.25 -43.56 -30.80
CA ARG A 1607 -9.77 -43.15 -32.10
C ARG A 1607 -8.70 -43.23 -33.17
N LEU A 1608 -7.44 -43.02 -32.80
CA LEU A 1608 -6.39 -42.84 -33.79
C LEU A 1608 -5.73 -44.16 -34.16
N SER A 1609 -5.88 -45.17 -33.31
CA SER A 1609 -5.32 -46.47 -33.63
C SER A 1609 -6.27 -47.27 -34.51
N ARG A 1610 -7.46 -46.75 -34.77
CA ARG A 1610 -8.40 -47.44 -35.66
C ARG A 1610 -8.25 -46.93 -37.10
N GLN A 1611 -7.71 -45.73 -37.26
CA GLN A 1611 -7.62 -45.12 -38.58
C GLN A 1611 -6.44 -45.70 -39.36
N ILE A 1612 -5.36 -46.03 -38.66
CA ILE A 1612 -4.23 -46.67 -39.31
C ILE A 1612 -4.35 -48.20 -39.21
N ALA A 1613 -5.48 -48.72 -38.77
CA ALA A 1613 -5.67 -50.16 -38.80
C ALA A 1613 -6.11 -50.64 -40.18
N ASP A 1614 -7.00 -49.90 -40.81
CA ASP A 1614 -7.50 -50.27 -42.13
C ASP A 1614 -6.75 -49.57 -43.27
N ILE A 1615 -5.58 -49.00 -43.01
CA ILE A 1615 -4.73 -48.55 -44.11
C ILE A 1615 -3.59 -49.54 -44.36
N ILE A 1616 -2.90 -49.95 -43.30
CA ILE A 1616 -1.66 -50.69 -43.43
C ILE A 1616 -1.90 -52.16 -43.77
N LEU A 1617 -2.98 -52.76 -43.28
CA LEU A 1617 -3.42 -54.12 -43.56
C LEU A 1617 -4.01 -54.26 -44.96
N PRO A 1618 -4.57 -53.24 -45.60
CA PRO A 1618 -4.66 -53.30 -47.08
C PRO A 1618 -3.34 -53.14 -47.79
N MET A 1619 -2.32 -52.55 -47.16
CA MET A 1619 -1.02 -52.46 -47.84
C MET A 1619 -0.24 -53.75 -47.72
N LEU A 1620 -0.39 -54.48 -46.61
CA LEU A 1620 0.42 -55.67 -46.38
C LEU A 1620 -0.02 -56.85 -47.24
N ALA A 1621 -1.24 -56.79 -47.78
CA ALA A 1621 -1.71 -57.84 -48.68
C ALA A 1621 -1.28 -57.54 -50.11
N LYS A 1622 -1.14 -56.26 -50.45
CA LYS A 1622 -0.69 -55.84 -51.77
C LYS A 1622 0.76 -55.41 -51.74
N GLN A 1623 1.43 -55.62 -50.60
CA GLN A 1623 2.89 -55.59 -50.45
C GLN A 1623 3.49 -54.23 -50.80
N GLN A 1624 2.78 -53.17 -50.47
CA GLN A 1624 3.29 -51.82 -50.71
C GLN A 1624 4.18 -51.32 -49.58
N MET A 1625 4.34 -52.11 -48.52
CA MET A 1625 5.06 -51.68 -47.32
C MET A 1625 6.51 -52.15 -47.41
N HIS A 1626 7.44 -51.20 -47.38
CA HIS A 1626 8.86 -51.50 -47.56
C HIS A 1626 9.40 -52.09 -46.26
N ILE A 1627 9.41 -53.42 -46.20
CA ILE A 1627 9.90 -54.14 -45.02
C ILE A 1627 11.12 -54.93 -45.47
N ASP A 1628 11.95 -54.34 -46.33
CA ASP A 1628 13.04 -55.07 -46.95
C ASP A 1628 14.22 -55.27 -45.98
N SER A 1629 14.27 -54.51 -44.90
CA SER A 1629 15.43 -54.59 -44.01
C SER A 1629 15.10 -55.33 -42.72
N HIS A 1630 16.14 -55.71 -41.98
CA HIS A 1630 15.90 -56.13 -40.61
C HIS A 1630 15.99 -54.94 -39.66
N GLU A 1631 16.36 -53.77 -40.19
CA GLU A 1631 15.96 -52.56 -39.50
C GLU A 1631 14.47 -52.31 -39.73
N ALA A 1632 13.88 -52.95 -40.73
CA ALA A 1632 12.49 -52.66 -41.08
C ALA A 1632 11.51 -53.57 -40.36
N LEU A 1633 11.88 -54.81 -40.04
CA LEU A 1633 10.93 -55.62 -39.26
C LEU A 1633 10.99 -55.31 -37.77
N GLY A 1634 11.97 -54.54 -37.31
CA GLY A 1634 12.04 -54.26 -35.89
C GLY A 1634 11.15 -53.11 -35.49
N VAL A 1635 10.88 -52.23 -36.45
CA VAL A 1635 10.05 -51.05 -36.17
C VAL A 1635 8.57 -51.43 -36.17
N LEU A 1636 8.19 -52.44 -36.94
CA LEU A 1636 6.78 -52.71 -37.13
C LEU A 1636 6.22 -53.63 -36.03
N ASN A 1637 7.08 -54.25 -35.23
CA ASN A 1637 6.58 -55.16 -34.20
C ASN A 1637 6.44 -54.46 -32.86
N THR A 1638 7.13 -53.34 -32.67
CA THR A 1638 6.85 -52.52 -31.51
C THR A 1638 5.66 -51.59 -31.75
N LEU A 1639 5.01 -51.72 -32.91
CA LEU A 1639 3.85 -50.91 -33.24
C LEU A 1639 2.57 -51.59 -32.77
N PHE A 1640 2.48 -52.91 -32.97
CA PHE A 1640 1.28 -53.64 -32.57
C PHE A 1640 1.19 -53.85 -31.06
N GLU A 1641 2.28 -53.64 -30.32
CA GLU A 1641 2.17 -53.59 -28.88
C GLU A 1641 1.51 -52.28 -28.44
N ILE A 1642 1.91 -51.17 -29.06
CA ILE A 1642 1.52 -49.85 -28.62
C ILE A 1642 0.22 -49.41 -29.31
N LEU A 1643 -0.15 -50.05 -30.41
CA LEU A 1643 -1.47 -49.82 -30.98
C LEU A 1643 -2.52 -50.40 -30.04
N ALA A 1644 -3.63 -49.69 -29.91
CA ALA A 1644 -4.60 -50.02 -28.87
C ALA A 1644 -5.36 -51.31 -29.22
N PRO A 1645 -5.54 -52.20 -28.24
CA PRO A 1645 -6.11 -53.52 -28.55
C PRO A 1645 -7.57 -53.50 -28.92
N SER A 1646 -8.27 -52.37 -28.78
CA SER A 1646 -9.65 -52.29 -29.28
C SER A 1646 -9.68 -52.24 -30.80
N SER A 1647 -8.61 -51.73 -31.42
CA SER A 1647 -8.58 -51.66 -32.88
C SER A 1647 -8.14 -52.97 -33.49
N LEU A 1648 -7.61 -53.88 -32.67
CA LEU A 1648 -7.17 -55.18 -33.14
C LEU A 1648 -8.04 -56.31 -32.58
N ARG A 1649 -9.13 -55.98 -31.90
CA ARG A 1649 -9.94 -57.00 -31.24
C ARG A 1649 -10.82 -57.79 -32.21
N PRO A 1650 -11.49 -57.21 -33.21
CA PRO A 1650 -12.05 -58.06 -34.27
C PRO A 1650 -10.92 -58.65 -35.09
N VAL A 1651 -11.03 -59.95 -35.40
CA VAL A 1651 -9.99 -60.65 -36.13
C VAL A 1651 -10.51 -60.80 -37.55
N ASP A 1652 -11.51 -59.96 -37.89
CA ASP A 1652 -11.97 -59.89 -39.27
C ASP A 1652 -10.92 -59.25 -40.17
N MET A 1653 -10.14 -58.32 -39.63
CA MET A 1653 -9.23 -57.54 -40.47
C MET A 1653 -7.86 -58.19 -40.56
N LEU A 1654 -7.39 -58.80 -39.47
CA LEU A 1654 -6.03 -59.33 -39.44
C LEU A 1654 -5.88 -60.60 -40.27
N LEU A 1655 -6.99 -61.25 -40.61
CA LEU A 1655 -6.90 -62.52 -41.32
C LEU A 1655 -7.03 -62.33 -42.83
N ARG A 1656 -7.81 -61.34 -43.28
CA ARG A 1656 -7.86 -61.03 -44.70
C ARG A 1656 -6.57 -60.38 -45.18
N SER A 1657 -5.83 -59.76 -44.27
CA SER A 1657 -4.49 -59.28 -44.55
C SER A 1657 -3.43 -60.36 -44.44
N MET A 1658 -3.75 -61.47 -43.76
CA MET A 1658 -2.79 -62.55 -43.60
C MET A 1658 -2.78 -63.48 -44.81
N PHE A 1659 -3.90 -64.16 -45.05
CA PHE A 1659 -3.97 -65.28 -45.99
C PHE A 1659 -4.10 -64.76 -47.42
N VAL A 1660 -2.99 -64.23 -47.93
CA VAL A 1660 -2.99 -63.65 -49.28
C VAL A 1660 -1.84 -64.23 -50.08
N THR A 1661 -2.01 -64.16 -51.39
CA THR A 1661 -1.04 -64.53 -52.39
C THR A 1661 -0.52 -63.28 -53.05
N PRO A 1662 0.79 -63.11 -53.23
CA PRO A 1662 1.29 -61.93 -53.93
C PRO A 1662 1.00 -61.99 -55.41
N ASN A 1663 1.41 -60.95 -56.12
CA ASN A 1663 1.18 -60.86 -57.56
C ASN A 1663 1.95 -61.95 -58.30
N THR A 1664 3.28 -61.88 -58.29
CA THR A 1664 4.15 -62.93 -58.82
C THR A 1664 5.33 -63.10 -57.88
N MET A 1665 5.66 -64.33 -57.55
CA MET A 1665 6.84 -64.61 -56.75
C MET A 1665 8.04 -65.02 -57.61
N ALA A 1666 8.22 -64.40 -58.76
CA ALA A 1666 9.41 -64.65 -59.57
C ALA A 1666 10.63 -63.97 -58.97
N SER A 1667 10.48 -62.74 -58.51
CA SER A 1667 11.63 -61.93 -58.15
C SER A 1667 11.78 -61.81 -56.64
N VAL A 1668 13.05 -61.77 -56.19
CA VAL A 1668 13.35 -61.75 -54.77
C VAL A 1668 13.21 -60.33 -54.22
N SER A 1669 12.82 -59.37 -55.06
CA SER A 1669 12.23 -58.16 -54.52
C SER A 1669 10.79 -58.41 -54.10
N THR A 1670 10.11 -59.32 -54.79
CA THR A 1670 8.69 -59.52 -54.52
C THR A 1670 8.44 -60.76 -53.66
N VAL A 1671 9.38 -61.71 -53.62
CA VAL A 1671 9.23 -62.84 -52.70
C VAL A 1671 9.53 -62.39 -51.27
N GLN A 1672 10.28 -61.31 -51.13
CA GLN A 1672 10.82 -60.93 -49.83
C GLN A 1672 9.84 -60.06 -49.07
N LEU A 1673 8.91 -59.39 -49.76
CA LEU A 1673 7.96 -58.53 -49.04
C LEU A 1673 6.65 -59.24 -48.76
N TRP A 1674 6.46 -60.46 -49.24
CA TRP A 1674 5.24 -61.22 -48.93
C TRP A 1674 5.43 -62.06 -47.69
N ILE A 1675 6.67 -62.40 -47.36
CA ILE A 1675 6.95 -63.24 -46.21
C ILE A 1675 7.30 -62.36 -45.02
N SER A 1676 7.29 -61.04 -45.19
CA SER A 1676 7.40 -60.16 -44.05
C SER A 1676 6.02 -59.65 -43.63
N GLY A 1677 5.00 -59.84 -44.45
CA GLY A 1677 3.66 -59.52 -44.03
C GLY A 1677 3.04 -60.64 -43.22
N ILE A 1678 3.63 -61.83 -43.29
CA ILE A 1678 3.09 -62.99 -42.60
C ILE A 1678 3.78 -63.16 -41.25
N LEU A 1679 4.93 -62.53 -41.06
CA LEU A 1679 5.67 -62.70 -39.81
C LEU A 1679 5.31 -61.63 -38.79
N ALA A 1680 4.64 -60.56 -39.21
CA ALA A 1680 4.45 -59.43 -38.31
C ALA A 1680 2.98 -59.24 -37.94
N ILE A 1681 2.07 -59.88 -38.66
CA ILE A 1681 0.68 -59.99 -38.24
C ILE A 1681 0.49 -61.32 -37.51
N LEU A 1682 1.54 -62.12 -37.37
CA LEU A 1682 1.46 -63.37 -36.63
C LEU A 1682 2.04 -63.18 -35.24
N ARG A 1683 2.68 -62.05 -35.00
CA ARG A 1683 3.02 -61.67 -33.64
C ARG A 1683 1.81 -61.06 -32.92
N VAL A 1684 0.69 -60.91 -33.61
CA VAL A 1684 -0.51 -60.35 -32.98
C VAL A 1684 -1.48 -61.46 -32.59
N LEU A 1685 -1.53 -62.53 -33.37
CA LEU A 1685 -2.43 -63.66 -33.15
C LEU A 1685 -1.91 -64.62 -32.09
N ILE A 1686 -0.75 -64.32 -31.50
CA ILE A 1686 -0.17 -65.13 -30.44
C ILE A 1686 -0.26 -64.41 -29.10
N SER A 1687 -0.01 -63.10 -29.09
CA SER A 1687 -0.08 -62.33 -27.86
C SER A 1687 -1.44 -61.65 -27.71
N GLN A 1688 -1.83 -60.82 -28.68
CA GLN A 1688 -3.01 -59.98 -28.53
C GLN A 1688 -4.31 -60.75 -28.57
N SER A 1689 -4.29 -61.99 -29.05
CA SER A 1689 -5.47 -62.83 -29.06
C SER A 1689 -5.04 -64.28 -28.91
N THR A 1690 -5.75 -65.01 -28.05
CA THR A 1690 -5.39 -66.38 -27.77
C THR A 1690 -5.89 -67.33 -28.85
N GLU A 1691 -5.76 -68.63 -28.58
CA GLU A 1691 -6.08 -69.67 -29.54
C GLU A 1691 -7.58 -69.84 -29.74
N ASP A 1692 -8.39 -69.48 -28.75
CA ASP A 1692 -9.82 -69.76 -28.81
C ASP A 1692 -10.52 -68.85 -29.81
N ILE A 1693 -10.08 -67.60 -29.91
CA ILE A 1693 -10.79 -66.62 -30.71
C ILE A 1693 -10.50 -66.82 -32.20
N VAL A 1694 -9.29 -67.32 -32.52
CA VAL A 1694 -8.81 -67.31 -33.90
C VAL A 1694 -9.54 -68.34 -34.76
N LEU A 1695 -9.80 -69.53 -34.22
CA LEU A 1695 -10.28 -70.60 -35.07
C LEU A 1695 -11.80 -70.66 -35.14
N SER A 1696 -12.51 -69.88 -34.32
CA SER A 1696 -13.95 -69.78 -34.49
C SER A 1696 -14.30 -68.94 -35.71
N ARG A 1697 -13.34 -68.12 -36.17
CA ARG A 1697 -13.62 -67.19 -37.27
C ARG A 1697 -13.48 -67.86 -38.63
N ILE A 1698 -12.53 -68.78 -38.75
CA ILE A 1698 -12.19 -69.35 -40.06
C ILE A 1698 -13.24 -70.39 -40.46
N GLN A 1699 -14.08 -70.81 -39.53
CA GLN A 1699 -15.27 -71.57 -39.88
C GLN A 1699 -16.27 -70.72 -40.65
N GLU A 1700 -16.27 -69.41 -40.42
CA GLU A 1700 -17.18 -68.53 -41.14
C GLU A 1700 -16.54 -68.00 -42.42
N LEU A 1701 -15.27 -67.60 -42.35
CA LEU A 1701 -14.55 -67.12 -43.51
C LEU A 1701 -13.94 -68.31 -44.25
N SER A 1702 -14.43 -68.58 -45.46
CA SER A 1702 -14.00 -69.76 -46.22
C SER A 1702 -12.58 -69.53 -46.73
N PHE A 1703 -11.62 -69.80 -45.85
CA PHE A 1703 -10.20 -69.76 -46.17
C PHE A 1703 -9.75 -71.18 -46.43
N SER A 1704 -9.69 -71.56 -47.69
CA SER A 1704 -9.40 -72.93 -48.06
C SER A 1704 -7.91 -73.22 -47.89
N PRO A 1705 -7.54 -74.44 -47.50
CA PRO A 1705 -6.10 -74.75 -47.34
C PRO A 1705 -5.38 -75.02 -48.65
N TYR A 1706 -6.07 -74.87 -49.78
CA TYR A 1706 -5.40 -74.97 -51.07
C TYR A 1706 -4.95 -73.60 -51.56
N LEU A 1707 -4.77 -72.64 -50.64
CA LEU A 1707 -4.46 -71.26 -50.96
C LEU A 1707 -3.12 -71.13 -51.66
N ILE A 1708 -2.04 -71.49 -50.98
CA ILE A 1708 -0.75 -71.64 -51.65
C ILE A 1708 -0.33 -73.10 -51.62
N SER A 1709 -0.75 -73.84 -52.65
CA SER A 1709 -0.45 -75.26 -52.74
C SER A 1709 0.58 -75.51 -53.83
N CYS A 1710 1.03 -76.77 -53.94
CA CYS A 1710 2.14 -77.09 -54.82
C CYS A 1710 1.73 -77.01 -56.30
N THR A 1711 0.43 -76.94 -56.58
CA THR A 1711 0.01 -76.58 -57.94
C THR A 1711 -0.04 -75.07 -58.12
N VAL A 1712 -0.32 -74.31 -57.04
CA VAL A 1712 -0.45 -72.87 -57.18
C VAL A 1712 0.91 -72.19 -57.09
N ILE A 1713 1.84 -72.76 -56.32
CA ILE A 1713 3.15 -72.13 -56.19
C ILE A 1713 4.00 -72.34 -57.45
N ASN A 1714 3.67 -73.32 -58.28
CA ASN A 1714 4.51 -73.58 -59.44
C ASN A 1714 4.24 -72.61 -60.57
N ARG A 1715 3.01 -72.12 -60.70
CA ARG A 1715 2.69 -71.24 -61.83
C ARG A 1715 3.04 -69.77 -61.56
N LEU A 1716 3.52 -69.43 -60.38
CA LEU A 1716 3.83 -68.06 -60.05
C LEU A 1716 5.30 -67.70 -60.26
N ARG A 1717 6.20 -68.61 -59.87
CA ARG A 1717 7.63 -68.46 -60.08
C ARG A 1717 7.96 -68.35 -61.57
N ASP A 1718 7.23 -69.07 -62.42
CA ASP A 1718 7.41 -68.92 -63.85
C ASP A 1718 6.64 -67.72 -64.37
N GLY A 1719 5.46 -67.47 -63.81
CA GLY A 1719 4.63 -66.36 -64.23
C GLY A 1719 5.01 -65.03 -63.61
N LYS A 1735 -14.88 -80.85 -46.12
CA LYS A 1735 -15.15 -80.30 -44.80
C LYS A 1735 -13.83 -80.07 -44.06
N ASN A 1736 -13.32 -78.84 -44.15
CA ASN A 1736 -12.02 -78.49 -43.61
C ASN A 1736 -12.19 -77.90 -42.21
N LEU A 1737 -11.48 -78.50 -41.26
CA LEU A 1737 -11.51 -78.01 -39.89
C LEU A 1737 -10.78 -76.67 -39.79
N PRO A 1738 -11.14 -75.84 -38.80
CA PRO A 1738 -10.26 -74.71 -38.48
C PRO A 1738 -8.96 -75.15 -37.84
N GLU A 1739 -8.92 -76.36 -37.29
CA GLU A 1739 -7.63 -77.00 -37.02
C GLU A 1739 -6.88 -77.23 -38.32
N GLU A 1740 -7.61 -77.52 -39.39
CA GLU A 1740 -6.95 -77.99 -40.62
C GLU A 1740 -6.57 -76.83 -41.53
N THR A 1741 -7.22 -75.67 -41.41
CA THR A 1741 -6.90 -74.56 -42.32
C THR A 1741 -5.61 -73.85 -41.94
N PHE A 1742 -5.34 -73.71 -40.64
CA PHE A 1742 -4.24 -72.86 -40.21
C PHE A 1742 -2.94 -73.64 -40.09
N SER A 1743 -2.99 -74.96 -40.23
CA SER A 1743 -1.79 -75.77 -40.07
C SER A 1743 -1.19 -76.16 -41.43
N ARG A 1744 -1.94 -76.00 -42.51
CA ARG A 1744 -1.34 -76.17 -43.83
C ARG A 1744 -0.72 -74.88 -44.30
N PHE A 1745 -0.95 -73.78 -43.59
CA PHE A 1745 -0.38 -72.52 -44.03
C PHE A 1745 0.97 -72.24 -43.41
N LEU A 1746 1.28 -72.86 -42.28
CA LEU A 1746 2.56 -72.57 -41.63
C LEU A 1746 3.59 -73.66 -41.90
N LEU A 1747 3.21 -74.77 -42.51
CA LEU A 1747 4.19 -75.82 -42.82
C LEU A 1747 4.55 -75.81 -44.28
N GLN A 1748 3.80 -75.06 -45.09
CA GLN A 1748 4.13 -74.90 -46.49
C GLN A 1748 4.67 -73.50 -46.73
N LEU A 1749 4.94 -72.78 -45.66
CA LEU A 1749 5.65 -71.52 -45.77
C LEU A 1749 7.07 -71.69 -45.24
N VAL A 1750 7.31 -72.78 -44.51
CA VAL A 1750 8.66 -73.29 -44.34
C VAL A 1750 9.15 -73.89 -45.66
N GLY A 1751 8.23 -74.26 -46.53
CA GLY A 1751 8.63 -74.90 -47.78
C GLY A 1751 9.00 -73.94 -48.89
N ILE A 1752 8.61 -72.67 -48.77
CA ILE A 1752 8.96 -71.69 -49.79
C ILE A 1752 10.35 -71.13 -49.53
N LEU A 1753 10.71 -70.98 -48.27
CA LEU A 1753 12.00 -70.37 -47.92
C LEU A 1753 13.16 -71.34 -48.11
N LEU A 1754 12.89 -72.61 -48.37
CA LEU A 1754 13.97 -73.59 -48.38
C LEU A 1754 14.21 -74.16 -49.76
N GLU A 1755 13.33 -73.86 -50.71
CA GLU A 1755 13.60 -74.19 -52.11
C GLU A 1755 14.33 -73.04 -52.79
N ASP A 1756 14.56 -71.95 -52.07
CA ASP A 1756 15.30 -70.83 -52.62
C ASP A 1756 16.77 -70.85 -52.17
N ILE A 1757 16.99 -70.88 -50.86
CA ILE A 1757 18.33 -70.80 -50.28
C ILE A 1757 19.21 -71.95 -50.72
N VAL A 1758 18.60 -73.12 -50.98
CA VAL A 1758 19.34 -74.19 -51.64
C VAL A 1758 19.43 -73.93 -53.13
N THR A 1759 18.29 -73.82 -53.81
CA THR A 1759 18.29 -73.77 -55.28
C THR A 1759 18.05 -72.35 -55.80
N LYS A 1760 18.90 -71.40 -55.38
CA LYS A 1760 19.08 -70.14 -56.09
C LYS A 1760 20.55 -69.76 -56.05
N GLN A 1761 21.00 -69.12 -57.11
CA GLN A 1761 22.38 -68.66 -57.18
C GLN A 1761 22.58 -67.49 -56.23
N LEU A 1762 23.82 -67.29 -55.82
CA LEU A 1762 24.08 -66.40 -54.69
C LEU A 1762 24.40 -64.98 -55.13
N LYS A 1763 24.86 -64.78 -56.36
CA LYS A 1763 25.14 -63.45 -56.88
C LYS A 1763 24.34 -63.13 -58.14
N VAL A 1764 23.49 -64.05 -58.60
CA VAL A 1764 22.76 -63.84 -59.84
C VAL A 1764 21.39 -63.24 -59.56
N GLU A 1765 20.55 -63.96 -58.83
CA GLU A 1765 19.15 -63.55 -58.68
C GLU A 1765 18.97 -62.65 -57.46
N MET A 1766 19.74 -62.87 -56.40
CA MET A 1766 19.64 -62.13 -55.16
C MET A 1766 20.92 -61.37 -54.88
N SER A 1767 20.82 -60.39 -53.99
CA SER A 1767 22.00 -59.67 -53.53
C SER A 1767 22.61 -60.40 -52.34
N GLU A 1768 23.57 -59.77 -51.68
CA GLU A 1768 24.05 -60.32 -50.42
C GLU A 1768 23.42 -59.59 -49.24
N GLN A 1769 23.17 -58.28 -49.39
CA GLN A 1769 22.33 -57.58 -48.43
C GLN A 1769 20.89 -58.10 -48.51
N GLN A 1770 20.47 -58.57 -49.68
CA GLN A 1770 19.18 -59.23 -49.77
C GLN A 1770 19.27 -60.71 -49.41
N HIS A 1771 20.44 -61.20 -49.01
CA HIS A 1771 20.47 -62.56 -48.46
C HIS A 1771 20.77 -62.55 -46.97
N THR A 1772 21.10 -61.38 -46.40
CA THR A 1772 21.07 -61.28 -44.95
C THR A 1772 19.65 -61.36 -44.42
N PHE A 1773 18.66 -60.89 -45.19
CA PHE A 1773 17.29 -60.79 -44.67
C PHE A 1773 16.36 -61.83 -45.30
N TYR A 1774 16.89 -62.77 -46.09
CA TYR A 1774 16.02 -63.80 -46.64
C TYR A 1774 16.14 -65.09 -45.83
N CYS A 1775 17.33 -65.33 -45.28
CA CYS A 1775 17.55 -66.44 -44.38
C CYS A 1775 17.28 -66.02 -42.94
N GLN A 1776 16.89 -64.77 -42.75
CA GLN A 1776 16.55 -64.27 -41.42
C GLN A 1776 15.03 -64.18 -41.27
N GLU A 1777 14.29 -64.44 -42.34
CA GLU A 1777 12.84 -64.61 -42.22
C GLU A 1777 12.49 -66.06 -42.04
N LEU A 1778 13.44 -66.96 -42.28
CA LEU A 1778 13.25 -68.34 -41.88
C LEU A 1778 13.71 -68.56 -40.45
N GLY A 1779 14.30 -67.54 -39.83
CA GLY A 1779 14.79 -67.70 -38.46
C GLY A 1779 13.77 -67.28 -37.42
N THR A 1780 12.87 -66.35 -37.77
CA THR A 1780 11.83 -65.94 -36.85
C THR A 1780 10.48 -66.54 -37.21
N LEU A 1781 10.44 -67.47 -38.16
CA LEU A 1781 9.22 -68.20 -38.44
C LEU A 1781 9.32 -69.62 -37.91
N LEU A 1782 10.51 -70.02 -37.51
CA LEU A 1782 10.67 -71.26 -36.77
C LEU A 1782 10.74 -71.00 -35.29
N MET A 1783 10.80 -69.74 -34.88
CA MET A 1783 10.59 -69.41 -33.48
C MET A 1783 9.11 -69.23 -33.18
N CYS A 1784 8.29 -69.05 -34.21
CA CYS A 1784 6.86 -68.95 -34.01
C CYS A 1784 6.22 -70.32 -33.95
N LEU A 1785 6.90 -71.36 -34.45
CA LEU A 1785 6.28 -72.67 -34.50
C LEU A 1785 6.65 -73.50 -33.29
N ILE A 1786 7.67 -73.12 -32.54
CA ILE A 1786 8.05 -73.88 -31.35
C ILE A 1786 7.49 -73.16 -30.10
N HIS A 1787 6.73 -72.10 -30.32
CA HIS A 1787 6.01 -71.46 -29.24
C HIS A 1787 4.59 -71.96 -29.16
N ILE A 1788 4.07 -72.43 -30.28
CA ILE A 1788 2.70 -72.93 -30.38
C ILE A 1788 2.63 -74.38 -29.88
N PHE A 1789 3.72 -75.10 -30.00
CA PHE A 1789 3.78 -76.52 -29.70
C PHE A 1789 4.25 -76.77 -28.27
N LYS A 1790 4.77 -75.74 -27.60
CA LYS A 1790 5.35 -75.87 -26.28
C LYS A 1790 4.56 -75.14 -25.20
N SER A 1791 4.10 -73.93 -25.48
CA SER A 1791 3.49 -73.11 -24.45
C SER A 1791 2.11 -73.61 -24.01
N GLY A 1792 1.51 -74.53 -24.77
CA GLY A 1792 0.29 -75.19 -24.35
C GLY A 1792 -0.98 -74.39 -24.41
N MET A 1793 -0.89 -73.06 -24.58
CA MET A 1793 -2.08 -72.25 -24.76
C MET A 1793 -2.74 -72.52 -26.11
N PHE A 1794 -1.96 -72.97 -27.08
CA PHE A 1794 -2.43 -73.30 -28.41
C PHE A 1794 -2.65 -74.81 -28.47
N ARG A 1795 -3.83 -75.25 -28.02
CA ARG A 1795 -4.13 -76.67 -27.93
C ARG A 1795 -4.48 -77.27 -29.29
N ARG A 1796 -5.33 -76.61 -30.07
CA ARG A 1796 -5.82 -77.22 -31.29
C ARG A 1796 -4.77 -77.28 -32.38
N ILE A 1797 -3.74 -76.45 -32.32
CA ILE A 1797 -2.81 -76.37 -33.44
C ILE A 1797 -1.74 -77.47 -33.33
N THR A 1798 -1.52 -77.99 -32.11
CA THR A 1798 -0.51 -79.04 -31.94
C THR A 1798 -0.97 -80.37 -32.51
N ALA A 1799 -2.25 -80.71 -32.35
CA ALA A 1799 -2.72 -82.03 -32.77
C ALA A 1799 -2.89 -82.12 -34.28
N ALA A 1800 -2.92 -80.97 -34.96
CA ALA A 1800 -3.20 -80.96 -36.39
C ALA A 1800 -1.98 -81.31 -37.20
N ALA A 1801 -0.78 -80.98 -36.71
CA ALA A 1801 0.43 -81.25 -37.47
C ALA A 1801 0.84 -82.72 -37.38
N THR A 1802 0.44 -83.40 -36.30
CA THR A 1802 0.85 -84.79 -36.10
C THR A 1802 0.15 -85.75 -37.06
N ARG A 1803 -1.05 -85.41 -37.52
CA ARG A 1803 -1.76 -86.20 -38.52
C ARG A 1803 -1.39 -85.78 -39.94
N LEU A 1804 -0.40 -84.91 -40.11
CA LEU A 1804 0.04 -84.39 -41.39
C LEU A 1804 1.48 -84.75 -41.71
N PHE A 1805 2.38 -84.67 -40.73
CA PHE A 1805 3.74 -85.15 -40.95
C PHE A 1805 3.78 -86.66 -41.03
N ARG A 1806 2.81 -87.33 -40.40
CA ARG A 1806 2.65 -88.76 -40.60
C ARG A 1806 1.99 -89.04 -41.94
N SER A 1807 1.27 -88.07 -42.48
CA SER A 1807 0.50 -88.28 -43.71
C SER A 1807 1.30 -87.93 -44.95
N ASP A 1808 0.98 -88.59 -46.04
CA ASP A 1808 1.53 -88.26 -47.35
C ASP A 1808 0.81 -87.03 -47.90
N GLY A 1809 1.42 -86.40 -48.91
CA GLY A 1809 0.76 -85.31 -49.59
C GLY A 1809 -0.44 -85.80 -50.38
N CYS A 1810 -1.33 -84.86 -50.73
CA CYS A 1810 -2.59 -85.19 -51.41
C CYS A 1810 -2.29 -85.45 -52.89
N GLY A 1811 -1.71 -86.62 -53.15
CA GLY A 1811 -1.33 -87.02 -54.49
C GLY A 1811 -0.20 -86.21 -55.09
N GLY A 1812 0.54 -85.48 -54.27
CA GLY A 1812 1.56 -84.57 -54.75
C GLY A 1812 1.14 -83.13 -54.85
N SER A 1813 0.01 -82.76 -54.26
CA SER A 1813 -0.48 -81.38 -54.33
C SER A 1813 0.06 -80.50 -53.22
N PHE A 1814 0.80 -81.07 -52.28
CA PHE A 1814 1.38 -80.32 -51.16
C PHE A 1814 2.87 -80.62 -51.06
N TYR A 1815 3.57 -79.76 -50.32
CA TYR A 1815 4.94 -80.07 -49.92
C TYR A 1815 4.91 -81.14 -48.84
N THR A 1816 5.03 -82.40 -49.25
CA THR A 1816 4.98 -83.53 -48.35
C THR A 1816 6.24 -83.63 -47.51
N LEU A 1817 6.14 -84.39 -46.41
CA LEU A 1817 7.13 -84.31 -45.34
C LEU A 1817 8.42 -85.05 -45.69
N ASP A 1818 8.42 -85.92 -46.70
CA ASP A 1818 9.71 -86.45 -47.13
C ASP A 1818 10.35 -85.56 -48.19
N SER A 1819 9.57 -84.71 -48.87
CA SER A 1819 10.15 -83.78 -49.82
C SER A 1819 10.77 -82.58 -49.11
N LEU A 1820 10.17 -82.17 -47.99
CA LEU A 1820 10.62 -80.97 -47.32
C LEU A 1820 11.94 -81.21 -46.59
N ASN A 1821 12.27 -82.47 -46.32
CA ASN A 1821 13.42 -82.78 -45.47
C ASN A 1821 14.66 -83.06 -46.31
N LEU A 1822 14.52 -83.15 -47.62
CA LEU A 1822 15.69 -83.22 -48.48
C LEU A 1822 16.32 -81.85 -48.66
N ARG A 1823 15.50 -80.80 -48.56
CA ARG A 1823 16.01 -79.43 -48.67
C ARG A 1823 16.88 -79.06 -47.47
N ALA A 1824 16.59 -79.64 -46.30
CA ALA A 1824 17.20 -79.17 -45.07
C ALA A 1824 18.57 -79.78 -44.82
N ARG A 1825 18.86 -80.94 -45.41
CA ARG A 1825 20.16 -81.57 -45.21
C ARG A 1825 21.21 -81.00 -46.14
N SER A 1826 20.79 -80.28 -47.17
CA SER A 1826 21.71 -79.40 -47.87
C SER A 1826 21.64 -77.98 -47.34
N MET A 1827 20.93 -77.76 -46.24
CA MET A 1827 21.05 -76.54 -45.44
C MET A 1827 22.02 -76.71 -44.28
N ILE A 1828 22.41 -77.96 -43.97
CA ILE A 1828 23.40 -78.36 -42.98
C ILE A 1828 24.64 -77.48 -43.04
N THR A 1829 25.13 -77.25 -44.26
CA THR A 1829 26.48 -76.78 -44.41
C THR A 1829 26.57 -75.27 -44.64
N THR A 1830 25.65 -74.71 -45.43
CA THR A 1830 25.66 -73.25 -45.60
C THR A 1830 25.10 -72.51 -44.40
N HIS A 1831 24.08 -73.06 -43.74
CA HIS A 1831 23.39 -72.36 -42.65
C HIS A 1831 23.19 -73.30 -41.48
N PRO A 1832 24.16 -73.42 -40.58
CA PRO A 1832 24.08 -74.47 -39.56
C PRO A 1832 23.36 -74.02 -38.31
N ALA A 1833 23.05 -72.73 -38.20
CA ALA A 1833 22.26 -72.28 -37.06
C ALA A 1833 20.79 -72.52 -37.30
N LEU A 1834 20.37 -72.59 -38.56
CA LEU A 1834 18.96 -72.85 -38.83
C LEU A 1834 18.67 -74.31 -39.12
N VAL A 1835 19.66 -75.20 -39.03
CA VAL A 1835 19.27 -76.60 -39.02
C VAL A 1835 19.30 -77.11 -37.59
N LEU A 1836 19.51 -76.23 -36.61
CA LEU A 1836 19.22 -76.65 -35.25
C LEU A 1836 17.81 -76.28 -34.83
N LEU A 1837 17.18 -75.36 -35.55
CA LEU A 1837 15.79 -75.06 -35.23
C LEU A 1837 14.84 -76.05 -35.91
N TRP A 1838 15.27 -76.72 -36.98
CA TRP A 1838 14.41 -77.71 -37.58
C TRP A 1838 14.56 -79.06 -36.89
N CYS A 1839 15.56 -79.21 -36.02
CA CYS A 1839 15.66 -80.43 -35.25
C CYS A 1839 14.65 -80.47 -34.12
N GLN A 1840 14.24 -79.30 -33.62
CA GLN A 1840 13.41 -79.28 -32.43
C GLN A 1840 11.92 -79.28 -32.80
N ILE A 1841 11.60 -79.21 -34.09
CA ILE A 1841 10.21 -79.30 -34.48
C ILE A 1841 9.80 -80.75 -34.70
N LEU A 1842 10.67 -81.53 -35.34
CA LEU A 1842 10.39 -82.91 -35.69
C LEU A 1842 10.28 -83.81 -34.47
N LEU A 1843 10.90 -83.41 -33.37
CA LEU A 1843 10.73 -84.10 -32.09
C LEU A 1843 9.37 -83.80 -31.49
N LEU A 1844 8.82 -82.64 -31.83
CA LEU A 1844 7.72 -82.13 -31.03
C LEU A 1844 6.40 -82.66 -31.55
N VAL A 1845 6.24 -82.67 -32.88
CA VAL A 1845 5.41 -83.68 -33.52
C VAL A 1845 6.00 -85.04 -33.19
N ASN A 1846 5.15 -86.03 -32.92
CA ASN A 1846 5.67 -87.33 -32.55
C ASN A 1846 6.25 -88.07 -33.74
N HIS A 1847 7.38 -87.56 -34.26
CA HIS A 1847 8.05 -88.06 -35.45
C HIS A 1847 9.51 -88.27 -35.09
N THR A 1848 9.81 -89.40 -34.47
CA THR A 1848 11.17 -89.75 -34.15
C THR A 1848 11.54 -90.86 -35.11
N ASP A 1849 11.96 -90.47 -36.31
CA ASP A 1849 12.18 -91.40 -37.41
C ASP A 1849 13.68 -91.52 -37.59
N TYR A 1850 14.19 -92.74 -37.43
CA TYR A 1850 15.63 -92.95 -37.31
C TYR A 1850 16.36 -92.88 -38.65
N ARG A 1851 15.69 -92.57 -39.74
CA ARG A 1851 16.41 -92.31 -40.99
C ARG A 1851 17.03 -90.92 -40.95
N TRP A 1852 16.26 -89.91 -40.55
CA TRP A 1852 16.78 -88.55 -40.56
C TRP A 1852 17.69 -88.29 -39.37
N TRP A 1853 17.52 -89.03 -38.27
CA TRP A 1853 18.28 -88.71 -37.07
C TRP A 1853 19.67 -89.35 -37.07
N ALA A 1854 20.01 -90.10 -38.12
CA ALA A 1854 21.33 -90.72 -38.17
C ALA A 1854 22.28 -89.91 -39.04
N GLU A 1855 21.73 -89.21 -40.03
CA GLU A 1855 22.55 -88.37 -40.89
C GLU A 1855 23.10 -87.15 -40.13
N VAL A 1856 22.35 -86.69 -39.14
CA VAL A 1856 22.69 -85.47 -38.43
C VAL A 1856 23.59 -85.79 -37.24
N GLN A 1857 23.75 -87.07 -36.92
CA GLN A 1857 24.56 -87.47 -35.78
C GLN A 1857 25.65 -88.46 -36.14
N GLN A 1858 25.64 -88.99 -37.37
CA GLN A 1858 26.69 -89.85 -37.92
C GLN A 1858 26.88 -91.13 -37.08
N THR A 1859 25.80 -91.86 -36.91
CA THR A 1859 25.82 -93.11 -36.16
C THR A 1859 26.55 -94.18 -36.96
N PRO A 1860 27.56 -94.86 -36.38
CA PRO A 1860 28.24 -95.97 -37.06
C PRO A 1860 27.39 -97.23 -37.12
N LEU A 1888 40.84 -83.34 -42.79
CA LEU A 1888 40.21 -83.10 -41.51
C LEU A 1888 38.71 -82.99 -41.69
N GLY A 1889 38.00 -82.74 -40.60
CA GLY A 1889 36.55 -82.71 -40.66
C GLY A 1889 36.01 -81.37 -41.09
N MET A 1890 34.79 -81.40 -41.61
CA MET A 1890 34.09 -80.19 -42.01
C MET A 1890 33.68 -79.39 -40.78
N CYS A 1891 34.01 -78.10 -40.78
CA CYS A 1891 33.98 -77.34 -39.54
C CYS A 1891 32.58 -76.88 -39.18
N ASN A 1892 31.66 -77.00 -40.11
CA ASN A 1892 30.37 -76.36 -39.98
C ASN A 1892 29.26 -77.36 -39.71
N ARG A 1893 29.64 -78.62 -39.46
CA ARG A 1893 28.72 -79.71 -39.18
C ARG A 1893 28.75 -80.11 -37.71
N GLU A 1894 29.87 -79.90 -37.03
CA GLU A 1894 29.99 -80.19 -35.60
C GLU A 1894 29.16 -79.27 -34.73
N ILE A 1895 28.75 -78.12 -35.25
CA ILE A 1895 27.75 -77.31 -34.58
C ILE A 1895 26.40 -77.99 -34.65
N VAL A 1896 26.17 -78.76 -35.71
CA VAL A 1896 24.86 -79.39 -35.90
C VAL A 1896 24.88 -80.83 -35.38
N ARG A 1897 26.01 -81.52 -35.49
CA ARG A 1897 26.09 -82.87 -34.94
C ARG A 1897 26.05 -82.86 -33.42
N ARG A 1898 26.78 -81.94 -32.79
CA ARG A 1898 26.66 -81.80 -31.34
C ARG A 1898 25.45 -80.96 -30.95
N GLY A 1899 24.81 -80.32 -31.92
CA GLY A 1899 23.64 -79.53 -31.60
C GLY A 1899 22.37 -80.34 -31.68
N ALA A 1900 22.39 -81.42 -32.44
CA ALA A 1900 21.18 -82.25 -32.54
C ALA A 1900 21.23 -83.39 -31.55
N LEU A 1901 22.31 -83.51 -30.80
CA LEU A 1901 22.40 -84.55 -29.78
C LEU A 1901 22.21 -83.96 -28.40
N ILE A 1902 22.31 -82.64 -28.28
CA ILE A 1902 21.86 -81.97 -27.06
C ILE A 1902 20.35 -81.77 -27.11
N LEU A 1903 19.79 -81.74 -28.33
CA LEU A 1903 18.36 -81.55 -28.46
C LEU A 1903 17.61 -82.87 -28.52
N PHE A 1904 18.31 -83.97 -28.78
CA PHE A 1904 17.64 -85.26 -28.84
C PHE A 1904 17.62 -85.92 -27.46
N CYS A 1905 18.46 -85.45 -26.55
CA CYS A 1905 18.40 -85.93 -25.17
C CYS A 1905 17.28 -85.24 -24.39
N ASP A 1906 17.08 -83.95 -24.62
CA ASP A 1906 16.08 -83.17 -23.90
C ASP A 1906 14.66 -83.60 -24.29
N TYR A 1907 14.50 -84.24 -25.45
CA TYR A 1907 13.24 -84.89 -25.77
C TYR A 1907 13.12 -86.24 -25.08
N VAL A 1908 14.25 -86.89 -24.77
CA VAL A 1908 14.17 -88.18 -24.08
C VAL A 1908 13.92 -87.97 -22.59
N CYS A 1909 14.49 -86.90 -22.03
CA CYS A 1909 14.39 -86.64 -20.58
C CYS A 1909 12.96 -86.28 -20.16
N GLN A 1910 12.20 -85.63 -21.05
CA GLN A 1910 10.84 -85.23 -20.69
C GLN A 1910 9.90 -86.44 -20.58
N ASN A 1911 9.76 -87.22 -21.65
CA ASN A 1911 8.95 -88.44 -21.58
C ASN A 1911 9.90 -89.64 -21.62
N LEU A 1912 10.39 -90.01 -20.44
CA LEU A 1912 11.32 -91.13 -20.28
C LEU A 1912 10.60 -92.46 -20.14
N HIS A 1913 9.27 -92.47 -20.30
CA HIS A 1913 8.54 -93.72 -20.17
C HIS A 1913 8.72 -94.61 -21.39
N ASP A 1914 9.04 -94.02 -22.54
CA ASP A 1914 9.34 -94.80 -23.73
C ASP A 1914 10.78 -95.28 -23.68
N SER A 1915 10.96 -96.58 -23.46
CA SER A 1915 12.28 -97.18 -23.32
C SER A 1915 12.95 -97.48 -24.65
N GLU A 1916 12.24 -97.28 -25.76
CA GLU A 1916 12.82 -97.55 -27.06
C GLU A 1916 13.83 -96.47 -27.43
N HIS A 1917 13.64 -95.26 -26.89
CA HIS A 1917 14.55 -94.17 -27.19
C HIS A 1917 15.68 -94.11 -26.19
N LEU A 1918 15.55 -94.75 -25.03
CA LEU A 1918 16.65 -94.80 -24.08
C LEU A 1918 17.75 -95.74 -24.55
N THR A 1919 17.38 -96.88 -25.13
CA THR A 1919 18.41 -97.88 -25.43
C THR A 1919 19.08 -97.61 -26.76
N TRP A 1920 18.61 -96.62 -27.52
CA TRP A 1920 19.24 -96.35 -28.82
C TRP A 1920 20.43 -95.41 -28.68
N LEU A 1921 20.25 -94.32 -27.92
CA LEU A 1921 21.17 -93.21 -27.87
C LEU A 1921 22.39 -93.49 -27.00
N ILE A 1922 22.33 -94.52 -26.16
CA ILE A 1922 23.41 -94.85 -25.23
C ILE A 1922 24.31 -95.90 -25.85
N VAL A 1923 23.71 -96.89 -26.52
CA VAL A 1923 24.49 -97.95 -27.18
C VAL A 1923 25.26 -97.38 -28.36
N ASN A 1924 24.62 -96.51 -29.15
CA ASN A 1924 25.30 -95.98 -30.32
C ASN A 1924 26.24 -94.84 -29.97
N HIS A 1925 25.72 -93.75 -29.43
CA HIS A 1925 26.52 -92.56 -29.16
C HIS A 1925 27.04 -92.65 -27.75
N ILE A 1926 28.29 -93.10 -27.61
CA ILE A 1926 28.94 -93.28 -26.32
C ILE A 1926 29.99 -92.20 -26.09
N GLN A 1927 30.86 -91.98 -27.07
CA GLN A 1927 31.90 -90.98 -26.95
C GLN A 1927 31.32 -89.57 -27.09
N ASP A 1928 30.08 -89.46 -27.56
CA ASP A 1928 29.44 -88.15 -27.60
C ASP A 1928 28.56 -87.92 -26.39
N LEU A 1929 28.02 -88.99 -25.79
CA LEU A 1929 27.10 -88.79 -24.67
C LEU A 1929 27.85 -88.32 -23.43
N ILE A 1930 29.09 -88.78 -23.26
CA ILE A 1930 29.87 -88.40 -22.08
C ILE A 1930 30.46 -87.02 -22.26
N SER A 1931 30.94 -86.71 -23.46
CA SER A 1931 31.75 -85.51 -23.69
C SER A 1931 30.93 -84.24 -23.76
N LEU A 1932 29.65 -84.31 -23.41
CA LEU A 1932 28.79 -83.13 -23.40
C LEU A 1932 28.30 -82.77 -22.00
N SER A 1933 28.83 -83.45 -20.99
CA SER A 1933 28.17 -83.53 -19.68
C SER A 1933 28.23 -82.23 -18.88
N HIS A 1934 28.68 -81.13 -19.47
CA HIS A 1934 28.51 -79.85 -18.80
C HIS A 1934 27.36 -79.06 -19.40
N GLU A 1935 26.35 -79.74 -19.94
CA GLU A 1935 25.29 -79.04 -20.65
C GLU A 1935 23.93 -79.30 -20.02
N PRO A 1936 23.09 -78.28 -19.88
CA PRO A 1936 21.84 -78.42 -19.12
C PRO A 1936 20.80 -79.35 -19.73
N PRO A 1937 20.79 -79.64 -21.06
CA PRO A 1937 19.90 -80.73 -21.48
C PRO A 1937 20.52 -82.11 -21.46
N VAL A 1938 21.84 -82.25 -21.44
CA VAL A 1938 22.35 -83.61 -21.33
C VAL A 1938 22.81 -83.88 -19.90
N GLN A 1939 22.81 -82.87 -19.03
CA GLN A 1939 23.01 -83.15 -17.62
C GLN A 1939 21.76 -83.78 -17.02
N ASP A 1940 20.58 -83.50 -17.60
CA ASP A 1940 19.36 -84.06 -17.05
C ASP A 1940 19.02 -85.42 -17.65
N PHE A 1941 19.66 -85.79 -18.76
CA PHE A 1941 19.44 -87.10 -19.35
C PHE A 1941 20.06 -88.20 -18.50
N ILE A 1942 21.10 -87.87 -17.75
CA ILE A 1942 21.89 -88.90 -17.09
C ILE A 1942 21.33 -89.19 -15.71
N SER A 1943 20.75 -88.19 -15.05
CA SER A 1943 20.24 -88.38 -13.70
C SER A 1943 19.01 -89.27 -13.68
N ALA A 1944 18.22 -89.28 -14.75
CA ALA A 1944 17.11 -90.20 -14.87
C ALA A 1944 17.57 -91.63 -15.09
N VAL A 1945 18.74 -91.79 -15.72
CA VAL A 1945 19.36 -93.10 -15.88
C VAL A 1945 19.83 -93.61 -14.53
N HIS A 1946 20.30 -92.70 -13.68
CA HIS A 1946 20.59 -93.08 -12.30
C HIS A 1946 19.33 -93.39 -11.52
N ARG A 1947 18.19 -92.82 -11.90
CA ARG A 1947 16.92 -93.16 -11.27
C ARG A 1947 16.38 -94.51 -11.71
N ASN A 1948 16.67 -94.93 -12.94
CA ASN A 1948 16.04 -96.09 -13.53
C ASN A 1948 16.91 -97.32 -13.28
N SER A 1949 16.27 -98.44 -12.97
CA SER A 1949 17.01 -99.64 -12.60
C SER A 1949 17.63 -100.30 -13.82
N ALA A 1950 16.82 -100.57 -14.84
CA ALA A 1950 17.34 -101.27 -16.00
C ALA A 1950 18.04 -100.33 -16.97
N ALA A 1951 17.78 -99.02 -16.91
CA ALA A 1951 18.44 -98.12 -17.84
C ALA A 1951 19.85 -97.78 -17.37
N SER A 1952 20.15 -97.98 -16.09
CA SER A 1952 21.51 -97.72 -15.62
C SER A 1952 22.47 -98.82 -16.02
N GLY A 1953 21.99 -100.05 -16.20
CA GLY A 1953 22.89 -101.15 -16.49
C GLY A 1953 23.37 -101.16 -17.91
N LEU A 1954 22.65 -100.49 -18.81
CA LEU A 1954 23.04 -100.47 -20.21
C LEU A 1954 24.08 -99.39 -20.49
N PHE A 1955 24.17 -98.37 -19.63
CA PHE A 1955 25.16 -97.31 -19.81
C PHE A 1955 26.58 -97.80 -19.53
N ILE A 1956 26.70 -98.85 -18.73
CA ILE A 1956 28.01 -99.26 -18.27
C ILE A 1956 28.62 -100.31 -19.20
N GLN A 1957 27.79 -100.94 -20.04
CA GLN A 1957 28.32 -101.87 -21.04
C GLN A 1957 28.98 -101.12 -22.18
N ALA A 1958 28.68 -99.84 -22.31
CA ALA A 1958 29.15 -99.07 -23.46
C ALA A 1958 30.56 -98.54 -23.25
N ILE A 1959 30.90 -98.17 -22.01
CA ILE A 1959 32.20 -97.60 -21.71
C ILE A 1959 33.30 -98.65 -21.83
N GLN A 1960 33.00 -99.90 -21.48
CA GLN A 1960 33.93 -101.01 -21.63
C GLN A 1960 34.29 -101.30 -23.09
N SER A 1961 33.44 -100.89 -24.03
CA SER A 1961 33.81 -100.98 -25.43
C SER A 1961 34.59 -99.75 -25.88
N ARG A 1962 34.43 -98.63 -25.18
CA ARG A 1962 35.03 -97.37 -25.58
C ARG A 1962 36.10 -96.89 -24.61
N CYS A 1963 36.79 -97.82 -23.95
CA CYS A 1963 37.91 -97.46 -23.09
C CYS A 1963 39.13 -97.05 -23.89
N GLU A 1964 39.20 -97.44 -25.17
CA GLU A 1964 40.33 -97.08 -26.02
C GLU A 1964 40.34 -95.61 -26.40
N ASN A 1965 39.19 -94.92 -26.36
CA ASN A 1965 39.18 -93.49 -26.62
C ASN A 1965 39.10 -92.68 -25.33
N LEU A 1966 38.64 -93.26 -24.23
CA LEU A 1966 38.57 -92.55 -22.96
C LEU A 1966 39.88 -92.74 -22.20
N SER A 1967 40.91 -92.11 -22.74
CA SER A 1967 42.23 -92.09 -22.11
C SER A 1967 42.87 -90.71 -22.13
N THR A 1968 42.43 -89.82 -23.01
CA THR A 1968 42.89 -88.44 -23.01
C THR A 1968 42.44 -87.75 -21.72
N PRO A 1969 43.22 -86.78 -21.21
CA PRO A 1969 42.97 -86.30 -19.85
C PRO A 1969 41.71 -85.47 -19.69
N THR A 1970 41.11 -84.96 -20.76
CA THR A 1970 39.86 -84.22 -20.61
C THR A 1970 38.65 -85.13 -20.79
N MET A 1971 38.80 -86.23 -21.51
CA MET A 1971 37.65 -87.12 -21.68
C MET A 1971 37.46 -88.02 -20.47
N LEU A 1972 38.47 -88.19 -19.61
CA LEU A 1972 38.26 -89.05 -18.46
C LEU A 1972 37.80 -88.28 -17.23
N LYS A 1973 37.89 -86.96 -17.23
CA LYS A 1973 37.34 -86.24 -16.09
C LYS A 1973 35.82 -86.15 -16.20
N LYS A 1974 35.27 -86.32 -17.39
CA LYS A 1974 33.83 -86.22 -17.58
C LYS A 1974 33.13 -87.56 -17.43
N THR A 1975 33.86 -88.67 -17.27
CA THR A 1975 33.21 -89.94 -17.01
C THR A 1975 32.91 -90.13 -15.53
N LEU A 1976 33.82 -89.67 -14.66
CA LEU A 1976 33.71 -89.87 -13.23
C LEU A 1976 32.62 -89.00 -12.62
N GLN A 1977 32.27 -87.91 -13.28
CA GLN A 1977 31.13 -87.10 -12.88
C GLN A 1977 29.81 -87.69 -13.37
N CYS A 1978 29.87 -88.67 -14.26
CA CYS A 1978 28.71 -89.37 -14.76
C CYS A 1978 28.65 -90.80 -14.28
N LEU A 1979 29.79 -91.38 -13.90
CA LEU A 1979 29.83 -92.61 -13.12
C LEU A 1979 29.93 -92.34 -11.64
N GLU A 1980 29.55 -91.13 -11.20
CA GLU A 1980 29.67 -90.78 -9.80
C GLU A 1980 28.64 -91.52 -8.96
N GLY A 1981 27.37 -91.26 -9.20
CA GLY A 1981 26.33 -91.96 -8.47
C GLY A 1981 25.40 -92.68 -9.41
N ILE A 1982 25.47 -94.01 -9.45
CA ILE A 1982 24.55 -94.78 -10.27
C ILE A 1982 23.74 -95.66 -9.33
N HIS A 1983 22.87 -96.50 -9.90
CA HIS A 1983 21.91 -97.25 -9.09
C HIS A 1983 22.63 -98.28 -8.22
N LEU A 1984 22.06 -98.54 -7.05
CA LEU A 1984 22.70 -99.44 -6.10
C LEU A 1984 22.60 -100.89 -6.54
N SER A 1985 21.67 -101.20 -7.45
CA SER A 1985 21.59 -102.54 -8.00
C SER A 1985 22.64 -102.74 -9.11
N GLN A 1986 23.23 -101.65 -9.58
CA GLN A 1986 24.29 -101.76 -10.57
C GLN A 1986 25.61 -101.20 -10.05
N SER A 1987 25.89 -101.36 -8.75
CA SER A 1987 27.17 -100.93 -8.22
C SER A 1987 28.17 -102.07 -8.21
N GLY A 1988 27.75 -103.24 -8.69
CA GLY A 1988 28.68 -104.35 -8.83
C GLY A 1988 29.33 -104.40 -10.19
N ALA A 1989 28.78 -103.67 -11.16
CA ALA A 1989 29.41 -103.56 -12.47
C ALA A 1989 30.23 -102.30 -12.59
N VAL A 1990 30.08 -101.38 -11.62
CA VAL A 1990 30.92 -100.19 -11.63
C VAL A 1990 32.18 -100.43 -10.80
N LEU A 1991 32.26 -101.57 -10.11
CA LEU A 1991 33.45 -101.83 -9.31
C LEU A 1991 34.38 -102.79 -10.06
N THR A 1992 33.88 -103.43 -11.11
CA THR A 1992 34.77 -104.21 -11.97
C THR A 1992 35.29 -103.35 -13.11
N LEU A 1993 34.65 -102.20 -13.34
CA LEU A 1993 35.16 -101.23 -14.31
C LEU A 1993 36.14 -100.27 -13.66
N TYR A 1994 35.95 -99.98 -12.36
CA TYR A 1994 36.89 -99.13 -11.65
C TYR A 1994 38.22 -99.82 -11.36
N VAL A 1995 38.29 -101.15 -11.48
CA VAL A 1995 39.51 -101.87 -11.17
C VAL A 1995 40.22 -102.38 -12.40
N ASP A 1996 39.50 -102.97 -13.36
CA ASP A 1996 40.11 -103.58 -14.53
C ASP A 1996 40.59 -102.48 -15.46
N ARG A 1997 39.73 -101.56 -15.89
CA ARG A 1997 40.10 -100.66 -16.97
C ARG A 1997 40.74 -99.38 -16.46
N LEU A 1998 39.98 -98.58 -15.70
CA LEU A 1998 40.30 -97.16 -15.65
C LEU A 1998 41.30 -96.81 -14.56
N LEU A 1999 41.65 -97.76 -13.70
CA LEU A 1999 42.52 -97.39 -12.59
C LEU A 1999 43.99 -97.37 -12.97
N CYS A 2000 44.37 -98.05 -14.05
CA CYS A 2000 45.77 -98.13 -14.47
C CYS A 2000 46.23 -96.94 -15.29
N THR A 2001 45.52 -95.81 -15.23
CA THR A 2001 45.96 -94.63 -15.95
C THR A 2001 47.17 -94.02 -15.25
N PRO A 2002 48.12 -93.44 -16.01
CA PRO A 2002 49.31 -92.88 -15.35
C PRO A 2002 49.07 -91.53 -14.71
N PHE A 2003 47.85 -91.00 -14.80
CA PHE A 2003 47.55 -89.68 -14.26
C PHE A 2003 47.31 -89.81 -12.76
N ARG A 2004 48.15 -89.17 -11.95
CA ARG A 2004 48.08 -89.42 -10.52
C ARG A 2004 47.01 -88.58 -9.83
N VAL A 2005 46.22 -87.81 -10.57
CA VAL A 2005 44.94 -87.38 -10.01
C VAL A 2005 43.80 -87.97 -10.81
N LEU A 2006 44.10 -88.93 -11.67
CA LEU A 2006 43.03 -89.81 -12.12
C LEU A 2006 43.19 -91.20 -11.51
N ALA A 2007 44.30 -91.46 -10.84
CA ALA A 2007 44.35 -92.64 -9.98
C ALA A 2007 43.89 -92.31 -8.57
N ARG A 2008 43.83 -91.02 -8.23
CA ARG A 2008 43.43 -90.61 -6.88
C ARG A 2008 41.94 -90.37 -6.81
N MET A 2009 41.29 -90.08 -7.93
CA MET A 2009 39.87 -89.76 -7.89
C MET A 2009 39.03 -90.99 -8.22
N VAL A 2010 39.66 -92.09 -8.64
CA VAL A 2010 38.94 -93.35 -8.73
C VAL A 2010 39.24 -94.18 -7.48
N ASP A 2011 39.91 -93.58 -6.50
CA ASP A 2011 39.93 -94.17 -5.16
C ASP A 2011 38.80 -93.64 -4.30
N ILE A 2012 38.22 -92.49 -4.66
CA ILE A 2012 37.10 -91.96 -3.88
C ILE A 2012 35.81 -92.67 -4.28
N LEU A 2013 35.75 -93.14 -5.52
CA LEU A 2013 34.48 -93.66 -6.04
C LEU A 2013 34.35 -95.16 -5.91
N ALA A 2014 35.43 -95.89 -5.61
CA ALA A 2014 35.34 -97.34 -5.52
C ALA A 2014 35.26 -97.80 -4.07
N CYS A 2015 35.79 -97.01 -3.15
CA CYS A 2015 35.64 -97.28 -1.72
C CYS A 2015 34.23 -96.94 -1.27
N ARG A 2016 33.49 -96.16 -2.04
CA ARG A 2016 32.18 -95.69 -1.63
C ARG A 2016 31.10 -96.65 -2.09
N ARG A 2017 31.42 -97.52 -3.05
CA ARG A 2017 30.47 -98.55 -3.45
C ARG A 2017 30.43 -99.68 -2.43
N VAL A 2018 31.52 -99.90 -1.71
CA VAL A 2018 31.60 -101.04 -0.81
C VAL A 2018 30.87 -100.75 0.50
N GLU A 2019 30.69 -99.46 0.82
CA GLU A 2019 30.21 -99.08 2.14
C GLU A 2019 28.69 -99.00 2.21
N MET A 2020 28.04 -98.71 1.08
CA MET A 2020 26.59 -98.58 1.05
C MET A 2020 25.94 -99.95 0.85
N LEU A 2021 26.76 -100.95 0.57
CA LEU A 2021 26.29 -102.27 0.15
C LEU A 2021 26.13 -103.19 1.36
N LEU A 2022 26.96 -103.00 2.37
CA LEU A 2022 26.98 -103.85 3.55
C LEU A 2022 26.01 -103.39 4.61
N ALA A 2023 25.73 -102.08 4.65
CA ALA A 2023 24.59 -101.58 5.41
C ALA A 2023 23.27 -101.89 4.71
N ALA A 2024 23.32 -102.20 3.42
CA ALA A 2024 22.16 -102.68 2.69
C ALA A 2024 21.97 -104.17 2.95
N ASN A 2025 21.12 -104.81 2.16
CA ASN A 2025 20.84 -106.22 2.37
C ASN A 2025 22.00 -107.08 1.88
N LEU A 2026 22.33 -108.09 2.68
CA LEU A 2026 23.33 -109.07 2.27
C LEU A 2026 22.76 -110.09 1.30
N GLN A 2027 21.45 -110.08 1.06
CA GLN A 2027 20.85 -111.02 0.13
C GLN A 2027 21.01 -110.55 -1.30
N SER A 2028 20.62 -109.30 -1.58
CA SER A 2028 20.61 -108.81 -2.95
C SER A 2028 21.99 -108.44 -3.45
N SER A 2029 22.94 -108.24 -2.55
CA SER A 2029 24.26 -107.78 -2.95
C SER A 2029 25.17 -108.93 -3.38
N MET A 2030 24.94 -110.14 -2.86
CA MET A 2030 25.76 -111.27 -3.22
C MET A 2030 25.40 -111.79 -4.61
N ALA A 2031 24.11 -111.76 -4.95
CA ALA A 2031 23.69 -112.05 -6.31
C ALA A 2031 24.09 -110.96 -7.29
N GLN A 2032 24.42 -109.78 -6.79
CA GLN A 2032 24.91 -108.66 -7.58
C GLN A 2032 26.39 -108.80 -7.90
N LEU A 2033 27.21 -109.00 -6.87
CA LEU A 2033 28.64 -109.21 -7.04
C LEU A 2033 28.94 -110.67 -6.75
N PRO A 2034 29.18 -111.51 -7.75
CA PRO A 2034 29.23 -112.96 -7.55
C PRO A 2034 30.46 -113.41 -6.79
N MET A 2035 30.32 -114.57 -6.15
CA MET A 2035 31.40 -115.14 -5.36
C MET A 2035 32.51 -115.69 -6.26
N GLU A 2036 32.15 -116.13 -7.47
CA GLU A 2036 33.17 -116.50 -8.44
C GLU A 2036 33.77 -115.27 -9.11
N GLU A 2037 33.02 -114.17 -9.18
CA GLU A 2037 33.55 -112.98 -9.86
C GLU A 2037 34.39 -112.16 -8.90
N LEU A 2038 34.23 -112.37 -7.59
CA LEU A 2038 35.00 -111.58 -6.63
C LEU A 2038 36.45 -112.08 -6.56
N ASN A 2039 36.70 -113.34 -6.87
CA ASN A 2039 38.05 -113.88 -6.77
C ASN A 2039 38.89 -113.49 -7.99
N ARG A 2040 38.25 -113.10 -9.08
CA ARG A 2040 39.00 -112.65 -10.25
C ARG A 2040 39.65 -111.29 -10.02
N ILE A 2041 39.03 -110.45 -9.18
CA ILE A 2041 39.45 -109.05 -9.04
C ILE A 2041 40.73 -108.97 -8.21
N GLN A 2042 40.86 -109.82 -7.20
CA GLN A 2042 41.98 -109.67 -6.27
C GLN A 2042 43.25 -110.33 -6.79
N GLU A 2043 43.17 -111.09 -7.88
CA GLU A 2043 44.39 -111.62 -8.49
C GLU A 2043 45.07 -110.58 -9.38
N TYR A 2044 44.32 -109.56 -9.77
CA TYR A 2044 44.85 -108.49 -10.60
C TYR A 2044 45.70 -107.51 -9.79
N LEU A 2045 45.52 -107.49 -8.48
CA LEU A 2045 46.10 -106.44 -7.65
C LEU A 2045 47.40 -106.90 -6.99
N GLN A 2046 47.65 -108.21 -6.98
CA GLN A 2046 48.80 -108.75 -6.25
C GLN A 2046 49.99 -108.98 -7.16
N SER A 2047 49.74 -109.49 -8.37
CA SER A 2047 50.79 -109.60 -9.38
C SER A 2047 51.24 -108.21 -9.83
N SER A 2048 50.31 -107.28 -9.93
CA SER A 2048 50.65 -105.88 -10.10
C SER A 2048 50.88 -105.24 -8.74
N GLY A 2049 51.16 -103.94 -8.75
CA GLY A 2049 51.41 -103.24 -7.50
C GLY A 2049 50.22 -102.42 -7.04
N LEU A 2050 49.06 -102.64 -7.65
CA LEU A 2050 47.92 -101.75 -7.49
C LEU A 2050 47.32 -101.82 -6.09
N ALA A 2051 47.41 -102.97 -5.42
CA ALA A 2051 46.89 -103.07 -4.07
C ALA A 2051 47.76 -102.30 -3.08
N GLN A 2052 49.08 -102.31 -3.32
CA GLN A 2052 50.00 -101.68 -2.38
C GLN A 2052 50.07 -100.18 -2.63
N ARG A 2053 49.58 -99.71 -3.78
CA ARG A 2053 49.50 -98.27 -4.02
C ARG A 2053 48.31 -97.66 -3.29
N HIS A 2054 47.13 -98.24 -3.47
CA HIS A 2054 45.89 -97.68 -2.94
C HIS A 2054 45.48 -98.53 -1.74
N GLN A 2055 45.78 -98.03 -0.54
CA GLN A 2055 45.54 -98.83 0.66
C GLN A 2055 44.07 -98.89 1.02
N ARG A 2056 43.34 -97.79 0.81
CA ARG A 2056 41.95 -97.71 1.25
C ARG A 2056 41.04 -98.62 0.44
N LEU A 2057 41.40 -98.88 -0.81
CA LEU A 2057 40.58 -99.79 -1.61
C LEU A 2057 40.80 -101.23 -1.17
N TYR A 2058 41.99 -101.55 -0.68
CA TYR A 2058 42.27 -102.96 -0.42
C TYR A 2058 41.74 -103.40 0.94
N SER A 2059 41.55 -102.47 1.87
CA SER A 2059 41.05 -102.85 3.20
C SER A 2059 39.57 -103.23 3.17
N LEU A 2060 38.81 -102.62 2.26
CA LEU A 2060 37.36 -102.77 2.31
C LEU A 2060 36.92 -104.09 1.69
N LEU A 2061 37.73 -104.68 0.81
CA LEU A 2061 37.28 -105.88 0.12
C LEU A 2061 37.61 -107.16 0.89
N ASP A 2062 38.53 -107.11 1.85
CA ASP A 2062 38.85 -108.30 2.63
C ASP A 2062 37.77 -108.59 3.66
N ARG A 2063 37.16 -107.55 4.23
CA ARG A 2063 36.08 -107.75 5.20
C ARG A 2063 34.78 -108.20 4.53
N PHE A 2064 34.70 -108.12 3.20
CA PHE A 2064 33.51 -108.52 2.47
C PHE A 2064 33.33 -110.03 2.44
N ARG A 2065 34.43 -110.76 2.25
CA ARG A 2065 34.35 -112.21 2.06
C ARG A 2065 34.02 -112.94 3.35
N LEU A 2066 34.65 -112.54 4.45
CA LEU A 2066 34.60 -113.31 5.70
C LEU A 2066 33.26 -113.24 6.40
N SER A 2067 32.47 -112.21 6.15
CA SER A 2067 31.11 -112.18 6.67
C SER A 2067 30.18 -113.02 5.80
N THR A 2068 30.61 -113.31 4.58
CA THR A 2068 29.80 -114.05 3.63
C THR A 2068 30.32 -115.47 3.44
N GLU B 2 71.67 -30.02 -36.64
CA GLU B 2 71.62 -31.49 -36.99
C GLU B 2 71.16 -32.31 -35.81
N ASP B 3 70.59 -33.49 -36.07
CA ASP B 3 70.19 -34.48 -35.10
C ASP B 3 71.37 -34.99 -34.26
N GLU B 4 71.13 -35.31 -32.97
CA GLU B 4 72.10 -35.83 -32.01
C GLU B 4 73.20 -34.87 -31.56
N THR B 5 73.57 -33.87 -32.40
CA THR B 5 74.73 -32.97 -32.30
C THR B 5 76.07 -33.67 -32.26
N THR B 6 76.11 -34.99 -32.53
CA THR B 6 77.23 -35.88 -32.19
C THR B 6 77.71 -35.73 -30.73
N ALA B 7 78.96 -36.10 -30.42
CA ALA B 7 79.54 -35.85 -29.13
C ALA B 7 81.03 -36.00 -29.32
N LEU B 8 81.83 -35.52 -28.35
CA LEU B 8 83.26 -35.66 -28.39
C LEU B 8 83.68 -36.62 -27.31
N VAL B 9 84.62 -37.51 -27.63
CA VAL B 9 85.12 -38.49 -26.68
C VAL B 9 86.61 -38.27 -26.57
N CYS B 10 87.11 -38.12 -25.33
CA CYS B 10 88.52 -37.92 -25.07
C CYS B 10 88.99 -38.85 -23.95
N ASP B 11 90.01 -39.67 -24.26
CA ASP B 11 90.68 -40.56 -23.35
C ASP B 11 92.03 -39.91 -23.07
N ASN B 12 92.40 -39.82 -21.79
CA ASN B 12 93.57 -39.11 -21.33
C ASN B 12 94.06 -39.79 -20.07
N GLY B 13 94.27 -41.12 -20.13
CA GLY B 13 95.22 -41.77 -19.22
C GLY B 13 96.64 -41.31 -19.49
N SER B 14 97.58 -41.43 -18.52
CA SER B 14 98.94 -40.95 -18.76
C SER B 14 99.66 -41.59 -19.93
N GLY B 15 100.39 -40.77 -20.69
CA GLY B 15 101.16 -41.21 -21.85
C GLY B 15 100.54 -40.83 -23.16
N LEU B 16 99.22 -41.03 -23.35
CA LEU B 16 98.57 -40.83 -24.63
C LEU B 16 97.19 -40.22 -24.52
N VAL B 17 96.94 -39.16 -25.31
CA VAL B 17 95.63 -38.62 -25.55
C VAL B 17 95.06 -39.36 -26.74
N LYS B 18 93.82 -39.84 -26.64
CA LYS B 18 93.11 -40.42 -27.76
C LYS B 18 91.79 -39.69 -27.85
N ALA B 19 91.45 -39.08 -29.01
CA ALA B 19 90.30 -38.22 -29.10
C ALA B 19 89.62 -38.23 -30.47
N GLY B 20 88.30 -37.99 -30.50
CA GLY B 20 87.53 -37.98 -31.74
C GLY B 20 86.07 -37.82 -31.47
N PHE B 21 85.22 -38.20 -32.44
CA PHE B 21 83.78 -38.03 -32.33
C PHE B 21 83.12 -39.30 -31.84
N ALA B 22 82.00 -39.17 -31.11
CA ALA B 22 81.05 -40.25 -30.94
C ALA B 22 80.36 -40.61 -32.25
N GLY B 23 80.14 -41.91 -32.50
CA GLY B 23 79.56 -42.42 -33.73
C GLY B 23 80.59 -42.98 -34.68
N ASP B 24 81.87 -42.65 -34.46
CA ASP B 24 82.99 -43.35 -35.05
C ASP B 24 83.32 -44.62 -34.27
N ASP B 25 83.91 -45.62 -34.94
CA ASP B 25 84.47 -46.79 -34.28
C ASP B 25 85.94 -46.59 -33.92
N ALA B 26 86.60 -45.53 -34.45
CA ALA B 26 88.00 -45.26 -34.15
C ALA B 26 88.31 -43.76 -34.16
N PRO B 27 89.27 -43.26 -33.38
CA PRO B 27 89.46 -41.82 -33.13
C PRO B 27 90.03 -41.04 -34.32
N ARG B 28 90.06 -39.70 -34.20
CA ARG B 28 90.63 -38.83 -35.23
C ARG B 28 91.99 -38.30 -34.83
N ALA B 29 92.32 -38.28 -33.54
CA ALA B 29 93.58 -37.78 -33.06
C ALA B 29 94.11 -38.70 -31.97
N VAL B 30 95.35 -39.19 -32.12
CA VAL B 30 96.04 -39.92 -31.08
C VAL B 30 97.44 -39.32 -30.98
N PHE B 31 97.87 -38.89 -29.78
CA PHE B 31 99.15 -38.23 -29.64
C PHE B 31 99.63 -38.31 -28.19
N PRO B 32 100.89 -38.11 -27.83
CA PRO B 32 101.33 -38.26 -26.46
C PRO B 32 100.96 -37.10 -25.55
N SER B 33 100.53 -37.40 -24.30
CA SER B 33 100.13 -36.40 -23.30
C SER B 33 101.31 -35.70 -22.67
N ILE B 34 102.10 -34.96 -23.46
CA ILE B 34 103.30 -34.26 -23.03
C ILE B 34 103.17 -32.78 -23.30
N VAL B 35 103.75 -31.99 -22.38
CA VAL B 35 103.90 -30.56 -22.52
C VAL B 35 105.41 -30.31 -22.43
N GLY B 36 106.00 -29.76 -23.49
CA GLY B 36 107.44 -29.62 -23.64
C GLY B 36 107.87 -28.19 -23.69
N ARG B 37 108.55 -27.72 -22.64
CA ARG B 37 108.92 -26.32 -22.49
C ARG B 37 110.40 -26.14 -22.86
N PRO B 38 110.86 -25.00 -23.38
CA PRO B 38 112.22 -24.93 -23.90
C PRO B 38 113.16 -24.56 -22.77
N ARG B 39 113.93 -25.56 -22.31
CA ARG B 39 114.95 -25.46 -21.28
C ARG B 39 116.10 -24.53 -21.63
N HIS B 40 116.57 -24.59 -22.88
CA HIS B 40 117.70 -23.79 -23.32
C HIS B 40 117.21 -22.50 -23.94
N GLN B 41 117.69 -21.34 -23.46
CA GLN B 41 117.42 -20.06 -24.11
C GLN B 41 117.93 -19.99 -25.55
N GLY B 42 117.12 -19.48 -26.48
CA GLY B 42 117.49 -19.41 -27.89
C GLY B 42 117.99 -18.04 -28.26
N VAL B 43 119.09 -17.97 -29.03
CA VAL B 43 119.67 -16.72 -29.46
C VAL B 43 119.59 -16.63 -30.98
N MET B 44 118.46 -16.13 -31.49
CA MET B 44 118.19 -15.87 -32.89
C MET B 44 117.09 -14.82 -32.86
N VAL B 45 116.74 -14.22 -34.01
CA VAL B 45 115.62 -13.30 -34.13
C VAL B 45 114.64 -13.96 -35.09
N GLY B 46 113.32 -13.88 -34.81
CA GLY B 46 112.27 -14.47 -35.65
C GLY B 46 111.77 -15.81 -35.20
N MET B 47 112.28 -16.35 -34.09
CA MET B 47 111.76 -17.59 -33.53
C MET B 47 110.51 -17.37 -32.71
N GLY B 48 109.39 -18.01 -33.10
CA GLY B 48 108.23 -18.31 -32.26
C GLY B 48 107.58 -17.14 -31.52
N GLN B 49 107.80 -16.96 -30.19
CA GLN B 49 108.64 -17.74 -29.30
C GLN B 49 108.02 -19.05 -28.86
N LYS B 50 106.75 -19.00 -28.38
CA LYS B 50 106.03 -20.12 -27.77
C LYS B 50 106.53 -20.46 -26.37
N ASP B 51 105.64 -20.43 -25.35
CA ASP B 51 105.89 -20.91 -23.99
C ASP B 51 106.24 -22.40 -23.98
N SER B 52 105.53 -23.18 -24.79
CA SER B 52 105.61 -24.62 -24.71
C SER B 52 105.15 -25.20 -26.02
N TYR B 53 105.55 -26.46 -26.28
CA TYR B 53 105.09 -27.25 -27.39
C TYR B 53 104.29 -28.39 -26.82
N VAL B 54 103.16 -28.74 -27.45
CA VAL B 54 102.23 -29.73 -26.94
C VAL B 54 102.19 -30.85 -27.96
N GLY B 55 101.87 -32.10 -27.54
CA GLY B 55 101.71 -33.23 -28.46
C GLY B 55 102.96 -33.63 -29.21
N ASP B 56 102.90 -33.67 -30.54
CA ASP B 56 103.97 -34.17 -31.36
C ASP B 56 104.87 -33.06 -31.90
N GLU B 57 104.54 -31.76 -31.70
CA GLU B 57 105.54 -30.70 -31.86
C GLU B 57 106.67 -30.87 -30.83
N ALA B 58 106.30 -31.26 -29.60
CA ALA B 58 107.22 -31.69 -28.56
C ALA B 58 108.00 -32.98 -28.88
N GLN B 59 107.35 -33.98 -29.52
CA GLN B 59 108.05 -35.18 -30.00
C GLN B 59 109.11 -34.88 -31.06
N SER B 60 108.79 -33.98 -32.00
CA SER B 60 109.66 -33.57 -33.09
C SER B 60 110.87 -32.76 -32.64
N LYS B 61 110.66 -31.73 -31.79
CA LYS B 61 111.69 -30.78 -31.41
C LYS B 61 112.34 -31.14 -30.07
N ARG B 62 112.41 -32.45 -29.78
CA ARG B 62 112.61 -33.05 -28.48
C ARG B 62 113.85 -32.66 -27.69
N GLY B 63 115.02 -32.55 -28.38
CA GLY B 63 116.31 -32.34 -27.73
C GLY B 63 116.54 -30.99 -27.08
N ILE B 64 115.90 -29.92 -27.59
CA ILE B 64 115.96 -28.58 -27.03
C ILE B 64 115.25 -28.51 -25.68
N LEU B 65 114.10 -29.18 -25.64
CA LEU B 65 113.10 -29.14 -24.60
C LEU B 65 113.47 -29.82 -23.30
N THR B 66 112.63 -29.56 -22.28
CA THR B 66 112.42 -30.49 -21.18
C THR B 66 110.95 -30.87 -21.26
N LEU B 67 110.64 -32.17 -21.12
CA LEU B 67 109.30 -32.67 -21.35
C LEU B 67 108.65 -33.01 -20.03
N LYS B 68 107.42 -32.54 -19.83
CA LYS B 68 106.64 -32.86 -18.66
C LYS B 68 105.35 -33.57 -19.05
N TYR B 69 105.14 -34.80 -18.51
CA TYR B 69 103.81 -35.39 -18.41
C TYR B 69 103.02 -34.62 -17.33
N PRO B 70 101.77 -34.21 -17.52
CA PRO B 70 101.04 -33.56 -16.44
C PRO B 70 100.33 -34.62 -15.64
N ILE B 71 100.00 -35.78 -16.21
CA ILE B 71 99.30 -36.83 -15.51
C ILE B 71 100.29 -37.86 -15.02
N GLU B 72 100.40 -38.05 -13.70
CA GLU B 72 101.30 -39.02 -13.10
C GLU B 72 100.50 -39.89 -12.18
N HIS B 73 100.56 -41.23 -12.36
CA HIS B 73 99.80 -42.23 -11.62
C HIS B 73 98.28 -42.02 -11.57
N GLY B 74 97.69 -41.53 -12.68
CA GLY B 74 96.28 -41.18 -12.77
C GLY B 74 95.90 -39.84 -12.18
N ILE B 75 96.88 -39.08 -11.66
CA ILE B 75 96.65 -37.84 -10.95
C ILE B 75 97.17 -36.69 -11.80
N ILE B 76 96.39 -35.62 -11.97
CA ILE B 76 96.86 -34.45 -12.71
C ILE B 76 97.71 -33.57 -11.80
N THR B 77 99.02 -33.48 -12.12
CA THR B 77 100.04 -32.84 -11.29
C THR B 77 100.19 -31.36 -11.55
N ASN B 78 99.72 -30.89 -12.71
CA ASN B 78 99.66 -29.47 -12.99
C ASN B 78 98.54 -29.29 -13.99
N TRP B 79 97.81 -28.17 -13.88
CA TRP B 79 96.57 -27.97 -14.59
C TRP B 79 96.69 -26.96 -15.73
N ASP B 80 97.73 -26.08 -15.82
CA ASP B 80 97.94 -25.29 -17.05
C ASP B 80 98.44 -26.20 -18.18
N ASP B 81 99.37 -27.13 -17.87
CA ASP B 81 99.81 -28.17 -18.79
C ASP B 81 98.65 -29.05 -19.30
N MET B 82 97.73 -29.51 -18.43
CA MET B 82 96.52 -30.23 -18.85
C MET B 82 95.54 -29.41 -19.67
N GLU B 83 95.28 -28.14 -19.30
CA GLU B 83 94.41 -27.24 -20.06
C GLU B 83 94.90 -27.06 -21.48
N LYS B 84 96.21 -26.84 -21.66
CA LYS B 84 96.86 -26.76 -22.95
C LYS B 84 96.70 -27.99 -23.83
N ILE B 85 96.74 -29.21 -23.25
CA ILE B 85 96.44 -30.45 -23.97
C ILE B 85 95.00 -30.50 -24.48
N TRP B 86 93.99 -30.14 -23.67
CA TRP B 86 92.62 -30.05 -24.11
C TRP B 86 92.35 -28.91 -25.10
N HIS B 87 93.00 -27.75 -24.92
CA HIS B 87 92.98 -26.65 -25.87
C HIS B 87 93.51 -27.07 -27.24
N HIS B 88 94.65 -27.78 -27.24
CA HIS B 88 95.26 -28.37 -28.42
C HIS B 88 94.37 -29.41 -29.12
N THR B 89 93.73 -30.38 -28.41
CA THR B 89 92.84 -31.36 -29.06
C THR B 89 91.66 -30.71 -29.77
N PHE B 90 90.97 -29.77 -29.11
CA PHE B 90 89.81 -29.10 -29.65
C PHE B 90 90.12 -28.21 -30.83
N TYR B 91 91.22 -27.43 -30.79
CA TYR B 91 91.44 -26.39 -31.78
C TYR B 91 92.46 -26.71 -32.85
N ASN B 92 93.33 -27.74 -32.68
CA ASN B 92 94.33 -28.05 -33.69
C ASN B 92 93.93 -29.24 -34.56
N GLU B 93 93.73 -30.44 -34.00
CA GLU B 93 93.35 -31.60 -34.79
C GLU B 93 91.86 -31.69 -35.06
N LEU B 94 91.01 -31.61 -34.01
CA LEU B 94 89.57 -31.80 -34.17
C LEU B 94 88.87 -30.62 -34.81
N ARG B 95 89.25 -29.38 -34.43
CA ARG B 95 88.77 -28.12 -35.00
C ARG B 95 87.30 -27.86 -34.76
N VAL B 96 86.89 -27.99 -33.49
CA VAL B 96 85.50 -27.94 -33.06
C VAL B 96 85.37 -26.87 -31.99
N ALA B 97 84.16 -26.32 -31.80
CA ALA B 97 83.90 -25.47 -30.65
C ALA B 97 83.25 -26.35 -29.58
N PRO B 98 83.75 -26.49 -28.34
CA PRO B 98 83.10 -27.28 -27.30
C PRO B 98 81.65 -26.88 -27.02
N GLU B 99 81.27 -25.63 -27.33
CA GLU B 99 79.94 -25.09 -27.31
C GLU B 99 78.95 -25.88 -28.16
N GLU B 100 79.40 -26.51 -29.25
CA GLU B 100 78.61 -27.35 -30.12
C GLU B 100 78.38 -28.77 -29.59
N HIS B 101 79.27 -29.29 -28.71
CA HIS B 101 79.41 -30.73 -28.52
C HIS B 101 79.31 -31.18 -27.06
N PRO B 102 78.48 -32.13 -26.66
CA PRO B 102 78.68 -32.90 -25.43
C PRO B 102 80.03 -33.60 -25.32
N THR B 103 80.78 -33.46 -24.20
CA THR B 103 82.14 -34.02 -24.10
C THR B 103 82.22 -35.13 -23.07
N LEU B 104 82.61 -36.35 -23.50
CA LEU B 104 82.86 -37.47 -22.61
C LEU B 104 84.35 -37.59 -22.31
N LEU B 105 84.70 -37.65 -21.02
CA LEU B 105 86.05 -37.87 -20.55
C LEU B 105 86.14 -39.18 -19.81
N THR B 106 87.30 -39.86 -19.91
CA THR B 106 87.55 -41.10 -19.19
C THR B 106 88.33 -40.85 -17.91
N GLU B 107 88.15 -41.68 -16.87
CA GLU B 107 88.76 -41.46 -15.57
C GLU B 107 89.01 -42.80 -14.86
N ALA B 108 89.96 -42.82 -13.89
CA ALA B 108 90.60 -44.03 -13.41
C ALA B 108 89.97 -44.64 -12.13
N PRO B 109 89.86 -45.97 -11.99
CA PRO B 109 89.50 -46.61 -10.72
C PRO B 109 90.31 -46.20 -9.51
N LEU B 110 89.64 -45.84 -8.39
CA LEU B 110 90.30 -45.46 -7.14
C LEU B 110 91.21 -44.25 -7.30
N ASN B 111 90.60 -43.13 -7.71
CA ASN B 111 91.26 -41.87 -7.99
C ASN B 111 90.73 -40.83 -7.00
N PRO B 112 91.55 -39.98 -6.36
CA PRO B 112 91.10 -38.83 -5.60
C PRO B 112 89.99 -37.99 -6.21
N LYS B 113 88.99 -37.59 -5.38
CA LYS B 113 87.78 -36.92 -5.81
C LYS B 113 88.00 -35.64 -6.58
N ALA B 114 89.05 -34.89 -6.18
CA ALA B 114 89.51 -33.66 -6.78
C ALA B 114 89.84 -33.78 -8.26
N ASN B 115 90.32 -34.95 -8.75
CA ASN B 115 90.50 -35.17 -10.17
C ASN B 115 89.18 -35.09 -10.94
N ARG B 116 88.08 -35.73 -10.47
CA ARG B 116 86.76 -35.54 -11.08
C ARG B 116 86.21 -34.13 -10.95
N GLU B 117 86.25 -33.57 -9.73
CA GLU B 117 85.67 -32.29 -9.37
C GLU B 117 86.36 -31.09 -10.04
N LYS B 118 87.71 -31.08 -10.15
CA LYS B 118 88.43 -30.08 -10.91
C LYS B 118 88.31 -30.25 -12.43
N MET B 119 88.26 -31.51 -12.93
CA MET B 119 88.08 -31.83 -14.34
C MET B 119 86.75 -31.34 -14.90
N THR B 120 85.64 -31.53 -14.15
CA THR B 120 84.34 -30.96 -14.50
C THR B 120 84.34 -29.44 -14.47
N GLN B 121 85.00 -28.80 -13.48
CA GLN B 121 85.16 -27.36 -13.48
C GLN B 121 85.91 -26.82 -14.70
N ILE B 122 87.04 -27.42 -15.11
CA ILE B 122 87.77 -26.98 -16.31
C ILE B 122 86.96 -27.15 -17.58
N MET B 123 86.27 -28.30 -17.76
CA MET B 123 85.38 -28.44 -18.88
C MET B 123 84.19 -27.50 -18.87
N PHE B 124 83.51 -27.24 -17.73
CA PHE B 124 82.45 -26.26 -17.71
C PHE B 124 82.86 -24.80 -17.80
N GLU B 125 83.97 -24.38 -17.16
CA GLU B 125 84.33 -22.98 -17.05
C GLU B 125 85.46 -22.52 -17.97
N THR B 126 86.34 -23.41 -18.47
CA THR B 126 87.38 -23.00 -19.44
C THR B 126 86.88 -23.09 -20.87
N PHE B 127 86.29 -24.24 -21.26
CA PHE B 127 85.82 -24.42 -22.62
C PHE B 127 84.32 -24.61 -22.56
N ASN B 128 83.49 -23.58 -22.83
CA ASN B 128 82.08 -23.63 -22.53
C ASN B 128 81.36 -24.77 -23.26
N VAL B 129 80.62 -25.64 -22.53
CA VAL B 129 80.21 -26.93 -23.08
C VAL B 129 78.76 -27.19 -22.68
N PRO B 130 77.84 -27.74 -23.50
CA PRO B 130 76.45 -27.93 -23.10
C PRO B 130 76.28 -28.99 -22.04
N ALA B 131 77.09 -30.06 -22.11
CA ALA B 131 77.00 -31.17 -21.23
C ALA B 131 78.28 -31.99 -21.27
N MET B 132 78.51 -32.83 -20.24
CA MET B 132 79.70 -33.65 -20.20
C MET B 132 79.47 -34.86 -19.32
N TYR B 133 80.43 -35.79 -19.29
CA TYR B 133 80.35 -36.92 -18.39
C TYR B 133 81.78 -37.36 -18.12
N VAL B 134 82.04 -37.96 -16.95
CA VAL B 134 83.30 -38.60 -16.64
C VAL B 134 82.97 -40.06 -16.39
N ALA B 135 83.74 -40.98 -16.99
CA ALA B 135 83.37 -42.39 -16.95
C ALA B 135 84.57 -43.26 -16.67
N ILE B 136 84.37 -44.30 -15.84
CA ILE B 136 85.43 -45.21 -15.46
C ILE B 136 86.01 -46.05 -16.61
N GLN B 137 87.35 -46.05 -16.78
CA GLN B 137 88.05 -46.59 -17.95
C GLN B 137 87.74 -48.03 -18.32
N ALA B 138 87.77 -48.93 -17.32
CA ALA B 138 87.54 -50.35 -17.46
C ALA B 138 86.15 -50.75 -17.95
N VAL B 139 85.09 -50.03 -17.53
CA VAL B 139 83.74 -50.24 -18.02
C VAL B 139 83.62 -49.89 -19.50
N LEU B 140 84.28 -48.80 -19.94
CA LEU B 140 84.35 -48.45 -21.35
C LEU B 140 85.05 -49.52 -22.19
N SER B 141 86.19 -50.06 -21.75
CA SER B 141 86.87 -51.13 -22.48
C SER B 141 86.08 -52.44 -22.56
N LEU B 142 85.28 -52.76 -21.52
CA LEU B 142 84.27 -53.83 -21.57
C LEU B 142 83.21 -53.62 -22.66
N TYR B 143 82.64 -52.39 -22.78
CA TYR B 143 81.70 -52.02 -23.83
C TYR B 143 82.27 -52.17 -25.23
N ALA B 144 83.54 -51.75 -25.43
CA ALA B 144 84.27 -51.92 -26.68
C ALA B 144 84.44 -53.38 -27.10
N SER B 145 84.62 -54.27 -26.12
CA SER B 145 84.80 -55.70 -26.35
C SER B 145 83.46 -56.44 -26.41
N GLY B 146 82.33 -55.71 -26.34
CA GLY B 146 80.98 -56.25 -26.57
C GLY B 146 80.43 -57.20 -25.54
N ARG B 147 80.87 -57.09 -24.26
CA ARG B 147 80.58 -58.07 -23.24
C ARG B 147 79.77 -57.43 -22.11
N THR B 148 78.89 -58.21 -21.45
CA THR B 148 78.10 -57.75 -20.33
C THR B 148 78.75 -58.12 -19.00
N THR B 149 79.70 -59.06 -19.04
CA THR B 149 80.27 -59.74 -17.87
C THR B 149 81.73 -59.97 -18.16
N GLY B 150 82.59 -59.80 -17.15
CA GLY B 150 84.02 -60.03 -17.30
C GLY B 150 84.79 -59.32 -16.25
N ILE B 151 86.09 -59.63 -16.18
CA ILE B 151 87.00 -58.93 -15.28
C ILE B 151 87.98 -58.20 -16.15
N VAL B 152 88.09 -56.89 -15.96
CA VAL B 152 88.87 -56.03 -16.84
C VAL B 152 90.17 -55.68 -16.17
N LEU B 153 91.29 -56.01 -16.83
CA LEU B 153 92.62 -55.59 -16.46
C LEU B 153 93.04 -54.50 -17.42
N ASP B 154 93.08 -53.26 -16.91
CA ASP B 154 93.28 -52.07 -17.71
C ASP B 154 94.59 -51.43 -17.25
N SER B 155 95.56 -51.25 -18.16
CA SER B 155 96.80 -50.61 -17.76
C SER B 155 97.45 -49.78 -18.85
N GLY B 156 97.72 -48.49 -18.55
CA GLY B 156 98.38 -47.57 -19.48
C GLY B 156 99.82 -47.33 -19.12
N ASP B 157 100.34 -46.16 -19.53
CA ASP B 157 101.56 -45.59 -18.99
C ASP B 157 101.15 -44.71 -17.78
N GLY B 158 99.92 -44.96 -17.25
CA GLY B 158 99.28 -44.28 -16.11
C GLY B 158 99.39 -45.05 -14.84
N VAL B 159 98.59 -46.12 -14.63
CA VAL B 159 98.59 -47.02 -13.48
C VAL B 159 97.89 -48.28 -13.99
N THR B 160 97.91 -49.40 -13.24
CA THR B 160 97.19 -50.63 -13.54
C THR B 160 95.95 -50.71 -12.67
N HIS B 161 94.77 -50.90 -13.28
CA HIS B 161 93.50 -50.98 -12.59
C HIS B 161 92.79 -52.27 -12.95
N ASN B 162 92.05 -52.85 -12.00
CA ASN B 162 91.33 -54.08 -12.20
C ASN B 162 89.89 -53.90 -11.72
N VAL B 163 88.89 -54.12 -12.61
CA VAL B 163 87.48 -53.98 -12.27
C VAL B 163 86.74 -55.26 -12.65
N PRO B 164 86.16 -56.02 -11.73
CA PRO B 164 85.22 -57.08 -12.08
C PRO B 164 83.80 -56.56 -12.30
N ILE B 165 83.09 -57.10 -13.30
CA ILE B 165 81.75 -56.69 -13.69
C ILE B 165 80.93 -57.96 -13.96
N TYR B 166 79.63 -57.97 -13.60
CA TYR B 166 78.77 -59.13 -13.81
C TYR B 166 77.40 -58.66 -14.24
N GLU B 167 77.01 -58.99 -15.49
CA GLU B 167 75.77 -58.63 -16.17
C GLU B 167 75.38 -57.17 -16.04
N GLY B 168 76.32 -56.29 -16.46
CA GLY B 168 76.34 -54.90 -16.02
C GLY B 168 76.87 -54.78 -14.61
N TYR B 169 76.20 -53.96 -13.77
CA TYR B 169 76.59 -53.67 -12.40
C TYR B 169 78.05 -53.26 -12.20
N ALA B 170 78.67 -53.69 -11.08
CA ALA B 170 80.02 -53.39 -10.64
C ALA B 170 80.08 -53.78 -9.18
N LEU B 171 81.25 -54.19 -8.67
CA LEU B 171 81.42 -54.51 -7.26
C LEU B 171 82.46 -53.57 -6.66
N PRO B 172 82.12 -52.52 -5.92
CA PRO B 172 83.08 -51.51 -5.48
C PRO B 172 84.17 -52.02 -4.55
N HIS B 173 83.88 -53.06 -3.75
CA HIS B 173 84.81 -53.65 -2.82
C HIS B 173 85.80 -54.58 -3.47
N ALA B 174 85.54 -55.00 -4.72
CA ALA B 174 86.37 -55.91 -5.46
C ALA B 174 87.13 -55.22 -6.58
N ILE B 175 87.00 -53.88 -6.71
CA ILE B 175 87.84 -53.07 -7.56
C ILE B 175 89.23 -52.92 -6.95
N MET B 176 90.28 -53.26 -7.72
CA MET B 176 91.64 -53.18 -7.25
C MET B 176 92.42 -52.20 -8.09
N ARG B 177 93.30 -51.44 -7.43
CA ARG B 177 94.22 -50.53 -8.06
C ARG B 177 95.61 -51.01 -7.70
N LEU B 178 96.48 -51.12 -8.71
CA LEU B 178 97.86 -51.52 -8.53
C LEU B 178 98.72 -50.47 -9.19
N ASP B 179 99.44 -49.66 -8.38
CA ASP B 179 100.32 -48.63 -8.87
C ASP B 179 101.63 -49.17 -9.45
N LEU B 180 101.47 -49.86 -10.59
CA LEU B 180 102.48 -50.21 -11.57
C LEU B 180 101.94 -49.73 -12.89
N ALA B 181 102.68 -48.89 -13.60
CA ALA B 181 102.30 -48.43 -14.91
C ALA B 181 103.34 -48.84 -15.93
N GLY B 182 103.02 -48.67 -17.24
CA GLY B 182 104.02 -48.77 -18.29
C GLY B 182 105.12 -47.75 -18.17
N ARG B 183 104.82 -46.61 -17.55
CA ARG B 183 105.77 -45.55 -17.27
C ARG B 183 106.85 -45.97 -16.27
N ASP B 184 106.48 -46.69 -15.19
CA ASP B 184 107.42 -47.27 -14.25
C ASP B 184 108.30 -48.33 -14.91
N LEU B 185 107.74 -49.09 -15.87
CA LEU B 185 108.52 -49.95 -16.76
C LEU B 185 109.51 -49.18 -17.63
N THR B 186 109.18 -47.95 -18.11
CA THR B 186 110.11 -47.07 -18.81
C THR B 186 111.31 -46.69 -17.94
N ASP B 187 111.07 -46.29 -16.67
CA ASP B 187 112.11 -46.00 -15.68
C ASP B 187 112.93 -47.25 -15.32
N TYR B 188 112.28 -48.41 -15.15
CA TYR B 188 112.94 -49.71 -14.99
C TYR B 188 113.83 -50.07 -16.18
N LEU B 189 113.36 -49.83 -17.43
CA LEU B 189 114.13 -50.07 -18.64
C LEU B 189 115.40 -49.24 -18.75
N MET B 190 115.34 -47.92 -18.51
CA MET B 190 116.56 -47.10 -18.45
C MET B 190 117.49 -47.48 -17.31
N LYS B 191 116.95 -47.86 -16.14
CA LYS B 191 117.74 -48.42 -15.04
C LYS B 191 118.44 -49.74 -15.36
N ILE B 192 117.78 -50.69 -16.07
CA ILE B 192 118.44 -51.93 -16.48
C ILE B 192 119.48 -51.73 -17.59
N LEU B 193 119.25 -50.83 -18.58
CA LEU B 193 120.15 -50.58 -19.70
C LEU B 193 121.57 -50.16 -19.31
N THR B 194 121.76 -49.56 -18.12
CA THR B 194 123.07 -49.15 -17.63
C THR B 194 123.97 -50.33 -17.27
N GLU B 195 123.42 -51.55 -17.08
CA GLU B 195 124.20 -52.78 -16.91
C GLU B 195 125.03 -53.12 -18.14
N ARG B 196 124.52 -52.75 -19.33
CA ARG B 196 125.21 -52.94 -20.60
C ARG B 196 125.93 -51.66 -21.03
N GLY B 197 126.01 -50.66 -20.12
CA GLY B 197 126.72 -49.40 -20.36
C GLY B 197 125.95 -48.34 -21.10
N TYR B 198 124.66 -48.55 -21.38
CA TYR B 198 123.87 -47.58 -22.12
C TYR B 198 123.19 -46.58 -21.19
N SER B 199 123.88 -45.47 -20.89
CA SER B 199 123.37 -44.45 -19.99
C SER B 199 122.50 -43.43 -20.68
N PHE B 200 121.21 -43.42 -20.32
CA PHE B 200 120.22 -42.47 -20.81
C PHE B 200 119.68 -41.75 -19.58
N VAL B 201 119.57 -40.40 -19.61
CA VAL B 201 119.45 -39.64 -18.36
C VAL B 201 118.42 -38.50 -18.41
N THR B 202 118.10 -37.96 -19.60
CA THR B 202 117.18 -36.84 -19.77
C THR B 202 115.86 -37.37 -20.31
N THR B 203 114.77 -36.59 -20.21
CA THR B 203 113.43 -36.96 -20.66
C THR B 203 113.32 -37.29 -22.14
N ALA B 204 114.14 -36.64 -23.01
CA ALA B 204 114.14 -36.86 -24.44
C ALA B 204 114.50 -38.29 -24.87
N GLU B 205 115.59 -38.86 -24.33
CA GLU B 205 115.98 -40.23 -24.57
C GLU B 205 115.30 -41.21 -23.63
N ARG B 206 114.67 -40.73 -22.54
CA ARG B 206 113.70 -41.51 -21.79
C ARG B 206 112.49 -41.92 -22.63
N GLU B 207 112.03 -41.06 -23.56
CA GLU B 207 111.04 -41.49 -24.54
C GLU B 207 111.59 -42.32 -25.69
N ILE B 208 112.92 -42.31 -25.94
CA ILE B 208 113.54 -43.31 -26.82
C ILE B 208 113.48 -44.71 -26.22
N VAL B 209 113.73 -44.88 -24.89
CA VAL B 209 113.46 -46.17 -24.25
C VAL B 209 111.98 -46.53 -24.18
N ARG B 210 111.03 -45.57 -24.09
CA ARG B 210 109.62 -45.86 -24.32
C ARG B 210 109.34 -46.38 -25.74
N ASP B 211 109.94 -45.78 -26.77
CA ASP B 211 109.88 -46.25 -28.13
C ASP B 211 110.51 -47.65 -28.33
N ILE B 212 111.63 -47.98 -27.66
CA ILE B 212 112.16 -49.34 -27.56
C ILE B 212 111.18 -50.30 -26.88
N LYS B 213 110.57 -49.87 -25.76
CA LYS B 213 109.59 -50.61 -24.97
C LYS B 213 108.36 -51.05 -25.75
N GLU B 214 107.83 -50.19 -26.64
CA GLU B 214 106.60 -50.47 -27.37
C GLU B 214 106.80 -51.25 -28.67
N LYS B 215 108.01 -51.83 -28.94
CA LYS B 215 108.17 -52.71 -30.07
C LYS B 215 109.30 -53.74 -29.99
N LEU B 216 110.27 -53.63 -29.06
CA LEU B 216 111.27 -54.69 -28.90
C LEU B 216 110.93 -55.60 -27.75
N CYS B 217 110.40 -55.07 -26.64
CA CYS B 217 110.02 -55.81 -25.46
C CYS B 217 108.88 -56.80 -25.64
N TYR B 218 108.94 -57.91 -24.89
CA TYR B 218 107.90 -58.92 -24.86
C TYR B 218 107.93 -59.56 -23.50
N VAL B 219 106.89 -60.32 -23.13
CA VAL B 219 106.86 -61.06 -21.88
C VAL B 219 107.34 -62.47 -22.13
N ALA B 220 108.33 -62.94 -21.34
CA ALA B 220 108.77 -64.32 -21.37
C ALA B 220 107.67 -65.30 -21.02
N LEU B 221 107.51 -66.36 -21.83
CA LEU B 221 106.45 -67.36 -21.67
C LEU B 221 106.76 -68.28 -20.52
N ASP B 222 108.05 -68.40 -20.15
CA ASP B 222 108.43 -68.73 -18.79
C ASP B 222 109.80 -68.11 -18.51
N PHE B 223 109.95 -67.38 -17.37
CA PHE B 223 111.06 -66.47 -17.14
C PHE B 223 112.42 -67.14 -17.01
N GLU B 224 112.54 -68.12 -16.11
CA GLU B 224 113.76 -68.86 -15.82
C GLU B 224 114.27 -69.61 -17.02
N ASN B 225 113.35 -70.24 -17.77
CA ASN B 225 113.65 -70.92 -19.03
C ASN B 225 114.23 -69.98 -20.09
N GLU B 226 113.62 -68.80 -20.32
CA GLU B 226 114.15 -67.81 -21.24
C GLU B 226 115.45 -67.15 -20.78
N MET B 227 115.59 -66.85 -19.48
CA MET B 227 116.83 -66.37 -18.91
C MET B 227 118.00 -67.36 -18.98
N ALA B 228 117.75 -68.67 -18.80
CA ALA B 228 118.74 -69.72 -18.98
C ALA B 228 119.29 -69.83 -20.41
N THR B 229 118.42 -69.76 -21.44
CA THR B 229 118.85 -69.83 -22.85
C THR B 229 119.52 -68.54 -23.33
N ALA B 230 119.38 -67.44 -22.56
CA ALA B 230 120.10 -66.20 -22.78
C ALA B 230 121.61 -66.27 -22.54
N ALA B 231 122.11 -67.40 -22.00
CA ALA B 231 123.52 -67.75 -22.02
C ALA B 231 124.08 -67.89 -23.44
N SER B 232 123.29 -68.45 -24.36
CA SER B 232 123.63 -68.59 -25.77
C SER B 232 122.88 -67.58 -26.61
N SER B 233 123.16 -66.28 -26.40
CA SER B 233 122.67 -65.14 -27.20
C SER B 233 122.52 -65.36 -28.70
N SER B 234 121.32 -65.07 -29.22
CA SER B 234 120.98 -65.21 -30.62
C SER B 234 119.74 -64.35 -30.83
N SER B 235 118.55 -64.94 -31.14
CA SER B 235 117.26 -64.26 -31.31
C SER B 235 116.81 -63.38 -30.16
N LEU B 236 117.37 -63.65 -28.97
CA LEU B 236 117.19 -62.90 -27.74
C LEU B 236 117.88 -61.55 -27.75
N GLU B 237 118.91 -61.34 -28.58
CA GLU B 237 119.50 -60.04 -28.77
C GLU B 237 118.95 -59.40 -30.04
N LYS B 238 118.73 -58.07 -30.03
CA LYS B 238 118.26 -57.34 -31.19
C LYS B 238 118.99 -56.02 -31.25
N SER B 239 119.45 -55.69 -32.47
CA SER B 239 119.93 -54.36 -32.85
C SER B 239 118.83 -53.32 -32.82
N TYR B 240 119.18 -52.07 -32.49
CA TYR B 240 118.27 -50.95 -32.46
C TYR B 240 119.04 -49.70 -32.85
N GLU B 241 118.38 -48.77 -33.57
CA GLU B 241 118.98 -47.58 -34.13
C GLU B 241 118.46 -46.36 -33.39
N LEU B 242 119.35 -45.53 -32.79
CA LEU B 242 118.94 -44.26 -32.22
C LEU B 242 118.84 -43.18 -33.30
N PRO B 243 118.09 -42.08 -33.15
CA PRO B 243 118.06 -41.00 -34.14
C PRO B 243 119.37 -40.22 -34.19
N ASP B 244 120.27 -40.49 -33.23
CA ASP B 244 121.67 -40.16 -33.20
C ASP B 244 122.50 -40.87 -34.30
N GLY B 245 122.19 -42.16 -34.55
CA GLY B 245 123.05 -43.07 -35.32
C GLY B 245 123.86 -44.00 -34.46
N GLN B 246 123.81 -43.86 -33.11
CA GLN B 246 124.24 -44.92 -32.22
C GLN B 246 123.40 -46.20 -32.32
N VAL B 247 124.09 -47.34 -32.54
CA VAL B 247 123.48 -48.66 -32.53
C VAL B 247 123.47 -49.21 -31.09
N ILE B 248 122.32 -49.74 -30.67
CA ILE B 248 122.08 -50.27 -29.34
C ILE B 248 121.67 -51.72 -29.48
N THR B 249 122.37 -52.66 -28.82
CA THR B 249 122.01 -54.08 -28.87
C THR B 249 121.60 -54.53 -27.49
N ILE B 250 120.34 -55.01 -27.32
CA ILE B 250 119.77 -55.40 -26.03
C ILE B 250 119.35 -56.87 -25.99
N GLY B 251 119.62 -57.56 -24.86
CA GLY B 251 119.45 -59.01 -24.71
C GLY B 251 118.40 -59.47 -23.73
N ASN B 252 118.79 -60.18 -22.64
CA ASN B 252 117.91 -60.71 -21.59
C ASN B 252 117.08 -59.62 -20.89
N GLU B 253 117.76 -58.49 -20.65
CA GLU B 253 117.30 -57.11 -20.50
C GLU B 253 115.96 -56.76 -21.14
N ARG B 254 115.76 -57.15 -22.42
CA ARG B 254 114.57 -56.94 -23.23
C ARG B 254 113.30 -57.58 -22.68
N PHE B 255 113.36 -58.84 -22.18
CA PHE B 255 112.17 -59.50 -21.64
C PHE B 255 112.07 -59.40 -20.13
N ARG B 256 113.17 -59.06 -19.42
CA ARG B 256 113.08 -58.89 -17.97
C ARG B 256 112.56 -57.53 -17.54
N CYS B 257 112.42 -56.57 -18.48
CA CYS B 257 111.63 -55.37 -18.27
C CYS B 257 110.11 -55.63 -18.15
N PRO B 258 109.36 -56.35 -19.00
CA PRO B 258 107.96 -56.61 -18.74
C PRO B 258 107.70 -57.59 -17.62
N GLU B 259 108.71 -58.40 -17.23
CA GLU B 259 108.64 -59.34 -16.12
C GLU B 259 108.29 -58.68 -14.80
N THR B 260 108.70 -57.42 -14.60
CA THR B 260 108.37 -56.55 -13.47
C THR B 260 106.88 -56.43 -13.15
N LEU B 261 105.98 -56.55 -14.15
CA LEU B 261 104.54 -56.66 -13.93
C LEU B 261 104.11 -57.91 -13.15
N PHE B 262 104.83 -59.03 -13.33
CA PHE B 262 104.56 -60.32 -12.73
C PHE B 262 105.45 -60.53 -11.51
N GLN B 263 106.55 -59.76 -11.40
CA GLN B 263 107.48 -59.78 -10.29
C GLN B 263 107.77 -58.37 -9.76
N PRO B 264 106.93 -57.72 -8.94
CA PRO B 264 107.14 -56.31 -8.54
C PRO B 264 108.30 -56.12 -7.57
N SER B 265 108.89 -57.23 -7.09
CA SER B 265 110.15 -57.27 -6.36
C SER B 265 111.30 -56.62 -7.12
N PHE B 266 111.29 -56.71 -8.47
CA PHE B 266 112.27 -56.09 -9.36
C PHE B 266 112.28 -54.55 -9.31
N ILE B 267 111.10 -53.92 -9.11
CA ILE B 267 111.00 -52.47 -8.96
C ILE B 267 111.00 -52.09 -7.48
N GLY B 268 111.10 -53.09 -6.57
CA GLY B 268 111.27 -52.86 -5.15
C GLY B 268 109.99 -52.67 -4.37
N MET B 269 108.85 -53.17 -4.87
CA MET B 269 107.57 -52.99 -4.19
C MET B 269 106.97 -54.32 -3.80
N GLU B 270 106.45 -54.39 -2.57
CA GLU B 270 105.77 -55.54 -1.99
C GLU B 270 104.49 -55.94 -2.70
N SER B 271 103.72 -54.93 -3.16
CA SER B 271 102.51 -55.05 -3.97
C SER B 271 102.50 -56.16 -5.01
N ALA B 272 101.58 -57.14 -4.88
CA ALA B 272 101.49 -58.31 -5.71
C ALA B 272 101.33 -58.09 -7.22
N GLY B 273 101.76 -59.07 -8.05
CA GLY B 273 101.74 -59.01 -9.51
C GLY B 273 100.37 -58.91 -10.13
N ILE B 274 100.30 -58.65 -11.45
CA ILE B 274 99.03 -58.47 -12.17
C ILE B 274 98.12 -59.70 -12.17
N HIS B 275 98.69 -60.92 -12.22
CA HIS B 275 98.00 -62.18 -12.04
C HIS B 275 97.43 -62.35 -10.63
N GLU B 276 98.24 -62.04 -9.60
CA GLU B 276 97.85 -62.05 -8.20
C GLU B 276 96.81 -61.01 -7.81
N THR B 277 96.91 -59.76 -8.30
CA THR B 277 95.88 -58.74 -8.09
C THR B 277 94.56 -59.08 -8.74
N THR B 278 94.59 -59.68 -9.94
CA THR B 278 93.40 -60.25 -10.60
C THR B 278 92.74 -61.33 -9.77
N TYR B 279 93.53 -62.25 -9.17
CA TYR B 279 93.06 -63.26 -8.23
C TYR B 279 92.45 -62.65 -6.95
N ASN B 280 93.08 -61.60 -6.39
CA ASN B 280 92.60 -60.85 -5.24
C ASN B 280 91.23 -60.23 -5.49
N SER B 281 90.99 -59.62 -6.68
CA SER B 281 89.67 -59.15 -7.08
C SER B 281 88.62 -60.24 -7.14
N ILE B 282 88.93 -61.39 -7.79
CA ILE B 282 88.05 -62.54 -7.93
C ILE B 282 87.70 -63.18 -6.59
N MET B 283 88.65 -63.27 -5.65
CA MET B 283 88.39 -63.69 -4.28
C MET B 283 87.49 -62.76 -3.48
N LYS B 284 87.56 -61.43 -3.69
CA LYS B 284 86.62 -60.48 -3.13
C LYS B 284 85.21 -60.58 -3.71
N CYS B 285 85.08 -60.89 -5.01
CA CYS B 285 83.80 -61.20 -5.64
C CYS B 285 83.09 -62.43 -5.06
N ASP B 286 81.75 -62.36 -4.96
CA ASP B 286 80.80 -63.43 -4.73
C ASP B 286 81.14 -64.77 -5.39
N ILE B 287 80.83 -65.90 -4.71
CA ILE B 287 81.30 -67.23 -5.09
C ILE B 287 80.85 -67.70 -6.48
N ASP B 288 79.58 -67.51 -6.85
CA ASP B 288 79.03 -67.94 -8.12
C ASP B 288 79.69 -67.26 -9.35
N ILE B 289 79.89 -65.94 -9.32
CA ILE B 289 80.28 -65.17 -10.49
C ILE B 289 81.74 -65.37 -10.87
N ARG B 290 82.54 -66.01 -9.99
CA ARG B 290 83.92 -66.35 -10.27
C ARG B 290 84.08 -67.22 -11.51
N LYS B 291 83.13 -68.14 -11.78
CA LYS B 291 83.15 -69.07 -12.90
C LYS B 291 83.24 -68.38 -14.27
N ASP B 292 82.51 -67.27 -14.45
CA ASP B 292 82.41 -66.54 -15.68
C ASP B 292 83.39 -65.37 -15.71
N LEU B 293 83.79 -64.81 -14.54
CA LEU B 293 84.91 -63.87 -14.46
C LEU B 293 86.25 -64.49 -14.87
N TYR B 294 86.55 -65.73 -14.44
CA TYR B 294 87.73 -66.48 -14.87
C TYR B 294 87.79 -66.73 -16.38
N ALA B 295 86.63 -66.93 -17.03
CA ALA B 295 86.53 -67.24 -18.44
C ALA B 295 86.22 -66.03 -19.32
N ASN B 296 86.22 -64.82 -18.75
CA ASN B 296 86.00 -63.57 -19.47
C ASN B 296 86.94 -62.50 -18.94
N ASN B 297 88.23 -62.82 -18.74
CA ASN B 297 89.25 -61.84 -18.45
C ASN B 297 89.54 -60.98 -19.68
N VAL B 298 89.43 -59.65 -19.56
CA VAL B 298 89.56 -58.68 -20.63
C VAL B 298 90.80 -57.84 -20.38
N MET B 299 91.68 -57.70 -21.39
CA MET B 299 92.86 -56.86 -21.30
C MET B 299 92.71 -55.61 -22.14
N SER B 300 93.01 -54.44 -21.55
CA SER B 300 92.97 -53.17 -22.24
C SER B 300 94.09 -52.26 -21.81
N GLY B 301 94.24 -51.12 -22.52
CA GLY B 301 95.25 -50.12 -22.20
C GLY B 301 96.52 -50.27 -23.01
N GLY B 302 97.51 -49.41 -22.70
CA GLY B 302 98.73 -49.28 -23.47
C GLY B 302 99.83 -50.23 -23.11
N THR B 303 99.93 -50.68 -21.83
CA THR B 303 101.03 -51.55 -21.42
C THR B 303 100.59 -53.00 -21.33
N THR B 304 99.37 -53.32 -21.82
CA THR B 304 98.94 -54.68 -22.07
C THR B 304 99.22 -55.08 -23.50
N MET B 305 99.93 -54.23 -24.28
CA MET B 305 100.22 -54.47 -25.69
C MET B 305 101.36 -55.44 -25.99
N TYR B 306 102.29 -55.71 -25.04
CA TYR B 306 103.44 -56.57 -25.33
C TYR B 306 103.06 -58.01 -25.75
N PRO B 307 103.73 -58.67 -26.69
CA PRO B 307 103.60 -60.11 -26.92
C PRO B 307 103.80 -60.97 -25.67
N GLY B 308 103.04 -62.07 -25.52
CA GLY B 308 103.19 -63.03 -24.43
C GLY B 308 102.48 -62.72 -23.14
N ILE B 309 101.80 -61.55 -23.01
CA ILE B 309 101.07 -61.21 -21.79
C ILE B 309 99.86 -62.11 -21.55
N ALA B 310 99.02 -62.35 -22.58
CA ALA B 310 97.82 -63.15 -22.48
C ALA B 310 98.13 -64.60 -22.15
N ASP B 311 99.12 -65.13 -22.88
CA ASP B 311 99.69 -66.46 -22.81
C ASP B 311 100.23 -66.76 -21.41
N ARG B 312 101.01 -65.81 -20.86
CA ARG B 312 101.52 -65.88 -19.52
C ARG B 312 100.47 -65.74 -18.43
N MET B 313 99.55 -64.76 -18.54
CA MET B 313 98.48 -64.57 -17.59
C MET B 313 97.58 -65.79 -17.50
N GLN B 314 97.32 -66.44 -18.66
CA GLN B 314 96.65 -67.70 -18.71
C GLN B 314 97.41 -68.84 -18.02
N LYS B 315 98.75 -69.00 -18.18
CA LYS B 315 99.50 -69.98 -17.40
C LYS B 315 99.44 -69.72 -15.88
N GLU B 316 99.64 -68.46 -15.45
CA GLU B 316 99.72 -68.10 -14.04
C GLU B 316 98.38 -68.08 -13.33
N ILE B 317 97.30 -67.59 -13.95
CA ILE B 317 95.96 -67.77 -13.40
C ILE B 317 95.50 -69.23 -13.40
N THR B 318 95.78 -70.02 -14.46
CA THR B 318 95.44 -71.46 -14.47
C THR B 318 96.16 -72.26 -13.40
N ALA B 319 97.44 -71.94 -13.12
CA ALA B 319 98.20 -72.52 -12.03
C ALA B 319 97.68 -72.18 -10.62
N LEU B 320 97.29 -70.90 -10.37
CA LEU B 320 96.74 -70.48 -9.09
C LEU B 320 95.28 -70.88 -8.85
N ALA B 321 94.44 -70.84 -9.90
CA ALA B 321 93.01 -71.08 -9.78
C ALA B 321 92.64 -72.57 -9.77
N PRO B 322 91.46 -72.95 -9.31
CA PRO B 322 90.90 -74.28 -9.56
C PRO B 322 90.84 -74.67 -11.03
N SER B 323 91.43 -75.82 -11.42
CA SER B 323 91.52 -76.30 -12.79
C SER B 323 90.31 -77.16 -13.17
N THR B 324 89.24 -77.06 -12.35
CA THR B 324 87.92 -77.64 -12.56
C THR B 324 87.12 -76.82 -13.56
N MET B 325 87.58 -75.60 -13.85
CA MET B 325 87.00 -74.69 -14.79
C MET B 325 88.13 -74.16 -15.67
N LYS B 326 87.78 -73.59 -16.84
CA LYS B 326 88.78 -73.29 -17.86
C LYS B 326 88.97 -71.80 -17.99
N ILE B 327 90.18 -71.35 -17.64
CA ILE B 327 90.57 -69.96 -17.69
C ILE B 327 90.74 -69.50 -19.13
N LYS B 328 89.93 -68.51 -19.56
CA LYS B 328 90.00 -67.95 -20.90
C LYS B 328 90.20 -66.47 -20.78
N ILE B 329 91.24 -65.95 -21.45
CA ILE B 329 91.53 -64.54 -21.46
C ILE B 329 91.25 -64.04 -22.87
N ILE B 330 90.41 -63.00 -22.99
CA ILE B 330 90.15 -62.33 -24.24
C ILE B 330 90.93 -61.02 -24.24
N ALA B 331 92.11 -61.07 -24.88
CA ALA B 331 93.01 -59.95 -25.02
C ALA B 331 93.06 -59.50 -26.48
N PRO B 332 92.05 -58.81 -27.02
CA PRO B 332 91.95 -58.56 -28.46
C PRO B 332 93.11 -57.72 -28.99
N PRO B 333 93.46 -57.72 -30.29
CA PRO B 333 94.16 -56.57 -30.88
C PRO B 333 93.35 -55.29 -30.76
N GLU B 334 93.99 -54.11 -30.93
CA GLU B 334 93.37 -52.79 -30.85
C GLU B 334 93.14 -52.32 -29.40
N ARG B 335 93.63 -53.10 -28.40
CA ARG B 335 93.33 -52.94 -26.99
C ARG B 335 93.83 -51.64 -26.33
N LYS B 336 94.82 -50.97 -26.97
CA LYS B 336 95.31 -49.64 -26.65
C LYS B 336 94.23 -48.57 -26.77
N TYR B 337 93.27 -48.77 -27.70
CA TYR B 337 92.24 -47.82 -28.04
C TYR B 337 90.88 -48.18 -27.45
N SER B 338 90.72 -49.35 -26.79
CA SER B 338 89.42 -49.87 -26.33
C SER B 338 88.66 -48.96 -25.39
N VAL B 339 89.34 -48.25 -24.47
CA VAL B 339 88.72 -47.26 -23.61
C VAL B 339 88.06 -46.12 -24.41
N TRP B 340 88.73 -45.61 -25.46
CA TRP B 340 88.13 -44.64 -26.37
C TRP B 340 86.94 -45.20 -27.16
N ILE B 341 87.06 -46.43 -27.72
CA ILE B 341 86.00 -47.11 -28.47
C ILE B 341 84.77 -47.33 -27.62
N GLY B 342 84.99 -47.68 -26.33
CA GLY B 342 83.95 -47.77 -25.33
C GLY B 342 83.23 -46.49 -25.03
N GLY B 343 83.93 -45.35 -25.15
CA GLY B 343 83.34 -44.04 -25.03
C GLY B 343 82.56 -43.63 -26.25
N SER B 344 83.05 -43.95 -27.46
CA SER B 344 82.33 -43.66 -28.69
C SER B 344 81.03 -44.40 -28.84
N ILE B 345 80.99 -45.71 -28.49
CA ILE B 345 79.74 -46.45 -28.36
C ILE B 345 78.84 -45.93 -27.25
N LEU B 346 79.35 -45.62 -26.03
CA LEU B 346 78.54 -45.14 -24.93
C LEU B 346 77.84 -43.82 -25.21
N ALA B 347 78.55 -42.86 -25.83
CA ALA B 347 78.01 -41.59 -26.24
C ALA B 347 77.08 -41.68 -27.46
N SER B 348 77.04 -42.85 -28.12
CA SER B 348 76.13 -43.14 -29.22
C SER B 348 74.88 -43.89 -28.77
N LEU B 349 74.74 -44.18 -27.47
CA LEU B 349 73.54 -44.82 -26.94
C LEU B 349 72.46 -43.79 -26.66
N SER B 350 71.23 -43.99 -27.20
CA SER B 350 70.10 -43.08 -27.06
C SER B 350 69.71 -42.85 -25.61
N THR B 351 69.68 -43.93 -24.82
CA THR B 351 69.44 -43.91 -23.38
C THR B 351 70.48 -43.08 -22.61
N PHE B 352 71.76 -43.11 -23.02
CA PHE B 352 72.85 -42.39 -22.36
C PHE B 352 72.76 -40.88 -22.56
N GLN B 353 72.02 -40.40 -23.58
CA GLN B 353 71.87 -38.98 -23.81
C GLN B 353 71.01 -38.26 -22.76
N GLN B 354 70.30 -39.02 -21.89
CA GLN B 354 69.65 -38.43 -20.73
C GLN B 354 70.51 -38.57 -19.46
N MET B 355 71.70 -39.19 -19.55
CA MET B 355 72.57 -39.45 -18.40
C MET B 355 73.72 -38.46 -18.29
N TRP B 356 73.90 -37.55 -19.27
CA TRP B 356 74.91 -36.50 -19.22
C TRP B 356 74.80 -35.57 -18.00
N ILE B 357 75.93 -35.02 -17.53
CA ILE B 357 75.92 -33.88 -16.61
C ILE B 357 75.74 -32.64 -17.45
N THR B 358 74.63 -31.91 -17.29
CA THR B 358 74.38 -30.71 -18.07
C THR B 358 75.08 -29.49 -17.51
N LYS B 359 75.29 -28.44 -18.35
CA LYS B 359 75.76 -27.15 -17.90
C LYS B 359 74.84 -26.50 -16.88
N GLN B 360 73.51 -26.60 -17.06
CA GLN B 360 72.53 -26.08 -16.13
C GLN B 360 72.63 -26.71 -14.74
N GLU B 361 72.74 -28.05 -14.64
CA GLU B 361 72.94 -28.74 -13.38
C GLU B 361 74.21 -28.33 -12.65
N TYR B 362 75.32 -28.12 -13.39
CA TYR B 362 76.54 -27.55 -12.84
C TYR B 362 76.34 -26.12 -12.33
N ASP B 363 75.70 -25.24 -13.13
CA ASP B 363 75.46 -23.86 -12.76
C ASP B 363 74.55 -23.73 -11.53
N GLU B 364 73.48 -24.54 -11.44
CA GLU B 364 72.62 -24.65 -10.28
C GLU B 364 73.24 -25.27 -9.03
N ALA B 365 74.00 -26.39 -9.17
CA ALA B 365 74.40 -27.20 -8.02
C ALA B 365 75.90 -27.41 -7.80
N GLY B 366 76.78 -26.81 -8.63
CA GLY B 366 78.22 -26.75 -8.42
C GLY B 366 79.06 -28.01 -8.61
N PRO B 367 80.39 -27.93 -8.42
CA PRO B 367 81.33 -28.99 -8.79
C PRO B 367 81.16 -30.35 -8.16
N SER B 368 80.56 -30.46 -6.95
CA SER B 368 80.53 -31.69 -6.16
C SER B 368 79.56 -32.73 -6.72
N ILE B 369 78.67 -32.33 -7.64
CA ILE B 369 77.61 -33.16 -8.18
C ILE B 369 78.05 -34.31 -9.07
N VAL B 370 79.34 -34.40 -9.44
CA VAL B 370 79.89 -35.51 -10.20
C VAL B 370 79.68 -36.85 -9.50
N HIS B 371 79.91 -36.86 -8.18
CA HIS B 371 79.84 -38.06 -7.35
C HIS B 371 78.42 -38.26 -6.82
N ARG B 372 77.46 -37.49 -7.36
CA ARG B 372 76.04 -37.55 -7.06
C ARG B 372 75.25 -37.96 -8.30
N LYS B 373 75.93 -38.16 -9.45
CA LYS B 373 75.27 -38.62 -10.68
C LYS B 373 76.05 -39.76 -11.33
N CYS B 374 77.39 -39.83 -11.15
CA CYS B 374 78.18 -40.80 -11.89
C CYS B 374 79.33 -41.36 -11.07
N PHE B 375 80.06 -42.29 -11.69
CA PHE B 375 81.13 -43.08 -11.11
C PHE B 375 82.49 -42.53 -11.61
N GLU C 2 113.36 8.77 -48.61
CA GLU C 2 113.05 7.50 -49.34
C GLU C 2 112.74 6.39 -48.36
N ASP C 3 111.91 5.41 -48.76
CA ASP C 3 111.49 4.30 -47.95
C ASP C 3 112.65 3.42 -47.49
N GLU C 4 112.59 2.99 -46.20
CA GLU C 4 113.61 2.23 -45.48
C GLU C 4 114.93 2.98 -45.18
N THR C 5 115.23 4.08 -45.91
CA THR C 5 116.54 4.75 -46.11
C THR C 5 117.61 3.92 -46.82
N THR C 6 117.52 2.58 -46.68
CA THR C 6 118.47 1.52 -47.04
C THR C 6 119.27 1.17 -45.81
N ALA C 7 120.47 0.60 -45.96
CA ALA C 7 121.33 0.33 -44.84
C ALA C 7 122.69 0.08 -45.41
N LEU C 8 123.73 0.04 -44.57
CA LEU C 8 125.07 -0.27 -44.99
C LEU C 8 125.49 -1.56 -44.33
N VAL C 9 126.22 -2.41 -45.07
CA VAL C 9 126.71 -3.68 -44.58
C VAL C 9 128.20 -3.68 -44.76
N CYS C 10 128.97 -4.03 -43.71
CA CYS C 10 130.41 -4.09 -43.78
C CYS C 10 130.93 -5.36 -43.12
N ASP C 11 131.71 -6.13 -43.89
CA ASP C 11 132.40 -7.33 -43.47
C ASP C 11 133.86 -6.94 -43.33
N ASN C 12 134.45 -7.25 -42.17
CA ASN C 12 135.81 -6.87 -41.85
C ASN C 12 136.40 -7.99 -41.00
N GLY C 13 136.36 -9.24 -41.52
CA GLY C 13 137.34 -10.23 -41.13
C GLY C 13 138.74 -9.85 -41.57
N SER C 14 139.81 -10.37 -40.96
CA SER C 14 141.16 -9.99 -41.37
C SER C 14 141.50 -10.29 -42.82
N GLY C 15 142.21 -9.34 -43.46
CA GLY C 15 142.67 -9.47 -44.84
C GLY C 15 141.88 -8.64 -45.81
N LEU C 16 140.53 -8.63 -45.73
CA LEU C 16 139.71 -7.96 -46.72
C LEU C 16 138.50 -7.27 -46.11
N VAL C 17 138.30 -5.99 -46.47
CA VAL C 17 137.07 -5.28 -46.22
C VAL C 17 136.14 -5.57 -47.38
N LYS C 18 134.90 -5.96 -47.10
CA LYS C 18 133.87 -6.05 -48.12
C LYS C 18 132.73 -5.20 -47.62
N ALA C 19 132.28 -4.19 -48.37
CA ALA C 19 131.33 -3.22 -47.82
C ALA C 19 130.40 -2.67 -48.89
N GLY C 20 129.20 -2.23 -48.51
CA GLY C 20 128.26 -1.65 -49.48
C GLY C 20 126.92 -1.45 -48.87
N PHE C 21 125.89 -1.19 -49.71
CA PHE C 21 124.54 -1.05 -49.23
C PHE C 21 123.83 -2.38 -49.02
N ALA C 22 122.88 -2.45 -48.08
CA ALA C 22 121.93 -3.54 -48.00
C ALA C 22 121.00 -3.64 -49.21
N GLY C 23 120.72 -4.89 -49.65
CA GLY C 23 119.79 -5.19 -50.74
C GLY C 23 120.35 -4.98 -52.12
N ASP C 24 121.58 -4.44 -52.21
CA ASP C 24 122.50 -4.71 -53.28
C ASP C 24 123.08 -6.11 -53.04
N ASP C 25 123.06 -6.98 -54.06
CA ASP C 25 123.45 -8.37 -53.94
C ASP C 25 124.97 -8.53 -53.95
N ALA C 26 125.68 -7.79 -54.84
CA ALA C 26 127.11 -7.59 -54.75
C ALA C 26 127.46 -6.31 -53.99
N PRO C 27 128.61 -6.18 -53.32
CA PRO C 27 128.96 -5.03 -52.48
C PRO C 27 129.18 -3.75 -53.28
N ARG C 28 129.72 -2.70 -52.65
CA ARG C 28 130.09 -1.50 -53.37
C ARG C 28 131.53 -1.07 -53.11
N ALA C 29 132.26 -1.79 -52.24
CA ALA C 29 133.70 -1.70 -52.15
C ALA C 29 134.24 -3.03 -51.69
N VAL C 30 135.33 -3.53 -52.30
CA VAL C 30 136.09 -4.65 -51.78
C VAL C 30 137.57 -4.29 -51.86
N PHE C 31 138.32 -4.37 -50.75
CA PHE C 31 139.72 -3.96 -50.77
C PHE C 31 140.44 -4.57 -49.57
N PRO C 32 141.76 -4.64 -49.50
CA PRO C 32 142.44 -5.27 -48.37
C PRO C 32 142.46 -4.42 -47.11
N SER C 33 142.23 -5.04 -45.92
CA SER C 33 142.23 -4.37 -44.63
C SER C 33 143.62 -4.04 -44.13
N ILE C 34 144.35 -3.18 -44.85
CA ILE C 34 145.71 -2.78 -44.53
C ILE C 34 145.80 -1.28 -44.33
N VAL C 35 146.67 -0.88 -43.38
CA VAL C 35 147.05 0.49 -43.15
C VAL C 35 148.55 0.53 -43.35
N GLY C 36 149.02 1.32 -44.34
CA GLY C 36 150.40 1.33 -44.78
C GLY C 36 151.06 2.65 -44.54
N ARG C 37 152.02 2.69 -43.61
CA ARG C 37 152.65 3.92 -43.17
C ARG C 37 154.03 4.06 -43.82
N PRO C 38 154.56 5.24 -44.10
CA PRO C 38 155.79 5.34 -44.87
C PRO C 38 156.99 5.24 -43.94
N ARG C 39 157.63 4.07 -43.96
CA ARG C 39 158.82 3.72 -43.20
C ARG C 39 160.03 4.58 -43.55
N HIS C 40 160.24 4.85 -44.84
CA HIS C 40 161.37 5.62 -45.30
C HIS C 40 161.01 7.08 -45.40
N GLN C 41 161.78 7.99 -44.74
CA GLN C 41 161.61 9.41 -44.92
C GLN C 41 161.84 9.87 -46.36
N GLY C 42 160.93 10.72 -46.89
CA GLY C 42 161.02 11.19 -48.26
C GLY C 42 161.70 12.53 -48.35
N VAL C 43 162.58 12.72 -49.33
CA VAL C 43 163.29 13.99 -49.52
C VAL C 43 162.94 14.53 -50.89
N MET C 44 161.85 15.32 -50.96
CA MET C 44 161.36 16.03 -52.12
C MET C 44 160.51 17.13 -51.53
N VAL C 45 160.05 18.10 -52.35
CA VAL C 45 159.10 19.11 -51.93
C VAL C 45 157.85 18.90 -52.77
N GLY C 46 156.64 19.02 -52.17
CA GLY C 46 155.38 18.85 -52.88
C GLY C 46 154.74 17.49 -52.73
N MET C 47 155.36 16.57 -51.96
CA MET C 47 154.75 15.29 -51.67
C MET C 47 153.73 15.38 -50.54
N GLY C 48 152.47 15.00 -50.83
CA GLY C 48 151.46 14.59 -49.83
C GLY C 48 151.18 15.53 -48.67
N GLN C 49 151.69 15.29 -47.45
CA GLN C 49 152.55 14.20 -47.03
C GLN C 49 151.82 12.87 -46.85
N LYS C 50 150.69 12.91 -46.10
CA LYS C 50 149.91 11.74 -45.67
C LYS C 50 150.62 10.89 -44.59
N ASP C 51 149.97 10.74 -43.40
CA ASP C 51 150.38 9.83 -42.32
C ASP C 51 150.44 8.39 -42.79
N SER C 52 149.46 7.98 -43.60
CA SER C 52 149.31 6.60 -43.95
C SER C 52 148.51 6.49 -45.21
N TYR C 53 148.62 5.35 -45.90
CA TYR C 53 147.82 4.99 -47.04
C TYR C 53 146.95 3.82 -46.62
N VAL C 54 145.69 3.80 -47.05
CA VAL C 54 144.71 2.80 -46.62
C VAL C 54 144.28 2.07 -47.88
N GLY C 55 143.85 0.79 -47.77
CA GLY C 55 143.36 0.02 -48.90
C GLY C 55 144.32 -0.19 -50.04
N ASP C 56 143.88 0.07 -51.28
CA ASP C 56 144.65 -0.18 -52.46
C ASP C 56 145.69 0.90 -52.79
N GLU C 57 145.63 2.11 -52.18
CA GLU C 57 146.75 3.06 -52.27
C GLU C 57 148.02 2.47 -51.63
N ALA C 58 147.84 1.76 -50.50
CA ALA C 58 148.86 0.93 -49.88
C ALA C 58 149.32 -0.27 -50.71
N GLN C 59 148.40 -0.97 -51.43
CA GLN C 59 148.76 -2.01 -52.39
C GLN C 59 149.63 -1.52 -53.55
N SER C 60 149.28 -0.34 -54.10
CA SER C 60 149.98 0.31 -55.21
C SER C 60 151.37 0.80 -54.85
N LYS C 61 151.51 1.51 -53.72
CA LYS C 61 152.77 2.18 -53.35
C LYS C 61 153.59 1.35 -52.36
N ARG C 62 153.47 0.03 -52.48
CA ARG C 62 153.82 -0.97 -51.48
C ARG C 62 155.24 -0.97 -50.95
N GLY C 63 156.25 -0.78 -51.83
CA GLY C 63 157.66 -0.94 -51.47
C GLY C 63 158.25 0.12 -50.57
N ILE C 64 157.71 1.35 -50.57
CA ILE C 64 158.12 2.43 -49.67
C ILE C 64 157.70 2.15 -48.24
N LEU C 65 156.47 1.63 -48.11
CA LEU C 65 155.72 1.46 -46.90
C LEU C 65 156.21 0.37 -45.97
N THR C 66 155.67 0.39 -44.75
CA THR C 66 155.51 -0.81 -43.93
C THR C 66 154.02 -0.98 -43.75
N LEU C 67 153.51 -2.21 -43.92
CA LEU C 67 152.09 -2.48 -43.96
C LEU C 67 151.66 -3.13 -42.67
N LYS C 68 150.59 -2.62 -42.05
CA LYS C 68 150.03 -3.20 -40.87
C LYS C 68 148.58 -3.61 -41.12
N TYR C 69 148.26 -4.91 -40.94
CA TYR C 69 146.91 -5.36 -40.69
C TYR C 69 146.49 -4.90 -39.29
N PRO C 70 145.32 -4.31 -39.05
CA PRO C 70 144.94 -3.95 -37.69
C PRO C 70 144.23 -5.12 -37.06
N ILE C 71 143.59 -6.00 -37.84
CA ILE C 71 142.87 -7.14 -37.31
C ILE C 71 143.74 -8.37 -37.39
N GLU C 72 144.06 -8.98 -36.24
CA GLU C 72 144.86 -10.19 -36.18
C GLU C 72 144.09 -11.21 -35.37
N HIS C 73 143.87 -12.43 -35.93
CA HIS C 73 143.10 -13.51 -35.31
C HIS C 73 141.69 -13.15 -34.85
N GLY C 74 141.00 -12.28 -35.62
CA GLY C 74 139.67 -11.76 -35.29
C GLY C 74 139.65 -10.65 -34.26
N ILE C 75 140.83 -10.20 -33.80
CA ILE C 75 140.98 -9.23 -32.73
C ILE C 75 141.53 -7.94 -33.32
N ILE C 76 140.92 -6.78 -32.99
CA ILE C 76 141.45 -5.51 -33.46
C ILE C 76 142.62 -5.06 -32.58
N THR C 77 143.85 -5.04 -33.16
CA THR C 77 145.10 -4.79 -32.46
C THR C 77 145.43 -3.33 -32.31
N ASN C 78 144.84 -2.47 -33.16
CA ASN C 78 144.97 -1.04 -33.02
C ASN C 78 143.72 -0.41 -33.61
N TRP C 79 143.24 0.66 -32.98
CA TRP C 79 141.94 1.21 -33.29
C TRP C 79 141.99 2.50 -34.09
N ASP C 80 143.13 3.26 -34.18
CA ASP C 80 143.21 4.35 -35.17
C ASP C 80 143.29 3.79 -36.58
N ASP C 81 144.10 2.73 -36.78
CA ASP C 81 144.20 2.01 -38.03
C ASP C 81 142.84 1.44 -38.50
N MET C 82 142.04 0.85 -37.59
CA MET C 82 140.67 0.43 -37.91
C MET C 82 139.71 1.57 -38.21
N GLU C 83 139.75 2.68 -37.44
CA GLU C 83 138.91 3.84 -37.68
C GLU C 83 139.13 4.42 -39.07
N LYS C 84 140.40 4.54 -39.48
CA LYS C 84 140.79 4.96 -40.81
C LYS C 84 140.27 4.09 -41.93
N ILE C 85 140.21 2.75 -41.75
CA ILE C 85 139.59 1.84 -42.69
C ILE C 85 138.09 2.09 -42.86
N TRP C 86 137.34 2.29 -41.76
CA TRP C 86 135.93 2.66 -41.84
C TRP C 86 135.69 4.07 -42.37
N HIS C 87 136.55 5.05 -42.02
CA HIS C 87 136.53 6.39 -42.59
C HIS C 87 136.72 6.36 -44.11
N HIS C 88 137.70 5.57 -44.57
CA HIS C 88 137.96 5.33 -45.98
C HIS C 88 136.78 4.68 -46.71
N THR C 89 136.13 3.61 -46.19
CA THR C 89 134.97 3.00 -46.86
C THR C 89 133.82 3.97 -47.07
N PHE C 90 133.41 4.71 -46.02
CA PHE C 90 132.29 5.62 -46.07
C PHE C 90 132.50 6.80 -46.99
N TYR C 91 133.71 7.40 -46.98
CA TYR C 91 133.91 8.67 -47.67
C TYR C 91 134.62 8.58 -49.01
N ASN C 92 135.38 7.50 -49.30
CA ASN C 92 136.10 7.42 -50.58
C ASN C 92 135.33 6.64 -51.63
N GLU C 93 134.98 5.36 -51.38
CA GLU C 93 134.25 4.57 -52.36
C GLU C 93 132.74 4.76 -52.27
N LEU C 94 132.14 4.58 -51.07
CA LEU C 94 130.70 4.62 -50.90
C LEU C 94 130.08 6.00 -51.06
N ARG C 95 130.73 7.03 -50.46
CA ARG C 95 130.38 8.45 -50.59
C ARG C 95 129.03 8.79 -49.99
N VAL C 96 128.84 8.33 -48.74
CA VAL C 96 127.62 8.38 -47.97
C VAL C 96 127.90 9.06 -46.66
N ALA C 97 126.86 9.52 -45.94
CA ALA C 97 127.02 9.96 -44.58
C ALA C 97 126.46 8.86 -43.69
N PRO C 98 127.17 8.31 -42.69
CA PRO C 98 126.61 7.31 -41.78
C PRO C 98 125.34 7.76 -41.06
N GLU C 99 125.13 9.07 -40.91
CA GLU C 99 123.93 9.71 -40.43
C GLU C 99 122.67 9.33 -41.21
N GLU C 100 122.80 9.03 -42.52
CA GLU C 100 121.71 8.57 -43.37
C GLU C 100 121.33 7.09 -43.15
N HIS C 101 122.27 6.25 -42.66
CA HIS C 101 122.23 4.80 -42.88
C HIS C 101 122.35 3.97 -41.61
N PRO C 102 121.45 3.04 -41.28
CA PRO C 102 121.75 1.92 -40.38
C PRO C 102 122.95 1.07 -40.81
N THR C 103 123.92 0.78 -39.92
CA THR C 103 125.14 0.05 -40.31
C THR C 103 125.24 -1.33 -39.68
N LEU C 104 125.26 -2.39 -40.50
CA LEU C 104 125.48 -3.75 -40.07
C LEU C 104 126.96 -4.11 -40.17
N LEU C 105 127.54 -4.62 -39.08
CA LEU C 105 128.91 -5.11 -39.06
C LEU C 105 128.92 -6.61 -38.78
N THR C 106 129.87 -7.33 -39.38
CA THR C 106 130.05 -8.75 -39.12
C THR C 106 131.09 -8.98 -38.02
N GLU C 107 130.97 -10.07 -37.24
CA GLU C 107 131.88 -10.33 -36.13
C GLU C 107 132.02 -11.84 -35.90
N ALA C 108 133.12 -12.28 -35.26
CA ALA C 108 133.60 -13.65 -35.32
C ALA C 108 133.15 -14.55 -34.15
N PRO C 109 132.81 -15.83 -34.35
CA PRO C 109 132.60 -16.79 -33.25
C PRO C 109 133.70 -16.85 -32.19
N LEU C 110 133.34 -16.80 -30.89
CA LEU C 110 134.27 -16.91 -29.79
C LEU C 110 135.35 -15.81 -29.81
N ASN C 111 134.87 -14.55 -29.73
CA ASN C 111 135.68 -13.35 -29.80
C ASN C 111 135.53 -12.62 -28.47
N PRO C 112 136.59 -12.15 -27.80
CA PRO C 112 136.53 -11.19 -26.70
C PRO C 112 135.47 -10.10 -26.77
N LYS C 113 134.73 -9.88 -25.66
CA LYS C 113 133.59 -8.99 -25.57
C LYS C 113 133.89 -7.55 -25.97
N ALA C 114 135.12 -7.10 -25.64
CA ALA C 114 135.67 -5.80 -25.97
C ALA C 114 135.67 -5.48 -27.45
N ASN C 115 135.83 -6.49 -28.35
CA ASN C 115 135.68 -6.26 -29.77
C ASN C 115 134.27 -5.81 -30.15
N ARG C 116 133.19 -6.45 -29.63
CA ARG C 116 131.83 -5.95 -29.82
C ARG C 116 131.58 -4.60 -29.17
N GLU C 117 131.96 -4.46 -27.88
CA GLU C 117 131.70 -3.29 -27.06
C GLU C 117 132.44 -2.04 -27.52
N LYS C 118 133.72 -2.14 -27.94
CA LYS C 118 134.43 -1.02 -28.54
C LYS C 118 133.99 -0.71 -29.97
N MET C 119 133.63 -1.73 -30.78
CA MET C 119 133.12 -1.58 -32.13
C MET C 119 131.82 -0.80 -32.20
N THR C 120 130.87 -1.09 -31.29
CA THR C 120 129.65 -0.29 -31.15
C THR C 120 129.92 1.12 -30.70
N GLN C 121 130.86 1.35 -29.76
CA GLN C 121 131.27 2.70 -29.39
C GLN C 121 131.84 3.51 -30.55
N ILE C 122 132.75 2.94 -31.37
CA ILE C 122 133.30 3.66 -32.53
C ILE C 122 132.24 3.98 -33.57
N MET C 123 131.34 3.03 -33.89
CA MET C 123 130.22 3.35 -34.76
C MET C 123 129.25 4.37 -34.20
N PHE C 124 128.87 4.33 -32.91
CA PHE C 124 128.02 5.37 -32.36
C PHE C 124 128.67 6.73 -32.13
N GLU C 125 129.94 6.80 -31.69
CA GLU C 125 130.56 8.04 -31.27
C GLU C 125 131.56 8.63 -32.26
N THR C 126 132.12 7.85 -33.23
CA THR C 126 133.00 8.43 -34.26
C THR C 126 132.21 8.84 -35.49
N PHE C 127 131.39 7.93 -36.05
CA PHE C 127 130.64 8.24 -37.25
C PHE C 127 129.17 8.21 -36.88
N ASN C 128 128.51 9.36 -36.66
CA ASN C 128 127.19 9.38 -36.05
C ASN C 128 126.14 8.62 -36.87
N VAL C 129 125.43 7.65 -36.26
CA VAL C 129 124.70 6.64 -37.01
C VAL C 129 123.33 6.42 -36.37
N PRO C 130 122.21 6.27 -37.07
CA PRO C 130 120.90 6.12 -36.43
C PRO C 130 120.75 4.80 -35.69
N ALA C 131 121.35 3.74 -36.23
CA ALA C 131 121.23 2.42 -35.68
C ALA C 131 122.32 1.52 -36.25
N MET C 132 122.58 0.38 -35.60
CA MET C 132 123.59 -0.54 -36.06
C MET C 132 123.32 -1.94 -35.53
N TYR C 133 124.10 -2.93 -35.98
CA TYR C 133 124.01 -4.27 -35.43
C TYR C 133 125.35 -4.93 -35.65
N VAL C 134 125.73 -5.89 -34.79
CA VAL C 134 126.90 -6.73 -35.00
C VAL C 134 126.38 -8.14 -35.10
N ALA C 135 126.82 -8.90 -36.11
CA ALA C 135 126.24 -10.20 -36.39
C ALA C 135 127.30 -11.25 -36.65
N ILE C 136 127.09 -12.46 -36.13
CA ILE C 136 128.00 -13.56 -36.28
C ILE C 136 128.21 -14.05 -37.72
N GLN C 137 129.47 -14.15 -38.19
CA GLN C 137 129.84 -14.36 -39.60
C GLN C 137 129.22 -15.59 -40.26
N ALA C 138 129.31 -16.75 -39.59
CA ALA C 138 128.82 -18.03 -40.06
C ALA C 138 127.31 -18.10 -40.30
N VAL C 139 126.50 -17.44 -39.44
CA VAL C 139 125.05 -17.35 -39.65
C VAL C 139 124.72 -16.54 -40.90
N LEU C 140 125.46 -15.45 -41.15
CA LEU C 140 125.32 -14.67 -42.38
C LEU C 140 125.64 -15.49 -43.63
N SER C 141 126.73 -16.26 -43.66
CA SER C 141 127.01 -17.12 -44.81
C SER C 141 125.98 -18.20 -45.08
N LEU C 142 125.37 -18.80 -44.03
CA LEU C 142 124.20 -19.66 -44.13
C LEU C 142 122.99 -18.97 -44.78
N TYR C 143 122.70 -17.70 -44.39
CA TYR C 143 121.66 -16.87 -44.99
C TYR C 143 121.90 -16.64 -46.48
N ALA C 144 123.15 -16.39 -46.89
CA ALA C 144 123.54 -16.23 -48.29
C ALA C 144 123.27 -17.45 -49.17
N SER C 145 123.54 -18.67 -48.66
CA SER C 145 123.27 -19.92 -49.38
C SER C 145 121.84 -20.37 -49.14
N GLY C 146 121.01 -19.52 -48.49
CA GLY C 146 119.57 -19.67 -48.43
C GLY C 146 119.06 -20.77 -47.55
N ARG C 147 119.87 -21.29 -46.62
CA ARG C 147 119.57 -22.49 -45.87
C ARG C 147 119.01 -22.20 -44.50
N THR C 148 118.25 -23.15 -43.91
CA THR C 148 117.77 -23.05 -42.54
C THR C 148 118.60 -23.89 -41.60
N THR C 149 119.36 -24.86 -42.14
CA THR C 149 120.04 -25.92 -41.40
C THR C 149 121.35 -26.20 -42.08
N GLY C 150 122.41 -26.45 -41.29
CA GLY C 150 123.71 -26.76 -41.82
C GLY C 150 124.80 -26.52 -40.83
N ILE C 151 126.00 -27.00 -41.14
CA ILE C 151 127.17 -26.72 -40.33
C ILE C 151 128.08 -25.87 -41.17
N VAL C 152 128.44 -24.70 -40.65
CA VAL C 152 129.16 -23.71 -41.42
C VAL C 152 130.61 -23.73 -41.02
N LEU C 153 131.50 -23.98 -41.98
CA LEU C 153 132.93 -23.85 -41.84
C LEU C 153 133.35 -22.56 -42.52
N ASP C 154 133.70 -21.55 -41.70
CA ASP C 154 133.94 -20.21 -42.16
C ASP C 154 135.40 -19.88 -41.87
N SER C 155 136.19 -19.53 -42.90
CA SER C 155 137.58 -19.20 -42.65
C SER C 155 138.12 -18.13 -43.57
N GLY C 156 138.65 -17.04 -42.98
CA GLY C 156 139.24 -15.93 -43.72
C GLY C 156 140.74 -15.96 -43.71
N ASP C 157 141.36 -14.77 -43.86
CA ASP C 157 142.77 -14.56 -43.53
C ASP C 157 142.80 -14.08 -42.06
N GLY C 158 141.67 -14.32 -41.33
CA GLY C 158 141.43 -13.98 -39.92
C GLY C 158 141.64 -15.11 -38.97
N VAL C 159 140.70 -16.08 -38.89
CA VAL C 159 140.78 -17.29 -38.08
C VAL C 159 139.78 -18.25 -38.74
N THR C 160 139.75 -19.55 -38.36
CA THR C 160 138.77 -20.54 -38.83
C THR C 160 137.73 -20.76 -37.75
N HIS C 161 136.45 -20.60 -38.10
CA HIS C 161 135.35 -20.77 -37.17
C HIS C 161 134.37 -21.79 -37.69
N ASN C 162 133.73 -22.55 -36.77
CA ASN C 162 132.77 -23.56 -37.13
C ASN C 162 131.52 -23.39 -36.30
N VAL C 163 130.34 -23.21 -36.95
CA VAL C 163 129.07 -23.04 -36.26
C VAL C 163 128.06 -24.05 -36.80
N PRO C 164 127.54 -25.00 -36.03
CA PRO C 164 126.38 -25.79 -36.42
C PRO C 164 125.06 -25.07 -36.14
N ILE C 165 124.10 -25.20 -37.06
CA ILE C 165 122.80 -24.55 -36.99
C ILE C 165 121.73 -25.57 -37.41
N TYR C 166 120.54 -25.55 -36.77
CA TYR C 166 119.48 -26.48 -37.09
C TYR C 166 118.15 -25.76 -37.03
N GLU C 167 117.48 -25.65 -38.19
CA GLU C 167 116.21 -24.97 -38.43
C GLU C 167 116.11 -23.59 -37.79
N GLY C 168 117.09 -22.73 -38.16
CA GLY C 168 117.44 -21.56 -37.37
C GLY C 168 118.25 -21.94 -36.16
N TYR C 169 117.89 -21.37 -34.98
CA TYR C 169 118.59 -21.56 -33.71
C TYR C 169 120.11 -21.40 -33.76
N ALA C 170 120.85 -22.22 -32.99
CA ALA C 170 122.29 -22.21 -32.81
C ALA C 170 122.57 -23.04 -31.58
N LEU C 171 123.74 -23.70 -31.51
CA LEU C 171 124.13 -24.46 -30.34
C LEU C 171 125.41 -23.88 -29.76
N PRO C 172 125.40 -23.08 -28.68
CA PRO C 172 126.58 -22.36 -28.22
C PRO C 172 127.73 -23.24 -27.76
N HIS C 173 127.43 -24.45 -27.24
CA HIS C 173 128.41 -25.39 -26.76
C HIS C 173 129.08 -26.17 -27.87
N ALA C 174 128.50 -26.15 -29.08
CA ALA C 174 129.00 -26.88 -30.22
C ALA C 174 129.64 -25.96 -31.24
N ILE C 175 129.71 -24.64 -30.96
CA ILE C 175 130.50 -23.69 -31.72
C ILE C 175 131.98 -23.90 -31.44
N MET C 176 132.79 -24.10 -32.51
CA MET C 176 134.21 -24.32 -32.37
C MET C 176 134.97 -23.22 -33.06
N ARG C 177 136.08 -22.80 -32.44
CA ARG C 177 137.00 -21.84 -32.98
C ARG C 177 138.33 -22.55 -33.13
N LEU C 178 138.96 -22.42 -34.31
CA LEU C 178 140.25 -23.02 -34.58
C LEU C 178 141.14 -21.92 -35.09
N ASP C 179 142.15 -21.50 -34.30
CA ASP C 179 143.07 -20.46 -34.68
C ASP C 179 144.12 -20.93 -35.72
N LEU C 180 143.61 -21.20 -36.93
CA LEU C 180 144.32 -21.34 -38.18
C LEU C 180 143.63 -20.42 -39.15
N ALA C 181 144.35 -19.48 -39.76
CA ALA C 181 143.81 -18.61 -40.75
C ALA C 181 144.55 -18.76 -42.06
N GLY C 182 144.02 -18.13 -43.13
CA GLY C 182 144.77 -18.00 -44.38
C GLY C 182 146.04 -17.21 -44.21
N ARG C 183 146.08 -16.29 -43.23
CA ARG C 183 147.25 -15.51 -42.90
C ARG C 183 148.40 -16.33 -42.34
N ASP C 184 148.13 -17.31 -41.46
CA ASP C 184 149.10 -18.27 -40.98
C ASP C 184 149.64 -19.16 -42.11
N LEU C 185 148.77 -19.52 -43.09
CA LEU C 185 149.19 -20.13 -44.33
C LEU C 185 150.12 -19.25 -45.17
N THR C 186 149.92 -17.91 -45.18
CA THR C 186 150.86 -16.96 -45.81
C THR C 186 152.24 -17.01 -45.18
N ASP C 187 152.33 -17.00 -43.83
CA ASP C 187 153.57 -17.17 -43.09
C ASP C 187 154.22 -18.53 -43.27
N TYR C 188 153.41 -19.61 -43.30
CA TYR C 188 153.86 -20.94 -43.66
C TYR C 188 154.42 -21.02 -45.09
N LEU C 189 153.77 -20.36 -46.07
CA LEU C 189 154.22 -20.30 -47.45
C LEU C 189 155.58 -19.60 -47.63
N MET C 190 155.80 -18.42 -47.01
CA MET C 190 157.12 -17.79 -47.04
C MET C 190 158.19 -18.61 -46.31
N LYS C 191 157.83 -19.29 -45.20
CA LYS C 191 158.72 -20.22 -44.53
C LYS C 191 159.11 -21.44 -45.37
N ILE C 192 158.17 -22.04 -46.14
CA ILE C 192 158.49 -23.17 -47.02
C ILE C 192 159.30 -22.75 -48.25
N LEU C 193 159.04 -21.56 -48.85
CA LEU C 193 159.75 -21.05 -50.02
C LEU C 193 161.27 -20.95 -49.88
N THR C 194 161.78 -20.76 -48.64
CA THR C 194 163.22 -20.67 -48.39
C THR C 194 163.96 -21.98 -48.61
N GLU C 195 163.27 -23.15 -48.63
CA GLU C 195 163.85 -24.44 -48.99
C GLU C 195 164.35 -24.46 -50.43
N ARG C 196 163.68 -23.70 -51.33
CA ARG C 196 164.06 -23.56 -52.72
C ARG C 196 164.89 -22.30 -52.94
N GLY C 197 165.32 -21.62 -51.85
CA GLY C 197 166.19 -20.45 -51.89
C GLY C 197 165.49 -19.13 -52.11
N TYR C 198 164.15 -19.11 -52.12
CA TYR C 198 163.41 -17.88 -52.35
C TYR C 198 163.10 -17.18 -51.04
N SER C 199 164.00 -16.26 -50.62
CA SER C 199 163.86 -15.54 -49.36
C SER C 199 163.07 -14.27 -49.49
N PHE C 200 161.90 -14.22 -48.85
CA PHE C 200 161.00 -13.07 -48.80
C PHE C 200 160.85 -12.72 -47.33
N VAL C 201 160.99 -11.42 -46.95
CA VAL C 201 161.27 -11.07 -45.55
C VAL C 201 160.48 -9.88 -45.04
N THR C 202 160.03 -8.97 -45.91
CA THR C 202 159.30 -7.75 -45.54
C THR C 202 157.83 -7.93 -45.88
N THR C 203 156.93 -7.10 -45.30
CA THR C 203 155.48 -7.18 -45.50
C THR C 203 155.03 -7.01 -46.95
N ALA C 204 155.77 -6.23 -47.76
CA ALA C 204 155.45 -5.98 -49.15
C ALA C 204 155.45 -7.23 -50.03
N GLU C 205 156.50 -8.07 -49.96
CA GLU C 205 156.59 -9.32 -50.67
C GLU C 205 155.93 -10.47 -49.91
N ARG C 206 155.61 -10.28 -48.61
CA ARG C 206 154.69 -11.14 -47.89
C ARG C 206 153.29 -11.15 -48.50
N GLU C 207 152.82 -9.99 -49.02
CA GLU C 207 151.61 -9.98 -49.81
C GLU C 207 151.77 -10.47 -51.24
N ILE C 208 153.00 -10.54 -51.80
CA ILE C 208 153.27 -11.26 -53.04
C ILE C 208 153.06 -12.76 -52.87
N VAL C 209 153.54 -13.37 -51.75
CA VAL C 209 153.19 -14.76 -51.43
C VAL C 209 151.71 -14.96 -51.13
N ARG C 210 150.97 -13.98 -50.55
CA ARG C 210 149.52 -14.04 -50.51
C ARG C 210 148.88 -14.07 -51.91
N ASP C 211 149.36 -13.24 -52.85
CA ASP C 211 148.96 -13.26 -54.24
C ASP C 211 149.29 -14.59 -54.97
N ILE C 212 150.45 -15.23 -54.69
CA ILE C 212 150.75 -16.60 -55.12
C ILE C 212 149.77 -17.62 -54.52
N LYS C 213 149.47 -17.49 -53.22
CA LYS C 213 148.57 -18.35 -52.45
C LYS C 213 147.15 -18.38 -53.01
N GLU C 214 146.61 -17.24 -53.47
CA GLU C 214 145.23 -17.14 -53.91
C GLU C 214 145.03 -17.49 -55.39
N LYS C 215 146.04 -18.07 -56.08
CA LYS C 215 145.79 -18.58 -57.42
C LYS C 215 146.71 -19.70 -57.90
N LEU C 216 147.86 -19.97 -57.25
CA LEU C 216 148.66 -21.14 -57.63
C LEU C 216 148.39 -22.33 -56.72
N CYS C 217 148.20 -22.10 -55.41
CA CYS C 217 147.94 -23.14 -54.43
C CYS C 217 146.62 -23.89 -54.61
N TYR C 218 146.62 -25.18 -54.24
CA TYR C 218 145.45 -26.02 -54.27
C TYR C 218 145.62 -27.06 -53.18
N VAL C 219 144.55 -27.79 -52.81
CA VAL C 219 144.64 -28.86 -51.85
C VAL C 219 144.81 -30.17 -52.57
N ALA C 220 145.83 -30.96 -52.20
CA ALA C 220 146.02 -32.30 -52.71
C ALA C 220 144.84 -33.22 -52.40
N LEU C 221 144.36 -33.96 -53.42
CA LEU C 221 143.20 -34.84 -53.31
C LEU C 221 143.56 -36.11 -52.58
N ASP C 222 144.87 -36.46 -52.56
CA ASP C 222 145.43 -37.23 -51.47
C ASP C 222 146.92 -36.88 -51.35
N PHE C 223 147.41 -36.55 -50.12
CA PHE C 223 148.68 -35.87 -49.93
C PHE C 223 149.91 -36.68 -50.33
N GLU C 224 150.04 -37.91 -49.80
CA GLU C 224 151.13 -38.82 -50.02
C GLU C 224 151.26 -39.21 -51.47
N ASN C 225 150.12 -39.46 -52.14
CA ASN C 225 150.07 -39.75 -53.56
C ASN C 225 150.59 -38.61 -54.42
N GLU C 226 150.15 -37.36 -54.16
CA GLU C 226 150.65 -36.18 -54.85
C GLU C 226 152.11 -35.85 -54.55
N MET C 227 152.55 -35.99 -53.29
CA MET C 227 153.95 -35.85 -52.93
C MET C 227 154.88 -36.89 -53.55
N ALA C 228 154.43 -38.16 -53.68
CA ALA C 228 155.17 -39.20 -54.39
C ALA C 228 155.40 -38.92 -55.88
N THR C 229 154.38 -38.43 -56.61
CA THR C 229 154.50 -38.11 -58.04
C THR C 229 155.28 -36.81 -58.28
N ALA C 230 155.51 -36.00 -57.22
CA ALA C 230 156.38 -34.84 -57.25
C ALA C 230 157.86 -35.17 -57.42
N ALA C 231 158.25 -36.46 -57.35
CA ALA C 231 159.55 -36.94 -57.81
C ALA C 231 159.78 -36.68 -59.30
N SER C 232 158.73 -36.82 -60.13
CA SER C 232 158.77 -36.54 -61.56
C SER C 232 158.06 -35.24 -61.87
N SER C 233 158.61 -34.10 -61.39
CA SER C 233 158.16 -32.74 -61.69
C SER C 233 157.69 -32.46 -63.12
N SER C 234 156.46 -31.93 -63.24
CA SER C 234 155.85 -31.58 -64.50
C SER C 234 154.75 -30.56 -64.17
N SER C 235 153.46 -30.90 -64.31
CA SER C 235 152.29 -30.07 -63.97
C SER C 235 152.24 -29.53 -62.55
N LEU C 236 152.97 -30.21 -61.65
CA LEU C 236 153.16 -29.85 -60.27
C LEU C 236 154.08 -28.65 -60.07
N GLU C 237 154.94 -28.32 -61.05
CA GLU C 237 155.71 -27.08 -61.03
C GLU C 237 155.03 -26.03 -61.89
N LYS C 238 155.05 -24.76 -61.43
CA LYS C 238 154.49 -23.66 -62.17
C LYS C 238 155.41 -22.47 -62.04
N SER C 239 155.68 -21.82 -63.18
CA SER C 239 156.31 -20.50 -63.26
C SER C 239 155.42 -19.41 -62.68
N TYR C 240 156.04 -18.38 -62.09
CA TYR C 240 155.38 -17.23 -61.54
C TYR C 240 156.26 -16.01 -61.73
N GLU C 241 155.66 -14.85 -62.01
CA GLU C 241 156.33 -13.61 -62.33
C GLU C 241 156.19 -12.63 -61.18
N LEU C 242 157.30 -12.14 -60.60
CA LEU C 242 157.24 -11.07 -59.61
C LEU C 242 157.13 -9.70 -60.29
N PRO C 243 156.63 -8.64 -59.65
CA PRO C 243 156.58 -7.30 -60.26
C PRO C 243 157.98 -6.69 -60.41
N ASP C 244 158.99 -7.34 -59.82
CA ASP C 244 160.41 -7.19 -60.03
C ASP C 244 160.85 -7.61 -61.45
N GLY C 245 160.28 -8.72 -61.98
CA GLY C 245 160.78 -9.43 -63.15
C GLY C 245 161.57 -10.67 -62.79
N GLN C 246 161.82 -10.94 -61.50
CA GLN C 246 162.24 -12.27 -61.07
C GLN C 246 161.19 -13.36 -61.32
N VAL C 247 161.61 -14.44 -62.00
CA VAL C 247 160.79 -15.62 -62.20
C VAL C 247 160.97 -16.59 -61.03
N ILE C 248 159.84 -17.11 -60.50
CA ILE C 248 159.78 -18.01 -59.36
C ILE C 248 159.11 -19.29 -59.81
N THR C 249 159.75 -20.46 -59.62
CA THR C 249 159.15 -21.75 -60.00
C THR C 249 158.92 -22.55 -58.74
N ILE C 250 157.65 -22.93 -58.43
CA ILE C 250 157.28 -23.64 -57.20
C ILE C 250 156.63 -24.99 -57.48
N GLY C 251 157.00 -26.03 -56.69
CA GLY C 251 156.60 -27.43 -56.91
C GLY C 251 155.71 -28.04 -55.86
N ASN C 252 156.19 -29.08 -55.13
CA ASN C 252 155.45 -29.81 -54.09
C ASN C 252 154.96 -28.92 -52.94
N GLU C 253 155.86 -27.98 -52.58
CA GLU C 253 155.68 -26.70 -51.92
C GLU C 253 154.33 -26.02 -52.11
N ARG C 254 153.83 -25.96 -53.36
CA ARG C 254 152.57 -25.38 -53.77
C ARG C 254 151.33 -26.02 -53.14
N PHE C 255 151.25 -27.36 -53.02
CA PHE C 255 150.09 -28.02 -52.42
C PHE C 255 150.31 -28.38 -50.97
N ARG C 256 151.57 -28.40 -50.47
CA ARG C 256 151.80 -28.69 -49.07
C ARG C 256 151.61 -27.48 -48.17
N CYS C 257 151.47 -26.28 -48.74
CA CYS C 257 150.94 -25.12 -48.00
C CYS C 257 149.47 -25.24 -47.59
N PRO C 258 148.46 -25.57 -48.43
CA PRO C 258 147.10 -25.74 -47.91
C PRO C 258 146.90 -26.99 -47.08
N GLU C 259 147.80 -27.99 -47.19
CA GLU C 259 147.79 -29.21 -46.41
C GLU C 259 147.83 -28.96 -44.91
N THR C 260 148.50 -27.88 -44.47
CA THR C 260 148.55 -27.38 -43.10
C THR C 260 147.19 -27.20 -42.42
N LEU C 261 146.11 -26.90 -43.16
CA LEU C 261 144.74 -26.92 -42.64
C LEU C 261 144.26 -28.29 -42.16
N PHE C 262 144.74 -29.36 -42.81
CA PHE C 262 144.36 -30.74 -42.55
C PHE C 262 145.41 -31.41 -41.68
N GLN C 263 146.63 -30.84 -41.62
CA GLN C 263 147.74 -31.31 -40.81
C GLN C 263 148.37 -30.18 -40.00
N PRO C 264 147.85 -29.74 -38.86
CA PRO C 264 148.38 -28.55 -38.15
C PRO C 264 149.72 -28.81 -37.48
N SER C 265 150.19 -30.07 -37.48
CA SER C 265 151.54 -30.48 -37.11
C SER C 265 152.60 -29.74 -37.91
N PHE C 266 152.31 -29.41 -39.18
CA PHE C 266 153.18 -28.66 -40.07
C PHE C 266 153.48 -27.22 -39.61
N ILE C 267 152.50 -26.56 -38.97
CA ILE C 267 152.68 -25.22 -38.40
C ILE C 267 153.05 -25.32 -36.92
N GLY C 268 153.11 -26.56 -36.37
CA GLY C 268 153.60 -26.82 -35.02
C GLY C 268 152.56 -26.71 -33.94
N MET C 269 151.27 -26.90 -34.27
CA MET C 269 150.20 -26.81 -33.29
C MET C 269 149.46 -28.12 -33.15
N GLU C 270 149.18 -28.53 -31.89
CA GLU C 270 148.44 -29.72 -31.52
C GLU C 270 147.01 -29.73 -31.99
N SER C 271 146.34 -28.55 -31.95
CA SER C 271 145.00 -28.28 -32.46
C SER C 271 144.60 -29.00 -33.74
N ALA C 272 143.58 -29.87 -33.66
CA ALA C 272 143.13 -30.71 -34.75
C ALA C 272 142.71 -30.02 -36.06
N GLY C 273 142.80 -30.74 -37.20
CA GLY C 273 142.49 -30.23 -38.54
C GLY C 273 141.06 -29.79 -38.76
N ILE C 274 140.78 -29.12 -39.89
CA ILE C 274 139.45 -28.58 -40.21
C ILE C 274 138.35 -29.64 -40.33
N HIS C 275 138.68 -30.83 -40.84
CA HIS C 275 137.83 -32.01 -40.87
C HIS C 275 137.52 -32.55 -39.47
N GLU C 276 138.55 -32.66 -38.62
CA GLU C 276 138.45 -33.07 -37.23
C GLU C 276 137.71 -32.09 -36.33
N THR C 277 137.94 -30.77 -36.46
CA THR C 277 137.17 -29.75 -35.73
C THR C 277 135.70 -29.74 -36.12
N THR C 278 135.39 -29.93 -37.42
CA THR C 278 134.01 -30.14 -37.90
C THR C 278 133.35 -31.35 -37.26
N TYR C 279 134.07 -32.49 -37.15
CA TYR C 279 133.63 -33.67 -36.43
C TYR C 279 133.40 -33.43 -34.94
N ASN C 280 134.30 -32.68 -34.28
CA ASN C 280 134.19 -32.27 -32.88
C ASN C 280 132.92 -31.45 -32.62
N SER C 281 132.58 -30.50 -33.50
CA SER C 281 131.31 -29.77 -33.42
C SER C 281 130.09 -30.67 -33.54
N ILE C 282 130.07 -31.59 -34.54
CA ILE C 282 128.97 -32.53 -34.78
C ILE C 282 128.78 -33.51 -33.63
N MET C 283 129.86 -34.00 -33.00
CA MET C 283 129.80 -34.79 -31.78
C MET C 283 129.24 -34.07 -30.57
N LYS C 284 129.52 -32.76 -30.41
CA LYS C 284 128.89 -31.93 -29.39
C LYS C 284 127.39 -31.69 -29.62
N CYS C 285 126.95 -31.57 -30.89
CA CYS C 285 125.55 -31.54 -31.25
C CYS C 285 124.77 -32.81 -30.88
N ASP C 286 123.52 -32.64 -30.45
CA ASP C 286 122.46 -33.62 -30.30
C ASP C 286 122.41 -34.71 -31.38
N ILE C 287 122.06 -35.96 -31.00
CA ILE C 287 122.20 -37.14 -31.85
C ILE C 287 121.40 -37.09 -33.15
N ASP C 288 120.12 -36.66 -33.11
CA ASP C 288 119.26 -36.60 -34.28
C ASP C 288 119.78 -35.66 -35.37
N ILE C 289 120.21 -34.43 -35.02
CA ILE C 289 120.49 -33.39 -36.01
C ILE C 289 121.78 -33.61 -36.77
N ARG C 290 122.61 -34.58 -36.34
CA ARG C 290 123.81 -34.95 -37.03
C ARG C 290 123.58 -35.42 -38.46
N LYS C 291 122.45 -36.10 -38.73
CA LYS C 291 122.11 -36.64 -40.05
C LYS C 291 122.06 -35.58 -41.15
N ASP C 292 121.43 -34.43 -40.87
CA ASP C 292 121.32 -33.31 -41.75
C ASP C 292 122.57 -32.43 -41.70
N LEU C 293 123.21 -32.22 -40.53
CA LEU C 293 124.48 -31.48 -40.46
C LEU C 293 125.61 -32.08 -41.31
N TYR C 294 125.76 -33.41 -41.32
CA TYR C 294 126.68 -34.12 -42.22
C TYR C 294 126.40 -33.89 -43.70
N ALA C 295 125.11 -33.74 -44.09
CA ALA C 295 124.69 -33.58 -45.45
C ALA C 295 124.41 -32.12 -45.83
N ASN C 296 124.79 -31.16 -44.96
CA ASN C 296 124.55 -29.74 -45.17
C ASN C 296 125.76 -28.97 -44.66
N ASN C 297 126.99 -29.47 -44.90
CA ASN C 297 128.21 -28.73 -44.60
C ASN C 297 128.41 -27.58 -45.59
N VAL C 298 128.55 -26.33 -45.08
CA VAL C 298 128.65 -25.11 -45.86
C VAL C 298 130.03 -24.55 -45.69
N MET C 299 130.70 -24.18 -46.80
CA MET C 299 132.02 -23.55 -46.76
C MET C 299 131.93 -22.09 -47.16
N SER C 300 132.53 -21.21 -46.33
CA SER C 300 132.55 -19.79 -46.60
C SER C 300 133.90 -19.18 -46.23
N GLY C 301 134.09 -17.91 -46.61
CA GLY C 301 135.30 -17.17 -46.28
C GLY C 301 136.34 -17.19 -47.37
N GLY C 302 137.50 -16.59 -47.08
CA GLY C 302 138.55 -16.36 -48.07
C GLY C 302 139.52 -17.49 -48.26
N THR C 303 139.78 -18.31 -47.22
CA THR C 303 140.78 -19.38 -47.32
C THR C 303 140.12 -20.72 -47.55
N THR C 304 138.80 -20.74 -47.82
CA THR C 304 138.09 -21.91 -48.34
C THR C 304 138.02 -21.85 -49.85
N MET C 305 138.71 -20.90 -50.50
CA MET C 305 138.69 -20.72 -51.94
C MET C 305 139.57 -21.65 -52.75
N TYR C 306 140.59 -22.32 -52.17
CA TYR C 306 141.50 -23.17 -52.94
C TYR C 306 140.79 -24.34 -53.66
N PRO C 307 141.13 -24.73 -54.88
CA PRO C 307 140.71 -26.00 -55.48
C PRO C 307 140.98 -27.23 -54.61
N GLY C 308 140.04 -28.21 -54.60
CA GLY C 308 140.22 -29.49 -53.91
C GLY C 308 139.86 -29.53 -52.45
N ILE C 309 139.45 -28.40 -51.82
CA ILE C 309 139.06 -28.38 -50.41
C ILE C 309 137.78 -29.17 -50.16
N ALA C 310 136.74 -28.98 -50.98
CA ALA C 310 135.45 -29.63 -50.82
C ALA C 310 135.54 -31.14 -50.99
N ASP C 311 136.27 -31.55 -52.04
CA ASP C 311 136.57 -32.88 -52.47
C ASP C 311 137.34 -33.65 -51.39
N ARG C 312 138.38 -33.00 -50.83
CA ARG C 312 139.12 -33.54 -49.72
C ARG C 312 138.35 -33.64 -48.41
N MET C 313 137.62 -32.57 -48.03
CA MET C 313 136.78 -32.59 -46.83
C MET C 313 135.72 -33.67 -46.91
N GLN C 314 135.15 -33.89 -48.11
CA GLN C 314 134.25 -35.00 -48.35
C GLN C 314 134.92 -36.37 -48.18
N LYS C 315 136.17 -36.61 -48.67
CA LYS C 315 136.86 -37.87 -48.39
C LYS C 315 137.13 -38.09 -46.90
N GLU C 316 137.63 -37.06 -46.18
CA GLU C 316 138.03 -37.17 -44.79
C GLU C 316 136.88 -37.25 -43.82
N ILE C 317 135.81 -36.46 -44.00
CA ILE C 317 134.58 -36.63 -43.22
C ILE C 317 133.89 -37.96 -43.52
N THR C 318 133.82 -38.42 -44.80
CA THR C 318 133.25 -39.75 -45.14
C THR C 318 134.02 -40.89 -44.52
N ALA C 319 135.36 -40.82 -44.49
CA ALA C 319 136.20 -41.79 -43.82
C ALA C 319 136.04 -41.86 -42.29
N LEU C 320 135.94 -40.69 -41.61
CA LEU C 320 135.75 -40.63 -40.17
C LEU C 320 134.31 -40.92 -39.70
N ALA C 321 133.30 -40.47 -40.45
CA ALA C 321 131.91 -40.59 -40.06
C ALA C 321 131.30 -41.95 -40.38
N PRO C 322 130.17 -42.33 -39.79
CA PRO C 322 129.36 -43.45 -40.26
C PRO C 322 128.95 -43.35 -41.73
N SER C 323 129.25 -44.37 -42.54
CA SER C 323 128.98 -44.40 -43.97
C SER C 323 127.59 -44.94 -44.27
N THR C 324 126.73 -44.99 -43.22
CA THR C 324 125.32 -45.33 -43.28
C THR C 324 124.49 -44.16 -43.78
N MET C 325 125.09 -42.96 -43.81
CA MET C 325 124.48 -41.75 -44.31
C MET C 325 125.46 -41.09 -45.25
N LYS C 326 124.96 -40.26 -46.18
CA LYS C 326 125.78 -39.75 -47.26
C LYS C 326 126.22 -38.33 -46.98
N ILE C 327 127.53 -38.16 -46.72
CA ILE C 327 128.16 -36.87 -46.48
C ILE C 327 128.11 -36.00 -47.73
N LYS C 328 127.54 -34.79 -47.62
CA LYS C 328 127.41 -33.88 -48.73
C LYS C 328 127.85 -32.52 -48.26
N ILE C 329 128.78 -31.93 -49.02
CA ILE C 329 129.31 -30.61 -48.74
C ILE C 329 128.82 -29.70 -49.84
N ILE C 330 128.29 -28.54 -49.45
CA ILE C 330 127.87 -27.50 -50.37
C ILE C 330 128.83 -26.34 -50.19
N ALA C 331 129.79 -26.24 -51.13
CA ALA C 331 130.83 -25.23 -51.13
C ALA C 331 130.66 -24.39 -52.37
N PRO C 332 129.73 -23.45 -52.45
CA PRO C 332 129.41 -22.76 -53.70
C PRO C 332 130.59 -21.94 -54.24
N PRO C 333 130.70 -21.58 -55.52
CA PRO C 333 131.47 -20.41 -55.93
C PRO C 333 130.93 -19.14 -55.28
N GLU C 334 131.72 -18.04 -55.26
CA GLU C 334 131.33 -16.76 -54.66
C GLU C 334 131.45 -16.74 -53.13
N ARG C 335 131.98 -17.85 -52.53
CA ARG C 335 131.99 -18.10 -51.10
C ARG C 335 132.84 -17.15 -50.25
N LYS C 336 133.78 -16.43 -50.88
CA LYS C 336 134.56 -15.33 -50.31
C LYS C 336 133.67 -14.16 -49.86
N TYR C 337 132.53 -13.97 -50.55
CA TYR C 337 131.62 -12.86 -50.34
C TYR C 337 130.36 -13.24 -49.59
N SER C 338 130.15 -14.54 -49.25
CA SER C 338 128.91 -15.04 -48.65
C SER C 338 128.52 -14.38 -47.34
N VAL C 339 129.49 -14.07 -46.45
CA VAL C 339 129.24 -13.32 -45.23
C VAL C 339 128.65 -11.93 -45.51
N TRP C 340 129.19 -11.19 -46.51
CA TRP C 340 128.62 -9.92 -46.93
C TRP C 340 127.22 -10.05 -47.54
N ILE C 341 127.00 -11.04 -48.45
CA ILE C 341 125.71 -11.32 -49.08
C ILE C 341 124.66 -11.65 -48.03
N GLY C 342 125.06 -12.43 -47.01
CA GLY C 342 124.25 -12.74 -45.85
C GLY C 342 123.85 -11.56 -45.03
N GLY C 343 124.71 -10.54 -44.95
CA GLY C 343 124.38 -9.28 -44.30
C GLY C 343 123.48 -8.41 -45.12
N SER C 344 123.69 -8.37 -46.45
CA SER C 344 122.87 -7.61 -47.38
C SER C 344 121.44 -8.11 -47.48
N ILE C 345 121.21 -9.44 -47.48
CA ILE C 345 119.89 -10.02 -47.28
C ILE C 345 119.33 -9.75 -45.89
N LEU C 346 120.11 -9.92 -44.79
CA LEU C 346 119.61 -9.74 -43.43
C LEU C 346 119.10 -8.34 -43.12
N ALA C 347 119.83 -7.30 -43.59
CA ALA C 347 119.45 -5.92 -43.45
C ALA C 347 118.27 -5.53 -44.36
N SER C 348 117.88 -6.40 -45.30
CA SER C 348 116.73 -6.21 -46.19
C SER C 348 115.48 -6.87 -45.64
N LEU C 349 115.55 -7.52 -44.46
CA LEU C 349 114.38 -8.09 -43.81
C LEU C 349 113.73 -7.01 -42.92
N SER C 350 112.46 -6.64 -43.18
CA SER C 350 111.71 -5.66 -42.39
C SER C 350 111.52 -6.02 -40.94
N THR C 351 111.31 -7.30 -40.58
CA THR C 351 111.35 -7.76 -39.18
C THR C 351 112.69 -7.47 -38.50
N PHE C 352 113.82 -7.60 -39.22
CA PHE C 352 115.14 -7.29 -38.71
C PHE C 352 115.35 -5.78 -38.51
N GLN C 353 114.52 -4.94 -39.16
CA GLN C 353 114.59 -3.50 -38.95
C GLN C 353 114.03 -3.08 -37.59
N GLN C 354 113.33 -3.98 -36.86
CA GLN C 354 113.00 -3.76 -35.47
C GLN C 354 114.03 -4.40 -34.53
N MET C 355 115.04 -5.12 -35.07
CA MET C 355 116.05 -5.80 -34.28
C MET C 355 117.36 -5.04 -34.22
N TRP C 356 117.51 -3.89 -34.92
CA TRP C 356 118.67 -3.02 -34.82
C TRP C 356 118.95 -2.54 -33.39
N ILE C 357 120.23 -2.25 -33.08
CA ILE C 357 120.60 -1.48 -31.91
C ILE C 357 120.46 -0.02 -32.30
N THR C 358 119.54 0.73 -31.68
CA THR C 358 119.36 2.14 -32.02
C THR C 358 120.36 3.03 -31.33
N LYS C 359 120.58 4.25 -31.87
CA LYS C 359 121.36 5.29 -31.22
C LYS C 359 120.80 5.69 -29.86
N GLN C 360 119.45 5.80 -29.74
CA GLN C 360 118.79 6.12 -28.50
C GLN C 360 119.02 5.08 -27.40
N GLU C 361 118.91 3.77 -27.72
CA GLU C 361 119.22 2.71 -26.77
C GLU C 361 120.65 2.72 -26.29
N TYR C 362 121.62 3.03 -27.18
CA TYR C 362 123.01 3.25 -26.79
C TYR C 362 123.18 4.46 -25.89
N ASP C 363 122.56 5.60 -26.22
CA ASP C 363 122.65 6.83 -25.42
C ASP C 363 122.04 6.66 -24.03
N GLU C 364 120.88 5.99 -23.93
CA GLU C 364 120.24 5.62 -22.67
C GLU C 364 120.98 4.57 -21.84
N ALA C 365 121.51 3.48 -22.46
CA ALA C 365 121.96 2.31 -21.72
C ALA C 365 123.43 1.88 -21.93
N GLY C 366 124.22 2.62 -22.74
CA GLY C 366 125.67 2.44 -22.87
C GLY C 366 126.20 1.22 -23.61
N PRO C 367 127.55 1.10 -23.73
CA PRO C 367 128.19 0.12 -24.61
C PRO C 367 127.92 -1.35 -24.34
N SER C 368 127.56 -1.75 -23.11
CA SER C 368 127.46 -3.15 -22.70
C SER C 368 126.25 -3.87 -23.26
N ILE C 369 125.28 -3.10 -23.81
CA ILE C 369 124.00 -3.61 -24.27
C ILE C 369 124.05 -4.48 -25.53
N VAL C 370 125.21 -4.58 -26.20
CA VAL C 370 125.39 -5.45 -27.36
C VAL C 370 125.09 -6.90 -27.04
N HIS C 371 125.57 -7.38 -25.87
CA HIS C 371 125.43 -8.76 -25.45
C HIS C 371 124.13 -8.96 -24.68
N ARG C 372 123.24 -7.95 -24.71
CA ARG C 372 121.94 -7.95 -24.10
C ARG C 372 120.85 -7.87 -25.17
N LYS C 373 121.23 -7.73 -26.47
CA LYS C 373 120.28 -7.71 -27.56
C LYS C 373 120.71 -8.66 -28.68
N CYS C 374 122.02 -8.93 -28.85
CA CYS C 374 122.48 -9.71 -29.98
C CYS C 374 123.64 -10.63 -29.64
N PHE C 375 124.07 -11.40 -30.65
CA PHE C 375 125.06 -12.44 -30.58
C PHE C 375 126.38 -11.95 -31.22
N GLU D 2 155.67 -61.40 6.64
CA GLU D 2 155.04 -60.39 7.54
C GLU D 2 153.63 -60.78 7.90
N ASP D 3 153.07 -60.20 8.97
CA ASP D 3 151.71 -60.47 9.41
C ASP D 3 150.79 -59.51 8.70
N GLU D 4 149.58 -59.99 8.37
CA GLU D 4 148.49 -59.25 7.73
C GLU D 4 148.72 -58.78 6.31
N THR D 5 149.99 -58.76 5.83
CA THR D 5 150.46 -58.50 4.46
C THR D 5 150.37 -57.05 4.02
N THR D 6 150.01 -56.13 4.96
CA THR D 6 149.40 -54.81 4.68
C THR D 6 148.16 -54.92 3.79
N ALA D 7 147.74 -53.85 3.12
CA ALA D 7 146.80 -53.96 2.04
C ALA D 7 146.97 -52.68 1.27
N LEU D 8 146.44 -52.60 0.05
CA LEU D 8 146.50 -51.42 -0.78
C LEU D 8 145.14 -50.84 -1.00
N VAL D 9 145.07 -49.51 -1.07
CA VAL D 9 143.82 -48.81 -1.23
C VAL D 9 144.00 -47.79 -2.32
N CYS D 10 143.06 -47.75 -3.27
CA CYS D 10 143.00 -46.74 -4.30
C CYS D 10 141.60 -46.15 -4.42
N ASP D 11 141.50 -44.82 -4.33
CA ASP D 11 140.33 -44.05 -4.72
C ASP D 11 140.58 -43.53 -6.13
N ASN D 12 139.69 -43.97 -7.07
CA ASN D 12 139.50 -43.40 -8.38
C ASN D 12 138.03 -43.04 -8.58
N GLY D 13 137.54 -41.99 -7.91
CA GLY D 13 136.70 -41.02 -8.63
C GLY D 13 137.48 -40.33 -9.76
N SER D 14 136.82 -39.65 -10.73
CA SER D 14 137.53 -38.84 -11.73
C SER D 14 138.46 -37.79 -11.16
N GLY D 15 139.54 -37.45 -11.90
CA GLY D 15 140.35 -36.30 -11.55
C GLY D 15 141.59 -36.63 -10.77
N LEU D 16 141.52 -37.44 -9.69
CA LEU D 16 142.66 -37.75 -8.84
C LEU D 16 142.67 -39.22 -8.48
N VAL D 17 143.84 -39.85 -8.58
CA VAL D 17 144.12 -41.12 -7.96
C VAL D 17 144.58 -40.79 -6.57
N LYS D 18 143.94 -41.33 -5.55
CA LYS D 18 144.48 -41.30 -4.21
C LYS D 18 144.82 -42.70 -3.82
N ALA D 19 146.09 -42.99 -3.55
CA ALA D 19 146.56 -44.33 -3.31
C ALA D 19 147.63 -44.43 -2.25
N GLY D 20 147.68 -45.57 -1.56
CA GLY D 20 148.66 -45.77 -0.52
C GLY D 20 148.40 -47.09 0.12
N PHE D 21 149.09 -47.33 1.24
CA PHE D 21 148.89 -48.49 2.07
C PHE D 21 147.67 -48.30 2.95
N ALA D 22 146.85 -49.36 3.08
CA ALA D 22 145.92 -49.53 4.17
C ALA D 22 146.65 -49.64 5.50
N GLY D 23 146.10 -49.02 6.55
CA GLY D 23 146.77 -48.99 7.85
C GLY D 23 147.54 -47.75 8.14
N ASP D 24 147.46 -46.74 7.25
CA ASP D 24 148.06 -45.44 7.42
C ASP D 24 146.95 -44.38 7.36
N ASP D 25 147.15 -43.21 7.99
CA ASP D 25 146.22 -42.12 8.10
C ASP D 25 146.15 -41.29 6.82
N ALA D 26 147.23 -41.28 6.01
CA ALA D 26 147.23 -40.54 4.75
C ALA D 26 147.80 -41.35 3.59
N PRO D 27 147.32 -41.14 2.35
CA PRO D 27 147.84 -41.82 1.18
C PRO D 27 149.24 -41.33 0.87
N ARG D 28 150.14 -42.21 0.40
CA ARG D 28 151.46 -41.82 -0.06
C ARG D 28 151.41 -41.03 -1.35
N ALA D 29 150.57 -41.44 -2.31
CA ALA D 29 150.55 -40.89 -3.63
C ALA D 29 149.19 -40.35 -3.95
N VAL D 30 149.14 -39.08 -4.34
CA VAL D 30 147.95 -38.45 -4.84
C VAL D 30 148.37 -37.71 -6.08
N PHE D 31 147.74 -37.98 -7.23
CA PHE D 31 148.13 -37.33 -8.45
C PHE D 31 146.94 -37.25 -9.38
N PRO D 32 146.93 -36.37 -10.38
CA PRO D 32 145.83 -36.27 -11.34
C PRO D 32 145.70 -37.44 -12.27
N SER D 33 144.49 -37.97 -12.42
CA SER D 33 144.16 -39.07 -13.30
C SER D 33 144.09 -38.67 -14.74
N ILE D 34 145.22 -38.42 -15.39
CA ILE D 34 145.26 -37.87 -16.73
C ILE D 34 146.25 -38.64 -17.52
N VAL D 35 145.91 -38.87 -18.79
CA VAL D 35 146.75 -39.49 -19.77
C VAL D 35 146.91 -38.43 -20.80
N GLY D 36 148.13 -37.87 -20.93
CA GLY D 36 148.41 -36.82 -21.86
C GLY D 36 149.29 -37.26 -22.98
N ARG D 37 148.84 -37.07 -24.21
CA ARG D 37 149.48 -37.62 -25.38
C ARG D 37 150.17 -36.50 -26.16
N PRO D 38 151.43 -36.62 -26.60
CA PRO D 38 152.02 -35.71 -27.58
C PRO D 38 151.21 -35.57 -28.86
N ARG D 39 150.40 -34.50 -28.95
CA ARG D 39 149.64 -34.12 -30.12
C ARG D 39 150.54 -33.58 -31.24
N HIS D 40 151.57 -32.78 -30.89
CA HIS D 40 152.48 -32.21 -31.85
C HIS D 40 153.59 -33.20 -32.12
N GLN D 41 153.86 -33.50 -33.41
CA GLN D 41 154.99 -34.33 -33.77
C GLN D 41 156.31 -33.68 -33.40
N GLY D 42 157.16 -34.41 -32.66
CA GLY D 42 158.43 -33.89 -32.19
C GLY D 42 159.50 -34.03 -33.22
N VAL D 43 160.40 -33.04 -33.33
CA VAL D 43 161.51 -33.08 -34.28
C VAL D 43 162.78 -32.74 -33.55
N MET D 44 163.47 -33.78 -33.08
CA MET D 44 164.80 -33.75 -32.51
C MET D 44 165.22 -35.20 -32.70
N VAL D 45 166.35 -35.62 -32.11
CA VAL D 45 166.72 -37.02 -32.01
C VAL D 45 167.07 -37.20 -30.55
N GLY D 46 166.77 -38.38 -29.94
CA GLY D 46 167.04 -38.61 -28.52
C GLY D 46 166.03 -37.99 -27.59
N MET D 47 164.80 -37.84 -28.08
CA MET D 47 163.65 -37.57 -27.25
C MET D 47 163.01 -38.89 -26.94
N GLY D 48 162.51 -39.01 -25.69
CA GLY D 48 161.51 -39.99 -25.26
C GLY D 48 161.62 -41.41 -25.80
N GLN D 49 160.83 -41.82 -26.83
CA GLN D 49 159.73 -41.08 -27.43
C GLN D 49 158.60 -40.89 -26.45
N LYS D 50 158.23 -41.99 -25.76
CA LYS D 50 157.16 -42.07 -24.79
C LYS D 50 155.80 -41.73 -25.40
N ASP D 51 154.98 -42.74 -25.76
CA ASP D 51 153.67 -42.60 -26.41
C ASP D 51 152.72 -41.67 -25.65
N SER D 52 152.83 -41.66 -24.32
CA SER D 52 151.96 -40.88 -23.50
C SER D 52 152.57 -40.73 -22.14
N TYR D 53 152.15 -39.71 -21.40
CA TYR D 53 152.58 -39.37 -20.05
C TYR D 53 151.40 -39.48 -19.14
N VAL D 54 151.61 -39.92 -17.90
CA VAL D 54 150.57 -40.24 -16.95
C VAL D 54 150.90 -39.52 -15.65
N GLY D 55 149.87 -39.07 -14.91
CA GLY D 55 150.07 -38.48 -13.60
C GLY D 55 150.49 -37.04 -13.65
N ASP D 56 151.16 -36.52 -12.61
CA ASP D 56 151.65 -35.15 -12.54
C ASP D 56 152.85 -34.87 -13.46
N GLU D 57 153.46 -35.90 -14.09
CA GLU D 57 154.33 -35.78 -15.27
C GLU D 57 153.66 -35.01 -16.42
N ALA D 58 152.37 -35.33 -16.70
CA ALA D 58 151.51 -34.66 -17.66
C ALA D 58 151.20 -33.21 -17.28
N GLN D 59 151.03 -32.92 -15.97
CA GLN D 59 150.89 -31.56 -15.45
C GLN D 59 152.12 -30.70 -15.71
N SER D 60 153.33 -31.26 -15.51
CA SER D 60 154.61 -30.60 -15.78
C SER D 60 154.81 -30.32 -17.26
N LYS D 61 154.55 -31.31 -18.13
CA LYS D 61 154.66 -31.16 -19.57
C LYS D 61 153.30 -30.97 -20.18
N ARG D 62 152.61 -29.87 -19.86
CA ARG D 62 151.23 -29.73 -20.22
C ARG D 62 150.95 -29.25 -21.64
N GLY D 63 151.79 -28.29 -22.12
CA GLY D 63 151.51 -27.52 -23.32
C GLY D 63 151.57 -28.27 -24.62
N ILE D 64 152.44 -29.29 -24.67
CA ILE D 64 152.59 -30.22 -25.78
C ILE D 64 151.41 -31.14 -25.90
N LEU D 65 150.96 -31.64 -24.74
CA LEU D 65 150.03 -32.73 -24.59
C LEU D 65 148.61 -32.28 -24.84
N THR D 66 147.82 -33.20 -25.39
CA THR D 66 146.39 -33.14 -25.19
C THR D 66 146.14 -34.07 -24.03
N LEU D 67 145.32 -33.67 -23.05
CA LEU D 67 145.05 -34.44 -21.86
C LEU D 67 143.69 -35.05 -21.98
N LYS D 68 143.60 -36.33 -21.64
CA LYS D 68 142.36 -37.03 -21.64
C LYS D 68 142.15 -37.56 -20.24
N TYR D 69 141.06 -37.11 -19.56
CA TYR D 69 140.56 -37.75 -18.38
C TYR D 69 139.95 -39.11 -18.79
N PRO D 70 140.31 -40.25 -18.21
CA PRO D 70 139.81 -41.53 -18.69
C PRO D 70 138.53 -41.85 -17.98
N ILE D 71 138.21 -41.16 -16.88
CA ILE D 71 136.99 -41.38 -16.12
C ILE D 71 136.13 -40.15 -16.29
N GLU D 72 134.89 -40.32 -16.77
CA GLU D 72 133.92 -39.24 -16.82
C GLU D 72 132.66 -39.72 -16.15
N HIS D 73 132.16 -38.91 -15.20
CA HIS D 73 130.93 -39.15 -14.46
C HIS D 73 130.92 -40.42 -13.63
N GLY D 74 132.10 -40.82 -13.12
CA GLY D 74 132.34 -42.10 -12.45
C GLY D 74 132.48 -43.26 -13.40
N ILE D 75 132.38 -43.03 -14.73
CA ILE D 75 132.43 -44.05 -15.75
C ILE D 75 133.80 -44.03 -16.38
N ILE D 76 134.49 -45.18 -16.47
CA ILE D 76 135.70 -45.22 -17.26
C ILE D 76 135.34 -45.22 -18.73
N THR D 77 135.75 -44.17 -19.46
CA THR D 77 135.59 -44.02 -20.90
C THR D 77 136.55 -44.90 -21.65
N ASN D 78 137.82 -44.91 -21.20
CA ASN D 78 138.89 -45.62 -21.84
C ASN D 78 139.67 -46.49 -20.84
N TRP D 79 139.65 -47.82 -21.07
CA TRP D 79 140.18 -48.83 -20.17
C TRP D 79 141.69 -48.96 -20.13
N ASP D 80 142.36 -48.84 -21.31
CA ASP D 80 143.81 -48.89 -21.43
C ASP D 80 144.42 -47.72 -20.69
N ASP D 81 143.87 -46.51 -20.84
CA ASP D 81 144.22 -45.32 -20.11
C ASP D 81 144.09 -45.49 -18.57
N MET D 82 143.00 -46.12 -18.05
CA MET D 82 142.89 -46.50 -16.64
C MET D 82 143.92 -47.50 -16.16
N GLU D 83 144.19 -48.54 -16.97
CA GLU D 83 145.24 -49.52 -16.69
C GLU D 83 146.60 -48.85 -16.59
N LYS D 84 146.93 -47.93 -17.52
CA LYS D 84 148.14 -47.11 -17.48
C LYS D 84 148.26 -46.26 -16.22
N ILE D 85 147.15 -45.65 -15.75
CA ILE D 85 147.11 -44.94 -14.49
C ILE D 85 147.40 -45.81 -13.30
N TRP D 86 146.76 -46.98 -13.20
CA TRP D 86 147.09 -47.95 -12.16
C TRP D 86 148.49 -48.51 -12.28
N HIS D 87 149.00 -48.74 -13.51
CA HIS D 87 150.39 -49.14 -13.70
C HIS D 87 151.38 -48.13 -13.13
N HIS D 88 151.12 -46.82 -13.38
CA HIS D 88 151.82 -45.69 -12.81
C HIS D 88 151.72 -45.69 -11.27
N THR D 89 150.52 -45.89 -10.62
CA THR D 89 150.41 -45.92 -9.14
C THR D 89 151.31 -46.94 -8.47
N PHE D 90 151.27 -48.18 -8.99
CA PHE D 90 151.93 -49.30 -8.38
C PHE D 90 153.41 -49.29 -8.61
N TYR D 91 153.86 -49.06 -9.85
CA TYR D 91 155.28 -49.14 -10.16
C TYR D 91 155.98 -47.81 -9.99
N ASN D 92 155.41 -46.68 -10.45
CA ASN D 92 156.08 -45.38 -10.37
C ASN D 92 156.12 -44.81 -8.95
N GLU D 93 154.99 -44.84 -8.20
CA GLU D 93 154.96 -44.29 -6.85
C GLU D 93 155.19 -45.32 -5.77
N LEU D 94 154.29 -46.31 -5.64
CA LEU D 94 154.29 -47.13 -4.44
C LEU D 94 155.37 -48.18 -4.40
N ARG D 95 155.81 -48.63 -5.59
CA ARG D 95 156.87 -49.59 -5.83
C ARG D 95 156.57 -50.93 -5.23
N VAL D 96 155.36 -51.43 -5.50
CA VAL D 96 154.83 -52.64 -4.92
C VAL D 96 154.63 -53.62 -6.05
N ALA D 97 154.69 -54.92 -5.76
CA ALA D 97 154.16 -55.94 -6.64
C ALA D 97 152.72 -56.16 -6.17
N PRO D 98 151.65 -55.93 -6.94
CA PRO D 98 150.28 -56.21 -6.51
C PRO D 98 150.04 -57.66 -6.10
N GLU D 99 150.84 -58.65 -6.56
CA GLU D 99 150.81 -60.04 -6.12
C GLU D 99 151.02 -60.19 -4.62
N GLU D 100 151.69 -59.22 -3.99
CA GLU D 100 152.03 -59.25 -2.59
C GLU D 100 151.01 -58.49 -1.75
N HIS D 101 149.94 -57.89 -2.34
CA HIS D 101 149.02 -57.09 -1.53
C HIS D 101 147.58 -57.29 -1.93
N PRO D 102 146.58 -57.47 -1.07
CA PRO D 102 145.17 -57.26 -1.46
C PRO D 102 144.86 -55.79 -1.77
N THR D 103 144.05 -55.49 -2.81
CA THR D 103 143.81 -54.11 -3.27
C THR D 103 142.36 -53.71 -3.16
N LEU D 104 142.06 -52.65 -2.42
CA LEU D 104 140.76 -52.05 -2.33
C LEU D 104 140.62 -50.96 -3.39
N LEU D 105 139.52 -50.99 -4.15
CA LEU D 105 139.14 -49.91 -5.03
C LEU D 105 137.88 -49.30 -4.51
N THR D 106 137.80 -47.97 -4.59
CA THR D 106 136.54 -47.28 -4.43
C THR D 106 135.80 -47.22 -5.73
N GLU D 107 134.49 -46.98 -5.69
CA GLU D 107 133.67 -46.82 -6.87
C GLU D 107 132.41 -46.08 -6.46
N ALA D 108 131.76 -45.39 -7.43
CA ALA D 108 130.66 -44.49 -7.14
C ALA D 108 129.27 -45.17 -7.10
N PRO D 109 128.28 -44.78 -6.30
CA PRO D 109 126.93 -45.29 -6.40
C PRO D 109 126.20 -45.20 -7.72
N LEU D 110 125.25 -46.15 -7.94
CA LEU D 110 124.32 -46.21 -9.06
C LEU D 110 125.09 -46.26 -10.35
N ASN D 111 126.27 -46.86 -10.30
CA ASN D 111 127.21 -46.85 -11.37
C ASN D 111 126.95 -48.10 -12.20
N PRO D 112 126.96 -48.05 -13.54
CA PRO D 112 126.98 -49.21 -14.41
C PRO D 112 127.72 -50.42 -13.90
N LYS D 113 127.11 -51.60 -14.03
CA LYS D 113 127.65 -52.87 -13.61
C LYS D 113 128.96 -53.22 -14.26
N ALA D 114 129.07 -52.84 -15.55
CA ALA D 114 130.22 -53.03 -16.41
C ALA D 114 131.49 -52.41 -15.86
N ASN D 115 131.41 -51.22 -15.21
CA ASN D 115 132.57 -50.66 -14.54
C ASN D 115 133.08 -51.53 -13.40
N ARG D 116 132.21 -52.00 -12.47
CA ARG D 116 132.63 -52.88 -11.39
C ARG D 116 133.19 -54.21 -11.88
N GLU D 117 132.49 -54.87 -12.82
CA GLU D 117 132.86 -56.14 -13.43
C GLU D 117 134.10 -56.09 -14.31
N LYS D 118 134.27 -55.04 -15.12
CA LYS D 118 135.50 -54.84 -15.87
C LYS D 118 136.67 -54.41 -15.00
N MET D 119 136.43 -53.62 -13.94
CA MET D 119 137.43 -53.20 -12.97
C MET D 119 138.08 -54.38 -12.23
N THR D 120 137.22 -55.37 -11.81
CA THR D 120 137.68 -56.64 -11.25
C THR D 120 138.40 -57.51 -12.24
N GLN D 121 137.90 -57.60 -13.49
CA GLN D 121 138.54 -58.33 -14.55
C GLN D 121 139.98 -57.87 -14.83
N ILE D 122 140.19 -56.53 -14.87
CA ILE D 122 141.53 -55.95 -14.94
C ILE D 122 142.35 -56.23 -13.70
N MET D 123 141.79 -56.07 -12.48
CA MET D 123 142.58 -56.33 -11.29
C MET D 123 143.08 -57.75 -11.21
N PHE D 124 142.29 -58.76 -11.56
CA PHE D 124 142.82 -60.11 -11.60
C PHE D 124 143.69 -60.46 -12.79
N GLU D 125 143.35 -60.01 -14.03
CA GLU D 125 143.97 -60.48 -15.24
C GLU D 125 144.91 -59.48 -15.89
N THR D 126 145.29 -58.43 -15.15
CA THR D 126 146.32 -57.48 -15.57
C THR D 126 147.39 -57.45 -14.51
N PHE D 127 147.10 -56.92 -13.30
CA PHE D 127 148.07 -56.94 -12.22
C PHE D 127 147.75 -58.14 -11.36
N ASN D 128 148.45 -59.29 -11.49
CA ASN D 128 148.04 -60.48 -10.75
C ASN D 128 147.98 -60.17 -9.23
N VAL D 129 146.86 -60.46 -8.54
CA VAL D 129 146.66 -59.92 -7.20
C VAL D 129 145.98 -61.02 -6.38
N PRO D 130 146.24 -61.25 -5.09
CA PRO D 130 145.61 -62.33 -4.33
C PRO D 130 144.14 -62.07 -4.09
N ALA D 131 143.76 -60.81 -3.93
CA ALA D 131 142.41 -60.48 -3.57
C ALA D 131 142.12 -59.03 -3.80
N MET D 132 140.84 -58.66 -3.87
CA MET D 132 140.46 -57.30 -4.06
C MET D 132 139.08 -57.05 -3.52
N TYR D 133 138.67 -55.78 -3.49
CA TYR D 133 137.32 -55.44 -3.14
C TYR D 133 137.02 -54.16 -3.90
N VAL D 134 135.75 -53.93 -4.25
CA VAL D 134 135.25 -52.68 -4.79
C VAL D 134 134.23 -52.23 -3.78
N ALA D 135 134.30 -50.96 -3.37
CA ALA D 135 133.48 -50.44 -2.31
C ALA D 135 132.89 -49.12 -2.69
N ILE D 136 131.75 -48.78 -2.06
CA ILE D 136 131.06 -47.57 -2.37
C ILE D 136 131.72 -46.34 -1.74
N GLN D 137 131.93 -45.23 -2.48
CA GLN D 137 132.65 -44.05 -1.98
C GLN D 137 132.13 -43.42 -0.69
N ALA D 138 130.80 -43.26 -0.59
CA ALA D 138 130.14 -42.58 0.51
C ALA D 138 130.25 -43.26 1.88
N VAL D 139 130.12 -44.60 1.91
CA VAL D 139 130.30 -45.40 3.11
C VAL D 139 131.71 -45.29 3.66
N LEU D 140 132.75 -45.28 2.79
CA LEU D 140 134.13 -45.09 3.20
C LEU D 140 134.35 -43.73 3.88
N SER D 141 133.80 -42.63 3.33
CA SER D 141 133.89 -41.32 3.99
C SER D 141 133.23 -41.28 5.36
N LEU D 142 132.08 -41.96 5.50
CA LEU D 142 131.39 -42.12 6.76
C LEU D 142 132.24 -42.82 7.84
N TYR D 143 132.93 -43.93 7.47
CA TYR D 143 133.91 -44.61 8.31
C TYR D 143 135.04 -43.71 8.73
N ALA D 144 135.60 -42.91 7.78
CA ALA D 144 136.66 -41.95 8.03
C ALA D 144 136.27 -40.87 9.01
N SER D 145 135.00 -40.41 8.96
CA SER D 145 134.45 -39.45 9.90
C SER D 145 134.14 -40.06 11.26
N GLY D 146 134.16 -41.41 11.40
CA GLY D 146 134.04 -42.11 12.68
C GLY D 146 132.64 -42.17 13.21
N ARG D 147 131.65 -42.03 12.33
CA ARG D 147 130.25 -41.94 12.71
C ARG D 147 129.54 -43.16 12.15
N THR D 148 128.48 -43.64 12.83
CA THR D 148 127.79 -44.84 12.38
C THR D 148 126.59 -44.50 11.51
N THR D 149 126.21 -43.22 11.49
CA THR D 149 124.97 -42.70 10.96
C THR D 149 125.27 -41.36 10.35
N GLY D 150 124.64 -41.09 9.21
CA GLY D 150 124.71 -39.83 8.54
C GLY D 150 124.22 -39.94 7.15
N ILE D 151 124.03 -38.80 6.52
CA ILE D 151 123.76 -38.77 5.10
C ILE D 151 124.99 -38.22 4.48
N VAL D 152 125.63 -39.01 3.63
CA VAL D 152 126.89 -38.62 3.06
C VAL D 152 126.65 -37.98 1.72
N LEU D 153 127.01 -36.70 1.61
CA LEU D 153 127.03 -35.95 0.40
C LEU D 153 128.42 -36.09 -0.17
N ASP D 154 128.57 -36.88 -1.22
CA ASP D 154 129.81 -37.21 -1.86
C ASP D 154 129.75 -36.40 -3.15
N SER D 155 130.71 -35.48 -3.33
CA SER D 155 130.88 -34.89 -4.63
C SER D 155 132.35 -34.80 -4.97
N GLY D 156 132.76 -35.59 -5.99
CA GLY D 156 134.11 -35.52 -6.52
C GLY D 156 134.21 -34.66 -7.76
N ASP D 157 135.24 -34.92 -8.57
CA ASP D 157 135.35 -34.37 -9.92
C ASP D 157 134.56 -35.22 -10.92
N GLY D 158 134.20 -36.47 -10.51
CA GLY D 158 133.43 -37.38 -11.33
C GLY D 158 131.98 -37.06 -11.35
N VAL D 159 131.20 -37.43 -10.30
CA VAL D 159 129.80 -37.07 -10.22
C VAL D 159 129.56 -36.86 -8.74
N THR D 160 128.43 -36.22 -8.39
CA THR D 160 127.83 -36.07 -7.06
C THR D 160 126.89 -37.22 -6.74
N HIS D 161 127.00 -37.76 -5.52
CA HIS D 161 126.26 -38.87 -4.99
C HIS D 161 125.81 -38.55 -3.59
N ASN D 162 124.79 -39.25 -3.10
CA ASN D 162 124.22 -38.98 -1.81
C ASN D 162 123.75 -40.34 -1.31
N VAL D 163 124.26 -40.81 -0.16
CA VAL D 163 123.89 -42.09 0.39
C VAL D 163 123.48 -41.84 1.85
N PRO D 164 122.21 -41.98 2.26
CA PRO D 164 121.83 -42.02 3.67
C PRO D 164 122.14 -43.36 4.27
N ILE D 165 122.64 -43.34 5.49
CA ILE D 165 122.98 -44.52 6.24
C ILE D 165 122.37 -44.32 7.61
N TYR D 166 121.91 -45.39 8.26
CA TYR D 166 121.43 -45.37 9.62
C TYR D 166 121.93 -46.59 10.37
N GLU D 167 122.81 -46.40 11.37
CA GLU D 167 123.31 -47.41 12.27
C GLU D 167 124.04 -48.54 11.55
N GLY D 168 125.00 -48.16 10.67
CA GLY D 168 125.29 -49.00 9.52
C GLY D 168 124.11 -49.00 8.58
N TYR D 169 123.60 -50.19 8.18
CA TYR D 169 122.58 -50.38 7.16
C TYR D 169 122.85 -49.55 5.91
N ALA D 170 121.81 -49.04 5.21
CA ALA D 170 121.90 -48.35 3.95
C ALA D 170 120.53 -48.41 3.34
N LEU D 171 120.14 -47.39 2.55
CA LEU D 171 118.82 -47.37 1.95
C LEU D 171 118.93 -47.26 0.43
N PRO D 172 118.77 -48.34 -0.36
CA PRO D 172 119.01 -48.32 -1.79
C PRO D 172 118.11 -47.38 -2.58
N HIS D 173 116.82 -47.28 -2.22
CA HIS D 173 115.83 -46.40 -2.82
C HIS D 173 116.09 -44.92 -2.55
N ALA D 174 116.67 -44.63 -1.37
CA ALA D 174 116.98 -43.29 -0.94
C ALA D 174 118.33 -42.79 -1.41
N ILE D 175 119.21 -43.66 -1.96
CA ILE D 175 120.44 -43.24 -2.64
C ILE D 175 120.12 -42.39 -3.85
N MET D 176 120.74 -41.20 -3.95
CA MET D 176 120.57 -40.30 -5.05
C MET D 176 121.91 -40.00 -5.69
N ARG D 177 121.91 -39.90 -7.02
CA ARG D 177 123.06 -39.56 -7.80
C ARG D 177 122.65 -38.38 -8.66
N LEU D 178 123.46 -37.33 -8.64
CA LEU D 178 123.19 -36.08 -9.30
C LEU D 178 124.34 -35.75 -10.21
N ASP D 179 124.07 -35.56 -11.52
CA ASP D 179 125.10 -35.27 -12.49
C ASP D 179 125.49 -33.79 -12.42
N LEU D 180 126.34 -33.49 -11.44
CA LEU D 180 127.10 -32.27 -11.28
C LEU D 180 128.42 -32.70 -10.76
N ALA D 181 129.46 -31.90 -10.99
CA ALA D 181 130.75 -32.24 -10.50
C ALA D 181 131.65 -31.04 -10.44
N GLY D 182 132.86 -31.22 -9.89
CA GLY D 182 133.98 -30.33 -10.13
C GLY D 182 134.24 -30.05 -11.59
N ARG D 183 134.27 -31.06 -12.47
CA ARG D 183 134.51 -30.88 -13.88
C ARG D 183 133.47 -30.02 -14.61
N ASP D 184 132.17 -30.20 -14.32
CA ASP D 184 131.10 -29.37 -14.86
C ASP D 184 131.17 -27.92 -14.38
N LEU D 185 131.57 -27.68 -13.11
CA LEU D 185 131.92 -26.36 -12.61
C LEU D 185 133.10 -25.73 -13.31
N THR D 186 134.13 -26.50 -13.66
CA THR D 186 135.24 -26.04 -14.50
C THR D 186 134.80 -25.62 -15.91
N ASP D 187 133.95 -26.42 -16.60
CA ASP D 187 133.38 -26.10 -17.91
C ASP D 187 132.47 -24.85 -17.85
N TYR D 188 131.64 -24.70 -16.78
CA TYR D 188 130.91 -23.47 -16.50
C TYR D 188 131.84 -22.27 -16.27
N LEU D 189 132.93 -22.47 -15.49
CA LEU D 189 133.85 -21.42 -15.16
C LEU D 189 134.60 -20.86 -16.35
N MET D 190 135.17 -21.69 -17.22
CA MET D 190 135.82 -21.21 -18.41
C MET D 190 134.84 -20.52 -19.37
N LYS D 191 133.55 -20.96 -19.40
CA LYS D 191 132.48 -20.23 -20.05
C LYS D 191 132.14 -18.87 -19.44
N ILE D 192 132.17 -18.71 -18.11
CA ILE D 192 131.88 -17.42 -17.49
C ILE D 192 133.11 -16.51 -17.46
N LEU D 193 134.34 -16.98 -17.70
CA LEU D 193 135.49 -16.09 -17.90
C LEU D 193 135.47 -15.35 -19.23
N THR D 194 134.81 -15.91 -20.26
CA THR D 194 134.80 -15.37 -21.63
C THR D 194 134.14 -14.02 -21.76
N GLU D 195 133.12 -13.71 -20.91
CA GLU D 195 132.46 -12.42 -20.86
C GLU D 195 133.40 -11.33 -20.34
N ARG D 196 134.49 -11.72 -19.65
CA ARG D 196 135.49 -10.80 -19.17
C ARG D 196 136.62 -10.58 -20.18
N GLY D 197 136.66 -11.40 -21.25
CA GLY D 197 137.64 -11.33 -22.34
C GLY D 197 138.71 -12.39 -22.27
N TYR D 198 138.78 -13.16 -21.17
CA TYR D 198 139.77 -14.22 -21.04
C TYR D 198 139.23 -15.51 -21.63
N SER D 199 139.92 -16.06 -22.64
CA SER D 199 139.39 -17.18 -23.39
C SER D 199 140.34 -18.32 -23.27
N PHE D 200 139.86 -19.41 -22.66
CA PHE D 200 140.66 -20.58 -22.39
C PHE D 200 139.99 -21.68 -23.16
N VAL D 201 140.63 -22.17 -24.23
CA VAL D 201 139.95 -22.92 -25.28
C VAL D 201 140.42 -24.36 -25.30
N THR D 202 141.49 -24.72 -24.56
CA THR D 202 142.20 -25.97 -24.77
C THR D 202 142.37 -26.66 -23.42
N THR D 203 142.63 -27.99 -23.42
CA THR D 203 142.74 -28.83 -22.23
C THR D 203 143.79 -28.42 -21.22
N ALA D 204 144.96 -27.95 -21.69
CA ALA D 204 146.05 -27.45 -20.89
C ALA D 204 145.67 -26.28 -19.96
N GLU D 205 145.00 -25.21 -20.47
CA GLU D 205 144.56 -24.12 -19.63
C GLU D 205 143.19 -24.35 -19.01
N ARG D 206 142.46 -25.40 -19.41
CA ARG D 206 141.32 -25.92 -18.68
C ARG D 206 141.68 -26.42 -17.29
N GLU D 207 142.89 -27.01 -17.16
CA GLU D 207 143.47 -27.31 -15.87
C GLU D 207 144.04 -26.10 -15.13
N ILE D 208 144.41 -25.02 -15.83
CA ILE D 208 144.66 -23.71 -15.20
C ILE D 208 143.41 -23.10 -14.56
N VAL D 209 142.21 -23.13 -15.19
CA VAL D 209 140.98 -22.71 -14.50
C VAL D 209 140.53 -23.67 -13.43
N ARG D 210 140.89 -24.97 -13.53
CA ARG D 210 140.71 -25.88 -12.42
C ARG D 210 141.51 -25.44 -11.19
N ASP D 211 142.80 -25.07 -11.33
CA ASP D 211 143.67 -24.52 -10.28
C ASP D 211 143.12 -23.18 -9.70
N ILE D 212 142.58 -22.29 -10.57
CA ILE D 212 141.93 -21.05 -10.12
C ILE D 212 140.78 -21.32 -9.20
N LYS D 213 139.91 -22.24 -9.63
CA LYS D 213 138.71 -22.62 -8.94
C LYS D 213 138.97 -23.36 -7.63
N GLU D 214 140.06 -24.15 -7.55
CA GLU D 214 140.59 -24.80 -6.36
C GLU D 214 141.04 -23.85 -5.26
N LYS D 215 141.33 -22.56 -5.56
CA LYS D 215 141.57 -21.58 -4.50
C LYS D 215 140.72 -20.33 -4.55
N LEU D 216 140.55 -19.65 -5.70
CA LEU D 216 139.89 -18.37 -5.71
C LEU D 216 138.40 -18.47 -5.41
N CYS D 217 137.70 -19.44 -6.02
CA CYS D 217 136.28 -19.62 -5.88
C CYS D 217 135.79 -19.82 -4.46
N TYR D 218 134.62 -19.25 -4.11
CA TYR D 218 134.02 -19.52 -2.82
C TYR D 218 132.52 -19.52 -3.02
N VAL D 219 131.75 -19.99 -2.03
CA VAL D 219 130.30 -19.97 -2.09
C VAL D 219 129.72 -18.86 -1.26
N ALA D 220 128.83 -18.04 -1.85
CA ALA D 220 128.09 -17.01 -1.18
C ALA D 220 127.14 -17.48 -0.07
N LEU D 221 127.15 -16.79 1.08
CA LEU D 221 126.22 -17.06 2.17
C LEU D 221 124.89 -16.42 1.89
N ASP D 222 124.84 -15.48 0.94
CA ASP D 222 123.66 -15.28 0.16
C ASP D 222 124.14 -14.81 -1.22
N PHE D 223 123.67 -15.43 -2.32
CA PHE D 223 124.12 -15.18 -3.67
C PHE D 223 123.77 -13.78 -4.14
N GLU D 224 122.50 -13.35 -3.99
CA GLU D 224 122.01 -12.07 -4.43
C GLU D 224 122.67 -10.92 -3.71
N ASN D 225 122.86 -11.05 -2.38
CA ASN D 225 123.56 -10.06 -1.57
C ASN D 225 125.00 -9.86 -2.00
N GLU D 226 125.75 -10.96 -2.25
CA GLU D 226 127.09 -10.86 -2.76
C GLU D 226 127.20 -10.37 -4.20
N MET D 227 126.26 -10.75 -5.07
CA MET D 227 126.12 -10.17 -6.40
C MET D 227 125.73 -8.69 -6.44
N ALA D 228 124.89 -8.21 -5.50
CA ALA D 228 124.64 -6.81 -5.30
C ALA D 228 125.88 -5.99 -4.86
N THR D 229 126.69 -6.51 -3.90
CA THR D 229 127.90 -5.83 -3.43
C THR D 229 129.04 -5.94 -4.45
N ALA D 230 128.93 -6.81 -5.48
CA ALA D 230 129.79 -6.75 -6.67
C ALA D 230 129.70 -5.47 -7.51
N ALA D 231 128.69 -4.58 -7.27
CA ALA D 231 128.68 -3.24 -7.85
C ALA D 231 129.86 -2.37 -7.38
N SER D 232 130.20 -2.40 -6.08
CA SER D 232 131.36 -1.73 -5.52
C SER D 232 132.50 -2.72 -5.39
N SER D 233 133.24 -2.96 -6.49
CA SER D 233 134.28 -3.97 -6.49
C SER D 233 135.50 -3.56 -5.68
N SER D 234 135.79 -4.35 -4.63
CA SER D 234 136.94 -4.12 -3.76
C SER D 234 137.54 -5.48 -3.41
N SER D 235 136.91 -6.24 -2.48
CA SER D 235 137.45 -7.52 -2.03
C SER D 235 137.09 -8.71 -2.90
N LEU D 236 136.09 -8.54 -3.77
CA LEU D 236 135.54 -9.61 -4.59
C LEU D 236 136.39 -9.87 -5.81
N GLU D 237 137.17 -8.86 -6.24
CA GLU D 237 138.18 -9.03 -7.26
C GLU D 237 139.40 -9.65 -6.64
N LYS D 238 140.03 -10.59 -7.35
CA LYS D 238 141.34 -11.08 -7.00
C LYS D 238 142.11 -11.18 -8.26
N SER D 239 143.34 -10.64 -8.20
CA SER D 239 144.42 -10.88 -9.14
C SER D 239 144.87 -12.33 -9.06
N TYR D 240 145.00 -13.00 -10.20
CA TYR D 240 145.54 -14.33 -10.37
C TYR D 240 146.63 -14.24 -11.41
N GLU D 241 147.75 -14.94 -11.17
CA GLU D 241 148.89 -15.03 -12.05
C GLU D 241 148.79 -16.30 -12.87
N LEU D 242 148.83 -16.22 -14.21
CA LEU D 242 148.93 -17.39 -15.07
C LEU D 242 150.37 -17.86 -15.18
N PRO D 243 150.67 -19.10 -15.53
CA PRO D 243 152.05 -19.54 -15.83
C PRO D 243 152.67 -18.82 -17.02
N ASP D 244 151.87 -18.24 -17.94
CA ASP D 244 152.30 -17.38 -19.03
C ASP D 244 152.94 -16.08 -18.49
N GLY D 245 152.47 -15.56 -17.32
CA GLY D 245 152.85 -14.25 -16.78
C GLY D 245 151.78 -13.22 -17.03
N GLN D 246 150.70 -13.66 -17.70
CA GLN D 246 149.47 -12.90 -17.77
C GLN D 246 148.69 -12.87 -16.47
N VAL D 247 148.05 -11.74 -16.17
CA VAL D 247 147.34 -11.52 -14.94
C VAL D 247 145.88 -11.50 -15.27
N ILE D 248 145.07 -12.17 -14.44
CA ILE D 248 143.63 -12.32 -14.55
C ILE D 248 143.04 -11.69 -13.32
N THR D 249 141.93 -10.95 -13.49
CA THR D 249 141.28 -10.22 -12.40
C THR D 249 139.84 -10.62 -12.40
N ILE D 250 139.37 -11.39 -11.41
CA ILE D 250 138.04 -12.01 -11.39
C ILE D 250 137.18 -11.52 -10.24
N GLY D 251 136.00 -10.93 -10.55
CA GLY D 251 135.13 -10.30 -9.56
C GLY D 251 134.00 -11.20 -9.12
N ASN D 252 132.76 -10.88 -9.52
CA ASN D 252 131.56 -11.63 -9.15
C ASN D 252 131.45 -13.02 -9.75
N GLU D 253 132.12 -13.17 -10.89
CA GLU D 253 132.36 -14.36 -11.66
C GLU D 253 132.96 -15.48 -10.82
N ARG D 254 133.83 -15.11 -9.85
CA ARG D 254 134.38 -16.01 -8.88
C ARG D 254 133.36 -16.82 -8.06
N PHE D 255 132.37 -16.18 -7.37
CA PHE D 255 131.52 -16.92 -6.44
C PHE D 255 130.28 -17.48 -7.11
N ARG D 256 129.91 -16.99 -8.31
CA ARG D 256 128.80 -17.59 -9.01
C ARG D 256 129.14 -18.88 -9.74
N CYS D 257 130.43 -19.24 -9.87
CA CYS D 257 130.77 -20.59 -10.30
C CYS D 257 130.36 -21.67 -9.29
N PRO D 258 130.66 -21.66 -7.98
CA PRO D 258 130.14 -22.69 -7.10
C PRO D 258 128.64 -22.61 -6.85
N GLU D 259 128.00 -21.43 -7.12
CA GLU D 259 126.57 -21.19 -7.00
C GLU D 259 125.77 -22.16 -7.85
N THR D 260 126.33 -22.61 -9.00
CA THR D 260 125.78 -23.64 -9.88
C THR D 260 125.35 -24.92 -9.18
N LEU D 261 126.03 -25.35 -8.09
CA LEU D 261 125.62 -26.49 -7.28
C LEU D 261 124.23 -26.34 -6.66
N PHE D 262 123.84 -25.09 -6.35
CA PHE D 262 122.61 -24.72 -5.70
C PHE D 262 121.60 -24.15 -6.70
N GLN D 263 122.05 -23.90 -7.96
CA GLN D 263 121.23 -23.38 -9.04
C GLN D 263 121.64 -24.04 -10.36
N PRO D 264 121.32 -25.32 -10.66
CA PRO D 264 121.67 -25.97 -11.92
C PRO D 264 120.91 -25.43 -13.09
N SER D 265 120.00 -24.48 -12.95
CA SER D 265 119.46 -23.68 -14.03
C SER D 265 120.51 -22.84 -14.76
N PHE D 266 121.64 -22.47 -14.09
CA PHE D 266 122.81 -21.81 -14.68
C PHE D 266 123.57 -22.69 -15.66
N ILE D 267 123.70 -24.00 -15.34
CA ILE D 267 124.28 -24.94 -16.27
C ILE D 267 123.26 -25.37 -17.35
N GLY D 268 121.93 -25.21 -17.08
CA GLY D 268 120.84 -25.51 -18.01
C GLY D 268 120.20 -26.84 -17.76
N MET D 269 120.55 -27.50 -16.64
CA MET D 269 119.96 -28.75 -16.23
C MET D 269 118.82 -28.50 -15.26
N GLU D 270 117.72 -29.26 -15.39
CA GLU D 270 116.58 -29.17 -14.50
C GLU D 270 116.84 -29.74 -13.12
N SER D 271 117.69 -30.80 -13.08
CA SER D 271 118.09 -31.55 -11.92
C SER D 271 118.36 -30.68 -10.73
N ALA D 272 117.68 -30.92 -9.60
CA ALA D 272 117.66 -30.00 -8.49
C ALA D 272 119.02 -29.70 -7.87
N GLY D 273 119.20 -28.52 -7.24
CA GLY D 273 120.40 -28.19 -6.49
C GLY D 273 120.72 -29.21 -5.41
N ILE D 274 121.98 -29.21 -4.95
CA ILE D 274 122.49 -30.23 -4.04
C ILE D 274 121.79 -30.31 -2.67
N HIS D 275 121.22 -29.19 -2.16
CA HIS D 275 120.45 -29.16 -0.94
C HIS D 275 119.06 -29.79 -1.12
N GLU D 276 118.35 -29.52 -2.24
CA GLU D 276 117.12 -30.22 -2.57
C GLU D 276 117.34 -31.71 -2.88
N THR D 277 118.46 -32.11 -3.49
CA THR D 277 118.81 -33.55 -3.64
C THR D 277 118.96 -34.24 -2.31
N THR D 278 119.60 -33.58 -1.32
CA THR D 278 119.69 -34.07 0.06
C THR D 278 118.32 -34.21 0.72
N TYR D 279 117.39 -33.24 0.51
CA TYR D 279 116.00 -33.37 0.92
C TYR D 279 115.31 -34.53 0.23
N ASN D 280 115.51 -34.72 -1.09
CA ASN D 280 114.98 -35.81 -1.88
C ASN D 280 115.42 -37.19 -1.34
N SER D 281 116.71 -37.34 -0.95
CA SER D 281 117.21 -38.52 -0.27
C SER D 281 116.61 -38.75 1.11
N ILE D 282 116.57 -37.71 1.99
CA ILE D 282 116.02 -37.78 3.35
C ILE D 282 114.51 -38.03 3.37
N MET D 283 113.74 -37.42 2.44
CA MET D 283 112.32 -37.69 2.25
C MET D 283 111.99 -39.09 1.79
N LYS D 284 112.88 -39.75 1.04
CA LYS D 284 112.68 -41.13 0.68
C LYS D 284 112.95 -42.09 1.82
N CYS D 285 113.62 -41.63 2.90
CA CYS D 285 113.89 -42.44 4.07
C CYS D 285 112.67 -42.53 4.98
N ASP D 286 112.64 -43.55 5.85
CA ASP D 286 111.63 -43.73 6.86
C ASP D 286 111.54 -42.54 7.82
N ILE D 287 110.31 -42.24 8.31
CA ILE D 287 110.03 -41.07 9.14
C ILE D 287 110.90 -41.00 10.40
N ASP D 288 111.08 -42.16 11.08
CA ASP D 288 111.75 -42.30 12.36
C ASP D 288 113.21 -41.81 12.35
N ILE D 289 113.99 -42.22 11.32
CA ILE D 289 115.41 -41.95 11.34
C ILE D 289 115.75 -40.55 10.94
N ARG D 290 114.84 -39.81 10.25
CA ARG D 290 115.18 -38.54 9.64
C ARG D 290 115.81 -37.50 10.56
N LYS D 291 115.45 -37.53 11.86
CA LYS D 291 115.96 -36.64 12.89
C LYS D 291 117.48 -36.59 12.98
N ASP D 292 118.18 -37.73 12.87
CA ASP D 292 119.63 -37.76 12.99
C ASP D 292 120.27 -37.52 11.62
N LEU D 293 119.62 -37.89 10.50
CA LEU D 293 120.10 -37.59 9.16
C LEU D 293 120.18 -36.12 8.83
N TYR D 294 119.19 -35.36 9.29
CA TYR D 294 119.25 -33.91 9.33
C TYR D 294 120.44 -33.39 10.14
N ALA D 295 120.72 -33.99 11.32
CA ALA D 295 121.77 -33.53 12.20
C ALA D 295 123.16 -34.15 11.96
N ASN D 296 123.33 -35.07 10.98
CA ASN D 296 124.56 -35.82 10.78
C ASN D 296 124.89 -35.87 9.30
N ASN D 297 124.58 -34.81 8.54
CA ASN D 297 125.05 -34.65 7.16
C ASN D 297 126.57 -34.55 7.08
N VAL D 298 127.21 -35.45 6.31
CA VAL D 298 128.65 -35.52 6.12
C VAL D 298 128.93 -35.10 4.70
N MET D 299 129.79 -34.08 4.52
CA MET D 299 130.32 -33.74 3.22
C MET D 299 131.61 -34.46 2.96
N SER D 300 131.79 -34.99 1.74
CA SER D 300 133.01 -35.63 1.31
C SER D 300 133.35 -35.19 -0.08
N GLY D 301 134.58 -35.52 -0.51
CA GLY D 301 135.02 -35.34 -1.88
C GLY D 301 135.75 -34.06 -2.12
N GLY D 302 136.27 -33.88 -3.35
CA GLY D 302 137.06 -32.71 -3.66
C GLY D 302 136.29 -31.45 -3.93
N THR D 303 135.03 -31.51 -4.41
CA THR D 303 134.27 -30.31 -4.79
C THR D 303 133.32 -29.87 -3.66
N THR D 304 133.50 -30.44 -2.43
CA THR D 304 132.98 -29.85 -1.19
C THR D 304 134.06 -29.05 -0.49
N MET D 305 135.24 -28.85 -1.10
CA MET D 305 136.28 -28.07 -0.46
C MET D 305 136.09 -26.56 -0.44
N TYR D 306 135.24 -25.98 -1.33
CA TYR D 306 135.09 -24.52 -1.42
C TYR D 306 134.72 -23.87 -0.09
N PRO D 307 135.35 -22.78 0.33
CA PRO D 307 134.95 -22.03 1.51
C PRO D 307 133.48 -21.60 1.51
N GLY D 308 132.75 -21.85 2.63
CA GLY D 308 131.38 -21.42 2.81
C GLY D 308 130.31 -22.37 2.28
N ILE D 309 130.66 -23.54 1.69
CA ILE D 309 129.65 -24.55 1.26
C ILE D 309 128.80 -25.03 2.43
N ALA D 310 129.45 -25.38 3.56
CA ALA D 310 128.80 -25.91 4.75
C ALA D 310 127.76 -24.98 5.34
N ASP D 311 128.08 -23.68 5.44
CA ASP D 311 127.19 -22.64 5.88
C ASP D 311 126.00 -22.43 4.95
N ARG D 312 126.24 -22.42 3.62
CA ARG D 312 125.16 -22.31 2.64
C ARG D 312 124.20 -23.50 2.67
N MET D 313 124.71 -24.74 2.74
CA MET D 313 123.90 -25.94 2.90
C MET D 313 123.10 -25.93 4.18
N GLN D 314 123.72 -25.47 5.30
CA GLN D 314 123.04 -25.32 6.57
C GLN D 314 121.90 -24.35 6.51
N LYS D 315 122.10 -23.15 5.94
CA LYS D 315 121.03 -22.18 5.82
C LYS D 315 119.86 -22.65 4.95
N GLU D 316 120.15 -23.32 3.79
CA GLU D 316 119.13 -23.81 2.89
C GLU D 316 118.37 -25.00 3.41
N ILE D 317 119.06 -26.02 3.97
CA ILE D 317 118.39 -27.16 4.54
C ILE D 317 117.58 -26.79 5.78
N THR D 318 118.11 -25.91 6.66
CA THR D 318 117.35 -25.34 7.79
C THR D 318 116.13 -24.55 7.34
N ALA D 319 116.24 -23.74 6.26
CA ALA D 319 115.12 -23.02 5.69
C ALA D 319 113.99 -23.89 5.12
N LEU D 320 114.35 -24.99 4.40
CA LEU D 320 113.40 -25.94 3.87
C LEU D 320 112.80 -26.89 4.89
N ALA D 321 113.60 -27.39 5.85
CA ALA D 321 113.20 -28.41 6.77
C ALA D 321 112.32 -27.87 7.90
N PRO D 322 111.66 -28.71 8.70
CA PRO D 322 111.18 -28.31 10.02
C PRO D 322 112.24 -27.70 10.92
N SER D 323 112.04 -26.47 11.44
CA SER D 323 112.95 -25.81 12.38
C SER D 323 112.72 -26.33 13.81
N THR D 324 111.85 -27.36 13.92
CA THR D 324 111.57 -28.20 15.10
C THR D 324 112.80 -28.94 15.56
N MET D 325 113.67 -29.34 14.60
CA MET D 325 114.90 -30.04 14.89
C MET D 325 116.10 -29.32 14.34
N LYS D 326 117.25 -29.45 15.02
CA LYS D 326 118.44 -28.73 14.65
C LYS D 326 119.28 -29.47 13.63
N ILE D 327 119.67 -28.74 12.57
CA ILE D 327 120.34 -29.27 11.43
C ILE D 327 121.82 -29.01 11.60
N LYS D 328 122.57 -29.96 12.16
CA LYS D 328 124.01 -29.90 12.18
C LYS D 328 124.57 -30.53 10.93
N ILE D 329 125.53 -29.86 10.28
CA ILE D 329 126.28 -30.41 9.17
C ILE D 329 127.66 -30.59 9.71
N ILE D 330 128.22 -31.78 9.51
CA ILE D 330 129.56 -32.08 9.90
C ILE D 330 130.39 -32.24 8.64
N ALA D 331 131.18 -31.21 8.33
CA ALA D 331 132.03 -31.20 7.17
C ALA D 331 133.45 -31.02 7.66
N PRO D 332 134.28 -32.04 7.77
CA PRO D 332 135.61 -31.90 8.34
C PRO D 332 136.50 -31.15 7.34
N PRO D 333 137.48 -30.31 7.66
CA PRO D 333 138.69 -30.22 6.84
C PRO D 333 139.34 -31.60 6.74
N GLU D 334 140.11 -31.87 5.66
CA GLU D 334 140.61 -33.19 5.31
C GLU D 334 139.57 -34.01 4.55
N ARG D 335 138.35 -33.43 4.35
CA ARG D 335 137.22 -34.08 3.69
C ARG D 335 137.47 -34.55 2.26
N LYS D 336 138.49 -33.96 1.60
CA LYS D 336 138.97 -34.35 0.29
C LYS D 336 139.45 -35.80 0.26
N TYR D 337 140.16 -36.23 1.33
CA TYR D 337 140.81 -37.53 1.34
C TYR D 337 139.96 -38.53 2.10
N SER D 338 138.74 -38.16 2.53
CA SER D 338 137.88 -38.98 3.39
C SER D 338 137.55 -40.37 2.85
N VAL D 339 137.31 -40.50 1.54
CA VAL D 339 137.14 -41.79 0.88
C VAL D 339 138.36 -42.70 0.99
N TRP D 340 139.58 -42.19 0.75
CA TRP D 340 140.80 -42.97 0.88
C TRP D 340 141.04 -43.40 2.32
N ILE D 341 140.84 -42.49 3.31
CA ILE D 341 140.96 -42.79 4.74
C ILE D 341 139.95 -43.85 5.14
N GLY D 342 138.71 -43.78 4.61
CA GLY D 342 137.72 -44.82 4.81
C GLY D 342 138.06 -46.15 4.24
N GLY D 343 138.83 -46.17 3.15
CA GLY D 343 139.40 -47.37 2.58
C GLY D 343 140.56 -47.92 3.36
N SER D 344 141.40 -47.04 3.96
CA SER D 344 142.50 -47.41 4.85
C SER D 344 142.00 -48.11 6.08
N ILE D 345 140.98 -47.53 6.76
CA ILE D 345 140.37 -48.11 7.95
C ILE D 345 139.69 -49.44 7.64
N LEU D 346 138.96 -49.56 6.50
CA LEU D 346 138.30 -50.80 6.12
C LEU D 346 139.20 -52.00 5.91
N ALA D 347 140.31 -51.80 5.17
CA ALA D 347 141.25 -52.88 4.92
C ALA D 347 142.09 -53.21 6.15
N SER D 348 142.24 -52.28 7.11
CA SER D 348 142.83 -52.52 8.42
C SER D 348 141.92 -53.28 9.37
N LEU D 349 140.59 -53.29 9.16
CA LEU D 349 139.65 -54.09 9.94
C LEU D 349 139.84 -55.60 9.80
N SER D 350 139.99 -56.31 10.93
CA SER D 350 140.28 -57.74 10.97
C SER D 350 139.21 -58.62 10.34
N THR D 351 137.92 -58.35 10.64
CA THR D 351 136.76 -59.05 10.06
C THR D 351 136.66 -58.91 8.55
N PHE D 352 136.98 -57.71 8.02
CA PHE D 352 136.96 -57.38 6.61
C PHE D 352 137.91 -58.28 5.81
N GLN D 353 139.02 -58.77 6.45
CA GLN D 353 139.93 -59.71 5.84
C GLN D 353 139.36 -61.09 5.45
N GLN D 354 138.09 -61.39 5.77
CA GLN D 354 137.40 -62.55 5.23
C GLN D 354 136.40 -62.19 4.12
N MET D 355 136.08 -60.89 3.92
CA MET D 355 135.06 -60.46 2.98
C MET D 355 135.68 -60.03 1.67
N TRP D 356 137.02 -60.14 1.54
CA TRP D 356 137.70 -59.91 0.28
C TRP D 356 137.20 -60.81 -0.82
N ILE D 357 137.14 -60.30 -2.06
CA ILE D 357 136.95 -61.17 -3.19
C ILE D 357 138.27 -61.84 -3.43
N THR D 358 138.38 -63.17 -3.23
CA THR D 358 139.66 -63.84 -3.45
C THR D 358 139.91 -64.02 -4.92
N LYS D 359 141.18 -64.13 -5.34
CA LYS D 359 141.54 -64.53 -6.67
C LYS D 359 140.98 -65.88 -7.06
N GLN D 360 141.03 -66.85 -6.12
CA GLN D 360 140.49 -68.19 -6.30
C GLN D 360 138.99 -68.17 -6.63
N GLU D 361 138.18 -67.44 -5.84
CA GLU D 361 136.74 -67.33 -5.99
C GLU D 361 136.33 -66.69 -7.33
N TYR D 362 137.10 -65.67 -7.79
CA TYR D 362 137.02 -65.14 -9.13
C TYR D 362 137.36 -66.18 -10.22
N ASP D 363 138.45 -66.96 -10.08
CA ASP D 363 138.89 -67.92 -11.08
C ASP D 363 137.81 -69.02 -11.30
N GLU D 364 137.18 -69.54 -10.21
CA GLU D 364 136.02 -70.43 -10.31
C GLU D 364 134.74 -69.79 -10.84
N ALA D 365 134.32 -68.63 -10.31
CA ALA D 365 132.97 -68.17 -10.50
C ALA D 365 132.84 -66.97 -11.43
N GLY D 366 133.97 -66.44 -11.95
CA GLY D 366 134.01 -65.39 -12.97
C GLY D 366 133.85 -63.96 -12.50
N PRO D 367 133.90 -62.98 -13.41
CA PRO D 367 133.86 -61.56 -13.08
C PRO D 367 132.52 -61.11 -12.59
N SER D 368 131.44 -61.86 -12.80
CA SER D 368 130.09 -61.42 -12.49
C SER D 368 129.78 -61.41 -10.99
N ILE D 369 130.62 -62.09 -10.20
CA ILE D 369 130.49 -62.27 -8.75
C ILE D 369 130.66 -61.03 -7.93
N VAL D 370 131.06 -59.89 -8.54
CA VAL D 370 131.21 -58.63 -7.83
C VAL D 370 129.94 -58.27 -7.09
N HIS D 371 128.83 -58.18 -7.84
CA HIS D 371 127.53 -57.77 -7.34
C HIS D 371 126.91 -58.77 -6.37
N ARG D 372 127.19 -60.07 -6.59
CA ARG D 372 126.78 -61.16 -5.73
C ARG D 372 127.33 -61.13 -4.31
N LYS D 373 128.63 -60.79 -4.15
CA LYS D 373 129.26 -60.75 -2.85
C LYS D 373 129.18 -59.39 -2.18
N CYS D 374 129.53 -58.31 -2.94
CA CYS D 374 129.66 -56.97 -2.42
C CYS D 374 128.49 -56.09 -2.85
N PHE D 375 128.28 -54.99 -2.12
CA PHE D 375 127.37 -53.93 -2.46
C PHE D 375 127.95 -52.98 -3.57
N GLU E 2 54.29 -75.60 79.95
CA GLU E 2 53.09 -74.78 79.59
C GLU E 2 51.84 -75.63 79.63
N ASP E 3 50.64 -75.01 79.71
CA ASP E 3 49.37 -75.69 79.72
C ASP E 3 48.92 -75.86 78.30
N GLU E 4 48.26 -77.01 78.02
CA GLU E 4 47.68 -77.37 76.73
C GLU E 4 48.64 -77.63 75.58
N THR E 5 49.91 -77.18 75.70
CA THR E 5 51.06 -77.42 74.80
C THR E 5 51.00 -76.67 73.48
N THR E 6 49.99 -75.76 73.29
CA THR E 6 49.46 -75.31 72.00
C THR E 6 49.06 -76.48 71.10
N ALA E 7 48.96 -76.29 69.78
CA ALA E 7 48.89 -77.40 68.87
C ALA E 7 49.27 -76.79 67.54
N LEU E 8 49.58 -77.62 66.53
CA LEU E 8 49.94 -77.17 65.20
C LEU E 8 48.92 -77.60 64.21
N VAL E 9 48.68 -76.76 63.20
CA VAL E 9 47.67 -77.00 62.20
C VAL E 9 48.30 -76.74 60.86
N CYS E 10 48.14 -77.67 59.92
CA CYS E 10 48.55 -77.51 58.54
C CYS E 10 47.42 -77.90 57.59
N ASP E 11 47.07 -76.99 56.67
CA ASP E 11 46.26 -77.27 55.50
C ASP E 11 47.22 -77.47 54.33
N ASN E 12 47.17 -78.69 53.75
CA ASN E 12 47.70 -79.05 52.45
C ASN E 12 46.63 -79.68 51.59
N GLY E 13 45.66 -78.87 51.11
CA GLY E 13 45.28 -79.00 49.70
C GLY E 13 46.45 -78.67 48.76
N SER E 14 46.41 -79.01 47.45
CA SER E 14 47.43 -78.57 46.49
C SER E 14 47.64 -77.07 46.42
N GLY E 15 48.86 -76.63 46.09
CA GLY E 15 49.09 -75.23 45.78
C GLY E 15 49.65 -74.41 46.91
N LEU E 16 49.07 -74.49 48.13
CA LEU E 16 49.50 -73.69 49.27
C LEU E 16 49.53 -74.52 50.53
N VAL E 17 50.62 -74.38 51.30
CA VAL E 17 50.67 -74.82 52.68
C VAL E 17 50.14 -73.66 53.47
N LYS E 18 49.11 -73.87 54.28
CA LYS E 18 48.73 -72.90 55.28
C LYS E 18 48.99 -73.51 56.62
N ALA E 19 49.87 -72.91 57.43
CA ALA E 19 50.31 -73.47 58.68
C ALA E 19 50.53 -72.44 59.77
N GLY E 20 50.34 -72.87 61.02
CA GLY E 20 50.51 -71.99 62.13
C GLY E 20 50.14 -72.71 63.37
N PHE E 21 50.03 -71.97 64.48
CA PHE E 21 49.57 -72.49 65.75
C PHE E 21 48.07 -72.56 65.77
N ALA E 22 47.53 -73.66 66.31
CA ALA E 22 46.18 -73.75 66.80
C ALA E 22 45.96 -72.78 67.96
N GLY E 23 44.79 -72.13 68.01
CA GLY E 23 44.53 -71.12 69.04
C GLY E 23 44.74 -69.71 68.59
N ASP E 24 45.04 -69.49 67.31
CA ASP E 24 45.20 -68.19 66.70
C ASP E 24 44.19 -68.08 65.56
N ASP E 25 43.75 -66.85 65.20
CA ASP E 25 42.77 -66.53 64.19
C ASP E 25 43.37 -66.61 62.77
N ALA E 26 44.69 -66.43 62.61
CA ALA E 26 45.32 -66.54 61.32
C ALA E 26 46.61 -67.37 61.34
N PRO E 27 46.95 -68.09 60.25
CA PRO E 27 48.18 -68.86 60.16
C PRO E 27 49.37 -67.91 60.10
N ARG E 28 50.50 -68.29 60.72
CA ARG E 28 51.74 -67.55 60.60
C ARG E 28 52.35 -67.65 59.21
N ALA E 29 52.34 -68.86 58.61
CA ALA E 29 53.04 -69.12 57.39
C ALA E 29 52.07 -69.63 56.35
N VAL E 30 52.05 -68.96 55.21
CA VAL E 30 51.32 -69.40 54.05
C VAL E 30 52.27 -69.28 52.89
N PHE E 31 52.52 -70.37 52.15
CA PHE E 31 53.45 -70.30 51.05
C PHE E 31 53.07 -71.33 50.00
N PRO E 32 53.52 -71.21 48.76
CA PRO E 32 53.22 -72.18 47.72
C PRO E 32 53.89 -73.53 47.91
N SER E 33 53.12 -74.62 47.77
CA SER E 33 53.59 -75.99 47.90
C SER E 33 54.33 -76.45 46.67
N ILE E 34 55.56 -76.00 46.46
CA ILE E 34 56.31 -76.26 45.26
C ILE E 34 57.69 -76.64 45.63
N VAL E 35 58.23 -77.60 44.88
CA VAL E 35 59.57 -78.07 44.99
C VAL E 35 60.15 -77.75 43.64
N GLY E 36 61.07 -76.79 43.59
CA GLY E 36 61.68 -76.37 42.35
C GLY E 36 63.12 -76.74 42.26
N ARG E 37 63.47 -77.46 41.18
CA ARG E 37 64.78 -78.07 41.05
C ARG E 37 65.60 -77.32 40.02
N PRO E 38 66.87 -76.95 40.23
CA PRO E 38 67.77 -76.49 39.18
C PRO E 38 67.87 -77.45 38.00
N ARG E 39 67.12 -77.16 36.93
CA ARG E 39 67.16 -77.89 35.67
C ARG E 39 68.45 -77.58 34.90
N HIS E 40 68.91 -76.31 34.90
CA HIS E 40 70.10 -75.89 34.20
C HIS E 40 71.29 -76.13 35.09
N GLN E 41 72.33 -76.83 34.59
CA GLN E 41 73.57 -76.98 35.32
C GLN E 41 74.28 -75.65 35.55
N GLY E 42 74.62 -75.35 36.80
CA GLY E 42 75.22 -74.08 37.16
C GLY E 42 76.71 -74.11 36.97
N VAL E 43 77.31 -73.01 36.50
CA VAL E 43 78.75 -72.91 36.31
C VAL E 43 79.25 -71.65 36.96
N MET E 44 79.67 -71.77 38.22
CA MET E 44 80.35 -70.77 38.99
C MET E 44 81.05 -71.64 40.03
N VAL E 45 81.63 -71.05 41.07
CA VAL E 45 82.10 -71.77 42.24
C VAL E 45 81.52 -71.00 43.41
N GLY E 46 81.13 -71.67 44.52
CA GLY E 46 80.51 -71.00 45.66
C GLY E 46 79.07 -70.65 45.48
N MET E 47 78.37 -71.44 44.64
CA MET E 47 76.93 -71.45 44.60
C MET E 47 76.47 -72.54 45.50
N GLY E 48 75.35 -72.28 46.21
CA GLY E 48 74.48 -73.28 46.82
C GLY E 48 75.13 -74.47 47.52
N GLN E 49 75.20 -75.68 46.89
CA GLN E 49 74.59 -76.04 45.63
C GLN E 49 73.08 -76.03 45.74
N LYS E 50 72.57 -76.66 46.82
CA LYS E 50 71.15 -76.80 47.12
C LYS E 50 70.41 -77.58 46.04
N ASP E 51 70.16 -78.90 46.24
CA ASP E 51 69.51 -79.81 45.30
C ASP E 51 68.15 -79.29 44.81
N SER E 52 67.42 -78.59 45.68
CA SER E 52 66.11 -78.11 45.36
C SER E 52 65.76 -77.01 46.32
N TYR E 53 64.80 -76.16 45.92
CA TYR E 53 64.27 -75.03 46.67
C TYR E 53 62.81 -75.30 46.93
N VAL E 54 62.31 -74.88 48.10
CA VAL E 54 60.98 -75.18 48.57
C VAL E 54 60.33 -73.88 48.98
N GLY E 55 59.01 -73.75 48.79
CA GLY E 55 58.26 -72.60 49.26
C GLY E 55 58.38 -71.39 48.37
N ASP E 56 58.18 -70.17 48.88
CA ASP E 56 58.30 -68.93 48.14
C ASP E 56 59.74 -68.55 47.76
N GLU E 57 60.77 -69.25 48.29
CA GLU E 57 62.13 -69.28 47.75
C GLU E 57 62.18 -69.67 46.26
N ALA E 58 61.40 -70.71 45.89
CA ALA E 58 61.20 -71.18 44.52
C ALA E 58 60.47 -70.15 43.64
N GLN E 59 59.51 -69.39 44.21
CA GLN E 59 58.86 -68.27 43.53
C GLN E 59 59.81 -67.15 43.18
N SER E 60 60.73 -66.80 44.11
CA SER E 60 61.79 -65.80 43.90
C SER E 60 62.78 -66.22 42.83
N LYS E 61 63.28 -67.48 42.90
CA LYS E 61 64.22 -68.01 41.93
C LYS E 61 63.49 -68.90 40.95
N ARG E 62 62.57 -68.34 40.14
CA ARG E 62 61.68 -69.16 39.35
C ARG E 62 62.24 -69.67 38.03
N GLY E 63 63.01 -68.79 37.34
CA GLY E 63 63.40 -69.00 35.95
C GLY E 63 64.37 -70.11 35.68
N ILE E 64 65.24 -70.39 36.66
CA ILE E 64 66.20 -71.49 36.65
C ILE E 64 65.49 -72.82 36.83
N LEU E 65 64.53 -72.84 37.75
CA LEU E 65 63.91 -74.01 38.30
C LEU E 65 62.88 -74.57 37.36
N THR E 66 62.74 -75.89 37.39
CA THR E 66 61.49 -76.51 36.99
C THR E 66 60.75 -76.72 38.30
N LEU E 67 59.46 -76.39 38.35
CA LEU E 67 58.66 -76.50 39.56
C LEU E 67 57.77 -77.70 39.45
N LYS E 68 57.71 -78.47 40.53
CA LYS E 68 56.86 -79.61 40.61
C LYS E 68 55.95 -79.39 41.79
N TYR E 69 54.62 -79.33 41.54
CA TYR E 69 53.61 -79.46 42.57
C TYR E 69 53.63 -80.92 43.05
N PRO E 70 53.76 -81.25 44.33
CA PRO E 70 53.87 -82.62 44.77
C PRO E 70 52.50 -83.18 45.01
N ILE E 71 51.46 -82.33 45.11
CA ILE E 71 50.10 -82.76 45.33
C ILE E 71 49.32 -82.45 44.08
N GLU E 72 48.67 -83.45 43.47
CA GLU E 72 47.76 -83.25 42.37
C GLU E 72 46.45 -83.91 42.70
N HIS E 73 45.35 -83.16 42.56
CA HIS E 73 43.98 -83.62 42.78
C HIS E 73 43.69 -84.09 44.18
N GLY E 74 44.38 -83.50 45.19
CA GLY E 74 44.36 -83.93 46.58
C GLY E 74 45.25 -85.12 46.85
N ILE E 75 45.94 -85.66 45.82
CA ILE E 75 46.77 -86.84 45.91
C ILE E 75 48.21 -86.41 45.95
N ILE E 76 49.00 -86.89 46.93
CA ILE E 76 50.43 -86.66 46.86
C ILE E 76 51.04 -87.57 45.84
N THR E 77 51.61 -86.98 44.76
CA THR E 77 52.33 -87.67 43.71
C THR E 77 53.68 -88.14 44.16
N ASN E 78 54.39 -87.24 44.88
CA ASN E 78 55.74 -87.49 45.34
C ASN E 78 55.88 -87.20 46.84
N TRP E 79 56.24 -88.23 47.63
CA TRP E 79 56.28 -88.22 49.08
C TRP E 79 57.45 -87.48 49.69
N ASP E 80 58.67 -87.63 49.10
CA ASP E 80 59.88 -86.95 49.53
C ASP E 80 59.71 -85.45 49.38
N ASP E 81 59.16 -84.99 48.26
CA ASP E 81 58.80 -83.60 48.00
C ASP E 81 57.79 -83.05 49.05
N MET E 82 56.74 -83.81 49.45
CA MET E 82 55.86 -83.44 50.57
C MET E 82 56.55 -83.35 51.92
N GLU E 83 57.43 -84.32 52.24
CA GLU E 83 58.24 -84.31 53.43
C GLU E 83 59.13 -83.08 53.49
N LYS E 84 59.78 -82.72 52.37
CA LYS E 84 60.55 -81.49 52.23
C LYS E 84 59.76 -80.22 52.47
N ILE E 85 58.51 -80.17 51.96
CA ILE E 85 57.59 -79.06 52.24
C ILE E 85 57.25 -78.93 53.70
N TRP E 86 56.88 -80.03 54.38
CA TRP E 86 56.68 -80.02 55.81
C TRP E 86 57.95 -79.74 56.60
N HIS E 87 59.12 -80.22 56.16
CA HIS E 87 60.37 -79.86 56.79
C HIS E 87 60.64 -78.35 56.77
N HIS E 88 60.37 -77.71 55.61
CA HIS E 88 60.37 -76.28 55.41
C HIS E 88 59.37 -75.57 56.34
N THR E 89 58.08 -76.03 56.49
CA THR E 89 57.10 -75.38 57.40
C THR E 89 57.56 -75.29 58.84
N PHE E 90 58.05 -76.43 59.37
CA PHE E 90 58.39 -76.54 60.76
C PHE E 90 59.69 -75.86 61.11
N TYR E 91 60.75 -76.09 60.32
CA TYR E 91 62.04 -75.54 60.64
C TYR E 91 62.27 -74.15 60.07
N ASN E 92 61.92 -73.89 58.79
CA ASN E 92 62.18 -72.60 58.16
C ASN E 92 61.24 -71.49 58.67
N GLU E 93 59.92 -71.75 58.78
CA GLU E 93 58.98 -70.73 59.23
C GLU E 93 58.69 -70.78 60.71
N LEU E 94 58.08 -71.88 61.19
CA LEU E 94 57.49 -71.86 62.51
C LEU E 94 58.48 -72.01 63.64
N ARG E 95 59.62 -72.65 63.35
CA ARG E 95 60.74 -72.88 64.22
C ARG E 95 60.38 -73.68 65.45
N VAL E 96 59.69 -74.79 65.22
CA VAL E 96 59.13 -75.63 66.26
C VAL E 96 59.82 -76.96 66.16
N ALA E 97 59.92 -77.70 67.29
CA ALA E 97 60.20 -79.11 67.26
C ALA E 97 58.83 -79.81 67.23
N PRO E 98 58.43 -80.59 66.22
CA PRO E 98 57.14 -81.29 66.23
C PRO E 98 56.97 -82.23 67.43
N GLU E 99 58.03 -82.72 68.09
CA GLU E 99 57.98 -83.47 69.34
C GLU E 99 57.26 -82.73 70.46
N GLU E 100 57.23 -81.39 70.39
CA GLU E 100 56.66 -80.55 71.41
C GLU E 100 55.23 -80.16 71.07
N HIS E 101 54.65 -80.60 69.93
CA HIS E 101 53.32 -80.14 69.56
C HIS E 101 52.46 -81.23 68.96
N PRO E 102 51.20 -81.48 69.30
CA PRO E 102 50.31 -82.25 68.43
C PRO E 102 50.00 -81.56 67.11
N THR E 103 49.94 -82.28 65.96
CA THR E 103 49.81 -81.68 64.63
C THR E 103 48.53 -82.12 63.93
N LEU E 104 47.68 -81.17 63.55
CA LEU E 104 46.51 -81.40 62.74
C LEU E 104 46.85 -81.26 61.27
N LEU E 105 46.46 -82.22 60.44
CA LEU E 105 46.51 -82.11 59.02
C LEU E 105 45.11 -82.09 58.48
N THR E 106 44.87 -81.26 57.48
CA THR E 106 43.68 -81.37 56.68
C THR E 106 43.88 -82.36 55.56
N GLU E 107 42.79 -82.87 54.98
CA GLU E 107 42.84 -83.75 53.85
C GLU E 107 41.49 -83.71 53.16
N ALA E 108 41.45 -84.05 51.86
CA ALA E 108 40.27 -83.88 51.04
C ALA E 108 39.27 -85.06 51.07
N PRO E 109 37.95 -84.92 50.97
CA PRO E 109 37.04 -86.05 50.81
C PRO E 109 37.26 -87.02 49.67
N LEU E 110 36.81 -88.28 49.89
CA LEU E 110 36.77 -89.36 48.90
C LEU E 110 38.16 -89.62 48.39
N ASN E 111 39.15 -89.39 49.24
CA ASN E 111 40.53 -89.41 48.87
C ASN E 111 41.04 -90.82 49.14
N PRO E 112 41.85 -91.44 48.26
CA PRO E 112 42.58 -92.65 48.53
C PRO E 112 43.06 -92.85 49.95
N LYS E 113 42.86 -94.06 50.50
CA LYS E 113 43.23 -94.44 51.84
C LYS E 113 44.72 -94.30 52.11
N ALA E 114 45.52 -94.61 51.07
CA ALA E 114 46.96 -94.56 51.05
C ALA E 114 47.51 -93.19 51.38
N ASN E 115 46.85 -92.08 50.93
CA ASN E 115 47.27 -90.76 51.35
C ASN E 115 47.12 -90.54 52.84
N ARG E 116 45.96 -90.86 53.46
CA ARG E 116 45.79 -90.73 54.90
C ARG E 116 46.74 -91.60 55.72
N GLU E 117 46.86 -92.88 55.36
CA GLU E 117 47.74 -93.87 55.99
C GLU E 117 49.23 -93.59 55.82
N LYS E 118 49.68 -93.17 54.62
CA LYS E 118 51.05 -92.75 54.43
C LYS E 118 51.36 -91.41 55.06
N MET E 119 50.41 -90.46 55.09
CA MET E 119 50.52 -89.18 55.76
C MET E 119 50.78 -89.29 57.25
N THR E 120 50.03 -90.21 57.93
CA THR E 120 50.27 -90.60 59.33
C THR E 120 51.57 -91.30 59.55
N GLN E 121 51.96 -92.22 58.67
CA GLN E 121 53.22 -92.92 58.73
C GLN E 121 54.42 -91.97 58.71
N ILE E 122 54.39 -90.95 57.81
CA ILE E 122 55.38 -89.87 57.82
C ILE E 122 55.32 -89.02 59.06
N MET E 123 54.12 -88.61 59.52
CA MET E 123 54.07 -87.79 60.72
C MET E 123 54.63 -88.47 61.93
N PHE E 124 54.40 -89.76 62.17
CA PHE E 124 55.06 -90.43 63.26
C PHE E 124 56.53 -90.80 63.05
N GLU E 125 56.93 -91.28 61.84
CA GLU E 125 58.23 -91.87 61.61
C GLU E 125 59.19 -90.99 60.83
N THR E 126 58.86 -89.70 60.67
CA THR E 126 59.75 -88.70 60.09
C THR E 126 59.94 -87.60 61.09
N PHE E 127 58.89 -86.79 61.39
CA PHE E 127 59.00 -85.77 62.41
C PHE E 127 58.44 -86.34 63.68
N ASN E 128 59.24 -86.84 64.64
CA ASN E 128 58.68 -87.51 65.81
C ASN E 128 57.68 -86.59 66.52
N VAL E 129 56.43 -87.04 66.79
CA VAL E 129 55.37 -86.11 67.18
C VAL E 129 54.53 -86.84 68.23
N PRO E 130 54.00 -86.23 69.30
CA PRO E 130 53.23 -86.94 70.32
C PRO E 130 51.90 -87.42 69.81
N ALA E 131 51.28 -86.67 68.89
CA ALA E 131 49.97 -86.99 68.43
C ALA E 131 49.63 -86.23 67.17
N MET E 132 48.61 -86.70 66.45
CA MET E 132 48.20 -86.05 65.24
C MET E 132 46.76 -86.34 64.95
N TYR E 133 46.21 -85.67 63.94
CA TYR E 133 44.90 -85.97 63.46
C TYR E 133 44.90 -85.62 61.98
N VAL E 134 44.08 -86.30 61.17
CA VAL E 134 43.80 -85.97 59.79
C VAL E 134 42.33 -85.70 59.78
N ALA E 135 41.92 -84.58 59.17
CA ALA E 135 40.55 -84.14 59.20
C ALA E 135 40.09 -83.72 57.83
N ILE E 136 38.77 -83.79 57.62
CA ILE E 136 38.22 -83.47 56.33
C ILE E 136 38.15 -81.95 56.09
N GLN E 137 38.56 -81.43 54.92
CA GLN E 137 38.63 -79.99 54.65
C GLN E 137 37.33 -79.21 54.84
N ALA E 138 36.20 -79.74 54.34
CA ALA E 138 34.92 -79.08 54.34
C ALA E 138 34.29 -78.83 55.71
N VAL E 139 34.39 -79.81 56.62
CA VAL E 139 33.95 -79.67 58.00
C VAL E 139 34.71 -78.59 58.75
N LEU E 140 36.03 -78.45 58.53
CA LEU E 140 36.83 -77.39 59.13
C LEU E 140 36.36 -76.00 58.68
N SER E 141 36.07 -75.80 57.37
CA SER E 141 35.53 -74.52 56.91
C SER E 141 34.18 -74.18 57.51
N LEU E 142 33.31 -75.19 57.70
CA LEU E 142 32.03 -75.04 58.38
C LEU E 142 32.17 -74.54 59.82
N TYR E 143 33.11 -75.13 60.60
CA TYR E 143 33.49 -74.67 61.93
C TYR E 143 33.96 -73.24 61.94
N ALA E 144 34.83 -72.86 60.98
CA ALA E 144 35.35 -71.52 60.82
C ALA E 144 34.26 -70.49 60.54
N SER E 145 33.24 -70.87 59.77
CA SER E 145 32.07 -70.03 59.50
C SER E 145 31.12 -69.96 60.68
N GLY E 146 31.27 -70.81 61.72
CA GLY E 146 30.53 -70.73 62.97
C GLY E 146 29.13 -71.26 62.88
N ARG E 147 28.86 -72.12 61.90
CA ARG E 147 27.53 -72.62 61.60
C ARG E 147 27.51 -74.10 61.87
N THR E 148 26.37 -74.67 62.28
CA THR E 148 26.30 -76.08 62.60
C THR E 148 25.84 -76.91 61.42
N THR E 149 25.33 -76.23 60.38
CA THR E 149 24.60 -76.79 59.26
C THR E 149 24.97 -76.00 58.03
N GLY E 150 25.13 -76.71 56.92
CA GLY E 150 25.36 -76.13 55.64
C GLY E 150 25.85 -77.14 54.68
N ILE E 151 25.89 -76.76 53.41
CA ILE E 151 26.52 -77.57 52.41
C ILE E 151 27.76 -76.84 52.05
N VAL E 152 28.91 -77.47 52.29
CA VAL E 152 30.16 -76.81 52.08
C VAL E 152 30.69 -77.15 50.70
N LEU E 153 30.80 -76.13 49.86
CA LEU E 153 31.44 -76.20 48.58
C LEU E 153 32.89 -75.83 48.79
N ASP E 154 33.78 -76.81 48.72
CA ASP E 154 35.19 -76.69 48.97
C ASP E 154 35.78 -76.80 47.57
N SER E 155 36.47 -75.74 47.14
CA SER E 155 37.30 -75.88 45.96
C SER E 155 38.63 -75.21 46.18
N GLY E 156 39.70 -76.03 46.23
CA GLY E 156 41.06 -75.53 46.30
C GLY E 156 41.74 -75.49 44.95
N ASP E 157 43.08 -75.52 44.96
CA ASP E 157 43.88 -75.73 43.76
C ASP E 157 44.02 -77.24 43.47
N GLY E 158 43.69 -78.09 44.48
CA GLY E 158 43.75 -79.53 44.35
C GLY E 158 42.57 -80.09 43.62
N VAL E 159 41.40 -80.25 44.28
CA VAL E 159 40.20 -80.71 43.61
C VAL E 159 39.08 -79.95 44.31
N THR E 160 37.88 -79.94 43.72
CA THR E 160 36.59 -79.51 44.24
C THR E 160 35.86 -80.64 44.93
N HIS E 161 35.30 -80.36 46.11
CA HIS E 161 34.59 -81.27 46.97
C HIS E 161 33.33 -80.59 47.48
N ASN E 162 32.35 -81.37 47.94
CA ASN E 162 31.11 -80.87 48.37
C ASN E 162 30.66 -81.81 49.48
N VAL E 163 30.44 -81.30 50.70
CA VAL E 163 30.03 -82.12 51.83
C VAL E 163 28.79 -81.44 52.43
N PRO E 164 27.58 -82.01 52.37
CA PRO E 164 26.44 -81.55 53.14
C PRO E 164 26.55 -82.02 54.56
N ILE E 165 26.19 -81.15 55.49
CA ILE E 165 26.21 -81.42 56.90
C ILE E 165 24.87 -80.93 57.43
N TYR E 166 24.30 -81.60 58.44
CA TYR E 166 23.10 -81.16 59.10
C TYR E 166 23.24 -81.39 60.60
N GLU E 167 23.30 -80.30 61.39
CA GLU E 167 23.31 -80.29 62.84
C GLU E 167 24.51 -81.04 63.42
N GLY E 168 25.72 -80.70 62.91
CA GLY E 168 26.79 -81.69 62.88
C GLY E 168 26.43 -82.77 61.89
N TYR E 169 26.47 -84.06 62.31
CA TYR E 169 26.33 -85.24 61.45
C TYR E 169 27.15 -85.13 60.17
N ALA E 170 26.68 -85.68 59.04
CA ALA E 170 27.39 -85.75 57.77
C ALA E 170 26.71 -86.82 56.98
N LEU E 171 26.70 -86.71 55.64
CA LEU E 171 26.05 -87.69 54.81
C LEU E 171 27.02 -88.31 53.81
N PRO E 172 27.56 -89.52 54.02
CA PRO E 172 28.60 -90.09 53.18
C PRO E 172 28.22 -90.29 51.73
N HIS E 173 26.98 -90.73 51.44
CA HIS E 173 26.43 -90.94 50.12
C HIS E 173 26.22 -89.65 49.35
N ALA E 174 25.90 -88.56 50.08
CA ALA E 174 25.65 -87.25 49.51
C ALA E 174 26.92 -86.42 49.32
N ILE E 175 28.08 -86.82 49.87
CA ILE E 175 29.37 -86.22 49.56
C ILE E 175 29.72 -86.39 48.10
N MET E 176 30.05 -85.29 47.42
CA MET E 176 30.43 -85.29 46.03
C MET E 176 31.81 -84.70 45.87
N ARG E 177 32.59 -85.27 44.96
CA ARG E 177 33.90 -84.80 44.61
C ARG E 177 33.90 -84.63 43.11
N LEU E 178 34.35 -83.46 42.65
CA LEU E 178 34.32 -83.07 41.27
C LEU E 178 35.71 -82.67 40.85
N ASP E 179 36.27 -83.32 39.81
CA ASP E 179 37.60 -83.05 39.34
C ASP E 179 37.61 -81.79 38.48
N LEU E 180 37.64 -80.64 39.17
CA LEU E 180 37.91 -79.32 38.66
C LEU E 180 38.71 -78.68 39.75
N ALA E 181 39.52 -77.67 39.39
CA ALA E 181 40.29 -76.99 40.37
C ALA E 181 40.76 -75.65 39.87
N GLY E 182 41.39 -74.85 40.75
CA GLY E 182 42.27 -73.76 40.33
C GLY E 182 43.30 -74.15 39.30
N ARG E 183 44.02 -75.27 39.48
CA ARG E 183 45.03 -75.71 38.56
C ARG E 183 44.52 -76.01 37.14
N ASP E 184 43.37 -76.69 37.01
CA ASP E 184 42.71 -76.95 35.74
C ASP E 184 42.22 -75.67 35.04
N LEU E 185 41.74 -74.67 35.81
CA LEU E 185 41.48 -73.32 35.30
C LEU E 185 42.72 -72.61 34.81
N THR E 186 43.87 -72.77 35.49
CA THR E 186 45.16 -72.28 35.01
C THR E 186 45.58 -72.90 33.68
N ASP E 187 45.48 -74.24 33.52
CA ASP E 187 45.76 -74.96 32.28
C ASP E 187 44.82 -74.55 31.14
N TYR E 188 43.50 -74.37 31.43
CA TYR E 188 42.56 -73.76 30.50
C TYR E 188 42.93 -72.33 30.11
N LEU E 189 43.35 -71.51 31.11
CA LEU E 189 43.70 -70.13 30.88
C LEU E 189 44.89 -69.93 30.00
N MET E 190 46.00 -70.63 30.22
CA MET E 190 47.15 -70.52 29.35
C MET E 190 46.85 -71.05 27.94
N LYS E 191 45.94 -72.04 27.80
CA LYS E 191 45.37 -72.43 26.51
C LYS E 191 44.52 -71.36 25.83
N ILE E 192 43.70 -70.59 26.57
CA ILE E 192 42.89 -69.55 25.96
C ILE E 192 43.66 -68.24 25.74
N LEU E 193 44.85 -68.03 26.35
CA LEU E 193 45.72 -66.91 25.97
C LEU E 193 46.37 -67.06 24.61
N THR E 194 46.58 -68.31 24.14
CA THR E 194 47.31 -68.60 22.90
C THR E 194 46.65 -68.07 21.64
N GLU E 195 45.29 -67.99 21.63
CA GLU E 195 44.52 -67.43 20.52
C GLU E 195 44.75 -65.92 20.40
N ARG E 196 45.26 -65.27 21.48
CA ARG E 196 45.59 -63.86 21.47
C ARG E 196 47.04 -63.61 21.06
N GLY E 197 47.86 -64.68 20.97
CA GLY E 197 49.27 -64.64 20.57
C GLY E 197 50.24 -64.78 21.72
N TYR E 198 49.75 -64.74 22.97
CA TYR E 198 50.63 -64.88 24.13
C TYR E 198 50.79 -66.34 24.48
N SER E 199 52.03 -66.86 24.46
CA SER E 199 52.26 -68.29 24.59
C SER E 199 53.11 -68.51 25.79
N PHE E 200 52.56 -69.22 26.78
CA PHE E 200 53.21 -69.48 28.03
C PHE E 200 53.34 -70.97 28.10
N VAL E 201 54.57 -71.50 27.97
CA VAL E 201 54.80 -72.89 27.62
C VAL E 201 55.41 -73.65 28.77
N THR E 202 55.87 -72.96 29.85
CA THR E 202 56.76 -73.56 30.84
C THR E 202 56.21 -73.30 32.22
N THR E 203 56.62 -74.07 33.24
CA THR E 203 56.13 -74.02 34.62
C THR E 203 56.27 -72.67 35.31
N ALA E 204 57.39 -71.97 35.08
CA ALA E 204 57.67 -70.65 35.60
C ALA E 204 56.62 -69.58 35.24
N GLU E 205 56.22 -69.45 33.94
CA GLU E 205 55.19 -68.52 33.56
C GLU E 205 53.78 -69.09 33.65
N ARG E 206 53.63 -70.40 33.90
CA ARG E 206 52.39 -71.02 34.33
C ARG E 206 51.93 -70.48 35.69
N GLU E 207 52.88 -70.19 36.58
CA GLU E 207 52.60 -69.45 37.80
C GLU E 207 52.40 -67.95 37.61
N ILE E 208 52.93 -67.35 36.52
CA ILE E 208 52.53 -66.01 36.09
C ILE E 208 51.05 -65.93 35.65
N VAL E 209 50.51 -66.91 34.87
CA VAL E 209 49.07 -66.93 34.59
C VAL E 209 48.23 -67.31 35.79
N ARG E 210 48.78 -68.06 36.76
CA ARG E 210 48.14 -68.25 38.04
C ARG E 210 47.93 -66.92 38.77
N ASP E 211 48.96 -66.04 38.86
CA ASP E 211 48.91 -64.68 39.42
C ASP E 211 47.91 -63.77 38.67
N ILE E 212 47.86 -63.86 37.31
CA ILE E 212 46.88 -63.12 36.50
C ILE E 212 45.47 -63.47 36.89
N LYS E 213 45.20 -64.78 36.97
CA LYS E 213 43.91 -65.34 37.27
C LYS E 213 43.46 -65.08 38.70
N GLU E 214 44.39 -65.01 39.67
CA GLU E 214 44.20 -64.60 41.06
C GLU E 214 43.72 -63.15 41.23
N LYS E 215 43.92 -62.25 40.23
CA LYS E 215 43.30 -60.93 40.30
C LYS E 215 42.45 -60.54 39.11
N LEU E 216 42.89 -60.72 37.84
CA LEU E 216 42.17 -60.19 36.72
C LEU E 216 40.85 -60.90 36.49
N CYS E 217 40.84 -62.24 36.54
CA CYS E 217 39.67 -63.06 36.27
C CYS E 217 38.45 -62.75 37.16
N TYR E 218 37.25 -62.81 36.58
CA TYR E 218 36.05 -62.67 37.37
C TYR E 218 35.00 -63.57 36.74
N VAL E 219 33.88 -63.82 37.44
CA VAL E 219 32.78 -64.61 36.91
C VAL E 219 31.65 -63.73 36.45
N ALA E 220 31.17 -63.93 35.21
CA ALA E 220 30.01 -63.27 34.66
C ALA E 220 28.69 -63.57 35.36
N LEU E 221 27.87 -62.52 35.62
CA LEU E 221 26.54 -62.67 36.17
C LEU E 221 25.56 -63.07 35.10
N ASP E 222 25.95 -62.91 33.83
CA ASP E 222 25.47 -63.77 32.79
C ASP E 222 26.59 -63.86 31.77
N PHE E 223 26.99 -65.08 31.35
CA PHE E 223 28.12 -65.35 30.48
C PHE E 223 27.89 -64.78 29.09
N GLU E 224 26.74 -65.09 28.46
CA GLU E 224 26.41 -64.67 27.11
C GLU E 224 26.29 -63.17 26.99
N ASN E 225 25.65 -62.52 27.97
CA ASN E 225 25.54 -61.06 28.02
C ASN E 225 26.90 -60.38 28.09
N GLU E 226 27.81 -60.86 28.96
CA GLU E 226 29.16 -60.32 29.02
C GLU E 226 30.02 -60.63 27.80
N MET E 227 29.87 -61.82 27.20
CA MET E 227 30.47 -62.14 25.91
C MET E 227 29.94 -61.35 24.72
N ALA E 228 28.64 -61.00 24.71
CA ALA E 228 28.08 -60.05 23.76
C ALA E 228 28.65 -58.63 23.88
N THR E 229 28.78 -58.08 25.12
CA THR E 229 29.33 -56.74 25.35
C THR E 229 30.86 -56.71 25.16
N ALA E 230 31.55 -57.87 25.07
CA ALA E 230 32.91 -57.96 24.59
C ALA E 230 33.13 -57.53 23.13
N ALA E 231 32.06 -57.33 22.31
CA ALA E 231 32.18 -56.70 21.02
C ALA E 231 32.67 -55.24 21.09
N SER E 232 32.14 -54.45 22.04
CA SER E 232 32.60 -53.09 22.31
C SER E 232 33.57 -53.11 23.47
N SER E 233 34.85 -53.43 23.20
CA SER E 233 35.83 -53.57 24.26
C SER E 233 36.23 -52.25 24.89
N SER E 234 35.95 -52.12 26.20
CA SER E 234 36.29 -50.94 26.97
C SER E 234 36.77 -51.38 28.35
N SER E 235 35.85 -51.79 29.25
CA SER E 235 36.22 -52.16 30.61
C SER E 235 36.67 -53.61 30.78
N LEU E 236 36.38 -54.45 29.78
CA LEU E 236 36.63 -55.87 29.82
C LEU E 236 38.07 -56.20 29.52
N GLU E 237 38.76 -55.31 28.80
CA GLU E 237 40.19 -55.38 28.62
C GLU E 237 40.87 -54.87 29.86
N LYS E 238 41.95 -55.53 30.29
CA LYS E 238 42.84 -55.00 31.28
C LYS E 238 44.22 -55.28 30.82
N SER E 239 45.06 -54.23 30.90
CA SER E 239 46.50 -54.28 30.83
C SER E 239 47.05 -55.00 32.05
N TYR E 240 47.96 -55.97 31.84
CA TYR E 240 48.70 -56.67 32.85
C TYR E 240 50.17 -56.56 32.50
N GLU E 241 51.01 -56.32 33.52
CA GLU E 241 52.44 -56.20 33.41
C GLU E 241 53.08 -57.54 33.76
N LEU E 242 53.90 -58.12 32.87
CA LEU E 242 54.70 -59.31 33.18
C LEU E 242 55.97 -58.92 33.92
N PRO E 243 56.62 -59.79 34.69
CA PRO E 243 57.94 -59.52 35.25
C PRO E 243 59.04 -59.27 34.21
N ASP E 244 58.86 -59.76 32.95
CA ASP E 244 59.70 -59.45 31.81
C ASP E 244 59.66 -57.94 31.45
N GLY E 245 58.50 -57.26 31.66
CA GLY E 245 58.25 -55.89 31.22
C GLY E 245 57.40 -55.87 29.98
N GLN E 246 57.03 -57.06 29.49
CA GLN E 246 56.00 -57.24 28.51
C GLN E 246 54.59 -56.99 29.05
N VAL E 247 53.72 -56.39 28.22
CA VAL E 247 52.39 -56.02 28.61
C VAL E 247 51.44 -56.95 27.89
N ILE E 248 50.43 -57.43 28.62
CA ILE E 248 49.40 -58.34 28.18
C ILE E 248 48.08 -57.62 28.31
N THR E 249 47.20 -57.77 27.30
CA THR E 249 45.91 -57.08 27.27
C THR E 249 44.86 -58.12 27.06
N ILE E 250 44.02 -58.42 28.07
CA ILE E 250 43.09 -59.55 28.07
C ILE E 250 41.64 -59.10 28.15
N GLY E 251 40.80 -59.46 27.16
CA GLY E 251 39.43 -59.00 27.04
C GLY E 251 38.43 -60.01 27.58
N ASN E 252 37.65 -60.64 26.68
CA ASN E 252 36.61 -61.61 27.03
C ASN E 252 37.13 -62.93 27.60
N GLU E 253 38.36 -63.25 27.21
CA GLU E 253 39.23 -64.32 27.64
C GLU E 253 39.37 -64.36 29.15
N ARG E 254 39.39 -63.17 29.80
CA ARG E 254 39.39 -63.03 31.22
C ARG E 254 38.24 -63.73 31.97
N PHE E 255 36.95 -63.48 31.61
CA PHE E 255 35.84 -63.99 32.43
C PHE E 255 35.39 -65.35 32.00
N ARG E 256 35.73 -65.80 30.78
CA ARG E 256 35.39 -67.15 30.38
C ARG E 256 36.31 -68.21 30.93
N CYS E 257 37.46 -67.85 31.54
CA CYS E 257 38.21 -68.81 32.33
C CYS E 257 37.46 -69.27 33.58
N PRO E 258 36.91 -68.47 34.51
CA PRO E 258 36.14 -69.03 35.61
C PRO E 258 34.81 -69.64 35.20
N GLU E 259 34.28 -69.30 34.00
CA GLU E 259 33.05 -69.83 33.43
C GLU E 259 33.11 -71.35 33.30
N THR E 260 34.31 -71.91 33.08
CA THR E 260 34.59 -73.35 33.05
C THR E 260 34.05 -74.14 34.25
N LEU E 261 33.99 -73.52 35.47
CA LEU E 261 33.38 -74.14 36.63
C LEU E 261 31.89 -74.47 36.46
N PHE E 262 31.19 -73.66 35.65
CA PHE E 262 29.77 -73.74 35.38
C PHE E 262 29.50 -74.36 34.03
N GLN E 263 30.56 -74.57 33.20
CA GLN E 263 30.49 -75.17 31.88
C GLN E 263 31.72 -76.07 31.64
N PRO E 264 31.86 -77.27 32.24
CA PRO E 264 33.02 -78.14 32.03
C PRO E 264 33.04 -78.75 30.65
N SER E 265 32.08 -78.50 29.77
CA SER E 265 32.17 -78.76 28.35
C SER E 265 33.30 -77.98 27.67
N PHE E 266 33.70 -76.80 28.20
CA PHE E 266 34.85 -76.00 27.76
C PHE E 266 36.19 -76.69 28.01
N ILE E 267 36.33 -77.38 29.17
CA ILE E 267 37.49 -78.19 29.45
C ILE E 267 37.43 -79.55 28.73
N GLY E 268 36.21 -80.01 28.34
CA GLY E 268 35.96 -81.24 27.60
C GLY E 268 35.54 -82.39 28.48
N MET E 269 35.25 -82.11 29.75
CA MET E 269 34.75 -83.09 30.70
C MET E 269 33.24 -83.04 30.74
N GLU E 270 32.59 -84.22 30.83
CA GLU E 270 31.15 -84.32 30.95
C GLU E 270 30.62 -83.90 32.29
N SER E 271 31.44 -84.17 33.35
CA SER E 271 31.16 -83.90 34.74
C SER E 271 30.51 -82.57 34.97
N ALA E 272 29.33 -82.56 35.63
CA ALA E 272 28.50 -81.38 35.67
C ALA E 272 29.14 -80.15 36.31
N GLY E 273 28.70 -78.93 35.93
CA GLY E 273 29.13 -77.70 36.58
C GLY E 273 28.89 -77.71 38.08
N ILE E 274 29.59 -76.82 38.80
CA ILE E 274 29.60 -76.81 40.24
C ILE E 274 28.25 -76.56 40.93
N HIS E 275 27.32 -75.83 40.28
CA HIS E 275 25.98 -75.63 40.77
C HIS E 275 25.11 -76.88 40.63
N GLU E 276 25.18 -77.63 39.50
CA GLU E 276 24.54 -78.93 39.37
C GLU E 276 25.15 -79.99 40.29
N THR E 277 26.47 -79.98 40.57
CA THR E 277 27.07 -80.86 41.59
C THR E 277 26.50 -80.60 42.96
N THR E 278 26.29 -79.32 43.35
CA THR E 278 25.60 -78.94 44.59
C THR E 278 24.16 -79.45 44.64
N TYR E 279 23.41 -79.36 43.51
CA TYR E 279 22.10 -79.99 43.39
C TYR E 279 22.16 -81.51 43.54
N ASN E 280 23.15 -82.17 42.92
CA ASN E 280 23.41 -83.59 43.00
C ASN E 280 23.66 -84.05 44.45
N SER E 281 24.45 -83.29 45.23
CA SER E 281 24.62 -83.50 46.67
C SER E 281 23.36 -83.30 47.48
N ILE E 282 22.63 -82.17 47.31
CA ILE E 282 21.39 -81.85 48.02
C ILE E 282 20.24 -82.82 47.71
N MET E 283 20.10 -83.26 46.44
CA MET E 283 19.16 -84.28 46.02
C MET E 283 19.41 -85.64 46.61
N LYS E 284 20.66 -86.00 46.90
CA LYS E 284 20.97 -87.24 47.57
C LYS E 284 20.65 -87.21 49.05
N CYS E 285 20.44 -86.01 49.64
CA CYS E 285 20.08 -85.85 51.02
C CYS E 285 18.60 -86.11 51.25
N ASP E 286 18.23 -86.40 52.51
CA ASP E 286 16.86 -86.58 52.93
C ASP E 286 16.02 -85.33 52.67
N ILE E 287 14.71 -85.53 52.37
CA ILE E 287 13.79 -84.46 51.96
C ILE E 287 13.69 -83.35 53.00
N ASP E 288 13.61 -83.70 54.30
CA ASP E 288 13.38 -82.83 55.43
C ASP E 288 14.45 -81.72 55.57
N ILE E 289 15.74 -82.09 55.47
CA ILE E 289 16.80 -81.15 55.77
C ILE E 289 17.07 -80.20 54.64
N ARG E 290 16.64 -80.51 53.39
CA ARG E 290 17.06 -79.74 52.23
C ARG E 290 16.83 -78.24 52.30
N LYS E 291 15.76 -77.80 53.02
CA LYS E 291 15.39 -76.41 53.21
C LYS E 291 16.51 -75.53 53.74
N ASP E 292 17.32 -76.00 54.71
CA ASP E 292 18.38 -75.21 55.28
C ASP E 292 19.66 -75.37 54.47
N LEU E 293 19.90 -76.52 53.81
CA LEU E 293 21.03 -76.72 52.91
C LEU E 293 21.04 -75.81 51.70
N TYR E 294 19.86 -75.58 51.12
CA TYR E 294 19.64 -74.53 50.15
C TYR E 294 19.99 -73.14 50.70
N ALA E 295 19.60 -72.83 51.95
CA ALA E 295 19.80 -71.52 52.54
C ALA E 295 21.14 -71.34 53.29
N ASN E 296 22.01 -72.36 53.38
CA ASN E 296 23.23 -72.33 54.20
C ASN E 296 24.39 -72.90 53.40
N ASN E 297 24.43 -72.72 52.08
CA ASN E 297 25.59 -73.03 51.26
C ASN E 297 26.81 -72.19 51.64
N VAL E 298 27.93 -72.87 52.00
CA VAL E 298 29.17 -72.24 52.43
C VAL E 298 30.17 -72.49 51.33
N MET E 299 30.78 -71.42 50.79
CA MET E 299 31.92 -71.54 49.91
C MET E 299 33.22 -71.48 50.68
N SER E 300 34.17 -72.36 50.34
CA SER E 300 35.49 -72.35 50.93
C SER E 300 36.52 -72.55 49.86
N GLY E 301 37.80 -72.34 50.23
CA GLY E 301 38.93 -72.65 49.40
C GLY E 301 39.43 -71.49 48.59
N GLY E 302 40.55 -71.70 47.87
CA GLY E 302 41.16 -70.62 47.11
C GLY E 302 40.49 -70.29 45.80
N THR E 303 39.81 -71.24 45.12
CA THR E 303 39.25 -70.99 43.78
C THR E 303 37.77 -70.64 43.88
N THR E 304 37.25 -70.32 45.10
CA THR E 304 36.00 -69.59 45.30
C THR E 304 36.28 -68.12 45.54
N MET E 305 37.54 -67.65 45.41
CA MET E 305 37.83 -66.25 45.62
C MET E 305 37.41 -65.30 44.51
N TYR E 306 37.20 -65.78 43.25
CA TYR E 306 36.88 -64.90 42.11
C TYR E 306 35.68 -63.99 42.38
N PRO E 307 35.74 -62.70 42.08
CA PRO E 307 34.58 -61.81 42.17
C PRO E 307 33.37 -62.29 41.38
N GLY E 308 32.18 -62.31 42.02
CA GLY E 308 30.91 -62.65 41.36
C GLY E 308 30.56 -64.13 41.34
N ILE E 309 31.40 -65.04 41.91
CA ILE E 309 31.03 -66.47 42.00
C ILE E 309 29.75 -66.70 42.80
N ALA E 310 29.62 -66.04 43.97
CA ALA E 310 28.50 -66.18 44.87
C ALA E 310 27.17 -65.79 44.24
N ASP E 311 27.14 -64.67 43.50
CA ASP E 311 26.00 -64.20 42.75
C ASP E 311 25.59 -65.14 41.61
N ARG E 312 26.59 -65.66 40.85
CA ARG E 312 26.32 -66.64 39.80
C ARG E 312 25.75 -67.95 40.33
N MET E 313 26.33 -68.51 41.41
CA MET E 313 25.80 -69.69 42.08
C MET E 313 24.39 -69.49 42.62
N GLN E 314 24.13 -68.28 43.20
CA GLN E 314 22.82 -67.92 43.67
C GLN E 314 21.79 -67.88 42.58
N LYS E 315 22.09 -67.23 41.43
CA LYS E 315 21.17 -67.18 40.33
C LYS E 315 20.86 -68.55 39.71
N GLU E 316 21.90 -69.43 39.55
CA GLU E 316 21.72 -70.75 38.98
C GLU E 316 21.03 -71.72 39.89
N ILE E 317 21.40 -71.79 41.18
CA ILE E 317 20.72 -72.65 42.13
C ILE E 317 19.28 -72.22 42.36
N THR E 318 19.01 -70.90 42.49
CA THR E 318 17.64 -70.35 42.54
C THR E 318 16.82 -70.67 41.30
N ALA E 319 17.43 -70.58 40.09
CA ALA E 319 16.78 -70.95 38.84
C ALA E 319 16.40 -72.43 38.73
N LEU E 320 17.29 -73.36 39.16
CA LEU E 320 17.03 -74.79 39.17
C LEU E 320 16.11 -75.26 40.29
N ALA E 321 16.24 -74.71 41.50
CA ALA E 321 15.54 -75.17 42.66
C ALA E 321 14.07 -74.71 42.70
N PRO E 322 13.23 -75.25 43.57
CA PRO E 322 11.99 -74.59 43.95
C PRO E 322 12.17 -73.16 44.46
N SER E 323 11.50 -72.15 43.86
CA SER E 323 11.52 -70.76 44.30
C SER E 323 10.56 -70.55 45.47
N THR E 324 10.00 -71.66 45.99
CA THR E 324 9.21 -71.81 47.20
C THR E 324 10.03 -71.45 48.42
N MET E 325 11.34 -71.73 48.40
CA MET E 325 12.24 -71.43 49.49
C MET E 325 13.38 -70.57 49.03
N LYS E 326 13.89 -69.72 49.95
CA LYS E 326 14.93 -68.76 49.61
C LYS E 326 16.32 -69.33 49.76
N ILE E 327 17.13 -69.14 48.71
CA ILE E 327 18.45 -69.71 48.59
C ILE E 327 19.44 -68.66 49.01
N LYS E 328 19.84 -68.66 50.29
CA LYS E 328 20.94 -67.84 50.74
C LYS E 328 22.25 -68.59 50.57
N ILE E 329 23.28 -67.93 50.03
CA ILE E 329 24.61 -68.46 49.95
C ILE E 329 25.40 -67.60 50.88
N ILE E 330 26.16 -68.21 51.78
CA ILE E 330 27.03 -67.52 52.70
C ILE E 330 28.45 -67.80 52.28
N ALA E 331 29.07 -66.82 51.64
CA ALA E 331 30.44 -66.94 51.19
C ALA E 331 31.23 -65.82 51.84
N PRO E 332 31.98 -66.03 52.92
CA PRO E 332 32.65 -64.95 53.61
C PRO E 332 33.82 -64.45 52.76
N PRO E 333 34.24 -63.19 52.70
CA PRO E 333 35.67 -62.89 52.52
C PRO E 333 36.47 -63.54 53.65
N GLU E 334 37.76 -63.86 53.42
CA GLU E 334 38.60 -64.68 54.29
C GLU E 334 38.38 -66.17 54.04
N ARG E 335 37.45 -66.51 53.09
CA ARG E 335 37.07 -67.88 52.75
C ARG E 335 38.21 -68.78 52.27
N LYS E 336 39.31 -68.15 51.78
CA LYS E 336 40.53 -68.81 51.39
C LYS E 336 41.17 -69.57 52.56
N TYR E 337 41.15 -68.97 53.78
CA TYR E 337 41.87 -69.53 54.90
C TYR E 337 40.93 -70.29 55.79
N SER E 338 39.65 -70.48 55.39
CA SER E 338 38.61 -71.09 56.22
C SER E 338 38.90 -72.47 56.75
N VAL E 339 39.54 -73.34 55.94
CA VAL E 339 40.01 -74.64 56.36
C VAL E 339 41.05 -74.58 57.48
N TRP E 340 42.07 -73.69 57.38
CA TRP E 340 43.07 -73.52 58.42
C TRP E 340 42.45 -72.98 59.71
N ILE E 341 41.55 -71.98 59.62
CA ILE E 341 40.83 -71.44 60.78
C ILE E 341 39.98 -72.50 61.43
N GLY E 342 39.33 -73.37 60.63
CA GLY E 342 38.61 -74.51 61.15
C GLY E 342 39.44 -75.54 61.85
N GLY E 343 40.70 -75.67 61.42
CA GLY E 343 41.69 -76.48 62.10
C GLY E 343 42.22 -75.86 63.38
N SER E 344 42.36 -74.52 63.41
CA SER E 344 42.74 -73.75 64.60
C SER E 344 41.72 -73.90 65.71
N ILE E 345 40.42 -73.71 65.37
CA ILE E 345 39.33 -73.86 66.33
C ILE E 345 39.22 -75.29 66.84
N LEU E 346 39.35 -76.31 65.95
CA LEU E 346 39.27 -77.71 66.37
C LEU E 346 40.31 -78.17 67.37
N ALA E 347 41.59 -77.80 67.15
CA ALA E 347 42.65 -78.18 68.06
C ALA E 347 42.62 -77.35 69.35
N SER E 348 42.01 -76.16 69.34
CA SER E 348 41.70 -75.37 70.54
C SER E 348 40.55 -75.91 71.37
N LEU E 349 39.64 -76.74 70.79
CA LEU E 349 38.58 -77.41 71.54
C LEU E 349 39.07 -78.42 72.56
N SER E 350 38.61 -78.27 73.82
CA SER E 350 39.07 -79.09 74.95
C SER E 350 38.76 -80.58 74.82
N THR E 351 37.53 -80.93 74.37
CA THR E 351 37.10 -82.32 74.11
C THR E 351 37.91 -83.01 73.03
N PHE E 352 38.28 -82.26 71.97
CA PHE E 352 39.06 -82.73 70.85
C PHE E 352 40.44 -83.25 71.29
N GLN E 353 40.99 -82.69 72.40
CA GLN E 353 42.22 -83.15 72.99
C GLN E 353 42.25 -84.61 73.51
N GLN E 354 41.12 -85.32 73.51
CA GLN E 354 41.09 -86.76 73.75
C GLN E 354 40.93 -87.58 72.46
N MET E 355 40.58 -86.95 71.32
CA MET E 355 40.29 -87.65 70.08
C MET E 355 41.49 -87.66 69.16
N TRP E 356 42.63 -87.11 69.61
CA TRP E 356 43.87 -87.19 68.88
C TRP E 356 44.31 -88.63 68.65
N ILE E 357 44.92 -88.91 67.49
CA ILE E 357 45.60 -90.17 67.33
C ILE E 357 46.89 -90.05 68.09
N THR E 358 47.08 -90.81 69.18
CA THR E 358 48.32 -90.70 69.94
C THR E 358 49.43 -91.41 69.22
N LYS E 359 50.68 -91.03 69.47
CA LYS E 359 51.85 -91.76 69.03
C LYS E 359 51.88 -93.19 69.55
N GLN E 360 51.51 -93.38 70.84
CA GLN E 360 51.42 -94.68 71.47
C GLN E 360 50.46 -95.63 70.76
N GLU E 361 49.21 -95.15 70.47
CA GLU E 361 48.17 -95.92 69.81
C GLU E 361 48.56 -96.34 68.39
N TYR E 362 49.25 -95.45 67.64
CA TYR E 362 49.91 -95.79 66.39
C TYR E 362 51.01 -96.85 66.56
N ASP E 363 51.90 -96.75 67.54
CA ASP E 363 53.01 -97.68 67.74
C ASP E 363 52.49 -99.10 68.02
N GLU E 364 51.43 -99.28 68.85
CA GLU E 364 50.74 -100.55 69.03
C GLU E 364 49.95 -101.05 67.81
N ALA E 365 49.12 -100.21 67.19
CA ALA E 365 48.10 -100.71 66.30
C ALA E 365 48.36 -100.39 64.82
N GLY E 366 49.46 -99.68 64.51
CA GLY E 366 49.93 -99.43 63.15
C GLY E 366 49.27 -98.29 62.39
N PRO E 367 49.70 -98.04 61.15
CA PRO E 367 49.24 -96.91 60.34
C PRO E 367 47.81 -97.07 59.88
N SER E 368 47.23 -98.27 59.91
CA SER E 368 45.91 -98.52 59.35
C SER E 368 44.76 -97.94 60.18
N ILE E 369 45.06 -97.58 61.45
CA ILE E 369 44.11 -97.08 62.43
C ILE E 369 43.53 -95.72 62.14
N VAL E 370 44.03 -95.01 61.09
CA VAL E 370 43.49 -93.71 60.71
C VAL E 370 42.00 -93.77 60.49
N HIS E 371 41.58 -94.67 59.58
CA HIS E 371 40.19 -94.84 59.17
C HIS E 371 39.30 -95.38 60.27
N ARG E 372 39.87 -96.23 61.15
CA ARG E 372 39.20 -96.79 62.31
C ARG E 372 38.78 -95.77 63.37
N LYS E 373 39.63 -94.78 63.67
CA LYS E 373 39.33 -93.78 64.67
C LYS E 373 38.65 -92.55 64.10
N CYS E 374 39.19 -92.00 62.99
CA CYS E 374 38.74 -90.74 62.42
C CYS E 374 37.95 -90.97 61.15
N PHE E 375 37.16 -89.95 60.76
CA PHE E 375 36.48 -89.88 59.49
C PHE E 375 37.44 -89.44 58.33
N GLU F 2 33.50 -73.15 -17.54
CA GLU F 2 33.98 -74.52 -17.21
C GLU F 2 33.23 -75.08 -16.02
N ASP F 3 33.25 -76.41 -15.84
CA ASP F 3 32.59 -77.08 -14.74
C ASP F 3 33.56 -77.11 -13.57
N GLU F 4 33.02 -76.99 -12.34
CA GLU F 4 33.73 -77.05 -11.07
C GLU F 4 34.74 -75.95 -10.78
N THR F 5 35.16 -75.18 -11.81
CA THR F 5 35.99 -73.95 -11.76
C THR F 5 37.45 -74.20 -11.46
N THR F 6 37.89 -75.49 -11.39
CA THR F 6 39.08 -75.98 -10.65
C THR F 6 39.08 -75.51 -9.19
N ALA F 7 40.23 -75.49 -8.51
CA ALA F 7 40.34 -74.79 -7.26
C ALA F 7 41.84 -74.60 -7.10
N LEU F 8 42.26 -73.73 -6.17
CA LEU F 8 43.66 -73.47 -5.90
C LEU F 8 44.01 -73.91 -4.51
N VAL F 9 45.24 -74.41 -4.35
CA VAL F 9 45.70 -74.94 -3.09
C VAL F 9 47.05 -74.36 -2.84
N CYS F 10 47.28 -73.82 -1.63
CA CYS F 10 48.57 -73.35 -1.18
C CYS F 10 48.89 -73.91 0.21
N ASP F 11 50.06 -74.55 0.34
CA ASP F 11 50.68 -74.87 1.61
C ASP F 11 51.72 -73.78 1.89
N ASN F 12 51.51 -73.06 3.01
CA ASN F 12 52.47 -72.21 3.69
C ASN F 12 52.60 -72.62 5.14
N GLY F 13 53.23 -73.78 5.42
CA GLY F 13 54.22 -73.78 6.51
C GLY F 13 55.41 -72.85 6.20
N SER F 14 56.27 -72.50 7.18
CA SER F 14 57.50 -71.75 6.90
C SER F 14 58.41 -72.40 5.89
N GLY F 15 59.19 -71.59 5.14
CA GLY F 15 60.26 -72.12 4.31
C GLY F 15 59.91 -72.30 2.86
N LEU F 16 58.76 -72.92 2.53
CA LEU F 16 58.37 -73.19 1.16
C LEU F 16 56.89 -72.91 0.95
N VAL F 17 56.57 -72.22 -0.15
CA VAL F 17 55.24 -72.15 -0.69
C VAL F 17 55.12 -73.36 -1.57
N LYS F 18 54.12 -74.22 -1.36
CA LYS F 18 53.77 -75.23 -2.32
C LYS F 18 52.40 -74.88 -2.84
N ALA F 19 52.27 -74.63 -4.14
CA ALA F 19 51.05 -74.16 -4.73
C ALA F 19 50.77 -74.73 -6.10
N GLY F 20 49.48 -74.84 -6.45
CA GLY F 20 49.10 -75.36 -7.72
C GLY F 20 47.62 -75.47 -7.77
N PHE F 21 47.11 -76.15 -8.81
CA PHE F 21 45.70 -76.43 -8.96
C PHE F 21 45.33 -77.63 -8.11
N ALA F 22 44.18 -77.55 -7.44
CA ALA F 22 43.44 -78.69 -6.94
C ALA F 22 42.99 -79.58 -8.08
N GLY F 23 43.06 -80.92 -7.89
CA GLY F 23 42.73 -81.85 -8.97
C GLY F 23 43.90 -82.38 -9.72
N ASP F 24 45.13 -82.05 -9.29
CA ASP F 24 46.37 -82.55 -9.85
C ASP F 24 47.14 -83.25 -8.74
N ASP F 25 48.01 -84.22 -9.08
CA ASP F 25 48.80 -85.04 -8.17
C ASP F 25 50.02 -84.29 -7.64
N ALA F 26 50.53 -83.28 -8.38
CA ALA F 26 51.65 -82.49 -7.91
C ALA F 26 51.45 -80.99 -8.09
N PRO F 27 52.02 -80.14 -7.21
CA PRO F 27 51.92 -78.69 -7.33
C PRO F 27 52.74 -78.23 -8.52
N ARG F 28 52.27 -77.19 -9.24
CA ARG F 28 53.03 -76.57 -10.30
C ARG F 28 54.23 -75.79 -9.78
N ALA F 29 54.04 -75.03 -8.68
CA ALA F 29 55.04 -74.12 -8.19
C ALA F 29 55.40 -74.47 -6.78
N VAL F 30 56.69 -74.66 -6.53
CA VAL F 30 57.23 -74.84 -5.21
C VAL F 30 58.44 -73.94 -5.14
N PHE F 31 58.49 -73.02 -4.17
CA PHE F 31 59.61 -72.11 -4.10
C PHE F 31 59.82 -71.69 -2.65
N PRO F 32 60.99 -71.19 -2.26
CA PRO F 32 61.23 -70.73 -0.90
C PRO F 32 60.48 -69.47 -0.52
N SER F 33 59.83 -69.48 0.65
CA SER F 33 59.07 -68.36 1.19
C SER F 33 59.96 -67.30 1.78
N ILE F 34 60.65 -66.51 0.95
CA ILE F 34 61.63 -65.56 1.39
C ILE F 34 61.42 -64.27 0.69
N VAL F 35 61.61 -63.18 1.43
CA VAL F 35 61.56 -61.84 0.95
C VAL F 35 62.94 -61.34 1.20
N GLY F 36 63.71 -61.10 0.13
CA GLY F 36 65.07 -60.64 0.23
C GLY F 36 65.24 -59.23 -0.24
N ARG F 37 65.78 -58.38 0.63
CA ARG F 37 65.84 -56.95 0.38
C ARG F 37 67.26 -56.54 0.06
N PRO F 38 67.55 -55.74 -0.97
CA PRO F 38 68.84 -55.08 -1.15
C PRO F 38 69.30 -54.28 0.06
N ARG F 39 70.16 -54.87 0.90
CA ARG F 39 70.80 -54.24 2.04
C ARG F 39 71.86 -53.23 1.60
N HIS F 40 72.65 -53.57 0.55
CA HIS F 40 73.70 -52.69 0.05
C HIS F 40 73.10 -51.73 -0.94
N GLN F 41 73.34 -50.42 -0.77
CA GLN F 41 72.93 -49.44 -1.76
C GLN F 41 73.63 -49.63 -3.10
N GLY F 42 72.84 -49.72 -4.18
CA GLY F 42 73.38 -49.98 -5.49
C GLY F 42 73.83 -48.72 -6.17
N VAL F 43 74.94 -48.76 -6.92
CA VAL F 43 75.45 -47.61 -7.64
C VAL F 43 75.72 -48.00 -9.07
N MET F 44 74.73 -47.79 -9.93
CA MET F 44 74.79 -47.90 -11.36
C MET F 44 73.63 -47.02 -11.77
N VAL F 45 73.22 -47.04 -13.05
CA VAL F 45 71.98 -46.44 -13.51
C VAL F 45 71.34 -47.52 -14.34
N GLY F 46 69.99 -47.66 -14.33
CA GLY F 46 69.31 -48.72 -15.08
C GLY F 46 69.34 -50.06 -14.41
N MET F 47 69.44 -50.07 -13.08
CA MET F 47 69.16 -51.23 -12.28
C MET F 47 67.73 -51.15 -11.84
N GLY F 48 67.07 -52.32 -11.81
CA GLY F 48 65.84 -52.57 -11.07
C GLY F 48 64.75 -51.51 -11.06
N GLN F 49 64.61 -50.68 -9.99
CA GLN F 49 65.32 -50.77 -8.72
C GLN F 49 64.92 -52.03 -7.98
N LYS F 50 63.58 -52.29 -7.93
CA LYS F 50 62.97 -53.42 -7.25
C LYS F 50 63.26 -53.43 -5.75
N ASP F 51 62.31 -52.93 -4.91
CA ASP F 51 62.44 -52.81 -3.45
C ASP F 51 62.83 -54.12 -2.77
N SER F 52 62.37 -55.24 -3.32
CA SER F 52 62.62 -56.53 -2.74
C SER F 52 62.36 -57.58 -3.78
N TYR F 53 62.95 -58.78 -3.58
CA TYR F 53 62.85 -59.95 -4.43
C TYR F 53 62.19 -61.04 -3.63
N VAL F 54 61.37 -61.87 -4.28
CA VAL F 54 60.54 -62.87 -3.63
C VAL F 54 60.77 -64.17 -4.35
N GLY F 55 60.73 -65.30 -3.61
CA GLY F 55 60.82 -66.62 -4.22
C GLY F 55 62.23 -67.05 -4.53
N ASP F 56 62.44 -67.96 -5.48
CA ASP F 56 63.75 -68.44 -5.90
C ASP F 56 64.57 -67.40 -6.69
N GLU F 57 63.97 -66.26 -7.10
CA GLU F 57 64.68 -65.04 -7.51
C GLU F 57 65.68 -64.55 -6.44
N ALA F 58 65.25 -64.55 -5.16
CA ALA F 58 66.06 -64.25 -4.00
C ALA F 58 67.18 -65.26 -3.75
N GLN F 59 66.93 -66.56 -4.03
CA GLN F 59 67.96 -67.61 -4.01
C GLN F 59 69.05 -67.38 -5.02
N SER F 60 68.70 -66.97 -6.26
CA SER F 60 69.62 -66.63 -7.33
C SER F 60 70.47 -65.41 -7.00
N LYS F 61 69.83 -64.33 -6.51
CA LYS F 61 70.52 -63.11 -6.13
C LYS F 61 70.67 -63.05 -4.63
N ARG F 62 71.43 -63.98 -4.03
CA ARG F 62 71.44 -64.13 -2.60
C ARG F 62 72.35 -63.18 -1.83
N GLY F 63 73.56 -62.92 -2.40
CA GLY F 63 74.65 -62.27 -1.70
C GLY F 63 74.47 -60.82 -1.35
N ILE F 64 73.70 -60.10 -2.21
CA ILE F 64 73.30 -58.72 -2.01
C ILE F 64 72.28 -58.59 -0.91
N LEU F 65 71.31 -59.52 -0.90
CA LEU F 65 70.10 -59.48 -0.15
C LEU F 65 70.34 -59.85 1.29
N THR F 66 69.56 -59.24 2.17
CA THR F 66 69.28 -59.85 3.45
C THR F 66 67.96 -60.54 3.24
N LEU F 67 67.81 -61.80 3.70
CA LEU F 67 66.62 -62.59 3.51
C LEU F 67 65.86 -62.64 4.80
N LYS F 68 64.54 -62.43 4.70
CA LYS F 68 63.68 -62.51 5.83
C LYS F 68 62.64 -63.57 5.52
N TYR F 69 62.61 -64.65 6.33
CA TYR F 69 61.49 -65.57 6.38
C TYR F 69 60.30 -64.83 7.01
N PRO F 70 59.11 -64.75 6.42
CA PRO F 70 58.03 -63.97 6.98
C PRO F 70 57.23 -64.82 7.93
N ILE F 71 57.40 -66.16 7.89
CA ILE F 71 56.71 -67.07 8.77
C ILE F 71 57.73 -67.67 9.69
N GLU F 72 57.53 -67.56 11.02
CA GLU F 72 58.35 -68.23 12.00
C GLU F 72 57.44 -68.99 12.93
N HIS F 73 57.73 -70.29 13.12
CA HIS F 73 57.01 -71.19 14.01
C HIS F 73 55.55 -71.39 13.67
N GLY F 74 55.21 -71.31 12.36
CA GLY F 74 53.84 -71.31 11.85
C GLY F 74 53.16 -69.97 11.97
N ILE F 75 53.84 -68.95 12.54
CA ILE F 75 53.30 -67.63 12.78
C ILE F 75 53.80 -66.70 11.72
N ILE F 76 52.92 -65.95 11.04
CA ILE F 76 53.39 -64.89 10.18
C ILE F 76 53.86 -63.72 11.00
N THR F 77 55.17 -63.41 10.93
CA THR F 77 55.80 -62.27 11.58
C THR F 77 55.45 -60.98 10.89
N ASN F 78 55.51 -61.00 9.54
CA ASN F 78 55.29 -59.84 8.71
C ASN F 78 54.27 -60.12 7.60
N TRP F 79 53.14 -59.38 7.63
CA TRP F 79 51.99 -59.60 6.77
C TRP F 79 52.13 -59.14 5.34
N ASP F 80 52.79 -57.97 5.12
CA ASP F 80 53.06 -57.43 3.80
C ASP F 80 53.98 -58.37 3.02
N ASP F 81 55.03 -58.89 3.66
CA ASP F 81 55.91 -59.91 3.13
C ASP F 81 55.16 -61.21 2.74
N MET F 82 54.19 -61.72 3.54
CA MET F 82 53.31 -62.81 3.15
C MET F 82 52.41 -62.51 1.96
N GLU F 83 51.80 -61.31 1.93
CA GLU F 83 51.01 -60.85 0.81
C GLU F 83 51.84 -60.81 -0.48
N LYS F 84 53.07 -60.29 -0.43
CA LYS F 84 54.03 -60.31 -1.53
C LYS F 84 54.36 -61.71 -2.03
N ILE F 85 54.53 -62.68 -1.11
CA ILE F 85 54.72 -64.08 -1.47
C ILE F 85 53.53 -64.67 -2.19
N TRP F 86 52.31 -64.47 -1.69
CA TRP F 86 51.12 -64.87 -2.40
C TRP F 86 50.90 -64.13 -3.70
N HIS F 87 51.24 -62.82 -3.78
CA HIS F 87 51.20 -62.10 -5.03
C HIS F 87 52.09 -62.70 -6.11
N HIS F 88 53.32 -63.09 -5.70
CA HIS F 88 54.27 -63.86 -6.50
C HIS F 88 53.69 -65.22 -6.93
N THR F 89 53.05 -66.05 -6.04
CA THR F 89 52.46 -67.35 -6.44
C THR F 89 51.44 -67.24 -7.57
N PHE F 90 50.50 -66.30 -7.41
CA PHE F 90 49.36 -66.18 -8.29
C PHE F 90 49.74 -65.55 -9.62
N TYR F 91 50.49 -64.43 -9.60
CA TYR F 91 50.79 -63.72 -10.82
C TYR F 91 52.06 -64.22 -11.48
N ASN F 92 53.17 -64.45 -10.73
CA ASN F 92 54.44 -64.84 -11.32
C ASN F 92 54.44 -66.30 -11.81
N GLU F 93 53.93 -67.26 -11.01
CA GLU F 93 53.93 -68.66 -11.40
C GLU F 93 52.64 -69.11 -12.05
N LEU F 94 51.53 -69.08 -11.30
CA LEU F 94 50.34 -69.78 -11.75
C LEU F 94 49.56 -69.08 -12.82
N ARG F 95 49.67 -67.74 -12.86
CA ARG F 95 49.08 -66.83 -13.81
C ARG F 95 47.57 -66.88 -13.81
N VAL F 96 47.00 -66.81 -12.60
CA VAL F 96 45.58 -66.97 -12.38
C VAL F 96 45.07 -65.65 -11.85
N ALA F 97 43.79 -65.35 -12.07
CA ALA F 97 43.10 -64.34 -11.33
C ALA F 97 42.45 -65.06 -10.14
N PRO F 98 42.75 -64.80 -8.87
CA PRO F 98 42.09 -65.47 -7.74
C PRO F 98 40.56 -65.28 -7.72
N GLU F 99 39.98 -64.26 -8.37
CA GLU F 99 38.55 -64.08 -8.57
C GLU F 99 37.90 -65.26 -9.29
N GLU F 100 38.68 -66.00 -10.08
CA GLU F 100 38.19 -67.10 -10.88
C GLU F 100 38.39 -68.43 -10.17
N HIS F 101 38.95 -68.48 -8.93
CA HIS F 101 39.21 -69.77 -8.30
C HIS F 101 38.92 -69.76 -6.81
N PRO F 102 38.25 -70.72 -6.18
CA PRO F 102 38.33 -70.89 -4.73
C PRO F 102 39.72 -71.31 -4.25
N THR F 103 40.24 -70.77 -3.12
CA THR F 103 41.62 -71.00 -2.67
C THR F 103 41.68 -71.69 -1.33
N LEU F 104 42.32 -72.85 -1.23
CA LEU F 104 42.59 -73.55 -0.01
C LEU F 104 43.94 -73.11 0.54
N LEU F 105 44.00 -72.77 1.82
CA LEU F 105 45.23 -72.56 2.54
C LEU F 105 45.37 -73.63 3.58
N THR F 106 46.60 -74.11 3.75
CA THR F 106 46.94 -74.91 4.91
C THR F 106 47.33 -74.02 6.06
N GLU F 107 47.29 -74.53 7.29
CA GLU F 107 47.73 -73.83 8.45
C GLU F 107 48.03 -74.84 9.54
N ALA F 108 48.89 -74.48 10.51
CA ALA F 108 49.39 -75.41 11.49
C ALA F 108 48.51 -75.58 12.75
N PRO F 109 48.40 -76.72 13.42
CA PRO F 109 47.71 -76.81 14.72
C PRO F 109 48.15 -75.93 15.85
N LEU F 110 47.19 -75.63 16.75
CA LEU F 110 47.38 -74.90 18.01
C LEU F 110 47.95 -73.54 17.73
N ASN F 111 47.60 -72.99 16.58
CA ASN F 111 48.17 -71.80 16.06
C ASN F 111 47.29 -70.64 16.51
N PRO F 112 47.84 -69.51 16.97
CA PRO F 112 47.09 -68.28 17.19
C PRO F 112 45.95 -68.00 16.25
N LYS F 113 44.81 -67.58 16.81
CA LYS F 113 43.58 -67.28 16.09
C LYS F 113 43.76 -66.18 15.06
N ALA F 114 44.60 -65.19 15.41
CA ALA F 114 44.95 -64.04 14.62
C ALA F 114 45.55 -64.40 13.28
N ASN F 115 46.38 -65.48 13.19
CA ASN F 115 46.86 -65.94 11.90
C ASN F 115 45.74 -66.41 11.00
N ARG F 116 44.81 -67.29 11.47
CA ARG F 116 43.68 -67.74 10.67
C ARG F 116 42.74 -66.61 10.23
N GLU F 117 42.36 -65.74 11.18
CA GLU F 117 41.50 -64.57 10.98
C GLU F 117 42.09 -63.47 10.11
N LYS F 118 43.39 -63.15 10.28
CA LYS F 118 44.07 -62.23 9.39
C LYS F 118 44.36 -62.82 8.02
N MET F 119 44.64 -64.13 7.92
CA MET F 119 44.85 -64.86 6.68
C MET F 119 43.62 -64.81 5.76
N THR F 120 42.40 -65.03 6.37
CA THR F 120 41.12 -64.84 5.68
C THR F 120 40.82 -63.43 5.30
N GLN F 121 41.12 -62.46 6.17
CA GLN F 121 40.96 -61.05 5.91
C GLN F 121 41.74 -60.60 4.68
N ILE F 122 43.03 -61.03 4.56
CA ILE F 122 43.82 -60.82 3.36
C ILE F 122 43.26 -61.54 2.15
N MET F 123 42.86 -62.83 2.28
CA MET F 123 42.32 -63.51 1.10
C MET F 123 41.09 -62.86 0.55
N PHE F 124 40.15 -62.38 1.35
CA PHE F 124 39.04 -61.65 0.79
C PHE F 124 39.32 -60.21 0.36
N GLU F 125 40.12 -59.43 1.13
CA GLU F 125 40.26 -57.99 0.93
C GLU F 125 41.57 -57.58 0.31
N THR F 126 42.33 -58.53 -0.23
CA THR F 126 43.55 -58.26 -1.00
C THR F 126 43.37 -58.87 -2.37
N PHE F 127 43.35 -60.22 -2.48
CA PHE F 127 43.11 -60.86 -3.76
C PHE F 127 41.65 -61.21 -3.81
N ASN F 128 40.77 -60.43 -4.48
CA ASN F 128 39.35 -60.70 -4.41
C ASN F 128 39.05 -62.15 -4.86
N VAL F 129 38.33 -62.96 -4.06
CA VAL F 129 38.30 -64.40 -4.30
C VAL F 129 36.87 -64.86 -3.98
N PRO F 130 36.23 -65.81 -4.69
CA PRO F 130 34.85 -66.21 -4.41
C PRO F 130 34.72 -66.94 -3.10
N ALA F 131 35.75 -67.72 -2.74
CA ALA F 131 35.66 -68.55 -1.57
C ALA F 131 37.02 -69.03 -1.15
N MET F 132 37.15 -69.50 0.09
CA MET F 132 38.38 -70.00 0.59
C MET F 132 38.17 -70.97 1.71
N TYR F 133 39.23 -71.62 2.16
CA TYR F 133 39.18 -72.46 3.31
C TYR F 133 40.56 -72.42 3.92
N VAL F 134 40.67 -72.58 5.25
CA VAL F 134 41.91 -72.77 5.97
C VAL F 134 41.76 -74.12 6.60
N ALA F 135 42.78 -74.98 6.46
CA ALA F 135 42.71 -76.34 6.90
C ALA F 135 43.95 -76.73 7.65
N ILE F 136 43.81 -77.75 8.51
CA ILE F 136 44.91 -78.17 9.34
C ILE F 136 45.92 -79.02 8.56
N GLN F 137 47.25 -78.78 8.67
CA GLN F 137 48.27 -79.48 7.89
C GLN F 137 48.26 -81.01 7.98
N ALA F 138 48.14 -81.54 9.20
CA ALA F 138 48.23 -82.97 9.48
C ALA F 138 47.12 -83.84 8.88
N VAL F 139 45.87 -83.36 8.92
CA VAL F 139 44.74 -84.02 8.29
C VAL F 139 44.90 -84.12 6.78
N LEU F 140 45.40 -83.08 6.11
CA LEU F 140 45.68 -83.10 4.69
C LEU F 140 46.72 -84.18 4.31
N SER F 141 47.82 -84.31 5.08
CA SER F 141 48.78 -85.39 4.83
C SER F 141 48.20 -86.79 4.99
N LEU F 142 47.31 -86.97 5.99
CA LEU F 142 46.57 -88.20 6.19
C LEU F 142 45.70 -88.59 4.99
N TYR F 143 44.94 -87.62 4.42
CA TYR F 143 44.20 -87.78 3.18
C TYR F 143 45.08 -88.19 2.01
N ALA F 144 46.25 -87.54 1.86
CA ALA F 144 47.23 -87.83 0.83
C ALA F 144 47.78 -89.24 0.91
N SER F 145 47.99 -89.74 2.14
CA SER F 145 48.42 -91.11 2.39
C SER F 145 47.29 -92.13 2.18
N GLY F 146 46.02 -91.69 2.04
CA GLY F 146 44.90 -92.55 1.69
C GLY F 146 44.38 -93.39 2.82
N ARG F 147 44.65 -92.98 4.06
CA ARG F 147 44.34 -93.75 5.25
C ARG F 147 43.30 -92.98 6.05
N THR F 148 42.42 -93.67 6.78
CA THR F 148 41.37 -93.01 7.53
C THR F 148 41.77 -92.73 8.96
N THR F 149 42.88 -93.36 9.39
CA THR F 149 43.33 -93.46 10.76
C THR F 149 44.83 -93.40 10.76
N GLY F 150 45.37 -92.70 11.75
CA GLY F 150 46.79 -92.62 11.98
C GLY F 150 47.10 -91.52 12.91
N ILE F 151 48.34 -91.49 13.36
CA ILE F 151 48.85 -90.36 14.09
C ILE F 151 49.80 -89.69 13.18
N VAL F 152 49.51 -88.44 12.83
CA VAL F 152 50.30 -87.74 11.87
C VAL F 152 51.33 -86.91 12.58
N LEU F 153 52.61 -87.24 12.35
CA LEU F 153 53.74 -86.48 12.78
C LEU F 153 54.08 -85.53 11.65
N ASP F 154 53.77 -84.25 11.83
CA ASP F 154 53.94 -83.20 10.87
C ASP F 154 55.13 -82.44 11.41
N SER F 155 56.22 -82.38 10.61
CA SER F 155 57.27 -81.45 10.93
C SER F 155 57.74 -80.75 9.66
N GLY F 156 57.47 -79.43 9.59
CA GLY F 156 57.98 -78.61 8.50
C GLY F 156 59.23 -77.86 8.87
N ASP F 157 59.49 -76.74 8.17
CA ASP F 157 60.50 -75.78 8.56
C ASP F 157 59.95 -74.80 9.60
N GLY F 158 58.60 -74.74 9.73
CA GLY F 158 57.92 -73.88 10.68
C GLY F 158 57.96 -74.43 12.07
N VAL F 159 57.10 -75.40 12.43
CA VAL F 159 57.13 -76.02 13.73
C VAL F 159 56.75 -77.47 13.45
N THR F 160 56.98 -78.37 14.43
CA THR F 160 56.52 -79.75 14.55
C THR F 160 55.18 -79.83 15.27
N HIS F 161 54.26 -80.63 14.73
CA HIS F 161 52.92 -80.85 15.18
C HIS F 161 52.62 -82.33 15.13
N ASN F 162 51.61 -82.77 15.90
CA ASN F 162 51.28 -84.15 16.02
C ASN F 162 49.77 -84.17 16.21
N VAL F 163 49.01 -84.83 15.32
CA VAL F 163 47.57 -84.90 15.41
C VAL F 163 47.19 -86.37 15.31
N PRO F 164 46.68 -87.04 16.35
CA PRO F 164 46.06 -88.35 16.24
C PRO F 164 44.67 -88.23 15.67
N ILE F 165 44.32 -89.15 14.78
CA ILE F 165 43.04 -89.22 14.15
C ILE F 165 42.60 -90.66 14.26
N TYR F 166 41.30 -90.92 14.42
CA TYR F 166 40.74 -92.26 14.40
C TYR F 166 39.44 -92.25 13.62
N GLU F 167 39.40 -92.94 12.46
CA GLU F 167 38.24 -93.16 11.62
C GLU F 167 37.62 -91.86 11.13
N GLY F 168 38.46 -90.98 10.55
CA GLY F 168 38.18 -89.55 10.62
C GLY F 168 38.30 -89.09 12.05
N TYR F 169 37.26 -88.41 12.62
CA TYR F 169 37.29 -87.73 13.91
C TYR F 169 38.55 -86.91 14.13
N ALA F 170 39.08 -86.82 15.36
CA ALA F 170 40.20 -85.99 15.74
C ALA F 170 40.11 -85.84 17.24
N LEU F 171 41.26 -85.68 17.92
CA LEU F 171 41.26 -85.55 19.37
C LEU F 171 41.94 -84.26 19.79
N PRO F 172 41.21 -83.18 20.15
CA PRO F 172 41.80 -81.87 20.42
C PRO F 172 42.78 -81.85 21.57
N HIS F 173 42.51 -82.57 22.68
CA HIS F 173 43.35 -82.69 23.84
C HIS F 173 44.64 -83.46 23.58
N ALA F 174 44.59 -84.43 22.65
CA ALA F 174 45.70 -85.26 22.29
C ALA F 174 46.58 -84.66 21.20
N ILE F 175 46.15 -83.57 20.52
CA ILE F 175 47.01 -82.80 19.61
C ILE F 175 48.17 -82.19 20.38
N MET F 176 49.40 -82.42 19.88
CA MET F 176 50.61 -81.87 20.46
C MET F 176 51.35 -81.05 19.45
N ARG F 177 51.94 -79.95 19.90
CA ARG F 177 52.75 -79.07 19.11
C ARG F 177 54.06 -78.94 19.85
N LEU F 178 55.17 -79.15 19.13
CA LEU F 178 56.50 -79.17 19.68
C LEU F 178 57.34 -78.17 18.92
N ASP F 179 57.95 -77.19 19.63
CA ASP F 179 58.76 -76.17 19.00
C ASP F 179 60.14 -76.72 18.70
N LEU F 180 60.22 -77.45 17.57
CA LEU F 180 61.42 -77.86 16.88
C LEU F 180 61.06 -77.75 15.44
N ALA F 181 62.07 -77.58 14.57
CA ALA F 181 61.82 -77.48 13.18
C ALA F 181 63.05 -77.76 12.38
N GLY F 182 62.91 -77.82 11.04
CA GLY F 182 64.02 -77.63 10.11
C GLY F 182 64.87 -76.42 10.39
N ARG F 183 64.26 -75.24 10.61
CA ARG F 183 64.99 -74.03 10.87
C ARG F 183 65.86 -74.04 12.13
N ASP F 184 65.35 -74.59 13.25
CA ASP F 184 66.09 -74.78 14.48
C ASP F 184 67.27 -75.78 14.33
N LEU F 185 67.08 -76.84 13.53
CA LEU F 185 68.17 -77.72 13.11
C LEU F 185 69.22 -77.03 12.27
N THR F 186 68.83 -76.10 11.38
CA THR F 186 69.76 -75.24 10.64
C THR F 186 70.59 -74.33 11.56
N ASP F 187 69.96 -73.65 12.56
CA ASP F 187 70.63 -72.82 13.55
C ASP F 187 71.57 -73.64 14.45
N TYR F 188 71.17 -74.87 14.87
CA TYR F 188 72.05 -75.82 15.52
C TYR F 188 73.23 -76.25 14.64
N LEU F 189 72.96 -76.52 13.35
CA LEU F 189 73.97 -76.96 12.41
C LEU F 189 75.05 -75.95 12.14
N MET F 190 74.72 -74.69 11.87
CA MET F 190 75.72 -73.67 11.69
C MET F 190 76.52 -73.40 12.96
N LYS F 191 75.89 -73.56 14.16
CA LYS F 191 76.59 -73.62 15.43
C LYS F 191 77.55 -74.79 15.61
N ILE F 192 77.21 -76.01 15.14
CA ILE F 192 78.11 -77.16 15.26
C ILE F 192 79.16 -77.20 14.14
N LEU F 193 79.03 -76.44 13.04
CA LEU F 193 80.14 -76.30 12.08
C LEU F 193 81.29 -75.45 12.60
N THR F 194 81.04 -74.52 13.54
CA THR F 194 82.03 -73.56 14.04
C THR F 194 83.19 -74.19 14.76
N GLU F 195 82.97 -75.35 15.45
CA GLU F 195 84.01 -76.11 16.13
C GLU F 195 84.98 -76.73 15.13
N ARG F 196 84.58 -76.86 13.84
CA ARG F 196 85.43 -77.36 12.78
C ARG F 196 86.20 -76.24 12.07
N GLY F 197 85.86 -74.96 12.36
CA GLY F 197 86.50 -73.77 11.81
C GLY F 197 85.70 -73.09 10.73
N TYR F 198 84.61 -73.70 10.25
CA TYR F 198 83.78 -73.09 9.23
C TYR F 198 82.72 -72.21 9.87
N SER F 199 82.71 -70.91 9.54
CA SER F 199 81.88 -69.95 10.24
C SER F 199 80.97 -69.33 9.25
N PHE F 200 79.66 -69.55 9.42
CA PHE F 200 78.64 -69.07 8.54
C PHE F 200 77.80 -68.15 9.36
N VAL F 201 77.87 -66.83 9.10
CA VAL F 201 77.44 -65.83 10.05
C VAL F 201 76.22 -65.08 9.55
N THR F 202 75.83 -65.26 8.28
CA THR F 202 74.89 -64.36 7.61
C THR F 202 73.79 -65.19 6.97
N THR F 203 72.63 -64.58 6.65
CA THR F 203 71.44 -65.24 6.10
C THR F 203 71.64 -65.98 4.78
N ALA F 204 72.46 -65.41 3.88
CA ALA F 204 72.81 -66.00 2.61
C ALA F 204 73.48 -67.38 2.71
N GLU F 205 74.51 -67.57 3.56
CA GLU F 205 75.12 -68.88 3.74
C GLU F 205 74.43 -69.72 4.81
N ARG F 206 73.48 -69.16 5.57
CA ARG F 206 72.53 -69.91 6.38
C ARG F 206 71.62 -70.80 5.52
N GLU F 207 71.26 -70.32 4.32
CA GLU F 207 70.63 -71.15 3.33
C GLU F 207 71.55 -72.11 2.60
N ILE F 208 72.87 -71.84 2.55
CA ILE F 208 73.88 -72.84 2.16
C ILE F 208 73.96 -74.01 3.15
N VAL F 209 73.95 -73.80 4.49
CA VAL F 209 73.85 -74.93 5.43
C VAL F 209 72.50 -75.59 5.44
N ARG F 210 71.42 -74.88 5.07
CA ARG F 210 70.15 -75.51 4.82
C ARG F 210 70.24 -76.53 3.67
N ASP F 211 70.87 -76.18 2.52
CA ASP F 211 71.15 -77.07 1.37
C ASP F 211 72.04 -78.26 1.76
N ILE F 212 73.08 -78.03 2.61
CA ILE F 212 73.93 -79.11 3.13
C ILE F 212 73.13 -80.14 3.88
N LYS F 213 72.30 -79.65 4.81
CA LYS F 213 71.48 -80.45 5.67
C LYS F 213 70.36 -81.20 4.95
N GLU F 214 69.81 -80.63 3.85
CA GLU F 214 68.87 -81.23 2.92
C GLU F 214 69.42 -82.45 2.16
N LYS F 215 70.77 -82.63 2.06
CA LYS F 215 71.30 -83.88 1.52
C LYS F 215 72.31 -84.59 2.40
N LEU F 216 73.32 -83.91 3.00
CA LEU F 216 74.38 -84.63 3.68
C LEU F 216 73.89 -85.28 4.96
N CYS F 217 73.11 -84.55 5.78
CA CYS F 217 72.64 -85.03 7.07
C CYS F 217 71.83 -86.32 7.03
N TYR F 218 72.02 -87.18 8.03
CA TYR F 218 71.19 -88.37 8.15
C TYR F 218 70.99 -88.64 9.62
N VAL F 219 70.05 -89.52 9.99
CA VAL F 219 69.81 -89.90 11.37
C VAL F 219 70.43 -91.25 11.69
N ALA F 220 71.22 -91.32 12.76
CA ALA F 220 71.79 -92.53 13.28
C ALA F 220 70.77 -93.58 13.78
N LEU F 221 70.97 -94.86 13.41
CA LEU F 221 70.17 -95.96 13.90
C LEU F 221 70.60 -96.37 15.29
N ASP F 222 71.80 -95.95 15.69
CA ASP F 222 72.06 -95.70 17.08
C ASP F 222 73.08 -94.56 17.11
N PHE F 223 72.83 -93.49 17.91
CA PHE F 223 73.63 -92.28 17.96
C PHE F 223 75.02 -92.56 18.51
N GLU F 224 75.13 -93.23 19.68
CA GLU F 224 76.37 -93.51 20.35
C GLU F 224 77.26 -94.42 19.54
N ASN F 225 76.69 -95.46 18.92
CA ASN F 225 77.42 -96.36 18.03
C ASN F 225 78.03 -95.64 16.83
N GLU F 226 77.25 -94.77 16.16
CA GLU F 226 77.78 -93.97 15.07
C GLU F 226 78.79 -92.90 15.49
N MET F 227 78.59 -92.26 16.66
CA MET F 227 79.58 -91.40 17.26
C MET F 227 80.87 -92.07 17.72
N ALA F 228 80.80 -93.33 18.21
CA ALA F 228 81.97 -94.15 18.45
C ALA F 228 82.77 -94.50 17.18
N THR F 229 82.08 -94.88 16.07
CA THR F 229 82.76 -95.21 14.80
C THR F 229 83.25 -93.95 14.07
N ALA F 230 82.83 -92.74 14.48
CA ALA F 230 83.47 -91.48 14.08
C ALA F 230 84.92 -91.31 14.52
N ALA F 231 85.46 -92.17 15.42
CA ALA F 231 86.89 -92.22 15.70
C ALA F 231 87.73 -92.63 14.49
N SER F 232 87.28 -93.66 13.72
CA SER F 232 87.91 -94.07 12.48
C SER F 232 87.16 -93.45 11.31
N SER F 233 87.49 -92.17 10.99
CA SER F 233 86.75 -91.47 9.95
C SER F 233 87.05 -91.98 8.56
N SER F 234 86.01 -92.48 7.88
CA SER F 234 86.10 -92.98 6.52
C SER F 234 84.84 -92.56 5.77
N SER F 235 83.69 -93.24 6.01
CA SER F 235 82.46 -92.95 5.27
C SER F 235 81.64 -91.81 5.84
N LEU F 236 81.92 -91.42 7.09
CA LEU F 236 81.15 -90.44 7.83
C LEU F 236 81.53 -89.03 7.44
N GLU F 237 82.74 -88.84 6.91
CA GLU F 237 83.14 -87.60 6.29
C GLU F 237 82.57 -87.52 4.90
N LYS F 238 82.09 -86.34 4.50
CA LYS F 238 81.75 -86.07 3.14
C LYS F 238 82.27 -84.71 2.83
N SER F 239 82.96 -84.62 1.69
CA SER F 239 83.30 -83.39 0.99
C SER F 239 82.02 -82.75 0.45
N TYR F 240 81.86 -81.44 0.69
CA TYR F 240 80.82 -80.61 0.17
C TYR F 240 81.47 -79.41 -0.49
N GLU F 241 80.95 -79.00 -1.66
CA GLU F 241 81.40 -77.89 -2.45
C GLU F 241 80.53 -76.68 -2.13
N LEU F 242 81.10 -75.54 -1.70
CA LEU F 242 80.37 -74.29 -1.57
C LEU F 242 80.25 -73.59 -2.91
N PRO F 243 79.29 -72.69 -3.14
CA PRO F 243 79.26 -71.85 -4.34
C PRO F 243 80.46 -70.92 -4.49
N ASP F 244 81.18 -70.60 -3.39
CA ASP F 244 82.45 -69.89 -3.38
C ASP F 244 83.57 -70.70 -4.10
N GLY F 245 83.51 -72.06 -4.03
CA GLY F 245 84.57 -72.95 -4.51
C GLY F 245 85.41 -73.46 -3.37
N GLN F 246 85.07 -73.03 -2.14
CA GLN F 246 85.55 -73.63 -0.92
C GLN F 246 84.96 -75.00 -0.63
N VAL F 247 85.77 -75.90 -0.08
CA VAL F 247 85.38 -77.27 0.18
C VAL F 247 85.25 -77.41 1.67
N ILE F 248 84.19 -78.09 2.11
CA ILE F 248 83.83 -78.36 3.49
C ILE F 248 83.84 -79.85 3.66
N THR F 249 84.38 -80.33 4.79
CA THR F 249 84.52 -81.76 5.07
C THR F 249 83.89 -82.02 6.41
N ILE F 250 82.74 -82.70 6.47
CA ILE F 250 81.93 -82.83 7.68
C ILE F 250 81.79 -84.28 8.12
N GLY F 251 82.23 -84.61 9.36
CA GLY F 251 82.27 -85.97 9.87
C GLY F 251 81.08 -86.31 10.73
N ASN F 252 81.30 -86.47 12.06
CA ASN F 252 80.26 -86.83 13.02
C ASN F 252 79.19 -85.79 13.25
N GLU F 253 79.59 -84.53 13.01
CA GLU F 253 78.84 -83.30 12.98
C GLU F 253 77.62 -83.40 12.07
N ARG F 254 77.76 -84.14 10.95
CA ARG F 254 76.68 -84.45 10.05
C ARG F 254 75.45 -85.13 10.70
N PHE F 255 75.60 -86.26 11.42
CA PHE F 255 74.42 -87.02 11.87
C PHE F 255 73.93 -86.58 13.23
N ARG F 256 74.76 -85.85 14.01
CA ARG F 256 74.26 -85.33 15.26
C ARG F 256 73.43 -84.07 15.13
N CYS F 257 73.38 -83.42 13.93
CA CYS F 257 72.37 -82.40 13.69
C CYS F 257 70.94 -82.97 13.68
N PRO F 258 70.52 -84.01 12.94
CA PRO F 258 69.15 -84.50 13.09
C PRO F 258 68.87 -85.18 14.42
N GLU F 259 69.92 -85.62 15.16
CA GLU F 259 69.83 -86.25 16.48
C GLU F 259 69.11 -85.34 17.48
N THR F 260 69.23 -84.00 17.31
CA THR F 260 68.52 -82.98 18.08
C THR F 260 67.01 -83.18 18.18
N LEU F 261 66.35 -83.77 17.15
CA LEU F 261 64.93 -84.11 17.20
C LEU F 261 64.59 -85.11 18.30
N PHE F 262 65.54 -86.00 18.62
CA PHE F 262 65.41 -87.08 19.57
C PHE F 262 66.11 -86.75 20.88
N GLN F 263 66.88 -85.63 20.91
CA GLN F 263 67.61 -85.14 22.08
C GLN F 263 67.56 -83.60 22.11
N PRO F 264 66.46 -82.93 22.45
CA PRO F 264 66.40 -81.46 22.51
C PRO F 264 67.18 -80.89 23.66
N SER F 265 67.82 -81.67 24.51
CA SER F 265 68.85 -81.21 25.42
C SER F 265 70.07 -80.62 24.73
N PHE F 266 70.38 -81.03 23.46
CA PHE F 266 71.41 -80.45 22.60
C PHE F 266 71.11 -79.02 22.17
N ILE F 267 69.83 -78.72 21.87
CA ILE F 267 69.40 -77.36 21.59
C ILE F 267 69.24 -76.55 22.90
N GLY F 268 69.03 -77.23 24.05
CA GLY F 268 68.90 -76.63 25.39
C GLY F 268 67.47 -76.49 25.83
N MET F 269 66.53 -77.08 25.09
CA MET F 269 65.13 -77.10 25.45
C MET F 269 64.80 -78.37 26.19
N GLU F 270 63.95 -78.27 27.24
CA GLU F 270 63.49 -79.41 27.99
C GLU F 270 62.52 -80.29 27.26
N SER F 271 61.69 -79.63 26.40
CA SER F 271 60.65 -80.24 25.59
C SER F 271 61.06 -81.54 24.97
N ALA F 272 60.29 -82.62 25.21
CA ALA F 272 60.73 -83.95 24.90
C ALA F 272 61.01 -84.21 23.42
N GLY F 273 61.90 -85.19 23.11
CA GLY F 273 62.13 -85.62 21.74
C GLY F 273 60.87 -86.04 21.02
N ILE F 274 60.93 -86.08 19.68
CA ILE F 274 59.77 -86.31 18.85
C ILE F 274 59.05 -87.66 19.03
N HIS F 275 59.78 -88.72 19.44
CA HIS F 275 59.22 -90.01 19.75
C HIS F 275 58.46 -90.01 21.08
N GLU F 276 58.98 -89.35 22.16
CA GLU F 276 58.24 -89.13 23.39
C GLU F 276 57.04 -88.20 23.21
N THR F 277 57.10 -87.18 22.33
CA THR F 277 55.91 -86.37 21.99
C THR F 277 54.83 -87.19 21.36
N THR F 278 55.17 -88.13 20.45
CA THR F 278 54.23 -89.10 19.88
C THR F 278 53.61 -90.01 20.93
N TYR F 279 54.40 -90.49 21.92
CA TYR F 279 53.89 -91.20 23.09
C TYR F 279 52.94 -90.33 23.91
N ASN F 280 53.30 -89.06 24.16
CA ASN F 280 52.50 -88.08 24.87
C ASN F 280 51.13 -87.85 24.20
N SER F 281 51.08 -87.76 22.86
CA SER F 281 49.84 -87.72 22.09
C SER F 281 49.02 -89.00 22.17
N ILE F 282 49.63 -90.19 21.95
CA ILE F 282 48.97 -91.50 22.02
C ILE F 282 48.45 -91.86 23.42
N MET F 283 49.20 -91.53 24.48
CA MET F 283 48.77 -91.66 25.86
C MET F 283 47.60 -90.79 26.25
N LYS F 284 47.46 -89.62 25.64
CA LYS F 284 46.29 -88.80 25.88
C LYS F 284 45.04 -89.31 25.19
N CYS F 285 45.18 -90.24 24.23
CA CYS F 285 44.07 -90.85 23.54
C CYS F 285 43.43 -91.95 24.35
N ASP F 286 42.16 -92.29 24.03
CA ASP F 286 41.45 -93.38 24.63
C ASP F 286 42.16 -94.72 24.45
N ILE F 287 42.03 -95.63 25.44
CA ILE F 287 42.73 -96.91 25.49
C ILE F 287 42.49 -97.77 24.25
N ASP F 288 41.23 -97.85 23.79
CA ASP F 288 40.75 -98.69 22.72
C ASP F 288 41.47 -98.46 21.38
N ILE F 289 41.61 -97.18 20.98
CA ILE F 289 42.11 -96.89 19.65
C ILE F 289 43.60 -97.01 19.53
N ARG F 290 44.35 -96.99 20.66
CA ARG F 290 45.80 -96.88 20.62
C ARG F 290 46.52 -97.91 19.77
N LYS F 291 45.96 -99.13 19.66
CA LYS F 291 46.48 -100.23 18.87
C LYS F 291 46.79 -99.89 17.42
N ASP F 292 45.91 -99.12 16.73
CA ASP F 292 46.10 -98.79 15.34
C ASP F 292 46.93 -97.52 15.22
N LEU F 293 46.89 -96.59 16.18
CA LEU F 293 47.75 -95.40 16.22
C LEU F 293 49.22 -95.70 16.33
N TYR F 294 49.58 -96.70 17.14
CA TYR F 294 50.89 -97.31 17.14
C TYR F 294 51.27 -97.88 15.78
N ALA F 295 50.35 -98.57 15.08
CA ALA F 295 50.63 -99.22 13.82
C ALA F 295 50.42 -98.35 12.56
N ASN F 296 49.97 -97.07 12.69
CA ASN F 296 49.58 -96.24 11.56
C ASN F 296 50.14 -94.84 11.74
N ASN F 297 51.33 -94.70 12.36
CA ASN F 297 52.07 -93.45 12.40
C ASN F 297 52.47 -92.97 10.99
N VAL F 298 52.05 -91.75 10.62
CA VAL F 298 52.32 -91.14 9.32
C VAL F 298 53.28 -90.01 9.56
N MET F 299 54.43 -90.02 8.87
CA MET F 299 55.31 -88.87 8.84
C MET F 299 55.00 -87.97 7.67
N SER F 300 55.00 -86.64 7.90
CA SER F 300 54.80 -85.66 6.86
C SER F 300 55.77 -84.54 7.05
N GLY F 301 55.86 -83.68 6.02
CA GLY F 301 56.60 -82.43 6.08
C GLY F 301 58.00 -82.53 5.54
N GLY F 302 58.70 -81.39 5.48
CA GLY F 302 60.04 -81.37 4.91
C GLY F 302 61.14 -81.88 5.79
N THR F 303 61.02 -81.81 7.13
CA THR F 303 62.12 -82.19 8.03
C THR F 303 61.93 -83.62 8.56
N THR F 304 60.99 -84.40 7.94
CA THR F 304 60.98 -85.87 8.04
C THR F 304 61.65 -86.49 6.83
N MET F 305 62.27 -85.69 5.94
CA MET F 305 62.93 -86.27 4.78
C MET F 305 64.26 -86.94 5.04
N TYR F 306 64.98 -86.67 6.17
CA TYR F 306 66.31 -87.22 6.42
C TYR F 306 66.35 -88.75 6.34
N PRO F 307 67.31 -89.37 5.67
CA PRO F 307 67.47 -90.82 5.68
C PRO F 307 67.59 -91.43 7.07
N GLY F 308 66.82 -92.49 7.36
CA GLY F 308 66.90 -93.23 8.62
C GLY F 308 66.04 -92.70 9.75
N ILE F 309 65.25 -91.61 9.56
CA ILE F 309 64.30 -91.12 10.59
C ILE F 309 63.26 -92.18 10.98
N ALA F 310 62.66 -92.83 9.96
CA ALA F 310 61.61 -93.83 10.14
C ALA F 310 62.06 -95.02 10.97
N ASP F 311 63.25 -95.54 10.70
CA ASP F 311 63.89 -96.62 11.44
C ASP F 311 64.21 -96.24 12.88
N ARG F 312 64.74 -95.02 13.12
CA ARG F 312 65.00 -94.54 14.46
C ARG F 312 63.74 -94.36 15.30
N MET F 313 62.67 -93.75 14.73
CA MET F 313 61.38 -93.65 15.37
C MET F 313 60.76 -94.99 15.69
N GLN F 314 60.89 -95.96 14.74
CA GLN F 314 60.43 -97.32 14.96
C GLN F 314 61.13 -98.00 16.10
N LYS F 315 62.47 -97.94 16.17
CA LYS F 315 63.19 -98.54 17.25
C LYS F 315 62.88 -97.93 18.64
N GLU F 316 62.74 -96.58 18.72
CA GLU F 316 62.44 -95.90 19.96
C GLU F 316 61.03 -96.08 20.44
N ILE F 317 60.02 -95.94 19.54
CA ILE F 317 58.64 -96.17 19.92
C ILE F 317 58.38 -97.63 20.28
N THR F 318 58.95 -98.60 19.52
CA THR F 318 58.91 -100.03 19.89
C THR F 318 59.58 -100.32 21.23
N ALA F 319 60.73 -99.68 21.53
CA ALA F 319 61.39 -99.81 22.82
C ALA F 319 60.61 -99.29 24.01
N LEU F 320 59.93 -98.11 23.87
CA LEU F 320 59.08 -97.54 24.90
C LEU F 320 57.73 -98.22 25.07
N ALA F 321 57.08 -98.61 23.96
CA ALA F 321 55.72 -99.11 23.97
C ALA F 321 55.64 -100.57 24.44
N PRO F 322 54.47 -101.10 24.75
CA PRO F 322 54.26 -102.54 24.77
C PRO F 322 54.68 -103.26 23.49
N SER F 323 55.57 -104.27 23.56
CA SER F 323 55.98 -105.10 22.43
C SER F 323 54.94 -106.18 22.14
N THR F 324 53.79 -106.11 22.85
CA THR F 324 52.56 -106.87 22.67
C THR F 324 51.94 -106.60 21.32
N MET F 325 52.09 -105.37 20.82
CA MET F 325 51.56 -104.97 19.53
C MET F 325 52.65 -104.44 18.62
N LYS F 326 52.48 -104.64 17.31
CA LYS F 326 53.49 -104.27 16.35
C LYS F 326 53.35 -102.83 15.87
N ILE F 327 54.48 -102.10 15.91
CA ILE F 327 54.54 -100.70 15.63
C ILE F 327 55.00 -100.52 14.20
N LYS F 328 54.04 -100.41 13.27
CA LYS F 328 54.35 -100.03 11.91
C LYS F 328 54.36 -98.51 11.78
N ILE F 329 55.37 -97.95 11.12
CA ILE F 329 55.42 -96.56 10.78
C ILE F 329 55.32 -96.53 9.29
N ILE F 330 54.40 -95.72 8.77
CA ILE F 330 54.23 -95.55 7.35
C ILE F 330 54.71 -94.16 7.00
N ALA F 331 55.91 -94.08 6.42
CA ALA F 331 56.49 -92.83 6.02
C ALA F 331 56.74 -92.90 4.52
N PRO F 332 55.91 -92.34 3.64
CA PRO F 332 56.08 -92.51 2.22
C PRO F 332 57.29 -91.69 1.76
N PRO F 333 58.12 -92.02 0.77
CA PRO F 333 58.74 -90.99 -0.08
C PRO F 333 57.64 -90.15 -0.73
N GLU F 334 57.92 -88.89 -1.09
CA GLU F 334 56.94 -87.89 -1.52
C GLU F 334 56.28 -87.21 -0.31
N ARG F 335 56.66 -87.63 0.93
CA ARG F 335 56.11 -87.13 2.18
C ARG F 335 56.25 -85.62 2.40
N LYS F 336 57.22 -84.99 1.71
CA LYS F 336 57.43 -83.56 1.68
C LYS F 336 56.20 -82.81 1.16
N TYR F 337 55.55 -83.35 0.11
CA TYR F 337 54.49 -82.64 -0.57
C TYR F 337 53.14 -83.13 -0.07
N SER F 338 53.09 -84.01 0.95
CA SER F 338 51.86 -84.66 1.41
C SER F 338 50.74 -83.74 1.83
N VAL F 339 51.06 -82.62 2.49
CA VAL F 339 50.10 -81.57 2.82
C VAL F 339 49.44 -80.94 1.59
N TRP F 340 50.23 -80.58 0.55
CA TRP F 340 49.70 -80.03 -0.68
C TRP F 340 48.81 -81.02 -1.42
N ILE F 341 49.24 -82.30 -1.52
CA ILE F 341 48.45 -83.38 -2.13
C ILE F 341 47.16 -83.59 -1.37
N GLY F 342 47.20 -83.52 -0.03
CA GLY F 342 46.01 -83.56 0.78
C GLY F 342 45.05 -82.43 0.59
N GLY F 343 45.59 -81.25 0.24
CA GLY F 343 44.79 -80.11 -0.16
C GLY F 343 44.23 -80.21 -1.56
N SER F 344 44.96 -80.85 -2.51
CA SER F 344 44.50 -81.15 -3.86
C SER F 344 43.31 -82.08 -3.84
N ILE F 345 43.40 -83.20 -3.08
CA ILE F 345 42.32 -84.16 -2.95
C ILE F 345 41.10 -83.55 -2.27
N LEU F 346 41.28 -82.74 -1.20
CA LEU F 346 40.17 -82.08 -0.52
C LEU F 346 39.33 -81.15 -1.36
N ALA F 347 39.97 -80.26 -2.14
CA ALA F 347 39.25 -79.34 -2.98
C ALA F 347 38.66 -80.02 -4.21
N SER F 348 39.19 -81.19 -4.63
CA SER F 348 38.57 -82.06 -5.64
C SER F 348 37.37 -82.83 -5.15
N LEU F 349 37.20 -83.03 -3.83
CA LEU F 349 36.01 -83.64 -3.25
C LEU F 349 34.72 -82.85 -3.46
N SER F 350 33.68 -83.51 -4.02
CA SER F 350 32.42 -82.87 -4.38
C SER F 350 31.66 -82.28 -3.21
N THR F 351 31.55 -83.03 -2.09
CA THR F 351 30.92 -82.57 -0.84
C THR F 351 31.59 -81.35 -0.23
N PHE F 352 32.92 -81.29 -0.29
CA PHE F 352 33.74 -80.21 0.23
C PHE F 352 33.39 -78.87 -0.44
N GLN F 353 32.91 -78.91 -1.71
CA GLN F 353 32.44 -77.73 -2.42
C GLN F 353 31.24 -76.99 -1.81
N GLN F 354 30.60 -77.53 -0.74
CA GLN F 354 29.62 -76.78 0.03
C GLN F 354 30.17 -76.26 1.36
N MET F 355 31.37 -76.70 1.79
CA MET F 355 31.93 -76.37 3.09
C MET F 355 32.91 -75.23 2.98
N TRP F 356 33.10 -74.68 1.77
CA TRP F 356 33.91 -73.49 1.56
C TRP F 356 33.40 -72.32 2.37
N ILE F 357 34.31 -71.47 2.87
CA ILE F 357 33.89 -70.19 3.40
C ILE F 357 33.61 -69.32 2.19
N THR F 358 32.36 -68.92 1.96
CA THR F 358 32.05 -68.10 0.80
C THR F 358 32.48 -66.67 1.06
N LYS F 359 32.76 -65.90 -0.01
CA LYS F 359 32.97 -64.47 0.09
C LYS F 359 31.77 -63.74 0.68
N GLN F 360 30.54 -64.14 0.26
CA GLN F 360 29.31 -63.60 0.77
C GLN F 360 29.16 -63.76 2.29
N GLU F 361 29.38 -64.99 2.82
CA GLU F 361 29.28 -65.31 4.23
C GLU F 361 30.28 -64.53 5.09
N TYR F 362 31.51 -64.33 4.58
CA TYR F 362 32.48 -63.41 5.15
C TYR F 362 32.00 -61.96 5.14
N ASP F 363 31.44 -61.43 4.03
CA ASP F 363 31.00 -60.05 3.91
C ASP F 363 29.89 -59.72 4.93
N GLU F 364 28.90 -60.63 5.14
CA GLU F 364 27.91 -60.52 6.21
C GLU F 364 28.45 -60.70 7.63
N ALA F 365 29.24 -61.75 7.89
CA ALA F 365 29.48 -62.16 9.26
C ALA F 365 30.90 -61.89 9.75
N GLY F 366 31.78 -61.33 8.91
CA GLY F 366 33.11 -60.87 9.26
C GLY F 366 34.21 -61.91 9.32
N PRO F 367 35.45 -61.50 9.65
CA PRO F 367 36.62 -62.37 9.64
C PRO F 367 36.60 -63.38 10.75
N SER F 368 35.79 -63.19 11.80
CA SER F 368 35.83 -64.05 12.98
C SER F 368 35.24 -65.44 12.76
N ILE F 369 34.47 -65.61 11.67
CA ILE F 369 33.76 -66.81 11.29
C ILE F 369 34.61 -67.98 10.92
N VAL F 370 35.95 -67.80 10.79
CA VAL F 370 36.87 -68.90 10.48
C VAL F 370 36.69 -70.05 11.44
N HIS F 371 36.84 -69.75 12.75
CA HIS F 371 36.79 -70.73 13.82
C HIS F 371 35.42 -71.34 14.02
N ARG F 372 34.36 -70.55 13.76
CA ARG F 372 32.98 -70.97 13.80
C ARG F 372 32.58 -72.05 12.80
N LYS F 373 33.07 -71.94 11.55
CA LYS F 373 32.74 -72.91 10.51
C LYS F 373 33.73 -74.05 10.42
N CYS F 374 35.04 -73.74 10.41
CA CYS F 374 36.10 -74.70 10.19
C CYS F 374 36.85 -75.03 11.47
N PHE F 375 37.55 -76.16 11.47
CA PHE F 375 38.46 -76.56 12.51
C PHE F 375 39.85 -75.82 12.38
N GLU G 2 108.79 -67.61 48.06
CA GLU G 2 107.78 -66.53 48.26
C GLU G 2 106.39 -67.10 48.43
N ASP G 3 105.44 -66.33 48.98
CA ASP G 3 104.07 -66.75 49.17
C ASP G 3 103.30 -66.41 47.93
N GLU G 4 102.32 -67.27 47.58
CA GLU G 4 101.41 -67.13 46.45
C GLU G 4 102.00 -67.19 45.05
N THR G 5 103.34 -67.03 44.92
CA THR G 5 104.17 -67.20 43.71
C THR G 5 104.03 -66.08 42.69
N THR G 6 103.26 -65.01 43.02
CA THR G 6 102.59 -64.10 42.06
C THR G 6 101.73 -64.86 41.05
N ALA G 7 101.39 -64.26 39.90
CA ALA G 7 100.85 -65.01 38.80
C ALA G 7 101.08 -64.12 37.61
N LEU G 8 100.96 -64.65 36.38
CA LEU G 8 101.13 -63.90 35.16
C LEU G 8 99.83 -63.81 34.41
N VAL G 9 99.60 -62.68 33.75
CA VAL G 9 98.37 -62.43 33.04
C VAL G 9 98.75 -61.89 31.69
N CYS G 10 98.15 -62.44 30.61
CA CYS G 10 98.29 -61.96 29.26
C CYS G 10 96.93 -61.84 28.60
N ASP G 11 96.63 -60.65 28.06
CA ASP G 11 95.54 -60.42 27.13
C ASP G 11 96.14 -60.43 25.74
N ASN G 12 95.66 -61.39 24.90
CA ASN G 12 95.80 -61.43 23.47
C ASN G 12 94.45 -61.57 22.80
N GLY G 13 93.63 -60.50 22.82
CA GLY G 13 92.93 -60.13 21.58
C GLY G 13 93.92 -59.75 20.47
N SER G 14 93.52 -59.67 19.18
CA SER G 14 94.39 -59.15 18.11
C SER G 14 94.93 -57.77 18.36
N GLY G 15 96.13 -57.46 17.83
CA GLY G 15 96.63 -56.09 17.81
C GLY G 15 97.60 -55.77 18.91
N LEU G 16 97.30 -56.10 20.19
CA LEU G 16 98.15 -55.77 21.32
C LEU G 16 98.24 -56.94 22.27
N VAL G 17 99.47 -57.24 22.73
CA VAL G 17 99.70 -58.06 23.89
C VAL G 17 99.66 -57.12 25.05
N LYS G 18 98.81 -57.38 26.04
CA LYS G 18 98.90 -56.70 27.31
C LYS G 18 99.29 -57.73 28.34
N ALA G 19 100.45 -57.55 28.99
CA ALA G 19 100.99 -58.53 29.89
C ALA G 19 101.68 -57.93 31.10
N GLY G 20 101.67 -58.69 32.21
CA GLY G 20 102.29 -58.22 33.42
C GLY G 20 102.03 -59.21 34.49
N PHE G 21 102.34 -58.82 35.74
CA PHE G 21 102.06 -59.60 36.92
C PHE G 21 100.62 -59.41 37.33
N ALA G 22 99.95 -60.51 37.71
CA ALA G 22 98.77 -60.48 38.52
C ALA G 22 99.04 -59.89 39.88
N GLY G 23 98.11 -59.08 40.43
CA GLY G 23 98.34 -58.40 41.70
C GLY G 23 98.79 -56.99 41.58
N ASP G 24 98.86 -56.45 40.35
CA ASP G 24 99.20 -55.07 40.06
C ASP G 24 98.03 -54.45 39.30
N ASP G 25 97.85 -53.11 39.39
CA ASP G 25 96.79 -52.34 38.79
C ASP G 25 97.02 -52.09 37.29
N ALA G 26 98.28 -52.11 36.82
CA ALA G 26 98.57 -51.94 35.41
C ALA G 26 99.59 -52.95 34.88
N PRO G 27 99.49 -53.35 33.60
CA PRO G 27 100.44 -54.27 32.99
C PRO G 27 101.79 -53.59 32.83
N ARG G 28 102.89 -54.33 33.01
CA ARG G 28 104.23 -53.82 32.73
C ARG G 28 104.47 -53.60 31.26
N ALA G 29 104.04 -54.56 30.41
CA ALA G 29 104.36 -54.56 29.01
C ALA G 29 103.11 -54.56 28.19
N VAL G 30 103.01 -53.58 27.29
CA VAL G 30 101.96 -53.52 26.31
C VAL G 30 102.64 -53.22 25.00
N PHE G 31 102.45 -54.07 23.97
CA PHE G 31 103.12 -53.85 22.71
C PHE G 31 102.27 -54.43 21.59
N PRO G 32 102.45 -54.02 20.34
CA PRO G 32 101.71 -54.58 19.22
C PRO G 32 102.04 -56.01 18.88
N SER G 33 101.02 -56.85 18.71
CA SER G 33 101.14 -58.25 18.35
C SER G 33 101.47 -58.46 16.90
N ILE G 34 102.70 -58.18 16.48
CA ILE G 34 103.08 -58.20 15.09
C ILE G 34 104.37 -58.92 14.96
N VAL G 35 104.48 -59.69 13.88
CA VAL G 35 105.66 -60.40 13.48
C VAL G 35 105.99 -59.80 12.16
N GLY G 36 107.09 -59.05 12.09
CA GLY G 36 107.50 -58.39 10.89
C GLY G 36 108.74 -58.97 10.30
N ARG G 37 108.68 -59.39 9.03
CA ARG G 37 109.72 -60.16 8.40
C ARG G 37 110.46 -59.29 7.40
N PRO G 38 111.80 -59.24 7.34
CA PRO G 38 112.54 -58.65 6.22
C PRO G 38 112.15 -59.21 4.86
N ARG G 39 111.28 -58.50 4.14
CA ARG G 39 110.87 -58.80 2.79
C ARG G 39 111.99 -58.51 1.78
N HIS G 40 112.74 -57.41 1.98
CA HIS G 40 113.82 -57.02 1.09
C HIS G 40 115.08 -57.72 1.53
N GLN G 41 115.78 -58.41 0.61
CA GLN G 41 117.07 -59.00 0.91
C GLN G 41 118.12 -57.94 1.25
N GLY G 42 118.79 -58.10 2.40
CA GLY G 42 119.75 -57.13 2.87
C GLY G 42 121.10 -57.36 2.28
N VAL G 43 121.84 -56.29 1.96
CA VAL G 43 123.19 -56.41 1.40
C VAL G 43 124.11 -55.50 2.17
N MET G 44 124.75 -56.07 3.20
CA MET G 44 125.81 -55.49 3.97
C MET G 44 126.47 -56.73 4.53
N VAL G 45 127.39 -56.60 5.49
CA VAL G 45 127.91 -57.72 6.27
C VAL G 45 127.81 -57.24 7.70
N GLY G 46 127.49 -58.13 8.67
CA GLY G 46 127.33 -57.73 10.07
C GLY G 46 126.01 -57.09 10.39
N MET G 47 124.98 -57.45 9.61
CA MET G 47 123.61 -57.19 9.97
C MET G 47 123.10 -58.40 10.66
N GLY G 48 122.25 -58.17 11.69
CA GLY G 48 121.32 -59.13 12.26
C GLY G 48 121.77 -60.58 12.43
N GLN G 49 121.42 -61.54 11.54
CA GLN G 49 120.47 -61.39 10.45
C GLN G 49 119.08 -61.13 10.96
N LYS G 50 118.67 -61.95 11.96
CA LYS G 50 117.37 -61.93 12.60
C LYS G 50 116.22 -62.19 11.60
N ASP G 51 115.72 -63.45 11.54
CA ASP G 51 114.68 -63.91 10.62
C ASP G 51 113.42 -63.03 10.66
N SER G 52 113.09 -62.50 11.85
CA SER G 52 111.90 -61.72 12.02
C SER G 52 112.04 -60.92 13.29
N TYR G 53 111.27 -59.83 13.38
CA TYR G 53 111.20 -58.91 14.50
C TYR G 53 109.82 -58.97 15.08
N VAL G 54 109.70 -58.83 16.41
CA VAL G 54 108.47 -59.02 17.14
C VAL G 54 108.27 -57.81 18.02
N GLY G 55 107.01 -57.39 18.24
CA GLY G 55 106.70 -56.32 19.16
C GLY G 55 106.92 -54.94 18.59
N ASP G 56 107.14 -53.92 19.42
CA ASP G 56 107.40 -52.55 19.01
C ASP G 56 108.78 -52.34 18.35
N GLU G 57 109.69 -53.35 18.39
CA GLU G 57 110.86 -53.46 17.51
C GLU G 57 110.48 -53.38 16.01
N ALA G 58 109.40 -54.10 15.62
CA ALA G 58 108.80 -54.09 14.29
C ALA G 58 108.18 -52.74 13.92
N GLN G 59 107.58 -52.03 14.90
CA GLN G 59 107.11 -50.66 14.73
C GLN G 59 108.21 -49.67 14.42
N SER G 60 109.37 -49.78 15.10
CA SER G 60 110.56 -48.98 14.87
C SER G 60 111.17 -49.23 13.49
N LYS G 61 111.34 -50.51 13.12
CA LYS G 61 111.89 -50.89 11.83
C LYS G 61 110.77 -51.30 10.90
N ARG G 62 109.87 -50.38 10.54
CA ARG G 62 108.66 -50.74 9.85
C ARG G 62 108.77 -50.92 8.34
N GLY G 63 109.57 -50.04 7.70
CA GLY G 63 109.58 -49.88 6.25
C GLY G 63 110.15 -51.02 5.46
N ILE G 64 111.13 -51.73 6.06
CA ILE G 64 111.76 -52.93 5.52
C ILE G 64 110.80 -54.11 5.56
N LEU G 65 110.09 -54.22 6.68
CA LEU G 65 109.31 -55.37 7.08
C LEU G 65 108.00 -55.43 6.35
N THR G 66 107.56 -56.66 6.09
CA THR G 66 106.14 -56.89 5.91
C THR G 66 105.68 -57.35 7.28
N LEU G 67 104.54 -56.83 7.77
CA LEU G 67 104.02 -57.14 9.08
C LEU G 67 102.86 -58.07 8.93
N LYS G 68 102.85 -59.11 9.77
CA LYS G 68 101.77 -60.05 9.79
C LYS G 68 101.21 -60.04 11.20
N TYR G 69 99.92 -59.67 11.33
CA TYR G 69 99.16 -59.92 12.54
C TYR G 69 98.92 -61.43 12.63
N PRO G 70 99.23 -62.14 13.71
CA PRO G 70 99.08 -63.58 13.75
C PRO G 70 97.70 -63.95 14.22
N ILE G 71 96.96 -62.99 14.80
CA ILE G 71 95.62 -63.21 15.27
C ILE G 71 94.68 -62.40 14.40
N GLU G 72 93.69 -63.05 13.78
CA GLU G 72 92.64 -62.37 13.04
C GLU G 72 91.31 -62.85 13.54
N HIS G 73 90.43 -61.91 13.91
CA HIS G 73 89.08 -62.15 14.38
C HIS G 73 88.98 -62.97 15.66
N GLY G 74 90.00 -62.83 16.54
CA GLY G 74 90.18 -63.65 17.73
C GLY G 74 90.78 -65.00 17.44
N ILE G 75 91.06 -65.33 16.17
CA ILE G 75 91.57 -66.61 15.74
C ILE G 75 93.04 -66.48 15.49
N ILE G 76 93.89 -67.36 16.06
CA ILE G 76 95.28 -67.39 15.66
C ILE G 76 95.40 -68.04 14.31
N THR G 77 95.86 -67.27 13.30
CA THR G 77 96.14 -67.73 11.95
C THR G 77 97.40 -68.54 11.89
N ASN G 78 98.45 -68.06 12.59
CA ASN G 78 99.76 -68.66 12.58
C ASN G 78 100.29 -68.86 14.00
N TRP G 79 100.53 -70.13 14.37
CA TRP G 79 100.89 -70.54 15.72
C TRP G 79 102.32 -70.26 16.14
N ASP G 80 103.29 -70.44 15.22
CA ASP G 80 104.71 -70.15 15.46
C ASP G 80 104.89 -68.66 15.74
N ASP G 81 104.24 -67.79 14.95
CA ASP G 81 104.19 -66.36 15.16
C ASP G 81 103.60 -65.97 16.54
N MET G 82 102.51 -66.62 17.03
CA MET G 82 102.01 -66.44 18.39
C MET G 82 102.97 -66.89 19.48
N GLU G 83 103.62 -68.05 19.29
CA GLU G 83 104.65 -68.54 20.19
C GLU G 83 105.81 -67.57 20.30
N LYS G 84 106.28 -67.01 19.16
CA LYS G 84 107.29 -65.95 19.11
C LYS G 84 106.90 -64.70 19.87
N ILE G 85 105.62 -64.26 19.75
CA ILE G 85 105.09 -63.16 20.53
C ILE G 85 105.11 -63.40 22.02
N TRP G 86 104.64 -64.57 22.49
CA TRP G 86 104.75 -64.96 23.87
C TRP G 86 106.19 -65.15 24.33
N HIS G 87 107.09 -65.69 23.48
CA HIS G 87 108.50 -65.75 23.80
C HIS G 87 109.13 -64.39 24.08
N HIS G 88 108.76 -63.39 23.24
CA HIS G 88 109.09 -61.99 23.40
C HIS G 88 108.51 -61.43 24.72
N THR G 89 107.22 -61.67 25.10
CA THR G 89 106.65 -61.16 26.38
C THR G 89 107.42 -61.58 27.61
N PHE G 90 107.71 -62.89 27.68
CA PHE G 90 108.30 -63.49 28.86
C PHE G 90 109.77 -63.18 28.98
N TYR G 91 110.55 -63.34 27.90
CA TYR G 91 111.99 -63.17 27.99
C TYR G 91 112.42 -61.74 27.72
N ASN G 92 111.87 -61.04 26.70
CA ASN G 92 112.30 -59.69 26.35
C ASN G 92 111.81 -58.64 27.36
N GLU G 93 110.51 -58.68 27.77
CA GLU G 93 109.98 -57.69 28.69
C GLU G 93 110.00 -58.12 30.13
N LEU G 94 109.26 -59.18 30.48
CA LEU G 94 108.99 -59.46 31.87
C LEU G 94 110.14 -60.11 32.61
N ARG G 95 110.99 -60.84 31.87
CA ARG G 95 112.19 -61.52 32.31
C ARG G 95 111.90 -62.56 33.37
N VAL G 96 110.92 -63.42 33.07
CA VAL G 96 110.42 -64.41 33.98
C VAL G 96 110.71 -65.75 33.38
N ALA G 97 110.85 -66.79 34.22
CA ALA G 97 110.77 -68.16 33.78
C ALA G 97 109.29 -68.55 33.95
N PRO G 98 108.50 -68.91 32.93
CA PRO G 98 107.12 -69.35 33.12
C PRO G 98 106.97 -70.56 34.05
N GLU G 99 108.00 -71.41 34.26
CA GLU G 99 108.03 -72.47 35.25
C GLU G 99 107.77 -71.98 36.67
N GLU G 100 108.07 -70.70 36.95
CA GLU G 100 107.96 -70.11 38.26
C GLU G 100 106.63 -69.39 38.43
N HIS G 101 105.73 -69.37 37.42
CA HIS G 101 104.51 -68.59 37.56
C HIS G 101 103.29 -69.27 36.96
N PRO G 102 102.12 -69.38 37.57
CA PRO G 102 100.89 -69.68 36.83
C PRO G 102 100.49 -68.58 35.84
N THR G 103 100.01 -68.91 34.62
CA THR G 103 99.75 -67.92 33.56
C THR G 103 98.30 -67.89 33.16
N LEU G 104 97.62 -66.74 33.27
CA LEU G 104 96.29 -66.50 32.79
C LEU G 104 96.34 -65.99 31.37
N LEU G 105 95.56 -66.58 30.47
CA LEU G 105 95.32 -66.05 29.15
C LEU G 105 93.89 -65.63 29.04
N THR G 106 93.66 -64.50 28.37
CA THR G 106 92.32 -64.15 27.93
C THR G 106 92.04 -64.78 26.60
N GLU G 107 90.76 -64.90 26.24
CA GLU G 107 90.33 -65.39 24.95
C GLU G 107 88.92 -64.91 24.70
N ALA G 108 88.52 -64.82 23.42
CA ALA G 108 87.27 -64.21 23.03
C ALA G 108 86.06 -65.15 23.04
N PRO G 109 84.82 -64.75 23.34
CA PRO G 109 83.64 -65.60 23.17
C PRO G 109 83.35 -66.19 21.81
N LEU G 110 82.67 -67.36 21.83
CA LEU G 110 82.16 -68.08 20.66
C LEU G 110 83.29 -68.42 19.74
N ASN G 111 84.46 -68.63 20.30
CA ASN G 111 85.68 -68.79 19.58
C ASN G 111 85.87 -70.27 19.35
N PRO G 112 86.29 -70.74 18.15
CA PRO G 112 86.74 -72.09 17.91
C PRO G 112 87.45 -72.79 19.05
N LYS G 113 87.07 -74.05 19.31
CA LYS G 113 87.62 -74.88 20.37
C LYS G 113 89.11 -75.09 20.24
N ALA G 114 89.57 -75.21 18.98
CA ALA G 114 90.94 -75.41 18.57
C ALA G 114 91.87 -74.32 19.06
N ASN G 115 91.43 -73.03 19.10
CA ASN G 115 92.24 -72.00 19.70
C ASN G 115 92.47 -72.21 21.18
N ARG G 116 91.43 -72.50 21.99
CA ARG G 116 91.61 -72.77 23.42
C ARG G 116 92.47 -73.99 23.71
N GLU G 117 92.20 -75.12 23.02
CA GLU G 117 92.91 -76.38 23.12
C GLU G 117 94.35 -76.35 22.62
N LYS G 118 94.62 -75.68 21.49
CA LYS G 118 95.98 -75.47 21.03
C LYS G 118 96.75 -74.45 21.87
N MET G 119 96.08 -73.40 22.38
CA MET G 119 96.65 -72.42 23.28
C MET G 119 97.19 -73.02 24.58
N THR G 120 96.39 -73.95 25.18
CA THR G 120 96.83 -74.77 26.33
C THR G 120 97.93 -75.73 26.01
N GLN G 121 97.87 -76.40 24.85
CA GLN G 121 98.91 -77.30 24.37
C GLN G 121 100.27 -76.62 24.27
N ILE G 122 100.30 -75.38 23.69
CA ILE G 122 101.51 -74.56 23.69
C ILE G 122 101.92 -74.12 25.07
N MET G 123 100.99 -73.66 25.93
CA MET G 123 101.41 -73.24 27.26
C MET G 123 102.03 -74.35 28.07
N PHE G 124 101.54 -75.58 28.03
CA PHE G 124 102.24 -76.65 28.71
C PHE G 124 103.49 -77.20 28.01
N GLU G 125 103.48 -77.36 26.67
CA GLU G 125 104.52 -78.08 25.95
C GLU G 125 105.47 -77.18 25.16
N THR G 126 105.45 -75.87 25.43
CA THR G 126 106.40 -74.92 24.88
C THR G 126 107.08 -74.22 26.04
N PHE G 127 106.35 -73.37 26.80
CA PHE G 127 106.94 -72.74 27.96
C PHE G 127 106.53 -73.55 29.16
N ASN G 128 107.38 -74.44 29.71
CA ASN G 128 106.93 -75.32 30.78
C ASN G 128 106.36 -74.50 31.95
N VAL G 129 105.14 -74.78 32.43
CA VAL G 129 104.45 -73.84 33.32
C VAL G 129 103.70 -74.68 34.34
N PRO G 130 103.58 -74.33 35.64
CA PRO G 130 102.90 -75.17 36.63
C PRO G 130 101.41 -75.23 36.39
N ALA G 131 100.82 -74.13 35.90
CA ALA G 131 99.40 -74.06 35.76
C ALA G 131 99.00 -72.92 34.86
N MET G 132 97.76 -72.96 34.36
CA MET G 132 97.28 -71.91 33.51
C MET G 132 95.78 -71.84 33.56
N TYR G 133 95.21 -70.80 32.93
CA TYR G 133 93.79 -70.72 32.78
C TYR G 133 93.56 -69.94 31.50
N VAL G 134 92.45 -70.19 30.81
CA VAL G 134 91.97 -69.42 29.68
C VAL G 134 90.64 -68.89 30.13
N ALA G 135 90.41 -67.60 29.94
CA ALA G 135 89.23 -66.95 30.46
C ALA G 135 88.61 -66.06 29.42
N ILE G 136 87.30 -65.82 29.58
CA ILE G 136 86.58 -65.03 28.61
C ILE G 136 86.84 -63.53 28.77
N GLN G 137 87.11 -62.77 27.69
CA GLN G 137 87.47 -61.35 27.78
C GLN G 137 86.49 -60.43 28.51
N ALA G 138 85.18 -60.59 28.22
CA ALA G 138 84.12 -59.74 28.73
C ALA G 138 83.89 -59.80 30.24
N VAL G 139 83.94 -61.02 30.83
CA VAL G 139 83.84 -61.22 32.27
C VAL G 139 84.99 -60.56 33.02
N LEU G 140 86.23 -60.61 32.49
CA LEU G 140 87.37 -59.93 33.08
C LEU G 140 87.19 -58.41 33.13
N SER G 141 86.68 -57.78 32.04
CA SER G 141 86.39 -56.35 32.07
C SER G 141 85.33 -55.95 33.09
N LEU G 142 84.30 -56.80 33.26
CA LEU G 142 83.28 -56.64 34.27
C LEU G 142 83.84 -56.64 35.70
N TYR G 143 84.75 -57.59 36.02
CA TYR G 143 85.51 -57.63 37.27
C TYR G 143 86.32 -56.37 37.50
N ALA G 144 87.02 -55.88 36.45
CA ALA G 144 87.80 -54.67 36.49
C ALA G 144 86.98 -53.43 36.79
N SER G 145 85.74 -53.37 36.25
CA SER G 145 84.80 -52.30 36.53
C SER G 145 84.18 -52.41 37.92
N GLY G 146 84.33 -53.55 38.63
CA GLY G 146 83.92 -53.71 40.02
C GLY G 146 82.44 -53.92 40.19
N ARG G 147 81.77 -54.40 39.13
CA ARG G 147 80.32 -54.54 39.11
C ARG G 147 80.00 -56.00 39.00
N THR G 148 78.86 -56.44 39.55
CA THR G 148 78.50 -57.86 39.53
C THR G 148 77.61 -58.20 38.36
N THR G 149 77.08 -57.16 37.69
CA THR G 149 76.01 -57.21 36.71
C THR G 149 76.29 -56.18 35.67
N GLY G 150 76.02 -56.54 34.42
CA GLY G 150 76.11 -55.65 33.30
C GLY G 150 76.11 -56.39 32.04
N ILE G 151 75.98 -55.67 30.93
CA ILE G 151 76.16 -56.25 29.63
C ILE G 151 77.43 -55.68 29.12
N VAL G 152 78.42 -56.53 28.88
CA VAL G 152 79.72 -56.09 28.50
C VAL G 152 79.83 -56.09 26.99
N LEU G 153 80.02 -54.90 26.43
CA LEU G 153 80.32 -54.68 25.04
C LEU G 153 81.83 -54.66 24.93
N ASP G 154 82.41 -55.73 24.38
CA ASP G 154 83.82 -55.94 24.25
C ASP G 154 84.05 -55.73 22.77
N SER G 155 84.88 -54.72 22.44
CA SER G 155 85.37 -54.66 21.08
C SER G 155 86.84 -54.33 21.07
N GLY G 156 87.66 -55.30 20.63
CA GLY G 156 89.08 -55.10 20.44
C GLY G 156 89.44 -54.78 19.01
N ASP G 157 90.71 -55.05 18.64
CA ASP G 157 91.14 -55.04 17.26
C ASP G 157 90.84 -56.39 16.58
N GLY G 158 90.55 -57.43 17.39
CA GLY G 158 90.21 -58.75 16.91
C GLY G 158 88.80 -58.84 16.42
N VAL G 159 87.80 -58.98 17.31
CA VAL G 159 86.41 -58.99 16.91
C VAL G 159 85.70 -58.29 18.06
N THR G 160 84.43 -57.89 17.83
CA THR G 160 83.43 -57.40 18.78
C THR G 160 82.61 -58.56 19.36
N HIS G 161 82.39 -58.55 20.67
CA HIS G 161 81.69 -59.52 21.45
C HIS G 161 80.79 -58.81 22.43
N ASN G 162 79.76 -59.52 22.93
CA ASN G 162 78.79 -58.94 23.81
C ASN G 162 78.38 -60.07 24.72
N VAL G 163 78.56 -59.93 26.05
CA VAL G 163 78.21 -60.95 27.01
C VAL G 163 77.34 -60.29 28.08
N PRO G 164 76.04 -60.58 28.21
CA PRO G 164 75.25 -60.17 29.36
C PRO G 164 75.53 -61.06 30.54
N ILE G 165 75.61 -60.46 31.71
CA ILE G 165 75.86 -61.13 32.94
C ILE G 165 74.83 -60.59 33.92
N TYR G 166 74.35 -61.42 34.85
CA TYR G 166 73.47 -61.00 35.92
C TYR G 166 73.87 -61.69 37.21
N GLU G 167 74.36 -60.91 38.20
CA GLU G 167 74.69 -61.34 39.54
C GLU G 167 75.76 -62.43 39.57
N GLY G 168 76.88 -62.17 38.85
CA GLY G 168 77.63 -63.29 38.29
C GLY G 168 76.81 -63.94 37.20
N TYR G 169 76.62 -65.28 37.26
CA TYR G 169 76.01 -66.10 36.21
C TYR G 169 76.54 -65.77 34.82
N ALA G 170 75.71 -65.85 33.76
CA ALA G 170 76.09 -65.67 32.38
C ALA G 170 75.01 -66.31 31.56
N LEU G 171 74.75 -65.81 30.35
CA LEU G 171 73.70 -66.35 29.52
C LEU G 171 74.25 -66.81 28.17
N PRO G 172 74.50 -68.11 27.92
CA PRO G 172 75.17 -68.58 26.71
C PRO G 172 74.45 -68.26 25.42
N HIS G 173 73.10 -68.37 25.39
CA HIS G 173 72.25 -68.07 24.25
C HIS G 173 72.20 -66.59 23.91
N ALA G 174 72.33 -65.73 24.94
CA ALA G 174 72.30 -64.30 24.81
C ALA G 174 73.66 -63.69 24.48
N ILE G 175 74.78 -64.44 24.58
CA ILE G 175 76.08 -64.00 24.08
C ILE G 175 76.05 -63.79 22.58
N MET G 176 76.50 -62.62 22.12
CA MET G 176 76.56 -62.26 20.73
C MET G 176 77.97 -61.91 20.35
N ARG G 177 78.38 -62.31 19.15
CA ARG G 177 79.65 -62.00 18.57
C ARG G 177 79.37 -61.40 17.22
N LEU G 178 79.99 -60.24 16.96
CA LEU G 178 79.76 -59.45 15.79
C LEU G 178 81.08 -59.20 15.11
N ASP G 179 81.22 -59.60 13.82
CA ASP G 179 82.45 -59.45 13.08
C ASP G 179 82.59 -58.00 12.59
N LEU G 180 83.05 -57.14 13.51
CA LEU G 180 83.54 -55.81 13.28
C LEU G 180 84.68 -55.66 14.23
N ALA G 181 85.61 -54.77 13.92
CA ALA G 181 86.73 -54.56 14.78
C ALA G 181 87.38 -53.23 14.51
N GLY G 182 88.38 -52.87 15.34
CA GLY G 182 89.38 -51.89 14.99
C GLY G 182 90.05 -52.12 13.66
N ARG G 183 90.48 -53.35 13.35
CA ARG G 183 91.13 -53.66 12.10
C ARG G 183 90.27 -53.43 10.85
N ASP G 184 88.97 -53.82 10.88
CA ASP G 184 88.02 -53.57 9.81
C ASP G 184 87.72 -52.07 9.61
N LEU G 185 87.68 -51.28 10.71
CA LEU G 185 87.66 -49.81 10.64
C LEU G 185 88.91 -49.22 10.02
N THR G 186 90.10 -49.78 10.29
CA THR G 186 91.34 -49.40 9.60
C THR G 186 91.29 -49.67 8.10
N ASP G 187 90.82 -50.86 7.65
CA ASP G 187 90.67 -51.21 6.24
C ASP G 187 89.62 -50.31 5.55
N TYR G 188 88.49 -49.99 6.21
CA TYR G 188 87.55 -48.98 5.77
C TYR G 188 88.17 -47.59 5.66
N LEU G 189 88.98 -47.20 6.67
CA LEU G 189 89.60 -45.89 6.71
C LEU G 189 90.59 -45.66 5.60
N MET G 190 91.51 -46.58 5.32
CA MET G 190 92.44 -46.43 4.22
C MET G 190 91.73 -46.44 2.86
N LYS G 191 90.59 -47.17 2.74
CA LYS G 191 89.68 -47.04 1.61
C LYS G 191 88.99 -45.69 1.48
N ILE G 192 88.57 -45.03 2.58
CA ILE G 192 87.94 -43.73 2.49
C ILE G 192 88.94 -42.58 2.39
N LEU G 193 90.25 -42.78 2.68
CA LEU G 193 91.27 -41.77 2.37
C LEU G 193 91.56 -41.62 0.88
N THR G 194 91.34 -42.68 0.07
CA THR G 194 91.68 -42.72 -1.35
C THR G 194 90.92 -41.73 -2.20
N GLU G 195 89.66 -41.39 -1.82
CA GLU G 195 88.83 -40.41 -2.50
C GLU G 195 89.41 -39.00 -2.31
N ARG G 196 90.27 -38.80 -1.28
CA ARG G 196 90.93 -37.55 -1.04
C ARG G 196 92.28 -37.44 -1.76
N GLY G 197 92.77 -38.56 -2.33
CA GLY G 197 94.02 -38.67 -3.08
C GLY G 197 95.15 -39.31 -2.32
N TYR G 198 94.97 -39.56 -1.01
CA TYR G 198 96.02 -40.20 -0.21
C TYR G 198 95.87 -41.71 -0.29
N SER G 199 96.91 -42.40 -0.76
CA SER G 199 96.81 -43.81 -1.07
C SER G 199 97.80 -44.54 -0.24
N PHE G 200 97.32 -45.40 0.66
CA PHE G 200 98.15 -46.14 1.58
C PHE G 200 97.91 -47.58 1.24
N VAL G 201 98.91 -48.26 0.66
CA VAL G 201 98.72 -49.49 -0.07
C VAL G 201 99.35 -50.66 0.65
N THR G 202 100.18 -50.42 1.68
CA THR G 202 101.09 -51.43 2.21
C THR G 202 100.92 -51.51 3.72
N THR G 203 101.34 -52.61 4.35
CA THR G 203 101.19 -52.89 5.79
C THR G 203 101.80 -51.86 6.73
N ALA G 204 102.98 -51.33 6.38
CA ALA G 204 103.69 -50.30 7.11
C ALA G 204 102.89 -49.00 7.32
N GLU G 205 102.26 -48.42 6.26
CA GLU G 205 101.44 -47.24 6.41
C GLU G 205 99.99 -47.56 6.75
N ARG G 206 99.57 -48.83 6.69
CA ARG G 206 98.34 -49.32 7.29
C ARG G 206 98.32 -49.14 8.80
N GLU G 207 99.50 -49.30 9.45
CA GLU G 207 99.67 -48.93 10.83
C GLU G 207 99.81 -47.43 11.09
N ILE G 208 100.23 -46.65 10.07
CA ILE G 208 100.09 -45.18 10.11
C ILE G 208 98.62 -44.71 10.12
N VAL G 209 97.70 -45.29 9.31
CA VAL G 209 96.27 -44.97 9.45
C VAL G 209 95.64 -45.53 10.70
N ARG G 210 96.19 -46.62 11.27
CA ARG G 210 95.80 -47.07 12.59
C ARG G 210 96.10 -46.01 13.65
N ASP G 211 97.31 -45.39 13.66
CA ASP G 211 97.72 -44.29 14.53
C ASP G 211 96.85 -43.02 14.33
N ILE G 212 96.48 -42.69 13.06
CA ILE G 212 95.57 -41.59 12.76
C ILE G 212 94.24 -41.78 13.42
N LYS G 213 93.68 -42.98 13.25
CA LYS G 213 92.38 -43.37 13.75
C LYS G 213 92.32 -43.45 15.27
N GLU G 214 93.43 -43.86 15.93
CA GLU G 214 93.65 -43.85 17.37
C GLU G 214 93.59 -42.46 18.03
N LYS G 215 93.78 -41.35 17.25
CA LYS G 215 93.54 -40.03 17.82
C LYS G 215 92.58 -39.15 17.03
N LEU G 216 92.69 -39.03 15.69
CA LEU G 216 91.90 -38.06 14.98
C LEU G 216 90.42 -38.42 14.95
N CYS G 217 90.09 -39.68 14.68
CA CYS G 217 88.72 -40.16 14.55
C CYS G 217 87.85 -39.92 15.77
N TYR G 218 86.57 -39.59 15.56
CA TYR G 218 85.64 -39.49 16.66
C TYR G 218 84.29 -39.94 16.15
N VAL G 219 83.31 -40.18 17.04
CA VAL G 219 81.97 -40.58 16.65
C VAL G 219 81.01 -39.41 16.76
N ALA G 220 80.25 -39.15 15.69
CA ALA G 220 79.20 -38.16 15.66
C ALA G 220 78.03 -38.40 16.61
N LEU G 221 77.58 -37.35 17.32
CA LEU G 221 76.40 -37.41 18.17
C LEU G 221 75.15 -37.30 17.35
N ASP G 222 75.28 -36.84 16.10
CA ASP G 222 74.39 -37.26 15.06
C ASP G 222 75.21 -37.23 13.78
N PHE G 223 75.18 -38.32 12.98
CA PHE G 223 76.00 -38.50 11.79
C PHE G 223 75.62 -37.51 10.70
N GLU G 224 74.32 -37.41 10.35
CA GLU G 224 73.83 -36.55 9.30
C GLU G 224 74.06 -35.10 9.57
N ASN G 225 73.84 -34.66 10.83
CA ASN G 225 74.11 -33.29 11.26
C ASN G 225 75.57 -32.91 11.12
N GLU G 226 76.51 -33.79 11.56
CA GLU G 226 77.92 -33.55 11.38
C GLU G 226 78.40 -33.62 9.93
N MET G 227 77.83 -34.53 9.12
CA MET G 227 78.03 -34.56 7.68
C MET G 227 77.48 -33.37 6.91
N ALA G 228 76.34 -32.79 7.34
CA ALA G 228 75.84 -31.53 6.84
C ALA G 228 76.75 -30.33 7.15
N THR G 229 77.29 -30.22 8.40
CA THR G 229 78.19 -29.12 8.78
C THR G 229 79.59 -29.31 8.20
N ALA G 230 79.94 -30.50 7.65
CA ALA G 230 81.10 -30.68 6.79
C ALA G 230 81.10 -29.87 5.48
N ALA G 231 79.97 -29.25 5.07
CA ALA G 231 79.96 -28.29 3.98
C ALA G 231 80.80 -27.04 4.27
N SER G 232 80.70 -26.48 5.50
CA SER G 232 81.53 -25.38 5.95
C SER G 232 82.69 -25.91 6.76
N SER G 233 83.77 -26.35 6.07
CA SER G 233 84.89 -26.99 6.76
C SER G 233 85.72 -26.01 7.55
N SER G 234 85.78 -26.23 8.88
CA SER G 234 86.55 -25.41 9.80
C SER G 234 87.19 -26.33 10.83
N SER G 235 86.42 -26.81 11.82
CA SER G 235 86.96 -27.63 12.90
C SER G 235 87.06 -29.12 12.57
N LEU G 236 86.37 -29.56 11.52
CA LEU G 236 86.26 -30.96 11.15
C LEU G 236 87.47 -31.42 10.39
N GLU G 237 88.20 -30.51 9.74
CA GLU G 237 89.48 -30.78 9.17
C GLU G 237 90.53 -30.78 10.26
N LYS G 238 91.47 -31.72 10.19
CA LYS G 238 92.65 -31.68 11.01
C LYS G 238 93.79 -32.06 10.13
N SER G 239 94.85 -31.25 10.22
CA SER G 239 96.19 -31.53 9.74
C SER G 239 96.80 -32.68 10.56
N TYR G 240 97.36 -33.68 9.88
CA TYR G 240 98.10 -34.77 10.43
C TYR G 240 99.44 -34.82 9.74
N GLU G 241 100.51 -35.06 10.50
CA GLU G 241 101.88 -35.17 10.04
C GLU G 241 102.22 -36.65 9.85
N LEU G 242 102.66 -37.08 8.66
CA LEU G 242 103.19 -38.40 8.44
C LEU G 242 104.65 -38.50 8.87
N PRO G 243 105.21 -39.66 9.19
CA PRO G 243 106.64 -39.81 9.42
C PRO G 243 107.51 -39.46 8.21
N ASP G 244 106.96 -39.50 6.98
CA ASP G 244 107.59 -39.03 5.75
C ASP G 244 107.84 -37.50 5.80
N GLY G 245 106.97 -36.73 6.48
CA GLY G 245 106.98 -35.26 6.47
C GLY G 245 105.91 -34.72 5.56
N GLN G 246 105.16 -35.63 4.93
CA GLN G 246 103.92 -35.31 4.26
C GLN G 246 102.78 -34.99 5.20
N VAL G 247 101.92 -34.02 4.82
CA VAL G 247 100.85 -33.55 5.64
C VAL G 247 99.57 -34.04 5.01
N ILE G 248 98.64 -34.52 5.85
CA ILE G 248 97.35 -35.06 5.49
C ILE G 248 96.31 -34.19 6.15
N THR G 249 95.23 -33.87 5.43
CA THR G 249 94.18 -32.99 5.92
C THR G 249 92.87 -33.71 5.76
N ILE G 250 92.23 -34.14 6.86
CA ILE G 250 91.06 -35.03 6.83
C ILE G 250 89.83 -34.38 7.42
N GLY G 251 88.74 -34.27 6.63
CA GLY G 251 87.52 -33.56 7.02
C GLY G 251 86.45 -34.49 7.55
N ASN G 252 85.35 -34.66 6.78
CA ASN G 252 84.21 -35.49 7.16
C ASN G 252 84.49 -36.99 7.22
N GLU G 253 85.50 -37.39 6.44
CA GLU G 253 86.13 -38.68 6.34
C GLU G 253 86.58 -39.20 7.70
N ARG G 254 87.04 -38.28 8.58
CA ARG G 254 87.39 -38.57 9.93
C ARG G 254 86.28 -39.25 10.78
N PHE G 255 85.05 -38.68 10.87
CA PHE G 255 84.06 -39.19 11.81
C PHE G 255 83.19 -40.27 11.20
N ARG G 256 83.13 -40.38 9.85
CA ARG G 256 82.40 -41.45 9.24
C ARG G 256 83.12 -42.80 9.25
N CYS G 257 84.44 -42.83 9.59
CA CYS G 257 85.07 -44.11 9.88
C CYS G 257 84.51 -44.78 11.14
N PRO G 258 84.39 -44.21 12.35
CA PRO G 258 83.76 -44.94 13.44
C PRO G 258 82.26 -45.15 13.28
N GLU G 259 81.59 -44.36 12.39
CA GLU G 259 80.18 -44.48 12.07
C GLU G 259 79.82 -45.87 11.57
N THR G 260 80.78 -46.55 10.89
CA THR G 260 80.67 -47.94 10.44
C THR G 260 80.22 -48.93 11.52
N LEU G 261 80.57 -48.71 12.81
CA LEU G 261 80.09 -49.53 13.92
C LEU G 261 78.58 -49.52 14.07
N PHE G 262 77.94 -48.40 13.72
CA PHE G 262 76.53 -48.14 13.84
C PHE G 262 75.82 -48.27 12.50
N GLN G 263 76.59 -48.40 11.39
CA GLN G 263 76.09 -48.57 10.04
C GLN G 263 76.98 -49.55 9.26
N PRO G 264 76.95 -50.87 9.49
CA PRO G 264 77.77 -51.85 8.75
C PRO G 264 77.34 -52.00 7.31
N SER G 265 76.32 -51.33 6.83
CA SER G 265 76.04 -51.17 5.41
C SER G 265 77.14 -50.43 4.65
N PHE G 266 77.94 -49.55 5.33
CA PHE G 266 79.12 -48.89 4.80
C PHE G 266 80.28 -49.84 4.50
N ILE G 267 80.48 -50.86 5.37
CA ILE G 267 81.44 -51.91 5.11
C ILE G 267 80.88 -52.95 4.11
N GLY G 268 79.53 -53.05 3.99
CA GLY G 268 78.83 -53.95 3.06
C GLY G 268 78.34 -55.20 3.72
N MET G 269 78.41 -55.28 5.05
CA MET G 269 77.89 -56.39 5.83
C MET G 269 76.49 -56.09 6.30
N GLU G 270 75.59 -57.10 6.27
CA GLU G 270 74.23 -56.97 6.75
C GLU G 270 74.13 -56.89 8.25
N SER G 271 75.06 -57.60 8.94
CA SER G 271 75.17 -57.72 10.38
C SER G 271 74.94 -56.42 11.10
N ALA G 272 73.97 -56.39 12.02
CA ALA G 272 73.48 -55.15 12.59
C ALA G 272 74.53 -54.31 13.31
N GLY G 273 74.33 -52.98 13.38
CA GLY G 273 75.18 -52.09 14.16
C GLY G 273 75.28 -52.50 15.62
N ILE G 274 76.31 -52.01 16.31
CA ILE G 274 76.64 -52.44 17.66
C ILE G 274 75.58 -52.17 18.73
N HIS G 275 74.74 -51.14 18.56
CA HIS G 275 73.63 -50.84 19.43
C HIS G 275 72.46 -51.82 19.24
N GLU G 276 72.10 -52.19 17.98
CA GLU G 276 71.15 -53.26 17.72
C GLU G 276 71.65 -54.64 18.15
N THR G 277 72.97 -54.94 18.04
CA THR G 277 73.52 -56.19 18.61
C THR G 277 73.35 -56.25 20.11
N THR G 278 73.56 -55.13 20.84
CA THR G 278 73.26 -55.02 22.28
C THR G 278 71.80 -55.25 22.60
N TYR G 279 70.86 -54.70 21.78
CA TYR G 279 69.44 -55.01 21.87
C TYR G 279 69.15 -56.49 21.62
N ASN G 280 69.79 -57.11 20.61
CA ASN G 280 69.69 -58.51 20.27
C ASN G 280 70.13 -59.42 21.43
N SER G 281 71.24 -59.08 22.13
CA SER G 281 71.66 -59.74 23.36
C SER G 281 70.69 -59.58 24.52
N ILE G 282 70.24 -58.33 24.84
CA ILE G 282 69.30 -58.02 25.92
C ILE G 282 67.90 -58.63 25.70
N MET G 283 67.39 -58.64 24.46
CA MET G 283 66.17 -59.31 24.08
C MET G 283 66.18 -60.80 24.23
N LYS G 284 67.34 -61.44 24.06
CA LYS G 284 67.47 -62.86 24.30
C LYS G 284 67.49 -63.22 25.78
N CYS G 285 67.72 -62.23 26.66
CA CYS G 285 67.71 -62.44 28.10
C CYS G 285 66.30 -62.49 28.65
N ASP G 286 66.15 -63.06 29.85
CA ASP G 286 64.90 -63.11 30.57
C ASP G 286 64.36 -61.71 30.87
N ILE G 287 63.01 -61.57 30.90
CA ILE G 287 62.32 -60.29 31.04
C ILE G 287 62.73 -59.53 32.30
N ASP G 288 62.85 -60.25 33.45
CA ASP G 288 63.09 -59.73 34.78
C ASP G 288 64.40 -58.91 34.88
N ILE G 289 65.50 -59.47 34.34
CA ILE G 289 66.80 -58.86 34.56
C ILE G 289 67.06 -57.67 33.67
N ARG G 290 66.31 -57.51 32.55
CA ARG G 290 66.65 -56.53 31.54
C ARG G 290 66.81 -55.10 32.04
N LYS G 291 66.07 -54.72 33.10
CA LYS G 291 66.11 -53.41 33.72
C LYS G 291 67.51 -52.93 34.12
N ASP G 292 68.36 -53.82 34.68
CA ASP G 292 69.67 -53.43 35.12
C ASP G 292 70.66 -53.56 33.97
N LEU G 293 70.46 -54.49 33.02
CA LEU G 293 71.30 -54.61 31.82
C LEU G 293 71.26 -53.41 30.91
N TYR G 294 70.08 -52.81 30.76
CA TYR G 294 69.94 -51.49 30.17
C TYR G 294 70.72 -50.41 30.93
N ALA G 295 70.70 -50.42 32.28
CA ALA G 295 71.35 -49.41 33.08
C ALA G 295 72.82 -49.69 33.45
N ASN G 296 73.41 -50.84 33.05
CA ASN G 296 74.73 -51.28 33.48
C ASN G 296 75.52 -51.79 32.28
N ASN G 297 75.32 -51.22 31.08
CA ASN G 297 76.16 -51.48 29.92
C ASN G 297 77.61 -51.02 30.15
N VAL G 298 78.57 -51.96 30.02
CA VAL G 298 79.99 -51.72 30.22
C VAL G 298 80.64 -51.81 28.85
N MET G 299 81.36 -50.75 28.45
CA MET G 299 82.21 -50.81 27.29
C MET G 299 83.62 -51.22 27.66
N SER G 300 84.23 -52.11 26.87
CA SER G 300 85.60 -52.51 27.05
C SER G 300 86.30 -52.56 25.73
N GLY G 301 87.64 -52.70 25.77
CA GLY G 301 88.45 -52.96 24.61
C GLY G 301 89.04 -51.72 24.00
N GLY G 302 89.89 -51.90 22.97
CA GLY G 302 90.57 -50.76 22.37
C GLY G 302 89.75 -49.94 21.41
N THR G 303 88.72 -50.50 20.74
CA THR G 303 87.97 -49.77 19.71
C THR G 303 86.67 -49.20 20.29
N THR G 304 86.53 -49.18 21.65
CA THR G 304 85.57 -48.32 22.36
C THR G 304 86.25 -47.08 22.85
N MET G 305 87.53 -46.83 22.50
CA MET G 305 88.19 -45.62 22.96
C MET G 305 87.80 -44.33 22.27
N TYR G 306 87.21 -44.36 21.05
CA TYR G 306 86.89 -43.14 20.30
C TYR G 306 86.03 -42.15 21.09
N PRO G 307 86.35 -40.86 21.12
CA PRO G 307 85.49 -39.85 21.74
C PRO G 307 84.06 -39.84 21.22
N GLY G 308 83.06 -39.84 22.13
CA GLY G 308 81.65 -39.73 21.79
C GLY G 308 80.94 -41.05 21.50
N ILE G 309 81.62 -42.22 21.59
CA ILE G 309 80.94 -43.53 21.42
C ILE G 309 79.85 -43.75 22.45
N ALA G 310 80.15 -43.46 23.74
CA ALA G 310 79.24 -43.66 24.86
C ALA G 310 77.95 -42.87 24.73
N ASP G 311 78.04 -41.60 24.33
CA ASP G 311 76.92 -40.72 24.05
C ASP G 311 76.06 -41.20 22.88
N ARG G 312 76.70 -41.63 21.77
CA ARG G 312 75.98 -42.18 20.64
C ARG G 312 75.23 -43.47 20.96
N MET G 313 75.87 -44.43 21.67
CA MET G 313 75.21 -45.63 22.15
C MET G 313 74.06 -45.35 23.09
N GLN G 314 74.24 -44.34 24.00
CA GLN G 314 73.18 -43.91 24.89
C GLN G 314 71.99 -43.37 24.16
N LYS G 315 72.19 -42.46 23.17
CA LYS G 315 71.10 -41.92 22.41
C LYS G 315 70.33 -42.97 21.58
N GLU G 316 71.06 -43.93 20.94
CA GLU G 316 70.45 -44.97 20.14
C GLU G 316 69.74 -46.03 20.94
N ILE G 317 70.36 -46.55 22.02
CA ILE G 317 69.70 -47.52 22.88
C ILE G 317 68.50 -46.93 23.60
N THR G 318 68.60 -45.67 24.10
CA THR G 318 67.44 -44.94 24.67
C THR G 318 66.34 -44.71 23.65
N ALA G 319 66.67 -44.38 22.39
CA ALA G 319 65.70 -44.23 21.32
C ALA G 319 64.94 -45.52 20.96
N LEU G 320 65.64 -46.67 20.88
CA LEU G 320 65.04 -47.97 20.62
C LEU G 320 64.30 -48.58 21.79
N ALA G 321 64.81 -48.45 23.02
CA ALA G 321 64.29 -49.11 24.19
C ALA G 321 63.03 -48.43 24.73
N PRO G 322 62.28 -49.04 25.64
CA PRO G 322 61.35 -48.32 26.50
C PRO G 322 62.00 -47.16 27.27
N SER G 323 61.48 -45.92 27.14
CA SER G 323 61.93 -44.74 27.88
C SER G 323 61.34 -44.73 29.30
N THR G 324 60.64 -45.83 29.65
CA THR G 324 60.12 -46.19 30.96
C THR G 324 61.24 -46.37 31.98
N MET G 325 62.41 -46.85 31.51
CA MET G 325 63.57 -47.06 32.35
C MET G 325 64.76 -46.31 31.83
N LYS G 326 65.65 -45.88 32.74
CA LYS G 326 66.79 -45.08 32.37
C LYS G 326 68.00 -45.90 31.99
N ILE G 327 68.59 -45.55 30.84
CA ILE G 327 69.67 -46.29 30.23
C ILE G 327 70.97 -45.61 30.60
N LYS G 328 71.62 -46.06 31.67
CA LYS G 328 72.95 -45.62 31.99
C LYS G 328 73.97 -46.51 31.29
N ILE G 329 74.99 -45.92 30.66
CA ILE G 329 76.10 -46.63 30.10
C ILE G 329 77.26 -46.23 30.96
N ILE G 330 78.02 -47.22 31.44
CA ILE G 330 79.20 -46.99 32.21
C ILE G 330 80.38 -47.40 31.37
N ALA G 331 81.08 -46.39 30.83
CA ALA G 331 82.24 -46.61 30.01
C ALA G 331 83.40 -45.91 30.67
N PRO G 332 84.29 -46.57 31.42
CA PRO G 332 85.34 -45.88 32.14
C PRO G 332 86.39 -45.36 31.15
N PRO G 333 87.09 -44.24 31.28
CA PRO G 333 88.47 -44.16 30.80
C PRO G 333 89.31 -45.25 31.46
N GLU G 334 90.41 -45.71 30.81
CA GLU G 334 91.17 -46.89 31.20
C GLU G 334 90.54 -48.17 30.66
N ARG G 335 89.38 -48.04 29.95
CA ARG G 335 88.60 -49.16 29.40
C ARG G 335 89.36 -50.05 28.43
N LYS G 336 90.44 -49.52 27.82
CA LYS G 336 91.35 -50.23 26.96
C LYS G 336 92.01 -51.41 27.68
N TYR G 337 92.41 -51.21 28.96
CA TYR G 337 93.19 -52.19 29.67
C TYR G 337 92.29 -53.01 30.58
N SER G 338 90.96 -52.85 30.51
CA SER G 338 90.01 -53.47 31.43
C SER G 338 90.05 -54.98 31.50
N VAL G 339 90.26 -55.66 30.36
CA VAL G 339 90.47 -57.10 30.29
C VAL G 339 91.71 -57.56 31.07
N TRP G 340 92.86 -56.88 30.92
CA TRP G 340 94.07 -57.20 31.64
C TRP G 340 93.92 -56.99 33.15
N ILE G 341 93.28 -55.86 33.56
CA ILE G 341 92.99 -55.56 34.97
C ILE G 341 92.06 -56.60 35.54
N GLY G 342 91.07 -57.06 34.77
CA GLY G 342 90.21 -58.16 35.17
C GLY G 342 90.89 -59.48 35.34
N GLY G 343 91.95 -59.71 34.56
CA GLY G 343 92.83 -60.84 34.73
C GLY G 343 93.76 -60.74 35.90
N SER G 344 94.23 -59.51 36.24
CA SER G 344 95.05 -59.22 37.42
C SER G 344 94.28 -59.51 38.69
N ILE G 345 93.02 -58.99 38.79
CA ILE G 345 92.16 -59.22 39.95
C ILE G 345 91.81 -60.69 40.10
N LEU G 346 91.49 -61.43 38.99
CA LEU G 346 91.16 -62.83 39.06
C LEU G 346 92.25 -63.75 39.59
N ALA G 347 93.49 -63.58 39.11
CA ALA G 347 94.60 -64.38 39.59
C ALA G 347 95.06 -64.00 40.99
N SER G 348 94.77 -62.75 41.44
CA SER G 348 94.94 -62.33 42.83
C SER G 348 93.89 -62.88 43.79
N LEU G 349 92.70 -63.31 43.29
CA LEU G 349 91.69 -63.97 44.12
C LEU G 349 92.13 -65.32 44.69
N SER G 350 92.00 -65.48 46.03
CA SER G 350 92.46 -66.66 46.74
C SER G 350 91.78 -67.96 46.35
N THR G 351 90.43 -67.93 46.19
CA THR G 351 89.63 -69.08 45.72
C THR G 351 89.99 -69.55 44.33
N PHE G 352 90.29 -68.60 43.43
CA PHE G 352 90.67 -68.85 42.05
C PHE G 352 91.94 -69.72 41.96
N GLN G 353 92.83 -69.62 42.97
CA GLN G 353 94.02 -70.45 43.07
C GLN G 353 93.79 -71.97 43.19
N GLN G 354 92.54 -72.44 43.32
CA GLN G 354 92.21 -73.85 43.20
C GLN G 354 91.57 -74.21 41.85
N MET G 355 91.16 -73.22 41.04
CA MET G 355 90.44 -73.44 39.79
C MET G 355 91.37 -73.40 38.61
N TRP G 356 92.68 -73.21 38.84
CA TRP G 356 93.69 -73.29 37.80
C TRP G 356 93.69 -74.65 37.12
N ILE G 357 93.94 -74.67 35.81
CA ILE G 357 94.24 -75.93 35.16
C ILE G 357 95.65 -76.27 35.54
N THR G 358 95.88 -77.35 36.32
CA THR G 358 97.23 -77.71 36.71
C THR G 358 97.96 -78.36 35.56
N LYS G 359 99.29 -78.28 35.54
CA LYS G 359 100.11 -79.05 34.62
C LYS G 359 99.89 -80.55 34.74
N GLN G 360 99.77 -81.05 36.01
CA GLN G 360 99.50 -82.44 36.30
C GLN G 360 98.21 -82.94 35.67
N GLU G 361 97.08 -82.19 35.86
CA GLU G 361 95.77 -82.52 35.34
C GLU G 361 95.72 -82.57 33.82
N TYR G 362 96.44 -81.63 33.15
CA TYR G 362 96.71 -81.69 31.72
C TYR G 362 97.51 -82.92 31.31
N ASP G 363 98.61 -83.30 32.01
CA ASP G 363 99.47 -84.42 31.66
C ASP G 363 98.68 -85.75 31.71
N GLU G 364 97.81 -85.97 32.73
CA GLU G 364 96.87 -87.10 32.78
C GLU G 364 95.75 -87.06 31.75
N ALA G 365 95.03 -85.92 31.61
CA ALA G 365 93.76 -85.95 30.94
C ALA G 365 93.76 -85.25 29.57
N GLY G 366 94.90 -84.69 29.14
CA GLY G 366 95.12 -84.13 27.82
C GLY G 366 94.62 -82.72 27.57
N PRO G 367 94.83 -82.19 26.35
CA PRO G 367 94.49 -80.81 26.02
C PRO G 367 93.02 -80.56 25.94
N SER G 368 92.17 -81.59 25.84
CA SER G 368 90.74 -81.43 25.61
C SER G 368 89.98 -80.92 26.84
N ILE G 369 90.62 -81.03 28.03
CA ILE G 369 90.06 -80.67 29.32
C ILE G 369 89.79 -79.21 29.54
N VAL G 370 90.21 -78.32 28.61
CA VAL G 370 89.95 -76.89 28.72
C VAL G 370 88.48 -76.62 28.92
N HIS G 371 87.66 -77.11 27.96
CA HIS G 371 86.22 -76.89 27.93
C HIS G 371 85.48 -77.57 29.06
N ARG G 372 85.99 -78.73 29.51
CA ARG G 372 85.47 -79.48 30.64
C ARG G 372 85.55 -78.78 31.99
N LYS G 373 86.67 -78.08 32.27
CA LYS G 373 86.85 -77.40 33.53
C LYS G 373 86.38 -75.96 33.49
N CYS G 374 86.80 -75.19 32.44
CA CYS G 374 86.56 -73.77 32.34
C CYS G 374 85.49 -73.46 31.32
N PHE G 375 84.91 -72.25 31.44
CA PHE G 375 84.02 -71.68 30.46
C PHE G 375 84.79 -71.10 29.21
N GLU H 2 194.78 -47.73 -33.89
CA GLU H 2 194.38 -46.97 -32.68
C GLU H 2 192.91 -47.18 -32.36
N ASP H 3 192.48 -46.89 -31.12
CA ASP H 3 191.10 -47.01 -30.70
C ASP H 3 190.39 -45.72 -31.00
N GLU H 4 189.11 -45.81 -31.39
CA GLU H 4 188.21 -44.71 -31.68
C GLU H 4 188.53 -43.85 -32.89
N THR H 5 189.77 -43.93 -33.42
CA THR H 5 190.27 -43.33 -34.66
C THR H 5 190.49 -41.82 -34.60
N THR H 6 190.32 -41.21 -33.40
CA THR H 6 190.00 -39.78 -33.19
C THR H 6 188.77 -39.35 -33.99
N ALA H 7 188.57 -38.05 -34.26
CA ALA H 7 187.62 -37.62 -35.25
C ALA H 7 188.06 -36.21 -35.57
N LEU H 8 187.55 -35.64 -36.66
CA LEU H 8 187.86 -34.29 -37.09
C LEU H 8 186.64 -33.43 -37.02
N VAL H 9 186.85 -32.15 -36.65
CA VAL H 9 185.77 -31.21 -36.47
C VAL H 9 186.15 -29.95 -37.19
N CYS H 10 185.24 -29.41 -38.02
CA CYS H 10 185.40 -28.13 -38.67
C CYS H 10 184.15 -27.28 -38.49
N ASP H 11 184.32 -26.05 -37.98
CA ASP H 11 183.33 -24.99 -38.02
C ASP H 11 183.67 -24.10 -39.21
N ASN H 12 182.73 -24.02 -40.17
CA ASN H 12 182.64 -23.03 -41.21
C ASN H 12 181.29 -22.35 -41.19
N GLY H 13 181.03 -21.49 -40.18
CA GLY H 13 180.40 -20.20 -40.49
C GLY H 13 181.30 -19.34 -41.40
N SER H 14 180.80 -18.26 -42.04
CA SER H 14 181.66 -17.33 -42.78
C SER H 14 182.79 -16.73 -41.98
N GLY H 15 183.91 -16.39 -42.63
CA GLY H 15 184.95 -15.59 -41.99
C GLY H 15 186.09 -16.40 -41.45
N LEU H 16 185.86 -17.48 -40.69
CA LEU H 16 186.91 -18.27 -40.06
C LEU H 16 186.61 -19.74 -40.20
N VAL H 17 187.63 -20.53 -40.57
CA VAL H 17 187.64 -21.97 -40.41
C VAL H 17 188.16 -22.19 -39.02
N LYS H 18 187.43 -22.91 -38.18
CA LYS H 18 187.97 -23.42 -36.94
C LYS H 18 188.01 -24.91 -37.05
N ALA H 19 189.20 -25.52 -36.98
CA ALA H 19 189.38 -26.93 -37.21
C ALA H 19 190.41 -27.57 -36.31
N GLY H 20 190.23 -28.86 -36.03
CA GLY H 20 191.14 -29.57 -35.18
C GLY H 20 190.61 -30.94 -34.98
N PHE H 21 191.23 -31.67 -34.02
CA PHE H 21 190.80 -32.98 -33.62
C PHE H 21 189.65 -32.86 -32.63
N ALA H 22 188.63 -33.71 -32.80
CA ALA H 22 187.69 -34.05 -31.76
C ALA H 22 188.38 -34.72 -30.59
N GLY H 23 187.97 -34.40 -29.35
CA GLY H 23 188.63 -34.92 -28.16
C GLY H 23 189.65 -34.02 -27.55
N ASP H 24 189.78 -32.78 -28.06
CA ASP H 24 190.64 -31.75 -27.53
C ASP H 24 189.76 -30.54 -27.17
N ASP H 25 190.20 -29.70 -26.21
CA ASP H 25 189.51 -28.54 -25.69
C ASP H 25 189.62 -27.34 -26.62
N ALA H 26 190.68 -27.27 -27.47
CA ALA H 26 190.83 -26.19 -28.42
C ALA H 26 191.22 -26.66 -29.82
N PRO H 27 190.79 -25.97 -30.89
CA PRO H 27 191.16 -26.31 -32.26
C PRO H 27 192.63 -26.03 -32.48
N ARG H 28 193.31 -26.87 -33.27
CA ARG H 28 194.69 -26.63 -33.67
C ARG H 28 194.81 -25.44 -34.63
N ALA H 29 193.89 -25.36 -35.61
CA ALA H 29 193.99 -24.41 -36.69
C ALA H 29 192.77 -23.54 -36.73
N VAL H 30 192.98 -22.22 -36.67
CA VAL H 30 191.95 -21.25 -36.86
C VAL H 30 192.50 -20.24 -37.83
N PHE H 31 191.83 -20.00 -38.97
CA PHE H 31 192.35 -19.07 -39.94
C PHE H 31 191.20 -18.45 -40.71
N PRO H 32 191.37 -17.31 -41.37
CA PRO H 32 190.31 -16.70 -42.16
C PRO H 32 189.94 -17.45 -43.41
N SER H 33 188.65 -17.65 -43.64
CA SER H 33 188.10 -18.33 -44.80
C SER H 33 188.10 -17.46 -46.04
N ILE H 34 189.27 -17.24 -46.64
CA ILE H 34 189.40 -16.31 -47.74
C ILE H 34 190.23 -16.95 -48.79
N VAL H 35 189.85 -16.68 -50.04
CA VAL H 35 190.53 -17.10 -51.22
C VAL H 35 190.91 -15.81 -51.87
N GLY H 36 192.21 -15.50 -51.90
CA GLY H 36 192.71 -14.27 -52.46
C GLY H 36 193.48 -14.49 -53.72
N ARG H 37 193.06 -13.81 -54.80
CA ARG H 37 193.58 -14.06 -56.12
C ARG H 37 194.48 -12.92 -56.55
N PRO H 38 195.69 -13.12 -57.09
CA PRO H 38 196.46 -12.09 -57.77
C PRO H 38 195.69 -11.37 -58.87
N ARG H 39 195.13 -10.19 -58.57
CA ARG H 39 194.44 -9.31 -59.48
C ARG H 39 195.43 -8.62 -60.43
N HIS H 40 196.61 -8.20 -59.92
CA HIS H 40 197.63 -7.53 -60.71
C HIS H 40 198.50 -8.57 -61.36
N GLN H 41 198.70 -8.49 -62.69
CA GLN H 41 199.64 -9.36 -63.38
C GLN H 41 201.07 -9.14 -62.91
N GLY H 42 201.74 -10.22 -62.52
CA GLY H 42 203.09 -10.13 -61.98
C GLY H 42 204.12 -10.14 -63.08
N VAL H 43 205.19 -9.36 -62.92
CA VAL H 43 206.26 -9.30 -63.90
C VAL H 43 207.59 -9.47 -63.20
N MET H 44 208.04 -10.72 -63.13
CA MET H 44 209.35 -11.14 -62.68
C MET H 44 209.47 -12.49 -63.35
N VAL H 45 210.48 -13.30 -63.00
CA VAL H 45 210.56 -14.69 -63.38
C VAL H 45 210.86 -15.42 -62.09
N GLY H 46 210.33 -16.64 -61.87
CA GLY H 46 210.55 -17.37 -60.62
C GLY H 46 209.69 -16.91 -59.48
N MET H 47 208.51 -16.37 -59.81
CA MET H 47 207.45 -16.17 -58.85
C MET H 47 206.55 -17.37 -58.93
N GLY H 48 206.04 -17.79 -57.76
CA GLY H 48 204.86 -18.63 -57.60
C GLY H 48 204.67 -19.79 -58.57
N GLN H 49 203.82 -19.68 -59.62
CA GLN H 49 202.90 -18.59 -59.87
C GLN H 49 201.82 -18.52 -58.81
N LYS H 50 201.24 -19.70 -58.48
CA LYS H 50 200.18 -19.87 -57.51
C LYS H 50 198.91 -19.09 -57.88
N ASP H 51 197.90 -19.74 -58.50
CA ASP H 51 196.65 -19.15 -58.98
C ASP H 51 195.92 -18.35 -57.90
N SER H 52 196.02 -18.80 -56.65
CA SER H 52 195.33 -18.18 -55.55
C SER H 52 195.97 -18.62 -54.27
N TYR H 53 195.76 -17.82 -53.21
CA TYR H 53 196.26 -18.03 -51.86
C TYR H 53 195.08 -18.21 -50.95
N VAL H 54 195.20 -19.06 -49.93
CA VAL H 54 194.11 -19.46 -49.06
C VAL H 54 194.59 -19.28 -47.64
N GLY H 55 193.67 -18.90 -46.72
CA GLY H 55 193.99 -18.83 -45.31
C GLY H 55 194.71 -17.56 -44.91
N ASP H 56 195.47 -17.55 -43.81
CA ASP H 56 196.24 -16.42 -43.35
C ASP H 56 197.47 -16.08 -44.21
N GLU H 57 197.86 -16.94 -45.18
CA GLU H 57 198.73 -16.61 -46.31
C GLU H 57 198.22 -15.40 -47.11
N ALA H 58 196.89 -15.36 -47.39
CA ALA H 58 196.19 -14.25 -48.02
C ALA H 58 196.18 -12.97 -47.18
N GLN H 59 196.08 -13.10 -45.83
CA GLN H 59 196.23 -11.99 -44.90
C GLN H 59 197.60 -11.35 -44.94
N SER H 60 198.67 -12.17 -45.03
CA SER H 60 200.06 -11.72 -45.16
C SER H 60 200.31 -11.01 -46.48
N LYS H 61 199.85 -11.60 -47.60
CA LYS H 61 200.00 -11.00 -48.92
C LYS H 61 198.71 -10.36 -49.35
N ARG H 62 198.26 -9.32 -48.65
CA ARG H 62 196.92 -8.80 -48.84
C ARG H 62 196.75 -7.84 -50.01
N GLY H 63 197.77 -6.95 -50.21
CA GLY H 63 197.65 -5.79 -51.08
C GLY H 63 197.56 -6.07 -52.55
N ILE H 64 198.19 -7.17 -52.99
CA ILE H 64 198.16 -7.69 -54.35
C ILE H 64 196.80 -8.28 -54.68
N LEU H 65 196.26 -9.03 -53.71
CA LEU H 65 195.13 -9.90 -53.85
C LEU H 65 193.84 -9.13 -53.85
N THR H 66 192.87 -9.65 -54.61
CA THR H 66 191.48 -9.39 -54.29
C THR H 66 191.05 -10.57 -53.47
N LEU H 67 190.33 -10.36 -52.37
CA LEU H 67 189.91 -11.42 -51.48
C LEU H 67 188.45 -11.68 -51.69
N LYS H 68 188.09 -12.95 -51.76
CA LYS H 68 186.73 -13.37 -51.90
C LYS H 68 186.42 -14.27 -50.74
N TYR H 69 185.46 -13.86 -49.88
CA TYR H 69 184.83 -14.74 -48.93
C TYR H 69 183.96 -15.73 -49.70
N PRO H 70 184.07 -17.05 -49.56
CA PRO H 70 183.33 -18.00 -50.37
C PRO H 70 182.01 -18.27 -49.73
N ILE H 71 181.83 -17.93 -48.43
CA ILE H 71 180.60 -18.14 -47.71
C ILE H 71 180.01 -16.78 -47.42
N GLU H 72 178.77 -16.53 -47.84
CA GLU H 72 178.03 -15.35 -47.47
C GLU H 72 176.71 -15.75 -46.90
N HIS H 73 176.38 -15.22 -45.72
CA HIS H 73 175.13 -15.44 -45.00
C HIS H 73 174.85 -16.89 -44.62
N GLY H 74 175.94 -17.65 -44.35
CA GLY H 74 175.91 -19.09 -44.14
C GLY H 74 175.80 -19.89 -45.43
N ILE H 75 175.75 -19.22 -46.59
CA ILE H 75 175.59 -19.85 -47.90
C ILE H 75 176.93 -19.88 -48.58
N ILE H 76 177.37 -21.05 -49.08
CA ILE H 76 178.55 -21.06 -49.93
C ILE H 76 178.20 -20.52 -51.29
N THR H 77 178.80 -19.38 -51.67
CA THR H 77 178.67 -18.74 -52.97
C THR H 77 179.43 -19.49 -54.02
N ASN H 78 180.67 -19.90 -53.69
CA ASN H 78 181.56 -20.56 -54.59
C ASN H 78 182.14 -21.85 -53.98
N TRP H 79 181.86 -22.99 -54.63
CA TRP H 79 182.18 -24.33 -54.13
C TRP H 79 183.63 -24.75 -54.24
N ASP H 80 184.29 -24.39 -55.37
CA ASP H 80 185.70 -24.67 -55.60
C ASP H 80 186.55 -23.95 -54.56
N ASP H 81 186.26 -22.68 -54.28
CA ASP H 81 186.85 -21.89 -53.23
C ASP H 81 186.68 -22.52 -51.83
N MET H 82 185.49 -23.07 -51.47
CA MET H 82 185.31 -23.85 -50.25
C MET H 82 186.11 -25.14 -50.18
N GLU H 83 186.16 -25.89 -51.30
CA GLU H 83 186.99 -27.08 -51.42
C GLU H 83 188.46 -26.76 -51.21
N LYS H 84 188.96 -25.67 -51.81
CA LYS H 84 190.31 -25.15 -51.59
C LYS H 84 190.62 -24.81 -50.14
N ILE H 85 189.66 -24.19 -49.43
CA ILE H 85 189.77 -23.93 -48.01
C ILE H 85 189.88 -25.19 -47.18
N TRP H 86 189.01 -26.17 -47.41
CA TRP H 86 189.13 -27.47 -46.77
C TRP H 86 190.38 -28.23 -47.16
N HIS H 87 190.84 -28.14 -48.42
CA HIS H 87 192.11 -28.71 -48.82
C HIS H 87 193.29 -28.16 -48.04
N HIS H 88 193.30 -26.83 -47.84
CA HIS H 88 194.21 -26.09 -46.98
C HIS H 88 194.13 -26.58 -45.52
N THR H 89 192.91 -26.75 -44.88
CA THR H 89 192.81 -27.24 -43.49
C THR H 89 193.47 -28.57 -43.25
N PHE H 90 193.17 -29.53 -44.13
CA PHE H 90 193.59 -30.91 -43.95
C PHE H 90 195.05 -31.10 -44.27
N TYR H 91 195.53 -30.58 -45.41
CA TYR H 91 196.89 -30.82 -45.83
C TYR H 91 197.87 -29.79 -45.29
N ASN H 92 197.54 -28.48 -45.32
CA ASN H 92 198.46 -27.44 -44.88
C ASN H 92 198.62 -27.39 -43.35
N GLU H 93 197.51 -27.44 -42.57
CA GLU H 93 197.59 -27.37 -41.12
C GLU H 93 197.61 -28.71 -40.44
N LEU H 94 196.53 -29.50 -40.57
CA LEU H 94 196.36 -30.64 -39.70
C LEU H 94 197.19 -31.84 -40.08
N ARG H 95 197.53 -31.95 -41.38
CA ARG H 95 198.37 -32.96 -41.99
C ARG H 95 197.80 -34.36 -41.83
N VAL H 96 196.51 -34.49 -42.16
CA VAL H 96 195.75 -35.69 -41.96
C VAL H 96 195.35 -36.18 -43.32
N ALA H 97 195.13 -37.50 -43.47
CA ALA H 97 194.40 -38.04 -44.58
C ALA H 97 192.94 -38.13 -44.12
N PRO H 98 191.95 -37.45 -44.69
CA PRO H 98 190.55 -37.58 -44.28
C PRO H 98 190.02 -39.01 -44.35
N GLU H 99 190.60 -39.94 -45.16
CA GLU H 99 190.28 -41.36 -45.18
C GLU H 99 190.46 -42.03 -43.82
N GLU H 100 191.32 -41.47 -42.96
CA GLU H 100 191.65 -42.02 -41.67
C GLU H 100 190.82 -41.39 -40.56
N HIS H 101 189.88 -40.44 -40.85
CA HIS H 101 189.15 -39.78 -39.78
C HIS H 101 187.69 -39.56 -40.12
N PRO H 102 186.68 -39.82 -39.30
CA PRO H 102 185.35 -39.22 -39.49
C PRO H 102 185.34 -37.69 -39.30
N THR H 103 184.62 -36.92 -40.13
CA THR H 103 184.66 -35.44 -40.11
C THR H 103 183.32 -34.83 -39.77
N LEU H 104 183.25 -34.03 -38.71
CA LEU H 104 182.10 -33.25 -38.34
C LEU H 104 182.19 -31.88 -38.99
N LEU H 105 181.11 -31.44 -39.64
CA LEU H 105 180.95 -30.08 -40.09
C LEU H 105 179.84 -29.44 -39.33
N THR H 106 180.05 -28.16 -38.98
CA THR H 106 178.96 -27.34 -38.51
C THR H 106 178.24 -26.71 -39.68
N GLU H 107 177.00 -26.25 -39.47
CA GLU H 107 176.24 -25.55 -40.47
C GLU H 107 175.16 -24.74 -39.77
N ALA H 108 174.68 -23.67 -40.41
CA ALA H 108 173.77 -22.73 -39.78
C ALA H 108 172.28 -23.09 -39.86
N PRO H 109 171.39 -22.80 -38.91
CA PRO H 109 169.96 -22.97 -39.08
C PRO H 109 169.26 -22.32 -40.24
N LEU H 110 168.14 -22.94 -40.68
CA LEU H 110 167.22 -22.45 -41.70
C LEU H 110 167.95 -22.22 -42.99
N ASN H 111 168.98 -23.03 -43.22
CA ASN H 111 169.91 -22.85 -44.30
C ASN H 111 169.40 -23.68 -45.46
N PRO H 112 169.40 -23.20 -46.72
CA PRO H 112 169.18 -23.99 -47.90
C PRO H 112 169.66 -25.43 -47.86
N LYS H 113 168.82 -26.35 -48.31
CA LYS H 113 169.09 -27.78 -48.36
C LYS H 113 170.30 -28.13 -49.18
N ALA H 114 170.49 -27.38 -50.28
CA ALA H 114 171.57 -27.50 -51.23
C ALA H 114 172.94 -27.34 -50.60
N ASN H 115 173.11 -26.45 -49.60
CA ASN H 115 174.36 -26.38 -48.87
C ASN H 115 174.68 -27.65 -48.11
N ARG H 116 173.73 -28.21 -47.32
CA ARG H 116 173.96 -29.47 -46.62
C ARG H 116 174.23 -30.66 -47.54
N GLU H 117 173.40 -30.82 -48.59
CA GLU H 117 173.51 -31.86 -49.60
C GLU H 117 174.74 -31.78 -50.50
N LYS H 118 175.12 -30.56 -50.94
CA LYS H 118 176.36 -30.38 -51.66
C LYS H 118 177.60 -30.49 -50.79
N MET H 119 177.53 -30.06 -49.52
CA MET H 119 178.59 -30.19 -48.53
C MET H 119 178.97 -31.65 -48.26
N THR H 120 177.94 -32.53 -48.12
CA THR H 120 178.12 -33.98 -48.04
C THR H 120 178.65 -34.61 -49.29
N GLN H 121 178.15 -34.18 -50.46
CA GLN H 121 178.61 -34.63 -51.76
C GLN H 121 180.11 -34.39 -51.96
N ILE H 122 180.60 -33.17 -51.60
CA ILE H 122 182.04 -32.89 -51.56
C ILE H 122 182.78 -33.70 -50.54
N MET H 123 182.26 -33.84 -49.30
CA MET H 123 182.99 -34.63 -48.31
C MET H 123 183.18 -36.06 -48.72
N PHE H 124 182.19 -36.74 -49.32
CA PHE H 124 182.43 -38.07 -49.82
C PHE H 124 183.21 -38.18 -51.12
N GLU H 125 182.96 -37.29 -52.12
CA GLU H 125 183.49 -37.45 -53.47
C GLU H 125 184.62 -36.49 -53.82
N THR H 126 185.20 -35.83 -52.81
CA THR H 126 186.40 -35.02 -52.98
C THR H 126 187.45 -35.54 -52.05
N PHE H 127 187.28 -35.40 -50.71
CA PHE H 127 188.22 -35.97 -49.76
C PHE H 127 187.67 -37.29 -49.31
N ASN H 128 188.12 -38.45 -49.85
CA ASN H 128 187.47 -39.71 -49.51
C ASN H 128 187.48 -39.91 -47.97
N VAL H 129 186.33 -40.19 -47.33
CA VAL H 129 186.24 -40.07 -45.87
C VAL H 129 185.35 -41.23 -45.41
N PRO H 130 185.56 -41.92 -44.28
CA PRO H 130 184.72 -43.04 -43.86
C PRO H 130 183.34 -42.61 -43.45
N ALA H 131 183.23 -41.41 -42.86
CA ALA H 131 181.97 -40.96 -42.33
C ALA H 131 182.00 -39.48 -42.06
N MET H 132 180.82 -38.88 -41.92
CA MET H 132 180.71 -37.48 -41.64
C MET H 132 179.43 -37.15 -40.95
N TYR H 133 179.28 -35.92 -40.49
CA TYR H 133 178.04 -35.44 -39.96
C TYR H 133 178.01 -33.96 -40.24
N VAL H 134 176.81 -33.38 -40.41
CA VAL H 134 176.57 -31.96 -40.49
C VAL H 134 175.68 -31.68 -39.33
N ALA H 135 176.01 -30.64 -38.54
CA ALA H 135 175.32 -30.36 -37.32
C ALA H 135 175.01 -28.90 -37.20
N ILE H 136 173.97 -28.57 -36.42
CA ILE H 136 173.53 -27.21 -36.28
C ILE H 136 174.45 -26.41 -35.35
N GLN H 137 174.88 -25.18 -35.69
CA GLN H 137 175.83 -24.40 -34.89
C GLN H 137 175.44 -24.13 -33.43
N ALA H 138 174.18 -23.75 -33.20
CA ALA H 138 173.68 -23.36 -31.90
C ALA H 138 173.64 -24.45 -30.84
N VAL H 139 173.24 -25.67 -31.22
CA VAL H 139 173.26 -26.84 -30.35
C VAL H 139 174.66 -27.19 -29.90
N LEU H 140 175.68 -27.10 -30.79
CA LEU H 140 177.06 -27.33 -30.43
C LEU H 140 177.57 -26.34 -29.38
N SER H 141 177.26 -25.03 -29.51
CA SER H 141 177.62 -24.07 -28.47
C SER H 141 176.98 -24.34 -27.12
N LEU H 142 175.71 -24.79 -27.12
CA LEU H 142 175.01 -25.22 -25.93
C LEU H 142 175.70 -26.38 -25.20
N TYR H 143 176.14 -27.42 -25.95
CA TYR H 143 176.96 -28.52 -25.44
C TYR H 143 178.26 -28.04 -24.83
N ALA H 144 178.96 -27.10 -25.51
CA ALA H 144 180.20 -26.50 -25.04
C ALA H 144 180.04 -25.75 -23.74
N SER H 145 178.90 -25.06 -23.56
CA SER H 145 178.56 -24.38 -22.32
C SER H 145 178.14 -25.32 -21.21
N GLY H 146 177.87 -26.62 -21.51
CA GLY H 146 177.61 -27.66 -20.52
C GLY H 146 176.23 -27.62 -19.93
N ARG H 147 175.28 -27.01 -20.66
CA ARG H 147 173.94 -26.78 -20.18
C ARG H 147 172.99 -27.58 -21.04
N THR H 148 171.86 -28.04 -20.49
CA THR H 148 170.93 -28.87 -21.24
C THR H 148 169.83 -28.04 -21.88
N THR H 149 169.72 -26.77 -21.45
CA THR H 149 168.61 -25.87 -21.71
C THR H 149 169.18 -24.49 -21.88
N GLY H 150 168.62 -23.75 -22.83
CA GLY H 150 168.94 -22.37 -23.06
C GLY H 150 168.44 -21.94 -24.36
N ILE H 151 168.49 -20.63 -24.60
CA ILE H 151 168.23 -20.09 -25.90
C ILE H 151 169.55 -19.61 -26.40
N VAL H 152 170.01 -20.19 -27.50
CA VAL H 152 171.31 -19.90 -27.99
C VAL H 152 171.22 -18.81 -29.04
N LEU H 153 171.83 -17.66 -28.75
CA LEU H 153 172.00 -16.58 -29.68
C LEU H 153 173.34 -16.80 -30.34
N ASP H 154 173.31 -17.21 -31.61
CA ASP H 154 174.47 -17.55 -32.40
C ASP H 154 174.57 -16.37 -33.36
N SER H 155 175.69 -15.65 -33.30
CA SER H 155 175.98 -14.71 -34.35
C SER H 155 177.44 -14.80 -34.75
N GLY H 156 177.67 -15.27 -35.99
CA GLY H 156 179.01 -15.30 -36.56
C GLY H 156 179.28 -14.12 -37.46
N ASP H 157 180.24 -14.29 -38.40
CA ASP H 157 180.45 -13.36 -39.49
C ASP H 157 179.50 -13.67 -40.65
N GLY H 158 178.89 -14.89 -40.64
CA GLY H 158 177.95 -15.32 -41.66
C GLY H 158 176.59 -14.73 -41.47
N VAL H 159 175.77 -15.26 -40.55
CA VAL H 159 174.46 -14.69 -40.26
C VAL H 159 174.28 -14.92 -38.78
N THR H 160 173.31 -14.24 -38.16
CA THR H 160 172.75 -14.42 -36.82
C THR H 160 171.59 -15.40 -36.82
N HIS H 161 171.58 -16.31 -35.84
CA HIS H 161 170.63 -17.37 -35.65
C HIS H 161 170.27 -17.45 -34.18
N ASN H 162 169.12 -18.05 -33.88
CA ASN H 162 168.62 -18.12 -32.54
C ASN H 162 167.89 -19.44 -32.47
N VAL H 163 168.29 -20.35 -31.56
CA VAL H 163 167.66 -21.65 -31.42
C VAL H 163 167.31 -21.82 -29.93
N PRO H 164 166.05 -21.83 -29.51
CA PRO H 164 165.67 -22.24 -28.16
C PRO H 164 165.69 -23.74 -28.05
N ILE H 165 166.18 -24.23 -26.92
CA ILE H 165 166.28 -25.62 -26.61
C ILE H 165 165.73 -25.78 -25.20
N TYR H 166 165.06 -26.89 -24.91
CA TYR H 166 164.60 -27.21 -23.58
C TYR H 166 164.83 -28.70 -23.30
N GLU H 167 165.74 -29.01 -22.35
CA GLU H 167 166.02 -30.34 -21.87
C GLU H 167 166.50 -31.30 -22.96
N GLY H 168 167.51 -30.84 -23.73
CA GLY H 168 167.62 -31.30 -25.10
C GLY H 168 166.46 -30.76 -25.91
N TYR H 169 165.71 -31.63 -26.63
CA TYR H 169 164.67 -31.27 -27.58
C TYR H 169 165.11 -30.14 -28.53
N ALA H 170 164.19 -29.24 -28.95
CA ALA H 170 164.43 -28.20 -29.92
C ALA H 170 163.08 -27.80 -30.42
N LEU H 171 162.90 -26.52 -30.82
CA LEU H 171 161.62 -26.05 -31.29
C LEU H 171 161.73 -25.48 -32.70
N PRO H 172 161.36 -26.19 -33.77
CA PRO H 172 161.59 -25.74 -35.14
C PRO H 172 160.91 -24.44 -35.52
N HIS H 173 159.67 -24.21 -35.06
CA HIS H 173 158.88 -23.01 -35.29
C HIS H 173 159.44 -21.78 -34.58
N ALA H 174 160.07 -22.02 -33.40
CA ALA H 174 160.65 -20.98 -32.58
C ALA H 174 162.08 -20.62 -32.97
N ILE H 175 162.77 -21.42 -33.82
CA ILE H 175 164.05 -21.04 -34.42
C ILE H 175 163.91 -19.80 -35.28
N MET H 176 164.76 -18.80 -35.02
CA MET H 176 164.78 -17.56 -35.77
C MET H 176 166.14 -17.35 -36.36
N ARG H 177 166.17 -16.81 -37.58
CA ARG H 177 167.36 -16.45 -38.30
C ARG H 177 167.19 -15.02 -38.70
N LEU H 178 168.21 -14.20 -38.40
CA LEU H 178 168.19 -12.78 -38.61
C LEU H 178 169.39 -12.40 -39.45
N ASP H 179 169.17 -11.75 -40.60
CA ASP H 179 170.24 -11.36 -41.50
C ASP H 179 170.92 -10.10 -40.99
N LEU H 180 171.82 -10.30 -40.02
CA LEU H 180 172.81 -9.37 -39.54
C LEU H 180 174.02 -10.20 -39.27
N ALA H 181 175.19 -9.59 -39.30
CA ALA H 181 176.40 -10.32 -39.05
C ALA H 181 177.52 -9.40 -38.67
N GLY H 182 178.67 -9.98 -38.28
CA GLY H 182 179.95 -9.30 -38.31
C GLY H 182 180.26 -8.60 -39.62
N ARG H 183 180.07 -9.27 -40.76
CA ARG H 183 180.35 -8.69 -42.06
C ARG H 183 179.51 -7.44 -42.41
N ASP H 184 178.20 -7.46 -42.10
CA ASP H 184 177.31 -6.31 -42.27
C ASP H 184 177.68 -5.12 -41.35
N LEU H 185 178.13 -5.41 -40.11
CA LEU H 185 178.74 -4.40 -39.24
C LEU H 185 180.03 -3.82 -39.77
N THR H 186 180.88 -4.63 -40.43
CA THR H 186 182.06 -4.15 -41.16
C THR H 186 181.71 -3.21 -42.31
N ASP H 187 180.71 -3.55 -43.16
CA ASP H 187 180.22 -2.71 -44.26
C ASP H 187 179.59 -1.42 -43.74
N TYR H 188 178.81 -1.45 -42.63
CA TYR H 188 178.36 -0.28 -41.92
C TYR H 188 179.50 0.58 -41.38
N LEU H 189 180.52 -0.08 -40.79
CA LEU H 189 181.66 0.62 -40.20
C LEU H 189 182.50 1.37 -41.19
N MET H 190 182.88 0.79 -42.33
CA MET H 190 183.62 1.50 -43.34
C MET H 190 182.80 2.63 -43.97
N LYS H 191 181.45 2.48 -44.04
CA LYS H 191 180.54 3.59 -44.35
C LYS H 191 180.50 4.71 -43.32
N ILE H 192 180.56 4.41 -42.00
CA ILE H 192 180.55 5.46 -40.99
C ILE H 192 181.94 6.06 -40.75
N LEU H 193 183.04 5.45 -41.21
CA LEU H 193 184.35 6.12 -41.20
C LEU H 193 184.48 7.25 -42.22
N THR H 194 183.71 7.19 -43.33
CA THR H 194 183.82 8.14 -44.45
C THR H 194 183.46 9.56 -44.09
N GLU H 195 182.54 9.76 -43.11
CA GLU H 195 182.14 11.07 -42.62
C GLU H 195 183.28 11.73 -41.84
N ARG H 196 184.27 10.93 -41.39
CA ARG H 196 185.44 11.43 -40.70
C ARG H 196 186.60 11.75 -41.67
N GLY H 197 186.47 11.33 -42.95
CA GLY H 197 187.43 11.55 -44.02
C GLY H 197 188.27 10.35 -44.37
N TYR H 198 188.17 9.26 -43.58
CA TYR H 198 188.92 8.04 -43.87
C TYR H 198 188.13 7.15 -44.80
N SER H 199 188.68 6.83 -45.97
CA SER H 199 187.94 6.15 -47.01
C SER H 199 188.62 4.87 -47.32
N PHE H 200 187.93 3.75 -47.06
CA PHE H 200 188.46 2.43 -47.24
C PHE H 200 187.59 1.80 -48.27
N VAL H 201 188.12 1.57 -49.48
CA VAL H 201 187.30 1.34 -50.66
C VAL H 201 187.44 -0.07 -51.17
N THR H 202 188.43 -0.84 -50.66
CA THR H 202 188.87 -2.08 -51.31
C THR H 202 188.88 -3.19 -50.28
N THR H 203 188.87 -4.46 -50.71
CA THR H 203 188.81 -5.66 -49.87
C THR H 203 189.92 -5.81 -48.85
N ALA H 204 191.16 -5.44 -49.24
CA ALA H 204 192.32 -5.47 -48.38
C ALA H 204 192.21 -4.61 -47.11
N GLU H 205 191.77 -3.33 -47.20
CA GLU H 205 191.57 -2.50 -46.03
C GLU H 205 190.18 -2.65 -45.42
N ARG H 206 189.24 -3.35 -46.08
CA ARG H 206 188.02 -3.85 -45.49
C ARG H 206 188.29 -4.84 -44.36
N GLU H 207 189.34 -5.67 -44.50
CA GLU H 207 189.85 -6.47 -43.42
C GLU H 207 190.65 -5.71 -42.37
N ILE H 208 191.24 -4.54 -42.72
CA ILE H 208 191.75 -3.60 -41.73
C ILE H 208 190.65 -2.99 -40.83
N VAL H 209 189.48 -2.58 -41.36
CA VAL H 209 188.37 -2.19 -40.49
C VAL H 209 187.73 -3.33 -39.75
N ARG H 210 187.81 -4.57 -40.28
CA ARG H 210 187.44 -5.74 -39.51
C ARG H 210 188.31 -5.90 -38.26
N ASP H 211 189.66 -5.76 -38.37
CA ASP H 211 190.62 -5.75 -37.25
C ASP H 211 190.37 -4.60 -36.25
N ILE H 212 190.02 -3.39 -36.74
CA ILE H 212 189.65 -2.26 -35.89
C ILE H 212 188.47 -2.59 -35.02
N LYS H 213 187.41 -3.12 -35.66
CA LYS H 213 186.17 -3.47 -35.04
C LYS H 213 186.27 -4.64 -34.06
N GLU H 214 187.17 -5.61 -34.32
CA GLU H 214 187.56 -6.71 -33.44
C GLU H 214 188.20 -6.27 -32.11
N LYS H 215 188.75 -5.03 -32.01
CA LYS H 215 189.20 -4.53 -30.72
C LYS H 215 188.61 -3.19 -30.30
N LEU H 216 188.59 -2.16 -31.16
CA LEU H 216 188.20 -0.83 -30.71
C LEU H 216 186.74 -0.74 -30.35
N CYS H 217 185.85 -1.29 -31.20
CA CYS H 217 184.42 -1.23 -31.03
C CYS H 217 183.90 -1.78 -29.70
N TYR H 218 182.87 -1.14 -29.12
CA TYR H 218 182.23 -1.70 -27.95
C TYR H 218 180.77 -1.34 -28.03
N VAL H 219 179.92 -1.94 -27.18
CA VAL H 219 178.50 -1.64 -27.14
C VAL H 219 178.17 -0.76 -25.96
N ALA H 220 177.46 0.36 -26.19
CA ALA H 220 176.96 1.24 -25.18
C ALA H 220 175.93 0.63 -24.23
N LEU H 221 176.09 0.89 -22.90
CA LEU H 221 175.12 0.47 -21.90
C LEU H 221 173.94 1.40 -21.87
N ASP H 222 174.10 2.60 -22.47
CA ASP H 222 172.99 3.27 -23.06
C ASP H 222 173.55 4.05 -24.24
N PHE H 223 172.95 3.94 -25.44
CA PHE H 223 173.44 4.52 -26.69
C PHE H 223 173.39 6.03 -26.65
N GLU H 224 172.23 6.63 -26.28
CA GLU H 224 172.02 8.06 -26.26
C GLU H 224 172.90 8.75 -25.25
N ASN H 225 173.06 8.16 -24.05
CA ASN H 225 173.95 8.67 -23.01
C ASN H 225 175.41 8.73 -23.47
N GLU H 226 175.91 7.65 -24.10
CA GLU H 226 177.25 7.64 -24.65
C GLU H 226 177.46 8.55 -25.85
N MET H 227 176.45 8.66 -26.73
CA MET H 227 176.42 9.66 -27.78
C MET H 227 176.35 11.12 -27.34
N ALA H 228 175.64 11.41 -26.23
CA ALA H 228 175.68 12.69 -25.57
C ALA H 228 177.06 13.06 -24.98
N THR H 229 177.74 12.11 -24.30
CA THR H 229 179.08 12.35 -23.72
C THR H 229 180.16 12.37 -24.80
N ALA H 230 179.88 11.93 -26.05
CA ALA H 230 180.73 12.19 -27.20
C ALA H 230 180.90 13.67 -27.58
N ALA H 231 180.10 14.61 -27.00
CA ALA H 231 180.37 16.04 -27.13
C ALA H 231 181.70 16.46 -26.48
N SER H 232 182.03 15.94 -25.28
CA SER H 232 183.31 16.16 -24.63
C SER H 232 184.21 14.98 -24.90
N SER H 233 184.88 14.97 -26.07
CA SER H 233 185.69 13.83 -26.45
C SER H 233 186.97 13.71 -25.65
N SER H 234 187.10 12.58 -24.93
CA SER H 234 188.27 12.28 -24.12
C SER H 234 188.58 10.79 -24.26
N SER H 235 187.81 9.92 -23.58
CA SER H 235 188.08 8.47 -23.60
C SER H 235 187.47 7.73 -24.78
N LEU H 236 186.52 8.37 -25.48
CA LEU H 236 185.77 7.75 -26.55
C LEU H 236 186.54 7.76 -27.84
N GLU H 237 187.51 8.67 -28.00
CA GLU H 237 188.47 8.64 -29.07
C GLU H 237 189.53 7.62 -28.77
N LYS H 238 189.95 6.87 -29.78
CA LYS H 238 191.13 6.04 -29.70
C LYS H 238 191.86 6.22 -30.98
N SER H 239 193.17 6.46 -30.84
CA SER H 239 194.18 6.34 -31.87
C SER H 239 194.32 4.88 -32.29
N TYR H 240 194.31 4.61 -33.60
CA TYR H 240 194.57 3.34 -34.21
C TYR H 240 195.65 3.53 -35.25
N GLU H 241 196.60 2.59 -35.32
CA GLU H 241 197.70 2.58 -36.25
C GLU H 241 197.33 1.69 -37.44
N LEU H 242 197.38 2.20 -38.68
CA LEU H 242 197.24 1.37 -39.87
C LEU H 242 198.56 0.70 -40.22
N PRO H 243 198.59 -0.40 -40.97
CA PRO H 243 199.84 -0.97 -41.49
C PRO H 243 200.60 -0.05 -42.43
N ASP H 244 199.93 0.95 -43.07
CA ASP H 244 200.53 2.02 -43.84
C ASP H 244 201.43 2.94 -42.96
N GLY H 245 201.08 3.11 -41.66
CA GLY H 245 201.72 4.07 -40.76
C GLY H 245 200.89 5.31 -40.59
N GLN H 246 199.74 5.35 -41.29
CA GLN H 246 198.69 6.30 -41.03
C GLN H 246 197.94 6.06 -39.73
N VAL H 247 197.54 7.14 -39.04
CA VAL H 247 196.89 7.07 -37.76
C VAL H 247 195.47 7.48 -37.97
N ILE H 248 194.54 6.75 -37.34
CA ILE H 248 193.11 6.93 -37.39
C ILE H 248 192.65 7.23 -35.99
N THR H 249 191.72 8.18 -35.83
CA THR H 249 191.25 8.62 -34.53
C THR H 249 189.75 8.53 -34.56
N ILE H 250 189.13 7.59 -33.83
CA ILE H 250 187.70 7.27 -33.94
C ILE H 250 186.97 7.51 -32.62
N GLY H 251 185.94 8.39 -32.64
CA GLY H 251 185.21 8.82 -31.44
C GLY H 251 183.93 8.06 -31.24
N ASN H 252 182.78 8.73 -31.42
CA ASN H 252 181.45 8.16 -31.23
C ASN H 252 181.05 7.09 -32.23
N GLU H 253 181.66 7.18 -33.41
CA GLU H 253 181.66 6.29 -34.53
C GLU H 253 182.02 4.87 -34.14
N ARG H 254 182.94 4.71 -33.17
CA ARG H 254 183.30 3.46 -32.58
C ARG H 254 182.14 2.64 -31.99
N PHE H 255 181.30 3.20 -31.07
CA PHE H 255 180.32 2.38 -30.36
C PHE H 255 178.99 2.31 -31.09
N ARG H 256 178.71 3.23 -32.04
CA ARG H 256 177.51 3.13 -32.82
C ARG H 256 177.57 2.11 -33.94
N CYS H 257 178.76 1.57 -34.27
CA CYS H 257 178.82 0.39 -35.13
C CYS H 257 178.20 -0.85 -34.48
N PRO H 258 178.50 -1.34 -33.28
CA PRO H 258 177.77 -2.48 -32.74
C PRO H 258 176.32 -2.18 -32.37
N GLU H 259 175.95 -0.89 -32.20
CA GLU H 259 174.59 -0.43 -31.91
C GLU H 259 173.61 -0.89 -32.98
N THR H 260 174.06 -1.04 -34.24
CA THR H 260 173.31 -1.59 -35.37
C THR H 260 172.62 -2.92 -35.08
N LEU H 261 173.20 -3.80 -34.23
CA LEU H 261 172.57 -5.05 -33.80
C LEU H 261 171.24 -4.84 -33.07
N PHE H 262 171.12 -3.72 -32.36
CA PHE H 262 169.99 -3.35 -31.53
C PHE H 262 169.12 -2.30 -32.22
N GLN H 263 169.60 -1.74 -33.37
CA GLN H 263 168.91 -0.74 -34.17
C GLN H 263 169.17 -1.00 -35.67
N PRO H 264 168.59 -2.02 -36.32
CA PRO H 264 168.80 -2.28 -37.76
C PRO H 264 168.17 -1.24 -38.63
N SER H 265 167.47 -0.24 -38.13
CA SER H 265 167.11 0.97 -38.86
C SER H 265 168.31 1.76 -39.36
N PHE H 266 169.48 1.67 -38.68
CA PHE H 266 170.77 2.24 -39.10
C PHE H 266 171.33 1.61 -40.36
N ILE H 267 171.19 0.28 -40.49
CA ILE H 267 171.56 -0.43 -41.71
C ILE H 267 170.48 -0.25 -42.80
N GLY H 268 169.21 0.06 -42.40
CA GLY H 268 168.08 0.29 -43.30
C GLY H 268 167.17 -0.90 -43.44
N MET H 269 167.39 -1.94 -42.62
CA MET H 269 166.54 -3.11 -42.60
C MET H 269 165.48 -2.97 -41.52
N GLU H 270 164.25 -3.42 -41.82
CA GLU H 270 163.16 -3.40 -40.85
C GLU H 270 163.30 -4.44 -39.76
N SER H 271 163.91 -5.59 -40.12
CA SER H 271 164.15 -6.75 -39.28
C SER H 271 164.60 -6.38 -37.90
N ALA H 272 163.87 -6.84 -36.86
CA ALA H 272 164.05 -6.35 -35.51
C ALA H 272 165.45 -6.54 -34.94
N GLY H 273 165.86 -5.69 -33.97
CA GLY H 273 167.11 -5.87 -33.24
C GLY H 273 167.22 -7.22 -32.58
N ILE H 274 168.44 -7.62 -32.22
CA ILE H 274 168.73 -8.95 -31.71
C ILE H 274 168.04 -9.34 -30.40
N HIS H 275 167.72 -8.37 -29.53
CA HIS H 275 166.97 -8.59 -28.32
C HIS H 275 165.48 -8.84 -28.59
N GLU H 276 164.84 -8.09 -29.52
CA GLU H 276 163.49 -8.38 -29.97
C GLU H 276 163.39 -9.70 -30.74
N THR H 277 164.41 -10.09 -31.54
CA THR H 277 164.45 -11.44 -32.15
C THR H 277 164.46 -12.54 -31.12
N THR H 278 165.23 -12.39 -30.02
CA THR H 278 165.21 -13.30 -28.88
C THR H 278 163.84 -13.38 -28.21
N TYR H 279 163.14 -12.24 -28.03
CA TYR H 279 161.75 -12.20 -27.59
C TYR H 279 160.82 -12.93 -28.56
N ASN H 280 160.98 -12.72 -29.88
CA ASN H 280 160.24 -13.36 -30.95
C ASN H 280 160.38 -14.89 -30.90
N SER H 281 161.62 -15.41 -30.68
CA SER H 281 161.86 -16.83 -30.45
C SER H 281 161.23 -17.37 -29.17
N ILE H 282 161.41 -16.70 -28.01
CA ILE H 282 160.85 -17.09 -26.70
C ILE H 282 159.32 -17.04 -26.67
N MET H 283 158.70 -16.03 -27.28
CA MET H 283 157.26 -15.93 -27.46
C MET H 283 156.65 -17.01 -28.31
N LYS H 284 157.38 -17.55 -29.29
CA LYS H 284 156.90 -18.67 -30.06
C LYS H 284 156.96 -19.98 -29.32
N CYS H 285 157.71 -20.05 -28.20
CA CYS H 285 157.80 -21.22 -27.36
C CYS H 285 156.61 -21.36 -26.45
N ASP H 286 156.37 -22.59 -25.96
CA ASP H 286 155.34 -22.89 -24.98
C ASP H 286 155.50 -22.09 -23.70
N ILE H 287 154.37 -21.73 -23.05
CA ILE H 287 154.33 -20.87 -21.87
C ILE H 287 155.19 -21.38 -20.72
N ASP H 288 155.14 -22.70 -20.46
CA ASP H 288 155.76 -23.39 -19.34
C ASP H 288 157.29 -23.21 -19.29
N ILE H 289 157.96 -23.41 -20.45
CA ILE H 289 159.41 -23.45 -20.45
C ILE H 289 160.04 -22.07 -20.40
N ARG H 290 159.29 -21.00 -20.75
CA ARG H 290 159.89 -19.69 -20.94
C ARG H 290 160.72 -19.16 -19.79
N LYS H 291 160.37 -19.54 -18.54
CA LYS H 291 161.06 -19.14 -17.32
C LYS H 291 162.56 -19.42 -17.32
N ASP H 292 163.01 -20.59 -17.84
CA ASP H 292 164.41 -20.93 -17.84
C ASP H 292 165.08 -20.38 -19.09
N LEU H 293 164.38 -20.24 -20.23
CA LEU H 293 164.90 -19.62 -21.44
C LEU H 293 165.28 -18.17 -21.29
N TYR H 294 164.47 -17.41 -20.53
CA TYR H 294 164.83 -16.09 -20.04
C TYR H 294 166.10 -16.12 -19.18
N ALA H 295 166.25 -17.11 -18.28
CA ALA H 295 167.38 -17.17 -17.38
C ALA H 295 168.61 -17.94 -17.91
N ASN H 296 168.58 -18.50 -19.13
CA ASN H 296 169.63 -19.39 -19.64
C ASN H 296 169.95 -19.00 -21.08
N ASN H 297 169.86 -17.71 -21.45
CA ASN H 297 170.34 -17.21 -22.73
C ASN H 297 171.87 -17.39 -22.88
N VAL H 298 172.29 -18.10 -23.94
CA VAL H 298 173.68 -18.38 -24.23
C VAL H 298 174.05 -17.57 -25.46
N MET H 299 175.09 -16.75 -25.37
CA MET H 299 175.68 -16.10 -26.52
C MET H 299 176.80 -16.94 -27.10
N SER H 300 176.86 -17.06 -28.43
CA SER H 300 177.93 -17.74 -29.11
C SER H 300 178.34 -16.95 -30.32
N GLY H 301 179.48 -17.36 -30.91
CA GLY H 301 179.94 -16.83 -32.18
C GLY H 301 180.92 -15.71 -32.05
N GLY H 302 181.47 -15.25 -33.19
CA GLY H 302 182.48 -14.20 -33.16
C GLY H 302 181.98 -12.81 -32.96
N THR H 303 180.73 -12.46 -33.34
CA THR H 303 180.25 -11.08 -33.27
C THR H 303 179.41 -10.87 -32.00
N THR H 304 179.47 -11.82 -31.02
CA THR H 304 179.09 -11.58 -29.63
C THR H 304 180.30 -11.28 -28.79
N MET H 305 181.50 -11.13 -29.39
CA MET H 305 182.68 -10.82 -28.60
C MET H 305 182.80 -9.39 -28.10
N TYR H 306 182.10 -8.39 -28.68
CA TYR H 306 182.25 -6.99 -28.30
C TYR H 306 182.03 -6.75 -26.81
N PRO H 307 182.86 -6.00 -26.10
CA PRO H 307 182.63 -5.61 -24.72
C PRO H 307 181.28 -4.94 -24.48
N GLY H 308 180.53 -5.39 -23.46
CA GLY H 308 179.26 -4.77 -23.05
C GLY H 308 178.02 -5.26 -23.79
N ILE H 309 178.13 -6.23 -24.73
CA ILE H 309 176.93 -6.82 -25.38
C ILE H 309 176.00 -7.50 -24.39
N ALA H 310 176.56 -8.32 -23.47
CA ALA H 310 175.81 -9.07 -22.48
C ALA H 310 175.00 -8.20 -21.55
N ASP H 311 175.57 -7.09 -21.06
CA ASP H 311 174.92 -6.09 -20.24
C ASP H 311 173.80 -5.36 -20.97
N ARG H 312 174.02 -4.97 -22.25
CA ARG H 312 173.00 -4.34 -23.06
C ARG H 312 171.81 -5.26 -23.34
N MET H 313 172.06 -6.53 -23.72
CA MET H 313 171.02 -7.54 -23.89
C MET H 313 170.24 -7.79 -22.61
N GLN H 314 170.95 -7.85 -21.46
CA GLN H 314 170.32 -7.99 -20.17
C GLN H 314 169.40 -6.86 -19.82
N LYS H 315 169.84 -5.60 -20.01
CA LYS H 315 168.99 -4.45 -19.73
C LYS H 315 167.75 -4.37 -20.63
N GLU H 316 167.89 -4.67 -21.95
CA GLU H 316 166.78 -4.63 -22.89
C GLU H 316 165.80 -5.76 -22.73
N ILE H 317 166.28 -7.02 -22.58
CA ILE H 317 165.38 -8.13 -22.34
C ILE H 317 164.67 -8.03 -21.01
N THR H 318 165.36 -7.61 -19.93
CA THR H 318 164.73 -7.31 -18.62
C THR H 318 163.71 -6.18 -18.71
N ALA H 319 163.98 -5.11 -19.48
CA ALA H 319 163.03 -4.03 -19.71
C ALA H 319 161.76 -4.44 -20.46
N LEU H 320 161.87 -5.29 -21.50
CA LEU H 320 160.74 -5.82 -22.25
C LEU H 320 159.96 -6.91 -21.55
N ALA H 321 160.64 -7.83 -20.86
CA ALA H 321 160.05 -9.00 -20.27
C ALA H 321 159.29 -8.70 -18.97
N PRO H 322 158.48 -9.61 -18.44
CA PRO H 322 158.09 -9.57 -17.05
C PRO H 322 159.27 -9.52 -16.07
N SER H 323 159.32 -8.51 -15.17
CA SER H 323 160.34 -8.39 -14.13
C SER H 323 160.02 -9.29 -12.93
N THR H 324 158.95 -10.12 -13.10
CA THR H 324 158.51 -11.21 -12.23
C THR H 324 159.57 -12.29 -12.13
N MET H 325 160.33 -12.52 -13.21
CA MET H 325 161.38 -13.50 -13.25
C MET H 325 162.71 -12.88 -13.62
N LYS H 326 163.80 -13.45 -13.09
CA LYS H 326 165.11 -12.90 -13.30
C LYS H 326 165.79 -13.41 -14.56
N ILE H 327 166.31 -12.46 -15.36
CA ILE H 327 166.86 -12.72 -16.66
C ILE H 327 168.36 -12.81 -16.51
N LYS H 328 168.90 -14.03 -16.33
CA LYS H 328 170.32 -14.26 -16.39
C LYS H 328 170.73 -14.53 -17.82
N ILE H 329 171.81 -13.89 -18.28
CA ILE H 329 172.42 -14.17 -19.56
C ILE H 329 173.74 -14.79 -19.21
N ILE H 330 174.05 -15.94 -19.81
CA ILE H 330 175.31 -16.61 -19.63
C ILE H 330 176.07 -16.49 -20.92
N ALA H 331 177.06 -15.60 -20.95
CA ALA H 331 177.89 -15.37 -22.10
C ALA H 331 179.32 -15.65 -21.68
N PRO H 332 179.92 -16.80 -21.95
CA PRO H 332 181.26 -17.11 -21.46
C PRO H 332 182.28 -16.26 -22.23
N PRO H 333 183.42 -15.77 -21.73
CA PRO H 333 184.61 -15.65 -22.57
C PRO H 333 184.97 -17.03 -23.14
N GLU H 334 185.66 -17.07 -24.30
CA GLU H 334 185.87 -18.28 -25.09
C GLU H 334 184.68 -18.59 -26.00
N ARG H 335 183.61 -17.75 -25.92
CA ARG H 335 182.36 -17.91 -26.67
C ARG H 335 182.51 -17.93 -28.18
N LYS H 336 183.63 -17.37 -28.70
CA LYS H 336 184.01 -17.39 -30.09
C LYS H 336 184.18 -18.81 -30.61
N TYR H 337 184.80 -19.71 -29.78
CA TYR H 337 185.16 -21.03 -30.24
C TYR H 337 184.13 -22.04 -29.79
N SER H 338 183.00 -21.60 -29.17
CA SER H 338 182.00 -22.48 -28.57
C SER H 338 181.39 -23.52 -29.48
N VAL H 339 181.13 -23.17 -30.77
CA VAL H 339 180.69 -24.10 -31.78
C VAL H 339 181.69 -25.22 -32.05
N TRP H 340 183.00 -24.90 -32.21
CA TRP H 340 184.03 -25.91 -32.41
C TRP H 340 184.19 -26.83 -31.20
N ILE H 341 184.18 -26.27 -29.96
CA ILE H 341 184.22 -27.04 -28.72
C ILE H 341 183.02 -27.95 -28.61
N GLY H 342 181.82 -27.47 -29.01
CA GLY H 342 180.65 -28.30 -29.08
C GLY H 342 180.69 -29.42 -30.07
N GLY H 343 181.44 -29.22 -31.16
CA GLY H 343 181.74 -30.27 -32.12
C GLY H 343 182.78 -31.26 -31.63
N SER H 344 183.78 -30.80 -30.85
CA SER H 344 184.78 -31.65 -30.19
C SER H 344 184.14 -32.60 -29.22
N ILE H 345 183.27 -32.08 -28.32
CA ILE H 345 182.55 -32.90 -27.35
C ILE H 345 181.62 -33.88 -28.03
N LEU H 346 180.87 -33.48 -29.08
CA LEU H 346 179.97 -34.39 -29.79
C LEU H 346 180.61 -35.59 -30.44
N ALA H 347 181.73 -35.39 -31.15
CA ALA H 347 182.43 -36.49 -31.79
C ALA H 347 183.19 -37.36 -30.80
N SER H 348 183.53 -36.83 -29.61
CA SER H 348 184.05 -37.60 -28.47
C SER H 348 183.00 -38.45 -27.75
N LEU H 349 181.69 -38.12 -27.88
CA LEU H 349 180.62 -38.94 -27.33
C LEU H 349 180.49 -40.32 -27.96
N SER H 350 180.49 -41.38 -27.12
CA SER H 350 180.48 -42.76 -27.57
C SER H 350 179.26 -43.18 -28.36
N THR H 351 178.05 -42.76 -27.90
CA THR H 351 176.77 -43.00 -28.61
C THR H 351 176.71 -42.35 -29.97
N PHE H 352 177.26 -41.14 -30.11
CA PHE H 352 177.31 -40.38 -31.35
C PHE H 352 178.05 -41.12 -32.46
N GLN H 353 179.03 -42.00 -32.09
CA GLN H 353 179.73 -42.85 -33.02
C GLN H 353 178.89 -43.88 -33.80
N GLN H 354 177.58 -44.02 -33.50
CA GLN H 354 176.66 -44.78 -34.32
C GLN H 354 175.75 -43.89 -35.19
N MET H 355 175.71 -42.56 -34.94
CA MET H 355 174.80 -41.66 -35.62
C MET H 355 175.50 -40.94 -36.76
N TRP H 356 176.78 -41.27 -37.02
CA TRP H 356 177.49 -40.78 -38.18
C TRP H 356 176.82 -41.16 -39.47
N ILE H 357 176.86 -40.27 -40.48
CA ILE H 357 176.49 -40.66 -41.81
C ILE H 357 177.65 -41.46 -42.35
N THR H 358 177.48 -42.78 -42.59
CA THR H 358 178.59 -43.58 -43.09
C THR H 358 178.79 -43.31 -44.56
N LYS H 359 180.01 -43.53 -45.07
CA LYS H 359 180.28 -43.52 -46.50
C LYS H 359 179.46 -44.54 -47.26
N GLN H 360 179.30 -45.76 -46.68
CA GLN H 360 178.50 -46.81 -47.24
C GLN H 360 177.03 -46.42 -47.45
N GLU H 361 176.39 -45.83 -46.40
CA GLU H 361 175.00 -45.40 -46.42
C GLU H 361 174.74 -44.30 -47.45
N TYR H 362 175.70 -43.35 -47.61
CA TYR H 362 175.74 -42.40 -48.70
C TYR H 362 175.84 -43.07 -50.08
N ASP H 363 176.75 -44.05 -50.28
CA ASP H 363 176.98 -44.69 -51.56
C ASP H 363 175.70 -45.44 -52.04
N GLU H 364 174.97 -46.15 -51.14
CA GLU H 364 173.65 -46.71 -51.43
C GLU H 364 172.53 -45.70 -51.64
N ALA H 365 172.37 -44.71 -50.75
CA ALA H 365 171.13 -43.97 -50.69
C ALA H 365 171.26 -42.52 -51.17
N GLY H 366 172.47 -42.08 -51.58
CA GLY H 366 172.73 -40.79 -52.19
C GLY H 366 172.86 -39.59 -51.28
N PRO H 367 173.12 -38.40 -51.84
CA PRO H 367 173.37 -37.18 -51.07
C PRO H 367 172.16 -36.67 -50.36
N SER H 368 170.94 -37.08 -50.73
CA SER H 368 169.71 -36.52 -50.20
C SER H 368 169.42 -36.93 -48.76
N ILE H 369 170.10 -38.00 -48.28
CA ILE H 369 169.93 -38.59 -46.98
C ILE H 369 170.35 -37.76 -45.81
N VAL H 370 170.99 -36.59 -46.04
CA VAL H 370 171.40 -35.68 -44.97
C VAL H 370 170.23 -35.34 -44.07
N HIS H 371 169.16 -34.80 -44.69
CA HIS H 371 167.97 -34.32 -44.00
C HIS H 371 167.16 -35.45 -43.36
N ARG H 372 167.17 -36.63 -43.99
CA ARG H 372 166.54 -37.84 -43.51
C ARG H 372 167.09 -38.39 -42.19
N LYS H 373 168.43 -38.37 -42.01
CA LYS H 373 169.05 -38.89 -40.82
C LYS H 373 169.27 -37.83 -39.76
N CYS H 374 169.82 -36.65 -40.15
CA CYS H 374 170.23 -35.60 -39.24
C CYS H 374 169.27 -34.43 -39.28
N PHE H 375 169.29 -33.61 -38.22
CA PHE H 375 168.61 -32.35 -38.15
C PHE H 375 169.39 -31.22 -38.93
N GLU I 2 166.13 45.53 -61.07
CA GLU I 2 165.64 44.50 -62.04
C GLU I 2 164.77 43.47 -61.36
N ASP I 3 163.95 42.72 -62.13
CA ASP I 3 163.08 41.69 -61.61
C ASP I 3 163.86 40.40 -61.57
N GLU I 4 163.58 39.58 -60.54
CA GLU I 4 164.17 38.26 -60.31
C GLU I 4 165.65 38.18 -60.00
N THR I 5 166.42 39.27 -60.28
CA THR I 5 167.83 39.51 -59.94
C THR I 5 168.82 38.70 -60.76
N THR I 6 168.34 37.96 -61.79
CA THR I 6 168.99 36.77 -62.38
C THR I 6 169.37 35.73 -61.31
N ALA I 7 170.30 34.81 -61.59
CA ALA I 7 170.90 34.02 -60.55
C ALA I 7 172.18 33.52 -61.17
N LEU I 8 173.11 32.99 -60.37
CA LEU I 8 174.37 32.45 -60.83
C LEU I 8 174.43 30.98 -60.58
N VAL I 9 175.06 30.25 -61.51
CA VAL I 9 175.15 28.81 -61.44
C VAL I 9 176.58 28.44 -61.69
N CYS I 10 177.15 27.58 -60.85
CA CYS I 10 178.48 27.01 -61.02
C CYS I 10 178.44 25.51 -60.83
N ASP I 11 178.95 24.75 -61.82
CA ASP I 11 179.29 23.35 -61.71
C ASP I 11 180.78 23.27 -61.45
N ASN I 12 181.14 22.71 -60.27
CA ASN I 12 182.45 22.21 -59.92
C ASN I 12 182.37 20.76 -59.49
N GLY I 13 182.15 19.83 -60.42
CA GLY I 13 182.95 18.60 -60.42
C GLY I 13 184.44 18.91 -60.65
N SER I 14 185.39 17.98 -60.38
CA SER I 14 186.80 18.17 -60.74
C SER I 14 187.05 18.47 -62.20
N GLY I 15 188.12 19.23 -62.51
CA GLY I 15 188.57 19.38 -63.89
C GLY I 15 188.11 20.64 -64.56
N LEU I 16 186.81 21.00 -64.50
CA LEU I 16 186.26 22.16 -65.18
C LEU I 16 185.29 22.90 -64.28
N VAL I 17 185.42 24.24 -64.23
CA VAL I 17 184.40 25.11 -63.73
C VAL I 17 183.51 25.38 -64.90
N LYS I 18 182.21 25.12 -64.78
CA LYS I 18 181.24 25.61 -65.73
C LYS I 18 180.38 26.60 -65.03
N ALA I 19 180.38 27.87 -65.48
CA ALA I 19 179.70 28.93 -64.79
C ALA I 19 179.05 29.93 -65.72
N GLY I 20 177.97 30.57 -65.26
CA GLY I 20 177.28 31.54 -66.05
C GLY I 20 176.06 31.98 -65.31
N PHE I 21 175.19 32.71 -66.01
CA PHE I 21 173.91 33.14 -65.49
C PHE I 21 172.91 32.01 -65.60
N ALA I 22 172.10 31.82 -64.55
CA ALA I 22 170.84 31.12 -64.61
C ALA I 22 169.87 31.83 -65.53
N GLY I 23 169.09 31.08 -66.33
CA GLY I 23 168.19 31.68 -67.30
C GLY I 23 168.72 31.74 -68.69
N ASP I 24 169.90 31.15 -68.95
CA ASP I 24 170.51 31.04 -70.25
C ASP I 24 170.72 29.55 -70.54
N ASP I 25 170.76 29.16 -71.83
CA ASP I 25 170.91 27.80 -72.32
C ASP I 25 172.35 27.31 -72.25
N ALA I 26 173.34 28.22 -72.26
CA ALA I 26 174.73 27.83 -72.15
C ALA I 26 175.53 28.70 -71.17
N PRO I 27 176.53 28.15 -70.47
CA PRO I 27 177.38 28.91 -69.56
C PRO I 27 178.24 29.88 -70.35
N ARG I 28 178.50 31.08 -69.79
CA ARG I 28 179.42 32.01 -70.39
C ARG I 28 180.86 31.55 -70.28
N ALA I 29 181.26 31.01 -69.11
CA ALA I 29 182.63 30.68 -68.82
C ALA I 29 182.77 29.23 -68.51
N VAL I 30 183.65 28.55 -69.22
CA VAL I 30 184.02 27.19 -68.94
C VAL I 30 185.53 27.16 -69.00
N PHE I 31 186.20 26.73 -67.94
CA PHE I 31 187.65 26.71 -67.94
C PHE I 31 188.14 25.61 -67.02
N PRO I 32 189.38 25.14 -67.15
CA PRO I 32 189.93 24.12 -66.27
C PRO I 32 190.16 24.57 -64.85
N SER I 33 189.72 23.77 -63.88
CA SER I 33 189.88 24.02 -62.46
C SER I 33 191.26 23.71 -61.97
N ILE I 34 192.24 24.56 -62.28
CA ILE I 34 193.63 24.30 -61.99
C ILE I 34 194.23 25.52 -61.41
N VAL I 35 195.12 25.31 -60.43
CA VAL I 35 195.90 26.32 -59.80
C VAL I 35 197.30 25.90 -60.11
N GLY I 36 197.99 26.69 -60.95
CA GLY I 36 199.34 26.40 -61.37
C GLY I 36 200.33 27.35 -60.82
N ARG I 37 201.34 26.83 -60.11
CA ARG I 37 202.28 27.64 -59.35
C ARG I 37 203.62 27.66 -60.05
N PRO I 38 204.30 28.81 -60.25
CA PRO I 38 205.70 28.85 -60.65
C PRO I 38 206.63 28.03 -59.75
N ARG I 39 206.96 26.81 -60.17
CA ARG I 39 207.90 25.92 -59.52
C ARG I 39 209.34 26.41 -59.70
N HIS I 40 209.69 26.93 -60.90
CA HIS I 40 211.03 27.41 -61.20
C HIS I 40 211.12 28.86 -60.77
N GLN I 41 212.14 29.21 -59.98
CA GLN I 41 212.39 30.60 -59.63
C GLN I 41 212.74 31.43 -60.85
N GLY I 42 212.03 32.56 -61.04
CA GLY I 42 212.21 33.40 -62.20
C GLY I 42 213.32 34.39 -62.00
N VAL I 43 214.11 34.67 -63.05
CA VAL I 43 215.20 35.63 -62.96
C VAL I 43 215.09 36.59 -64.12
N MET I 44 214.42 37.71 -63.89
CA MET I 44 214.32 38.86 -64.74
C MET I 44 213.95 39.93 -63.75
N VAL I 45 213.57 41.13 -64.20
CA VAL I 45 212.96 42.16 -63.37
C VAL I 45 211.74 42.59 -64.14
N GLY I 46 210.61 42.93 -63.46
CA GLY I 46 209.38 43.31 -64.15
C GLY I 46 208.58 42.14 -64.69
N MET I 47 208.72 40.98 -64.03
CA MET I 47 207.82 39.87 -64.21
C MET I 47 206.78 39.97 -63.13
N GLY I 48 205.53 39.64 -63.49
CA GLY I 48 204.46 39.26 -62.58
C GLY I 48 204.30 40.04 -61.28
N GLN I 49 204.77 39.54 -60.11
CA GLN I 49 205.31 38.21 -59.89
C GLN I 49 204.25 37.15 -60.08
N LYS I 50 203.06 37.40 -59.48
CA LYS I 50 201.90 36.51 -59.50
C LYS I 50 202.20 35.15 -58.87
N ASP I 51 201.83 34.93 -57.59
CA ASP I 51 202.08 33.72 -56.81
C ASP I 51 201.59 32.45 -57.52
N SER I 52 200.48 32.57 -58.27
CA SER I 52 199.89 31.44 -58.93
C SER I 52 198.98 31.94 -60.00
N TYR I 53 198.69 31.07 -60.99
CA TYR I 53 197.82 31.31 -62.13
C TYR I 53 196.66 30.36 -62.04
N VAL I 54 195.47 30.80 -62.45
CA VAL I 54 194.22 30.08 -62.30
C VAL I 54 193.54 30.03 -63.64
N GLY I 55 192.83 28.94 -63.95
CA GLY I 55 192.04 28.84 -65.16
C GLY I 55 192.85 28.50 -66.39
N ASP I 56 192.38 28.84 -67.60
CA ASP I 56 193.06 28.61 -68.84
C ASP I 56 194.31 29.48 -69.06
N GLU I 57 194.56 30.50 -68.21
CA GLU I 57 195.85 31.17 -68.04
C GLU I 57 196.99 30.18 -67.73
N ALA I 58 196.73 29.22 -66.81
CA ALA I 58 197.60 28.12 -66.45
C ALA I 58 197.84 27.14 -67.61
N GLN I 59 196.81 26.87 -68.44
CA GLN I 59 196.94 26.10 -69.68
C GLN I 59 197.89 26.73 -70.68
N SER I 60 197.80 28.06 -70.86
CA SER I 60 198.69 28.85 -71.73
C SER I 60 200.12 28.84 -71.25
N LYS I 61 200.34 29.08 -69.94
CA LYS I 61 201.67 29.09 -69.35
C LYS I 61 201.89 27.79 -68.61
N ARG I 62 201.92 26.65 -69.31
CA ARG I 62 201.91 25.36 -68.65
C ARG I 62 203.25 24.85 -68.16
N GLY I 63 204.32 25.09 -68.95
CA GLY I 63 205.62 24.44 -68.78
C GLY I 63 206.41 24.84 -67.56
N ILE I 64 206.22 26.10 -67.14
CA ILE I 64 206.80 26.67 -65.92
C ILE I 64 206.15 26.09 -64.68
N LEU I 65 204.82 25.97 -64.75
CA LEU I 65 203.95 25.71 -63.64
C LEU I 65 203.97 24.25 -63.25
N THR I 66 203.80 24.00 -61.96
CA THR I 66 203.25 22.73 -61.53
C THR I 66 201.79 23.01 -61.34
N LEU I 67 200.90 22.12 -61.82
CA LEU I 67 199.47 22.29 -61.75
C LEU I 67 198.92 21.41 -60.69
N LYS I 68 198.03 21.98 -59.87
CA LYS I 68 197.37 21.25 -58.84
C LYS I 68 195.88 21.35 -59.10
N TYR I 69 195.22 20.20 -59.35
CA TYR I 69 193.77 20.11 -59.29
C TYR I 69 193.36 20.24 -57.82
N PRO I 70 192.45 21.14 -57.42
CA PRO I 70 192.14 21.33 -56.01
C PRO I 70 191.03 20.39 -55.62
N ILE I 71 190.32 19.79 -56.59
CA ILE I 71 189.24 18.86 -56.31
C ILE I 71 189.70 17.50 -56.79
N GLU I 72 189.69 16.49 -55.90
CA GLU I 72 189.93 15.12 -56.27
C GLU I 72 188.81 14.27 -55.77
N HIS I 73 188.22 13.47 -56.66
CA HIS I 73 187.14 12.53 -56.37
C HIS I 73 185.86 13.17 -55.86
N GLY I 74 185.58 14.41 -56.32
CA GLY I 74 184.50 15.26 -55.82
C GLY I 74 184.83 15.94 -54.51
N ILE I 75 186.03 15.71 -53.94
CA ILE I 75 186.45 16.23 -52.66
C ILE I 75 187.38 17.39 -52.90
N ILE I 76 187.14 18.56 -52.29
CA ILE I 76 188.13 19.61 -52.32
C ILE I 76 189.27 19.27 -51.40
N THR I 77 190.48 19.08 -51.98
CA THR I 77 191.72 18.83 -51.26
C THR I 77 192.24 20.08 -50.60
N ASN I 78 192.19 21.20 -51.36
CA ASN I 78 192.72 22.47 -50.93
C ASN I 78 191.69 23.60 -51.11
N TRP I 79 191.29 24.24 -50.00
CA TRP I 79 190.23 25.22 -49.94
C TRP I 79 190.55 26.59 -50.49
N ASP I 80 191.79 27.09 -50.23
CA ASP I 80 192.28 28.37 -50.72
C ASP I 80 192.35 28.34 -52.23
N ASP I 81 192.86 27.26 -52.82
CA ASP I 81 192.87 26.99 -54.25
C ASP I 81 191.45 26.99 -54.87
N MET I 82 190.42 26.38 -54.23
CA MET I 82 189.03 26.50 -54.64
C MET I 82 188.45 27.91 -54.58
N GLU I 83 188.75 28.64 -53.49
CA GLU I 83 188.37 30.03 -53.34
C GLU I 83 188.96 30.89 -54.45
N LYS I 84 190.26 30.70 -54.78
CA LYS I 84 190.92 31.34 -55.90
C LYS I 84 190.27 31.06 -57.25
N ILE I 85 189.84 29.80 -57.49
CA ILE I 85 189.08 29.45 -58.68
C ILE I 85 187.75 30.16 -58.77
N TRP I 86 186.95 30.19 -57.70
CA TRP I 86 185.74 30.97 -57.66
C TRP I 86 185.98 32.47 -57.74
N HIS I 87 187.06 33.00 -57.13
CA HIS I 87 187.43 34.39 -57.31
C HIS I 87 187.68 34.78 -58.76
N HIS I 88 188.40 33.88 -59.50
CA HIS I 88 188.61 33.94 -60.93
C HIS I 88 187.28 33.90 -61.70
N THR I 89 186.31 32.98 -61.40
CA THR I 89 185.01 32.93 -62.12
C THR I 89 184.23 34.23 -62.08
N PHE I 90 184.10 34.79 -60.87
CA PHE I 90 183.27 35.94 -60.63
C PHE I 90 183.88 37.21 -61.13
N TYR I 91 185.17 37.46 -60.82
CA TYR I 91 185.79 38.71 -61.18
C TYR I 91 186.43 38.68 -62.54
N ASN I 92 187.18 37.62 -62.92
CA ASN I 92 187.88 37.56 -64.20
C ASN I 92 186.93 37.35 -65.38
N GLU I 93 185.96 36.40 -65.29
CA GLU I 93 185.06 36.13 -66.40
C GLU I 93 183.75 36.86 -66.30
N LEU I 94 182.95 36.58 -65.27
CA LEU I 94 181.56 37.01 -65.29
C LEU I 94 181.35 38.46 -64.97
N ARG I 95 182.28 39.04 -64.19
CA ARG I 95 182.35 40.43 -63.77
C ARG I 95 181.15 40.86 -62.97
N VAL I 96 180.82 40.04 -61.96
CA VAL I 96 179.64 40.20 -61.15
C VAL I 96 180.10 40.47 -59.75
N ALA I 97 179.29 41.18 -58.95
CA ALA I 97 179.43 41.20 -57.52
C ALA I 97 178.53 40.06 -57.01
N PRO I 98 179.00 39.00 -56.33
CA PRO I 98 178.12 37.96 -55.79
C PRO I 98 177.06 38.49 -54.83
N GLU I 99 177.23 39.66 -54.17
CA GLU I 99 176.22 40.34 -53.37
C GLU I 99 174.94 40.62 -54.13
N GLU I 100 175.03 40.74 -55.46
CA GLU I 100 173.92 41.08 -56.32
C GLU I 100 173.26 39.85 -56.91
N HIS I 101 173.72 38.60 -56.60
CA HIS I 101 173.15 37.43 -57.24
C HIS I 101 173.00 36.25 -56.30
N PRO I 102 171.91 35.50 -56.19
CA PRO I 102 171.94 34.18 -55.59
C PRO I 102 172.77 33.16 -56.38
N THR I 103 173.57 32.28 -55.73
CA THR I 103 174.51 31.39 -56.41
C THR I 103 174.19 29.93 -56.18
N LEU I 104 173.95 29.15 -57.24
CA LEU I 104 173.80 27.73 -57.20
C LEU I 104 175.12 27.05 -57.38
N LEU I 105 175.46 26.09 -56.52
CA LEU I 105 176.58 25.21 -56.69
C LEU I 105 176.07 23.82 -56.92
N THR I 106 176.72 23.10 -57.82
CA THR I 106 176.53 21.66 -57.91
C THR I 106 177.46 20.95 -56.96
N GLU I 107 177.17 19.69 -56.61
CA GLU I 107 178.02 18.88 -55.80
C GLU I 107 177.65 17.42 -56.03
N ALA I 108 178.60 16.51 -55.78
CA ALA I 108 178.46 15.11 -56.13
C ALA I 108 177.73 14.25 -55.09
N PRO I 109 176.95 13.21 -55.41
CA PRO I 109 176.43 12.27 -54.41
C PRO I 109 177.39 11.57 -53.48
N LEU I 110 176.88 11.22 -52.27
CA LEU I 110 177.55 10.41 -51.26
C LEU I 110 178.83 11.06 -50.85
N ASN I 111 178.86 12.40 -50.91
CA ASN I 111 180.04 13.18 -50.74
C ASN I 111 180.10 13.56 -49.27
N PRO I 112 181.27 13.50 -48.60
CA PRO I 112 181.49 14.07 -47.29
C PRO I 112 180.73 15.33 -46.96
N LYS I 113 180.13 15.38 -45.76
CA LYS I 113 179.34 16.49 -45.27
C LYS I 113 180.11 17.79 -45.20
N ALA I 114 181.41 17.67 -44.85
CA ALA I 114 182.37 18.73 -44.73
C ALA I 114 182.54 19.53 -46.00
N ASN I 115 182.50 18.91 -47.19
CA ASN I 115 182.51 19.66 -48.44
C ASN I 115 181.29 20.54 -48.59
N ARG I 116 180.05 20.04 -48.38
CA ARG I 116 178.85 20.87 -48.47
C ARG I 116 178.82 22.01 -47.45
N GLU I 117 179.13 21.70 -46.17
CA GLU I 117 179.18 22.63 -45.06
C GLU I 117 180.29 23.67 -45.14
N LYS I 118 181.51 23.28 -45.56
CA LYS I 118 182.57 24.23 -45.82
C LYS I 118 182.35 25.06 -47.08
N MET I 119 181.74 24.48 -48.14
CA MET I 119 181.37 25.16 -49.37
C MET I 119 180.40 26.32 -49.14
N THR I 120 179.36 26.08 -48.28
CA THR I 120 178.45 27.12 -47.81
C THR I 120 179.09 28.15 -46.93
N GLN I 121 179.98 27.74 -46.01
CA GLN I 121 180.74 28.63 -45.16
C GLN I 121 181.57 29.64 -45.95
N ILE I 122 182.27 29.16 -47.01
CA ILE I 122 182.96 30.04 -47.95
C ILE I 122 182.01 30.92 -48.75
N MET I 123 180.90 30.38 -49.27
CA MET I 123 180.00 31.23 -50.02
C MET I 123 179.42 32.35 -49.22
N PHE I 124 179.04 32.17 -47.96
CA PHE I 124 178.62 33.29 -47.16
C PHE I 124 179.72 34.20 -46.61
N GLU I 125 180.86 33.64 -46.16
CA GLU I 125 181.87 34.40 -45.42
C GLU I 125 183.13 34.70 -46.21
N THR I 126 183.08 34.52 -47.54
CA THR I 126 184.15 34.93 -48.45
C THR I 126 183.55 35.87 -49.46
N PHE I 127 182.68 35.39 -50.38
CA PHE I 127 182.03 36.27 -51.33
C PHE I 127 180.68 36.61 -50.76
N ASN I 128 180.45 37.78 -50.12
CA ASN I 128 179.19 38.03 -49.47
C ASN I 128 178.03 37.87 -50.46
N VAL I 129 176.99 37.05 -50.16
CA VAL I 129 176.04 36.64 -51.18
C VAL I 129 174.67 36.60 -50.52
N PRO I 130 173.53 36.98 -51.14
CA PRO I 130 172.23 36.98 -50.47
C PRO I 130 171.73 35.60 -50.18
N ALA I 131 172.05 34.63 -51.07
CA ALA I 131 171.52 33.31 -50.93
C ALA I 131 172.29 32.34 -51.79
N MET I 132 172.15 31.04 -51.49
CA MET I 132 172.82 30.02 -52.24
C MET I 132 172.10 28.72 -52.16
N TYR I 133 172.52 27.74 -52.95
CA TYR I 133 172.00 26.41 -52.84
C TYR I 133 173.13 25.49 -53.27
N VAL I 134 173.18 24.26 -52.73
CA VAL I 134 174.06 23.20 -53.16
C VAL I 134 173.12 22.13 -53.62
N ALA I 135 173.37 21.56 -54.81
CA ALA I 135 172.47 20.62 -55.41
C ALA I 135 173.22 19.44 -55.97
N ILE I 136 172.51 18.31 -56.08
CA ILE I 136 173.14 17.09 -56.53
C ILE I 136 173.34 17.08 -58.05
N GLN I 137 174.52 16.69 -58.57
CA GLN I 137 174.81 16.75 -60.01
C GLN I 137 173.86 16.00 -60.95
N ALA I 138 173.48 14.76 -60.58
CA ALA I 138 172.67 13.89 -61.39
C ALA I 138 171.24 14.35 -61.64
N VAL I 139 170.57 14.90 -60.61
CA VAL I 139 169.24 15.49 -60.73
C VAL I 139 169.22 16.68 -61.68
N LEU I 140 170.25 17.55 -61.65
CA LEU I 140 170.37 18.65 -62.58
C LEU I 140 170.46 18.20 -64.03
N SER I 141 171.27 17.16 -64.35
CA SER I 141 171.32 16.62 -65.70
C SER I 141 169.99 16.05 -66.19
N LEU I 142 169.24 15.39 -65.28
CA LEU I 142 167.91 14.90 -65.55
C LEU I 142 166.93 16.01 -65.94
N TYR I 143 166.93 17.14 -65.20
CA TYR I 143 166.19 18.35 -65.53
C TYR I 143 166.55 18.90 -66.90
N ALA I 144 167.86 18.96 -67.21
CA ALA I 144 168.37 19.42 -68.49
C ALA I 144 167.92 18.56 -69.66
N SER I 145 167.83 17.24 -69.45
CA SER I 145 167.30 16.30 -70.44
C SER I 145 165.78 16.38 -70.58
N GLY I 146 165.06 17.06 -69.65
CA GLY I 146 163.63 17.33 -69.75
C GLY I 146 162.76 16.16 -69.42
N ARG I 147 163.29 15.21 -68.64
CA ARG I 147 162.63 13.96 -68.34
C ARG I 147 162.35 13.92 -66.86
N THR I 148 161.28 13.26 -66.41
CA THR I 148 160.92 13.24 -65.01
C THR I 148 161.47 12.02 -64.30
N THR I 149 161.96 11.05 -65.10
CA THR I 149 162.32 9.70 -64.70
C THR I 149 163.51 9.28 -65.49
N GLY I 150 164.43 8.58 -64.83
CA GLY I 150 165.57 7.99 -65.45
C GLY I 150 166.56 7.60 -64.44
N ILE I 151 167.57 6.85 -64.87
CA ILE I 151 168.70 6.57 -64.04
C ILE I 151 169.82 7.34 -64.62
N VAL I 152 170.37 8.28 -63.85
CA VAL I 152 171.37 9.16 -64.35
C VAL I 152 172.73 8.61 -64.02
N LEU I 153 173.49 8.28 -65.07
CA LEU I 153 174.87 7.91 -64.99
C LEU I 153 175.68 9.17 -65.16
N ASP I 154 176.26 9.67 -64.07
CA ASP I 154 177.01 10.90 -64.01
C ASP I 154 178.44 10.41 -63.90
N SER I 155 179.27 10.78 -64.88
CA SER I 155 180.69 10.61 -64.71
C SER I 155 181.43 11.84 -65.19
N GLY I 156 182.05 12.56 -64.24
CA GLY I 156 182.91 13.69 -64.57
C GLY I 156 184.37 13.32 -64.58
N ASP I 157 185.25 14.32 -64.39
CA ASP I 157 186.66 14.10 -64.14
C ASP I 157 186.90 13.82 -62.66
N GLY I 158 185.90 14.13 -61.79
CA GLY I 158 185.97 13.90 -60.35
C GLY I 158 185.73 12.48 -59.99
N VAL I 159 184.47 12.01 -59.95
CA VAL I 159 184.16 10.62 -59.68
C VAL I 159 182.94 10.34 -60.53
N THR I 160 182.59 9.05 -60.73
CA THR I 160 181.38 8.49 -61.30
C THR I 160 180.33 8.26 -60.23
N HIS I 161 179.09 8.63 -60.51
CA HIS I 161 177.93 8.55 -59.66
C HIS I 161 176.75 8.04 -60.45
N ASN I 162 175.74 7.50 -59.77
CA ASN I 162 174.61 6.92 -60.41
C ASN I 162 173.45 7.19 -59.48
N VAL I 163 172.40 7.89 -59.94
CA VAL I 163 171.24 8.21 -59.13
C VAL I 163 170.00 7.77 -59.91
N PRO I 164 169.24 6.74 -59.51
CA PRO I 164 167.93 6.47 -60.07
C PRO I 164 166.90 7.41 -59.51
N ILE I 165 166.01 7.86 -60.37
CA ILE I 165 164.95 8.76 -60.04
C ILE I 165 163.69 8.17 -60.66
N TYR I 166 162.53 8.32 -60.01
CA TYR I 166 161.26 7.91 -60.56
C TYR I 166 160.21 8.97 -60.24
N GLU I 167 159.69 9.67 -61.27
CA GLU I 167 158.61 10.62 -61.20
C GLU I 167 158.92 11.80 -60.28
N GLY I 168 160.11 12.42 -60.49
CA GLY I 168 160.79 13.07 -59.38
C GLY I 168 161.25 12.01 -58.40
N TYR I 169 160.92 12.15 -57.09
CA TYR I 169 161.42 11.34 -55.99
C TYR I 169 162.94 11.13 -56.06
N ALA I 170 163.46 9.96 -55.64
CA ALA I 170 164.87 9.67 -55.54
C ALA I 170 164.98 8.49 -54.61
N LEU I 171 165.99 7.63 -54.79
CA LEU I 171 166.16 6.46 -53.95
C LEU I 171 167.52 6.46 -53.27
N PRO I 172 167.66 6.84 -51.99
CA PRO I 172 168.96 7.00 -51.34
C PRO I 172 169.79 5.74 -51.26
N HIS I 173 169.17 4.57 -51.00
CA HIS I 173 169.81 3.27 -50.92
C HIS I 173 170.31 2.78 -52.27
N ALA I 174 169.60 3.15 -53.36
CA ALA I 174 169.92 2.78 -54.70
C ALA I 174 170.92 3.69 -55.38
N ILE I 175 171.25 4.88 -54.81
CA ILE I 175 172.36 5.71 -55.27
C ILE I 175 173.68 5.00 -55.12
N MET I 176 174.46 4.94 -56.22
CA MET I 176 175.76 4.32 -56.24
C MET I 176 176.80 5.32 -56.66
N ARG I 177 177.98 5.24 -56.05
CA ARG I 177 179.12 6.04 -56.36
C ARG I 177 180.25 5.09 -56.61
N LEU I 178 180.95 5.28 -57.74
CA LEU I 178 181.98 4.40 -58.21
C LEU I 178 183.22 5.21 -58.44
N ASP I 179 184.35 4.87 -57.78
CA ASP I 179 185.59 5.59 -57.91
C ASP I 179 186.30 5.20 -59.21
N LEU I 180 185.84 5.82 -60.30
CA LEU I 180 186.47 5.87 -61.60
C LEU I 180 186.19 7.25 -62.09
N ALA I 181 187.03 7.75 -63.00
CA ALA I 181 186.84 9.06 -63.52
C ALA I 181 187.57 9.24 -64.82
N GLY I 182 187.35 10.40 -65.48
CA GLY I 182 188.27 10.92 -66.47
C GLY I 182 189.72 10.97 -66.02
N ARG I 183 190.01 11.48 -64.82
CA ARG I 183 191.35 11.57 -64.30
C ARG I 183 192.08 10.23 -64.13
N ASP I 184 191.39 9.19 -63.61
CA ASP I 184 191.91 7.84 -63.51
C ASP I 184 192.18 7.18 -64.87
N LEU I 185 191.31 7.45 -65.88
CA LEU I 185 191.58 7.10 -67.28
C LEU I 185 192.79 7.80 -67.86
N THR I 186 193.03 9.07 -67.51
CA THR I 186 194.26 9.78 -67.87
C THR I 186 195.52 9.16 -67.27
N ASP I 187 195.52 8.80 -65.95
CA ASP I 187 196.61 8.12 -65.28
C ASP I 187 196.86 6.72 -65.86
N TYR I 188 195.80 5.95 -66.20
CA TYR I 188 195.91 4.72 -66.96
C TYR I 188 196.50 4.92 -68.35
N LEU I 189 196.06 5.99 -69.06
CA LEU I 189 196.50 6.29 -70.39
C LEU I 189 197.97 6.63 -70.50
N MET I 190 198.50 7.51 -69.65
CA MET I 190 199.91 7.80 -69.65
C MET I 190 200.76 6.59 -69.25
N LYS I 191 200.24 5.70 -68.37
CA LYS I 191 200.80 4.38 -68.14
C LYS I 191 200.81 3.44 -69.33
N ILE I 192 199.75 3.42 -70.17
CA ILE I 192 199.73 2.54 -71.33
C ILE I 192 200.45 3.14 -72.54
N LEU I 193 200.78 4.46 -72.56
CA LEU I 193 201.67 5.01 -73.59
C LEU I 193 203.13 4.58 -73.43
N THR I 194 203.57 4.26 -72.20
CA THR I 194 204.97 3.96 -71.87
C THR I 194 205.51 2.72 -72.54
N GLU I 195 204.65 1.71 -72.80
CA GLU I 195 204.99 0.48 -73.52
C GLU I 195 205.30 0.77 -74.98
N ARG I 196 204.85 1.93 -75.51
CA ARG I 196 205.13 2.35 -76.86
C ARG I 196 206.40 3.21 -76.96
N GLY I 197 206.96 3.62 -75.80
CA GLY I 197 208.18 4.42 -75.67
C GLY I 197 207.95 5.87 -75.36
N TYR I 198 206.69 6.33 -75.39
CA TYR I 198 206.37 7.72 -75.08
C TYR I 198 206.15 7.88 -73.59
N SER I 199 206.94 8.74 -72.93
CA SER I 199 206.94 8.80 -71.49
C SER I 199 206.58 10.19 -71.08
N PHE I 200 205.45 10.34 -70.40
CA PHE I 200 204.92 11.61 -69.99
C PHE I 200 204.89 11.55 -68.50
N VAL I 201 205.76 12.33 -67.83
CA VAL I 201 206.12 12.09 -66.44
C VAL I 201 205.62 13.20 -65.55
N THR I 202 205.13 14.33 -66.12
CA THR I 202 204.94 15.56 -65.36
C THR I 202 203.54 16.08 -65.62
N THR I 203 203.02 16.97 -64.75
CA THR I 203 201.66 17.51 -64.79
C THR I 203 201.27 18.23 -66.06
N ALA I 204 202.21 19.00 -66.64
CA ALA I 204 202.05 19.72 -67.88
C ALA I 204 201.69 18.84 -69.09
N GLU I 205 202.41 17.73 -69.34
CA GLU I 205 202.07 16.82 -70.41
C GLU I 205 201.05 15.75 -70.01
N ARG I 206 200.72 15.63 -68.72
CA ARG I 206 199.55 14.91 -68.24
C ARG I 206 198.25 15.52 -68.76
N GLU I 207 198.21 16.86 -68.88
CA GLU I 207 197.14 17.53 -69.59
C GLU I 207 197.20 17.44 -71.10
N ILE I 208 198.40 17.21 -71.69
CA ILE I 208 198.52 16.80 -73.09
C ILE I 208 197.90 15.43 -73.38
N VAL I 209 198.09 14.39 -72.53
CA VAL I 209 197.35 13.13 -72.70
C VAL I 209 195.88 13.23 -72.37
N ARG I 210 195.48 14.18 -71.50
CA ARG I 210 194.09 14.51 -71.32
C ARG I 210 193.45 15.01 -72.63
N ASP I 211 194.11 15.95 -73.36
CA ASP I 211 193.70 16.45 -74.69
C ASP I 211 193.65 15.34 -75.76
N ILE I 212 194.64 14.40 -75.74
CA ILE I 212 194.64 13.24 -76.64
C ILE I 212 193.42 12.40 -76.46
N LYS I 213 193.13 12.07 -75.18
CA LYS I 213 192.03 11.24 -74.78
C LYS I 213 190.66 11.86 -75.02
N GLU I 214 190.54 13.20 -74.92
CA GLU I 214 189.39 14.02 -75.28
C GLU I 214 189.00 13.96 -76.76
N LYS I 215 189.92 13.56 -77.68
CA LYS I 215 189.53 13.32 -79.06
C LYS I 215 189.89 11.97 -79.61
N LEU I 216 191.13 11.45 -79.45
CA LEU I 216 191.52 10.23 -80.12
C LEU I 216 190.81 9.01 -79.60
N CYS I 217 190.71 8.86 -78.27
CA CYS I 217 190.10 7.71 -77.62
C CYS I 217 188.66 7.42 -78.03
N TYR I 218 188.31 6.14 -78.15
CA TYR I 218 186.93 5.78 -78.40
C TYR I 218 186.68 4.47 -77.68
N VAL I 219 185.41 4.05 -77.53
CA VAL I 219 185.06 2.78 -76.91
C VAL I 219 184.70 1.75 -77.94
N ALA I 220 185.32 0.55 -77.87
CA ALA I 220 185.00 -0.58 -78.69
C ALA I 220 183.59 -1.14 -78.54
N LEU I 221 182.92 -1.45 -79.66
CA LEU I 221 181.62 -2.11 -79.66
C LEU I 221 181.77 -3.59 -79.43
N ASP I 222 182.99 -4.11 -79.62
CA ASP I 222 183.42 -5.25 -78.87
C ASP I 222 184.92 -5.09 -78.69
N PHE I 223 185.45 -5.23 -77.46
CA PHE I 223 186.84 -4.99 -77.11
C PHE I 223 187.76 -5.99 -77.77
N GLU I 224 187.47 -7.31 -77.64
CA GLU I 224 188.30 -8.37 -78.17
C GLU I 224 188.37 -8.36 -79.67
N ASN I 225 187.24 -8.10 -80.35
CA ASN I 225 187.19 -7.96 -81.80
C ASN I 225 188.05 -6.82 -82.30
N GLU I 226 187.98 -5.63 -81.68
CA GLU I 226 188.84 -4.52 -82.02
C GLU I 226 190.30 -4.70 -81.68
N MET I 227 190.61 -5.37 -80.55
CA MET I 227 191.96 -5.81 -80.23
C MET I 227 192.55 -6.87 -81.14
N ALA I 228 191.73 -7.80 -81.66
CA ALA I 228 192.12 -8.72 -82.71
C ALA I 228 192.45 -8.04 -84.04
N THR I 229 191.62 -7.06 -84.49
CA THR I 229 191.88 -6.32 -85.75
C THR I 229 193.02 -5.30 -85.60
N ALA I 230 193.48 -5.00 -84.37
CA ALA I 230 194.74 -4.31 -84.14
C ALA I 230 196.00 -5.05 -84.61
N ALA I 231 195.93 -6.34 -84.99
CA ALA I 231 197.01 -7.02 -85.66
C ALA I 231 197.34 -6.42 -87.04
N SER I 232 196.30 -6.08 -87.85
CA SER I 232 196.46 -5.39 -89.11
C SER I 232 196.22 -3.92 -88.92
N SER I 233 197.25 -3.18 -88.45
CA SER I 233 197.09 -1.77 -88.13
C SER I 233 196.92 -0.90 -89.35
N SER I 234 195.76 -0.23 -89.45
CA SER I 234 195.45 0.68 -90.54
C SER I 234 194.69 1.88 -89.97
N SER I 235 193.41 1.73 -89.63
CA SER I 235 192.59 2.84 -89.14
C SER I 235 192.71 3.10 -87.65
N LEU I 236 193.23 2.11 -86.91
CA LEU I 236 193.29 2.16 -85.46
C LEU I 236 194.45 2.99 -84.97
N GLU I 237 195.49 3.16 -85.81
CA GLU I 237 196.55 4.09 -85.56
C GLU I 237 196.09 5.48 -85.92
N LYS I 238 196.45 6.47 -85.11
CA LYS I 238 196.29 7.86 -85.47
C LYS I 238 197.54 8.55 -85.05
N SER I 239 198.07 9.35 -85.98
CA SER I 239 199.06 10.39 -85.75
C SER I 239 198.47 11.50 -84.90
N TYR I 240 199.17 11.91 -83.84
CA TYR I 240 198.86 13.03 -83.00
C TYR I 240 200.10 13.92 -82.94
N GLU I 241 199.89 15.25 -83.02
CA GLU I 241 200.91 16.26 -82.96
C GLU I 241 201.01 16.79 -81.53
N LEU I 242 202.20 16.74 -80.90
CA LEU I 242 202.43 17.39 -79.62
C LEU I 242 202.72 18.87 -79.80
N PRO I 243 202.53 19.75 -78.82
CA PRO I 243 202.98 21.14 -78.90
C PRO I 243 204.49 21.30 -79.05
N ASP I 244 205.30 20.30 -78.68
CA ASP I 244 206.73 20.22 -78.92
C ASP I 244 207.04 20.14 -80.44
N GLY I 245 206.15 19.51 -81.24
CA GLY I 245 206.38 19.21 -82.65
C GLY I 245 206.76 17.76 -82.85
N GLN I 246 206.83 17.02 -81.74
CA GLN I 246 206.89 15.58 -81.76
C GLN I 246 205.58 14.92 -82.15
N VAL I 247 205.66 13.80 -82.88
CA VAL I 247 204.51 13.11 -83.41
C VAL I 247 204.39 11.82 -82.64
N ILE I 248 203.17 11.47 -82.26
CA ILE I 248 202.79 10.29 -81.49
C ILE I 248 201.86 9.49 -82.37
N THR I 249 202.03 8.16 -82.38
CA THR I 249 201.25 7.27 -83.23
C THR I 249 200.68 6.20 -82.34
N ILE I 250 199.34 6.20 -82.10
CA ILE I 250 198.70 5.36 -81.10
C ILE I 250 197.70 4.39 -81.72
N GLY I 251 197.90 3.07 -81.52
CA GLY I 251 197.10 2.02 -82.15
C GLY I 251 196.00 1.51 -81.25
N ASN I 252 196.14 0.26 -80.77
CA ASN I 252 195.15 -0.41 -79.92
C ASN I 252 195.01 0.17 -78.53
N GLU I 253 196.10 0.79 -78.08
CA GLU I 253 196.28 1.58 -76.88
C GLU I 253 195.23 2.67 -76.74
N ARG I 254 194.82 3.26 -77.88
CA ARG I 254 193.74 4.22 -77.95
C ARG I 254 192.39 3.74 -77.36
N PHE I 255 191.83 2.59 -77.79
CA PHE I 255 190.47 2.23 -77.39
C PHE I 255 190.44 1.43 -76.11
N ARG I 256 191.57 0.82 -75.69
CA ARG I 256 191.59 0.14 -74.42
C ARG I 256 191.73 1.05 -73.22
N CYS I 257 192.03 2.36 -73.41
CA CYS I 257 191.89 3.31 -72.31
C CYS I 257 190.43 3.51 -71.89
N PRO I 258 189.41 3.80 -72.69
CA PRO I 258 188.05 3.88 -72.17
C PRO I 258 187.47 2.53 -71.76
N GLU I 259 188.04 1.40 -72.23
CA GLU I 259 187.64 0.04 -71.89
C GLU I 259 187.71 -0.20 -70.38
N THR I 260 188.64 0.49 -69.68
CA THR I 260 188.78 0.49 -68.22
C THR I 260 187.49 0.77 -67.46
N LEU I 261 186.55 1.59 -68.01
CA LEU I 261 185.25 1.82 -67.41
C LEU I 261 184.40 0.56 -67.28
N PHE I 262 184.59 -0.39 -68.21
CA PHE I 262 183.85 -1.63 -68.32
C PHE I 262 184.68 -2.81 -67.80
N GLN I 263 185.99 -2.58 -67.52
CA GLN I 263 186.91 -3.57 -66.99
C GLN I 263 187.85 -2.92 -65.97
N PRO I 264 187.44 -2.58 -64.74
CA PRO I 264 188.33 -1.96 -63.72
C PRO I 264 189.35 -2.94 -63.20
N SER I 265 189.40 -4.20 -63.61
CA SER I 265 190.53 -5.08 -63.41
C SER I 265 191.81 -4.59 -64.08
N PHE I 266 191.72 -3.78 -65.18
CA PHE I 266 192.84 -3.11 -65.84
C PHE I 266 193.50 -2.04 -64.98
N ILE I 267 192.68 -1.27 -64.23
CA ILE I 267 193.19 -0.31 -63.27
C ILE I 267 193.65 -1.02 -61.97
N GLY I 268 193.12 -2.24 -61.68
CA GLY I 268 193.47 -3.07 -60.52
C GLY I 268 192.47 -2.95 -59.40
N MET I 269 191.33 -2.30 -59.64
CA MET I 269 190.25 -2.19 -58.68
C MET I 269 189.23 -3.28 -58.91
N GLU I 270 188.70 -3.86 -57.83
CA GLU I 270 187.66 -4.87 -57.90
C GLU I 270 186.31 -4.33 -58.31
N SER I 271 186.04 -3.07 -57.89
CA SER I 271 184.81 -2.32 -58.12
C SER I 271 184.27 -2.49 -59.50
N ALA I 272 183.02 -2.95 -59.63
CA ALA I 272 182.48 -3.38 -60.90
C ALA I 272 182.47 -2.33 -62.00
N GLY I 273 182.52 -2.75 -63.28
CA GLY I 273 182.36 -1.86 -64.42
C GLY I 273 181.08 -1.05 -64.36
N ILE I 274 181.03 0.06 -65.12
CA ILE I 274 179.95 1.03 -65.05
C ILE I 274 178.55 0.48 -65.42
N HIS I 275 178.46 -0.54 -66.29
CA HIS I 275 177.23 -1.20 -66.64
C HIS I 275 176.70 -2.10 -65.52
N GLU I 276 177.58 -2.87 -64.83
CA GLU I 276 177.22 -3.61 -63.63
C GLU I 276 176.86 -2.69 -62.45
N THR I 277 177.52 -1.52 -62.29
CA THR I 277 177.09 -0.52 -61.28
C THR I 277 175.70 -0.02 -61.54
N THR I 278 175.32 0.25 -62.81
CA THR I 278 173.96 0.59 -63.21
C THR I 278 172.96 -0.52 -62.89
N TYR I 279 173.31 -1.80 -63.12
CA TYR I 279 172.52 -2.94 -62.67
C TYR I 279 172.39 -2.99 -61.16
N ASN I 280 173.48 -2.74 -60.41
CA ASN I 280 173.52 -2.69 -58.96
C ASN I 280 172.57 -1.61 -58.40
N SER I 281 172.53 -0.41 -59.02
CA SER I 281 171.55 0.63 -58.70
C SER I 281 170.11 0.24 -59.01
N ILE I 282 169.82 -0.27 -60.23
CA ILE I 282 168.49 -0.69 -60.68
C ILE I 282 167.93 -1.87 -59.88
N MET I 283 168.77 -2.87 -59.52
CA MET I 283 168.43 -3.97 -58.64
C MET I 283 168.09 -3.57 -57.24
N LYS I 284 168.68 -2.49 -56.72
CA LYS I 284 168.32 -1.99 -55.41
C LYS I 284 166.99 -1.26 -55.40
N CYS I 285 166.47 -0.88 -56.59
CA CYS I 285 165.19 -0.22 -56.71
C CYS I 285 164.04 -1.21 -56.63
N ASP I 286 162.83 -0.70 -56.32
CA ASP I 286 161.61 -1.48 -56.31
C ASP I 286 161.30 -2.11 -57.65
N ILE I 287 160.67 -3.32 -57.64
CA ILE I 287 160.42 -4.12 -58.84
C ILE I 287 159.63 -3.37 -59.89
N ASP I 288 158.57 -2.63 -59.48
CA ASP I 288 157.62 -1.94 -60.31
C ASP I 288 158.25 -0.92 -61.28
N ILE I 289 159.15 -0.07 -60.75
CA ILE I 289 159.65 1.03 -61.53
C ILE I 289 160.73 0.63 -62.51
N ARG I 290 161.37 -0.55 -62.32
CA ARG I 290 162.56 -0.90 -63.09
C ARG I 290 162.42 -0.84 -64.59
N LYS I 291 161.20 -1.11 -65.12
CA LYS I 291 160.87 -1.07 -66.54
C LYS I 291 161.25 0.22 -67.24
N ASP I 292 161.02 1.41 -66.62
CA ASP I 292 161.31 2.66 -67.25
C ASP I 292 162.76 3.07 -66.97
N LEU I 293 163.36 2.67 -65.85
CA LEU I 293 164.78 2.90 -65.55
C LEU I 293 165.73 2.23 -66.50
N TYR I 294 165.41 1.00 -66.92
CA TYR I 294 166.04 0.35 -68.04
C TYR I 294 165.91 1.14 -69.34
N ALA I 295 164.72 1.71 -69.63
CA ALA I 295 164.47 2.42 -70.87
C ALA I 295 164.79 3.92 -70.84
N ASN I 296 165.25 4.51 -69.72
CA ASN I 296 165.42 5.94 -69.55
C ASN I 296 166.75 6.22 -68.88
N ASN I 297 167.79 5.40 -69.13
CA ASN I 297 169.16 5.69 -68.72
C ASN I 297 169.70 6.97 -69.37
N VAL I 298 170.13 7.95 -68.55
CA VAL I 298 170.65 9.23 -68.99
C VAL I 298 172.12 9.23 -68.67
N MET I 299 172.97 9.48 -69.68
CA MET I 299 174.38 9.73 -69.47
C MET I 299 174.65 11.21 -69.32
N SER I 300 175.49 11.59 -68.36
CA SER I 300 175.91 12.96 -68.17
C SER I 300 177.38 13.01 -67.90
N GLY I 301 177.94 14.23 -67.93
CA GLY I 301 179.30 14.50 -67.51
C GLY I 301 180.29 14.49 -68.64
N GLY I 302 181.56 14.83 -68.34
CA GLY I 302 182.57 14.92 -69.38
C GLY I 302 183.14 13.61 -69.85
N THR I 303 183.17 12.54 -69.04
CA THR I 303 183.82 11.28 -69.42
C THR I 303 182.80 10.28 -69.96
N THR I 304 181.55 10.74 -70.26
CA THR I 304 180.61 10.02 -71.14
C THR I 304 180.68 10.58 -72.55
N MET I 305 181.62 11.49 -72.85
CA MET I 305 181.71 12.02 -74.19
C MET I 305 182.32 11.11 -75.24
N TYR I 306 183.11 10.07 -74.87
CA TYR I 306 183.79 9.21 -75.84
C TYR I 306 182.84 8.60 -76.88
N PRO I 307 183.16 8.61 -78.17
CA PRO I 307 182.38 7.92 -79.18
C PRO I 307 182.16 6.44 -78.91
N GLY I 308 180.90 5.96 -79.00
CA GLY I 308 180.56 4.55 -78.86
C GLY I 308 180.29 4.08 -77.44
N ILE I 309 180.35 4.95 -76.40
CA ILE I 309 179.99 4.56 -75.02
C ILE I 309 178.54 4.09 -74.91
N ALA I 310 177.60 4.86 -75.52
CA ALA I 310 176.17 4.58 -75.48
C ALA I 310 175.80 3.23 -76.05
N ASP I 311 176.38 2.87 -77.21
CA ASP I 311 176.24 1.59 -77.86
C ASP I 311 176.78 0.43 -77.04
N ARG I 312 177.99 0.59 -76.44
CA ARG I 312 178.56 -0.41 -75.56
C ARG I 312 177.74 -0.67 -74.30
N MET I 313 177.28 0.40 -73.62
CA MET I 313 176.37 0.30 -72.48
C MET I 313 175.06 -0.38 -72.83
N GLN I 314 174.50 -0.04 -74.03
CA GLN I 314 173.29 -0.67 -74.53
C GLN I 314 173.46 -2.15 -74.75
N LYS I 315 174.54 -2.58 -75.42
CA LYS I 315 174.78 -3.99 -75.65
C LYS I 315 174.99 -4.79 -74.35
N GLU I 316 175.74 -4.23 -73.37
CA GLU I 316 176.00 -4.91 -72.11
C GLU I 316 174.81 -4.96 -71.18
N ILE I 317 174.09 -3.84 -71.00
CA ILE I 317 172.89 -3.84 -70.18
C ILE I 317 171.79 -4.71 -70.78
N THR I 318 171.57 -4.66 -72.11
CA THR I 318 170.66 -5.58 -72.82
C THR I 318 171.06 -7.04 -72.68
N ALA I 319 172.37 -7.37 -72.75
CA ALA I 319 172.87 -8.72 -72.53
C ALA I 319 172.64 -9.27 -71.12
N LEU I 320 172.86 -8.43 -70.07
CA LEU I 320 172.61 -8.81 -68.69
C LEU I 320 171.15 -8.83 -68.27
N ALA I 321 170.35 -7.87 -68.74
CA ALA I 321 168.98 -7.69 -68.31
C ALA I 321 168.03 -8.70 -68.95
N PRO I 322 166.79 -8.83 -68.46
CA PRO I 322 165.72 -9.42 -69.25
C PRO I 322 165.53 -8.77 -70.63
N SER I 323 165.58 -9.54 -71.74
CA SER I 323 165.31 -9.06 -73.10
C SER I 323 163.81 -8.97 -73.36
N THR I 324 163.01 -9.21 -72.29
CA THR I 324 161.57 -9.01 -72.18
C THR I 324 161.18 -7.56 -72.38
N MET I 325 162.05 -6.63 -71.94
CA MET I 325 161.84 -5.22 -72.06
C MET I 325 162.96 -4.55 -72.81
N LYS I 326 162.64 -3.47 -73.54
CA LYS I 326 163.62 -2.79 -74.36
C LYS I 326 164.38 -1.72 -73.62
N ILE I 327 165.72 -1.77 -73.77
CA ILE I 327 166.64 -0.94 -73.03
C ILE I 327 167.03 0.21 -73.93
N LYS I 328 166.32 1.34 -73.82
CA LYS I 328 166.73 2.56 -74.47
C LYS I 328 167.68 3.33 -73.57
N ILE I 329 168.79 3.83 -74.13
CA ILE I 329 169.70 4.71 -73.44
C ILE I 329 169.55 6.02 -74.15
N ILE I 330 169.34 7.09 -73.40
CA ILE I 330 169.24 8.42 -73.93
C ILE I 330 170.47 9.18 -73.48
N ALA I 331 171.42 9.35 -74.41
CA ALA I 331 172.64 10.06 -74.15
C ALA I 331 172.71 11.22 -75.12
N PRO I 332 172.38 12.45 -74.75
CA PRO I 332 172.34 13.55 -75.71
C PRO I 332 173.77 13.93 -76.10
N PRO I 333 174.15 14.36 -77.30
CA PRO I 333 175.22 15.35 -77.43
C PRO I 333 174.87 16.60 -76.62
N GLU I 334 175.87 17.37 -76.16
CA GLU I 334 175.72 18.46 -75.20
C GLU I 334 175.70 17.93 -73.76
N ARG I 335 175.80 16.59 -73.59
CA ARG I 335 175.75 15.90 -72.30
C ARG I 335 176.82 16.33 -71.30
N LYS I 336 177.94 16.91 -71.80
CA LYS I 336 179.01 17.48 -71.02
C LYS I 336 178.51 18.62 -70.12
N TYR I 337 177.61 19.48 -70.66
CA TYR I 337 177.20 20.68 -69.96
C TYR I 337 175.88 20.46 -69.26
N SER I 338 175.33 19.21 -69.26
CA SER I 338 174.00 18.91 -68.75
C SER I 338 173.73 19.29 -67.31
N VAL I 339 174.73 19.13 -66.43
CA VAL I 339 174.66 19.58 -65.04
C VAL I 339 174.49 21.09 -64.92
N TRP I 340 175.27 21.91 -65.68
CA TRP I 340 175.15 23.35 -65.67
C TRP I 340 173.79 23.81 -66.20
N ILE I 341 173.31 23.21 -67.32
CA ILE I 341 172.00 23.50 -67.89
C ILE I 341 170.90 23.14 -66.90
N GLY I 342 171.04 22.02 -66.17
CA GLY I 342 170.13 21.68 -65.10
C GLY I 342 170.11 22.62 -63.94
N GLY I 343 171.24 23.27 -63.66
CA GLY I 343 171.34 24.35 -62.70
C GLY I 343 170.75 25.66 -63.19
N SER I 344 170.88 25.96 -64.50
CA SER I 344 170.25 27.12 -65.15
C SER I 344 168.75 27.06 -65.07
N ILE I 345 168.15 25.90 -65.45
CA ILE I 345 166.72 25.69 -65.39
C ILE I 345 166.20 25.75 -63.96
N LEU I 346 166.90 25.14 -62.96
CA LEU I 346 166.49 25.18 -61.57
C LEU I 346 166.38 26.55 -60.94
N ALA I 347 167.41 27.40 -61.15
CA ALA I 347 167.40 28.74 -60.60
C ALA I 347 166.44 29.67 -61.34
N SER I 348 166.09 29.35 -62.62
CA SER I 348 165.02 30.02 -63.36
C SER I 348 163.62 29.63 -62.92
N LEU I 349 163.43 28.46 -62.25
CA LEU I 349 162.15 28.07 -61.69
C LEU I 349 161.64 28.98 -60.57
N SER I 350 160.40 29.48 -60.70
CA SER I 350 159.81 30.44 -59.78
C SER I 350 159.65 29.93 -58.35
N THR I 351 159.16 28.68 -58.19
CA THR I 351 159.02 28.01 -56.88
C THR I 351 160.33 27.82 -56.15
N PHE I 352 161.41 27.50 -56.89
CA PHE I 352 162.75 27.29 -56.38
C PHE I 352 163.29 28.54 -55.68
N GLN I 353 162.83 29.75 -56.11
CA GLN I 353 163.18 31.00 -55.46
C GLN I 353 162.75 31.17 -53.99
N GLN I 354 161.98 30.22 -53.42
CA GLN I 354 161.73 30.18 -51.99
C GLN I 354 162.54 29.11 -51.26
N MET I 355 163.20 28.19 -51.99
CA MET I 355 163.92 27.07 -51.41
C MET I 355 165.40 27.37 -51.28
N TRP I 356 165.83 28.58 -51.67
CA TRP I 356 167.19 29.03 -51.47
C TRP I 356 167.59 29.01 -50.01
N ILE I 357 168.85 28.67 -49.71
CA ILE I 357 169.37 28.91 -48.38
C ILE I 357 169.64 30.39 -48.30
N THR I 358 168.91 31.15 -47.46
CA THR I 358 169.14 32.58 -47.38
C THR I 358 170.39 32.85 -46.57
N LYS I 359 171.03 34.01 -46.79
CA LYS I 359 172.10 34.48 -45.93
C LYS I 359 171.66 34.66 -44.49
N GLN I 360 170.45 35.20 -44.28
CA GLN I 360 169.85 35.39 -42.98
C GLN I 360 169.72 34.07 -42.20
N GLU I 361 169.14 33.02 -42.84
CA GLU I 361 168.93 31.71 -42.24
C GLU I 361 170.23 31.02 -41.85
N TYR I 362 171.30 31.16 -42.68
CA TYR I 362 172.66 30.80 -42.33
C TYR I 362 173.20 31.58 -41.13
N ASP I 363 173.04 32.92 -41.07
CA ASP I 363 173.58 33.75 -40.00
C ASP I 363 172.97 33.36 -38.63
N GLU I 364 171.64 33.08 -38.55
CA GLU I 364 171.00 32.52 -37.37
C GLU I 364 171.38 31.08 -37.03
N ALA I 365 171.34 30.16 -38.01
CA ALA I 365 171.33 28.75 -37.69
C ALA I 365 172.63 28.02 -38.05
N GLY I 366 173.62 28.73 -38.62
CA GLY I 366 174.96 28.22 -38.89
C GLY I 366 175.15 27.38 -40.14
N PRO I 367 176.39 26.93 -40.40
CA PRO I 367 176.73 26.20 -41.61
C PRO I 367 176.14 24.81 -41.67
N SER I 368 175.69 24.25 -40.55
CA SER I 368 175.24 22.87 -40.49
C SER I 368 173.89 22.62 -41.17
N ILE I 369 173.13 23.72 -41.41
CA ILE I 369 171.81 23.71 -41.99
C ILE I 369 171.71 23.27 -43.42
N VAL I 370 172.84 23.04 -44.11
CA VAL I 370 172.84 22.57 -45.49
C VAL I 370 172.03 21.30 -45.63
N HIS I 371 172.40 20.28 -44.84
CA HIS I 371 171.80 18.95 -44.87
C HIS I 371 170.36 18.93 -44.39
N ARG I 372 170.03 19.82 -43.43
CA ARG I 372 168.70 20.01 -42.89
C ARG I 372 167.66 20.51 -43.90
N LYS I 373 168.04 21.48 -44.76
CA LYS I 373 167.12 22.03 -45.74
C LYS I 373 167.16 21.31 -47.07
N CYS I 374 168.37 21.06 -47.61
CA CYS I 374 168.57 20.51 -48.94
C CYS I 374 169.00 19.06 -48.89
N PHE I 375 168.82 18.36 -50.01
CA PHE I 375 169.33 17.03 -50.24
C PHE I 375 170.87 17.05 -50.60
N GLU J 2 0.84 -120.44 7.43
CA GLU J 2 1.44 -121.44 8.37
C GLU J 2 0.52 -121.70 9.55
N ASP J 3 0.73 -122.81 10.27
CA ASP J 3 -0.06 -123.17 11.43
C ASP J 3 0.59 -122.55 12.64
N GLU J 4 -0.25 -122.12 13.61
CA GLU J 4 0.13 -121.52 14.89
C GLU J 4 0.83 -120.17 14.85
N THR J 5 1.34 -119.75 13.68
CA THR J 5 1.92 -118.43 13.35
C THR J 5 3.29 -118.18 13.95
N THR J 6 3.90 -119.20 14.63
CA THR J 6 4.94 -119.05 15.67
C THR J 6 4.51 -118.10 16.78
N ALA J 7 5.43 -117.55 17.57
CA ALA J 7 5.12 -116.43 18.42
C ALA J 7 6.47 -115.83 18.73
N LEU J 8 6.49 -114.60 19.26
CA LEU J 8 7.71 -113.91 19.62
C LEU J 8 7.79 -113.71 21.11
N VAL J 9 9.00 -113.80 21.65
CA VAL J 9 9.22 -113.69 23.08
C VAL J 9 10.37 -112.74 23.28
N CYS J 10 10.19 -111.75 24.18
CA CYS J 10 11.23 -110.84 24.60
C CYS J 10 11.29 -110.75 26.12
N ASP J 11 12.47 -110.98 26.70
CA ASP J 11 12.81 -110.65 28.06
C ASP J 11 13.55 -109.31 28.03
N ASN J 12 12.95 -108.30 28.70
CA ASN J 12 13.57 -107.05 29.11
C ASN J 12 13.40 -106.85 30.60
N GLY J 13 14.12 -107.63 31.43
CA GLY J 13 14.80 -106.99 32.56
C GLY J 13 15.86 -105.97 32.10
N SER J 14 16.37 -105.07 32.97
CA SER J 14 17.49 -104.19 32.60
C SER J 14 18.73 -104.91 32.11
N GLY J 15 19.52 -104.26 31.22
CA GLY J 15 20.83 -104.78 30.88
C GLY J 15 20.88 -105.55 29.59
N LEU J 16 19.97 -106.53 29.36
CA LEU J 16 19.98 -107.38 28.18
C LEU J 16 18.58 -107.56 27.65
N VAL J 17 18.43 -107.44 26.32
CA VAL J 17 17.27 -107.92 25.60
C VAL J 17 17.57 -109.34 25.28
N LYS J 18 16.72 -110.28 25.67
CA LYS J 18 16.78 -111.63 25.17
C LYS J 18 15.55 -111.86 24.35
N ALA J 19 15.71 -112.14 23.05
CA ALA J 19 14.60 -112.24 22.13
C ALA J 19 14.77 -113.33 21.08
N GLY J 20 13.64 -113.87 20.63
CA GLY J 20 13.68 -114.91 19.64
C GLY J 20 12.30 -115.40 19.40
N PHE J 21 12.18 -116.51 18.67
CA PHE J 21 10.93 -117.17 18.43
C PHE J 21 10.56 -118.03 19.62
N ALA J 22 9.28 -118.01 20.01
CA ALA J 22 8.65 -119.03 20.81
C ALA J 22 8.65 -120.36 20.08
N GLY J 23 8.89 -121.47 20.81
CA GLY J 23 9.00 -122.78 20.18
C GLY J 23 10.39 -123.24 19.90
N ASP J 24 11.40 -122.47 20.34
CA ASP J 24 12.80 -122.82 20.25
C ASP J 24 13.39 -122.84 21.66
N ASP J 25 14.47 -123.62 21.90
CA ASP J 25 15.14 -123.81 23.16
C ASP J 25 16.05 -122.64 23.52
N ALA J 26 16.54 -121.87 22.54
CA ALA J 26 17.37 -120.71 22.81
C ALA J 26 16.96 -119.48 21.99
N PRO J 27 17.14 -118.26 22.53
CA PRO J 27 16.84 -117.04 21.80
C PRO J 27 17.83 -116.84 20.68
N ARG J 28 17.39 -116.30 19.53
CA ARG J 28 18.27 -115.94 18.44
C ARG J 28 19.17 -114.76 18.78
N ALA J 29 18.58 -113.72 19.43
CA ALA J 29 19.26 -112.47 19.65
C ALA J 29 19.32 -112.17 21.12
N VAL J 30 20.53 -111.93 21.62
CA VAL J 30 20.73 -111.47 22.96
C VAL J 30 21.72 -110.33 22.85
N PHE J 31 21.38 -109.13 23.35
CA PHE J 31 22.28 -108.01 23.22
C PHE J 31 22.05 -107.05 24.37
N PRO J 32 22.98 -106.17 24.71
CA PRO J 32 22.80 -105.20 25.77
C PRO J 32 21.78 -104.13 25.48
N SER J 33 20.87 -103.86 26.42
CA SER J 33 19.84 -102.85 26.34
C SER J 33 20.36 -101.46 26.57
N ILE J 34 21.09 -100.89 25.60
CA ILE J 34 21.76 -99.63 25.78
C ILE J 34 21.51 -98.79 24.57
N VAL J 35 21.33 -97.49 24.82
CA VAL J 35 21.17 -96.47 23.83
C VAL J 35 22.34 -95.58 24.07
N GLY J 36 23.30 -95.57 23.13
CA GLY J 36 24.49 -94.78 23.25
C GLY J 36 24.54 -93.66 22.28
N ARG J 37 24.70 -92.42 22.78
CA ARG J 37 24.57 -91.22 21.99
C ARG J 37 25.93 -90.61 21.75
N PRO J 38 26.34 -90.20 20.54
CA PRO J 38 27.50 -89.36 20.32
C PRO J 38 27.51 -88.07 21.15
N ARG J 39 28.23 -88.08 22.28
CA ARG J 39 28.44 -86.95 23.15
C ARG J 39 29.40 -85.93 22.50
N HIS J 40 30.46 -86.41 21.82
CA HIS J 40 31.44 -85.55 21.18
C HIS J 40 30.95 -85.20 19.80
N GLN J 41 30.92 -83.90 19.44
CA GLN J 41 30.60 -83.50 18.10
C GLN J 41 31.63 -83.98 17.08
N GLY J 42 31.17 -84.66 16.03
CA GLY J 42 32.04 -85.24 15.04
C GLY J 42 32.42 -84.24 13.98
N VAL J 43 33.68 -84.27 13.51
CA VAL J 43 34.15 -83.37 12.47
C VAL J 43 34.83 -84.18 11.39
N MET J 44 34.06 -84.56 10.38
CA MET J 44 34.49 -85.16 9.14
C MET J 44 33.33 -84.82 8.23
N VAL J 45 33.26 -85.41 7.02
CA VAL J 45 32.08 -85.35 6.17
C VAL J 45 31.86 -86.79 5.77
N GLY J 46 30.59 -87.25 5.62
CA GLY J 46 30.30 -88.64 5.28
C GLY J 46 30.40 -89.60 6.43
N MET J 47 30.16 -89.08 7.64
CA MET J 47 29.90 -89.90 8.80
C MET J 47 28.41 -90.03 8.93
N GLY J 48 27.97 -91.23 9.34
CA GLY J 48 26.66 -91.50 9.91
C GLY J 48 25.43 -90.81 9.30
N GLN J 49 24.90 -89.72 9.91
CA GLN J 49 25.28 -89.16 11.20
C GLN J 49 24.92 -90.12 12.31
N LYS J 50 23.68 -90.67 12.26
CA LYS J 50 23.11 -91.57 13.23
C LYS J 50 23.02 -90.97 14.62
N ASP J 51 21.83 -90.45 15.02
CA ASP J 51 21.58 -89.78 16.30
C ASP J 51 22.01 -90.60 17.51
N SER J 52 21.89 -91.93 17.41
CA SER J 52 22.19 -92.80 18.50
C SER J 52 22.38 -94.20 17.96
N TYR J 53 23.09 -95.04 18.71
CA TYR J 53 23.40 -96.42 18.44
C TYR J 53 22.76 -97.28 19.49
N VAL J 54 22.28 -98.46 19.12
CA VAL J 54 21.49 -99.34 19.97
C VAL J 54 22.11 -100.71 19.91
N GLY J 55 22.08 -101.45 21.02
CA GLY J 55 22.53 -102.84 21.04
C GLY J 55 24.03 -102.98 21.16
N ASP J 56 24.62 -104.09 20.72
CA ASP J 56 26.05 -104.34 20.75
C ASP J 56 26.86 -103.50 19.74
N GLU J 57 26.20 -102.78 18.80
CA GLU J 57 26.77 -101.66 18.05
C GLU J 57 27.37 -100.58 18.96
N ALA J 58 26.65 -100.21 20.05
CA ALA J 58 27.08 -99.31 21.10
C ALA J 58 28.27 -99.84 21.90
N GLN J 59 28.32 -101.18 22.16
CA GLN J 59 29.46 -101.85 22.78
C GLN J 59 30.73 -101.74 21.94
N SER J 60 30.62 -101.92 20.60
CA SER J 60 31.71 -101.77 19.65
C SER J 60 32.24 -100.34 19.59
N LYS J 61 31.32 -99.35 19.47
CA LYS J 61 31.69 -97.94 19.43
C LYS J 61 31.44 -97.31 20.77
N ARG J 62 32.18 -97.73 21.81
CA ARG J 62 31.86 -97.33 23.16
C ARG J 62 32.38 -95.98 23.60
N GLY J 63 33.62 -95.65 23.16
CA GLY J 63 34.39 -94.52 23.71
C GLY J 63 33.87 -93.15 23.40
N ILE J 64 33.25 -93.01 22.21
CA ILE J 64 32.59 -91.81 21.75
C ILE J 64 31.31 -91.54 22.52
N LEU J 65 30.55 -92.61 22.76
CA LEU J 65 29.19 -92.61 23.22
C LEU J 65 29.13 -92.35 24.72
N THR J 66 28.07 -91.67 25.13
CA THR J 66 27.59 -91.83 26.48
C THR J 66 26.49 -92.86 26.38
N LEU J 67 26.46 -93.85 27.28
CA LEU J 67 25.50 -94.93 27.24
C LEU J 67 24.46 -94.69 28.29
N LYS J 68 23.20 -94.88 27.92
CA LYS J 68 22.10 -94.75 28.83
C LYS J 68 21.37 -96.07 28.82
N TYR J 69 21.32 -96.75 29.99
CA TYR J 69 20.40 -97.84 30.22
C TYR J 69 18.99 -97.24 30.29
N PRO J 70 17.98 -97.70 29.55
CA PRO J 70 16.67 -97.06 29.56
C PRO J 70 15.82 -97.69 30.63
N ILE J 71 16.22 -98.85 31.17
CA ILE J 71 15.48 -99.51 32.22
C ILE J 71 16.33 -99.46 33.47
N GLU J 72 15.80 -98.93 34.57
CA GLU J 72 16.46 -98.96 35.86
C GLU J 72 15.49 -99.52 36.86
N HIS J 73 15.93 -100.55 37.61
CA HIS J 73 15.18 -101.21 38.67
C HIS J 73 13.90 -101.88 38.22
N GLY J 74 13.88 -102.39 36.96
CA GLY J 74 12.71 -102.91 36.28
C GLY J 74 11.81 -101.84 35.74
N ILE J 75 12.14 -100.54 35.93
CA ILE J 75 11.34 -99.41 35.52
C ILE J 75 11.93 -98.84 34.26
N ILE J 76 11.13 -98.64 33.20
CA ILE J 76 11.62 -97.88 32.06
C ILE J 76 11.66 -96.42 32.39
N THR J 77 12.87 -95.84 32.41
CA THR J 77 13.13 -94.42 32.62
C THR J 77 12.75 -93.60 31.41
N ASN J 78 13.14 -94.11 30.23
CA ASN J 78 12.94 -93.43 28.97
C ASN J 78 12.28 -94.34 27.93
N TRP J 79 11.07 -93.95 27.47
CA TRP J 79 10.22 -94.75 26.61
C TRP J 79 10.64 -94.82 25.15
N ASP J 80 11.13 -93.70 24.58
CA ASP J 80 11.62 -93.61 23.21
C ASP J 80 12.83 -94.52 23.05
N ASP J 81 13.77 -94.49 24.01
CA ASP J 81 14.91 -95.37 24.09
C ASP J 81 14.52 -96.87 24.16
N MET J 82 13.47 -97.27 24.93
CA MET J 82 12.92 -98.62 24.90
C MET J 82 12.29 -99.02 23.56
N GLU J 83 11.54 -98.11 22.94
CA GLU J 83 10.97 -98.30 21.62
C GLU J 83 12.06 -98.53 20.58
N LYS J 84 13.15 -97.73 20.61
CA LYS J 84 14.33 -97.92 19.78
C LYS J 84 15.01 -99.27 19.96
N ILE J 85 15.12 -99.75 21.21
CA ILE J 85 15.62 -101.09 21.49
C ILE J 85 14.76 -102.19 20.90
N TRP J 86 13.43 -102.13 21.07
CA TRP J 86 12.53 -103.05 20.41
C TRP J 86 12.52 -102.91 18.91
N HIS J 87 12.64 -101.69 18.35
CA HIS J 87 12.80 -101.51 16.92
C HIS J 87 14.01 -102.22 16.35
N HIS J 88 15.15 -102.12 17.06
CA HIS J 88 16.39 -102.85 16.82
C HIS J 88 16.17 -104.37 16.90
N THR J 89 15.47 -104.95 17.93
CA THR J 89 15.22 -106.41 18.01
C THR J 89 14.52 -106.99 16.81
N PHE J 90 13.42 -106.33 16.41
CA PHE J 90 12.54 -106.83 15.38
C PHE J 90 13.12 -106.66 14.01
N TYR J 91 13.64 -105.45 13.67
CA TYR J 91 14.11 -105.19 12.33
C TYR J 91 15.57 -105.55 12.14
N ASN J 92 16.48 -105.20 13.09
CA ASN J 92 17.90 -105.46 12.93
C ASN J 92 18.26 -106.94 13.09
N GLU J 93 17.74 -107.64 14.12
CA GLU J 93 18.08 -109.04 14.34
C GLU J 93 17.07 -110.00 13.75
N LEU J 94 15.82 -109.98 14.22
CA LEU J 94 14.92 -111.07 13.92
C LEU J 94 14.32 -111.03 12.54
N ARG J 95 14.21 -109.82 11.98
CA ARG J 95 13.73 -109.50 10.65
C ARG J 95 12.29 -109.93 10.44
N VAL J 96 11.45 -109.56 11.40
CA VAL J 96 10.07 -109.98 11.44
C VAL J 96 9.22 -108.73 11.29
N ALA J 97 8.00 -108.88 10.77
CA ALA J 97 6.98 -107.86 10.91
C ALA J 97 6.20 -108.24 12.17
N PRO J 98 6.13 -107.47 13.26
CA PRO J 98 5.33 -107.82 14.43
C PRO J 98 3.85 -108.03 14.12
N GLU J 99 3.27 -107.49 13.03
CA GLU J 99 1.93 -107.77 12.55
C GLU J 99 1.67 -109.25 12.29
N GLU J 100 2.74 -110.02 12.01
CA GLU J 100 2.66 -111.42 11.67
C GLU J 100 2.90 -112.30 12.88
N HIS J 101 3.13 -111.74 14.10
CA HIS J 101 3.45 -112.60 15.24
C HIS J 101 2.80 -112.13 16.53
N PRO J 102 2.17 -112.92 17.38
CA PRO J 102 1.91 -112.52 18.77
C PRO J 102 3.20 -112.37 19.59
N THR J 103 3.31 -111.34 20.46
CA THR J 103 4.56 -111.04 21.19
C THR J 103 4.40 -111.14 22.69
N LEU J 104 5.19 -111.99 23.34
CA LEU J 104 5.27 -112.10 24.77
C LEU J 104 6.35 -111.17 25.30
N LEU J 105 6.03 -110.37 26.32
CA LEU J 105 7.00 -109.61 27.07
C LEU J 105 7.05 -110.15 28.47
N THR J 106 8.26 -110.22 29.01
CA THR J 106 8.43 -110.42 30.44
C THR J 106 8.37 -109.10 31.16
N GLU J 107 8.12 -109.12 32.47
CA GLU J 107 8.14 -107.95 33.30
C GLU J 107 8.32 -108.38 34.74
N ALA J 108 8.84 -107.49 35.59
CA ALA J 108 9.24 -107.84 36.94
C ALA J 108 8.12 -107.75 37.99
N PRO J 109 8.03 -108.55 39.06
CA PRO J 109 7.08 -108.33 40.15
C PRO J 109 7.07 -107.01 40.86
N LEU J 110 5.88 -106.66 41.40
CA LEU J 110 5.63 -105.50 42.26
C LEU J 110 6.01 -104.24 41.54
N ASN J 111 5.87 -104.26 40.23
CA ASN J 111 6.35 -103.23 39.35
C ASN J 111 5.20 -102.26 39.15
N PRO J 112 5.41 -100.92 39.18
CA PRO J 112 4.45 -99.94 38.75
C PRO J 112 3.53 -100.33 37.61
N LYS J 113 2.24 -100.03 37.76
CA LYS J 113 1.20 -100.33 36.80
C LYS J 113 1.43 -99.69 35.45
N ALA J 114 1.98 -98.46 35.49
CA ALA J 114 2.32 -97.62 34.37
C ALA J 114 3.28 -98.28 33.40
N ASN J 115 4.27 -99.08 33.89
CA ASN J 115 5.13 -99.85 33.00
C ASN J 115 4.36 -100.89 32.21
N ARG J 116 3.51 -101.72 32.85
CA ARG J 116 2.70 -102.70 32.13
C ARG J 116 1.73 -102.09 31.13
N GLU J 117 0.98 -101.06 31.56
CA GLU J 117 0.02 -100.32 30.77
C GLU J 117 0.61 -99.49 29.63
N LYS J 118 1.75 -98.81 29.85
CA LYS J 118 2.46 -98.14 28.78
C LYS J 118 3.18 -99.10 27.84
N MET J 119 3.70 -100.24 28.33
CA MET J 119 4.31 -101.29 27.56
C MET J 119 3.36 -101.90 26.52
N THR J 120 2.10 -102.18 26.95
CA THR J 120 1.00 -102.59 26.07
C THR J 120 0.58 -101.54 25.09
N GLN J 121 0.48 -100.28 25.53
CA GLN J 121 0.15 -99.14 24.68
C GLN J 121 1.12 -98.99 23.51
N ILE J 122 2.46 -99.11 23.80
CA ILE J 122 3.47 -99.16 22.75
C ILE J 122 3.35 -100.39 21.88
N MET J 123 3.15 -101.59 22.45
CA MET J 123 3.05 -102.76 21.60
C MET J 123 1.90 -102.70 20.63
N PHE J 124 0.72 -102.21 21.01
CA PHE J 124 -0.32 -102.04 20.04
C PHE J 124 -0.19 -100.83 19.09
N GLU J 125 0.25 -99.66 19.59
CA GLU J 125 0.19 -98.41 18.85
C GLU J 125 1.53 -97.93 18.33
N THR J 126 2.54 -98.79 18.36
CA THR J 126 3.85 -98.53 17.74
C THR J 126 4.13 -99.62 16.75
N PHE J 127 4.36 -100.87 17.20
CA PHE J 127 4.55 -101.97 16.27
C PHE J 127 3.24 -102.67 16.13
N ASN J 128 2.43 -102.44 15.07
CA ASN J 128 1.10 -103.02 15.02
C ASN J 128 1.18 -104.56 15.16
N VAL J 129 0.42 -105.18 16.11
CA VAL J 129 0.69 -106.56 16.48
C VAL J 129 -0.67 -107.21 16.72
N PRO J 130 -0.96 -108.48 16.38
CA PRO J 130 -2.28 -109.09 16.57
C PRO J 130 -2.59 -109.30 18.03
N ALA J 131 -1.57 -109.60 18.85
CA ALA J 131 -1.80 -109.93 20.22
C ALA J 131 -0.52 -109.88 21.01
N MET J 132 -0.64 -109.81 22.33
CA MET J 132 0.51 -109.75 23.19
C MET J 132 0.18 -110.27 24.55
N TYR J 133 1.21 -110.43 25.39
CA TYR J 133 1.01 -110.77 26.76
C TYR J 133 2.18 -110.16 27.51
N VAL J 134 1.98 -109.79 28.79
CA VAL J 134 3.01 -109.38 29.71
C VAL J 134 2.95 -110.40 30.81
N ALA J 135 4.10 -110.96 31.20
CA ALA J 135 4.16 -112.03 32.14
C ALA J 135 5.22 -111.80 33.17
N ILE J 136 5.04 -112.42 34.35
CA ILE J 136 5.95 -112.23 35.43
C ILE J 136 7.25 -113.02 35.24
N GLN J 137 8.45 -112.43 35.46
CA GLN J 137 9.73 -113.09 35.20
C GLN J 137 9.97 -114.43 35.91
N ALA J 138 9.63 -114.49 37.21
CA ALA J 138 9.90 -115.64 38.07
C ALA J 138 9.13 -116.91 37.70
N VAL J 139 7.85 -116.78 37.35
CA VAL J 139 7.03 -117.90 36.88
C VAL J 139 7.56 -118.50 35.59
N LEU J 140 8.05 -117.68 34.64
CA LEU J 140 8.66 -118.16 33.42
C LEU J 140 9.92 -119.00 33.69
N SER J 141 10.81 -118.57 34.60
CA SER J 141 11.97 -119.37 34.98
C SER J 141 11.61 -120.71 35.60
N LEU J 142 10.55 -120.73 36.43
CA LEU J 142 10.01 -121.94 37.00
C LEU J 142 9.53 -122.96 35.95
N TYR J 143 8.79 -122.48 34.92
CA TYR J 143 8.41 -123.28 33.75
C TYR J 143 9.59 -123.85 33.01
N ALA J 144 10.65 -123.02 32.79
CA ALA J 144 11.88 -123.41 32.14
C ALA J 144 12.63 -124.50 32.89
N SER J 145 12.61 -124.46 34.23
CA SER J 145 13.19 -125.48 35.09
C SER J 145 12.34 -126.75 35.14
N GLY J 146 11.08 -126.73 34.65
CA GLY J 146 10.24 -127.92 34.49
C GLY J 146 9.61 -128.38 35.77
N ARG J 147 9.49 -127.49 36.76
CA ARG J 147 9.03 -127.83 38.09
C ARG J 147 7.71 -127.10 38.32
N THR J 148 6.81 -127.67 39.12
CA THR J 148 5.51 -127.07 39.35
C THR J 148 5.50 -126.19 40.59
N THR J 149 6.56 -126.32 41.41
CA THR J 149 6.67 -125.81 42.76
C THR J 149 8.08 -125.37 42.96
N GLY J 150 8.25 -124.24 43.66
CA GLY J 150 9.52 -123.73 44.06
C GLY J 150 9.41 -122.32 44.48
N ILE J 151 10.48 -121.81 45.08
CA ILE J 151 10.58 -120.41 45.35
C ILE J 151 11.61 -119.90 44.40
N VAL J 152 11.21 -118.98 43.53
CA VAL J 152 12.09 -118.51 42.49
C VAL J 152 12.76 -117.25 42.96
N LEU J 153 14.08 -117.31 43.09
CA LEU J 153 14.94 -116.19 43.35
C LEU J 153 15.37 -115.66 42.00
N ASP J 154 14.82 -114.51 41.58
CA ASP J 154 15.05 -113.89 40.31
C ASP J 154 15.92 -112.71 40.66
N SER J 155 17.14 -112.67 40.11
CA SER J 155 17.90 -111.46 40.17
C SER J 155 18.56 -111.18 38.82
N GLY J 156 18.10 -110.10 38.17
CA GLY J 156 18.72 -109.63 36.94
C GLY J 156 19.69 -108.50 37.17
N ASP J 157 19.93 -107.69 36.11
CA ASP J 157 20.64 -106.44 36.24
C ASP J 157 19.69 -105.32 36.66
N GLY J 158 18.36 -105.57 36.55
CA GLY J 158 17.33 -104.61 36.94
C GLY J 158 17.11 -104.58 38.42
N VAL J 159 16.37 -105.54 39.00
CA VAL J 159 16.18 -105.62 40.43
C VAL J 159 16.12 -107.10 40.73
N THR J 160 16.26 -107.50 42.00
CA THR J 160 16.02 -108.80 42.62
C THR J 160 14.58 -108.95 43.07
N HIS J 161 13.97 -110.09 42.77
CA HIS J 161 12.61 -110.47 43.05
C HIS J 161 12.58 -111.89 43.58
N ASN J 162 11.51 -112.25 44.28
CA ASN J 162 11.39 -113.53 44.89
C ASN J 162 9.91 -113.85 44.84
N VAL J 163 9.51 -114.96 44.19
CA VAL J 163 8.12 -115.35 44.08
C VAL J 163 8.03 -116.81 44.53
N PRO J 164 7.41 -117.15 45.66
CA PRO J 164 7.06 -118.53 45.99
C PRO J 164 5.85 -118.98 45.22
N ILE J 165 5.90 -120.22 44.75
CA ILE J 165 4.84 -120.83 44.00
C ILE J 165 4.64 -122.19 44.63
N TYR J 166 3.40 -122.70 44.67
CA TYR J 166 3.10 -124.04 45.11
C TYR J 166 2.04 -124.64 44.21
N GLU J 167 2.41 -125.70 43.44
CA GLU J 167 1.54 -126.49 42.60
C GLU J 167 0.85 -125.67 41.52
N GLY J 168 1.65 -124.88 40.77
CA GLY J 168 1.12 -123.65 40.20
C GLY J 168 0.81 -122.67 41.32
N TYR J 169 -0.43 -122.13 41.38
CA TYR J 169 -0.85 -121.04 42.26
C TYR J 169 0.18 -119.90 42.33
N ALA J 170 0.36 -119.24 43.48
CA ALA J 170 1.20 -118.07 43.65
C ALA J 170 0.72 -117.41 44.91
N LEU J 171 1.62 -116.73 45.65
CA LEU J 171 1.25 -116.09 46.89
C LEU J 171 1.56 -114.60 46.85
N PRO J 172 0.60 -113.69 46.61
CA PRO J 172 0.88 -112.27 46.41
C PRO J 172 1.53 -111.57 47.59
N HIS J 173 1.12 -111.89 48.83
CA HIS J 173 1.66 -111.35 50.07
C HIS J 173 3.08 -111.81 50.35
N ALA J 174 3.42 -113.04 49.91
CA ALA J 174 4.72 -113.64 50.10
C ALA J 174 5.72 -113.27 49.02
N ILE J 175 5.30 -112.66 47.88
CA ILE J 175 6.21 -112.08 46.90
C ILE J 175 7.03 -110.96 47.51
N MET J 176 8.36 -111.03 47.36
CA MET J 176 9.27 -110.04 47.85
C MET J 176 10.10 -109.48 46.71
N ARG J 177 10.36 -108.18 46.77
CA ARG J 177 11.19 -107.48 45.82
C ARG J 177 12.23 -106.75 46.64
N LEU J 178 13.50 -106.93 46.25
CA LEU J 178 14.63 -106.41 46.96
C LEU J 178 15.46 -105.58 46.02
N ASP J 179 15.70 -104.29 46.33
CA ASP J 179 16.45 -103.40 45.49
C ASP J 179 17.95 -103.66 45.66
N LEU J 180 18.43 -104.70 44.96
CA LEU J 180 19.80 -105.02 44.70
C LEU J 180 19.80 -105.55 43.30
N ALA J 181 20.95 -105.45 42.62
CA ALA J 181 21.03 -105.93 41.28
C ALA J 181 22.46 -106.17 40.87
N GLY J 182 22.66 -106.75 39.68
CA GLY J 182 23.91 -106.64 38.94
C GLY J 182 24.45 -105.24 38.82
N ARG J 183 23.62 -104.26 38.44
CA ARG J 183 24.04 -102.88 38.29
C ARG J 183 24.57 -102.22 39.57
N ASP J 184 23.90 -102.44 40.72
CA ASP J 184 24.35 -101.96 42.02
C ASP J 184 25.66 -102.61 42.48
N LEU J 185 25.86 -103.92 42.17
CA LEU J 185 27.16 -104.58 42.33
C LEU J 185 28.25 -104.00 41.45
N THR J 186 27.94 -103.60 40.21
CA THR J 186 28.87 -102.85 39.36
C THR J 186 29.27 -101.51 39.94
N ASP J 187 28.32 -100.68 40.45
CA ASP J 187 28.57 -99.40 41.10
C ASP J 187 29.39 -99.58 42.39
N TYR J 188 29.11 -100.62 43.21
CA TYR J 188 29.95 -101.02 44.33
C TYR J 188 31.36 -101.42 43.90
N LEU J 189 31.47 -102.21 42.80
CA LEU J 189 32.74 -102.69 42.32
C LEU J 189 33.66 -101.62 41.83
N MET J 190 33.20 -100.66 41.00
CA MET J 190 34.03 -99.57 40.58
C MET J 190 34.43 -98.65 41.74
N LYS J 191 33.56 -98.52 42.78
CA LYS J 191 33.94 -97.93 44.06
C LYS J 191 35.01 -98.68 44.85
N ILE J 192 34.99 -100.02 44.88
CA ILE J 192 36.02 -100.77 45.61
C ILE J 192 37.30 -100.96 44.79
N LEU J 193 37.33 -100.72 43.47
CA LEU J 193 38.59 -100.66 42.72
C LEU J 193 39.43 -99.43 43.02
N THR J 194 38.79 -98.31 43.44
CA THR J 194 39.46 -97.01 43.65
C THR J 194 40.50 -97.03 44.74
N GLU J 195 40.31 -97.87 45.80
CA GLU J 195 41.26 -98.04 46.90
C GLU J 195 42.55 -98.71 46.40
N ARG J 196 42.49 -99.40 45.24
CA ARG J 196 43.65 -100.02 44.64
C ARG J 196 44.37 -99.09 43.66
N GLY J 197 43.77 -97.93 43.34
CA GLY J 197 44.31 -96.90 42.45
C GLY J 197 43.70 -96.87 41.07
N TYR J 198 42.87 -97.87 40.72
CA TYR J 198 42.23 -97.92 39.42
C TYR J 198 40.92 -97.16 39.46
N SER J 199 40.77 -96.13 38.63
CA SER J 199 39.64 -95.22 38.73
C SER J 199 38.91 -95.25 37.44
N PHE J 200 37.65 -95.71 37.49
CA PHE J 200 36.82 -95.86 36.33
C PHE J 200 35.66 -94.95 36.55
N VAL J 201 35.57 -93.85 35.79
CA VAL J 201 34.76 -92.71 36.16
C VAL J 201 33.59 -92.53 35.21
N THR J 202 33.56 -93.26 34.07
CA THR J 202 32.67 -92.94 32.96
C THR J 202 31.93 -94.19 32.55
N THR J 203 30.80 -94.05 31.83
CA THR J 203 29.90 -95.14 31.41
C THR J 203 30.54 -96.23 30.57
N ALA J 204 31.45 -95.86 29.65
CA ALA J 204 32.20 -96.76 28.81
C ALA J 204 33.05 -97.80 29.58
N GLU J 205 33.85 -97.39 30.58
CA GLU J 205 34.60 -98.33 31.38
C GLU J 205 33.83 -98.88 32.58
N ARG J 206 32.65 -98.33 32.89
CA ARG J 206 31.66 -98.94 33.75
C ARG J 206 31.15 -100.28 33.22
N GLU J 207 31.02 -100.39 31.89
CA GLU J 207 30.80 -101.66 31.23
C GLU J 207 32.03 -102.56 31.13
N ILE J 208 33.25 -101.99 31.18
CA ILE J 208 34.47 -102.78 31.41
C ILE J 208 34.52 -103.45 32.79
N VAL J 209 34.14 -102.76 33.90
CA VAL J 209 34.00 -103.46 35.19
C VAL J 209 32.82 -104.39 35.26
N ARG J 210 31.76 -104.16 34.46
CA ARG J 210 30.72 -105.14 34.29
C ARG J 210 31.25 -106.45 33.70
N ASP J 211 32.08 -106.40 32.62
CA ASP J 211 32.78 -107.54 32.01
C ASP J 211 33.74 -108.24 32.98
N ILE J 212 34.48 -107.47 33.82
CA ILE J 212 35.35 -108.03 34.86
C ILE J 212 34.57 -108.87 35.83
N LYS J 213 33.46 -108.31 36.33
CA LYS J 213 32.60 -108.91 37.30
C LYS J 213 31.84 -110.13 36.79
N GLU J 214 31.49 -110.16 35.48
CA GLU J 214 30.93 -111.28 34.73
C GLU J 214 31.84 -112.51 34.66
N LYS J 215 33.18 -112.37 34.85
CA LYS J 215 34.04 -113.54 34.96
C LYS J 215 34.89 -113.61 36.20
N LEU J 216 35.60 -112.54 36.62
CA LEU J 216 36.56 -112.66 37.71
C LEU J 216 35.90 -112.89 39.04
N CYS J 217 34.83 -112.14 39.36
CA CYS J 217 34.14 -112.20 40.62
C CYS J 217 33.59 -113.58 41.00
N TYR J 218 33.67 -113.94 42.29
CA TYR J 218 33.05 -115.17 42.74
C TYR J 218 32.54 -114.92 44.14
N VAL J 219 31.71 -115.82 44.69
CA VAL J 219 31.19 -115.71 46.05
C VAL J 219 31.93 -116.64 46.99
N ALA J 220 32.44 -116.12 48.11
CA ALA J 220 33.05 -116.87 49.16
C ALA J 220 32.15 -117.89 49.87
N LEU J 221 32.64 -119.11 50.10
CA LEU J 221 31.92 -120.12 50.87
C LEU J 221 32.07 -119.87 52.34
N ASP J 222 33.05 -119.04 52.72
CA ASP J 222 32.91 -118.24 53.91
C ASP J 222 33.68 -116.95 53.64
N PHE J 223 33.07 -115.77 53.87
CA PHE J 223 33.62 -114.46 53.55
C PHE J 223 34.86 -114.16 54.38
N GLU J 224 34.78 -114.31 55.72
CA GLU J 224 35.85 -114.00 56.63
C GLU J 224 37.06 -114.89 56.43
N ASN J 225 36.84 -116.19 56.19
CA ASN J 225 37.90 -117.14 55.89
C ASN J 225 38.66 -116.77 54.62
N GLU J 226 37.94 -116.44 53.53
CA GLU J 226 38.58 -115.98 52.30
C GLU J 226 39.25 -114.63 52.40
N MET J 227 38.67 -113.68 53.16
CA MET J 227 39.32 -112.43 53.51
C MET J 227 40.55 -112.54 54.40
N ALA J 228 40.58 -113.51 55.34
CA ALA J 228 41.78 -113.86 56.08
C ALA J 228 42.91 -114.43 55.21
N THR J 229 42.59 -115.35 54.27
CA THR J 229 43.61 -115.94 53.37
C THR J 229 44.04 -114.96 52.28
N ALA J 230 43.33 -113.83 52.08
CA ALA J 230 43.82 -112.69 51.31
C ALA J 230 45.08 -112.00 51.86
N ALA J 231 45.53 -112.31 53.11
CA ALA J 231 46.83 -111.88 53.60
C ALA J 231 48.00 -112.49 52.82
N SER J 232 47.92 -113.80 52.47
CA SER J 232 48.91 -114.47 51.63
C SER J 232 48.37 -114.53 50.21
N SER J 233 48.54 -113.43 49.44
CA SER J 233 47.99 -113.36 48.11
C SER J 233 48.69 -114.25 47.12
N SER J 234 47.95 -115.22 46.55
CA SER J 234 48.46 -116.14 45.55
C SER J 234 47.37 -116.35 44.50
N SER J 235 46.34 -117.16 44.81
CA SER J 235 45.29 -117.48 43.84
C SER J 235 44.17 -116.46 43.75
N LEU J 236 44.07 -115.58 44.76
CA LEU J 236 42.99 -114.63 44.89
C LEU J 236 43.20 -113.42 44.02
N GLU J 237 44.46 -113.13 43.66
CA GLU J 237 44.78 -112.15 42.66
C GLU J 237 44.56 -112.73 41.29
N LYS J 238 44.01 -111.94 40.37
CA LYS J 238 43.98 -112.28 38.98
C LYS J 238 44.32 -111.05 38.22
N SER J 239 45.25 -111.22 37.27
CA SER J 239 45.53 -110.29 36.19
C SER J 239 44.34 -110.22 35.24
N TYR J 240 43.91 -109.01 34.89
CA TYR J 240 42.90 -108.71 33.91
C TYR J 240 43.47 -107.72 32.93
N GLU J 241 43.20 -107.92 31.64
CA GLU J 241 43.64 -107.09 30.55
C GLU J 241 42.53 -106.11 30.19
N LEU J 242 42.77 -104.79 30.20
CA LEU J 242 41.84 -103.81 29.69
C LEU J 242 41.93 -103.70 28.17
N PRO J 243 40.92 -103.23 27.44
CA PRO J 243 41.06 -102.92 26.01
C PRO J 243 42.09 -101.84 25.70
N ASP J 244 42.44 -100.96 26.66
CA ASP J 244 43.54 -100.01 26.58
C ASP J 244 44.91 -100.71 26.44
N GLY J 245 45.07 -101.92 27.06
CA GLY J 245 46.35 -102.62 27.17
C GLY J 245 46.96 -102.45 28.54
N GLN J 246 46.25 -101.70 29.40
CA GLN J 246 46.51 -101.67 30.81
C GLN J 246 46.11 -102.94 31.54
N VAL J 247 46.89 -103.35 32.55
CA VAL J 247 46.69 -104.57 33.28
C VAL J 247 46.22 -104.18 34.66
N ILE J 248 45.22 -104.90 35.16
CA ILE J 248 44.58 -104.72 36.45
C ILE J 248 44.80 -105.99 37.23
N THR J 249 45.11 -105.88 38.51
CA THR J 249 45.42 -107.02 39.38
C THR J 249 44.53 -106.91 40.59
N ILE J 250 43.53 -107.80 40.73
CA ILE J 250 42.48 -107.68 41.75
C ILE J 250 42.49 -108.85 42.72
N GLY J 251 42.65 -108.58 44.03
CA GLY J 251 42.80 -109.60 45.06
C GLY J 251 41.51 -109.88 45.79
N ASN J 252 41.41 -109.49 47.07
CA ASN J 252 40.26 -109.73 47.92
C ASN J 252 39.00 -108.96 47.53
N GLU J 253 39.22 -107.83 46.86
CA GLU J 253 38.31 -106.94 46.21
C GLU J 253 37.39 -107.66 45.25
N ARG J 254 37.91 -108.70 44.56
CA ARG J 254 37.17 -109.58 43.71
C ARG J 254 35.94 -110.26 44.37
N PHE J 255 36.10 -110.98 45.52
CA PHE J 255 35.00 -111.79 46.04
C PHE J 255 34.11 -111.01 46.99
N ARG J 256 34.58 -109.87 47.54
CA ARG J 256 33.72 -109.06 48.36
C ARG J 256 32.74 -108.20 47.59
N CYS J 257 32.88 -108.08 46.25
CA CYS J 257 31.80 -107.50 45.45
C CYS J 257 30.54 -108.37 45.44
N PRO J 258 30.49 -109.67 45.15
CA PRO J 258 29.23 -110.41 45.26
C PRO J 258 28.76 -110.61 46.69
N GLU J 259 29.65 -110.46 47.70
CA GLU J 259 29.33 -110.55 49.13
C GLU J 259 28.26 -109.56 49.53
N THR J 260 28.19 -108.40 48.85
CA THR J 260 27.15 -107.37 49.01
C THR J 260 25.72 -107.91 48.94
N LEU J 261 25.44 -108.97 48.14
CA LEU J 261 24.13 -109.62 48.12
C LEU J 261 23.71 -110.20 49.46
N PHE J 262 24.68 -110.65 50.27
CA PHE J 262 24.50 -111.29 51.54
C PHE J 262 24.79 -110.32 52.69
N GLN J 263 25.34 -109.12 52.38
CA GLN J 263 25.66 -108.08 53.34
C GLN J 263 25.35 -106.69 52.74
N PRO J 264 24.10 -106.25 52.58
CA PRO J 264 23.77 -104.92 52.02
C PRO J 264 24.15 -103.80 52.94
N SER J 265 24.68 -104.02 54.13
CA SER J 265 25.36 -103.02 54.93
C SER J 265 26.59 -102.43 54.25
N PHE J 266 27.27 -103.20 53.33
CA PHE J 266 28.37 -102.73 52.48
C PHE J 266 27.95 -101.67 51.46
N ILE J 267 26.75 -101.85 50.86
CA ILE J 267 26.18 -100.84 50.00
C ILE J 267 25.57 -99.67 50.80
N GLY J 268 25.20 -99.91 52.08
CA GLY J 268 24.64 -98.92 53.01
C GLY J 268 23.15 -98.99 53.13
N MET J 269 22.54 -100.03 52.56
CA MET J 269 21.11 -100.26 52.66
C MET J 269 20.82 -101.21 53.81
N GLU J 270 19.74 -100.95 54.57
CA GLU J 270 19.31 -101.81 55.64
C GLU J 270 18.70 -103.12 55.19
N SER J 271 18.02 -103.06 54.01
CA SER J 271 17.32 -104.16 53.36
C SER J 271 18.09 -105.45 53.41
N ALA J 272 17.48 -106.51 53.96
CA ALA J 272 18.19 -107.72 54.29
C ALA J 272 18.87 -108.42 53.11
N GLY J 273 19.96 -109.18 53.38
CA GLY J 273 20.60 -110.01 52.36
C GLY J 273 19.63 -110.97 51.69
N ILE J 274 20.02 -111.49 50.52
CA ILE J 274 19.16 -112.28 49.68
C ILE J 274 18.67 -113.61 50.28
N HIS J 275 19.43 -114.22 51.21
CA HIS J 275 19.04 -115.41 51.92
C HIS J 275 17.98 -115.11 52.99
N GLU J 276 18.11 -114.00 53.77
CA GLU J 276 17.06 -113.54 54.68
C GLU J 276 15.81 -113.07 53.94
N THR J 277 15.90 -112.46 52.74
CA THR J 277 14.72 -112.16 51.92
C THR J 277 13.98 -113.41 51.51
N THR J 278 14.69 -114.49 51.14
CA THR J 278 14.10 -115.81 50.87
C THR J 278 13.40 -116.39 52.09
N TYR J 279 13.99 -116.26 53.31
CA TYR J 279 13.33 -116.60 54.56
C TYR J 279 12.09 -115.75 54.80
N ASN J 280 12.15 -114.43 54.54
CA ASN J 280 11.04 -113.49 54.65
C ASN J 280 9.86 -113.89 53.75
N SER J 281 10.13 -114.30 52.49
CA SER J 281 9.13 -114.86 51.59
C SER J 281 8.54 -116.19 52.07
N ILE J 282 9.37 -117.17 52.46
CA ILE J 282 8.95 -118.50 52.94
C ILE J 282 8.17 -118.43 54.26
N MET J 283 8.57 -117.56 55.21
CA MET J 283 7.85 -117.27 56.43
C MET J 283 6.49 -116.66 56.24
N LYS J 284 6.30 -115.86 55.18
CA LYS J 284 4.98 -115.33 54.87
C LYS J 284 4.04 -116.37 54.27
N CYS J 285 4.57 -117.51 53.80
CA CYS J 285 3.78 -118.59 53.26
C CYS J 285 3.16 -119.43 54.35
N ASP J 286 2.10 -120.17 53.99
CA ASP J 286 1.45 -121.12 54.87
C ASP J 286 2.40 -122.21 55.38
N ILE J 287 2.18 -122.69 56.62
CA ILE J 287 3.06 -123.64 57.30
C ILE J 287 3.28 -124.92 56.51
N ASP J 288 2.19 -125.49 55.92
CA ASP J 288 2.14 -126.76 55.23
C ASP J 288 3.11 -126.86 54.05
N ILE J 289 3.13 -125.82 53.18
CA ILE J 289 3.89 -125.92 51.95
C ILE J 289 5.37 -125.70 52.14
N ARG J 290 5.80 -125.06 53.26
CA ARG J 290 7.18 -124.62 53.40
C ARG J 290 8.25 -125.68 53.18
N LYS J 291 7.93 -126.96 53.49
CA LYS J 291 8.82 -128.10 53.32
C LYS J 291 9.41 -128.25 51.92
N ASP J 292 8.60 -128.03 50.85
CA ASP J 292 9.08 -128.20 49.50
C ASP J 292 9.69 -126.89 49.01
N LEU J 293 9.26 -125.72 49.47
CA LEU J 293 9.87 -124.42 49.15
C LEU J 293 11.29 -124.28 49.61
N TYR J 294 11.60 -124.79 50.81
CA TYR J 294 12.96 -125.01 51.26
C TYR J 294 13.75 -125.92 50.34
N ALA J 295 13.16 -127.03 49.85
CA ALA J 295 13.86 -127.99 49.03
C ALA J 295 13.81 -127.73 47.51
N ASN J 296 13.14 -126.66 47.02
CA ASN J 296 12.89 -126.42 45.61
C ASN J 296 13.16 -124.95 45.29
N ASN J 297 14.12 -124.31 45.98
CA ASN J 297 14.60 -122.98 45.61
C ASN J 297 15.25 -122.96 44.21
N VAL J 298 14.74 -122.11 43.31
CA VAL J 298 15.21 -121.98 41.94
C VAL J 298 15.88 -120.63 41.84
N MET J 299 17.14 -120.60 41.41
CA MET J 299 17.81 -119.37 41.04
C MET J 299 17.64 -119.07 39.58
N SER J 300 17.36 -117.81 39.24
CA SER J 300 17.26 -117.35 37.87
C SER J 300 17.96 -116.03 37.72
N GLY J 301 18.15 -115.61 36.46
CA GLY J 301 18.63 -114.29 36.12
C GLY J 301 20.11 -114.23 35.90
N GLY J 302 20.61 -113.05 35.49
CA GLY J 302 22.02 -112.90 35.18
C GLY J 302 22.94 -112.75 36.36
N THR J 303 22.49 -112.23 37.52
CA THR J 303 23.39 -111.96 38.65
C THR J 303 23.31 -113.11 39.67
N THR J 304 22.70 -114.27 39.30
CA THR J 304 22.91 -115.54 40.00
C THR J 304 23.95 -116.37 39.27
N MET J 305 24.63 -115.83 38.24
CA MET J 305 25.64 -116.60 37.54
C MET J 305 26.97 -116.78 38.26
N TYR J 306 27.32 -115.94 39.28
CA TYR J 306 28.63 -116.01 39.94
C TYR J 306 28.93 -117.40 40.50
N PRO J 307 30.12 -117.96 40.31
CA PRO J 307 30.51 -119.21 40.94
C PRO J 307 30.39 -119.20 42.46
N GLY J 308 29.76 -120.25 43.04
CA GLY J 308 29.65 -120.43 44.49
C GLY J 308 28.46 -119.76 45.15
N ILE J 309 27.57 -119.05 44.40
CA ILE J 309 26.33 -118.47 44.98
C ILE J 309 25.43 -119.54 45.59
N ALA J 310 25.20 -120.65 44.86
CA ALA J 310 24.33 -121.74 45.26
C ALA J 310 24.74 -122.39 46.56
N ASP J 311 26.06 -122.66 46.73
CA ASP J 311 26.66 -123.19 47.92
C ASP J 311 26.54 -122.25 49.12
N ARG J 312 26.79 -120.94 48.92
CA ARG J 312 26.63 -119.94 49.96
C ARG J 312 25.17 -119.80 50.44
N MET J 313 24.20 -119.73 49.51
CA MET J 313 22.79 -119.72 49.84
C MET J 313 22.34 -120.97 50.58
N GLN J 314 22.87 -122.15 50.15
CA GLN J 314 22.60 -123.40 50.83
C GLN J 314 23.10 -123.43 52.24
N LYS J 315 24.35 -123.00 52.49
CA LYS J 315 24.88 -122.96 53.84
C LYS J 315 24.14 -121.99 54.77
N GLU J 316 23.75 -120.78 54.26
CA GLU J 316 23.05 -119.79 55.06
C GLU J 316 21.62 -120.14 55.33
N ILE J 317 20.86 -120.59 54.31
CA ILE J 317 19.48 -121.01 54.52
C ILE J 317 19.39 -122.24 55.41
N THR J 318 20.27 -123.26 55.22
CA THR J 318 20.39 -124.40 56.13
C THR J 318 20.75 -124.01 57.55
N ALA J 319 21.68 -123.04 57.75
CA ALA J 319 22.01 -122.51 59.06
C ALA J 319 20.86 -121.80 59.79
N LEU J 320 20.07 -120.98 59.08
CA LEU J 320 18.90 -120.31 59.63
C LEU J 320 17.69 -121.18 59.84
N ALA J 321 17.41 -122.10 58.91
CA ALA J 321 16.20 -122.89 58.91
C ALA J 321 16.25 -124.04 59.92
N PRO J 322 15.14 -124.71 60.22
CA PRO J 322 15.17 -126.05 60.81
C PRO J 322 16.01 -127.05 60.02
N SER J 323 17.02 -127.70 60.65
CA SER J 323 17.83 -128.75 60.03
C SER J 323 17.10 -130.10 60.04
N THR J 324 15.80 -130.06 60.48
CA THR J 324 14.80 -131.11 60.44
C THR J 324 14.50 -131.53 59.01
N MET J 325 14.55 -130.57 58.07
CA MET J 325 14.30 -130.81 56.67
C MET J 325 15.48 -130.40 55.81
N LYS J 326 15.67 -131.10 54.69
CA LYS J 326 16.81 -130.86 53.84
C LYS J 326 16.55 -129.79 52.79
N ILE J 327 17.49 -128.85 52.71
CA ILE J 327 17.37 -127.67 51.88
C ILE J 327 18.14 -127.92 50.60
N LYS J 328 17.45 -128.39 49.57
CA LYS J 328 18.01 -128.48 48.24
C LYS J 328 17.79 -127.18 47.51
N ILE J 329 18.83 -126.66 46.85
CA ILE J 329 18.73 -125.51 45.97
C ILE J 329 18.99 -126.07 44.60
N ILE J 330 18.11 -125.76 43.66
CA ILE J 330 18.26 -126.16 42.29
C ILE J 330 18.57 -124.93 41.48
N ALA J 331 19.84 -124.77 41.11
CA ALA J 331 20.29 -123.65 40.33
C ALA J 331 20.91 -124.20 39.06
N PRO J 332 20.23 -124.23 37.91
CA PRO J 332 20.78 -124.85 36.73
C PRO J 332 21.91 -123.98 36.17
N PRO J 333 23.01 -124.43 35.56
CA PRO J 333 23.62 -123.68 34.47
C PRO J 333 22.59 -123.44 33.36
N GLU J 334 22.75 -122.37 32.57
CA GLU J 334 21.74 -121.88 31.61
C GLU J 334 20.70 -120.99 32.31
N ARG J 335 20.83 -120.81 33.65
CA ARG J 335 19.91 -120.04 34.48
C ARG J 335 19.74 -118.58 34.09
N LYS J 336 20.73 -118.03 33.35
CA LYS J 336 20.70 -116.71 32.77
C LYS J 336 19.53 -116.53 31.81
N TYR J 337 19.25 -117.57 30.98
CA TYR J 337 18.29 -117.44 29.91
C TYR J 337 16.96 -118.04 30.33
N SER J 338 16.82 -118.47 31.61
CA SER J 338 15.64 -119.19 32.10
C SER J 338 14.31 -118.49 31.92
N VAL J 339 14.26 -117.16 32.10
CA VAL J 339 13.08 -116.35 31.81
C VAL J 339 12.66 -116.40 30.35
N TRP J 340 13.60 -116.26 29.39
CA TRP J 340 13.29 -116.35 27.97
C TRP J 340 12.80 -117.74 27.57
N ILE J 341 13.46 -118.82 28.09
CA ILE J 341 13.04 -120.20 27.85
C ILE J 341 11.65 -120.44 28.42
N GLY J 342 11.35 -119.88 29.59
CA GLY J 342 10.01 -119.91 30.14
C GLY J 342 8.96 -119.21 29.36
N GLY J 343 9.35 -118.15 28.64
CA GLY J 343 8.51 -117.47 27.69
C GLY J 343 8.32 -118.22 26.39
N SER J 344 9.37 -118.95 25.92
CA SER J 344 9.32 -119.83 24.76
C SER J 344 8.32 -120.96 24.96
N ILE J 345 8.42 -121.66 26.12
CA ILE J 345 7.52 -122.75 26.47
C ILE J 345 6.08 -122.25 26.63
N LEU J 346 5.85 -121.09 27.28
CA LEU J 346 4.51 -120.54 27.45
C LEU J 346 3.76 -120.22 26.18
N ALA J 347 4.42 -119.55 25.22
CA ALA J 347 3.78 -119.21 23.96
C ALA J 347 3.63 -120.42 23.04
N SER J 348 4.44 -121.50 23.23
CA SER J 348 4.26 -122.79 22.58
C SER J 348 3.10 -123.61 23.15
N LEU J 349 2.66 -123.35 24.40
CA LEU J 349 1.47 -123.99 24.97
C LEU J 349 0.17 -123.68 24.26
N SER J 350 -0.58 -124.74 23.86
CA SER J 350 -1.80 -124.62 23.08
C SER J 350 -2.93 -123.85 23.76
N THR J 351 -3.17 -124.13 25.06
CA THR J 351 -4.15 -123.42 25.89
C THR J 351 -3.88 -121.94 26.05
N PHE J 352 -2.59 -121.56 26.18
CA PHE J 352 -2.13 -120.20 26.32
C PHE J 352 -2.52 -119.34 25.12
N GLN J 353 -2.65 -119.96 23.92
CA GLN J 353 -3.13 -119.28 22.73
C GLN J 353 -4.55 -118.70 22.78
N GLN J 354 -5.33 -118.95 23.85
CA GLN J 354 -6.58 -118.25 24.09
C GLN J 354 -6.47 -117.16 25.15
N MET J 355 -5.36 -117.09 25.92
CA MET J 355 -5.20 -116.17 27.03
C MET J 355 -4.43 -114.94 26.61
N TRP J 356 -4.04 -114.86 25.32
CA TRP J 356 -3.42 -113.66 24.79
C TRP J 356 -4.31 -112.44 24.94
N ILE J 357 -3.70 -111.27 25.19
CA ILE J 357 -4.44 -110.04 25.05
C ILE J 357 -4.56 -109.77 23.58
N THR J 358 -5.77 -109.81 23.00
CA THR J 358 -5.91 -109.57 21.57
C THR J 358 -5.80 -108.09 21.28
N LYS J 359 -5.41 -107.73 20.07
CA LYS J 359 -5.47 -106.36 19.60
C LYS J 359 -6.89 -105.79 19.63
N GLN J 360 -7.88 -106.61 19.24
CA GLN J 360 -9.29 -106.25 19.27
C GLN J 360 -9.77 -105.88 20.66
N GLU J 361 -9.48 -106.73 21.69
CA GLU J 361 -9.87 -106.53 23.08
C GLU J 361 -9.26 -105.26 23.69
N TYR J 362 -7.99 -104.95 23.34
CA TYR J 362 -7.36 -103.67 23.61
C TYR J 362 -8.06 -102.50 22.94
N ASP J 363 -8.41 -102.58 21.64
CA ASP J 363 -9.03 -101.49 20.89
C ASP J 363 -10.40 -101.10 21.50
N GLU J 364 -11.24 -102.10 21.90
CA GLU J 364 -12.47 -101.86 22.66
C GLU J 364 -12.28 -101.36 24.09
N ALA J 365 -11.40 -102.00 24.90
CA ALA J 365 -11.45 -101.81 26.32
C ALA J 365 -10.26 -101.03 26.87
N GLY J 366 -9.30 -100.62 26.02
CA GLY J 366 -8.19 -99.74 26.36
C GLY J 366 -6.99 -100.37 27.03
N PRO J 367 -5.95 -99.56 27.33
CA PRO J 367 -4.69 -100.07 27.88
C PRO J 367 -4.80 -100.55 29.29
N SER J 368 -5.87 -100.22 30.03
CA SER J 368 -5.98 -100.53 31.44
C SER J 368 -6.26 -102.00 31.73
N ILE J 369 -6.69 -102.75 30.68
CA ILE J 369 -7.08 -104.15 30.74
C ILE J 369 -5.97 -105.12 31.02
N VAL J 370 -4.70 -104.67 31.06
CA VAL J 370 -3.56 -105.53 31.36
C VAL J 370 -3.77 -106.26 32.67
N HIS J 371 -4.00 -105.47 33.74
CA HIS J 371 -4.15 -105.97 35.10
C HIS J 371 -5.40 -106.79 35.31
N ARG J 372 -6.48 -106.44 34.58
CA ARG J 372 -7.75 -107.14 34.57
C ARG J 372 -7.69 -108.59 34.06
N LYS J 373 -6.93 -108.82 32.97
CA LYS J 373 -6.84 -110.15 32.38
C LYS J 373 -5.67 -110.96 32.94
N CYS J 374 -4.47 -110.35 33.01
CA CYS J 374 -3.24 -111.02 33.36
C CYS J 374 -2.80 -110.66 34.77
N PHE J 375 -1.94 -111.51 35.36
CA PHE J 375 -1.24 -111.25 36.60
C PHE J 375 -0.02 -110.29 36.40
N GLU K 2 -28.24 -161.80 43.67
CA GLU K 2 -27.75 -162.21 45.01
C GLU K 2 -28.87 -162.27 46.02
N ASP K 3 -28.68 -162.97 47.15
CA ASP K 3 -29.67 -163.08 48.20
C ASP K 3 -29.48 -161.93 49.15
N GLU K 4 -30.59 -161.42 49.71
CA GLU K 4 -30.66 -160.34 50.70
C GLU K 4 -30.20 -158.95 50.25
N THR K 5 -29.47 -158.86 49.11
CA THR K 5 -29.06 -157.64 48.40
C THR K 5 -27.96 -156.85 49.08
N THR K 6 -27.38 -157.38 50.18
CA THR K 6 -26.68 -156.64 51.26
C THR K 6 -27.54 -155.49 51.81
N ALA K 7 -26.95 -154.49 52.46
CA ALA K 7 -27.65 -153.27 52.73
C ALA K 7 -26.54 -152.27 53.00
N LEU K 8 -26.86 -150.97 53.00
CA LEU K 8 -25.90 -149.91 53.27
C LEU K 8 -26.24 -149.20 54.54
N VAL K 9 -25.21 -148.77 55.27
CA VAL K 9 -25.39 -148.13 56.56
C VAL K 9 -24.51 -146.90 56.55
N CYS K 10 -25.07 -145.76 56.95
CA CYS K 10 -24.34 -144.52 57.15
C CYS K 10 -24.69 -143.89 58.49
N ASP K 11 -23.67 -143.61 59.31
CA ASP K 11 -23.76 -142.75 60.47
C ASP K 11 -23.26 -141.37 60.04
N ASN K 12 -24.18 -140.36 60.14
CA ASN K 12 -23.90 -138.95 60.12
C ASN K 12 -24.48 -138.28 61.35
N GLY K 13 -23.87 -138.50 62.54
CA GLY K 13 -23.62 -137.37 63.41
C GLY K 13 -22.67 -136.35 62.78
N SER K 14 -22.55 -135.10 63.30
CA SER K 14 -21.52 -134.15 62.81
C SER K 14 -20.10 -134.67 62.87
N GLY K 15 -19.23 -134.20 61.96
CA GLY K 15 -17.81 -134.45 62.07
C GLY K 15 -17.31 -135.58 61.22
N LEU K 16 -17.96 -136.77 61.25
CA LEU K 16 -17.50 -137.96 60.52
C LEU K 16 -18.66 -138.66 59.87
N VAL K 17 -18.50 -139.04 58.60
CA VAL K 17 -19.33 -140.01 57.95
C VAL K 17 -18.72 -141.33 58.27
N LYS K 18 -19.48 -142.26 58.85
CA LYS K 18 -19.07 -143.64 58.94
C LYS K 18 -19.99 -144.45 58.07
N ALA K 19 -19.46 -145.11 57.04
CA ALA K 19 -20.27 -145.81 56.07
C ALA K 19 -19.65 -147.10 55.59
N GLY K 20 -20.52 -148.04 55.19
CA GLY K 20 -20.05 -149.31 54.71
C GLY K 20 -21.24 -150.17 54.44
N PHE K 21 -20.98 -151.47 54.22
CA PHE K 21 -22.00 -152.47 54.05
C PHE K 21 -22.51 -152.93 55.39
N ALA K 22 -23.84 -153.08 55.51
CA ALA K 22 -24.47 -153.89 56.52
C ALA K 22 -24.07 -155.34 56.41
N GLY K 23 -23.83 -156.03 57.54
CA GLY K 23 -23.36 -157.41 57.51
C GLY K 23 -21.88 -157.57 57.68
N ASP K 24 -21.16 -156.46 57.95
CA ASP K 24 -19.74 -156.45 58.25
C ASP K 24 -19.55 -155.84 59.63
N ASP K 25 -18.46 -156.19 60.34
CA ASP K 25 -18.11 -155.76 61.68
C ASP K 25 -17.53 -154.34 61.69
N ALA K 26 -16.93 -153.87 60.58
CA ALA K 26 -16.40 -152.52 60.51
C ALA K 26 -16.78 -151.79 59.22
N PRO K 27 -16.95 -150.46 59.25
CA PRO K 27 -17.26 -149.68 58.06
C PRO K 27 -16.05 -149.66 57.14
N ARG K 28 -16.27 -149.67 55.81
CA ARG K 28 -15.21 -149.50 54.85
C ARG K 28 -14.64 -148.09 54.82
N ALA K 29 -15.53 -147.08 54.90
CA ALA K 29 -15.16 -145.70 54.72
C ALA K 29 -15.53 -144.90 55.94
N VAL K 30 -14.54 -144.21 56.51
CA VAL K 30 -14.77 -143.27 57.57
C VAL K 30 -13.99 -142.04 57.19
N PHE K 31 -14.64 -140.87 57.10
CA PHE K 31 -13.93 -139.68 56.71
C PHE K 31 -14.61 -138.46 57.33
N PRO K 32 -13.96 -137.31 57.43
CA PRO K 32 -14.57 -136.11 57.98
C PRO K 32 -15.64 -135.50 57.11
N SER K 33 -16.78 -135.17 57.71
CA SER K 33 -17.92 -134.55 57.05
C SER K 33 -17.70 -133.08 56.80
N ILE K 34 -16.86 -132.71 55.82
CA ILE K 34 -16.47 -131.34 55.59
C ILE K 34 -16.55 -131.07 54.13
N VAL K 35 -16.99 -129.86 53.81
CA VAL K 35 -17.06 -129.33 52.48
C VAL K 35 -16.15 -128.14 52.54
N GLY K 36 -15.01 -128.22 51.86
CA GLY K 36 -14.03 -127.17 51.86
C GLY K 36 -13.92 -126.48 50.55
N ARG K 37 -14.10 -125.15 50.55
CA ARG K 37 -14.22 -124.36 49.34
C ARG K 37 -12.96 -123.56 49.12
N PRO K 38 -12.33 -123.50 47.93
CA PRO K 38 -11.31 -122.53 47.60
C PRO K 38 -11.73 -121.08 47.84
N ARG K 39 -11.34 -120.52 48.99
CA ARG K 39 -11.54 -119.13 49.36
C ARG K 39 -10.63 -118.20 48.54
N HIS K 40 -9.36 -118.61 48.30
CA HIS K 40 -8.40 -117.81 47.56
C HIS K 40 -8.58 -118.09 46.09
N GLN K 41 -8.73 -117.05 45.25
CA GLN K 41 -8.76 -117.24 43.81
C GLN K 41 -7.44 -117.77 43.27
N GLY K 42 -7.50 -118.86 42.50
CA GLY K 42 -6.31 -119.51 41.99
C GLY K 42 -5.84 -118.88 40.72
N VAL K 43 -4.52 -118.77 40.51
CA VAL K 43 -3.96 -118.20 39.30
C VAL K 43 -2.90 -119.14 38.77
N MET K 44 -3.31 -120.02 37.86
CA MET K 44 -2.49 -120.89 37.08
C MET K 44 -3.41 -121.19 35.92
N VAL K 45 -3.07 -122.16 35.06
CA VAL K 45 -3.98 -122.71 34.05
C VAL K 45 -3.85 -124.20 34.22
N GLY K 46 -4.94 -124.98 34.05
CA GLY K 46 -4.90 -126.43 34.24
C GLY K 46 -4.95 -126.87 35.68
N MET K 47 -5.57 -126.04 36.53
CA MET K 47 -5.98 -126.44 37.85
C MET K 47 -7.41 -126.89 37.75
N GLY K 48 -7.73 -127.94 38.52
CA GLY K 48 -9.09 -128.31 38.92
C GLY K 48 -10.21 -128.21 37.89
N GLN K 49 -11.05 -127.14 37.90
CA GLN K 49 -11.12 -126.10 38.91
C GLN K 49 -11.58 -126.65 40.23
N LYS K 50 -12.66 -127.49 40.18
CA LYS K 50 -13.30 -128.11 41.32
C LYS K 50 -13.85 -127.09 42.33
N ASP K 51 -15.16 -126.78 42.28
CA ASP K 51 -15.85 -125.80 43.10
C ASP K 51 -15.62 -126.01 44.61
N SER K 52 -15.49 -127.28 45.02
CA SER K 52 -15.33 -127.61 46.40
C SER K 52 -14.77 -129.01 46.50
N TYR K 53 -14.16 -129.32 47.64
CA TYR K 53 -13.55 -130.60 47.98
C TYR K 53 -14.30 -131.16 49.16
N VAL K 54 -14.47 -132.49 49.21
CA VAL K 54 -15.28 -133.17 50.20
C VAL K 54 -14.46 -134.28 50.80
N GLY K 55 -14.65 -134.57 52.09
CA GLY K 55 -13.99 -135.69 52.73
C GLY K 55 -12.57 -135.41 53.15
N ASP K 56 -11.71 -136.42 53.31
CA ASP K 56 -10.33 -136.28 53.67
C ASP K 56 -9.43 -135.67 52.57
N GLU K 57 -9.93 -135.51 51.32
CA GLU K 57 -9.39 -134.62 50.30
C GLU K 57 -9.22 -133.17 50.79
N ALA K 58 -10.25 -132.64 51.51
CA ALA K 58 -10.26 -131.35 52.17
C ALA K 58 -9.25 -131.26 53.32
N GLN K 59 -9.04 -132.36 54.09
CA GLN K 59 -8.00 -132.46 55.10
C GLN K 59 -6.60 -132.33 54.53
N SER K 60 -6.33 -132.99 53.37
CA SER K 60 -5.07 -132.92 52.64
C SER K 60 -4.79 -131.52 52.10
N LYS K 61 -5.79 -130.89 51.46
CA LYS K 61 -5.67 -129.55 50.92
C LYS K 61 -6.34 -128.56 51.84
N ARG K 62 -5.85 -128.39 53.07
CA ARG K 62 -6.56 -127.65 54.08
C ARG K 62 -6.40 -126.14 54.03
N GLY K 63 -5.17 -125.68 53.72
CA GLY K 63 -4.76 -124.28 53.91
C GLY K 63 -5.39 -123.29 52.99
N ILE K 64 -5.72 -123.73 51.75
CA ILE K 64 -6.43 -122.97 50.74
C ILE K 64 -7.88 -122.77 51.12
N LEU K 65 -8.49 -123.85 51.62
CA LEU K 65 -9.90 -124.03 51.80
C LEU K 65 -10.38 -123.30 53.03
N THR K 66 -11.61 -122.80 52.95
CA THR K 66 -12.40 -122.60 54.15
C THR K 66 -13.23 -123.84 54.26
N LEU K 67 -13.35 -124.44 55.47
CA LEU K 67 -14.07 -125.66 55.70
C LEU K 67 -15.36 -125.33 56.37
N LYS K 68 -16.43 -125.95 55.89
CA LYS K 68 -17.73 -125.79 56.46
C LYS K 68 -18.21 -127.18 56.86
N TYR K 69 -18.45 -127.39 58.17
CA TYR K 69 -19.21 -128.53 58.65
C TYR K 69 -20.67 -128.31 58.24
N PRO K 70 -21.37 -129.23 57.57
CA PRO K 70 -22.72 -128.99 57.10
C PRO K 70 -23.69 -129.38 58.17
N ILE K 71 -23.27 -130.14 59.18
CA ILE K 71 -24.12 -130.57 60.27
C ILE K 71 -23.64 -129.88 61.52
N GLU K 72 -24.52 -129.14 62.20
CA GLU K 72 -24.23 -128.56 63.50
C GLU K 72 -25.31 -128.97 64.46
N HIS K 73 -24.91 -129.51 65.61
CA HIS K 73 -25.78 -129.93 66.70
C HIS K 73 -26.78 -131.02 66.34
N GLY K 74 -26.38 -131.90 65.40
CA GLY K 74 -27.24 -132.92 64.80
C GLY K 74 -28.15 -132.36 63.71
N ILE K 75 -28.08 -131.05 63.43
CA ILE K 75 -28.93 -130.36 62.48
C ILE K 75 -28.14 -130.14 61.22
N ILE K 76 -28.67 -130.53 60.04
CA ILE K 76 -28.03 -130.12 58.81
C ILE K 76 -28.32 -128.68 58.54
N THR K 77 -27.27 -127.83 58.53
CA THR K 77 -27.31 -126.42 58.20
C THR K 77 -27.49 -126.19 56.73
N ASN K 78 -26.74 -126.97 55.92
CA ASN K 78 -26.73 -126.84 54.49
C ASN K 78 -26.93 -128.19 53.79
N TRP K 79 -28.03 -128.31 53.01
CA TRP K 79 -28.48 -129.54 52.40
C TRP K 79 -27.69 -130.01 51.19
N ASP K 80 -27.27 -129.07 50.31
CA ASP K 80 -26.47 -129.35 49.14
C ASP K 80 -25.12 -129.92 49.56
N ASP K 81 -24.48 -129.33 50.57
CA ASP K 81 -23.27 -129.81 51.20
C ASP K 81 -23.41 -131.24 51.78
N MET K 82 -24.53 -131.59 52.46
CA MET K 82 -24.84 -132.97 52.86
C MET K 82 -25.03 -133.94 51.71
N GLU K 83 -25.74 -133.52 50.65
CA GLU K 83 -25.90 -134.31 49.45
C GLU K 83 -24.56 -134.60 48.78
N LYS K 84 -23.67 -133.60 48.68
CA LYS K 84 -22.29 -133.75 48.22
C LYS K 84 -21.47 -134.74 49.03
N ILE K 85 -21.61 -134.72 50.37
CA ILE K 85 -20.98 -135.70 51.24
C ILE K 85 -21.47 -137.11 50.99
N TRP K 86 -22.78 -137.33 50.89
CA TRP K 86 -23.32 -138.62 50.51
C TRP K 86 -22.96 -139.02 49.09
N HIS K 87 -22.90 -138.09 48.14
CA HIS K 87 -22.43 -138.38 46.80
C HIS K 87 -21.00 -138.92 46.77
N HIS K 88 -20.11 -138.29 47.58
CA HIS K 88 -18.76 -138.73 47.86
C HIS K 88 -18.74 -140.13 48.49
N THR K 89 -19.57 -140.46 49.54
CA THR K 89 -19.59 -141.82 50.15
C THR K 89 -19.85 -142.93 49.17
N PHE K 90 -20.92 -142.75 48.36
CA PHE K 90 -21.40 -143.79 47.47
C PHE K 90 -20.52 -143.97 46.26
N TYR K 91 -20.14 -142.87 45.59
CA TYR K 91 -19.39 -142.98 44.35
C TYR K 91 -17.89 -143.01 44.58
N ASN K 92 -17.33 -142.13 45.44
CA ASN K 92 -15.89 -142.06 45.65
C ASN K 92 -15.34 -143.25 46.44
N GLU K 93 -15.99 -143.66 47.56
CA GLU K 93 -15.49 -144.75 48.38
C GLU K 93 -16.13 -146.08 48.05
N LEU K 94 -17.45 -146.21 48.25
CA LEU K 94 -18.05 -147.54 48.25
C LEU K 94 -18.28 -148.12 46.88
N ARG K 95 -18.43 -147.24 45.88
CA ARG K 95 -18.61 -147.55 44.48
C ARG K 95 -19.85 -148.37 44.21
N VAL K 96 -20.97 -147.92 44.77
CA VAL K 96 -22.22 -148.62 44.74
C VAL K 96 -23.19 -147.76 43.97
N ALA K 97 -24.19 -148.38 43.33
CA ALA K 97 -25.37 -147.67 42.89
C ALA K 97 -26.38 -147.78 44.04
N PRO K 98 -26.85 -146.71 44.70
CA PRO K 98 -27.85 -146.82 45.75
C PRO K 98 -29.15 -147.49 45.31
N GLU K 99 -29.51 -147.53 44.01
CA GLU K 99 -30.62 -148.29 43.45
C GLU K 99 -30.54 -149.78 43.76
N GLU K 100 -29.34 -150.30 43.99
CA GLU K 100 -29.10 -151.70 44.23
C GLU K 100 -29.03 -152.01 45.71
N HIS K 101 -29.21 -151.03 46.63
CA HIS K 101 -29.06 -151.33 48.05
C HIS K 101 -30.08 -150.61 48.92
N PRO K 102 -30.79 -151.19 49.89
CA PRO K 102 -31.44 -150.41 50.93
C PRO K 102 -30.45 -149.66 51.84
N THR K 103 -30.74 -148.40 52.25
CA THR K 103 -29.79 -147.56 52.99
C THR K 103 -30.30 -147.17 54.35
N LEU K 104 -29.59 -147.51 55.42
CA LEU K 104 -29.85 -147.09 56.77
C LEU K 104 -29.12 -145.80 57.06
N LEU K 105 -29.82 -144.80 57.62
CA LEU K 105 -29.21 -143.61 58.16
C LEU K 105 -29.43 -143.61 59.64
N THR K 106 -28.40 -143.17 60.37
CA THR K 106 -28.58 -142.81 61.76
C THR K 106 -29.03 -141.38 61.88
N GLU K 107 -29.61 -141.00 63.02
CA GLU K 107 -30.00 -139.65 63.31
C GLU K 107 -30.12 -139.50 64.81
N ALA K 108 -29.98 -138.26 65.32
CA ALA K 108 -29.90 -138.00 66.73
C ALA K 108 -31.25 -137.84 67.46
N PRO K 109 -31.48 -138.21 68.71
CA PRO K 109 -32.70 -137.89 69.44
C PRO K 109 -33.11 -136.43 69.57
N LEU K 110 -34.44 -136.23 69.70
CA LEU K 110 -35.09 -134.94 69.98
C LEU K 110 -34.75 -133.96 68.89
N ASN K 111 -34.54 -134.48 67.69
CA ASN K 111 -34.03 -133.73 66.58
C ASN K 111 -35.24 -133.21 65.81
N PRO K 112 -35.26 -131.94 65.36
CA PRO K 112 -36.23 -131.45 64.41
C PRO K 112 -36.75 -132.42 63.37
N LYS K 113 -38.07 -132.43 63.17
CA LYS K 113 -38.76 -133.29 62.24
C LYS K 113 -38.31 -133.12 60.80
N ALA K 114 -38.00 -131.86 60.45
CA ALA K 114 -37.52 -131.42 59.17
C ALA K 114 -36.25 -132.11 58.73
N ASN K 115 -35.29 -132.40 59.65
CA ASN K 115 -34.13 -133.20 59.30
C ASN K 115 -34.49 -134.60 58.87
N ARG K 116 -35.31 -135.35 59.63
CA ARG K 116 -35.74 -136.69 59.23
C ARG K 116 -36.51 -136.73 57.91
N GLU K 117 -37.51 -135.83 57.76
CA GLU K 117 -38.34 -135.68 56.58
C GLU K 117 -37.62 -135.19 55.34
N LYS K 118 -36.70 -134.21 55.47
CA LYS K 118 -35.88 -133.80 54.36
C LYS K 118 -34.78 -134.81 54.02
N MET K 119 -34.23 -135.54 55.00
CA MET K 119 -33.27 -136.60 54.82
C MET K 119 -33.81 -137.76 53.97
N THR K 120 -35.08 -138.17 54.25
CA THR K 120 -35.82 -139.13 53.42
C THR K 120 -36.16 -138.62 52.06
N GLN K 121 -36.57 -137.36 51.93
CA GLN K 121 -36.85 -136.72 50.66
C GLN K 121 -35.65 -136.73 49.72
N ILE K 122 -34.44 -136.40 50.24
CA ILE K 122 -33.19 -136.56 49.50
C ILE K 122 -32.87 -138.01 49.18
N MET K 123 -33.01 -138.94 50.14
CA MET K 123 -32.69 -140.32 49.82
C MET K 123 -33.55 -140.90 48.72
N PHE K 124 -34.85 -140.62 48.66
CA PHE K 124 -35.63 -141.06 47.53
C PHE K 124 -35.47 -140.28 46.23
N GLU K 125 -35.37 -138.93 46.29
CA GLU K 125 -35.44 -138.07 45.11
C GLU K 125 -34.11 -137.47 44.69
N THR K 126 -33.00 -138.00 45.23
CA THR K 126 -31.65 -137.64 44.80
C THR K 126 -30.95 -138.91 44.38
N PHE K 127 -30.64 -139.82 45.32
CA PHE K 127 -30.03 -141.10 44.97
C PHE K 127 -31.14 -142.11 44.88
N ASN K 128 -31.67 -142.48 43.70
CA ASN K 128 -32.83 -143.35 43.65
C ASN K 128 -32.54 -144.66 44.41
N VAL K 129 -33.40 -145.08 45.36
CA VAL K 129 -33.01 -146.13 46.30
C VAL K 129 -34.26 -146.99 46.54
N PRO K 130 -34.23 -148.32 46.68
CA PRO K 130 -35.43 -149.13 46.87
C PRO K 130 -36.08 -148.88 48.21
N ALA K 131 -35.26 -148.62 49.25
CA ALA K 131 -35.78 -148.51 50.57
C ALA K 131 -34.78 -147.85 51.49
N MET K 132 -35.23 -147.36 52.63
CA MET K 132 -34.37 -146.73 53.58
C MET K 132 -34.94 -146.79 54.96
N TYR K 133 -34.16 -146.39 55.96
CA TYR K 133 -34.65 -146.27 57.29
C TYR K 133 -33.83 -145.16 57.93
N VAL K 134 -34.41 -144.44 58.90
CA VAL K 134 -33.72 -143.49 59.74
C VAL K 134 -33.89 -144.04 61.13
N ALA K 135 -32.81 -144.11 61.90
CA ALA K 135 -32.82 -144.74 63.18
C ALA K 135 -32.11 -143.91 64.21
N ILE K 136 -32.47 -144.10 65.48
CA ILE K 136 -31.91 -143.32 66.55
C ILE K 136 -30.50 -143.77 66.92
N GLN K 137 -29.51 -142.86 67.09
CA GLN K 137 -28.12 -143.23 67.34
C GLN K 137 -27.85 -144.13 68.54
N ALA K 138 -28.49 -143.82 69.68
CA ALA K 138 -28.27 -144.49 70.95
C ALA K 138 -28.69 -145.96 71.00
N VAL K 139 -29.85 -146.29 70.41
CA VAL K 139 -30.32 -147.66 70.28
C VAL K 139 -29.38 -148.53 69.45
N LEU K 140 -28.82 -147.99 68.35
CA LEU K 140 -27.84 -148.70 67.55
C LEU K 140 -26.56 -149.04 68.34
N SER K 141 -26.03 -148.10 69.15
CA SER K 141 -24.88 -148.42 70.01
C SER K 141 -25.16 -149.50 71.05
N LEU K 142 -26.39 -149.50 71.61
CA LEU K 142 -26.85 -150.53 72.52
C LEU K 142 -26.86 -151.93 71.89
N TYR K 143 -27.38 -152.05 70.65
CA TYR K 143 -27.31 -153.26 69.84
C TYR K 143 -25.90 -153.74 69.61
N ALA K 144 -24.98 -152.80 69.25
CA ALA K 144 -23.57 -153.08 69.04
C ALA K 144 -22.86 -153.61 70.28
N SER K 145 -23.24 -153.11 71.47
CA SER K 145 -22.75 -153.59 72.75
C SER K 145 -23.35 -154.93 73.15
N GLY K 146 -24.42 -155.41 72.47
CA GLY K 146 -25.00 -156.73 72.65
C GLY K 146 -25.84 -156.87 73.89
N ARG K 147 -26.35 -155.75 74.40
CA ARG K 147 -27.09 -155.71 75.65
C ARG K 147 -28.51 -155.29 75.36
N THR K 148 -29.48 -155.76 76.15
CA THR K 148 -30.89 -155.47 75.89
C THR K 148 -31.35 -154.25 76.66
N THR K 149 -30.54 -153.81 77.62
CA THR K 149 -30.87 -152.84 78.66
C THR K 149 -29.64 -152.02 78.92
N GLY K 150 -29.86 -150.72 79.12
CA GLY K 150 -28.82 -149.80 79.51
C GLY K 150 -29.27 -148.41 79.31
N ILE K 151 -28.49 -147.47 79.83
CA ILE K 151 -28.69 -146.09 79.53
C ILE K 151 -27.56 -145.70 78.66
N VAL K 152 -27.87 -145.28 77.43
CA VAL K 152 -26.85 -144.99 76.48
C VAL K 152 -26.53 -143.52 76.50
N LEU K 153 -25.29 -143.20 76.87
CA LEU K 153 -24.74 -141.88 76.81
C LEU K 153 -24.05 -141.77 75.46
N ASP K 154 -24.66 -141.02 74.54
CA ASP K 154 -24.23 -140.84 73.18
C ASP K 154 -23.68 -139.44 73.19
N SER K 155 -22.38 -139.29 72.88
CA SER K 155 -21.87 -137.98 72.59
C SER K 155 -20.95 -138.03 71.39
N GLY K 156 -21.40 -137.39 70.28
CA GLY K 156 -20.58 -137.25 69.10
C GLY K 156 -19.89 -135.91 69.02
N ASP K 157 -19.54 -135.49 67.80
CA ASP K 157 -19.10 -134.13 67.53
C ASP K 157 -20.30 -133.21 67.30
N GLY K 158 -21.49 -133.80 67.06
CA GLY K 158 -22.73 -133.06 66.86
C GLY K 158 -23.32 -132.57 68.14
N VAL K 159 -24.02 -133.42 68.92
CA VAL K 159 -24.56 -133.04 70.21
C VAL K 159 -24.44 -134.30 71.05
N THR K 160 -24.57 -134.16 72.38
CA THR K 160 -24.74 -135.19 73.41
C THR K 160 -26.20 -135.53 73.62
N HIS K 161 -26.51 -136.83 73.71
CA HIS K 161 -27.81 -137.40 73.88
C HIS K 161 -27.75 -138.51 74.90
N ASN K 162 -28.89 -138.86 75.50
CA ASN K 162 -28.94 -139.83 76.53
C ASN K 162 -30.29 -140.51 76.36
N VAL K 163 -30.31 -141.84 76.14
CA VAL K 163 -31.54 -142.58 75.95
C VAL K 163 -31.51 -143.76 76.93
N PRO K 164 -32.33 -143.84 77.97
CA PRO K 164 -32.52 -145.05 78.76
C PRO K 164 -33.40 -146.02 78.03
N ILE K 165 -33.03 -147.30 78.10
CA ILE K 165 -33.74 -148.38 77.49
C ILE K 165 -33.88 -149.44 78.56
N TYR K 166 -34.97 -150.19 78.58
CA TYR K 166 -35.16 -151.33 79.46
C TYR K 166 -35.83 -152.46 78.70
N GLU K 167 -35.11 -153.58 78.49
CA GLU K 167 -35.59 -154.81 77.90
C GLU K 167 -36.11 -154.61 76.47
N GLY K 168 -35.29 -153.96 75.64
CA GLY K 168 -35.85 -153.18 74.54
C GLY K 168 -36.59 -151.99 75.10
N TYR K 169 -37.88 -151.79 74.72
CA TYR K 169 -38.68 -150.61 75.02
C TYR K 169 -37.90 -149.30 74.80
N ALA K 170 -38.14 -148.25 75.61
CA ALA K 170 -37.58 -146.92 75.45
C ALA K 170 -38.47 -146.00 76.24
N LEU K 171 -37.92 -144.91 76.79
CA LEU K 171 -38.70 -143.99 77.59
C LEU K 171 -38.63 -142.58 77.01
N PRO K 172 -39.63 -142.08 76.27
CA PRO K 172 -39.55 -140.80 75.57
C PRO K 172 -39.35 -139.60 76.48
N HIS K 173 -40.01 -139.56 77.65
CA HIS K 173 -39.90 -138.51 78.65
C HIS K 173 -38.55 -138.46 79.33
N ALA K 174 -37.91 -139.64 79.48
CA ALA K 174 -36.63 -139.79 80.11
C ALA K 174 -35.45 -139.58 79.17
N ILE K 175 -35.66 -139.53 77.82
CA ILE K 175 -34.63 -139.11 76.87
C ILE K 175 -34.20 -137.70 77.12
N MET K 176 -32.88 -137.48 77.23
CA MET K 176 -32.30 -136.17 77.45
C MET K 176 -31.32 -135.87 76.35
N ARG K 177 -31.29 -134.60 75.92
CA ARG K 177 -30.38 -134.09 74.94
C ARG K 177 -29.71 -132.90 75.56
N LEU K 178 -28.38 -132.87 75.51
CA LEU K 178 -27.57 -131.87 76.14
C LEU K 178 -26.67 -131.24 75.10
N ASP K 179 -26.74 -129.91 74.92
CA ASP K 179 -25.95 -129.21 73.94
C ASP K 179 -24.52 -129.01 74.45
N LEU K 180 -23.72 -130.07 74.32
CA LEU K 180 -22.30 -130.11 74.46
C LEU K 180 -21.85 -131.06 73.40
N ALA K 181 -20.60 -130.93 72.94
CA ALA K 181 -20.10 -131.82 71.94
C ALA K 181 -18.60 -131.81 71.92
N GLY K 182 -18.00 -132.70 71.10
CA GLY K 182 -16.64 -132.55 70.62
C GLY K 182 -16.32 -131.19 70.04
N ARG K 183 -17.19 -130.63 69.17
CA ARG K 183 -16.97 -129.35 68.56
C ARG K 183 -16.90 -128.17 69.54
N ASP K 184 -17.80 -128.13 70.55
CA ASP K 184 -17.79 -127.13 71.61
C ASP K 184 -16.55 -127.23 72.51
N LEU K 185 -16.05 -128.47 72.79
CA LEU K 185 -14.76 -128.69 73.42
C LEU K 185 -13.59 -128.20 72.59
N THR K 186 -13.63 -128.34 71.25
CA THR K 186 -12.66 -127.74 70.35
C THR K 186 -12.64 -126.22 70.41
N ASP K 187 -13.81 -125.54 70.38
CA ASP K 187 -13.95 -124.09 70.50
C ASP K 187 -13.47 -123.59 71.88
N TYR K 188 -13.78 -124.32 72.97
CA TYR K 188 -13.21 -124.07 74.29
C TYR K 188 -11.69 -124.23 74.31
N LEU K 189 -11.17 -125.30 73.65
CA LEU K 189 -9.76 -125.59 73.62
C LEU K 189 -8.92 -124.56 72.92
N MET K 190 -9.31 -124.10 71.73
CA MET K 190 -8.59 -123.04 71.04
C MET K 190 -8.66 -121.72 71.80
N LYS K 191 -9.77 -121.45 72.54
CA LYS K 191 -9.84 -120.38 73.52
C LYS K 191 -8.91 -120.51 74.72
N ILE K 192 -8.70 -121.72 75.27
CA ILE K 192 -7.79 -121.89 76.40
C ILE K 192 -6.33 -122.01 75.97
N LEU K 193 -6.01 -122.25 74.67
CA LEU K 193 -4.62 -122.15 74.20
C LEU K 193 -4.10 -120.71 74.13
N THR K 194 -5.00 -119.72 73.95
CA THR K 194 -4.63 -118.31 73.75
C THR K 194 -3.93 -117.68 74.92
N GLU K 195 -4.23 -118.11 76.17
CA GLU K 195 -3.58 -117.64 77.38
C GLU K 195 -2.13 -118.10 77.43
N ARG K 196 -1.76 -119.15 76.65
CA ARG K 196 -0.40 -119.63 76.55
C ARG K 196 0.39 -118.94 75.43
N GLY K 197 -0.31 -118.16 74.57
CA GLY K 197 0.27 -117.41 73.46
C GLY K 197 0.04 -118.01 72.10
N TYR K 198 -0.49 -119.25 72.04
CA TYR K 198 -0.76 -119.91 70.78
C TYR K 198 -2.15 -119.54 70.28
N SER K 199 -2.24 -118.93 69.10
CA SER K 199 -3.49 -118.35 68.63
C SER K 199 -3.86 -119.01 67.35
N PHE K 200 -4.98 -119.73 67.35
CA PHE K 200 -5.46 -120.49 66.22
C PHE K 200 -6.77 -119.87 65.87
N VAL K 201 -6.85 -119.17 64.72
CA VAL K 201 -7.90 -118.21 64.47
C VAL K 201 -8.80 -118.68 63.34
N THR K 202 -8.41 -119.74 62.60
CA THR K 202 -9.03 -120.05 61.31
C THR K 202 -9.42 -121.52 61.30
N THR K 203 -10.35 -121.92 60.41
CA THR K 203 -10.91 -123.28 60.31
C THR K 203 -9.91 -124.40 60.10
N ALA K 204 -8.86 -124.15 59.28
CA ALA K 204 -7.78 -125.07 59.00
C ALA K 204 -7.01 -125.53 60.25
N GLU K 205 -6.56 -124.61 61.14
CA GLU K 205 -5.90 -125.00 62.36
C GLU K 205 -6.85 -125.26 63.52
N ARG K 206 -8.15 -124.96 63.38
CA ARG K 206 -9.21 -125.46 64.24
C ARG K 206 -9.32 -126.99 64.19
N GLU K 207 -9.09 -127.57 63.01
CA GLU K 207 -8.92 -129.01 62.88
C GLU K 207 -7.58 -129.55 63.36
N ILE K 208 -6.52 -128.71 63.40
CA ILE K 208 -5.29 -129.04 64.13
C ILE K 208 -5.49 -129.14 65.64
N VAL K 209 -6.25 -128.24 66.31
CA VAL K 209 -6.59 -128.45 67.72
C VAL K 209 -7.58 -129.57 67.95
N ARG K 210 -8.43 -129.89 66.95
CA ARG K 210 -9.21 -131.11 67.01
C ARG K 210 -8.33 -132.36 67.09
N ASP K 211 -7.28 -132.48 66.24
CA ASP K 211 -6.27 -133.54 66.26
C ASP K 211 -5.49 -133.61 67.59
N ILE K 212 -5.12 -132.42 68.16
CA ILE K 212 -4.47 -132.35 69.48
C ILE K 212 -5.32 -132.97 70.55
N LYS K 213 -6.60 -132.56 70.58
CA LYS K 213 -7.58 -132.98 71.54
C LYS K 213 -7.96 -134.46 71.43
N GLU K 214 -7.96 -135.03 70.20
CA GLU K 214 -8.11 -136.44 69.88
C GLU K 214 -7.01 -137.35 70.45
N LYS K 215 -5.81 -136.82 70.80
CA LYS K 215 -4.83 -137.62 71.52
C LYS K 215 -4.33 -137.03 72.82
N LEU K 216 -3.93 -135.75 72.89
CA LEU K 216 -3.28 -135.24 74.08
C LEU K 216 -4.22 -135.15 75.26
N CYS K 217 -5.44 -134.62 75.07
CA CYS K 217 -6.42 -134.41 76.11
C CYS K 217 -6.79 -135.67 76.90
N TYR K 218 -7.00 -135.52 78.22
CA TYR K 218 -7.50 -136.63 79.01
C TYR K 218 -8.38 -136.05 80.08
N VAL K 219 -9.17 -136.87 80.79
CA VAL K 219 -10.02 -136.42 81.88
C VAL K 219 -9.40 -136.76 83.22
N ALA K 220 -9.30 -135.77 84.12
CA ALA K 220 -8.86 -135.93 85.47
C ALA K 220 -9.74 -136.81 86.36
N LEU K 221 -9.12 -137.72 87.13
CA LEU K 221 -9.83 -138.55 88.11
C LEU K 221 -10.11 -137.77 89.37
N ASP K 222 -9.42 -136.64 89.55
CA ASP K 222 -9.99 -135.54 90.27
C ASP K 222 -9.40 -134.28 89.64
N PHE K 223 -10.23 -133.29 89.28
CA PHE K 223 -9.84 -132.08 88.57
C PHE K 223 -8.93 -131.20 89.41
N GLU K 224 -9.32 -130.89 90.66
CA GLU K 224 -8.59 -130.02 91.55
C GLU K 224 -7.24 -130.59 91.93
N ASN K 225 -7.17 -131.91 92.20
CA ASN K 225 -5.93 -132.60 92.48
C ASN K 225 -4.93 -132.52 91.33
N GLU K 226 -5.39 -132.78 90.09
CA GLU K 226 -4.55 -132.65 88.92
C GLU K 226 -4.16 -131.21 88.57
N MET K 227 -5.06 -130.24 88.78
CA MET K 227 -4.75 -128.82 88.72
C MET K 227 -3.78 -128.31 89.78
N ALA K 228 -3.83 -128.84 91.01
CA ALA K 228 -2.83 -128.60 92.03
C ALA K 228 -1.43 -129.14 91.67
N THR K 229 -1.34 -130.38 91.12
CA THR K 229 -0.04 -130.97 90.73
C THR K 229 0.48 -130.35 89.43
N ALA K 230 -0.33 -129.58 88.68
CA ALA K 230 0.16 -128.70 87.62
C ALA K 230 1.10 -127.57 88.06
N ALA K 231 1.24 -127.30 89.38
CA ALA K 231 2.29 -126.43 89.89
C ALA K 231 3.71 -126.95 89.62
N SER K 232 3.94 -128.26 89.83
CA SER K 232 5.20 -128.91 89.50
C SER K 232 5.07 -129.60 88.15
N SER K 233 5.25 -128.83 87.05
CA SER K 233 5.05 -129.38 85.72
C SER K 233 6.12 -130.35 85.30
N SER K 234 5.71 -131.60 85.04
CA SER K 234 6.61 -132.66 84.60
C SER K 234 5.89 -133.50 83.55
N SER K 235 4.95 -134.37 83.97
CA SER K 235 4.26 -135.26 83.04
C SER K 235 3.04 -134.66 82.36
N LEU K 236 2.54 -133.53 82.90
CA LEU K 236 1.32 -132.90 82.46
C LEU K 236 1.55 -132.06 81.23
N GLU K 237 2.79 -131.61 81.01
CA GLU K 237 3.20 -130.99 79.78
C GLU K 237 3.43 -132.05 78.74
N LYS K 238 3.01 -131.79 77.50
CA LYS K 238 3.41 -132.59 76.37
C LYS K 238 3.71 -131.65 75.26
N SER K 239 4.86 -131.90 74.63
CA SER K 239 5.25 -131.37 73.34
C SER K 239 4.35 -131.94 72.25
N TYR K 240 3.83 -131.07 71.38
CA TYR K 240 3.07 -131.40 70.21
C TYR K 240 3.71 -130.71 69.03
N GLU K 241 3.82 -131.41 67.88
CA GLU K 241 4.38 -130.93 66.65
C GLU K 241 3.25 -130.45 65.75
N LEU K 242 3.27 -129.19 65.28
CA LEU K 242 2.33 -128.72 64.26
C LEU K 242 2.80 -129.12 62.87
N PRO K 243 1.94 -129.20 61.86
CA PRO K 243 2.38 -129.39 60.46
C PRO K 243 3.26 -128.27 59.93
N ASP K 244 3.22 -127.05 60.52
CA ASP K 244 4.12 -125.94 60.25
C ASP K 244 5.58 -126.29 60.64
N GLY K 245 5.77 -127.12 61.71
CA GLY K 245 7.08 -127.39 62.31
C GLY K 245 7.27 -126.61 63.57
N GLN K 246 6.26 -125.81 63.93
CA GLN K 246 6.15 -125.21 65.25
C GLN K 246 5.79 -126.22 66.33
N VAL K 247 6.34 -126.03 67.53
CA VAL K 247 6.17 -126.93 68.64
C VAL K 247 5.30 -126.22 69.65
N ILE K 248 4.33 -126.95 70.21
CA ILE K 248 3.37 -126.50 71.19
C ILE K 248 3.58 -127.32 72.44
N THR K 249 3.54 -126.68 73.61
CA THR K 249 3.79 -127.34 74.89
C THR K 249 2.62 -127.04 75.79
N ILE K 250 1.78 -128.04 76.10
CA ILE K 250 0.50 -127.85 76.78
C ILE K 250 0.45 -128.56 78.12
N GLY K 251 0.23 -127.82 79.23
CA GLY K 251 0.27 -128.34 80.60
C GLY K 251 -1.10 -128.68 81.13
N ASN K 252 -1.58 -127.89 82.11
CA ASN K 252 -2.87 -128.10 82.77
C ASN K 252 -4.09 -127.86 81.90
N GLU K 253 -3.89 -127.01 80.89
CA GLU K 253 -4.75 -126.66 79.78
C GLU K 253 -5.25 -127.89 79.04
N ARG K 254 -4.41 -128.93 78.93
CA ARG K 254 -4.75 -130.21 78.37
C ARG K 254 -5.98 -130.91 79.03
N PHE K 255 -6.00 -131.11 80.38
CA PHE K 255 -7.05 -131.93 80.98
C PHE K 255 -8.26 -131.12 81.38
N ARG K 256 -8.14 -129.79 81.49
CA ARG K 256 -9.31 -128.99 81.77
C ARG K 256 -10.19 -128.72 80.56
N CYS K 257 -9.73 -129.04 79.33
CA CYS K 257 -10.65 -129.07 78.20
C CYS K 257 -11.71 -130.18 78.31
N PRO K 258 -11.46 -131.47 78.55
CA PRO K 258 -12.57 -132.41 78.73
C PRO K 258 -13.35 -132.21 80.01
N GLU K 259 -12.79 -131.50 81.02
CA GLU K 259 -13.43 -131.17 82.29
C GLU K 259 -14.73 -130.40 82.08
N THR K 260 -14.81 -129.60 80.99
CA THR K 260 -16.02 -128.89 80.55
C THR K 260 -17.27 -129.75 80.46
N LEU K 261 -17.16 -131.05 80.11
CA LEU K 261 -18.29 -131.98 80.10
C LEU K 261 -18.95 -132.15 81.47
N PHE K 262 -18.15 -132.02 82.54
CA PHE K 262 -18.54 -132.20 83.92
C PHE K 262 -18.71 -130.86 84.63
N GLN K 263 -18.31 -129.74 83.97
CA GLN K 263 -18.43 -128.38 84.47
C GLN K 263 -18.80 -127.43 83.32
N PRO K 264 -20.03 -127.39 82.79
CA PRO K 264 -20.41 -126.48 81.70
C PRO K 264 -20.48 -125.03 82.15
N SER K 265 -20.24 -124.69 83.40
CA SER K 265 -19.96 -123.34 83.84
C SER K 265 -18.70 -122.73 83.21
N PHE K 266 -17.70 -123.57 82.80
CA PHE K 266 -16.51 -123.17 82.04
C PHE K 266 -16.82 -122.69 80.63
N ILE K 267 -17.79 -123.33 79.96
CA ILE K 267 -18.28 -122.88 78.67
C ILE K 267 -19.26 -121.70 78.83
N GLY K 268 -19.90 -121.56 80.02
CA GLY K 268 -20.83 -120.48 80.36
C GLY K 268 -22.27 -120.88 80.24
N MET K 269 -22.54 -122.17 80.03
CA MET K 269 -23.88 -122.71 79.97
C MET K 269 -24.29 -123.23 81.32
N GLU K 270 -25.56 -123.01 81.72
CA GLU K 270 -26.11 -123.51 82.96
C GLU K 270 -26.35 -125.00 82.95
N SER K 271 -26.71 -125.54 81.75
CA SER K 271 -27.02 -126.92 81.49
C SER K 271 -26.09 -127.89 82.17
N ALA K 272 -26.64 -128.80 82.99
CA ALA K 272 -25.84 -129.61 83.89
C ALA K 272 -24.78 -130.47 83.23
N GLY K 273 -23.68 -130.80 83.95
CA GLY K 273 -22.68 -131.74 83.48
C GLY K 273 -23.26 -133.08 83.09
N ILE K 274 -22.51 -133.86 82.30
CA ILE K 274 -22.99 -135.09 81.70
C ILE K 274 -23.39 -136.20 82.69
N HIS K 275 -22.79 -136.24 83.90
CA HIS K 275 -23.16 -137.16 84.95
C HIS K 275 -24.48 -136.78 85.62
N GLU K 276 -24.75 -135.47 85.89
CA GLU K 276 -26.05 -135.01 86.34
C GLU K 276 -27.14 -135.16 85.28
N THR K 277 -26.83 -134.99 83.97
CA THR K 277 -27.81 -135.31 82.90
C THR K 277 -28.21 -136.76 82.90
N THR K 278 -27.24 -137.70 83.12
CA THR K 278 -27.52 -139.12 83.30
C THR K 278 -28.41 -139.40 84.51
N TYR K 279 -28.17 -138.71 85.65
CA TYR K 279 -29.07 -138.74 86.80
C TYR K 279 -30.46 -138.21 86.47
N ASN K 280 -30.55 -137.10 85.73
CA ASN K 280 -31.79 -136.49 85.26
C ASN K 280 -32.61 -137.46 84.39
N SER K 281 -31.96 -138.20 83.47
CA SER K 281 -32.60 -139.27 82.71
C SER K 281 -33.07 -140.45 83.56
N ILE K 282 -32.20 -140.99 84.44
CA ILE K 282 -32.51 -142.12 85.34
C ILE K 282 -33.60 -141.80 86.37
N MET K 283 -33.61 -140.58 86.94
CA MET K 283 -34.66 -140.08 87.81
C MET K 283 -36.01 -139.94 87.15
N LYS K 284 -36.05 -139.63 85.84
CA LYS K 284 -37.31 -139.59 85.13
C LYS K 284 -37.88 -140.96 84.83
N CYS K 285 -37.06 -142.03 84.96
CA CYS K 285 -37.50 -143.39 84.76
C CYS K 285 -38.23 -143.94 85.97
N ASP K 286 -39.03 -145.00 85.76
CA ASP K 286 -39.72 -145.70 86.82
C ASP K 286 -38.76 -146.28 87.86
N ILE K 287 -39.21 -146.33 89.13
CA ILE K 287 -38.38 -146.73 90.28
C ILE K 287 -37.77 -148.11 90.11
N ASP K 288 -38.55 -149.09 89.61
CA ASP K 288 -38.22 -150.49 89.49
C ASP K 288 -36.96 -150.75 88.63
N ILE K 289 -36.90 -150.12 87.44
CA ILE K 289 -35.84 -150.44 86.50
C ILE K 289 -34.53 -149.80 86.84
N ARG K 290 -34.50 -148.73 87.68
CA ARG K 290 -33.30 -147.94 87.87
C ARG K 290 -32.05 -148.70 88.27
N LYS K 291 -32.21 -149.83 89.01
CA LYS K 291 -31.15 -150.69 89.46
C LYS K 291 -30.20 -151.17 88.36
N ASP K 292 -30.72 -151.55 87.18
CA ASP K 292 -29.90 -152.05 86.10
C ASP K 292 -29.40 -150.89 85.25
N LEU K 293 -30.13 -149.77 85.13
CA LEU K 293 -29.68 -148.57 84.43
C LEU K 293 -28.46 -147.92 85.03
N TYR K 294 -28.39 -147.89 86.37
CA TYR K 294 -27.19 -147.58 87.10
C TYR K 294 -26.03 -148.52 86.77
N ALA K 295 -26.30 -149.85 86.67
CA ALA K 295 -25.26 -150.83 86.43
C ALA K 295 -24.96 -151.14 84.94
N ASN K 296 -25.65 -150.50 83.97
CA ASN K 296 -25.56 -150.85 82.55
C ASN K 296 -25.47 -149.57 81.73
N ASN K 297 -24.83 -148.50 82.26
CA ASN K 297 -24.50 -147.31 81.48
C ASN K 297 -23.53 -147.62 80.34
N VAL K 298 -23.94 -147.30 79.09
CA VAL K 298 -23.16 -147.53 77.89
C VAL K 298 -22.72 -146.18 77.38
N MET K 299 -21.40 -145.99 77.20
CA MET K 299 -20.87 -144.83 76.50
C MET K 299 -20.72 -145.12 75.02
N SER K 300 -21.10 -144.17 74.17
CA SER K 300 -20.92 -144.27 72.75
C SER K 300 -20.44 -142.94 72.21
N GLY K 301 -20.01 -142.96 70.93
CA GLY K 301 -19.68 -141.76 70.18
C GLY K 301 -18.22 -141.41 70.22
N GLY K 302 -17.83 -140.37 69.46
CA GLY K 302 -16.43 -139.99 69.37
C GLY K 302 -15.88 -139.21 70.54
N THR K 303 -16.70 -138.45 71.30
CA THR K 303 -16.18 -137.58 72.37
C THR K 303 -16.33 -138.27 73.73
N THR K 304 -16.62 -139.61 73.75
CA THR K 304 -16.39 -140.47 74.92
C THR K 304 -15.08 -141.21 74.78
N MET K 305 -14.25 -140.91 73.75
CA MET K 305 -12.99 -141.59 73.60
C MET K 305 -11.87 -141.18 74.56
N TYR K 306 -11.94 -139.97 75.18
CA TYR K 306 -10.85 -139.47 76.04
C TYR K 306 -10.48 -140.45 77.16
N PRO K 307 -9.20 -140.73 77.42
CA PRO K 307 -8.78 -141.54 78.55
C PRO K 307 -9.29 -141.04 79.90
N GLY K 308 -9.87 -141.94 80.72
CA GLY K 308 -10.31 -141.63 82.08
C GLY K 308 -11.72 -141.08 82.20
N ILE K 309 -12.50 -140.93 81.09
CA ILE K 309 -13.92 -140.52 81.17
C ILE K 309 -14.76 -141.49 81.98
N ALA K 310 -14.61 -142.81 81.72
CA ALA K 310 -15.36 -143.87 82.37
C ALA K 310 -15.19 -143.91 83.88
N ASP K 311 -13.94 -143.76 84.36
CA ASP K 311 -13.58 -143.67 85.75
C ASP K 311 -14.16 -142.43 86.44
N ARG K 312 -14.09 -141.25 85.77
CA ARG K 312 -14.68 -140.03 86.30
C ARG K 312 -16.20 -140.09 86.42
N MET K 313 -16.91 -140.61 85.38
CA MET K 313 -18.34 -140.84 85.43
C MET K 313 -18.74 -141.83 86.51
N GLN K 314 -17.94 -142.90 86.69
CA GLN K 314 -18.16 -143.87 87.75
C GLN K 314 -18.04 -143.26 89.12
N LYS K 315 -16.98 -142.48 89.39
CA LYS K 315 -16.83 -141.84 90.68
C LYS K 315 -17.93 -140.82 91.01
N GLU K 316 -18.37 -140.00 90.01
CA GLU K 316 -19.41 -139.01 90.21
C GLU K 316 -20.79 -139.60 90.34
N ILE K 317 -21.18 -140.55 89.48
CA ILE K 317 -22.47 -141.20 89.58
C ILE K 317 -22.59 -142.03 90.86
N THR K 318 -21.52 -142.79 91.24
CA THR K 318 -21.45 -143.47 92.54
C THR K 318 -21.54 -142.54 93.72
N ALA K 319 -20.87 -141.35 93.67
CA ALA K 319 -20.98 -140.33 94.71
C ALA K 319 -22.37 -139.73 94.90
N LEU K 320 -23.08 -139.43 93.78
CA LEU K 320 -24.45 -138.92 93.81
C LEU K 320 -25.51 -139.95 94.14
N ALA K 321 -25.39 -141.18 93.61
CA ALA K 321 -26.40 -142.20 93.71
C ALA K 321 -26.43 -142.87 95.10
N PRO K 322 -27.46 -143.64 95.44
CA PRO K 322 -27.35 -144.63 96.50
C PRO K 322 -26.19 -145.61 96.33
N SER K 323 -25.29 -145.72 97.33
CA SER K 323 -24.17 -146.68 97.33
C SER K 323 -24.66 -148.08 97.75
N THR K 324 -26.00 -148.22 97.91
CA THR K 324 -26.77 -149.43 98.11
C THR K 324 -26.63 -150.38 96.94
N MET K 325 -26.50 -149.83 95.72
CA MET K 325 -26.33 -150.61 94.51
C MET K 325 -25.06 -150.23 93.78
N LYS K 326 -24.47 -151.21 93.08
CA LYS K 326 -23.21 -151.01 92.41
C LYS K 326 -23.36 -150.47 91.01
N ILE K 327 -22.59 -149.40 90.71
CA ILE K 327 -22.69 -148.66 89.49
C ILE K 327 -21.60 -149.14 88.56
N LYS K 328 -21.92 -150.11 87.70
CA LYS K 328 -21.02 -150.50 86.64
C LYS K 328 -21.26 -149.63 85.42
N ILE K 329 -20.19 -149.14 84.80
CA ILE K 329 -20.25 -148.44 83.53
C ILE K 329 -19.56 -149.35 82.57
N ILE K 330 -20.20 -149.62 81.44
CA ILE K 330 -19.64 -150.42 80.39
C ILE K 330 -19.35 -149.52 79.23
N ALA K 331 -18.07 -149.18 79.06
CA ALA K 331 -17.62 -148.33 77.99
C ALA K 331 -16.62 -149.12 77.16
N PRO K 332 -16.95 -149.71 76.03
CA PRO K 332 -16.03 -150.55 75.29
C PRO K 332 -14.95 -149.67 74.65
N PRO K 333 -13.68 -150.02 74.46
CA PRO K 333 -12.95 -149.56 73.28
C PRO K 333 -13.67 -150.00 72.01
N GLU K 334 -13.50 -149.26 70.89
CA GLU K 334 -14.29 -149.40 69.67
C GLU K 334 -15.61 -148.62 69.76
N ARG K 335 -15.87 -147.96 70.93
CA ARG K 335 -17.09 -147.21 71.22
C ARG K 335 -17.39 -146.07 70.25
N LYS K 336 -16.35 -145.57 69.54
CA LYS K 336 -16.45 -144.59 68.48
C LYS K 336 -17.34 -145.06 67.34
N TYR K 337 -17.23 -146.36 66.96
CA TYR K 337 -17.89 -146.86 65.77
C TYR K 337 -19.16 -147.59 66.17
N SER K 338 -19.56 -147.56 67.46
CA SER K 338 -20.68 -148.34 67.98
C SER K 338 -22.02 -148.11 67.31
N VAL K 339 -22.33 -146.85 66.94
CA VAL K 339 -23.51 -146.51 66.16
C VAL K 339 -23.53 -147.18 64.77
N TRP K 340 -22.41 -147.16 64.02
CA TRP K 340 -22.32 -147.81 62.73
C TRP K 340 -22.46 -149.32 62.84
N ILE K 341 -21.80 -149.95 63.84
CA ILE K 341 -21.90 -151.38 64.10
C ILE K 341 -23.33 -151.75 64.46
N GLY K 342 -24.01 -150.91 65.26
CA GLY K 342 -25.42 -151.08 65.54
C GLY K 342 -26.34 -150.99 64.36
N GLY K 343 -25.95 -150.19 63.36
CA GLY K 343 -26.62 -150.12 62.08
C GLY K 343 -26.34 -151.29 61.18
N SER K 344 -25.11 -151.85 61.24
CA SER K 344 -24.72 -153.07 60.52
C SER K 344 -25.53 -154.26 60.98
N ILE K 345 -25.62 -154.47 62.32
CA ILE K 345 -26.39 -155.55 62.91
C ILE K 345 -27.87 -155.41 62.60
N LEU K 346 -28.46 -154.19 62.69
CA LEU K 346 -29.86 -153.98 62.39
C LEU K 346 -30.31 -154.32 60.99
N ALA K 347 -29.55 -153.88 59.97
CA ALA K 347 -29.88 -154.17 58.59
C ALA K 347 -29.59 -155.62 58.22
N SER K 348 -28.69 -156.32 58.96
CA SER K 348 -28.49 -157.76 58.86
C SER K 348 -29.59 -158.60 59.49
N LEU K 349 -30.39 -158.04 60.44
CA LEU K 349 -31.54 -158.71 61.00
C LEU K 349 -32.66 -159.01 60.00
N SER K 350 -33.09 -160.29 59.93
CA SER K 350 -34.07 -160.76 58.97
C SER K 350 -35.45 -160.12 59.09
N THR K 351 -35.97 -159.97 60.33
CA THR K 351 -37.24 -159.30 60.62
C THR K 351 -37.26 -157.83 60.23
N PHE K 352 -36.13 -157.12 60.42
CA PHE K 352 -35.95 -155.73 60.10
C PHE K 352 -36.16 -155.47 58.60
N GLN K 353 -35.88 -156.48 57.73
CA GLN K 353 -36.13 -156.40 56.32
C GLN K 353 -37.60 -156.22 55.87
N GLN K 354 -38.57 -156.26 56.81
CA GLN K 354 -39.94 -155.86 56.52
C GLN K 354 -40.29 -154.48 57.07
N MET K 355 -39.44 -153.87 57.93
CA MET K 355 -39.74 -152.61 58.60
C MET K 355 -39.08 -151.46 57.87
N TRP K 356 -38.40 -151.72 56.74
CA TRP K 356 -37.87 -150.68 55.88
C TRP K 356 -38.96 -149.75 55.39
N ILE K 357 -38.64 -148.45 55.25
CA ILE K 357 -39.51 -147.56 54.52
C ILE K 357 -39.29 -147.86 53.06
N THR K 358 -40.29 -148.42 52.35
CA THR K 358 -40.10 -148.73 50.94
C THR K 358 -40.17 -147.48 50.11
N LYS K 359 -39.54 -147.46 48.93
CA LYS K 359 -39.71 -146.41 47.96
C LYS K 359 -41.15 -146.24 47.52
N GLN K 360 -41.87 -147.37 47.32
CA GLN K 360 -43.26 -147.39 46.96
C GLN K 360 -44.16 -146.68 47.99
N GLU K 361 -43.99 -147.01 49.29
CA GLU K 361 -44.76 -146.45 50.39
C GLU K 361 -44.55 -144.95 50.55
N TYR K 362 -43.30 -144.47 50.34
CA TYR K 362 -42.98 -143.06 50.19
C TYR K 362 -43.67 -142.41 48.99
N ASP K 363 -43.65 -143.02 47.78
CA ASP K 363 -44.23 -142.46 46.58
C ASP K 363 -45.75 -142.24 46.74
N GLU K 364 -46.50 -143.21 47.35
CA GLU K 364 -47.89 -143.04 47.72
C GLU K 364 -48.16 -142.03 48.85
N ALA K 365 -47.43 -142.11 49.97
CA ALA K 365 -47.87 -141.46 51.18
C ALA K 365 -47.01 -140.26 51.57
N GLY K 366 -45.95 -139.95 50.81
CA GLY K 366 -45.13 -138.76 50.96
C GLY K 366 -44.04 -138.79 52.02
N PRO K 367 -43.28 -137.70 52.16
CA PRO K 367 -42.12 -137.64 53.06
C PRO K 367 -42.52 -137.62 54.52
N SER K 368 -43.78 -137.32 54.86
CA SER K 368 -44.19 -137.14 56.24
C SER K 368 -44.28 -138.45 57.03
N ILE K 369 -44.31 -139.59 56.31
CA ILE K 369 -44.46 -140.93 56.85
C ILE K 369 -43.32 -141.44 57.68
N VAL K 370 -42.18 -140.69 57.75
CA VAL K 370 -41.05 -141.08 58.57
C VAL K 370 -41.46 -141.33 60.01
N HIS K 371 -42.07 -140.31 60.62
CA HIS K 371 -42.49 -140.32 62.01
C HIS K 371 -43.60 -141.29 62.31
N ARG K 372 -44.50 -141.51 61.33
CA ARG K 372 -45.58 -142.47 61.38
C ARG K 372 -45.16 -143.93 61.49
N LYS K 373 -44.12 -144.34 60.73
CA LYS K 373 -43.65 -145.72 60.76
C LYS K 373 -42.56 -145.96 61.78
N CYS K 374 -41.53 -145.08 61.80
CA CYS K 374 -40.34 -145.26 62.61
C CYS K 374 -40.34 -144.33 63.81
N PHE K 375 -39.53 -144.68 64.82
CA PHE K 375 -39.22 -143.84 65.95
C PHE K 375 -38.16 -142.73 65.61
N GLU L 2 -2.59 -82.94 101.82
CA GLU L 2 -3.81 -82.67 101.00
C GLU L 2 -4.83 -83.76 101.17
N ASP L 3 -6.12 -83.52 100.82
CA ASP L 3 -7.17 -84.48 100.92
C ASP L 3 -7.22 -85.26 99.63
N GLU L 4 -7.56 -86.56 99.73
CA GLU L 4 -7.71 -87.50 98.62
C GLU L 4 -6.47 -87.85 97.82
N THR L 5 -5.38 -87.05 97.94
CA THR L 5 -4.03 -87.26 97.40
C THR L 5 -3.91 -87.06 95.88
N THR L 6 -5.00 -86.59 95.22
CA THR L 6 -5.28 -86.77 93.78
C THR L 6 -5.20 -88.25 93.37
N ALA L 7 -5.03 -88.56 92.08
CA ALA L 7 -4.64 -89.89 91.69
C ALA L 7 -4.07 -89.70 90.30
N LEU L 8 -3.37 -90.70 89.76
CA LEU L 8 -2.79 -90.65 88.44
C LEU L 8 -3.44 -91.68 87.55
N VAL L 9 -3.59 -91.33 86.26
CA VAL L 9 -4.25 -92.18 85.30
C VAL L 9 -3.38 -92.22 84.08
N CYS L 10 -3.12 -93.44 83.56
CA CYS L 10 -2.41 -93.65 82.31
C CYS L 10 -3.17 -94.64 81.44
N ASP L 11 -3.46 -94.24 80.20
CA ASP L 11 -3.89 -95.12 79.13
C ASP L 11 -2.66 -95.44 78.29
N ASN L 12 -2.31 -96.75 78.23
CA ASN L 12 -1.41 -97.36 77.29
C ASN L 12 -2.09 -98.53 76.59
N GLY L 13 -3.06 -98.25 75.69
CA GLY L 13 -3.05 -98.96 74.41
C GLY L 13 -1.77 -98.65 73.60
N SER L 14 -1.43 -99.43 72.55
CA SER L 14 -0.32 -99.07 71.66
C SER L 14 -0.41 -97.69 71.03
N GLY L 15 0.74 -97.06 70.73
CA GLY L 15 0.75 -95.85 69.92
C GLY L 15 0.84 -94.58 70.72
N LEU L 16 0.01 -94.39 71.76
CA LEU L 16 -0.03 -93.16 72.55
C LEU L 16 -0.13 -93.46 74.02
N VAL L 17 0.68 -92.77 74.83
CA VAL L 17 0.49 -92.66 76.25
C VAL L 17 -0.45 -91.51 76.43
N LYS L 18 -1.58 -91.71 77.10
CA LYS L 18 -2.39 -90.60 77.57
C LYS L 18 -2.34 -90.61 79.06
N ALA L 19 -1.82 -89.54 79.68
CA ALA L 19 -1.60 -89.50 81.10
C ALA L 19 -1.88 -88.14 81.72
N GLY L 20 -2.26 -88.15 82.99
CA GLY L 20 -2.56 -86.91 83.68
C GLY L 20 -3.06 -87.24 85.04
N PHE L 21 -3.59 -86.22 85.74
CA PHE L 21 -4.22 -86.38 87.02
C PHE L 21 -5.64 -86.86 86.84
N ALA L 22 -6.06 -87.81 87.69
CA ALA L 22 -7.45 -88.10 87.96
C ALA L 22 -8.13 -86.90 88.60
N GLY L 23 -9.39 -86.62 88.22
CA GLY L 23 -10.10 -85.44 88.70
C GLY L 23 -10.06 -84.27 87.78
N ASP L 24 -9.51 -84.43 86.57
CA ASP L 24 -9.49 -83.43 85.52
C ASP L 24 -10.18 -84.01 84.29
N ASP L 25 -10.76 -83.15 83.42
CA ASP L 25 -11.50 -83.50 82.23
C ASP L 25 -10.58 -83.88 81.06
N ALA L 26 -9.32 -83.42 81.05
CA ALA L 26 -8.38 -83.78 80.01
C ALA L 26 -7.00 -84.15 80.55
N PRO L 27 -6.27 -85.08 79.89
CA PRO L 27 -4.92 -85.45 80.30
C PRO L 27 -3.97 -84.29 80.06
N ARG L 28 -2.97 -84.10 80.94
CA ARG L 28 -1.92 -83.12 80.72
C ARG L 28 -0.99 -83.52 79.59
N ALA L 29 -0.60 -84.81 79.53
CA ALA L 29 0.41 -85.28 78.62
C ALA L 29 -0.14 -86.36 77.74
N VAL L 30 -0.02 -86.17 76.43
CA VAL L 30 -0.34 -87.16 75.46
C VAL L 30 0.83 -87.18 74.50
N PHE L 31 1.46 -88.34 74.29
CA PHE L 31 2.60 -88.40 73.41
C PHE L 31 2.71 -89.79 72.81
N PRO L 32 3.41 -89.99 71.70
CA PRO L 32 3.58 -91.31 71.10
C PRO L 32 4.43 -92.25 71.91
N SER L 33 3.96 -93.49 72.10
CA SER L 33 4.65 -94.55 72.82
C SER L 33 5.74 -95.18 72.00
N ILE L 34 6.88 -94.48 71.81
CA ILE L 34 7.93 -94.93 70.94
C ILE L 34 9.23 -94.76 71.64
N VAL L 35 10.12 -95.72 71.42
CA VAL L 35 11.47 -95.73 71.89
C VAL L 35 12.27 -95.75 70.63
N GLY L 36 12.97 -94.64 70.35
CA GLY L 36 13.76 -94.52 69.15
C GLY L 36 15.22 -94.49 69.42
N ARG L 37 15.97 -95.40 68.80
CA ARG L 37 17.36 -95.63 69.11
C ARG L 37 18.23 -95.08 68.00
N PRO L 38 19.31 -94.32 68.23
CA PRO L 38 20.32 -94.01 67.24
C PRO L 38 20.91 -95.25 66.56
N ARG L 39 20.41 -95.58 65.36
CA ARG L 39 20.90 -96.65 64.52
C ARG L 39 22.24 -96.29 63.88
N HIS L 40 22.42 -95.02 63.45
CA HIS L 40 23.65 -94.55 62.83
C HIS L 40 24.60 -94.12 63.90
N GLN L 41 25.85 -94.63 63.89
CA GLN L 41 26.88 -94.15 64.79
C GLN L 41 27.23 -92.70 64.57
N GLY L 42 27.18 -91.90 65.65
CA GLY L 42 27.41 -90.46 65.55
C GLY L 42 28.88 -90.14 65.62
N VAL L 43 29.32 -89.14 64.84
CA VAL L 43 30.71 -88.72 64.85
C VAL L 43 30.77 -87.22 65.01
N MET L 44 30.89 -86.78 66.26
CA MET L 44 31.15 -85.43 66.67
C MET L 44 31.73 -85.65 68.04
N VAL L 45 31.90 -84.60 68.85
CA VAL L 45 32.21 -84.70 70.28
C VAL L 45 31.22 -83.78 70.94
N GLY L 46 30.71 -84.11 72.15
CA GLY L 46 29.72 -83.28 72.83
C GLY L 46 28.32 -83.44 72.31
N MET L 47 28.02 -84.63 71.76
CA MET L 47 26.67 -85.06 71.51
C MET L 47 26.24 -85.86 72.69
N GLY L 48 24.96 -85.70 73.06
CA GLY L 48 24.17 -86.62 73.88
C GLY L 48 24.86 -87.27 75.09
N GLN L 49 25.33 -88.54 75.00
CA GLN L 49 25.13 -89.48 73.91
C GLN L 49 23.68 -89.85 73.78
N LYS L 50 23.04 -90.18 74.94
CA LYS L 50 21.66 -90.61 75.06
C LYS L 50 21.37 -91.89 74.27
N ASP L 51 21.36 -93.06 74.93
CA ASP L 51 21.16 -94.39 74.35
C ASP L 51 19.89 -94.47 73.50
N SER L 52 18.85 -93.75 73.90
CA SER L 52 17.59 -93.80 73.22
C SER L 52 16.78 -92.59 73.60
N TYR L 53 15.80 -92.22 72.77
CA TYR L 53 14.89 -91.12 72.93
C TYR L 53 13.49 -91.67 73.04
N VAL L 54 12.65 -91.03 73.86
CA VAL L 54 11.33 -91.51 74.21
C VAL L 54 10.35 -90.39 73.98
N GLY L 55 9.12 -90.72 73.54
CA GLY L 55 8.07 -89.72 73.42
C GLY L 55 8.15 -88.91 72.14
N ASP L 56 7.58 -87.71 72.09
CA ASP L 56 7.62 -86.82 70.95
C ASP L 56 9.01 -86.20 70.66
N GLU L 57 10.00 -86.36 71.58
CA GLU L 57 11.43 -86.19 71.31
C GLU L 57 11.91 -87.03 70.12
N ALA L 58 11.48 -88.32 70.07
CA ALA L 58 11.71 -89.26 68.98
C ALA L 58 11.04 -88.85 67.67
N GLN L 59 9.82 -88.25 67.75
CA GLN L 59 9.15 -87.66 66.60
C GLN L 59 9.91 -86.50 65.98
N SER L 60 10.49 -85.61 66.81
CA SER L 60 11.33 -84.50 66.39
C SER L 60 12.63 -84.96 65.73
N LYS L 61 13.33 -85.93 66.36
CA LYS L 61 14.56 -86.47 65.84
C LYS L 61 14.30 -87.81 65.19
N ARG L 62 13.52 -87.85 64.11
CA ARG L 62 13.03 -89.10 63.58
C ARG L 62 13.99 -89.86 62.67
N GLY L 63 14.72 -89.09 61.81
CA GLY L 63 15.45 -89.65 60.69
C GLY L 63 16.67 -90.48 61.03
N ILE L 64 17.32 -90.14 62.15
CA ILE L 64 18.44 -90.86 62.73
C ILE L 64 18.01 -92.19 63.31
N LEU L 65 16.86 -92.15 64.01
CA LEU L 65 16.38 -93.19 64.88
C LEU L 65 15.75 -94.31 64.09
N THR L 66 15.87 -95.51 64.62
CA THR L 66 14.92 -96.56 64.32
C THR L 66 13.95 -96.49 65.47
N LEU L 67 12.63 -96.55 65.21
CA LEU L 67 11.60 -96.45 66.22
C LEU L 67 11.03 -97.81 66.46
N LYS L 68 10.87 -98.14 67.75
CA LYS L 68 10.28 -99.39 68.14
C LYS L 68 9.07 -99.05 68.99
N TYR L 69 7.87 -99.45 68.53
CA TYR L 69 6.69 -99.49 69.37
C TYR L 69 6.88 -100.62 70.39
N PRO L 70 6.75 -100.44 71.70
CA PRO L 70 7.03 -101.49 72.66
C PRO L 70 5.78 -102.29 72.90
N ILE L 71 4.60 -101.79 72.50
CA ILE L 71 3.35 -102.48 72.65
C ILE L 71 2.85 -102.85 71.28
N GLU L 72 2.59 -104.14 71.03
CA GLU L 72 1.96 -104.60 69.82
C GLU L 72 0.78 -105.45 70.18
N HIS L 73 -0.39 -105.13 69.60
CA HIS L 73 -1.64 -105.84 69.78
C HIS L 73 -2.17 -105.87 71.20
N GLY L 74 -1.89 -104.79 71.97
CA GLY L 74 -2.15 -104.70 73.40
C GLY L 74 -1.13 -105.42 74.25
N ILE L 75 -0.13 -106.08 73.63
CA ILE L 75 0.88 -106.87 74.30
C ILE L 75 2.15 -106.06 74.39
N ILE L 76 2.75 -105.93 75.58
CA ILE L 76 4.08 -105.35 75.64
C ILE L 76 5.09 -106.36 75.15
N THR L 77 5.78 -106.04 74.04
CA THR L 77 6.86 -106.81 73.46
C THR L 77 8.13 -106.69 74.26
N ASN L 78 8.44 -105.45 74.67
CA ASN L 78 9.65 -105.13 75.38
C ASN L 78 9.37 -104.30 76.64
N TRP L 79 9.72 -104.86 77.82
CA TRP L 79 9.40 -104.33 79.13
C TRP L 79 10.22 -103.13 79.57
N ASP L 80 11.55 -103.13 79.27
CA ASP L 80 12.45 -102.04 79.58
C ASP L 80 12.01 -100.79 78.83
N ASP L 81 11.68 -100.91 77.55
CA ASP L 81 11.12 -99.87 76.71
C ASP L 81 9.79 -99.30 77.29
N MET L 82 8.85 -100.12 77.80
CA MET L 82 7.67 -99.66 78.53
C MET L 82 7.97 -98.93 79.82
N GLU L 83 8.92 -99.44 80.63
CA GLU L 83 9.40 -98.78 81.83
C GLU L 83 9.98 -97.41 81.52
N LYS L 84 10.81 -97.28 80.46
CA LYS L 84 11.32 -96.02 79.96
C LYS L 84 10.25 -95.03 79.55
N ILE L 85 9.18 -95.50 78.89
CA ILE L 85 8.02 -94.68 78.57
C ILE L 85 7.30 -94.15 79.80
N TRP L 86 7.01 -95.00 80.78
CA TRP L 86 6.47 -94.56 82.04
C TRP L 86 7.42 -93.67 82.84
N HIS L 87 8.74 -93.92 82.81
CA HIS L 87 9.70 -93.03 83.42
C HIS L 87 9.65 -91.62 82.85
N HIS L 88 9.55 -91.52 81.50
CA HIS L 88 9.30 -90.31 80.75
C HIS L 88 7.97 -89.64 81.17
N THR L 89 6.81 -90.35 81.30
CA THR L 89 5.54 -89.74 81.73
C THR L 89 5.60 -89.02 83.05
N PHE L 90 6.17 -89.72 84.05
CA PHE L 90 6.18 -89.26 85.42
C PHE L 90 7.19 -88.15 85.65
N TYR L 91 8.43 -88.33 85.17
CA TYR L 91 9.47 -87.37 85.45
C TYR L 91 9.54 -86.26 84.41
N ASN L 92 9.47 -86.58 83.10
CA ASN L 92 9.59 -85.56 82.06
C ASN L 92 8.37 -84.66 81.95
N GLU L 93 7.14 -85.21 81.95
CA GLU L 93 5.93 -84.41 81.81
C GLU L 93 5.30 -84.03 83.12
N LEU L 94 4.83 -85.02 83.91
CA LEU L 94 3.94 -84.71 85.01
C LEU L 94 4.65 -84.17 86.24
N ARG L 95 5.93 -84.54 86.40
CA ARG L 95 6.82 -84.13 87.45
C ARG L 95 6.34 -84.51 88.83
N VAL L 96 5.96 -85.79 88.96
CA VAL L 96 5.36 -86.33 90.14
C VAL L 96 6.29 -87.37 90.69
N ALA L 97 6.27 -87.61 92.01
CA ALA L 97 6.83 -88.80 92.58
C ALA L 97 5.68 -89.82 92.63
N PRO L 98 5.70 -90.98 91.97
CA PRO L 98 4.63 -91.96 92.06
C PRO L 98 4.36 -92.45 93.49
N GLU L 99 5.29 -92.35 94.45
CA GLU L 99 5.10 -92.62 95.87
C GLU L 99 3.99 -91.76 96.48
N GLU L 100 3.71 -90.60 95.90
CA GLU L 100 2.74 -89.65 96.40
C GLU L 100 1.40 -89.82 95.71
N HIS L 101 1.21 -90.78 94.77
CA HIS L 101 -0.05 -90.86 94.05
C HIS L 101 -0.49 -92.29 93.81
N PRO L 102 -1.72 -92.74 94.03
CA PRO L 102 -2.20 -93.99 93.43
C PRO L 102 -2.31 -93.91 91.90
N THR L 103 -1.94 -94.97 91.14
CA THR L 103 -1.87 -94.93 89.67
C THR L 103 -2.81 -95.91 89.03
N LEU L 104 -3.73 -95.45 88.18
CA LEU L 104 -4.59 -96.26 87.37
C LEU L 104 -3.93 -96.54 86.03
N LEU L 105 -3.90 -97.80 85.60
CA LEU L 105 -3.53 -98.18 84.26
C LEU L 105 -4.73 -98.74 83.57
N THR L 106 -4.87 -98.41 82.30
CA THR L 106 -5.80 -99.12 81.43
C THR L 106 -5.13 -100.33 80.84
N GLU L 107 -5.92 -101.30 80.36
CA GLU L 107 -5.42 -102.46 79.69
C GLU L 107 -6.54 -103.06 78.85
N ALA L 108 -6.19 -103.81 77.80
CA ALA L 108 -7.14 -104.26 76.81
C ALA L 108 -7.84 -105.60 77.16
N PRO L 109 -9.11 -105.88 76.82
CA PRO L 109 -9.70 -107.19 76.98
C PRO L 109 -9.02 -108.40 76.36
N LEU L 110 -9.24 -109.58 76.99
CA LEU L 110 -8.81 -110.90 76.53
C LEU L 110 -7.32 -110.93 76.37
N ASN L 111 -6.63 -110.14 77.19
CA ASN L 111 -5.24 -109.90 77.07
C ASN L 111 -4.53 -110.92 77.95
N PRO L 112 -3.43 -111.56 77.51
CA PRO L 112 -2.55 -112.34 78.36
C PRO L 112 -2.40 -111.89 79.80
N LYS L 113 -2.48 -112.85 80.74
CA LYS L 113 -2.37 -112.62 82.16
C LYS L 113 -1.06 -111.98 82.57
N ALA L 114 0.02 -112.40 81.86
CA ALA L 114 1.38 -111.95 82.04
C ALA L 114 1.54 -110.45 81.88
N ASN L 115 0.80 -109.80 80.93
CA ASN L 115 0.82 -108.35 80.86
C ASN L 115 0.27 -107.69 82.10
N ARG L 116 -0.92 -108.09 82.61
CA ARG L 116 -1.46 -107.52 83.84
C ARG L 116 -0.58 -107.74 85.07
N GLU L 117 -0.10 -108.99 85.27
CA GLU L 117 0.77 -109.41 86.35
C GLU L 117 2.17 -108.81 86.32
N LYS L 118 2.80 -108.71 85.14
CA LYS L 118 4.06 -108.02 85.00
C LYS L 118 3.93 -106.51 85.09
N MET L 119 2.83 -105.91 84.60
CA MET L 119 2.50 -104.51 84.70
C MET L 119 2.41 -104.03 86.15
N THR L 120 1.72 -104.83 87.01
CA THR L 120 1.69 -104.61 88.47
C THR L 120 3.00 -104.80 89.15
N GLN L 121 3.77 -105.83 88.76
CA GLN L 121 5.11 -106.08 89.28
C GLN L 121 6.06 -104.89 89.07
N ILE L 122 6.04 -104.30 87.84
CA ILE L 122 6.75 -103.05 87.57
C ILE L 122 6.21 -101.88 88.35
N MET L 123 4.88 -101.70 88.43
CA MET L 123 4.38 -100.56 89.19
C MET L 123 4.75 -100.59 90.64
N PHE L 124 4.74 -101.73 91.32
CA PHE L 124 5.24 -101.77 92.69
C PHE L 124 6.75 -101.76 92.86
N GLU L 125 7.52 -102.49 92.01
CA GLU L 125 8.94 -102.73 92.23
C GLU L 125 9.85 -101.95 91.30
N THR L 126 9.32 -100.93 90.61
CA THR L 126 10.10 -100.00 89.82
C THR L 126 9.81 -98.61 90.31
N PHE L 127 8.58 -98.07 90.11
CA PHE L 127 8.23 -96.78 90.65
C PHE L 127 7.50 -97.01 91.94
N ASN L 128 8.13 -96.89 93.14
CA ASN L 128 7.46 -97.25 94.37
C ASN L 128 6.13 -96.46 94.50
N VAL L 129 4.99 -97.12 94.74
CA VAL L 129 3.69 -96.46 94.57
C VAL L 129 2.79 -96.98 95.69
N PRO L 130 1.90 -96.22 96.33
CA PRO L 130 1.06 -96.72 97.42
C PRO L 130 0.02 -97.71 96.95
N ALA L 131 -0.49 -97.51 95.73
CA ALA L 131 -1.56 -98.33 95.24
C ALA L 131 -1.72 -98.18 93.76
N MET L 132 -2.42 -99.13 93.14
CA MET L 132 -2.65 -99.09 91.72
C MET L 132 -3.87 -99.86 91.35
N TYR L 133 -4.29 -99.76 90.09
CA TYR L 133 -5.37 -100.56 89.58
C TYR L 133 -5.07 -100.75 88.11
N VAL L 134 -5.51 -101.87 87.53
CA VAL L 134 -5.50 -102.12 86.10
C VAL L 134 -6.95 -102.30 85.76
N ALA L 135 -7.42 -101.63 84.70
CA ALA L 135 -8.81 -101.61 84.35
C ALA L 135 -9.00 -101.83 82.88
N ILE L 136 -10.18 -102.33 82.51
CA ILE L 136 -10.47 -102.65 81.13
C ILE L 136 -10.77 -101.40 80.31
N GLN L 137 -10.20 -101.22 79.10
CA GLN L 137 -10.37 -100.00 78.30
C GLN L 137 -11.81 -99.59 77.97
N ALA L 138 -12.64 -100.57 77.57
CA ALA L 138 -13.99 -100.34 77.10
C ALA L 138 -14.97 -99.81 78.16
N VAL L 139 -14.90 -100.34 79.39
CA VAL L 139 -15.69 -99.88 80.51
C VAL L 139 -15.37 -98.43 80.87
N LEU L 140 -14.09 -98.01 80.83
CA LEU L 140 -13.70 -96.64 81.06
C LEU L 140 -14.31 -95.68 80.04
N SER L 141 -14.30 -96.02 78.73
CA SER L 141 -14.97 -95.20 77.72
C SER L 141 -16.47 -95.05 77.93
N LEU L 142 -17.13 -96.14 78.36
CA LEU L 142 -18.53 -96.13 78.74
C LEU L 142 -18.86 -95.15 79.87
N TYR L 143 -18.03 -95.15 80.94
CA TYR L 143 -18.10 -94.17 82.03
C TYR L 143 -17.95 -92.75 81.55
N ALA L 144 -16.96 -92.51 80.65
CA ALA L 144 -16.71 -91.21 80.04
C ALA L 144 -17.88 -90.68 79.22
N SER L 145 -18.58 -91.58 78.52
CA SER L 145 -19.79 -91.25 77.78
C SER L 145 -21.00 -91.04 78.68
N GLY L 146 -20.93 -91.41 79.98
CA GLY L 146 -21.96 -91.11 80.98
C GLY L 146 -23.16 -92.01 80.89
N ARG L 147 -22.99 -93.20 80.30
CA ARG L 147 -24.09 -94.11 80.03
C ARG L 147 -23.86 -95.36 80.86
N THR L 148 -24.93 -96.05 81.28
CA THR L 148 -24.79 -97.22 82.12
C THR L 148 -24.77 -98.50 81.31
N THR L 149 -25.14 -98.40 80.03
CA THR L 149 -25.44 -99.49 79.12
C THR L 149 -24.95 -99.10 77.76
N GLY L 150 -24.39 -100.08 77.05
CA GLY L 150 -23.96 -99.92 75.69
C GLY L 150 -23.07 -101.03 75.30
N ILE L 151 -22.79 -101.12 74.01
CA ILE L 151 -21.79 -102.00 73.51
C ILE L 151 -20.66 -101.13 73.08
N VAL L 152 -19.51 -101.29 73.72
CA VAL L 152 -18.40 -100.43 73.45
C VAL L 152 -17.51 -101.06 72.42
N LEU L 153 -17.39 -100.39 71.27
CA LEU L 153 -16.47 -100.72 70.23
C LEU L 153 -15.22 -99.91 70.48
N ASP L 154 -14.16 -100.57 70.95
CA ASP L 154 -12.90 -99.98 71.33
C ASP L 154 -11.99 -100.38 70.21
N SER L 155 -11.43 -99.39 69.48
CA SER L 155 -10.34 -99.69 68.60
C SER L 155 -9.26 -98.64 68.73
N GLY L 156 -8.10 -99.07 69.26
CA GLY L 156 -6.93 -98.20 69.32
C GLY L 156 -5.97 -98.44 68.19
N ASP L 157 -4.68 -98.09 68.41
CA ASP L 157 -3.59 -98.47 67.54
C ASP L 157 -3.09 -99.88 67.88
N GLY L 158 -3.46 -100.38 69.08
CA GLY L 158 -3.09 -101.71 69.55
C GLY L 158 -3.92 -102.79 68.93
N VAL L 159 -5.15 -103.04 69.41
CA VAL L 159 -6.03 -104.01 68.82
C VAL L 159 -7.41 -103.41 68.98
N THR L 160 -8.42 -103.94 68.26
CA THR L 160 -9.86 -103.73 68.37
C THR L 160 -10.49 -104.71 69.34
N HIS L 161 -11.36 -104.22 70.21
CA HIS L 161 -12.06 -104.93 71.25
C HIS L 161 -13.51 -104.50 71.26
N ASN L 162 -14.39 -105.32 71.83
CA ASN L 162 -15.79 -105.07 71.83
C ASN L 162 -16.29 -105.65 73.14
N VAL L 163 -16.90 -104.84 74.02
CA VAL L 163 -17.40 -105.30 75.30
C VAL L 163 -18.86 -104.84 75.40
N PRO L 164 -19.87 -105.71 75.38
CA PRO L 164 -21.23 -105.35 75.73
C PRO L 164 -21.38 -105.25 77.22
N ILE L 165 -22.13 -104.24 77.67
CA ILE L 165 -22.41 -103.99 79.05
C ILE L 165 -23.90 -103.75 79.13
N TYR L 166 -24.54 -104.16 80.23
CA TYR L 166 -25.94 -103.88 80.49
C TYR L 166 -26.12 -103.52 81.96
N GLU L 167 -26.49 -102.25 82.25
CA GLU L 167 -26.83 -101.75 83.56
C GLU L 167 -25.68 -101.89 84.56
N GLY L 168 -24.48 -101.41 84.15
CA GLY L 168 -23.25 -102.01 84.67
C GLY L 168 -23.14 -103.42 84.15
N TYR L 169 -22.94 -104.42 85.04
CA TYR L 169 -22.63 -105.81 84.71
C TYR L 169 -21.55 -105.92 83.63
N ALA L 170 -21.62 -106.94 82.74
CA ALA L 170 -20.60 -107.24 81.74
C ALA L 170 -20.85 -108.67 81.34
N LEU L 171 -20.55 -109.03 80.08
CA LEU L 171 -20.77 -110.38 79.61
C LEU L 171 -19.48 -111.01 79.10
N PRO L 172 -18.78 -111.87 79.86
CA PRO L 172 -17.46 -112.37 79.47
C PRO L 172 -17.42 -113.16 78.18
N HIS L 173 -18.44 -114.00 77.91
CA HIS L 173 -18.60 -114.79 76.71
C HIS L 173 -18.87 -113.97 75.47
N ALA L 174 -19.57 -112.83 75.65
CA ALA L 174 -19.93 -111.93 74.59
C ALA L 174 -18.86 -110.90 74.27
N ILE L 175 -17.81 -110.73 75.11
CA ILE L 175 -16.63 -109.93 74.78
C ILE L 175 -15.91 -110.50 73.57
N MET L 176 -15.65 -109.65 72.56
CA MET L 176 -14.96 -110.02 71.37
C MET L 176 -13.73 -109.15 71.20
N ARG L 177 -12.64 -109.77 70.71
CA ARG L 177 -11.42 -109.10 70.40
C ARG L 177 -11.09 -109.47 68.97
N LEU L 178 -10.78 -108.45 68.16
CA LEU L 178 -10.56 -108.58 66.76
C LEU L 178 -9.22 -107.99 66.42
N ASP L 179 -8.31 -108.77 65.82
CA ASP L 179 -6.97 -108.32 65.48
C ASP L 179 -7.01 -107.47 64.20
N LEU L 180 -7.39 -106.20 64.38
CA LEU L 180 -7.27 -105.12 63.44
C LEU L 180 -6.92 -103.94 64.28
N ALA L 181 -6.26 -102.94 63.69
CA ALA L 181 -5.91 -101.78 64.42
C ALA L 181 -5.62 -100.63 63.50
N GLY L 182 -5.39 -99.43 64.08
CA GLY L 182 -4.69 -98.35 63.41
C GLY L 182 -3.37 -98.75 62.78
N ARG L 183 -2.51 -99.50 63.49
CA ARG L 183 -1.23 -99.92 62.97
C ARG L 183 -1.30 -100.83 61.74
N ASP L 184 -2.24 -101.80 61.71
CA ASP L 184 -2.49 -102.66 60.56
C ASP L 184 -3.04 -101.89 59.34
N LEU L 185 -3.89 -100.87 59.59
CA LEU L 185 -4.29 -99.91 58.55
C LEU L 185 -3.15 -99.09 58.01
N THR L 186 -2.19 -98.67 58.86
CA THR L 186 -0.95 -98.04 58.42
C THR L 186 -0.09 -98.94 57.52
N ASP L 187 0.12 -100.23 57.89
CA ASP L 187 0.85 -101.21 57.10
C ASP L 187 0.14 -101.50 55.76
N TYR L 188 -1.21 -101.61 55.75
CA TYR L 188 -2.00 -101.65 54.53
C TYR L 188 -1.85 -100.40 53.67
N LEU L 189 -1.86 -99.21 54.31
CA LEU L 189 -1.76 -97.94 53.61
C LEU L 189 -0.45 -97.73 52.91
N MET L 190 0.69 -97.98 53.56
CA MET L 190 1.98 -97.86 52.89
C MET L 190 2.14 -98.90 51.78
N LYS L 191 1.52 -100.10 51.91
CA LYS L 191 1.37 -101.05 50.81
C LYS L 191 0.51 -100.57 49.64
N ILE L 192 -0.61 -99.85 49.88
CA ILE L 192 -1.44 -99.35 48.79
C ILE L 192 -0.92 -98.04 48.20
N LEU L 193 0.02 -97.31 48.85
CA LEU L 193 0.70 -96.19 48.20
C LEU L 193 1.70 -96.61 47.11
N THR L 194 2.26 -97.84 47.20
CA THR L 194 3.31 -98.32 46.31
C THR L 194 2.88 -98.46 44.86
N GLU L 195 1.58 -98.78 44.61
CA GLU L 195 1.00 -98.87 43.27
C GLU L 195 0.96 -97.50 42.60
N ARG L 196 1.04 -96.40 43.40
CA ARG L 196 1.07 -95.06 42.88
C ARG L 196 2.49 -94.56 42.63
N GLY L 197 3.51 -95.32 43.09
CA GLY L 197 4.93 -95.03 42.92
C GLY L 197 5.60 -94.48 44.16
N TYR L 198 4.83 -94.15 45.21
CA TYR L 198 5.40 -93.64 46.44
C TYR L 198 5.76 -94.78 47.36
N SER L 199 7.04 -94.90 47.75
CA SER L 199 7.53 -96.06 48.45
C SER L 199 8.09 -95.62 49.75
N PHE L 200 7.46 -96.06 50.85
CA PHE L 200 7.83 -95.68 52.19
C PHE L 200 8.25 -96.96 52.86
N VAL L 201 9.54 -97.12 53.13
CA VAL L 201 10.13 -98.42 53.40
C VAL L 201 10.59 -98.53 54.84
N THR L 202 10.62 -97.42 55.60
CA THR L 202 11.34 -97.37 56.88
C THR L 202 10.41 -96.81 57.94
N THR L 203 10.73 -97.03 59.22
CA THR L 203 9.92 -96.65 60.39
C THR L 203 9.60 -95.16 60.50
N ALA L 204 10.57 -94.30 60.18
CA ALA L 204 10.43 -92.86 60.18
C ALA L 204 9.32 -92.32 59.26
N GLU L 205 9.23 -92.76 57.98
CA GLU L 205 8.16 -92.35 57.11
C GLU L 205 6.92 -93.23 57.21
N ARG L 206 6.98 -94.37 57.92
CA ARG L 206 5.83 -95.11 58.38
C ARG L 206 4.94 -94.30 59.33
N GLU L 207 5.57 -93.46 60.17
CA GLU L 207 4.86 -92.46 60.94
C GLU L 207 4.40 -91.24 60.14
N ILE L 208 5.06 -90.93 59.00
CA ILE L 208 4.50 -89.98 58.02
C ILE L 208 3.20 -90.48 57.37
N VAL L 209 3.07 -91.77 56.97
CA VAL L 209 1.78 -92.29 56.51
C VAL L 209 0.76 -92.45 57.61
N ARG L 210 1.21 -92.63 58.87
CA ARG L 210 0.32 -92.55 60.02
C ARG L 210 -0.33 -91.16 60.12
N ASP L 211 0.46 -90.05 60.00
CA ASP L 211 -0.01 -88.66 59.96
C ASP L 211 -0.95 -88.38 58.78
N ILE L 212 -0.65 -88.94 57.58
CA ILE L 212 -1.53 -88.84 56.41
C ILE L 212 -2.89 -89.41 56.69
N LYS L 213 -2.90 -90.63 57.23
CA LYS L 213 -4.09 -91.39 57.54
C LYS L 213 -4.92 -90.79 58.67
N GLU L 214 -4.29 -90.13 59.66
CA GLU L 214 -4.89 -89.34 60.73
C GLU L 214 -5.68 -88.13 60.24
N LYS L 215 -5.44 -87.60 59.00
CA LYS L 215 -6.30 -86.57 58.45
C LYS L 215 -6.90 -86.87 57.09
N LEU L 216 -6.13 -87.35 56.08
CA LEU L 216 -6.66 -87.46 54.74
C LEU L 216 -7.70 -88.55 54.62
N CYS L 217 -7.45 -89.73 55.19
CA CYS L 217 -8.33 -90.89 55.10
C CYS L 217 -9.75 -90.65 55.60
N TYR L 218 -10.75 -91.24 54.92
CA TYR L 218 -12.10 -91.18 55.41
C TYR L 218 -12.76 -92.50 55.04
N VAL L 219 -13.95 -92.79 55.59
CA VAL L 219 -14.70 -93.99 55.27
C VAL L 219 -15.85 -93.69 54.33
N ALA L 220 -15.95 -94.42 53.22
CA ALA L 220 -17.05 -94.35 52.28
C ALA L 220 -18.42 -94.74 52.84
N LEU L 221 -19.45 -93.95 52.54
CA LEU L 221 -20.83 -94.27 52.90
C LEU L 221 -21.42 -95.27 51.95
N ASP L 222 -20.77 -95.45 50.78
CA ASP L 222 -20.80 -96.72 50.13
C ASP L 222 -19.47 -96.83 49.39
N PHE L 223 -18.74 -97.96 49.55
CA PHE L 223 -17.40 -98.18 49.04
C PHE L 223 -17.40 -98.22 47.51
N GLU L 224 -18.26 -99.04 46.90
CA GLU L 224 -18.34 -99.21 45.46
C GLU L 224 -18.72 -97.95 44.74
N ASN L 225 -19.70 -97.20 45.27
CA ASN L 225 -20.11 -95.92 44.74
C ASN L 225 -18.98 -94.89 44.72
N GLU L 226 -18.23 -94.77 45.84
CA GLU L 226 -17.08 -93.90 45.88
C GLU L 226 -15.90 -94.34 45.02
N MET L 227 -15.65 -95.66 44.94
CA MET L 227 -14.71 -96.23 43.98
C MET L 227 -15.08 -96.08 42.51
N ALA L 228 -16.37 -96.13 42.16
CA ALA L 228 -16.87 -95.77 40.84
C ALA L 228 -16.66 -94.29 40.48
N THR L 229 -16.94 -93.35 41.41
CA THR L 229 -16.74 -91.91 41.16
C THR L 229 -15.26 -91.51 41.21
N ALA L 230 -14.35 -92.39 41.69
CA ALA L 230 -12.92 -92.25 41.49
C ALA L 230 -12.44 -92.31 40.02
N ALA L 231 -13.30 -92.71 39.05
CA ALA L 231 -12.99 -92.55 37.64
C ALA L 231 -12.85 -91.10 37.20
N SER L 232 -13.74 -90.20 37.68
CA SER L 232 -13.64 -88.76 37.45
C SER L 232 -13.00 -88.10 38.65
N SER L 233 -11.66 -88.13 38.72
CA SER L 233 -10.96 -87.61 39.88
C SER L 233 -11.00 -86.10 39.99
N SER L 234 -11.61 -85.61 41.09
CA SER L 234 -11.73 -84.19 41.37
C SER L 234 -11.51 -83.99 42.86
N SER L 235 -12.52 -84.30 43.69
CA SER L 235 -12.44 -84.06 45.14
C SER L 235 -11.75 -85.16 45.93
N LEU L 236 -11.61 -86.34 45.31
CA LEU L 236 -11.10 -87.53 45.96
C LEU L 236 -9.59 -87.53 46.03
N GLU L 237 -8.94 -86.78 45.13
CA GLU L 237 -7.52 -86.51 45.21
C GLU L 237 -7.29 -85.42 46.24
N LYS L 238 -6.23 -85.57 47.03
CA LYS L 238 -5.74 -84.50 47.86
C LYS L 238 -4.26 -84.53 47.76
N SER L 239 -3.70 -83.32 47.53
CA SER L 239 -2.30 -82.99 47.70
C SER L 239 -1.94 -83.05 49.19
N TYR L 240 -0.83 -83.74 49.50
CA TYR L 240 -0.23 -83.82 50.81
C TYR L 240 1.22 -83.42 50.67
N GLU L 241 1.73 -82.63 51.62
CA GLU L 241 3.09 -82.15 51.69
C GLU L 241 3.88 -83.06 52.63
N LEU L 242 5.00 -83.65 52.17
CA LEU L 242 5.91 -84.37 53.04
C LEU L 242 6.86 -83.42 53.75
N PRO L 243 7.47 -83.75 54.88
CA PRO L 243 8.53 -82.93 55.48
C PRO L 243 9.77 -82.77 54.61
N ASP L 244 10.01 -83.67 53.64
CA ASP L 244 11.03 -83.57 52.61
C ASP L 244 10.77 -82.35 51.68
N GLY L 245 9.48 -82.00 51.43
CA GLY L 245 9.08 -81.00 50.45
C GLY L 245 8.56 -81.64 49.19
N GLN L 246 8.57 -82.98 49.17
CA GLN L 246 7.86 -83.77 48.18
C GLN L 246 6.35 -83.75 48.37
N VAL L 247 5.60 -83.74 47.26
CA VAL L 247 4.17 -83.66 47.26
C VAL L 247 3.64 -85.00 46.84
N ILE L 248 2.59 -85.46 47.54
CA ILE L 248 1.92 -86.73 47.34
C ILE L 248 0.49 -86.40 46.98
N THR L 249 -0.06 -87.13 46.01
CA THR L 249 -1.41 -86.89 45.50
C THR L 249 -2.16 -88.19 45.57
N ILE L 250 -3.14 -88.34 46.48
CA ILE L 250 -3.79 -89.62 46.78
C ILE L 250 -5.28 -89.59 46.47
N GLY L 251 -5.75 -90.49 45.58
CA GLY L 251 -7.13 -90.52 45.10
C GLY L 251 -7.99 -91.51 45.83
N ASN L 252 -8.39 -92.60 45.15
CA ASN L 252 -9.25 -93.63 45.70
C ASN L 252 -8.65 -94.48 46.80
N GLU L 253 -7.32 -94.55 46.77
CA GLU L 253 -6.39 -95.12 47.71
C GLU L 253 -6.61 -94.60 49.12
N ARG L 254 -6.98 -93.30 49.23
CA ARG L 254 -7.36 -92.68 50.47
C ARG L 254 -8.50 -93.38 51.25
N PHE L 255 -9.68 -93.64 50.65
CA PHE L 255 -10.82 -94.11 51.42
C PHE L 255 -10.88 -95.62 51.50
N ARG L 256 -10.17 -96.35 50.62
CA ARG L 256 -10.12 -97.78 50.73
C ARG L 256 -9.16 -98.29 51.80
N CYS L 257 -8.29 -97.42 52.38
CA CYS L 257 -7.58 -97.81 53.58
C CYS L 257 -8.50 -98.00 54.79
N PRO L 258 -9.41 -97.12 55.23
CA PRO L 258 -10.29 -97.46 56.34
C PRO L 258 -11.33 -98.52 56.01
N GLU L 259 -11.61 -98.78 54.71
CA GLU L 259 -12.54 -99.80 54.22
C GLU L 259 -12.14 -101.19 54.71
N THR L 260 -10.83 -101.43 54.92
CA THR L 260 -10.26 -102.65 55.51
C THR L 260 -10.91 -103.08 56.81
N LEU L 261 -11.39 -102.13 57.66
CA LEU L 261 -12.13 -102.46 58.88
C LEU L 261 -13.43 -103.22 58.63
N PHE L 262 -14.06 -102.98 57.47
CA PHE L 262 -15.32 -103.54 57.05
C PHE L 262 -15.12 -104.65 56.02
N GLN L 263 -13.87 -104.82 55.52
CA GLN L 263 -13.49 -105.84 54.55
C GLN L 263 -12.09 -106.37 54.88
N PRO L 264 -11.86 -107.19 55.91
CA PRO L 264 -10.53 -107.74 56.24
C PRO L 264 -10.06 -108.75 55.23
N SER L 265 -10.80 -109.09 54.19
CA SER L 265 -10.30 -109.79 53.02
C SER L 265 -9.23 -109.01 52.26
N PHE L 266 -9.23 -107.65 52.33
CA PHE L 266 -8.18 -106.77 51.80
C PHE L 266 -6.84 -106.92 52.50
N ILE L 267 -6.86 -107.10 53.83
CA ILE L 267 -5.65 -107.40 54.59
C ILE L 267 -5.26 -108.88 54.45
N GLY L 268 -6.23 -109.77 54.10
CA GLY L 268 -6.02 -111.21 53.89
C GLY L 268 -6.42 -112.05 55.08
N MET L 269 -7.06 -111.44 56.08
CA MET L 269 -7.56 -112.14 57.24
C MET L 269 -9.01 -112.50 57.04
N GLU L 270 -9.41 -113.71 57.48
CA GLU L 270 -10.78 -114.16 57.42
C GLU L 270 -11.70 -113.47 58.40
N SER L 271 -11.13 -113.12 59.58
CA SER L 271 -11.79 -112.48 60.71
C SER L 271 -12.72 -111.38 60.29
N ALA L 272 -14.01 -111.47 60.69
CA ALA L 272 -15.05 -110.64 60.14
C ALA L 272 -14.84 -109.14 60.33
N GLY L 273 -15.43 -108.30 59.44
CA GLY L 273 -15.43 -106.86 59.61
C GLY L 273 -16.00 -106.41 60.93
N ILE L 274 -15.70 -105.17 61.33
CA ILE L 274 -16.05 -104.66 62.64
C ILE L 274 -17.54 -104.58 62.96
N HIS L 275 -18.42 -104.42 61.95
CA HIS L 275 -19.85 -104.44 62.11
C HIS L 275 -20.39 -105.85 62.35
N GLU L 276 -19.88 -106.89 61.63
CA GLU L 276 -20.20 -108.29 61.94
C GLU L 276 -19.64 -108.75 63.27
N THR L 277 -18.46 -108.27 63.73
CA THR L 277 -17.96 -108.54 65.09
C THR L 277 -18.89 -107.99 66.15
N THR L 278 -19.44 -106.78 65.96
CA THR L 278 -20.47 -106.19 66.83
C THR L 278 -21.74 -107.03 66.86
N TYR L 279 -22.20 -107.56 65.70
CA TYR L 279 -23.29 -108.54 65.64
C TYR L 279 -22.95 -109.82 66.39
N ASN L 280 -21.73 -110.35 66.23
CA ASN L 280 -21.23 -111.52 66.91
C ASN L 280 -21.24 -111.36 68.44
N SER L 281 -20.84 -110.19 68.96
CA SER L 281 -20.98 -109.84 70.37
C SER L 281 -22.42 -109.73 70.85
N ILE L 282 -23.30 -108.99 70.13
CA ILE L 282 -24.72 -108.80 70.46
C ILE L 282 -25.53 -110.09 70.39
N MET L 283 -25.27 -110.96 69.40
CA MET L 283 -25.84 -112.29 69.28
C MET L 283 -25.48 -113.24 70.40
N LYS L 284 -24.28 -113.11 70.98
CA LYS L 284 -23.91 -113.90 72.13
C LYS L 284 -24.58 -113.45 73.41
N CYS L 285 -25.16 -112.23 73.44
CA CYS L 285 -25.88 -111.71 74.58
C CYS L 285 -27.28 -112.28 74.66
N ASP L 286 -27.88 -112.21 75.87
CA ASP L 286 -29.24 -112.61 76.11
C ASP L 286 -30.24 -111.82 75.25
N ILE L 287 -31.36 -112.47 74.86
CA ILE L 287 -32.35 -111.91 73.94
C ILE L 287 -32.93 -110.58 74.43
N ASP L 288 -33.24 -110.47 75.73
CA ASP L 288 -33.91 -109.37 76.38
C ASP L 288 -33.16 -108.03 76.21
N ILE L 289 -31.85 -108.03 76.47
CA ILE L 289 -31.11 -106.79 76.52
C ILE L 289 -30.77 -106.24 75.17
N ARG L 290 -30.80 -107.07 74.09
CA ARG L 290 -30.27 -106.68 72.80
C ARG L 290 -30.82 -105.37 72.23
N LYS L 291 -32.09 -105.03 72.55
CA LYS L 291 -32.77 -103.82 72.12
C LYS L 291 -32.02 -102.54 72.41
N ASP L 292 -31.39 -102.40 73.61
CA ASP L 292 -30.69 -101.18 73.97
C ASP L 292 -29.25 -101.26 73.48
N LEU L 293 -28.63 -102.44 73.38
CA LEU L 293 -27.29 -102.61 72.81
C LEU L 293 -27.17 -102.23 71.36
N TYR L 294 -28.19 -102.54 70.56
CA TYR L 294 -28.38 -102.00 69.24
C TYR L 294 -28.47 -100.47 69.24
N ALA L 295 -29.21 -99.87 70.19
CA ALA L 295 -29.42 -98.44 70.24
C ALA L 295 -28.37 -97.63 71.04
N ASN L 296 -27.35 -98.28 71.65
CA ASN L 296 -26.42 -97.62 72.57
C ASN L 296 -25.00 -98.09 72.26
N ASN L 297 -24.68 -98.37 70.97
CA ASN L 297 -23.32 -98.61 70.53
C ASN L 297 -22.42 -97.38 70.74
N VAL L 298 -21.31 -97.53 71.50
CA VAL L 298 -20.37 -96.48 71.81
C VAL L 298 -19.09 -96.80 71.06
N MET L 299 -18.60 -95.86 70.25
CA MET L 299 -17.29 -95.95 69.66
C MET L 299 -16.26 -95.28 70.53
N SER L 300 -15.09 -95.90 70.71
CA SER L 300 -13.99 -95.32 71.44
C SER L 300 -12.70 -95.58 70.70
N GLY L 301 -11.63 -94.91 71.14
CA GLY L 301 -10.28 -95.16 70.68
C GLY L 301 -9.85 -94.26 69.57
N GLY L 302 -8.58 -94.38 69.16
CA GLY L 302 -8.03 -93.50 68.14
C GLY L 302 -8.40 -93.84 66.72
N THR L 303 -8.69 -95.12 66.37
CA THR L 303 -8.94 -95.52 64.98
C THR L 303 -10.45 -95.58 64.71
N THR L 304 -11.30 -95.03 65.62
CA THR L 304 -12.69 -94.65 65.31
C THR L 304 -12.78 -93.17 64.99
N MET L 305 -11.65 -92.45 64.88
CA MET L 305 -11.71 -91.04 64.56
C MET L 305 -12.03 -90.69 63.12
N TYR L 306 -11.83 -91.61 62.13
CA TYR L 306 -12.02 -91.29 60.71
C TYR L 306 -13.41 -90.74 60.40
N PRO L 307 -13.55 -89.66 59.63
CA PRO L 307 -14.86 -89.16 59.20
C PRO L 307 -15.71 -90.21 58.48
N GLY L 308 -16.99 -90.34 58.89
CA GLY L 308 -17.96 -91.22 58.24
C GLY L 308 -17.98 -92.65 58.74
N ILE L 309 -17.15 -93.05 59.76
CA ILE L 309 -17.23 -94.40 60.36
C ILE L 309 -18.59 -94.69 60.98
N ALA L 310 -19.13 -93.73 61.76
CA ALA L 310 -20.39 -93.85 62.46
C ALA L 310 -21.57 -94.10 61.54
N ASP L 311 -21.65 -93.37 60.42
CA ASP L 311 -22.64 -93.52 59.38
C ASP L 311 -22.55 -94.86 58.67
N ARG L 312 -21.32 -95.32 58.33
CA ARG L 312 -21.12 -96.62 57.73
C ARG L 312 -21.53 -97.78 58.64
N MET L 313 -21.13 -97.75 59.93
CA MET L 313 -21.55 -98.72 60.92
C MET L 313 -23.06 -98.74 61.12
N GLN L 314 -23.69 -97.54 61.13
CA GLN L 314 -25.13 -97.42 61.22
C GLN L 314 -25.84 -98.05 60.05
N LYS L 315 -25.41 -97.77 58.81
CA LYS L 315 -26.02 -98.38 57.65
C LYS L 315 -25.89 -99.91 57.58
N GLU L 316 -24.69 -100.45 57.95
CA GLU L 316 -24.44 -101.89 57.93
C GLU L 316 -25.13 -102.64 59.04
N ILE L 317 -25.07 -102.14 60.29
CA ILE L 317 -25.78 -102.78 61.38
C ILE L 317 -27.28 -102.71 61.22
N THR L 318 -27.84 -101.57 60.76
CA THR L 318 -29.26 -101.45 60.40
C THR L 318 -29.67 -102.39 59.26
N ALA L 319 -28.82 -102.56 58.22
CA ALA L 319 -29.06 -103.50 57.15
C ALA L 319 -29.09 -104.97 57.57
N LEU L 320 -28.16 -105.40 58.46
CA LEU L 320 -28.12 -106.75 59.00
C LEU L 320 -29.17 -107.05 60.05
N ALA L 321 -29.46 -106.10 60.96
CA ALA L 321 -30.31 -106.31 62.10
C ALA L 321 -31.80 -106.30 61.74
N PRO L 322 -32.70 -106.71 62.60
CA PRO L 322 -34.10 -106.35 62.51
C PRO L 322 -34.35 -104.83 62.42
N SER L 323 -35.04 -104.34 61.38
CA SER L 323 -35.42 -102.93 61.23
C SER L 323 -36.65 -102.59 62.07
N THR L 324 -37.09 -103.58 62.89
CA THR L 324 -38.10 -103.51 63.94
C THR L 324 -37.70 -102.54 65.03
N MET L 325 -36.39 -102.43 65.32
CA MET L 325 -35.86 -101.54 66.31
C MET L 325 -34.85 -100.59 65.72
N LYS L 326 -34.76 -99.37 66.28
CA LYS L 326 -33.89 -98.35 65.75
C LYS L 326 -32.49 -98.41 66.34
N ILE L 327 -31.50 -98.37 65.42
CA ILE L 327 -30.11 -98.56 65.74
C ILE L 327 -29.47 -97.20 65.85
N LYS L 328 -29.41 -96.63 67.06
CA LYS L 328 -28.65 -95.44 67.31
C LYS L 328 -27.21 -95.80 67.65
N ILE L 329 -26.24 -95.11 67.05
CA ILE L 329 -24.85 -95.23 67.40
C ILE L 329 -24.50 -93.91 68.01
N ILE L 330 -23.88 -93.95 69.18
CA ILE L 330 -23.42 -92.77 69.86
C ILE L 330 -21.92 -92.76 69.82
N ALA L 331 -21.36 -91.94 68.94
CA ALA L 331 -19.94 -91.80 68.78
C ALA L 331 -19.58 -90.37 69.04
N PRO L 332 -19.08 -89.97 70.22
CA PRO L 332 -18.84 -88.57 70.52
C PRO L 332 -17.63 -88.09 69.72
N PRO L 333 -17.46 -86.87 69.23
CA PRO L 333 -16.13 -86.26 69.16
C PRO L 333 -15.51 -86.23 70.56
N GLU L 334 -14.16 -86.23 70.67
CA GLU L 334 -13.42 -86.43 71.90
C GLU L 334 -13.26 -87.92 72.24
N ARG L 335 -13.84 -88.81 71.37
CA ARG L 335 -13.84 -90.26 71.56
C ARG L 335 -12.46 -90.89 71.64
N LYS L 336 -11.43 -90.20 71.11
CA LYS L 336 -10.03 -90.57 71.20
C LYS L 336 -9.57 -90.69 72.65
N TYR L 337 -10.00 -89.74 73.52
CA TYR L 337 -9.48 -89.63 74.86
C TYR L 337 -10.44 -90.28 75.84
N SER L 338 -11.52 -90.94 75.36
CA SER L 338 -12.58 -91.49 76.20
C SER L 338 -12.15 -92.47 77.27
N VAL L 339 -11.17 -93.34 76.96
CA VAL L 339 -10.57 -94.24 77.94
C VAL L 339 -9.87 -93.51 79.08
N TRP L 340 -9.06 -92.45 78.79
CA TRP L 340 -8.40 -91.66 79.81
C TRP L 340 -9.40 -90.91 80.69
N ILE L 341 -10.44 -90.29 80.07
CA ILE L 341 -11.52 -89.61 80.80
C ILE L 341 -12.27 -90.59 81.68
N GLY L 342 -12.52 -91.81 81.20
CA GLY L 342 -13.09 -92.86 82.02
C GLY L 342 -12.26 -93.31 83.18
N GLY L 343 -10.93 -93.22 83.04
CA GLY L 343 -10.00 -93.43 84.12
C GLY L 343 -9.93 -92.29 85.10
N SER L 344 -10.08 -91.03 84.62
CA SER L 344 -10.17 -89.83 85.46
C SER L 344 -11.37 -89.87 86.36
N ILE L 345 -12.56 -90.17 85.80
CA ILE L 345 -13.80 -90.28 86.55
C ILE L 345 -13.74 -91.42 87.57
N LEU L 346 -13.19 -92.61 87.20
CA LEU L 346 -13.08 -93.73 88.12
C LEU L 346 -12.25 -93.51 89.36
N ALA L 347 -11.06 -92.90 89.20
CA ALA L 347 -10.20 -92.62 90.34
C ALA L 347 -10.70 -91.45 91.17
N SER L 348 -11.53 -90.55 90.60
CA SER L 348 -12.28 -89.52 91.33
C SER L 348 -13.46 -90.04 92.13
N LEU L 349 -14.00 -91.24 91.79
CA LEU L 349 -15.06 -91.88 92.57
C LEU L 349 -14.65 -92.29 93.98
N SER L 350 -15.41 -91.86 95.00
CA SER L 350 -15.10 -92.07 96.40
C SER L 350 -15.05 -93.53 96.83
N THR L 351 -16.04 -94.34 96.38
CA THR L 351 -16.10 -95.80 96.63
C THR L 351 -14.93 -96.56 96.05
N PHE L 352 -14.48 -96.16 94.84
CA PHE L 352 -13.36 -96.75 94.13
C PHE L 352 -12.05 -96.67 94.94
N GLN L 353 -11.92 -95.63 95.81
CA GLN L 353 -10.80 -95.50 96.71
C GLN L 353 -10.60 -96.61 97.75
N GLN L 354 -11.53 -97.58 97.87
CA GLN L 354 -11.31 -98.78 98.65
C GLN L 354 -10.99 -100.01 97.78
N MET L 355 -11.17 -99.94 96.45
CA MET L 355 -11.01 -101.07 95.56
C MET L 355 -9.65 -101.06 94.91
N TRP L 356 -8.78 -100.09 95.26
CA TRP L 356 -7.40 -100.07 94.82
C TRP L 356 -6.65 -101.31 95.25
N ILE L 357 -5.73 -101.79 94.41
CA ILE L 357 -4.79 -102.79 94.85
C ILE L 357 -3.78 -102.05 95.69
N THR L 358 -3.70 -102.30 97.01
CA THR L 358 -2.74 -101.60 97.85
C THR L 358 -1.37 -102.17 97.64
N LYS L 359 -0.31 -101.38 97.89
CA LYS L 359 1.05 -101.87 97.96
C LYS L 359 1.23 -102.96 98.99
N GLN L 360 0.61 -102.79 100.18
CA GLN L 360 0.64 -103.75 101.26
C GLN L 360 0.08 -105.12 100.84
N GLU L 361 -1.12 -105.15 100.20
CA GLU L 361 -1.78 -106.36 99.76
C GLU L 361 -0.99 -107.12 98.70
N TYR L 362 -0.33 -106.38 97.78
CA TYR L 362 0.68 -106.93 96.87
C TYR L 362 1.89 -107.53 97.60
N ASP L 363 2.48 -106.83 98.60
CA ASP L 363 3.67 -107.27 99.31
C ASP L 363 3.40 -108.62 100.04
N GLU L 364 2.22 -108.78 100.70
CA GLU L 364 1.78 -110.05 101.27
C GLU L 364 1.43 -111.14 100.25
N ALA L 365 0.62 -110.84 99.23
CA ALA L 365 -0.02 -111.87 98.46
C ALA L 365 0.52 -112.03 97.04
N GLY L 366 1.50 -111.20 96.64
CA GLY L 366 2.22 -111.31 95.38
C GLY L 366 1.55 -110.73 94.13
N PRO L 367 2.22 -110.82 92.98
CA PRO L 367 1.74 -110.22 91.73
C PRO L 367 0.54 -110.90 91.16
N SER L 368 0.22 -112.14 91.59
CA SER L 368 -0.84 -112.93 90.98
C SER L 368 -2.25 -112.45 91.33
N ILE L 369 -2.36 -111.61 92.38
CA ILE L 369 -3.60 -111.08 92.93
C ILE L 369 -4.34 -110.13 92.04
N VAL L 370 -3.77 -109.71 90.88
CA VAL L 370 -4.44 -108.83 89.94
C VAL L 370 -5.79 -109.38 89.55
N HIS L 371 -5.79 -110.62 89.02
CA HIS L 371 -6.97 -111.29 88.51
C HIS L 371 -7.98 -111.66 89.58
N ARG L 372 -7.49 -111.96 90.80
CA ARG L 372 -8.27 -112.24 91.97
C ARG L 372 -9.15 -111.09 92.47
N LYS L 373 -8.62 -109.85 92.47
CA LYS L 373 -9.35 -108.70 92.94
C LYS L 373 -10.11 -107.98 91.84
N CYS L 374 -9.44 -107.71 90.70
CA CYS L 374 -9.97 -106.92 89.61
C CYS L 374 -10.37 -107.78 88.42
N PHE L 375 -11.23 -107.22 87.56
CA PHE L 375 -11.59 -107.78 86.28
C PHE L 375 -10.46 -107.53 85.19
N GLU M 2 -57.56 -192.70 85.82
CA GLU M 2 -57.28 -192.50 87.27
C GLU M 2 -58.56 -192.51 88.08
N ASP M 3 -58.48 -192.73 89.40
CA ASP M 3 -59.63 -192.73 90.28
C ASP M 3 -59.87 -191.33 90.76
N GLU M 4 -61.15 -190.97 90.94
CA GLU M 4 -61.63 -189.68 91.44
C GLU M 4 -61.38 -188.45 90.57
N THR M 5 -60.46 -188.55 89.58
CA THR M 5 -60.14 -187.57 88.53
C THR M 5 -59.39 -186.35 89.00
N THR M 6 -58.96 -186.32 90.29
CA THR M 6 -58.66 -185.10 91.09
C THR M 6 -59.83 -184.11 91.06
N ALA M 7 -59.60 -182.83 91.36
CA ALA M 7 -60.57 -181.81 91.07
C ALA M 7 -59.76 -180.53 91.10
N LEU M 8 -60.31 -179.42 90.57
CA LEU M 8 -59.65 -178.13 90.55
C LEU M 8 -60.40 -177.16 91.40
N VAL M 9 -59.64 -176.27 92.06
CA VAL M 9 -60.21 -175.30 92.98
C VAL M 9 -59.61 -173.97 92.64
N CYS M 10 -60.45 -172.93 92.50
CA CYS M 10 -60.03 -171.56 92.31
C CYS M 10 -60.77 -170.64 93.28
N ASP M 11 -60.02 -169.84 94.06
CA ASP M 11 -60.52 -168.69 94.78
C ASP M 11 -60.22 -167.46 93.95
N ASN M 12 -61.32 -166.75 93.56
CA ASN M 12 -61.33 -165.41 93.04
C ASN M 12 -62.26 -164.53 93.86
N GLY M 13 -61.90 -164.20 95.11
CA GLY M 13 -62.06 -162.81 95.53
C GLY M 13 -61.21 -161.85 94.70
N SER M 14 -61.45 -160.52 94.72
CA SER M 14 -60.56 -159.56 94.06
C SER M 14 -59.10 -159.63 94.47
N GLY M 15 -58.17 -159.28 93.58
CA GLY M 15 -56.77 -159.10 93.96
C GLY M 15 -55.89 -160.29 93.66
N LEU M 16 -56.29 -161.52 94.04
CA LEU M 16 -55.47 -162.71 93.87
C LEU M 16 -56.31 -163.87 93.38
N VAL M 17 -55.80 -164.59 92.38
CA VAL M 17 -56.27 -165.91 92.03
C VAL M 17 -55.50 -166.84 92.89
N LYS M 18 -56.18 -167.70 93.67
CA LYS M 18 -55.53 -168.81 94.32
C LYS M 18 -56.08 -170.07 93.70
N ALA M 19 -55.22 -170.88 93.06
CA ALA M 19 -55.65 -172.03 92.32
C ALA M 19 -54.71 -173.22 92.43
N GLY M 20 -55.27 -174.41 92.31
CA GLY M 20 -54.48 -175.61 92.40
C GLY M 20 -55.39 -176.79 92.34
N PHE M 21 -54.83 -177.97 92.63
CA PHE M 21 -55.58 -179.20 92.71
C PHE M 21 -56.27 -179.30 94.05
N ALA M 22 -57.53 -179.74 94.05
CA ALA M 22 -58.20 -180.30 95.20
C ALA M 22 -57.50 -181.57 95.67
N GLY M 23 -57.39 -181.75 97.00
CA GLY M 23 -56.65 -182.89 97.55
C GLY M 23 -55.25 -182.60 97.96
N ASP M 24 -54.83 -181.32 97.89
CA ASP M 24 -53.53 -180.85 98.34
C ASP M 24 -53.76 -179.78 99.41
N ASP M 25 -52.80 -179.59 100.33
CA ASP M 25 -52.83 -178.66 101.45
C ASP M 25 -52.56 -177.22 101.02
N ALA M 26 -51.84 -177.01 99.89
CA ALA M 26 -51.58 -175.67 99.40
C ALA M 26 -51.81 -175.54 97.89
N PRO M 27 -52.25 -174.35 97.40
CA PRO M 27 -52.44 -174.12 95.97
C PRO M 27 -51.09 -174.09 95.28
N ARG M 28 -51.01 -174.60 94.03
CA ARG M 28 -49.83 -174.50 93.21
C ARG M 28 -49.56 -173.06 92.76
N ALA M 29 -50.62 -172.35 92.33
CA ALA M 29 -50.49 -171.06 91.70
C ALA M 29 -51.26 -170.04 92.48
N VAL M 30 -50.58 -168.97 92.88
CA VAL M 30 -51.19 -167.81 93.48
C VAL M 30 -50.60 -166.62 92.76
N PHE M 31 -51.44 -165.76 92.17
CA PHE M 31 -50.91 -164.62 91.45
C PHE M 31 -51.93 -163.49 91.49
N PRO M 32 -51.55 -162.24 91.25
CA PRO M 32 -52.48 -161.12 91.23
C PRO M 32 -53.44 -161.13 90.06
N SER M 33 -54.73 -160.93 90.34
CA SER M 33 -55.79 -160.87 89.35
C SER M 33 -55.82 -159.56 88.60
N ILE M 34 -54.88 -159.34 87.68
CA ILE M 34 -54.73 -158.07 87.02
C ILE M 34 -54.54 -158.32 85.56
N VAL M 35 -55.14 -157.45 84.76
CA VAL M 35 -55.02 -157.42 83.33
C VAL M 35 -54.40 -156.09 83.07
N GLY M 36 -53.15 -156.09 82.61
CA GLY M 36 -52.42 -154.88 82.36
C GLY M 36 -52.17 -154.66 80.90
N ARG M 37 -52.60 -153.50 80.39
CA ARG M 37 -52.61 -153.23 78.97
C ARG M 37 -51.50 -152.24 78.63
N PRO M 38 -50.67 -152.42 77.60
CA PRO M 38 -49.80 -151.38 77.06
C PRO M 38 -50.54 -150.09 76.69
N ARG M 39 -50.52 -149.10 77.59
CA ARG M 39 -51.06 -147.77 77.39
C ARG M 39 -50.20 -146.96 76.41
N HIS M 40 -48.85 -147.08 76.50
CA HIS M 40 -47.94 -146.35 75.64
C HIS M 40 -47.73 -147.14 74.37
N GLN M 41 -47.91 -146.51 73.20
CA GLN M 41 -47.59 -147.16 71.94
C GLN M 41 -46.11 -147.48 71.81
N GLY M 42 -45.80 -148.75 71.50
CA GLY M 42 -44.43 -149.20 71.42
C GLY M 42 -43.82 -148.92 70.08
N VAL M 43 -42.54 -148.55 70.02
CA VAL M 43 -41.85 -148.29 68.76
C VAL M 43 -40.54 -149.03 68.76
N MET M 44 -40.58 -150.25 68.20
CA MET M 44 -39.45 -151.09 67.91
C MET M 44 -40.03 -151.98 66.83
N VAL M 45 -39.33 -153.06 66.43
CA VAL M 45 -39.88 -154.12 65.60
C VAL M 45 -39.51 -155.38 66.33
N GLY M 46 -40.37 -156.44 66.31
CA GLY M 46 -40.08 -157.67 67.03
C GLY M 46 -40.34 -157.61 68.51
N MET M 47 -41.28 -156.74 68.90
CA MET M 47 -41.87 -156.77 70.22
C MET M 47 -43.14 -157.58 70.11
N GLY M 48 -43.41 -158.37 71.17
CA GLY M 48 -44.72 -158.92 71.51
C GLY M 48 -45.59 -159.45 70.37
N GLN M 49 -46.61 -158.69 69.88
CA GLN M 49 -47.10 -157.44 70.41
C GLN M 49 -47.71 -157.63 71.78
N LYS M 50 -48.57 -158.67 71.90
CA LYS M 50 -49.29 -159.03 73.10
C LYS M 50 -50.23 -157.91 73.57
N ASP M 51 -51.54 -157.99 73.25
CA ASP M 51 -52.57 -156.99 73.55
C ASP M 51 -52.62 -156.64 75.05
N SER M 52 -52.34 -157.62 75.91
CA SER M 52 -52.41 -157.42 77.33
C SER M 52 -51.63 -158.52 78.00
N TYR M 53 -51.22 -158.27 79.26
CA TYR M 53 -50.48 -159.16 80.12
C TYR M 53 -51.33 -159.47 81.32
N VAL M 54 -51.24 -160.70 81.82
CA VAL M 54 -52.09 -161.20 82.88
C VAL M 54 -51.21 -161.80 83.95
N GLY M 55 -51.62 -161.69 85.23
CA GLY M 55 -50.90 -162.33 86.32
C GLY M 55 -49.69 -161.57 86.78
N ASP M 56 -48.70 -162.22 87.40
CA ASP M 56 -47.47 -161.62 87.87
C ASP M 56 -46.51 -161.19 86.74
N GLU M 57 -46.76 -161.58 85.47
CA GLU M 57 -46.19 -160.97 84.27
C GLU M 57 -46.42 -159.45 84.21
N ALA M 58 -47.66 -159.00 84.54
CA ALA M 58 -48.06 -157.61 84.67
C ALA M 58 -47.35 -156.88 85.82
N GLN M 59 -47.10 -157.58 86.96
CA GLN M 59 -46.29 -157.07 88.06
C GLN M 59 -44.86 -156.78 87.67
N SER M 60 -44.23 -157.70 86.89
CA SER M 60 -42.88 -157.54 86.35
C SER M 60 -42.78 -156.37 85.37
N LYS M 61 -43.72 -156.28 84.41
CA LYS M 61 -43.74 -155.21 83.43
C LYS M 61 -44.78 -154.18 83.83
N ARG M 62 -44.59 -153.50 84.97
CA ARG M 62 -45.64 -152.67 85.53
C ARG M 62 -45.76 -151.28 84.94
N GLY M 63 -44.60 -150.64 84.64
CA GLY M 63 -44.53 -149.21 84.35
C GLY M 63 -45.13 -148.76 83.05
N ILE M 64 -45.10 -149.66 82.04
CA ILE M 64 -45.72 -149.48 80.73
C ILE M 64 -47.21 -149.56 80.83
N LEU M 65 -47.70 -150.54 81.61
CA LEU M 65 -49.06 -150.99 81.66
C LEU M 65 -49.92 -150.05 82.46
N THR M 66 -51.18 -149.94 82.05
CA THR M 66 -52.22 -149.55 82.97
C THR M 66 -52.81 -150.87 83.43
N LEU M 67 -53.05 -151.03 84.75
CA LEU M 67 -53.56 -152.26 85.32
C LEU M 67 -55.01 -152.08 85.65
N LYS M 68 -55.81 -153.07 85.29
CA LYS M 68 -57.20 -153.07 85.60
C LYS M 68 -57.47 -154.32 86.41
N TYR M 69 -57.94 -154.15 87.67
CA TYR M 69 -58.55 -155.21 88.44
C TYR M 69 -59.90 -155.53 87.79
N PRO M 70 -60.24 -156.76 87.43
CA PRO M 70 -61.49 -157.05 86.73
C PRO M 70 -62.57 -157.30 87.73
N ILE M 71 -62.23 -157.55 89.00
CA ILE M 71 -63.19 -157.80 90.05
C ILE M 71 -63.13 -156.63 91.01
N GLU M 72 -64.26 -155.96 91.25
CA GLU M 72 -64.37 -154.93 92.27
C GLU M 72 -65.53 -155.26 93.16
N HIS M 73 -65.29 -155.27 94.48
CA HIS M 73 -66.27 -155.52 95.53
C HIS M 73 -66.94 -156.89 95.46
N GLY M 74 -66.18 -157.90 94.98
CA GLY M 74 -66.69 -159.25 94.69
C GLY M 74 -67.43 -159.33 93.37
N ILE M 75 -67.56 -158.21 92.63
CA ILE M 75 -68.31 -158.12 91.39
C ILE M 75 -67.33 -158.13 90.25
N ILE M 76 -67.51 -159.01 89.24
CA ILE M 76 -66.72 -158.89 88.04
C ILE M 76 -67.22 -157.73 87.21
N THR M 77 -66.37 -156.70 87.04
CA THR M 77 -66.63 -155.54 86.21
C THR M 77 -66.53 -155.87 84.75
N ASN M 78 -65.48 -156.63 84.38
CA ASN M 78 -65.19 -156.99 83.02
C ASN M 78 -64.97 -158.50 82.86
N TRP M 79 -65.83 -159.15 82.04
CA TRP M 79 -65.90 -160.59 81.87
C TRP M 79 -64.80 -161.21 81.04
N ASP M 80 -64.40 -160.53 79.93
CA ASP M 80 -63.32 -160.97 79.06
C ASP M 80 -62.01 -161.00 79.84
N ASP M 81 -61.73 -159.96 80.62
CA ASP M 81 -60.60 -159.88 81.54
C ASP M 81 -60.59 -161.02 82.58
N MET M 82 -61.74 -161.41 83.19
CA MET M 82 -61.84 -162.60 84.03
C MET M 82 -61.59 -163.92 83.31
N GLU M 83 -62.14 -164.08 82.09
CA GLU M 83 -61.88 -165.22 81.25
C GLU M 83 -60.39 -165.36 80.93
N LYS M 84 -59.72 -164.25 80.57
CA LYS M 84 -58.27 -164.19 80.38
C LYS M 84 -57.47 -164.62 81.60
N ILE M 85 -57.89 -164.18 82.80
CA ILE M 85 -57.28 -164.63 84.05
C ILE M 85 -57.42 -166.11 84.29
N TRP M 86 -58.62 -166.69 84.11
CA TRP M 86 -58.80 -168.13 84.17
C TRP M 86 -58.08 -168.87 83.05
N HIS M 87 -58.01 -168.32 81.83
CA HIS M 87 -57.21 -168.90 80.77
C HIS M 87 -55.72 -169.03 81.13
N HIS M 88 -55.17 -167.96 81.75
CA HIS M 88 -53.85 -167.92 82.35
C HIS M 88 -53.69 -168.99 83.45
N THR M 89 -54.64 -169.15 84.43
CA THR M 89 -54.52 -170.19 85.49
C THR M 89 -54.35 -171.59 84.97
N PHE M 90 -55.23 -171.97 84.02
CA PHE M 90 -55.30 -173.32 83.53
C PHE M 90 -54.18 -173.66 82.59
N TYR M 91 -53.88 -172.78 81.60
CA TYR M 91 -52.88 -173.10 80.61
C TYR M 91 -51.49 -172.66 81.01
N ASN M 92 -51.30 -171.45 81.56
CA ASN M 92 -49.98 -170.94 81.91
C ASN M 92 -49.39 -171.62 83.15
N GLU M 93 -50.16 -171.78 84.25
CA GLU M 93 -49.65 -172.38 85.47
C GLU M 93 -49.94 -173.86 85.58
N LEU M 94 -51.21 -174.26 85.64
CA LEU M 94 -51.53 -175.61 86.06
C LEU M 94 -51.36 -176.65 84.99
N ARG M 95 -51.46 -176.23 83.72
CA ARG M 95 -51.27 -177.01 82.52
C ARG M 95 -52.24 -178.17 82.42
N VAL M 96 -53.52 -177.86 82.63
CA VAL M 96 -54.57 -178.83 82.70
C VAL M 96 -55.50 -178.55 81.55
N ALA M 97 -56.21 -179.58 81.05
CA ALA M 97 -57.38 -179.39 80.24
C ALA M 97 -58.57 -179.36 81.20
N PRO M 98 -59.37 -178.31 81.35
CA PRO M 98 -60.53 -178.31 82.24
C PRO M 98 -61.55 -179.40 81.91
N GLU M 99 -61.61 -179.96 80.68
CA GLU M 99 -62.42 -181.11 80.30
C GLU M 99 -62.12 -182.35 81.16
N GLU M 100 -60.90 -182.43 81.72
CA GLU M 100 -60.45 -183.56 82.48
C GLU M 100 -60.64 -183.34 83.97
N HIS M 101 -61.21 -182.19 84.43
CA HIS M 101 -61.30 -181.95 85.87
C HIS M 101 -62.61 -181.29 86.27
N PRO M 102 -63.36 -181.67 87.29
CA PRO M 102 -64.37 -180.78 87.88
C PRO M 102 -63.77 -179.54 88.56
N THR M 103 -64.36 -178.35 88.43
CA THR M 103 -63.77 -177.09 88.93
C THR M 103 -64.64 -176.43 89.98
N LEU M 104 -64.10 -176.19 91.17
CA LEU M 104 -64.73 -175.44 92.22
C LEU M 104 -64.34 -173.97 92.10
N LEU M 105 -65.31 -173.06 92.14
CA LEU M 105 -65.09 -171.65 92.29
C LEU M 105 -65.60 -171.21 93.62
N THR M 106 -64.87 -170.31 94.26
CA THR M 106 -65.40 -169.57 95.38
C THR M 106 -66.13 -168.35 94.91
N GLU M 107 -67.00 -167.78 95.75
CA GLU M 107 -67.70 -166.56 95.46
C GLU M 107 -68.16 -165.96 96.77
N ALA M 108 -68.38 -164.63 96.80
CA ALA M 108 -68.66 -163.91 98.02
C ALA M 108 -70.13 -163.86 98.44
N PRO M 109 -70.53 -163.85 99.71
CA PRO M 109 -71.93 -163.62 100.11
C PRO M 109 -72.63 -162.37 99.64
N LEU M 110 -73.98 -162.48 99.51
CA LEU M 110 -74.90 -161.40 99.21
C LEU M 110 -74.54 -160.78 97.88
N ASN M 111 -73.99 -161.58 96.99
CA ASN M 111 -73.42 -161.14 95.76
C ASN M 111 -74.50 -161.23 94.71
N PRO M 112 -74.68 -160.24 93.81
CA PRO M 112 -75.51 -160.34 92.64
C PRO M 112 -75.59 -161.71 91.97
N LYS M 113 -76.81 -162.12 91.62
CA LYS M 113 -77.10 -163.40 90.99
C LYS M 113 -76.40 -163.59 89.67
N ALA M 114 -76.27 -162.48 88.92
CA ALA M 114 -75.63 -162.39 87.64
C ALA M 114 -74.18 -162.83 87.65
N ASN M 115 -73.41 -162.55 88.73
CA ASN M 115 -72.07 -163.08 88.86
C ASN M 115 -72.04 -164.59 88.93
N ARG M 116 -72.85 -165.23 89.80
CA ARG M 116 -72.91 -166.69 89.88
C ARG M 116 -73.37 -167.36 88.58
N GLU M 117 -74.47 -166.85 87.98
CA GLU M 117 -75.04 -167.32 86.73
C GLU M 117 -74.18 -167.10 85.50
N LYS M 118 -73.53 -165.93 85.36
CA LYS M 118 -72.57 -165.71 84.31
C LYS M 118 -71.26 -166.46 84.50
N MET M 119 -70.79 -166.65 85.75
CA MET M 119 -69.63 -167.44 86.11
C MET M 119 -69.75 -168.90 85.68
N THR M 120 -70.94 -169.51 85.92
CA THR M 120 -71.29 -170.84 85.42
C THR M 120 -71.41 -170.93 83.93
N GLN M 121 -72.03 -169.92 83.29
CA GLN M 121 -72.16 -169.82 81.86
C GLN M 121 -70.80 -169.84 81.15
N ILE M 122 -69.82 -169.06 81.68
CA ILE M 122 -68.43 -169.13 81.21
C ILE M 122 -67.78 -170.47 81.49
N MET M 123 -67.94 -171.03 82.70
CA MET M 123 -67.30 -172.32 82.96
C MET M 123 -67.77 -173.42 82.06
N PHE M 124 -69.06 -173.52 81.73
CA PHE M 124 -69.48 -174.50 80.75
C PHE M 124 -69.20 -174.16 79.28
N GLU M 125 -69.38 -172.89 78.85
CA GLU M 125 -69.37 -172.53 77.44
C GLU M 125 -68.12 -171.78 77.00
N THR M 126 -67.07 -171.80 77.83
CA THR M 126 -65.76 -171.27 77.47
C THR M 126 -64.75 -172.37 77.65
N PHE M 127 -64.47 -172.81 78.90
CA PHE M 127 -63.57 -173.93 79.12
C PHE M 127 -64.42 -175.16 79.27
N ASN M 128 -64.60 -176.03 78.25
CA ASN M 128 -65.53 -177.13 78.38
C ASN M 128 -65.16 -178.00 79.60
N VAL M 129 -66.09 -178.29 80.52
CA VAL M 129 -65.72 -178.83 81.83
C VAL M 129 -66.81 -179.84 82.20
N PRO M 130 -66.55 -181.01 82.83
CA PRO M 130 -67.58 -181.99 83.15
C PRO M 130 -68.53 -181.49 84.21
N ALA M 131 -68.02 -180.70 85.16
CA ALA M 131 -68.82 -180.29 86.28
C ALA M 131 -68.17 -179.13 87.01
N MET M 132 -68.96 -178.43 87.82
CA MET M 132 -68.45 -177.32 88.57
C MET M 132 -69.28 -177.08 89.79
N TYR M 133 -68.82 -176.18 90.66
CA TYR M 133 -69.59 -175.75 91.78
C TYR M 133 -69.16 -174.33 92.06
N VAL M 134 -70.06 -173.49 92.61
CA VAL M 134 -69.76 -172.18 93.12
C VAL M 134 -70.12 -172.27 94.58
N ALA M 135 -69.22 -171.80 95.46
CA ALA M 135 -69.39 -171.95 96.88
C ALA M 135 -69.09 -170.67 97.60
N ILE M 136 -69.67 -170.52 98.79
CA ILE M 136 -69.51 -169.32 99.56
C ILE M 136 -68.15 -169.24 100.24
N GLN M 137 -67.41 -168.11 100.18
CA GLN M 137 -66.05 -168.00 100.73
C GLN M 137 -65.88 -168.34 102.21
N ALA M 138 -66.80 -167.85 103.06
CA ALA M 138 -66.72 -167.99 104.50
C ALA M 138 -66.84 -169.42 105.04
N VAL M 139 -67.77 -170.21 104.47
CA VAL M 139 -67.92 -171.62 104.80
C VAL M 139 -66.69 -172.43 104.48
N LEU M 140 -66.01 -172.17 103.34
CA LEU M 140 -64.77 -172.82 102.99
C LEU M 140 -63.65 -172.55 104.01
N SER M 141 -63.48 -171.29 104.48
CA SER M 141 -62.51 -170.99 105.54
C SER M 141 -62.78 -171.71 106.85
N LEU M 142 -64.08 -171.84 107.22
CA LEU M 142 -64.51 -172.59 108.37
C LEU M 142 -64.13 -174.07 108.31
N TYR M 143 -64.34 -174.73 107.13
CA TYR M 143 -63.86 -176.08 106.85
C TYR M 143 -62.36 -176.22 107.00
N ALA M 144 -61.59 -175.25 106.45
CA ALA M 144 -60.15 -175.21 106.53
C ALA M 144 -59.63 -175.11 107.96
N SER M 145 -60.34 -174.35 108.82
CA SER M 145 -60.04 -174.25 110.23
C SER M 145 -60.45 -175.48 111.02
N GLY M 146 -61.24 -176.41 110.43
CA GLY M 146 -61.56 -177.71 111.04
C GLY M 146 -62.61 -177.64 112.11
N ARG M 147 -63.43 -176.58 112.10
CA ARG M 147 -64.40 -176.31 113.14
C ARG M 147 -65.77 -176.41 112.53
N THR M 148 -66.79 -176.83 113.31
CA THR M 148 -68.13 -177.00 112.78
C THR M 148 -68.99 -175.76 112.98
N THR M 149 -68.49 -174.83 113.81
CA THR M 149 -69.21 -173.70 114.36
C THR M 149 -68.25 -172.55 114.44
N GLY M 150 -68.76 -171.36 114.13
CA GLY M 150 -68.03 -170.14 114.27
C GLY M 150 -68.69 -169.05 113.51
N ILE M 151 -68.22 -167.83 113.74
CA ILE M 151 -68.63 -166.71 112.93
C ILE M 151 -67.43 -166.36 112.13
N VAL M 152 -67.55 -166.47 110.81
CA VAL M 152 -66.43 -166.25 109.96
C VAL M 152 -66.42 -164.83 109.47
N LEU M 153 -65.37 -164.09 109.85
CA LEU M 153 -65.08 -162.78 109.38
C LEU M 153 -64.17 -162.94 108.19
N ASP M 154 -64.71 -162.72 106.99
CA ASP M 154 -64.03 -162.89 105.73
C ASP M 154 -63.79 -161.48 105.28
N SER M 155 -62.50 -161.12 105.11
CA SER M 155 -62.21 -159.88 104.43
C SER M 155 -61.06 -160.10 103.45
N GLY M 156 -61.38 -159.99 102.14
CA GLY M 156 -60.37 -160.05 101.10
C GLY M 156 -59.96 -158.68 100.62
N ASP M 157 -59.45 -158.60 99.39
CA ASP M 157 -59.23 -157.35 98.69
C ASP M 157 -60.51 -156.89 97.99
N GLY M 158 -61.49 -157.82 97.84
CA GLY M 158 -62.77 -157.53 97.23
C GLY M 158 -63.71 -156.82 98.14
N VAL M 159 -64.38 -157.51 99.08
CA VAL M 159 -65.24 -156.87 100.06
C VAL M 159 -65.05 -157.71 101.31
N THR M 160 -65.49 -157.19 102.47
CA THR M 160 -65.66 -157.83 103.78
C THR M 160 -67.05 -158.44 103.91
N HIS M 161 -67.12 -159.67 104.43
CA HIS M 161 -68.29 -160.46 104.63
C HIS M 161 -68.22 -161.12 105.99
N ASN M 162 -69.37 -161.53 106.52
CA ASN M 162 -69.45 -162.09 107.84
C ASN M 162 -70.57 -163.11 107.75
N VAL M 163 -70.29 -164.39 108.04
CA VAL M 163 -71.28 -165.45 107.98
C VAL M 163 -71.23 -166.20 109.32
N PRO M 164 -72.23 -166.13 110.20
CA PRO M 164 -72.34 -167.01 111.35
C PRO M 164 -72.84 -168.37 110.93
N ILE M 165 -72.25 -169.41 111.51
CA ILE M 165 -72.60 -170.77 111.26
C ILE M 165 -72.74 -171.42 112.62
N TYR M 166 -73.65 -172.39 112.78
CA TYR M 166 -73.79 -173.17 113.98
C TYR M 166 -74.05 -174.62 113.61
N GLU M 167 -73.10 -175.52 113.93
CA GLU M 167 -73.19 -176.96 113.78
C GLU M 167 -73.43 -177.38 112.33
N GLY M 168 -72.59 -176.85 111.42
CA GLY M 168 -73.04 -176.66 110.05
C GLY M 168 -74.11 -175.57 110.04
N TYR M 169 -75.30 -175.85 109.44
CA TYR M 169 -76.36 -174.87 109.18
C TYR M 169 -75.82 -173.57 108.60
N ALA M 170 -76.43 -172.41 108.92
CA ALA M 170 -76.12 -171.11 108.36
C ALA M 170 -77.31 -170.24 108.63
N LEU M 171 -77.10 -168.93 108.80
CA LEU M 171 -78.21 -168.03 109.10
C LEU M 171 -78.30 -166.92 108.05
N PRO M 172 -79.20 -166.97 107.06
CA PRO M 172 -79.22 -166.02 105.94
C PRO M 172 -79.45 -164.58 106.35
N HIS M 173 -80.34 -164.31 107.34
CA HIS M 173 -80.65 -163.01 107.87
C HIS M 173 -79.51 -162.39 108.66
N ALA M 174 -78.70 -163.25 109.32
CA ALA M 174 -77.58 -162.84 110.12
C ALA M 174 -76.28 -162.67 109.32
N ILE M 175 -76.22 -163.12 108.05
CA ILE M 175 -75.12 -162.80 107.15
C ILE M 175 -75.02 -161.31 106.90
N MET M 176 -73.83 -160.73 107.10
CA MET M 176 -73.57 -159.33 106.89
C MET M 176 -72.46 -159.17 105.88
N ARG M 177 -72.59 -158.15 105.03
CA ARG M 177 -71.60 -157.77 104.05
C ARG M 177 -71.34 -156.31 104.27
N LEU M 178 -70.05 -155.95 104.38
CA LEU M 178 -69.61 -154.64 104.69
C LEU M 178 -68.65 -154.17 103.62
N ASP M 179 -68.93 -153.04 102.95
CA ASP M 179 -68.11 -152.53 101.88
C ASP M 179 -66.89 -151.81 102.47
N LEU M 180 -65.88 -152.62 102.84
CA LEU M 180 -64.54 -152.24 103.17
C LEU M 180 -63.70 -153.34 102.60
N ALA M 181 -62.44 -153.04 102.29
CA ALA M 181 -61.57 -154.05 101.77
C ALA M 181 -60.13 -153.67 101.94
N GLY M 182 -59.22 -154.58 101.59
CA GLY M 182 -57.83 -154.26 101.27
C GLY M 182 -57.68 -153.13 100.27
N ARG M 183 -58.42 -153.14 99.16
CA ARG M 183 -58.34 -152.11 98.15
C ARG M 183 -58.72 -150.70 98.62
N ASP M 184 -59.79 -150.57 99.42
CA ASP M 184 -60.20 -149.31 100.03
C ASP M 184 -59.19 -148.78 101.05
N LEU M 185 -58.53 -149.69 101.82
CA LEU M 185 -57.37 -149.35 102.65
C LEU M 185 -56.18 -148.87 101.86
N THR M 186 -55.91 -149.45 100.68
CA THR M 186 -54.90 -148.95 99.75
C THR M 186 -55.19 -147.55 99.23
N ASP M 187 -56.44 -147.25 98.80
CA ASP M 187 -56.88 -145.92 98.37
C ASP M 187 -56.81 -144.90 99.51
N TYR M 188 -57.20 -145.27 100.75
CA TYR M 188 -56.97 -144.47 101.95
C TYR M 188 -55.49 -144.21 102.22
N LEU M 189 -54.65 -145.26 102.07
CA LEU M 189 -53.23 -145.18 102.33
C LEU M 189 -52.50 -144.25 101.41
N MET M 190 -52.70 -144.34 100.10
CA MET M 190 -52.07 -143.41 99.17
C MET M 190 -52.55 -141.98 99.36
N LYS M 191 -53.83 -141.78 99.81
CA LYS M 191 -54.31 -140.49 100.29
C LYS M 191 -53.65 -139.98 101.56
N ILE M 192 -53.32 -140.84 102.55
CA ILE M 192 -52.66 -140.39 103.77
C ILE M 192 -51.14 -140.27 103.60
N LEU M 193 -50.52 -140.83 102.55
CA LEU M 193 -49.11 -140.53 102.25
C LEU M 193 -48.88 -139.13 101.72
N THR M 194 -49.89 -138.51 101.08
CA THR M 194 -49.77 -137.20 100.40
C THR M 194 -49.47 -136.06 101.34
N GLU M 195 -49.93 -136.13 102.61
CA GLU M 195 -49.66 -135.13 103.64
C GLU M 195 -48.19 -135.16 104.05
N ARG M 196 -47.47 -136.27 103.76
CA ARG M 196 -46.05 -136.39 104.02
C ARG M 196 -45.20 -135.93 102.83
N GLY M 197 -45.83 -135.67 101.66
CA GLY M 197 -45.19 -135.21 100.44
C GLY M 197 -45.01 -136.27 99.39
N TYR M 198 -45.25 -137.55 99.72
CA TYR M 198 -45.12 -138.63 98.76
C TYR M 198 -46.42 -138.82 98.00
N SER M 199 -46.37 -138.68 96.66
CA SER M 199 -47.58 -138.63 95.86
C SER M 199 -47.54 -139.75 94.88
N PHE M 200 -48.47 -140.69 95.01
CA PHE M 200 -48.55 -141.87 94.19
C PHE M 200 -49.85 -141.77 93.46
N VAL M 201 -49.82 -141.53 92.15
CA VAL M 201 -50.96 -141.02 91.41
C VAL M 201 -51.49 -142.04 90.44
N THR M 202 -50.76 -143.15 90.20
CA THR M 202 -51.01 -144.02 89.05
C THR M 202 -51.10 -145.46 89.54
N THR M 203 -51.71 -146.36 88.75
CA THR M 203 -51.96 -147.76 89.08
C THR M 203 -50.75 -148.59 89.44
N ALA M 204 -49.62 -148.37 88.72
CA ALA M 204 -48.35 -149.01 88.95
C ALA M 204 -47.78 -148.82 90.36
N GLU M 205 -47.73 -147.58 90.90
CA GLU M 205 -47.27 -147.35 92.25
C GLU M 205 -48.37 -147.46 93.30
N ARG M 206 -49.65 -147.57 92.88
CA ARG M 206 -50.75 -148.01 93.72
C ARG M 206 -50.56 -149.44 94.23
N GLU M 207 -49.96 -150.31 93.39
CA GLU M 207 -49.50 -151.60 93.83
C GLU M 207 -48.21 -151.59 94.63
N ILE M 208 -47.37 -150.55 94.49
CA ILE M 208 -46.27 -150.29 95.44
C ILE M 208 -46.76 -149.93 96.86
N VAL M 209 -47.82 -149.09 97.04
CA VAL M 209 -48.40 -148.90 98.37
C VAL M 209 -49.17 -150.10 98.86
N ARG M 210 -49.71 -150.94 97.97
CA ARG M 210 -50.24 -152.22 98.36
C ARG M 210 -49.17 -153.11 99.01
N ASP M 211 -47.95 -153.24 98.41
CA ASP M 211 -46.78 -153.93 98.96
C ASP M 211 -46.30 -153.34 100.30
N ILE M 212 -46.30 -152.00 100.43
CA ILE M 212 -45.98 -151.32 101.70
C ILE M 212 -46.90 -151.75 102.80
N LYS M 213 -48.21 -151.69 102.52
CA LYS M 213 -49.26 -152.01 103.44
C LYS M 213 -49.32 -153.49 103.83
N GLU M 214 -48.95 -154.41 102.91
CA GLU M 214 -48.76 -155.84 103.12
C GLU M 214 -47.66 -156.19 104.12
N LYS M 215 -46.68 -155.28 104.41
CA LYS M 215 -45.73 -155.53 105.49
C LYS M 215 -45.63 -154.44 106.53
N LEU M 216 -45.53 -153.14 106.16
CA LEU M 216 -45.25 -152.11 107.15
C LEU M 216 -46.42 -151.88 108.09
N CYS M 217 -47.65 -151.79 107.56
CA CYS M 217 -48.85 -151.51 108.32
C CYS M 217 -49.13 -152.48 109.46
N TYR M 218 -49.63 -151.97 110.59
CA TYR M 218 -50.07 -152.84 111.67
C TYR M 218 -51.25 -152.18 112.33
N VAL M 219 -51.99 -152.91 113.18
CA VAL M 219 -53.13 -152.35 113.91
C VAL M 219 -52.76 -152.06 115.35
N ALA M 220 -53.04 -150.83 115.82
CA ALA M 220 -52.87 -150.43 117.18
C ALA M 220 -53.73 -151.17 118.21
N LEU M 221 -53.13 -151.57 119.34
CA LEU M 221 -53.85 -152.19 120.45
C LEU M 221 -54.54 -151.14 121.28
N ASP M 222 -54.13 -149.87 121.11
CA ASP M 222 -55.04 -148.78 121.31
C ASP M 222 -54.59 -147.69 120.34
N PHE M 223 -55.51 -147.12 119.53
CA PHE M 223 -55.22 -146.16 118.48
C PHE M 223 -54.68 -144.85 119.05
N GLU M 224 -55.39 -144.25 120.03
CA GLU M 224 -55.04 -142.99 120.62
C GLU M 224 -53.73 -143.03 121.35
N ASN M 225 -53.46 -144.12 122.10
CA ASN M 225 -52.18 -144.33 122.77
C ASN M 225 -51.01 -144.38 121.81
N GLU M 226 -51.14 -145.15 120.70
CA GLU M 226 -50.11 -145.19 119.68
C GLU M 226 -49.94 -143.90 118.89
N MET M 227 -51.05 -143.19 118.60
CA MET M 227 -51.00 -141.85 118.06
C MET M 227 -50.40 -140.78 118.96
N ALA M 228 -50.61 -140.87 120.30
CA ALA M 228 -49.91 -140.05 121.27
C ALA M 228 -48.38 -140.30 121.32
N THR M 229 -47.94 -141.58 121.30
CA THR M 229 -46.50 -141.92 121.31
C THR M 229 -45.84 -141.65 119.95
N ALA M 230 -46.62 -141.41 118.87
CA ALA M 230 -46.09 -140.83 117.63
C ALA M 230 -45.50 -139.42 117.75
N ALA M 231 -45.71 -138.69 118.88
CA ALA M 231 -44.98 -137.46 119.15
C ALA M 231 -43.46 -137.66 119.28
N SER M 232 -43.02 -138.73 119.99
CA SER M 232 -41.62 -139.11 120.09
C SER M 232 -41.33 -140.20 119.08
N SER M 233 -41.07 -139.83 117.82
CA SER M 233 -40.88 -140.80 116.77
C SER M 233 -39.57 -141.55 116.87
N SER M 234 -39.66 -142.88 117.05
CA SER M 234 -38.50 -143.76 117.15
C SER M 234 -38.82 -145.05 116.40
N SER M 235 -39.63 -145.95 116.99
CA SER M 235 -39.92 -147.24 116.38
C SER M 235 -41.06 -147.23 115.38
N LEU M 236 -41.87 -146.16 115.39
CA LEU M 236 -43.07 -146.05 114.60
C LEU M 236 -42.76 -145.63 113.18
N GLU M 237 -41.61 -144.97 112.97
CA GLU M 237 -41.08 -144.71 111.65
C GLU M 237 -40.43 -145.96 111.12
N LYS M 238 -40.62 -146.23 109.83
CA LYS M 238 -39.85 -147.24 109.14
C LYS M 238 -39.51 -146.67 107.81
N SER M 239 -38.22 -146.81 107.47
CA SER M 239 -37.67 -146.65 106.14
C SER M 239 -38.19 -147.76 105.24
N TYR M 240 -38.68 -147.39 104.04
CA TYR M 240 -39.09 -148.28 102.99
C TYR M 240 -38.36 -147.87 101.72
N GLU M 241 -37.88 -148.86 100.95
CA GLU M 241 -37.18 -148.68 99.71
C GLU M 241 -38.17 -148.84 98.55
N LEU M 242 -38.30 -147.85 97.66
CA LEU M 242 -39.06 -147.99 96.43
C LEU M 242 -38.25 -148.69 95.35
N PRO M 243 -38.84 -149.32 94.34
CA PRO M 243 -38.08 -149.84 93.19
C PRO M 243 -37.34 -148.77 92.40
N ASP M 244 -37.75 -147.48 92.47
CA ASP M 244 -37.05 -146.33 91.94
C ASP M 244 -35.66 -146.14 92.61
N GLY M 245 -35.54 -146.49 93.92
CA GLY M 245 -34.36 -146.21 94.74
C GLY M 245 -34.60 -145.03 95.65
N GLN M 246 -35.80 -144.44 95.54
CA GLN M 246 -36.30 -143.51 96.52
C GLN M 246 -36.69 -144.15 97.85
N VAL M 247 -36.44 -143.44 98.96
CA VAL M 247 -36.67 -143.94 100.29
C VAL M 247 -37.85 -143.18 100.84
N ILE M 248 -38.76 -143.91 101.50
CA ILE M 248 -39.98 -143.42 102.12
C ILE M 248 -39.87 -143.70 103.60
N THR M 249 -40.29 -142.75 104.43
CA THR M 249 -40.18 -142.86 105.88
C THR M 249 -41.54 -142.60 106.45
N ILE M 250 -42.24 -143.62 106.99
CA ILE M 250 -43.64 -143.54 107.39
C ILE M 250 -43.83 -143.76 108.88
N GLY M 251 -44.43 -142.78 109.59
CA GLY M 251 -44.58 -142.79 111.05
C GLY M 251 -45.93 -143.27 111.50
N ASN M 252 -46.76 -142.36 112.04
CA ASN M 252 -48.08 -142.66 112.57
C ASN M 252 -49.11 -143.05 111.52
N GLU M 253 -48.87 -142.56 110.30
CA GLU M 253 -49.53 -142.83 109.04
C GLU M 253 -49.63 -144.32 108.74
N ARG M 254 -48.58 -145.08 109.13
CA ARG M 254 -48.55 -146.52 109.06
C ARG M 254 -49.72 -147.24 109.76
N PHE M 255 -49.99 -146.99 111.08
CA PHE M 255 -50.96 -147.81 111.80
C PHE M 255 -52.37 -147.26 111.71
N ARG M 256 -52.54 -145.98 111.33
CA ARG M 256 -53.87 -145.46 111.14
C ARG M 256 -54.51 -145.85 109.82
N CYS M 257 -53.75 -146.42 108.86
CA CYS M 257 -54.38 -147.06 107.71
C CYS M 257 -55.19 -148.30 108.09
N PRO M 258 -54.76 -149.33 108.83
CA PRO M 258 -55.68 -150.41 109.20
C PRO M 258 -56.75 -150.01 110.20
N GLU M 259 -56.56 -148.88 110.94
CA GLU M 259 -57.50 -148.32 111.91
C GLU M 259 -58.85 -148.03 111.26
N THR M 260 -58.86 -147.69 109.94
CA THR M 260 -60.05 -147.49 109.12
C THR M 260 -61.07 -148.63 109.19
N LEU M 261 -60.62 -149.90 109.37
CA LEU M 261 -61.53 -151.04 109.57
C LEU M 261 -62.41 -150.90 110.81
N PHE M 262 -61.92 -150.23 111.85
CA PHE M 262 -62.54 -150.04 113.13
C PHE M 262 -63.12 -148.64 113.26
N GLN M 263 -62.81 -147.74 112.30
CA GLN M 263 -63.30 -146.36 112.23
C GLN M 263 -63.59 -145.97 110.78
N PRO M 264 -64.66 -146.43 110.12
CA PRO M 264 -64.98 -146.05 108.73
C PRO M 264 -65.42 -144.63 108.61
N SER M 265 -65.52 -143.83 109.66
CA SER M 265 -65.61 -142.39 109.60
C SER M 265 -64.38 -141.73 108.95
N PHE M 266 -63.18 -142.36 109.01
CA PHE M 266 -61.96 -141.94 108.31
C PHE M 266 -62.06 -142.04 106.80
N ILE M 267 -62.71 -143.11 106.29
CA ILE M 267 -62.98 -143.24 104.88
C ILE M 267 -64.20 -142.37 104.47
N GLY M 268 -65.09 -142.02 105.43
CA GLY M 268 -66.26 -141.16 105.22
C GLY M 268 -67.54 -141.94 105.07
N MET M 269 -67.50 -143.25 105.32
CA MET M 269 -68.66 -144.10 105.30
C MET M 269 -69.25 -144.24 106.69
N GLU M 270 -70.59 -144.23 106.80
CA GLU M 270 -71.27 -144.42 108.06
C GLU M 270 -71.21 -145.84 108.58
N SER M 271 -71.20 -146.81 107.63
CA SER M 271 -71.17 -148.24 107.86
C SER M 271 -70.24 -148.65 108.95
N ALA M 272 -70.75 -149.36 109.97
CA ALA M 272 -70.03 -149.57 111.20
C ALA M 272 -68.70 -150.31 111.05
N GLY M 273 -67.75 -150.08 111.97
CA GLY M 273 -66.50 -150.83 112.02
C GLY M 273 -66.71 -152.33 112.09
N ILE M 274 -65.68 -153.10 111.74
CA ILE M 274 -65.76 -154.55 111.60
C ILE M 274 -66.14 -155.32 112.86
N HIS M 275 -65.82 -154.82 114.06
CA HIS M 275 -66.22 -155.40 115.32
C HIS M 275 -67.70 -155.17 115.63
N GLU M 276 -68.26 -153.96 115.36
CA GLU M 276 -69.70 -153.73 115.44
C GLU M 276 -70.49 -154.49 114.37
N THR M 277 -69.95 -154.70 113.15
CA THR M 277 -70.60 -155.59 112.15
C THR M 277 -70.69 -157.01 112.64
N THR M 278 -69.64 -157.54 113.31
CA THR M 278 -69.67 -158.84 113.98
C THR M 278 -70.72 -158.94 115.08
N TYR M 279 -70.86 -157.87 115.90
CA TYR M 279 -71.96 -157.75 116.86
C TYR M 279 -73.33 -157.73 116.17
N ASN M 280 -73.48 -156.98 115.07
CA ASN M 280 -74.68 -156.91 114.25
C ASN M 280 -75.10 -158.28 113.71
N SER M 281 -74.14 -159.09 113.21
CA SER M 281 -74.37 -160.48 112.84
C SER M 281 -74.77 -161.39 113.99
N ILE M 282 -74.02 -161.38 115.13
CA ILE M 282 -74.29 -162.18 116.32
C ILE M 282 -75.62 -161.84 117.01
N MET M 283 -75.98 -160.54 117.08
CA MET M 283 -77.26 -160.07 117.56
C MET M 283 -78.45 -160.50 116.73
N LYS M 284 -78.27 -160.66 115.42
CA LYS M 284 -79.33 -161.19 114.58
C LYS M 284 -79.54 -162.68 114.75
N CYS M 285 -78.59 -163.40 115.36
CA CYS M 285 -78.69 -164.82 115.63
C CYS M 285 -79.55 -165.09 116.84
N ASP M 286 -80.06 -166.34 116.94
CA ASP M 286 -80.81 -166.80 118.09
C ASP M 286 -80.01 -166.73 119.37
N ILE M 287 -80.69 -166.48 120.52
CA ILE M 287 -80.06 -166.25 121.81
C ILE M 287 -79.17 -167.40 122.26
N ASP M 288 -79.63 -168.66 122.06
CA ASP M 288 -79.00 -169.88 122.51
C ASP M 288 -77.58 -170.08 121.97
N ILE M 289 -77.38 -169.88 120.66
CA ILE M 289 -76.11 -170.21 120.05
C ILE M 289 -75.04 -169.18 120.29
N ARG M 290 -75.41 -167.94 120.67
CA ARG M 290 -74.46 -166.83 120.70
C ARG M 290 -73.19 -167.08 121.51
N LYS M 291 -73.28 -167.90 122.60
CA LYS M 291 -72.19 -168.26 123.47
C LYS M 291 -70.95 -168.81 122.75
N ASP M 292 -71.14 -169.68 121.73
CA ASP M 292 -70.02 -170.28 121.04
C ASP M 292 -69.59 -169.37 119.88
N LEU M 293 -70.48 -168.59 119.26
CA LEU M 293 -70.14 -167.61 118.23
C LEU M 293 -69.22 -166.51 118.70
N TYR M 294 -69.44 -166.02 119.93
CA TYR M 294 -68.50 -165.19 120.64
C TYR M 294 -67.14 -165.86 120.84
N ALA M 295 -67.12 -167.16 121.20
CA ALA M 295 -65.88 -167.87 121.47
C ALA M 295 -65.22 -168.56 120.26
N ASN M 296 -65.80 -168.48 119.04
CA ASN M 296 -65.35 -169.24 117.88
C ASN M 296 -65.33 -168.32 116.66
N ASN M 297 -65.04 -167.02 116.83
CA ASN M 297 -64.80 -166.11 115.72
C ASN M 297 -63.57 -166.52 114.90
N VAL M 298 -63.74 -166.74 113.59
CA VAL M 298 -62.70 -167.15 112.67
C VAL M 298 -62.43 -165.98 111.76
N MET M 299 -61.17 -165.53 111.68
CA MET M 299 -60.75 -164.57 110.69
C MET M 299 -60.23 -165.27 109.45
N SER M 300 -60.61 -164.78 108.26
CA SER M 300 -60.11 -165.30 107.01
C SER M 300 -59.79 -164.15 106.09
N GLY M 301 -59.10 -164.47 104.98
CA GLY M 301 -58.86 -163.55 103.90
C GLY M 301 -57.54 -162.85 103.98
N GLY M 302 -57.21 -162.05 102.95
CA GLY M 302 -55.93 -161.37 102.91
C GLY M 302 -55.80 -160.13 103.77
N THR M 303 -56.89 -159.41 104.07
CA THR M 303 -56.79 -158.14 104.80
C THR M 303 -57.08 -158.35 106.29
N THR M 304 -57.11 -159.63 106.76
CA THR M 304 -56.97 -159.97 108.19
C THR M 304 -55.53 -160.35 108.50
N MET M 305 -54.58 -160.21 107.55
CA MET M 305 -53.21 -160.54 107.83
C MET M 305 -52.43 -159.57 108.69
N TYR M 306 -52.86 -158.28 108.82
CA TYR M 306 -52.10 -157.27 109.56
C TYR M 306 -51.78 -157.69 111.00
N PRO M 307 -50.56 -157.53 111.50
CA PRO M 307 -50.23 -157.78 112.89
C PRO M 307 -51.11 -157.01 113.88
N GLY M 308 -51.65 -157.70 114.91
CA GLY M 308 -52.43 -157.09 115.98
C GLY M 308 -53.92 -156.92 115.71
N ILE M 309 -54.46 -157.36 114.53
CA ILE M 309 -55.91 -157.31 114.28
C ILE M 309 -56.71 -158.15 115.27
N ALA M 310 -56.24 -159.39 115.55
CA ALA M 310 -56.89 -160.34 116.44
C ALA M 310 -57.04 -159.82 117.86
N ASP M 311 -55.98 -159.21 118.41
CA ASP M 311 -55.95 -158.58 119.70
C ASP M 311 -56.89 -157.38 119.80
N ARG M 312 -56.90 -156.51 118.75
CA ARG M 312 -57.82 -155.38 118.71
C ARG M 312 -59.29 -155.79 118.65
N MET M 313 -59.65 -156.77 117.80
CA MET M 313 -60.98 -157.34 117.74
C MET M 313 -61.40 -157.98 119.06
N GLN M 314 -60.47 -158.69 119.72
CA GLN M 314 -60.70 -159.28 121.02
C GLN M 314 -61.01 -158.25 122.08
N LYS M 315 -60.21 -157.18 122.17
CA LYS M 315 -60.46 -156.14 123.14
C LYS M 315 -61.79 -155.38 122.93
N GLU M 316 -62.15 -155.09 121.64
CA GLU M 316 -63.38 -154.39 121.32
C GLU M 316 -64.62 -155.23 121.48
N ILE M 317 -64.62 -156.47 120.99
CA ILE M 317 -65.75 -157.37 121.17
C ILE M 317 -65.97 -157.72 122.64
N THR M 318 -64.88 -158.00 123.41
CA THR M 318 -64.96 -158.19 124.87
C THR M 318 -65.48 -156.97 125.60
N ALA M 319 -65.06 -155.74 125.20
CA ALA M 319 -65.57 -154.50 125.76
C ALA M 319 -67.07 -154.25 125.53
N LEU M 320 -67.57 -154.54 124.30
CA LEU M 320 -68.98 -154.41 123.96
C LEU M 320 -69.87 -155.51 124.50
N ALA M 321 -69.41 -156.77 124.50
CA ALA M 321 -70.20 -157.92 124.84
C ALA M 321 -70.39 -158.08 126.35
N PRO M 322 -71.29 -158.94 126.83
CA PRO M 322 -71.22 -159.46 128.17
C PRO M 322 -69.88 -160.09 128.54
N SER M 323 -69.20 -159.64 129.62
CA SER M 323 -67.96 -160.23 130.11
C SER M 323 -68.24 -161.47 130.95
N THR M 324 -69.54 -161.90 130.97
CA THR M 324 -70.08 -163.13 131.52
C THR M 324 -69.50 -164.35 130.80
N MET M 325 -69.23 -164.22 129.50
CA MET M 325 -68.66 -165.28 128.70
C MET M 325 -67.37 -164.85 128.05
N LYS M 326 -66.46 -165.82 127.83
CA LYS M 326 -65.15 -165.53 127.30
C LYS M 326 -65.10 -165.55 125.79
N ILE M 327 -64.52 -164.47 125.23
CA ILE M 327 -64.50 -164.22 123.81
C ILE M 327 -63.16 -164.69 123.29
N LYS M 328 -63.09 -165.94 122.80
CA LYS M 328 -61.93 -166.41 122.08
C LYS M 328 -62.07 -166.09 120.61
N ILE M 329 -61.00 -165.56 119.99
CA ILE M 329 -60.93 -165.35 118.57
C ILE M 329 -59.90 -166.33 118.11
N ILE M 330 -60.21 -167.12 117.09
CA ILE M 330 -59.30 -168.03 116.49
C ILE M 330 -58.95 -167.52 115.12
N ALA M 331 -57.75 -166.95 115.00
CA ALA M 331 -57.27 -166.41 113.77
C ALA M 331 -55.98 -167.14 113.43
N PRO M 332 -55.94 -168.14 112.56
CA PRO M 332 -54.74 -168.91 112.31
C PRO M 332 -53.74 -168.05 111.53
N PRO M 333 -52.42 -168.10 111.65
CA PRO M 333 -51.56 -167.88 110.49
C PRO M 333 -51.90 -168.88 109.39
N GLU M 334 -51.64 -168.54 108.11
CA GLU M 334 -52.11 -169.28 106.94
C GLU M 334 -53.55 -168.87 106.56
N ARG M 335 -54.16 -167.96 107.36
CA ARG M 335 -55.54 -167.49 107.19
C ARG M 335 -55.84 -166.85 105.84
N LYS M 336 -54.79 -166.37 105.13
CA LYS M 336 -54.86 -165.84 103.78
C LYS M 336 -55.38 -166.89 102.79
N TYR M 337 -54.93 -168.16 102.94
CA TYR M 337 -55.23 -169.18 101.95
C TYR M 337 -56.38 -170.04 102.42
N SER M 338 -57.05 -169.69 103.55
CA SER M 338 -58.07 -170.52 104.17
C SER M 338 -59.26 -170.86 103.30
N VAL M 339 -59.72 -169.93 102.44
CA VAL M 339 -60.76 -170.19 101.45
C VAL M 339 -60.35 -171.24 100.43
N TRP M 340 -59.13 -171.18 99.87
CA TRP M 340 -58.64 -172.18 98.93
C TRP M 340 -58.50 -173.56 99.58
N ILE M 341 -57.95 -173.62 100.81
CA ILE M 341 -57.83 -174.86 101.58
C ILE M 341 -59.20 -175.45 101.86
N GLY M 342 -60.19 -174.60 102.19
CA GLY M 342 -61.56 -175.04 102.33
C GLY M 342 -62.21 -175.56 101.10
N GLY M 343 -61.78 -175.07 99.93
CA GLY M 343 -62.17 -175.59 98.64
C GLY M 343 -61.48 -176.89 98.28
N SER M 344 -60.21 -177.07 98.69
CA SER M 344 -59.44 -178.30 98.54
C SER M 344 -60.08 -179.45 99.30
N ILE M 345 -60.41 -179.21 100.60
CA ILE M 345 -61.06 -180.20 101.45
C ILE M 345 -62.45 -180.56 100.92
N LEU M 346 -63.26 -179.57 100.48
CA LEU M 346 -64.59 -179.83 99.94
C LEU M 346 -64.65 -180.73 98.72
N ALA M 347 -63.79 -180.47 97.72
CA ALA M 347 -63.76 -181.27 96.52
C ALA M 347 -63.13 -182.64 96.75
N SER M 348 -62.29 -182.80 97.79
CA SER M 348 -61.79 -184.09 98.26
C SER M 348 -62.81 -184.92 99.02
N LEU M 349 -63.88 -184.30 99.57
CA LEU M 349 -64.99 -185.04 100.20
C LEU M 349 -65.79 -185.92 99.25
N SER M 350 -65.94 -187.21 99.61
CA SER M 350 -66.58 -188.21 98.77
C SER M 350 -68.04 -187.94 98.46
N THR M 351 -68.83 -187.53 99.48
CA THR M 351 -70.24 -187.15 99.33
C THR M 351 -70.46 -185.96 98.43
N PHE M 352 -69.56 -184.96 98.49
CA PHE M 352 -69.59 -183.75 97.70
C PHE M 352 -69.53 -184.07 96.19
N GLN M 353 -68.88 -185.19 95.81
CA GLN M 353 -68.84 -185.66 94.44
C GLN M 353 -70.18 -186.01 93.79
N GLN M 354 -71.31 -186.00 94.53
CA GLN M 354 -72.63 -186.09 93.95
C GLN M 354 -73.35 -184.73 93.89
N MET M 355 -72.84 -183.69 94.57
CA MET M 355 -73.50 -182.39 94.68
C MET M 355 -72.96 -181.41 93.67
N TRP M 356 -72.01 -181.85 92.81
CA TRP M 356 -71.53 -181.05 91.71
C TRP M 356 -72.63 -180.65 90.77
N ILE M 357 -72.55 -179.43 90.20
CA ILE M 357 -73.41 -179.10 89.09
C ILE M 357 -72.84 -179.79 87.89
N THR M 358 -73.53 -180.79 87.30
CA THR M 358 -72.99 -181.49 86.16
C THR M 358 -73.12 -180.63 84.91
N LYS M 359 -72.28 -180.85 83.90
CA LYS M 359 -72.43 -180.26 82.60
C LYS M 359 -73.76 -180.62 81.94
N GLN M 360 -74.18 -181.90 82.09
CA GLN M 360 -75.44 -182.40 81.58
C GLN M 360 -76.65 -181.64 82.15
N GLU M 361 -76.71 -181.48 83.50
CA GLU M 361 -77.78 -180.80 84.21
C GLU M 361 -77.90 -179.32 83.82
N TYR M 362 -76.75 -178.64 83.61
CA TYR M 362 -76.70 -177.32 82.98
C TYR M 362 -77.23 -177.30 81.56
N ASP M 363 -76.84 -178.26 80.68
CA ASP M 363 -77.25 -178.29 79.29
C ASP M 363 -78.78 -178.43 79.16
N GLU M 364 -79.43 -179.31 79.98
CA GLU M 364 -80.89 -179.38 80.08
C GLU M 364 -81.57 -178.17 80.71
N ALA M 365 -81.10 -177.68 81.87
CA ALA M 365 -81.90 -176.81 82.68
C ALA M 365 -81.39 -175.36 82.71
N GLY M 366 -80.28 -175.06 82.02
CA GLY M 366 -79.75 -173.72 81.82
C GLY M 366 -78.93 -173.12 82.96
N PRO M 367 -78.44 -171.88 82.78
CA PRO M 367 -77.54 -171.23 83.74
C PRO M 367 -78.22 -170.84 85.02
N SER M 368 -79.56 -170.78 85.05
CA SER M 368 -80.29 -170.27 86.21
C SER M 368 -80.29 -171.21 87.41
N ILE M 369 -79.93 -172.50 87.17
CA ILE M 369 -79.94 -173.58 88.14
C ILE M 369 -78.91 -173.46 89.24
N VAL M 370 -77.99 -172.48 89.17
CA VAL M 370 -77.00 -172.27 90.21
C VAL M 370 -77.65 -172.13 91.57
N HIS M 371 -78.57 -171.15 91.67
CA HIS M 371 -79.25 -170.81 92.91
C HIS M 371 -80.20 -171.89 93.41
N ARG M 372 -80.81 -172.64 92.47
CA ARG M 372 -81.67 -173.76 92.74
C ARG M 372 -81.00 -174.95 93.43
N LYS M 373 -79.76 -175.31 93.02
CA LYS M 373 -79.06 -176.42 93.60
C LYS M 373 -78.18 -176.03 94.77
N CYS M 374 -77.37 -174.96 94.61
CA CYS M 374 -76.37 -174.55 95.57
C CYS M 374 -76.79 -173.30 96.33
N PHE M 375 -76.17 -173.08 97.49
CA PHE M 375 -76.28 -171.87 98.27
C PHE M 375 -75.41 -170.70 97.67
N GLU N 2 -59.29 -98.37 116.82
CA GLU N 2 -60.32 -98.65 115.77
C GLU N 2 -61.14 -99.86 116.12
N ASP N 3 -62.32 -100.03 115.51
CA ASP N 3 -63.19 -101.16 115.74
C ASP N 3 -62.81 -102.26 114.78
N GLU N 4 -62.91 -103.52 115.24
CA GLU N 4 -62.64 -104.74 114.48
C GLU N 4 -61.21 -104.99 114.05
N THR N 5 -60.34 -103.95 114.08
CA THR N 5 -58.88 -103.97 113.86
C THR N 5 -58.46 -104.17 112.41
N THR N 6 -59.43 -104.19 111.45
CA THR N 6 -59.34 -104.84 110.13
C THR N 6 -58.91 -106.30 110.24
N ALA N 7 -58.38 -106.91 109.16
CA ALA N 7 -57.69 -108.16 109.29
C ALA N 7 -56.86 -108.23 108.02
N LEU N 8 -55.89 -109.15 107.96
CA LEU N 8 -55.04 -109.33 106.81
C LEU N 8 -55.27 -110.69 106.20
N VAL N 9 -55.18 -110.76 104.87
CA VAL N 9 -55.45 -111.98 104.13
C VAL N 9 -54.33 -112.16 103.16
N CYS N 10 -53.74 -113.36 103.10
CA CYS N 10 -52.75 -113.75 102.13
C CYS N 10 -53.09 -115.09 101.50
N ASP N 11 -53.16 -115.14 100.16
CA ASP N 11 -53.17 -116.36 99.38
C ASP N 11 -51.74 -116.59 98.90
N ASN N 12 -51.16 -117.74 99.34
CA ASN N 12 -49.98 -118.37 98.80
C ASN N 12 -50.27 -119.80 98.41
N GLY N 13 -51.03 -120.02 97.32
CA GLY N 13 -50.60 -121.04 96.36
C GLY N 13 -49.25 -120.67 95.71
N SER N 14 -48.54 -121.60 95.04
CA SER N 14 -47.33 -121.26 94.27
C SER N 14 -47.52 -120.18 93.23
N GLY N 15 -46.46 -119.40 92.93
CA GLY N 15 -46.49 -118.49 91.79
C GLY N 15 -46.82 -117.08 92.14
N LEU N 16 -47.89 -116.79 92.93
CA LEU N 16 -48.32 -115.45 93.24
C LEU N 16 -48.70 -115.34 94.69
N VAL N 17 -48.23 -114.28 95.37
CA VAL N 17 -48.77 -113.83 96.62
C VAL N 17 -49.90 -112.93 96.27
N LYS N 18 -51.11 -113.19 96.78
CA LYS N 18 -52.18 -112.22 96.72
C LYS N 18 -52.48 -111.81 98.12
N ALA N 19 -52.31 -110.52 98.44
CA ALA N 19 -52.43 -110.03 99.78
C ALA N 19 -53.08 -108.66 99.87
N GLY N 20 -53.74 -108.40 101.00
CA GLY N 20 -54.39 -107.13 101.21
C GLY N 20 -55.13 -107.18 102.49
N PHE N 21 -55.98 -106.17 102.73
CA PHE N 21 -56.85 -106.10 103.86
C PHE N 21 -58.08 -106.94 103.63
N ALA N 22 -58.51 -107.69 104.65
CA ALA N 22 -59.84 -108.21 104.78
C ALA N 22 -60.86 -107.09 104.87
N GLY N 23 -62.02 -107.23 104.22
CA GLY N 23 -63.02 -106.17 104.18
C GLY N 23 -62.99 -105.33 102.95
N ASP N 24 -62.16 -105.69 101.96
CA ASP N 24 -62.08 -105.04 100.67
C ASP N 24 -62.36 -106.09 99.60
N ASP N 25 -62.86 -105.68 98.41
CA ASP N 25 -63.23 -106.51 97.30
C ASP N 25 -62.03 -106.98 96.48
N ALA N 26 -60.89 -106.24 96.52
CA ALA N 26 -59.69 -106.64 95.82
C ALA N 26 -58.43 -106.50 96.66
N PRO N 27 -57.42 -107.37 96.47
CA PRO N 27 -56.15 -107.29 97.20
C PRO N 27 -55.39 -106.05 96.75
N ARG N 28 -54.67 -105.38 97.67
CA ARG N 28 -53.79 -104.29 97.32
C ARG N 28 -52.57 -104.75 96.54
N ALA N 29 -51.95 -105.86 96.97
CA ALA N 29 -50.69 -106.32 96.44
C ALA N 29 -50.83 -107.70 95.87
N VAL N 30 -50.44 -107.86 94.61
CA VAL N 30 -50.35 -109.14 93.97
C VAL N 30 -49.01 -109.14 93.27
N PHE N 31 -48.15 -110.13 93.56
CA PHE N 31 -46.84 -110.15 92.94
C PHE N 31 -46.36 -111.59 92.85
N PRO N 32 -45.40 -111.92 91.99
CA PRO N 32 -44.86 -113.27 91.88
C PRO N 32 -44.07 -113.72 93.08
N SER N 33 -44.34 -114.91 93.58
CA SER N 33 -43.65 -115.53 94.71
C SER N 33 -42.30 -116.08 94.33
N ILE N 34 -41.30 -115.23 94.12
CA ILE N 34 -40.02 -115.63 93.61
C ILE N 34 -38.96 -114.97 94.42
N VAL N 35 -37.89 -115.71 94.68
CA VAL N 35 -36.71 -115.26 95.33
C VAL N 35 -35.65 -115.43 94.30
N GLY N 36 -35.11 -114.32 93.78
CA GLY N 36 -34.10 -114.35 92.76
C GLY N 36 -32.77 -113.89 93.25
N ARG N 37 -31.75 -114.74 93.07
CA ARG N 37 -30.45 -114.53 93.66
C ARG N 37 -29.46 -114.13 92.59
N PRO N 38 -28.61 -113.09 92.74
CA PRO N 38 -27.48 -112.84 91.87
C PRO N 38 -26.53 -114.03 91.74
N ARG N 39 -26.68 -114.80 90.65
CA ARG N 39 -25.83 -115.91 90.28
C ARG N 39 -24.46 -115.42 89.79
N HIS N 40 -24.42 -114.33 89.01
CA HIS N 40 -23.19 -113.77 88.48
C HIS N 40 -22.60 -112.84 89.50
N GLN N 41 -21.30 -113.01 89.85
CA GLN N 41 -20.61 -112.08 90.72
C GLN N 41 -20.49 -110.70 90.09
N GLY N 42 -20.93 -109.67 90.82
CA GLY N 42 -20.94 -108.31 90.32
C GLY N 42 -19.62 -107.63 90.50
N VAL N 43 -19.18 -106.81 89.54
CA VAL N 43 -17.93 -106.09 89.63
C VAL N 43 -18.18 -104.64 89.31
N MET N 44 -18.43 -103.84 90.35
CA MET N 44 -18.51 -102.41 90.34
C MET N 44 -18.23 -102.10 91.79
N VAL N 45 -18.44 -100.84 92.23
CA VAL N 45 -18.45 -100.48 93.64
C VAL N 45 -19.72 -99.67 93.80
N GLY N 46 -20.42 -99.76 94.95
CA GLY N 46 -21.69 -99.04 95.15
C GLY N 46 -22.87 -99.67 94.49
N MET N 47 -22.81 -101.00 94.32
CA MET N 47 -23.97 -101.79 94.01
C MET N 47 -24.52 -102.32 95.30
N GLY N 48 -25.87 -102.37 95.38
CA GLY N 48 -26.63 -103.18 96.32
C GLY N 48 -26.13 -103.28 97.76
N GLN N 49 -25.44 -104.38 98.17
CA GLN N 49 -25.21 -105.60 97.42
C GLN N 49 -26.51 -106.33 97.18
N LYS N 50 -27.32 -106.46 98.26
CA LYS N 50 -28.59 -107.16 98.28
C LYS N 50 -28.46 -108.64 97.92
N ASP N 51 -28.41 -109.55 98.92
CA ASP N 51 -28.23 -111.00 98.77
C ASP N 51 -29.24 -111.62 97.80
N SER N 52 -30.46 -111.09 97.77
CA SER N 52 -31.50 -111.62 96.95
C SER N 52 -32.57 -110.57 96.78
N TYR N 53 -33.38 -110.71 95.72
CA TYR N 53 -34.50 -109.86 95.36
C TYR N 53 -35.75 -110.68 95.43
N VAL N 54 -36.86 -110.06 95.85
CA VAL N 54 -38.12 -110.73 96.11
C VAL N 54 -39.21 -109.98 95.37
N GLY N 55 -40.23 -110.70 94.88
CA GLY N 55 -41.38 -110.07 94.26
C GLY N 55 -41.15 -109.64 92.83
N ASP N 56 -41.90 -108.67 92.30
CA ASP N 56 -41.76 -108.17 90.95
C ASP N 56 -40.48 -107.34 90.72
N GLU N 57 -39.71 -106.98 91.78
CA GLU N 57 -38.31 -106.56 91.70
C GLU N 57 -37.42 -107.57 90.95
N ALA N 58 -37.60 -108.88 91.24
CA ALA N 58 -36.96 -110.00 90.58
C ALA N 58 -37.38 -110.14 89.11
N GLN N 59 -38.67 -109.85 88.79
CA GLN N 59 -39.16 -109.79 87.41
C GLN N 59 -38.49 -108.71 86.59
N SER N 60 -38.28 -107.50 87.17
CA SER N 60 -37.58 -106.38 86.55
C SER N 60 -36.12 -106.69 86.31
N LYS N 61 -35.41 -107.24 87.32
CA LYS N 61 -34.01 -107.60 87.19
C LYS N 61 -33.88 -109.08 86.99
N ARG N 62 -34.38 -109.63 85.87
CA ARG N 62 -34.49 -111.04 85.70
C ARG N 62 -33.23 -111.77 85.24
N GLY N 63 -32.48 -111.13 84.32
CA GLY N 63 -31.41 -111.78 83.56
C GLY N 63 -30.18 -112.17 84.35
N ILE N 64 -29.89 -111.38 85.39
CA ILE N 64 -28.81 -111.62 86.35
C ILE N 64 -29.12 -112.79 87.25
N LEU N 65 -30.38 -112.83 87.71
CA LEU N 65 -30.86 -113.67 88.77
C LEU N 65 -31.08 -115.09 88.29
N THR N 66 -30.86 -116.03 89.21
CA THR N 66 -31.53 -117.31 89.11
C THR N 66 -32.73 -117.17 90.00
N LEU N 67 -33.91 -117.61 89.56
CA LEU N 67 -35.15 -117.48 90.30
C LEU N 67 -35.52 -118.82 90.88
N LYS N 68 -35.90 -118.81 92.14
CA LYS N 68 -36.34 -119.98 92.82
C LYS N 68 -37.74 -119.72 93.30
N TYR N 69 -38.72 -120.51 92.81
CA TYR N 69 -40.03 -120.61 93.41
C TYR N 69 -39.88 -121.33 94.76
N PRO N 70 -40.34 -120.82 95.90
CA PRO N 70 -40.10 -121.46 97.18
C PRO N 70 -41.20 -122.44 97.46
N ILE N 71 -42.33 -122.37 96.74
CA ILE N 71 -43.45 -123.27 96.90
C ILE N 71 -43.54 -124.12 95.66
N GLU N 72 -43.50 -125.45 95.80
CA GLU N 72 -43.76 -126.36 94.71
C GLU N 72 -44.81 -127.34 95.13
N HIS N 73 -45.85 -127.48 94.30
CA HIS N 73 -46.97 -128.39 94.49
C HIS N 73 -47.80 -128.15 95.74
N GLY N 74 -47.89 -126.87 96.15
CA GLY N 74 -48.48 -126.44 97.42
C GLY N 74 -47.58 -126.63 98.61
N ILE N 75 -46.36 -127.17 98.41
CA ILE N 75 -45.40 -127.48 99.46
C ILE N 75 -44.35 -126.40 99.47
N ILE N 76 -44.07 -125.80 100.64
CA ILE N 76 -42.92 -124.93 100.73
C ILE N 76 -41.65 -125.75 100.77
N THR N 77 -40.80 -125.60 99.73
CA THR N 77 -39.50 -126.23 99.61
C THR N 77 -38.49 -125.58 100.53
N ASN N 78 -38.51 -124.23 100.57
CA ASN N 78 -37.56 -123.45 101.32
C ASN N 78 -38.27 -122.41 102.19
N TRP N 79 -38.10 -122.52 103.52
CA TRP N 79 -38.80 -121.72 104.52
C TRP N 79 -38.34 -120.29 104.68
N ASP N 80 -37.00 -120.06 104.61
CA ASP N 80 -36.41 -118.73 104.69
C ASP N 80 -36.87 -117.89 103.53
N ASP N 81 -36.88 -118.44 102.31
CA ASP N 81 -37.41 -117.85 101.10
C ASP N 81 -38.91 -117.47 101.24
N MET N 82 -39.77 -118.32 101.84
CA MET N 82 -41.16 -117.97 102.17
C MET N 82 -41.29 -116.85 103.19
N GLU N 83 -40.47 -116.87 104.26
CA GLU N 83 -40.42 -115.81 105.24
C GLU N 83 -40.04 -114.48 104.61
N LYS N 84 -39.02 -114.47 103.72
CA LYS N 84 -38.64 -113.30 102.92
C LYS N 84 -39.75 -112.75 102.05
N ILE N 85 -40.54 -113.64 101.41
CA ILE N 85 -41.73 -113.24 100.66
C ILE N 85 -42.78 -112.58 101.51
N TRP N 86 -43.13 -113.16 102.67
CA TRP N 86 -44.02 -112.53 103.61
C TRP N 86 -43.45 -111.26 104.21
N HIS N 87 -42.14 -111.19 104.49
CA HIS N 87 -41.51 -109.95 104.92
C HIS N 87 -41.68 -108.81 103.93
N HIS N 88 -41.49 -109.13 102.62
CA HIS N 88 -41.77 -108.26 101.50
C HIS N 88 -43.26 -107.83 101.45
N THR N 89 -44.27 -108.75 101.61
CA THR N 89 -45.70 -108.36 101.60
C THR N 89 -46.07 -107.30 102.62
N PHE N 90 -45.63 -107.54 103.88
CA PHE N 90 -46.02 -106.73 105.00
C PHE N 90 -45.30 -105.41 105.02
N TYR N 91 -43.97 -105.39 104.84
CA TYR N 91 -43.21 -104.17 104.96
C TYR N 91 -43.11 -103.42 103.64
N ASN N 92 -42.82 -104.09 102.51
CA ASN N 92 -42.64 -103.41 101.23
C ASN N 92 -43.94 -102.90 100.63
N GLU N 93 -45.03 -103.71 100.61
CA GLU N 93 -46.30 -103.29 100.03
C GLU N 93 -47.27 -102.73 101.03
N LEU N 94 -47.72 -103.53 102.00
CA LEU N 94 -48.88 -103.15 102.78
C LEU N 94 -48.58 -102.14 103.87
N ARG N 95 -47.33 -102.13 104.35
CA ARG N 95 -46.78 -101.23 105.35
C ARG N 95 -47.49 -101.33 106.67
N VAL N 96 -47.66 -102.57 107.14
CA VAL N 96 -48.41 -102.89 108.32
C VAL N 96 -47.45 -103.47 109.32
N ALA N 97 -47.74 -103.33 110.62
CA ALA N 97 -47.12 -104.15 111.64
C ALA N 97 -48.04 -105.35 111.82
N PRO N 98 -47.67 -106.61 111.58
CA PRO N 98 -48.55 -107.76 111.81
C PRO N 98 -49.03 -107.88 113.25
N GLU N 99 -48.37 -107.29 114.28
CA GLU N 99 -48.84 -107.19 115.65
C GLU N 99 -50.20 -106.49 115.77
N GLU N 100 -50.54 -105.63 114.79
CA GLU N 100 -51.74 -104.85 114.80
C GLU N 100 -52.84 -105.52 114.00
N HIS N 101 -52.63 -106.71 113.40
CA HIS N 101 -53.67 -107.30 112.56
C HIS N 101 -53.78 -108.80 112.72
N PRO N 102 -54.93 -109.46 112.87
CA PRO N 102 -55.03 -110.90 112.63
C PRO N 102 -54.79 -111.29 111.15
N THR N 103 -54.08 -112.38 110.86
CA THR N 103 -53.68 -112.75 109.49
C THR N 103 -54.25 -114.07 109.05
N LEU N 104 -55.03 -114.09 107.96
CA LEU N 104 -55.52 -115.28 107.32
C LEU N 104 -54.53 -115.75 106.27
N LEU N 105 -54.19 -117.04 106.29
CA LEU N 105 -53.46 -117.67 105.22
C LEU N 105 -54.35 -118.69 104.57
N THR N 106 -54.25 -118.76 103.24
CA THR N 106 -54.80 -119.89 102.51
C THR N 106 -53.82 -121.01 102.47
N GLU N 107 -54.29 -122.24 102.20
CA GLU N 107 -53.44 -123.39 102.03
C GLU N 107 -54.22 -124.45 101.26
N ALA N 108 -53.51 -125.35 100.57
CA ALA N 108 -54.12 -126.29 99.66
C ALA N 108 -54.63 -127.59 100.29
N PRO N 109 -55.72 -128.25 99.85
CA PRO N 109 -56.08 -129.58 100.33
C PRO N 109 -55.07 -130.70 100.25
N LEU N 110 -55.22 -131.68 101.19
CA LEU N 110 -54.47 -132.93 101.24
C LEU N 110 -53.00 -132.64 101.35
N ASN N 111 -52.67 -131.52 101.98
CA ASN N 111 -51.34 -130.98 102.02
C ASN N 111 -50.69 -131.52 103.28
N PRO N 112 -49.42 -131.97 103.26
CA PRO N 112 -48.64 -132.26 104.43
C PRO N 112 -48.91 -131.41 105.66
N LYS N 113 -49.02 -132.04 106.83
CA LYS N 113 -49.28 -131.41 108.10
C LYS N 113 -48.24 -130.40 108.49
N ALA N 114 -46.97 -130.71 108.15
CA ALA N 114 -45.78 -129.93 108.38
C ALA N 114 -45.86 -128.54 107.77
N ASN N 115 -46.47 -128.37 106.57
CA ASN N 115 -46.69 -127.04 106.03
C ASN N 115 -47.62 -126.21 106.88
N ARG N 116 -48.80 -126.72 107.30
CA ARG N 116 -49.71 -125.98 108.17
C ARG N 116 -49.10 -125.63 109.53
N GLU N 117 -48.47 -126.62 110.20
CA GLU N 117 -47.82 -126.50 111.49
C GLU N 117 -46.57 -125.61 111.50
N LYS N 118 -45.72 -125.71 110.46
CA LYS N 118 -44.60 -124.79 110.31
C LYS N 118 -45.01 -123.39 109.89
N MET N 119 -46.07 -123.25 109.06
CA MET N 119 -46.65 -121.99 108.65
C MET N 119 -47.16 -121.15 109.83
N THR N 120 -47.87 -121.83 110.78
CA THR N 120 -48.28 -121.23 112.06
C THR N 120 -47.13 -120.90 112.97
N GLN N 121 -46.12 -121.77 113.07
CA GLN N 121 -44.93 -121.54 113.84
C GLN N 121 -44.18 -120.27 113.42
N ILE N 122 -44.02 -120.07 112.08
CA ILE N 122 -43.50 -118.81 111.54
C ILE N 122 -44.40 -117.64 111.81
N MET N 123 -45.73 -117.76 111.60
CA MET N 123 -46.59 -116.61 111.86
C MET N 123 -46.55 -116.15 113.29
N PHE N 124 -46.51 -117.02 114.29
CA PHE N 124 -46.35 -116.55 115.65
C PHE N 124 -44.94 -116.13 116.05
N GLU N 125 -43.89 -116.86 115.62
CA GLU N 125 -42.53 -116.69 116.15
C GLU N 125 -41.58 -115.99 115.18
N THR N 126 -42.12 -115.38 114.11
CA THR N 126 -41.36 -114.54 113.20
C THR N 126 -41.99 -113.17 113.17
N PHE N 127 -43.22 -113.04 112.61
CA PHE N 127 -43.91 -111.77 112.63
C PHE N 127 -44.86 -111.80 113.80
N ASN N 128 -44.55 -111.19 114.97
CA ASN N 128 -45.41 -111.36 116.12
C ASN N 128 -46.85 -110.90 115.78
N VAL N 129 -47.89 -111.73 116.03
CA VAL N 129 -49.21 -111.46 115.45
C VAL N 129 -50.23 -111.85 116.51
N PRO N 130 -51.37 -111.17 116.72
CA PRO N 130 -52.33 -111.54 117.76
C PRO N 130 -53.04 -112.83 117.48
N ALA N 131 -53.29 -113.12 116.19
CA ALA N 131 -54.05 -114.27 115.83
C ALA N 131 -53.89 -114.59 114.37
N MET N 132 -54.25 -115.81 113.98
CA MET N 132 -54.16 -116.22 112.61
C MET N 132 -55.11 -117.34 112.31
N TYR N 133 -55.23 -117.69 111.04
CA TYR N 133 -55.99 -118.84 110.64
C TYR N 133 -55.35 -119.36 109.38
N VAL N 134 -55.44 -120.67 109.13
CA VAL N 134 -55.05 -121.31 107.89
C VAL N 134 -56.33 -121.91 107.38
N ALA N 135 -56.65 -121.70 106.10
CA ALA N 135 -57.90 -122.11 105.55
C ALA N 135 -57.72 -122.77 104.22
N ILE N 136 -58.67 -123.63 103.85
CA ILE N 136 -58.58 -124.37 102.62
C ILE N 136 -58.91 -123.51 101.40
N GLN N 137 -58.11 -123.54 100.30
CA GLN N 137 -58.31 -122.68 99.14
C GLN N 137 -59.68 -122.74 98.46
N ALA N 138 -60.21 -123.96 98.26
CA ALA N 138 -61.45 -124.20 97.54
C ALA N 138 -62.71 -123.65 98.20
N VAL N 139 -62.84 -123.79 99.52
CA VAL N 139 -63.93 -123.22 100.30
C VAL N 139 -63.96 -121.71 100.22
N LEU N 140 -62.81 -121.02 100.25
CA LEU N 140 -62.73 -119.58 100.08
C LEU N 140 -63.25 -119.12 98.72
N SER N 141 -62.88 -119.81 97.61
CA SER N 141 -63.44 -119.48 96.29
C SER N 141 -64.94 -119.65 96.20
N LEU N 142 -65.49 -120.70 96.85
CA LEU N 142 -66.92 -120.92 96.96
C LEU N 142 -67.66 -119.77 97.65
N TYR N 143 -67.11 -119.27 98.79
CA TYR N 143 -67.60 -118.07 99.47
C TYR N 143 -67.60 -116.84 98.59
N ALA N 144 -66.50 -116.63 97.83
CA ALA N 144 -66.34 -115.54 96.89
C ALA N 144 -67.37 -115.56 95.78
N SER N 145 -67.71 -116.76 95.29
CA SER N 145 -68.77 -116.96 94.29
C SER N 145 -70.17 -116.79 94.87
N GLY N 146 -70.33 -116.76 96.21
CA GLY N 146 -71.60 -116.45 96.88
C GLY N 146 -72.58 -117.60 96.89
N ARG N 147 -72.07 -118.83 96.76
CA ARG N 147 -72.88 -120.02 96.62
C ARG N 147 -72.63 -120.89 97.83
N THR N 148 -73.64 -121.67 98.27
CA THR N 148 -73.48 -122.49 99.46
C THR N 148 -73.05 -123.90 99.12
N THR N 149 -73.13 -124.25 97.82
CA THR N 149 -73.01 -125.59 97.28
C THR N 149 -72.30 -125.49 95.96
N GLY N 150 -71.43 -126.46 95.71
CA GLY N 150 -70.74 -126.61 94.46
C GLY N 150 -69.60 -127.52 94.60
N ILE N 151 -69.03 -127.90 93.47
CA ILE N 151 -67.79 -128.63 93.46
C ILE N 151 -66.77 -127.67 92.96
N VAL N 152 -65.78 -127.36 93.79
CA VAL N 152 -64.81 -126.36 93.44
C VAL N 152 -63.60 -127.02 92.83
N LEU N 153 -63.35 -126.69 91.55
CA LEU N 153 -62.17 -127.07 90.84
C LEU N 153 -61.18 -125.95 91.03
N ASP N 154 -60.15 -126.17 91.85
CA ASP N 154 -59.15 -125.22 92.21
C ASP N 154 -57.94 -125.69 91.44
N SER N 155 -57.43 -124.83 90.55
CA SER N 155 -56.12 -125.10 90.00
C SER N 155 -55.30 -123.83 89.95
N GLY N 156 -54.24 -123.79 90.77
CA GLY N 156 -53.28 -122.70 90.75
C GLY N 156 -52.06 -123.00 89.93
N ASP N 157 -50.95 -122.31 90.22
CA ASP N 157 -49.64 -122.65 89.71
C ASP N 157 -48.98 -123.73 90.56
N GLY N 158 -49.52 -123.96 91.79
CA GLY N 158 -49.03 -124.96 92.71
C GLY N 158 -49.49 -126.34 92.35
N VAL N 159 -50.73 -126.73 92.67
CA VAL N 159 -51.27 -128.02 92.29
C VAL N 159 -52.75 -127.74 92.02
N THR N 160 -53.44 -128.67 91.36
CA THR N 160 -54.88 -128.80 91.16
C THR N 160 -55.53 -129.60 92.28
N HIS N 161 -56.66 -129.10 92.78
CA HIS N 161 -57.44 -129.64 93.87
C HIS N 161 -58.90 -129.58 93.50
N ASN N 162 -59.72 -130.40 94.17
CA ASN N 162 -61.11 -130.50 93.86
C ASN N 162 -61.78 -130.79 95.18
N VAL N 163 -62.72 -129.95 95.64
CA VAL N 163 -63.41 -130.13 96.91
C VAL N 163 -64.90 -130.02 96.61
N PRO N 164 -65.72 -131.08 96.71
CA PRO N 164 -67.17 -130.98 96.70
C PRO N 164 -67.67 -130.50 98.04
N ILE N 165 -68.66 -129.62 98.00
CA ILE N 165 -69.28 -129.07 99.16
C ILE N 165 -70.77 -129.19 98.92
N TYR N 166 -71.57 -129.41 99.97
CA TYR N 166 -73.01 -129.42 99.89
C TYR N 166 -73.59 -128.72 101.12
N GLU N 167 -74.23 -127.54 100.92
CA GLU N 167 -74.95 -126.79 101.93
C GLU N 167 -74.06 -126.35 103.08
N GLY N 168 -72.90 -125.75 102.74
CA GLY N 168 -71.75 -125.86 103.62
C GLY N 168 -71.26 -127.30 103.62
N TYR N 169 -71.09 -127.92 104.80
CA TYR N 169 -70.46 -129.23 104.99
C TYR N 169 -69.17 -129.38 104.20
N ALA N 170 -68.85 -130.58 103.68
CA ALA N 170 -67.60 -130.90 103.01
C ALA N 170 -67.49 -132.41 103.06
N LEU N 171 -66.85 -133.02 102.06
CA LEU N 171 -66.72 -134.46 102.01
C LEU N 171 -65.25 -134.87 101.95
N PRO N 172 -64.60 -135.29 103.03
CA PRO N 172 -63.15 -135.55 103.06
C PRO N 172 -62.68 -136.64 102.12
N HIS N 173 -63.45 -137.74 101.97
CA HIS N 173 -63.18 -138.85 101.09
C HIS N 173 -63.31 -138.50 99.61
N ALA N 174 -64.23 -137.56 99.31
CA ALA N 174 -64.49 -137.11 97.97
C ALA N 174 -63.57 -135.98 97.52
N ILE N 175 -62.78 -135.34 98.42
CA ILE N 175 -61.72 -134.41 98.04
C ILE N 175 -60.65 -135.09 97.21
N MET N 176 -60.33 -134.52 96.05
CA MET N 176 -59.32 -135.05 95.16
C MET N 176 -58.27 -133.99 94.91
N ARG N 177 -57.01 -134.42 94.83
CA ARG N 177 -55.87 -133.60 94.53
C ARG N 177 -55.18 -134.26 93.37
N LEU N 178 -54.88 -133.47 92.34
CA LEU N 178 -54.32 -133.92 91.10
C LEU N 178 -53.06 -133.15 90.82
N ASP N 179 -51.91 -133.82 90.66
CA ASP N 179 -50.65 -133.17 90.42
C ASP N 179 -50.54 -132.77 88.95
N LEU N 180 -51.17 -131.62 88.64
CA LEU N 180 -51.03 -130.85 87.43
C LEU N 180 -51.10 -129.43 87.90
N ALA N 181 -50.52 -128.51 87.13
CA ALA N 181 -50.55 -127.13 87.49
C ALA N 181 -50.27 -126.26 86.31
N GLY N 182 -50.39 -124.93 86.50
CA GLY N 182 -49.76 -123.94 85.64
C GLY N 182 -48.29 -124.18 85.39
N ARG N 183 -47.49 -124.46 86.44
CA ARG N 183 -46.07 -124.70 86.30
C ARG N 183 -45.70 -125.90 85.43
N ASP N 184 -46.42 -127.04 85.56
CA ASP N 184 -46.24 -128.22 84.73
C ASP N 184 -46.63 -127.98 83.26
N LEU N 185 -47.68 -127.16 83.01
CA LEU N 185 -48.00 -126.65 81.68
C LEU N 185 -46.92 -125.77 81.09
N THR N 186 -46.27 -124.92 81.90
CA THR N 186 -45.09 -124.15 81.49
C THR N 186 -43.91 -125.03 81.08
N ASP N 187 -43.56 -126.07 81.89
CA ASP N 187 -42.51 -127.04 81.58
C ASP N 187 -42.83 -127.85 80.32
N TYR N 188 -44.10 -128.28 80.12
CA TYR N 188 -44.57 -128.85 78.86
C TYR N 188 -44.45 -127.89 77.68
N LEU N 189 -44.83 -126.61 77.89
CA LEU N 189 -44.79 -125.61 76.86
C LEU N 189 -43.42 -125.29 76.34
N MET N 190 -42.43 -125.07 77.20
CA MET N 190 -41.08 -124.83 76.76
C MET N 190 -40.47 -126.06 76.08
N LYS N 191 -40.88 -127.30 76.49
CA LYS N 191 -40.61 -128.52 75.74
C LYS N 191 -41.25 -128.61 74.36
N ILE N 192 -42.50 -128.13 74.18
CA ILE N 192 -43.13 -128.18 72.87
C ILE N 192 -42.73 -127.00 71.97
N LEU N 193 -42.10 -125.92 72.49
CA LEU N 193 -41.51 -124.90 71.63
C LEU N 193 -40.24 -125.35 70.92
N THR N 194 -39.51 -126.33 71.49
CA THR N 194 -38.20 -126.78 70.99
C THR N 194 -38.26 -127.42 69.62
N GLU N 195 -39.39 -128.09 69.27
CA GLU N 195 -39.61 -128.70 67.97
C GLU N 195 -39.76 -127.62 66.88
N ARG N 196 -40.06 -126.36 67.28
CA ARG N 196 -40.15 -125.24 66.37
C ARG N 196 -38.82 -124.51 66.20
N GLY N 197 -37.81 -124.84 67.04
CA GLY N 197 -36.46 -124.28 67.03
C GLY N 197 -36.20 -123.27 68.11
N TYR N 198 -37.24 -122.84 68.86
CA TYR N 198 -37.06 -121.89 69.94
C TYR N 198 -36.73 -122.60 71.23
N SER N 199 -35.57 -122.30 71.82
CA SER N 199 -35.06 -123.07 72.94
C SER N 199 -34.90 -122.16 74.11
N PHE N 200 -35.67 -122.41 75.17
CA PHE N 200 -35.69 -121.59 76.35
C PHE N 200 -35.22 -122.49 77.45
N VAL N 201 -34.01 -122.26 77.98
CA VAL N 201 -33.28 -123.25 78.75
C VAL N 201 -33.15 -122.84 80.20
N THR N 202 -33.49 -121.59 80.55
CA THR N 202 -33.10 -121.01 81.83
C THR N 202 -34.33 -120.41 82.50
N THR N 203 -34.29 -120.19 83.83
CA THR N 203 -35.40 -119.70 84.65
C THR N 203 -36.00 -118.37 84.23
N ALA N 204 -35.14 -117.42 83.81
CA ALA N 204 -35.52 -116.12 83.31
C ALA N 204 -36.48 -116.14 82.11
N GLU N 205 -36.20 -116.92 81.04
CA GLU N 205 -37.09 -117.05 79.91
C GLU N 205 -38.15 -118.13 80.10
N ARG N 206 -38.05 -118.97 81.14
CA ARG N 206 -39.13 -119.81 81.62
C ARG N 206 -40.33 -119.01 82.09
N GLU N 207 -40.07 -117.84 82.71
CA GLU N 207 -41.11 -116.87 82.99
C GLU N 207 -41.58 -116.07 81.78
N ILE N 208 -40.76 -115.94 80.72
CA ILE N 208 -41.23 -115.47 79.41
C ILE N 208 -42.23 -116.42 78.75
N VAL N 209 -42.03 -117.76 78.77
CA VAL N 209 -43.08 -118.69 78.31
C VAL N 209 -44.27 -118.77 79.22
N ARG N 210 -44.10 -118.49 80.53
CA ARG N 210 -45.23 -118.30 81.42
C ARG N 210 -46.12 -117.14 80.97
N ASP N 211 -45.54 -115.95 80.62
CA ASP N 211 -46.22 -114.78 80.07
C ASP N 211 -46.91 -115.08 78.72
N ILE N 212 -46.24 -115.86 77.82
CA ILE N 212 -46.84 -116.31 76.56
C ILE N 212 -48.10 -117.09 76.78
N LYS N 213 -48.02 -118.07 77.69
CA LYS N 213 -49.08 -118.97 78.02
C LYS N 213 -50.25 -118.30 78.74
N GLU N 214 -49.99 -117.26 79.55
CA GLU N 214 -50.95 -116.37 80.20
C GLU N 214 -51.81 -115.57 79.22
N LYS N 215 -51.39 -115.37 77.95
CA LYS N 215 -52.28 -114.77 76.95
C LYS N 215 -52.48 -115.57 75.68
N LEU N 216 -51.43 -116.12 75.03
CA LEU N 216 -51.60 -116.72 73.73
C LEU N 216 -52.38 -118.02 73.79
N CYS N 217 -52.06 -118.89 74.75
CA CYS N 217 -52.67 -120.21 74.90
C CYS N 217 -54.20 -120.18 75.05
N TYR N 218 -54.89 -121.17 74.44
CA TYR N 218 -56.31 -121.31 74.66
C TYR N 218 -56.62 -122.78 74.63
N VAL N 219 -57.83 -123.19 75.06
CA VAL N 219 -58.25 -124.58 75.02
C VAL N 219 -59.20 -124.82 73.86
N ALA N 220 -58.91 -125.85 73.04
CA ALA N 220 -59.76 -126.31 71.97
C ALA N 220 -61.12 -126.84 72.39
N LEU N 221 -62.20 -126.44 71.69
CA LEU N 221 -63.54 -126.96 71.90
C LEU N 221 -63.70 -128.30 71.23
N ASP N 222 -62.79 -128.64 70.32
CA ASP N 222 -62.43 -130.01 70.10
C ASP N 222 -60.97 -130.01 69.68
N PHE N 223 -60.11 -130.83 70.31
CA PHE N 223 -58.67 -130.85 70.12
C PHE N 223 -58.31 -131.32 68.71
N GLU N 224 -58.86 -132.46 68.25
CA GLU N 224 -58.56 -133.05 66.96
C GLU N 224 -59.00 -132.17 65.82
N ASN N 225 -60.19 -131.56 65.92
CA ASN N 225 -60.69 -130.60 64.93
C ASN N 225 -59.78 -129.39 64.77
N GLU N 226 -59.34 -128.78 65.90
CA GLU N 226 -58.41 -127.68 65.84
C GLU N 226 -57.00 -128.06 65.38
N MET N 227 -56.51 -129.25 65.76
CA MET N 227 -55.29 -129.81 65.21
C MET N 227 -55.33 -130.17 63.73
N ALA N 228 -56.49 -130.62 63.21
CA ALA N 228 -56.71 -130.78 61.79
C ALA N 228 -56.70 -129.46 61.00
N THR N 229 -57.35 -128.38 61.52
CA THR N 229 -57.36 -127.07 60.85
C THR N 229 -56.03 -126.34 61.01
N ALA N 230 -55.10 -126.79 61.89
CA ALA N 230 -53.71 -126.38 61.89
C ALA N 230 -52.91 -126.72 60.63
N ALA N 231 -53.43 -127.58 59.71
CA ALA N 231 -52.86 -127.76 58.38
C ALA N 231 -52.87 -126.49 57.53
N SER N 232 -53.99 -125.74 57.54
CA SER N 232 -54.11 -124.45 56.89
C SER N 232 -53.89 -123.34 57.90
N SER N 233 -52.61 -123.02 58.19
CA SER N 233 -52.30 -122.04 59.22
C SER N 233 -52.64 -120.63 58.83
N SER N 234 -53.55 -120.01 59.59
CA SER N 234 -53.98 -118.63 59.37
C SER N 234 -54.16 -117.98 60.73
N SER N 235 -55.26 -118.28 61.46
CA SER N 235 -55.55 -117.62 62.74
C SER N 235 -54.88 -118.27 63.93
N LEU N 236 -54.39 -119.51 63.77
CA LEU N 236 -53.84 -120.30 64.84
C LEU N 236 -52.42 -119.92 65.14
N GLU N 237 -51.71 -119.32 64.17
CA GLU N 237 -50.43 -118.71 64.38
C GLU N 237 -50.63 -117.36 65.03
N LYS N 238 -49.77 -117.02 65.99
CA LYS N 238 -49.69 -115.67 66.51
C LYS N 238 -48.24 -115.37 66.66
N SER N 239 -47.87 -114.18 66.14
CA SER N 239 -46.63 -113.48 66.43
C SER N 239 -46.60 -113.05 67.89
N TYR N 240 -45.50 -113.33 68.59
CA TYR N 240 -45.20 -112.89 69.92
C TYR N 240 -43.86 -112.20 69.91
N GLU N 241 -43.73 -111.08 70.62
CA GLU N 241 -42.53 -110.29 70.75
C GLU N 241 -41.83 -110.68 72.05
N LEU N 242 -40.55 -111.10 72.00
CA LEU N 242 -39.74 -111.30 73.19
C LEU N 242 -39.17 -109.99 73.70
N PRO N 243 -38.79 -109.83 74.96
CA PRO N 243 -38.05 -108.65 75.43
C PRO N 243 -36.69 -108.45 74.76
N ASP N 244 -36.08 -109.51 74.19
CA ASP N 244 -34.89 -109.45 73.35
C ASP N 244 -35.14 -108.64 72.06
N GLY N 245 -36.39 -108.69 71.51
CA GLY N 245 -36.72 -108.13 70.20
C GLY N 245 -36.82 -109.20 69.15
N GLN N 246 -36.56 -110.46 69.56
CA GLN N 246 -36.87 -111.63 68.78
C GLN N 246 -38.36 -111.92 68.70
N VAL N 247 -38.83 -112.41 67.55
CA VAL N 247 -40.21 -112.67 67.28
C VAL N 247 -40.39 -114.17 67.24
N ILE N 248 -41.47 -114.66 67.86
CA ILE N 248 -41.84 -116.05 67.99
C ILE N 248 -43.17 -116.19 67.31
N THR N 249 -43.37 -117.27 66.55
CA THR N 249 -44.58 -117.52 65.78
C THR N 249 -45.08 -118.89 66.14
N ILE N 250 -46.19 -119.01 66.87
CA ILE N 250 -46.66 -120.27 67.46
C ILE N 250 -48.02 -120.68 66.92
N GLY N 251 -48.10 -121.88 66.31
CA GLY N 251 -49.31 -122.36 65.64
C GLY N 251 -50.13 -123.30 66.50
N ASN N 252 -50.16 -124.59 66.15
CA ASN N 252 -50.92 -125.61 66.86
C ASN N 252 -50.44 -125.94 68.26
N GLU N 253 -49.15 -125.70 68.46
CA GLU N 253 -48.37 -125.74 69.68
C GLU N 253 -49.01 -124.91 70.79
N ARG N 254 -49.62 -123.77 70.42
CA ARG N 254 -50.38 -122.94 71.31
C ARG N 254 -51.51 -123.63 72.08
N PHE N 255 -52.46 -124.33 71.40
CA PHE N 255 -53.65 -124.83 72.10
C PHE N 255 -53.45 -126.23 72.64
N ARG N 256 -52.44 -126.97 72.17
CA ARG N 256 -52.16 -128.27 72.75
C ARG N 256 -51.40 -128.21 74.07
N CYS N 257 -50.86 -127.03 74.47
CA CYS N 257 -50.38 -126.88 75.83
C CYS N 257 -51.51 -126.94 76.87
N PRO N 258 -52.63 -126.22 76.85
CA PRO N 258 -53.67 -126.44 77.85
C PRO N 258 -54.39 -127.77 77.72
N GLU N 259 -54.33 -128.43 76.53
CA GLU N 259 -54.91 -129.75 76.26
C GLU N 259 -54.40 -130.81 77.23
N THR N 260 -53.14 -130.66 77.71
CA THR N 260 -52.52 -131.49 78.74
C THR N 260 -53.37 -131.68 80.00
N LEU N 261 -54.18 -130.67 80.42
CA LEU N 261 -55.12 -130.82 81.53
C LEU N 261 -56.16 -131.92 81.33
N PHE N 262 -56.54 -132.16 80.07
CA PHE N 262 -57.56 -133.10 79.66
C PHE N 262 -56.93 -134.37 79.09
N GLN N 263 -55.59 -134.37 78.87
CA GLN N 263 -54.83 -135.49 78.36
C GLN N 263 -53.46 -135.56 79.06
N PRO N 264 -53.33 -135.99 80.33
CA PRO N 264 -52.04 -136.08 81.03
C PRO N 264 -51.18 -137.19 80.49
N SER N 265 -51.59 -137.98 79.52
CA SER N 265 -50.72 -138.84 78.73
C SER N 265 -49.66 -138.07 77.95
N PHE N 266 -49.91 -136.78 77.57
CA PHE N 266 -48.95 -135.86 76.96
C PHE N 266 -47.79 -135.49 77.88
N ILE N 267 -48.08 -135.28 79.17
CA ILE N 267 -47.05 -135.06 80.18
C ILE N 267 -46.38 -136.38 80.58
N GLY N 268 -47.07 -137.53 80.40
CA GLY N 268 -46.57 -138.88 80.69
C GLY N 268 -47.06 -139.42 82.00
N MET N 269 -48.02 -138.73 82.64
CA MET N 269 -48.64 -139.18 83.86
C MET N 269 -49.93 -139.92 83.56
N GLU N 270 -50.18 -141.02 84.31
CA GLU N 270 -51.40 -141.78 84.17
C GLU N 270 -52.62 -141.09 84.71
N SER N 271 -52.42 -140.29 85.79
CA SER N 271 -53.42 -139.53 86.51
C SER N 271 -54.41 -138.86 85.62
N ALA N 272 -55.72 -139.15 85.82
CA ALA N 272 -56.74 -138.78 84.87
C ALA N 272 -56.86 -137.27 84.60
N GLY N 273 -57.35 -136.89 83.41
CA GLY N 273 -57.65 -135.50 83.09
C GLY N 273 -58.59 -134.86 84.08
N ILE N 274 -58.62 -133.52 84.11
CA ILE N 274 -59.33 -132.75 85.11
C ILE N 274 -60.85 -132.95 85.14
N HIS N 275 -61.50 -133.29 84.01
CA HIS N 275 -62.89 -133.61 83.93
C HIS N 275 -63.20 -134.99 84.53
N GLU N 276 -62.38 -136.03 84.26
CA GLU N 276 -62.50 -137.32 84.95
C GLU N 276 -62.19 -137.23 86.44
N THR N 277 -61.24 -136.38 86.90
CA THR N 277 -61.03 -136.13 88.34
C THR N 277 -62.25 -135.55 89.00
N THR N 278 -62.96 -134.60 88.33
CA THR N 278 -64.25 -134.08 88.79
C THR N 278 -65.32 -135.14 88.88
N TYR N 279 -65.40 -136.06 87.89
CA TYR N 279 -66.26 -137.25 87.98
C TYR N 279 -65.88 -138.16 89.14
N ASN N 280 -64.57 -138.40 89.37
CA ASN N 280 -64.03 -139.18 90.46
C ASN N 280 -64.43 -138.62 91.83
N SER N 281 -64.38 -137.27 92.00
CA SER N 281 -64.89 -136.59 93.19
C SER N 281 -66.40 -136.71 93.36
N ILE N 282 -67.21 -136.43 92.31
CA ILE N 282 -68.67 -136.50 92.33
C ILE N 282 -69.20 -137.92 92.55
N MET N 283 -68.58 -138.94 91.94
CA MET N 283 -68.86 -140.34 92.17
C MET N 283 -68.60 -140.82 93.58
N LYS N 284 -67.61 -140.24 94.27
CA LYS N 284 -67.38 -140.58 95.66
C LYS N 284 -68.39 -139.96 96.60
N CYS N 285 -69.17 -138.96 96.13
CA CYS N 285 -70.21 -138.33 96.92
C CYS N 285 -71.47 -139.18 96.95
N ASP N 286 -72.33 -138.92 97.95
CA ASP N 286 -73.62 -139.55 98.08
C ASP N 286 -74.52 -139.29 96.87
N ILE N 287 -75.38 -140.28 96.53
CA ILE N 287 -76.22 -140.25 95.34
C ILE N 287 -77.12 -139.02 95.27
N ASP N 288 -77.74 -138.64 96.40
CA ASP N 288 -78.73 -137.58 96.54
C ASP N 288 -78.21 -136.20 96.08
N ILE N 289 -77.00 -135.82 96.53
CA ILE N 289 -76.54 -134.46 96.30
C ILE N 289 -76.00 -134.25 94.90
N ARG N 290 -75.63 -135.34 94.17
CA ARG N 290 -74.91 -135.19 92.92
C ARG N 290 -75.53 -134.28 91.88
N LYS N 291 -76.89 -134.18 91.86
CA LYS N 291 -77.65 -133.34 90.97
C LYS N 291 -77.22 -131.88 90.94
N ASP N 292 -76.93 -131.27 92.11
CA ASP N 292 -76.56 -129.88 92.17
C ASP N 292 -75.05 -129.72 91.98
N LEU N 293 -74.22 -130.71 92.36
CA LEU N 293 -72.79 -130.70 92.10
C LEU N 293 -72.41 -130.72 90.64
N TYR N 294 -73.15 -131.49 89.84
CA TYR N 294 -73.12 -131.39 88.40
C TYR N 294 -73.48 -130.00 87.89
N ALA N 295 -74.51 -129.35 88.47
CA ALA N 295 -74.97 -128.06 88.01
C ALA N 295 -74.31 -126.83 88.67
N ASN N 296 -73.35 -127.01 89.62
CA ASN N 296 -72.78 -125.93 90.41
C ASN N 296 -71.27 -126.10 90.49
N ASN N 297 -70.62 -126.64 89.45
CA ASN N 297 -69.17 -126.66 89.34
C ASN N 297 -68.58 -125.25 89.27
N VAL N 298 -67.67 -124.91 90.21
CA VAL N 298 -67.01 -123.63 90.32
C VAL N 298 -65.57 -123.83 89.93
N MET N 299 -65.09 -123.07 88.95
CA MET N 299 -63.68 -123.00 88.64
C MET N 299 -63.01 -121.87 89.41
N SER N 300 -61.82 -122.13 89.96
CA SER N 300 -61.04 -121.12 90.65
C SER N 300 -59.60 -121.26 90.24
N GLY N 301 -58.79 -120.25 90.61
CA GLY N 301 -57.35 -120.29 90.48
C GLY N 301 -56.84 -119.66 89.22
N GLY N 302 -55.50 -119.58 89.09
CA GLY N 302 -54.91 -118.91 87.93
C GLY N 302 -54.88 -119.72 86.66
N THR N 303 -54.85 -121.07 86.71
CA THR N 303 -54.70 -121.89 85.51
C THR N 303 -56.07 -122.39 85.01
N THR N 304 -57.18 -121.83 85.55
CA THR N 304 -58.51 -121.90 84.92
C THR N 304 -58.79 -120.63 84.14
N MET N 305 -57.81 -119.72 83.98
CA MET N 305 -58.05 -118.51 83.21
C MET N 305 -58.08 -118.67 81.71
N TYR N 306 -57.51 -119.75 81.11
CA TYR N 306 -57.42 -119.90 79.65
C TYR N 306 -58.78 -119.79 78.96
N PRO N 307 -58.93 -119.06 77.88
CA PRO N 307 -60.17 -119.03 77.10
C PRO N 307 -60.64 -120.40 76.63
N GLY N 308 -61.93 -120.72 76.84
CA GLY N 308 -62.56 -121.95 76.36
C GLY N 308 -62.44 -123.15 77.29
N ILE N 309 -61.80 -123.03 78.50
CA ILE N 309 -61.77 -124.13 79.48
C ILE N 309 -63.16 -124.56 79.92
N ALA N 310 -64.03 -123.57 80.26
CA ALA N 310 -65.38 -123.79 80.75
C ALA N 310 -66.25 -124.57 79.77
N ASP N 311 -66.21 -124.21 78.49
CA ASP N 311 -66.88 -124.89 77.41
C ASP N 311 -66.40 -126.31 77.19
N ARG N 312 -65.06 -126.55 77.22
CA ARG N 312 -64.50 -127.87 77.11
C ARG N 312 -64.88 -128.79 78.27
N MET N 313 -64.80 -128.30 79.52
CA MET N 313 -65.26 -129.04 80.70
C MET N 313 -66.74 -129.36 80.64
N GLN N 314 -67.57 -128.39 80.16
CA GLN N 314 -68.99 -128.60 79.97
C GLN N 314 -69.29 -129.68 78.98
N LYS N 315 -68.65 -129.67 77.79
CA LYS N 315 -68.86 -130.70 76.81
C LYS N 315 -68.44 -132.10 77.26
N GLU N 316 -67.28 -132.23 77.98
CA GLU N 316 -66.78 -133.50 78.45
C GLU N 316 -67.56 -134.06 79.62
N ILE N 317 -67.88 -133.23 80.64
CA ILE N 317 -68.69 -133.69 81.76
C ILE N 317 -70.10 -134.04 81.32
N THR N 318 -70.75 -133.24 80.44
CA THR N 318 -72.04 -133.57 79.83
C THR N 318 -71.99 -134.85 79.01
N ALA N 319 -70.92 -135.10 78.24
CA ALA N 319 -70.73 -136.34 77.50
C ALA N 319 -70.60 -137.59 78.37
N LEU N 320 -69.84 -137.51 79.48
CA LEU N 320 -69.68 -138.61 80.43
C LEU N 320 -70.88 -138.85 81.34
N ALA N 321 -71.52 -137.78 81.83
CA ALA N 321 -72.56 -137.86 82.81
C ALA N 321 -73.91 -138.31 82.23
N PRO N 322 -74.90 -138.68 83.03
CA PRO N 322 -76.28 -138.69 82.60
C PRO N 322 -76.76 -137.37 81.98
N SER N 323 -77.28 -137.36 80.73
CA SER N 323 -77.85 -136.19 80.09
C SER N 323 -79.28 -135.94 80.56
N THR N 324 -79.71 -136.73 81.58
CA THR N 324 -80.94 -136.62 82.37
C THR N 324 -80.98 -135.31 83.13
N MET N 325 -79.81 -134.82 83.57
CA MET N 325 -79.69 -133.58 84.30
C MET N 325 -78.76 -132.62 83.61
N LYS N 326 -79.02 -131.31 83.77
CA LYS N 326 -78.24 -130.30 83.08
C LYS N 326 -77.02 -129.86 83.86
N ILE N 327 -75.88 -129.84 83.16
CA ILE N 327 -74.59 -129.59 83.75
C ILE N 327 -74.24 -128.14 83.51
N LYS N 328 -74.57 -127.26 84.47
CA LYS N 328 -74.11 -125.90 84.44
C LYS N 328 -72.75 -125.79 85.11
N ILE N 329 -71.80 -125.09 84.49
CA ILE N 329 -70.52 -124.77 85.07
C ILE N 329 -70.57 -123.30 85.28
N ILE N 330 -70.24 -122.84 86.49
CA ILE N 330 -70.17 -121.45 86.81
C ILE N 330 -68.71 -121.09 87.01
N ALA N 331 -68.13 -120.44 86.02
CA ALA N 331 -66.75 -120.03 86.05
C ALA N 331 -66.73 -118.52 85.90
N PRO N 332 -66.59 -117.71 86.94
CA PRO N 332 -66.68 -116.27 86.81
C PRO N 332 -65.42 -115.75 86.12
N PRO N 333 -65.37 -114.71 85.28
CA PRO N 333 -64.18 -113.84 85.25
C PRO N 333 -63.92 -113.27 86.63
N GLU N 334 -62.65 -112.92 86.96
CA GLU N 334 -62.20 -112.58 88.30
C GLU N 334 -61.85 -113.84 89.11
N ARG N 335 -62.04 -115.04 88.50
CA ARG N 335 -61.83 -116.34 89.14
C ARG N 335 -60.41 -116.58 89.65
N LYS N 336 -59.42 -115.83 89.10
CA LYS N 336 -58.04 -115.82 89.54
C LYS N 336 -57.91 -115.40 90.99
N TYR N 337 -58.69 -114.38 91.42
CA TYR N 337 -58.52 -113.78 92.73
C TYR N 337 -59.55 -114.35 93.69
N SER N 338 -60.35 -115.36 93.29
CA SER N 338 -61.46 -115.88 94.07
C SER N 338 -61.12 -116.40 95.45
N VAL N 339 -59.96 -117.05 95.61
CA VAL N 339 -59.44 -117.47 96.91
C VAL N 339 -59.17 -116.30 97.85
N TRP N 340 -58.51 -115.21 97.37
CA TRP N 340 -58.26 -114.04 98.17
C TRP N 340 -59.55 -113.32 98.58
N ILE N 341 -60.52 -113.17 97.65
CA ILE N 341 -61.83 -112.60 97.92
C ILE N 341 -62.58 -113.44 98.94
N GLY N 342 -62.48 -114.77 98.85
CA GLY N 342 -63.04 -115.65 99.85
C GLY N 342 -62.44 -115.55 101.22
N GLY N 343 -61.15 -115.19 101.27
CA GLY N 343 -60.47 -114.86 102.50
C GLY N 343 -60.83 -113.50 103.06
N SER N 344 -61.08 -112.50 102.19
CA SER N 344 -61.57 -111.16 102.56
C SER N 344 -62.92 -111.25 103.23
N ILE N 345 -63.89 -111.97 102.60
CA ILE N 345 -65.21 -112.16 103.14
C ILE N 345 -65.19 -112.93 104.46
N LEU N 346 -64.37 -113.99 104.58
CA LEU N 346 -64.27 -114.76 105.83
C LEU N 346 -63.80 -113.99 107.05
N ALA N 347 -62.72 -113.20 106.90
CA ALA N 347 -62.21 -112.42 108.00
C ALA N 347 -63.10 -111.21 108.32
N SER N 348 -63.92 -110.74 107.36
CA SER N 348 -64.99 -109.75 107.60
C SER N 348 -66.20 -110.30 108.31
N LEU N 349 -66.44 -111.63 108.29
CA LEU N 349 -67.51 -112.26 109.06
C LEU N 349 -67.36 -112.15 110.57
N SER N 350 -68.41 -111.65 111.26
CA SER N 350 -68.39 -111.39 112.68
C SER N 350 -68.18 -112.61 113.56
N THR N 351 -68.88 -113.73 113.25
CA THR N 351 -68.73 -115.02 113.93
C THR N 351 -67.35 -115.62 113.83
N PHE N 352 -66.70 -115.47 112.65
CA PHE N 352 -65.37 -115.96 112.36
C PHE N 352 -64.32 -115.34 113.31
N GLN N 353 -64.57 -114.10 113.80
CA GLN N 353 -63.74 -113.45 114.78
C GLN N 353 -63.58 -114.15 116.14
N GLN N 354 -64.33 -115.24 116.41
CA GLN N 354 -64.09 -116.08 117.56
C GLN N 354 -63.36 -117.39 117.21
N MET N 355 -63.24 -117.73 115.91
CA MET N 355 -62.67 -119.01 115.47
C MET N 355 -61.22 -118.85 115.08
N TRP N 356 -60.65 -117.63 115.24
CA TRP N 356 -59.23 -117.41 115.04
C TRP N 356 -58.39 -118.26 115.96
N ILE N 357 -57.23 -118.72 115.48
CA ILE N 357 -56.26 -119.30 116.38
C ILE N 357 -55.61 -118.13 117.08
N THR N 358 -55.80 -117.99 118.41
CA THR N 358 -55.20 -116.87 119.11
C THR N 358 -53.72 -117.13 119.33
N LYS N 359 -52.92 -116.06 119.48
CA LYS N 359 -51.55 -116.18 119.92
C LYS N 359 -51.40 -116.85 121.27
N GLN N 360 -52.31 -116.52 122.23
CA GLN N 360 -52.35 -117.10 123.54
C GLN N 360 -52.54 -118.62 123.51
N GLU N 361 -53.55 -119.11 122.73
CA GLU N 361 -53.86 -120.53 122.59
C GLU N 361 -52.72 -121.34 121.98
N TYR N 362 -52.01 -120.75 120.98
CA TYR N 362 -50.74 -121.27 120.48
C TYR N 362 -49.65 -121.32 121.55
N ASP N 363 -49.44 -120.27 122.35
CA ASP N 363 -48.38 -120.20 123.35
C ASP N 363 -48.56 -121.30 124.42
N GLU N 364 -49.82 -121.55 124.91
CA GLU N 364 -50.14 -122.68 125.77
C GLU N 364 -50.05 -124.06 125.12
N ALA N 365 -50.64 -124.26 123.93
CA ALA N 365 -50.90 -125.59 123.45
C ALA N 365 -50.03 -126.00 122.26
N GLY N 366 -49.14 -125.11 121.77
CA GLY N 366 -48.15 -125.39 120.75
C GLY N 366 -48.60 -125.37 119.30
N PRO N 367 -47.68 -125.60 118.35
CA PRO N 367 -47.97 -125.50 116.93
C PRO N 367 -48.87 -126.60 116.42
N SER N 368 -49.05 -127.70 117.15
CA SER N 368 -49.78 -128.86 116.67
C SER N 368 -51.30 -128.66 116.62
N ILE N 369 -51.79 -127.61 117.31
CA ILE N 369 -53.19 -127.26 117.45
C ILE N 369 -53.88 -126.81 116.19
N VAL N 370 -53.14 -126.60 115.08
CA VAL N 370 -53.72 -126.21 113.80
C VAL N 370 -54.83 -127.15 113.39
N HIS N 371 -54.48 -128.46 113.30
CA HIS N 371 -55.38 -129.50 112.85
C HIS N 371 -56.52 -129.79 113.80
N ARG N 372 -56.27 -129.60 115.11
CA ARG N 372 -57.25 -129.73 116.17
C ARG N 372 -58.40 -128.73 116.13
N LYS N 373 -58.11 -127.45 115.81
CA LYS N 373 -59.13 -126.43 115.75
C LYS N 373 -59.73 -126.26 114.38
N CYS N 374 -58.87 -126.17 113.33
CA CYS N 374 -59.28 -125.85 111.97
C CYS N 374 -59.23 -127.08 111.08
N PHE N 375 -59.96 -127.01 109.96
CA PHE N 375 -59.90 -127.98 108.89
C PHE N 375 -58.64 -127.78 107.97
N THR O 97 11.67 39.03 -75.03
CA THR O 97 10.22 38.92 -75.12
C THR O 97 9.60 38.60 -73.76
N LYS O 98 10.28 39.00 -72.69
CA LYS O 98 9.78 38.74 -71.35
C LYS O 98 8.55 39.59 -71.04
N LYS O 99 8.47 40.79 -71.59
CA LYS O 99 7.21 41.53 -71.51
C LYS O 99 6.29 41.18 -72.67
N ASP O 100 6.84 40.59 -73.75
CA ASP O 100 5.97 40.08 -74.80
C ASP O 100 5.31 38.76 -74.41
N ARG O 101 5.86 38.05 -73.42
CA ARG O 101 5.26 36.78 -73.04
C ARG O 101 4.07 36.99 -72.10
N VAL O 102 4.00 38.14 -71.44
CA VAL O 102 2.93 38.40 -70.47
C VAL O 102 1.62 38.69 -71.19
N ASN O 103 1.67 39.43 -72.29
CA ASN O 103 0.46 39.83 -72.99
C ASN O 103 -0.17 38.68 -73.77
N HIS O 104 0.57 37.59 -74.00
CA HIS O 104 0.05 36.51 -74.82
C HIS O 104 -0.93 35.63 -74.03
N CYS O 105 -0.62 35.39 -72.75
CA CYS O 105 -1.40 34.43 -71.96
C CYS O 105 -2.76 35.03 -71.57
N LEU O 106 -2.84 36.35 -71.46
CA LEU O 106 -4.00 36.98 -70.85
C LEU O 106 -5.10 37.24 -71.87
N THR O 107 -4.77 37.30 -73.16
CA THR O 107 -5.78 37.59 -74.16
C THR O 107 -6.50 36.34 -74.61
N ILE O 108 -5.92 35.17 -74.35
CA ILE O 108 -6.60 33.91 -74.63
C ILE O 108 -7.73 33.67 -73.65
N CYS O 109 -7.59 34.20 -72.43
CA CYS O 109 -8.56 33.95 -71.37
C CYS O 109 -9.89 34.64 -71.62
N GLU O 110 -9.86 35.91 -72.04
CA GLU O 110 -11.09 36.70 -72.10
C GLU O 110 -11.94 36.36 -73.31
N ASN O 111 -11.35 35.77 -74.34
CA ASN O 111 -12.07 35.49 -75.57
C ASN O 111 -12.69 34.09 -75.56
N ILE O 112 -12.69 33.42 -74.41
CA ILE O 112 -13.43 32.19 -74.23
C ILE O 112 -14.73 32.46 -73.48
N VAL O 113 -14.63 33.24 -72.40
CA VAL O 113 -15.79 33.61 -71.59
C VAL O 113 -16.71 34.55 -72.36
N ALA O 114 -16.14 35.46 -73.18
CA ALA O 114 -16.97 36.39 -73.93
C ALA O 114 -17.46 35.80 -75.25
N GLN O 115 -17.25 34.51 -75.47
CA GLN O 115 -17.90 33.84 -76.60
C GLN O 115 -19.40 33.82 -76.43
N SER O 116 -19.86 33.43 -75.24
CA SER O 116 -21.26 33.11 -74.92
C SER O 116 -21.82 32.05 -75.88
N VAL O 117 -20.96 31.14 -76.30
CA VAL O 117 -21.37 29.99 -77.12
C VAL O 117 -20.59 28.75 -76.67
N ARG O 118 -21.29 27.84 -76.03
CA ARG O 118 -20.65 26.63 -75.53
C ARG O 118 -21.34 25.40 -76.11
N ASN O 119 -20.72 24.23 -75.87
CA ASN O 119 -21.19 22.92 -76.33
C ASN O 119 -21.34 22.87 -77.85
N SER O 120 -20.47 23.59 -78.55
CA SER O 120 -20.51 23.67 -80.01
C SER O 120 -19.37 22.86 -80.61
N PRO O 121 -19.58 22.26 -81.78
CA PRO O 121 -18.49 21.51 -82.43
C PRO O 121 -17.35 22.39 -82.94
N GLU O 122 -17.55 23.71 -83.00
CA GLU O 122 -16.43 24.62 -83.15
C GLU O 122 -15.81 24.96 -81.80
N PHE O 123 -16.63 25.04 -80.75
CA PHE O 123 -16.10 25.48 -79.45
C PHE O 123 -15.38 24.34 -78.73
N GLN O 124 -15.58 23.10 -79.15
CA GLN O 124 -14.91 22.00 -78.43
C GLN O 124 -13.43 21.92 -78.75
N LYS O 125 -13.03 22.23 -80.00
CA LYS O 125 -11.65 22.09 -80.40
C LYS O 125 -10.77 23.19 -79.80
N LEU O 126 -11.36 24.36 -79.53
CA LEU O 126 -10.55 25.51 -79.12
C LEU O 126 -10.14 25.42 -77.66
N LEU O 127 -10.89 24.69 -76.84
CA LEU O 127 -10.60 24.73 -75.40
C LEU O 127 -9.55 23.71 -75.04
N GLY O 128 -9.32 22.68 -75.86
CA GLY O 128 -8.29 21.71 -75.53
C GLY O 128 -6.89 22.25 -75.74
N ILE O 129 -6.69 23.02 -76.82
CA ILE O 129 -5.35 23.38 -77.26
C ILE O 129 -4.74 24.43 -76.34
N ALA O 130 -5.45 25.53 -76.11
CA ALA O 130 -4.89 26.64 -75.36
C ALA O 130 -5.09 26.49 -73.85
N MET O 131 -5.44 25.30 -73.38
CA MET O 131 -5.59 25.07 -71.94
C MET O 131 -4.32 24.52 -71.34
N GLU O 132 -3.62 23.68 -72.11
CA GLU O 132 -2.28 23.26 -71.73
C GLU O 132 -1.29 24.41 -71.85
N LEU O 133 -1.65 25.46 -72.60
CA LEU O 133 -0.74 26.58 -72.79
C LEU O 133 -0.81 27.57 -71.63
N PHE O 134 -1.77 27.44 -70.72
CA PHE O 134 -1.79 28.32 -69.55
C PHE O 134 -0.73 27.94 -68.53
N LEU O 135 -0.15 26.75 -68.62
CA LEU O 135 0.74 26.30 -67.57
C LEU O 135 2.20 26.43 -67.97
N LEU O 136 2.47 26.51 -69.27
CA LEU O 136 3.79 26.88 -69.77
C LEU O 136 4.12 28.33 -69.42
N CYS O 137 3.09 29.17 -69.28
CA CYS O 137 3.26 30.52 -68.77
C CYS O 137 3.71 30.50 -67.31
N SER O 138 3.30 29.48 -66.56
CA SER O 138 3.74 29.31 -65.17
C SER O 138 5.03 28.52 -65.11
N ASP O 139 5.29 27.69 -66.11
CA ASP O 139 6.52 26.89 -66.12
C ASP O 139 7.75 27.75 -66.41
N ASP O 140 7.57 28.88 -67.07
CA ASP O 140 8.70 29.76 -67.34
C ASP O 140 9.08 30.54 -66.08
N ALA O 141 10.38 30.55 -65.78
CA ALA O 141 10.83 30.98 -64.46
C ALA O 141 11.06 32.48 -64.40
N GLU O 142 10.00 33.20 -64.04
CA GLU O 142 10.09 34.60 -63.63
C GLU O 142 8.90 34.94 -62.76
N SER O 143 9.13 35.61 -61.63
CA SER O 143 8.05 35.88 -60.69
C SER O 143 7.07 36.91 -61.23
N ASP O 144 7.52 37.74 -62.18
CA ASP O 144 6.59 38.61 -62.89
C ASP O 144 5.74 37.81 -63.87
N VAL O 145 6.25 36.66 -64.34
CA VAL O 145 5.48 35.81 -65.23
C VAL O 145 4.73 34.71 -64.46
N ARG O 146 5.34 34.14 -63.42
CA ARG O 146 4.71 33.07 -62.65
C ARG O 146 3.55 33.56 -61.79
N MET O 147 3.61 34.76 -61.22
CA MET O 147 2.48 35.23 -60.42
C MET O 147 1.33 35.69 -61.29
N VAL O 148 1.62 36.32 -62.43
CA VAL O 148 0.57 36.97 -63.22
C VAL O 148 -0.29 35.94 -63.94
N ALA O 149 0.32 34.92 -64.53
CA ALA O 149 -0.47 34.06 -65.40
C ALA O 149 -1.04 32.82 -64.70
N ASP O 150 -0.90 32.72 -63.38
CA ASP O 150 -1.53 31.61 -62.66
C ASP O 150 -2.88 32.02 -62.11
N GLU O 151 -3.05 33.30 -61.81
CA GLU O 151 -4.35 33.82 -61.40
C GLU O 151 -5.29 33.96 -62.59
N CYS O 152 -4.75 33.87 -63.81
CA CYS O 152 -5.57 34.03 -65.00
C CYS O 152 -6.19 32.71 -65.44
N LEU O 153 -5.56 31.60 -65.07
CA LEU O 153 -6.13 30.29 -65.35
C LEU O 153 -7.34 30.02 -64.46
N ASN O 154 -7.45 30.72 -63.34
CA ASN O 154 -8.60 30.50 -62.49
C ASN O 154 -9.81 31.29 -62.97
N LYS O 155 -9.63 32.24 -63.88
CA LYS O 155 -10.78 32.94 -64.45
C LYS O 155 -11.55 32.05 -65.41
N VAL O 156 -10.88 31.06 -65.99
CA VAL O 156 -11.53 30.22 -67.01
C VAL O 156 -12.46 29.20 -66.36
N ILE O 157 -11.97 28.56 -65.29
CA ILE O 157 -12.60 27.38 -64.69
C ILE O 157 -13.95 27.75 -64.07
N LYS O 158 -13.95 28.80 -63.26
CA LYS O 158 -15.08 29.17 -62.43
C LYS O 158 -16.21 29.76 -63.25
N ALA O 159 -15.90 30.34 -64.40
CA ALA O 159 -16.92 30.78 -65.34
C ALA O 159 -17.41 29.62 -66.19
N LEU O 160 -16.77 28.46 -66.08
CA LEU O 160 -17.16 27.29 -66.83
C LEU O 160 -17.46 26.07 -65.97
N MET O 161 -17.64 26.22 -64.65
CA MET O 161 -18.03 25.08 -63.84
C MET O 161 -19.47 24.68 -64.08
N ASP O 162 -20.29 25.63 -64.55
CA ASP O 162 -21.66 25.28 -64.93
C ASP O 162 -21.67 24.64 -66.31
N SER O 163 -21.03 25.28 -67.29
CA SER O 163 -21.29 24.92 -68.68
C SER O 163 -20.48 23.70 -69.11
N ASN O 164 -19.15 23.83 -69.13
CA ASN O 164 -18.29 22.76 -69.62
C ASN O 164 -17.42 22.25 -68.48
N LEU O 165 -17.97 21.36 -67.68
CA LEU O 165 -17.18 20.57 -66.75
C LEU O 165 -16.60 19.28 -67.36
N PRO O 166 -17.34 18.48 -68.17
CA PRO O 166 -16.65 17.30 -68.74
C PRO O 166 -15.60 17.63 -69.78
N ARG O 167 -15.61 18.84 -70.36
CA ARG O 167 -14.52 19.20 -71.26
C ARG O 167 -13.31 19.69 -70.48
N LEU O 168 -13.53 20.39 -69.35
CA LEU O 168 -12.43 20.82 -68.50
C LEU O 168 -11.65 19.68 -67.90
N GLN O 169 -12.31 18.66 -67.35
CA GLN O 169 -11.56 17.66 -66.62
C GLN O 169 -10.91 16.59 -67.50
N LEU O 170 -11.01 16.68 -68.81
CA LEU O 170 -10.38 15.66 -69.64
C LEU O 170 -8.98 16.10 -70.05
N GLU O 171 -8.77 17.41 -70.26
CA GLU O 171 -7.44 17.93 -70.61
C GLU O 171 -6.49 17.87 -69.41
N LEU O 172 -7.06 17.78 -68.21
CA LEU O 172 -6.31 18.02 -66.99
C LEU O 172 -5.72 16.74 -66.42
N TYR O 173 -6.43 15.63 -66.62
CA TYR O 173 -5.88 14.33 -66.29
C TYR O 173 -4.69 13.99 -67.19
N LYS O 174 -4.60 14.59 -68.38
CA LYS O 174 -3.52 14.26 -69.30
C LYS O 174 -2.16 14.72 -68.78
N GLU O 175 -2.12 15.85 -68.07
CA GLU O 175 -0.85 16.42 -67.64
C GLU O 175 -0.18 15.66 -66.49
N ILE O 176 -0.96 14.99 -65.64
CA ILE O 176 -0.34 14.23 -64.55
C ILE O 176 0.38 13.00 -65.09
N LYS O 177 -0.24 12.31 -66.05
CA LYS O 177 0.35 11.20 -66.77
C LYS O 177 1.53 11.62 -67.62
N LYS O 178 1.56 12.89 -68.07
CA LYS O 178 2.76 13.43 -68.69
C LYS O 178 3.92 13.48 -67.71
N ASN O 179 3.61 13.68 -66.43
CA ASN O 179 4.56 13.64 -65.31
C ASN O 179 5.66 14.68 -65.51
N GLY O 180 5.24 15.93 -65.69
CA GLY O 180 6.12 16.98 -66.17
C GLY O 180 7.06 17.56 -65.14
N ALA O 181 7.33 18.85 -65.28
CA ALA O 181 8.28 19.53 -64.42
C ALA O 181 7.72 19.65 -63.01
N PRO O 182 8.59 19.74 -62.00
CA PRO O 182 8.07 19.88 -60.63
C PRO O 182 7.40 21.22 -60.36
N ARG O 183 7.59 22.21 -61.23
CA ARG O 183 6.77 23.42 -61.12
C ARG O 183 5.52 23.32 -61.95
N SER O 184 5.56 22.57 -63.06
CA SER O 184 4.39 22.44 -63.91
C SER O 184 3.39 21.45 -63.31
N LEU O 185 3.87 20.36 -62.73
CA LEU O 185 2.96 19.35 -62.18
C LEU O 185 2.33 19.82 -60.88
N ARG O 186 2.89 20.85 -60.23
CA ARG O 186 2.43 21.21 -58.90
C ARG O 186 1.14 22.01 -58.93
N ALA O 187 1.12 23.12 -59.68
CA ALA O 187 0.00 24.05 -59.63
C ALA O 187 -1.19 23.54 -60.42
N ALA O 188 -1.03 22.44 -61.14
CA ALA O 188 -2.17 21.74 -61.69
C ALA O 188 -2.83 20.86 -60.64
N LEU O 189 -2.16 20.61 -59.53
CA LEU O 189 -2.71 19.64 -58.59
C LEU O 189 -3.61 20.31 -57.57
N TRP O 190 -3.50 21.65 -57.44
CA TRP O 190 -4.51 22.42 -56.73
C TRP O 190 -5.87 22.33 -57.43
N ARG O 191 -5.85 22.33 -58.76
CA ARG O 191 -7.08 22.50 -59.53
C ARG O 191 -7.95 21.26 -59.51
N PHE O 192 -7.38 20.11 -59.13
CA PHE O 192 -8.04 18.84 -59.46
C PHE O 192 -8.66 18.24 -58.22
N ALA O 193 -8.32 18.78 -57.05
CA ALA O 193 -8.97 18.33 -55.82
C ALA O 193 -10.22 19.13 -55.54
N GLU O 194 -10.31 20.34 -56.10
CA GLU O 194 -11.45 21.20 -55.84
C GLU O 194 -12.59 20.90 -56.80
N LEU O 195 -12.29 20.23 -57.90
CA LEU O 195 -13.26 19.79 -58.88
C LEU O 195 -13.54 18.31 -58.76
N ALA O 196 -13.08 17.68 -57.67
CA ALA O 196 -13.35 16.27 -57.46
C ALA O 196 -14.79 16.06 -56.97
N HIS O 197 -15.28 16.98 -56.14
CA HIS O 197 -16.67 16.90 -55.71
C HIS O 197 -17.62 17.59 -56.68
N LEU O 198 -17.17 17.92 -57.89
CA LEU O 198 -18.02 18.44 -58.95
C LEU O 198 -18.29 17.42 -60.04
N VAL O 199 -17.71 16.23 -59.96
CA VAL O 199 -17.95 15.22 -60.98
C VAL O 199 -19.33 14.62 -60.77
N ARG O 200 -19.78 13.96 -61.74
CA ARG O 200 -21.02 13.23 -61.56
C ARG O 200 -20.72 11.79 -61.13
N PRO O 201 -21.62 11.14 -60.40
CA PRO O 201 -21.39 9.71 -60.10
C PRO O 201 -21.70 8.79 -61.27
N GLN O 202 -22.16 9.32 -62.39
CA GLN O 202 -22.29 8.49 -63.59
C GLN O 202 -20.95 8.26 -64.25
N LYS O 203 -20.08 9.28 -64.24
CA LYS O 203 -18.80 9.27 -64.93
C LYS O 203 -17.64 9.04 -63.98
N CYS O 204 -17.92 8.82 -62.70
CA CYS O 204 -16.88 8.80 -61.67
C CYS O 204 -16.02 7.55 -61.74
N ARG O 205 -16.64 6.39 -61.96
CA ARG O 205 -15.89 5.13 -61.98
C ARG O 205 -14.84 5.03 -63.09
N PRO O 206 -15.02 5.58 -64.30
CA PRO O 206 -13.84 5.72 -65.18
C PRO O 206 -12.76 6.64 -64.63
N TYR O 207 -13.08 7.65 -63.82
CA TYR O 207 -12.03 8.54 -63.32
C TYR O 207 -11.22 7.91 -62.19
N LEU O 208 -11.75 6.86 -61.54
CA LEU O 208 -11.00 6.31 -60.42
C LEU O 208 -9.86 5.41 -60.89
N VAL O 209 -10.08 4.63 -61.95
CA VAL O 209 -9.12 3.60 -62.34
C VAL O 209 -7.86 4.26 -62.91
N ASN O 210 -8.03 5.41 -63.55
CA ASN O 210 -6.93 6.07 -64.24
C ASN O 210 -5.99 6.84 -63.31
N LEU O 211 -6.40 7.12 -62.08
CA LEU O 211 -5.60 7.93 -61.18
C LEU O 211 -4.60 7.13 -60.35
N LEU O 212 -4.88 5.88 -60.06
CA LEU O 212 -3.99 5.08 -59.23
C LEU O 212 -2.68 4.72 -59.91
N PRO O 213 -2.59 4.53 -61.24
CA PRO O 213 -1.27 4.64 -61.86
C PRO O 213 -0.67 6.03 -61.77
N CYS O 214 -1.49 7.08 -61.77
CA CYS O 214 -0.93 8.43 -61.73
C CYS O 214 -0.65 8.89 -60.30
N LEU O 215 -1.31 8.28 -59.31
CA LEU O 215 -1.09 8.73 -57.93
C LEU O 215 0.04 7.98 -57.24
N THR O 216 0.65 6.99 -57.92
CA THR O 216 1.80 6.35 -57.30
C THR O 216 3.11 6.98 -57.77
N ARG O 217 3.13 7.56 -58.96
CA ARG O 217 4.35 8.16 -59.48
C ARG O 217 4.73 9.42 -58.73
N THR O 218 3.73 10.23 -58.37
CA THR O 218 3.91 11.43 -57.56
C THR O 218 4.10 11.12 -56.09
N SER O 219 4.02 9.85 -55.71
CA SER O 219 4.46 9.42 -54.38
C SER O 219 5.93 8.99 -54.39
N LYS O 220 6.45 8.57 -55.53
CA LYS O 220 7.85 8.20 -55.67
C LYS O 220 8.74 9.38 -56.01
N ARG O 221 8.17 10.58 -56.12
CA ARG O 221 8.98 11.73 -56.51
C ARG O 221 9.61 12.39 -55.29
N PRO O 222 10.93 12.61 -55.32
CA PRO O 222 11.64 13.17 -54.16
C PRO O 222 11.63 14.69 -54.06
N GLU O 223 10.91 15.39 -54.94
CA GLU O 223 10.83 16.85 -54.85
C GLU O 223 9.97 17.22 -53.64
N GLU O 224 10.54 17.98 -52.72
CA GLU O 224 9.87 18.26 -51.45
C GLU O 224 8.71 19.24 -51.61
N SER O 225 8.61 19.92 -52.75
CA SER O 225 7.46 20.80 -52.99
C SER O 225 6.32 20.05 -53.65
N VAL O 226 6.63 19.03 -54.46
CA VAL O 226 5.58 18.24 -55.09
C VAL O 226 4.89 17.36 -54.07
N GLN O 227 5.63 16.89 -53.06
CA GLN O 227 5.05 15.99 -52.06
C GLN O 227 4.10 16.71 -51.12
N GLU O 228 4.16 18.05 -51.06
CA GLU O 228 3.36 18.76 -50.06
C GLU O 228 1.91 18.90 -50.49
N THR O 229 1.69 19.29 -51.76
CA THR O 229 0.32 19.54 -52.24
C THR O 229 -0.50 18.26 -52.36
N LEU O 230 0.16 17.10 -52.38
CA LEU O 230 -0.56 15.84 -52.43
C LEU O 230 -1.17 15.49 -51.08
N ALA O 231 -0.61 16.04 -50.00
CA ALA O 231 -1.22 15.89 -48.68
C ALA O 231 -2.32 16.92 -48.45
N ALA O 232 -2.58 17.76 -49.45
CA ALA O 232 -3.76 18.61 -49.48
C ALA O 232 -4.67 18.29 -50.66
N ALA O 233 -4.51 17.11 -51.27
CA ALA O 233 -5.44 16.63 -52.27
C ALA O 233 -5.96 15.23 -52.00
N VAL O 234 -5.12 14.34 -51.46
CA VAL O 234 -5.54 13.02 -50.99
C VAL O 234 -6.48 13.15 -49.79
N PRO O 235 -6.46 14.22 -48.98
CA PRO O 235 -7.70 14.57 -48.27
C PRO O 235 -8.89 14.84 -49.18
N LYS O 236 -8.76 15.60 -50.26
CA LYS O 236 -9.96 16.02 -50.99
C LYS O 236 -10.36 15.06 -52.11
N ILE O 237 -9.41 14.34 -52.71
CA ILE O 237 -9.76 13.50 -53.85
C ILE O 237 -10.43 12.22 -53.40
N MET O 238 -9.78 11.47 -52.51
CA MET O 238 -10.28 10.17 -52.08
C MET O 238 -11.37 10.26 -51.02
N ALA O 239 -11.99 11.43 -50.82
CA ALA O 239 -13.22 11.52 -50.04
C ALA O 239 -14.43 11.59 -50.96
N SER O 240 -14.23 12.07 -52.18
CA SER O 240 -15.29 12.09 -53.18
C SER O 240 -15.11 10.99 -54.21
N PHE O 241 -13.86 10.62 -54.50
CA PHE O 241 -13.58 9.39 -55.22
C PHE O 241 -13.30 8.23 -54.28
N GLY O 242 -13.83 8.24 -53.07
CA GLY O 242 -13.51 7.19 -52.13
C GLY O 242 -14.34 5.93 -52.36
N ASN O 243 -15.67 6.08 -52.39
CA ASN O 243 -16.61 4.96 -52.32
C ASN O 243 -16.64 4.12 -53.59
N PHE O 244 -15.94 4.50 -54.64
CA PHE O 244 -16.10 3.90 -55.96
C PHE O 244 -15.06 2.81 -56.22
N ALA O 245 -14.23 2.49 -55.24
CA ALA O 245 -13.18 1.50 -55.42
C ALA O 245 -13.45 0.27 -54.56
N ASN O 246 -13.00 -0.88 -55.06
CA ASN O 246 -13.22 -2.15 -54.40
C ASN O 246 -12.06 -2.40 -53.42
N ASP O 247 -12.00 -3.63 -52.91
CA ASP O 247 -10.96 -3.99 -51.95
C ASP O 247 -9.66 -4.34 -52.67
N ASN O 248 -9.71 -4.47 -53.99
CA ASN O 248 -8.49 -4.78 -54.74
C ASN O 248 -7.67 -3.52 -54.97
N GLU O 249 -8.32 -2.41 -55.33
CA GLU O 249 -7.59 -1.22 -55.74
C GLU O 249 -6.96 -0.50 -54.56
N ILE O 250 -7.54 -0.62 -53.37
CA ILE O 250 -7.09 0.22 -52.26
C ILE O 250 -6.01 -0.48 -51.44
N LYS O 251 -5.81 -1.79 -51.61
CA LYS O 251 -4.68 -2.41 -50.91
C LYS O 251 -3.35 -2.12 -51.60
N VAL O 252 -3.39 -1.82 -52.90
CA VAL O 252 -2.15 -1.52 -53.62
C VAL O 252 -1.62 -0.14 -53.23
N LEU O 253 -2.52 0.79 -52.96
CA LEU O 253 -2.15 2.20 -52.84
C LEU O 253 -1.47 2.49 -51.50
N LEU O 254 -1.74 1.66 -50.49
CA LEU O 254 -1.25 1.93 -49.14
C LEU O 254 0.08 1.25 -48.87
N LYS O 255 0.50 0.32 -49.72
CA LYS O 255 1.83 -0.26 -49.57
C LYS O 255 2.89 0.67 -50.15
N ALA O 256 2.48 1.66 -50.94
CA ALA O 256 3.42 2.57 -51.56
C ALA O 256 3.82 3.70 -50.62
N PHE O 257 2.85 4.27 -49.90
CA PHE O 257 3.09 5.39 -49.01
C PHE O 257 3.92 5.02 -47.79
N ILE O 258 3.91 3.75 -47.38
CA ILE O 258 4.71 3.31 -46.25
C ILE O 258 6.17 3.23 -46.65
N ALA O 259 6.44 2.93 -47.91
CA ALA O 259 7.78 3.07 -48.49
C ALA O 259 8.17 4.53 -48.70
N ASN O 260 7.25 5.47 -48.49
CA ASN O 260 7.60 6.88 -48.33
C ASN O 260 7.71 7.29 -46.88
N LEU O 261 7.60 6.34 -45.94
CA LEU O 261 8.05 6.64 -44.59
C LEU O 261 9.52 6.31 -44.41
N LYS O 262 10.13 5.68 -45.40
CA LYS O 262 11.54 5.33 -45.36
C LYS O 262 12.44 6.40 -45.96
N SER O 263 12.02 7.65 -45.97
CA SER O 263 12.87 8.73 -46.43
C SER O 263 13.22 9.66 -45.27
N SER O 264 14.31 10.41 -45.45
CA SER O 264 14.91 11.16 -44.37
C SER O 264 14.49 12.62 -44.32
N SER O 265 13.56 13.04 -45.15
CA SER O 265 13.21 14.46 -45.14
C SER O 265 12.00 14.72 -44.24
N PRO O 266 12.07 15.74 -43.38
CA PRO O 266 10.93 16.03 -42.50
C PRO O 266 9.72 16.55 -43.25
N THR O 267 9.90 17.08 -44.46
CA THR O 267 8.76 17.49 -45.26
C THR O 267 8.10 16.28 -45.92
N ILE O 268 8.89 15.25 -46.22
CA ILE O 268 8.31 14.11 -46.93
C ILE O 268 7.79 13.06 -45.95
N ARG O 269 8.13 13.18 -44.66
CA ARG O 269 7.62 12.18 -43.72
C ARG O 269 6.18 12.47 -43.33
N ARG O 270 5.79 13.74 -43.29
CA ARG O 270 4.45 14.04 -42.79
C ARG O 270 3.41 14.13 -43.91
N THR O 271 3.81 13.98 -45.17
CA THR O 271 2.82 13.97 -46.24
C THR O 271 2.42 12.55 -46.61
N ALA O 272 3.23 11.56 -46.24
CA ALA O 272 2.85 10.17 -46.50
C ALA O 272 2.04 9.60 -45.35
N ALA O 273 1.96 10.32 -44.23
CA ALA O 273 1.23 9.84 -43.09
C ALA O 273 -0.23 10.28 -43.12
N GLY O 274 -0.48 11.48 -43.64
CA GLY O 274 -1.85 11.95 -43.76
C GLY O 274 -2.52 11.45 -45.02
N SER O 275 -1.83 10.63 -45.81
CA SER O 275 -2.45 10.04 -46.99
C SER O 275 -3.02 8.66 -46.67
N ALA O 276 -2.41 7.94 -45.75
CA ALA O 276 -2.91 6.61 -45.39
C ALA O 276 -4.20 6.70 -44.60
N VAL O 277 -4.41 7.81 -43.91
CA VAL O 277 -5.48 7.87 -42.93
C VAL O 277 -6.70 8.58 -43.51
N SER O 278 -6.55 9.26 -44.64
CA SER O 278 -7.70 9.92 -45.23
C SER O 278 -8.46 8.99 -46.16
N ILE O 279 -7.83 7.88 -46.55
CA ILE O 279 -8.48 6.88 -47.39
C ILE O 279 -9.42 6.03 -46.55
N CYS O 280 -8.94 5.59 -45.39
CA CYS O 280 -9.69 4.71 -44.50
C CYS O 280 -10.94 5.34 -43.91
N GLN O 281 -11.09 6.66 -44.01
CA GLN O 281 -12.36 7.29 -43.69
C GLN O 281 -13.37 7.08 -44.80
N HIS O 282 -12.89 6.81 -46.02
CA HIS O 282 -13.75 6.83 -47.18
C HIS O 282 -13.56 5.62 -48.08
N SER O 283 -12.84 4.59 -47.63
CA SER O 283 -12.33 3.57 -48.54
C SER O 283 -13.42 2.73 -49.21
N ARG O 284 -13.97 1.74 -48.52
CA ARG O 284 -15.30 1.24 -48.82
C ARG O 284 -15.96 0.92 -47.50
N ARG O 285 -15.15 0.38 -46.60
CA ARG O 285 -15.54 -0.06 -45.26
C ARG O 285 -14.65 0.74 -44.32
N THR O 286 -15.26 1.70 -43.62
CA THR O 286 -14.50 2.61 -42.78
C THR O 286 -13.91 1.91 -41.57
N GLN O 287 -14.59 0.88 -41.07
CA GLN O 287 -14.10 0.20 -39.87
C GLN O 287 -13.21 -0.98 -40.21
N TYR O 288 -13.36 -1.56 -41.40
CA TYR O 288 -12.50 -2.67 -41.76
C TYR O 288 -11.08 -2.20 -42.04
N PHE O 289 -10.91 -1.00 -42.58
CA PHE O 289 -9.56 -0.53 -42.91
C PHE O 289 -8.85 0.15 -41.76
N TYR O 290 -9.47 0.28 -40.60
CA TYR O 290 -8.74 0.79 -39.45
C TYR O 290 -7.93 -0.33 -38.78
N SER O 291 -8.47 -1.55 -38.82
CA SER O 291 -7.77 -2.67 -38.19
C SER O 291 -6.61 -3.16 -39.05
N TRP O 292 -6.56 -2.76 -40.31
CA TRP O 292 -5.55 -3.30 -41.20
C TRP O 292 -4.29 -2.46 -41.18
N LEU O 293 -4.40 -1.18 -40.85
CA LEU O 293 -3.19 -0.38 -40.74
C LEU O 293 -2.47 -0.62 -39.42
N LEU O 294 -3.12 -1.23 -38.44
CA LEU O 294 -2.42 -1.47 -37.18
C LEU O 294 -1.60 -2.75 -37.22
N ASN O 295 -1.86 -3.65 -38.15
CA ASN O 295 -1.06 -4.87 -38.23
C ASN O 295 0.25 -4.64 -38.98
N VAL O 296 0.26 -3.69 -39.92
CA VAL O 296 1.40 -3.48 -40.80
C VAL O 296 2.51 -2.75 -40.05
N LEU O 297 2.15 -1.93 -39.07
CA LEU O 297 3.09 -0.99 -38.48
C LEU O 297 3.80 -1.59 -37.27
N LEU O 298 3.19 -2.57 -36.62
CA LEU O 298 3.75 -3.10 -35.39
C LEU O 298 4.71 -4.25 -35.69
N GLY O 299 4.75 -4.71 -36.94
CA GLY O 299 5.83 -5.57 -37.38
C GLY O 299 7.06 -4.78 -37.75
N LEU O 300 6.88 -3.48 -38.01
CA LEU O 300 7.99 -2.57 -38.15
C LEU O 300 8.62 -2.26 -36.80
N LEU O 301 7.89 -2.53 -35.71
CA LEU O 301 8.43 -2.45 -34.36
C LEU O 301 8.10 -3.71 -33.56
N VAL O 302 8.23 -4.88 -34.17
CA VAL O 302 8.07 -6.18 -33.52
C VAL O 302 9.39 -6.39 -32.79
N PRO O 303 9.51 -7.32 -31.77
CA PRO O 303 9.97 -6.91 -30.43
C PRO O 303 11.02 -5.81 -30.32
N VAL O 304 10.75 -4.88 -29.40
CA VAL O 304 11.34 -3.54 -29.40
C VAL O 304 12.84 -3.53 -29.13
N GLU O 305 13.41 -4.66 -28.70
CA GLU O 305 14.83 -4.75 -28.39
C GLU O 305 15.61 -5.14 -29.64
N ASP O 306 15.51 -4.29 -30.66
CA ASP O 306 16.18 -4.49 -31.94
C ASP O 306 16.76 -3.16 -32.39
N GLU O 307 17.45 -3.18 -33.52
CA GLU O 307 17.83 -1.95 -34.20
C GLU O 307 16.77 -1.59 -35.23
N HIS O 308 16.10 -0.47 -35.03
CA HIS O 308 14.92 -0.14 -35.82
C HIS O 308 15.06 1.07 -36.72
N SER O 309 16.29 1.50 -37.04
CA SER O 309 16.58 2.53 -38.06
C SER O 309 15.89 3.86 -37.76
N THR O 310 16.41 4.61 -36.76
CA THR O 310 15.64 5.59 -35.98
C THR O 310 14.97 6.69 -36.82
N LEU O 311 15.26 6.77 -38.12
CA LEU O 311 14.39 7.56 -38.99
C LEU O 311 13.07 6.83 -39.23
N LEU O 312 13.10 5.50 -39.27
CA LEU O 312 11.88 4.73 -39.53
C LEU O 312 11.05 4.55 -38.28
N ILE O 313 11.63 4.81 -37.10
CA ILE O 313 10.83 4.82 -35.88
C ILE O 313 9.89 6.02 -35.89
N LEU O 314 10.28 7.09 -36.57
CA LEU O 314 9.45 8.29 -36.59
C LEU O 314 8.35 8.21 -37.65
N GLY O 315 8.42 7.23 -38.53
CA GLY O 315 7.39 7.12 -39.55
C GLY O 315 6.13 6.46 -39.04
N VAL O 316 6.26 5.60 -38.02
CA VAL O 316 5.15 4.81 -37.54
C VAL O 316 4.35 5.60 -36.51
N LEU O 317 4.98 6.57 -35.85
CA LEU O 317 4.29 7.30 -34.79
C LEU O 317 3.56 8.53 -35.31
N LEU O 318 3.70 8.87 -36.59
CA LEU O 318 2.98 10.04 -37.08
C LEU O 318 1.72 9.62 -37.81
N THR O 319 1.68 8.40 -38.34
CA THR O 319 0.42 7.89 -38.89
C THR O 319 -0.54 7.53 -37.78
N LEU O 320 -0.09 7.48 -36.53
CA LEU O 320 -0.95 7.10 -35.42
C LEU O 320 -1.50 8.30 -34.69
N ARG O 321 -1.07 9.51 -35.03
CA ARG O 321 -1.74 10.67 -34.45
C ARG O 321 -2.93 11.08 -35.28
N TYR O 322 -3.03 10.55 -36.49
CA TYR O 322 -4.13 10.94 -37.38
C TYR O 322 -5.27 9.95 -37.36
N LEU O 323 -5.07 8.77 -36.78
CA LEU O 323 -5.99 7.64 -36.88
C LEU O 323 -6.70 7.34 -35.56
N VAL O 324 -6.04 7.59 -34.44
CA VAL O 324 -6.69 7.60 -33.12
C VAL O 324 -7.87 8.57 -33.04
N PRO O 325 -7.86 9.75 -33.70
CA PRO O 325 -9.13 10.49 -33.85
C PRO O 325 -10.21 9.75 -34.62
N LEU O 326 -9.89 8.70 -35.36
CA LEU O 326 -10.91 8.03 -36.15
C LEU O 326 -11.35 6.72 -35.52
N LEU O 327 -10.70 6.32 -34.42
CA LEU O 327 -11.04 5.08 -33.75
C LEU O 327 -12.03 5.34 -32.62
N GLN O 328 -13.12 6.03 -32.91
CA GLN O 328 -14.10 6.32 -31.86
C GLN O 328 -15.48 6.59 -32.43
N VAL O 349 -14.40 -6.84 -39.77
CA VAL O 349 -13.78 -6.98 -38.46
C VAL O 349 -13.30 -5.60 -37.98
N SER O 350 -13.49 -5.33 -36.70
CA SER O 350 -13.19 -4.04 -36.08
C SER O 350 -11.76 -4.06 -35.56
N PRO O 351 -11.19 -2.90 -35.26
CA PRO O 351 -9.91 -2.90 -34.52
C PRO O 351 -10.10 -3.42 -33.11
N SER O 352 -9.44 -4.55 -32.84
CA SER O 352 -9.76 -5.38 -31.68
C SER O 352 -9.27 -4.72 -30.40
N ALA O 353 -9.80 -5.17 -29.27
CA ALA O 353 -9.39 -4.65 -27.97
C ALA O 353 -8.02 -5.16 -27.55
N GLU O 354 -7.55 -6.25 -28.15
CA GLU O 354 -6.17 -6.65 -27.91
C GLU O 354 -5.23 -6.11 -28.97
N GLN O 355 -5.77 -5.57 -30.08
CA GLN O 355 -4.91 -4.88 -31.03
C GLN O 355 -4.51 -3.50 -30.53
N LEU O 356 -5.38 -2.85 -29.75
CA LEU O 356 -5.07 -1.49 -29.32
C LEU O 356 -4.16 -1.47 -28.10
N VAL O 357 -4.02 -2.56 -27.36
CA VAL O 357 -3.16 -2.52 -26.18
C VAL O 357 -1.72 -2.87 -26.57
N GLN O 358 -1.52 -3.31 -27.82
CA GLN O 358 -0.15 -3.46 -28.30
C GLN O 358 0.43 -2.12 -28.72
N VAL O 359 -0.42 -1.15 -29.04
CA VAL O 359 0.03 0.21 -29.42
C VAL O 359 0.61 0.93 -28.20
N TYR O 360 0.12 0.59 -27.02
CA TYR O 360 0.34 1.45 -25.86
C TYR O 360 1.64 1.12 -25.14
N GLU O 361 2.04 -0.15 -25.09
CA GLU O 361 3.32 -0.51 -24.49
C GLU O 361 4.47 -0.17 -25.42
N LEU O 362 4.17 0.13 -26.68
CA LEU O 362 5.18 0.42 -27.68
C LEU O 362 5.76 1.81 -27.48
N THR O 363 5.03 2.68 -26.80
CA THR O 363 5.43 4.08 -26.70
C THR O 363 6.21 4.36 -25.44
N LEU O 364 5.91 3.66 -24.34
CA LEU O 364 6.59 3.89 -23.08
C LEU O 364 8.05 3.48 -23.15
N HIS O 365 8.38 2.52 -24.02
CA HIS O 365 9.76 2.20 -24.34
C HIS O 365 10.39 3.31 -25.19
N HIS O 366 9.57 4.06 -25.93
CA HIS O 366 10.03 5.07 -26.86
C HIS O 366 9.94 6.47 -26.29
N THR O 367 9.41 6.63 -25.08
CA THR O 367 9.67 7.85 -24.34
C THR O 367 11.04 7.83 -23.68
N GLN O 368 11.72 6.68 -23.72
CA GLN O 368 13.04 6.53 -23.12
C GLN O 368 14.15 6.40 -24.14
N HIS O 369 13.83 5.99 -25.37
CA HIS O 369 14.82 5.84 -26.43
C HIS O 369 15.40 7.19 -26.81
N GLN O 370 16.70 7.36 -26.59
CA GLN O 370 17.31 8.69 -26.58
C GLN O 370 17.42 9.25 -28.00
N ASP O 371 16.93 10.48 -28.16
CA ASP O 371 17.06 11.38 -29.29
C ASP O 371 16.35 12.65 -28.81
N HIS O 372 16.28 13.65 -29.68
CA HIS O 372 15.38 14.75 -29.40
C HIS O 372 14.32 14.85 -30.48
N ASN O 373 14.49 14.08 -31.55
CA ASN O 373 13.45 13.99 -32.57
C ASN O 373 12.62 12.73 -32.41
N VAL O 374 13.11 11.76 -31.63
CA VAL O 374 12.35 10.53 -31.41
C VAL O 374 11.68 10.55 -30.04
N VAL O 375 12.21 11.34 -29.11
CA VAL O 375 11.50 11.53 -27.84
C VAL O 375 10.30 12.44 -28.03
N THR O 376 10.38 13.40 -28.95
CA THR O 376 9.23 14.29 -29.16
C THR O 376 8.16 13.67 -30.04
N GLY O 377 8.41 12.50 -30.63
CA GLY O 377 7.43 11.93 -31.54
C GLY O 377 6.41 11.06 -30.82
N ALA O 378 6.82 10.39 -29.75
CA ALA O 378 5.92 9.53 -29.00
C ALA O 378 5.28 10.27 -27.84
N LEU O 379 5.49 11.57 -27.73
CA LEU O 379 4.85 12.34 -26.67
C LEU O 379 3.72 13.20 -27.19
N GLU O 380 3.63 13.37 -28.51
CA GLU O 380 2.42 13.94 -29.08
C GLU O 380 1.41 12.84 -29.34
N LEU O 381 1.87 11.59 -29.39
CA LEU O 381 0.97 10.46 -29.60
C LEU O 381 0.27 10.06 -28.30
N LEU O 382 0.79 10.49 -27.15
CA LEU O 382 0.21 10.05 -25.89
C LEU O 382 -0.74 11.10 -25.33
N GLN O 383 -0.59 12.34 -25.75
CA GLN O 383 -1.46 13.43 -25.31
C GLN O 383 -2.81 13.34 -25.99
N GLN O 384 -2.90 12.59 -27.08
CA GLN O 384 -4.09 12.61 -27.93
C GLN O 384 -4.92 11.35 -27.76
N LEU O 385 -4.33 10.28 -27.25
CA LEU O 385 -4.99 8.99 -27.02
C LEU O 385 -5.68 8.98 -25.66
N PHE O 386 -5.47 10.01 -24.86
CA PHE O 386 -6.20 10.15 -23.61
C PHE O 386 -7.34 11.15 -23.78
N ARG O 387 -7.17 12.12 -24.68
CA ARG O 387 -8.21 13.09 -24.95
C ARG O 387 -9.35 12.48 -25.76
N THR O 388 -9.01 11.79 -26.85
CA THR O 388 -9.98 11.07 -27.67
C THR O 388 -9.61 9.60 -27.69
N PRO O 389 -9.88 8.87 -26.59
CA PRO O 389 -9.43 7.50 -26.50
C PRO O 389 -10.33 6.57 -27.30
N PRO O 390 -9.80 5.49 -27.84
CA PRO O 390 -10.67 4.45 -28.38
C PRO O 390 -11.32 3.69 -27.25
N PRO O 391 -12.63 3.41 -27.37
CA PRO O 391 -13.37 2.93 -26.19
C PRO O 391 -13.05 1.50 -25.79
N GLU O 392 -12.43 0.72 -26.67
CA GLU O 392 -11.94 -0.60 -26.25
C GLU O 392 -10.70 -0.45 -25.37
N LEU O 393 -9.78 0.44 -25.77
CA LEU O 393 -8.57 0.67 -25.00
C LEU O 393 -8.88 1.37 -23.68
N LEU O 394 -10.01 2.06 -23.60
CA LEU O 394 -10.19 2.97 -22.48
C LEU O 394 -10.62 2.23 -21.22
N GLN O 395 -11.20 1.05 -21.35
CA GLN O 395 -11.64 0.30 -20.18
C GLN O 395 -10.54 -0.60 -19.62
N THR O 396 -9.53 -0.93 -20.42
CA THR O 396 -8.46 -1.80 -19.96
C THR O 396 -7.43 -1.10 -19.09
N LEU O 397 -7.44 0.23 -19.05
CA LEU O 397 -6.48 1.00 -18.27
C LEU O 397 -7.05 1.49 -16.94
N THR O 398 -8.33 1.83 -16.90
CA THR O 398 -9.00 2.23 -15.68
C THR O 398 -9.23 1.03 -14.77
N ALA O 399 -9.28 -0.16 -15.36
CA ALA O 399 -9.54 -1.40 -14.62
C ALA O 399 -8.41 -1.70 -13.65
N VAL O 400 -8.73 -2.47 -12.61
CA VAL O 400 -7.80 -2.67 -11.50
C VAL O 400 -6.67 -3.60 -11.93
N GLY O 401 -7.02 -4.78 -12.46
CA GLY O 401 -5.98 -5.65 -12.97
C GLY O 401 -5.42 -5.15 -14.28
N GLY O 402 -6.30 -4.86 -15.24
CA GLY O 402 -5.86 -4.18 -16.44
C GLY O 402 -5.23 -5.12 -17.44
N ILE O 403 -3.93 -4.93 -17.68
CA ILE O 403 -3.21 -5.67 -18.69
C ILE O 403 -2.95 -7.11 -18.24
N GLY O 404 -3.06 -7.39 -16.94
CA GLY O 404 -2.80 -8.73 -16.45
C GLY O 404 -3.86 -9.74 -16.85
N GLN O 405 -5.06 -9.28 -17.20
CA GLN O 405 -6.07 -10.21 -17.70
C GLN O 405 -5.94 -10.40 -19.20
N LEU O 406 -5.38 -9.41 -19.90
CA LEU O 406 -5.21 -9.54 -21.35
C LEU O 406 -4.08 -10.51 -21.67
N THR O 407 -3.13 -10.69 -20.75
CA THR O 407 -2.04 -11.63 -21.00
C THR O 407 -2.42 -13.04 -20.57
N ALA O 408 -3.56 -13.19 -19.89
CA ALA O 408 -4.00 -14.49 -19.40
C ALA O 408 -5.49 -14.69 -19.60
N ARG O 667 17.95 7.57 -15.93
CA ARG O 667 17.37 8.64 -15.13
C ARG O 667 16.37 8.10 -14.10
N ILE O 668 15.75 6.97 -14.40
CA ILE O 668 14.89 6.29 -13.45
C ILE O 668 15.74 5.23 -12.74
N LYS O 669 15.57 5.12 -11.42
CA LYS O 669 16.46 4.29 -10.62
C LYS O 669 15.75 3.53 -9.51
N GLY O 670 14.49 3.13 -9.72
CA GLY O 670 13.76 2.41 -8.71
C GLY O 670 12.79 1.40 -9.31
N ASP O 671 12.19 0.63 -8.41
CA ASP O 671 11.12 -0.29 -8.79
C ASP O 671 9.84 0.50 -9.01
N ILE O 672 9.58 0.90 -10.26
CA ILE O 672 8.32 1.55 -10.58
C ILE O 672 7.18 0.54 -10.56
N GLY O 673 7.40 -0.63 -11.17
CA GLY O 673 6.34 -1.61 -11.32
C GLY O 673 5.71 -1.45 -12.69
N GLN O 674 5.95 -2.41 -13.57
CA GLN O 674 5.62 -2.25 -14.98
C GLN O 674 4.12 -2.40 -15.23
N SER O 675 3.72 -2.21 -16.48
CA SER O 675 2.32 -2.28 -16.86
C SER O 675 1.93 -3.73 -17.17
N THR O 676 2.21 -4.63 -16.24
CA THR O 676 1.78 -6.01 -16.34
C THR O 676 1.32 -6.42 -14.95
N ASP O 677 1.72 -5.62 -13.97
CA ASP O 677 1.49 -5.96 -12.57
C ASP O 677 0.03 -5.74 -12.20
N ASP O 678 -0.46 -6.56 -11.28
CA ASP O 678 -1.78 -6.39 -10.73
C ASP O 678 -1.72 -5.52 -9.48
N ASP O 679 -2.85 -5.42 -8.78
CA ASP O 679 -3.10 -4.64 -7.56
C ASP O 679 -2.90 -3.15 -7.77
N SER O 680 -2.91 -2.69 -9.02
CA SER O 680 -2.78 -1.29 -9.39
C SER O 680 -3.18 -1.15 -10.85
N ALA O 681 -3.87 -0.06 -11.15
CA ALA O 681 -4.26 0.20 -12.53
C ALA O 681 -3.04 0.55 -13.37
N PRO O 682 -3.08 0.32 -14.68
CA PRO O 682 -1.98 0.79 -15.53
C PRO O 682 -1.88 2.30 -15.63
N LEU O 683 -2.97 3.03 -15.43
CA LEU O 683 -2.83 4.48 -15.38
C LEU O 683 -2.29 4.94 -14.04
N VAL O 684 -2.32 4.09 -13.01
CA VAL O 684 -1.49 4.38 -11.85
C VAL O 684 -0.03 4.15 -12.21
N HIS O 685 0.24 3.13 -13.03
CA HIS O 685 1.59 2.91 -13.52
C HIS O 685 2.09 3.97 -14.47
N CYS O 686 1.24 4.55 -15.33
CA CYS O 686 1.80 5.37 -16.42
C CYS O 686 2.16 6.78 -15.99
N VAL O 687 1.83 7.17 -14.76
CA VAL O 687 2.22 8.50 -14.29
C VAL O 687 3.52 8.43 -13.51
N ARG O 688 3.85 7.27 -12.97
CA ARG O 688 5.14 7.10 -12.29
C ARG O 688 6.30 7.11 -13.28
N LEU O 689 6.03 6.81 -14.55
CA LEU O 689 7.09 6.48 -15.50
C LEU O 689 7.50 7.72 -16.28
N LEU O 690 6.54 8.58 -16.60
CA LEU O 690 6.81 9.74 -17.44
C LEU O 690 7.32 10.90 -16.60
N SER O 691 7.46 10.69 -15.28
CA SER O 691 7.84 11.78 -14.40
C SER O 691 9.31 11.68 -13.99
N ALA O 692 9.74 10.50 -13.53
CA ALA O 692 11.11 10.32 -13.07
C ALA O 692 12.11 10.27 -14.21
N SER O 693 11.65 10.21 -15.46
CA SER O 693 12.56 10.22 -16.59
C SER O 693 12.69 11.61 -17.17
N PHE O 694 11.61 12.39 -17.16
CA PHE O 694 11.59 13.69 -17.81
C PHE O 694 11.74 14.83 -16.81
N LEU O 695 10.85 14.91 -15.83
CA LEU O 695 10.65 16.17 -15.13
C LEU O 695 10.69 16.07 -13.61
N LEU O 696 11.25 15.00 -13.06
CA LEU O 696 11.30 14.89 -11.61
C LEU O 696 12.46 13.97 -11.22
N THR O 697 13.10 14.30 -10.11
CA THR O 697 14.17 13.50 -9.52
C THR O 697 13.67 12.92 -8.21
N GLY O 698 13.88 11.62 -8.02
CA GLY O 698 13.19 10.86 -6.99
C GLY O 698 13.58 11.12 -5.56
N GLY O 699 14.35 12.17 -5.26
CA GLY O 699 14.83 12.34 -3.90
C GLY O 699 14.25 13.51 -3.13
N LYS O 700 13.91 14.59 -3.83
CA LYS O 700 13.60 15.84 -3.17
C LYS O 700 12.80 16.70 -4.15
N ASN O 701 12.00 17.62 -3.61
CA ASN O 701 11.28 18.57 -4.45
C ASN O 701 12.26 19.56 -5.06
N VAL O 702 12.66 19.29 -6.30
CA VAL O 702 13.69 20.06 -6.98
C VAL O 702 13.42 20.01 -8.48
N LEU O 703 13.69 21.12 -9.15
CA LEU O 703 13.54 21.19 -10.59
C LEU O 703 14.62 20.35 -11.26
N VAL O 704 14.30 19.84 -12.45
CA VAL O 704 15.33 19.26 -13.31
C VAL O 704 15.85 20.37 -14.22
N PRO O 705 17.13 20.38 -14.55
CA PRO O 705 17.67 21.48 -15.37
C PRO O 705 17.20 21.38 -16.81
N ASP O 706 17.12 22.55 -17.45
CA ASP O 706 16.73 22.61 -18.86
C ASP O 706 17.85 22.14 -19.78
N ARG O 707 19.07 22.02 -19.25
CA ARG O 707 20.19 21.50 -20.02
C ARG O 707 20.00 20.03 -20.34
N ASP O 708 19.45 19.27 -19.39
CA ASP O 708 19.31 17.83 -19.56
C ASP O 708 18.18 17.50 -20.53
N VAL O 709 16.97 17.98 -20.24
CA VAL O 709 15.80 17.76 -21.07
C VAL O 709 15.35 19.11 -21.60
N ARG O 710 15.10 19.19 -22.91
CA ARG O 710 14.72 20.45 -23.54
C ARG O 710 13.36 20.93 -23.04
N VAL O 711 13.12 22.24 -23.16
CA VAL O 711 11.88 22.80 -22.68
C VAL O 711 10.84 22.76 -23.79
N SER O 712 11.21 22.20 -24.94
CA SER O 712 10.20 21.70 -25.87
C SER O 712 9.81 20.28 -25.50
N VAL O 713 10.70 19.56 -24.81
CA VAL O 713 10.40 18.19 -24.39
C VAL O 713 9.75 18.19 -23.02
N LYS O 714 10.01 19.21 -22.20
CA LYS O 714 9.32 19.28 -20.91
C LYS O 714 7.91 19.84 -21.05
N ALA O 715 7.55 20.33 -22.24
CA ALA O 715 6.25 20.96 -22.40
C ALA O 715 5.18 19.93 -22.75
N LEU O 716 5.57 18.89 -23.50
CA LEU O 716 4.61 17.86 -23.88
C LEU O 716 4.47 16.80 -22.81
N ALA O 717 5.25 16.89 -21.73
CA ALA O 717 5.16 15.88 -20.68
C ALA O 717 4.27 16.36 -19.54
N LEU O 718 3.97 17.65 -19.49
CA LEU O 718 3.03 18.16 -18.52
C LEU O 718 1.61 18.08 -19.03
N SER O 719 1.43 17.93 -20.33
CA SER O 719 0.08 17.85 -20.87
C SER O 719 -0.38 16.40 -20.99
N CYS O 720 0.49 15.43 -20.73
CA CYS O 720 0.08 14.03 -20.74
C CYS O 720 -0.29 13.55 -19.35
N VAL O 721 0.23 14.20 -18.32
CA VAL O 721 -0.13 13.85 -16.95
C VAL O 721 -1.51 14.39 -16.62
N GLY O 722 -1.97 15.42 -17.35
CA GLY O 722 -3.26 16.02 -17.10
C GLY O 722 -4.45 15.36 -17.79
N ALA O 723 -4.22 14.67 -18.89
CA ALA O 723 -5.33 14.06 -19.63
C ALA O 723 -5.64 12.68 -19.09
N ALA O 724 -4.82 12.16 -18.16
CA ALA O 724 -5.07 10.85 -17.58
C ALA O 724 -5.81 10.98 -16.25
N VAL O 725 -5.68 12.12 -15.60
CA VAL O 725 -6.39 12.37 -14.35
C VAL O 725 -7.89 12.48 -14.61
N ALA O 726 -8.25 13.04 -15.76
CA ALA O 726 -9.62 13.00 -16.26
C ALA O 726 -10.09 11.57 -16.54
N LEU O 727 -9.16 10.64 -16.76
CA LEU O 727 -9.51 9.23 -16.92
C LEU O 727 -9.39 8.45 -15.62
N HIS O 728 -8.24 8.52 -14.95
CA HIS O 728 -8.04 7.77 -13.70
C HIS O 728 -7.40 8.70 -12.68
N PRO O 729 -8.20 9.24 -11.76
CA PRO O 729 -7.73 10.33 -10.92
C PRO O 729 -6.91 9.87 -9.74
N GLU O 730 -6.74 8.57 -9.55
CA GLU O 730 -6.05 8.08 -8.36
C GLU O 730 -4.55 7.97 -8.60
N SER O 731 -4.08 8.38 -9.78
CA SER O 731 -2.66 8.28 -10.09
C SER O 731 -1.87 9.44 -9.49
N PHE O 732 -2.46 10.62 -9.43
CA PHE O 732 -1.75 11.82 -9.00
C PHE O 732 -1.43 11.81 -7.52
N PHE O 733 -2.08 10.97 -6.73
CA PHE O 733 -1.83 10.91 -5.31
C PHE O 733 -0.87 9.79 -4.93
N SER O 734 -0.26 9.13 -5.92
CA SER O 734 0.56 7.96 -5.67
C SER O 734 1.99 8.34 -5.34
N LYS O 735 2.71 7.39 -4.77
CA LYS O 735 4.12 7.57 -4.51
C LYS O 735 4.89 7.39 -5.81
N LEU O 736 6.05 8.05 -5.90
CA LEU O 736 6.80 8.03 -7.16
C LEU O 736 7.45 6.67 -7.39
N TYR O 737 8.16 6.14 -6.40
CA TYR O 737 8.71 4.80 -6.48
C TYR O 737 7.87 3.86 -5.63
N LYS O 738 7.62 2.65 -6.14
CA LYS O 738 6.83 1.69 -5.38
C LYS O 738 7.64 1.11 -4.24
N VAL O 739 8.82 0.58 -4.53
CA VAL O 739 9.80 0.23 -3.52
C VAL O 739 10.63 1.48 -3.24
N PRO O 740 10.76 1.92 -1.98
CA PRO O 740 11.42 3.20 -1.70
C PRO O 740 12.91 3.17 -2.00
N LEU O 741 13.44 4.36 -2.24
CA LEU O 741 14.76 4.53 -2.85
C LEU O 741 15.73 5.06 -1.81
N ASP O 742 16.41 4.14 -1.13
CA ASP O 742 17.72 4.36 -0.50
C ASP O 742 17.73 5.48 0.53
N THR O 743 17.12 5.23 1.70
CA THR O 743 16.99 6.27 2.73
C THR O 743 18.34 6.73 3.29
N THR O 744 19.42 5.98 3.01
CA THR O 744 20.77 6.45 3.34
C THR O 744 21.13 7.69 2.53
N GLU O 745 20.92 7.66 1.22
CA GLU O 745 21.29 8.79 0.38
C GLU O 745 20.31 9.95 0.55
N TYR O 746 19.02 9.66 0.49
CA TYR O 746 18.00 10.70 0.44
C TYR O 746 17.22 10.68 1.75
N PRO O 747 16.97 11.83 2.38
CA PRO O 747 16.31 11.82 3.69
C PRO O 747 14.85 11.45 3.62
N GLU O 748 14.11 12.01 2.67
CA GLU O 748 12.68 11.81 2.58
C GLU O 748 12.31 11.39 1.16
N GLU O 749 11.27 10.57 1.04
CA GLU O 749 10.74 10.23 -0.27
C GLU O 749 9.56 11.14 -0.57
N GLN O 750 9.38 11.51 -1.84
CA GLN O 750 8.34 12.44 -2.23
C GLN O 750 7.32 11.76 -3.13
N TYR O 751 6.18 12.42 -3.27
CA TYR O 751 5.06 11.93 -4.05
C TYR O 751 5.05 12.69 -5.38
N VAL O 752 4.09 12.44 -6.26
CA VAL O 752 3.95 13.26 -7.47
C VAL O 752 3.07 14.44 -7.10
N SER O 753 3.68 15.40 -6.42
CA SER O 753 3.13 16.72 -6.22
C SER O 753 4.17 17.77 -6.57
N ASP O 754 5.38 17.34 -6.88
CA ASP O 754 6.41 18.25 -7.37
C ASP O 754 6.24 18.56 -8.84
N ILE O 755 5.29 17.87 -9.50
CA ILE O 755 4.81 18.32 -10.80
C ILE O 755 4.23 19.71 -10.70
N LEU O 756 3.55 20.01 -9.58
CA LEU O 756 3.00 21.32 -9.32
C LEU O 756 3.97 22.27 -8.64
N ASN O 757 5.27 22.09 -8.87
CA ASN O 757 6.24 23.14 -8.58
C ASN O 757 6.80 23.74 -9.86
N TYR O 758 6.25 23.39 -11.01
CA TYR O 758 6.66 23.95 -12.29
C TYR O 758 5.77 25.10 -12.71
N ILE O 759 5.28 25.88 -11.75
CA ILE O 759 4.66 27.16 -12.04
C ILE O 759 5.71 28.27 -12.06
N ASP O 760 6.83 28.06 -11.39
CA ASP O 760 7.88 29.06 -11.38
C ASP O 760 8.92 28.85 -12.46
N HIS O 761 8.77 27.82 -13.29
CA HIS O 761 9.80 27.45 -14.25
C HIS O 761 9.70 28.29 -15.51
N GLY O 762 10.39 29.42 -15.52
CA GLY O 762 10.82 30.10 -16.74
C GLY O 762 9.79 30.54 -17.76
N ASP O 763 9.76 29.84 -18.88
CA ASP O 763 9.08 30.27 -20.09
C ASP O 763 7.57 30.04 -19.98
N PRO O 764 6.78 30.53 -20.94
CA PRO O 764 5.44 29.99 -21.14
C PRO O 764 5.46 28.54 -21.58
N GLN O 765 4.26 27.94 -21.57
CA GLN O 765 3.95 26.55 -21.91
C GLN O 765 4.61 25.54 -20.99
N VAL O 766 5.16 25.96 -19.85
CA VAL O 766 5.48 25.08 -18.73
C VAL O 766 4.80 25.57 -17.46
N ARG O 767 4.90 26.86 -17.17
CA ARG O 767 4.02 27.46 -16.18
C ARG O 767 2.58 27.57 -16.69
N GLY O 768 2.38 27.50 -18.00
CA GLY O 768 1.04 27.47 -18.56
C GLY O 768 0.53 26.05 -18.73
N ALA O 769 1.44 25.08 -18.81
CA ALA O 769 1.03 23.70 -18.82
C ALA O 769 1.15 23.04 -17.46
N THR O 770 1.50 23.80 -16.42
CA THR O 770 1.08 23.43 -15.08
C THR O 770 -0.03 24.33 -14.59
N ALA O 771 -0.39 25.34 -15.38
CA ALA O 771 -1.66 25.99 -15.15
C ALA O 771 -2.81 25.07 -15.54
N ILE O 772 -2.61 24.24 -16.58
CA ILE O 772 -3.67 23.34 -17.02
C ILE O 772 -3.59 21.98 -16.32
N LEU O 773 -2.56 21.73 -15.51
CA LEU O 773 -2.51 20.47 -14.77
C LEU O 773 -3.33 20.56 -13.49
N CYS O 774 -3.62 21.76 -13.01
CA CYS O 774 -4.47 21.92 -11.84
C CYS O 774 -5.92 22.12 -12.24
N GLY O 775 -6.19 22.30 -13.52
CA GLY O 775 -7.57 22.46 -13.96
C GLY O 775 -8.32 21.15 -13.99
N THR O 776 -7.71 20.12 -14.58
CA THR O 776 -8.35 18.83 -14.71
C THR O 776 -8.02 17.88 -13.57
N LEU O 777 -7.33 18.35 -12.52
CA LEU O 777 -7.24 17.57 -11.30
C LEU O 777 -8.40 17.90 -10.38
N ILE O 778 -9.01 19.07 -10.57
CA ILE O 778 -10.17 19.45 -9.78
C ILE O 778 -11.43 19.07 -10.53
N CYS O 779 -11.35 19.01 -11.86
CA CYS O 779 -12.50 18.61 -12.67
C CYS O 779 -12.87 17.15 -12.44
N SER O 780 -11.91 16.33 -12.02
CA SER O 780 -12.09 14.88 -12.11
C SER O 780 -11.95 14.20 -10.76
N ILE O 781 -11.98 14.96 -9.66
CA ILE O 781 -12.20 14.34 -8.36
C ILE O 781 -13.67 14.49 -7.99
N LEU O 782 -14.25 15.63 -8.36
CA LEU O 782 -15.65 15.91 -8.15
C LEU O 782 -16.54 14.96 -8.97
N SER O 783 -16.10 14.59 -10.17
CA SER O 783 -16.89 13.68 -10.99
C SER O 783 -16.55 12.23 -10.69
N ARG O 784 -15.46 12.00 -9.96
CA ARG O 784 -15.06 10.64 -9.63
C ARG O 784 -15.80 10.15 -8.40
N SER O 785 -15.57 10.80 -7.26
CA SER O 785 -16.41 10.67 -6.10
C SER O 785 -17.38 11.84 -6.13
N ARG O 786 -18.68 11.55 -6.03
CA ARG O 786 -19.73 12.47 -6.46
C ARG O 786 -19.82 13.66 -5.52
N PHE O 787 -18.87 14.57 -5.70
CA PHE O 787 -18.64 15.82 -4.98
C PHE O 787 -18.39 15.57 -3.50
N HIS O 788 -18.02 14.35 -3.12
CA HIS O 788 -17.68 14.02 -1.75
C HIS O 788 -16.17 14.16 -1.60
N VAL O 789 -15.72 15.40 -1.42
CA VAL O 789 -14.30 15.65 -1.21
C VAL O 789 -13.94 15.38 0.25
N GLY O 790 -14.94 15.29 1.11
CA GLY O 790 -14.69 14.86 2.47
C GLY O 790 -14.32 13.39 2.58
N ASP O 791 -15.16 12.51 2.05
CA ASP O 791 -14.98 11.09 2.32
C ASP O 791 -13.92 10.47 1.42
N TRP O 792 -13.71 11.02 0.22
CA TRP O 792 -12.82 10.35 -0.72
C TRP O 792 -11.35 10.59 -0.37
N MET O 793 -11.07 11.72 0.28
CA MET O 793 -9.69 12.02 0.64
C MET O 793 -9.23 11.23 1.86
N GLY O 794 -10.15 10.64 2.61
CA GLY O 794 -9.73 9.84 3.75
C GLY O 794 -9.14 8.51 3.33
N THR O 795 -9.64 7.94 2.24
CA THR O 795 -9.23 6.60 1.83
C THR O 795 -7.81 6.57 1.28
N ILE O 796 -7.36 7.69 0.72
CA ILE O 796 -6.06 7.72 0.04
C ILE O 796 -4.92 7.88 1.05
N ARG O 797 -5.14 8.69 2.09
CA ARG O 797 -4.10 9.18 2.99
C ARG O 797 -3.54 8.07 3.86
N THR O 798 -4.36 7.10 4.23
CA THR O 798 -3.89 5.90 4.91
C THR O 798 -3.31 4.87 3.96
N LEU O 799 -3.44 5.09 2.65
CA LEU O 799 -2.91 4.19 1.63
C LEU O 799 -1.64 4.75 1.01
N THR O 800 -1.70 5.98 0.50
CA THR O 800 -0.51 6.73 0.14
C THR O 800 -0.49 8.01 0.97
N GLY O 801 0.54 8.14 1.81
CA GLY O 801 0.49 9.09 2.91
C GLY O 801 0.77 10.54 2.58
N ASN O 802 0.49 10.98 1.36
CA ASN O 802 0.71 12.39 1.02
C ASN O 802 -0.31 13.29 1.69
N THR O 803 0.07 14.55 1.86
CA THR O 803 -0.80 15.58 2.42
C THR O 803 -1.00 16.61 1.32
N PHE O 804 -2.00 16.36 0.47
CA PHE O 804 -2.27 17.25 -0.67
C PHE O 804 -3.77 17.43 -0.77
N SER O 805 -4.27 18.54 -0.25
CA SER O 805 -5.67 18.89 -0.40
C SER O 805 -5.84 19.82 -1.59
N LEU O 806 -7.09 20.11 -1.92
CA LEU O 806 -7.39 21.06 -2.98
C LEU O 806 -7.42 22.49 -2.46
N ALA O 807 -7.03 22.70 -1.20
CA ALA O 807 -6.78 24.05 -0.73
C ALA O 807 -5.40 24.55 -1.13
N ASP O 808 -4.53 23.66 -1.60
CA ASP O 808 -3.18 24.03 -1.99
C ASP O 808 -2.97 24.01 -3.50
N CYS O 809 -4.03 24.05 -4.29
CA CYS O 809 -3.85 24.08 -5.73
C CYS O 809 -4.60 25.24 -6.39
N ILE O 810 -5.72 25.67 -5.82
CA ILE O 810 -6.44 26.82 -6.36
C ILE O 810 -5.66 28.13 -6.17
N PRO O 811 -4.97 28.40 -5.04
CA PRO O 811 -4.02 29.53 -5.06
C PRO O 811 -2.81 29.32 -5.96
N LEU O 812 -2.56 28.11 -6.47
CA LEU O 812 -1.60 27.95 -7.53
C LEU O 812 -2.23 28.22 -8.89
N LEU O 813 -3.56 28.19 -8.96
CA LEU O 813 -4.25 28.46 -10.21
C LEU O 813 -4.72 29.92 -10.26
N ARG O 814 -4.83 30.55 -9.10
CA ARG O 814 -5.18 31.97 -9.05
C ARG O 814 -3.99 32.83 -9.44
N LYS O 815 -2.79 32.26 -9.40
CA LYS O 815 -1.58 33.06 -9.64
C LYS O 815 -1.23 33.12 -11.11
N THR O 816 -1.36 32.01 -11.84
CA THR O 816 -1.05 32.01 -13.27
C THR O 816 -2.06 32.78 -14.11
N LEU O 817 -3.24 33.09 -13.57
CA LEU O 817 -4.12 34.02 -14.24
C LEU O 817 -3.56 35.44 -14.21
N LYS O 818 -2.76 35.76 -13.19
CA LYS O 818 -2.12 37.06 -13.06
C LYS O 818 -0.69 37.08 -13.61
N ASP O 819 -0.34 36.16 -14.50
CA ASP O 819 1.03 36.06 -14.96
C ASP O 819 1.30 37.11 -16.03
N GLU O 820 2.59 37.35 -16.30
CA GLU O 820 2.99 38.48 -17.14
C GLU O 820 2.74 38.20 -18.62
N SER O 821 3.32 37.12 -19.15
CA SER O 821 3.33 36.91 -20.59
C SER O 821 1.96 36.54 -21.12
N SER O 822 1.63 37.05 -22.30
CA SER O 822 0.31 36.83 -22.88
C SER O 822 0.18 35.44 -23.50
N VAL O 823 1.27 34.66 -23.51
CA VAL O 823 1.15 33.25 -23.86
C VAL O 823 0.89 32.44 -22.58
N THR O 824 1.36 32.94 -21.44
CA THR O 824 1.05 32.27 -20.18
C THR O 824 -0.39 32.46 -19.76
N CYS O 825 -1.08 33.46 -20.32
CA CYS O 825 -2.44 33.73 -19.86
C CYS O 825 -3.48 33.04 -20.75
N LYS O 826 -3.08 32.53 -21.90
CA LYS O 826 -4.02 31.81 -22.75
C LYS O 826 -4.27 30.41 -22.21
N LEU O 827 -3.26 29.84 -21.54
CA LEU O 827 -3.32 28.44 -21.11
C LEU O 827 -3.91 28.31 -19.71
N ALA O 828 -3.98 29.40 -18.95
CA ALA O 828 -4.53 29.30 -17.61
C ALA O 828 -6.02 29.59 -17.59
N CYS O 829 -6.57 30.07 -18.70
CA CYS O 829 -7.99 30.37 -18.73
C CYS O 829 -8.76 29.28 -19.45
N THR O 830 -8.07 28.31 -20.05
CA THR O 830 -8.74 27.07 -20.42
C THR O 830 -8.78 26.11 -19.25
N ALA O 831 -7.99 26.38 -18.22
CA ALA O 831 -8.04 25.58 -17.01
C ALA O 831 -9.24 25.94 -16.17
N VAL O 832 -9.86 27.08 -16.43
CA VAL O 832 -11.06 27.44 -15.68
C VAL O 832 -12.31 27.09 -16.50
N ARG O 833 -12.15 26.59 -17.71
CA ARG O 833 -13.29 26.05 -18.45
C ARG O 833 -13.70 24.70 -17.88
N ASN O 834 -12.76 24.01 -17.25
CA ASN O 834 -12.97 22.64 -16.77
C ASN O 834 -13.31 22.60 -15.29
N CYS O 835 -13.06 23.69 -14.57
CA CYS O 835 -12.79 23.67 -13.14
C CYS O 835 -13.73 24.52 -12.31
N VAL O 836 -14.61 25.30 -12.93
CA VAL O 836 -15.44 26.22 -12.16
C VAL O 836 -16.91 25.85 -12.32
N MET O 837 -17.19 24.84 -13.14
CA MET O 837 -18.52 24.24 -13.11
C MET O 837 -18.58 23.05 -12.18
N SER O 838 -17.43 22.64 -11.65
CA SER O 838 -17.44 21.50 -10.74
C SER O 838 -17.29 21.95 -9.29
N LEU O 839 -16.65 23.09 -9.05
CA LEU O 839 -16.48 23.60 -7.71
C LEU O 839 -17.73 24.29 -7.21
N CYS O 840 -18.38 25.05 -8.09
CA CYS O 840 -19.41 25.98 -7.68
C CYS O 840 -20.66 25.26 -7.21
N SER O 841 -20.84 24.01 -7.63
CA SER O 841 -21.86 23.15 -7.07
C SER O 841 -21.27 22.12 -6.11
N SER O 842 -20.08 22.35 -5.57
CA SER O 842 -19.49 21.43 -4.61
C SER O 842 -19.31 22.10 -3.25
N SER O 843 -18.74 21.35 -2.30
CA SER O 843 -18.52 21.84 -0.95
C SER O 843 -17.41 22.88 -0.87
N TYR O 844 -16.51 22.92 -1.85
CA TYR O 844 -15.47 23.94 -1.93
C TYR O 844 -15.93 25.16 -2.72
N SER O 845 -17.23 25.46 -2.72
CA SER O 845 -17.70 26.58 -3.53
C SER O 845 -17.52 27.92 -2.84
N GLU O 846 -16.76 27.98 -1.75
CA GLU O 846 -16.20 29.26 -1.33
C GLU O 846 -15.07 29.67 -2.25
N LEU O 847 -14.16 28.72 -2.52
CA LEU O 847 -13.05 29.01 -3.43
C LEU O 847 -13.50 29.00 -4.88
N GLY O 848 -14.68 28.47 -5.17
CA GLY O 848 -15.12 28.38 -6.55
C GLY O 848 -15.65 29.70 -7.09
N LEU O 849 -16.08 30.58 -6.20
CA LEU O 849 -16.65 31.85 -6.64
C LEU O 849 -15.54 32.86 -6.90
N GLN O 850 -14.40 32.71 -6.21
CA GLN O 850 -13.30 33.63 -6.35
C GLN O 850 -12.67 33.57 -7.74
N LEU O 851 -12.65 32.39 -8.35
CA LEU O 851 -12.10 32.27 -9.69
C LEU O 851 -13.06 32.81 -10.75
N ILE O 852 -14.33 32.97 -10.43
CA ILE O 852 -15.21 33.73 -11.31
C ILE O 852 -14.83 35.20 -11.27
N ILE O 853 -14.37 35.69 -10.12
CA ILE O 853 -14.08 37.11 -9.95
C ILE O 853 -12.83 37.52 -10.71
N ASP O 854 -11.78 36.68 -10.72
CA ASP O 854 -10.49 37.12 -11.24
C ASP O 854 -10.40 37.15 -12.75
N VAL O 855 -11.18 36.32 -13.44
CA VAL O 855 -11.24 36.30 -14.89
C VAL O 855 -11.84 37.60 -15.42
N LEU O 856 -12.69 38.23 -14.62
CA LEU O 856 -13.29 39.51 -14.95
C LEU O 856 -12.26 40.63 -15.05
N THR O 857 -11.10 40.48 -14.39
CA THR O 857 -10.04 41.47 -14.54
C THR O 857 -9.20 41.21 -15.78
N LEU O 858 -9.37 40.04 -16.38
CA LEU O 858 -8.61 39.65 -17.56
C LEU O 858 -9.32 40.07 -18.85
N ARG O 859 -10.37 40.90 -18.74
CA ARG O 859 -11.16 41.28 -19.89
C ARG O 859 -10.51 42.37 -20.74
N ASN O 860 -9.47 43.03 -20.26
CA ASN O 860 -8.85 44.12 -20.99
C ASN O 860 -7.36 43.91 -21.17
N SER O 861 -6.97 42.69 -21.51
CA SER O 861 -5.60 42.46 -21.95
C SER O 861 -5.55 42.37 -23.46
N SER O 862 -4.43 42.82 -24.03
CA SER O 862 -4.36 43.17 -25.44
C SER O 862 -3.84 42.05 -26.33
N TYR O 863 -4.10 40.79 -25.99
CA TYR O 863 -3.81 39.68 -26.88
C TYR O 863 -5.12 39.02 -27.25
N TRP O 864 -5.39 38.91 -28.55
CA TRP O 864 -6.74 38.63 -29.02
C TRP O 864 -7.14 37.18 -28.77
N LEU O 865 -6.17 36.31 -28.46
CA LEU O 865 -6.52 34.96 -28.04
C LEU O 865 -6.70 34.89 -26.54
N VAL O 866 -6.27 35.91 -25.80
CA VAL O 866 -6.50 35.88 -24.35
C VAL O 866 -7.94 36.26 -24.05
N ARG O 867 -8.56 37.11 -24.86
CA ARG O 867 -9.92 37.55 -24.55
C ARG O 867 -11.02 36.60 -25.02
N THR O 868 -10.76 35.67 -25.93
CA THR O 868 -11.86 34.84 -26.41
C THR O 868 -11.93 33.49 -25.69
N GLU O 869 -10.93 33.16 -24.87
CA GLU O 869 -11.06 31.98 -24.02
C GLU O 869 -11.46 32.37 -22.61
N LEU O 870 -11.70 33.65 -22.39
CA LEU O 870 -12.38 34.14 -21.21
C LEU O 870 -13.87 33.89 -21.30
N LEU O 871 -14.46 34.37 -22.38
CA LEU O 871 -15.89 34.41 -22.61
C LEU O 871 -16.48 33.03 -22.86
N GLU O 872 -15.66 32.03 -23.17
CA GLU O 872 -16.12 30.66 -23.20
C GLU O 872 -16.18 30.09 -21.78
N THR O 873 -15.34 30.61 -20.88
CA THR O 873 -15.50 30.29 -19.47
C THR O 873 -16.39 31.30 -18.76
N LEU O 874 -17.04 32.18 -19.52
CA LEU O 874 -18.17 32.94 -19.04
C LEU O 874 -19.42 32.66 -19.86
N ALA O 875 -19.35 31.67 -20.76
CA ALA O 875 -20.56 31.16 -21.38
C ALA O 875 -21.00 29.87 -20.72
N GLU O 876 -20.04 29.08 -20.23
CA GLU O 876 -20.36 27.83 -19.56
C GLU O 876 -20.71 28.02 -18.11
N ILE O 877 -20.73 29.24 -17.61
CA ILE O 877 -21.18 29.51 -16.25
C ILE O 877 -22.70 29.36 -16.20
N ASP O 878 -23.21 28.78 -15.12
CA ASP O 878 -24.64 28.76 -14.85
C ASP O 878 -24.94 29.89 -13.87
N PHE O 879 -25.30 31.05 -14.41
CA PHE O 879 -25.53 32.21 -13.54
C PHE O 879 -26.86 32.16 -12.82
N ARG O 880 -27.57 31.03 -12.78
CA ARG O 880 -28.60 30.87 -11.78
C ARG O 880 -28.05 30.13 -10.57
N LEU O 881 -27.01 29.31 -10.76
CA LEU O 881 -26.36 28.72 -9.59
C LEU O 881 -25.39 29.71 -8.96
N VAL O 882 -24.95 30.72 -9.71
CA VAL O 882 -23.98 31.67 -9.20
C VAL O 882 -24.64 32.72 -8.33
N SER O 883 -25.90 33.05 -8.61
CA SER O 883 -26.60 34.05 -7.82
C SER O 883 -26.99 33.50 -6.46
N PHE O 884 -27.02 32.18 -6.31
CA PHE O 884 -27.37 31.55 -5.06
C PHE O 884 -26.29 31.72 -4.00
N LEU O 885 -25.02 31.70 -4.40
CA LEU O 885 -23.93 31.82 -3.42
C LEU O 885 -23.75 33.24 -2.89
N GLU O 886 -24.25 34.24 -3.60
CA GLU O 886 -24.05 35.62 -3.18
C GLU O 886 -24.86 35.92 -1.92
N ALA O 887 -26.07 35.37 -1.85
CA ALA O 887 -26.95 35.62 -0.72
C ALA O 887 -26.42 34.95 0.56
N LYS O 888 -25.64 33.89 0.40
CA LYS O 888 -25.11 33.17 1.56
C LYS O 888 -23.83 33.82 2.06
N ALA O 889 -23.17 34.60 1.21
CA ALA O 889 -21.90 35.19 1.59
C ALA O 889 -22.11 36.41 2.49
N GLU O 890 -21.19 36.59 3.43
CA GLU O 890 -21.10 37.82 4.20
C GLU O 890 -19.68 38.38 4.21
N ASN O 891 -18.67 37.50 4.23
CA ASN O 891 -17.30 37.96 4.13
C ASN O 891 -16.81 38.04 2.68
N LEU O 892 -17.45 37.30 1.79
CA LEU O 892 -16.99 37.28 0.40
C LEU O 892 -17.44 38.54 -0.34
N HIS O 893 -18.59 39.11 0.07
CA HIS O 893 -18.98 40.43 -0.43
C HIS O 893 -17.96 41.49 -0.06
N ARG O 894 -17.40 41.40 1.15
CA ARG O 894 -16.30 42.27 1.52
C ARG O 894 -15.03 41.88 0.78
N GLY O 895 -14.52 40.67 1.06
CA GLY O 895 -13.32 40.18 0.44
C GLY O 895 -12.09 40.94 0.90
N ALA O 896 -11.27 41.30 -0.08
CA ALA O 896 -10.18 42.23 0.17
C ALA O 896 -10.74 43.63 0.38
N HIS O 897 -9.98 44.47 1.10
CA HIS O 897 -10.21 45.89 1.39
C HIS O 897 -11.56 46.26 1.99
N HIS O 898 -12.35 45.27 2.43
CA HIS O 898 -13.58 45.44 3.20
C HIS O 898 -14.61 46.33 2.49
N TYR O 899 -15.02 45.90 1.30
CA TYR O 899 -16.02 46.63 0.51
C TYR O 899 -17.38 46.55 1.18
N THR O 900 -18.20 47.57 0.94
CA THR O 900 -19.60 47.57 1.38
C THR O 900 -20.51 47.62 0.16
N GLY O 901 -21.53 46.80 0.17
CA GLY O 901 -22.41 46.68 -0.97
C GLY O 901 -22.52 45.23 -1.40
N LEU O 902 -23.27 45.03 -2.49
CA LEU O 902 -23.45 43.69 -3.02
C LEU O 902 -22.40 43.38 -4.08
N LEU O 903 -22.05 42.10 -4.17
CA LEU O 903 -21.11 41.60 -5.15
C LEU O 903 -21.94 41.14 -6.35
N LYS O 904 -22.25 42.09 -7.23
CA LYS O 904 -23.15 41.84 -8.35
C LYS O 904 -22.35 41.22 -9.48
N LEU O 905 -22.28 39.89 -9.50
CA LEU O 905 -21.59 39.23 -10.60
C LEU O 905 -22.37 39.35 -11.90
N GLN O 906 -23.68 39.17 -11.86
CA GLN O 906 -24.44 39.02 -13.10
C GLN O 906 -24.53 40.29 -13.93
N GLU O 907 -24.87 41.43 -13.32
CA GLU O 907 -24.90 42.66 -14.10
C GLU O 907 -23.52 43.16 -14.48
N ARG O 908 -22.47 42.70 -13.83
CA ARG O 908 -21.10 43.09 -14.18
C ARG O 908 -20.48 42.19 -15.23
N VAL O 909 -20.95 40.94 -15.35
CA VAL O 909 -20.44 40.01 -16.34
C VAL O 909 -21.26 40.02 -17.61
N LEU O 910 -22.36 40.78 -17.64
CA LEU O 910 -23.23 40.86 -18.79
C LEU O 910 -23.24 42.23 -19.43
N ASN O 911 -23.10 43.30 -18.66
CA ASN O 911 -22.96 44.65 -19.19
C ASN O 911 -21.52 45.03 -19.47
N ASN O 912 -20.57 44.48 -18.72
CA ASN O 912 -19.21 45.00 -18.80
C ASN O 912 -18.23 43.97 -19.33
N VAL O 913 -18.71 42.81 -19.76
CA VAL O 913 -17.86 41.93 -20.55
C VAL O 913 -18.52 41.61 -21.90
N VAL O 914 -19.65 40.91 -21.86
CA VAL O 914 -20.15 40.20 -23.04
C VAL O 914 -20.73 41.18 -24.03
N ILE O 915 -21.51 42.15 -23.56
CA ILE O 915 -21.95 43.22 -24.44
C ILE O 915 -20.80 44.18 -24.70
N HIS O 916 -19.89 44.32 -23.74
CA HIS O 916 -18.74 45.18 -23.93
C HIS O 916 -17.75 44.62 -24.95
N LEU O 917 -17.51 43.30 -24.94
CA LEU O 917 -16.63 42.71 -25.94
C LEU O 917 -17.27 42.61 -27.31
N LEU O 918 -18.55 42.97 -27.46
CA LEU O 918 -19.05 43.20 -28.80
C LEU O 918 -18.41 44.42 -29.43
N GLY O 919 -18.00 45.39 -28.63
CA GLY O 919 -17.40 46.61 -29.16
C GLY O 919 -15.90 46.55 -29.25
N ASP O 920 -15.37 45.41 -29.68
CA ASP O 920 -13.94 45.24 -29.83
C ASP O 920 -13.56 45.50 -31.28
N GLU O 921 -12.27 45.74 -31.52
CA GLU O 921 -11.84 46.11 -32.87
C GLU O 921 -11.70 44.91 -33.79
N ASP O 922 -11.45 43.73 -33.24
CA ASP O 922 -11.14 42.58 -34.09
C ASP O 922 -12.42 41.96 -34.65
N PRO O 923 -12.41 41.52 -35.90
CA PRO O 923 -13.50 40.65 -36.37
C PRO O 923 -13.47 39.28 -35.74
N ARG O 924 -12.38 38.88 -35.07
CA ARG O 924 -12.35 37.60 -34.38
C ARG O 924 -13.02 37.70 -33.02
N VAL O 925 -12.90 38.85 -32.36
CA VAL O 925 -13.41 38.97 -30.99
C VAL O 925 -14.90 39.31 -31.02
N ARG O 926 -15.39 39.90 -32.12
CA ARG O 926 -16.81 40.28 -32.13
C ARG O 926 -17.72 39.08 -32.39
N HIS O 927 -17.23 38.06 -33.08
CA HIS O 927 -18.10 36.95 -33.45
C HIS O 927 -18.30 35.97 -32.30
N VAL O 928 -17.29 35.82 -31.44
CA VAL O 928 -17.36 34.81 -30.40
C VAL O 928 -18.24 35.30 -29.26
N ALA O 929 -18.46 36.61 -29.16
CA ALA O 929 -19.23 37.17 -28.06
C ALA O 929 -20.72 37.08 -28.33
N ALA O 930 -21.11 36.87 -29.58
CA ALA O 930 -22.53 36.69 -29.89
C ALA O 930 -23.01 35.31 -29.46
N ALA O 931 -22.15 34.30 -29.59
CA ALA O 931 -22.56 32.92 -29.35
C ALA O 931 -22.71 32.64 -27.85
N SER O 932 -22.19 33.52 -27.01
CA SER O 932 -22.36 33.40 -25.58
C SER O 932 -23.71 33.91 -25.13
N LEU O 933 -24.25 34.92 -25.82
CA LEU O 933 -25.62 35.36 -25.55
C LEU O 933 -26.65 34.40 -26.12
N ILE O 934 -26.21 33.40 -26.87
CA ILE O 934 -27.07 32.26 -27.09
C ILE O 934 -26.95 31.28 -25.93
N ARG O 935 -25.80 31.26 -25.25
CA ARG O 935 -25.59 30.36 -24.13
C ARG O 935 -25.85 30.99 -22.77
N LEU O 936 -26.05 32.30 -22.68
CA LEU O 936 -26.35 32.95 -21.42
C LEU O 936 -27.82 33.10 -21.12
N VAL O 937 -28.65 33.26 -22.14
CA VAL O 937 -30.07 33.59 -21.92
C VAL O 937 -30.85 32.49 -21.22
N PRO O 938 -30.64 31.19 -21.46
CA PRO O 938 -31.30 30.21 -20.56
C PRO O 938 -30.72 30.13 -19.15
N LYS O 939 -29.72 30.95 -18.81
CA LYS O 939 -29.00 30.81 -17.56
C LYS O 939 -28.84 32.11 -16.78
N LEU O 940 -29.90 32.90 -16.60
CA LEU O 940 -29.67 34.24 -16.05
C LEU O 940 -30.10 34.38 -14.59
N PHE O 941 -31.37 34.11 -14.29
CA PHE O 941 -31.99 34.36 -12.98
C PHE O 941 -31.86 35.81 -12.55
N TYR O 942 -32.66 36.66 -13.19
CA TYR O 942 -32.93 37.97 -12.63
C TYR O 942 -33.98 37.88 -11.53
N LYS O 943 -33.93 38.83 -10.61
CA LYS O 943 -34.59 38.70 -9.32
C LYS O 943 -36.10 38.91 -9.43
N CYS O 944 -36.85 38.05 -8.73
CA CYS O 944 -38.29 38.17 -8.50
C CYS O 944 -39.10 38.13 -9.79
N ASP O 945 -39.00 37.00 -10.48
CA ASP O 945 -39.95 36.66 -11.52
C ASP O 945 -41.25 36.19 -10.90
N GLN O 946 -42.26 35.96 -11.75
CA GLN O 946 -43.54 35.42 -11.31
C GLN O 946 -43.60 33.91 -11.49
N GLY O 947 -42.43 33.29 -11.58
CA GLY O 947 -42.24 31.86 -11.45
C GLY O 947 -41.30 31.57 -10.29
N GLN O 948 -40.06 31.22 -10.61
CA GLN O 948 -38.98 31.07 -9.64
C GLN O 948 -38.79 32.33 -8.80
N ALA O 949 -38.93 32.19 -7.49
CA ALA O 949 -38.82 33.32 -6.58
C ALA O 949 -37.42 33.42 -5.96
N ASP O 950 -37.03 32.40 -5.21
CA ASP O 950 -35.74 32.38 -4.55
C ASP O 950 -34.65 31.98 -5.54
N PRO O 951 -33.38 32.15 -5.17
CA PRO O 951 -32.33 31.43 -5.91
C PRO O 951 -32.25 29.97 -5.55
N VAL O 952 -32.91 29.53 -4.48
CA VAL O 952 -33.01 28.10 -4.19
C VAL O 952 -33.92 27.43 -5.20
N VAL O 953 -35.04 28.08 -5.54
CA VAL O 953 -36.02 27.48 -6.43
C VAL O 953 -35.57 27.59 -7.89
N ALA O 954 -34.52 28.37 -8.15
CA ALA O 954 -34.07 28.56 -9.53
C ALA O 954 -33.29 27.36 -10.05
N VAL O 955 -32.43 26.79 -9.21
CA VAL O 955 -31.57 25.69 -9.62
C VAL O 955 -32.41 24.41 -9.73
N ALA O 956 -33.58 24.40 -9.11
CA ALA O 956 -34.37 23.18 -9.05
C ALA O 956 -35.21 22.97 -10.30
N ARG O 957 -35.32 23.98 -11.16
CA ARG O 957 -36.20 23.78 -12.32
C ARG O 957 -35.40 23.45 -13.56
N ASP O 958 -34.09 23.72 -13.59
CA ASP O 958 -33.29 23.29 -14.74
C ASP O 958 -32.82 21.84 -14.60
N GLN O 959 -33.03 21.23 -13.44
CA GLN O 959 -32.57 19.86 -13.26
C GLN O 959 -33.75 18.91 -13.07
N SER O 960 -34.96 19.39 -13.34
CA SER O 960 -36.13 18.53 -13.30
C SER O 960 -36.67 18.28 -14.69
N SER O 961 -36.48 19.21 -15.61
CA SER O 961 -36.76 18.96 -17.01
C SER O 961 -35.79 17.95 -17.58
N VAL O 962 -34.57 17.88 -17.04
CA VAL O 962 -33.61 16.89 -17.49
C VAL O 962 -34.00 15.49 -17.01
N TYR O 963 -34.37 15.38 -15.74
CA TYR O 963 -34.51 14.08 -15.09
C TYR O 963 -35.95 13.68 -14.78
N LEU O 964 -36.94 14.44 -15.28
CA LEU O 964 -38.34 14.06 -15.12
C LEU O 964 -39.06 14.49 -16.40
N LYS O 965 -39.39 13.52 -17.23
CA LYS O 965 -40.26 13.78 -18.37
C LYS O 965 -41.31 12.68 -18.51
N ARG O 984 -46.98 24.96 -46.70
CA ARG O 984 -45.91 25.17 -45.72
C ARG O 984 -45.42 26.61 -45.73
N ILE O 985 -45.67 27.33 -44.64
CA ILE O 985 -45.24 28.72 -44.52
C ILE O 985 -43.72 28.77 -44.36
N TYR O 986 -43.16 29.95 -44.63
CA TYR O 986 -41.72 30.10 -44.66
C TYR O 986 -41.16 30.13 -43.23
N ARG O 987 -39.84 30.05 -43.12
CA ARG O 987 -39.19 29.69 -41.86
C ARG O 987 -39.27 30.80 -40.81
N GLY O 988 -39.73 31.98 -41.20
CA GLY O 988 -39.63 33.12 -40.31
C GLY O 988 -40.62 33.11 -39.17
N TYR O 989 -41.87 32.76 -39.47
CA TYR O 989 -42.95 33.10 -38.56
C TYR O 989 -43.95 31.98 -38.34
N ASN O 990 -44.92 32.25 -37.44
CA ASN O 990 -45.69 31.24 -36.75
C ASN O 990 -47.14 31.70 -36.63
N LEU O 991 -48.07 30.74 -36.54
CA LEU O 991 -49.49 31.04 -36.38
C LEU O 991 -50.14 30.25 -35.24
N LEU O 992 -49.34 29.51 -34.46
CA LEU O 992 -49.85 28.69 -33.37
C LEU O 992 -50.31 29.57 -32.20
N PRO O 993 -50.99 29.00 -31.19
CA PRO O 993 -51.15 29.76 -29.93
C PRO O 993 -49.86 29.92 -29.15
N SER O 994 -48.84 29.13 -29.48
CA SER O 994 -47.46 29.29 -29.05
C SER O 994 -47.31 29.22 -27.54
N ILE O 995 -47.53 28.02 -26.98
CA ILE O 995 -47.27 27.75 -25.57
C ILE O 995 -45.79 28.00 -25.30
N THR O 996 -45.52 28.74 -24.23
CA THR O 996 -44.20 29.28 -23.96
C THR O 996 -43.98 29.31 -22.46
N ASP O 997 -42.72 29.24 -22.04
CA ASP O 997 -42.39 29.39 -20.64
C ASP O 997 -42.50 30.85 -20.24
N VAL O 998 -43.20 31.11 -19.14
CA VAL O 998 -43.44 32.49 -18.70
C VAL O 998 -42.16 33.11 -18.17
N THR O 999 -41.30 32.30 -17.55
CA THR O 999 -40.10 32.84 -16.94
C THR O 999 -38.91 32.77 -17.87
N MET O 1000 -39.02 32.03 -18.98
CA MET O 1000 -37.98 32.07 -19.99
C MET O 1000 -38.23 33.20 -20.98
N GLU O 1001 -39.43 33.77 -20.97
CA GLU O 1001 -39.64 34.99 -21.74
C GLU O 1001 -39.13 36.23 -21.01
N ASN O 1002 -38.71 36.09 -19.74
CA ASN O 1002 -38.26 37.27 -19.00
C ASN O 1002 -36.76 37.44 -19.09
N ASN O 1003 -36.03 36.36 -19.31
CA ASN O 1003 -34.58 36.46 -19.39
C ASN O 1003 -34.15 36.88 -20.79
N LEU O 1004 -35.03 36.70 -21.78
CA LEU O 1004 -34.70 37.08 -23.15
C LEU O 1004 -35.11 38.52 -23.43
N SER O 1005 -35.80 39.16 -22.51
CA SER O 1005 -36.18 40.55 -22.75
C SER O 1005 -35.26 41.50 -22.00
N ARG O 1006 -34.32 40.99 -21.22
CA ARG O 1006 -33.33 41.85 -20.60
C ARG O 1006 -32.01 41.80 -21.35
N VAL O 1007 -31.88 40.88 -22.29
CA VAL O 1007 -30.67 40.82 -23.11
C VAL O 1007 -30.89 41.55 -24.43
N ILE O 1008 -32.14 41.86 -24.77
CA ILE O 1008 -32.43 42.73 -25.91
C ILE O 1008 -32.74 44.15 -25.40
N ALA O 1009 -32.58 44.41 -24.12
CA ALA O 1009 -32.68 45.78 -23.63
C ALA O 1009 -31.32 46.46 -23.63
N ALA O 1010 -30.28 45.76 -23.17
CA ALA O 1010 -28.95 46.35 -23.13
C ALA O 1010 -28.21 46.20 -24.45
N VAL O 1011 -28.85 45.60 -25.45
CA VAL O 1011 -28.21 45.40 -26.74
C VAL O 1011 -28.71 46.43 -27.75
N SER O 1012 -29.93 46.90 -27.60
CA SER O 1012 -30.40 48.01 -28.41
C SER O 1012 -29.98 49.35 -27.81
N HIS O 1013 -29.09 49.34 -26.82
CA HIS O 1013 -28.68 50.56 -26.15
C HIS O 1013 -27.24 50.94 -26.50
N GLU O 1014 -26.40 49.94 -26.77
CA GLU O 1014 -25.09 50.16 -27.39
C GLU O 1014 -25.15 50.13 -28.91
N LEU O 1015 -26.33 50.32 -29.47
CA LEU O 1015 -26.55 50.50 -30.90
C LEU O 1015 -27.17 51.85 -31.21
N ILE O 1016 -27.73 52.52 -30.21
CA ILE O 1016 -28.32 53.83 -30.37
C ILE O 1016 -27.53 54.89 -29.61
N THR O 1017 -27.14 54.60 -28.37
CA THR O 1017 -26.33 55.53 -27.59
C THR O 1017 -24.85 55.30 -27.77
N SER O 1018 -24.45 54.58 -28.81
CA SER O 1018 -23.04 54.31 -29.06
C SER O 1018 -22.40 55.46 -29.83
N THR O 1019 -21.10 55.66 -29.61
CA THR O 1019 -20.37 56.75 -30.24
C THR O 1019 -19.31 56.27 -31.22
N THR O 1020 -19.14 54.96 -31.37
CA THR O 1020 -18.07 54.45 -32.21
C THR O 1020 -18.66 53.74 -33.43
N ARG O 1021 -17.83 53.60 -34.45
CA ARG O 1021 -18.10 52.70 -35.56
C ARG O 1021 -18.13 51.25 -35.13
N ALA O 1022 -17.35 50.87 -34.13
CA ALA O 1022 -17.22 49.47 -33.76
C ALA O 1022 -18.33 48.98 -32.83
N LEU O 1023 -19.08 49.86 -32.17
CA LEU O 1023 -20.19 49.37 -31.36
C LEU O 1023 -21.44 49.16 -32.21
N THR O 1024 -21.64 49.95 -33.25
CA THR O 1024 -22.84 49.75 -34.09
C THR O 1024 -22.69 48.55 -34.99
N PHE O 1025 -21.46 48.09 -35.20
CA PHE O 1025 -21.17 47.21 -36.33
C PHE O 1025 -21.14 45.74 -35.95
N GLY O 1026 -20.90 45.44 -34.69
CA GLY O 1026 -20.75 44.07 -34.24
C GLY O 1026 -21.81 43.76 -33.23
N CYS O 1027 -22.80 44.64 -33.15
CA CYS O 1027 -23.98 44.37 -32.36
C CYS O 1027 -25.21 44.25 -33.26
N CYS O 1028 -25.04 44.43 -34.56
CA CYS O 1028 -26.00 43.87 -35.50
C CYS O 1028 -25.62 42.44 -35.85
N GLU O 1029 -24.44 41.97 -35.43
CA GLU O 1029 -24.13 40.55 -35.59
C GLU O 1029 -24.59 39.74 -34.39
N ALA O 1030 -24.85 40.39 -33.25
CA ALA O 1030 -25.31 39.64 -32.09
C ALA O 1030 -26.82 39.59 -32.01
N LEU O 1031 -27.51 40.33 -32.88
CA LEU O 1031 -28.96 40.25 -32.92
C LEU O 1031 -29.42 39.30 -34.01
N CYS O 1032 -28.54 38.90 -34.91
CA CYS O 1032 -28.93 37.93 -35.93
C CYS O 1032 -28.71 36.51 -35.45
N LEU O 1033 -27.93 36.32 -34.39
CA LEU O 1033 -27.74 34.97 -33.88
C LEU O 1033 -28.66 34.65 -32.71
N LEU O 1034 -29.39 35.64 -32.19
CA LEU O 1034 -30.48 35.33 -31.28
C LEU O 1034 -31.68 34.79 -32.06
N SER O 1035 -31.97 35.40 -33.20
CA SER O 1035 -33.21 35.16 -33.92
C SER O 1035 -33.16 33.88 -34.74
N THR O 1036 -32.03 33.18 -34.73
CA THR O 1036 -31.93 31.87 -35.35
C THR O 1036 -31.85 30.76 -34.31
N ALA O 1037 -31.82 31.11 -33.02
CA ALA O 1037 -31.92 30.13 -31.95
C ALA O 1037 -33.10 30.43 -31.05
N PHE O 1038 -33.37 31.71 -30.78
CA PHE O 1038 -34.56 32.19 -30.09
C PHE O 1038 -35.34 33.02 -31.09
N PRO O 1039 -36.20 32.42 -31.90
CA PRO O 1039 -36.87 33.18 -32.97
C PRO O 1039 -37.85 34.19 -32.43
N VAL O 1040 -38.20 35.19 -33.25
CA VAL O 1040 -39.00 36.30 -32.77
C VAL O 1040 -40.46 35.88 -32.69
N CYS O 1041 -40.89 35.01 -33.62
CA CYS O 1041 -42.29 34.62 -33.68
C CYS O 1041 -42.69 33.74 -32.49
N ILE O 1042 -41.72 33.00 -31.93
CA ILE O 1042 -42.05 32.13 -30.82
C ILE O 1042 -41.92 32.88 -29.50
N TRP O 1043 -40.97 33.80 -29.41
CA TRP O 1043 -40.67 34.47 -28.15
C TRP O 1043 -41.01 35.95 -28.23
N SER O 1044 -42.18 36.28 -28.79
CA SER O 1044 -42.48 37.65 -29.17
C SER O 1044 -42.68 38.56 -27.96
N LEU O 1045 -43.04 37.99 -26.81
CA LEU O 1045 -43.22 38.83 -25.63
C LEU O 1045 -41.88 39.24 -25.02
N GLY O 1046 -40.80 38.56 -25.41
CA GLY O 1046 -39.48 39.04 -25.05
C GLY O 1046 -39.00 40.13 -25.98
N TRP O 1047 -39.28 39.99 -27.27
CA TRP O 1047 -38.80 40.96 -28.26
C TRP O 1047 -39.63 42.23 -28.27
N HIS O 1048 -40.80 42.20 -27.63
CA HIS O 1048 -41.73 43.32 -27.75
C HIS O 1048 -41.23 44.55 -27.01
N CYS O 1049 -41.17 45.65 -27.75
CA CYS O 1049 -40.89 46.94 -27.14
C CYS O 1049 -41.70 48.00 -27.88
N GLY O 1050 -42.89 48.29 -27.38
CA GLY O 1050 -43.67 49.30 -28.05
C GLY O 1050 -44.69 48.82 -29.05
N VAL O 1051 -44.26 48.74 -30.32
CA VAL O 1051 -45.08 48.62 -31.54
C VAL O 1051 -45.97 47.38 -31.44
N PRO O 1052 -46.98 47.19 -32.29
CA PRO O 1052 -48.37 47.40 -31.86
C PRO O 1052 -48.58 47.10 -30.39
N PRO O 1053 -49.00 48.08 -29.60
CA PRO O 1053 -49.18 47.86 -28.16
C PRO O 1053 -50.41 47.02 -27.87
N LEU O 1054 -50.17 45.76 -27.53
CA LEU O 1054 -51.24 44.79 -27.37
C LEU O 1054 -52.08 45.06 -26.12
N CYS O 1064 -46.89 38.26 -32.29
CA CYS O 1064 -47.91 39.29 -32.37
C CYS O 1064 -47.29 40.67 -32.25
N THR O 1065 -45.96 40.76 -32.42
CA THR O 1065 -45.21 41.98 -32.14
C THR O 1065 -44.38 42.40 -33.34
N VAL O 1066 -44.00 43.68 -33.35
CA VAL O 1066 -42.95 44.21 -34.21
C VAL O 1066 -41.92 44.84 -33.28
N GLY O 1067 -40.93 44.06 -32.87
CA GLY O 1067 -40.02 44.58 -31.88
C GLY O 1067 -38.80 45.22 -32.49
N MET O 1068 -38.60 46.51 -32.21
CA MET O 1068 -37.30 47.18 -32.33
C MET O 1068 -36.87 47.36 -33.80
N ALA O 1069 -37.80 47.13 -34.72
CA ALA O 1069 -37.43 47.12 -36.14
C ALA O 1069 -37.42 48.51 -36.74
N THR O 1070 -37.64 49.55 -35.94
CA THR O 1070 -37.70 50.88 -36.52
C THR O 1070 -36.32 51.54 -36.51
N MET O 1071 -35.46 51.12 -35.58
CA MET O 1071 -34.11 51.66 -35.54
C MET O 1071 -33.25 51.13 -36.69
N ILE O 1072 -33.44 49.86 -37.03
CA ILE O 1072 -32.47 49.16 -37.88
C ILE O 1072 -32.67 49.53 -39.35
N LEU O 1073 -33.89 49.92 -39.73
CA LEU O 1073 -34.08 50.50 -41.05
C LEU O 1073 -33.37 51.84 -41.22
N THR O 1074 -33.21 52.61 -40.14
CA THR O 1074 -32.45 53.84 -40.22
C THR O 1074 -30.96 53.60 -40.26
N LEU O 1075 -30.50 52.40 -39.86
CA LEU O 1075 -29.11 52.06 -40.12
C LEU O 1075 -28.87 51.77 -41.59
N LEU O 1076 -29.82 51.09 -42.24
CA LEU O 1076 -29.61 50.68 -43.62
C LEU O 1076 -29.77 51.84 -44.58
N SER O 1077 -30.67 52.78 -44.28
CA SER O 1077 -30.89 53.91 -45.18
C SER O 1077 -29.81 54.97 -45.07
N SER O 1078 -28.92 54.87 -44.10
CA SER O 1078 -27.73 55.72 -44.10
C SER O 1078 -26.77 55.25 -45.18
N ALA O 1079 -25.95 56.17 -45.66
CA ALA O 1079 -24.97 55.87 -46.70
C ALA O 1079 -23.62 55.47 -46.12
N TRP O 1080 -23.58 55.06 -44.85
CA TRP O 1080 -22.36 54.65 -44.19
C TRP O 1080 -22.29 53.17 -43.91
N PHE O 1081 -23.35 52.60 -43.35
CA PHE O 1081 -23.44 51.24 -42.84
C PHE O 1081 -23.49 50.10 -43.85
N PRO O 1082 -24.14 50.21 -45.02
CA PRO O 1082 -24.06 49.10 -45.97
C PRO O 1082 -22.73 48.96 -46.70
N LEU O 1083 -21.74 49.81 -46.44
CA LEU O 1083 -20.53 49.80 -47.29
C LEU O 1083 -19.52 48.73 -46.90
N ASP O 1084 -19.94 47.75 -46.11
CA ASP O 1084 -19.08 46.64 -45.73
C ASP O 1084 -19.93 45.40 -45.48
N LEU O 1085 -19.61 44.33 -46.21
CA LEU O 1085 -20.53 43.22 -46.37
C LEU O 1085 -20.42 42.22 -45.23
N SER O 1086 -19.53 42.45 -44.26
CA SER O 1086 -19.40 41.52 -43.15
C SER O 1086 -20.51 41.67 -42.14
N ALA O 1087 -21.13 42.85 -42.03
CA ALA O 1087 -22.28 43.01 -41.17
C ALA O 1087 -23.40 43.80 -41.81
N HIS O 1088 -23.40 43.98 -43.14
CA HIS O 1088 -24.64 44.36 -43.79
C HIS O 1088 -25.46 43.12 -44.18
N GLN O 1089 -24.85 41.95 -44.18
CA GLN O 1089 -25.63 40.75 -44.49
C GLN O 1089 -26.31 40.20 -43.25
N ASP O 1090 -25.90 40.65 -42.06
CA ASP O 1090 -26.61 40.22 -40.85
C ASP O 1090 -27.67 41.23 -40.43
N ALA O 1091 -27.75 42.38 -41.07
CA ALA O 1091 -28.84 43.30 -40.76
C ALA O 1091 -30.01 43.12 -41.71
N LEU O 1092 -29.91 42.19 -42.66
CA LEU O 1092 -31.04 41.89 -43.52
C LEU O 1092 -31.74 40.63 -43.09
N ILE O 1093 -31.05 39.73 -42.41
CA ILE O 1093 -31.72 38.53 -41.90
C ILE O 1093 -32.47 38.86 -40.62
N LEU O 1094 -32.18 40.01 -40.01
CA LEU O 1094 -32.82 40.37 -38.75
C LEU O 1094 -33.95 41.39 -38.94
N ALA O 1095 -34.04 42.00 -40.12
CA ALA O 1095 -35.17 42.90 -40.34
C ALA O 1095 -36.34 42.17 -40.97
N GLY O 1096 -36.13 40.91 -41.36
CA GLY O 1096 -37.22 40.10 -41.86
C GLY O 1096 -37.79 39.23 -40.77
N ASN O 1097 -37.13 39.15 -39.62
CA ASN O 1097 -37.70 38.42 -38.49
C ASN O 1097 -38.60 39.32 -37.65
N LEU O 1098 -38.51 40.63 -37.84
CA LEU O 1098 -39.25 41.53 -36.99
C LEU O 1098 -40.47 42.12 -37.69
N LEU O 1099 -40.64 41.84 -38.98
CA LEU O 1099 -41.85 42.20 -39.69
C LEU O 1099 -42.72 40.99 -39.99
N ALA O 1100 -42.30 39.82 -39.53
CA ALA O 1100 -43.05 38.60 -39.72
C ALA O 1100 -43.72 38.14 -38.45
N ALA O 1101 -43.27 38.61 -37.30
CA ALA O 1101 -43.96 38.31 -36.06
C ALA O 1101 -45.26 39.10 -35.91
N SER O 1102 -45.55 40.04 -36.80
CA SER O 1102 -46.86 40.69 -36.84
C SER O 1102 -47.87 39.91 -37.67
N ALA O 1103 -47.46 38.85 -38.34
CA ALA O 1103 -48.35 38.02 -39.16
C ALA O 1103 -49.48 37.29 -38.42
N PRO O 1104 -49.34 36.81 -37.17
CA PRO O 1104 -50.55 36.29 -36.51
C PRO O 1104 -51.55 37.36 -36.08
N LYS O 1105 -51.24 38.64 -36.22
CA LYS O 1105 -52.17 39.68 -35.82
C LYS O 1105 -52.73 40.50 -36.99
N SER O 1106 -51.86 41.05 -37.81
CA SER O 1106 -52.21 42.23 -38.60
C SER O 1106 -53.01 41.95 -39.85
N LEU O 1107 -53.06 40.71 -40.33
CA LEU O 1107 -53.30 40.46 -41.74
C LEU O 1107 -54.73 40.70 -42.23
N ARG O 1108 -55.73 40.60 -41.36
CA ARG O 1108 -57.10 40.82 -41.84
C ARG O 1108 -57.41 42.29 -42.02
N VAL O 1127 -51.61 50.81 -50.83
CA VAL O 1127 -50.77 49.69 -51.23
C VAL O 1127 -50.70 48.67 -50.11
N TRP O 1128 -50.32 47.44 -50.49
CA TRP O 1128 -50.11 46.29 -49.62
C TRP O 1128 -51.37 45.98 -48.83
N PRO O 1129 -52.41 45.44 -49.47
CA PRO O 1129 -53.71 45.33 -48.79
C PRO O 1129 -53.74 44.26 -47.73
N ALA O 1130 -52.79 43.33 -47.72
CA ALA O 1130 -52.80 42.27 -46.74
C ALA O 1130 -52.07 42.63 -45.46
N LEU O 1131 -51.48 43.82 -45.37
CA LEU O 1131 -50.81 44.19 -44.13
C LEU O 1131 -51.80 44.66 -43.07
N GLY O 1132 -52.78 45.47 -43.46
CA GLY O 1132 -53.88 45.85 -42.59
C GLY O 1132 -53.52 46.64 -41.36
N ASP O 1133 -52.34 47.27 -41.33
CA ASP O 1133 -51.89 48.05 -40.18
C ASP O 1133 -51.02 49.16 -40.75
N ARG O 1134 -51.54 50.39 -40.78
CA ARG O 1134 -50.89 51.44 -41.55
C ARG O 1134 -49.70 52.03 -40.82
N ALA O 1135 -49.50 51.65 -39.55
CA ALA O 1135 -48.26 52.01 -38.88
C ALA O 1135 -47.16 51.01 -39.19
N LEU O 1136 -47.50 49.95 -39.93
CA LEU O 1136 -46.54 48.89 -40.23
C LEU O 1136 -46.13 48.88 -41.69
N VAL O 1137 -46.89 49.59 -42.54
CA VAL O 1137 -46.59 49.58 -43.97
C VAL O 1137 -45.30 50.31 -44.35
N PRO O 1138 -44.92 51.47 -43.75
CA PRO O 1138 -43.60 52.02 -44.11
C PRO O 1138 -42.39 51.17 -43.71
N MET O 1139 -42.55 50.21 -42.80
CA MET O 1139 -41.45 49.29 -42.51
C MET O 1139 -41.34 48.22 -43.59
N VAL O 1140 -42.44 47.91 -44.28
CA VAL O 1140 -42.42 46.87 -45.30
C VAL O 1140 -42.23 47.48 -46.69
N GLU O 1141 -42.73 48.71 -46.88
CA GLU O 1141 -42.43 49.46 -48.11
C GLU O 1141 -40.93 49.71 -48.25
N GLN O 1142 -40.22 49.85 -47.12
CA GLN O 1142 -38.81 50.20 -47.20
C GLN O 1142 -37.96 48.97 -47.52
N LEU O 1143 -38.15 47.86 -46.81
CA LEU O 1143 -37.34 46.67 -47.10
C LEU O 1143 -37.62 46.08 -48.46
N PHE O 1144 -38.86 46.16 -48.93
CA PHE O 1144 -39.11 45.64 -50.28
C PHE O 1144 -38.61 46.64 -51.32
N SER O 1145 -38.42 47.90 -50.93
CA SER O 1145 -37.64 48.80 -51.77
C SER O 1145 -36.15 48.60 -51.55
N HIS O 1146 -35.77 48.07 -50.38
CA HIS O 1146 -34.35 47.90 -50.11
C HIS O 1146 -33.84 46.57 -50.65
N LEU O 1147 -34.75 45.61 -50.90
CA LEU O 1147 -34.26 44.31 -51.35
C LEU O 1147 -34.41 44.13 -52.84
N LEU O 1148 -35.06 45.07 -53.53
CA LEU O 1148 -35.03 45.02 -54.99
C LEU O 1148 -33.92 45.90 -55.55
N LYS O 1149 -33.31 46.74 -54.71
CA LYS O 1149 -32.17 47.51 -55.17
C LYS O 1149 -30.86 46.81 -54.81
N VAL O 1150 -30.93 45.65 -54.15
CA VAL O 1150 -29.72 44.91 -53.80
C VAL O 1150 -29.69 43.59 -54.59
N ILE O 1151 -30.81 43.22 -55.20
CA ILE O 1151 -30.75 42.24 -56.27
C ILE O 1151 -30.58 42.98 -57.60
N ASN O 1152 -30.63 44.30 -57.58
CA ASN O 1152 -30.34 45.04 -58.80
C ASN O 1152 -28.85 45.38 -58.90
N ILE O 1153 -28.12 45.34 -57.78
CA ILE O 1153 -26.67 45.57 -57.86
C ILE O 1153 -25.95 44.23 -57.94
N CYS O 1154 -26.63 43.14 -57.58
CA CYS O 1154 -26.03 41.83 -57.78
C CYS O 1154 -26.30 41.29 -59.18
N ALA O 1155 -27.19 41.91 -59.94
CA ALA O 1155 -27.39 41.49 -61.32
C ALA O 1155 -26.43 42.18 -62.26
N HIS O 1156 -26.11 43.45 -62.00
CA HIS O 1156 -25.14 44.19 -62.77
C HIS O 1156 -23.69 43.92 -62.38
N VAL O 1157 -23.43 43.04 -61.42
CA VAL O 1157 -22.08 42.66 -61.05
C VAL O 1157 -21.70 41.29 -61.60
N LEU O 1158 -22.61 40.31 -61.49
CA LEU O 1158 -22.37 38.99 -62.06
C LEU O 1158 -22.30 39.04 -63.58
N ASP O 1159 -22.97 40.02 -64.18
CA ASP O 1159 -22.79 40.32 -65.59
C ASP O 1159 -22.20 41.72 -65.71
N ASP O 1160 -21.10 41.86 -66.46
CA ASP O 1160 -20.35 43.11 -66.49
C ASP O 1160 -21.11 44.15 -67.32
N VAL O 1161 -22.14 44.72 -66.71
CA VAL O 1161 -22.96 45.76 -67.31
C VAL O 1161 -22.74 47.04 -66.51
N ALA O 1162 -22.50 48.14 -67.20
CA ALA O 1162 -22.18 49.39 -66.54
C ALA O 1162 -23.40 49.95 -65.83
N PRO O 1163 -23.24 50.55 -64.63
CA PRO O 1163 -24.35 51.15 -63.90
C PRO O 1163 -24.82 52.46 -64.50
N LEU O 1229 -38.90 50.08 -60.79
CA LEU O 1229 -39.04 50.27 -59.36
C LEU O 1229 -37.65 50.24 -58.72
N GLY O 1230 -37.06 49.04 -58.68
CA GLY O 1230 -35.70 48.92 -58.21
C GLY O 1230 -34.74 49.52 -59.22
N SER O 1231 -34.02 50.56 -58.82
CA SER O 1231 -33.08 51.26 -59.70
C SER O 1231 -32.09 52.01 -58.82
N PHE O 1232 -30.81 51.80 -59.07
CA PHE O 1232 -29.77 52.44 -58.28
C PHE O 1232 -28.93 53.42 -59.08
N TYR O 1233 -29.41 53.85 -60.26
CA TYR O 1233 -28.65 54.79 -61.07
C TYR O 1233 -28.65 56.18 -60.44
N HIS O 1234 -29.84 56.74 -60.22
CA HIS O 1234 -29.93 58.14 -59.84
C HIS O 1234 -29.62 58.36 -58.37
N LEU O 1235 -29.51 57.29 -57.58
CA LEU O 1235 -29.10 57.45 -56.19
C LEU O 1235 -27.58 57.49 -56.10
N PRO O 1236 -27.01 58.50 -55.44
CA PRO O 1236 -25.57 58.49 -55.18
C PRO O 1236 -25.24 57.64 -53.97
N SER O 1237 -26.26 57.37 -53.16
CA SER O 1237 -26.08 56.51 -52.00
C SER O 1237 -25.86 55.05 -52.40
N TYR O 1238 -26.51 54.60 -53.46
CA TYR O 1238 -26.28 53.24 -53.94
C TYR O 1238 -25.31 53.17 -55.11
N LEU O 1239 -24.65 54.25 -55.49
CA LEU O 1239 -23.48 54.05 -56.32
C LEU O 1239 -22.26 53.77 -55.45
N ARG O 1240 -22.36 54.06 -54.15
CA ARG O 1240 -21.31 53.59 -53.26
C ARG O 1240 -21.43 52.09 -53.01
N LEU O 1241 -22.65 51.53 -53.15
CA LEU O 1241 -22.79 50.09 -52.96
C LEU O 1241 -22.40 49.29 -54.19
N HIS O 1242 -22.00 49.96 -55.26
CA HIS O 1242 -21.60 49.19 -56.44
C HIS O 1242 -20.09 49.01 -56.47
N ASP O 1243 -19.36 49.81 -55.69
CA ASP O 1243 -17.92 49.61 -55.63
C ASP O 1243 -17.53 48.65 -54.52
N VAL O 1244 -18.50 48.17 -53.74
CA VAL O 1244 -18.17 47.28 -52.63
C VAL O 1244 -18.54 45.84 -52.98
N LEU O 1245 -19.53 45.64 -53.86
CA LEU O 1245 -19.82 44.31 -54.38
C LEU O 1245 -18.91 43.96 -55.54
N LYS O 1246 -18.02 44.86 -55.94
CA LYS O 1246 -17.12 44.59 -57.04
C LYS O 1246 -15.70 44.37 -56.54
N ALA O 1247 -15.44 44.57 -55.25
CA ALA O 1247 -14.15 44.21 -54.69
C ALA O 1247 -14.15 42.77 -54.22
N THR O 1248 -15.30 42.28 -53.77
CA THR O 1248 -15.39 40.91 -53.29
C THR O 1248 -15.65 39.93 -54.43
N HIS O 1249 -15.95 40.43 -55.62
CA HIS O 1249 -16.15 39.53 -56.75
C HIS O 1249 -14.94 39.48 -57.67
N ALA O 1250 -13.90 40.27 -57.41
CA ALA O 1250 -12.67 40.15 -58.16
C ALA O 1250 -11.72 39.20 -57.45
N ASN O 1251 -12.08 38.77 -56.24
CA ASN O 1251 -11.23 37.84 -55.51
C ASN O 1251 -11.77 36.41 -55.59
N TYR O 1252 -13.02 36.25 -56.01
CA TYR O 1252 -13.58 34.91 -56.20
C TYR O 1252 -13.20 34.33 -57.56
N LYS O 1253 -13.42 35.10 -58.62
CA LYS O 1253 -13.13 34.76 -60.01
C LYS O 1253 -11.63 34.68 -60.28
N VAL O 1254 -10.78 35.10 -59.35
CA VAL O 1254 -9.35 35.04 -59.52
C VAL O 1254 -8.74 33.97 -58.62
N THR O 1255 -9.31 33.77 -57.44
CA THR O 1255 -8.81 32.74 -56.53
C THR O 1255 -9.81 31.60 -56.43
N LEU O 1256 -9.42 30.43 -56.94
CA LEU O 1256 -10.27 29.25 -56.95
C LEU O 1256 -10.21 28.59 -55.57
N ASP O 1257 -11.32 28.66 -54.84
CA ASP O 1257 -11.52 27.97 -53.58
C ASP O 1257 -13.04 27.79 -53.47
N LEU O 1258 -13.50 26.55 -53.65
CA LEU O 1258 -14.93 26.32 -53.79
C LEU O 1258 -15.61 26.18 -52.44
N GLN O 1259 -15.00 25.44 -51.51
CA GLN O 1259 -15.64 25.10 -50.24
C GLN O 1259 -15.26 26.14 -49.19
N ASN O 1260 -15.89 27.32 -49.28
CA ASN O 1260 -15.80 28.34 -48.25
C ASN O 1260 -17.21 28.68 -47.78
N SER O 1261 -17.41 28.65 -46.47
CA SER O 1261 -18.67 29.12 -45.92
C SER O 1261 -18.75 30.65 -45.96
N THR O 1262 -17.64 31.31 -45.63
CA THR O 1262 -17.58 32.77 -45.53
C THR O 1262 -16.90 33.31 -46.78
N GLU O 1263 -17.65 34.05 -47.59
CA GLU O 1263 -17.15 34.60 -48.84
C GLU O 1263 -17.44 36.09 -48.96
N LYS O 1264 -18.45 36.59 -48.24
CA LYS O 1264 -18.88 37.99 -48.14
C LYS O 1264 -19.43 38.56 -49.45
N PHE O 1265 -19.50 37.78 -50.51
CA PHE O 1265 -20.46 38.03 -51.57
C PHE O 1265 -21.28 36.76 -51.70
N GLY O 1266 -20.60 35.62 -51.68
CA GLY O 1266 -21.32 34.35 -51.59
C GLY O 1266 -21.95 34.17 -50.23
N GLY O 1267 -21.42 34.86 -49.22
CA GLY O 1267 -22.15 35.02 -47.98
C GLY O 1267 -23.14 36.15 -48.05
N PHE O 1268 -22.93 37.11 -48.95
CA PHE O 1268 -23.85 38.25 -49.02
C PHE O 1268 -24.99 37.97 -49.97
N LEU O 1269 -24.79 37.13 -50.98
CA LEU O 1269 -25.93 36.87 -51.86
C LEU O 1269 -26.87 35.86 -51.23
N ARG O 1270 -26.43 35.16 -50.19
CA ARG O 1270 -27.29 34.23 -49.48
C ARG O 1270 -28.26 34.99 -48.57
N SER O 1271 -27.94 36.23 -48.24
CA SER O 1271 -28.70 36.93 -47.21
C SER O 1271 -29.86 37.72 -47.78
N ALA O 1272 -29.78 38.11 -49.04
CA ALA O 1272 -30.76 39.02 -49.65
C ALA O 1272 -31.67 38.34 -50.65
N LEU O 1273 -31.61 37.02 -50.77
CA LEU O 1273 -32.64 36.20 -51.38
C LEU O 1273 -33.38 35.36 -50.36
N ASP O 1274 -32.90 35.35 -49.13
CA ASP O 1274 -33.62 34.70 -48.03
C ASP O 1274 -34.72 35.61 -47.51
N VAL O 1275 -34.51 36.91 -47.62
CA VAL O 1275 -35.41 37.87 -46.99
C VAL O 1275 -36.25 38.56 -48.06
N LEU O 1276 -35.92 38.41 -49.33
CA LEU O 1276 -36.90 38.74 -50.35
C LEU O 1276 -38.00 37.68 -50.42
N SER O 1277 -37.73 36.49 -49.90
CA SER O 1277 -38.71 35.41 -49.84
C SER O 1277 -39.78 35.65 -48.79
N GLN O 1278 -39.37 36.13 -47.62
CA GLN O 1278 -40.21 36.11 -46.44
C GLN O 1278 -41.23 37.24 -46.46
N ILE O 1279 -41.01 38.21 -47.34
CA ILE O 1279 -41.90 39.37 -47.47
C ILE O 1279 -43.03 39.07 -48.45
N LEU O 1280 -42.75 38.28 -49.49
CA LEU O 1280 -43.75 37.93 -50.50
C LEU O 1280 -44.91 37.15 -49.93
N GLU O 1281 -44.71 36.46 -48.81
CA GLU O 1281 -45.79 35.83 -48.07
C GLU O 1281 -46.79 36.87 -47.59
N LEU O 1282 -46.30 38.04 -47.15
CA LEU O 1282 -47.21 39.10 -46.76
C LEU O 1282 -47.84 39.77 -47.98
N ALA O 1283 -47.18 39.69 -49.13
CA ALA O 1283 -47.67 40.34 -50.32
C ALA O 1283 -48.83 39.57 -50.93
N THR O 1284 -49.48 40.18 -51.90
CA THR O 1284 -50.56 39.56 -52.67
C THR O 1284 -50.25 39.65 -54.15
N LEU O 1285 -51.21 39.21 -54.97
CA LEU O 1285 -51.06 39.32 -56.41
C LEU O 1285 -51.12 40.77 -56.86
N GLN O 1286 -51.89 41.61 -56.17
CA GLN O 1286 -52.12 42.98 -56.62
C GLN O 1286 -50.89 43.84 -56.41
N ASP O 1287 -50.12 43.57 -55.36
CA ASP O 1287 -48.89 44.31 -55.12
C ASP O 1287 -47.73 43.81 -55.98
N ILE O 1288 -47.73 42.53 -56.32
CA ILE O 1288 -46.63 41.95 -57.09
C ILE O 1288 -46.90 41.96 -58.59
N GLY O 1289 -48.16 42.18 -58.99
CA GLY O 1289 -48.56 42.15 -60.41
C GLY O 1289 -47.88 43.18 -61.29
N LYS O 1290 -47.30 44.22 -60.72
CA LYS O 1290 -46.44 45.14 -61.46
C LYS O 1290 -44.96 44.84 -61.25
N CYS O 1291 -44.63 43.68 -60.68
CA CYS O 1291 -43.26 43.38 -60.32
C CYS O 1291 -42.88 41.94 -60.67
N VAL O 1292 -43.82 41.14 -61.19
CA VAL O 1292 -43.49 39.81 -61.72
C VAL O 1292 -42.62 39.95 -62.96
N GLU O 1293 -42.77 41.06 -63.69
CA GLU O 1293 -41.80 41.43 -64.72
C GLU O 1293 -40.42 41.65 -64.12
N GLU O 1294 -40.35 42.28 -62.94
CA GLU O 1294 -39.09 42.80 -62.44
C GLU O 1294 -38.23 41.72 -61.81
N ILE O 1295 -38.80 40.93 -60.89
CA ILE O 1295 -37.95 40.07 -60.07
C ILE O 1295 -37.49 38.84 -60.86
N LEU O 1296 -38.09 38.59 -62.02
CA LEU O 1296 -37.69 37.40 -62.77
C LEU O 1296 -36.51 37.67 -63.68
N GLY O 1297 -36.25 38.92 -64.05
CA GLY O 1297 -35.09 39.20 -64.87
C GLY O 1297 -33.79 39.08 -64.10
N TYR O 1298 -33.82 39.44 -62.82
CA TYR O 1298 -32.60 39.50 -62.04
C TYR O 1298 -32.07 38.12 -61.68
N LEU O 1299 -32.97 37.16 -61.49
CA LEU O 1299 -32.62 35.83 -61.04
C LEU O 1299 -31.98 34.98 -62.12
N LYS O 1300 -32.24 35.27 -63.39
CA LYS O 1300 -31.57 34.58 -64.49
C LYS O 1300 -30.09 34.89 -64.50
N SER O 1301 -29.72 36.09 -64.05
CA SER O 1301 -28.31 36.40 -63.82
C SER O 1301 -27.87 36.00 -62.43
N CYS O 1302 -28.81 35.90 -61.49
CA CYS O 1302 -28.50 35.53 -60.11
C CYS O 1302 -28.67 34.03 -59.87
N PHE O 1303 -28.77 33.24 -60.96
CA PHE O 1303 -28.97 31.81 -60.87
C PHE O 1303 -27.68 31.03 -60.73
N SER O 1304 -26.63 31.43 -61.44
CA SER O 1304 -25.44 30.60 -61.53
C SER O 1304 -24.58 30.68 -60.28
N ARG O 1305 -24.56 31.82 -59.59
CA ARG O 1305 -23.68 31.96 -58.43
C ARG O 1305 -24.19 31.17 -57.25
N GLU O 1306 -25.48 31.27 -56.94
CA GLU O 1306 -26.08 30.55 -55.82
C GLU O 1306 -27.47 30.08 -56.22
N PRO O 1307 -27.60 28.91 -56.86
CA PRO O 1307 -28.91 28.39 -57.22
C PRO O 1307 -29.63 27.67 -56.09
N MET O 1308 -28.99 27.49 -54.93
CA MET O 1308 -29.64 26.77 -53.84
C MET O 1308 -30.72 27.63 -53.21
N MET O 1309 -30.45 28.91 -53.00
CA MET O 1309 -31.45 29.84 -52.49
C MET O 1309 -31.78 30.93 -53.52
N ALA O 1310 -31.76 30.56 -54.79
CA ALA O 1310 -32.40 31.37 -55.81
C ALA O 1310 -33.63 30.68 -56.36
N THR O 1311 -33.88 29.43 -55.99
CA THR O 1311 -35.18 28.81 -56.17
C THR O 1311 -36.05 28.93 -54.94
N VAL O 1312 -35.46 29.15 -53.77
CA VAL O 1312 -36.24 29.54 -52.59
C VAL O 1312 -36.80 30.94 -52.79
N CYS O 1313 -36.16 31.74 -53.62
CA CYS O 1313 -36.81 32.95 -54.10
C CYS O 1313 -37.88 32.65 -55.13
N VAL O 1314 -37.75 31.54 -55.87
CA VAL O 1314 -38.75 31.23 -56.90
C VAL O 1314 -39.86 30.34 -56.34
N GLN O 1315 -39.60 29.62 -55.24
CA GLN O 1315 -40.64 28.76 -54.65
C GLN O 1315 -41.77 29.59 -54.04
N GLN O 1316 -41.48 30.82 -53.64
CA GLN O 1316 -42.44 31.60 -52.84
C GLN O 1316 -43.28 32.54 -53.69
N LEU O 1317 -42.72 33.01 -54.81
CA LEU O 1317 -43.40 33.93 -55.71
C LEU O 1317 -44.63 33.28 -56.32
N LEU O 1318 -44.51 31.99 -56.63
CA LEU O 1318 -45.58 31.19 -57.21
C LEU O 1318 -46.67 30.85 -56.21
N LYS O 1319 -46.35 30.89 -54.90
CA LYS O 1319 -47.40 30.85 -53.88
C LYS O 1319 -48.26 32.09 -53.94
N THR O 1320 -47.63 33.26 -53.88
CA THR O 1320 -48.34 34.52 -53.89
C THR O 1320 -48.34 35.17 -55.25
N LEU O 1321 -48.29 34.37 -56.30
CA LEU O 1321 -48.92 34.69 -57.57
C LEU O 1321 -50.13 33.82 -57.79
N PHE O 1322 -50.24 32.71 -57.05
CA PHE O 1322 -51.42 31.86 -57.06
C PHE O 1322 -52.14 31.88 -55.72
N GLY O 1323 -52.19 33.03 -55.06
CA GLY O 1323 -52.97 33.19 -53.85
C GLY O 1323 -52.34 32.67 -52.57
N THR O 1324 -51.84 31.44 -52.55
CA THR O 1324 -51.27 30.83 -51.36
C THR O 1324 -49.97 31.50 -50.92
N PRO O 1354 -45.40 28.29 -7.51
CA PRO O 1354 -44.21 27.76 -8.20
C PRO O 1354 -43.01 27.75 -7.27
N GLY O 1355 -43.14 27.07 -6.14
CA GLY O 1355 -42.21 27.21 -5.04
C GLY O 1355 -41.47 25.98 -4.56
N LEU O 1356 -40.89 25.17 -5.44
CA LEU O 1356 -40.03 24.02 -5.15
C LEU O 1356 -40.80 22.82 -4.62
N TYR O 1357 -42.09 22.95 -4.32
CA TYR O 1357 -42.99 21.81 -4.29
C TYR O 1357 -43.76 21.65 -5.59
N HIS O 1358 -44.09 22.77 -6.25
CA HIS O 1358 -44.67 22.71 -7.58
C HIS O 1358 -43.71 22.07 -8.57
N TYR O 1359 -42.51 22.64 -8.71
CA TYR O 1359 -41.53 22.24 -9.72
C TYR O 1359 -40.99 20.83 -9.58
N CYS O 1360 -40.60 20.43 -8.37
CA CYS O 1360 -39.98 19.12 -8.23
C CYS O 1360 -41.01 18.00 -8.23
N PHE O 1361 -42.13 18.17 -7.52
CA PHE O 1361 -43.11 17.11 -7.45
C PHE O 1361 -44.46 17.46 -8.05
N MET O 1362 -45.12 18.53 -7.61
CA MET O 1362 -46.56 18.64 -7.81
C MET O 1362 -46.91 19.04 -9.24
N ALA O 1363 -46.03 19.73 -9.93
CA ALA O 1363 -46.31 19.92 -11.36
C ALA O 1363 -45.92 18.73 -12.23
N PRO O 1364 -44.83 17.97 -11.99
CA PRO O 1364 -44.66 16.75 -12.79
C PRO O 1364 -45.43 15.55 -12.29
N TYR O 1365 -45.94 15.53 -11.06
CA TYR O 1365 -46.73 14.36 -10.65
C TYR O 1365 -48.09 14.35 -11.31
N THR O 1366 -48.60 15.49 -11.77
CA THR O 1366 -49.96 15.49 -12.26
C THR O 1366 -50.05 15.56 -13.78
N HIS O 1367 -48.92 15.58 -14.48
CA HIS O 1367 -48.96 15.19 -15.88
C HIS O 1367 -48.92 13.68 -16.02
N PHE O 1368 -48.62 12.97 -14.94
CA PHE O 1368 -48.55 11.52 -14.96
C PHE O 1368 -49.96 10.92 -14.93
N THR O 1369 -50.78 11.35 -13.98
CA THR O 1369 -52.09 10.74 -13.75
C THR O 1369 -53.15 11.25 -14.70
N GLN O 1370 -52.85 12.26 -15.52
CA GLN O 1370 -53.87 12.81 -16.40
C GLN O 1370 -53.81 12.16 -17.78
N ALA O 1371 -52.64 11.62 -18.15
CA ALA O 1371 -52.57 10.83 -19.38
C ALA O 1371 -52.79 9.35 -19.13
N LEU O 1372 -53.35 8.99 -17.97
CA LEU O 1372 -53.76 7.61 -17.73
C LEU O 1372 -55.27 7.46 -17.84
N ALA O 1373 -56.03 8.47 -17.41
CA ALA O 1373 -57.48 8.45 -17.59
C ALA O 1373 -57.85 8.55 -19.07
N ASP O 1374 -57.01 9.21 -19.87
CA ASP O 1374 -57.14 9.20 -21.32
C ASP O 1374 -56.65 7.89 -21.92
N ALA O 1375 -55.89 7.10 -21.16
CA ALA O 1375 -55.52 5.77 -21.57
C ALA O 1375 -56.58 4.76 -21.17
N SER O 1376 -57.57 5.17 -20.38
CA SER O 1376 -58.76 4.35 -20.23
C SER O 1376 -59.74 4.57 -21.37
N LEU O 1377 -59.50 5.58 -22.20
CA LEU O 1377 -60.33 5.86 -23.36
C LEU O 1377 -59.98 4.90 -24.50
N ARG O 1425 -47.25 32.91 -67.82
CA ARG O 1425 -46.12 32.03 -67.59
C ARG O 1425 -44.80 32.64 -68.05
N LEU O 1426 -44.34 33.63 -67.30
CA LEU O 1426 -43.00 34.16 -67.46
C LEU O 1426 -41.95 33.29 -66.80
N PHE O 1427 -42.37 32.23 -66.10
CA PHE O 1427 -41.48 31.27 -65.47
C PHE O 1427 -40.88 30.30 -66.49
N GLU O 1428 -41.53 30.12 -67.64
CA GLU O 1428 -41.10 29.18 -68.67
C GLU O 1428 -39.67 29.36 -69.16
N PRO O 1429 -39.10 30.59 -69.27
CA PRO O 1429 -37.65 30.65 -69.42
C PRO O 1429 -36.91 30.29 -68.14
N LEU O 1430 -37.46 30.60 -66.96
CA LEU O 1430 -36.70 30.35 -65.74
C LEU O 1430 -36.88 28.92 -65.24
N VAL O 1431 -37.99 28.25 -65.58
CA VAL O 1431 -38.21 26.90 -65.07
C VAL O 1431 -37.38 25.87 -65.84
N ILE O 1432 -37.14 26.12 -67.13
CA ILE O 1432 -36.39 25.15 -67.94
C ILE O 1432 -34.92 25.13 -67.54
N LYS O 1433 -34.42 26.23 -66.98
CA LYS O 1433 -33.00 26.30 -66.63
C LYS O 1433 -32.70 25.51 -65.35
N ALA O 1434 -33.70 25.30 -64.50
CA ALA O 1434 -33.44 24.66 -63.21
C ALA O 1434 -33.41 23.14 -63.34
N LEU O 1435 -33.84 22.62 -64.48
CA LEU O 1435 -33.88 21.16 -64.65
C LEU O 1435 -32.57 20.65 -65.24
N LYS O 1436 -31.86 21.50 -65.97
CA LYS O 1436 -30.55 21.14 -66.50
C LYS O 1436 -29.49 21.12 -65.41
N GLN O 1437 -29.81 21.70 -64.26
CA GLN O 1437 -28.85 21.81 -63.17
C GLN O 1437 -28.85 20.55 -62.31
N TYR O 1438 -30.01 19.91 -62.16
CA TYR O 1438 -30.17 18.75 -61.29
C TYR O 1438 -29.48 17.52 -61.87
N THR O 1439 -29.41 17.42 -63.20
CA THR O 1439 -28.73 16.30 -63.82
C THR O 1439 -27.21 16.44 -63.76
N THR O 1440 -26.69 17.65 -63.57
CA THR O 1440 -25.27 17.92 -63.69
C THR O 1440 -24.63 18.43 -62.41
N THR O 1441 -25.40 18.68 -61.34
CA THR O 1441 -24.78 19.14 -60.12
C THR O 1441 -24.33 17.96 -59.26
N THR O 1442 -23.65 18.28 -58.18
CA THR O 1442 -23.23 17.25 -57.24
C THR O 1442 -23.47 17.64 -55.79
N CYS O 1443 -23.59 18.93 -55.46
CA CYS O 1443 -23.90 19.33 -54.09
C CYS O 1443 -25.34 19.02 -53.76
N VAL O 1444 -25.56 18.37 -52.62
CA VAL O 1444 -26.87 17.79 -52.33
C VAL O 1444 -27.68 18.73 -51.44
N GLN O 1445 -27.17 19.94 -51.21
CA GLN O 1445 -28.06 20.98 -50.72
C GLN O 1445 -28.85 21.58 -51.88
N LEU O 1446 -28.32 21.52 -53.10
CA LEU O 1446 -29.05 22.02 -54.25
C LEU O 1446 -29.99 20.97 -54.81
N GLN O 1447 -29.74 19.69 -54.55
CA GLN O 1447 -30.65 18.69 -55.11
C GLN O 1447 -31.92 18.57 -54.28
N LYS O 1448 -31.95 19.17 -53.10
CA LYS O 1448 -33.10 19.05 -52.23
C LYS O 1448 -34.11 20.17 -52.48
N GLN O 1449 -33.65 21.33 -52.93
CA GLN O 1449 -34.59 22.43 -53.17
C GLN O 1449 -35.18 22.38 -54.57
N VAL O 1450 -34.79 21.41 -55.38
CA VAL O 1450 -35.35 21.28 -56.72
C VAL O 1450 -36.42 20.19 -56.74
N LEU O 1451 -36.46 19.34 -55.72
CA LEU O 1451 -37.56 18.40 -55.63
C LEU O 1451 -38.75 18.98 -54.88
N ASP O 1452 -38.61 20.18 -54.31
CA ASP O 1452 -39.77 20.86 -53.76
C ASP O 1452 -40.36 21.86 -54.74
N LEU O 1453 -39.63 22.22 -55.78
CA LEU O 1453 -40.16 23.15 -56.78
C LEU O 1453 -41.06 22.43 -57.76
N LEU O 1454 -40.97 21.10 -57.80
CA LEU O 1454 -41.76 20.33 -58.74
C LEU O 1454 -42.93 19.64 -58.06
N ALA O 1455 -42.97 19.64 -56.73
CA ALA O 1455 -44.15 19.15 -56.04
C ALA O 1455 -45.18 20.26 -55.88
N GLN O 1456 -44.86 21.45 -56.37
CA GLN O 1456 -45.76 22.58 -56.27
C GLN O 1456 -46.35 22.93 -57.63
N LEU O 1457 -45.73 22.43 -58.70
CA LEU O 1457 -46.27 22.62 -60.04
C LEU O 1457 -47.27 21.52 -60.38
N VAL O 1458 -47.43 20.54 -59.50
CA VAL O 1458 -48.38 19.47 -59.75
C VAL O 1458 -49.60 19.65 -58.86
N GLN O 1459 -49.40 20.17 -57.64
CA GLN O 1459 -50.53 20.56 -56.81
C GLN O 1459 -51.27 21.74 -57.43
N LEU O 1460 -50.57 22.85 -57.60
CA LEU O 1460 -51.06 23.93 -58.45
C LEU O 1460 -50.91 23.44 -59.88
N ARG O 1461 -52.03 23.07 -60.51
CA ARG O 1461 -52.00 22.18 -61.68
C ARG O 1461 -51.42 22.84 -62.92
N VAL O 1462 -50.10 22.99 -62.95
CA VAL O 1462 -49.36 23.24 -64.17
C VAL O 1462 -49.31 21.95 -64.95
N ASN O 1463 -49.80 21.99 -66.20
CA ASN O 1463 -49.85 20.82 -67.07
C ASN O 1463 -48.45 20.29 -67.32
N TYR O 1464 -48.36 18.97 -67.52
CA TYR O 1464 -47.06 18.28 -67.60
C TYR O 1464 -46.44 18.54 -68.97
N CYS O 1465 -46.03 19.79 -69.16
CA CYS O 1465 -45.42 20.29 -70.38
C CYS O 1465 -44.02 20.83 -70.14
N LEU O 1466 -43.44 20.54 -68.97
CA LEU O 1466 -42.05 20.88 -68.71
C LEU O 1466 -41.12 20.02 -69.57
N LEU O 1467 -41.60 18.86 -69.97
CA LEU O 1467 -40.90 17.89 -70.78
C LEU O 1467 -41.62 17.62 -72.10
N ASP O 1468 -41.92 18.68 -72.87
CA ASP O 1468 -42.90 18.75 -73.96
C ASP O 1468 -43.03 17.54 -74.89
N SER O 1469 -41.91 16.94 -75.30
CA SER O 1469 -41.99 15.76 -76.15
C SER O 1469 -41.68 14.49 -75.37
N ASP O 1470 -40.52 14.44 -74.72
CA ASP O 1470 -39.96 13.23 -74.14
C ASP O 1470 -40.35 13.10 -72.67
N GLN O 1471 -39.65 12.24 -71.94
CA GLN O 1471 -39.79 12.09 -70.50
C GLN O 1471 -38.40 12.20 -69.86
N VAL O 1472 -37.70 13.28 -70.23
CA VAL O 1472 -36.27 13.44 -69.95
C VAL O 1472 -36.00 13.53 -68.45
N PHE O 1473 -36.80 14.29 -67.71
CA PHE O 1473 -36.49 14.48 -66.29
C PHE O 1473 -36.93 13.29 -65.45
N ILE O 1474 -37.97 12.58 -65.87
CA ILE O 1474 -38.45 11.50 -65.00
C ILE O 1474 -37.62 10.25 -65.20
N GLY O 1475 -36.88 10.15 -66.30
CA GLY O 1475 -35.99 9.01 -66.49
C GLY O 1475 -34.75 9.10 -65.61
N PHE O 1476 -34.45 10.30 -65.11
CA PHE O 1476 -33.19 10.49 -64.38
C PHE O 1476 -33.37 10.23 -62.90
N VAL O 1477 -34.60 10.19 -62.42
CA VAL O 1477 -34.83 9.94 -61.00
C VAL O 1477 -34.78 8.45 -60.73
N LEU O 1478 -35.04 7.64 -61.75
CA LEU O 1478 -34.99 6.19 -61.58
C LEU O 1478 -33.55 5.68 -61.46
N LYS O 1479 -32.60 6.33 -62.15
CA LYS O 1479 -31.22 5.90 -62.14
C LYS O 1479 -30.54 6.17 -60.80
N GLN O 1480 -31.02 7.16 -60.06
CA GLN O 1480 -30.44 7.53 -58.78
C GLN O 1480 -30.76 6.52 -57.70
N PHE O 1481 -31.75 5.65 -57.94
CA PHE O 1481 -31.97 4.56 -57.01
C PHE O 1481 -30.94 3.46 -57.18
N GLU O 1482 -30.18 3.47 -58.28
CA GLU O 1482 -29.12 2.49 -58.44
C GLU O 1482 -27.89 2.84 -57.59
N TYR O 1483 -27.72 4.11 -57.24
CA TYR O 1483 -26.48 4.52 -56.60
C TYR O 1483 -26.57 4.51 -55.08
N ILE O 1484 -27.77 4.30 -54.55
CA ILE O 1484 -28.00 4.36 -53.11
C ILE O 1484 -27.93 2.96 -52.50
N GLU O 1485 -28.51 1.99 -53.20
CA GLU O 1485 -28.51 0.60 -52.76
C GLU O 1485 -27.11 0.03 -52.72
N VAL O 1486 -26.36 0.20 -53.81
CA VAL O 1486 -24.96 -0.21 -53.83
C VAL O 1486 -24.15 0.68 -52.91
N GLY O 1487 -24.47 1.97 -52.87
CA GLY O 1487 -23.73 2.91 -52.06
C GLY O 1487 -22.83 3.84 -52.82
N GLN O 1488 -23.02 3.98 -54.14
CA GLN O 1488 -22.18 4.84 -54.96
C GLN O 1488 -22.81 6.23 -55.06
N PHE O 1489 -23.12 6.80 -53.91
CA PHE O 1489 -23.74 8.12 -53.84
C PHE O 1489 -23.39 8.72 -52.49
N ARG O 1490 -23.06 10.00 -52.48
CA ARG O 1490 -22.34 10.58 -51.35
C ARG O 1490 -23.26 11.01 -50.22
N GLU O 1491 -24.33 11.76 -50.52
CA GLU O 1491 -25.18 12.36 -49.50
C GLU O 1491 -26.64 12.01 -49.75
N SER O 1492 -26.90 10.70 -49.88
CA SER O 1492 -28.26 10.20 -50.09
C SER O 1492 -29.18 10.49 -48.91
N GLU O 1493 -28.65 10.79 -47.74
CA GLU O 1493 -29.48 10.99 -46.55
C GLU O 1493 -30.37 12.22 -46.65
N ALA O 1494 -29.84 13.32 -47.16
CA ALA O 1494 -30.59 14.58 -47.22
C ALA O 1494 -31.41 14.71 -48.50
N ILE O 1495 -31.53 13.65 -49.29
CA ILE O 1495 -32.35 13.69 -50.49
C ILE O 1495 -33.41 12.59 -50.48
N ILE O 1496 -33.19 11.50 -49.74
CA ILE O 1496 -34.14 10.39 -49.75
C ILE O 1496 -35.48 10.68 -49.09
N PRO O 1497 -35.64 11.63 -48.12
CA PRO O 1497 -37.02 12.02 -47.81
C PRO O 1497 -37.67 12.85 -48.90
N ASN O 1498 -36.92 13.61 -49.68
CA ASN O 1498 -37.59 14.43 -50.69
C ASN O 1498 -37.58 13.82 -52.08
N ILE O 1499 -36.85 12.73 -52.32
CA ILE O 1499 -37.01 12.01 -53.58
C ILE O 1499 -38.39 11.37 -53.65
N PHE O 1500 -38.84 10.78 -52.55
CA PHE O 1500 -40.09 10.02 -52.56
C PHE O 1500 -41.35 10.85 -52.41
N PHE O 1501 -41.25 12.14 -52.11
CA PHE O 1501 -42.48 12.92 -52.13
C PHE O 1501 -42.85 13.32 -53.55
N PHE O 1502 -41.87 13.45 -54.43
CA PHE O 1502 -42.15 13.85 -55.80
C PHE O 1502 -42.84 12.74 -56.58
N LEU O 1503 -42.61 11.48 -56.20
CA LEU O 1503 -43.01 10.37 -57.05
C LEU O 1503 -44.44 9.95 -56.81
N VAL O 1504 -44.91 10.02 -55.58
CA VAL O 1504 -46.25 9.53 -55.25
C VAL O 1504 -47.31 10.52 -55.70
N LEU O 1505 -46.92 11.78 -55.86
CA LEU O 1505 -47.88 12.86 -56.08
C LEU O 1505 -48.14 13.04 -57.58
N LEU O 1506 -47.32 12.39 -58.39
CA LEU O 1506 -47.48 12.42 -59.84
C LEU O 1506 -48.45 11.32 -60.30
N SER O 1507 -48.58 10.27 -59.49
CA SER O 1507 -49.36 9.10 -59.87
C SER O 1507 -50.85 9.38 -59.81
N TYR O 1508 -51.24 10.47 -59.16
CA TYR O 1508 -52.65 10.83 -59.15
C TYR O 1508 -53.08 11.43 -60.49
N GLU O 1509 -52.11 11.85 -61.30
CA GLU O 1509 -52.37 12.26 -62.67
C GLU O 1509 -52.46 11.05 -63.59
N ILE O 1517 -45.36 7.13 -63.53
CA ILE O 1517 -45.02 6.11 -62.54
C ILE O 1517 -46.16 5.92 -61.57
N GLY O 1518 -46.72 4.72 -61.56
CA GLY O 1518 -47.88 4.43 -60.75
C GLY O 1518 -47.50 3.79 -59.42
N ILE O 1519 -48.46 3.83 -58.49
CA ILE O 1519 -48.24 3.25 -57.16
C ILE O 1519 -47.94 1.74 -57.18
N PRO O 1520 -48.28 0.94 -58.24
CA PRO O 1520 -47.56 -0.33 -58.37
C PRO O 1520 -46.05 -0.19 -58.50
N LYS O 1521 -45.58 0.77 -59.31
CA LYS O 1521 -44.14 0.86 -59.53
C LYS O 1521 -43.41 1.58 -58.41
N ILE O 1522 -44.12 2.37 -57.59
CA ILE O 1522 -43.44 3.18 -56.58
C ILE O 1522 -42.95 2.30 -55.43
N ILE O 1523 -43.68 1.25 -55.10
CA ILE O 1523 -43.38 0.47 -53.90
C ILE O 1523 -42.40 -0.64 -54.21
N GLN O 1524 -42.08 -0.91 -55.48
CA GLN O 1524 -40.99 -1.85 -55.75
C GLN O 1524 -39.62 -1.20 -55.56
N LEU O 1525 -39.54 0.12 -55.66
CA LEU O 1525 -38.25 0.80 -55.51
C LEU O 1525 -37.82 0.88 -54.05
N CYS O 1526 -38.78 0.96 -53.14
CA CYS O 1526 -38.48 1.14 -51.73
C CYS O 1526 -38.06 -0.17 -51.08
N ASP O 1527 -38.37 -1.30 -51.70
CA ASP O 1527 -38.05 -2.60 -51.15
C ASP O 1527 -36.60 -2.96 -51.43
N GLY O 1528 -35.99 -2.31 -52.42
CA GLY O 1528 -34.60 -2.57 -52.73
C GLY O 1528 -33.65 -1.95 -51.72
N ILE O 1529 -33.99 -0.74 -51.25
CA ILE O 1529 -33.10 0.03 -50.39
C ILE O 1529 -32.93 -0.63 -49.03
N MET O 1530 -33.97 -1.33 -48.58
CA MET O 1530 -34.06 -1.79 -47.20
C MET O 1530 -33.23 -3.06 -47.00
N ALA O 1531 -33.56 -4.11 -47.74
CA ALA O 1531 -32.86 -5.38 -47.65
C ALA O 1531 -31.53 -5.38 -48.38
N SER O 1532 -31.39 -4.58 -49.44
CA SER O 1532 -30.17 -4.53 -50.23
C SER O 1532 -29.66 -3.10 -50.24
N GLY O 1533 -28.96 -2.70 -49.19
CA GLY O 1533 -28.50 -1.34 -49.09
C GLY O 1533 -28.07 -1.03 -47.68
N ARG O 1534 -28.04 0.27 -47.38
CA ARG O 1534 -27.49 0.77 -46.13
C ARG O 1534 -28.48 0.56 -44.99
N LYS O 1535 -28.15 1.15 -43.85
CA LYS O 1535 -28.96 1.00 -42.64
C LYS O 1535 -30.24 1.81 -42.76
N ALA O 1536 -31.12 1.62 -41.78
CA ALA O 1536 -32.51 2.03 -41.93
C ALA O 1536 -32.79 3.45 -41.46
N VAL O 1537 -32.11 3.94 -40.42
CA VAL O 1537 -32.48 5.22 -39.82
C VAL O 1537 -32.11 6.43 -40.65
N THR O 1538 -31.51 6.25 -41.82
CA THR O 1538 -31.27 7.33 -42.77
C THR O 1538 -31.97 7.10 -44.09
N HIS O 1539 -31.96 5.88 -44.61
CA HIS O 1539 -32.51 5.59 -45.92
C HIS O 1539 -33.91 4.99 -45.85
N ALA O 1540 -34.05 3.85 -45.19
CA ALA O 1540 -35.27 3.05 -45.32
C ALA O 1540 -36.44 3.62 -44.52
N ILE O 1541 -36.17 4.18 -43.36
CA ILE O 1541 -37.23 4.73 -42.51
C ILE O 1541 -37.71 6.10 -42.99
N PRO O 1542 -36.86 7.04 -43.46
CA PRO O 1542 -37.43 8.22 -44.12
C PRO O 1542 -37.98 7.94 -45.51
N ALA O 1543 -37.87 6.73 -46.03
CA ALA O 1543 -38.40 6.44 -47.35
C ALA O 1543 -39.92 6.29 -47.35
N LEU O 1544 -40.50 5.92 -46.21
CA LEU O 1544 -41.91 5.57 -46.16
C LEU O 1544 -42.77 6.66 -45.54
N GLN O 1545 -42.16 7.61 -44.82
CA GLN O 1545 -42.89 8.80 -44.38
C GLN O 1545 -43.55 9.59 -45.53
N PRO O 1546 -43.05 9.62 -46.77
CA PRO O 1546 -43.91 10.17 -47.84
C PRO O 1546 -44.99 9.20 -48.30
N ILE O 1547 -44.77 7.90 -48.22
CA ILE O 1547 -45.74 6.97 -48.80
C ILE O 1547 -46.94 6.78 -47.87
N VAL O 1548 -46.69 6.48 -46.60
CA VAL O 1548 -47.75 6.09 -45.68
C VAL O 1548 -48.72 7.25 -45.40
N HIS O 1549 -48.18 8.46 -45.20
CA HIS O 1549 -49.01 9.64 -45.09
C HIS O 1549 -49.78 9.96 -46.37
N ASP O 1550 -49.28 9.56 -47.54
CA ASP O 1550 -49.99 9.80 -48.79
C ASP O 1550 -50.67 8.54 -49.31
N LEU O 1551 -50.78 7.51 -48.51
CA LEU O 1551 -51.59 6.38 -48.95
C LEU O 1551 -52.65 5.99 -47.92
N PHE O 1552 -52.34 6.04 -46.63
CA PHE O 1552 -53.33 5.68 -45.61
C PHE O 1552 -54.23 6.85 -45.26
N VAL O 1553 -53.70 8.06 -45.23
CA VAL O 1553 -54.51 9.23 -44.89
C VAL O 1553 -55.38 9.64 -46.07
N LEU O 1554 -54.75 9.87 -47.21
CA LEU O 1554 -55.47 10.32 -48.41
C LEU O 1554 -55.90 9.13 -49.26
N GLY O 1563 -60.95 1.36 -56.26
CA GLY O 1563 -61.73 0.56 -55.33
C GLY O 1563 -61.04 -0.73 -54.92
N LYS O 1564 -61.16 -1.76 -55.75
CA LYS O 1564 -60.52 -3.03 -55.45
C LYS O 1564 -59.03 -3.00 -55.73
N GLU O 1565 -58.56 -2.01 -56.50
CA GLU O 1565 -57.12 -1.88 -56.68
C GLU O 1565 -56.46 -1.27 -55.46
N LEU O 1566 -57.20 -0.44 -54.70
CA LEU O 1566 -56.61 0.20 -53.53
C LEU O 1566 -56.59 -0.74 -52.33
N GLU O 1567 -57.30 -1.86 -52.39
CA GLU O 1567 -57.31 -2.76 -51.24
C GLU O 1567 -56.07 -3.65 -51.22
N THR O 1568 -55.54 -3.99 -52.39
CA THR O 1568 -54.42 -4.93 -52.44
C THR O 1568 -53.11 -4.24 -52.04
N GLN O 1569 -53.01 -2.93 -52.23
CA GLN O 1569 -51.76 -2.25 -51.96
C GLN O 1569 -51.60 -1.88 -50.49
N LYS O 1570 -52.68 -1.97 -49.70
CA LYS O 1570 -52.54 -1.67 -48.28
C LYS O 1570 -52.04 -2.89 -47.52
N GLU O 1571 -52.21 -4.09 -48.07
CA GLU O 1571 -51.66 -5.27 -47.42
C GLU O 1571 -50.16 -5.35 -47.58
N VAL O 1572 -49.60 -4.66 -48.58
CA VAL O 1572 -48.19 -4.81 -48.91
C VAL O 1572 -47.34 -3.96 -47.97
N VAL O 1573 -47.85 -2.80 -47.56
CA VAL O 1573 -47.04 -1.83 -46.83
C VAL O 1573 -46.98 -2.18 -45.34
N VAL O 1574 -47.95 -2.95 -44.85
CA VAL O 1574 -47.98 -3.28 -43.43
C VAL O 1574 -47.05 -4.47 -43.14
N SER O 1575 -46.73 -5.27 -44.16
CA SER O 1575 -45.86 -6.41 -43.95
C SER O 1575 -44.40 -6.00 -43.85
N MET O 1576 -44.06 -4.84 -44.42
CA MET O 1576 -42.68 -4.41 -44.51
C MET O 1576 -42.21 -3.81 -43.20
N LEU O 1577 -43.14 -3.23 -42.45
CA LEU O 1577 -42.83 -2.55 -41.21
C LEU O 1577 -42.62 -3.55 -40.08
N LEU O 1578 -43.18 -4.75 -40.22
CA LEU O 1578 -43.04 -5.81 -39.23
C LEU O 1578 -41.62 -6.35 -39.22
N ARG O 1579 -40.96 -6.23 -40.36
CA ARG O 1579 -39.51 -6.48 -40.44
C ARG O 1579 -38.74 -5.32 -39.82
N LEU O 1580 -39.40 -4.17 -39.62
CA LEU O 1580 -38.70 -2.97 -39.15
C LEU O 1580 -39.26 -2.39 -37.85
N ILE O 1581 -39.98 -3.16 -37.03
CA ILE O 1581 -40.60 -2.62 -35.81
C ILE O 1581 -39.54 -2.13 -34.85
N GLN O 1582 -38.34 -2.72 -34.91
CA GLN O 1582 -37.24 -2.48 -33.98
C GLN O 1582 -36.86 -1.01 -33.81
N TYR O 1583 -37.14 -0.14 -34.79
CA TYR O 1583 -36.73 1.25 -34.72
C TYR O 1583 -37.89 2.13 -34.25
N HIS O 1584 -37.57 3.11 -33.41
CA HIS O 1584 -38.59 3.96 -32.82
C HIS O 1584 -39.11 5.02 -33.78
N GLN O 1585 -38.46 5.21 -34.92
CA GLN O 1585 -39.05 6.08 -35.93
C GLN O 1585 -40.06 5.31 -36.76
N VAL O 1586 -39.97 3.99 -36.77
CA VAL O 1586 -40.99 3.20 -37.45
C VAL O 1586 -42.23 3.10 -36.58
N LEU O 1587 -42.14 3.43 -35.30
CA LEU O 1587 -43.33 3.35 -34.47
C LEU O 1587 -44.14 4.65 -34.49
N GLU O 1588 -43.65 5.71 -35.14
CA GLU O 1588 -44.50 6.90 -35.33
C GLU O 1588 -45.36 6.75 -36.57
N MET O 1589 -44.91 5.97 -37.54
CA MET O 1589 -45.64 5.74 -38.78
C MET O 1589 -46.84 4.84 -38.56
N PHE O 1590 -46.84 4.08 -37.47
CA PHE O 1590 -47.81 3.04 -37.19
C PHE O 1590 -48.84 3.50 -36.18
N ILE O 1591 -48.69 4.70 -35.65
CA ILE O 1591 -49.77 5.37 -34.93
C ILE O 1591 -50.73 6.00 -35.94
N LEU O 1592 -50.23 6.26 -37.16
CA LEU O 1592 -51.12 6.69 -38.23
C LEU O 1592 -52.02 5.57 -38.72
N VAL O 1593 -51.57 4.32 -38.62
CA VAL O 1593 -52.31 3.23 -39.25
C VAL O 1593 -53.52 2.84 -38.39
N LEU O 1594 -53.39 2.98 -37.08
CA LEU O 1594 -54.42 2.48 -36.17
C LEU O 1594 -55.55 3.48 -36.01
N GLN O 1595 -55.36 4.72 -36.44
CA GLN O 1595 -56.37 5.73 -36.22
C GLN O 1595 -57.33 5.83 -37.40
N GLN O 1596 -56.98 5.21 -38.51
CA GLN O 1596 -57.89 5.20 -39.65
C GLN O 1596 -58.87 4.04 -39.60
N CYS O 1597 -58.47 2.91 -39.03
CA CYS O 1597 -59.30 1.73 -38.89
C CYS O 1597 -60.41 1.91 -37.85
N HIS O 1598 -60.20 2.78 -36.88
CA HIS O 1598 -61.23 3.19 -35.92
C HIS O 1598 -62.23 4.15 -36.56
N LYS O 1599 -61.85 4.73 -37.70
CA LYS O 1599 -62.72 5.63 -38.44
C LYS O 1599 -63.36 4.93 -39.64
N GLU O 1600 -62.59 4.10 -40.33
CA GLU O 1600 -63.12 3.44 -41.53
C GLU O 1600 -64.04 2.28 -41.15
N ASN O 1601 -63.51 1.30 -40.43
CA ASN O 1601 -64.24 0.06 -40.19
C ASN O 1601 -63.78 -0.61 -38.90
N GLU O 1602 -64.62 -0.51 -37.86
CA GLU O 1602 -64.23 -0.96 -36.53
C GLU O 1602 -64.15 -2.47 -36.42
N ASP O 1603 -64.68 -3.22 -37.39
CA ASP O 1603 -64.39 -4.65 -37.44
C ASP O 1603 -62.96 -4.89 -37.89
N LYS O 1604 -62.45 -4.06 -38.80
CA LYS O 1604 -61.08 -4.20 -39.24
C LYS O 1604 -60.10 -3.61 -38.23
N TRP O 1605 -60.59 -2.80 -37.28
CA TRP O 1605 -59.66 -2.16 -36.35
C TRP O 1605 -59.13 -3.14 -35.31
N LYS O 1606 -59.91 -4.17 -34.96
CA LYS O 1606 -59.48 -5.05 -33.88
C LYS O 1606 -58.68 -6.23 -34.40
N ARG O 1607 -58.73 -6.51 -35.70
CA ARG O 1607 -57.95 -7.60 -36.25
C ARG O 1607 -56.47 -7.24 -36.32
N LEU O 1608 -56.15 -5.95 -36.49
CA LEU O 1608 -54.79 -5.55 -36.80
C LEU O 1608 -54.01 -5.24 -35.54
N SER O 1609 -54.71 -4.97 -34.43
CA SER O 1609 -54.00 -4.71 -33.19
C SER O 1609 -53.65 -6.02 -32.48
N ARG O 1610 -54.11 -7.16 -33.01
CA ARG O 1610 -53.75 -8.44 -32.42
C ARG O 1610 -52.50 -9.02 -33.08
N GLN O 1611 -52.21 -8.59 -34.30
CA GLN O 1611 -51.11 -9.17 -35.05
C GLN O 1611 -49.78 -8.57 -34.58
N ILE O 1612 -49.80 -7.30 -34.19
CA ILE O 1612 -48.59 -6.70 -33.64
C ILE O 1612 -48.58 -6.82 -32.11
N ALA O 1613 -49.48 -7.60 -31.53
CA ALA O 1613 -49.40 -7.83 -30.10
C ALA O 1613 -48.40 -8.92 -29.78
N ASP O 1614 -48.39 -10.00 -30.57
CA ASP O 1614 -47.49 -11.11 -30.35
C ASP O 1614 -46.21 -11.02 -31.18
N ILE O 1615 -45.89 -9.86 -31.73
CA ILE O 1615 -44.55 -9.67 -32.31
C ILE O 1615 -43.65 -8.87 -31.38
N ILE O 1616 -44.16 -7.74 -30.87
CA ILE O 1616 -43.34 -6.78 -30.15
C ILE O 1616 -43.01 -7.23 -28.73
N LEU O 1617 -43.92 -7.94 -28.07
CA LEU O 1617 -43.77 -8.52 -26.75
C LEU O 1617 -42.86 -9.75 -26.74
N PRO O 1618 -42.71 -10.52 -27.82
CA PRO O 1618 -41.51 -11.35 -27.92
C PRO O 1618 -40.23 -10.57 -28.19
N MET O 1619 -40.30 -9.34 -28.72
CA MET O 1619 -39.08 -8.57 -28.90
C MET O 1619 -38.64 -7.91 -27.61
N LEU O 1620 -39.59 -7.51 -26.77
CA LEU O 1620 -39.24 -6.74 -25.57
C LEU O 1620 -38.61 -7.61 -24.50
N ALA O 1621 -38.78 -8.94 -24.59
CA ALA O 1621 -38.15 -9.84 -23.65
C ALA O 1621 -36.74 -10.20 -24.11
N LYS O 1622 -36.51 -10.19 -25.42
CA LYS O 1622 -35.20 -10.46 -26.00
C LYS O 1622 -34.52 -9.17 -26.44
N GLN O 1623 -35.13 -8.02 -26.11
CA GLN O 1623 -34.51 -6.70 -26.14
C GLN O 1623 -34.05 -6.30 -27.54
N GLN O 1624 -34.80 -6.69 -28.56
CA GLN O 1624 -34.48 -6.32 -29.93
C GLN O 1624 -35.04 -4.95 -30.30
N MET O 1625 -35.78 -4.31 -29.40
CA MET O 1625 -36.47 -3.06 -29.70
C MET O 1625 -35.60 -1.88 -29.26
N HIS O 1626 -35.26 -1.03 -30.23
CA HIS O 1626 -34.34 0.10 -29.97
C HIS O 1626 -35.11 1.19 -29.23
N ILE O 1627 -35.01 1.18 -27.91
CA ILE O 1627 -35.69 2.17 -27.07
C ILE O 1627 -34.60 2.95 -26.35
N ASP O 1628 -33.50 3.24 -27.05
CA ASP O 1628 -32.34 3.83 -26.40
C ASP O 1628 -32.54 5.32 -26.11
N SER O 1629 -33.52 5.96 -26.75
CA SER O 1629 -33.67 7.40 -26.58
C SER O 1629 -34.86 7.74 -25.71
N HIS O 1630 -34.91 9.00 -25.24
CA HIS O 1630 -36.16 9.48 -24.67
C HIS O 1630 -37.04 10.08 -25.75
N GLU O 1631 -36.53 10.19 -26.97
CA GLU O 1631 -37.45 10.26 -28.10
C GLU O 1631 -38.04 8.88 -28.36
N ALA O 1632 -37.43 7.82 -27.82
CA ALA O 1632 -37.87 6.47 -28.13
C ALA O 1632 -38.90 5.95 -27.12
N LEU O 1633 -38.85 6.37 -25.86
CA LEU O 1633 -39.92 5.92 -24.96
C LEU O 1633 -41.19 6.75 -25.11
N GLY O 1634 -41.15 7.86 -25.82
CA GLY O 1634 -42.36 8.66 -25.94
C GLY O 1634 -43.27 8.15 -27.03
N VAL O 1635 -42.69 7.46 -28.01
CA VAL O 1635 -43.48 6.96 -29.13
C VAL O 1635 -44.19 5.67 -28.74
N LEU O 1636 -43.62 4.91 -27.82
CA LEU O 1636 -44.17 3.58 -27.55
C LEU O 1636 -45.28 3.62 -26.51
N ASN O 1637 -45.47 4.74 -25.81
CA ASN O 1637 -46.51 4.79 -24.79
C ASN O 1637 -47.80 5.39 -25.32
N THR O 1638 -47.73 6.13 -26.42
CA THR O 1638 -48.95 6.52 -27.11
C THR O 1638 -49.44 5.42 -28.04
N LEU O 1639 -48.77 4.27 -28.04
CA LEU O 1639 -49.17 3.14 -28.86
C LEU O 1639 -50.15 2.26 -28.11
N PHE O 1640 -49.90 2.01 -26.82
CA PHE O 1640 -50.79 1.16 -26.04
C PHE O 1640 -52.09 1.85 -25.66
N GLU O 1641 -52.18 3.16 -25.80
CA GLU O 1641 -53.48 3.81 -25.68
C GLU O 1641 -54.32 3.52 -26.91
N ILE O 1642 -53.70 3.61 -28.10
CA ILE O 1642 -54.41 3.55 -29.36
C ILE O 1642 -54.53 2.11 -29.85
N LEU O 1643 -53.73 1.20 -29.34
CA LEU O 1643 -53.93 -0.22 -29.62
C LEU O 1643 -55.21 -0.67 -28.92
N ALA O 1644 -55.98 -1.52 -29.60
CA ALA O 1644 -57.32 -1.85 -29.13
C ALA O 1644 -57.27 -2.71 -27.88
N PRO O 1645 -58.11 -2.42 -26.89
CA PRO O 1645 -58.01 -3.12 -25.60
C PRO O 1645 -58.44 -4.57 -25.63
N SER O 1646 -59.04 -5.05 -26.74
CA SER O 1646 -59.32 -6.47 -26.86
C SER O 1646 -58.05 -7.27 -27.08
N SER O 1647 -57.02 -6.66 -27.67
CA SER O 1647 -55.78 -7.37 -27.90
C SER O 1647 -54.89 -7.37 -26.67
N LEU O 1648 -55.22 -6.53 -25.69
CA LEU O 1648 -54.47 -6.45 -24.45
C LEU O 1648 -55.27 -6.97 -23.26
N ARG O 1649 -56.45 -7.54 -23.49
CA ARG O 1649 -57.32 -7.95 -22.39
C ARG O 1649 -56.86 -9.24 -21.70
N PRO O 1650 -56.41 -10.30 -22.39
CA PRO O 1650 -55.71 -11.35 -21.65
C PRO O 1650 -54.36 -10.84 -21.17
N VAL O 1651 -54.03 -11.15 -19.93
CA VAL O 1651 -52.80 -10.66 -19.32
C VAL O 1651 -51.84 -11.85 -19.33
N ASP O 1652 -52.13 -12.83 -20.18
CA ASP O 1652 -51.22 -13.94 -20.40
C ASP O 1652 -49.98 -13.47 -21.15
N MET O 1653 -50.14 -12.47 -22.03
CA MET O 1653 -49.04 -12.10 -22.91
C MET O 1653 -48.18 -11.00 -22.29
N LEU O 1654 -48.80 -10.06 -21.57
CA LEU O 1654 -48.07 -8.90 -21.07
C LEU O 1654 -47.17 -9.26 -19.89
N LEU O 1655 -47.39 -10.41 -19.26
CA LEU O 1655 -46.59 -10.76 -18.09
C LEU O 1655 -45.39 -11.63 -18.44
N ARG O 1656 -45.51 -12.48 -19.48
CA ARG O 1656 -44.36 -13.24 -19.94
C ARG O 1656 -43.36 -12.35 -20.66
N SER O 1657 -43.83 -11.21 -21.17
CA SER O 1657 -42.94 -10.19 -21.72
C SER O 1657 -42.38 -9.27 -20.64
N MET O 1658 -43.00 -9.25 -19.46
CA MET O 1658 -42.54 -8.39 -18.38
C MET O 1658 -41.40 -9.05 -17.59
N PHE O 1659 -41.71 -10.16 -16.93
CA PHE O 1659 -40.82 -10.76 -15.92
C PHE O 1659 -39.73 -11.58 -16.60
N VAL O 1660 -38.77 -10.86 -17.20
CA VAL O 1660 -37.70 -11.51 -17.92
C VAL O 1660 -36.35 -10.97 -17.46
N THR O 1661 -35.33 -11.79 -17.67
CA THR O 1661 -33.95 -11.48 -17.42
C THR O 1661 -33.25 -11.31 -18.75
N PRO O 1662 -32.44 -10.28 -18.96
CA PRO O 1662 -31.71 -10.14 -20.22
C PRO O 1662 -30.59 -11.16 -20.32
N ASN O 1663 -29.89 -11.12 -21.45
CA ASN O 1663 -28.78 -12.04 -21.68
C ASN O 1663 -27.64 -11.82 -20.70
N THR O 1664 -26.98 -10.67 -20.79
CA THR O 1664 -25.97 -10.24 -19.82
C THR O 1664 -26.15 -8.75 -19.57
N MET O 1665 -26.13 -8.36 -18.30
CA MET O 1665 -26.18 -6.94 -17.95
C MET O 1665 -24.79 -6.38 -17.65
N ALA O 1666 -23.78 -6.79 -18.41
CA ALA O 1666 -22.46 -6.19 -18.25
C ALA O 1666 -22.41 -4.80 -18.89
N SER O 1667 -23.00 -4.64 -20.05
CA SER O 1667 -22.81 -3.43 -20.84
C SER O 1667 -24.03 -2.52 -20.79
N VAL O 1668 -23.76 -1.21 -20.79
CA VAL O 1668 -24.83 -0.22 -20.66
C VAL O 1668 -25.52 0.00 -22.00
N SER O 1669 -25.09 -0.71 -23.04
CA SER O 1669 -25.99 -0.88 -24.18
C SER O 1669 -27.06 -1.92 -23.85
N THR O 1670 -26.72 -2.90 -23.02
CA THR O 1670 -27.66 -3.99 -22.78
C THR O 1670 -28.39 -3.82 -21.44
N VAL O 1671 -27.84 -3.03 -20.51
CA VAL O 1671 -28.59 -2.74 -19.28
C VAL O 1671 -29.69 -1.74 -19.57
N GLN O 1672 -29.54 -0.97 -20.64
CA GLN O 1672 -30.41 0.17 -20.88
C GLN O 1672 -31.66 -0.24 -21.65
N LEU O 1673 -31.62 -1.36 -22.37
CA LEU O 1673 -32.80 -1.76 -23.12
C LEU O 1673 -33.65 -2.79 -22.38
N TRP O 1674 -33.21 -3.24 -21.21
CA TRP O 1674 -34.02 -4.16 -20.42
C TRP O 1674 -34.89 -3.41 -19.44
N ILE O 1675 -34.51 -2.19 -19.09
CA ILE O 1675 -35.25 -1.40 -18.12
C ILE O 1675 -36.18 -0.46 -18.87
N SER O 1676 -36.17 -0.49 -20.19
CA SER O 1676 -37.18 0.23 -20.94
C SER O 1676 -38.29 -0.71 -21.39
N GLY O 1677 -38.09 -2.01 -21.27
CA GLY O 1677 -39.17 -2.94 -21.52
C GLY O 1677 -40.07 -3.11 -20.31
N ILE O 1678 -39.58 -2.69 -19.15
CA ILE O 1678 -40.33 -2.86 -17.91
C ILE O 1678 -41.11 -1.58 -17.60
N LEU O 1679 -40.75 -0.47 -18.22
CA LEU O 1679 -41.41 0.79 -17.92
C LEU O 1679 -42.58 1.06 -18.85
N ALA O 1680 -42.67 0.32 -19.95
CA ALA O 1680 -43.65 0.67 -20.98
C ALA O 1680 -44.74 -0.40 -21.11
N ILE O 1681 -44.53 -1.57 -20.54
CA ILE O 1681 -45.59 -2.56 -20.36
C ILE O 1681 -46.17 -2.41 -18.95
N LEU O 1682 -45.66 -1.48 -18.16
CA LEU O 1682 -46.21 -1.23 -16.84
C LEU O 1682 -47.11 0.00 -16.86
N ARG O 1683 -47.11 0.72 -17.98
CA ARG O 1683 -48.14 1.73 -18.21
C ARG O 1683 -49.43 1.08 -18.71
N VAL O 1684 -49.43 -0.22 -18.93
CA VAL O 1684 -50.65 -0.90 -19.39
C VAL O 1684 -51.36 -1.58 -18.23
N LEU O 1685 -50.60 -2.09 -17.25
CA LEU O 1685 -51.13 -2.79 -16.09
C LEU O 1685 -51.68 -1.84 -15.03
N ILE O 1686 -51.61 -0.54 -15.28
CA ILE O 1686 -52.13 0.46 -14.36
C ILE O 1686 -53.39 1.11 -14.93
N SER O 1687 -53.40 1.38 -16.23
CA SER O 1687 -54.58 1.98 -16.85
C SER O 1687 -55.48 0.94 -17.49
N GLN O 1688 -54.94 0.15 -18.42
CA GLN O 1688 -55.76 -0.76 -19.22
C GLN O 1688 -56.30 -1.93 -18.44
N SER O 1689 -55.76 -2.21 -17.27
CA SER O 1689 -56.27 -3.28 -16.41
C SER O 1689 -56.03 -2.90 -14.96
N THR O 1690 -57.05 -3.10 -14.14
CA THR O 1690 -56.96 -2.71 -12.74
C THR O 1690 -56.20 -3.73 -11.91
N GLU O 1691 -56.22 -3.55 -10.60
CA GLU O 1691 -55.46 -4.36 -9.66
C GLU O 1691 -56.05 -5.76 -9.51
N ASP O 1692 -57.34 -5.92 -9.73
CA ASP O 1692 -58.00 -7.19 -9.43
C ASP O 1692 -57.59 -8.27 -10.45
N ILE O 1693 -57.42 -7.88 -11.71
CA ILE O 1693 -57.20 -8.86 -12.77
C ILE O 1693 -55.75 -9.37 -12.73
N VAL O 1694 -54.82 -8.53 -12.29
CA VAL O 1694 -53.39 -8.82 -12.47
C VAL O 1694 -52.93 -9.93 -11.53
N LEU O 1695 -53.42 -9.94 -10.29
CA LEU O 1695 -52.81 -10.83 -9.31
C LEU O 1695 -53.52 -12.18 -9.25
N SER O 1696 -54.67 -12.32 -9.91
CA SER O 1696 -55.27 -13.64 -10.01
C SER O 1696 -54.51 -14.53 -10.98
N ARG O 1697 -53.70 -13.91 -11.86
CA ARG O 1697 -53.01 -14.66 -12.91
C ARG O 1697 -51.71 -15.27 -12.40
N ILE O 1698 -51.01 -14.56 -11.51
CA ILE O 1698 -49.66 -14.96 -11.08
C ILE O 1698 -49.76 -16.12 -10.08
N GLN O 1699 -50.95 -16.38 -9.56
CA GLN O 1699 -51.17 -17.62 -8.82
C GLN O 1699 -51.12 -18.83 -9.74
N GLU O 1700 -51.45 -18.65 -11.02
CA GLU O 1700 -51.39 -19.76 -11.96
C GLU O 1700 -50.03 -19.84 -12.64
N LEU O 1701 -49.49 -18.70 -13.04
CA LEU O 1701 -48.17 -18.65 -13.66
C LEU O 1701 -47.11 -18.57 -12.57
N SER O 1702 -46.30 -19.61 -12.44
CA SER O 1702 -45.32 -19.69 -11.36
C SER O 1702 -44.17 -18.73 -11.65
N PHE O 1703 -44.39 -17.47 -11.30
CA PHE O 1703 -43.40 -16.40 -11.41
C PHE O 1703 -42.79 -16.20 -10.02
N SER O 1704 -41.66 -16.83 -9.80
CA SER O 1704 -41.05 -16.83 -8.47
C SER O 1704 -40.40 -15.48 -8.19
N PRO O 1705 -40.42 -15.01 -6.93
CA PRO O 1705 -39.80 -13.72 -6.64
C PRO O 1705 -38.28 -13.78 -6.53
N TYR O 1706 -37.68 -14.94 -6.79
CA TYR O 1706 -36.22 -15.02 -6.84
C TYR O 1706 -35.72 -14.83 -8.27
N LEU O 1707 -36.51 -14.17 -9.11
CA LEU O 1707 -36.23 -13.99 -10.53
C LEU O 1707 -34.95 -13.19 -10.77
N ILE O 1708 -34.93 -11.94 -10.34
CA ILE O 1708 -33.69 -11.18 -10.29
C ILE O 1708 -33.34 -10.88 -8.83
N SER O 1709 -32.61 -11.79 -8.20
CA SER O 1709 -32.23 -11.65 -6.81
C SER O 1709 -30.74 -11.33 -6.71
N CYS O 1710 -30.29 -11.06 -5.48
CA CYS O 1710 -28.93 -10.58 -5.27
C CYS O 1710 -27.90 -11.68 -5.51
N THR O 1711 -28.34 -12.94 -5.59
CA THR O 1711 -27.43 -13.97 -6.10
C THR O 1711 -27.46 -14.04 -7.63
N VAL O 1712 -28.59 -13.69 -8.24
CA VAL O 1712 -28.70 -13.81 -9.70
C VAL O 1712 -28.15 -12.56 -10.38
N ILE O 1713 -28.26 -11.40 -9.74
CA ILE O 1713 -27.77 -10.17 -10.36
C ILE O 1713 -26.24 -10.11 -10.31
N ASN O 1714 -25.60 -10.86 -9.41
CA ASN O 1714 -24.15 -10.73 -9.31
C ASN O 1714 -23.42 -11.51 -10.41
N ARG O 1715 -24.00 -12.61 -10.89
CA ARG O 1715 -23.30 -13.42 -11.89
C ARG O 1715 -23.50 -12.92 -13.32
N LEU O 1716 -24.29 -11.88 -13.52
CA LEU O 1716 -24.56 -11.38 -14.87
C LEU O 1716 -23.66 -10.21 -15.26
N ARG O 1717 -23.43 -9.28 -14.32
CA ARG O 1717 -22.53 -8.16 -14.52
C ARG O 1717 -21.11 -8.62 -14.80
N ASP O 1718 -20.69 -9.71 -14.16
CA ASP O 1718 -19.39 -10.30 -14.47
C ASP O 1718 -19.47 -11.16 -15.72
N GLY O 1719 -20.58 -11.87 -15.89
CA GLY O 1719 -20.75 -12.76 -17.03
C GLY O 1719 -21.23 -12.05 -18.28
N LYS O 1735 -44.69 -20.91 -0.31
CA LYS O 1735 -46.01 -20.43 -0.71
C LYS O 1735 -45.99 -18.92 -0.88
N ASN O 1736 -45.79 -18.47 -2.11
CA ASN O 1736 -45.61 -17.07 -2.42
C ASN O 1736 -46.94 -16.46 -2.83
N LEU O 1737 -47.34 -15.40 -2.15
CA LEU O 1737 -48.56 -14.70 -2.47
C LEU O 1737 -48.41 -13.96 -3.80
N PRO O 1738 -49.52 -13.72 -4.52
CA PRO O 1738 -49.46 -12.75 -5.61
C PRO O 1738 -49.31 -11.32 -5.13
N GLU O 1739 -49.62 -11.06 -3.86
CA GLU O 1739 -49.12 -9.86 -3.21
C GLU O 1739 -47.60 -9.88 -3.14
N GLU O 1740 -47.03 -11.07 -2.96
CA GLU O 1740 -45.61 -11.16 -2.64
C GLU O 1740 -44.75 -11.25 -3.91
N THR O 1741 -45.31 -11.68 -5.04
CA THR O 1741 -44.48 -11.82 -6.24
C THR O 1741 -44.23 -10.49 -6.92
N PHE O 1742 -45.21 -9.58 -6.92
CA PHE O 1742 -45.10 -8.37 -7.73
C PHE O 1742 -44.45 -7.24 -6.96
N SER O 1743 -44.23 -7.43 -5.65
CA SER O 1743 -43.65 -6.35 -4.86
C SER O 1743 -42.15 -6.54 -4.64
N ARG O 1744 -41.64 -7.73 -4.90
CA ARG O 1744 -40.18 -7.90 -4.89
C ARG O 1744 -39.59 -7.55 -6.23
N PHE O 1745 -40.44 -7.33 -7.24
CA PHE O 1745 -39.89 -7.02 -8.56
C PHE O 1745 -39.77 -5.52 -8.77
N LEU O 1746 -40.50 -4.70 -8.03
CA LEU O 1746 -40.43 -3.26 -8.27
C LEU O 1746 -39.56 -2.55 -7.24
N LEU O 1747 -39.11 -3.25 -6.19
CA LEU O 1747 -38.26 -2.62 -5.21
C LEU O 1747 -36.81 -3.06 -5.38
N GLN O 1748 -36.58 -4.08 -6.21
CA GLN O 1748 -35.24 -4.51 -6.53
C GLN O 1748 -34.90 -4.11 -7.96
N LEU O 1749 -35.75 -3.29 -8.56
CA LEU O 1749 -35.42 -2.68 -9.83
C LEU O 1749 -35.12 -1.19 -9.62
N VAL O 1750 -35.51 -0.67 -8.46
CA VAL O 1750 -34.91 0.55 -7.95
C VAL O 1750 -33.48 0.28 -7.51
N GLY O 1751 -33.16 -0.98 -7.22
CA GLY O 1751 -31.83 -1.30 -6.73
C GLY O 1751 -30.80 -1.51 -7.82
N ILE O 1752 -31.23 -1.71 -9.06
CA ILE O 1752 -30.29 -1.90 -10.16
C ILE O 1752 -29.84 -0.56 -10.71
N LEU O 1753 -30.75 0.42 -10.72
CA LEU O 1753 -30.45 1.72 -11.29
C LEU O 1753 -29.60 2.58 -10.37
N LEU O 1754 -29.38 2.16 -9.14
CA LEU O 1754 -28.72 3.03 -8.18
C LEU O 1754 -27.35 2.51 -7.78
N GLU O 1755 -27.03 1.28 -8.17
CA GLU O 1755 -25.67 0.79 -8.01
C GLU O 1755 -24.83 1.11 -9.23
N ASP O 1756 -25.44 1.73 -10.23
CA ASP O 1756 -24.71 2.14 -11.42
C ASP O 1756 -24.33 3.61 -11.37
N ILE O 1757 -25.33 4.49 -11.19
CA ILE O 1757 -25.16 5.94 -11.22
C ILE O 1757 -24.20 6.40 -10.14
N VAL O 1758 -24.17 5.70 -9.00
CA VAL O 1758 -23.12 5.95 -8.02
C VAL O 1758 -21.83 5.27 -8.46
N THR O 1759 -21.84 3.95 -8.61
CA THR O 1759 -20.60 3.20 -8.85
C THR O 1759 -20.43 2.80 -10.31
N LYS O 1760 -20.46 3.78 -11.21
CA LYS O 1760 -19.89 3.63 -12.55
C LYS O 1760 -19.21 4.93 -12.93
N GLN O 1761 -18.14 4.81 -13.71
CA GLN O 1761 -17.42 5.98 -14.18
C GLN O 1761 -18.25 6.69 -15.24
N LEU O 1762 -17.98 7.97 -15.42
CA LEU O 1762 -18.89 8.81 -16.17
C LEU O 1762 -18.51 8.93 -17.65
N LYS O 1763 -17.25 8.71 -17.98
CA LYS O 1763 -16.79 8.74 -19.37
C LYS O 1763 -16.17 7.43 -19.81
N VAL O 1764 -16.12 6.41 -18.94
CA VAL O 1764 -15.45 5.16 -19.28
C VAL O 1764 -16.45 4.15 -19.83
N GLU O 1765 -17.44 3.78 -19.02
CA GLU O 1765 -18.32 2.68 -19.38
C GLU O 1765 -19.55 3.18 -20.14
N MET O 1766 -20.03 4.37 -19.81
CA MET O 1766 -21.22 4.96 -20.41
C MET O 1766 -20.88 6.24 -21.15
N SER O 1767 -21.79 6.65 -22.03
CA SER O 1767 -21.65 7.93 -22.70
C SER O 1767 -22.27 9.03 -21.86
N GLU O 1768 -22.41 10.23 -22.41
CA GLU O 1768 -23.19 11.25 -21.73
C GLU O 1768 -24.59 11.35 -22.32
N GLN O 1769 -24.72 11.13 -23.63
CA GLN O 1769 -26.05 10.91 -24.20
C GLN O 1769 -26.66 9.62 -23.68
N GLN O 1770 -25.84 8.64 -23.34
CA GLN O 1770 -26.35 7.45 -22.67
C GLN O 1770 -26.46 7.65 -21.16
N HIS O 1771 -26.14 8.84 -20.64
CA HIS O 1771 -26.46 9.08 -19.24
C HIS O 1771 -27.58 10.10 -19.09
N THR O 1772 -28.00 10.73 -20.18
CA THR O 1772 -29.28 11.45 -20.12
C THR O 1772 -30.45 10.49 -19.97
N PHE O 1773 -30.35 9.28 -20.50
CA PHE O 1773 -31.50 8.37 -20.52
C PHE O 1773 -31.33 7.21 -19.54
N TYR O 1774 -30.29 7.21 -18.71
CA TYR O 1774 -30.17 6.14 -17.73
C TYR O 1774 -30.66 6.60 -16.37
N CYS O 1775 -30.49 7.89 -16.08
CA CYS O 1775 -31.03 8.48 -14.88
C CYS O 1775 -32.43 9.01 -15.13
N GLN O 1776 -32.93 8.82 -16.35
CA GLN O 1776 -34.29 9.23 -16.68
C GLN O 1776 -35.21 8.02 -16.74
N GLU O 1777 -34.66 6.82 -16.59
CA GLU O 1777 -35.47 5.64 -16.39
C GLU O 1777 -35.67 5.36 -14.92
N LEU O 1778 -34.88 6.00 -14.06
CA LEU O 1778 -35.17 5.98 -12.64
C LEU O 1778 -36.13 7.10 -12.28
N GLY O 1779 -36.46 7.97 -13.22
CA GLY O 1779 -37.36 9.07 -12.93
C GLY O 1779 -38.81 8.76 -13.21
N THR O 1780 -39.06 7.85 -14.15
CA THR O 1780 -40.44 7.45 -14.44
C THR O 1780 -40.76 6.08 -13.87
N LEU O 1781 -39.88 5.51 -13.05
CA LEU O 1781 -40.19 4.28 -12.35
C LEU O 1781 -40.43 4.58 -10.87
N LEU O 1782 -40.13 5.79 -10.45
CA LEU O 1782 -40.54 6.24 -9.13
C LEU O 1782 -41.80 7.08 -9.23
N MET O 1783 -42.24 7.39 -10.44
CA MET O 1783 -43.58 7.95 -10.60
C MET O 1783 -44.61 6.84 -10.73
N CYS O 1784 -44.17 5.62 -11.01
CA CYS O 1784 -45.10 4.49 -11.06
C CYS O 1784 -45.33 3.91 -9.68
N LEU O 1785 -44.45 4.19 -8.73
CA LEU O 1785 -44.58 3.57 -7.42
C LEU O 1785 -45.33 4.47 -6.45
N ILE O 1786 -45.48 5.76 -6.76
CA ILE O 1786 -46.24 6.65 -5.89
C ILE O 1786 -47.64 6.84 -6.45
N HIS O 1787 -47.96 6.12 -7.52
CA HIS O 1787 -49.33 6.10 -8.03
C HIS O 1787 -50.08 4.89 -7.49
N ILE O 1788 -49.34 3.84 -7.14
CA ILE O 1788 -49.90 2.60 -6.63
C ILE O 1788 -50.22 2.73 -5.15
N PHE O 1789 -49.46 3.57 -4.45
CA PHE O 1789 -49.55 3.70 -3.02
C PHE O 1789 -50.50 4.83 -2.61
N LYS O 1790 -50.92 5.66 -3.56
CA LYS O 1790 -51.74 6.84 -3.29
C LYS O 1790 -53.13 6.74 -3.87
N SER O 1791 -53.25 6.26 -5.11
CA SER O 1791 -54.54 6.30 -5.80
C SER O 1791 -55.55 5.32 -5.23
N GLY O 1792 -55.13 4.36 -4.40
CA GLY O 1792 -56.04 3.52 -3.68
C GLY O 1792 -56.72 2.43 -4.48
N MET O 1793 -56.68 2.48 -5.81
CA MET O 1793 -57.22 1.39 -6.62
C MET O 1793 -56.38 0.13 -6.48
N PHE O 1794 -55.10 0.29 -6.17
CA PHE O 1794 -54.17 -0.82 -5.98
C PHE O 1794 -54.08 -1.11 -4.49
N ARG O 1795 -55.02 -1.91 -3.98
CA ARG O 1795 -55.11 -2.19 -2.56
C ARG O 1795 -54.08 -3.21 -2.10
N ARG O 1796 -53.91 -4.30 -2.85
CA ARG O 1796 -53.05 -5.39 -2.36
C ARG O 1796 -51.58 -5.04 -2.44
N ILE O 1797 -51.19 -4.08 -3.28
CA ILE O 1797 -49.77 -3.84 -3.49
C ILE O 1797 -49.20 -2.92 -2.41
N THR O 1798 -50.06 -2.15 -1.75
CA THR O 1798 -49.58 -1.24 -0.70
C THR O 1798 -49.19 -1.99 0.56
N ALA O 1799 -49.95 -3.02 0.93
CA ALA O 1799 -49.70 -3.69 2.20
C ALA O 1799 -48.49 -4.62 2.12
N ALA O 1800 -48.05 -4.94 0.91
CA ALA O 1800 -46.97 -5.91 0.73
C ALA O 1800 -45.61 -5.29 0.98
N ALA O 1801 -45.45 -4.00 0.69
CA ALA O 1801 -44.16 -3.36 0.85
C ALA O 1801 -43.88 -3.03 2.32
N THR O 1802 -44.93 -2.86 3.12
CA THR O 1802 -44.75 -2.47 4.52
C THR O 1802 -44.18 -3.60 5.37
N ARG O 1803 -44.44 -4.85 5.00
CA ARG O 1803 -43.87 -6.01 5.68
C ARG O 1803 -42.51 -6.40 5.11
N LEU O 1804 -41.96 -5.59 4.20
CA LEU O 1804 -40.70 -5.84 3.54
C LEU O 1804 -39.65 -4.79 3.85
N PHE O 1805 -40.03 -3.51 3.86
CA PHE O 1805 -39.09 -2.49 4.28
C PHE O 1805 -38.85 -2.56 5.78
N ARG O 1806 -39.81 -3.10 6.52
CA ARG O 1806 -39.57 -3.41 7.93
C ARG O 1806 -38.74 -4.68 8.07
N SER O 1807 -38.75 -5.53 7.04
CA SER O 1807 -38.08 -6.82 7.13
C SER O 1807 -36.65 -6.75 6.62
N ASP O 1808 -35.80 -7.62 7.16
CA ASP O 1808 -34.45 -7.80 6.69
C ASP O 1808 -34.48 -8.64 5.41
N GLY O 1809 -33.38 -8.61 4.67
CA GLY O 1809 -33.25 -9.48 3.51
C GLY O 1809 -33.14 -10.93 3.92
N CYS O 1810 -33.40 -11.82 2.96
CA CYS O 1810 -33.43 -13.26 3.23
C CYS O 1810 -31.98 -13.77 3.32
N GLY O 1811 -31.34 -13.45 4.44
CA GLY O 1811 -29.96 -13.86 4.68
C GLY O 1811 -28.95 -13.15 3.80
N GLY O 1812 -29.35 -12.05 3.16
CA GLY O 1812 -28.51 -11.39 2.19
C GLY O 1812 -28.80 -11.73 0.74
N SER O 1813 -29.92 -12.38 0.45
CA SER O 1813 -30.26 -12.78 -0.91
C SER O 1813 -31.02 -11.70 -1.67
N PHE O 1814 -31.37 -10.60 -1.01
CA PHE O 1814 -32.10 -9.50 -1.63
C PHE O 1814 -31.40 -8.19 -1.35
N TYR O 1815 -31.75 -7.16 -2.12
CA TYR O 1815 -31.37 -5.81 -1.79
C TYR O 1815 -32.19 -5.33 -0.61
N THR O 1816 -31.64 -5.50 0.59
CA THR O 1816 -32.32 -5.13 1.83
C THR O 1816 -32.38 -3.62 2.01
N LEU O 1817 -33.29 -3.19 2.87
CA LEU O 1817 -33.69 -1.78 2.91
C LEU O 1817 -32.66 -0.89 3.59
N ASP O 1818 -31.71 -1.44 4.34
CA ASP O 1818 -30.62 -0.58 4.79
C ASP O 1818 -29.49 -0.53 3.79
N SER O 1819 -29.40 -1.51 2.88
CA SER O 1819 -28.39 -1.45 1.83
C SER O 1819 -28.80 -0.51 0.71
N LEU O 1820 -30.10 -0.43 0.44
CA LEU O 1820 -30.58 0.36 -0.69
C LEU O 1820 -30.50 1.86 -0.38
N ASN O 1821 -30.42 2.21 0.89
CA ASN O 1821 -30.53 3.61 1.28
C ASN O 1821 -29.15 4.25 1.45
N LEU O 1822 -28.08 3.45 1.40
CA LEU O 1822 -26.74 4.02 1.35
C LEU O 1822 -26.41 4.52 -0.04
N ARG O 1823 -27.03 3.92 -1.05
CA ARG O 1823 -26.81 4.37 -2.44
C ARG O 1823 -27.43 5.74 -2.69
N ALA O 1824 -28.51 6.07 -1.96
CA ALA O 1824 -29.30 7.24 -2.31
C ALA O 1824 -28.74 8.52 -1.68
N ARG O 1825 -27.97 8.40 -0.60
CA ARG O 1825 -27.42 9.60 0.02
C ARG O 1825 -26.15 10.05 -0.67
N SER O 1826 -25.55 9.20 -1.49
CA SER O 1826 -24.57 9.66 -2.46
C SER O 1826 -25.21 9.94 -3.81
N MET O 1827 -26.53 9.91 -3.89
CA MET O 1827 -27.28 10.48 -5.01
C MET O 1827 -27.75 11.89 -4.72
N ILE O 1828 -27.68 12.32 -3.46
CA ILE O 1828 -27.99 13.67 -2.96
C ILE O 1828 -27.38 14.74 -3.86
N THR O 1829 -26.13 14.54 -4.23
CA THR O 1829 -25.34 15.65 -4.73
C THR O 1829 -25.26 15.68 -6.26
N THR O 1830 -25.11 14.52 -6.90
CA THR O 1830 -25.11 14.51 -8.35
C THR O 1830 -26.50 14.68 -8.95
N HIS O 1831 -27.54 14.11 -8.32
CA HIS O 1831 -28.89 14.10 -8.89
C HIS O 1831 -29.89 14.48 -7.81
N PRO O 1832 -30.14 15.77 -7.61
CA PRO O 1832 -30.94 16.17 -6.45
C PRO O 1832 -32.43 16.21 -6.75
N ALA O 1833 -32.81 16.07 -8.01
CA ALA O 1833 -34.24 16.00 -8.32
C ALA O 1833 -34.77 14.59 -8.09
N LEU O 1834 -33.89 13.59 -8.14
CA LEU O 1834 -34.36 12.23 -7.90
C LEU O 1834 -34.12 11.77 -6.48
N VAL O 1835 -33.59 12.62 -5.60
CA VAL O 1835 -33.65 12.22 -4.20
C VAL O 1835 -34.81 12.95 -3.53
N LEU O 1836 -35.62 13.68 -4.29
CA LEU O 1836 -36.89 14.11 -3.72
C LEU O 1836 -38.00 13.13 -4.02
N LEU O 1837 -37.82 12.26 -5.01
CA LEU O 1837 -38.83 11.24 -5.26
C LEU O 1837 -38.64 10.04 -4.35
N TRP O 1838 -37.43 9.84 -3.81
CA TRP O 1838 -37.26 8.74 -2.86
C TRP O 1838 -37.63 9.16 -1.45
N CYS O 1839 -37.85 10.44 -1.22
CA CYS O 1839 -38.33 10.89 0.08
C CYS O 1839 -39.80 10.59 0.26
N GLN O 1840 -40.55 10.54 -0.84
CA GLN O 1840 -42.00 10.43 -0.71
C GLN O 1840 -42.45 8.98 -0.73
N ILE O 1841 -41.52 8.05 -0.95
CA ILE O 1841 -41.89 6.64 -0.89
C ILE O 1841 -41.76 6.12 0.53
N LEU O 1842 -40.69 6.50 1.23
CA LEU O 1842 -40.39 6.01 2.57
C LEU O 1842 -41.40 6.50 3.60
N LEU O 1843 -42.06 7.62 3.33
CA LEU O 1843 -43.16 8.09 4.15
C LEU O 1843 -44.39 7.25 3.94
N LEU O 1844 -44.52 6.66 2.76
CA LEU O 1844 -45.81 6.15 2.34
C LEU O 1844 -45.99 4.73 2.84
N VAL O 1845 -44.95 3.91 2.70
CA VAL O 1845 -44.72 2.82 3.64
C VAL O 1845 -44.55 3.43 5.03
N ASN O 1846 -45.12 2.79 6.05
CA ASN O 1846 -45.03 3.37 7.38
C ASN O 1846 -43.64 3.22 7.96
N HIS O 1847 -42.68 3.95 7.38
CA HIS O 1847 -41.26 3.89 7.74
C HIS O 1847 -40.80 5.33 7.97
N THR O 1848 -41.06 5.84 9.16
CA THR O 1848 -40.60 7.17 9.53
C THR O 1848 -39.47 6.92 10.52
N ASP O 1849 -38.28 6.70 9.98
CA ASP O 1849 -37.12 6.28 10.78
C ASP O 1849 -36.18 7.47 10.86
N TYR O 1850 -35.93 7.93 12.08
CA TYR O 1850 -35.27 9.22 12.28
C TYR O 1850 -33.77 9.17 12.06
N ARG O 1851 -33.21 8.04 11.62
CA ARG O 1851 -31.81 8.04 11.21
C ARG O 1851 -31.66 8.65 9.83
N TRP O 1852 -32.51 8.24 8.89
CA TRP O 1852 -32.38 8.75 7.52
C TRP O 1852 -32.95 10.15 7.39
N TRP O 1853 -33.89 10.53 8.25
CA TRP O 1853 -34.55 11.82 8.06
C TRP O 1853 -33.77 12.97 8.67
N ALA O 1854 -32.64 12.70 9.30
CA ALA O 1854 -31.85 13.77 9.90
C ALA O 1854 -30.71 14.18 8.98
N GLU O 1855 -30.21 13.24 8.17
CA GLU O 1855 -29.14 13.54 7.23
C GLU O 1855 -29.64 14.45 6.11
N VAL O 1856 -30.91 14.34 5.77
CA VAL O 1856 -31.47 15.05 4.63
C VAL O 1856 -31.98 16.42 5.06
N GLN O 1857 -32.06 16.66 6.37
CA GLN O 1857 -32.56 17.93 6.88
C GLN O 1857 -31.60 18.63 7.82
N GLN O 1858 -30.50 17.96 8.20
CA GLN O 1858 -29.40 18.54 8.98
C GLN O 1858 -29.89 19.07 10.34
N THR O 1859 -30.51 18.20 11.11
CA THR O 1859 -31.01 18.55 12.43
C THR O 1859 -29.84 18.72 13.40
N PRO O 1860 -29.76 19.84 14.12
CA PRO O 1860 -28.71 20.03 15.14
C PRO O 1860 -28.95 19.20 16.40
N LEU O 1888 -18.67 28.50 1.78
CA LEU O 1888 -20.11 28.63 1.69
C LEU O 1888 -20.74 27.25 1.59
N GLY O 1889 -22.06 27.21 1.47
CA GLY O 1889 -22.75 25.93 1.45
C GLY O 1889 -22.80 25.30 0.07
N MET O 1890 -22.98 23.99 0.06
CA MET O 1890 -23.12 23.25 -1.18
C MET O 1890 -24.47 23.55 -1.82
N CYS O 1891 -24.43 23.90 -3.11
CA CYS O 1891 -25.58 24.56 -3.73
C CYS O 1891 -26.65 23.55 -4.13
N ASN O 1892 -26.32 22.28 -4.11
CA ASN O 1892 -27.17 21.28 -4.70
C ASN O 1892 -27.85 20.41 -3.66
N ARG O 1893 -27.74 20.81 -2.39
CA ARG O 1893 -28.34 20.12 -1.26
C ARG O 1893 -29.53 20.87 -0.70
N GLU O 1894 -29.57 22.19 -0.85
CA GLU O 1894 -30.69 23.00 -0.40
C GLU O 1894 -31.95 22.78 -1.20
N ILE O 1895 -31.84 22.22 -2.40
CA ILE O 1895 -33.02 21.75 -3.11
C ILE O 1895 -33.57 20.51 -2.42
N VAL O 1896 -32.71 19.74 -1.78
CA VAL O 1896 -33.15 18.49 -1.15
C VAL O 1896 -33.44 18.71 0.33
N ARG O 1897 -32.68 19.59 0.99
CA ARG O 1897 -32.97 19.88 2.40
C ARG O 1897 -34.29 20.62 2.55
N ARG O 1898 -34.56 21.61 1.70
CA ARG O 1898 -35.86 22.26 1.73
C ARG O 1898 -36.90 21.46 0.96
N GLY O 1899 -36.46 20.44 0.22
CA GLY O 1899 -37.43 19.64 -0.51
C GLY O 1899 -37.93 18.46 0.30
N ALA O 1900 -37.15 18.04 1.30
CA ALA O 1900 -37.60 16.92 2.12
C ALA O 1900 -38.30 17.41 3.37
N LEU O 1901 -38.37 18.72 3.54
CA LEU O 1901 -39.08 19.27 4.70
C LEU O 1901 -40.42 19.84 4.26
N ILE O 1902 -40.62 20.05 2.97
CA ILE O 1902 -41.95 20.32 2.45
C ILE O 1902 -42.70 19.00 2.26
N LEU O 1903 -41.95 17.91 2.11
CA LEU O 1903 -42.61 16.61 1.92
C LEU O 1903 -42.79 15.88 3.24
N PHE O 1904 -42.10 16.30 4.29
CA PHE O 1904 -42.27 15.63 5.57
C PHE O 1904 -43.38 16.28 6.38
N CYS O 1905 -43.77 17.50 6.01
CA CYS O 1905 -44.93 18.14 6.64
C CYS O 1905 -46.23 17.60 6.07
N ASP O 1906 -46.28 17.37 4.76
CA ASP O 1906 -47.49 16.91 4.09
C ASP O 1906 -47.84 15.48 4.47
N TYR O 1907 -46.87 14.72 4.99
CA TYR O 1907 -47.17 13.45 5.62
C TYR O 1907 -47.68 13.64 7.04
N VAL O 1908 -47.30 14.72 7.70
CA VAL O 1908 -47.80 14.95 9.06
C VAL O 1908 -49.22 15.50 9.02
N CYS O 1909 -49.51 16.34 8.03
CA CYS O 1909 -50.82 16.99 7.92
C CYS O 1909 -51.94 16.01 7.64
N GLN O 1910 -51.65 14.93 6.90
CA GLN O 1910 -52.69 13.95 6.56
C GLN O 1910 -53.15 13.16 7.79
N ASN O 1911 -52.24 12.46 8.44
CA ASN O 1911 -52.58 11.75 9.67
C ASN O 1911 -51.93 12.48 10.85
N LEU O 1912 -52.64 13.50 11.34
CA LEU O 1912 -52.18 14.31 12.45
C LEU O 1912 -52.54 13.70 13.81
N HIS O 1913 -53.08 12.49 13.83
CA HIS O 1913 -53.44 11.86 15.09
C HIS O 1913 -52.22 11.36 15.83
N ASP O 1914 -51.14 11.06 15.10
CA ASP O 1914 -49.89 10.68 15.75
C ASP O 1914 -49.14 11.91 16.21
N SER O 1915 -49.09 12.12 17.52
CA SER O 1915 -48.48 13.30 18.11
C SER O 1915 -46.97 13.17 18.25
N GLU O 1916 -46.40 12.01 17.95
CA GLU O 1916 -44.96 11.83 18.04
C GLU O 1916 -44.26 12.57 16.93
N HIS O 1917 -44.94 12.73 15.78
CA HIS O 1917 -44.32 13.40 14.66
C HIS O 1917 -44.60 14.90 14.69
N LEU O 1918 -45.59 15.35 15.46
CA LEU O 1918 -45.83 16.78 15.61
C LEU O 1918 -44.76 17.43 16.47
N THR O 1919 -44.35 16.78 17.55
CA THR O 1919 -43.46 17.45 18.49
C THR O 1919 -42.00 17.35 18.06
N TRP O 1920 -41.70 16.62 17.00
CA TRP O 1920 -40.31 16.50 16.57
C TRP O 1920 -39.91 17.64 15.64
N LEU O 1921 -40.76 17.92 14.65
CA LEU O 1921 -40.45 18.78 13.53
C LEU O 1921 -40.54 20.27 13.89
N ILE O 1922 -41.17 20.59 15.01
CA ILE O 1922 -41.38 21.98 15.42
C ILE O 1922 -40.28 22.39 16.40
N VAL O 1923 -39.91 21.49 17.31
CA VAL O 1923 -38.84 21.77 18.26
C VAL O 1923 -37.50 21.85 17.55
N ASN O 1924 -37.24 20.95 16.62
CA ASN O 1924 -35.95 20.95 15.96
C ASN O 1924 -35.89 22.00 14.85
N HIS O 1925 -36.72 21.86 13.83
CA HIS O 1925 -36.67 22.74 12.68
C HIS O 1925 -37.60 23.92 12.91
N ILE O 1926 -37.03 25.03 13.36
CA ILE O 1926 -37.78 26.24 13.66
C ILE O 1926 -37.55 27.31 12.61
N GLN O 1927 -36.28 27.57 12.27
CA GLN O 1927 -35.95 28.57 11.27
C GLN O 1927 -36.28 28.07 9.87
N ASP O 1928 -36.52 26.76 9.72
CA ASP O 1928 -36.95 26.26 8.43
C ASP O 1928 -38.47 26.13 8.35
N LEU O 1929 -39.14 25.94 9.48
CA LEU O 1929 -40.58 25.72 9.42
C LEU O 1929 -41.30 27.02 9.10
N ILE O 1930 -40.77 28.14 9.55
CA ILE O 1930 -41.41 29.44 9.29
C ILE O 1930 -41.10 29.92 7.90
N SER O 1931 -39.86 29.73 7.44
CA SER O 1931 -39.39 30.37 6.22
C SER O 1931 -39.87 29.67 4.96
N LEU O 1932 -40.83 28.77 5.07
CA LEU O 1932 -41.39 28.08 3.92
C LEU O 1932 -42.87 28.39 3.73
N SER O 1933 -43.40 29.34 4.50
CA SER O 1933 -44.84 29.43 4.74
C SER O 1933 -45.63 29.95 3.55
N HIS O 1934 -45.00 30.08 2.38
CA HIS O 1934 -45.79 30.35 1.19
C HIS O 1934 -45.96 29.08 0.35
N GLU O 1935 -45.94 27.92 0.98
CA GLU O 1935 -45.96 26.68 0.22
C GLU O 1935 -47.16 25.81 0.57
N PRO O 1936 -47.82 25.21 -0.41
CA PRO O 1936 -49.10 24.52 -0.18
C PRO O 1936 -49.02 23.28 0.69
N PRO O 1937 -47.86 22.57 0.83
CA PRO O 1937 -47.84 21.55 1.88
C PRO O 1937 -47.40 22.03 3.23
N VAL O 1938 -46.72 23.16 3.37
CA VAL O 1938 -46.42 23.59 4.73
C VAL O 1938 -47.36 24.70 5.15
N GLN O 1939 -48.21 25.19 4.24
CA GLN O 1939 -49.29 26.08 4.68
C GLN O 1939 -50.38 25.28 5.38
N ASP O 1940 -50.51 23.99 5.06
CA ASP O 1940 -51.55 23.18 5.69
C ASP O 1940 -51.07 22.53 6.98
N PHE O 1941 -49.76 22.49 7.21
CA PHE O 1941 -49.23 21.95 8.45
C PHE O 1941 -49.52 22.85 9.62
N ILE O 1942 -49.66 24.15 9.37
CA ILE O 1942 -49.70 25.12 10.46
C ILE O 1942 -51.14 25.33 10.93
N SER O 1943 -52.11 25.22 10.00
CA SER O 1943 -53.50 25.46 10.34
C SER O 1943 -54.06 24.38 11.27
N ALA O 1944 -53.55 23.16 11.16
CA ALA O 1944 -53.92 22.09 12.08
C ALA O 1944 -53.34 22.31 13.46
N VAL O 1945 -52.18 22.98 13.54
CA VAL O 1945 -51.60 23.37 14.81
C VAL O 1945 -52.46 24.44 15.45
N HIS O 1946 -53.03 25.33 14.65
CA HIS O 1946 -54.02 26.25 15.17
C HIS O 1946 -55.30 25.56 15.59
N ARG O 1947 -55.63 24.42 15.00
CA ARG O 1947 -56.78 23.64 15.42
C ARG O 1947 -56.53 22.89 16.71
N ASN O 1948 -55.30 22.49 16.99
CA ASN O 1948 -54.99 21.58 18.09
C ASN O 1948 -54.63 22.40 19.33
N SER O 1949 -55.12 21.96 20.48
CA SER O 1949 -54.93 22.73 21.71
C SER O 1949 -53.50 22.61 22.22
N ALA O 1950 -53.01 21.38 22.38
CA ALA O 1950 -51.68 21.20 22.94
C ALA O 1950 -50.59 21.35 21.89
N ALA O 1951 -50.92 21.22 20.60
CA ALA O 1951 -49.88 21.35 19.58
C ALA O 1951 -49.59 22.81 19.27
N SER O 1952 -50.51 23.72 19.62
CA SER O 1952 -50.24 25.13 19.39
C SER O 1952 -49.28 25.70 20.43
N GLY O 1953 -49.26 25.15 21.64
CA GLY O 1953 -48.44 25.72 22.69
C GLY O 1953 -46.97 25.40 22.53
N LEU O 1954 -46.65 24.35 21.78
CA LEU O 1954 -45.26 23.97 21.58
C LEU O 1954 -44.60 24.78 20.47
N PHE O 1955 -45.38 25.33 19.56
CA PHE O 1955 -44.85 26.15 18.46
C PHE O 1955 -44.31 27.48 18.96
N ILE O 1956 -44.81 27.95 20.10
CA ILE O 1956 -44.49 29.29 20.54
C ILE O 1956 -43.27 29.28 21.46
N GLN O 1957 -42.90 28.12 22.00
CA GLN O 1957 -41.70 28.02 22.81
C GLN O 1957 -40.46 28.03 21.93
N ALA O 1958 -40.64 27.77 20.65
CA ALA O 1958 -39.51 27.61 19.75
C ALA O 1958 -39.02 28.95 19.22
N ILE O 1959 -39.93 29.89 18.99
CA ILE O 1959 -39.58 31.20 18.44
C ILE O 1959 -38.80 32.04 19.46
N GLN O 1960 -39.12 31.89 20.75
CA GLN O 1960 -38.40 32.57 21.82
C GLN O 1960 -36.95 32.13 21.93
N SER O 1961 -36.62 30.93 21.44
CA SER O 1961 -35.23 30.51 21.35
C SER O 1961 -34.57 31.02 20.08
N ARG O 1962 -35.37 31.29 19.05
CA ARG O 1962 -34.85 31.65 17.73
C ARG O 1962 -35.18 33.10 17.35
N CYS O 1963 -35.29 33.98 18.34
CA CYS O 1963 -35.48 35.40 18.07
C CYS O 1963 -34.22 36.07 17.55
N GLU O 1964 -33.06 35.45 17.79
CA GLU O 1964 -31.79 36.00 17.32
C GLU O 1964 -31.60 35.88 15.82
N ASN O 1965 -32.30 34.95 15.16
CA ASN O 1965 -32.25 34.87 13.71
C ASN O 1965 -33.46 35.50 13.04
N LEU O 1966 -34.57 35.63 13.75
CA LEU O 1966 -35.76 36.26 13.20
C LEU O 1966 -35.72 37.77 13.45
N SER O 1967 -34.80 38.41 12.75
CA SER O 1967 -34.66 39.85 12.78
C SER O 1967 -34.46 40.46 11.41
N THR O 1968 -34.03 39.67 10.42
CA THR O 1968 -33.93 40.13 9.05
C THR O 1968 -35.33 40.44 8.51
N PRO O 1969 -35.47 41.42 7.60
CA PRO O 1969 -36.81 41.91 7.28
C PRO O 1969 -37.68 40.96 6.49
N THR O 1970 -37.13 39.92 5.87
CA THR O 1970 -37.97 38.97 5.18
C THR O 1970 -38.36 37.79 6.06
N MET O 1971 -37.54 37.48 7.08
CA MET O 1971 -37.90 36.38 7.96
C MET O 1971 -38.93 36.79 8.99
N LEU O 1972 -39.12 38.09 9.23
CA LEU O 1972 -40.12 38.46 10.23
C LEU O 1972 -41.48 38.73 9.61
N LYS O 1973 -41.59 38.87 8.30
CA LYS O 1973 -42.91 39.01 7.72
C LYS O 1973 -43.61 37.65 7.64
N LYS O 1974 -42.85 36.57 7.68
CA LYS O 1974 -43.45 35.24 7.58
C LYS O 1974 -43.79 34.65 8.94
N THR O 1975 -43.44 35.30 10.05
CA THR O 1975 -43.86 34.83 11.35
C THR O 1975 -45.26 35.32 11.71
N LEU O 1976 -45.57 36.55 11.33
CA LEU O 1976 -46.83 37.18 11.70
C LEU O 1976 -48.00 36.61 10.92
N GLN O 1977 -47.73 36.02 9.77
CA GLN O 1977 -48.75 35.29 9.03
C GLN O 1977 -48.94 33.88 9.57
N CYS O 1978 -48.03 33.43 10.44
CA CYS O 1978 -48.14 32.13 11.10
C CYS O 1978 -48.44 32.27 12.59
N LEU O 1979 -48.10 33.42 13.18
CA LEU O 1979 -48.62 33.79 14.48
C LEU O 1979 -49.87 34.65 14.38
N GLU O 1980 -50.56 34.60 13.24
CA GLU O 1980 -51.74 35.43 13.05
C GLU O 1980 -52.89 34.95 13.89
N GLY O 1981 -53.38 33.74 13.62
CA GLY O 1981 -54.45 33.19 14.42
C GLY O 1981 -54.05 31.88 15.04
N ILE O 1982 -53.85 31.85 16.35
CA ILE O 1982 -53.55 30.62 17.04
C ILE O 1982 -54.67 30.36 18.03
N HIS O 1983 -54.55 29.28 18.81
CA HIS O 1983 -55.64 28.84 19.66
C HIS O 1983 -55.91 29.85 20.78
N LEU O 1984 -57.17 29.96 21.18
CA LEU O 1984 -57.56 30.95 22.17
C LEU O 1984 -57.08 30.57 23.56
N SER O 1985 -56.75 29.29 23.77
CA SER O 1985 -56.18 28.87 25.04
C SER O 1985 -54.69 29.20 25.10
N GLN O 1986 -54.09 29.53 23.96
CA GLN O 1986 -52.69 29.91 23.95
C GLN O 1986 -52.52 31.34 23.43
N SER O 1987 -53.46 32.24 23.73
CA SER O 1987 -53.31 33.63 23.35
C SER O 1987 -52.68 34.44 24.47
N GLY O 1988 -52.36 33.78 25.59
CA GLY O 1988 -51.65 34.45 26.65
C GLY O 1988 -50.15 34.31 26.54
N ALA O 1989 -49.69 33.38 25.71
CA ALA O 1989 -48.27 33.25 25.45
C ALA O 1989 -47.87 33.96 24.16
N VAL O 1990 -48.87 34.37 23.36
CA VAL O 1990 -48.56 35.15 22.17
C VAL O 1990 -48.59 36.63 22.49
N LEU O 1991 -49.01 36.99 23.69
CA LEU O 1991 -49.06 38.41 24.03
C LEU O 1991 -47.85 38.80 24.88
N THR O 1992 -47.14 37.80 25.41
CA THR O 1992 -45.87 38.08 26.07
C THR O 1992 -44.72 37.99 25.08
N LEU O 1993 -44.96 37.37 23.92
CA LEU O 1993 -43.98 37.36 22.85
C LEU O 1993 -44.13 38.58 21.95
N TYR O 1994 -45.36 39.09 21.81
CA TYR O 1994 -45.57 40.30 21.03
C TYR O 1994 -45.07 41.56 21.74
N VAL O 1995 -44.79 41.49 23.03
CA VAL O 1995 -44.36 42.67 23.79
C VAL O 1995 -42.89 42.63 24.14
N ASP O 1996 -42.39 41.48 24.63
CA ASP O 1996 -41.02 41.39 25.09
C ASP O 1996 -40.09 41.37 23.89
N ARG O 1997 -40.26 40.46 22.93
CA ARG O 1997 -39.24 40.27 21.91
C ARG O 1997 -39.48 41.12 20.67
N LEU O 1998 -40.59 40.91 19.99
CA LEU O 1998 -40.63 41.26 18.57
C LEU O 1998 -41.08 42.70 18.33
N LEU O 1999 -41.52 43.40 19.37
CA LEU O 1999 -42.07 44.73 19.12
C LEU O 1999 -40.99 45.80 19.04
N CYS O 2000 -39.81 45.54 19.59
CA CYS O 2000 -38.73 46.52 19.60
C CYS O 2000 -37.92 46.55 18.32
N THR O 2001 -38.44 46.03 17.22
CA THR O 2001 -37.73 46.09 15.95
C THR O 2001 -37.76 47.52 15.41
N PRO O 2002 -36.70 47.98 14.74
CA PRO O 2002 -36.71 49.35 14.23
C PRO O 2002 -37.52 49.53 12.97
N PHE O 2003 -38.12 48.46 12.45
CA PHE O 2003 -38.87 48.55 11.21
C PHE O 2003 -40.25 49.11 11.51
N ARG O 2004 -40.58 50.26 10.94
CA ARG O 2004 -41.81 50.93 11.36
C ARG O 2004 -43.04 50.41 10.63
N VAL O 2005 -42.89 49.38 9.79
CA VAL O 2005 -44.07 48.59 9.45
C VAL O 2005 -43.92 47.18 9.94
N LEU O 2006 -42.93 46.95 10.80
CA LEU O 2006 -43.00 45.77 11.64
C LEU O 2006 -43.30 46.14 13.08
N ALA O 2007 -43.26 47.43 13.41
CA ALA O 2007 -43.84 47.85 14.68
C ALA O 2007 -45.32 48.20 14.51
N ARG O 2008 -45.77 48.37 13.27
CA ARG O 2008 -47.17 48.75 13.03
C ARG O 2008 -48.03 47.51 12.82
N MET O 2009 -47.43 46.40 12.41
CA MET O 2009 -48.23 45.22 12.12
C MET O 2009 -48.25 44.27 13.30
N VAL O 2010 -47.46 44.55 14.34
CA VAL O 2010 -47.62 43.82 15.60
C VAL O 2010 -48.44 44.68 16.55
N ASP O 2011 -48.99 45.79 16.07
CA ASP O 2011 -50.07 46.45 16.80
C ASP O 2011 -51.44 45.95 16.39
N ILE O 2012 -51.54 45.32 15.22
CA ILE O 2012 -52.83 44.79 14.79
C ILE O 2012 -53.08 43.45 15.46
N LEU O 2013 -52.01 42.72 15.80
CA LEU O 2013 -52.16 41.36 16.26
C LEU O 2013 -52.19 41.24 17.79
N ALA O 2014 -51.81 42.29 18.52
CA ALA O 2014 -51.78 42.19 19.97
C ALA O 2014 -53.00 42.84 20.60
N CYS O 2015 -53.61 43.80 19.90
CA CYS O 2015 -54.86 44.38 20.34
C CYS O 2015 -56.02 43.43 20.07
N ARG O 2016 -55.82 42.44 19.22
CA ARG O 2016 -56.89 41.54 18.82
C ARG O 2016 -56.95 40.34 19.74
N ARG O 2017 -55.88 40.08 20.49
CA ARG O 2017 -55.92 39.01 21.47
C ARG O 2017 -56.69 39.44 22.72
N VAL O 2018 -56.72 40.74 23.00
CA VAL O 2018 -57.33 41.22 24.24
C VAL O 2018 -58.85 41.27 24.10
N GLU O 2019 -59.35 41.33 22.86
CA GLU O 2019 -60.76 41.63 22.64
C GLU O 2019 -61.60 40.35 22.59
N MET O 2020 -61.02 39.23 22.18
CA MET O 2020 -61.75 37.98 22.08
C MET O 2020 -61.76 37.25 23.41
N LEU O 2021 -60.99 37.77 24.37
CA LEU O 2021 -60.74 37.09 25.64
C LEU O 2021 -61.76 37.53 26.69
N LEU O 2022 -62.22 38.77 26.61
CA LEU O 2022 -63.12 39.35 27.58
C LEU O 2022 -64.57 39.08 27.25
N ALA O 2023 -64.89 38.92 25.96
CA ALA O 2023 -66.17 38.35 25.57
C ALA O 2023 -66.22 36.86 25.82
N ALA O 2024 -65.06 36.21 25.98
CA ALA O 2024 -64.98 34.83 26.39
C ALA O 2024 -65.15 34.73 27.90
N ASN O 2025 -64.84 33.57 28.46
CA ASN O 2025 -65.03 33.36 29.88
C ASN O 2025 -63.93 34.08 30.66
N LEU O 2026 -64.33 34.73 31.76
CA LEU O 2026 -63.37 35.32 32.67
C LEU O 2026 -62.72 34.30 33.59
N GLN O 2027 -63.19 33.05 33.56
CA GLN O 2027 -62.61 32.01 34.41
C GLN O 2027 -61.35 31.44 33.77
N SER O 2028 -61.45 31.02 32.51
CA SER O 2028 -60.34 30.32 31.86
C SER O 2028 -59.24 31.27 31.41
N SER O 2029 -59.54 32.57 31.31
CA SER O 2029 -58.57 33.51 30.79
C SER O 2029 -57.61 34.01 31.86
N MET O 2030 -58.06 34.02 33.12
CA MET O 2030 -57.20 34.50 34.21
C MET O 2030 -56.16 33.45 34.58
N ALA O 2031 -56.54 32.17 34.52
CA ALA O 2031 -55.56 31.10 34.67
C ALA O 2031 -54.63 31.00 33.46
N GLN O 2032 -55.02 31.59 32.34
CA GLN O 2032 -54.21 31.65 31.13
C GLN O 2032 -53.16 32.76 31.21
N LEU O 2033 -53.59 33.98 31.52
CA LEU O 2033 -52.69 35.11 31.69
C LEU O 2033 -52.64 35.44 33.17
N PRO O 2034 -51.56 35.09 33.88
CA PRO O 2034 -51.57 35.18 35.34
C PRO O 2034 -51.53 36.60 35.85
N MET O 2035 -52.02 36.76 37.09
CA MET O 2035 -52.08 38.06 37.73
C MET O 2035 -50.69 38.52 38.15
N GLU O 2036 -49.80 37.58 38.47
CA GLU O 2036 -48.41 37.95 38.70
C GLU O 2036 -47.66 38.18 37.40
N GLU O 2037 -48.10 37.54 36.31
CA GLU O 2037 -47.38 37.70 35.05
C GLU O 2037 -47.85 38.96 34.33
N LEU O 2038 -49.02 39.48 34.68
CA LEU O 2038 -49.53 40.68 34.00
C LEU O 2038 -48.79 41.93 34.47
N ASN O 2039 -48.27 41.92 35.70
CA ASN O 2039 -47.60 43.10 36.22
C ASN O 2039 -46.17 43.22 35.69
N ARG O 2040 -45.61 42.13 35.18
CA ARG O 2040 -44.27 42.20 34.60
C ARG O 2040 -44.29 42.94 33.25
N ILE O 2041 -45.40 42.87 32.53
CA ILE O 2041 -45.46 43.37 31.16
C ILE O 2041 -45.51 44.89 31.14
N GLN O 2042 -46.22 45.49 32.10
CA GLN O 2042 -46.44 46.92 32.04
C GLN O 2042 -45.28 47.72 32.62
N GLU O 2043 -44.32 47.06 33.26
CA GLU O 2043 -43.12 47.78 33.70
C GLU O 2043 -42.12 47.94 32.56
N TYR O 2044 -42.27 47.15 31.51
CA TYR O 2044 -41.40 47.24 30.35
C TYR O 2044 -41.77 48.41 29.45
N LEU O 2045 -42.98 48.93 29.58
CA LEU O 2045 -43.50 49.91 28.63
C LEU O 2045 -43.34 51.34 29.14
N GLN O 2046 -43.09 51.50 30.44
CA GLN O 2046 -43.07 52.83 31.04
C GLN O 2046 -41.65 53.38 31.15
N SER O 2047 -40.69 52.51 31.52
CA SER O 2047 -39.29 52.90 31.50
C SER O 2047 -38.82 53.12 30.07
N SER O 2048 -39.31 52.31 29.14
CA SER O 2048 -39.13 52.59 27.73
C SER O 2048 -40.25 53.51 27.24
N GLY O 2049 -40.22 53.80 25.94
CA GLY O 2049 -41.23 54.70 25.39
C GLY O 2049 -42.32 53.95 24.64
N LEU O 2050 -42.37 52.62 24.81
CA LEU O 2050 -43.19 51.77 23.95
C LEU O 2050 -44.69 51.96 24.20
N ALA O 2051 -45.09 52.33 25.41
CA ALA O 2051 -46.49 52.57 25.68
C ALA O 2051 -46.96 53.86 25.01
N GLN O 2052 -46.09 54.87 24.97
CA GLN O 2052 -46.48 56.17 24.43
C GLN O 2052 -46.39 56.17 22.91
N ARG O 2053 -45.70 55.19 22.33
CA ARG O 2053 -45.70 55.06 20.87
C ARG O 2053 -46.99 54.45 20.37
N HIS O 2054 -47.39 53.31 20.93
CA HIS O 2054 -48.53 52.54 20.46
C HIS O 2054 -49.67 52.76 21.44
N GLN O 2055 -50.60 53.65 21.08
CA GLN O 2055 -51.65 54.03 22.02
C GLN O 2055 -52.72 52.94 22.14
N ARG O 2056 -53.02 52.26 21.02
CA ARG O 2056 -54.13 51.31 21.01
C ARG O 2056 -53.80 50.07 21.84
N LEU O 2057 -52.52 49.72 21.95
CA LEU O 2057 -52.16 48.56 22.78
C LEU O 2057 -52.28 48.91 24.25
N TYR O 2058 -52.06 50.16 24.62
CA TYR O 2058 -51.99 50.48 26.03
C TYR O 2058 -53.37 50.70 26.63
N SER O 2059 -54.37 51.05 25.82
CA SER O 2059 -55.70 51.29 26.36
C SER O 2059 -56.40 49.99 26.75
N LEU O 2060 -56.08 48.90 26.05
CA LEU O 2060 -56.86 47.67 26.23
C LEU O 2060 -56.41 46.91 27.48
N LEU O 2061 -55.19 47.15 27.95
CA LEU O 2061 -54.70 46.34 29.07
C LEU O 2061 -55.05 46.96 30.42
N ASP O 2062 -55.41 48.24 30.46
CA ASP O 2062 -55.78 48.86 31.73
C ASP O 2062 -57.18 48.43 32.16
N ARG O 2063 -58.09 48.26 31.20
CA ARG O 2063 -59.44 47.82 31.51
C ARG O 2063 -59.50 46.34 31.91
N PHE O 2064 -58.42 45.60 31.69
CA PHE O 2064 -58.37 44.18 32.01
C PHE O 2064 -58.27 43.94 33.51
N ARG O 2065 -57.48 44.75 34.20
CA ARG O 2065 -57.19 44.52 35.61
C ARG O 2065 -58.39 44.86 36.49
N LEU O 2066 -59.05 45.99 36.21
CA LEU O 2066 -60.04 46.56 37.12
C LEU O 2066 -61.35 45.76 37.15
N SER O 2067 -61.65 44.99 36.10
CA SER O 2067 -62.79 44.10 36.15
C SER O 2067 -62.44 42.82 36.91
N THR O 2068 -61.15 42.55 37.04
CA THR O 2068 -60.68 41.33 37.68
C THR O 2068 -60.10 41.63 39.06
N GLU P 2 -15.84 63.81 -47.01
CA GLU P 2 -15.49 63.43 -45.61
C GLU P 2 -16.66 63.66 -44.68
N ASP P 3 -16.71 62.93 -43.57
CA ASP P 3 -17.67 63.07 -42.50
C ASP P 3 -17.61 64.46 -41.84
N GLU P 4 -18.78 64.97 -41.39
CA GLU P 4 -18.97 66.27 -40.73
C GLU P 4 -18.73 67.52 -41.59
N THR P 5 -17.90 67.43 -42.65
CA THR P 5 -17.36 68.51 -43.50
C THR P 5 -16.57 69.55 -42.74
N THR P 6 -16.24 69.30 -41.45
CA THR P 6 -15.80 70.32 -40.49
C THR P 6 -16.72 71.56 -40.46
N ALA P 7 -16.21 72.71 -40.00
CA ALA P 7 -16.93 73.96 -40.09
C ALA P 7 -15.91 75.04 -39.90
N LEU P 8 -16.25 76.29 -40.22
CA LEU P 8 -15.37 77.42 -40.05
C LEU P 8 -15.94 78.30 -38.95
N VAL P 9 -15.08 78.79 -38.06
CA VAL P 9 -15.47 79.64 -36.97
C VAL P 9 -14.72 80.94 -37.10
N CYS P 10 -15.43 82.08 -37.09
CA CYS P 10 -14.83 83.38 -37.21
C CYS P 10 -15.41 84.32 -36.15
N ASP P 11 -14.51 84.89 -35.33
CA ASP P 11 -14.79 85.87 -34.31
C ASP P 11 -14.27 87.19 -34.87
N ASN P 12 -15.10 88.24 -34.80
CA ASN P 12 -14.82 89.51 -35.41
C ASN P 12 -15.52 90.57 -34.58
N GLY P 13 -15.26 90.59 -33.25
CA GLY P 13 -15.40 91.82 -32.46
C GLY P 13 -14.39 92.85 -32.90
N SER P 14 -14.61 94.17 -32.63
CA SER P 14 -13.65 95.19 -33.08
C SER P 14 -12.25 95.02 -32.53
N GLY P 15 -11.25 95.25 -33.41
CA GLY P 15 -9.84 95.17 -33.08
C GLY P 15 -9.17 93.94 -33.62
N LEU P 16 -9.78 92.75 -33.50
CA LEU P 16 -9.12 91.50 -33.86
C LEU P 16 -10.06 90.50 -34.51
N VAL P 17 -9.64 89.96 -35.67
CA VAL P 17 -10.25 88.80 -36.27
C VAL P 17 -9.56 87.58 -35.70
N LYS P 18 -10.34 86.59 -35.26
CA LYS P 18 -9.82 85.31 -34.85
C LYS P 18 -10.56 84.24 -35.64
N ALA P 19 -9.86 83.36 -36.37
CA ALA P 19 -10.51 82.47 -37.29
C ALA P 19 -9.80 81.12 -37.45
N GLY P 20 -10.57 80.06 -37.75
CA GLY P 20 -10.01 78.73 -37.92
C GLY P 20 -11.10 77.72 -38.12
N PHE P 21 -10.79 76.43 -37.88
CA PHE P 21 -11.72 75.34 -38.09
C PHE P 21 -12.43 74.96 -36.81
N ALA P 22 -13.68 74.48 -36.92
CA ALA P 22 -14.30 73.71 -35.86
C ALA P 22 -13.62 72.36 -35.66
N GLY P 23 -13.47 71.91 -34.40
CA GLY P 23 -12.78 70.67 -34.06
C GLY P 23 -11.38 70.91 -33.57
N ASP P 24 -10.82 72.12 -33.82
CA ASP P 24 -9.64 72.60 -33.14
C ASP P 24 -10.00 73.19 -31.78
N ASP P 25 -9.05 73.20 -30.83
CA ASP P 25 -9.18 73.92 -29.59
C ASP P 25 -8.63 75.34 -29.69
N ALA P 26 -7.88 75.67 -30.76
CA ALA P 26 -7.32 76.99 -30.94
C ALA P 26 -7.22 77.38 -32.42
N PRO P 27 -7.33 78.68 -32.79
CA PRO P 27 -7.51 79.11 -34.18
C PRO P 27 -6.28 78.96 -35.06
N ARG P 28 -6.43 79.18 -36.38
CA ARG P 28 -5.34 79.14 -37.33
C ARG P 28 -4.88 80.52 -37.76
N ALA P 29 -5.75 81.53 -37.63
CA ALA P 29 -5.42 82.89 -38.02
C ALA P 29 -5.94 83.84 -36.97
N VAL P 30 -5.07 84.72 -36.45
CA VAL P 30 -5.45 85.82 -35.58
C VAL P 30 -4.75 87.07 -36.09
N PHE P 31 -5.49 88.15 -36.38
CA PHE P 31 -4.90 89.33 -36.97
C PHE P 31 -5.80 90.55 -36.71
N PRO P 32 -5.36 91.80 -36.82
CA PRO P 32 -6.20 92.93 -36.50
C PRO P 32 -7.23 93.27 -37.56
N SER P 33 -8.48 93.60 -37.15
CA SER P 33 -9.58 93.96 -38.04
C SER P 33 -9.44 95.35 -38.62
N ILE P 34 -8.38 95.60 -39.41
CA ILE P 34 -8.09 96.89 -40.01
C ILE P 34 -8.04 96.78 -41.52
N VAL P 35 -8.50 97.86 -42.18
CA VAL P 35 -8.38 98.05 -43.61
C VAL P 35 -7.60 99.33 -43.78
N GLY P 36 -6.42 99.26 -44.43
CA GLY P 36 -5.47 100.35 -44.52
C GLY P 36 -5.27 100.80 -45.92
N ARG P 37 -5.75 102.01 -46.26
CA ARG P 37 -5.75 102.53 -47.60
C ARG P 37 -4.60 103.53 -47.76
N PRO P 38 -3.98 103.72 -48.93
CA PRO P 38 -2.77 104.53 -49.01
C PRO P 38 -3.16 105.99 -49.22
N ARG P 39 -3.01 106.78 -48.13
CA ARG P 39 -3.26 108.20 -48.08
C ARG P 39 -2.37 109.03 -48.99
N HIS P 40 -1.07 108.68 -49.05
CA HIS P 40 -0.11 109.41 -49.85
C HIS P 40 0.02 108.79 -51.21
N GLN P 41 -0.16 109.57 -52.30
CA GLN P 41 0.12 109.09 -53.65
C GLN P 41 1.59 108.70 -53.85
N GLY P 42 1.83 107.54 -54.50
CA GLY P 42 3.17 107.03 -54.71
C GLY P 42 3.67 107.36 -56.09
N VAL P 43 4.94 107.80 -56.19
CA VAL P 43 5.55 108.16 -57.47
C VAL P 43 6.72 107.22 -57.72
N MET P 44 6.44 106.06 -58.32
CA MET P 44 7.40 105.05 -58.75
C MET P 44 6.66 104.28 -59.83
N VAL P 45 7.36 103.39 -60.57
CA VAL P 45 6.74 102.50 -61.53
C VAL P 45 6.98 101.10 -61.03
N GLY P 46 5.97 100.20 -61.13
CA GLY P 46 6.09 98.81 -60.68
C GLY P 46 5.52 98.52 -59.32
N MET P 47 4.95 99.53 -58.64
CA MET P 47 4.28 99.31 -57.38
C MET P 47 2.86 98.79 -57.55
N GLY P 48 2.57 97.59 -56.99
CA GLY P 48 1.22 97.11 -56.66
C GLY P 48 0.17 97.13 -57.76
N GLN P 49 -0.79 98.08 -57.79
CA GLN P 49 -0.96 99.22 -56.89
C GLN P 49 -1.60 98.83 -55.56
N LYS P 50 -2.72 98.09 -55.61
CA LYS P 50 -3.57 97.74 -54.47
C LYS P 50 -4.39 98.93 -53.95
N ASP P 51 -5.74 98.80 -53.91
CA ASP P 51 -6.65 99.75 -53.27
C ASP P 51 -6.37 99.88 -51.78
N SER P 52 -6.07 98.76 -51.12
CA SER P 52 -5.99 98.73 -49.69
C SER P 52 -5.17 97.55 -49.27
N TYR P 53 -4.65 97.59 -48.03
CA TYR P 53 -3.96 96.51 -47.38
C TYR P 53 -4.82 96.08 -46.21
N VAL P 54 -4.95 94.77 -45.98
CA VAL P 54 -5.84 94.22 -44.97
C VAL P 54 -4.96 93.48 -43.99
N GLY P 55 -5.40 93.34 -42.71
CA GLY P 55 -4.68 92.57 -41.70
C GLY P 55 -3.33 93.11 -41.34
N ASP P 56 -2.28 92.29 -41.43
CA ASP P 56 -0.96 92.64 -40.99
C ASP P 56 -0.07 93.17 -42.11
N GLU P 57 -0.50 93.13 -43.40
CA GLU P 57 0.13 93.96 -44.42
C GLU P 57 -0.02 95.45 -44.09
N ALA P 58 -1.21 95.83 -43.58
CA ALA P 58 -1.49 97.13 -43.02
C ALA P 58 -0.70 97.45 -41.74
N GLN P 59 -0.49 96.46 -40.83
CA GLN P 59 0.39 96.62 -39.67
C GLN P 59 1.84 96.90 -40.03
N SER P 60 2.36 96.18 -41.04
CA SER P 60 3.73 96.30 -41.54
C SER P 60 4.01 97.62 -42.25
N LYS P 61 3.13 98.04 -43.17
CA LYS P 61 3.38 99.20 -44.04
C LYS P 61 2.70 100.46 -43.51
N ARG P 62 2.58 100.55 -42.18
CA ARG P 62 1.68 101.40 -41.43
C ARG P 62 1.75 102.91 -41.68
N GLY P 63 2.98 103.47 -41.81
CA GLY P 63 3.20 104.91 -41.89
C GLY P 63 2.72 105.60 -43.15
N ILE P 64 2.69 104.89 -44.30
CA ILE P 64 2.18 105.40 -45.58
C ILE P 64 0.67 105.61 -45.52
N LEU P 65 0.01 104.64 -44.89
CA LEU P 65 -1.42 104.42 -44.87
C LEU P 65 -2.21 105.41 -44.04
N THR P 66 -3.55 105.35 -44.20
CA THR P 66 -4.49 105.72 -43.17
C THR P 66 -5.26 104.46 -42.87
N LEU P 67 -5.47 104.15 -41.58
CA LEU P 67 -6.03 102.88 -41.16
C LEU P 67 -7.46 103.09 -40.70
N LYS P 68 -8.37 102.24 -41.19
CA LYS P 68 -9.76 102.27 -40.78
C LYS P 68 -10.15 100.92 -40.17
N TYR P 69 -10.62 100.94 -38.90
CA TYR P 69 -11.45 99.87 -38.37
C TYR P 69 -12.84 99.93 -39.04
N PRO P 70 -13.44 98.85 -39.52
CA PRO P 70 -14.78 98.94 -40.07
C PRO P 70 -15.77 98.73 -38.97
N ILE P 71 -15.42 98.03 -37.89
CA ILE P 71 -16.34 97.75 -36.80
C ILE P 71 -16.09 98.73 -35.68
N GLU P 72 -17.09 99.57 -35.35
CA GLU P 72 -16.97 100.55 -34.29
C GLU P 72 -18.14 100.34 -33.35
N HIS P 73 -17.86 100.16 -32.04
CA HIS P 73 -18.84 99.87 -31.00
C HIS P 73 -19.79 98.70 -31.26
N GLY P 74 -19.26 97.63 -31.90
CA GLY P 74 -20.03 96.46 -32.31
C GLY P 74 -20.82 96.62 -33.59
N ILE P 75 -20.72 97.79 -34.24
CA ILE P 75 -21.51 98.15 -35.41
C ILE P 75 -20.60 98.18 -36.62
N ILE P 76 -20.98 97.54 -37.74
CA ILE P 76 -20.19 97.62 -38.95
C ILE P 76 -20.47 98.93 -39.70
N THR P 77 -19.46 99.81 -39.77
CA THR P 77 -19.58 101.18 -40.27
C THR P 77 -19.37 101.30 -41.76
N ASN P 78 -18.74 100.29 -42.39
CA ASN P 78 -18.64 100.21 -43.82
C ASN P 78 -18.50 98.75 -44.16
N TRP P 79 -19.09 98.32 -45.30
CA TRP P 79 -19.24 96.93 -45.62
C TRP P 79 -18.32 96.46 -46.74
N ASP P 80 -17.70 97.35 -47.58
CA ASP P 80 -16.63 96.89 -48.48
C ASP P 80 -15.37 96.55 -47.69
N ASP P 81 -15.01 97.38 -46.69
CA ASP P 81 -13.95 97.10 -45.74
C ASP P 81 -14.15 95.79 -44.97
N MET P 82 -15.37 95.50 -44.47
CA MET P 82 -15.69 94.22 -43.84
C MET P 82 -15.65 93.02 -44.79
N GLU P 83 -16.18 93.15 -46.02
CA GLU P 83 -16.14 92.09 -47.02
C GLU P 83 -14.71 91.68 -47.34
N LYS P 84 -13.81 92.67 -47.53
CA LYS P 84 -12.39 92.45 -47.72
C LYS P 84 -11.71 91.69 -46.59
N ILE P 85 -12.06 91.95 -45.32
CA ILE P 85 -11.57 91.17 -44.18
C ILE P 85 -12.00 89.69 -44.25
N TRP P 86 -13.28 89.39 -44.55
CA TRP P 86 -13.72 88.01 -44.76
C TRP P 86 -13.15 87.35 -46.00
N HIS P 87 -13.00 88.10 -47.11
CA HIS P 87 -12.31 87.63 -48.31
C HIS P 87 -10.87 87.23 -48.02
N HIS P 88 -10.16 88.09 -47.26
CA HIS P 88 -8.81 87.84 -46.80
C HIS P 88 -8.70 86.61 -45.88
N THR P 89 -9.58 86.41 -44.86
CA THR P 89 -9.51 85.22 -43.99
C THR P 89 -9.67 83.91 -44.75
N PHE P 90 -10.67 83.83 -45.65
CA PHE P 90 -10.95 82.64 -46.42
C PHE P 90 -9.87 82.31 -47.43
N TYR P 91 -9.31 83.29 -48.14
CA TYR P 91 -8.46 82.99 -49.29
C TYR P 91 -6.96 83.17 -49.03
N ASN P 92 -6.53 83.88 -47.96
CA ASN P 92 -5.11 84.08 -47.72
C ASN P 92 -4.56 83.12 -46.65
N GLU P 93 -5.06 83.18 -45.41
CA GLU P 93 -4.55 82.30 -44.35
C GLU P 93 -5.21 80.93 -44.36
N LEU P 94 -6.55 80.85 -44.35
CA LEU P 94 -7.26 79.58 -44.25
C LEU P 94 -7.23 78.75 -45.52
N ARG P 95 -7.40 79.40 -46.69
CA ARG P 95 -7.30 78.80 -48.01
C ARG P 95 -8.37 77.78 -48.31
N VAL P 96 -9.62 78.17 -48.07
CA VAL P 96 -10.79 77.31 -48.12
C VAL P 96 -11.80 77.92 -49.08
N ALA P 97 -12.69 77.09 -49.65
CA ALA P 97 -13.82 77.62 -50.38
C ALA P 97 -15.02 77.64 -49.42
N PRO P 98 -15.71 78.74 -49.12
CA PRO P 98 -16.89 78.74 -48.25
C PRO P 98 -17.98 77.77 -48.68
N GLU P 99 -18.03 77.40 -49.97
CA GLU P 99 -18.87 76.39 -50.55
C GLU P 99 -18.71 75.01 -49.91
N GLU P 100 -17.52 74.69 -49.38
CA GLU P 100 -17.23 73.46 -48.67
C GLU P 100 -17.70 73.44 -47.22
N HIS P 101 -17.86 74.62 -46.56
CA HIS P 101 -17.84 74.71 -45.11
C HIS P 101 -19.04 75.43 -44.50
N PRO P 102 -19.80 74.89 -43.55
CA PRO P 102 -20.63 75.69 -42.64
C PRO P 102 -19.87 76.78 -41.88
N THR P 103 -20.35 78.05 -41.87
CA THR P 103 -19.61 79.16 -41.24
C THR P 103 -20.32 79.71 -40.03
N LEU P 104 -19.66 79.66 -38.85
CA LEU P 104 -20.16 80.25 -37.63
C LEU P 104 -19.52 81.63 -37.42
N LEU P 105 -20.37 82.66 -37.19
CA LEU P 105 -19.94 84.00 -36.87
C LEU P 105 -20.40 84.36 -35.48
N THR P 106 -19.59 85.19 -34.78
CA THR P 106 -19.95 85.68 -33.45
C THR P 106 -20.55 87.08 -33.53
N GLU P 107 -21.44 87.45 -32.59
CA GLU P 107 -22.15 88.72 -32.64
C GLU P 107 -22.49 89.22 -31.23
N ALA P 108 -22.73 90.53 -31.06
CA ALA P 108 -22.66 91.20 -29.79
C ALA P 108 -24.02 91.37 -29.06
N PRO P 109 -24.11 91.24 -27.74
CA PRO P 109 -25.30 91.61 -26.96
C PRO P 109 -25.85 93.02 -27.21
N LEU P 110 -27.16 93.16 -27.47
CA LEU P 110 -27.82 94.45 -27.69
C LEU P 110 -27.22 95.22 -28.87
N ASN P 111 -27.32 94.59 -30.06
CA ASN P 111 -26.79 95.09 -31.30
C ASN P 111 -27.97 95.34 -32.25
N PRO P 112 -28.06 96.44 -32.98
CA PRO P 112 -29.01 96.63 -34.07
C PRO P 112 -29.23 95.47 -35.02
N LYS P 113 -30.50 95.16 -35.37
CA LYS P 113 -30.92 94.00 -36.13
C LYS P 113 -30.23 93.86 -37.49
N ALA P 114 -30.00 95.02 -38.13
CA ALA P 114 -29.32 95.17 -39.40
C ALA P 114 -27.92 94.57 -39.43
N ASN P 115 -27.18 94.56 -38.30
CA ASN P 115 -25.91 93.86 -38.23
C ASN P 115 -26.06 92.36 -38.45
N ARG P 116 -27.03 91.67 -37.81
CA ARG P 116 -27.33 90.27 -38.11
C ARG P 116 -27.85 90.04 -39.53
N GLU P 117 -28.86 90.84 -39.95
CA GLU P 117 -29.56 90.70 -41.20
C GLU P 117 -28.69 90.99 -42.43
N LYS P 118 -27.82 92.02 -42.40
CA LYS P 118 -26.85 92.25 -43.45
C LYS P 118 -25.67 91.26 -43.45
N MET P 119 -25.22 90.81 -42.26
CA MET P 119 -24.17 89.81 -42.11
C MET P 119 -24.53 88.46 -42.70
N THR P 120 -25.77 87.98 -42.48
CA THR P 120 -26.28 86.80 -43.14
C THR P 120 -26.40 86.95 -44.64
N GLN P 121 -26.86 88.12 -45.14
CA GLN P 121 -26.85 88.39 -46.57
C GLN P 121 -25.47 88.34 -47.22
N ILE P 122 -24.44 88.96 -46.62
CA ILE P 122 -23.07 88.91 -47.15
C ILE P 122 -22.50 87.50 -47.15
N MET P 123 -22.69 86.74 -46.07
CA MET P 123 -22.29 85.34 -46.07
C MET P 123 -23.07 84.48 -47.06
N PHE P 124 -24.40 84.61 -47.22
CA PHE P 124 -25.10 83.85 -48.24
C PHE P 124 -24.87 84.28 -49.69
N GLU P 125 -24.76 85.59 -49.98
CA GLU P 125 -24.74 86.08 -51.35
C GLU P 125 -23.37 86.51 -51.86
N THR P 126 -22.39 86.85 -50.99
CA THR P 126 -21.02 87.16 -51.46
C THR P 126 -20.16 85.93 -51.55
N PHE P 127 -20.11 85.11 -50.48
CA PHE P 127 -19.27 83.93 -50.46
C PHE P 127 -20.19 82.73 -50.33
N ASN P 128 -20.51 82.00 -51.41
CA ASN P 128 -21.58 81.02 -51.39
C ASN P 128 -21.34 79.91 -50.38
N VAL P 129 -22.29 79.65 -49.46
CA VAL P 129 -22.02 78.86 -48.26
C VAL P 129 -23.18 77.90 -48.00
N PRO P 130 -23.00 76.63 -47.60
CA PRO P 130 -24.13 75.71 -47.42
C PRO P 130 -25.02 76.09 -46.27
N ALA P 131 -24.41 76.59 -45.17
CA ALA P 131 -25.12 76.93 -43.98
C ALA P 131 -24.27 77.85 -43.11
N MET P 132 -24.92 78.55 -42.17
CA MET P 132 -24.21 79.47 -41.29
C MET P 132 -24.98 79.68 -40.00
N TYR P 133 -24.39 80.38 -39.03
CA TYR P 133 -25.07 80.72 -37.81
C TYR P 133 -24.43 81.99 -37.29
N VAL P 134 -25.19 82.81 -36.55
CA VAL P 134 -24.65 83.96 -35.83
C VAL P 134 -24.95 83.69 -34.37
N ALA P 135 -23.97 83.87 -33.48
CA ALA P 135 -24.11 83.46 -32.10
C ALA P 135 -23.59 84.52 -31.16
N ILE P 136 -24.31 84.74 -30.04
CA ILE P 136 -23.94 85.73 -29.04
C ILE P 136 -22.62 85.44 -28.32
N GLN P 137 -21.69 86.44 -28.28
CA GLN P 137 -20.30 86.27 -27.86
C GLN P 137 -20.11 85.66 -26.47
N ALA P 138 -20.83 86.19 -25.46
CA ALA P 138 -20.76 85.78 -24.08
C ALA P 138 -21.15 84.32 -23.79
N VAL P 139 -22.16 83.78 -24.51
CA VAL P 139 -22.54 82.38 -24.41
C VAL P 139 -21.43 81.46 -24.93
N LEU P 140 -20.76 81.85 -26.02
CA LEU P 140 -19.60 81.13 -26.53
C LEU P 140 -18.44 81.10 -25.52
N SER P 141 -18.09 82.24 -24.89
CA SER P 141 -17.04 82.25 -23.87
C SER P 141 -17.36 81.45 -22.62
N LEU P 142 -18.64 81.36 -22.22
CA LEU P 142 -19.11 80.42 -21.21
C LEU P 142 -18.87 78.94 -21.57
N TYR P 143 -19.18 78.53 -22.84
CA TYR P 143 -18.91 77.20 -23.35
C TYR P 143 -17.43 76.85 -23.34
N ALA P 144 -16.55 77.79 -23.73
CA ALA P 144 -15.11 77.64 -23.67
C ALA P 144 -14.57 77.40 -22.25
N SER P 145 -15.22 78.02 -21.25
CA SER P 145 -14.82 77.89 -19.85
C SER P 145 -15.50 76.70 -19.18
N GLY P 146 -16.28 75.89 -19.93
CA GLY P 146 -16.84 74.62 -19.49
C GLY P 146 -17.94 74.69 -18.45
N ARG P 147 -18.71 75.78 -18.41
CA ARG P 147 -19.66 76.04 -17.33
C ARG P 147 -21.08 76.10 -17.87
N THR P 148 -22.07 75.69 -17.06
CA THR P 148 -23.48 75.75 -17.43
C THR P 148 -24.15 77.00 -16.89
N THR P 149 -23.50 77.66 -15.92
CA THR P 149 -24.06 78.73 -15.10
C THR P 149 -22.96 79.72 -14.84
N GLY P 150 -23.30 81.02 -14.86
CA GLY P 150 -22.31 82.06 -14.59
C GLY P 150 -22.75 83.37 -15.15
N ILE P 151 -22.04 84.44 -14.78
CA ILE P 151 -22.28 85.75 -15.34
C ILE P 151 -21.04 86.12 -16.11
N VAL P 152 -21.22 86.45 -17.40
CA VAL P 152 -20.12 86.66 -18.31
C VAL P 152 -19.92 88.13 -18.53
N LEU P 153 -18.70 88.62 -18.23
CA LEU P 153 -18.26 89.96 -18.55
C LEU P 153 -17.30 89.85 -19.72
N ASP P 154 -17.77 90.30 -20.90
CA ASP P 154 -17.08 90.12 -22.15
C ASP P 154 -16.74 91.50 -22.69
N SER P 155 -15.45 91.78 -22.92
CA SER P 155 -15.09 93.08 -23.46
C SER P 155 -13.88 93.05 -24.39
N GLY P 156 -14.04 93.58 -25.62
CA GLY P 156 -12.97 93.65 -26.60
C GLY P 156 -12.43 95.05 -26.76
N ASP P 157 -11.87 95.36 -27.94
CA ASP P 157 -11.64 96.71 -28.39
C ASP P 157 -12.91 97.17 -29.15
N GLY P 158 -14.05 96.46 -28.90
CA GLY P 158 -15.38 96.65 -29.47
C GLY P 158 -16.30 97.41 -28.57
N VAL P 159 -16.86 96.77 -27.51
CA VAL P 159 -17.73 97.35 -26.50
C VAL P 159 -17.65 96.37 -25.33
N THR P 160 -18.18 96.71 -24.13
CA THR P 160 -18.26 95.83 -22.97
C THR P 160 -19.70 95.32 -22.84
N HIS P 161 -19.88 93.99 -22.77
CA HIS P 161 -21.17 93.36 -22.67
C HIS P 161 -21.21 92.45 -21.46
N ASN P 162 -22.38 92.34 -20.82
CA ASN P 162 -22.55 91.52 -19.64
C ASN P 162 -23.79 90.65 -19.83
N VAL P 163 -23.65 89.31 -19.74
CA VAL P 163 -24.75 88.38 -19.91
C VAL P 163 -24.79 87.43 -18.71
N PRO P 164 -25.83 87.41 -17.88
CA PRO P 164 -26.04 86.34 -16.89
C PRO P 164 -26.71 85.13 -17.50
N ILE P 165 -26.28 83.91 -17.10
CA ILE P 165 -26.78 82.65 -17.60
C ILE P 165 -26.97 81.70 -16.41
N TYR P 166 -28.01 80.85 -16.41
CA TYR P 166 -28.26 79.93 -15.32
C TYR P 166 -28.75 78.61 -15.89
N GLU P 167 -27.94 77.54 -15.72
CA GLU P 167 -28.13 76.18 -16.19
C GLU P 167 -28.56 76.08 -17.65
N GLY P 168 -27.74 76.68 -18.53
CA GLY P 168 -28.17 77.09 -19.86
C GLY P 168 -29.00 78.35 -19.81
N TYR P 169 -30.13 78.37 -20.54
CA TYR P 169 -31.04 79.50 -20.67
C TYR P 169 -30.36 80.85 -21.00
N ALA P 170 -30.88 81.95 -20.43
CA ALA P 170 -30.48 83.32 -20.63
C ALA P 170 -31.59 84.17 -20.07
N LEU P 171 -31.28 85.39 -19.56
CA LEU P 171 -32.30 86.30 -19.08
C LEU P 171 -32.25 87.59 -19.90
N PRO P 172 -33.13 87.84 -20.88
CA PRO P 172 -32.98 88.97 -21.79
C PRO P 172 -33.07 90.33 -21.15
N HIS P 173 -33.81 90.46 -20.03
CA HIS P 173 -33.99 91.70 -19.30
C HIS P 173 -32.81 92.04 -18.41
N ALA P 174 -31.92 91.06 -18.15
CA ALA P 174 -30.78 91.22 -17.28
C ALA P 174 -29.48 91.25 -18.07
N ILE P 175 -29.55 91.21 -19.41
CA ILE P 175 -28.41 91.47 -20.28
C ILE P 175 -28.11 92.96 -20.30
N MET P 176 -26.85 93.34 -20.01
CA MET P 176 -26.44 94.71 -19.98
C MET P 176 -25.36 94.96 -21.01
N ARG P 177 -25.43 96.13 -21.66
CA ARG P 177 -24.45 96.60 -22.60
C ARG P 177 -23.90 97.88 -22.02
N LEU P 178 -22.56 98.00 -21.98
CA LEU P 178 -21.87 99.18 -21.51
C LEU P 178 -20.92 99.60 -22.59
N ASP P 179 -21.19 100.73 -23.27
CA ASP P 179 -20.34 101.26 -24.32
C ASP P 179 -19.07 101.93 -23.79
N LEU P 180 -18.20 101.08 -23.24
CA LEU P 180 -16.80 101.30 -22.96
C LEU P 180 -16.08 100.14 -23.59
N ALA P 181 -15.12 100.41 -24.48
CA ALA P 181 -14.30 99.39 -25.10
C ALA P 181 -12.85 99.61 -24.76
N GLY P 182 -12.00 98.62 -25.08
CA GLY P 182 -10.55 98.81 -25.04
C GLY P 182 -10.07 99.86 -26.01
N ARG P 183 -10.83 100.09 -27.09
CA ARG P 183 -10.56 101.13 -28.06
C ARG P 183 -10.72 102.53 -27.49
N ASP P 184 -11.75 102.79 -26.68
CA ASP P 184 -11.93 104.04 -25.96
C ASP P 184 -10.82 104.27 -24.95
N LEU P 185 -10.32 103.19 -24.31
CA LEU P 185 -9.09 103.22 -23.53
C LEU P 185 -7.85 103.60 -24.36
N THR P 186 -7.75 103.16 -25.63
CA THR P 186 -6.69 103.61 -26.55
C THR P 186 -6.71 105.11 -26.78
N ASP P 187 -7.91 105.70 -27.05
CA ASP P 187 -8.12 107.13 -27.18
C ASP P 187 -7.86 107.89 -25.87
N TYR P 188 -8.29 107.34 -24.72
CA TYR P 188 -7.95 107.85 -23.40
C TYR P 188 -6.44 107.84 -23.12
N LEU P 189 -5.72 106.77 -23.52
CA LEU P 189 -4.29 106.66 -23.37
C LEU P 189 -3.50 107.71 -24.17
N MET P 190 -3.82 107.95 -25.46
CA MET P 190 -3.20 109.03 -26.20
C MET P 190 -3.56 110.41 -25.66
N LYS P 191 -4.80 110.61 -25.17
CA LYS P 191 -5.19 111.83 -24.48
C LYS P 191 -4.44 112.08 -23.18
N ILE P 192 -4.18 111.05 -22.34
CA ILE P 192 -3.38 111.22 -21.12
C ILE P 192 -1.89 111.45 -21.40
N LEU P 193 -1.29 110.77 -22.40
CA LEU P 193 0.13 110.88 -22.75
C LEU P 193 0.62 112.30 -23.06
N THR P 194 -0.27 113.19 -23.52
CA THR P 194 0.06 114.58 -23.81
C THR P 194 0.38 115.40 -22.57
N GLU P 195 -0.01 114.96 -21.35
CA GLU P 195 0.39 115.57 -20.09
C GLU P 195 1.89 115.49 -19.85
N ARG P 196 2.53 114.42 -20.35
CA ARG P 196 3.97 114.23 -20.28
C ARG P 196 4.65 114.69 -21.58
N GLY P 197 3.91 115.38 -22.48
CA GLY P 197 4.42 115.93 -23.72
C GLY P 197 4.50 115.00 -24.89
N TYR P 198 4.00 113.76 -24.76
CA TYR P 198 4.06 112.79 -25.84
C TYR P 198 2.86 112.87 -26.74
N SER P 199 2.94 113.71 -27.80
CA SER P 199 1.84 113.93 -28.73
C SER P 199 1.83 112.92 -29.86
N PHE P 200 0.79 112.08 -29.89
CA PHE P 200 0.54 111.09 -30.92
C PHE P 200 -0.81 111.43 -31.52
N VAL P 201 -0.95 111.46 -32.87
CA VAL P 201 -2.07 112.16 -33.50
C VAL P 201 -2.71 111.41 -34.66
N THR P 202 -1.97 110.51 -35.36
CA THR P 202 -2.44 109.77 -36.52
C THR P 202 -2.74 108.34 -36.11
N THR P 203 -3.52 107.59 -36.92
CA THR P 203 -3.90 106.21 -36.65
C THR P 203 -2.74 105.23 -36.50
N ALA P 204 -1.61 105.46 -37.19
CA ALA P 204 -0.44 104.61 -37.14
C ALA P 204 0.21 104.52 -35.76
N GLU P 205 0.46 105.65 -35.08
CA GLU P 205 0.97 105.70 -33.73
C GLU P 205 -0.13 105.59 -32.68
N ARG P 206 -1.41 105.76 -33.06
CA ARG P 206 -2.54 105.33 -32.24
C ARG P 206 -2.53 103.82 -31.97
N GLU P 207 -2.11 103.00 -32.95
CA GLU P 207 -1.87 101.59 -32.68
C GLU P 207 -0.57 101.29 -31.96
N ILE P 208 0.42 102.22 -31.93
CA ILE P 208 1.55 102.13 -31.02
C ILE P 208 1.12 102.29 -29.56
N VAL P 209 0.21 103.24 -29.23
CA VAL P 209 -0.38 103.27 -27.90
C VAL P 209 -1.29 102.07 -27.60
N ARG P 210 -1.97 101.45 -28.59
CA ARG P 210 -2.59 100.13 -28.37
C ARG P 210 -1.58 99.04 -28.02
N ASP P 211 -0.43 99.00 -28.70
CA ASP P 211 0.67 98.11 -28.40
C ASP P 211 1.29 98.36 -27.00
N ILE P 212 1.41 99.63 -26.55
CA ILE P 212 1.73 99.99 -25.16
C ILE P 212 0.68 99.49 -24.17
N LYS P 213 -0.61 99.67 -24.50
CA LYS P 213 -1.77 99.28 -23.73
C LYS P 213 -1.83 97.78 -23.43
N GLU P 214 -1.48 96.92 -24.40
CA GLU P 214 -1.60 95.48 -24.25
C GLU P 214 -0.37 94.82 -23.61
N LYS P 215 0.58 95.59 -23.03
CA LYS P 215 1.65 94.97 -22.25
C LYS P 215 2.32 95.83 -21.18
N LEU P 216 2.13 97.17 -21.15
CA LEU P 216 2.65 97.96 -20.04
C LEU P 216 1.57 98.27 -19.01
N CYS P 217 0.34 98.53 -19.45
CA CYS P 217 -0.80 98.84 -18.59
C CYS P 217 -1.25 97.71 -17.68
N TYR P 218 -1.76 98.09 -16.48
CA TYR P 218 -2.31 97.16 -15.54
C TYR P 218 -3.36 97.91 -14.75
N VAL P 219 -4.22 97.20 -14.00
CA VAL P 219 -5.19 97.83 -13.12
C VAL P 219 -4.62 97.94 -11.74
N ALA P 220 -4.65 99.15 -11.14
CA ALA P 220 -4.28 99.36 -9.76
C ALA P 220 -5.15 98.57 -8.78
N LEU P 221 -4.52 97.86 -7.82
CA LEU P 221 -5.19 97.01 -6.87
C LEU P 221 -5.87 97.83 -5.81
N ASP P 222 -5.42 99.09 -5.60
CA ASP P 222 -6.28 100.14 -5.10
C ASP P 222 -5.75 101.48 -5.63
N PHE P 223 -6.62 102.32 -6.22
CA PHE P 223 -6.22 103.44 -7.06
C PHE P 223 -5.49 104.56 -6.33
N GLU P 224 -6.07 105.09 -5.24
CA GLU P 224 -5.56 106.16 -4.43
C GLU P 224 -4.24 105.82 -3.78
N ASN P 225 -4.12 104.57 -3.29
CA ASN P 225 -2.90 104.02 -2.75
C ASN P 225 -1.76 103.97 -3.76
N GLU P 226 -2.01 103.45 -4.98
CA GLU P 226 -1.01 103.45 -6.04
C GLU P 226 -0.68 104.83 -6.60
N MET P 227 -1.67 105.73 -6.75
CA MET P 227 -1.42 107.11 -7.11
C MET P 227 -0.62 107.92 -6.09
N ALA P 228 -0.83 107.69 -4.77
CA ALA P 228 -0.03 108.28 -3.71
C ALA P 228 1.45 107.90 -3.74
N THR P 229 1.77 106.61 -3.96
CA THR P 229 3.16 106.13 -4.01
C THR P 229 3.85 106.52 -5.33
N ALA P 230 3.08 106.96 -6.35
CA ALA P 230 3.60 107.54 -7.58
C ALA P 230 4.30 108.89 -7.41
N ALA P 231 4.22 109.51 -6.21
CA ALA P 231 5.09 110.60 -5.80
C ALA P 231 6.58 110.22 -5.81
N SER P 232 6.90 108.99 -5.37
CA SER P 232 8.24 108.44 -5.38
C SER P 232 8.42 107.44 -6.51
N SER P 233 8.33 107.91 -7.77
CA SER P 233 8.62 107.17 -8.99
C SER P 233 9.77 106.16 -8.95
N SER P 234 9.45 104.92 -9.35
CA SER P 234 10.39 103.81 -9.37
C SER P 234 9.79 102.77 -10.30
N SER P 235 9.38 101.58 -9.81
CA SER P 235 8.72 100.49 -10.55
C SER P 235 7.46 100.89 -11.31
N LEU P 236 6.85 102.01 -10.89
CA LEU P 236 5.70 102.63 -11.51
C LEU P 236 6.02 103.33 -12.82
N GLU P 237 7.30 103.69 -13.07
CA GLU P 237 7.70 104.18 -14.38
C GLU P 237 8.36 103.07 -15.17
N LYS P 238 8.14 103.04 -16.49
CA LYS P 238 8.75 102.05 -17.37
C LYS P 238 9.16 102.74 -18.65
N SER P 239 10.39 102.44 -19.11
CA SER P 239 10.89 102.74 -20.44
C SER P 239 10.15 101.96 -21.51
N TYR P 240 10.00 102.56 -22.71
CA TYR P 240 9.39 101.95 -23.85
C TYR P 240 10.06 102.47 -25.10
N GLU P 241 10.19 101.61 -26.13
CA GLU P 241 10.92 101.89 -27.35
C GLU P 241 9.94 102.02 -28.50
N LEU P 242 9.93 103.16 -29.23
CA LEU P 242 9.14 103.28 -30.45
C LEU P 242 9.89 102.68 -31.64
N PRO P 243 9.25 102.27 -32.75
CA PRO P 243 9.97 101.77 -33.93
C PRO P 243 10.72 102.88 -34.65
N ASP P 244 10.49 104.14 -34.25
CA ASP P 244 11.27 105.34 -34.51
C ASP P 244 12.68 105.30 -33.89
N GLY P 245 12.80 104.78 -32.65
CA GLY P 245 13.97 104.93 -31.80
C GLY P 245 13.80 106.00 -30.73
N GLN P 246 12.68 106.76 -30.73
CA GLN P 246 12.28 107.51 -29.56
C GLN P 246 11.95 106.66 -28.34
N VAL P 247 12.60 106.97 -27.20
CA VAL P 247 12.32 106.36 -25.92
C VAL P 247 11.20 107.12 -25.23
N ILE P 248 10.21 106.38 -24.69
CA ILE P 248 9.03 106.90 -24.02
C ILE P 248 9.00 106.35 -22.62
N THR P 249 8.94 107.20 -21.59
CA THR P 249 8.87 106.75 -20.19
C THR P 249 7.53 107.17 -19.61
N ILE P 250 6.70 106.20 -19.17
CA ILE P 250 5.34 106.45 -18.67
C ILE P 250 5.16 105.98 -17.23
N GLY P 251 4.45 106.79 -16.40
CA GLY P 251 4.32 106.60 -14.94
C GLY P 251 2.94 106.26 -14.42
N ASN P 252 2.33 107.15 -13.60
CA ASN P 252 1.01 106.99 -12.99
C ASN P 252 -0.11 106.83 -14.02
N GLU P 253 0.02 107.62 -15.10
CA GLU P 253 -0.46 107.48 -16.46
C GLU P 253 -0.75 106.05 -16.94
N ARG P 254 0.19 105.12 -16.70
CA ARG P 254 0.14 103.70 -17.05
C ARG P 254 -1.01 102.92 -16.39
N PHE P 255 -1.31 103.14 -15.10
CA PHE P 255 -2.39 102.42 -14.43
C PHE P 255 -3.68 103.23 -14.37
N ARG P 256 -3.63 104.56 -14.59
CA ARG P 256 -4.86 105.34 -14.58
C ARG P 256 -5.59 105.30 -15.92
N CYS P 257 -4.98 104.74 -16.98
CA CYS P 257 -5.70 104.34 -18.18
C CYS P 257 -6.67 103.15 -17.98
N PRO P 258 -6.36 101.98 -17.38
CA PRO P 258 -7.39 100.96 -17.16
C PRO P 258 -8.38 101.31 -16.07
N GLU P 259 -8.05 102.27 -15.19
CA GLU P 259 -8.92 102.77 -14.13
C GLU P 259 -10.25 103.31 -14.66
N THR P 260 -10.25 103.89 -15.88
CA THR P 260 -11.41 104.37 -16.62
C THR P 260 -12.54 103.34 -16.77
N LEU P 261 -12.25 102.03 -16.79
CA LEU P 261 -13.27 100.97 -16.72
C LEU P 261 -14.08 100.95 -15.42
N PHE P 262 -13.42 101.33 -14.30
CA PHE P 262 -13.99 101.33 -12.96
C PHE P 262 -14.45 102.73 -12.57
N GLN P 263 -13.94 103.76 -13.28
CA GLN P 263 -14.29 105.15 -13.10
C GLN P 263 -14.64 105.83 -14.44
N PRO P 264 -15.84 105.69 -15.02
CA PRO P 264 -16.12 106.23 -16.37
C PRO P 264 -16.24 107.75 -16.39
N SER P 265 -16.21 108.40 -15.22
CA SER P 265 -16.07 109.84 -15.04
C SER P 265 -14.83 110.39 -15.74
N PHE P 266 -13.74 109.60 -15.80
CA PHE P 266 -12.49 109.93 -16.47
C PHE P 266 -12.62 110.11 -17.98
N ILE P 267 -13.51 109.34 -18.64
CA ILE P 267 -13.78 109.49 -20.06
C ILE P 267 -15.00 110.39 -20.28
N GLY P 268 -15.61 110.88 -19.19
CA GLY P 268 -16.69 111.87 -19.25
C GLY P 268 -18.07 111.30 -19.41
N MET P 269 -18.30 110.04 -19.02
CA MET P 269 -19.60 109.42 -19.17
C MET P 269 -20.19 109.02 -17.84
N GLU P 270 -21.50 109.31 -17.64
CA GLU P 270 -22.28 108.99 -16.46
C GLU P 270 -22.43 107.49 -16.21
N SER P 271 -22.57 106.70 -17.28
CA SER P 271 -22.61 105.24 -17.31
C SER P 271 -21.70 104.52 -16.33
N ALA P 272 -22.28 103.76 -15.38
CA ALA P 272 -21.58 103.09 -14.30
C ALA P 272 -20.47 102.10 -14.70
N GLY P 273 -19.49 101.89 -13.79
CA GLY P 273 -18.33 101.03 -14.02
C GLY P 273 -18.63 99.57 -14.24
N ILE P 274 -17.62 98.77 -14.65
CA ILE P 274 -17.79 97.36 -14.95
C ILE P 274 -18.25 96.49 -13.78
N HIS P 275 -17.79 96.82 -12.55
CA HIS P 275 -18.25 96.24 -11.30
C HIS P 275 -19.71 96.57 -11.00
N GLU P 276 -20.11 97.84 -11.17
CA GLU P 276 -21.46 98.34 -11.02
C GLU P 276 -22.46 97.83 -12.06
N THR P 277 -22.08 97.75 -13.35
CA THR P 277 -22.92 97.13 -14.39
C THR P 277 -23.15 95.65 -14.16
N THR P 278 -22.11 94.92 -13.68
CA THR P 278 -22.23 93.52 -13.25
C THR P 278 -23.23 93.37 -12.11
N TYR P 279 -23.18 94.26 -11.10
CA TYR P 279 -24.15 94.33 -10.02
C TYR P 279 -25.58 94.62 -10.50
N ASN P 280 -25.74 95.57 -11.46
CA ASN P 280 -27.00 95.91 -12.10
C ASN P 280 -27.64 94.71 -12.80
N SER P 281 -26.86 93.90 -13.54
CA SER P 281 -27.33 92.65 -14.11
C SER P 281 -27.82 91.65 -13.07
N ILE P 282 -27.04 91.42 -12.00
CA ILE P 282 -27.37 90.50 -10.91
C ILE P 282 -28.62 90.92 -10.13
N MET P 283 -28.83 92.24 -9.90
CA MET P 283 -30.05 92.78 -9.35
C MET P 283 -31.29 92.60 -10.22
N LYS P 284 -31.16 92.67 -11.56
CA LYS P 284 -32.23 92.32 -12.49
C LYS P 284 -32.58 90.83 -12.50
N CYS P 285 -31.58 89.94 -12.35
CA CYS P 285 -31.80 88.52 -12.15
C CYS P 285 -32.60 88.16 -10.92
N ASP P 286 -33.47 87.14 -11.02
CA ASP P 286 -34.14 86.40 -9.98
C ASP P 286 -33.33 86.15 -8.70
N ILE P 287 -33.99 86.19 -7.51
CA ILE P 287 -33.31 86.22 -6.21
C ILE P 287 -32.42 85.02 -5.92
N ASP P 288 -32.89 83.78 -6.20
CA ASP P 288 -32.14 82.56 -5.94
C ASP P 288 -30.81 82.45 -6.72
N ILE P 289 -30.80 82.76 -8.03
CA ILE P 289 -29.67 82.47 -8.90
C ILE P 289 -28.50 83.42 -8.68
N ARG P 290 -28.71 84.51 -7.92
CA ARG P 290 -27.65 85.43 -7.55
C ARG P 290 -26.49 84.76 -6.81
N LYS P 291 -26.78 83.75 -5.96
CA LYS P 291 -25.80 83.02 -5.16
C LYS P 291 -24.69 82.38 -6.00
N ASP P 292 -25.04 81.79 -7.15
CA ASP P 292 -24.14 81.07 -8.01
C ASP P 292 -23.62 81.96 -9.14
N LEU P 293 -24.36 83.01 -9.56
CA LEU P 293 -23.85 84.07 -10.42
C LEU P 293 -22.69 84.84 -9.80
N TYR P 294 -22.78 85.22 -8.51
CA TYR P 294 -21.70 85.86 -7.76
C TYR P 294 -20.43 85.01 -7.68
N ALA P 295 -20.57 83.67 -7.59
CA ALA P 295 -19.46 82.75 -7.45
C ALA P 295 -19.00 82.10 -8.77
N ASN P 296 -19.55 82.56 -9.91
CA ASN P 296 -19.17 82.07 -11.23
C ASN P 296 -19.13 83.25 -12.19
N ASN P 297 -18.51 84.38 -11.80
CA ASN P 297 -18.22 85.47 -12.71
C ASN P 297 -17.10 85.08 -13.68
N VAL P 298 -17.35 85.20 -15.00
CA VAL P 298 -16.46 84.77 -16.06
C VAL P 298 -16.00 86.00 -16.82
N MET P 299 -14.68 86.14 -17.03
CA MET P 299 -14.13 87.23 -17.82
C MET P 299 -13.61 86.74 -19.15
N SER P 300 -13.98 87.44 -20.24
CA SER P 300 -13.52 87.14 -21.57
C SER P 300 -13.29 88.39 -22.39
N GLY P 301 -12.70 88.21 -23.59
CA GLY P 301 -12.43 89.30 -24.50
C GLY P 301 -11.04 89.85 -24.39
N GLY P 302 -10.76 90.91 -25.17
CA GLY P 302 -9.42 91.47 -25.33
C GLY P 302 -9.01 92.48 -24.29
N THR P 303 -9.95 93.25 -23.71
CA THR P 303 -9.59 94.31 -22.76
C THR P 303 -9.83 93.86 -21.33
N THR P 304 -10.12 92.56 -21.12
CA THR P 304 -10.09 91.92 -19.81
C THR P 304 -8.73 91.28 -19.56
N MET P 305 -7.75 91.50 -20.46
CA MET P 305 -6.43 90.89 -20.36
C MET P 305 -5.45 91.55 -19.39
N TYR P 306 -5.65 92.82 -18.97
CA TYR P 306 -4.70 93.51 -18.10
C TYR P 306 -4.49 92.81 -16.73
N PRO P 307 -3.29 92.74 -16.16
CA PRO P 307 -3.09 92.37 -14.76
C PRO P 307 -3.93 93.17 -13.77
N GLY P 308 -4.43 92.53 -12.69
CA GLY P 308 -5.14 93.19 -11.60
C GLY P 308 -6.63 93.39 -11.79
N ILE P 309 -7.20 93.02 -12.97
CA ILE P 309 -8.64 93.16 -13.20
C ILE P 309 -9.49 92.24 -12.34
N ALA P 310 -9.11 90.95 -12.24
CA ALA P 310 -9.86 89.96 -11.49
C ALA P 310 -9.85 90.25 -10.00
N ASP P 311 -8.66 90.59 -9.51
CA ASP P 311 -8.29 90.96 -8.16
C ASP P 311 -9.08 92.17 -7.68
N ARG P 312 -9.12 93.22 -8.53
CA ARG P 312 -9.91 94.40 -8.30
C ARG P 312 -11.42 94.20 -8.37
N MET P 313 -11.92 93.48 -9.39
CA MET P 313 -13.34 93.19 -9.51
C MET P 313 -13.85 92.38 -8.33
N GLN P 314 -13.02 91.44 -7.83
CA GLN P 314 -13.30 90.74 -6.60
C GLN P 314 -13.33 91.64 -5.36
N LYS P 315 -12.41 92.62 -5.18
CA LYS P 315 -12.55 93.59 -4.08
C LYS P 315 -13.82 94.44 -4.17
N GLU P 316 -14.14 94.97 -5.38
CA GLU P 316 -15.25 95.89 -5.57
C GLU P 316 -16.61 95.22 -5.57
N ILE P 317 -16.78 94.03 -6.16
CA ILE P 317 -17.99 93.24 -5.99
C ILE P 317 -18.16 92.73 -4.56
N THR P 318 -17.10 92.27 -3.86
CA THR P 318 -17.18 91.84 -2.45
C THR P 318 -17.58 92.98 -1.52
N ALA P 319 -17.07 94.20 -1.75
CA ALA P 319 -17.49 95.39 -1.02
C ALA P 319 -18.95 95.81 -1.23
N LEU P 320 -19.46 95.77 -2.47
CA LEU P 320 -20.84 96.11 -2.79
C LEU P 320 -21.86 95.03 -2.43
N ALA P 321 -21.51 93.73 -2.61
CA ALA P 321 -22.43 92.62 -2.42
C ALA P 321 -22.55 92.19 -0.96
N PRO P 322 -23.60 91.45 -0.57
CA PRO P 322 -23.63 90.73 0.70
C PRO P 322 -22.45 89.79 0.93
N SER P 323 -21.71 89.94 2.04
CA SER P 323 -20.53 89.16 2.37
C SER P 323 -20.87 87.89 3.13
N THR P 324 -22.16 87.51 3.08
CA THR P 324 -22.72 86.25 3.58
C THR P 324 -22.45 85.11 2.62
N MET P 325 -22.01 85.44 1.40
CA MET P 325 -21.65 84.51 0.37
C MET P 325 -20.33 84.96 -0.20
N LYS P 326 -19.61 84.07 -0.91
CA LYS P 326 -18.23 84.31 -1.28
C LYS P 326 -18.10 84.53 -2.77
N ILE P 327 -17.70 85.77 -3.13
CA ILE P 327 -17.53 86.18 -4.51
C ILE P 327 -16.30 85.53 -5.11
N LYS P 328 -16.48 84.72 -6.17
CA LYS P 328 -15.39 84.07 -6.86
C LYS P 328 -15.48 84.44 -8.33
N ILE P 329 -14.36 84.95 -8.86
CA ILE P 329 -14.26 85.31 -10.26
C ILE P 329 -13.32 84.33 -10.92
N ILE P 330 -13.78 83.67 -11.99
CA ILE P 330 -12.98 82.81 -12.82
C ILE P 330 -12.60 83.57 -14.08
N ALA P 331 -11.39 84.14 -14.05
CA ALA P 331 -10.83 84.90 -15.15
C ALA P 331 -9.64 84.14 -15.74
N PRO P 332 -9.83 83.08 -16.54
CA PRO P 332 -8.75 82.19 -16.94
C PRO P 332 -7.69 82.90 -17.79
N PRO P 333 -6.45 82.45 -17.93
CA PRO P 333 -5.62 82.78 -19.10
C PRO P 333 -6.28 82.31 -20.39
N GLU P 334 -5.84 82.86 -21.55
CA GLU P 334 -6.36 82.53 -22.88
C GLU P 334 -7.69 83.23 -23.20
N ARG P 335 -8.16 84.12 -22.29
CA ARG P 335 -9.50 84.71 -22.32
C ARG P 335 -9.82 85.62 -23.51
N LYS P 336 -8.77 86.12 -24.20
CA LYS P 336 -8.83 86.84 -25.47
C LYS P 336 -9.44 85.99 -26.59
N TYR P 337 -9.23 84.66 -26.53
CA TYR P 337 -9.62 83.71 -27.55
C TYR P 337 -10.86 82.92 -27.18
N SER P 338 -11.42 83.06 -25.96
CA SER P 338 -12.51 82.23 -25.45
C SER P 338 -13.78 82.24 -26.27
N VAL P 339 -14.17 83.39 -26.85
CA VAL P 339 -15.29 83.48 -27.77
C VAL P 339 -15.11 82.59 -29.01
N TRP P 340 -13.90 82.58 -29.61
CA TRP P 340 -13.57 81.66 -30.69
C TRP P 340 -13.60 80.18 -30.28
N ILE P 341 -13.00 79.84 -29.12
CA ILE P 341 -12.95 78.49 -28.56
C ILE P 341 -14.36 77.96 -28.30
N GLY P 342 -15.24 78.84 -27.81
CA GLY P 342 -16.66 78.57 -27.65
C GLY P 342 -17.40 78.28 -28.92
N GLY P 343 -16.96 78.91 -30.03
CA GLY P 343 -17.51 78.61 -31.35
C GLY P 343 -17.01 77.32 -31.91
N SER P 344 -15.71 76.99 -31.71
CA SER P 344 -15.15 75.72 -32.17
C SER P 344 -15.75 74.51 -31.49
N ILE P 345 -15.97 74.55 -30.16
CA ILE P 345 -16.75 73.53 -29.46
C ILE P 345 -18.21 73.50 -29.90
N LEU P 346 -18.91 74.65 -30.05
CA LEU P 346 -20.32 74.67 -30.44
C LEU P 346 -20.58 74.07 -31.81
N ALA P 347 -19.73 74.39 -32.80
CA ALA P 347 -19.80 73.83 -34.14
C ALA P 347 -19.35 72.37 -34.21
N SER P 348 -18.76 71.84 -33.12
CA SER P 348 -18.39 70.43 -32.99
C SER P 348 -19.42 69.61 -32.26
N LEU P 349 -20.56 70.22 -31.83
CA LEU P 349 -21.63 69.49 -31.18
C LEU P 349 -22.56 68.88 -32.23
N SER P 350 -22.81 67.56 -32.14
CA SER P 350 -23.66 66.80 -33.07
C SER P 350 -25.07 67.34 -33.15
N THR P 351 -25.66 67.68 -32.00
CA THR P 351 -26.97 68.32 -31.88
C THR P 351 -27.04 69.69 -32.57
N PHE P 352 -25.95 70.49 -32.53
CA PHE P 352 -25.90 71.82 -33.12
C PHE P 352 -25.89 71.77 -34.66
N GLN P 353 -25.53 70.63 -35.27
CA GLN P 353 -25.52 70.51 -36.71
C GLN P 353 -26.92 70.50 -37.35
N GLN P 354 -27.99 70.34 -36.53
CA GLN P 354 -29.34 70.55 -37.01
C GLN P 354 -29.86 71.97 -36.70
N MET P 355 -29.05 72.83 -36.04
CA MET P 355 -29.46 74.16 -35.63
C MET P 355 -28.93 75.26 -36.54
N TRP P 356 -28.10 74.92 -37.56
CA TRP P 356 -27.61 75.87 -38.55
C TRP P 356 -28.73 76.58 -39.33
N ILE P 357 -28.48 77.82 -39.79
CA ILE P 357 -29.30 78.46 -40.82
C ILE P 357 -28.81 77.94 -42.15
N THR P 358 -29.64 77.21 -42.91
CA THR P 358 -29.22 76.67 -44.19
C THR P 358 -29.35 77.69 -45.32
N LYS P 359 -28.62 77.46 -46.44
CA LYS P 359 -28.78 78.24 -47.66
C LYS P 359 -30.20 78.15 -48.23
N GLN P 360 -30.82 76.95 -48.20
CA GLN P 360 -32.18 76.76 -48.66
C GLN P 360 -33.21 77.56 -47.87
N GLU P 361 -33.13 77.59 -46.53
CA GLU P 361 -33.99 78.41 -45.69
C GLU P 361 -33.86 79.89 -45.97
N TYR P 362 -32.63 80.39 -46.22
CA TYR P 362 -32.41 81.75 -46.66
C TYR P 362 -33.02 82.03 -48.05
N ASP P 363 -32.81 81.13 -49.03
CA ASP P 363 -33.34 81.29 -50.37
C ASP P 363 -34.87 81.27 -50.41
N GLU P 364 -35.52 80.38 -49.63
CA GLU P 364 -36.96 80.33 -49.44
C GLU P 364 -37.55 81.50 -48.65
N ALA P 365 -36.93 81.94 -47.53
CA ALA P 365 -37.57 82.83 -46.59
C ALA P 365 -36.86 84.16 -46.29
N GLY P 366 -35.71 84.45 -46.93
CA GLY P 366 -35.04 85.75 -46.91
C GLY P 366 -34.32 86.20 -45.64
N PRO P 367 -33.70 87.38 -45.64
CA PRO P 367 -32.78 87.83 -44.58
C PRO P 367 -33.31 87.93 -43.17
N SER P 368 -34.63 88.13 -42.97
CA SER P 368 -35.20 88.44 -41.66
C SER P 368 -35.25 87.24 -40.72
N ILE P 369 -35.05 86.01 -41.26
CA ILE P 369 -35.18 84.77 -40.55
C ILE P 369 -34.14 84.49 -39.48
N VAL P 370 -33.08 85.32 -39.38
CA VAL P 370 -32.06 85.20 -38.33
C VAL P 370 -32.67 85.32 -36.95
N HIS P 371 -33.60 86.27 -36.78
CA HIS P 371 -34.23 86.57 -35.49
C HIS P 371 -35.48 85.71 -35.29
N ARG P 372 -35.65 84.69 -36.16
CA ARG P 372 -36.73 83.71 -36.13
C ARG P 372 -36.16 82.32 -35.89
N LYS P 373 -34.81 82.18 -35.78
CA LYS P 373 -34.18 80.90 -35.49
C LYS P 373 -33.11 81.05 -34.40
N CYS P 374 -32.47 82.22 -34.25
CA CYS P 374 -31.35 82.34 -33.34
C CYS P 374 -31.32 83.69 -32.64
N PHE P 375 -30.31 83.83 -31.76
CA PHE P 375 -30.12 84.96 -30.87
C PHE P 375 -28.94 85.82 -31.41
N GLU Q 2 15.85 99.33 -86.07
CA GLU Q 2 16.45 98.55 -84.94
C GLU Q 2 15.54 98.62 -83.74
N ASP Q 3 15.56 97.58 -82.87
CA ASP Q 3 14.75 97.47 -81.69
C ASP Q 3 15.02 98.58 -80.68
N GLU Q 4 13.93 99.11 -80.07
CA GLU Q 4 13.89 100.26 -79.15
C GLU Q 4 14.24 101.63 -79.76
N THR Q 5 14.92 101.67 -80.93
CA THR Q 5 15.70 102.78 -81.53
C THR Q 5 16.93 103.24 -80.74
N THR Q 6 16.89 103.06 -79.40
CA THR Q 6 17.77 103.56 -78.35
C THR Q 6 17.15 104.81 -77.77
N ALA Q 7 17.93 105.69 -77.16
CA ALA Q 7 17.43 106.95 -76.66
C ALA Q 7 18.65 107.80 -76.41
N LEU Q 8 18.46 109.10 -76.18
CA LEU Q 8 19.52 110.02 -75.85
C LEU Q 8 19.29 110.54 -74.45
N VAL Q 9 20.37 110.68 -73.67
CA VAL Q 9 20.31 111.17 -72.31
C VAL Q 9 21.22 112.37 -72.23
N CYS Q 10 20.75 113.50 -71.69
CA CYS Q 10 21.54 114.70 -71.54
C CYS Q 10 21.35 115.30 -70.16
N ASP Q 11 22.48 115.50 -69.46
CA ASP Q 11 22.58 116.13 -68.17
C ASP Q 11 23.17 117.52 -68.43
N ASN Q 12 22.50 118.56 -67.92
CA ASN Q 12 22.86 119.92 -68.16
C ASN Q 12 22.55 120.71 -66.90
N GLY Q 13 23.09 120.25 -65.74
CA GLY Q 13 23.34 121.17 -64.63
C GLY Q 13 24.40 122.19 -64.99
N SER Q 14 24.46 123.35 -64.30
CA SER Q 14 25.46 124.36 -64.66
C SER Q 14 26.90 123.89 -64.55
N GLY Q 15 27.74 124.32 -65.52
CA GLY Q 15 29.16 124.00 -65.57
C GLY Q 15 29.51 122.95 -66.58
N LEU Q 16 28.75 121.85 -66.67
CA LEU Q 16 29.12 120.72 -67.52
C LEU Q 16 27.92 120.08 -68.20
N VAL Q 17 28.02 119.90 -69.53
CA VAL Q 17 27.12 119.05 -70.28
C VAL Q 17 27.67 117.65 -70.22
N LYS Q 18 26.84 116.66 -69.88
CA LYS Q 18 27.20 115.27 -70.00
C LYS Q 18 26.10 114.65 -70.84
N ALA Q 19 26.43 114.02 -71.99
CA ALA Q 19 25.40 113.61 -72.91
C ALA Q 19 25.79 112.35 -73.67
N GLY Q 20 24.81 111.55 -74.15
CA GLY Q 20 25.12 110.36 -74.91
C GLY Q 20 23.89 109.52 -75.11
N PHE Q 21 24.06 108.26 -75.55
CA PHE Q 21 22.95 107.35 -75.72
C PHE Q 21 22.54 106.68 -74.42
N ALA Q 22 21.26 106.31 -74.28
CA ALA Q 22 20.80 105.40 -73.26
C ALA Q 22 21.39 103.98 -73.39
N GLY Q 23 21.72 103.37 -72.25
CA GLY Q 23 22.21 102.00 -72.17
C GLY Q 23 23.66 101.81 -72.53
N ASP Q 24 24.31 102.90 -73.01
CA ASP Q 24 25.74 103.12 -72.82
C ASP Q 24 25.94 103.56 -71.37
N ASP Q 25 26.88 102.92 -70.66
CA ASP Q 25 27.11 103.14 -69.25
C ASP Q 25 27.90 104.43 -68.99
N ALA Q 26 28.95 104.67 -69.80
CA ALA Q 26 29.59 105.98 -69.88
C ALA Q 26 28.99 106.81 -71.02
N PRO Q 27 28.99 108.17 -70.97
CA PRO Q 27 28.35 109.02 -71.97
C PRO Q 27 29.03 108.99 -73.33
N ARG Q 28 28.66 109.89 -74.24
CA ARG Q 28 29.36 110.02 -75.51
C ARG Q 28 29.83 111.44 -75.79
N ALA Q 29 29.52 112.41 -74.92
CA ALA Q 29 30.17 113.70 -74.89
C ALA Q 29 30.17 114.21 -73.46
N VAL Q 30 31.29 114.79 -72.99
CA VAL Q 30 31.33 115.55 -71.75
C VAL Q 30 32.11 116.82 -72.04
N PHE Q 31 31.55 118.01 -71.74
CA PHE Q 31 32.24 119.25 -72.06
C PHE Q 31 31.63 120.40 -71.23
N PRO Q 32 32.26 121.55 -71.07
CA PRO Q 32 31.68 122.61 -70.24
C PRO Q 32 30.54 123.36 -70.89
N SER Q 33 29.46 123.68 -70.12
CA SER Q 33 28.30 124.40 -70.59
C SER Q 33 28.54 125.88 -70.76
N ILE Q 34 29.45 126.27 -71.67
CA ILE Q 34 29.83 127.65 -71.93
C ILE Q 34 29.57 128.02 -73.37
N VAL Q 35 29.16 129.28 -73.57
CA VAL Q 35 29.03 129.90 -74.86
C VAL Q 35 29.96 131.10 -74.83
N GLY Q 36 30.97 131.12 -75.73
CA GLY Q 36 32.05 132.09 -75.70
C GLY Q 36 32.05 132.94 -76.93
N ARG Q 37 31.75 134.23 -76.77
CA ARG Q 37 31.58 135.15 -77.89
C ARG Q 37 32.81 136.04 -78.02
N PRO Q 38 33.22 136.50 -79.19
CA PRO Q 38 34.50 137.19 -79.32
C PRO Q 38 34.31 138.67 -79.01
N ARG Q 39 34.77 139.06 -77.81
CA ARG Q 39 34.75 140.41 -77.28
C ARG Q 39 35.58 141.39 -78.09
N HIS Q 40 36.78 140.96 -78.53
CA HIS Q 40 37.67 141.82 -79.29
C HIS Q 40 37.43 141.65 -80.77
N GLN Q 41 37.19 142.75 -81.51
CA GLN Q 41 37.12 142.69 -82.96
C GLN Q 41 38.44 142.24 -83.60
N GLY Q 42 38.35 141.31 -84.58
CA GLY Q 42 39.54 140.77 -85.23
C GLY Q 42 39.82 141.48 -86.52
N VAL Q 43 41.09 141.79 -86.79
CA VAL Q 43 41.50 142.46 -88.02
C VAL Q 43 42.45 141.55 -88.79
N MET Q 44 41.88 140.69 -89.64
CA MET Q 44 42.57 139.79 -90.54
C MET Q 44 41.54 139.48 -91.60
N VAL Q 45 41.91 138.81 -92.71
CA VAL Q 45 40.98 138.34 -93.71
C VAL Q 45 41.09 136.82 -93.70
N GLY Q 46 39.95 136.10 -93.82
CA GLY Q 46 39.92 134.63 -93.83
C GLY Q 46 39.60 133.99 -92.51
N MET Q 47 39.34 134.78 -91.46
CA MET Q 47 38.88 134.24 -90.19
C MET Q 47 37.40 133.92 -90.18
N GLY Q 48 37.04 132.65 -89.93
CA GLY Q 48 35.72 132.22 -89.45
C GLY Q 48 34.49 132.68 -90.24
N GLN Q 49 33.73 133.69 -89.78
CA GLN Q 49 33.91 134.50 -88.59
C GLN Q 49 33.49 133.79 -87.31
N LYS Q 50 32.28 133.19 -87.30
CA LYS Q 50 31.63 132.58 -86.14
C LYS Q 50 31.13 133.60 -85.11
N ASP Q 51 29.80 133.63 -84.82
CA ASP Q 51 29.16 134.40 -83.74
C ASP Q 51 29.73 134.02 -82.37
N SER Q 52 29.96 132.72 -82.16
CA SER Q 52 30.31 132.24 -80.85
C SER Q 52 30.99 130.92 -80.99
N TYR Q 53 31.73 130.52 -79.95
CA TYR Q 53 32.35 129.22 -79.82
C TYR Q 53 31.66 128.53 -78.66
N VAL Q 54 31.37 127.23 -78.78
CA VAL Q 54 30.62 126.47 -77.81
C VAL Q 54 31.53 125.39 -77.29
N GLY Q 55 31.34 124.92 -76.03
CA GLY Q 55 32.13 123.82 -75.47
C GLY Q 55 33.61 124.06 -75.37
N ASP Q 56 34.42 123.10 -75.82
CA ASP Q 56 35.86 123.15 -75.70
C ASP Q 56 36.56 124.02 -76.74
N GLU Q 57 35.90 124.42 -77.86
CA GLU Q 57 36.46 125.46 -78.73
C GLU Q 57 36.62 126.79 -77.97
N ALA Q 58 35.62 127.11 -77.12
CA ALA Q 58 35.67 128.19 -76.15
C ALA Q 58 36.73 128.00 -75.05
N GLN Q 59 36.94 126.78 -74.53
CA GLN Q 59 38.04 126.47 -73.61
C GLN Q 59 39.43 126.71 -74.21
N SER Q 60 39.62 126.29 -75.47
CA SER Q 60 40.86 126.42 -76.22
C SER Q 60 41.21 127.87 -76.56
N LYS Q 61 40.26 128.64 -77.10
CA LYS Q 61 40.51 129.98 -77.62
C LYS Q 61 40.17 131.07 -76.61
N ARG Q 62 40.32 130.74 -75.32
CA ARG Q 62 39.74 131.40 -74.17
C ARG Q 62 40.00 132.89 -73.99
N GLY Q 63 41.25 133.35 -74.25
CA GLY Q 63 41.67 134.71 -73.95
C GLY Q 63 41.10 135.81 -74.81
N ILE Q 64 40.72 135.50 -76.07
CA ILE Q 64 40.06 136.44 -76.98
C ILE Q 64 38.65 136.75 -76.52
N LEU Q 65 37.96 135.69 -76.08
CA LEU Q 65 36.56 135.62 -75.79
C LEU Q 65 36.11 136.37 -74.54
N THR Q 66 34.78 136.50 -74.41
CA THR Q 66 34.11 136.62 -73.13
C THR Q 66 33.21 135.41 -73.03
N LEU Q 67 33.22 134.72 -71.88
CA LEU Q 67 32.54 133.45 -71.72
C LEU Q 67 31.29 133.63 -70.91
N LYS Q 68 30.16 133.09 -71.40
CA LYS Q 68 28.91 133.11 -70.69
C LYS Q 68 28.44 131.69 -70.42
N TYR Q 69 28.24 131.34 -69.13
CA TYR Q 69 27.38 130.24 -68.74
C TYR Q 69 25.93 130.63 -69.02
N PRO Q 70 25.06 129.83 -69.65
CA PRO Q 70 23.69 130.22 -69.84
C PRO Q 70 22.89 129.77 -68.64
N ILE Q 71 23.31 128.72 -67.92
CA ILE Q 71 22.60 128.20 -66.77
C ILE Q 71 23.21 128.76 -65.50
N GLU Q 72 22.45 129.53 -64.71
CA GLU Q 72 22.91 130.08 -63.46
C GLU Q 72 21.92 129.68 -62.38
N HIS Q 73 22.39 129.07 -61.28
CA HIS Q 73 21.57 128.57 -60.18
C HIS Q 73 20.43 127.63 -60.56
N GLY Q 74 20.66 126.78 -61.58
CA GLY Q 74 19.65 125.86 -62.13
C GLY Q 74 18.66 126.50 -63.08
N ILE Q 75 18.83 127.80 -63.38
CA ILE Q 75 17.89 128.58 -64.17
C ILE Q 75 18.56 128.92 -65.50
N ILE Q 76 17.88 128.72 -66.64
CA ILE Q 76 18.43 129.11 -67.92
C ILE Q 76 18.23 130.61 -68.15
N THR Q 77 19.35 131.37 -68.17
CA THR Q 77 19.36 132.83 -68.23
C THR Q 77 19.28 133.38 -69.64
N ASN Q 78 19.62 132.57 -70.64
CA ASN Q 78 19.44 132.93 -72.03
C ASN Q 78 19.25 131.65 -72.81
N TRP Q 79 18.37 131.69 -73.83
CA TRP Q 79 17.92 130.49 -74.49
C TRP Q 79 18.52 130.31 -75.89
N ASP Q 80 19.10 131.33 -76.58
CA ASP Q 80 19.89 131.05 -77.78
C ASP Q 80 21.19 130.36 -77.43
N ASP Q 81 21.87 130.82 -76.35
CA ASP Q 81 23.06 130.18 -75.81
C ASP Q 81 22.82 128.72 -75.42
N MET Q 82 21.69 128.40 -74.75
CA MET Q 82 21.31 127.02 -74.47
C MET Q 82 20.97 126.18 -75.70
N GLU Q 83 20.22 126.74 -76.69
CA GLU Q 83 19.90 126.04 -77.93
C GLU Q 83 21.16 125.63 -78.68
N LYS Q 84 22.14 126.54 -78.78
CA LYS Q 84 23.45 126.27 -79.36
C LYS Q 84 24.22 125.15 -78.69
N ILE Q 85 24.15 125.02 -77.35
CA ILE Q 85 24.73 123.89 -76.63
C ILE Q 85 24.09 122.56 -77.00
N TRP Q 86 22.74 122.48 -77.08
CA TRP Q 86 22.07 121.28 -77.55
C TRP Q 86 22.26 120.99 -79.05
N HIS Q 87 22.33 122.04 -79.90
CA HIS Q 87 22.68 121.92 -81.30
C HIS Q 87 24.07 121.32 -81.49
N HIS Q 88 25.04 121.83 -80.71
CA HIS Q 88 26.40 121.33 -80.65
C HIS Q 88 26.49 119.86 -80.19
N THR Q 89 25.80 119.43 -79.11
CA THR Q 89 25.85 118.01 -78.69
C THR Q 89 25.35 117.05 -79.75
N PHE Q 90 24.18 117.32 -80.35
CA PHE Q 90 23.57 116.44 -81.33
C PHE Q 90 24.37 116.33 -82.62
N TYR Q 91 24.92 117.44 -83.13
CA TYR Q 91 25.49 117.45 -84.47
C TYR Q 91 27.01 117.38 -84.52
N ASN Q 92 27.75 117.75 -83.45
CA ASN Q 92 29.20 117.73 -83.50
C ASN Q 92 29.79 116.44 -82.94
N GLU Q 93 29.52 116.10 -81.66
CA GLU Q 93 30.05 114.87 -81.07
C GLU Q 93 29.19 113.66 -81.34
N LEU Q 94 27.87 113.71 -81.04
CA LEU Q 94 27.00 112.55 -81.14
C LEU Q 94 26.70 112.13 -82.58
N ARG Q 95 26.42 113.11 -83.47
CA ARG Q 95 26.23 112.93 -84.89
C ARG Q 95 24.99 112.12 -85.24
N VAL Q 96 23.86 112.51 -84.63
CA VAL Q 96 22.58 111.84 -84.64
C VAL Q 96 21.55 112.83 -85.11
N ALA Q 97 20.36 112.35 -85.52
CA ALA Q 97 19.23 113.22 -85.76
C ALA Q 97 18.28 113.04 -84.58
N PRO Q 98 17.84 114.06 -83.85
CA PRO Q 98 16.86 113.91 -82.76
C PRO Q 98 15.57 113.24 -83.19
N GLU Q 99 15.21 113.30 -84.48
CA GLU Q 99 14.13 112.59 -85.12
C GLU Q 99 14.19 111.07 -84.94
N GLU Q 100 15.40 110.49 -84.81
CA GLU Q 100 15.62 109.08 -84.56
C GLU Q 100 15.38 108.67 -83.10
N HIS Q 101 15.52 109.61 -82.13
CA HIS Q 101 15.81 109.28 -80.74
C HIS Q 101 14.86 109.90 -79.72
N PRO Q 102 14.20 109.18 -78.82
CA PRO Q 102 13.69 109.72 -77.56
C PRO Q 102 14.74 110.44 -76.70
N THR Q 103 14.50 111.67 -76.22
CA THR Q 103 15.52 112.43 -75.49
C THR Q 103 15.14 112.64 -74.03
N LEU Q 104 15.97 112.11 -73.09
CA LEU Q 104 15.82 112.34 -71.67
C LEU Q 104 16.70 113.51 -71.23
N LEU Q 105 16.10 114.49 -70.53
CA LEU Q 105 16.83 115.61 -69.95
C LEU Q 105 16.72 115.57 -68.44
N THR Q 106 17.79 115.99 -67.75
CA THR Q 106 17.78 116.10 -66.29
C THR Q 106 17.39 117.50 -65.85
N GLU Q 107 16.76 117.64 -64.66
CA GLU Q 107 16.29 118.93 -64.18
C GLU Q 107 16.32 118.97 -62.65
N ALA Q 108 16.36 120.17 -62.05
CA ALA Q 108 16.77 120.39 -60.67
C ALA Q 108 15.62 120.45 -59.65
N PRO Q 109 15.74 119.90 -58.43
CA PRO Q 109 14.78 120.14 -57.35
C PRO Q 109 14.44 121.60 -57.05
N LEU Q 110 13.14 121.93 -56.94
CA LEU Q 110 12.67 123.28 -56.62
C LEU Q 110 13.13 124.33 -57.63
N ASN Q 111 12.71 124.12 -58.89
CA ASN Q 111 13.07 124.94 -60.03
C ASN Q 111 11.79 125.56 -60.57
N PRO Q 112 11.71 126.86 -60.86
CA PRO Q 112 10.66 127.48 -61.66
C PRO Q 112 10.08 126.68 -62.81
N LYS Q 113 8.73 126.63 -62.92
CA LYS Q 113 7.99 125.81 -63.87
C LYS Q 113 8.36 126.06 -65.33
N ALA Q 114 8.66 127.33 -65.64
CA ALA Q 114 9.09 127.81 -66.93
C ALA Q 114 10.34 127.12 -67.46
N ASN Q 115 11.28 126.69 -66.59
CA ASN Q 115 12.41 125.87 -67.02
C ASN Q 115 11.98 124.53 -67.61
N ARG Q 116 11.04 123.78 -66.99
CA ARG Q 116 10.47 122.58 -67.60
C ARG Q 116 9.65 122.88 -68.86
N GLU Q 117 8.73 123.86 -68.78
CA GLU Q 117 7.79 124.20 -69.84
C GLU Q 117 8.45 124.76 -71.10
N LYS Q 118 9.47 125.63 -70.96
CA LYS Q 118 10.25 126.10 -72.11
C LYS Q 118 11.22 125.05 -72.65
N MET Q 119 11.82 124.21 -71.79
CA MET Q 119 12.71 123.13 -72.17
C MET Q 119 12.03 122.07 -73.03
N THR Q 120 10.80 121.67 -72.67
CA THR Q 120 9.99 120.79 -73.52
C THR Q 120 9.61 121.43 -74.84
N GLN Q 121 9.26 122.73 -74.86
CA GLN Q 121 9.03 123.44 -76.12
C GLN Q 121 10.24 123.46 -77.05
N ILE Q 122 11.45 123.77 -76.54
CA ILE Q 122 12.66 123.75 -77.38
C ILE Q 122 12.99 122.37 -77.92
N MET Q 123 12.89 121.32 -77.09
CA MET Q 123 13.04 119.97 -77.60
C MET Q 123 11.97 119.55 -78.59
N PHE Q 124 10.68 119.85 -78.39
CA PHE Q 124 9.68 119.53 -79.39
C PHE Q 124 9.69 120.38 -80.67
N GLU Q 125 9.96 121.70 -80.58
CA GLU Q 125 9.79 122.61 -81.71
C GLU Q 125 11.10 123.04 -82.37
N THR Q 126 12.28 122.94 -81.70
CA THR Q 126 13.55 123.27 -82.36
C THR Q 126 14.17 122.03 -82.99
N PHE Q 127 14.32 120.94 -82.24
CA PHE Q 127 14.94 119.72 -82.76
C PHE Q 127 13.88 118.65 -82.76
N ASN Q 128 13.25 118.34 -83.92
CA ASN Q 128 12.06 117.52 -83.94
C ASN Q 128 12.30 116.11 -83.37
N VAL Q 129 11.51 115.68 -82.38
CA VAL Q 129 11.87 114.54 -81.55
C VAL Q 129 10.65 113.66 -81.32
N PRO Q 130 10.69 112.31 -81.35
CA PRO Q 130 9.48 111.50 -81.19
C PRO Q 130 8.90 111.58 -79.80
N ALA Q 131 9.76 111.66 -78.79
CA ALA Q 131 9.35 111.67 -77.41
C ALA Q 131 10.47 112.20 -76.53
N MET Q 132 10.15 112.60 -75.29
CA MET Q 132 11.13 113.13 -74.38
C MET Q 132 10.67 112.98 -72.95
N TYR Q 133 11.54 113.29 -71.98
CA TYR Q 133 11.15 113.31 -70.59
C TYR Q 133 12.08 114.27 -69.88
N VAL Q 134 11.62 114.89 -68.78
CA VAL Q 134 12.46 115.69 -67.91
C VAL Q 134 12.42 115.00 -66.56
N ALA Q 135 13.58 114.78 -65.93
CA ALA Q 135 13.65 113.97 -64.73
C ALA Q 135 14.50 114.62 -63.66
N ILE Q 136 14.06 114.54 -62.39
CA ILE Q 136 14.75 115.12 -61.26
C ILE Q 136 16.14 114.50 -60.99
N GLN Q 137 17.19 115.35 -60.87
CA GLN Q 137 18.60 114.94 -60.84
C GLN Q 137 18.96 113.92 -59.76
N ALA Q 138 18.54 114.18 -58.52
CA ALA Q 138 18.81 113.36 -57.35
C ALA Q 138 18.25 111.93 -57.41
N VAL Q 139 17.06 111.75 -58.00
CA VAL Q 139 16.48 110.41 -58.22
C VAL Q 139 17.32 109.62 -59.21
N LEU Q 140 17.82 110.27 -60.28
CA LEU Q 140 18.71 109.64 -61.23
C LEU Q 140 20.02 109.19 -60.59
N SER Q 141 20.67 110.02 -59.75
CA SER Q 141 21.87 109.58 -59.06
C SER Q 141 21.68 108.41 -58.09
N LEU Q 142 20.53 108.33 -57.39
CA LEU Q 142 20.10 107.16 -56.64
C LEU Q 142 19.98 105.90 -57.49
N TYR Q 143 19.38 105.99 -58.70
CA TYR Q 143 19.30 104.92 -59.67
C TYR Q 143 20.67 104.41 -60.11
N ALA Q 144 21.65 105.32 -60.33
CA ALA Q 144 23.02 104.98 -60.66
C ALA Q 144 23.74 104.16 -59.60
N SER Q 145 23.55 104.49 -58.31
CA SER Q 145 24.14 103.74 -57.20
C SER Q 145 23.26 102.56 -56.81
N GLY Q 146 22.21 102.29 -57.61
CA GLY Q 146 21.44 101.06 -57.55
C GLY Q 146 20.52 100.90 -56.37
N ARG Q 147 20.19 102.01 -55.68
CA ARG Q 147 19.50 101.96 -54.40
C ARG Q 147 18.01 102.20 -54.53
N THR Q 148 17.22 101.71 -53.55
CA THR Q 148 15.79 101.98 -53.48
C THR Q 148 15.47 103.06 -52.47
N THR Q 149 16.42 103.31 -51.54
CA THR Q 149 16.22 104.12 -50.34
C THR Q 149 17.49 104.87 -50.08
N GLY Q 150 17.37 106.15 -49.65
CA GLY Q 150 18.52 106.96 -49.33
C GLY Q 150 18.20 108.41 -49.34
N ILE Q 151 19.12 109.23 -48.84
CA ILE Q 151 19.00 110.68 -48.91
C ILE Q 151 20.09 111.16 -49.81
N VAL Q 152 19.73 111.87 -50.88
CA VAL Q 152 20.66 112.24 -51.91
C VAL Q 152 21.05 113.67 -51.74
N LEU Q 153 22.37 113.93 -51.57
CA LEU Q 153 22.95 115.25 -51.58
C LEU Q 153 23.62 115.45 -52.92
N ASP Q 154 23.01 116.28 -53.78
CA ASP Q 154 23.40 116.44 -55.16
C ASP Q 154 23.87 117.87 -55.35
N SER Q 155 25.12 118.08 -55.78
CA SER Q 155 25.59 119.46 -55.98
C SER Q 155 26.55 119.61 -57.13
N GLY Q 156 26.20 120.49 -58.10
CA GLY Q 156 27.04 120.77 -59.25
C GLY Q 156 27.79 122.07 -59.13
N ASP Q 157 28.14 122.67 -60.28
CA ASP Q 157 28.55 124.07 -60.35
C ASP Q 157 27.26 124.89 -60.60
N GLY Q 158 26.08 124.26 -60.34
CA GLY Q 158 24.72 124.79 -60.49
C GLY Q 158 24.11 125.29 -59.22
N VAL Q 159 23.66 124.40 -58.31
CA VAL Q 159 23.11 124.70 -56.98
C VAL Q 159 23.25 123.39 -56.21
N THR Q 160 23.04 123.39 -54.87
CA THR Q 160 23.03 122.19 -54.03
C THR Q 160 21.60 121.80 -53.72
N HIS Q 161 21.23 120.54 -54.01
CA HIS Q 161 19.90 120.04 -53.79
C HIS Q 161 19.93 118.82 -52.91
N ASN Q 162 18.89 118.62 -52.08
CA ASN Q 162 18.82 117.49 -51.20
C ASN Q 162 17.44 116.83 -51.33
N VAL Q 163 17.38 115.53 -51.68
CA VAL Q 163 16.13 114.80 -51.83
C VAL Q 163 16.18 113.53 -50.99
N PRO Q 164 15.33 113.34 -49.98
CA PRO Q 164 15.15 112.06 -49.32
C PRO Q 164 14.18 111.16 -50.07
N ILE Q 165 14.49 109.85 -50.15
CA ILE Q 165 13.71 108.86 -50.87
C ILE Q 165 13.62 107.61 -50.00
N TYR Q 166 12.47 106.90 -50.00
CA TYR Q 166 12.29 105.70 -49.19
C TYR Q 166 11.50 104.69 -50.00
N GLU Q 167 12.14 103.55 -50.32
CA GLU Q 167 11.65 102.43 -51.10
C GLU Q 167 10.93 102.84 -52.38
N GLY Q 168 11.65 103.61 -53.21
CA GLY Q 168 11.05 104.45 -54.23
C GLY Q 168 10.44 105.70 -53.63
N TYR Q 169 9.21 106.05 -54.05
CA TYR Q 169 8.50 107.25 -53.63
C TYR Q 169 9.30 108.56 -53.70
N ALA Q 170 9.08 109.46 -52.73
CA ALA Q 170 9.66 110.79 -52.62
C ALA Q 170 8.83 111.53 -51.60
N LEU Q 171 9.42 112.50 -50.86
CA LEU Q 171 8.67 113.31 -49.91
C LEU Q 171 8.77 114.77 -50.32
N PRO Q 172 7.78 115.40 -50.95
CA PRO Q 172 7.92 116.74 -51.51
C PRO Q 172 8.19 117.83 -50.50
N HIS Q 173 7.70 117.67 -49.27
CA HIS Q 173 7.86 118.63 -48.19
C HIS Q 173 9.23 118.56 -47.54
N ALA Q 174 9.98 117.46 -47.78
CA ALA Q 174 11.28 117.23 -47.19
C ALA Q 174 12.39 117.39 -48.20
N ILE Q 175 12.06 117.77 -49.46
CA ILE Q 175 13.04 118.19 -50.45
C ILE Q 175 13.56 119.57 -50.10
N MET Q 176 14.90 119.71 -50.00
CA MET Q 176 15.52 120.98 -49.68
C MET Q 176 16.41 121.43 -50.81
N ARG Q 177 16.40 122.75 -51.05
CA ARG Q 177 17.24 123.39 -52.03
C ARG Q 177 18.10 124.37 -51.26
N LEU Q 178 19.42 124.35 -51.50
CA LEU Q 178 20.36 125.24 -50.87
C LEU Q 178 21.16 125.90 -51.97
N ASP Q 179 20.96 127.21 -52.20
CA ASP Q 179 21.66 127.95 -53.22
C ASP Q 179 23.11 128.28 -52.85
N LEU Q 180 23.93 127.20 -52.78
CA LEU Q 180 25.37 127.18 -52.78
C LEU Q 180 25.76 126.22 -53.87
N ALA Q 181 26.56 126.67 -54.83
CA ALA Q 181 27.06 125.82 -55.88
C ALA Q 181 28.57 125.79 -55.87
N GLY Q 182 29.17 124.88 -56.67
CA GLY Q 182 30.60 124.93 -56.94
C GLY Q 182 31.03 126.21 -57.60
N ARG Q 183 30.14 126.85 -58.37
CA ARG Q 183 30.36 128.12 -59.02
C ARG Q 183 30.55 129.27 -58.04
N ASP Q 184 29.74 129.35 -56.97
CA ASP Q 184 29.91 130.30 -55.89
C ASP Q 184 31.23 130.08 -55.15
N LEU Q 185 31.66 128.81 -54.99
CA LEU Q 185 33.00 128.46 -54.54
C LEU Q 185 34.10 128.97 -55.45
N THR Q 186 33.90 128.97 -56.79
CA THR Q 186 34.82 129.59 -57.76
C THR Q 186 34.98 131.08 -57.53
N ASP Q 187 33.87 131.82 -57.34
CA ASP Q 187 33.88 133.24 -56.99
C ASP Q 187 34.50 133.52 -55.62
N TYR Q 188 34.21 132.68 -54.61
CA TYR Q 188 34.87 132.71 -53.31
C TYR Q 188 36.38 132.47 -53.42
N LEU Q 189 36.83 131.52 -54.26
CA LEU Q 189 38.24 131.24 -54.48
C LEU Q 189 39.01 132.40 -55.10
N MET Q 190 38.49 133.05 -56.16
CA MET Q 190 39.13 134.25 -56.70
C MET Q 190 39.12 135.42 -55.72
N LYS Q 191 38.04 135.58 -54.91
CA LYS Q 191 38.01 136.54 -53.82
C LYS Q 191 39.03 136.30 -52.73
N ILE Q 192 39.27 135.04 -52.30
CA ILE Q 192 40.30 134.73 -51.30
C ILE Q 192 41.71 134.88 -51.84
N LEU Q 193 42.00 134.52 -53.11
CA LEU Q 193 43.32 134.61 -53.74
C LEU Q 193 43.95 135.99 -53.72
N THR Q 194 43.14 137.07 -53.68
CA THR Q 194 43.64 138.45 -53.65
C THR Q 194 44.33 138.80 -52.33
N GLU Q 195 44.09 138.04 -51.23
CA GLU Q 195 44.82 138.20 -49.97
C GLU Q 195 46.31 137.91 -50.12
N ARG Q 196 46.67 137.00 -51.05
CA ARG Q 196 48.03 136.64 -51.36
C ARG Q 196 48.54 137.42 -52.59
N GLY Q 197 47.75 138.42 -53.06
CA GLY Q 197 48.13 139.28 -54.17
C GLY Q 197 47.84 138.75 -55.55
N TYR Q 198 47.17 137.60 -55.67
CA TYR Q 198 46.88 137.01 -56.96
C TYR Q 198 45.54 137.49 -57.49
N SER Q 199 45.55 138.58 -58.28
CA SER Q 199 44.34 139.18 -58.81
C SER Q 199 43.93 138.60 -60.14
N PHE Q 200 42.78 137.91 -60.17
CA PHE Q 200 42.18 137.33 -61.35
C PHE Q 200 40.81 137.97 -61.50
N VAL Q 201 40.44 138.45 -62.72
CA VAL Q 201 39.35 139.42 -62.85
C VAL Q 201 38.39 139.16 -64.00
N THR Q 202 38.83 138.45 -65.06
CA THR Q 202 38.03 138.16 -66.25
C THR Q 202 37.61 136.71 -66.22
N THR Q 203 36.57 136.33 -67.01
CA THR Q 203 36.02 134.98 -67.07
C THR Q 203 37.02 133.90 -67.46
N ALA Q 204 38.01 134.23 -68.31
CA ALA Q 204 39.02 133.30 -68.78
C ALA Q 204 39.90 132.70 -67.67
N GLU Q 205 40.44 133.54 -66.77
CA GLU Q 205 41.20 133.10 -65.62
C GLU Q 205 40.32 132.76 -64.42
N ARG Q 206 39.03 133.15 -64.44
CA ARG Q 206 38.01 132.61 -63.55
C ARG Q 206 37.85 131.10 -63.73
N GLU Q 207 37.94 130.59 -64.97
CA GLU Q 207 38.00 129.15 -65.18
C GLU Q 207 39.35 128.52 -64.89
N ILE Q 208 40.46 129.30 -64.82
CA ILE Q 208 41.72 128.81 -64.27
C ILE Q 208 41.60 128.54 -62.77
N VAL Q 209 40.94 129.42 -61.98
CA VAL Q 209 40.63 129.09 -60.59
C VAL Q 209 39.63 127.95 -60.44
N ARG Q 210 38.67 127.73 -61.38
CA ARG Q 210 37.90 126.48 -61.42
C ARG Q 210 38.78 125.24 -61.62
N ASP Q 211 39.76 125.30 -62.55
CA ASP Q 211 40.75 124.25 -62.76
C ASP Q 211 41.66 124.01 -61.53
N ILE Q 212 42.06 125.06 -60.78
CA ILE Q 212 42.71 124.94 -59.47
C ILE Q 212 41.80 124.25 -58.44
N LYS Q 213 40.51 124.66 -58.40
CA LYS Q 213 39.49 124.15 -57.51
C LYS Q 213 39.23 122.65 -57.65
N GLU Q 214 39.25 122.11 -58.87
CA GLU Q 214 38.92 120.72 -59.13
C GLU Q 214 40.12 119.77 -59.01
N LYS Q 215 41.28 120.21 -58.47
CA LYS Q 215 42.35 119.27 -58.17
C LYS Q 215 43.33 119.68 -57.07
N LEU Q 216 43.37 120.96 -56.63
CA LEU Q 216 44.21 121.31 -55.49
C LEU Q 216 43.41 121.37 -54.21
N CYS Q 217 42.17 121.88 -54.25
CA CYS Q 217 41.29 122.01 -53.10
C CYS Q 217 40.83 120.69 -52.47
N TYR Q 218 40.64 120.71 -51.14
CA TYR Q 218 40.13 119.57 -50.40
C TYR Q 218 39.40 120.12 -49.19
N VAL Q 219 38.60 119.29 -48.51
CA VAL Q 219 37.92 119.70 -47.30
C VAL Q 219 38.74 119.32 -46.10
N ALA Q 220 39.01 120.28 -45.19
CA ALA Q 220 39.67 120.01 -43.93
C ALA Q 220 38.89 119.04 -43.06
N LEU Q 221 39.59 118.02 -42.50
CA LEU Q 221 38.98 116.97 -41.70
C LEU Q 221 38.67 117.47 -40.32
N ASP Q 222 39.32 118.56 -39.89
CA ASP Q 222 38.76 119.49 -38.94
C ASP Q 222 39.38 120.87 -39.16
N PHE Q 223 38.55 121.93 -39.27
CA PHE Q 223 38.97 123.21 -39.83
C PHE Q 223 40.00 123.97 -39.00
N GLU Q 224 39.72 124.17 -37.71
CA GLU Q 224 40.55 124.89 -36.76
C GLU Q 224 41.90 124.23 -36.57
N ASN Q 225 41.91 122.89 -36.50
CA ASN Q 225 43.13 122.10 -36.42
C ASN Q 225 44.02 122.27 -37.65
N GLU Q 226 43.47 122.20 -38.87
CA GLU Q 226 44.22 122.42 -40.10
C GLU Q 226 44.66 123.87 -40.29
N MET Q 227 43.82 124.86 -39.94
CA MET Q 227 44.20 126.26 -39.93
C MET Q 227 45.30 126.62 -38.94
N ALA Q 228 45.30 126.00 -37.74
CA ALA Q 228 46.38 126.15 -36.76
C ALA Q 228 47.74 125.65 -37.24
N THR Q 229 47.81 124.48 -37.89
CA THR Q 229 49.06 123.91 -38.41
C THR Q 229 49.54 124.62 -39.67
N ALA Q 230 48.68 125.45 -40.29
CA ALA Q 230 49.06 126.34 -41.39
C ALA Q 230 49.98 127.49 -40.99
N ALA Q 231 50.23 127.69 -39.68
CA ALA Q 231 51.32 128.51 -39.19
C ALA Q 231 52.70 128.00 -39.64
N SER Q 232 52.89 126.67 -39.69
CA SER Q 232 54.10 126.03 -40.17
C SER Q 232 53.89 125.44 -41.55
N SER Q 233 53.66 126.30 -42.57
CA SER Q 233 53.57 125.95 -43.99
C SER Q 233 54.53 124.87 -44.50
N SER Q 234 53.96 123.82 -45.11
CA SER Q 234 54.70 122.71 -45.69
C SER Q 234 53.77 122.08 -46.71
N SER Q 235 53.25 120.84 -46.48
CA SER Q 235 52.31 120.11 -47.34
C SER Q 235 51.02 120.85 -47.67
N LEU Q 236 50.67 121.84 -46.82
CA LEU Q 236 49.55 122.73 -46.97
C LEU Q 236 49.74 123.77 -48.06
N GLU Q 237 50.98 124.08 -48.47
CA GLU Q 237 51.24 124.91 -49.64
C GLU Q 237 51.54 124.03 -50.85
N LYS Q 238 51.04 124.44 -52.03
CA LYS Q 238 51.29 123.73 -53.27
C LYS Q 238 51.55 124.74 -54.35
N SER Q 239 52.60 124.50 -55.15
CA SER Q 239 52.86 125.16 -56.42
C SER Q 239 51.82 124.84 -57.47
N TYR Q 240 51.53 125.79 -58.36
CA TYR Q 240 50.62 125.65 -59.46
C TYR Q 240 51.11 126.48 -60.63
N GLU Q 241 50.94 125.96 -61.86
CA GLU Q 241 51.45 126.55 -63.08
C GLU Q 241 50.30 127.11 -63.90
N LEU Q 242 50.33 128.42 -64.22
CA LEU Q 242 49.35 129.01 -65.14
C LEU Q 242 49.76 128.74 -66.59
N PRO Q 243 48.86 128.77 -67.59
CA PRO Q 243 49.24 128.61 -69.00
C PRO Q 243 50.01 129.82 -69.53
N ASP Q 244 50.07 130.89 -68.73
CA ASP Q 244 50.97 132.02 -68.81
C ASP Q 244 52.45 131.64 -68.58
N GLY Q 245 52.71 130.75 -67.60
CA GLY Q 245 54.03 130.51 -67.03
C GLY Q 245 54.25 131.20 -65.71
N GLN Q 246 53.28 132.02 -65.23
CA GLN Q 246 53.24 132.42 -63.83
C GLN Q 246 53.03 131.25 -62.87
N VAL Q 247 53.92 131.13 -61.86
CA VAL Q 247 53.78 130.18 -60.77
C VAL Q 247 52.96 130.79 -59.64
N ILE Q 248 51.99 130.01 -59.13
CA ILE Q 248 51.06 130.41 -58.09
C ILE Q 248 51.21 129.44 -56.93
N THR Q 249 51.49 129.93 -55.71
CA THR Q 249 51.62 129.06 -54.52
C THR Q 249 50.50 129.39 -53.56
N ILE Q 250 49.63 128.41 -53.23
CA ILE Q 250 48.45 128.60 -52.38
C ILE Q 250 48.47 127.72 -51.13
N GLY Q 251 48.09 128.30 -49.96
CA GLY Q 251 48.20 127.67 -48.64
C GLY Q 251 46.90 127.33 -47.94
N ASN Q 252 46.61 127.96 -46.79
CA ASN Q 252 45.41 127.75 -45.96
C ASN Q 252 44.10 128.03 -46.71
N GLU Q 253 44.16 129.10 -47.52
CA GLU Q 253 43.39 129.44 -48.70
C GLU Q 253 42.80 128.27 -49.50
N ARG Q 254 43.62 127.23 -49.77
CA ARG Q 254 43.27 126.01 -50.48
C ARG Q 254 42.16 125.18 -49.84
N PHE Q 255 42.15 124.99 -48.50
CA PHE Q 255 41.10 124.21 -47.85
C PHE Q 255 40.00 125.08 -47.26
N ARG Q 256 40.21 126.40 -47.09
CA ARG Q 256 39.15 127.25 -46.59
C ARG Q 256 38.18 127.70 -47.66
N CYS Q 257 38.49 127.45 -48.95
CA CYS Q 257 37.48 127.52 -50.01
C CYS Q 257 36.40 126.43 -49.95
N PRO Q 258 36.62 125.12 -49.80
CA PRO Q 258 35.51 124.17 -49.64
C PRO Q 258 34.81 124.26 -48.31
N GLU Q 259 35.46 124.84 -47.28
CA GLU Q 259 34.89 125.06 -45.96
C GLU Q 259 33.60 125.86 -45.99
N THR Q 260 33.47 126.79 -46.95
CA THR Q 260 32.27 127.59 -47.24
C THR Q 260 30.98 126.79 -47.41
N LEU Q 261 31.05 125.52 -47.88
CA LEU Q 261 29.90 124.60 -47.88
C LEU Q 261 29.37 124.25 -46.49
N PHE Q 262 30.27 124.20 -45.50
CA PHE Q 262 29.98 123.82 -44.12
C PHE Q 262 29.83 125.06 -43.25
N GLN Q 263 30.34 126.22 -43.74
CA GLN Q 263 30.27 127.51 -43.08
C GLN Q 263 29.78 128.61 -44.04
N PRO Q 264 28.49 128.78 -44.35
CA PRO Q 264 28.06 129.74 -45.38
C PRO Q 264 28.18 131.19 -44.94
N SER Q 265 28.53 131.43 -43.67
CA SER Q 265 28.94 132.71 -43.11
C SER Q 265 30.10 133.33 -43.89
N PHE Q 266 31.01 132.50 -44.41
CA PHE Q 266 32.15 132.90 -45.23
C PHE Q 266 31.77 133.57 -46.55
N ILE Q 267 30.66 133.13 -47.19
CA ILE Q 267 30.15 133.74 -48.41
C ILE Q 267 29.07 134.78 -48.08
N GLY Q 268 28.75 134.95 -46.78
CA GLY Q 268 27.86 136.00 -46.30
C GLY Q 268 26.40 135.65 -46.31
N MET Q 269 26.05 134.35 -46.26
CA MET Q 269 24.66 133.93 -46.28
C MET Q 269 24.28 133.19 -45.02
N GLU Q 270 23.09 133.52 -44.46
CA GLU Q 270 22.51 132.92 -43.27
C GLU Q 270 22.18 131.45 -43.42
N SER Q 271 21.71 131.05 -44.63
CA SER Q 271 21.43 129.69 -45.05
C SER Q 271 22.38 128.62 -44.56
N ALA Q 272 21.89 127.67 -43.76
CA ALA Q 272 22.68 126.63 -43.10
C ALA Q 272 23.52 125.72 -44.01
N GLY Q 273 24.61 125.13 -43.46
CA GLY Q 273 25.54 124.27 -44.17
C GLY Q 273 24.98 122.99 -44.73
N ILE Q 274 25.73 122.28 -45.58
CA ILE Q 274 25.28 121.05 -46.24
C ILE Q 274 24.94 119.90 -45.30
N HIS Q 275 25.65 119.78 -44.16
CA HIS Q 275 25.34 118.88 -43.06
C HIS Q 275 24.04 119.24 -42.35
N GLU Q 276 23.84 120.53 -42.05
CA GLU Q 276 22.64 121.08 -41.45
C GLU Q 276 21.40 121.02 -42.34
N THR Q 277 21.50 121.32 -43.64
CA THR Q 277 20.40 121.14 -44.59
C THR Q 277 19.99 119.70 -44.76
N THR Q 278 20.96 118.75 -44.78
CA THR Q 278 20.69 117.31 -44.74
C THR Q 278 19.92 116.90 -43.49
N TYR Q 279 20.29 117.43 -42.30
CA TYR Q 279 19.56 117.24 -41.06
C TYR Q 279 18.13 117.82 -41.10
N ASN Q 280 17.96 119.02 -41.68
CA ASN Q 280 16.68 119.67 -41.90
C ASN Q 280 15.72 118.82 -42.75
N SER Q 281 16.22 118.21 -43.84
CA SER Q 281 15.44 117.25 -44.63
C SER Q 281 15.01 116.03 -43.85
N ILE Q 282 15.95 115.40 -43.08
CA ILE Q 282 15.68 114.22 -42.26
C ILE Q 282 14.68 114.49 -41.15
N MET Q 283 14.74 115.67 -40.50
CA MET Q 283 13.73 116.11 -39.54
C MET Q 283 12.34 116.33 -40.12
N LYS Q 284 12.23 116.81 -41.37
CA LYS Q 284 10.96 116.88 -42.08
C LYS Q 284 10.39 115.52 -42.45
N CYS Q 285 11.23 114.53 -42.78
CA CYS Q 285 10.82 113.15 -42.95
C CYS Q 285 10.23 112.50 -41.71
N ASP Q 286 9.20 111.66 -41.90
CA ASP Q 286 8.64 110.69 -40.98
C ASP Q 286 9.63 109.98 -40.06
N ILE Q 287 9.23 109.71 -38.79
CA ILE Q 287 10.14 109.25 -37.74
C ILE Q 287 10.84 107.93 -38.02
N ASP Q 288 10.12 106.90 -38.53
CA ASP Q 288 10.69 105.59 -38.83
C ASP Q 288 11.81 105.61 -39.88
N ILE Q 289 11.62 106.32 -41.01
CA ILE Q 289 12.51 106.20 -42.16
C ILE Q 289 13.83 106.91 -41.97
N ARG Q 290 13.96 107.71 -40.89
CA ARG Q 290 15.21 108.36 -40.54
C ARG Q 290 16.36 107.38 -40.31
N LYS Q 291 16.08 106.19 -39.73
CA LYS Q 291 17.08 105.17 -39.42
C LYS Q 291 17.90 104.72 -40.63
N ASP Q 292 17.24 104.48 -41.77
CA ASP Q 292 17.84 104.09 -43.01
C ASP Q 292 18.35 105.31 -43.78
N LEU Q 293 17.66 106.46 -43.79
CA LEU Q 293 18.17 107.67 -44.42
C LEU Q 293 19.53 108.15 -43.87
N TYR Q 294 19.73 108.10 -42.54
CA TYR Q 294 21.03 108.35 -41.91
C TYR Q 294 22.14 107.41 -42.37
N ALA Q 295 21.80 106.14 -42.66
CA ALA Q 295 22.74 105.11 -43.05
C ALA Q 295 22.79 104.88 -44.56
N ASN Q 296 22.15 105.76 -45.36
CA ASN Q 296 22.09 105.65 -46.80
C ASN Q 296 22.19 107.03 -47.42
N ASN Q 297 23.07 107.90 -46.88
CA ASN Q 297 23.36 109.19 -47.48
C ASN Q 297 24.21 109.03 -48.75
N VAL Q 298 23.73 109.56 -49.89
CA VAL Q 298 24.33 109.42 -51.20
C VAL Q 298 24.84 110.77 -51.66
N MET Q 299 26.11 110.84 -52.11
CA MET Q 299 26.67 112.07 -52.64
C MET Q 299 26.84 112.00 -54.15
N SER Q 300 26.35 113.02 -54.86
CA SER Q 300 26.47 113.11 -56.30
C SER Q 300 26.78 114.51 -56.76
N GLY Q 301 27.09 114.66 -58.06
CA GLY Q 301 27.35 115.96 -58.65
C GLY Q 301 28.81 116.32 -58.73
N GLY Q 302 29.10 117.54 -59.20
CA GLY Q 302 30.46 117.97 -59.51
C GLY Q 302 31.21 118.57 -58.35
N THR Q 303 30.53 119.20 -57.37
CA THR Q 303 31.23 119.87 -56.26
C THR Q 303 31.21 119.01 -55.01
N THR Q 304 30.76 117.74 -55.12
CA THR Q 304 30.96 116.73 -54.09
C THR Q 304 32.21 115.92 -54.37
N MET Q 305 33.03 116.31 -55.36
CA MET Q 305 34.24 115.61 -55.74
C MET Q 305 35.47 115.84 -54.88
N TYR Q 306 35.55 116.91 -54.07
CA TYR Q 306 36.75 117.20 -53.28
C TYR Q 306 37.11 116.09 -52.27
N PRO Q 307 38.37 115.73 -52.04
CA PRO Q 307 38.78 114.90 -50.91
C PRO Q 307 38.28 115.40 -49.55
N GLY Q 308 37.89 114.48 -48.64
CA GLY Q 308 37.50 114.81 -47.27
C GLY Q 308 36.06 115.22 -47.04
N ILE Q 309 35.22 115.33 -48.09
CA ILE Q 309 33.81 115.68 -47.94
C ILE Q 309 33.01 114.61 -47.20
N ALA Q 310 33.18 113.33 -47.58
CA ALA Q 310 32.45 112.22 -47.00
C ALA Q 310 32.78 112.02 -45.53
N ASP Q 311 34.08 112.07 -45.24
CA ASP Q 311 34.73 111.94 -43.96
C ASP Q 311 34.26 113.03 -42.99
N ARG Q 312 34.24 114.29 -43.48
CA ARG Q 312 33.72 115.41 -42.73
C ARG Q 312 32.21 115.38 -42.51
N MET Q 313 31.42 115.07 -43.55
CA MET Q 313 29.97 114.95 -43.41
C MET Q 313 29.60 113.85 -42.44
N GLN Q 314 30.35 112.74 -42.43
CA GLN Q 314 30.21 111.71 -41.42
C GLN Q 314 30.52 112.19 -40.00
N LYS Q 315 31.61 112.99 -39.75
CA LYS Q 315 31.83 113.56 -38.42
C LYS Q 315 30.70 114.50 -37.98
N GLU Q 316 30.25 115.42 -38.86
CA GLU Q 316 29.27 116.44 -38.52
C GLU Q 316 27.86 115.91 -38.38
N ILE Q 317 27.40 115.00 -39.26
CA ILE Q 317 26.13 114.32 -39.05
C ILE Q 317 26.16 113.40 -37.82
N THR Q 318 27.26 112.65 -37.57
CA THR Q 318 27.38 111.82 -36.35
C THR Q 318 27.34 112.63 -35.07
N ALA Q 319 27.99 113.82 -35.05
CA ALA Q 319 27.93 114.74 -33.94
C ALA Q 319 26.54 115.36 -33.68
N LEU Q 320 25.80 115.76 -34.73
CA LEU Q 320 24.46 116.32 -34.59
C LEU Q 320 23.37 115.28 -34.34
N ALA Q 321 23.46 114.09 -34.95
CA ALA Q 321 22.43 113.07 -34.88
C ALA Q 321 22.52 112.21 -33.62
N PRO Q 322 21.46 111.50 -33.23
CA PRO Q 322 21.56 110.42 -32.25
C PRO Q 322 22.60 109.35 -32.59
N SER Q 323 23.54 109.07 -31.66
CA SER Q 323 24.63 108.12 -31.87
C SER Q 323 24.23 106.71 -31.47
N THR Q 324 22.92 106.49 -31.32
CA THR Q 324 22.27 105.20 -31.09
C THR Q 324 22.18 104.39 -32.38
N MET Q 325 22.39 105.05 -33.53
CA MET Q 325 22.39 104.44 -34.83
C MET Q 325 23.65 104.90 -35.55
N LYS Q 326 24.11 104.12 -36.54
CA LYS Q 326 25.40 104.35 -37.15
C LYS Q 326 25.26 105.05 -38.48
N ILE Q 327 25.68 106.33 -38.52
CA ILE Q 327 25.69 107.15 -39.71
C ILE Q 327 26.66 106.61 -40.75
N LYS Q 328 26.15 106.33 -41.97
CA LYS Q 328 26.96 105.79 -43.04
C LYS Q 328 26.66 106.58 -44.29
N ILE Q 329 27.73 107.08 -44.93
CA ILE Q 329 27.64 107.84 -46.14
C ILE Q 329 28.24 107.01 -47.24
N ILE Q 330 27.54 106.88 -48.37
CA ILE Q 330 28.02 106.21 -49.55
C ILE Q 330 28.25 107.28 -50.61
N ALA Q 331 29.53 107.64 -50.77
CA ALA Q 331 29.97 108.67 -51.69
C ALA Q 331 30.88 108.02 -52.72
N PRO Q 332 30.39 107.30 -53.72
CA PRO Q 332 31.23 106.49 -54.60
C PRO Q 332 32.20 107.35 -55.42
N PRO Q 333 33.33 106.86 -55.95
CA PRO Q 333 33.97 107.47 -57.11
C PRO Q 333 33.02 107.50 -58.31
N GLU Q 334 33.31 108.32 -59.34
CA GLU Q 334 32.49 108.46 -60.55
C GLU Q 334 31.23 109.33 -60.33
N ARG Q 335 31.09 109.92 -59.11
CA ARG Q 335 29.88 110.61 -58.66
C ARG Q 335 29.49 111.88 -59.41
N LYS Q 336 30.46 112.48 -60.16
CA LYS Q 336 30.25 113.57 -61.11
C LYS Q 336 29.31 113.17 -62.26
N TYR Q 337 29.31 111.88 -62.63
CA TYR Q 337 28.57 111.35 -63.76
C TYR Q 337 27.32 110.59 -63.35
N SER Q 338 27.04 110.41 -62.04
CA SER Q 338 25.94 109.58 -61.53
C SER Q 338 24.56 109.98 -62.02
N VAL Q 339 24.27 111.29 -62.15
CA VAL Q 339 23.03 111.77 -62.72
C VAL Q 339 22.84 111.31 -64.18
N TRP Q 340 23.90 111.37 -65.01
CA TRP Q 340 23.86 110.84 -66.36
C TRP Q 340 23.70 109.32 -66.42
N ILE Q 341 24.44 108.56 -65.58
CA ILE Q 341 24.36 107.10 -65.48
C ILE Q 341 22.95 106.66 -65.07
N GLY Q 342 22.35 107.42 -64.13
CA GLY Q 342 20.97 107.26 -63.71
C GLY Q 342 19.95 107.47 -64.79
N GLY Q 343 20.23 108.38 -65.73
CA GLY Q 343 19.39 108.59 -66.90
C GLY Q 343 19.57 107.51 -67.93
N SER Q 344 20.82 107.05 -68.14
CA SER Q 344 21.11 105.97 -69.09
C SER Q 344 20.52 104.64 -68.71
N ILE Q 345 20.53 104.27 -67.41
CA ILE Q 345 19.73 103.16 -66.90
C ILE Q 345 18.23 103.40 -67.00
N LEU Q 346 17.70 104.59 -66.62
CA LEU Q 346 16.27 104.87 -66.63
C LEU Q 346 15.63 104.76 -68.01
N ALA Q 347 16.29 105.29 -69.04
CA ALA Q 347 15.85 105.20 -70.42
C ALA Q 347 16.02 103.80 -71.02
N SER Q 348 16.70 102.88 -70.31
CA SER Q 348 16.86 101.48 -70.70
C SER Q 348 15.81 100.59 -70.06
N LEU Q 349 14.90 101.15 -69.25
CA LEU Q 349 13.78 100.40 -68.68
C LEU Q 349 12.61 100.42 -69.65
N SER Q 350 12.15 99.24 -70.13
CA SER Q 350 11.01 99.11 -71.04
C SER Q 350 9.69 99.63 -70.48
N THR Q 351 9.40 99.45 -69.18
CA THR Q 351 8.27 100.13 -68.53
C THR Q 351 8.33 101.65 -68.62
N PHE Q 352 9.53 102.24 -68.52
CA PHE Q 352 9.74 103.68 -68.67
C PHE Q 352 9.53 104.14 -70.12
N GLN Q 353 9.61 103.23 -71.10
CA GLN Q 353 9.32 103.56 -72.49
C GLN Q 353 7.83 103.82 -72.75
N GLN Q 354 6.94 103.46 -71.80
CA GLN Q 354 5.55 103.90 -71.83
C GLN Q 354 5.33 105.16 -71.00
N MET Q 355 6.38 105.67 -70.31
CA MET Q 355 6.27 106.84 -69.45
C MET Q 355 6.81 108.11 -70.10
N TRP Q 356 7.38 108.02 -71.33
CA TRP Q 356 7.81 109.18 -72.09
C TRP Q 356 6.68 110.20 -72.35
N ILE Q 357 7.03 111.49 -72.49
CA ILE Q 357 6.15 112.49 -73.06
C ILE Q 357 6.29 112.38 -74.58
N THR Q 358 5.22 111.98 -75.29
CA THR Q 358 5.29 111.83 -76.74
C THR Q 358 5.13 113.16 -77.46
N LYS Q 359 5.59 113.24 -78.72
CA LYS Q 359 5.33 114.37 -79.60
C LYS Q 359 3.84 114.60 -79.83
N GLN Q 360 3.06 113.52 -80.02
CA GLN Q 360 1.62 113.61 -80.19
C GLN Q 360 0.90 114.22 -79.00
N GLU Q 361 1.23 113.80 -77.76
CA GLU Q 361 0.66 114.39 -76.55
C GLU Q 361 0.98 115.87 -76.40
N TYR Q 362 2.21 116.30 -76.76
CA TYR Q 362 2.56 117.70 -76.84
C TYR Q 362 1.76 118.46 -77.90
N ASP Q 363 1.63 117.92 -79.11
CA ASP Q 363 0.89 118.55 -80.19
C ASP Q 363 -0.61 118.69 -79.88
N GLU Q 364 -1.21 117.65 -79.27
CA GLU Q 364 -2.59 117.68 -78.77
C GLU Q 364 -2.83 118.59 -77.56
N ALA Q 365 -1.93 118.59 -76.54
CA ALA Q 365 -2.23 119.19 -75.25
C ALA Q 365 -1.28 120.29 -74.76
N GLY Q 366 -0.24 120.67 -75.55
CA GLY Q 366 0.63 121.83 -75.29
C GLY Q 366 1.64 121.76 -74.16
N PRO Q 367 2.43 122.83 -73.96
CA PRO Q 367 3.60 122.83 -73.08
C PRO Q 367 3.37 122.54 -71.61
N SER Q 368 2.16 122.78 -71.07
CA SER Q 368 1.89 122.73 -69.63
C SER Q 368 1.82 121.30 -69.09
N ILE Q 369 1.73 120.31 -69.98
CA ILE Q 369 1.53 118.90 -69.63
C ILE Q 369 2.71 118.22 -68.96
N VAL Q 370 3.88 118.87 -68.88
CA VAL Q 370 5.05 118.34 -68.17
C VAL Q 370 4.75 118.05 -66.71
N HIS Q 371 4.03 118.97 -66.04
CA HIS Q 371 3.73 118.89 -64.62
C HIS Q 371 2.43 118.13 -64.40
N ARG Q 372 1.92 117.49 -65.46
CA ARG Q 372 0.72 116.66 -65.46
C ARG Q 372 1.09 115.20 -65.77
N LYS Q 373 2.37 114.91 -66.06
CA LYS Q 373 2.83 113.55 -66.30
C LYS Q 373 4.09 113.24 -65.51
N CYS Q 374 4.92 114.25 -65.17
CA CYS Q 374 6.20 113.98 -64.54
C CYS Q 374 6.59 115.03 -63.50
N PHE Q 375 7.74 114.79 -62.87
CA PHE Q 375 8.27 115.54 -61.75
C PHE Q 375 9.45 116.43 -62.25
N GLU R 2 -7.10 155.75 -7.19
CA GLU R 2 -8.22 155.56 -8.16
C GLU R 2 -9.05 154.35 -7.80
N ASP R 3 -10.29 154.26 -8.32
CA ASP R 3 -11.18 153.14 -8.08
C ASP R 3 -10.91 152.09 -9.12
N GLU R 4 -11.02 150.81 -8.74
CA GLU R 4 -10.86 149.63 -9.57
C GLU R 4 -9.48 149.36 -10.16
N THR R 5 -8.57 150.37 -10.14
CA THR R 5 -7.16 150.33 -10.50
C THR R 5 -6.86 150.20 -11.99
N THR R 6 -7.93 150.27 -12.85
CA THR R 6 -7.97 149.69 -14.21
C THR R 6 -7.57 148.22 -14.23
N ALA R 7 -7.18 147.65 -15.38
CA ALA R 7 -6.51 146.38 -15.39
C ALA R 7 -5.81 146.36 -16.73
N LEU R 8 -4.88 145.43 -16.93
CA LEU R 8 -4.14 145.28 -18.17
C LEU R 8 -4.48 143.98 -18.82
N VAL R 9 -4.51 143.98 -20.16
CA VAL R 9 -4.88 142.81 -20.94
C VAL R 9 -3.87 142.67 -22.02
N CYS R 10 -3.32 141.45 -22.19
CA CYS R 10 -2.43 141.10 -23.28
C CYS R 10 -2.88 139.80 -23.94
N ASP R 11 -3.07 139.84 -25.27
CA ASP R 11 -3.19 138.67 -26.12
C ASP R 11 -1.81 138.42 -26.74
N ASN R 12 -1.24 137.22 -26.43
CA ASN R 12 -0.13 136.61 -27.11
C ASN R 12 -0.50 135.21 -27.54
N GLY R 13 -1.37 135.07 -28.56
CA GLY R 13 -1.06 134.10 -29.62
C GLY R 13 0.23 134.46 -30.37
N SER R 14 0.86 133.55 -31.16
CA SER R 14 1.99 133.92 -32.01
C SER R 14 1.74 135.06 -32.97
N GLY R 15 2.80 135.83 -33.32
CA GLY R 15 2.70 136.79 -34.39
C GLY R 15 2.46 138.20 -33.94
N LEU R 16 1.48 138.46 -33.05
CA LEU R 16 1.11 139.80 -32.62
C LEU R 16 0.88 139.83 -31.13
N VAL R 17 1.43 140.85 -30.45
CA VAL R 17 1.03 141.23 -29.12
C VAL R 17 -0.10 142.18 -29.32
N LYS R 18 -1.27 141.93 -28.72
CA LYS R 18 -2.31 142.92 -28.62
C LYS R 18 -2.45 143.26 -27.18
N ALA R 19 -2.23 144.53 -26.80
CA ALA R 19 -2.21 144.94 -25.43
C ALA R 19 -2.79 146.32 -25.20
N GLY R 20 -3.34 146.53 -24.01
CA GLY R 20 -3.93 147.80 -23.67
C GLY R 20 -4.55 147.69 -22.32
N PHE R 21 -5.34 148.71 -21.95
CA PHE R 21 -6.10 148.74 -20.74
C PHE R 21 -7.38 147.95 -20.91
N ALA R 22 -7.74 147.15 -19.89
CA ALA R 22 -9.07 146.66 -19.67
C ALA R 22 -10.03 147.81 -19.43
N GLY R 23 -11.26 147.73 -19.97
CA GLY R 23 -12.22 148.83 -19.86
C GLY R 23 -12.28 149.74 -21.04
N ASP R 24 -11.54 149.41 -22.12
CA ASP R 24 -11.55 150.13 -23.37
C ASP R 24 -11.97 149.15 -24.47
N ASP R 25 -12.56 149.65 -25.58
CA ASP R 25 -13.06 148.90 -26.71
C ASP R 25 -11.95 148.44 -27.65
N ALA R 26 -10.80 149.16 -27.67
CA ALA R 26 -9.68 148.76 -28.51
C ALA R 26 -8.34 148.81 -27.77
N PRO R 27 -7.38 147.92 -28.11
CA PRO R 27 -6.05 147.94 -27.50
C PRO R 27 -5.28 149.17 -27.95
N ARG R 28 -4.47 149.76 -27.07
CA ARG R 28 -3.58 150.85 -27.43
C ARG R 28 -2.45 150.41 -28.34
N ALA R 29 -1.84 149.24 -28.03
CA ALA R 29 -0.65 148.79 -28.71
C ALA R 29 -0.89 147.45 -29.33
N VAL R 30 -0.62 147.36 -30.63
CA VAL R 30 -0.63 146.12 -31.35
C VAL R 30 0.64 146.11 -32.16
N PHE R 31 1.49 145.08 -32.02
CA PHE R 31 2.74 145.07 -32.75
C PHE R 31 3.16 143.62 -32.97
N PRO R 32 4.02 143.31 -33.93
CA PRO R 32 4.51 141.96 -34.16
C PRO R 32 5.40 141.42 -33.08
N SER R 33 5.12 140.20 -32.61
CA SER R 33 5.89 139.49 -31.59
C SER R 33 7.18 138.93 -32.12
N ILE R 34 8.18 139.78 -32.38
CA ILE R 34 9.40 139.37 -33.02
C ILE R 34 10.55 139.94 -32.28
N VAL R 35 11.61 139.16 -32.17
CA VAL R 35 12.87 139.54 -31.60
C VAL R 35 13.83 139.39 -32.73
N GLY R 36 14.35 140.52 -33.23
CA GLY R 36 15.26 140.53 -34.35
C GLY R 36 16.64 140.91 -33.96
N ARG R 37 17.61 140.05 -34.28
CA ARG R 37 18.97 140.19 -33.80
C ARG R 37 19.87 140.63 -34.93
N PRO R 38 20.76 141.63 -34.80
CA PRO R 38 21.83 141.90 -35.74
C PRO R 38 22.71 140.69 -36.04
N ARG R 39 22.43 139.99 -37.15
CA ARG R 39 23.21 138.88 -37.65
C ARG R 39 24.55 139.36 -38.24
N HIS R 40 24.55 140.50 -38.96
CA HIS R 40 25.75 141.05 -39.58
C HIS R 40 26.46 141.90 -38.56
N GLN R 41 27.78 141.67 -38.35
CA GLN R 41 28.58 142.53 -37.50
C GLN R 41 28.68 143.94 -38.05
N GLY R 42 28.35 144.94 -37.22
CA GLY R 42 28.34 146.32 -37.65
C GLY R 42 29.70 146.95 -37.54
N VAL R 43 30.07 147.81 -38.50
CA VAL R 43 31.35 148.50 -38.48
C VAL R 43 31.12 149.97 -38.70
N MET R 44 30.99 150.70 -37.59
CA MET R 44 30.95 152.14 -37.51
C MET R 44 31.37 152.36 -36.07
N VAL R 45 31.25 153.59 -35.55
CA VAL R 45 31.38 153.87 -34.12
C VAL R 45 30.17 154.70 -33.80
N GLY R 46 29.57 154.56 -32.61
CA GLY R 46 28.36 155.31 -32.24
C GLY R 46 27.09 154.75 -32.83
N MET R 47 27.08 153.43 -33.08
CA MET R 47 25.88 152.69 -33.34
C MET R 47 25.43 152.11 -32.03
N GLY R 48 24.10 152.09 -31.82
CA GLY R 48 23.40 151.24 -30.87
C GLY R 48 24.02 151.04 -29.48
N GLN R 49 24.71 149.91 -29.20
CA GLN R 49 24.83 148.72 -30.04
C GLN R 49 23.49 148.05 -30.19
N LYS R 50 22.78 147.88 -29.05
CA LYS R 50 21.48 147.21 -28.95
C LYS R 50 21.53 145.75 -29.42
N ASP R 51 21.64 144.79 -28.47
CA ASP R 51 21.76 143.35 -28.72
C ASP R 51 20.65 142.81 -29.63
N SER R 52 19.45 143.39 -29.52
CA SER R 52 18.32 142.92 -30.27
C SER R 52 17.27 144.01 -30.28
N TYR R 53 16.36 143.96 -31.27
CA TYR R 53 15.25 144.87 -31.47
C TYR R 53 13.98 144.09 -31.34
N VAL R 54 12.93 144.70 -30.78
CA VAL R 54 11.68 144.06 -30.44
C VAL R 54 10.56 144.88 -31.03
N GLY R 55 9.47 144.22 -31.47
CA GLY R 55 8.29 144.92 -31.93
C GLY R 55 8.41 145.41 -33.36
N ASP R 56 7.65 146.44 -33.76
CA ASP R 56 7.68 147.02 -35.08
C ASP R 56 8.97 147.83 -35.39
N GLU R 57 9.84 148.09 -34.38
CA GLU R 57 11.24 148.48 -34.57
C GLU R 57 12.02 147.49 -35.45
N ALA R 58 11.83 146.17 -35.22
CA ALA R 58 12.36 145.08 -36.01
C ALA R 58 11.81 145.03 -37.43
N GLN R 59 10.50 145.37 -37.63
CA GLN R 59 9.89 145.53 -38.94
C GLN R 59 10.52 146.63 -39.76
N SER R 60 10.82 147.80 -39.13
CA SER R 60 11.50 148.94 -39.74
C SER R 60 12.93 148.61 -40.14
N LYS R 61 13.70 147.98 -39.23
CA LYS R 61 15.07 147.58 -39.50
C LYS R 61 15.14 146.11 -39.80
N ARG R 62 14.52 145.66 -40.90
CA ARG R 62 14.34 144.25 -41.14
C ARG R 62 15.53 143.53 -41.75
N GLY R 63 16.22 144.19 -42.71
CA GLY R 63 17.18 143.56 -43.58
C GLY R 63 18.47 143.10 -42.94
N ILE R 64 18.89 143.81 -41.89
CA ILE R 64 20.04 143.48 -41.05
C ILE R 64 19.77 142.27 -40.19
N LEU R 65 18.56 142.23 -39.63
CA LEU R 65 18.14 141.34 -38.57
C LEU R 65 17.83 139.97 -39.10
N THR R 66 18.10 138.97 -38.28
CA THR R 66 17.40 137.71 -38.39
C THR R 66 16.28 137.84 -37.37
N LEU R 67 15.05 137.45 -37.73
CA LEU R 67 13.89 137.58 -36.87
C LEU R 67 13.54 136.22 -36.34
N LYS R 68 13.26 136.17 -35.04
CA LYS R 68 12.85 134.96 -34.40
C LYS R 68 11.50 135.23 -33.77
N TYR R 69 10.46 134.49 -34.21
CA TYR R 69 9.20 134.41 -33.50
C TYR R 69 9.46 133.60 -32.22
N PRO R 70 9.12 134.06 -31.02
CA PRO R 70 9.44 133.33 -29.80
C PRO R 70 8.35 132.37 -29.48
N ILE R 71 7.16 132.52 -30.09
CA ILE R 71 6.03 131.64 -29.87
C ILE R 71 5.81 130.87 -31.14
N GLU R 72 5.80 129.53 -31.08
CA GLU R 72 5.43 128.69 -32.20
C GLU R 72 4.38 127.73 -31.73
N HIS R 73 3.26 127.66 -32.47
CA HIS R 73 2.13 126.77 -32.24
C HIS R 73 1.44 126.96 -30.90
N GLY R 74 1.43 128.22 -30.40
CA GLY R 74 0.96 128.58 -29.07
C GLY R 74 1.96 128.29 -27.99
N ILE R 75 3.15 127.73 -28.33
CA ILE R 75 4.18 127.34 -27.39
C ILE R 75 5.26 128.38 -27.41
N ILE R 76 5.67 128.91 -26.24
CA ILE R 76 6.85 129.74 -26.21
C ILE R 76 8.08 128.88 -26.34
N THR R 77 8.84 129.08 -27.43
CA THR R 77 10.10 128.42 -27.70
C THR R 77 11.21 128.98 -26.85
N ASN R 78 11.25 130.32 -26.74
CA ASN R 78 12.28 131.03 -26.03
C ASN R 78 11.70 132.05 -25.05
N TRP R 79 11.98 131.85 -23.74
CA TRP R 79 11.40 132.60 -22.64
C TRP R 79 11.92 134.00 -22.44
N ASP R 80 13.26 134.21 -22.61
CA ASP R 80 13.90 135.50 -22.51
C ASP R 80 13.36 136.44 -23.59
N ASP R 81 13.22 135.95 -24.83
CA ASP R 81 12.60 136.64 -25.95
C ASP R 81 11.13 137.05 -25.65
N MET R 82 10.30 136.18 -25.03
CA MET R 82 8.97 136.55 -24.54
C MET R 82 8.96 137.61 -23.45
N GLU R 83 9.87 137.50 -22.47
CA GLU R 83 10.06 138.50 -21.44
C GLU R 83 10.42 139.85 -22.03
N LYS R 84 11.35 139.90 -23.00
CA LYS R 84 11.70 141.09 -23.76
C LYS R 84 10.52 141.73 -24.50
N ILE R 85 9.65 140.91 -25.11
CA ILE R 85 8.42 141.37 -25.73
C ILE R 85 7.47 142.01 -24.74
N TRP R 86 7.21 141.37 -23.60
CA TRP R 86 6.43 141.97 -22.54
C TRP R 86 7.08 143.19 -21.92
N HIS R 87 8.43 143.21 -21.76
CA HIS R 87 9.13 144.40 -21.32
C HIS R 87 8.92 145.61 -22.23
N HIS R 88 8.97 145.36 -23.56
CA HIS R 88 8.62 146.30 -24.62
C HIS R 88 7.15 146.77 -24.49
N THR R 89 6.12 145.88 -24.29
CA THR R 89 4.71 146.31 -24.14
C THR R 89 4.48 147.31 -23.03
N PHE R 90 5.02 146.98 -21.85
CA PHE R 90 4.76 147.75 -20.65
C PHE R 90 5.51 149.04 -20.62
N TYR R 91 6.83 149.01 -20.92
CA TYR R 91 7.64 150.22 -20.81
C TYR R 91 7.65 151.04 -22.07
N ASN R 92 7.80 150.42 -23.27
CA ASN R 92 7.90 151.18 -24.52
C ASN R 92 6.55 151.76 -24.96
N GLU R 93 5.45 150.98 -24.92
CA GLU R 93 4.15 151.47 -25.37
C GLU R 93 3.29 152.00 -24.25
N LEU R 94 2.90 151.15 -23.29
CA LEU R 94 1.83 151.52 -22.37
C LEU R 94 2.26 152.46 -21.28
N ARG R 95 3.55 152.41 -20.91
CA ARG R 95 4.21 153.23 -19.92
C ARG R 95 3.63 153.07 -18.54
N VAL R 96 3.47 151.81 -18.13
CA VAL R 96 2.81 151.44 -16.90
C VAL R 96 3.84 150.78 -16.04
N ALA R 97 3.67 150.84 -14.70
CA ALA R 97 4.35 149.96 -13.80
C ALA R 97 3.40 148.76 -13.60
N PRO R 98 3.71 147.51 -13.94
CA PRO R 98 2.83 146.37 -13.70
C PRO R 98 2.46 146.19 -12.23
N GLU R 99 3.24 146.68 -11.24
CA GLU R 99 2.90 146.73 -9.82
C GLU R 99 1.58 147.45 -9.54
N GLU R 100 1.19 148.38 -10.43
CA GLU R 100 0.01 149.19 -10.27
C GLU R 100 -1.18 148.60 -11.00
N HIS R 101 -1.06 147.45 -11.69
CA HIS R 101 -2.20 146.94 -12.46
C HIS R 101 -2.34 145.43 -12.37
N PRO R 102 -3.49 144.80 -12.16
CA PRO R 102 -3.66 143.38 -12.47
C PRO R 102 -3.57 143.07 -13.97
N THR R 103 -2.92 141.98 -14.40
CA THR R 103 -2.66 141.69 -15.82
C THR R 103 -3.32 140.40 -16.27
N LEU R 104 -4.18 140.47 -17.29
CA LEU R 104 -4.78 139.34 -17.94
C LEU R 104 -3.90 138.90 -19.11
N LEU R 105 -3.60 137.61 -19.20
CA LEU R 105 -2.99 137.01 -20.37
C LEU R 105 -3.97 136.07 -20.99
N THR R 106 -4.00 136.07 -22.32
CA THR R 106 -4.66 135.01 -23.05
C THR R 106 -3.71 133.86 -23.26
N GLU R 107 -4.25 132.66 -23.54
CA GLU R 107 -3.46 131.49 -23.86
C GLU R 107 -4.33 130.51 -24.61
N ALA R 108 -3.72 129.62 -25.41
CA ALA R 108 -4.44 128.77 -26.33
C ALA R 108 -4.94 127.44 -25.71
N PRO R 109 -6.07 126.84 -26.09
CA PRO R 109 -6.44 125.50 -25.65
C PRO R 109 -5.49 124.35 -25.88
N LEU R 110 -5.58 123.33 -25.00
CA LEU R 110 -4.88 122.05 -25.08
C LEU R 110 -3.38 122.30 -25.10
N ASN R 111 -2.96 123.36 -24.43
CA ASN R 111 -1.63 123.86 -24.49
C ASN R 111 -0.88 123.23 -23.33
N PRO R 112 0.37 122.75 -23.49
CA PRO R 112 1.24 122.37 -22.41
C PRO R 112 1.12 123.16 -21.12
N LYS R 113 1.09 122.46 -19.98
CA LYS R 113 0.96 123.02 -18.66
C LYS R 113 2.07 123.98 -18.31
N ALA R 114 3.29 123.65 -18.78
CA ALA R 114 4.52 124.38 -18.62
C ALA R 114 4.43 125.80 -19.13
N ASN R 115 3.73 126.07 -20.26
CA ASN R 115 3.50 127.42 -20.71
C ASN R 115 2.68 128.24 -19.72
N ARG R 116 1.52 127.73 -19.23
CA ARG R 116 0.73 128.44 -18.24
C ARG R 116 1.46 128.69 -16.92
N GLU R 117 2.12 127.65 -16.37
CA GLU R 117 2.90 127.68 -15.14
C GLU R 117 4.16 128.52 -15.21
N LYS R 118 4.92 128.46 -16.32
CA LYS R 118 6.05 129.36 -16.52
C LYS R 118 5.65 130.79 -16.82
N MET R 119 4.52 131.01 -17.54
CA MET R 119 3.95 132.31 -17.83
C MET R 119 3.58 133.09 -16.55
N THR R 120 2.94 132.38 -15.58
CA THR R 120 2.67 132.91 -14.24
C THR R 120 3.90 133.15 -13.42
N GLN R 121 4.88 132.25 -13.46
CA GLN R 121 6.15 132.40 -12.79
C GLN R 121 6.90 133.67 -13.21
N ILE R 122 6.94 133.95 -14.54
CA ILE R 122 7.46 135.22 -15.05
C ILE R 122 6.62 136.41 -14.64
N MET R 123 5.28 136.33 -14.73
CA MET R 123 4.48 137.49 -14.33
C MET R 123 4.67 137.87 -12.89
N PHE R 124 4.76 136.93 -11.95
CA PHE R 124 5.06 137.31 -10.58
C PHE R 124 6.52 137.67 -10.28
N GLU R 125 7.51 136.94 -10.85
CA GLU R 125 8.91 137.05 -10.46
C GLU R 125 9.79 137.77 -11.46
N THR R 126 9.18 138.46 -12.43
CA THR R 126 9.88 139.32 -13.36
C THR R 126 9.28 140.70 -13.26
N PHE R 127 8.03 140.91 -13.70
CA PHE R 127 7.38 142.20 -13.54
C PHE R 127 6.54 142.13 -12.29
N ASN R 128 6.98 142.65 -11.13
CA ASN R 128 6.21 142.45 -9.91
C ASN R 128 4.77 142.96 -10.09
N VAL R 129 3.73 142.16 -9.79
CA VAL R 129 2.38 142.48 -10.23
C VAL R 129 1.44 142.06 -9.10
N PRO R 130 0.34 142.76 -8.75
CA PRO R 130 -0.52 142.36 -7.65
C PRO R 130 -1.30 141.10 -7.94
N ALA R 131 -1.68 140.90 -9.21
CA ALA R 131 -2.51 139.80 -9.57
C ALA R 131 -2.49 139.56 -11.05
N MET R 132 -2.92 138.37 -11.48
CA MET R 132 -2.96 138.04 -12.86
C MET R 132 -3.98 136.97 -13.13
N TYR R 133 -4.23 136.70 -14.42
CA TYR R 133 -5.07 135.60 -14.80
C TYR R 133 -4.55 135.14 -16.14
N VAL R 134 -4.71 133.85 -16.47
CA VAL R 134 -4.46 133.28 -17.76
C VAL R 134 -5.80 132.73 -18.18
N ALA R 135 -6.23 133.04 -19.41
CA ALA R 135 -7.54 132.70 -19.88
C ALA R 135 -7.50 132.11 -21.25
N ILE R 136 -8.51 131.30 -21.58
CA ILE R 136 -8.55 130.63 -22.86
C ILE R 136 -8.96 131.57 -23.99
N GLN R 137 -8.27 131.57 -25.15
CA GLN R 137 -8.54 132.52 -26.25
C GLN R 137 -9.97 132.54 -26.79
N ALA R 138 -10.55 131.34 -27.01
CA ALA R 138 -11.86 131.19 -27.62
C ALA R 138 -13.04 131.72 -26.83
N VAL R 139 -13.04 131.52 -25.50
CA VAL R 139 -14.04 132.07 -24.60
C VAL R 139 -14.04 133.58 -24.60
N LEU R 140 -12.85 134.24 -24.63
CA LEU R 140 -12.75 135.68 -24.72
C LEU R 140 -13.37 136.23 -26.01
N SER R 141 -13.14 135.60 -27.18
CA SER R 141 -13.80 136.03 -28.41
C SER R 141 -15.31 135.90 -28.38
N LEU R 142 -15.82 134.83 -27.74
CA LEU R 142 -17.24 134.64 -27.51
C LEU R 142 -17.88 135.77 -26.69
N TYR R 143 -17.22 136.19 -25.58
CA TYR R 143 -17.60 137.36 -24.79
C TYR R 143 -17.64 138.63 -25.60
N ALA R 144 -16.60 138.86 -26.45
CA ALA R 144 -16.49 140.00 -27.33
C ALA R 144 -17.62 140.08 -28.35
N SER R 145 -18.05 138.91 -28.87
CA SER R 145 -19.19 138.81 -29.76
C SER R 145 -20.53 138.97 -29.06
N GLY R 146 -20.57 138.94 -27.70
CA GLY R 146 -21.76 139.24 -26.92
C GLY R 146 -22.77 138.12 -26.87
N ARG R 147 -22.32 136.88 -27.12
CA ARG R 147 -23.18 135.74 -27.25
C ARG R 147 -22.86 134.78 -26.13
N THR R 148 -23.84 134.00 -25.64
CA THR R 148 -23.61 133.12 -24.51
C THR R 148 -23.26 131.72 -24.97
N THR R 149 -23.45 131.44 -26.27
CA THR R 149 -23.43 130.14 -26.90
C THR R 149 -22.84 130.29 -28.26
N GLY R 150 -22.03 129.31 -28.65
CA GLY R 150 -21.47 129.22 -29.96
C GLY R 150 -20.34 128.27 -29.99
N ILE R 151 -19.89 127.95 -31.18
CA ILE R 151 -18.67 127.19 -31.35
C ILE R 151 -17.68 128.15 -31.89
N VAL R 152 -16.61 128.38 -31.14
CA VAL R 152 -15.65 129.37 -31.51
C VAL R 152 -14.53 128.71 -32.26
N LEU R 153 -14.38 129.10 -33.53
CA LEU R 153 -13.29 128.74 -34.38
C LEU R 153 -12.24 129.82 -34.22
N ASP R 154 -11.15 129.52 -33.52
CA ASP R 154 -10.08 130.42 -33.19
C ASP R 154 -8.97 129.96 -34.09
N SER R 155 -8.50 130.85 -34.98
CA SER R 155 -7.27 130.58 -35.67
C SER R 155 -6.42 131.83 -35.71
N GLY R 156 -5.28 131.79 -35.00
CA GLY R 156 -4.30 132.86 -35.05
C GLY R 156 -3.16 132.56 -36.00
N ASP R 157 -2.00 133.22 -35.77
CA ASP R 157 -0.76 132.86 -36.42
C ASP R 157 -0.07 131.71 -35.69
N GLY R 158 -0.51 131.43 -34.44
CA GLY R 158 0.04 130.36 -33.61
C GLY R 158 -0.50 129.02 -34.01
N VAL R 159 -1.73 128.65 -33.59
CA VAL R 159 -2.33 127.40 -34.01
C VAL R 159 -3.81 127.73 -34.12
N THR R 160 -4.60 126.85 -34.76
CA THR R 160 -6.05 126.78 -34.84
C THR R 160 -6.62 125.94 -33.71
N HIS R 161 -7.69 126.44 -33.06
CA HIS R 161 -8.38 125.86 -31.95
C HIS R 161 -9.87 125.98 -32.18
N ASN R 162 -10.66 125.16 -31.49
CA ASN R 162 -12.07 125.10 -31.68
C ASN R 162 -12.63 124.75 -30.31
N VAL R 163 -13.48 125.60 -29.73
CA VAL R 163 -14.06 125.36 -28.42
C VAL R 163 -15.58 125.53 -28.56
N PRO R 164 -16.41 124.49 -28.45
CA PRO R 164 -17.86 124.63 -28.33
C PRO R 164 -18.22 125.03 -26.92
N ILE R 165 -19.18 125.95 -26.80
CA ILE R 165 -19.68 126.45 -25.56
C ILE R 165 -21.18 126.39 -25.68
N TYR R 166 -21.89 126.12 -24.57
CA TYR R 166 -23.34 126.17 -24.52
C TYR R 166 -23.77 126.81 -23.21
N GLU R 167 -24.39 128.00 -23.27
CA GLU R 167 -24.98 128.72 -22.17
C GLU R 167 -23.97 129.07 -21.07
N GLY R 168 -22.83 129.66 -21.48
CA GLY R 168 -21.61 129.46 -20.72
C GLY R 168 -21.17 128.02 -20.86
N TYR R 169 -20.92 127.30 -19.72
CA TYR R 169 -20.32 125.97 -19.67
C TYR R 169 -19.11 125.84 -20.59
N ALA R 170 -18.89 124.66 -21.19
CA ALA R 170 -17.71 124.34 -22.00
C ALA R 170 -17.64 122.84 -22.05
N LEU R 171 -17.12 122.27 -23.14
CA LEU R 171 -17.04 120.83 -23.28
C LEU R 171 -15.60 120.38 -23.50
N PRO R 172 -14.86 119.88 -22.49
CA PRO R 172 -13.44 119.57 -22.62
C PRO R 172 -13.09 118.54 -23.67
N HIS R 173 -13.91 117.46 -23.80
CA HIS R 173 -13.75 116.40 -24.77
C HIS R 173 -14.00 116.85 -26.21
N ALA R 174 -14.91 117.83 -26.37
CA ALA R 174 -15.28 118.37 -27.65
C ALA R 174 -14.36 119.50 -28.13
N ILE R 175 -13.48 120.06 -27.27
CA ILE R 175 -12.43 120.98 -27.69
C ILE R 175 -11.47 120.31 -28.64
N MET R 176 -11.22 120.94 -29.80
CA MET R 176 -10.32 120.45 -30.81
C MET R 176 -9.26 121.48 -31.08
N ARG R 177 -8.03 121.02 -31.31
CA ARG R 177 -6.90 121.83 -31.66
C ARG R 177 -6.33 121.22 -32.91
N LEU R 178 -6.10 122.05 -33.93
CA LEU R 178 -5.67 121.65 -35.24
C LEU R 178 -4.42 122.42 -35.58
N ASP R 179 -3.31 121.72 -35.89
CA ASP R 179 -2.05 122.35 -36.21
C ASP R 179 -2.06 122.84 -37.66
N LEU R 180 -2.68 124.01 -37.84
CA LEU R 180 -2.62 124.86 -39.01
C LEU R 180 -2.60 126.24 -38.47
N ALA R 181 -2.06 127.19 -39.24
CA ALA R 181 -2.01 128.54 -38.79
C ALA R 181 -1.82 129.48 -39.95
N GLY R 182 -1.88 130.81 -39.67
CA GLY R 182 -1.29 131.83 -40.52
C GLY R 182 0.15 131.55 -40.91
N ARG R 183 1.02 131.19 -39.97
CA ARG R 183 2.41 130.91 -40.24
C ARG R 183 2.67 129.76 -41.22
N ASP R 184 1.93 128.64 -41.08
CA ASP R 184 1.99 127.50 -41.99
C ASP R 184 1.47 127.84 -43.40
N LEU R 185 0.43 128.70 -43.51
CA LEU R 185 0.02 129.30 -44.78
C LEU R 185 1.07 130.19 -45.41
N THR R 186 1.81 130.97 -44.61
CA THR R 186 2.97 131.72 -45.09
C THR R 186 4.08 130.84 -45.65
N ASP R 187 4.47 129.74 -44.95
CA ASP R 187 5.46 128.76 -45.40
C ASP R 187 4.98 128.04 -46.68
N TYR R 188 3.70 127.66 -46.78
CA TYR R 188 3.09 127.18 -48.01
C TYR R 188 3.14 128.20 -49.14
N LEU R 189 2.83 129.47 -48.83
CA LEU R 189 2.80 130.54 -49.81
C LEU R 189 4.13 130.84 -50.43
N MET R 190 5.20 130.99 -49.65
CA MET R 190 6.52 131.21 -50.20
C MET R 190 7.02 130.01 -51.00
N LYS R 191 6.61 128.76 -50.63
CA LYS R 191 6.76 127.58 -51.46
C LYS R 191 6.00 127.59 -52.78
N ILE R 192 4.76 128.10 -52.83
CA ILE R 192 4.01 128.16 -54.07
C ILE R 192 4.37 129.38 -54.93
N LEU R 193 5.07 130.41 -54.42
CA LEU R 193 5.62 131.47 -55.26
C LEU R 193 6.81 131.01 -56.12
N THR R 194 7.55 129.98 -55.66
CA THR R 194 8.79 129.53 -56.31
C THR R 194 8.58 128.98 -57.71
N GLU R 195 7.41 128.36 -57.99
CA GLU R 195 7.05 127.84 -59.30
C GLU R 195 6.84 128.98 -60.30
N ARG R 196 6.62 130.23 -59.80
CA ARG R 196 6.48 131.39 -60.63
C ARG R 196 7.83 132.10 -60.89
N GLY R 197 8.89 131.69 -60.16
CA GLY R 197 10.25 132.22 -60.27
C GLY R 197 10.64 133.15 -59.16
N TYR R 198 9.69 133.56 -58.29
CA TYR R 198 9.99 134.45 -57.19
C TYR R 198 10.41 133.64 -55.97
N SER R 199 11.63 133.88 -55.47
CA SER R 199 12.22 133.03 -54.45
C SER R 199 12.51 133.87 -53.26
N PHE R 200 11.84 133.57 -52.14
CA PHE R 200 11.95 134.31 -50.93
C PHE R 200 12.49 133.34 -49.92
N VAL R 201 13.75 133.51 -49.49
CA VAL R 201 14.51 132.45 -48.86
C VAL R 201 14.78 132.77 -47.41
N THR R 202 14.51 134.01 -46.95
CA THR R 202 15.04 134.50 -45.67
C THR R 202 13.89 135.09 -44.87
N THR R 203 14.07 135.23 -43.54
CA THR R 203 13.06 135.70 -42.59
C THR R 203 12.47 137.07 -42.89
N ALA R 204 13.31 138.02 -43.32
CA ALA R 204 12.93 139.36 -43.70
C ALA R 204 11.87 139.44 -44.82
N GLU R 205 12.03 138.71 -45.95
CA GLU R 205 11.02 138.68 -46.98
C GLU R 205 9.95 137.62 -46.77
N ARG R 206 10.12 136.72 -45.80
CA ARG R 206 9.06 135.87 -45.27
C ARG R 206 7.94 136.69 -44.63
N GLU R 207 8.28 137.81 -43.98
CA GLU R 207 7.32 138.79 -43.56
C GLU R 207 6.77 139.67 -44.67
N ILE R 208 7.50 139.84 -45.79
CA ILE R 208 6.92 140.40 -47.03
C ILE R 208 5.83 139.51 -47.65
N VAL R 209 5.98 138.17 -47.71
CA VAL R 209 4.87 137.30 -48.14
C VAL R 209 3.76 137.21 -47.12
N ARG R 210 4.06 137.41 -45.81
CA ARG R 210 3.02 137.57 -44.82
C ARG R 210 2.14 138.78 -45.12
N ASP R 211 2.73 139.98 -45.44
CA ASP R 211 2.03 141.19 -45.87
C ASP R 211 1.22 141.00 -47.17
N ILE R 212 1.77 140.25 -48.16
CA ILE R 212 1.05 139.89 -49.39
C ILE R 212 -0.22 139.14 -49.09
N LYS R 213 -0.08 138.10 -48.26
CA LYS R 213 -1.14 137.22 -47.88
C LYS R 213 -2.21 137.87 -47.02
N GLU R 214 -1.85 138.85 -46.17
CA GLU R 214 -2.72 139.73 -45.40
C GLU R 214 -3.63 140.62 -46.24
N LYS R 215 -3.32 140.87 -47.54
CA LYS R 215 -4.28 141.56 -48.40
C LYS R 215 -4.62 140.83 -49.70
N LEU R 216 -3.65 140.31 -50.47
CA LEU R 216 -3.96 139.79 -51.78
C LEU R 216 -4.78 138.51 -51.73
N CYS R 217 -4.40 137.57 -50.85
CA CYS R 217 -5.04 136.27 -50.73
C CYS R 217 -6.54 136.32 -50.43
N TYR R 218 -7.32 135.39 -51.02
CA TYR R 218 -8.71 135.29 -50.68
C TYR R 218 -9.08 133.82 -50.77
N VAL R 219 -10.25 133.43 -50.26
CA VAL R 219 -10.73 132.05 -50.34
C VAL R 219 -11.78 131.90 -51.41
N ALA R 220 -11.60 130.92 -52.31
CA ALA R 220 -12.56 130.55 -53.32
C ALA R 220 -13.90 130.04 -52.81
N LEU R 221 -15.02 130.51 -53.40
CA LEU R 221 -16.36 130.01 -53.09
C LEU R 221 -16.62 128.72 -53.80
N ASP R 222 -15.80 128.41 -54.82
CA ASP R 222 -15.51 127.04 -55.14
C ASP R 222 -14.10 127.03 -55.70
N PHE R 223 -13.21 126.14 -55.19
CA PHE R 223 -11.80 126.09 -55.52
C PHE R 223 -11.58 125.70 -56.99
N GLU R 224 -12.21 124.61 -57.45
CA GLU R 224 -12.04 124.09 -58.79
C GLU R 224 -12.56 125.05 -59.84
N ASN R 225 -13.71 125.69 -59.60
CA ASN R 225 -14.27 126.70 -60.48
C ASN R 225 -13.34 127.90 -60.65
N GLU R 226 -12.78 128.43 -59.54
CA GLU R 226 -11.81 129.51 -59.61
C GLU R 226 -10.47 129.13 -60.22
N MET R 227 -9.99 127.90 -59.96
CA MET R 227 -8.84 127.33 -60.65
C MET R 227 -9.03 127.07 -62.14
N ALA R 228 -10.24 126.67 -62.58
CA ALA R 228 -10.60 126.61 -63.98
C ALA R 228 -10.61 127.97 -64.69
N THR R 229 -11.18 129.03 -64.06
CA THR R 229 -11.20 130.39 -64.64
C THR R 229 -9.83 131.07 -64.56
N ALA R 230 -8.86 130.52 -63.80
CA ALA R 230 -7.46 130.90 -63.90
C ALA R 230 -6.78 130.61 -65.25
N ALA R 231 -7.42 129.83 -66.17
CA ALA R 231 -6.97 129.71 -67.54
C ALA R 231 -7.02 131.03 -68.32
N SER R 232 -8.11 131.82 -68.17
CA SER R 232 -8.24 133.15 -68.74
C SER R 232 -7.89 134.18 -67.69
N SER R 233 -6.59 134.45 -67.50
CA SER R 233 -6.15 135.35 -66.44
C SER R 233 -6.48 136.80 -66.72
N SER R 234 -7.30 137.40 -65.85
CA SER R 234 -7.69 138.79 -65.94
C SER R 234 -7.72 139.38 -64.53
N SER R 235 -8.76 139.07 -63.74
CA SER R 235 -8.91 139.64 -62.40
C SER R 235 -8.16 138.91 -61.30
N LEU R 236 -7.73 137.67 -61.59
CA LEU R 236 -7.11 136.79 -60.62
C LEU R 236 -5.65 137.12 -60.43
N GLU R 237 -5.02 137.76 -61.42
CA GLU R 237 -3.71 138.32 -61.30
C GLU R 237 -3.80 139.64 -60.56
N LYS R 238 -2.85 139.90 -59.66
CA LYS R 238 -2.67 141.21 -59.08
C LYS R 238 -1.21 141.46 -59.04
N SER R 239 -0.85 142.66 -59.52
CA SER R 239 0.43 143.31 -59.31
C SER R 239 0.60 143.66 -57.84
N TYR R 240 1.76 143.31 -57.27
CA TYR R 240 2.19 143.65 -55.93
C TYR R 240 3.55 144.30 -56.04
N GLU R 241 3.78 145.38 -55.28
CA GLU R 241 5.02 146.12 -55.21
C GLU R 241 5.81 145.63 -54.02
N LEU R 242 7.07 145.18 -54.20
CA LEU R 242 7.98 144.88 -53.10
C LEU R 242 8.64 146.15 -52.59
N PRO R 243 9.14 146.22 -51.35
CA PRO R 243 9.95 147.34 -50.88
C PRO R 243 11.25 147.55 -51.66
N ASP R 244 11.77 146.52 -52.36
CA ASP R 244 12.88 146.59 -53.28
C ASP R 244 12.54 147.47 -54.51
N GLY R 245 11.26 147.50 -54.94
CA GLY R 245 10.81 148.14 -56.18
C GLY R 245 10.59 147.13 -57.28
N GLN R 246 10.85 145.85 -56.96
CA GLN R 246 10.42 144.74 -57.77
C GLN R 246 8.92 144.49 -57.73
N VAL R 247 8.34 144.09 -58.87
CA VAL R 247 6.93 143.88 -59.01
C VAL R 247 6.70 142.40 -59.12
N ILE R 248 5.68 141.90 -58.43
CA ILE R 248 5.26 140.53 -58.36
C ILE R 248 3.86 140.45 -58.91
N THR R 249 3.57 139.43 -59.72
CA THR R 249 2.28 139.26 -60.38
C THR R 249 1.78 137.89 -60.05
N ILE R 250 0.72 137.76 -59.23
CA ILE R 250 0.27 136.48 -58.67
C ILE R 250 -1.14 136.13 -59.10
N GLY R 251 -1.33 134.98 -59.77
CA GLY R 251 -2.60 134.56 -60.36
C GLY R 251 -3.37 133.61 -59.48
N ASN R 252 -3.47 132.34 -59.89
CA ASN R 252 -4.21 131.30 -59.17
C ASN R 252 -3.61 130.88 -57.84
N GLU R 253 -2.29 131.07 -57.75
CA GLU R 253 -1.42 130.94 -56.61
C GLU R 253 -1.91 131.71 -55.41
N ARG R 254 -2.52 132.89 -55.65
CA ARG R 254 -3.17 133.69 -54.65
C ARG R 254 -4.25 132.97 -53.82
N PHE R 255 -5.29 132.35 -54.45
CA PHE R 255 -6.42 131.84 -53.68
C PHE R 255 -6.22 130.42 -53.23
N ARG R 256 -5.28 129.67 -53.84
CA ARG R 256 -4.99 128.34 -53.36
C ARG R 256 -4.12 128.30 -52.12
N CYS R 257 -3.50 129.43 -51.71
CA CYS R 257 -2.90 129.49 -50.38
C CYS R 257 -3.92 129.40 -49.25
N PRO R 258 -5.03 130.15 -49.13
CA PRO R 258 -5.97 129.89 -48.05
C PRO R 258 -6.75 128.59 -48.19
N GLU R 259 -6.81 128.00 -49.41
CA GLU R 259 -7.47 126.73 -49.70
C GLU R 259 -6.90 125.60 -48.85
N THR R 260 -5.60 125.68 -48.47
CA THR R 260 -4.92 124.77 -47.54
C THR R 260 -5.65 124.53 -46.23
N LEU R 261 -6.40 125.53 -45.68
CA LEU R 261 -7.24 125.35 -44.50
C LEU R 261 -8.32 124.30 -44.67
N PHE R 262 -8.82 124.14 -45.89
CA PHE R 262 -9.90 123.25 -46.26
C PHE R 262 -9.37 122.00 -46.97
N GLN R 263 -8.06 121.99 -47.30
CA GLN R 263 -7.38 120.86 -47.94
C GLN R 263 -5.96 120.72 -47.37
N PRO R 264 -5.73 120.22 -46.15
CA PRO R 264 -4.38 120.05 -45.58
C PRO R 264 -3.61 118.95 -46.26
N SER R 265 -4.13 118.23 -47.23
CA SER R 265 -3.37 117.39 -48.15
C SER R 265 -2.36 118.18 -48.98
N PHE R 266 -2.60 119.49 -49.25
CA PHE R 266 -1.67 120.42 -49.89
C PHE R 266 -0.42 120.71 -49.08
N ILE R 267 -0.59 120.84 -47.74
CA ILE R 267 0.53 120.98 -46.84
C ILE R 267 1.20 119.60 -46.56
N GLY R 268 0.46 118.49 -46.75
CA GLY R 268 0.93 117.11 -46.58
C GLY R 268 0.54 116.51 -45.26
N MET R 269 -0.33 117.19 -44.50
CA MET R 269 -0.85 116.69 -43.25
C MET R 269 -2.18 116.00 -43.48
N GLU R 270 -2.40 114.87 -42.78
CA GLU R 270 -3.67 114.15 -42.85
C GLU R 270 -4.81 114.85 -42.16
N SER R 271 -4.47 115.57 -41.05
CA SER R 271 -5.38 116.31 -40.19
C SER R 271 -6.43 117.06 -40.95
N ALA R 272 -7.71 116.81 -40.66
CA ALA R 272 -8.80 117.26 -41.48
C ALA R 272 -8.90 118.78 -41.65
N GLY R 273 -9.49 119.25 -42.78
CA GLY R 273 -9.76 120.67 -42.98
C GLY R 273 -10.59 121.27 -41.87
N ILE R 274 -10.57 122.60 -41.77
CA ILE R 274 -11.17 123.33 -40.66
C ILE R 274 -12.68 123.18 -40.50
N HIS R 275 -13.43 122.92 -41.59
CA HIS R 275 -14.84 122.64 -41.56
C HIS R 275 -15.15 121.24 -41.02
N GLU R 276 -14.38 120.20 -41.40
CA GLU R 276 -14.48 118.87 -40.79
C GLU R 276 -14.04 118.86 -39.33
N THR R 277 -13.03 119.66 -38.92
CA THR R 277 -12.67 119.81 -37.49
C THR R 277 -13.82 120.39 -36.68
N THR R 278 -14.54 121.40 -37.23
CA THR R 278 -15.77 121.93 -36.63
C THR R 278 -16.86 120.88 -36.49
N TYR R 279 -17.07 120.02 -37.52
CA TYR R 279 -17.94 118.85 -37.43
C TYR R 279 -17.49 117.88 -36.35
N ASN R 280 -16.18 117.59 -36.27
CA ASN R 280 -15.57 116.73 -35.27
C ASN R 280 -15.83 117.22 -33.84
N SER R 281 -15.71 118.55 -33.59
CA SER R 281 -16.10 119.18 -32.34
C SER R 281 -17.59 119.10 -32.03
N ILE R 282 -18.48 119.46 -32.98
CA ILE R 282 -19.94 119.43 -32.83
C ILE R 282 -20.49 118.02 -32.65
N MET R 283 -19.95 117.01 -33.36
CA MET R 283 -20.27 115.60 -33.19
C MET R 283 -19.89 115.03 -31.85
N LYS R 284 -18.82 115.54 -31.22
CA LYS R 284 -18.48 115.12 -29.88
C LYS R 284 -19.38 115.71 -28.80
N CYS R 285 -20.17 116.76 -29.14
CA CYS R 285 -21.11 117.36 -28.24
C CYS R 285 -22.39 116.56 -28.14
N ASP R 286 -23.14 116.78 -27.04
CA ASP R 286 -24.44 116.18 -26.83
C ASP R 286 -25.44 116.53 -27.94
N ILE R 287 -26.36 115.60 -28.25
CA ILE R 287 -27.31 115.72 -29.36
C ILE R 287 -28.16 116.97 -29.29
N ASP R 288 -28.67 117.30 -28.08
CA ASP R 288 -29.59 118.38 -27.79
C ASP R 288 -29.08 119.77 -28.22
N ILE R 289 -27.82 120.10 -27.86
CA ILE R 289 -27.33 121.44 -28.05
C ILE R 289 -26.92 121.71 -29.47
N ARG R 290 -26.66 120.68 -30.30
CA ARG R 290 -26.04 120.86 -31.60
C ARG R 290 -26.73 121.86 -32.52
N LYS R 291 -28.07 122.00 -32.41
CA LYS R 291 -28.89 122.91 -33.19
C LYS R 291 -28.42 124.35 -33.17
N ASP R 292 -28.00 124.89 -32.00
CA ASP R 292 -27.57 126.27 -31.90
C ASP R 292 -26.09 126.38 -32.22
N LEU R 293 -25.25 125.35 -31.96
CA LEU R 293 -23.85 125.34 -32.35
C LEU R 293 -23.60 125.39 -33.84
N TYR R 294 -24.44 124.70 -34.62
CA TYR R 294 -24.54 124.88 -36.04
C TYR R 294 -24.89 126.31 -36.44
N ALA R 295 -25.85 126.95 -35.73
CA ALA R 295 -26.31 128.28 -36.07
C ALA R 295 -25.53 129.45 -35.41
N ASN R 296 -24.52 129.18 -34.57
CA ASN R 296 -23.84 130.20 -33.77
C ASN R 296 -22.33 129.98 -33.83
N ASN R 297 -21.80 129.48 -34.96
CA ASN R 297 -20.37 129.43 -35.21
C ASN R 297 -19.74 130.83 -35.24
N VAL R 298 -18.74 131.08 -34.38
CA VAL R 298 -18.04 132.34 -34.26
C VAL R 298 -16.64 132.12 -34.79
N MET R 299 -16.22 132.93 -35.77
CA MET R 299 -14.83 132.97 -36.20
C MET R 299 -14.08 134.03 -35.44
N SER R 300 -12.85 133.71 -35.01
CA SER R 300 -11.97 134.66 -34.35
C SER R 300 -10.57 134.50 -34.88
N GLY R 301 -9.71 135.46 -34.54
CA GLY R 301 -8.29 135.39 -34.80
C GLY R 301 -7.87 136.08 -36.07
N GLY R 302 -6.55 136.13 -36.31
CA GLY R 302 -6.04 136.84 -37.48
C GLY R 302 -6.15 136.11 -38.79
N THR R 303 -6.16 134.76 -38.82
CA THR R 303 -6.16 134.01 -40.08
C THR R 303 -7.58 133.58 -40.46
N THR R 304 -8.62 134.14 -39.80
CA THR R 304 -10.00 134.15 -40.31
C THR R 304 -10.30 135.46 -41.00
N MET R 305 -9.32 136.36 -41.20
CA MET R 305 -9.58 137.62 -41.86
C MET R 305 -9.75 137.55 -43.36
N TYR R 306 -9.27 136.49 -44.08
CA TYR R 306 -9.33 136.42 -45.53
C TYR R 306 -10.74 136.60 -46.09
N PRO R 307 -10.96 137.42 -47.12
CA PRO R 307 -12.25 137.53 -47.78
C PRO R 307 -12.81 136.19 -48.28
N GLY R 308 -14.10 135.90 -47.97
CA GLY R 308 -14.80 134.71 -48.45
C GLY R 308 -14.64 133.46 -47.60
N ILE R 309 -13.90 133.49 -46.46
CA ILE R 309 -13.81 132.34 -45.55
C ILE R 309 -15.17 131.92 -45.00
N ALA R 310 -15.96 132.91 -44.53
CA ALA R 310 -17.27 132.70 -43.93
C ALA R 310 -18.26 132.01 -44.86
N ASP R 311 -18.32 132.44 -46.13
CA ASP R 311 -19.11 131.85 -47.19
C ASP R 311 -18.70 130.42 -47.52
N ARG R 312 -17.36 130.16 -47.62
CA ARG R 312 -16.87 128.82 -47.87
C ARG R 312 -17.18 127.84 -46.73
N MET R 313 -16.97 128.25 -45.46
CA MET R 313 -17.34 127.47 -44.29
C MET R 313 -18.83 127.19 -44.23
N GLN R 314 -19.66 128.21 -44.58
CA GLN R 314 -21.10 128.05 -44.64
C GLN R 314 -21.53 127.03 -45.67
N LYS R 315 -20.99 127.10 -46.90
CA LYS R 315 -21.34 126.14 -47.92
C LYS R 315 -20.92 124.69 -47.59
N GLU R 316 -19.70 124.50 -47.00
CA GLU R 316 -19.21 123.19 -46.63
C GLU R 316 -19.89 122.58 -45.43
N ILE R 317 -20.10 123.35 -44.35
CA ILE R 317 -20.81 122.85 -43.19
C ILE R 317 -22.27 122.56 -43.50
N THR R 318 -22.96 123.45 -44.27
CA THR R 318 -24.32 123.18 -44.79
C THR R 318 -24.40 121.94 -45.67
N ALA R 319 -23.40 121.72 -46.56
CA ALA R 319 -23.32 120.52 -47.38
C ALA R 319 -23.15 119.21 -46.60
N LEU R 320 -22.29 119.21 -45.56
CA LEU R 320 -22.08 118.06 -44.69
C LEU R 320 -23.19 117.79 -43.69
N ALA R 321 -23.76 118.85 -43.08
CA ALA R 321 -24.71 118.74 -42.01
C ALA R 321 -26.11 118.36 -42.50
N PRO R 322 -27.04 117.98 -41.63
CA PRO R 322 -28.46 118.03 -41.94
C PRO R 322 -28.94 119.40 -42.42
N SER R 323 -29.57 119.49 -43.62
CA SER R 323 -30.16 120.72 -44.15
C SER R 323 -31.54 120.98 -43.52
N THR R 324 -31.91 120.14 -42.52
CA THR R 324 -33.05 120.24 -41.61
C THR R 324 -32.98 121.50 -40.78
N MET R 325 -31.76 121.93 -40.42
CA MET R 325 -31.53 123.13 -39.64
C MET R 325 -30.62 124.10 -40.35
N LYS R 326 -30.84 125.40 -40.11
CA LYS R 326 -30.10 126.43 -40.80
C LYS R 326 -28.79 126.79 -40.10
N ILE R 327 -27.71 126.82 -40.91
CA ILE R 327 -26.37 127.00 -40.43
C ILE R 327 -26.00 128.45 -40.61
N LYS R 328 -26.20 129.27 -39.58
CA LYS R 328 -25.70 130.63 -39.58
C LYS R 328 -24.28 130.65 -39.03
N ILE R 329 -23.38 131.36 -39.70
CA ILE R 329 -22.04 131.61 -39.22
C ILE R 329 -22.01 133.08 -38.93
N ILE R 330 -21.57 133.45 -37.73
CA ILE R 330 -21.41 134.82 -37.33
C ILE R 330 -19.94 135.11 -37.25
N ALA R 331 -19.42 135.81 -38.26
CA ALA R 331 -18.04 136.18 -38.31
C ALA R 331 -17.97 137.69 -38.39
N PRO R 332 -17.72 138.43 -37.32
CA PRO R 332 -17.77 139.89 -37.36
C PRO R 332 -16.56 140.40 -38.14
N PRO R 333 -16.54 141.49 -38.92
CA PRO R 333 -15.34 142.32 -39.01
C PRO R 333 -14.94 142.80 -37.61
N GLU R 334 -13.64 143.10 -37.40
CA GLU R 334 -13.05 143.35 -36.08
C GLU R 334 -12.67 142.03 -35.39
N ARG R 335 -12.97 140.87 -36.04
CA ARG R 335 -12.73 139.54 -35.50
C ARG R 335 -11.28 139.22 -35.13
N LYS R 336 -10.33 139.98 -35.73
CA LYS R 336 -8.92 139.92 -35.42
C LYS R 336 -8.63 140.25 -33.96
N TYR R 337 -9.34 141.27 -33.41
CA TYR R 337 -9.03 141.78 -32.09
C TYR R 337 -9.98 141.19 -31.07
N SER R 338 -10.86 140.23 -31.47
CA SER R 338 -11.91 139.69 -30.61
C SER R 338 -11.46 139.08 -29.30
N VAL R 339 -10.31 138.39 -29.28
CA VAL R 339 -9.69 137.88 -28.06
C VAL R 339 -9.30 138.98 -27.09
N TRP R 340 -8.65 140.08 -27.55
CA TRP R 340 -8.29 141.20 -26.71
C TRP R 340 -9.51 141.92 -26.15
N ILE R 341 -10.55 142.15 -26.99
CA ILE R 341 -11.81 142.75 -26.56
C ILE R 341 -12.50 141.88 -25.52
N GLY R 342 -12.46 140.54 -25.69
CA GLY R 342 -12.94 139.62 -24.70
C GLY R 342 -12.21 139.63 -23.39
N GLY R 343 -10.91 139.95 -23.44
CA GLY R 343 -10.11 140.18 -22.26
C GLY R 343 -10.38 141.51 -21.58
N SER R 344 -10.68 142.57 -22.38
CA SER R 344 -11.09 143.89 -21.89
C SER R 344 -12.37 143.82 -21.11
N ILE R 345 -13.41 143.15 -21.68
CA ILE R 345 -14.69 142.97 -21.04
C ILE R 345 -14.57 142.13 -19.77
N LEU R 346 -13.78 141.03 -19.78
CA LEU R 346 -13.59 140.19 -18.60
C LEU R 346 -12.99 140.87 -17.39
N ALA R 347 -11.91 141.65 -17.58
CA ALA R 347 -11.28 142.35 -16.49
C ALA R 347 -12.10 143.55 -16.02
N SER R 348 -12.99 144.10 -16.87
CA SER R 348 -13.98 145.10 -16.49
C SER R 348 -15.15 144.55 -15.69
N LEU R 349 -15.43 143.22 -15.77
CA LEU R 349 -16.45 142.58 -14.94
C LEU R 349 -16.15 142.59 -13.45
N SER R 350 -17.12 143.08 -12.64
CA SER R 350 -16.96 143.26 -11.20
C SER R 350 -16.72 141.98 -10.43
N THR R 351 -17.49 140.91 -10.74
CA THR R 351 -17.32 139.58 -10.13
C THR R 351 -15.97 138.95 -10.40
N PHE R 352 -15.43 139.15 -11.62
CA PHE R 352 -14.14 138.64 -12.06
C PHE R 352 -13.00 139.17 -11.19
N GLN R 353 -13.16 140.39 -10.61
CA GLN R 353 -12.21 140.95 -9.67
C GLN R 353 -11.96 140.17 -8.37
N GLN R 354 -12.71 139.08 -8.09
CA GLN R 354 -12.40 138.17 -7.02
C GLN R 354 -11.75 136.87 -7.52
N MET R 355 -11.76 136.59 -8.83
CA MET R 355 -11.28 135.33 -9.40
C MET R 355 -9.87 135.47 -9.90
N TRP R 356 -9.24 136.66 -9.73
CA TRP R 356 -7.85 136.86 -10.04
C TRP R 356 -6.96 135.92 -9.26
N ILE R 357 -5.85 135.46 -9.87
CA ILE R 357 -4.82 134.81 -9.10
C ILE R 357 -4.08 135.90 -8.39
N THR R 358 -4.14 135.98 -7.05
CA THR R 358 -3.43 137.04 -6.34
C THR R 358 -1.96 136.73 -6.28
N LYS R 359 -1.11 137.75 -6.14
CA LYS R 359 0.29 137.57 -5.84
C LYS R 359 0.53 136.81 -4.54
N GLN R 360 -0.27 137.13 -3.49
CA GLN R 360 -0.21 136.46 -2.21
C GLN R 360 -0.46 134.95 -2.32
N GLU R 361 -1.55 134.54 -3.02
CA GLU R 361 -1.92 133.14 -3.22
C GLU R 361 -0.87 132.34 -3.98
N TYR R 362 -0.23 132.96 -4.99
CA TYR R 362 0.97 132.44 -5.64
C TYR R 362 2.15 132.29 -4.68
N ASP R 363 2.48 133.30 -3.85
CA ASP R 363 3.62 133.27 -2.95
C ASP R 363 3.49 132.11 -1.93
N GLU R 364 2.28 131.87 -1.35
CA GLU R 364 2.00 130.69 -0.52
C GLU R 364 1.99 129.36 -1.25
N ALA R 365 1.28 129.25 -2.40
CA ALA R 365 0.94 127.95 -2.92
C ALA R 365 1.68 127.60 -4.21
N GLY R 366 2.54 128.49 -4.73
CA GLY R 366 3.44 128.25 -5.84
C GLY R 366 2.85 128.37 -7.24
N PRO R 367 3.68 128.16 -8.28
CA PRO R 367 3.27 128.35 -9.68
C PRO R 367 2.29 127.31 -10.15
N SER R 368 2.14 126.17 -9.47
CA SER R 368 1.33 125.06 -9.94
C SER R 368 -0.18 125.32 -9.85
N ILE R 369 -0.57 126.34 -9.06
CA ILE R 369 -1.94 126.71 -8.77
C ILE R 369 -2.73 127.26 -9.94
N VAL R 370 -2.08 127.51 -11.09
CA VAL R 370 -2.77 127.99 -12.28
C VAL R 370 -3.93 127.11 -12.65
N HIS R 371 -3.64 125.81 -12.84
CA HIS R 371 -4.61 124.81 -13.27
C HIS R 371 -5.67 124.51 -12.23
N ARG R 372 -5.29 124.60 -10.94
CA ARG R 372 -6.18 124.43 -9.80
C ARG R 372 -7.29 125.47 -9.69
N LYS R 373 -6.99 126.76 -9.96
CA LYS R 373 -7.97 127.82 -9.85
C LYS R 373 -8.69 128.09 -11.16
N CYS R 374 -7.93 128.21 -12.28
CA CYS R 374 -8.45 128.62 -13.57
C CYS R 374 -8.52 127.44 -14.53
N PHE R 375 -9.34 127.60 -15.58
CA PHE R 375 -9.42 126.70 -16.70
C PHE R 375 -8.24 126.92 -17.72
N GLU S 2 -115.38 106.42 13.59
CA GLU S 2 -115.84 105.34 12.68
C GLU S 2 -116.43 104.18 13.45
N ASP S 3 -117.23 103.31 12.80
CA ASP S 3 -117.84 102.16 13.42
C ASP S 3 -116.88 101.01 13.31
N GLU S 4 -116.86 100.14 14.34
CA GLU S 4 -116.06 98.93 14.44
C GLU S 4 -114.55 99.10 14.53
N THR S 5 -114.02 100.29 14.16
CA THR S 5 -112.62 100.74 14.29
C THR S 5 -111.65 100.11 13.31
N THR S 6 -112.17 99.29 12.34
CA THR S 6 -111.43 98.23 11.63
C THR S 6 -110.74 97.26 12.60
N ALA S 7 -109.74 96.49 12.17
CA ALA S 7 -108.88 95.81 13.09
C ALA S 7 -107.64 95.51 12.26
N LEU S 8 -106.53 95.13 12.91
CA LEU S 8 -105.29 94.80 12.25
C LEU S 8 -104.97 93.35 12.44
N VAL S 9 -104.37 92.74 11.41
CA VAL S 9 -104.05 91.33 11.42
C VAL S 9 -102.63 91.19 10.95
N CYS S 10 -101.81 90.42 11.69
CA CYS S 10 -100.46 90.07 11.30
C CYS S 10 -100.24 88.57 11.45
N ASP S 11 -99.78 87.92 10.38
CA ASP S 11 -99.21 86.58 10.40
C ASP S 11 -97.69 86.75 10.43
N ASN S 12 -97.08 86.22 11.52
CA ASN S 12 -95.67 85.94 11.66
C ASN S 12 -95.46 84.50 12.07
N GLY S 13 -95.69 83.55 11.14
CA GLY S 13 -94.71 82.47 11.00
C GLY S 13 -93.33 83.01 10.55
N SER S 14 -92.22 82.23 10.65
CA SER S 14 -90.93 82.65 10.09
C SER S 14 -90.95 82.98 8.61
N GLY S 15 -90.08 83.90 8.17
CA GLY S 15 -89.86 84.12 6.75
C GLY S 15 -90.61 85.30 6.18
N LEU S 16 -91.92 85.45 6.46
CA LEU S 16 -92.74 86.51 5.89
C LEU S 16 -93.66 87.09 6.95
N VAL S 17 -93.74 88.43 7.01
CA VAL S 17 -94.79 89.14 7.68
C VAL S 17 -95.89 89.27 6.67
N LYS S 18 -97.10 88.80 6.97
CA LYS S 18 -98.25 89.14 6.19
C LYS S 18 -99.15 89.98 7.04
N ALA S 19 -99.42 91.23 6.64
CA ALA S 19 -100.14 92.18 7.43
C ALA S 19 -101.07 93.07 6.64
N GLY S 20 -102.14 93.52 7.28
CA GLY S 20 -103.10 94.38 6.63
C GLY S 20 -104.23 94.61 7.55
N PHE S 21 -105.31 95.21 7.01
CA PHE S 21 -106.54 95.42 7.73
C PHE S 21 -107.36 94.16 7.73
N ALA S 22 -107.97 93.83 8.89
CA ALA S 22 -109.09 92.95 8.99
C ALA S 22 -110.29 93.51 8.26
N GLY S 23 -111.06 92.65 7.56
CA GLY S 23 -112.18 93.10 6.75
C GLY S 23 -111.88 93.25 5.29
N ASP S 24 -110.67 92.85 4.85
CA ASP S 24 -110.26 92.84 3.47
C ASP S 24 -109.86 91.40 3.10
N ASP S 25 -109.96 91.03 1.82
CA ASP S 25 -109.69 89.71 1.28
C ASP S 25 -108.19 89.45 1.12
N ALA S 26 -107.36 90.50 0.98
CA ALA S 26 -105.93 90.33 0.88
C ALA S 26 -105.14 91.31 1.76
N PRO S 27 -103.96 90.92 2.27
CA PRO S 27 -103.12 91.80 3.07
C PRO S 27 -102.54 92.90 2.20
N ARG S 28 -102.40 94.12 2.74
CA ARG S 28 -101.72 95.20 2.05
C ARG S 28 -100.23 94.97 1.91
N ALA S 29 -99.59 94.49 3.00
CA ALA S 29 -98.15 94.38 3.07
C ALA S 29 -97.75 92.96 3.33
N VAL S 30 -96.89 92.43 2.46
CA VAL S 30 -96.28 91.15 2.65
C VAL S 30 -94.81 91.36 2.36
N PHE S 31 -93.92 91.02 3.31
CA PHE S 31 -92.51 91.24 3.08
C PHE S 31 -91.71 90.23 3.88
N PRO S 32 -90.45 89.96 3.57
CA PRO S 32 -89.63 89.03 4.33
C PRO S 32 -89.25 89.50 5.70
N SER S 33 -89.42 88.64 6.71
CA SER S 33 -89.09 88.91 8.09
C SER S 33 -87.61 88.81 8.37
N ILE S 34 -86.83 89.81 7.94
CA ILE S 34 -85.39 89.76 8.01
C ILE S 34 -84.90 91.07 8.52
N VAL S 35 -83.86 91.00 9.35
CA VAL S 35 -83.16 92.11 9.89
C VAL S 35 -81.78 91.93 9.36
N GLY S 36 -81.35 92.81 8.46
CA GLY S 36 -80.05 92.73 7.84
C GLY S 36 -79.14 93.83 8.27
N ARG S 37 -77.96 93.47 8.79
CA ARG S 37 -77.07 94.41 9.42
C ARG S 37 -75.87 94.64 8.54
N PRO S 38 -75.40 95.88 8.28
CA PRO S 38 -74.11 96.15 7.67
C PRO S 38 -72.94 95.49 8.40
N ARG S 39 -72.49 94.32 7.90
CA ARG S 39 -71.34 93.60 8.37
C ARG S 39 -70.04 94.31 8.00
N HIS S 40 -69.95 94.87 6.77
CA HIS S 40 -68.77 95.56 6.29
C HIS S 40 -68.84 97.00 6.74
N GLN S 41 -67.77 97.51 7.39
CA GLN S 41 -67.69 98.92 7.73
C GLN S 41 -67.66 99.80 6.50
N GLY S 42 -68.56 100.80 6.44
CA GLY S 42 -68.68 101.67 5.29
C GLY S 42 -67.72 102.82 5.35
N VAL S 43 -67.15 103.22 4.21
CA VAL S 43 -66.23 104.34 4.15
C VAL S 43 -66.65 105.27 3.05
N MET S 44 -67.45 106.27 3.41
CA MET S 44 -67.85 107.39 2.61
C MET S 44 -68.22 108.40 3.68
N VAL S 45 -68.86 109.53 3.33
CA VAL S 45 -69.48 110.43 4.27
C VAL S 45 -70.86 110.67 3.70
N GLY S 46 -71.91 110.83 4.54
CA GLY S 46 -73.28 111.01 4.06
C GLY S 46 -73.95 109.74 3.62
N MET S 47 -73.54 108.62 4.20
CA MET S 47 -74.28 107.38 4.14
C MET S 47 -75.13 107.31 5.36
N GLY S 48 -76.36 106.78 5.18
CA GLY S 48 -77.22 106.24 6.23
C GLY S 48 -77.29 106.99 7.57
N GLN S 49 -76.58 106.56 8.64
CA GLN S 49 -75.81 105.33 8.73
C GLN S 49 -76.72 104.12 8.67
N LYS S 50 -77.83 104.17 9.46
CA LYS S 50 -78.83 103.12 9.58
C LYS S 50 -78.23 101.81 10.12
N ASP S 51 -78.36 101.53 11.44
CA ASP S 51 -77.81 100.37 12.13
C ASP S 51 -78.21 99.05 11.47
N SER S 52 -79.41 98.99 10.90
CA SER S 52 -79.92 97.79 10.31
C SER S 52 -81.05 98.15 9.39
N TYR S 53 -81.35 97.25 8.43
CA TYR S 53 -82.41 97.35 7.45
C TYR S 53 -83.38 96.23 7.68
N VAL S 54 -84.67 96.48 7.46
CA VAL S 54 -85.74 95.56 7.77
C VAL S 54 -86.62 95.42 6.55
N GLY S 55 -87.18 94.23 6.33
CA GLY S 55 -88.12 94.02 5.24
C GLY S 55 -87.48 93.81 3.89
N ASP S 56 -88.16 94.08 2.78
CA ASP S 56 -87.65 93.96 1.44
C ASP S 56 -86.60 95.02 1.06
N GLU S 57 -86.38 96.07 1.89
CA GLU S 57 -85.20 96.93 1.89
C GLU S 57 -83.89 96.13 2.00
N ALA S 58 -83.86 95.13 2.92
CA ALA S 58 -82.77 94.18 3.12
C ALA S 58 -82.57 93.25 1.92
N GLN S 59 -83.67 92.84 1.23
CA GLN S 59 -83.60 92.10 -0.03
C GLN S 59 -82.93 92.87 -1.15
N SER S 60 -83.24 94.18 -1.28
CA SER S 60 -82.64 95.08 -2.25
C SER S 60 -81.15 95.31 -1.98
N LYS S 61 -80.77 95.58 -0.71
CA LYS S 61 -79.40 95.78 -0.32
C LYS S 61 -78.86 94.54 0.34
N ARG S 62 -78.76 93.42 -0.39
CA ARG S 62 -78.48 92.15 0.22
C ARG S 62 -77.02 91.84 0.50
N GLY S 63 -76.13 92.26 -0.44
CA GLY S 63 -74.75 91.81 -0.48
C GLY S 63 -73.85 92.32 0.61
N ILE S 64 -74.15 93.54 1.10
CA ILE S 64 -73.49 94.19 2.23
C ILE S 64 -73.85 93.51 3.53
N LEU S 65 -75.14 93.18 3.67
CA LEU S 65 -75.79 92.79 4.90
C LEU S 65 -75.48 91.34 5.22
N THR S 66 -75.41 91.07 6.53
CA THR S 66 -75.69 89.73 7.00
C THR S 66 -77.13 89.77 7.40
N LEU S 67 -77.93 88.75 7.04
CA LEU S 67 -79.35 88.70 7.32
C LEU S 67 -79.59 87.74 8.44
N LYS S 68 -80.42 88.15 9.38
CA LYS S 68 -80.80 87.32 10.49
C LYS S 68 -82.30 87.21 10.45
N TYR S 69 -82.82 85.96 10.27
CA TYR S 69 -84.20 85.64 10.54
C TYR S 69 -84.40 85.70 12.06
N PRO S 70 -85.36 86.44 12.62
CA PRO S 70 -85.49 86.57 14.06
C PRO S 70 -86.37 85.48 14.59
N ILE S 71 -87.12 84.77 13.72
CA ILE S 71 -87.98 83.69 14.12
C ILE S 71 -87.40 82.42 13.55
N GLU S 72 -87.12 81.41 14.39
CA GLU S 72 -86.72 80.10 13.95
C GLU S 72 -87.62 79.08 14.60
N HIS S 73 -88.20 78.19 13.79
CA HIS S 73 -89.07 77.10 14.20
C HIS S 73 -90.34 77.54 14.92
N GLY S 74 -90.87 78.72 14.55
CA GLY S 74 -91.98 79.38 15.22
C GLY S 74 -91.57 80.11 16.49
N ILE S 75 -90.27 80.05 16.86
CA ILE S 75 -89.74 80.64 18.08
C ILE S 75 -89.05 81.93 17.73
N ILE S 76 -89.38 83.04 18.41
CA ILE S 76 -88.58 84.23 18.25
C ILE S 76 -87.27 84.09 18.98
N THR S 77 -86.15 84.08 18.23
CA THR S 77 -84.79 84.03 18.75
C THR S 77 -84.38 85.34 19.36
N ASN S 78 -84.71 86.45 18.65
CA ASN S 78 -84.33 87.78 19.03
C ASN S 78 -85.53 88.73 19.03
N TRP S 79 -85.86 89.30 20.22
CA TRP S 79 -87.04 90.10 20.45
C TRP S 79 -87.01 91.51 19.90
N ASP S 80 -85.84 92.19 19.99
CA ASP S 80 -85.64 93.53 19.47
C ASP S 80 -85.80 93.52 17.95
N ASP S 81 -85.22 92.53 17.27
CA ASP S 81 -85.39 92.28 15.85
C ASP S 81 -86.86 92.06 15.45
N MET S 82 -87.68 91.29 16.21
CA MET S 82 -89.12 91.19 16.01
C MET S 82 -89.88 92.49 16.20
N GLU S 83 -89.54 93.25 17.26
CA GLU S 83 -90.11 94.57 17.50
C GLU S 83 -89.83 95.52 16.34
N LYS S 84 -88.58 95.54 15.82
CA LYS S 84 -88.20 96.28 14.62
C LYS S 84 -89.00 95.90 13.38
N ILE S 85 -89.26 94.60 13.18
CA ILE S 85 -90.13 94.13 12.10
C ILE S 85 -91.55 94.63 12.23
N TRP S 86 -92.17 94.52 13.42
CA TRP S 86 -93.46 95.10 13.65
C TRP S 86 -93.47 96.62 13.57
N HIS S 87 -92.42 97.31 14.02
CA HIS S 87 -92.30 98.75 13.84
C HIS S 87 -92.33 99.17 12.37
N HIS S 88 -91.60 98.41 11.52
CA HIS S 88 -91.62 98.50 10.07
C HIS S 88 -93.03 98.26 9.51
N THR S 89 -93.79 97.19 9.91
CA THR S 89 -95.17 96.94 9.41
C THR S 89 -96.11 98.10 9.60
N PHE S 90 -96.14 98.63 10.83
CA PHE S 90 -97.10 99.63 11.23
C PHE S 90 -96.77 100.99 10.68
N TYR S 91 -95.51 101.44 10.79
CA TYR S 91 -95.15 102.78 10.38
C TYR S 91 -94.72 102.85 8.92
N ASN S 92 -93.89 101.92 8.42
CA ASN S 92 -93.39 101.97 7.06
C ASN S 92 -94.47 101.62 6.02
N GLU S 93 -95.24 100.53 6.22
CA GLU S 93 -96.26 100.12 5.26
C GLU S 93 -97.63 100.64 5.56
N LEU S 94 -98.22 100.24 6.71
CA LEU S 94 -99.64 100.44 6.89
C LEU S 94 -100.02 101.85 7.29
N ARG S 95 -99.07 102.56 7.93
CA ARG S 95 -99.16 103.93 8.37
C ARG S 95 -100.29 104.16 9.35
N VAL S 96 -100.33 103.30 10.38
CA VAL S 96 -101.38 103.27 11.36
C VAL S 96 -100.75 103.62 12.68
N ALA S 97 -101.54 104.18 13.61
CA ALA S 97 -101.19 104.21 15.01
C ALA S 97 -101.81 102.95 15.62
N PRO S 98 -101.09 101.97 16.18
CA PRO S 98 -101.71 100.80 16.82
C PRO S 98 -102.68 101.16 17.95
N GLU S 99 -102.59 102.33 18.60
CA GLU S 99 -103.56 102.84 19.57
C GLU S 99 -104.98 102.93 19.01
N GLU S 100 -105.11 103.06 17.68
CA GLU S 100 -106.37 103.24 17.01
C GLU S 100 -106.92 101.91 16.49
N HIS S 101 -106.22 100.76 16.70
CA HIS S 101 -106.70 99.51 16.12
C HIS S 101 -106.52 98.32 17.04
N PRO S 102 -107.46 97.41 17.28
CA PRO S 102 -107.12 96.10 17.84
C PRO S 102 -106.27 95.23 16.90
N THR S 103 -105.27 94.49 17.40
CA THR S 103 -104.31 93.75 16.57
C THR S 103 -104.37 92.26 16.81
N LEU S 104 -104.64 91.47 15.77
CA LEU S 104 -104.57 90.03 15.79
C LEU S 104 -103.18 89.56 15.40
N LEU S 105 -102.58 88.67 16.18
CA LEU S 105 -101.38 87.98 15.80
C LEU S 105 -101.70 86.52 15.63
N THR S 106 -101.09 85.91 14.61
CA THR S 106 -101.07 84.47 14.52
C THR S 106 -99.90 83.92 15.29
N GLU S 107 -99.95 82.62 15.64
CA GLU S 107 -98.87 81.95 16.31
C GLU S 107 -99.03 80.45 16.08
N ALA S 108 -97.92 79.69 16.17
CA ALA S 108 -97.91 78.29 15.80
C ALA S 108 -98.32 77.31 16.92
N PRO S 109 -98.97 76.18 16.70
CA PRO S 109 -99.19 75.17 17.73
C PRO S 109 -98.00 74.61 18.49
N LEU S 110 -98.26 74.18 19.75
CA LEU S 110 -97.32 73.48 20.62
C LEU S 110 -96.11 74.34 20.86
N ASN S 111 -96.30 75.65 20.83
CA ASN S 111 -95.26 76.61 20.84
C ASN S 111 -95.02 76.98 22.30
N PRO S 112 -93.77 77.11 22.78
CA PRO S 112 -93.45 77.71 24.06
C PRO S 112 -94.35 78.83 24.54
N LYS S 113 -94.74 78.78 25.82
CA LYS S 113 -95.61 79.75 26.46
C LYS S 113 -95.05 81.16 26.44
N ALA S 114 -93.71 81.23 26.59
CA ALA S 114 -92.91 82.44 26.60
C ALA S 114 -93.07 83.26 25.34
N ASN S 115 -93.20 82.64 24.14
CA ASN S 115 -93.49 83.38 22.94
C ASN S 115 -94.84 84.07 22.99
N ARG S 116 -95.94 83.38 23.36
CA ARG S 116 -97.24 84.01 23.49
C ARG S 116 -97.30 85.12 24.52
N GLU S 117 -96.76 84.86 25.73
CA GLU S 117 -96.69 85.78 26.85
C GLU S 117 -95.77 86.99 26.64
N LYS S 118 -94.59 86.79 26.02
CA LYS S 118 -93.74 87.90 25.63
C LYS S 118 -94.27 88.68 24.44
N MET S 119 -94.94 88.03 23.47
CA MET S 119 -95.58 88.64 22.34
C MET S 119 -96.68 89.64 22.74
N THR S 120 -97.53 89.23 23.73
CA THR S 120 -98.50 90.12 24.37
C THR S 120 -97.90 91.23 25.16
N GLN S 121 -96.84 90.96 25.94
CA GLN S 121 -96.11 91.96 26.68
C GLN S 121 -95.56 93.09 25.80
N ILE S 122 -94.97 92.73 24.64
CA ILE S 122 -94.58 93.71 23.63
C ILE S 122 -95.76 94.43 23.02
N MET S 123 -96.84 93.72 22.64
CA MET S 123 -97.96 94.43 22.05
C MET S 123 -98.57 95.45 22.97
N PHE S 124 -98.73 95.19 24.27
CA PHE S 124 -99.20 96.24 25.16
C PHE S 124 -98.18 97.31 25.55
N GLU S 125 -96.91 96.94 25.82
CA GLU S 125 -95.92 97.83 26.42
C GLU S 125 -94.87 98.34 25.46
N THR S 126 -95.09 98.16 24.14
CA THR S 126 -94.24 98.74 23.10
C THR S 126 -95.12 99.58 22.20
N PHE S 127 -96.04 98.96 21.42
CA PHE S 127 -96.96 99.73 20.60
C PHE S 127 -98.24 99.85 21.38
N ASN S 128 -98.54 100.97 22.08
CA ASN S 128 -99.71 101.01 22.92
C ASN S 128 -100.99 100.67 22.10
N VAL S 129 -101.82 99.71 22.53
CA VAL S 129 -102.84 99.15 21.65
C VAL S 129 -104.07 98.91 22.51
N PRO S 130 -105.33 99.10 22.08
CA PRO S 130 -106.51 98.89 22.93
C PRO S 130 -106.73 97.44 23.26
N ALA S 131 -106.41 96.55 22.31
CA ALA S 131 -106.69 95.16 22.47
C ALA S 131 -105.93 94.32 21.50
N MET S 132 -105.82 93.02 21.77
CA MET S 132 -105.12 92.12 20.90
C MET S 132 -105.62 90.73 21.06
N TYR S 133 -105.17 89.82 20.19
CA TYR S 133 -105.45 88.42 20.33
C TYR S 133 -104.27 87.70 19.71
N VAL S 134 -103.95 86.49 20.20
CA VAL S 134 -102.99 85.58 19.62
C VAL S 134 -103.81 84.37 19.28
N ALA S 135 -103.68 83.86 18.04
CA ALA S 135 -104.49 82.79 17.56
C ALA S 135 -103.67 81.75 16.88
N ILE S 136 -104.19 80.51 16.83
CA ILE S 136 -103.47 79.41 16.25
C ILE S 136 -103.49 79.44 14.72
N GLN S 137 -102.37 79.25 14.01
CA GLN S 137 -102.30 79.36 12.56
C GLN S 137 -103.26 78.48 11.75
N ALA S 138 -103.39 77.20 12.14
CA ALA S 138 -104.16 76.20 11.44
C ALA S 138 -105.67 76.44 11.41
N VAL S 139 -106.25 76.87 12.54
CA VAL S 139 -107.66 77.24 12.63
C VAL S 139 -108.01 78.41 11.74
N LEU S 140 -107.13 79.44 11.64
CA LEU S 140 -107.32 80.56 10.74
C LEU S 140 -107.38 80.13 9.27
N SER S 141 -106.48 79.22 8.81
CA SER S 141 -106.55 78.70 7.45
C SER S 141 -107.83 77.94 7.15
N LEU S 142 -108.33 77.17 8.14
CA LEU S 142 -109.60 76.47 8.06
C LEU S 142 -110.79 77.41 7.85
N TYR S 143 -110.84 78.53 8.62
CA TYR S 143 -111.81 79.61 8.42
C TYR S 143 -111.75 80.21 7.04
N ALA S 144 -110.52 80.49 6.53
CA ALA S 144 -110.28 81.02 5.20
C ALA S 144 -110.77 80.11 4.09
N SER S 145 -110.63 78.79 4.27
CA SER S 145 -111.15 77.79 3.35
C SER S 145 -112.66 77.61 3.45
N GLY S 146 -113.33 78.18 4.48
CA GLY S 146 -114.78 78.22 4.60
C GLY S 146 -115.40 76.92 5.04
N ARG S 147 -114.61 76.06 5.69
CA ARG S 147 -115.03 74.73 6.06
C ARG S 147 -115.07 74.65 7.56
N THR S 148 -115.96 73.82 8.14
CA THR S 148 -116.08 73.73 9.59
C THR S 148 -115.25 72.61 10.16
N THR S 149 -114.75 71.74 9.28
CA THR S 149 -114.14 70.46 9.59
C THR S 149 -113.02 70.24 8.61
N GLY S 150 -111.91 69.68 9.11
CA GLY S 150 -110.80 69.28 8.31
C GLY S 150 -109.62 69.05 9.16
N ILE S 151 -108.59 68.47 8.56
CA ILE S 151 -107.30 68.36 9.21
C ILE S 151 -106.42 69.30 8.48
N VAL S 152 -105.92 70.31 9.19
CA VAL S 152 -105.15 71.35 8.57
C VAL S 152 -103.69 71.01 8.68
N LEU S 153 -103.05 70.81 7.52
CA LEU S 153 -101.64 70.64 7.38
C LEU S 153 -101.07 72.03 7.12
N ASP S 154 -100.41 72.61 8.13
CA ASP S 154 -99.85 73.93 8.12
C ASP S 154 -98.38 73.68 8.00
N SER S 155 -97.77 74.19 6.91
CA SER S 155 -96.33 74.24 6.87
C SER S 155 -95.87 75.56 6.31
N GLY S 156 -95.22 76.37 7.18
CA GLY S 156 -94.62 77.61 6.76
C GLY S 156 -93.13 77.48 6.51
N ASP S 157 -92.40 78.61 6.61
CA ASP S 157 -90.96 78.62 6.64
C ASP S 157 -90.45 78.37 8.07
N GLY S 158 -91.34 78.52 9.07
CA GLY S 158 -91.02 78.29 10.47
C GLY S 158 -90.99 76.85 10.83
N VAL S 159 -92.14 76.20 11.05
CA VAL S 159 -92.18 74.76 11.31
C VAL S 159 -93.47 74.30 10.65
N THR S 160 -93.63 72.98 10.48
CA THR S 160 -94.81 72.23 10.08
C THR S 160 -95.64 71.83 11.29
N HIS S 161 -96.96 72.01 11.21
CA HIS S 161 -97.95 71.75 12.21
C HIS S 161 -99.14 71.06 11.59
N ASN S 162 -99.94 70.37 12.40
CA ASN S 162 -101.04 69.61 11.91
C ASN S 162 -102.08 69.70 13.02
N VAL S 163 -103.28 70.23 12.73
CA VAL S 163 -104.34 70.36 13.73
C VAL S 163 -105.59 69.73 13.12
N PRO S 164 -106.12 68.60 13.60
CA PRO S 164 -107.45 68.12 13.23
C PRO S 164 -108.52 68.89 13.97
N ILE S 165 -109.58 69.21 13.25
CA ILE S 165 -110.71 69.92 13.78
C ILE S 165 -111.93 69.14 13.34
N TYR S 166 -112.99 69.11 14.15
CA TYR S 166 -114.26 68.51 13.79
C TYR S 166 -115.39 69.39 14.29
N GLU S 167 -116.17 70.00 13.37
CA GLU S 167 -117.36 70.78 13.62
C GLU S 167 -117.09 71.98 14.52
N GLY S 168 -116.07 72.78 14.15
CA GLY S 168 -115.33 73.52 15.16
C GLY S 168 -114.57 72.55 16.04
N TYR S 169 -114.72 72.62 17.38
CA TYR S 169 -113.94 71.89 18.38
C TYR S 169 -112.44 71.93 18.08
N ALA S 170 -111.68 70.86 18.38
CA ALA S 170 -110.24 70.78 18.26
C ALA S 170 -109.81 69.63 19.13
N LEU S 171 -108.72 68.95 18.78
CA LEU S 171 -108.26 67.81 19.55
C LEU S 171 -106.82 68.02 20.02
N PRO S 172 -106.55 68.41 21.28
CA PRO S 172 -105.21 68.78 21.74
C PRO S 172 -104.19 67.67 21.65
N HIS S 173 -104.58 66.42 21.97
CA HIS S 173 -103.74 65.23 21.91
C HIS S 173 -103.37 64.82 20.48
N ALA S 174 -104.30 65.09 19.54
CA ALA S 174 -104.13 64.76 18.14
C ALA S 174 -103.39 65.83 17.35
N ILE S 175 -103.17 67.05 17.90
CA ILE S 175 -102.29 68.06 17.30
C ILE S 175 -100.86 67.55 17.23
N MET S 176 -100.25 67.63 16.03
CA MET S 176 -98.90 67.21 15.79
C MET S 176 -98.10 68.37 15.26
N ARG S 177 -96.84 68.47 15.69
CA ARG S 177 -95.90 69.45 15.23
C ARG S 177 -94.68 68.68 14.78
N LEU S 178 -94.21 68.97 13.57
CA LEU S 178 -93.13 68.27 12.93
C LEU S 178 -92.08 69.28 12.54
N ASP S 179 -90.82 69.11 13.01
CA ASP S 179 -89.74 70.02 12.72
C ASP S 179 -89.19 69.74 11.32
N LEU S 180 -89.90 70.28 10.32
CA LEU S 180 -89.50 70.44 8.95
C LEU S 180 -90.04 71.76 8.55
N ALA S 181 -89.43 72.39 7.54
CA ALA S 181 -89.91 73.66 7.09
C ALA S 181 -89.42 73.96 5.70
N GLY S 182 -89.90 75.06 5.12
CA GLY S 182 -89.23 75.74 4.01
C GLY S 182 -87.77 76.01 4.24
N ARG S 183 -87.38 76.54 5.41
CA ARG S 183 -86.01 76.84 5.72
C ARG S 183 -85.06 75.63 5.73
N ASP S 184 -85.50 74.50 6.32
CA ASP S 184 -84.76 73.25 6.32
C ASP S 184 -84.61 72.64 4.90
N LEU S 185 -85.65 72.78 4.04
CA LEU S 185 -85.53 72.48 2.62
C LEU S 185 -84.55 73.36 1.88
N THR S 186 -84.47 74.66 2.21
CA THR S 186 -83.43 75.56 1.71
C THR S 186 -82.01 75.13 2.10
N ASP S 187 -81.77 74.78 3.38
CA ASP S 187 -80.49 74.27 3.88
C ASP S 187 -80.11 72.92 3.22
N TYR S 188 -81.09 72.00 3.03
CA TYR S 188 -80.91 70.80 2.22
C TYR S 188 -80.57 71.11 0.76
N LEU S 189 -81.27 72.09 0.16
CA LEU S 189 -81.08 72.46 -1.22
C LEU S 189 -79.73 73.03 -1.53
N MET S 190 -79.21 73.98 -0.74
CA MET S 190 -77.88 74.49 -0.95
C MET S 190 -76.80 73.44 -0.71
N LYS S 191 -77.05 72.46 0.20
CA LYS S 191 -76.25 71.25 0.31
C LYS S 191 -76.27 70.32 -0.90
N ILE S 192 -77.43 70.13 -1.57
CA ILE S 192 -77.50 69.27 -2.73
C ILE S 192 -77.06 69.99 -4.02
N LEU S 193 -76.95 71.33 -4.05
CA LEU S 193 -76.31 72.02 -5.19
C LEU S 193 -74.81 71.83 -5.25
N THR S 194 -74.15 71.58 -4.11
CA THR S 194 -72.68 71.50 -4.00
C THR S 194 -72.07 70.36 -4.79
N GLU S 195 -72.80 69.22 -4.95
CA GLU S 195 -72.36 68.07 -5.72
C GLU S 195 -72.33 68.41 -7.21
N ARG S 196 -73.05 69.49 -7.64
CA ARG S 196 -73.03 69.96 -9.00
C ARG S 196 -71.94 71.00 -9.26
N GLY S 197 -71.28 71.49 -8.19
CA GLY S 197 -70.20 72.46 -8.23
C GLY S 197 -70.60 73.86 -7.84
N TYR S 198 -71.90 74.13 -7.68
CA TYR S 198 -72.37 75.44 -7.28
C TYR S 198 -72.40 75.56 -5.77
N SER S 199 -71.65 76.52 -5.21
CA SER S 199 -71.44 76.59 -3.78
C SER S 199 -71.94 77.90 -3.29
N PHE S 200 -72.97 77.86 -2.45
CA PHE S 200 -73.62 79.03 -1.94
C PHE S 200 -73.42 78.97 -0.44
N VAL S 201 -72.59 79.87 0.10
CA VAL S 201 -71.99 79.69 1.41
C VAL S 201 -72.52 80.70 2.40
N THR S 202 -73.24 81.74 1.95
CA THR S 202 -73.51 82.93 2.76
C THR S 202 -75.00 83.22 2.71
N THR S 203 -75.51 84.00 3.69
CA THR S 203 -76.94 84.33 3.86
C THR S 203 -77.61 84.99 2.67
N ALA S 204 -76.90 85.90 1.99
CA ALA S 204 -77.35 86.59 0.81
C ALA S 204 -77.75 85.67 -0.36
N GLU S 205 -76.92 84.67 -0.74
CA GLU S 205 -77.27 83.73 -1.78
C GLU S 205 -78.04 82.52 -1.26
N ARG S 206 -78.15 82.34 0.06
CA ARG S 206 -79.11 81.45 0.69
C ARG S 206 -80.56 81.84 0.40
N GLU S 207 -80.82 83.16 0.31
CA GLU S 207 -82.07 83.66 -0.20
C GLU S 207 -82.23 83.60 -1.72
N ILE S 208 -81.11 83.55 -2.48
CA ILE S 208 -81.14 83.17 -3.90
C ILE S 208 -81.57 81.72 -4.13
N VAL S 209 -81.10 80.72 -3.35
CA VAL S 209 -81.66 79.36 -3.43
C VAL S 209 -83.06 79.24 -2.89
N ARG S 210 -83.46 80.11 -1.95
CA ARG S 210 -84.85 80.21 -1.56
C ARG S 210 -85.75 80.61 -2.74
N ASP S 211 -85.37 81.64 -3.54
CA ASP S 211 -86.03 82.07 -4.77
C ASP S 211 -86.07 80.97 -5.85
N ILE S 212 -84.96 80.21 -6.01
CA ILE S 212 -84.91 79.06 -6.93
C ILE S 212 -85.95 78.04 -6.58
N LYS S 213 -86.00 77.67 -5.30
CA LYS S 213 -86.88 76.67 -4.75
C LYS S 213 -88.35 77.07 -4.77
N GLU S 214 -88.66 78.37 -4.62
CA GLU S 214 -89.97 79.00 -4.78
C GLU S 214 -90.56 78.89 -6.18
N LYS S 215 -89.73 78.66 -7.25
CA LYS S 215 -90.30 78.36 -8.56
C LYS S 215 -89.81 77.07 -9.20
N LEU S 216 -88.50 76.75 -9.23
CA LEU S 216 -88.02 75.62 -9.99
C LEU S 216 -88.45 74.30 -9.40
N CYS S 217 -88.33 74.13 -8.08
CA CYS S 217 -88.64 72.89 -7.38
C CYS S 217 -90.06 72.38 -7.57
N TYR S 218 -90.23 71.06 -7.68
CA TYR S 218 -91.57 70.49 -7.71
C TYR S 218 -91.50 69.15 -7.00
N VAL S 219 -92.65 68.55 -6.69
CA VAL S 219 -92.71 67.24 -6.05
C VAL S 219 -93.05 66.16 -7.06
N ALA S 220 -92.25 65.08 -7.11
CA ALA S 220 -92.51 63.91 -7.91
C ALA S 220 -93.77 63.14 -7.56
N LEU S 221 -94.55 62.73 -8.57
CA LEU S 221 -95.72 61.88 -8.39
C LEU S 221 -95.32 60.44 -8.24
N ASP S 222 -94.07 60.11 -8.61
CA ASP S 222 -93.36 59.05 -7.98
C ASP S 222 -91.89 59.44 -8.02
N PHE S 223 -91.17 59.38 -6.88
CA PHE S 223 -89.79 59.85 -6.73
C PHE S 223 -88.84 58.98 -7.55
N GLU S 224 -88.90 57.64 -7.42
CA GLU S 224 -88.01 56.73 -8.09
C GLU S 224 -88.17 56.76 -9.59
N ASN S 225 -89.42 56.84 -10.08
CA ASN S 225 -89.71 56.98 -11.51
C ASN S 225 -89.11 58.24 -12.11
N GLU S 226 -89.28 59.40 -11.43
CA GLU S 226 -88.67 60.64 -11.87
C GLU S 226 -87.15 60.68 -11.76
N MET S 227 -86.57 60.07 -10.71
CA MET S 227 -85.15 59.85 -10.60
C MET S 227 -84.54 58.89 -11.62
N ALA S 228 -85.27 57.84 -12.03
CA ALA S 228 -84.91 57.00 -13.16
C ALA S 228 -84.89 57.73 -14.51
N THR S 229 -85.92 58.58 -14.80
CA THR S 229 -85.97 59.35 -16.06
C THR S 229 -85.00 60.52 -16.05
N ALA S 230 -84.41 60.90 -14.89
CA ALA S 230 -83.25 61.78 -14.83
C ALA S 230 -81.98 61.25 -15.51
N ALA S 231 -81.91 59.96 -15.91
CA ALA S 231 -80.85 59.46 -16.76
C ALA S 231 -80.83 60.10 -18.15
N SER S 232 -82.01 60.28 -18.78
CA SER S 232 -82.15 60.99 -20.04
C SER S 232 -82.59 62.42 -19.77
N SER S 233 -81.63 63.30 -19.44
CA SER S 233 -81.95 64.66 -19.07
C SER S 233 -82.43 65.51 -20.23
N SER S 234 -83.69 65.98 -20.13
CA SER S 234 -84.30 66.84 -21.13
C SER S 234 -85.12 67.90 -20.42
N SER S 235 -86.31 67.55 -19.91
CA SER S 235 -87.21 68.52 -19.27
C SER S 235 -86.91 68.79 -17.80
N LEU S 236 -86.13 67.91 -17.18
CA LEU S 236 -85.85 67.95 -15.75
C LEU S 236 -84.78 68.94 -15.42
N GLU S 237 -83.92 69.27 -16.39
CA GLU S 237 -82.99 70.36 -16.28
C GLU S 237 -83.72 71.67 -16.54
N LYS S 238 -83.39 72.70 -15.75
CA LYS S 238 -83.81 74.04 -16.05
C LYS S 238 -82.65 74.92 -15.79
N SER S 239 -82.39 75.81 -16.78
CA SER S 239 -81.54 76.97 -16.66
C SER S 239 -82.17 77.97 -15.71
N TYR S 240 -81.37 78.49 -14.76
CA TYR S 240 -81.72 79.55 -13.84
C TYR S 240 -80.66 80.62 -13.95
N GLU S 241 -81.07 81.89 -13.96
CA GLU S 241 -80.22 83.05 -14.02
C GLU S 241 -79.98 83.58 -12.61
N LEU S 242 -78.73 83.72 -12.17
CA LEU S 242 -78.41 84.40 -10.91
C LEU S 242 -78.38 85.91 -11.10
N PRO S 243 -78.55 86.73 -10.07
CA PRO S 243 -78.34 88.18 -10.18
C PRO S 243 -76.91 88.58 -10.56
N ASP S 244 -75.90 87.71 -10.32
CA ASP S 244 -74.53 87.85 -10.79
C ASP S 244 -74.45 87.84 -12.33
N GLY S 245 -75.34 87.07 -13.02
CA GLY S 245 -75.28 86.82 -14.46
C GLY S 245 -74.73 85.45 -14.74
N GLN S 246 -74.37 84.72 -13.68
CA GLN S 246 -74.09 83.31 -13.74
C GLN S 246 -75.33 82.45 -13.95
N VAL S 247 -75.19 81.37 -14.72
CA VAL S 247 -76.29 80.51 -15.08
C VAL S 247 -76.08 79.21 -14.35
N ILE S 248 -77.18 78.67 -13.79
CA ILE S 248 -77.25 77.45 -13.02
C ILE S 248 -78.16 76.51 -13.77
N THR S 249 -77.79 75.23 -13.85
CA THR S 249 -78.54 74.22 -14.59
C THR S 249 -78.81 73.08 -13.65
N ILE S 250 -80.07 72.86 -13.22
CA ILE S 250 -80.42 71.92 -12.15
C ILE S 250 -81.34 70.83 -12.65
N GLY S 251 -80.90 69.55 -12.52
CA GLY S 251 -81.63 68.40 -13.05
C GLY S 251 -82.48 67.70 -12.01
N ASN S 252 -82.08 66.48 -11.59
CA ASN S 252 -82.81 65.67 -10.63
C ASN S 252 -82.83 66.22 -9.21
N GLU S 253 -81.79 67.00 -8.90
CA GLU S 253 -81.55 67.80 -7.73
C GLU S 253 -82.73 68.72 -7.41
N ARG S 254 -83.40 69.24 -8.45
CA ARG S 254 -84.60 70.01 -8.34
C ARG S 254 -85.75 69.33 -7.57
N PHE S 255 -86.18 68.10 -7.94
CA PHE S 255 -87.40 67.53 -7.35
C PHE S 255 -87.12 66.73 -6.10
N ARG S 256 -85.86 66.31 -5.88
CA ARG S 256 -85.54 65.64 -4.65
C ARG S 256 -85.37 66.56 -3.44
N CYS S 257 -85.30 67.90 -3.64
CA CYS S 257 -85.42 68.80 -2.51
C CYS S 257 -86.81 68.77 -1.88
N PRO S 258 -87.98 68.91 -2.51
CA PRO S 258 -89.24 68.76 -1.79
C PRO S 258 -89.54 67.34 -1.33
N GLU S 259 -88.87 66.32 -1.92
CA GLU S 259 -88.99 64.91 -1.55
C GLU S 259 -88.66 64.68 -0.08
N THR S 260 -87.75 65.50 0.49
CA THR S 260 -87.39 65.52 1.91
C THR S 260 -88.59 65.59 2.87
N LEU S 261 -89.71 66.26 2.48
CA LEU S 261 -90.93 66.27 3.28
C LEU S 261 -91.54 64.89 3.50
N PHE S 262 -91.36 63.99 2.52
CA PHE S 262 -91.90 62.65 2.49
C PHE S 262 -90.84 61.62 2.84
N GLN S 263 -89.55 62.05 2.95
CA GLN S 263 -88.42 61.21 3.29
C GLN S 263 -87.43 62.00 4.19
N PRO S 264 -87.71 62.26 5.47
CA PRO S 264 -86.79 63.00 6.35
C PRO S 264 -85.56 62.20 6.70
N SER S 265 -85.38 60.97 6.25
CA SER S 265 -84.11 60.27 6.25
C SER S 265 -83.03 60.96 5.42
N PHE S 266 -83.41 61.74 4.36
CA PHE S 266 -82.52 62.59 3.57
C PHE S 266 -81.91 63.74 4.34
N ILE S 267 -82.72 64.37 5.23
CA ILE S 267 -82.22 65.39 6.14
C ILE S 267 -81.47 64.77 7.33
N GLY S 268 -81.76 63.48 7.66
CA GLY S 268 -81.11 62.72 8.73
C GLY S 268 -81.93 62.66 9.99
N MET S 269 -83.18 63.13 9.94
CA MET S 269 -84.10 63.07 11.05
C MET S 269 -84.98 61.83 10.95
N GLU S 270 -85.24 61.16 12.08
CA GLU S 270 -86.11 60.01 12.13
C GLU S 270 -87.57 60.33 11.94
N SER S 271 -87.97 61.54 12.44
CA SER S 271 -89.31 62.08 12.41
C SER S 271 -90.03 61.83 11.12
N ALA S 272 -91.20 61.19 11.17
CA ALA S 272 -91.85 60.68 9.98
C ALA S 272 -92.19 61.72 8.92
N GLY S 273 -92.27 61.32 7.63
CA GLY S 273 -92.73 62.18 6.56
C GLY S 273 -94.10 62.78 6.84
N ILE S 274 -94.43 63.86 6.13
CA ILE S 274 -95.64 64.64 6.38
C ILE S 274 -96.96 63.91 6.19
N HIS S 275 -97.02 62.87 5.33
CA HIS S 275 -98.19 62.04 5.15
C HIS S 275 -98.38 61.06 6.31
N GLU S 276 -97.30 60.43 6.85
CA GLU S 276 -97.37 59.65 8.07
C GLU S 276 -97.68 60.48 9.31
N THR S 277 -97.19 61.74 9.41
CA THR S 277 -97.60 62.66 10.49
C THR S 277 -99.08 62.95 10.46
N THR S 278 -99.68 63.14 9.26
CA THR S 278 -101.14 63.27 9.08
C THR S 278 -101.89 62.02 9.52
N TYR S 279 -101.38 60.81 9.19
CA TYR S 279 -101.90 59.56 9.72
C TYR S 279 -101.81 59.49 11.24
N ASN S 280 -100.66 59.90 11.82
CA ASN S 280 -100.41 59.95 13.25
C ASN S 280 -101.42 60.87 13.98
N SER S 281 -101.74 62.06 13.40
CA SER S 281 -102.80 62.92 13.89
C SER S 281 -104.20 62.32 13.78
N ILE S 282 -104.59 61.77 12.61
CA ILE S 282 -105.90 61.14 12.36
C ILE S 282 -106.13 59.88 13.20
N MET S 283 -105.11 59.03 13.39
CA MET S 283 -105.13 57.89 14.28
C MET S 283 -105.31 58.22 15.74
N LYS S 284 -104.82 59.37 16.20
CA LYS S 284 -105.06 59.81 17.55
C LYS S 284 -106.47 60.33 17.78
N CYS S 285 -107.22 60.63 16.70
CA CYS S 285 -108.59 61.08 16.78
C CYS S 285 -109.54 59.92 17.00
N ASP S 286 -110.75 60.23 17.50
CA ASP S 286 -111.82 59.28 17.68
C ASP S 286 -112.23 58.60 16.38
N ILE S 287 -112.65 57.32 16.45
CA ILE S 287 -112.96 56.49 15.29
C ILE S 287 -114.01 57.11 14.38
N ASP S 288 -115.09 57.67 14.96
CA ASP S 288 -116.26 58.20 14.30
C ASP S 288 -115.95 59.32 13.28
N ILE S 289 -115.12 60.30 13.70
CA ILE S 289 -114.91 61.47 12.87
C ILE S 289 -113.95 61.24 11.73
N ARG S 290 -113.10 60.18 11.79
CA ARG S 290 -112.01 60.03 10.85
C ARG S 290 -112.39 60.07 9.38
N LYS S 291 -113.61 59.61 9.03
CA LYS S 291 -114.15 59.60 7.69
C LYS S 291 -114.10 60.94 6.97
N ASP S 292 -114.40 62.06 7.65
CA ASP S 292 -114.41 63.36 7.01
C ASP S 292 -113.02 63.99 7.09
N LEU S 293 -112.20 63.68 8.11
CA LEU S 293 -110.81 64.13 8.19
C LEU S 293 -109.92 63.62 7.09
N TYR S 294 -110.10 62.36 6.70
CA TYR S 294 -109.55 61.82 5.48
C TYR S 294 -110.00 62.58 4.24
N ALA S 295 -111.29 62.96 4.14
CA ALA S 295 -111.83 63.62 2.97
C ALA S 295 -111.75 65.16 2.98
N ASN S 296 -111.22 65.81 4.05
CA ASN S 296 -111.26 67.25 4.23
C ASN S 296 -109.89 67.73 4.70
N ASN S 297 -108.79 67.09 4.28
CA ASN S 297 -107.44 67.59 4.49
C ASN S 297 -107.20 68.94 3.80
N VAL S 298 -106.82 69.97 4.58
CA VAL S 298 -106.56 71.32 4.09
C VAL S 298 -105.08 71.55 4.19
N MET S 299 -104.45 71.92 3.07
CA MET S 299 -103.07 72.40 3.08
C MET S 299 -103.03 73.90 3.22
N SER S 300 -102.11 74.40 4.06
CA SER S 300 -101.89 75.81 4.22
C SER S 300 -100.41 76.10 4.28
N GLY S 301 -100.06 77.39 4.19
CA GLY S 301 -98.72 77.86 4.41
C GLY S 301 -97.92 78.01 3.15
N GLY S 302 -96.69 78.54 3.27
CA GLY S 302 -95.87 78.80 2.09
C GLY S 302 -95.18 77.60 1.50
N THR S 303 -94.86 76.54 2.28
CA THR S 303 -94.08 75.40 1.76
C THR S 303 -95.02 74.26 1.37
N THR S 304 -96.35 74.51 1.26
CA THR S 304 -97.28 73.67 0.52
C THR S 304 -97.51 74.23 -0.87
N MET S 305 -96.79 75.28 -1.29
CA MET S 305 -96.99 75.82 -2.62
C MET S 305 -96.41 75.03 -3.77
N TYR S 306 -95.43 74.12 -3.55
CA TYR S 306 -94.77 73.38 -4.63
C TYR S 306 -95.75 72.64 -5.54
N PRO S 307 -95.64 72.70 -6.86
CA PRO S 307 -96.46 71.90 -7.76
C PRO S 307 -96.40 70.40 -7.49
N GLY S 308 -97.56 69.73 -7.42
CA GLY S 308 -97.67 68.28 -7.27
C GLY S 308 -97.64 67.76 -5.83
N ILE S 309 -97.55 68.64 -4.79
CA ILE S 309 -97.64 68.19 -3.38
C ILE S 309 -98.97 67.50 -3.08
N ALA S 310 -100.09 68.11 -3.52
CA ALA S 310 -101.44 67.61 -3.27
C ALA S 310 -101.68 66.23 -3.82
N ASP S 311 -101.23 65.96 -5.06
CA ASP S 311 -101.27 64.68 -5.72
C ASP S 311 -100.43 63.61 -5.02
N ARG S 312 -99.20 63.97 -4.59
CA ARG S 312 -98.35 63.05 -3.85
C ARG S 312 -98.93 62.68 -2.49
N MET S 313 -99.44 63.64 -1.71
CA MET S 313 -100.13 63.40 -0.46
C MET S 313 -101.36 62.54 -0.64
N GLN S 314 -102.14 62.79 -1.71
CA GLN S 314 -103.29 61.98 -2.05
C GLN S 314 -102.95 60.54 -2.34
N LYS S 315 -101.93 60.29 -3.17
CA LYS S 315 -101.51 58.93 -3.46
C LYS S 315 -100.98 58.16 -2.24
N GLU S 316 -100.19 58.83 -1.36
CA GLU S 316 -99.64 58.21 -0.18
C GLU S 316 -100.64 57.97 0.91
N ILE S 317 -101.51 58.95 1.23
CA ILE S 317 -102.55 58.76 2.22
C ILE S 317 -103.57 57.74 1.78
N THR S 318 -104.01 57.75 0.48
CA THR S 318 -104.86 56.70 -0.10
C THR S 318 -104.22 55.32 -0.06
N ALA S 319 -102.90 55.20 -0.34
CA ALA S 319 -102.17 53.96 -0.23
C ALA S 319 -102.09 53.37 1.18
N LEU S 320 -101.85 54.21 2.21
CA LEU S 320 -101.82 53.81 3.60
C LEU S 320 -103.18 53.56 4.23
N ALA S 321 -104.18 54.37 3.92
CA ALA S 321 -105.48 54.34 4.55
C ALA S 321 -106.36 53.20 4.03
N PRO S 322 -107.47 52.87 4.69
CA PRO S 322 -108.54 52.12 4.05
C PRO S 322 -109.04 52.74 2.74
N SER S 323 -109.04 51.99 1.62
CA SER S 323 -109.58 52.43 0.32
C SER S 323 -111.10 52.29 0.29
N THR S 324 -111.68 51.92 1.45
CA THR S 324 -113.10 51.88 1.78
C THR S 324 -113.73 53.26 1.69
N MET S 325 -112.96 54.31 2.03
CA MET S 325 -113.41 55.68 1.97
C MET S 325 -112.53 56.51 1.08
N LYS S 326 -113.12 57.54 0.45
CA LYS S 326 -112.39 58.36 -0.50
C LYS S 326 -111.70 59.53 0.14
N ILE S 327 -110.41 59.70 -0.20
CA ILE S 327 -109.52 60.66 0.41
C ILE S 327 -109.46 61.87 -0.50
N LYS S 328 -110.31 62.86 -0.26
CA LYS S 328 -110.20 64.14 -0.92
C LYS S 328 -109.24 65.04 -0.16
N ILE S 329 -108.33 65.71 -0.85
CA ILE S 329 -107.47 66.72 -0.29
C ILE S 329 -107.93 67.99 -0.93
N ILE S 330 -108.19 69.01 -0.12
CA ILE S 330 -108.56 70.31 -0.60
C ILE S 330 -107.41 71.25 -0.33
N ALA S 331 -106.66 71.58 -1.38
CA ALA S 331 -105.54 72.46 -1.28
C ALA S 331 -105.79 73.63 -2.22
N PRO S 332 -106.24 74.79 -1.78
CA PRO S 332 -106.60 75.87 -2.68
C PRO S 332 -105.33 76.47 -3.28
N PRO S 333 -105.20 76.96 -4.51
CA PRO S 333 -104.32 78.11 -4.77
C PRO S 333 -104.74 79.29 -3.88
N GLU S 334 -103.80 80.21 -3.56
CA GLU S 334 -103.98 81.25 -2.55
C GLU S 334 -103.69 80.72 -1.14
N ARG S 335 -103.36 79.41 -1.02
CA ARG S 335 -103.11 78.73 0.25
C ARG S 335 -101.98 79.30 1.09
N LYS S 336 -101.06 80.05 0.45
CA LYS S 336 -99.99 80.78 1.07
C LYS S 336 -100.52 81.82 2.06
N TYR S 337 -101.61 82.53 1.69
CA TYR S 337 -102.08 83.65 2.48
C TYR S 337 -103.24 83.22 3.35
N SER S 338 -103.58 81.91 3.40
CA SER S 338 -104.76 81.39 4.09
C SER S 338 -104.85 81.73 5.57
N VAL S 339 -103.72 81.72 6.30
CA VAL S 339 -103.65 82.15 7.68
C VAL S 339 -104.03 83.62 7.88
N TRP S 340 -103.51 84.55 7.03
CA TRP S 340 -103.86 85.95 7.09
C TRP S 340 -105.33 86.20 6.79
N ILE S 341 -105.87 85.53 5.73
CA ILE S 341 -107.29 85.61 5.38
C ILE S 341 -108.15 85.08 6.51
N GLY S 342 -107.73 84.00 7.18
CA GLY S 342 -108.40 83.52 8.36
C GLY S 342 -108.41 84.44 9.54
N GLY S 343 -107.35 85.26 9.65
CA GLY S 343 -107.28 86.33 10.62
C GLY S 343 -108.12 87.53 10.27
N SER S 344 -108.24 87.85 8.96
CA SER S 344 -109.13 88.90 8.44
C SER S 344 -110.57 88.61 8.74
N ILE S 345 -111.05 87.37 8.42
CA ILE S 345 -112.40 86.94 8.69
C ILE S 345 -112.70 86.92 10.18
N LEU S 346 -111.77 86.42 11.05
CA LEU S 346 -111.97 86.39 12.48
C LEU S 346 -112.18 87.72 13.16
N ALA S 347 -111.35 88.72 12.83
CA ALA S 347 -111.49 90.04 13.41
C ALA S 347 -112.67 90.81 12.84
N SER S 348 -113.16 90.45 11.63
CA SER S 348 -114.42 90.94 11.07
C SER S 348 -115.67 90.34 11.70
N LEU S 349 -115.56 89.16 12.35
CA LEU S 349 -116.67 88.56 13.09
C LEU S 349 -117.13 89.37 14.30
N SER S 350 -118.45 89.68 14.37
CA SER S 350 -119.02 90.53 15.40
C SER S 350 -118.90 90.00 16.81
N THR S 351 -119.16 88.68 17.02
CA THR S 351 -118.98 88.00 18.31
C THR S 351 -117.57 88.01 18.83
N PHE S 352 -116.58 87.86 17.93
CA PHE S 352 -115.16 87.87 18.23
C PHE S 352 -114.72 89.18 18.89
N GLN S 353 -115.41 90.30 18.56
CA GLN S 353 -115.17 91.59 19.18
C GLN S 353 -115.40 91.69 20.70
N GLN S 354 -115.93 90.63 21.35
CA GLN S 354 -115.94 90.54 22.80
C GLN S 354 -114.86 89.62 23.37
N MET S 355 -114.19 88.81 22.53
CA MET S 355 -113.22 87.81 22.97
C MET S 355 -111.81 88.33 22.88
N TRP S 356 -111.63 89.60 22.46
CA TRP S 356 -110.34 90.25 22.47
C TRP S 356 -109.74 90.30 23.86
N ILE S 357 -108.41 90.16 23.95
CA ILE S 357 -107.74 90.47 25.19
C ILE S 357 -107.69 91.98 25.28
N THR S 358 -108.39 92.61 26.23
CA THR S 358 -108.37 94.06 26.33
C THR S 358 -107.08 94.52 26.95
N LYS S 359 -106.66 95.76 26.67
CA LYS S 359 -105.56 96.39 27.36
C LYS S 359 -105.79 96.49 28.86
N GLN S 360 -107.04 96.83 29.27
CA GLN S 360 -107.44 96.92 30.65
C GLN S 360 -107.26 95.60 31.40
N GLU S 361 -107.75 94.47 30.83
CA GLU S 361 -107.66 93.15 31.42
C GLU S 361 -106.23 92.65 31.59
N TYR S 362 -105.34 92.97 30.62
CA TYR S 362 -103.90 92.82 30.75
C TYR S 362 -103.31 93.68 31.87
N ASP S 363 -103.66 94.97 32.00
CA ASP S 363 -103.10 95.88 32.99
C ASP S 363 -103.43 95.39 34.42
N GLU S 364 -104.68 94.90 34.69
CA GLU S 364 -105.03 94.25 35.94
C GLU S 364 -104.39 92.88 36.18
N ALA S 365 -104.43 91.96 35.19
CA ALA S 365 -104.18 90.57 35.48
C ALA S 365 -102.85 90.06 34.90
N GLY S 366 -102.08 90.91 34.21
CA GLY S 366 -100.73 90.63 33.73
C GLY S 366 -100.60 89.84 32.44
N PRO S 367 -99.37 89.57 31.99
CA PRO S 367 -99.10 88.92 30.72
C PRO S 367 -99.47 87.46 30.72
N SER S 368 -99.66 86.82 31.88
CA SER S 368 -99.88 85.38 31.95
C SER S 368 -101.26 84.93 31.48
N ILE S 369 -102.20 85.90 31.38
CA ILE S 369 -103.60 85.69 31.01
C ILE S 369 -103.84 85.24 29.60
N VAL S 370 -102.79 85.20 28.74
CA VAL S 370 -102.93 84.73 27.37
C VAL S 370 -103.55 83.36 27.32
N HIS S 371 -102.91 82.40 28.01
CA HIS S 371 -103.30 81.01 28.03
C HIS S 371 -104.63 80.75 28.73
N ARG S 372 -104.94 81.57 29.75
CA ARG S 372 -106.19 81.55 30.47
C ARG S 372 -107.43 81.89 29.65
N LYS S 373 -107.34 82.90 28.77
CA LYS S 373 -108.47 83.31 27.96
C LYS S 373 -108.52 82.61 26.62
N CYS S 374 -107.38 82.55 25.90
CA CYS S 374 -107.31 82.05 24.54
C CYS S 374 -106.65 80.69 24.49
N PHE S 375 -106.90 79.97 23.38
CA PHE S 375 -106.22 78.74 23.05
C PHE S 375 -104.78 78.98 22.45
N GLU T 2 -47.14 38.62 -6.18
CA GLU T 2 -47.03 38.94 -4.73
C GLU T 2 -48.35 38.79 -4.03
N ASP T 3 -48.36 38.66 -2.68
CA ASP T 3 -49.56 38.54 -1.89
C ASP T 3 -50.03 39.92 -1.54
N GLU T 4 -51.38 40.10 -1.48
CA GLU T 4 -52.07 41.33 -1.11
C GLU T 4 -51.93 42.52 -2.04
N THR T 5 -50.92 42.50 -2.95
CA THR T 5 -50.67 43.46 -4.05
C THR T 5 -50.13 44.81 -3.60
N THR T 6 -49.83 44.97 -2.28
CA THR T 6 -49.78 46.26 -1.56
C THR T 6 -51.07 47.07 -1.74
N ALA T 7 -51.05 48.39 -1.51
CA ALA T 7 -52.12 49.23 -1.95
C ALA T 7 -51.51 50.62 -1.96
N LEU T 8 -52.18 51.58 -2.59
CA LEU T 8 -51.71 52.96 -2.66
C LEU T 8 -52.65 53.86 -1.93
N VAL T 9 -52.10 54.90 -1.28
CA VAL T 9 -52.86 55.82 -0.49
C VAL T 9 -52.44 57.21 -0.87
N CYS T 10 -53.40 58.10 -1.14
CA CYS T 10 -53.18 59.50 -1.40
C CYS T 10 -54.12 60.36 -0.56
N ASP T 11 -53.57 61.30 0.22
CA ASP T 11 -54.28 62.39 0.82
C ASP T 11 -54.09 63.61 -0.08
N ASN T 12 -55.24 64.13 -0.60
CA ASN T 12 -55.40 65.43 -1.20
C ASN T 12 -56.52 66.19 -0.52
N GLY T 13 -56.31 66.64 0.73
CA GLY T 13 -56.71 68.02 1.04
C GLY T 13 -55.94 69.05 0.19
N SER T 14 -56.37 70.34 0.11
CA SER T 14 -55.57 71.38 -0.55
C SER T 14 -54.16 71.54 -0.01
N GLY T 15 -53.21 71.97 -0.87
CA GLY T 15 -51.90 72.38 -0.40
C GLY T 15 -50.84 71.32 -0.54
N LEU T 16 -51.08 70.06 -0.11
CA LEU T 16 -50.08 69.00 -0.14
C LEU T 16 -50.71 67.70 -0.60
N VAL T 17 -50.02 67.00 -1.52
CA VAL T 17 -50.26 65.62 -1.80
C VAL T 17 -49.44 64.86 -0.81
N LYS T 18 -50.05 63.97 -0.03
CA LYS T 18 -49.30 63.00 0.74
C LYS T 18 -49.61 61.65 0.17
N ALA T 19 -48.59 60.93 -0.34
CA ALA T 19 -48.79 59.69 -1.03
C ALA T 19 -47.71 58.67 -0.77
N GLY T 20 -48.07 57.39 -0.84
CA GLY T 20 -47.12 56.33 -0.62
C GLY T 20 -47.85 55.04 -0.66
N PHE T 21 -47.16 53.97 -0.25
CA PHE T 21 -47.72 52.65 -0.13
C PHE T 21 -48.50 52.52 1.16
N ALA T 22 -49.68 51.90 1.09
CA ALA T 22 -50.35 51.32 2.23
C ALA T 22 -49.52 50.21 2.84
N GLY T 23 -49.50 50.11 4.19
CA GLY T 23 -48.65 49.13 4.86
C GLY T 23 -47.34 49.65 5.35
N ASP T 24 -47.11 50.97 5.23
CA ASP T 24 -45.94 51.65 5.73
C ASP T 24 -46.41 52.74 6.71
N ASP T 25 -45.56 53.13 7.68
CA ASP T 25 -45.82 54.09 8.72
C ASP T 25 -45.72 55.53 8.21
N ALA T 26 -44.95 55.79 7.14
CA ALA T 26 -44.85 57.12 6.57
C ALA T 26 -44.96 57.13 5.04
N PRO T 27 -45.53 58.20 4.44
CA PRO T 27 -45.62 58.32 2.99
C PRO T 27 -44.25 58.51 2.39
N ARG T 28 -44.00 57.94 1.19
CA ARG T 28 -42.77 58.18 0.47
C ARG T 28 -42.67 59.60 -0.07
N ALA T 29 -43.79 60.12 -0.62
CA ALA T 29 -43.79 61.38 -1.32
C ALA T 29 -44.77 62.32 -0.69
N VAL T 30 -44.28 63.50 -0.32
CA VAL T 30 -45.10 64.58 0.15
C VAL T 30 -44.63 65.81 -0.60
N PHE T 31 -45.53 66.50 -1.31
CA PHE T 31 -45.11 67.65 -2.06
C PHE T 31 -46.28 68.62 -2.19
N PRO T 32 -46.07 69.90 -2.49
CA PRO T 32 -47.14 70.86 -2.65
C PRO T 32 -47.99 70.64 -3.88
N SER T 33 -49.32 70.67 -3.72
CA SER T 33 -50.30 70.50 -4.78
C SER T 33 -50.45 71.74 -5.61
N ILE T 34 -49.47 72.05 -6.48
CA ILE T 34 -49.45 73.29 -7.22
C ILE T 34 -49.11 72.98 -8.64
N VAL T 35 -49.76 73.71 -9.54
CA VAL T 35 -49.53 73.67 -10.96
C VAL T 35 -49.08 75.06 -11.27
N GLY T 36 -47.80 75.22 -11.62
CA GLY T 36 -47.24 76.52 -11.92
C GLY T 36 -46.90 76.68 -13.36
N ARG T 37 -47.45 77.73 -13.99
CA ARG T 37 -47.37 77.92 -15.41
C ARG T 37 -46.42 79.04 -15.74
N PRO T 38 -45.47 78.92 -16.69
CA PRO T 38 -44.73 80.05 -17.24
C PRO T 38 -45.60 81.19 -17.74
N ARG T 39 -45.80 82.22 -16.92
CA ARG T 39 -46.51 83.43 -17.26
C ARG T 39 -45.70 84.31 -18.22
N HIS T 40 -44.36 84.39 -18.02
CA HIS T 40 -43.49 85.19 -18.87
C HIS T 40 -43.06 84.37 -20.04
N GLN T 41 -43.23 84.90 -21.28
CA GLN T 41 -42.72 84.24 -22.46
C GLN T 41 -41.21 84.14 -22.45
N GLY T 42 -40.68 82.91 -22.66
CA GLY T 42 -39.26 82.67 -22.60
C GLY T 42 -38.59 82.95 -23.91
N VAL T 43 -37.37 83.51 -23.90
CA VAL T 43 -36.63 83.80 -25.11
C VAL T 43 -35.23 83.25 -24.97
N MET T 44 -35.05 82.02 -25.44
CA MET T 44 -33.79 81.34 -25.59
C MET T 44 -34.14 80.32 -26.65
N VAL T 45 -33.26 79.33 -26.91
CA VAL T 45 -33.58 78.15 -27.71
C VAL T 45 -33.10 77.00 -26.86
N GLY T 46 -33.78 75.84 -26.87
CA GLY T 46 -33.39 74.69 -26.04
C GLY T 46 -33.79 74.80 -24.59
N MET T 47 -34.86 75.54 -24.34
CA MET T 47 -35.56 75.50 -23.07
C MET T 47 -36.67 74.52 -23.22
N GLY T 48 -36.92 73.75 -22.13
CA GLY T 48 -38.15 73.04 -21.85
C GLY T 48 -38.84 72.32 -23.01
N GLN T 49 -39.92 72.88 -23.62
CA GLN T 49 -40.62 74.09 -23.22
C GLN T 49 -41.31 73.88 -21.89
N LYS T 50 -42.02 72.73 -21.76
CA LYS T 50 -42.79 72.34 -20.60
C LYS T 50 -43.91 73.33 -20.28
N ASP T 51 -45.17 73.04 -20.69
CA ASP T 51 -46.34 73.88 -20.53
C ASP T 51 -46.57 74.31 -19.08
N SER T 52 -46.22 73.45 -18.13
CA SER T 52 -46.45 73.71 -16.74
C SER T 52 -45.58 72.79 -15.93
N TYR T 53 -45.31 73.17 -14.67
CA TYR T 53 -44.52 72.45 -13.69
C TYR T 53 -45.41 72.08 -12.54
N VAL T 54 -45.19 70.91 -11.94
CA VAL T 54 -46.06 70.34 -10.92
C VAL T 54 -45.18 69.95 -9.75
N GLY T 55 -45.70 70.07 -8.52
CA GLY T 55 -45.00 69.61 -7.33
C GLY T 55 -43.95 70.58 -6.84
N ASP T 56 -42.93 70.12 -6.10
CA ASP T 56 -41.85 70.93 -5.59
C ASP T 56 -40.87 71.43 -6.67
N GLU T 57 -40.95 70.92 -7.92
CA GLU T 57 -40.38 71.55 -9.12
C GLU T 57 -40.82 73.01 -9.30
N ALA T 58 -42.13 73.29 -9.10
CA ALA T 58 -42.74 74.61 -9.09
C ALA T 58 -42.24 75.50 -7.95
N GLN T 59 -41.98 74.91 -6.75
CA GLN T 59 -41.36 75.60 -5.63
C GLN T 59 -39.96 76.07 -5.93
N SER T 60 -39.14 75.22 -6.60
CA SER T 60 -37.79 75.55 -7.04
C SER T 60 -37.77 76.66 -8.09
N LYS T 61 -38.63 76.54 -9.12
CA LYS T 61 -38.73 77.55 -10.17
C LYS T 61 -39.92 78.43 -9.92
N ARG T 62 -39.94 79.20 -8.83
CA ARG T 62 -41.13 79.89 -8.41
C ARG T 62 -41.42 81.21 -9.10
N GLY T 63 -40.34 82.00 -9.36
CA GLY T 63 -40.44 83.40 -9.74
C GLY T 63 -41.00 83.67 -11.11
N ILE T 64 -40.74 82.74 -12.05
CA ILE T 64 -41.27 82.75 -13.41
C ILE T 64 -42.76 82.45 -13.42
N LEU T 65 -43.15 81.46 -12.61
CA LEU T 65 -44.43 80.81 -12.63
C LEU T 65 -45.48 81.67 -11.97
N THR T 66 -46.70 81.55 -12.47
CA THR T 66 -47.86 81.83 -11.66
C THR T 66 -48.29 80.48 -11.15
N LEU T 67 -48.62 80.35 -9.86
CA LEU T 67 -48.99 79.11 -9.24
C LEU T 67 -50.47 79.09 -9.03
N LYS T 68 -51.09 77.97 -9.37
CA LYS T 68 -52.50 77.78 -9.16
C LYS T 68 -52.64 76.55 -8.30
N TYR T 69 -53.23 76.73 -7.10
CA TYR T 69 -53.75 75.63 -6.30
C TYR T 69 -54.98 75.08 -7.01
N PRO T 70 -55.10 73.78 -7.32
CA PRO T 70 -56.24 73.28 -8.09
C PRO T 70 -57.35 72.92 -7.15
N ILE T 71 -57.09 72.80 -5.83
CA ILE T 71 -58.09 72.48 -4.86
C ILE T 71 -58.28 73.70 -3.98
N GLU T 72 -59.51 74.20 -3.87
CA GLU T 72 -59.85 75.26 -2.94
C GLU T 72 -61.02 74.82 -2.11
N HIS T 73 -60.89 74.91 -0.78
CA HIS T 73 -61.91 74.59 0.20
C HIS T 73 -62.36 73.14 0.18
N GLY T 74 -61.44 72.22 -0.16
CA GLY T 74 -61.71 70.80 -0.40
C GLY T 74 -62.32 70.52 -1.75
N ILE T 75 -62.55 71.57 -2.58
CA ILE T 75 -63.20 71.47 -3.87
C ILE T 75 -62.14 71.54 -4.93
N ILE T 76 -62.10 70.59 -5.89
CA ILE T 76 -61.24 70.76 -7.03
C ILE T 76 -61.83 71.78 -7.97
N THR T 77 -61.12 72.91 -8.16
CA THR T 77 -61.48 73.97 -9.09
C THR T 77 -61.21 73.58 -10.52
N ASN T 78 -60.04 72.94 -10.75
CA ASN T 78 -59.59 72.56 -12.06
C ASN T 78 -59.14 71.09 -12.10
N TRP T 79 -59.83 70.28 -12.92
CA TRP T 79 -59.67 68.84 -12.99
C TRP T 79 -58.43 68.34 -13.69
N ASP T 80 -58.04 69.00 -14.81
CA ASP T 80 -56.83 68.67 -15.57
C ASP T 80 -55.61 68.89 -14.70
N ASP T 81 -55.55 70.01 -13.97
CA ASP T 81 -54.52 70.31 -12.99
C ASP T 81 -54.43 69.24 -11.86
N MET T 82 -55.56 68.73 -11.32
CA MET T 82 -55.56 67.58 -10.40
C MET T 82 -55.06 66.29 -11.01
N GLU T 83 -55.47 65.98 -12.24
CA GLU T 83 -54.99 64.83 -12.99
C GLU T 83 -53.48 64.90 -13.19
N LYS T 84 -52.94 66.07 -13.57
CA LYS T 84 -51.51 66.33 -13.66
C LYS T 84 -50.75 66.11 -12.35
N ILE T 85 -51.33 66.53 -11.22
CA ILE T 85 -50.78 66.26 -9.90
C ILE T 85 -50.71 64.79 -9.58
N TRP T 86 -51.79 64.03 -9.79
CA TRP T 86 -51.77 62.59 -9.65
C TRP T 86 -50.86 61.90 -10.66
N HIS T 87 -50.76 62.39 -11.90
CA HIS T 87 -49.81 61.86 -12.86
C HIS T 87 -48.36 61.98 -12.38
N HIS T 88 -48.02 63.15 -11.79
CA HIS T 88 -46.78 63.43 -11.11
C HIS T 88 -46.55 62.47 -9.93
N THR T 89 -47.55 62.21 -9.01
CA THR T 89 -47.37 61.27 -7.87
C THR T 89 -46.96 59.88 -8.28
N PHE T 90 -47.69 59.33 -9.26
CA PHE T 90 -47.53 57.95 -9.66
C PHE T 90 -46.28 57.73 -10.49
N TYR T 91 -46.04 58.58 -11.50
CA TYR T 91 -44.92 58.35 -12.40
C TYR T 91 -43.65 59.02 -11.92
N ASN T 92 -43.69 60.28 -11.45
CA ASN T 92 -42.49 61.00 -11.04
C ASN T 92 -41.91 60.49 -9.72
N GLU T 93 -42.74 60.29 -8.67
CA GLU T 93 -42.25 59.83 -7.38
C GLU T 93 -42.33 58.34 -7.18
N LEU T 94 -43.55 57.76 -7.19
CA LEU T 94 -43.70 56.40 -6.70
C LEU T 94 -43.27 55.34 -7.67
N ARG T 95 -43.33 55.66 -8.98
CA ARG T 95 -42.93 54.85 -10.10
C ARG T 95 -43.70 53.56 -10.20
N VAL T 96 -45.04 53.68 -10.11
CA VAL T 96 -45.94 52.58 -10.05
C VAL T 96 -46.80 52.64 -11.28
N ALA T 97 -47.32 51.49 -11.74
CA ALA T 97 -48.42 51.46 -12.67
C ALA T 97 -49.69 51.36 -11.79
N PRO T 98 -50.64 52.30 -11.77
CA PRO T 98 -51.86 52.17 -10.98
C PRO T 98 -52.68 50.93 -11.31
N GLU T 99 -52.55 50.29 -12.49
CA GLU T 99 -53.14 49.00 -12.85
C GLU T 99 -52.75 47.88 -11.89
N GLU T 100 -51.58 48.01 -11.23
CA GLU T 100 -51.03 47.01 -10.35
C GLU T 100 -51.38 47.29 -8.91
N HIS T 101 -52.14 48.37 -8.57
CA HIS T 101 -52.39 48.68 -7.16
C HIS T 101 -53.80 49.16 -6.91
N PRO T 102 -54.59 48.73 -5.93
CA PRO T 102 -55.75 49.49 -5.48
C PRO T 102 -55.39 50.83 -4.84
N THR T 103 -56.15 51.93 -5.10
CA THR T 103 -55.79 53.28 -4.65
C THR T 103 -56.82 53.87 -3.73
N LEU T 104 -56.43 54.25 -2.51
CA LEU T 104 -57.25 54.97 -1.57
C LEU T 104 -57.06 56.46 -1.75
N LEU T 105 -58.16 57.21 -1.85
CA LEU T 105 -58.14 58.64 -1.80
C LEU T 105 -58.84 59.09 -0.54
N THR T 106 -58.29 60.12 0.09
CA THR T 106 -59.01 60.84 1.12
C THR T 106 -59.87 61.91 0.51
N GLU T 107 -60.88 62.39 1.23
CA GLU T 107 -61.72 63.47 0.81
C GLU T 107 -62.38 64.08 2.04
N ALA T 108 -62.79 65.36 1.95
CA ALA T 108 -63.26 66.10 3.09
C ALA T 108 -64.77 65.94 3.40
N PRO T 109 -65.27 65.98 4.64
CA PRO T 109 -66.70 66.01 4.91
C PRO T 109 -67.54 67.12 4.29
N LEU T 110 -68.84 66.80 4.08
CA LEU T 110 -69.89 67.72 3.64
C LEU T 110 -69.51 68.31 2.30
N ASN T 111 -68.77 67.54 1.52
CA ASN T 111 -68.16 67.99 0.30
C ASN T 111 -69.13 67.67 -0.82
N PRO T 112 -69.37 68.57 -1.80
CA PRO T 112 -70.08 68.28 -3.02
C PRO T 112 -69.91 66.88 -3.58
N LYS T 113 -71.02 66.26 -4.00
CA LYS T 113 -71.08 64.93 -4.56
C LYS T 113 -70.24 64.76 -5.79
N ALA T 114 -70.20 65.83 -6.61
CA ALA T 114 -69.49 65.95 -7.86
C ALA T 114 -68.00 65.73 -7.70
N ASN T 115 -67.37 66.19 -6.59
CA ASN T 115 -65.98 65.87 -6.34
C ASN T 115 -65.74 64.39 -6.14
N ARG T 116 -66.53 63.68 -5.29
CA ARG T 116 -66.37 62.23 -5.13
C ARG T 116 -66.63 61.43 -6.40
N GLU T 117 -67.73 61.74 -7.11
CA GLU T 117 -68.12 61.11 -8.37
C GLU T 117 -67.20 61.39 -9.54
N LYS T 118 -66.71 62.63 -9.71
CA LYS T 118 -65.72 62.93 -10.70
C LYS T 118 -64.33 62.39 -10.36
N MET T 119 -63.95 62.35 -9.07
CA MET T 119 -62.72 61.77 -8.58
C MET T 119 -62.58 60.28 -8.91
N THR T 120 -63.69 59.52 -8.70
CA THR T 120 -63.80 58.12 -9.14
C THR T 120 -63.79 57.94 -10.62
N GLN T 121 -64.49 58.79 -11.37
CA GLN T 121 -64.51 58.78 -12.82
C GLN T 121 -63.10 58.92 -13.43
N ILE T 122 -62.29 59.88 -12.89
CA ILE T 122 -60.88 59.98 -13.25
C ILE T 122 -60.07 58.78 -12.83
N MET T 123 -60.24 58.27 -11.59
CA MET T 123 -59.45 57.12 -11.19
C MET T 123 -59.68 55.91 -12.05
N PHE T 124 -60.91 55.60 -12.47
CA PHE T 124 -61.10 54.51 -13.40
C PHE T 124 -60.75 54.78 -14.86
N GLU T 125 -61.08 55.99 -15.40
CA GLU T 125 -61.00 56.27 -16.82
C GLU T 125 -59.84 57.16 -17.22
N THR T 126 -58.87 57.36 -16.31
CA THR T 126 -57.62 58.06 -16.60
C THR T 126 -56.48 57.13 -16.28
N PHE T 127 -56.25 56.81 -14.98
CA PHE T 127 -55.22 55.85 -14.62
C PHE T 127 -55.88 54.52 -14.44
N ASN T 128 -55.86 53.59 -15.41
CA ASN T 128 -56.63 52.37 -15.27
C ASN T 128 -56.24 51.63 -13.97
N VAL T 129 -57.20 51.26 -13.10
CA VAL T 129 -56.86 50.85 -11.74
C VAL T 129 -57.81 49.71 -11.37
N PRO T 130 -57.44 48.65 -10.65
CA PRO T 130 -58.35 47.54 -10.34
C PRO T 130 -59.45 47.95 -9.38
N ALA T 131 -59.14 48.86 -8.45
CA ALA T 131 -60.08 49.22 -7.44
C ALA T 131 -59.67 50.49 -6.74
N MET T 132 -60.61 51.13 -6.05
CA MET T 132 -60.33 52.34 -5.34
C MET T 132 -61.29 52.52 -4.21
N TYR T 133 -61.04 53.53 -3.37
CA TYR T 133 -61.96 53.91 -2.34
C TYR T 133 -61.76 55.39 -2.13
N VAL T 134 -62.81 56.11 -1.71
CA VAL T 134 -62.75 57.49 -1.27
C VAL T 134 -63.22 57.43 0.15
N ALA T 135 -62.47 58.08 1.06
CA ALA T 135 -62.72 57.98 2.47
C ALA T 135 -62.67 59.33 3.12
N ILE T 136 -63.36 59.46 4.26
CA ILE T 136 -63.45 60.73 4.94
C ILE T 136 -62.18 61.04 5.72
N GLN T 137 -61.61 62.27 5.65
CA GLN T 137 -60.33 62.62 6.28
C GLN T 137 -60.24 62.38 7.79
N ALA T 138 -61.28 62.78 8.53
CA ALA T 138 -61.31 62.74 9.98
C ALA T 138 -61.28 61.34 10.61
N VAL T 139 -62.02 60.39 10.03
CA VAL T 139 -62.00 58.99 10.45
C VAL T 139 -60.64 58.36 10.27
N LEU T 140 -59.91 58.65 9.17
CA LEU T 140 -58.55 58.18 8.96
C LEU T 140 -57.59 58.67 10.04
N SER T 141 -57.64 59.97 10.43
CA SER T 141 -56.81 60.46 11.53
C SER T 141 -57.10 59.79 12.86
N LEU T 142 -58.38 59.50 13.14
CA LEU T 142 -58.80 58.75 14.31
C LEU T 142 -58.19 57.35 14.39
N TYR T 143 -58.21 56.60 13.25
CA TYR T 143 -57.52 55.32 13.10
C TYR T 143 -56.04 55.41 13.36
N ALA T 144 -55.37 56.45 12.81
CA ALA T 144 -53.96 56.72 13.00
C ALA T 144 -53.59 56.98 14.45
N SER T 145 -54.46 57.67 15.19
CA SER T 145 -54.30 57.90 16.61
C SER T 145 -54.58 56.67 17.46
N GLY T 146 -55.19 55.60 16.89
CA GLY T 146 -55.37 54.31 17.54
C GLY T 146 -56.50 54.28 18.53
N ARG T 147 -57.46 55.20 18.38
CA ARG T 147 -58.54 55.38 19.33
C ARG T 147 -59.84 55.03 18.63
N THR T 148 -60.84 54.53 19.35
CA THR T 148 -62.10 54.12 18.74
C THR T 148 -63.13 55.23 18.78
N THR T 149 -62.86 56.27 19.59
CA THR T 149 -63.77 57.32 19.99
C THR T 149 -62.99 58.59 20.08
N GLY T 150 -63.64 59.67 19.64
CA GLY T 150 -63.11 61.01 19.74
C GLY T 150 -63.85 61.93 18.87
N ILE T 151 -63.59 63.22 19.05
CA ILE T 151 -64.09 64.21 18.13
C ILE T 151 -62.89 64.69 17.40
N VAL T 152 -62.88 64.49 16.09
CA VAL T 152 -61.73 64.82 15.31
C VAL T 152 -61.89 66.19 14.72
N LEU T 153 -61.00 67.10 15.13
CA LEU T 153 -60.85 68.42 14.59
C LEU T 153 -59.83 68.33 13.48
N ASP T 154 -60.29 68.38 12.22
CA ASP T 154 -59.49 68.24 11.04
C ASP T 154 -59.42 69.65 10.51
N SER T 155 -58.20 70.19 10.41
CA SER T 155 -58.02 71.41 9.66
C SER T 155 -56.78 71.31 8.80
N GLY T 156 -57.00 71.29 7.47
CA GLY T 156 -55.91 71.34 6.51
C GLY T 156 -55.66 72.71 5.97
N ASP T 157 -55.05 72.79 4.77
CA ASP T 157 -54.96 74.02 4.01
C ASP T 157 -56.24 74.25 3.18
N GLY T 158 -57.06 73.18 3.02
CA GLY T 158 -58.32 73.22 2.30
C GLY T 158 -59.42 73.85 3.09
N VAL T 159 -60.05 73.11 4.02
CA VAL T 159 -61.07 73.67 4.88
C VAL T 159 -60.88 72.94 6.20
N THR T 160 -61.49 73.46 7.29
CA THR T 160 -61.67 72.89 8.62
C THR T 160 -62.97 72.09 8.69
N HIS T 161 -62.89 70.90 9.29
CA HIS T 161 -63.95 69.94 9.46
C HIS T 161 -63.90 69.39 10.86
N ASN T 162 -65.02 68.84 11.33
CA ASN T 162 -65.13 68.35 12.67
C ASN T 162 -66.08 67.17 12.58
N VAL T 163 -65.64 65.96 12.98
CA VAL T 163 -66.47 64.77 12.92
C VAL T 163 -66.42 64.13 14.30
N PRO T 164 -67.48 64.09 15.11
CA PRO T 164 -67.56 63.27 16.31
C PRO T 164 -67.83 61.83 15.95
N ILE T 165 -67.14 60.93 16.64
CA ILE T 165 -67.27 59.52 16.46
C ILE T 165 -67.43 58.94 17.85
N TYR T 166 -68.21 57.86 18.00
CA TYR T 166 -68.34 57.14 19.25
C TYR T 166 -68.35 55.64 18.97
N GLU T 167 -67.30 54.92 19.41
CA GLU T 167 -67.18 53.48 19.36
C GLU T 167 -67.24 52.93 17.93
N GLY T 168 -66.40 53.52 17.04
CA GLY T 168 -66.77 53.58 15.64
C GLY T 168 -67.96 54.48 15.47
N TYR T 169 -69.05 53.99 14.81
CA TYR T 169 -70.21 54.78 14.40
C TYR T 169 -69.83 56.11 13.77
N ALA T 170 -70.62 57.19 13.97
CA ALA T 170 -70.45 58.49 13.33
C ALA T 170 -71.78 59.17 13.45
N LEU T 171 -71.78 60.51 13.54
CA LEU T 171 -73.02 61.26 13.70
C LEU T 171 -73.17 62.28 12.57
N PRO T 172 -73.98 62.04 11.51
CA PRO T 172 -74.05 62.91 10.35
C PRO T 172 -74.51 64.32 10.64
N HIS T 173 -75.50 64.50 11.52
CA HIS T 173 -76.04 65.77 11.94
C HIS T 173 -75.07 66.60 12.77
N ALA T 174 -74.22 65.92 13.55
CA ALA T 174 -73.22 66.53 14.40
C ALA T 174 -71.92 66.85 13.68
N ILE T 175 -71.67 66.34 12.45
CA ILE T 175 -70.55 66.78 11.62
C ILE T 175 -70.67 68.23 11.27
N MET T 176 -69.59 69.00 11.52
CA MET T 176 -69.52 70.40 11.23
C MET T 176 -68.36 70.67 10.30
N ARG T 177 -68.56 71.61 9.37
CA ARG T 177 -67.56 72.07 8.45
C ARG T 177 -67.53 73.56 8.58
N LEU T 178 -66.32 74.12 8.75
CA LEU T 178 -66.09 75.50 9.01
C LEU T 178 -65.13 76.03 7.98
N ASP T 179 -65.52 77.07 7.22
CA ASP T 179 -64.69 77.65 6.18
C ASP T 179 -63.64 78.56 6.81
N LEU T 180 -62.56 77.94 7.31
CA LEU T 180 -61.32 78.54 7.70
C LEU T 180 -60.29 77.54 7.28
N ALA T 181 -59.05 78.00 7.05
CA ALA T 181 -58.01 77.11 6.66
C ALA T 181 -56.66 77.71 6.91
N GLY T 182 -55.59 76.92 6.70
CA GLY T 182 -54.26 77.44 6.46
C GLY T 182 -54.19 78.51 5.40
N ARG T 183 -54.82 78.33 4.23
CA ARG T 183 -54.80 79.28 3.16
C ARG T 183 -55.42 80.65 3.50
N ASP T 184 -56.56 80.67 4.21
CA ASP T 184 -57.20 81.89 4.69
C ASP T 184 -56.36 82.62 5.75
N LEU T 185 -55.65 81.87 6.63
CA LEU T 185 -54.63 82.43 7.52
C LEU T 185 -53.45 83.03 6.78
N THR T 186 -53.00 82.42 5.67
CA THR T 186 -51.99 83.01 4.79
C THR T 186 -52.44 84.33 4.15
N ASP T 187 -53.69 84.41 3.61
CA ASP T 187 -54.28 85.63 3.05
C ASP T 187 -54.45 86.72 4.12
N TYR T 188 -54.89 86.37 5.36
CA TYR T 188 -54.87 87.26 6.50
C TYR T 188 -53.47 87.75 6.86
N LEU T 189 -52.49 86.83 6.86
CA LEU T 189 -51.12 87.14 7.21
C LEU T 189 -50.44 88.11 6.28
N MET T 190 -50.52 87.92 4.96
CA MET T 190 -49.96 88.88 4.03
C MET T 190 -50.66 90.23 4.09
N LYS T 191 -51.98 90.26 4.42
CA LYS T 191 -52.68 91.48 4.78
C LYS T 191 -52.20 92.17 6.05
N ILE T 192 -51.85 91.42 7.11
CA ILE T 192 -51.37 92.04 8.35
C ILE T 192 -49.87 92.37 8.29
N LEU T 193 -49.08 91.85 7.32
CA LEU T 193 -47.71 92.34 7.10
C LEU T 193 -47.64 93.74 6.50
N THR T 194 -48.67 94.15 5.73
CA THR T 194 -48.69 95.42 4.99
C THR T 194 -48.63 96.65 5.87
N GLU T 195 -49.19 96.59 7.11
CA GLU T 195 -49.15 97.67 8.08
C GLU T 195 -47.73 97.89 8.59
N ARG T 196 -46.84 96.88 8.43
CA ARG T 196 -45.45 96.99 8.80
C ARG T 196 -44.56 97.50 7.65
N GLY T 197 -45.13 97.59 6.43
CA GLY T 197 -44.47 98.07 5.22
C GLY T 197 -44.04 96.99 4.26
N TYR T 198 -44.13 95.71 4.67
CA TYR T 198 -43.76 94.60 3.80
C TYR T 198 -44.95 94.18 2.96
N SER T 199 -44.82 94.24 1.63
CA SER T 199 -45.95 94.06 0.74
C SER T 199 -45.66 92.91 -0.16
N PHE T 200 -46.46 91.85 -0.03
CA PHE T 200 -46.28 90.63 -0.77
C PHE T 200 -47.52 90.49 -1.60
N VAL T 201 -47.42 90.66 -2.92
CA VAL T 201 -48.56 90.95 -3.77
C VAL T 201 -48.85 89.80 -4.71
N THR T 202 -47.95 88.80 -4.81
CA THR T 202 -47.98 87.84 -5.91
C THR T 202 -47.90 86.43 -5.34
N THR T 203 -48.31 85.40 -6.11
CA THR T 203 -48.38 84.00 -5.69
C THR T 203 -47.09 83.39 -5.20
N ALA T 204 -45.95 83.73 -5.83
CA ALA T 204 -44.62 83.29 -5.47
C ALA T 204 -44.21 83.65 -4.03
N GLU T 205 -44.38 84.92 -3.58
CA GLU T 205 -44.07 85.30 -2.22
C GLU T 205 -45.23 85.08 -1.25
N ARG T 206 -46.44 84.76 -1.75
CA ARG T 206 -47.53 84.21 -0.96
C ARG T 206 -47.18 82.86 -0.34
N GLU T 207 -46.40 82.04 -1.07
CA GLU T 207 -45.80 80.85 -0.51
C GLU T 207 -44.59 81.10 0.39
N ILE T 208 -43.90 82.25 0.23
CA ILE T 208 -42.94 82.73 1.24
C ILE T 208 -43.59 83.10 2.58
N VAL T 209 -44.76 83.78 2.62
CA VAL T 209 -45.48 83.95 3.90
C VAL T 209 -46.12 82.70 4.42
N ARG T 210 -46.44 81.73 3.54
CA ARG T 210 -46.82 80.40 3.98
C ARG T 210 -45.69 79.72 4.77
N ASP T 211 -44.42 79.75 4.27
CA ASP T 211 -43.21 79.26 4.95
C ASP T 211 -42.94 80.00 6.28
N ILE T 212 -43.15 81.34 6.32
CA ILE T 212 -43.02 82.11 7.56
C ILE T 212 -43.96 81.62 8.63
N LYS T 213 -45.24 81.47 8.24
CA LYS T 213 -46.31 81.05 9.09
C LYS T 213 -46.18 79.61 9.58
N GLU T 214 -45.62 78.70 8.76
CA GLU T 214 -45.24 77.33 9.08
C GLU T 214 -44.18 77.20 10.18
N LYS T 215 -43.37 78.27 10.47
CA LYS T 215 -42.49 78.23 11.64
C LYS T 215 -42.64 79.39 12.60
N LEU T 216 -42.69 80.66 12.16
CA LEU T 216 -42.65 81.77 13.09
C LEU T 216 -43.91 81.88 13.92
N CYS T 217 -45.09 81.75 13.29
CA CYS T 217 -46.38 81.90 13.95
C CYS T 217 -46.62 80.96 15.13
N TYR T 218 -47.28 81.46 16.18
CA TYR T 218 -47.67 80.60 17.27
C TYR T 218 -48.99 81.11 17.79
N VAL T 219 -49.69 80.34 18.64
CA VAL T 219 -50.94 80.75 19.24
C VAL T 219 -50.75 81.18 20.67
N ALA T 220 -51.24 82.38 21.04
CA ALA T 220 -51.25 82.89 22.38
C ALA T 220 -52.07 82.09 23.39
N LEU T 221 -51.52 81.84 24.59
CA LEU T 221 -52.23 81.20 25.68
C LEU T 221 -53.13 82.18 26.38
N ASP T 222 -52.90 83.48 26.16
CA ASP T 222 -53.97 84.43 26.21
C ASP T 222 -53.60 85.52 25.20
N PHE T 223 -54.52 85.90 24.29
CA PHE T 223 -54.28 86.83 23.19
C PHE T 223 -54.00 88.23 23.71
N GLU T 224 -54.86 88.77 24.59
CA GLU T 224 -54.75 90.11 25.12
C GLU T 224 -53.50 90.31 25.95
N ASN T 225 -53.15 89.32 26.79
CA ASN T 225 -51.92 89.34 27.57
C ASN T 225 -50.67 89.40 26.70
N GLU T 226 -50.59 88.56 25.64
CA GLU T 226 -49.49 88.62 24.70
C GLU T 226 -49.44 89.87 23.84
N MET T 227 -50.61 90.39 23.42
CA MET T 227 -50.71 91.69 22.78
C MET T 227 -50.35 92.89 23.67
N ALA T 228 -50.65 92.85 24.98
CA ALA T 228 -50.17 93.80 25.94
C ALA T 228 -48.63 93.79 26.12
N THR T 229 -48.00 92.59 26.22
CA THR T 229 -46.54 92.48 26.36
C THR T 229 -45.82 92.77 25.04
N ALA T 230 -46.52 92.83 23.89
CA ALA T 230 -45.99 93.40 22.66
C ALA T 230 -45.61 94.89 22.71
N ALA T 231 -46.01 95.64 23.77
CA ALA T 231 -45.49 96.98 24.01
C ALA T 231 -43.98 97.02 24.27
N SER T 232 -43.45 96.07 25.08
CA SER T 232 -42.03 95.91 25.31
C SER T 232 -41.50 94.81 24.41
N SER T 233 -41.20 95.15 23.14
CA SER T 233 -40.78 94.15 22.18
C SER T 233 -39.39 93.61 22.44
N SER T 234 -39.30 92.29 22.70
CA SER T 234 -38.04 91.61 22.94
C SER T 234 -38.10 90.25 22.27
N SER T 235 -38.82 89.27 22.86
CA SER T 235 -38.87 87.91 22.32
C SER T 235 -39.92 87.70 21.24
N LEU T 236 -40.87 88.64 21.12
CA LEU T 236 -42.00 88.52 20.22
C LEU T 236 -41.63 88.90 18.81
N GLU T 237 -40.57 89.71 18.64
CA GLU T 237 -39.98 89.97 17.36
C GLU T 237 -39.11 88.80 16.97
N LYS T 238 -39.15 88.42 15.69
CA LYS T 238 -38.19 87.50 15.13
C LYS T 238 -37.82 88.04 13.79
N SER T 239 -36.50 88.08 13.55
CA SER T 239 -35.87 88.23 12.26
C SER T 239 -36.15 87.00 11.40
N TYR T 240 -36.59 87.23 10.15
CA TYR T 240 -36.78 86.23 9.14
C TYR T 240 -36.02 86.67 7.91
N GLU T 241 -35.34 85.73 7.24
CA GLU T 241 -34.56 85.93 6.04
C GLU T 241 -35.41 85.56 4.83
N LEU T 242 -35.61 86.46 3.87
CA LEU T 242 -36.25 86.14 2.59
C LEU T 242 -35.24 85.50 1.64
N PRO T 243 -35.65 84.73 0.63
CA PRO T 243 -34.74 84.27 -0.43
C PRO T 243 -34.10 85.38 -1.23
N ASP T 244 -34.69 86.59 -1.28
CA ASP T 244 -34.11 87.80 -1.84
C ASP T 244 -32.84 88.25 -1.08
N GLY T 245 -32.77 87.99 0.25
CA GLY T 245 -31.73 88.50 1.14
C GLY T 245 -32.19 89.68 1.94
N GLN T 246 -33.46 90.08 1.71
CA GLN T 246 -34.18 90.98 2.58
C GLN T 246 -34.57 90.37 3.91
N VAL T 247 -34.53 91.17 4.98
CA VAL T 247 -34.80 90.72 6.33
C VAL T 247 -36.11 91.31 6.73
N ILE T 248 -36.96 90.51 7.38
CA ILE T 248 -38.28 90.84 7.85
C ILE T 248 -38.25 90.67 9.35
N THR T 249 -38.88 91.59 10.09
CA THR T 249 -38.89 91.59 11.55
C THR T 249 -40.31 91.68 12.00
N ILE T 250 -40.89 90.59 12.56
CA ILE T 250 -42.32 90.49 12.84
C ILE T 250 -42.61 90.33 14.33
N GLY T 251 -43.39 91.26 14.92
CA GLY T 251 -43.65 91.30 16.36
C GLY T 251 -44.96 90.66 16.74
N ASN T 252 -45.95 91.47 17.16
CA ASN T 252 -47.26 91.00 17.60
C ASN T 252 -48.13 90.40 16.51
N GLU T 253 -47.87 90.84 15.27
CA GLU T 253 -48.36 90.41 14.00
C GLU T 253 -48.22 88.91 13.80
N ARG T 254 -47.11 88.33 14.33
CA ARG T 254 -46.88 86.92 14.35
C ARG T 254 -47.98 86.07 15.01
N PHE T 255 -48.39 86.34 16.28
CA PHE T 255 -49.29 85.43 16.99
C PHE T 255 -50.75 85.77 16.75
N ARG T 256 -51.07 86.99 16.28
CA ARG T 256 -52.44 87.29 15.95
C ARG T 256 -52.91 86.73 14.61
N CYS T 257 -51.99 86.22 13.76
CA CYS T 257 -52.43 85.43 12.62
C CYS T 257 -53.09 84.11 13.02
N PRO T 258 -52.57 83.19 13.85
CA PRO T 258 -53.35 82.02 14.23
C PRO T 258 -54.55 82.31 15.13
N GLU T 259 -54.58 83.50 15.79
CA GLU T 259 -55.67 83.96 16.64
C GLU T 259 -56.99 84.01 15.88
N THR T 260 -56.94 84.28 14.55
CA THR T 260 -58.07 84.24 13.62
C THR T 260 -58.92 82.97 13.70
N LEU T 261 -58.31 81.79 14.00
CA LEU T 261 -59.06 80.54 14.22
C LEU T 261 -60.05 80.62 15.37
N PHE T 262 -59.74 81.42 16.39
CA PHE T 262 -60.50 81.58 17.61
C PHE T 262 -61.28 82.90 17.59
N GLN T 263 -61.02 83.77 16.59
CA GLN T 263 -61.70 85.05 16.41
C GLN T 263 -61.92 85.31 14.90
N PRO T 264 -62.85 84.66 14.19
CA PRO T 264 -63.10 84.90 12.76
C PRO T 264 -63.74 86.25 12.51
N SER T 265 -64.03 87.07 13.49
CA SER T 265 -64.32 88.48 13.32
C SER T 265 -63.16 89.28 12.73
N PHE T 266 -61.89 88.83 12.92
CA PHE T 266 -60.69 89.39 12.29
C PHE T 266 -60.64 89.18 10.78
N ILE T 267 -61.09 88.01 10.31
CA ILE T 267 -61.23 87.75 8.89
C ILE T 267 -62.51 88.40 8.32
N GLY T 268 -63.52 88.68 9.18
CA GLY T 268 -64.78 89.33 8.84
C GLY T 268 -65.92 88.37 8.64
N MET T 269 -65.71 87.10 8.99
CA MET T 269 -66.73 86.08 8.93
C MET T 269 -67.40 85.94 10.29
N GLU T 270 -68.74 85.75 10.30
CA GLU T 270 -69.49 85.53 11.51
C GLU T 270 -69.27 84.17 12.13
N SER T 271 -69.04 83.16 11.26
CA SER T 271 -68.83 81.77 11.59
C SER T 271 -67.94 81.57 12.78
N ALA T 272 -68.43 80.85 13.80
CA ALA T 272 -67.79 80.82 15.10
C ALA T 272 -66.36 80.29 15.10
N GLY T 273 -65.52 80.70 16.08
CA GLY T 273 -64.19 80.15 16.27
C GLY T 273 -64.19 78.64 16.42
N ILE T 274 -63.03 78.01 16.21
CA ILE T 274 -62.90 76.57 16.15
C ILE T 274 -63.27 75.82 17.44
N HIS T 275 -63.13 76.44 18.62
CA HIS T 275 -63.54 75.88 19.89
C HIS T 275 -65.06 75.89 20.07
N GLU T 276 -65.76 77.00 19.68
CA GLU T 276 -67.22 77.01 19.63
C GLU T 276 -67.79 76.07 18.57
N THR T 277 -67.14 75.89 17.40
CA THR T 277 -67.55 74.86 16.43
C THR T 277 -67.48 73.46 17.01
N THR T 278 -66.43 73.14 17.79
CA THR T 278 -66.32 71.88 18.54
C THR T 278 -67.44 71.71 19.56
N TYR T 279 -67.81 72.78 20.30
CA TYR T 279 -68.99 72.80 21.16
C TYR T 279 -70.28 72.57 20.38
N ASN T 280 -70.44 73.22 19.20
CA ASN T 280 -71.56 73.07 18.31
C ASN T 280 -71.74 71.62 17.83
N SER T 281 -70.63 70.92 17.47
CA SER T 281 -70.63 69.50 17.17
C SER T 281 -70.99 68.61 18.35
N ILE T 282 -70.35 68.80 19.53
CA ILE T 282 -70.60 68.04 20.77
C ILE T 282 -72.02 68.22 21.33
N MET T 283 -72.57 69.45 21.28
CA MET T 283 -73.95 69.76 21.63
C MET T 283 -74.98 69.11 20.74
N LYS T 284 -74.67 68.89 19.45
CA LYS T 284 -75.57 68.16 18.59
C LYS T 284 -75.58 66.67 18.84
N CYS T 285 -74.58 66.14 19.57
CA CYS T 285 -74.51 64.74 19.92
C CYS T 285 -75.40 64.41 21.09
N ASP T 286 -75.75 63.11 21.25
CA ASP T 286 -76.51 62.61 22.36
C ASP T 286 -75.83 62.88 23.70
N ILE T 287 -76.64 63.09 24.77
CA ILE T 287 -76.17 63.48 26.08
C ILE T 287 -75.16 62.50 26.67
N ASP T 288 -75.41 61.19 26.53
CA ASP T 288 -74.66 60.10 27.11
C ASP T 288 -73.17 60.08 26.70
N ILE T 289 -72.91 60.23 25.39
CA ILE T 289 -71.56 60.06 24.90
C ILE T 289 -70.67 61.25 25.15
N ARG T 290 -71.24 62.45 25.42
CA ARG T 290 -70.46 63.67 25.44
C ARG T 290 -69.25 63.68 26.36
N LYS T 291 -69.32 62.92 27.48
CA LYS T 291 -68.25 62.77 28.46
C LYS T 291 -66.90 62.38 27.87
N ASP T 292 -66.86 61.42 26.90
CA ASP T 292 -65.62 60.97 26.34
C ASP T 292 -65.23 61.85 25.17
N LEU T 293 -66.17 62.46 24.42
CA LEU T 293 -65.88 63.42 23.36
C LEU T 293 -65.18 64.67 23.81
N TYR T 294 -65.57 65.18 24.99
CA TYR T 294 -64.83 66.19 25.71
C TYR T 294 -63.41 65.74 26.05
N ALA T 295 -63.22 64.49 26.50
CA ALA T 295 -61.93 63.99 26.92
C ALA T 295 -61.07 63.33 25.80
N ASN T 296 -61.55 63.25 24.55
CA ASN T 296 -60.89 62.50 23.47
C ASN T 296 -60.91 63.33 22.21
N ASN T 297 -60.84 64.67 22.30
CA ASN T 297 -60.62 65.55 21.15
C ASN T 297 -59.28 65.28 20.46
N VAL T 298 -59.32 64.96 19.15
CA VAL T 298 -58.15 64.65 18.34
C VAL T 298 -57.98 65.79 17.37
N MET T 299 -56.80 66.42 17.36
CA MET T 299 -56.44 67.37 16.33
C MET T 299 -55.71 66.68 15.19
N SER T 300 -56.06 67.04 13.95
CA SER T 300 -55.39 66.54 12.78
C SER T 300 -55.16 67.66 11.80
N GLY T 301 -54.34 67.37 10.78
CA GLY T 301 -54.15 68.26 9.64
C GLY T 301 -52.96 69.17 9.78
N GLY T 302 -52.67 69.94 8.72
CA GLY T 302 -51.49 70.78 8.72
C GLY T 302 -51.62 72.07 9.50
N THR T 303 -52.82 72.66 9.67
CA THR T 303 -52.97 73.96 10.32
C THR T 303 -53.35 73.80 11.80
N THR T 304 -53.23 72.56 12.35
CA THR T 304 -53.15 72.33 13.80
C THR T 304 -51.71 72.18 14.24
N MET T 305 -50.72 72.42 13.36
CA MET T 305 -49.34 72.30 13.77
C MET T 305 -48.78 73.43 14.62
N TYR T 306 -49.40 74.64 14.62
CA TYR T 306 -48.86 75.80 15.35
C TYR T 306 -48.61 75.52 16.83
N PRO T 307 -47.46 75.89 17.41
CA PRO T 307 -47.23 75.77 18.84
C PRO T 307 -48.28 76.46 19.70
N GLY T 308 -48.82 75.75 20.72
CA GLY T 308 -49.76 76.30 21.69
C GLY T 308 -51.22 76.23 21.30
N ILE T 309 -51.59 75.66 20.12
CA ILE T 309 -53.02 75.47 19.75
C ILE T 309 -53.76 74.59 20.74
N ALA T 310 -53.14 73.44 21.14
CA ALA T 310 -53.73 72.46 22.04
C ALA T 310 -54.06 73.03 23.40
N ASP T 311 -53.14 73.82 23.99
CA ASP T 311 -53.32 74.53 25.23
C ASP T 311 -54.42 75.58 25.17
N ARG T 312 -54.48 76.38 24.08
CA ARG T 312 -55.54 77.36 23.88
C ARG T 312 -56.93 76.72 23.75
N MET T 313 -57.07 75.65 22.94
CA MET T 313 -58.30 74.89 22.82
C MET T 313 -58.73 74.28 24.15
N GLN T 314 -57.76 73.74 24.93
CA GLN T 314 -58.02 73.20 26.24
C GLN T 314 -58.56 74.24 27.20
N LYS T 315 -57.93 75.43 27.28
CA LYS T 315 -58.41 76.47 28.15
C LYS T 315 -59.80 77.01 27.78
N GLU T 316 -60.10 77.17 26.46
CA GLU T 316 -61.39 77.66 26.00
C GLU T 316 -62.50 76.66 26.13
N ILE T 317 -62.28 75.39 25.72
CA ILE T 317 -63.29 74.35 25.89
C ILE T 317 -63.57 74.05 27.35
N THR T 318 -62.53 73.98 28.21
CA THR T 318 -62.69 73.87 29.68
C THR T 318 -63.44 75.05 30.28
N ALA T 319 -63.17 76.29 29.83
CA ALA T 319 -63.91 77.48 30.26
C ALA T 319 -65.39 77.49 29.90
N LEU T 320 -65.75 77.07 28.66
CA LEU T 320 -67.13 76.95 28.22
C LEU T 320 -67.90 75.76 28.77
N ALA T 321 -67.25 74.60 28.88
CA ALA T 321 -67.90 73.36 29.24
C ALA T 321 -68.18 73.26 30.74
N PRO T 322 -68.99 72.31 31.21
CA PRO T 322 -68.96 71.89 32.60
C PRO T 322 -67.58 71.47 33.10
N SER T 323 -67.06 72.09 34.18
CA SER T 323 -65.79 71.72 34.82
C SER T 323 -65.96 70.50 35.72
N THR T 324 -67.18 69.89 35.67
CA THR T 324 -67.58 68.62 36.26
C THR T 324 -66.79 67.46 35.68
N MET T 325 -66.42 67.56 34.38
CA MET T 325 -65.65 66.55 33.71
C MET T 325 -64.37 67.13 33.13
N LYS T 326 -63.32 66.30 33.06
CA LYS T 326 -62.03 66.75 32.61
C LYS T 326 -61.85 66.65 31.11
N ILE T 327 -61.38 67.76 30.52
CA ILE T 327 -61.28 67.93 29.09
C ILE T 327 -59.85 67.64 28.70
N LYS T 328 -59.56 66.39 28.31
CA LYS T 328 -58.28 66.05 27.72
C LYS T 328 -58.35 66.26 26.22
N ILE T 329 -57.32 66.90 25.64
CA ILE T 329 -57.16 67.03 24.22
C ILE T 329 -55.96 66.21 23.91
N ILE T 330 -56.08 65.32 22.92
CA ILE T 330 -54.99 64.51 22.45
C ILE T 330 -54.60 64.99 21.08
N ALA T 331 -53.49 65.72 21.01
CA ALA T 331 -52.99 66.25 19.78
C ALA T 331 -51.59 65.71 19.60
N PRO T 332 -51.34 64.67 18.80
CA PRO T 332 -50.02 64.08 18.71
C PRO T 332 -49.10 65.02 17.93
N PRO T 333 -47.79 65.18 18.16
CA PRO T 333 -46.87 65.46 17.05
C PRO T 333 -46.98 64.36 16.00
N GLU T 334 -46.67 64.66 14.73
CA GLU T 334 -46.92 63.80 13.58
C GLU T 334 -48.36 63.96 13.07
N ARG T 335 -49.17 64.81 13.75
CA ARG T 335 -50.58 65.06 13.44
C ARG T 335 -50.86 65.56 12.03
N LYS T 336 -49.84 66.15 11.38
CA LYS T 336 -49.87 66.58 10.00
C LYS T 336 -50.14 65.42 9.05
N TYR T 337 -49.53 64.24 9.31
CA TYR T 337 -49.59 63.14 8.38
C TYR T 337 -50.65 62.14 8.82
N SER T 338 -51.44 62.45 9.87
CA SER T 338 -52.40 61.53 10.47
C SER T 338 -53.44 60.94 9.54
N VAL T 339 -53.95 61.75 8.60
CA VAL T 339 -54.85 61.28 7.55
C VAL T 339 -54.23 60.23 6.63
N TRP T 340 -52.97 60.45 6.16
CA TRP T 340 -52.27 59.49 5.33
C TRP T 340 -51.98 58.18 6.08
N ILE T 341 -51.54 58.27 7.36
CA ILE T 341 -51.30 57.10 8.22
C ILE T 341 -52.60 56.34 8.44
N GLY T 342 -53.72 57.05 8.63
CA GLY T 342 -55.03 56.43 8.70
C GLY T 342 -55.49 55.73 7.45
N GLY T 343 -55.04 56.22 6.29
CA GLY T 343 -55.24 55.57 5.02
C GLY T 343 -54.34 54.37 4.81
N SER T 344 -53.09 54.41 5.32
CA SER T 344 -52.15 53.30 5.32
C SER T 344 -52.68 52.12 6.11
N ILE T 345 -53.14 52.38 7.35
CA ILE T 345 -53.71 51.34 8.22
C ILE T 345 -54.99 50.76 7.62
N LEU T 346 -55.90 51.59 7.05
CA LEU T 346 -57.12 51.10 6.44
C LEU T 346 -56.96 50.14 5.28
N ALA T 347 -56.05 50.46 4.32
CA ALA T 347 -55.81 49.60 3.19
C ALA T 347 -55.00 48.36 3.56
N SER T 348 -54.24 48.39 4.69
CA SER T 348 -53.60 47.22 5.28
C SER T 348 -54.56 46.29 6.01
N LEU T 349 -55.75 46.77 6.44
CA LEU T 349 -56.78 45.92 7.04
C LEU T 349 -57.37 44.87 6.09
N SER T 350 -57.36 43.60 6.52
CA SER T 350 -57.78 42.47 5.71
C SER T 350 -59.23 42.50 5.28
N THR T 351 -60.15 42.84 6.21
CA THR T 351 -61.59 43.00 5.93
C THR T 351 -61.91 44.09 4.93
N PHE T 352 -61.16 45.21 4.98
CA PHE T 352 -61.29 46.35 4.10
C PHE T 352 -61.07 45.97 2.63
N GLN T 353 -60.22 44.92 2.38
CA GLN T 353 -60.01 44.38 1.06
C GLN T 353 -61.22 43.81 0.33
N GLN T 354 -62.40 43.69 0.99
CA GLN T 354 -63.64 43.37 0.31
C GLN T 354 -64.54 44.60 0.11
N MET T 355 -64.25 45.75 0.75
CA MET T 355 -65.10 46.93 0.72
C MET T 355 -64.62 47.93 -0.31
N TRP T 356 -63.55 47.58 -1.07
CA TRP T 356 -63.10 48.38 -2.18
C TRP T 356 -64.17 48.55 -3.24
N ILE T 357 -64.21 49.74 -3.87
CA ILE T 357 -65.02 49.87 -5.07
C ILE T 357 -64.24 49.20 -6.17
N THR T 358 -64.74 48.09 -6.74
CA THR T 358 -64.01 47.40 -7.78
C THR T 358 -64.16 48.15 -9.09
N LYS T 359 -63.21 48.00 -10.01
CA LYS T 359 -63.34 48.48 -11.37
C LYS T 359 -64.54 47.89 -12.09
N GLN T 360 -64.78 46.57 -11.89
CA GLN T 360 -65.91 45.87 -12.45
C GLN T 360 -67.25 46.47 -12.03
N GLU T 361 -67.45 46.70 -10.70
CA GLU T 361 -68.66 47.25 -10.13
C GLU T 361 -68.97 48.67 -10.63
N TYR T 362 -67.91 49.50 -10.79
CA TYR T 362 -68.00 50.78 -11.51
C TYR T 362 -68.41 50.63 -12.97
N ASP T 363 -67.80 49.69 -13.74
CA ASP T 363 -68.09 49.52 -15.17
C ASP T 363 -69.57 49.14 -15.39
N GLU T 364 -70.16 48.23 -14.57
CA GLU T 364 -71.59 47.94 -14.57
C GLU T 364 -72.49 49.07 -14.08
N ALA T 365 -72.19 49.69 -12.92
CA ALA T 365 -73.17 50.49 -12.23
C ALA T 365 -72.89 51.99 -12.26
N GLY T 366 -71.77 52.42 -12.89
CA GLY T 366 -71.43 53.81 -13.15
C GLY T 366 -70.80 54.59 -12.00
N PRO T 367 -70.47 55.87 -12.23
CA PRO T 367 -69.76 56.70 -11.26
C PRO T 367 -70.61 57.06 -10.07
N SER T 368 -71.94 56.93 -10.12
CA SER T 368 -72.82 57.38 -9.07
C SER T 368 -72.79 56.53 -7.80
N ILE T 369 -72.24 55.29 -7.93
CA ILE T 369 -72.17 54.29 -6.89
C ILE T 369 -71.27 54.62 -5.73
N VAL T 370 -70.49 55.73 -5.80
CA VAL T 370 -69.63 56.15 -4.70
C VAL T 370 -70.40 56.27 -3.41
N HIS T 371 -71.46 57.10 -3.43
CA HIS T 371 -72.28 57.41 -2.28
C HIS T 371 -73.10 56.23 -1.78
N ARG T 372 -73.51 55.35 -2.71
CA ARG T 372 -74.23 54.12 -2.43
C ARG T 372 -73.47 53.08 -1.60
N LYS T 373 -72.15 52.90 -1.89
CA LYS T 373 -71.35 51.93 -1.18
C LYS T 373 -70.64 52.52 0.02
N CYS T 374 -69.97 53.69 -0.16
CA CYS T 374 -69.13 54.30 0.84
C CYS T 374 -69.80 55.51 1.47
N PHE T 375 -69.30 55.89 2.66
CA PHE T 375 -69.66 57.12 3.34
C PHE T 375 -68.91 58.37 2.73
N GLU U 2 -63.20 134.83 4.62
CA GLU U 2 -64.03 134.19 3.55
C GLU U 2 -64.73 132.97 4.07
N ASP U 3 -65.80 132.50 3.38
CA ASP U 3 -66.54 131.33 3.76
C ASP U 3 -65.89 130.13 3.12
N GLU U 4 -65.90 128.98 3.83
CA GLU U 4 -65.38 127.69 3.41
C GLU U 4 -63.88 127.58 3.20
N THR U 5 -63.16 128.71 3.09
CA THR U 5 -61.70 128.87 3.04
C THR U 5 -61.06 128.43 1.73
N THR U 6 -61.88 128.08 0.70
CA THR U 6 -61.52 127.18 -0.43
C THR U 6 -60.93 125.86 0.06
N ALA U 7 -60.20 125.13 -0.79
CA ALA U 7 -59.37 124.05 -0.31
C ALA U 7 -58.38 123.84 -1.44
N LEU U 8 -57.30 123.09 -1.17
CA LEU U 8 -56.28 122.79 -2.17
C LEU U 8 -56.26 121.33 -2.47
N VAL U 9 -55.98 120.99 -3.73
CA VAL U 9 -55.98 119.63 -4.20
C VAL U 9 -54.73 119.42 -4.98
N CYS U 10 -54.00 118.33 -4.69
CA CYS U 10 -52.83 117.91 -5.46
C CYS U 10 -52.93 116.43 -5.79
N ASP U 11 -52.81 116.09 -7.08
CA ASP U 11 -52.55 114.75 -7.56
C ASP U 11 -51.05 114.64 -7.82
N ASN U 12 -50.41 113.71 -7.08
CA ASN U 12 -49.08 113.16 -7.34
C ASN U 12 -49.13 111.66 -7.42
N GLY U 13 -49.71 111.10 -8.50
CA GLY U 13 -49.02 109.99 -9.16
C GLY U 13 -47.66 110.40 -9.73
N SER U 14 -46.75 109.47 -10.09
CA SER U 14 -45.50 109.82 -10.78
C SER U 14 -45.68 110.63 -12.05
N GLY U 15 -44.70 111.48 -12.40
CA GLY U 15 -44.67 112.11 -13.70
C GLY U 15 -45.21 113.51 -13.74
N LEU U 16 -46.40 113.78 -13.15
CA LEU U 16 -47.04 115.09 -13.19
C LEU U 16 -47.64 115.43 -11.85
N VAL U 17 -47.40 116.68 -11.39
CA VAL U 17 -48.14 117.28 -10.33
C VAL U 17 -49.33 117.91 -11.00
N LYS U 18 -50.55 117.58 -10.58
CA LYS U 18 -51.72 118.33 -10.97
C LYS U 18 -52.25 118.99 -9.74
N ALA U 19 -52.30 120.33 -9.70
CA ALA U 19 -52.66 121.07 -8.53
C ALA U 19 -53.47 122.31 -8.82
N GLY U 20 -54.31 122.70 -7.85
CA GLY U 20 -55.15 123.86 -8.01
C GLY U 20 -56.04 123.97 -6.83
N PHE U 21 -57.03 124.88 -6.93
CA PHE U 21 -58.05 125.04 -5.93
C PHE U 21 -59.13 123.99 -6.11
N ALA U 22 -59.60 123.42 -4.99
CA ALA U 22 -60.86 122.74 -4.90
C ALA U 22 -62.01 123.70 -5.17
N GLY U 23 -63.05 123.24 -5.89
CA GLY U 23 -64.14 124.11 -6.29
C GLY U 23 -64.06 124.66 -7.67
N ASP U 24 -63.06 124.24 -8.45
CA ASP U 24 -62.88 124.61 -9.84
C ASP U 24 -62.87 123.33 -10.67
N ASP U 25 -63.25 123.41 -11.96
CA ASP U 25 -63.36 122.31 -12.91
C ASP U 25 -62.00 121.88 -13.45
N ALA U 26 -60.99 122.78 -13.46
CA ALA U 26 -59.67 122.41 -13.91
C ALA U 26 -58.55 122.91 -12.99
N PRO U 27 -57.42 122.20 -12.87
CA PRO U 27 -56.30 122.62 -12.05
C PRO U 27 -55.63 123.83 -12.69
N ARG U 28 -55.13 124.78 -11.86
CA ARG U 28 -54.36 125.89 -12.35
C ARG U 28 -52.99 125.47 -12.87
N ALA U 29 -52.31 124.56 -12.14
CA ALA U 29 -50.94 124.21 -12.41
C ALA U 29 -50.83 122.74 -12.65
N VAL U 30 -50.25 122.39 -13.80
CA VAL U 30 -49.92 121.03 -14.12
C VAL U 30 -48.51 121.08 -14.66
N PHE U 31 -47.58 120.32 -14.06
CA PHE U 31 -46.21 120.36 -14.52
C PHE U 31 -45.55 119.03 -14.23
N PRO U 32 -44.44 118.68 -14.88
CA PRO U 32 -43.73 117.43 -14.62
C PRO U 32 -43.05 117.37 -13.27
N SER U 33 -43.25 116.26 -12.55
CA SER U 33 -42.65 116.01 -11.25
C SER U 33 -41.20 115.59 -11.34
N ILE U 34 -40.31 116.54 -11.64
CA ILE U 34 -38.92 116.23 -11.89
C ILE U 34 -38.07 117.20 -11.15
N VAL U 35 -36.96 116.70 -10.61
CA VAL U 35 -35.95 117.45 -9.94
C VAL U 35 -34.74 117.22 -10.80
N GLY U 36 -34.28 118.28 -11.48
CA GLY U 36 -33.14 118.18 -12.36
C GLY U 36 -31.96 118.93 -11.85
N ARG U 37 -30.83 118.22 -11.72
CA ARG U 37 -29.65 118.75 -11.05
C ARG U 37 -28.58 119.07 -12.08
N PRO U 38 -27.91 120.22 -12.07
CA PRO U 38 -26.69 120.46 -12.83
C PRO U 38 -25.61 119.42 -12.60
N ARG U 39 -25.51 118.42 -13.49
CA ARG U 39 -24.48 117.40 -13.51
C ARG U 39 -23.13 117.98 -13.95
N HIS U 40 -23.12 118.88 -14.95
CA HIS U 40 -21.90 119.49 -15.45
C HIS U 40 -21.57 120.70 -14.61
N GLN U 41 -20.33 120.79 -14.09
CA GLN U 41 -19.88 121.98 -13.39
C GLN U 41 -19.85 123.21 -14.29
N GLY U 42 -20.51 124.29 -13.86
CA GLY U 42 -20.61 125.49 -14.66
C GLY U 42 -19.42 126.38 -14.48
N VAL U 43 -18.97 127.05 -15.56
CA VAL U 43 -17.83 127.95 -15.49
C VAL U 43 -18.21 129.24 -16.16
N MET U 44 -18.70 130.19 -15.35
CA MET U 44 -18.96 131.56 -15.70
C MET U 44 -18.92 132.21 -14.33
N VAL U 45 -19.34 133.48 -14.21
CA VAL U 45 -19.59 134.13 -12.94
C VAL U 45 -20.95 134.76 -13.09
N GLY U 46 -21.80 134.80 -12.03
CA GLY U 46 -23.15 135.35 -12.14
C GLY U 46 -24.16 134.42 -12.77
N MET U 47 -23.91 133.11 -12.64
CA MET U 47 -24.91 132.11 -12.88
C MET U 47 -25.57 131.78 -11.58
N GLY U 48 -26.89 131.55 -11.63
CA GLY U 48 -27.67 130.84 -10.62
C GLY U 48 -27.36 131.11 -9.14
N GLN U 49 -26.61 130.25 -8.43
CA GLN U 49 -26.12 128.95 -8.86
C GLN U 49 -27.28 127.99 -9.06
N LYS U 50 -28.21 127.97 -8.06
CA LYS U 50 -29.38 127.11 -8.03
C LYS U 50 -29.01 125.62 -8.04
N ASP U 51 -29.00 124.96 -6.86
CA ASP U 51 -28.62 123.56 -6.67
C ASP U 51 -29.40 122.60 -7.57
N SER U 52 -30.66 122.93 -7.86
CA SER U 52 -31.51 122.08 -8.64
C SER U 52 -32.66 122.90 -9.15
N TYR U 53 -33.29 122.42 -10.24
CA TYR U 53 -34.44 123.01 -10.90
C TYR U 53 -35.59 122.04 -10.79
N VAL U 54 -36.81 122.56 -10.64
CA VAL U 54 -38.00 121.77 -10.37
C VAL U 54 -39.06 122.18 -11.37
N GLY U 55 -39.91 121.24 -11.80
CA GLY U 55 -41.03 121.55 -12.67
C GLY U 55 -40.66 121.68 -14.12
N ASP U 56 -41.44 122.40 -14.93
CA ASP U 56 -41.18 122.64 -16.33
C ASP U 56 -39.98 123.58 -16.62
N GLU U 57 -39.42 124.26 -15.58
CA GLU U 57 -38.09 124.85 -15.59
C GLU U 57 -36.99 123.87 -16.00
N ALA U 58 -37.04 122.63 -15.44
CA ALA U 58 -36.18 121.51 -15.76
C ALA U 58 -36.38 121.00 -17.20
N GLN U 59 -37.63 121.01 -17.71
CA GLN U 59 -37.92 120.72 -19.12
C GLN U 59 -37.28 121.69 -20.08
N SER U 60 -37.32 123.01 -19.76
CA SER U 60 -36.68 124.06 -20.54
C SER U 60 -35.16 123.94 -20.56
N LYS U 61 -34.55 123.73 -19.37
CA LYS U 61 -33.11 123.57 -19.26
C LYS U 61 -32.77 122.10 -19.11
N ARG U 62 -33.04 121.28 -20.13
CA ARG U 62 -32.95 119.85 -19.99
C ARG U 62 -31.57 119.24 -20.12
N GLY U 63 -30.77 119.79 -21.08
CA GLY U 63 -29.54 119.16 -21.55
C GLY U 63 -28.40 119.14 -20.57
N ILE U 64 -28.34 120.17 -19.70
CA ILE U 64 -27.39 120.29 -18.61
C ILE U 64 -27.68 119.29 -17.51
N LEU U 65 -28.97 119.15 -17.19
CA LEU U 65 -29.49 118.50 -16.03
C LEU U 65 -29.46 117.00 -16.19
N THR U 66 -29.26 116.31 -15.07
CA THR U 66 -29.74 114.95 -14.96
C THR U 66 -31.06 115.10 -14.25
N LEU U 67 -32.11 114.40 -14.71
CA LEU U 67 -33.44 114.49 -14.15
C LEU U 67 -33.71 113.27 -13.34
N LYS U 68 -34.27 113.48 -12.15
CA LYS U 68 -34.64 112.41 -11.28
C LYS U 68 -36.13 112.55 -11.01
N TYR U 69 -36.92 111.54 -11.43
CA TYR U 69 -38.29 111.38 -10.96
C TYR U 69 -38.24 110.98 -9.48
N PRO U 70 -38.91 111.65 -8.55
CA PRO U 70 -38.77 111.32 -7.13
C PRO U 70 -39.78 110.26 -6.76
N ILE U 71 -40.79 110.03 -7.61
CA ILE U 71 -41.80 109.02 -7.35
C ILE U 71 -41.61 107.93 -8.38
N GLU U 72 -41.43 106.67 -7.94
CA GLU U 72 -41.42 105.53 -8.82
C GLU U 72 -42.40 104.51 -8.31
N HIS U 73 -43.29 104.04 -9.19
CA HIS U 73 -44.29 103.03 -8.93
C HIS U 73 -45.31 103.41 -7.86
N GLY U 74 -45.62 104.71 -7.76
CA GLY U 74 -46.43 105.30 -6.69
C GLY U 74 -45.68 105.50 -5.40
N ILE U 75 -44.39 105.12 -5.34
CA ILE U 75 -43.55 105.19 -4.15
C ILE U 75 -42.66 106.38 -4.26
N ILE U 76 -42.62 107.26 -3.24
CA ILE U 76 -41.61 108.29 -3.22
C ILE U 76 -40.27 107.69 -2.87
N THR U 77 -39.31 107.75 -3.80
CA THR U 77 -37.93 107.32 -3.63
C THR U 77 -37.16 108.28 -2.79
N ASN U 78 -37.33 109.59 -3.05
CA ASN U 78 -36.61 110.64 -2.40
C ASN U 78 -37.55 111.73 -1.87
N TRP U 79 -37.56 111.93 -0.53
CA TRP U 79 -38.48 112.79 0.17
C TRP U 79 -38.23 114.28 0.06
N ASP U 80 -36.93 114.69 0.08
CA ASP U 80 -36.52 116.08 -0.07
C ASP U 80 -36.92 116.58 -1.45
N ASP U 81 -36.69 115.80 -2.50
CA ASP U 81 -37.11 116.04 -3.86
C ASP U 81 -38.65 116.21 -3.98
N MET U 82 -39.48 115.38 -3.30
CA MET U 82 -40.93 115.58 -3.21
C MET U 82 -41.35 116.86 -2.48
N GLU U 83 -40.69 117.17 -1.36
CA GLU U 83 -40.90 118.41 -0.63
C GLU U 83 -40.60 119.62 -1.50
N LYS U 84 -39.48 119.61 -2.26
CA LYS U 84 -39.14 120.62 -3.24
C LYS U 84 -40.18 120.81 -4.34
N ILE U 85 -40.75 119.69 -4.84
CA ILE U 85 -41.86 119.75 -5.79
C ILE U 85 -43.10 120.41 -5.23
N TRP U 86 -43.53 120.03 -4.01
CA TRP U 86 -44.62 120.70 -3.34
C TRP U 86 -44.31 122.15 -2.98
N HIS U 87 -43.05 122.47 -2.59
CA HIS U 87 -42.65 123.85 -2.38
C HIS U 87 -42.82 124.72 -3.62
N HIS U 88 -42.42 124.17 -4.79
CA HIS U 88 -42.64 124.73 -6.11
C HIS U 88 -44.14 124.91 -6.40
N THR U 89 -45.05 123.90 -6.16
CA THR U 89 -46.51 124.06 -6.41
C THR U 89 -47.13 125.23 -5.70
N PHE U 90 -46.85 125.33 -4.38
CA PHE U 90 -47.49 126.30 -3.52
C PHE U 90 -46.95 127.70 -3.72
N TYR U 91 -45.62 127.86 -3.76
CA TYR U 91 -45.04 129.18 -3.83
C TYR U 91 -44.85 129.66 -5.26
N ASN U 92 -44.33 128.81 -6.18
CA ASN U 92 -44.05 129.23 -7.55
C ASN U 92 -45.32 129.41 -8.39
N GLU U 93 -46.28 128.45 -8.33
CA GLU U 93 -47.50 128.55 -9.13
C GLU U 93 -48.66 129.16 -8.39
N LEU U 94 -49.14 128.51 -7.33
CA LEU U 94 -50.44 128.87 -6.78
C LEU U 94 -50.41 130.11 -5.92
N ARG U 95 -49.25 130.41 -5.32
CA ARG U 95 -48.96 131.58 -4.51
C ARG U 95 -49.83 131.65 -3.28
N VAL U 96 -49.91 130.52 -2.56
CA VAL U 96 -50.77 130.34 -1.42
C VAL U 96 -49.89 130.13 -0.23
N ALA U 97 -50.38 130.49 0.98
CA ALA U 97 -49.81 130.01 2.21
C ALA U 97 -50.60 128.74 2.56
N PRO U 98 -50.03 127.53 2.65
CA PRO U 98 -50.78 126.33 3.04
C PRO U 98 -51.46 126.45 4.41
N GLU U 99 -51.02 127.33 5.33
CA GLU U 99 -51.68 127.64 6.59
C GLU U 99 -53.12 128.14 6.40
N GLU U 100 -53.42 128.71 5.23
CA GLU U 100 -54.71 129.29 4.92
C GLU U 100 -55.59 128.32 4.18
N HIS U 101 -55.16 127.06 3.90
CA HIS U 101 -55.98 126.17 3.10
C HIS U 101 -55.93 124.72 3.58
N PRO U 102 -57.00 123.95 3.75
CA PRO U 102 -56.88 122.50 3.82
C PRO U 102 -56.41 121.86 2.51
N THR U 103 -55.52 120.84 2.56
CA THR U 103 -54.89 120.26 1.35
C THR U 103 -55.25 118.80 1.16
N LEU U 104 -55.84 118.44 0.02
CA LEU U 104 -56.09 117.09 -0.37
C LEU U 104 -54.93 116.56 -1.18
N LEU U 105 -54.42 115.37 -0.84
CA LEU U 105 -53.48 114.65 -1.65
C LEU U 105 -54.13 113.40 -2.15
N THR U 106 -53.85 113.06 -3.41
CA THR U 106 -54.16 111.75 -3.92
C THR U 106 -53.04 110.79 -3.61
N GLU U 107 -53.32 109.48 -3.63
CA GLU U 107 -52.32 108.46 -3.45
C GLU U 107 -52.85 107.17 -4.05
N ALA U 108 -51.94 106.25 -4.43
CA ALA U 108 -52.29 105.07 -5.17
C ALA U 108 -52.73 103.86 -4.32
N PRO U 109 -53.64 102.97 -4.71
CA PRO U 109 -53.92 101.73 -3.99
C PRO U 109 -52.78 100.78 -3.70
N LEU U 110 -52.93 100.01 -2.59
CA LEU U 110 -52.05 98.92 -2.18
C LEU U 110 -50.65 99.45 -1.97
N ASN U 111 -50.55 100.71 -1.59
CA ASN U 111 -49.32 101.44 -1.52
C ASN U 111 -48.79 101.27 -0.11
N PRO U 112 -47.48 101.02 0.11
CA PRO U 112 -46.84 101.11 1.40
C PRO U 112 -47.38 102.16 2.37
N LYS U 113 -47.57 101.76 3.63
CA LYS U 113 -48.10 102.60 4.68
C LYS U 113 -47.24 103.82 4.95
N ALA U 114 -45.91 103.63 4.83
CA ALA U 114 -44.87 104.62 5.00
C ALA U 114 -45.04 105.82 4.09
N ASN U 115 -45.48 105.64 2.82
CA ASN U 115 -45.80 106.78 1.98
C ASN U 115 -46.93 107.63 2.51
N ARG U 116 -48.09 107.04 2.91
CA ARG U 116 -49.19 107.80 3.49
C ARG U 116 -48.82 108.51 4.79
N GLU U 117 -48.18 107.78 5.73
CA GLU U 117 -47.72 108.28 7.02
C GLU U 117 -46.61 109.31 6.96
N LYS U 118 -45.61 109.14 6.07
CA LYS U 118 -44.60 110.15 5.85
C LYS U 118 -45.13 111.36 5.07
N MET U 119 -46.06 111.17 4.13
CA MET U 119 -46.73 112.22 3.37
C MET U 119 -47.50 113.19 4.28
N THR U 120 -48.25 112.63 5.28
CA THR U 120 -48.90 113.42 6.34
C THR U 120 -47.94 114.10 7.27
N GLN U 121 -46.86 113.43 7.67
CA GLN U 121 -45.82 113.99 8.50
C GLN U 121 -45.19 115.23 7.88
N ILE U 122 -44.86 115.18 6.56
CA ILE U 122 -44.43 116.36 5.82
C ILE U 122 -45.50 117.41 5.71
N MET U 123 -46.76 117.05 5.39
CA MET U 123 -47.78 118.08 5.29
C MET U 123 -48.00 118.84 6.57
N PHE U 124 -48.01 118.21 7.74
CA PHE U 124 -48.08 118.97 8.97
C PHE U 124 -46.81 119.67 9.42
N GLU U 125 -45.62 119.03 9.28
CA GLU U 125 -44.38 119.51 9.89
C GLU U 125 -43.40 120.13 8.90
N THR U 126 -43.86 120.42 7.67
CA THR U 126 -43.08 121.16 6.68
C THR U 126 -43.87 122.37 6.28
N PHE U 127 -45.01 122.20 5.57
CA PHE U 127 -45.86 123.33 5.24
C PHE U 127 -46.94 123.40 6.26
N ASN U 128 -46.88 124.27 7.30
CA ASN U 128 -47.87 124.23 8.36
C ASN U 128 -49.29 124.38 7.78
N VAL U 129 -50.25 123.48 8.08
CA VAL U 129 -51.48 123.41 7.33
C VAL U 129 -52.60 123.10 8.32
N PRO U 130 -53.83 123.63 8.25
CA PRO U 130 -54.87 123.36 9.24
C PRO U 130 -55.36 121.93 9.18
N ALA U 131 -55.40 121.36 7.97
CA ALA U 131 -55.96 120.06 7.79
C ALA U 131 -55.56 119.46 6.47
N MET U 132 -55.70 118.14 6.33
CA MET U 132 -55.36 117.48 5.10
C MET U 132 -56.13 116.20 4.96
N TYR U 133 -56.04 115.57 3.80
CA TYR U 133 -56.59 114.27 3.60
C TYR U 133 -55.71 113.60 2.55
N VAL U 134 -55.60 112.27 2.59
CA VAL U 134 -54.97 111.45 1.58
C VAL U 134 -56.08 110.56 1.09
N ALA U 135 -56.25 110.46 -0.23
CA ALA U 135 -57.36 109.76 -0.82
C ALA U 135 -56.89 108.88 -1.93
N ILE U 136 -57.68 107.82 -2.21
CA ILE U 136 -57.32 106.86 -3.22
C ILE U 136 -57.59 107.38 -4.64
N GLN U 137 -56.65 107.24 -5.59
CA GLN U 137 -56.78 107.81 -6.94
C GLN U 137 -58.03 107.41 -7.72
N ALA U 138 -58.38 106.11 -7.71
CA ALA U 138 -59.46 105.54 -8.49
C ALA U 138 -60.86 106.02 -8.11
N VAL U 139 -61.15 106.15 -6.80
CA VAL U 139 -62.40 106.69 -6.31
C VAL U 139 -62.62 108.13 -6.73
N LEU U 140 -61.57 108.97 -6.72
CA LEU U 140 -61.64 110.34 -7.21
C LEU U 140 -62.02 110.43 -8.69
N SER U 141 -61.42 109.59 -9.56
CA SER U 141 -61.82 109.54 -10.97
C SER U 141 -63.28 109.14 -11.18
N LEU U 142 -63.77 108.17 -10.38
CA LEU U 142 -65.15 107.77 -10.37
C LEU U 142 -66.12 108.90 -10.04
N TYR U 143 -65.81 109.71 -8.99
CA TYR U 143 -66.53 110.94 -8.66
C TYR U 143 -66.56 111.94 -9.79
N ALA U 144 -65.39 112.15 -10.45
CA ALA U 144 -65.25 113.04 -11.59
C ALA U 144 -66.10 112.63 -12.79
N SER U 145 -66.23 111.32 -13.02
CA SER U 145 -67.10 110.76 -14.05
C SER U 145 -68.57 110.83 -13.69
N GLY U 146 -68.93 111.12 -12.41
CA GLY U 146 -70.30 111.37 -11.97
C GLY U 146 -71.12 110.11 -11.81
N ARG U 147 -70.45 108.97 -11.61
CA ARG U 147 -71.09 107.67 -11.56
C ARG U 147 -70.91 107.11 -10.17
N THR U 148 -71.85 106.31 -9.67
CA THR U 148 -71.77 105.78 -8.31
C THR U 148 -71.12 104.41 -8.28
N THR U 149 -70.98 103.80 -9.47
CA THR U 149 -70.62 102.40 -9.68
C THR U 149 -69.75 102.33 -10.90
N GLY U 150 -68.74 101.47 -10.83
CA GLY U 150 -67.87 101.18 -11.93
C GLY U 150 -66.65 100.49 -11.46
N ILE U 151 -65.88 99.98 -12.42
CA ILE U 151 -64.57 99.46 -12.13
C ILE U 151 -63.63 100.44 -12.72
N VAL U 152 -62.81 101.06 -11.88
CA VAL U 152 -61.93 102.09 -12.34
C VAL U 152 -60.58 101.51 -12.65
N LEU U 153 -60.19 101.59 -13.92
CA LEU U 153 -58.89 101.26 -14.40
C LEU U 153 -58.08 102.54 -14.37
N ASP U 154 -57.16 102.65 -13.41
CA ASP U 154 -56.34 103.80 -13.16
C ASP U 154 -54.99 103.36 -13.67
N SER U 155 -54.46 104.08 -14.67
CA SER U 155 -53.07 103.91 -15.02
C SER U 155 -52.42 105.25 -15.25
N GLY U 156 -51.49 105.61 -14.35
CA GLY U 156 -50.69 106.81 -14.52
C GLY U 156 -49.32 106.52 -15.11
N ASP U 157 -48.36 107.43 -14.85
CA ASP U 157 -46.96 107.20 -15.14
C ASP U 157 -46.30 106.42 -13.99
N GLY U 158 -46.97 106.38 -12.82
CA GLY U 158 -46.50 105.67 -11.64
C GLY U 158 -46.73 104.19 -11.73
N VAL U 159 -47.95 103.70 -11.46
CA VAL U 159 -48.27 102.29 -11.62
C VAL U 159 -49.71 102.28 -12.09
N THR U 160 -50.18 101.13 -12.59
CA THR U 160 -51.56 100.76 -12.92
C THR U 160 -52.25 100.13 -11.72
N HIS U 161 -53.49 100.53 -11.46
CA HIS U 161 -54.34 100.12 -10.38
C HIS U 161 -55.74 99.88 -10.90
N ASN U 162 -56.53 99.11 -10.17
CA ASN U 162 -57.84 98.73 -10.60
C ASN U 162 -58.65 98.63 -9.32
N VAL U 163 -59.73 99.41 -9.17
CA VAL U 163 -60.57 99.39 -7.98
C VAL U 163 -62.01 99.21 -8.45
N PRO U 164 -62.70 98.08 -8.20
CA PRO U 164 -64.13 97.95 -8.39
C PRO U 164 -64.87 98.61 -7.26
N ILE U 165 -65.95 99.31 -7.60
CA ILE U 165 -66.79 99.99 -6.66
C ILE U 165 -68.21 99.61 -7.04
N TYR U 166 -69.11 99.49 -6.05
CA TYR U 166 -70.52 99.25 -6.29
C TYR U 166 -71.34 100.10 -5.32
N GLU U 167 -72.08 101.08 -5.85
CA GLU U 167 -73.02 101.92 -5.12
C GLU U 167 -72.36 102.71 -4.00
N GLY U 168 -71.25 103.41 -4.34
CA GLY U 168 -70.22 103.65 -3.33
C GLY U 168 -69.56 102.34 -2.97
N TYR U 169 -69.49 102.00 -1.66
CA TYR U 169 -68.74 100.87 -1.11
C TYR U 169 -67.34 100.76 -1.72
N ALA U 170 -66.80 99.53 -1.90
CA ALA U 170 -65.45 99.27 -2.34
C ALA U 170 -65.15 97.85 -1.95
N LEU U 171 -64.31 97.15 -2.72
CA LEU U 171 -63.99 95.76 -2.41
C LEU U 171 -62.49 95.57 -2.23
N PRO U 172 -61.95 95.49 -1.00
CA PRO U 172 -60.50 95.46 -0.76
C PRO U 172 -59.78 94.28 -1.39
N HIS U 173 -60.38 93.08 -1.36
CA HIS U 173 -59.85 91.86 -1.94
C HIS U 173 -59.82 91.88 -3.46
N ALA U 174 -60.79 92.58 -4.08
CA ALA U 174 -60.92 92.70 -5.50
C ALA U 174 -60.10 93.84 -6.09
N ILE U 175 -59.52 94.76 -5.28
CA ILE U 175 -58.55 95.74 -5.74
C ILE U 175 -57.30 95.06 -6.26
N MET U 176 -56.88 95.42 -7.49
CA MET U 176 -55.71 94.89 -8.12
C MET U 176 -54.76 96.02 -8.47
N ARG U 177 -53.46 95.76 -8.32
CA ARG U 177 -52.42 96.67 -8.68
C ARG U 177 -51.48 95.89 -9.57
N LEU U 178 -51.14 96.49 -10.72
CA LEU U 178 -50.37 95.88 -11.76
C LEU U 178 -49.19 96.76 -12.07
N ASP U 179 -47.95 96.24 -11.95
CA ASP U 179 -46.75 97.01 -12.19
C ASP U 179 -46.49 97.12 -13.69
N LEU U 180 -47.22 98.06 -14.32
CA LEU U 180 -47.01 98.59 -15.64
C LEU U 180 -47.31 100.04 -15.52
N ALA U 181 -46.74 100.85 -16.42
CA ALA U 181 -46.99 102.25 -16.37
C ALA U 181 -46.66 102.91 -17.68
N GLY U 182 -46.98 104.20 -17.82
CA GLY U 182 -46.36 105.08 -18.79
C GLY U 182 -44.85 105.02 -18.82
N ARG U 183 -44.17 105.08 -17.66
CA ARG U 183 -42.74 105.04 -17.60
C ARG U 183 -42.10 103.75 -18.12
N ASP U 184 -42.67 102.57 -17.81
CA ASP U 184 -42.25 101.28 -18.33
C ASP U 184 -42.45 101.16 -19.84
N LEU U 185 -43.56 101.73 -20.39
CA LEU U 185 -43.74 101.89 -21.83
C LEU U 185 -42.71 102.79 -22.48
N THR U 186 -42.29 103.88 -21.81
CA THR U 186 -41.17 104.71 -22.26
C THR U 186 -39.84 103.96 -22.33
N ASP U 187 -39.48 103.16 -21.28
CA ASP U 187 -38.29 102.33 -21.25
C ASP U 187 -38.32 101.23 -22.32
N TYR U 188 -39.50 100.59 -22.55
CA TYR U 188 -39.72 99.71 -23.69
C TYR U 188 -39.54 100.40 -25.04
N LEU U 189 -40.11 101.62 -25.16
CA LEU U 189 -40.05 102.39 -26.39
C LEU U 189 -38.66 102.80 -26.81
N MET U 190 -37.84 103.35 -25.92
CA MET U 190 -36.48 103.68 -26.25
C MET U 190 -35.64 102.44 -26.56
N LYS U 191 -35.95 101.27 -25.94
CA LYS U 191 -35.43 99.98 -26.35
C LYS U 191 -35.86 99.50 -27.74
N ILE U 192 -37.11 99.73 -28.16
CA ILE U 192 -37.55 99.32 -29.49
C ILE U 192 -37.17 100.34 -30.58
N LEU U 193 -36.77 101.58 -30.25
CA LEU U 193 -36.19 102.48 -31.25
C LEU U 193 -34.79 102.08 -31.70
N THR U 194 -34.03 101.37 -30.84
CA THR U 194 -32.62 101.02 -31.09
C THR U 194 -32.41 100.12 -32.28
N GLU U 195 -33.39 99.23 -32.59
CA GLU U 195 -33.35 98.33 -33.75
C GLU U 195 -33.47 99.13 -35.04
N ARG U 196 -33.98 100.39 -34.98
CA ARG U 196 -34.09 101.25 -36.12
C ARG U 196 -32.84 102.14 -36.30
N GLY U 197 -31.93 102.14 -35.30
CA GLY U 197 -30.67 102.89 -35.30
C GLY U 197 -30.69 104.13 -34.45
N TYR U 198 -31.86 104.54 -33.93
CA TYR U 198 -31.96 105.71 -33.09
C TYR U 198 -31.72 105.34 -31.64
N SER U 199 -30.70 105.93 -31.00
CA SER U 199 -30.26 105.50 -29.69
C SER U 199 -30.38 106.64 -28.75
N PHE U 200 -31.25 106.50 -27.75
CA PHE U 200 -31.53 107.53 -26.79
C PHE U 200 -31.11 106.96 -25.47
N VAL U 201 -30.03 107.48 -24.89
CA VAL U 201 -29.29 106.79 -23.84
C VAL U 201 -29.41 107.50 -22.52
N THR U 202 -29.95 108.74 -22.49
CA THR U 202 -29.82 109.62 -21.33
C THR U 202 -31.19 110.16 -20.96
N THR U 203 -31.37 110.65 -19.72
CA THR U 203 -32.63 111.14 -19.16
C THR U 203 -33.32 112.24 -19.92
N ALA U 204 -32.54 113.20 -20.46
CA ALA U 204 -33.02 114.30 -21.27
C ALA U 204 -33.78 113.88 -22.53
N GLU U 205 -33.26 112.94 -23.36
CA GLU U 205 -33.97 112.46 -24.52
C GLU U 205 -34.90 111.29 -24.21
N ARG U 206 -34.84 110.72 -23.00
CA ARG U 206 -35.86 109.84 -22.46
C ARG U 206 -37.21 110.53 -22.31
N GLU U 207 -37.18 111.83 -21.95
CA GLU U 207 -38.36 112.67 -22.02
C GLU U 207 -38.76 113.12 -23.42
N ILE U 208 -37.81 113.15 -24.38
CA ILE U 208 -38.15 113.25 -25.81
C ILE U 208 -38.93 112.04 -26.34
N VAL U 209 -38.58 110.78 -26.00
CA VAL U 209 -39.42 109.63 -26.36
C VAL U 209 -40.71 109.57 -25.58
N ARG U 210 -40.76 110.14 -24.37
CA ARG U 210 -42.02 110.34 -23.67
C ARG U 210 -42.96 111.24 -24.46
N ASP U 211 -42.49 112.40 -24.99
CA ASP U 211 -43.24 113.31 -25.87
C ASP U 211 -43.69 112.64 -27.19
N ILE U 212 -42.81 111.79 -27.80
CA ILE U 212 -43.16 111.01 -28.99
C ILE U 212 -44.34 110.12 -28.74
N LYS U 213 -44.26 109.36 -27.64
CA LYS U 213 -45.25 108.40 -27.21
C LYS U 213 -46.57 109.02 -26.81
N GLU U 214 -46.56 110.23 -26.21
CA GLU U 214 -47.71 111.08 -25.90
C GLU U 214 -48.51 111.53 -27.12
N LYS U 215 -47.95 111.52 -28.36
CA LYS U 215 -48.76 111.76 -29.54
C LYS U 215 -48.67 110.68 -30.61
N LEU U 216 -47.48 110.19 -31.01
CA LEU U 216 -47.40 109.30 -32.16
C LEU U 216 -48.02 107.95 -31.89
N CYS U 217 -47.73 107.34 -30.73
CA CYS U 217 -48.19 106.02 -30.37
C CYS U 217 -49.71 105.84 -30.38
N TYR U 218 -50.19 104.66 -30.82
CA TYR U 218 -51.60 104.36 -30.73
C TYR U 218 -51.71 102.88 -30.47
N VAL U 219 -52.91 102.40 -30.10
CA VAL U 219 -53.15 100.97 -29.86
C VAL U 219 -53.88 100.35 -31.03
N ALA U 220 -53.36 99.24 -31.57
CA ALA U 220 -53.99 98.45 -32.58
C ALA U 220 -55.33 97.81 -32.21
N LEU U 221 -56.33 97.89 -33.10
CA LEU U 221 -57.63 97.23 -32.92
C LEU U 221 -57.52 95.77 -33.28
N ASP U 222 -56.45 95.39 -33.99
CA ASP U 222 -55.91 94.07 -33.85
C ASP U 222 -54.41 94.22 -34.10
N PHE U 223 -53.56 93.67 -33.20
CA PHE U 223 -52.11 93.82 -33.24
C PHE U 223 -51.49 93.14 -34.46
N GLU U 224 -51.84 91.86 -34.70
CA GLU U 224 -51.29 91.07 -35.78
C GLU U 224 -51.67 91.61 -37.14
N ASN U 225 -52.93 92.05 -37.31
CA ASN U 225 -53.40 92.68 -38.53
C ASN U 225 -52.65 93.95 -38.86
N GLU U 226 -52.44 94.86 -37.87
CA GLU U 226 -51.65 96.05 -38.06
C GLU U 226 -50.16 95.80 -38.27
N MET U 227 -49.58 94.80 -37.58
CA MET U 227 -48.23 94.33 -37.86
C MET U 227 -48.02 93.66 -39.21
N ALA U 228 -49.03 92.94 -39.74
CA ALA U 228 -49.04 92.46 -41.12
C ALA U 228 -49.08 93.58 -42.16
N THR U 229 -49.92 94.63 -41.98
CA THR U 229 -50.00 95.76 -42.92
C THR U 229 -48.79 96.70 -42.78
N ALA U 230 -47.96 96.58 -41.72
CA ALA U 230 -46.65 97.19 -41.67
C ALA U 230 -45.64 96.71 -42.73
N ALA U 231 -45.92 95.61 -43.48
CA ALA U 231 -45.15 95.25 -44.66
C ALA U 231 -45.20 96.31 -45.78
N SER U 232 -46.40 96.87 -46.05
CA SER U 232 -46.57 97.96 -47.00
C SER U 232 -46.64 99.27 -46.24
N SER U 233 -45.46 99.84 -45.89
CA SER U 233 -45.42 101.04 -45.08
C SER U 233 -45.88 102.28 -45.82
N SER U 234 -46.96 102.89 -45.32
CA SER U 234 -47.51 104.11 -45.88
C SER U 234 -47.96 105.01 -44.73
N SER U 235 -49.10 104.71 -44.09
CA SER U 235 -49.64 105.55 -43.02
C SER U 235 -49.08 105.28 -41.64
N LEU U 236 -48.42 104.12 -41.48
CA LEU U 236 -47.92 103.65 -40.20
C LEU U 236 -46.62 104.31 -39.84
N GLU U 237 -45.87 104.79 -40.83
CA GLU U 237 -44.71 105.62 -40.62
C GLU U 237 -45.16 107.03 -40.33
N LYS U 238 -44.50 107.69 -39.38
CA LYS U 238 -44.65 109.11 -39.18
C LYS U 238 -43.29 109.65 -38.94
N SER U 239 -43.00 110.75 -39.66
CA SER U 239 -41.91 111.67 -39.41
C SER U 239 -42.14 112.40 -38.09
N TYR U 240 -41.12 112.44 -37.23
CA TYR U 240 -41.07 113.18 -36.01
C TYR U 240 -39.82 114.03 -36.03
N GLU U 241 -39.93 115.29 -35.58
CA GLU U 241 -38.87 116.26 -35.50
C GLU U 241 -38.31 116.25 -34.08
N LEU U 242 -37.00 116.05 -33.89
CA LEU U 242 -36.34 116.21 -32.61
C LEU U 242 -36.01 117.67 -32.35
N PRO U 243 -35.83 118.15 -31.12
CA PRO U 243 -35.32 119.49 -30.86
C PRO U 243 -33.92 119.76 -31.40
N ASP U 244 -33.10 118.71 -31.65
CA ASP U 244 -31.83 118.77 -32.34
C ASP U 244 -31.99 119.24 -33.81
N GLY U 245 -33.12 118.89 -34.47
CA GLY U 245 -33.36 119.11 -35.90
C GLY U 245 -33.16 117.84 -36.68
N GLN U 246 -32.81 116.75 -35.96
CA GLN U 246 -32.87 115.41 -36.48
C GLN U 246 -34.29 114.89 -36.67
N VAL U 247 -34.52 114.10 -37.72
CA VAL U 247 -35.82 113.60 -38.07
C VAL U 247 -35.79 112.11 -37.80
N ILE U 248 -36.88 111.60 -37.19
CA ILE U 248 -37.10 110.23 -36.81
C ILE U 248 -38.30 109.75 -37.58
N THR U 249 -38.24 108.52 -38.10
CA THR U 249 -39.31 107.94 -38.91
C THR U 249 -39.67 106.62 -38.31
N ILE U 250 -40.86 106.49 -37.69
CA ILE U 250 -41.24 105.33 -36.88
C ILE U 250 -42.45 104.60 -37.46
N GLY U 251 -42.30 103.29 -37.80
CA GLY U 251 -43.33 102.51 -38.47
C GLY U 251 -44.14 101.66 -37.51
N ASN U 252 -43.96 100.34 -37.56
CA ASN U 252 -44.70 99.38 -36.73
C ASN U 252 -44.38 99.43 -35.24
N GLU U 253 -43.16 99.91 -34.96
CA GLU U 253 -42.56 100.23 -33.69
C GLU U 253 -43.43 101.16 -32.88
N ARG U 254 -44.12 102.11 -33.55
CA ARG U 254 -45.09 102.98 -32.96
C ARG U 254 -46.24 102.29 -32.18
N PHE U 255 -46.99 101.34 -32.79
CA PHE U 255 -48.19 100.82 -32.14
C PHE U 255 -47.91 99.62 -31.26
N ARG U 256 -46.75 98.94 -31.45
CA ARG U 256 -46.39 97.86 -30.56
C ARG U 256 -45.83 98.31 -29.21
N CYS U 257 -45.50 99.60 -29.04
CA CYS U 257 -45.24 100.11 -27.70
C CYS U 257 -46.49 100.09 -26.80
N PRO U 258 -47.68 100.62 -27.11
CA PRO U 258 -48.81 100.45 -26.20
C PRO U 258 -49.34 99.03 -26.11
N GLU U 259 -49.03 98.15 -27.09
CA GLU U 259 -49.40 96.75 -27.13
C GLU U 259 -48.91 95.99 -25.90
N THR U 260 -47.76 96.43 -25.33
CA THR U 260 -47.19 95.93 -24.07
C THR U 260 -48.17 95.87 -22.90
N LEU U 261 -49.16 96.81 -22.82
CA LEU U 261 -50.21 96.77 -21.81
C LEU U 261 -51.07 95.52 -21.88
N PHE U 262 -51.24 94.96 -23.07
CA PHE U 262 -52.06 93.81 -23.37
C PHE U 262 -51.22 92.56 -23.57
N GLN U 263 -49.87 92.71 -23.64
CA GLN U 263 -48.91 91.63 -23.79
C GLN U 263 -47.65 91.92 -22.95
N PRO U 264 -47.65 91.80 -21.61
CA PRO U 264 -46.46 92.05 -20.77
C PRO U 264 -45.41 90.99 -20.96
N SER U 265 -45.57 89.96 -21.77
CA SER U 265 -44.51 89.10 -22.24
C SER U 265 -43.45 89.84 -23.05
N PHE U 266 -43.80 90.97 -23.73
CA PHE U 266 -42.89 91.87 -24.43
C PHE U 266 -41.92 92.60 -23.51
N ILE U 267 -42.43 93.03 -22.32
CA ILE U 267 -41.58 93.61 -21.30
C ILE U 267 -40.80 92.51 -20.52
N GLY U 268 -41.32 91.25 -20.52
CA GLY U 268 -40.70 90.08 -19.88
C GLY U 268 -41.30 89.77 -18.54
N MET U 269 -42.40 90.42 -18.19
CA MET U 269 -43.13 90.16 -16.96
C MET U 269 -44.26 89.18 -17.22
N GLU U 270 -44.49 88.23 -16.29
CA GLU U 270 -45.57 87.28 -16.39
C GLU U 270 -46.93 87.88 -16.16
N SER U 271 -46.98 88.91 -15.26
CA SER U 271 -48.16 89.63 -14.83
C SER U 271 -49.09 89.95 -15.96
N ALA U 272 -50.36 89.52 -15.85
CA ALA U 272 -51.28 89.54 -16.96
C ALA U 272 -51.54 90.91 -17.57
N GLY U 273 -51.92 90.96 -18.87
CA GLY U 273 -52.33 92.19 -19.52
C GLY U 273 -53.48 92.88 -18.81
N ILE U 274 -53.67 94.17 -19.08
CA ILE U 274 -54.61 95.01 -18.36
C ILE U 274 -56.08 94.60 -18.46
N HIS U 275 -56.51 93.93 -19.55
CA HIS U 275 -57.83 93.39 -19.70
C HIS U 275 -58.06 92.14 -18.85
N GLU U 276 -57.08 91.20 -18.77
CA GLU U 276 -57.13 90.08 -17.84
C GLU U 276 -57.04 90.53 -16.38
N THR U 277 -56.28 91.59 -16.03
CA THR U 277 -56.31 92.16 -14.66
C THR U 277 -57.67 92.67 -14.29
N THR U 278 -58.39 93.34 -15.21
CA THR U 278 -59.78 93.76 -15.04
C THR U 278 -60.73 92.58 -14.82
N TYR U 279 -60.55 91.46 -15.58
CA TYR U 279 -61.25 90.21 -15.33
C TYR U 279 -60.93 89.64 -13.96
N ASN U 280 -59.64 89.65 -13.54
CA ASN U 280 -59.18 89.20 -12.24
C ASN U 280 -59.82 89.98 -11.09
N SER U 281 -59.96 91.32 -11.22
CA SER U 281 -60.71 92.15 -10.28
C SER U 281 -62.21 91.85 -10.25
N ILE U 282 -62.90 91.77 -11.42
CA ILE U 282 -64.33 91.49 -11.54
C ILE U 282 -64.70 90.08 -11.08
N MET U 283 -63.87 89.06 -11.36
CA MET U 283 -64.02 87.71 -10.84
C MET U 283 -63.89 87.57 -9.35
N LYS U 284 -63.09 88.43 -8.71
CA LYS U 284 -63.01 88.43 -7.27
C LYS U 284 -64.21 89.07 -6.60
N CYS U 285 -65.03 89.82 -7.36
CA CYS U 285 -66.25 90.44 -6.86
C CYS U 285 -67.38 89.44 -6.76
N ASP U 286 -68.40 89.76 -5.95
CA ASP U 286 -69.61 88.99 -5.83
C ASP U 286 -70.36 88.85 -7.15
N ILE U 287 -71.04 87.70 -7.36
CA ILE U 287 -71.70 87.35 -8.61
C ILE U 287 -72.72 88.39 -9.05
N ASP U 288 -73.54 88.90 -8.11
CA ASP U 288 -74.65 89.80 -8.32
C ASP U 288 -74.26 91.12 -9.02
N ILE U 289 -73.18 91.77 -8.54
CA ILE U 289 -72.85 93.09 -9.01
C ILE U 289 -72.16 93.09 -10.35
N ARG U 290 -71.57 91.94 -10.78
CA ARG U 290 -70.69 91.92 -11.95
C ARG U 290 -71.28 92.51 -13.22
N LYS U 291 -72.61 92.39 -13.41
CA LYS U 291 -73.35 92.90 -14.56
C LYS U 291 -73.11 94.38 -14.86
N ASP U 292 -73.05 95.25 -13.83
CA ASP U 292 -72.86 96.66 -14.05
C ASP U 292 -71.38 97.00 -14.11
N LEU U 293 -70.50 96.25 -13.42
CA LEU U 293 -69.04 96.42 -13.52
C LEU U 293 -68.46 96.16 -14.87
N TYR U 294 -68.99 95.14 -15.56
CA TYR U 294 -68.77 94.94 -16.99
C TYR U 294 -69.23 96.13 -17.83
N ALA U 295 -70.40 96.72 -17.52
CA ALA U 295 -70.96 97.80 -18.31
C ALA U 295 -70.53 99.22 -17.87
N ASN U 296 -69.71 99.39 -16.81
CA ASN U 296 -69.40 100.68 -16.22
C ASN U 296 -67.91 100.76 -15.94
N ASN U 297 -67.06 100.12 -16.76
CA ASN U 297 -65.61 100.29 -16.71
C ASN U 297 -65.20 101.74 -17.03
N VAL U 298 -64.47 102.38 -16.09
CA VAL U 298 -64.01 103.76 -16.21
C VAL U 298 -62.51 103.70 -16.39
N MET U 299 -61.98 104.30 -17.46
CA MET U 299 -60.56 104.52 -17.61
C MET U 299 -60.15 105.86 -17.05
N SER U 300 -59.04 105.91 -16.33
CA SER U 300 -58.48 107.14 -15.81
C SER U 300 -56.99 107.15 -16.00
N GLY U 301 -56.37 108.32 -15.79
CA GLY U 301 -54.94 108.47 -15.75
C GLY U 301 -54.34 108.90 -17.06
N GLY U 302 -53.02 109.15 -17.06
CA GLY U 302 -52.35 109.63 -18.26
C GLY U 302 -52.05 108.60 -19.31
N THR U 303 -51.86 107.31 -18.96
CA THR U 303 -51.44 106.29 -19.93
C THR U 303 -52.66 105.50 -20.43
N THR U 304 -53.90 105.99 -20.16
CA THR U 304 -55.11 105.59 -20.90
C THR U 304 -55.43 106.59 -21.98
N MET U 305 -54.55 107.60 -22.23
CA MET U 305 -54.83 108.57 -23.27
C MET U 305 -54.64 108.11 -24.70
N TYR U 306 -53.85 107.02 -24.97
CA TYR U 306 -53.55 106.58 -26.33
C TYR U 306 -54.81 106.33 -27.17
N PRO U 307 -54.89 106.81 -28.41
CA PRO U 307 -56.00 106.49 -29.30
C PRO U 307 -56.24 104.99 -29.50
N GLY U 308 -57.49 104.53 -29.36
CA GLY U 308 -57.89 103.14 -29.61
C GLY U 308 -57.75 102.20 -28.43
N ILE U 309 -57.31 102.67 -27.22
CA ILE U 309 -57.28 101.81 -26.02
C ILE U 309 -58.66 101.28 -25.65
N ALA U 310 -59.68 102.17 -25.63
CA ALA U 310 -61.04 101.85 -25.26
C ALA U 310 -61.67 100.77 -26.12
N ASP U 311 -61.49 100.86 -27.45
CA ASP U 311 -61.92 99.88 -28.42
C ASP U 311 -61.24 98.52 -28.25
N ARG U 312 -59.91 98.51 -28.02
CA ARG U 312 -59.17 97.28 -27.77
C ARG U 312 -59.59 96.58 -26.48
N MET U 313 -59.76 97.32 -25.37
CA MET U 313 -60.28 96.80 -24.12
C MET U 313 -61.69 96.25 -24.26
N GLN U 314 -62.55 96.96 -25.03
CA GLN U 314 -63.89 96.50 -25.32
C GLN U 314 -63.92 95.20 -26.08
N LYS U 315 -63.12 95.07 -27.15
CA LYS U 315 -63.07 93.83 -27.90
C LYS U 315 -62.54 92.63 -27.09
N GLU U 316 -61.49 92.85 -26.26
CA GLU U 316 -60.91 91.78 -25.45
C GLU U 316 -61.77 91.37 -24.28
N ILE U 317 -62.33 92.33 -23.52
CA ILE U 317 -63.23 92.00 -22.42
C ILE U 317 -64.51 91.36 -22.91
N THR U 318 -65.11 91.86 -24.02
CA THR U 318 -66.26 91.21 -24.67
C THR U 318 -65.95 89.81 -25.17
N ALA U 319 -64.74 89.57 -25.75
CA ALA U 319 -64.30 88.25 -26.17
C ALA U 319 -64.15 87.23 -25.03
N LEU U 320 -63.56 87.65 -23.88
CA LEU U 320 -63.41 86.82 -22.70
C LEU U 320 -64.67 86.60 -21.89
N ALA U 321 -65.50 87.63 -21.74
CA ALA U 321 -66.66 87.60 -20.87
C ALA U 321 -67.84 86.84 -21.49
N PRO U 322 -68.88 86.51 -20.73
CA PRO U 322 -70.18 86.19 -21.30
C PRO U 322 -70.73 87.27 -22.24
N SER U 323 -71.07 86.94 -23.50
CA SER U 323 -71.68 87.85 -24.47
C SER U 323 -73.19 87.98 -24.21
N THR U 324 -73.66 87.36 -23.10
CA THR U 324 -74.98 87.44 -22.50
C THR U 324 -75.28 88.86 -22.05
N MET U 325 -74.26 89.61 -21.61
CA MET U 325 -74.40 90.98 -21.17
C MET U 325 -73.50 91.90 -21.96
N LYS U 326 -73.94 93.16 -22.13
CA LYS U 326 -73.21 94.11 -22.94
C LYS U 326 -72.17 94.88 -22.15
N ILE U 327 -70.95 94.93 -22.70
CA ILE U 327 -69.80 95.49 -22.05
C ILE U 327 -69.60 96.90 -22.57
N LYS U 328 -70.16 97.90 -21.87
CA LYS U 328 -69.88 99.27 -22.16
C LYS U 328 -68.65 99.72 -21.38
N ILE U 329 -67.72 100.41 -22.04
CA ILE U 329 -66.58 101.03 -21.41
C ILE U 329 -66.84 102.49 -21.55
N ILE U 330 -66.74 103.24 -20.44
CA ILE U 330 -66.87 104.66 -20.44
C ILE U 330 -65.52 105.26 -20.16
N ALA U 331 -64.88 105.77 -21.22
CA ALA U 331 -63.60 106.39 -21.13
C ALA U 331 -63.73 107.82 -21.61
N PRO U 332 -63.84 108.83 -20.76
CA PRO U 332 -64.09 110.19 -21.22
C PRO U 332 -62.81 110.74 -21.88
N PRO U 333 -62.78 111.58 -22.92
CA PRO U 333 -61.72 112.58 -23.02
C PRO U 333 -61.72 113.46 -21.77
N GLU U 334 -60.56 114.05 -21.40
CA GLU U 334 -60.35 114.74 -20.13
C GLU U 334 -59.96 113.75 -19.03
N ARG U 335 -59.93 112.42 -19.36
CA ARG U 335 -59.64 111.33 -18.43
C ARG U 335 -58.29 111.42 -17.73
N LYS U 336 -57.33 112.17 -18.32
CA LYS U 336 -56.04 112.48 -17.76
C LYS U 336 -56.16 113.21 -16.42
N TYR U 337 -57.11 114.18 -16.32
CA TYR U 337 -57.20 115.04 -15.17
C TYR U 337 -58.28 114.55 -14.22
N SER U 338 -58.88 113.37 -14.48
CA SER U 338 -60.02 112.85 -13.72
C SER U 338 -59.81 112.70 -12.23
N VAL U 339 -58.61 112.27 -11.80
CA VAL U 339 -58.23 112.22 -10.39
C VAL U 339 -58.24 113.59 -9.72
N TRP U 340 -57.67 114.64 -10.35
CA TRP U 340 -57.67 115.98 -9.81
C TRP U 340 -59.08 116.55 -9.71
N ILE U 341 -59.92 116.36 -10.76
CA ILE U 341 -61.32 116.78 -10.77
C ILE U 341 -62.10 116.07 -9.68
N GLY U 342 -61.82 114.76 -9.46
CA GLY U 342 -62.39 114.04 -8.34
C GLY U 342 -62.01 114.52 -6.98
N GLY U 343 -60.79 115.08 -6.87
CA GLY U 343 -60.33 115.75 -5.67
C GLY U 343 -60.93 117.12 -5.48
N SER U 344 -61.19 117.87 -6.58
CA SER U 344 -61.88 119.16 -6.57
C SER U 344 -63.29 119.03 -6.05
N ILE U 345 -64.06 118.04 -6.60
CA ILE U 345 -65.42 117.78 -6.18
C ILE U 345 -65.49 117.32 -4.73
N LEU U 346 -64.57 116.43 -4.27
CA LEU U 346 -64.55 115.96 -2.90
C LEU U 346 -64.34 117.02 -1.84
N ALA U 347 -63.37 117.93 -2.04
CA ALA U 347 -63.12 119.00 -1.09
C ALA U 347 -64.18 120.09 -1.15
N SER U 348 -64.92 120.22 -2.27
CA SER U 348 -66.11 121.06 -2.38
C SER U 348 -67.34 120.50 -1.69
N LEU U 349 -67.41 119.17 -1.44
CA LEU U 349 -68.49 118.56 -0.68
C LEU U 349 -68.56 119.00 0.78
N SER U 350 -69.75 119.48 1.21
CA SER U 350 -69.96 120.03 2.54
C SER U 350 -69.73 119.06 3.69
N THR U 351 -70.24 117.81 3.56
CA THR U 351 -70.03 116.72 4.53
C THR U 351 -68.57 116.33 4.72
N PHE U 352 -67.80 116.33 3.61
CA PHE U 352 -66.38 116.00 3.58
C PHE U 352 -65.57 116.95 4.48
N GLN U 353 -66.04 118.22 4.65
CA GLN U 353 -65.42 119.17 5.54
C GLN U 353 -65.38 118.80 7.03
N GLN U 354 -66.01 117.69 7.46
CA GLN U 354 -65.83 117.15 8.79
C GLN U 354 -64.91 115.92 8.81
N MET U 355 -64.57 115.33 7.66
CA MET U 355 -63.80 114.10 7.57
C MET U 355 -62.33 114.39 7.32
N TRP U 356 -61.95 115.68 7.26
CA TRP U 356 -60.56 116.08 7.18
C TRP U 356 -59.75 115.57 8.35
N ILE U 357 -58.48 115.19 8.12
CA ILE U 357 -57.58 114.97 9.21
C ILE U 357 -57.18 116.34 9.71
N THR U 358 -57.57 116.73 10.94
CA THR U 358 -57.21 118.05 11.43
C THR U 358 -55.77 118.07 11.86
N LYS U 359 -55.13 119.25 11.86
CA LYS U 359 -53.83 119.44 12.45
C LYS U 359 -53.79 119.09 13.93
N GLN U 360 -54.85 119.47 14.68
CA GLN U 360 -55.01 119.17 16.08
C GLN U 360 -55.00 117.66 16.37
N GLU U 361 -55.82 116.88 15.62
CA GLU U 361 -55.94 115.44 15.76
C GLU U 361 -54.64 114.69 15.47
N TYR U 362 -53.87 115.16 14.46
CA TYR U 362 -52.50 114.75 14.23
C TYR U 362 -51.56 115.07 15.40
N ASP U 363 -51.58 116.30 15.96
CA ASP U 363 -50.70 116.74 17.03
C ASP U 363 -50.89 115.86 18.29
N GLU U 364 -52.15 115.54 18.69
CA GLU U 364 -52.45 114.57 19.74
C GLU U 364 -52.10 113.12 19.42
N ALA U 365 -52.50 112.59 18.25
CA ALA U 365 -52.52 111.17 18.06
C ALA U 365 -51.45 110.66 17.09
N GLY U 366 -50.62 111.56 16.52
CA GLY U 366 -49.47 111.22 15.70
C GLY U 366 -49.72 110.87 14.24
N PRO U 367 -48.65 110.57 13.48
CA PRO U 367 -48.74 110.33 12.04
C PRO U 367 -49.42 109.03 11.71
N SER U 368 -49.57 108.10 12.65
CA SER U 368 -50.09 106.76 12.36
C SER U 368 -51.59 106.73 12.09
N ILE U 369 -52.30 107.81 12.47
CA ILE U 369 -53.73 107.96 12.37
C ILE U 369 -54.30 108.04 10.99
N VAL U 370 -53.44 108.12 9.93
CA VAL U 370 -53.88 108.14 8.56
C VAL U 370 -54.80 106.97 8.25
N HIS U 371 -54.28 105.76 8.49
CA HIS U 371 -54.97 104.51 8.19
C HIS U 371 -56.19 104.27 9.05
N ARG U 372 -56.15 104.75 10.31
CA ARG U 372 -57.24 104.70 11.25
C ARG U 372 -58.49 105.48 10.85
N LYS U 373 -58.32 106.70 10.30
CA LYS U 373 -59.43 107.52 9.90
C LYS U 373 -59.86 107.32 8.46
N CYS U 374 -58.88 107.31 7.53
CA CYS U 374 -59.14 107.28 6.10
C CYS U 374 -58.81 105.91 5.52
N PHE U 375 -59.38 105.63 4.34
CA PHE U 375 -59.06 104.48 3.52
C PHE U 375 -57.71 104.68 2.73
N GLU V 2 50.74 169.06 -23.34
CA GLU V 2 49.48 169.46 -24.01
C GLU V 2 48.44 168.36 -23.91
N ASP V 3 47.15 168.67 -24.11
CA ASP V 3 46.07 167.71 -24.07
C ASP V 3 45.90 167.12 -25.45
N GLU V 4 45.55 165.83 -25.52
CA GLU V 4 45.28 165.06 -26.73
C GLU V 4 46.45 164.81 -27.67
N THR V 5 47.56 165.58 -27.53
CA THR V 5 48.85 165.44 -28.21
C THR V 5 48.86 165.86 -29.67
N THR V 6 47.73 166.43 -30.18
CA THR V 6 47.32 166.46 -31.60
C THR V 6 47.33 165.06 -32.22
N ALA V 7 47.40 164.93 -33.56
CA ALA V 7 47.72 163.68 -34.16
C ALA V 7 48.18 164.07 -35.55
N LEU V 8 48.82 163.14 -36.29
CA LEU V 8 49.28 163.38 -37.64
C LEU V 8 48.54 162.50 -38.60
N VAL V 9 48.29 163.02 -39.81
CA VAL V 9 47.54 162.33 -40.82
C VAL V 9 48.30 162.46 -42.11
N CYS V 10 48.50 161.34 -42.82
CA CYS V 10 49.09 161.30 -44.14
C CYS V 10 48.24 160.44 -45.07
N ASP V 11 47.85 161.03 -46.22
CA ASP V 11 47.32 160.31 -47.36
C ASP V 11 48.48 160.11 -48.34
N ASN V 12 48.79 158.81 -48.61
CA ASN V 12 49.60 158.34 -49.71
C ASN V 12 48.83 157.31 -50.51
N GLY V 13 47.80 157.72 -51.27
CA GLY V 13 47.70 157.20 -52.64
C GLY V 13 48.89 157.61 -53.49
N SER V 14 49.15 156.99 -54.68
CA SER V 14 50.19 157.46 -55.60
C SER V 14 50.07 158.91 -56.01
N GLY V 15 51.21 159.57 -56.30
CA GLY V 15 51.18 160.88 -56.94
C GLY V 15 51.35 162.02 -55.97
N LEU V 16 50.62 162.07 -54.85
CA LEU V 16 50.67 163.18 -53.90
C LEU V 16 50.69 162.67 -52.48
N VAL V 17 51.58 163.22 -51.65
CA VAL V 17 51.50 163.12 -50.21
C VAL V 17 50.61 164.25 -49.79
N LYS V 18 49.53 163.97 -49.06
CA LYS V 18 48.79 165.00 -48.38
C LYS V 18 48.96 164.78 -46.91
N ALA V 19 49.55 165.74 -46.18
CA ALA V 19 49.89 165.58 -44.79
C ALA V 19 49.70 166.83 -43.97
N GLY V 20 49.42 166.64 -42.68
CA GLY V 20 49.21 167.77 -41.80
C GLY V 20 48.81 167.25 -40.47
N PHE V 21 48.36 168.16 -39.60
CA PHE V 21 47.83 167.83 -38.29
C PHE V 21 46.39 167.38 -38.42
N ALA V 22 46.02 166.32 -37.69
CA ALA V 22 44.66 166.02 -37.34
C ALA V 22 44.06 167.11 -36.48
N GLY V 23 42.78 167.45 -36.71
CA GLY V 23 42.14 168.57 -36.00
C GLY V 23 42.12 169.86 -36.74
N ASP V 24 42.57 169.87 -38.01
CA ASP V 24 42.52 171.01 -38.90
C ASP V 24 41.72 170.62 -40.14
N ASP V 25 41.09 171.60 -40.82
CA ASP V 25 40.25 171.44 -41.98
C ASP V 25 41.05 171.21 -43.27
N ALA V 26 42.32 171.67 -43.32
CA ALA V 26 43.17 171.45 -44.48
C ALA V 26 44.58 171.00 -44.11
N PRO V 27 45.23 170.17 -44.96
CA PRO V 27 46.59 169.73 -44.72
C PRO V 27 47.55 170.90 -44.88
N ARG V 28 48.63 170.95 -44.08
CA ARG V 28 49.67 171.94 -44.24
C ARG V 28 50.51 171.70 -45.48
N ALA V 29 50.86 170.43 -45.76
CA ALA V 29 51.78 170.08 -46.81
C ALA V 29 51.13 169.15 -47.78
N VAL V 30 51.16 169.54 -49.06
CA VAL V 30 50.73 168.68 -50.14
C VAL V 30 51.81 168.80 -51.19
N PHE V 31 52.41 167.67 -51.61
CA PHE V 31 53.47 167.73 -52.58
C PHE V 31 53.49 166.45 -53.38
N PRO V 32 54.10 166.41 -54.57
CA PRO V 32 54.19 165.18 -55.36
C PRO V 32 55.09 164.12 -54.77
N SER V 33 54.60 162.88 -54.72
CA SER V 33 55.33 161.73 -54.22
C SER V 33 56.34 161.20 -55.21
N ILE V 34 57.47 161.90 -55.38
CA ILE V 34 58.43 161.59 -56.41
C ILE V 34 59.79 161.64 -55.81
N VAL V 35 60.64 160.71 -56.23
CA VAL V 35 62.02 160.63 -55.88
C VAL V 35 62.72 160.78 -57.19
N GLY V 36 63.41 161.91 -57.37
CA GLY V 36 64.11 162.20 -58.60
C GLY V 36 65.58 162.17 -58.45
N ARG V 37 66.25 161.36 -59.27
CA ARG V 37 67.66 161.08 -59.12
C ARG V 37 68.45 161.77 -60.20
N PRO V 38 69.56 162.48 -59.94
CA PRO V 38 70.50 162.92 -60.97
C PRO V 38 71.00 161.78 -61.87
N ARG V 39 70.39 161.63 -63.06
CA ARG V 39 70.79 160.70 -64.09
C ARG V 39 72.08 161.14 -64.77
N HIS V 40 72.25 162.46 -65.03
CA HIS V 40 73.43 162.99 -65.68
C HIS V 40 74.48 163.26 -64.64
N GLN V 41 75.72 162.75 -64.83
CA GLN V 41 76.82 163.07 -63.96
C GLN V 41 77.18 164.55 -64.00
N GLY V 42 77.23 165.18 -62.82
CA GLY V 42 77.48 166.60 -62.72
C GLY V 42 78.97 166.90 -62.73
N VAL V 43 79.37 168.01 -63.39
CA VAL V 43 80.77 168.40 -63.44
C VAL V 43 80.86 169.87 -63.08
N MET V 44 81.10 170.12 -61.79
CA MET V 44 81.42 171.40 -61.21
C MET V 44 82.11 170.97 -59.93
N VAL V 45 82.37 171.89 -59.00
CA VAL V 45 82.80 171.57 -57.64
C VAL V 45 81.88 172.41 -56.77
N GLY V 46 81.47 171.90 -55.58
CA GLY V 46 80.55 172.64 -54.71
C GLY V 46 79.11 172.57 -55.12
N MET V 47 78.74 171.47 -55.82
CA MET V 47 77.36 171.10 -56.01
C MET V 47 77.01 170.14 -54.92
N GLY V 48 75.77 170.25 -54.42
CA GLY V 48 75.04 169.23 -53.68
C GLY V 48 75.81 168.41 -52.65
N GLN V 49 76.24 167.15 -52.95
CA GLN V 49 75.93 166.39 -54.15
C GLN V 49 74.47 166.05 -54.20
N LYS V 50 73.92 165.56 -53.05
CA LYS V 50 72.54 165.14 -52.89
C LYS V 50 72.16 163.99 -53.82
N ASP V 51 72.18 162.73 -53.33
CA ASP V 51 71.92 161.51 -54.08
C ASP V 51 70.57 161.54 -54.83
N SER V 52 69.57 162.22 -54.24
CA SER V 52 68.26 162.28 -54.81
C SER V 52 67.53 163.44 -54.19
N TYR V 53 66.49 163.93 -54.88
CA TYR V 53 65.61 165.01 -54.50
C TYR V 53 64.21 164.46 -54.33
N VAL V 54 63.46 164.97 -53.37
CA VAL V 54 62.16 164.46 -52.98
C VAL V 54 61.19 165.61 -52.96
N GLY V 55 59.93 165.37 -53.32
CA GLY V 55 58.88 166.38 -53.23
C GLY V 55 58.88 167.36 -54.37
N ASP V 56 58.34 168.58 -54.20
CA ASP V 56 58.31 169.61 -55.20
C ASP V 56 59.68 170.25 -55.52
N GLU V 57 60.73 169.95 -54.72
CA GLU V 57 62.14 170.15 -55.08
C GLU V 57 62.51 169.47 -56.41
N ALA V 58 62.04 168.22 -56.61
CA ALA V 58 62.17 167.45 -57.84
C ALA V 58 61.39 168.05 -59.01
N GLN V 59 60.20 168.64 -58.75
CA GLN V 59 59.44 169.40 -59.75
C GLN V 59 60.18 170.63 -60.26
N SER V 60 60.85 171.38 -59.35
CA SER V 60 61.67 172.54 -59.68
C SER V 60 62.90 172.16 -60.50
N LYS V 61 63.63 171.11 -60.08
CA LYS V 61 64.80 170.63 -60.79
C LYS V 61 64.46 169.40 -61.59
N ARG V 62 63.59 169.53 -62.59
CA ARG V 62 63.03 168.38 -63.26
C ARG V 62 63.90 167.75 -64.34
N GLY V 63 64.57 168.62 -65.14
CA GLY V 63 65.20 168.23 -66.39
C GLY V 63 66.42 167.35 -66.28
N ILE V 64 67.16 167.52 -65.18
CA ILE V 64 68.33 166.71 -64.81
C ILE V 64 67.90 165.32 -64.38
N LEU V 65 66.83 165.26 -63.59
CA LEU V 65 66.39 164.12 -62.84
C LEU V 65 65.68 163.12 -63.74
N THR V 66 65.82 161.85 -63.39
CA THR V 66 64.82 160.88 -63.75
C THR V 66 63.94 160.78 -62.53
N LEU V 67 62.62 160.77 -62.69
CA LEU V 67 61.68 160.73 -61.59
C LEU V 67 61.09 159.35 -61.50
N LYS V 68 61.03 158.84 -60.27
CA LYS V 68 60.45 157.57 -60.00
C LYS V 68 59.33 157.80 -59.02
N TYR V 69 58.08 157.47 -59.42
CA TYR V 69 56.97 157.31 -58.51
C TYR V 69 57.22 156.05 -57.68
N PRO V 70 57.20 156.05 -56.35
CA PRO V 70 57.54 154.86 -55.58
C PRO V 70 56.30 154.03 -55.36
N ILE V 71 55.10 154.60 -55.58
CA ILE V 71 53.85 153.91 -55.41
C ILE V 71 53.24 153.74 -56.78
N GLU V 72 52.92 152.51 -57.19
CA GLU V 72 52.19 152.24 -58.40
C GLU V 72 51.02 151.36 -58.07
N HIS V 73 49.82 151.77 -58.49
CA HIS V 73 48.56 151.05 -58.32
C HIS V 73 48.15 150.82 -56.87
N GLY V 74 48.52 151.77 -55.99
CA GLY V 74 48.38 151.65 -54.53
C GLY V 74 49.45 150.81 -53.89
N ILE V 75 50.39 150.24 -54.68
CA ILE V 75 51.44 149.34 -54.21
C ILE V 75 52.72 150.13 -54.12
N ILE V 76 53.42 150.09 -52.98
CA ILE V 76 54.76 150.63 -52.95
C ILE V 76 55.72 149.70 -53.66
N THR V 77 56.31 150.17 -54.77
CA THR V 77 57.32 149.47 -55.54
C THR V 77 58.65 149.47 -54.83
N ASN V 78 59.03 150.64 -54.28
CA ASN V 78 60.30 150.84 -53.64
C ASN V 78 60.14 151.47 -52.26
N TRP V 79 60.58 150.74 -51.21
CA TRP V 79 60.38 151.08 -49.81
C TRP V 79 61.25 152.19 -49.26
N ASP V 80 62.54 152.23 -49.68
CA ASP V 80 63.49 153.25 -49.29
C ASP V 80 63.03 154.61 -49.82
N ASP V 81 62.58 154.68 -51.07
CA ASP V 81 61.98 155.84 -51.70
C ASP V 81 60.71 156.33 -50.94
N MET V 82 59.81 155.44 -50.47
CA MET V 82 58.70 155.81 -49.58
C MET V 82 59.13 156.35 -48.22
N GLU V 83 60.12 155.71 -47.59
CA GLU V 83 60.71 156.18 -46.36
C GLU V 83 61.30 157.58 -46.50
N LYS V 84 62.04 157.85 -47.60
CA LYS V 84 62.53 159.17 -47.95
C LYS V 84 61.45 160.22 -48.12
N ILE V 85 60.32 159.85 -48.75
CA ILE V 85 59.15 160.72 -48.85
C ILE V 85 58.56 161.07 -47.51
N TRP V 86 58.33 160.09 -46.63
CA TRP V 86 57.90 160.35 -45.28
C TRP V 86 58.93 161.10 -44.45
N HIS V 87 60.23 160.84 -44.62
CA HIS V 87 61.26 161.64 -43.99
C HIS V 87 61.20 163.12 -44.34
N HIS V 88 60.99 163.40 -45.64
CA HIS V 88 60.70 164.72 -46.19
C HIS V 88 59.43 165.34 -45.56
N THR V 89 58.27 164.62 -45.45
CA THR V 89 57.04 165.18 -44.82
C THR V 89 57.24 165.69 -43.42
N PHE V 90 57.87 164.85 -42.57
CA PHE V 90 58.00 165.12 -41.16
C PHE V 90 59.05 166.15 -40.87
N TYR V 91 60.25 166.04 -41.47
CA TYR V 91 61.33 166.95 -41.14
C TYR V 91 61.33 168.18 -42.01
N ASN V 92 61.13 168.07 -43.34
CA ASN V 92 61.21 169.22 -44.24
C ASN V 92 59.99 170.15 -44.11
N GLU V 93 58.75 169.61 -44.09
CA GLU V 93 57.56 170.43 -44.00
C GLU V 93 57.05 170.62 -42.60
N LEU V 94 56.63 169.54 -41.93
CA LEU V 94 55.84 169.69 -40.73
C LEU V 94 56.65 170.04 -39.50
N ARG V 95 57.93 169.64 -39.50
CA ARG V 95 58.92 169.89 -38.47
C ARG V 95 58.54 169.31 -37.14
N VAL V 96 58.15 168.03 -37.16
CA VAL V 96 57.62 167.33 -36.01
C VAL V 96 58.59 166.22 -35.70
N ALA V 97 58.66 165.79 -34.44
CA ALA V 97 59.24 164.52 -34.09
C ALA V 97 58.08 163.51 -34.10
N PRO V 98 58.02 162.46 -34.92
CA PRO V 98 56.94 161.48 -34.88
C PRO V 98 56.78 160.80 -33.51
N GLU V 99 57.80 160.74 -32.63
CA GLU V 99 57.71 160.28 -31.25
C GLU V 99 56.68 161.04 -30.43
N GLU V 100 56.37 162.29 -30.82
CA GLU V 100 55.47 163.16 -30.11
C GLU V 100 54.07 163.11 -30.69
N HIS V 101 53.79 162.30 -31.74
CA HIS V 101 52.47 162.33 -32.35
C HIS V 101 51.98 160.96 -32.76
N PRO V 102 50.76 160.48 -32.51
CA PRO V 102 50.21 159.34 -33.25
C PRO V 102 49.97 159.64 -34.73
N THR V 103 50.26 158.70 -35.66
CA THR V 103 50.21 158.95 -37.11
C THR V 103 49.20 158.08 -37.80
N LEU V 104 48.22 158.67 -38.50
CA LEU V 104 47.28 157.99 -39.34
C LEU V 104 47.82 157.91 -40.76
N LEU V 105 47.79 156.73 -41.37
CA LEU V 105 48.04 156.54 -42.77
C LEU V 105 46.77 156.09 -43.42
N THR V 106 46.54 156.61 -44.63
CA THR V 106 45.53 156.05 -45.51
C THR V 106 46.12 154.92 -46.32
N GLU V 107 45.28 154.05 -46.87
CA GLU V 107 45.69 152.98 -47.73
C GLU V 107 44.50 152.53 -48.55
N ALA V 108 44.74 151.93 -49.73
CA ALA V 108 43.70 151.63 -50.68
C ALA V 108 43.00 150.27 -50.47
N PRO V 109 41.71 150.06 -50.75
CA PRO V 109 41.10 148.73 -50.72
C PRO V 109 41.70 147.63 -51.57
N LEU V 110 41.51 146.37 -51.09
CA LEU V 110 41.87 145.13 -51.78
C LEU V 110 43.34 145.12 -52.07
N ASN V 111 44.11 145.76 -51.20
CA ASN V 111 45.50 146.01 -51.40
C ASN V 111 46.25 144.86 -50.74
N PRO V 112 47.30 144.29 -51.36
CA PRO V 112 48.22 143.38 -50.71
C PRO V 112 48.51 143.62 -49.25
N LYS V 113 48.49 142.54 -48.45
CA LYS V 113 48.71 142.55 -47.02
C LYS V 113 50.07 143.11 -46.64
N ALA V 114 51.07 142.80 -47.48
CA ALA V 114 52.45 143.20 -47.36
C ALA V 114 52.63 144.70 -47.31
N ASN V 115 51.84 145.48 -48.09
CA ASN V 115 51.88 146.94 -47.96
C ASN V 115 51.45 147.42 -46.60
N ARG V 116 50.30 146.96 -46.04
CA ARG V 116 49.87 147.35 -44.71
C ARG V 116 50.84 146.94 -43.60
N GLU V 117 51.30 145.67 -43.62
CA GLU V 117 52.26 145.09 -42.69
C GLU V 117 53.66 145.68 -42.75
N LYS V 118 54.20 145.94 -43.96
CA LYS V 118 55.46 146.63 -44.11
C LYS V 118 55.37 148.12 -43.79
N MET V 119 54.23 148.78 -44.09
CA MET V 119 53.95 150.16 -43.76
C MET V 119 53.99 150.44 -42.25
N THR V 120 53.35 149.52 -41.46
CA THR V 120 53.45 149.52 -39.99
C THR V 120 54.81 149.23 -39.46
N GLN V 121 55.52 148.26 -40.05
CA GLN V 121 56.89 147.92 -39.69
C GLN V 121 57.84 149.12 -39.81
N ILE V 122 57.73 149.88 -40.93
CA ILE V 122 58.45 151.15 -41.09
C ILE V 122 58.01 152.19 -40.09
N MET V 123 56.69 152.38 -39.87
CA MET V 123 56.27 153.40 -38.92
C MET V 123 56.77 153.16 -37.53
N PHE V 124 56.78 151.93 -37.02
CA PHE V 124 57.39 151.69 -35.72
C PHE V 124 58.92 151.65 -35.68
N GLU V 125 59.59 151.06 -36.68
CA GLU V 125 61.02 150.77 -36.63
C GLU V 125 61.88 151.67 -37.50
N THR V 126 61.29 152.78 -38.00
CA THR V 126 62.04 153.81 -38.71
C THR V 126 61.82 155.11 -37.99
N PHE V 127 60.59 155.68 -38.01
CA PHE V 127 60.31 156.89 -37.26
C PHE V 127 59.69 156.48 -35.96
N ASN V 128 60.41 156.42 -34.83
CA ASN V 128 59.84 155.89 -33.60
C ASN V 128 58.55 156.66 -33.24
N VAL V 129 57.41 155.99 -33.01
CA VAL V 129 56.12 156.68 -32.97
C VAL V 129 55.30 156.01 -31.87
N PRO V 130 54.48 156.68 -31.05
CA PRO V 130 53.73 156.04 -29.97
C PRO V 130 52.64 155.14 -30.49
N ALA V 131 52.03 155.52 -31.63
CA ALA V 131 50.91 154.79 -32.13
C ALA V 131 50.63 155.14 -33.56
N MET V 132 49.86 154.30 -34.25
CA MET V 132 49.51 154.55 -35.62
C MET V 132 48.24 153.86 -35.99
N TYR V 133 47.73 154.15 -37.18
CA TYR V 133 46.60 153.44 -37.71
C TYR V 133 46.76 153.46 -39.22
N VAL V 134 46.25 152.44 -39.91
CA VAL V 134 46.14 152.38 -41.36
C VAL V 134 44.67 152.27 -41.60
N ALA V 135 44.13 153.10 -42.51
CA ALA V 135 42.72 153.18 -42.73
C ALA V 135 42.40 153.18 -44.19
N ILE V 136 41.18 152.75 -44.53
CA ILE V 136 40.78 152.64 -45.91
C ILE V 136 40.43 154.00 -46.53
N GLN V 137 40.90 154.35 -47.73
CA GLN V 137 40.70 155.67 -48.34
C GLN V 137 39.25 156.13 -48.48
N ALA V 138 38.36 155.24 -48.96
CA ALA V 138 36.97 155.54 -49.25
C ALA V 138 36.11 155.91 -48.06
N VAL V 139 36.27 155.21 -46.93
CA VAL V 139 35.58 155.53 -45.68
C VAL V 139 35.96 156.90 -45.15
N LEU V 140 37.23 157.30 -45.24
CA LEU V 140 37.68 158.62 -44.85
C LEU V 140 37.01 159.73 -45.67
N SER V 141 36.90 159.58 -47.01
CA SER V 141 36.17 160.55 -47.82
C SER V 141 34.70 160.67 -47.48
N LEU V 142 34.05 159.54 -47.14
CA LEU V 142 32.68 159.52 -46.66
C LEU V 142 32.47 160.32 -45.37
N TYR V 143 33.38 160.15 -44.38
CA TYR V 143 33.43 160.96 -43.17
C TYR V 143 33.57 162.45 -43.45
N ALA V 144 34.48 162.81 -44.39
CA ALA V 144 34.71 164.17 -44.81
C ALA V 144 33.49 164.82 -45.44
N SER V 145 32.72 164.04 -46.21
CA SER V 145 31.45 164.49 -46.79
C SER V 145 30.33 164.58 -45.78
N GLY V 146 30.49 164.02 -44.55
CA GLY V 146 29.56 164.18 -43.43
C GLY V 146 28.33 163.32 -43.54
N ARG V 147 28.43 162.23 -44.32
CA ARG V 147 27.29 161.37 -44.61
C ARG V 147 27.56 160.01 -44.01
N THR V 148 26.52 159.28 -43.59
CA THR V 148 26.69 158.00 -42.95
C THR V 148 26.62 156.85 -43.93
N THR V 149 26.16 157.15 -45.15
CA THR V 149 25.76 156.21 -46.18
C THR V 149 26.15 156.78 -47.51
N GLY V 150 26.62 155.91 -48.39
CA GLY V 150 26.93 156.25 -49.75
C GLY V 150 27.77 155.21 -50.37
N ILE V 151 27.94 155.31 -51.68
CA ILE V 151 28.88 154.49 -52.37
C ILE V 151 29.98 155.40 -52.77
N VAL V 152 31.18 155.14 -52.27
CA VAL V 152 32.28 156.03 -52.50
C VAL V 152 33.08 155.55 -53.68
N LEU V 153 33.11 156.37 -54.73
CA LEU V 153 33.94 156.18 -55.88
C LEU V 153 35.22 156.94 -55.62
N ASP V 154 36.30 156.21 -55.34
CA ASP V 154 37.59 156.73 -54.99
C ASP V 154 38.41 156.48 -56.24
N SER V 155 38.92 157.56 -56.85
CA SER V 155 39.93 157.38 -57.86
C SER V 155 41.04 158.40 -57.66
N GLY V 156 42.23 157.89 -57.31
CA GLY V 156 43.43 158.72 -57.22
C GLY V 156 44.29 158.64 -58.45
N ASP V 157 45.59 158.95 -58.29
CA ASP V 157 46.59 158.68 -59.30
C ASP V 157 47.09 157.23 -59.20
N GLY V 158 46.81 156.56 -58.06
CA GLY V 158 47.20 155.18 -57.82
C GLY V 158 46.30 154.21 -58.52
N VAL V 159 45.11 153.91 -57.98
CA VAL V 159 44.14 153.04 -58.63
C VAL V 159 42.80 153.63 -58.26
N THR V 160 41.74 153.21 -58.97
CA THR V 160 40.31 153.41 -58.71
C THR V 160 39.74 152.31 -57.83
N HIS V 161 38.95 152.68 -56.83
CA HIS V 161 38.33 151.83 -55.85
C HIS V 161 36.90 152.27 -55.66
N ASN V 162 36.05 151.38 -55.14
CA ASN V 162 34.65 151.64 -54.98
C ASN V 162 34.26 150.88 -53.73
N VAL V 163 33.74 151.57 -52.70
CA VAL V 163 33.33 150.93 -51.46
C VAL V 163 31.90 151.39 -51.17
N PRO V 164 30.87 150.54 -51.24
CA PRO V 164 29.54 150.86 -50.72
C PRO V 164 29.52 150.73 -49.22
N ILE V 165 28.84 151.67 -48.57
CA ILE V 165 28.68 151.72 -47.15
C ILE V 165 27.21 151.96 -46.91
N TYR V 166 26.64 151.40 -45.83
CA TYR V 166 25.28 151.66 -45.41
C TYR V 166 25.23 151.80 -43.90
N GLU V 167 24.91 153.01 -43.40
CA GLU V 167 24.70 153.33 -42.00
C GLU V 167 25.92 153.04 -41.14
N GLY V 168 27.09 153.55 -41.57
CA GLY V 168 28.34 152.88 -41.25
C GLY V 168 28.38 151.56 -41.98
N TYR V 169 28.64 150.43 -41.26
CA TYR V 169 28.89 149.11 -41.81
C TYR V 169 29.88 149.14 -42.99
N ALA V 170 29.71 148.26 -44.00
CA ALA V 170 30.63 148.10 -45.12
C ALA V 170 30.32 146.75 -45.70
N LEU V 171 30.51 146.57 -47.01
CA LEU V 171 30.22 145.31 -47.66
C LEU V 171 31.45 144.75 -48.36
N PRO V 172 32.20 143.78 -47.81
CA PRO V 172 33.47 143.33 -48.36
C PRO V 172 33.37 142.74 -49.75
N HIS V 173 32.31 141.95 -50.04
CA HIS V 173 32.05 141.34 -51.33
C HIS V 173 31.69 142.34 -52.42
N ALA V 174 31.04 143.45 -52.01
CA ALA V 174 30.61 144.50 -52.91
C ALA V 174 31.67 145.56 -53.16
N ILE V 175 32.80 145.58 -52.40
CA ILE V 175 33.95 146.42 -52.72
C ILE V 175 34.56 146.02 -54.04
N MET V 176 34.76 147.01 -54.93
CA MET V 176 35.34 146.80 -56.23
C MET V 176 36.57 147.67 -56.37
N ARG V 177 37.60 147.14 -57.03
CA ARG V 177 38.82 147.82 -57.34
C ARG V 177 39.02 147.66 -58.83
N LEU V 178 39.27 148.79 -59.51
CA LEU V 178 39.38 148.86 -60.94
C LEU V 178 40.70 149.48 -61.29
N ASP V 179 41.55 148.79 -62.07
CA ASP V 179 42.85 149.27 -62.45
C ASP V 179 42.72 150.30 -63.58
N LEU V 180 42.39 151.53 -63.20
CA LEU V 180 42.45 152.74 -63.98
C LEU V 180 42.90 153.78 -63.02
N ALA V 181 43.53 154.85 -63.51
CA ALA V 181 43.96 155.90 -62.65
C ALA V 181 44.20 157.17 -63.41
N GLY V 182 44.50 158.26 -62.69
CA GLY V 182 45.18 159.42 -63.25
C GLY V 182 46.42 159.09 -64.05
N ARG V 183 47.32 158.25 -63.53
CA ARG V 183 48.53 157.89 -64.21
C ARG V 183 48.35 157.18 -65.56
N ASP V 184 47.39 156.22 -65.64
CA ASP V 184 47.03 155.55 -66.87
C ASP V 184 46.40 156.48 -67.92
N LEU V 185 45.59 157.47 -67.46
CA LEU V 185 45.13 158.57 -68.31
C LEU V 185 46.25 159.45 -68.82
N THR V 186 47.28 159.73 -68.00
CA THR V 186 48.49 160.41 -68.45
C THR V 186 49.25 159.65 -69.54
N ASP V 187 49.47 158.32 -69.38
CA ASP V 187 50.11 157.45 -70.36
C ASP V 187 49.28 157.36 -71.65
N TYR V 188 47.93 157.27 -71.57
CA TYR V 188 47.04 157.41 -72.71
C TYR V 188 47.16 158.78 -73.40
N LEU V 189 47.22 159.86 -72.59
CA LEU V 189 47.29 161.20 -73.11
C LEU V 189 48.54 161.51 -73.88
N MET V 190 49.73 161.17 -73.37
CA MET V 190 50.95 161.37 -74.12
C MET V 190 51.01 160.50 -75.39
N LYS V 191 50.36 159.30 -75.37
CA LYS V 191 50.11 158.53 -76.58
C LYS V 191 49.16 159.17 -77.58
N ILE V 192 48.09 159.86 -77.15
CA ILE V 192 47.18 160.52 -78.08
C ILE V 192 47.69 161.89 -78.53
N LEU V 193 48.68 162.51 -77.87
CA LEU V 193 49.33 163.72 -78.41
C LEU V 193 50.22 163.45 -79.61
N THR V 194 50.76 162.22 -79.74
CA THR V 194 51.73 161.85 -80.80
C THR V 194 51.18 161.92 -82.20
N GLU V 195 49.86 161.67 -82.39
CA GLU V 195 49.18 161.77 -83.67
C GLU V 195 49.10 163.22 -84.13
N ARG V 196 49.26 164.19 -83.19
CA ARG V 196 49.28 165.60 -83.51
C ARG V 196 50.69 166.13 -83.81
N GLY V 197 51.73 165.29 -83.55
CA GLY V 197 53.14 165.59 -83.79
C GLY V 197 53.92 165.94 -82.55
N TYR V 198 53.24 166.13 -81.40
CA TYR V 198 53.93 166.45 -80.16
C TYR V 198 54.34 165.18 -79.44
N SER V 199 55.64 165.00 -79.20
CA SER V 199 56.16 163.74 -78.71
C SER V 199 56.83 163.98 -77.41
N PHE V 200 56.29 163.40 -76.34
CA PHE V 200 56.77 163.57 -75.00
C PHE V 200 57.21 162.21 -74.56
N VAL V 201 58.52 161.99 -74.41
CA VAL V 201 59.11 160.66 -74.38
C VAL V 201 59.68 160.34 -73.03
N THR V 202 59.80 161.32 -72.11
CA THR V 202 60.62 161.18 -70.91
C THR V 202 59.80 161.59 -69.71
N THR V 203 60.22 161.18 -68.49
CA THR V 203 59.51 161.40 -67.22
C THR V 203 59.23 162.85 -66.87
N ALA V 204 60.19 163.76 -67.15
CA ALA V 204 60.09 165.18 -66.94
C ALA V 204 58.91 165.85 -67.66
N GLU V 205 58.71 165.60 -68.98
CA GLU V 205 57.58 166.14 -69.69
C GLU V 205 56.33 165.28 -69.62
N ARG V 206 56.43 164.04 -69.08
CA ARG V 206 55.30 163.25 -68.63
C ARG V 206 54.52 163.93 -67.51
N GLU V 207 55.22 164.63 -66.61
CA GLU V 207 54.60 165.52 -65.66
C GLU V 207 54.11 166.84 -66.23
N ILE V 208 54.67 167.31 -67.36
CA ILE V 208 54.06 168.38 -68.15
C ILE V 208 52.70 168.00 -68.76
N VAL V 209 52.51 166.79 -69.32
CA VAL V 209 51.17 166.35 -69.73
C VAL V 209 50.25 166.05 -68.58
N ARG V 210 50.79 165.67 -67.41
CA ARG V 210 50.00 165.60 -66.19
C ARG V 210 49.40 166.97 -65.84
N ASP V 211 50.19 168.07 -65.85
CA ASP V 211 49.76 169.45 -65.64
C ASP V 211 48.72 169.91 -66.70
N ILE V 212 48.91 169.53 -68.00
CA ILE V 212 47.95 169.81 -69.06
C ILE V 212 46.59 169.22 -68.75
N LYS V 213 46.60 167.92 -68.38
CA LYS V 213 45.43 167.15 -68.09
C LYS V 213 44.71 167.58 -66.83
N GLU V 214 45.44 168.08 -65.81
CA GLU V 214 44.93 168.72 -64.59
C GLU V 214 44.13 170.00 -64.83
N LYS V 215 44.28 170.69 -66.00
CA LYS V 215 43.39 171.80 -66.32
C LYS V 215 42.70 171.71 -67.65
N LEU V 216 43.36 171.37 -68.77
CA LEU V 216 42.73 171.46 -70.07
C LEU V 216 41.65 170.42 -70.26
N CYS V 217 41.93 169.15 -69.89
CA CYS V 217 41.02 168.04 -70.07
C CYS V 217 39.64 168.21 -69.42
N TYR V 218 38.59 167.74 -70.09
CA TYR V 218 37.27 167.74 -69.48
C TYR V 218 36.55 166.49 -69.98
N VAL V 219 35.41 166.13 -69.38
CA VAL V 219 34.61 165.00 -69.82
C VAL V 219 33.40 165.45 -70.59
N ALA V 220 33.19 164.88 -71.79
CA ALA V 220 32.03 165.10 -72.60
C ALA V 220 30.70 164.65 -72.00
N LEU V 221 29.66 165.48 -72.10
CA LEU V 221 28.31 165.13 -71.67
C LEU V 221 27.62 164.29 -72.70
N ASP V 222 28.16 164.26 -73.93
CA ASP V 222 28.06 163.11 -74.76
C ASP V 222 29.32 163.08 -75.60
N PHE V 223 30.03 161.94 -75.67
CA PHE V 223 31.33 161.79 -76.33
C PHE V 223 31.20 161.97 -77.83
N GLU V 224 30.27 161.25 -78.49
CA GLU V 224 30.08 161.29 -79.92
C GLU V 224 29.65 162.65 -80.42
N ASN V 225 28.75 163.32 -79.70
CA ASN V 225 28.32 164.68 -80.02
C ASN V 225 29.46 165.68 -79.98
N GLU V 226 30.30 165.64 -78.92
CA GLU V 226 31.47 166.48 -78.84
C GLU V 226 32.57 166.15 -79.86
N MET V 227 32.79 164.85 -80.16
CA MET V 227 33.63 164.44 -81.26
C MET V 227 33.14 164.80 -82.66
N ALA V 228 31.83 164.81 -82.90
CA ALA V 228 31.24 165.36 -84.10
C ALA V 228 31.45 166.87 -84.27
N THR V 229 31.26 167.68 -83.19
CA THR V 229 31.47 169.14 -83.25
C THR V 229 32.95 169.50 -83.27
N ALA V 230 33.88 168.55 -82.99
CA ALA V 230 35.30 168.70 -83.30
C ALA V 230 35.66 168.85 -84.78
N ALA V 231 34.71 168.62 -85.73
CA ALA V 231 34.90 168.97 -87.13
C ALA V 231 35.03 170.48 -87.36
N SER V 232 34.20 171.30 -86.68
CA SER V 232 34.31 172.76 -86.72
C SER V 232 35.06 173.22 -85.48
N SER V 233 36.41 173.17 -85.54
CA SER V 233 37.21 173.52 -84.37
C SER V 233 37.21 174.99 -84.05
N SER V 234 36.71 175.33 -82.85
CA SER V 234 36.65 176.69 -82.35
C SER V 234 36.98 176.68 -80.87
N SER V 235 36.04 176.25 -80.01
CA SER V 235 36.26 176.29 -78.55
C SER V 235 36.98 175.07 -78.00
N LEU V 236 37.04 173.99 -78.78
CA LEU V 236 37.57 172.71 -78.36
C LEU V 236 39.08 172.69 -78.43
N GLU V 237 39.68 173.56 -79.26
CA GLU V 237 41.10 173.80 -79.26
C GLU V 237 41.44 174.73 -78.12
N LYS V 238 42.56 174.44 -77.43
CA LYS V 238 43.13 175.38 -76.51
C LYS V 238 44.60 175.36 -76.73
N SER V 239 45.17 176.58 -76.83
CA SER V 239 46.57 176.87 -76.73
C SER V 239 47.07 176.58 -75.32
N TYR V 240 48.18 175.85 -75.19
CA TYR V 240 48.88 175.58 -73.96
C TYR V 240 50.33 175.99 -74.17
N GLU V 241 50.93 176.63 -73.15
CA GLU V 241 52.30 177.07 -73.14
C GLU V 241 53.15 176.03 -72.41
N LEU V 242 54.21 175.50 -73.04
CA LEU V 242 55.18 174.65 -72.36
C LEU V 242 56.20 175.48 -71.60
N PRO V 243 56.89 174.98 -70.59
CA PRO V 243 58.01 175.69 -69.97
C PRO V 243 59.18 175.97 -70.91
N ASP V 244 59.33 175.21 -72.03
CA ASP V 244 60.25 175.46 -73.11
C ASP V 244 59.95 176.80 -73.83
N GLY V 245 58.65 177.19 -73.90
CA GLY V 245 58.18 178.33 -74.70
C GLY V 245 57.56 177.89 -76.00
N GLN V 246 57.54 176.57 -76.21
CA GLN V 246 56.73 175.93 -77.23
C GLN V 246 55.24 175.94 -76.91
N VAL V 247 54.41 176.11 -77.95
CA VAL V 247 52.99 176.22 -77.81
C VAL V 247 52.39 174.96 -78.37
N ILE V 248 51.39 174.40 -77.67
CA ILE V 248 50.68 173.19 -77.99
C ILE V 248 49.23 173.57 -78.18
N THR V 249 48.57 173.00 -79.19
CA THR V 249 47.20 173.32 -79.54
C THR V 249 46.44 172.04 -79.60
N ILE V 250 45.53 171.76 -78.64
CA ILE V 250 44.88 170.46 -78.47
C ILE V 250 43.37 170.54 -78.65
N GLY V 251 42.81 169.79 -79.62
CA GLY V 251 41.39 169.86 -79.98
C GLY V 251 40.58 168.77 -79.33
N ASN V 252 40.10 167.79 -80.12
CA ASN V 252 39.25 166.69 -79.66
C ASN V 252 39.94 165.70 -78.73
N GLU V 253 41.26 165.62 -78.90
CA GLU V 253 42.26 164.91 -78.13
C GLU V 253 42.16 165.22 -76.64
N ARG V 254 41.83 166.49 -76.31
CA ARG V 254 41.56 166.93 -74.97
C ARG V 254 40.48 166.13 -74.20
N PHE V 255 39.24 165.98 -74.75
CA PHE V 255 38.15 165.41 -73.96
C PHE V 255 38.08 163.90 -74.09
N ARG V 256 38.70 163.31 -75.12
CA ARG V 256 38.73 161.87 -75.21
C ARG V 256 39.76 161.20 -74.31
N CYS V 257 40.69 161.97 -73.70
CA CYS V 257 41.49 161.41 -72.62
C CYS V 257 40.67 161.05 -71.38
N PRO V 258 39.82 161.87 -70.74
CA PRO V 258 39.02 161.38 -69.63
C PRO V 258 37.93 160.38 -70.02
N GLU V 259 37.55 160.32 -71.32
CA GLU V 259 36.57 159.39 -71.87
C GLU V 259 36.97 157.95 -71.61
N THR V 260 38.29 157.66 -71.55
CA THR V 260 38.87 156.36 -71.20
C THR V 260 38.32 155.75 -69.92
N LEU V 261 37.93 156.56 -68.90
CA LEU V 261 37.28 156.08 -67.68
C LEU V 261 35.97 155.37 -67.94
N PHE V 262 35.25 155.78 -68.99
CA PHE V 262 33.94 155.30 -69.37
C PHE V 262 34.03 154.36 -70.56
N GLN V 263 35.23 154.24 -71.19
CA GLN V 263 35.50 153.38 -72.33
C GLN V 263 36.93 152.78 -72.20
N PRO V 264 37.22 151.83 -71.32
CA PRO V 264 38.56 151.23 -71.18
C PRO V 264 38.93 150.37 -72.36
N SER V 265 38.09 150.19 -73.38
CA SER V 265 38.46 149.65 -74.67
C SER V 265 39.50 150.53 -75.40
N PHE V 266 39.54 151.86 -75.13
CA PHE V 266 40.55 152.80 -75.62
C PHE V 266 41.94 152.53 -75.07
N ILE V 267 42.03 152.17 -73.78
CA ILE V 267 43.29 151.75 -73.18
C ILE V 267 43.64 150.30 -73.56
N GLY V 268 42.62 149.48 -73.95
CA GLY V 268 42.77 148.08 -74.38
C GLY V 268 42.47 147.09 -73.30
N MET V 269 41.93 147.55 -72.17
CA MET V 269 41.51 146.70 -71.08
C MET V 269 40.03 146.37 -71.21
N GLU V 270 39.65 145.12 -70.91
CA GLU V 270 38.26 144.70 -70.92
C GLU V 270 37.45 145.25 -69.78
N SER V 271 38.12 145.42 -68.62
CA SER V 271 37.57 145.90 -67.35
C SER V 271 36.62 147.05 -67.54
N ALA V 272 35.38 146.91 -67.04
CA ALA V 272 34.31 147.82 -67.37
C ALA V 272 34.56 149.28 -66.99
N GLY V 273 33.93 150.23 -67.69
CA GLY V 273 33.97 151.65 -67.32
C GLY V 273 33.51 151.90 -65.91
N ILE V 274 33.87 153.06 -65.36
CA ILE V 274 33.66 153.39 -63.96
C ILE V 274 32.19 153.43 -63.50
N HIS V 275 31.23 153.75 -64.40
CA HIS V 275 29.82 153.72 -64.13
C HIS V 275 29.27 152.28 -64.05
N GLU V 276 29.69 151.36 -64.95
CA GLU V 276 29.38 149.94 -64.83
C GLU V 276 30.04 149.29 -63.62
N THR V 277 31.26 149.68 -63.21
CA THR V 277 31.87 149.21 -61.95
C THR V 277 31.04 149.61 -60.75
N THR V 278 30.50 150.85 -60.71
CA THR V 278 29.56 151.30 -59.69
C THR V 278 28.27 150.48 -59.66
N TYR V 279 27.71 150.13 -60.85
CA TYR V 279 26.61 149.19 -60.95
C TYR V 279 26.96 147.81 -60.43
N ASN V 280 28.17 147.29 -60.77
CA ASN V 280 28.70 146.03 -60.30
C ASN V 280 28.80 145.96 -58.78
N SER V 281 29.28 147.04 -58.13
CA SER V 281 29.27 147.18 -56.67
C SER V 281 27.88 147.24 -56.06
N ILE V 282 26.95 148.09 -56.58
CA ILE V 282 25.57 148.23 -56.12
C ILE V 282 24.73 146.97 -56.30
N MET V 283 24.89 146.25 -57.43
CA MET V 283 24.28 144.97 -57.68
C MET V 283 24.71 143.86 -56.76
N LYS V 284 25.96 143.90 -56.26
CA LYS V 284 26.40 142.94 -55.28
C LYS V 284 25.85 143.20 -53.89
N CYS V 285 25.30 144.41 -53.65
CA CYS V 285 24.69 144.76 -52.38
C CYS V 285 23.29 144.21 -52.26
N ASP V 286 22.79 144.09 -51.01
CA ASP V 286 21.44 143.69 -50.72
C ASP V 286 20.39 144.60 -51.35
N ILE V 287 19.23 144.03 -51.75
CA ILE V 287 18.18 144.72 -52.49
C ILE V 287 17.67 145.97 -51.77
N ASP V 288 17.47 145.89 -50.44
CA ASP V 288 16.88 146.89 -49.59
C ASP V 288 17.64 148.23 -49.61
N ILE V 289 18.99 148.18 -49.48
CA ILE V 289 19.75 149.40 -49.30
C ILE V 289 19.98 150.14 -50.60
N ARG V 290 19.85 149.48 -51.77
CA ARG V 290 20.27 150.06 -53.04
C ARG V 290 19.71 151.43 -53.36
N LYS V 291 18.47 151.72 -52.89
CA LYS V 291 17.79 152.99 -53.08
C LYS V 291 18.59 154.22 -52.68
N ASP V 292 19.32 154.18 -51.53
CA ASP V 292 20.06 155.31 -51.06
C ASP V 292 21.47 155.30 -51.67
N LEU V 293 22.05 154.14 -51.99
CA LEU V 293 23.33 154.04 -52.69
C LEU V 293 23.35 154.63 -54.08
N TYR V 294 22.24 154.44 -54.82
CA TYR V 294 21.97 155.18 -56.04
C TYR V 294 21.91 156.69 -55.80
N ALA V 295 21.26 157.15 -54.71
CA ALA V 295 21.09 158.56 -54.44
C ALA V 295 22.22 159.24 -53.63
N ASN V 296 23.26 158.50 -53.20
CA ASN V 296 24.29 159.00 -52.29
C ASN V 296 25.66 158.58 -52.79
N ASN V 297 25.87 158.48 -54.11
CA ASN V 297 27.19 158.30 -54.69
C ASN V 297 28.13 159.48 -54.40
N VAL V 298 29.29 159.19 -53.77
CA VAL V 298 30.28 160.18 -53.39
C VAL V 298 31.47 159.97 -54.28
N MET V 299 31.91 161.01 -54.99
CA MET V 299 33.18 161.00 -55.68
C MET V 299 34.29 161.53 -54.81
N SER V 300 35.46 160.87 -54.83
CA SER V 300 36.63 161.32 -54.12
C SER V 300 37.84 161.17 -54.99
N GLY V 301 38.96 161.76 -54.55
CA GLY V 301 40.26 161.56 -55.15
C GLY V 301 40.61 162.61 -56.16
N GLY V 302 41.85 162.54 -56.69
CA GLY V 302 42.33 163.56 -57.62
C GLY V 302 41.83 163.42 -59.03
N THR V 303 41.49 162.22 -59.53
CA THR V 303 41.11 162.03 -60.94
C THR V 303 39.60 162.02 -61.09
N THR V 304 38.84 162.44 -60.04
CA THR V 304 37.44 162.87 -60.17
C THR V 304 37.35 164.37 -60.27
N MET V 305 38.48 165.10 -60.37
CA MET V 305 38.42 166.54 -60.48
C MET V 305 38.00 167.10 -61.82
N TYR V 306 38.10 166.33 -62.95
CA TYR V 306 37.79 166.85 -64.28
C TYR V 306 36.39 167.47 -64.38
N PRO V 307 36.21 168.64 -64.98
CA PRO V 307 34.90 169.21 -65.23
C PRO V 307 33.95 168.29 -66.01
N GLY V 308 32.70 168.11 -65.52
CA GLY V 308 31.67 167.33 -66.20
C GLY V 308 31.66 165.85 -65.91
N ILE V 309 32.56 165.31 -65.04
CA ILE V 309 32.51 163.89 -64.64
C ILE V 309 31.20 163.52 -63.95
N ALA V 310 30.74 164.36 -63.00
CA ALA V 310 29.53 164.15 -62.22
C ALA V 310 28.29 164.05 -63.06
N ASP V 311 28.12 164.94 -64.05
CA ASP V 311 27.05 164.94 -65.02
C ASP V 311 27.06 163.72 -65.92
N ARG V 312 28.24 163.31 -66.43
CA ARG V 312 28.36 162.10 -67.23
C ARG V 312 28.01 160.82 -66.46
N MET V 313 28.52 160.66 -65.21
CA MET V 313 28.16 159.57 -64.34
C MET V 313 26.67 159.53 -64.02
N GLN V 314 26.07 160.72 -63.78
CA GLN V 314 24.65 160.84 -63.56
C GLN V 314 23.82 160.39 -64.74
N LYS V 315 24.16 160.84 -65.96
CA LYS V 315 23.43 160.43 -67.14
C LYS V 315 23.53 158.92 -67.43
N GLU V 316 24.75 158.31 -67.25
CA GLU V 316 24.96 156.91 -67.50
C GLU V 316 24.35 156.00 -66.46
N ILE V 317 24.52 156.31 -65.15
CA ILE V 317 23.90 155.52 -64.11
C ILE V 317 22.38 155.63 -64.14
N THR V 318 21.81 156.83 -64.37
CA THR V 318 20.37 157.01 -64.60
C THR V 318 19.85 156.25 -65.81
N ALA V 319 20.61 156.23 -66.94
CA ALA V 319 20.27 155.45 -68.11
C ALA V 319 20.24 153.93 -67.91
N LEU V 320 21.22 153.38 -67.16
CA LEU V 320 21.28 151.96 -66.83
C LEU V 320 20.31 151.51 -65.75
N ALA V 321 20.12 152.33 -64.70
CA ALA V 321 19.37 151.97 -63.53
C ALA V 321 17.85 152.05 -63.76
N PRO V 322 17.01 151.51 -62.88
CA PRO V 322 15.61 151.91 -62.82
C PRO V 322 15.40 153.42 -62.66
N SER V 323 14.62 154.07 -63.55
CA SER V 323 14.28 155.48 -63.47
C SER V 323 13.13 155.70 -62.49
N THR V 324 12.74 154.61 -61.78
CA THR V 324 11.81 154.54 -60.65
C THR V 324 12.32 155.34 -59.48
N MET V 325 13.65 155.39 -59.29
CA MET V 325 14.28 156.13 -58.22
C MET V 325 15.27 157.14 -58.75
N LYS V 326 15.42 158.26 -58.02
CA LYS V 326 16.27 159.34 -58.47
C LYS V 326 17.71 159.19 -58.03
N ILE V 327 18.62 159.35 -59.01
CA ILE V 327 20.03 159.10 -58.84
C ILE V 327 20.70 160.44 -58.59
N LYS V 328 20.88 160.81 -57.32
CA LYS V 328 21.68 161.95 -56.96
C LYS V 328 23.12 161.53 -56.81
N ILE V 329 24.06 162.29 -57.37
CA ILE V 329 25.48 162.11 -57.17
C ILE V 329 25.90 163.32 -56.41
N ILE V 330 26.61 163.11 -55.30
CA ILE V 330 27.14 164.17 -54.51
C ILE V 330 28.65 164.17 -54.68
N ALA V 331 29.15 165.11 -55.48
CA ALA V 331 30.55 165.25 -55.74
C ALA V 331 30.97 166.64 -55.29
N PRO V 332 31.56 166.84 -54.12
CA PRO V 332 31.86 168.19 -53.65
C PRO V 332 33.02 168.77 -54.47
N PRO V 333 33.16 170.05 -54.79
CA PRO V 333 34.50 170.64 -54.88
C PRO V 333 35.24 170.47 -53.55
N GLU V 334 36.58 170.44 -53.56
CA GLU V 334 37.42 170.06 -52.42
C GLU V 334 37.56 168.53 -52.33
N ARG V 335 36.91 167.79 -53.25
CA ARG V 335 36.89 166.32 -53.29
C ARG V 335 38.26 165.66 -53.41
N LYS V 336 39.26 166.41 -53.92
CA LYS V 336 40.65 166.02 -54.00
C LYS V 336 41.23 165.70 -52.62
N TYR V 337 40.89 166.53 -51.60
CA TYR V 337 41.52 166.41 -50.31
C TYR V 337 40.63 165.64 -49.35
N SER V 338 39.51 165.07 -49.83
CA SER V 338 38.50 164.42 -48.99
C SER V 338 39.00 163.29 -48.12
N VAL V 339 39.93 162.46 -48.63
CA VAL V 339 40.60 161.42 -47.84
C VAL V 339 41.40 161.98 -46.67
N TRP V 340 42.20 163.05 -46.87
CA TRP V 340 42.97 163.68 -45.81
C TRP V 340 42.05 164.30 -44.75
N ILE V 341 40.98 165.02 -45.18
CA ILE V 341 39.98 165.60 -44.28
C ILE V 341 39.29 164.51 -43.49
N GLY V 342 38.97 163.37 -44.11
CA GLY V 342 38.45 162.22 -43.42
C GLY V 342 39.36 161.60 -42.39
N GLY V 343 40.67 161.70 -42.63
CA GLY V 343 41.69 161.32 -41.68
C GLY V 343 41.86 162.30 -40.55
N SER V 344 41.70 163.62 -40.83
CA SER V 344 41.71 164.69 -39.82
C SER V 344 40.58 164.53 -38.83
N ILE V 345 39.33 164.33 -39.34
CA ILE V 345 38.16 164.11 -38.51
C ILE V 345 38.28 162.85 -37.67
N LEU V 346 38.77 161.72 -38.25
CA LEU V 346 38.93 160.47 -37.53
C LEU V 346 39.87 160.51 -36.33
N ALA V 347 41.07 161.11 -36.50
CA ALA V 347 42.02 161.22 -35.42
C ALA V 347 41.61 162.27 -34.38
N SER V 348 40.74 163.24 -34.75
CA SER V 348 40.09 164.16 -33.82
C SER V 348 38.97 163.54 -33.01
N LEU V 349 38.37 162.42 -33.46
CA LEU V 349 37.37 161.68 -32.69
C LEU V 349 37.89 161.06 -31.41
N SER V 350 37.23 161.35 -30.28
CA SER V 350 37.65 160.93 -28.94
C SER V 350 37.69 159.42 -28.74
N THR V 351 36.65 158.69 -29.21
CA THR V 351 36.59 157.22 -29.17
C THR V 351 37.69 156.53 -29.95
N PHE V 352 38.05 157.10 -31.13
CA PHE V 352 39.09 156.61 -32.00
C PHE V 352 40.46 156.56 -31.30
N GLN V 353 40.69 157.46 -30.31
CA GLN V 353 41.88 157.45 -29.49
C GLN V 353 42.14 156.20 -28.64
N GLN V 354 41.20 155.23 -28.60
CA GLN V 354 41.46 153.93 -28.02
C GLN V 354 41.68 152.84 -29.07
N MET V 355 41.39 153.10 -30.35
CA MET V 355 41.46 152.10 -31.42
C MET V 355 42.76 152.19 -32.17
N TRP V 356 43.67 153.10 -31.75
CA TRP V 356 45.02 153.17 -32.30
C TRP V 356 45.77 151.87 -32.13
N ILE V 357 46.61 151.52 -33.10
CA ILE V 357 47.56 150.45 -32.89
C ILE V 357 48.65 151.05 -32.04
N THR V 358 48.83 150.61 -30.78
CA THR V 358 49.87 151.18 -29.93
C THR V 358 51.22 150.63 -30.34
N LYS V 359 52.30 151.36 -30.06
CA LYS V 359 53.65 150.86 -30.19
C LYS V 359 53.90 149.63 -29.33
N GLN V 360 53.38 149.63 -28.09
CA GLN V 360 53.48 148.51 -27.17
C GLN V 360 52.87 147.23 -27.73
N GLU V 361 51.60 147.31 -28.26
CA GLU V 361 50.88 146.19 -28.82
C GLU V 361 51.57 145.58 -30.04
N TYR V 362 52.17 146.44 -30.90
CA TYR V 362 53.08 146.01 -31.95
C TYR V 362 54.34 145.31 -31.42
N ASP V 363 55.02 145.85 -30.39
CA ASP V 363 56.26 145.29 -29.86
C ASP V 363 56.02 143.86 -29.30
N GLU V 364 54.90 143.61 -28.57
CA GLU V 364 54.48 142.28 -28.17
C GLU V 364 54.03 141.35 -29.29
N ALA V 365 53.14 141.82 -30.19
CA ALA V 365 52.41 140.90 -31.04
C ALA V 365 52.82 140.95 -32.51
N GLY V 366 53.79 141.83 -32.87
CA GLY V 366 54.41 141.89 -34.18
C GLY V 366 53.65 142.64 -35.27
N PRO V 367 54.21 142.73 -36.49
CA PRO V 367 53.65 143.50 -37.58
C PRO V 367 52.39 142.91 -38.14
N SER V 368 52.08 141.64 -37.87
CA SER V 368 50.95 140.95 -38.50
C SER V 368 49.59 141.38 -37.97
N ILE V 369 49.59 142.07 -36.79
CA ILE V 369 48.41 142.53 -36.08
C ILE V 369 47.61 143.60 -36.76
N VAL V 370 48.10 144.18 -37.88
CA VAL V 370 47.37 145.18 -38.63
C VAL V 370 45.98 144.71 -38.98
N HIS V 371 45.92 143.56 -39.68
CA HIS V 371 44.68 142.98 -40.18
C HIS V 371 43.76 142.48 -39.09
N ARG V 372 44.35 141.99 -37.98
CA ARG V 372 43.64 141.55 -36.79
C ARG V 372 42.85 142.63 -36.06
N LYS V 373 43.40 143.85 -35.93
CA LYS V 373 42.74 144.93 -35.23
C LYS V 373 41.90 145.81 -36.16
N CYS V 374 42.49 146.22 -37.30
CA CYS V 374 41.88 147.18 -38.20
C CYS V 374 41.37 146.50 -39.47
N PHE V 375 40.44 147.19 -40.16
CA PHE V 375 39.98 146.82 -41.48
C PHE V 375 41.00 147.21 -42.61
N GLU W 2 49.40 146.49 -119.74
CA GLU W 2 49.97 145.32 -119.01
C GLU W 2 49.02 144.85 -117.94
N ASP W 3 49.18 143.60 -117.44
CA ASP W 3 48.36 143.03 -116.40
C ASP W 3 48.98 143.39 -115.08
N GLU W 4 48.13 143.63 -114.06
CA GLU W 4 48.48 143.93 -112.68
C GLU W 4 49.22 145.25 -112.42
N THR W 5 49.76 145.89 -113.48
CA THR W 5 50.39 147.22 -113.51
C THR W 5 51.74 147.32 -112.84
N THR W 6 52.32 146.17 -112.39
CA THR W 6 53.33 146.06 -111.31
C THR W 6 52.89 146.78 -110.04
N ALA W 7 53.81 147.14 -109.13
CA ALA W 7 53.49 148.06 -108.08
C ALA W 7 54.85 148.56 -107.63
N LEU W 8 54.89 149.64 -106.85
CA LEU W 8 56.11 150.21 -106.34
C LEU W 8 56.15 150.11 -104.84
N VAL W 9 57.36 149.88 -104.30
CA VAL W 9 57.54 149.69 -102.88
C VAL W 9 58.70 150.56 -102.46
N CYS W 10 58.53 151.33 -101.38
CA CYS W 10 59.57 152.12 -100.76
C CYS W 10 59.59 151.90 -99.26
N ASP W 11 60.76 151.51 -98.72
CA ASP W 11 61.07 151.56 -97.30
C ASP W 11 61.84 152.85 -97.05
N ASN W 12 61.25 153.72 -96.19
CA ASN W 12 61.87 154.83 -95.53
C ASN W 12 61.67 154.74 -94.03
N GLY W 13 62.36 153.79 -93.36
CA GLY W 13 63.02 154.16 -92.11
C GLY W 13 64.11 155.22 -92.34
N SER W 14 64.63 155.92 -91.29
CA SER W 14 65.78 156.82 -91.45
C SER W 14 67.01 156.18 -92.06
N GLY W 15 67.83 156.97 -92.77
CA GLY W 15 69.15 156.51 -93.19
C GLY W 15 69.20 156.01 -94.61
N LEU W 16 68.29 155.13 -95.05
CA LEU W 16 68.30 154.54 -96.38
C LEU W 16 66.91 154.50 -96.97
N VAL W 17 66.80 154.90 -98.24
CA VAL W 17 65.65 154.61 -99.06
C VAL W 17 65.94 153.27 -99.66
N LYS W 18 65.05 152.29 -99.49
CA LYS W 18 65.09 151.08 -100.25
C LYS W 18 63.88 151.05 -101.13
N ALA W 19 64.06 151.04 -102.46
CA ALA W 19 62.97 151.16 -103.39
C ALA W 19 63.15 150.31 -104.64
N GLY W 20 62.02 149.89 -105.23
CA GLY W 20 62.06 149.08 -106.41
C GLY W 20 60.66 148.69 -106.76
N PHE W 21 60.55 147.76 -107.71
CA PHE W 21 59.28 147.18 -108.11
C PHE W 21 58.87 146.11 -107.12
N ALA W 22 57.57 146.09 -106.76
CA ALA W 22 56.91 144.94 -106.20
C ALA W 22 56.89 143.79 -107.19
N GLY W 23 57.10 142.55 -106.70
CA GLY W 23 57.19 141.38 -107.57
C GLY W 23 58.58 140.96 -107.91
N ASP W 24 59.60 141.59 -107.30
CA ASP W 24 60.99 141.24 -107.44
C ASP W 24 61.54 140.91 -106.04
N ASP W 25 62.59 140.08 -105.95
CA ASP W 25 63.22 139.60 -104.74
C ASP W 25 64.16 140.65 -104.13
N ALA W 26 64.69 141.60 -104.93
CA ALA W 26 65.54 142.65 -104.41
C ALA W 26 65.18 144.03 -104.97
N PRO W 27 65.37 145.12 -104.19
CA PRO W 27 65.11 146.48 -104.65
C PRO W 27 66.14 146.86 -105.70
N ARG W 28 65.73 147.64 -106.72
CA ARG W 28 66.66 148.18 -107.69
C ARG W 28 67.56 149.25 -107.09
N ALA W 29 66.99 150.16 -106.27
CA ALA W 29 67.69 151.31 -105.77
C ALA W 29 67.71 151.31 -104.28
N VAL W 30 68.91 151.40 -103.71
CA VAL W 30 69.10 151.58 -102.30
C VAL W 30 70.12 152.69 -102.16
N PHE W 31 69.79 153.76 -101.44
CA PHE W 31 70.71 154.87 -101.32
C PHE W 31 70.48 155.58 -99.99
N PRO W 32 71.42 156.35 -99.46
CA PRO W 32 71.23 157.09 -98.23
C PRO W 32 70.24 158.22 -98.32
N SER W 33 69.33 158.31 -97.36
CA SER W 33 68.31 159.35 -97.26
C SER W 33 68.86 160.64 -96.74
N ILE W 34 69.62 161.38 -97.55
CA ILE W 34 70.32 162.57 -97.12
C ILE W 34 70.11 163.64 -98.12
N VAL W 35 69.95 164.86 -97.62
CA VAL W 35 69.85 166.06 -98.40
C VAL W 35 71.03 166.86 -97.95
N GLY W 36 72.01 167.03 -98.84
CA GLY W 36 73.22 167.75 -98.54
C GLY W 36 73.31 169.05 -99.26
N ARG W 37 73.50 170.14 -98.51
CA ARG W 37 73.41 171.48 -99.04
C ARG W 37 74.79 172.09 -99.12
N PRO W 38 75.23 172.74 -100.21
CA PRO W 38 76.42 173.57 -100.23
C PRO W 38 76.44 174.66 -99.17
N ARG W 39 77.13 174.40 -98.05
CA ARG W 39 77.34 175.33 -96.96
C ARG W 39 78.34 176.43 -97.36
N HIS W 40 79.40 176.07 -98.10
CA HIS W 40 80.42 177.02 -98.53
C HIS W 40 79.98 177.65 -99.82
N GLN W 41 79.98 178.99 -99.91
CA GLN W 41 79.70 179.68 -101.15
C GLN W 41 80.75 179.38 -102.22
N GLY W 42 80.30 178.95 -103.41
CA GLY W 42 81.19 178.56 -104.47
C GLY W 42 81.62 179.74 -105.29
N VAL W 43 82.89 179.76 -105.74
CA VAL W 43 83.40 180.85 -106.56
C VAL W 43 84.09 180.26 -107.77
N MET W 44 83.34 180.12 -108.86
CA MET W 44 83.78 179.76 -110.18
C MET W 44 82.65 180.32 -111.03
N VAL W 45 82.61 179.99 -112.32
CA VAL W 45 81.45 180.25 -113.17
C VAL W 45 81.20 178.93 -113.87
N GLY W 46 79.93 178.55 -114.13
CA GLY W 46 79.62 177.26 -114.76
C GLY W 46 79.66 176.09 -113.82
N MET W 47 79.41 176.35 -112.53
CA MET W 47 79.09 175.32 -111.57
C MET W 47 77.61 175.21 -111.51
N GLY W 48 77.12 173.96 -111.37
CA GLY W 48 75.79 173.61 -110.88
C GLY W 48 74.60 174.45 -111.35
N GLN W 49 74.08 175.41 -110.56
CA GLN W 49 74.43 175.68 -109.17
C GLN W 49 74.03 174.53 -108.28
N LYS W 50 72.78 174.04 -108.48
CA LYS W 50 72.16 172.96 -107.73
C LYS W 50 72.06 173.28 -106.23
N ASP W 51 70.88 173.74 -105.75
CA ASP W 51 70.59 174.14 -104.38
C ASP W 51 70.97 173.07 -103.35
N SER W 52 70.82 171.80 -103.72
CA SER W 52 71.09 170.71 -102.84
C SER W 52 71.26 169.46 -103.64
N TYR W 53 71.94 168.46 -103.05
CA TYR W 53 72.22 167.15 -103.61
C TYR W 53 71.52 166.12 -102.76
N VAL W 54 71.02 165.05 -103.38
CA VAL W 54 70.21 164.04 -102.74
C VAL W 54 70.80 162.69 -103.06
N GLY W 55 70.72 161.73 -102.12
CA GLY W 55 71.14 160.37 -102.38
C GLY W 55 72.63 160.16 -102.27
N ASP W 56 73.21 159.15 -102.92
CA ASP W 56 74.62 158.86 -102.91
C ASP W 56 75.48 159.87 -103.71
N GLU W 57 74.86 160.79 -104.49
CA GLU W 57 75.47 162.02 -104.98
C GLU W 57 76.08 162.87 -103.86
N ALA W 58 75.34 163.02 -102.74
CA ALA W 58 75.76 163.69 -101.51
C ALA W 58 76.92 162.96 -100.81
N GLN W 59 76.93 161.61 -100.83
CA GLN W 59 78.05 160.80 -100.35
C GLN W 59 79.32 161.04 -101.12
N SER W 60 79.24 161.14 -102.47
CA SER W 60 80.37 161.45 -103.34
C SER W 60 80.93 162.85 -103.10
N LYS W 61 80.04 163.87 -103.04
CA LYS W 61 80.43 165.24 -102.78
C LYS W 61 80.18 165.60 -101.34
N ARG W 62 80.87 164.95 -100.40
CA ARG W 62 80.53 165.07 -99.01
C ARG W 62 81.07 166.29 -98.28
N GLY W 63 82.33 166.68 -98.62
CA GLY W 63 83.11 167.63 -97.84
C GLY W 63 82.63 169.06 -97.88
N ILE W 64 82.04 169.45 -99.01
CA ILE W 64 81.41 170.75 -99.24
C ILE W 64 80.13 170.89 -98.45
N LEU W 65 79.33 169.80 -98.46
CA LEU W 65 77.97 169.76 -98.02
C LEU W 65 77.89 169.70 -96.52
N THR W 66 76.81 170.30 -95.99
CA THR W 66 76.30 169.90 -94.71
C THR W 66 75.19 168.94 -95.05
N LEU W 67 75.10 167.78 -94.37
CA LEU W 67 74.12 166.76 -94.65
C LEU W 67 73.06 166.80 -93.58
N LYS W 68 71.80 166.73 -94.01
CA LYS W 68 70.69 166.71 -93.13
C LYS W 68 69.93 165.43 -93.42
N TYR W 69 69.84 164.54 -92.42
CA TYR W 69 68.87 163.44 -92.43
C TYR W 69 67.49 164.05 -92.25
N PRO W 70 66.49 163.79 -93.10
CA PRO W 70 65.19 164.45 -92.99
C PRO W 70 64.31 163.63 -92.08
N ILE W 71 64.66 162.38 -91.78
CA ILE W 71 63.89 161.53 -90.90
C ILE W 71 64.71 161.31 -89.66
N GLU W 72 64.16 161.62 -88.48
CA GLU W 72 64.77 161.30 -87.21
C GLU W 72 63.78 160.57 -86.36
N HIS W 73 64.17 159.41 -85.83
CA HIS W 73 63.39 158.57 -84.95
C HIS W 73 62.10 158.03 -85.55
N GLY W 74 62.11 157.80 -86.89
CA GLY W 74 60.93 157.45 -87.68
C GLY W 74 60.06 158.65 -88.02
N ILE W 75 60.43 159.86 -87.55
CA ILE W 75 59.66 161.07 -87.75
C ILE W 75 60.30 161.87 -88.84
N ILE W 76 59.52 162.31 -89.86
CA ILE W 76 60.05 163.26 -90.81
C ILE W 76 60.13 164.63 -90.18
N THR W 77 61.36 165.16 -90.01
CA THR W 77 61.63 166.50 -89.51
C THR W 77 61.31 167.55 -90.54
N ASN W 78 61.71 167.30 -91.80
CA ASN W 78 61.56 168.22 -92.88
C ASN W 78 60.91 167.56 -94.11
N TRP W 79 59.72 168.06 -94.50
CA TRP W 79 58.88 167.48 -95.53
C TRP W 79 59.32 167.69 -96.97
N ASP W 80 59.86 168.90 -97.28
CA ASP W 80 60.39 169.24 -98.60
C ASP W 80 61.58 168.36 -98.92
N ASP W 81 62.49 168.16 -97.96
CA ASP W 81 63.62 167.25 -98.03
C ASP W 81 63.18 165.79 -98.28
N MET W 82 62.11 165.27 -97.62
CA MET W 82 61.52 163.97 -97.95
C MET W 82 60.93 163.87 -99.34
N GLU W 83 60.20 164.92 -99.78
CA GLU W 83 59.67 165.00 -101.13
C GLU W 83 60.78 164.96 -102.17
N LYS W 84 61.88 165.71 -101.96
CA LYS W 84 63.09 165.66 -102.78
C LYS W 84 63.73 164.28 -102.86
N ILE W 85 63.79 163.54 -101.74
CA ILE W 85 64.26 162.17 -101.73
C ILE W 85 63.39 161.25 -102.54
N TRP W 86 62.05 161.30 -102.39
CA TRP W 86 61.15 160.55 -103.24
C TRP W 86 61.19 161.00 -104.69
N HIS W 87 61.34 162.30 -104.98
CA HIS W 87 61.54 162.77 -106.35
C HIS W 87 62.76 162.15 -107.02
N HIS W 88 63.88 162.08 -106.27
CA HIS W 88 65.10 161.38 -106.64
C HIS W 88 64.84 159.88 -106.88
N THR W 89 64.11 159.12 -106.00
CA THR W 89 63.83 157.68 -106.22
C THR W 89 63.14 157.38 -107.53
N PHE W 90 62.06 158.14 -107.81
CA PHE W 90 61.20 157.88 -108.94
C PHE W 90 61.82 158.32 -110.25
N TYR W 91 62.37 159.54 -110.31
CA TYR W 91 62.89 160.06 -111.56
C TYR W 91 64.34 159.71 -111.79
N ASN W 92 65.23 159.84 -110.78
CA ASN W 92 66.65 159.58 -110.96
C ASN W 92 66.98 158.08 -111.10
N GLU W 93 66.42 157.21 -110.23
CA GLU W 93 66.72 155.78 -110.29
C GLU W 93 65.71 154.99 -111.10
N LEU W 94 64.45 154.95 -110.65
CA LEU W 94 63.53 153.96 -111.19
C LEU W 94 62.96 154.30 -112.55
N ARG W 95 62.90 155.62 -112.85
CA ARG W 95 62.45 156.20 -114.09
C ARG W 95 61.02 155.86 -114.41
N VAL W 96 60.15 156.05 -113.43
CA VAL W 96 58.76 155.67 -113.49
C VAL W 96 57.95 156.94 -113.40
N ALA W 97 56.74 156.95 -113.96
CA ALA W 97 55.74 157.94 -113.64
C ALA W 97 54.91 157.32 -112.50
N PRO W 98 54.83 157.86 -111.28
CA PRO W 98 54.00 157.31 -110.22
C PRO W 98 52.52 157.19 -110.60
N GLU W 99 51.98 157.97 -111.57
CA GLU W 99 50.65 157.82 -112.12
C GLU W 99 50.37 156.44 -112.68
N GLU W 100 51.43 155.71 -113.09
CA GLU W 100 51.33 154.42 -113.71
C GLU W 100 51.51 153.30 -112.69
N HIS W 101 51.73 153.59 -111.38
CA HIS W 101 51.99 152.51 -110.44
C HIS W 101 51.33 152.72 -109.10
N PRO W 102 50.64 151.79 -108.44
CA PRO W 102 50.37 151.92 -107.01
C PRO W 102 51.64 151.86 -106.14
N THR W 103 51.76 152.68 -105.07
CA THR W 103 52.99 152.80 -104.28
C THR W 103 52.79 152.39 -102.84
N LEU W 104 53.54 151.41 -102.35
CA LEU W 104 53.58 151.01 -100.97
C LEU W 104 54.66 151.79 -100.24
N LEU W 105 54.34 152.36 -99.09
CA LEU W 105 55.31 152.93 -98.18
C LEU W 105 55.31 152.11 -96.92
N THR W 106 56.51 151.90 -96.37
CA THR W 106 56.65 151.41 -95.02
C THR W 106 56.60 152.55 -94.05
N GLU W 107 56.31 152.27 -92.77
CA GLU W 107 56.33 153.26 -91.72
C GLU W 107 56.47 152.53 -90.40
N ALA W 108 56.99 153.21 -89.36
CA ALA W 108 57.35 152.59 -88.11
C ALA W 108 56.20 152.50 -87.08
N PRO W 109 56.06 151.49 -86.21
CA PRO W 109 55.09 151.51 -85.13
C PRO W 109 55.10 152.66 -84.14
N LEU W 110 53.90 152.93 -83.57
CA LEU W 110 53.66 153.89 -82.50
C LEU W 110 54.08 155.27 -82.94
N ASN W 111 53.97 155.52 -84.23
CA ASN W 111 54.49 156.69 -84.88
C ASN W 111 53.37 157.71 -84.89
N PRO W 112 53.62 159.00 -84.59
CA PRO W 112 52.69 160.08 -84.83
C PRO W 112 51.79 159.96 -86.03
N LYS W 113 50.49 160.25 -85.86
CA LYS W 113 49.48 160.18 -86.88
C LYS W 113 49.76 161.08 -88.07
N ALA W 114 50.33 162.26 -87.76
CA ALA W 114 50.72 163.30 -88.68
C ALA W 114 51.69 162.82 -89.74
N ASN W 115 52.65 161.92 -89.41
CA ASN W 115 53.50 161.33 -90.41
C ASN W 115 52.74 160.49 -91.42
N ARG W 116 51.85 159.56 -90.98
CA ARG W 116 51.04 158.77 -91.91
C ARG W 116 50.11 159.60 -92.78
N GLU W 117 49.37 160.55 -92.16
CA GLU W 117 48.44 161.46 -92.80
C GLU W 117 49.09 162.48 -93.74
N LYS W 118 50.23 163.07 -93.36
CA LYS W 118 50.99 163.93 -94.25
C LYS W 118 51.70 163.16 -95.36
N MET W 119 52.19 161.93 -95.09
CA MET W 119 52.80 161.04 -96.06
C MET W 119 51.86 160.69 -97.21
N THR W 120 50.58 160.37 -96.87
CA THR W 120 49.50 160.16 -97.85
C THR W 120 49.12 161.41 -98.59
N GLN W 121 49.04 162.55 -97.91
CA GLN W 121 48.76 163.84 -98.51
C GLN W 121 49.77 164.21 -99.61
N ILE W 122 51.08 164.00 -99.33
CA ILE W 122 52.13 164.14 -100.35
C ILE W 122 52.01 163.12 -101.46
N MET W 123 51.76 161.82 -101.14
CA MET W 123 51.66 160.85 -102.21
C MET W 123 50.53 161.14 -103.16
N PHE W 124 49.36 161.57 -102.73
CA PHE W 124 48.33 161.97 -103.67
C PHE W 124 48.52 163.33 -104.34
N GLU W 125 48.97 164.37 -103.60
CA GLU W 125 48.96 165.76 -104.08
C GLU W 125 50.33 166.29 -104.46
N THR W 126 51.33 165.41 -104.59
CA THR W 126 52.65 165.76 -105.11
C THR W 126 52.93 164.89 -106.30
N PHE W 127 53.12 163.57 -106.11
CA PHE W 127 53.30 162.66 -107.24
C PHE W 127 51.97 162.05 -107.54
N ASN W 128 51.21 162.51 -108.55
CA ASN W 128 49.86 162.00 -108.75
C ASN W 128 49.90 160.45 -108.91
N VAL W 129 49.11 159.68 -108.14
CA VAL W 129 49.34 158.25 -108.04
C VAL W 129 47.96 157.59 -107.97
N PRO W 130 47.66 156.42 -108.57
CA PRO W 130 46.32 155.82 -108.53
C PRO W 130 45.96 155.34 -107.16
N ALA W 131 46.95 154.85 -106.40
CA ALA W 131 46.68 154.25 -105.14
C ALA W 131 47.94 154.10 -104.32
N MET W 132 47.79 153.91 -103.01
CA MET W 132 48.92 153.75 -102.14
C MET W 132 48.55 152.98 -100.91
N TYR W 133 49.55 152.62 -100.11
CA TYR W 133 49.30 152.02 -98.84
C TYR W 133 50.47 152.43 -97.95
N VAL W 134 50.24 152.54 -96.63
CA VAL W 134 51.27 152.72 -95.64
C VAL W 134 51.14 151.50 -94.77
N ALA W 135 52.28 150.85 -94.48
CA ALA W 135 52.28 149.60 -93.77
C ALA W 135 53.32 149.60 -92.70
N ILE W 136 53.10 148.75 -91.68
CA ILE W 136 53.99 148.69 -90.55
C ILE W 136 55.28 147.93 -90.86
N GLN W 137 56.49 148.43 -90.52
CA GLN W 137 57.76 147.80 -90.88
C GLN W 137 57.95 146.34 -90.45
N ALA W 138 57.58 146.01 -89.20
CA ALA W 138 57.80 144.71 -88.60
C ALA W 138 57.01 143.57 -89.23
N VAL W 139 55.73 143.79 -89.57
CA VAL W 139 54.91 142.82 -90.28
C VAL W 139 55.47 142.48 -91.64
N LEU W 140 55.99 143.46 -92.40
CA LEU W 140 56.63 143.23 -93.68
C LEU W 140 57.86 142.32 -93.56
N SER W 141 58.74 142.54 -92.56
CA SER W 141 59.86 141.63 -92.33
C SER W 141 59.46 140.20 -92.00
N LEU W 142 58.38 140.04 -91.22
CA LEU W 142 57.79 138.75 -90.92
C LEU W 142 57.32 137.99 -92.16
N TYR W 143 56.62 138.68 -93.09
CA TYR W 143 56.25 138.15 -94.41
C TYR W 143 57.44 137.71 -95.22
N ALA W 144 58.52 138.55 -95.25
CA ALA W 144 59.76 138.26 -95.94
C ALA W 144 60.45 137.02 -95.41
N SER W 145 60.40 136.80 -94.09
CA SER W 145 60.94 135.59 -93.46
C SER W 145 60.06 134.36 -93.68
N GLY W 146 58.81 134.53 -94.19
CA GLY W 146 57.95 133.42 -94.59
C GLY W 146 57.29 132.71 -93.44
N ARG W 147 57.16 133.39 -92.30
CA ARG W 147 56.66 132.81 -91.08
C ARG W 147 55.36 133.49 -90.73
N THR W 148 54.42 132.80 -90.07
CA THR W 148 53.12 133.39 -89.76
C THR W 148 53.10 133.98 -88.36
N THR W 149 54.13 133.67 -87.57
CA THR W 149 54.22 133.90 -86.14
C THR W 149 55.64 134.24 -85.82
N GLY W 150 55.81 135.20 -84.91
CA GLY W 150 57.09 135.58 -84.39
C GLY W 150 57.00 136.88 -83.69
N ILE W 151 58.06 137.22 -82.98
CA ILE W 151 58.20 138.55 -82.42
C ILE W 151 59.26 139.20 -83.22
N VAL W 152 58.90 140.29 -83.91
CA VAL W 152 59.81 140.94 -84.79
C VAL W 152 60.50 142.07 -84.08
N LEU W 153 61.81 141.94 -83.93
CA LEU W 153 62.68 142.96 -83.43
C LEU W 153 63.17 143.74 -84.63
N ASP W 154 62.66 144.96 -84.82
CA ASP W 154 62.93 145.83 -85.94
C ASP W 154 63.82 146.89 -85.33
N SER W 155 65.05 147.00 -85.85
CA SER W 155 65.85 148.16 -85.52
C SER W 155 66.54 148.68 -86.77
N GLY W 156 66.12 149.89 -87.19
CA GLY W 156 66.77 150.58 -88.29
C GLY W 156 67.76 151.62 -87.81
N ASP W 157 68.05 152.61 -88.67
CA ASP W 157 68.78 153.80 -88.29
C ASP W 157 67.84 154.83 -87.66
N GLY W 158 66.51 154.65 -87.85
CA GLY W 158 65.49 155.53 -87.28
C GLY W 158 65.24 155.27 -85.84
N VAL W 159 64.46 154.23 -85.49
CA VAL W 159 64.24 153.86 -84.10
C VAL W 159 64.14 152.35 -84.13
N THR W 160 64.24 151.71 -82.95
CA THR W 160 63.96 150.32 -82.62
C THR W 160 62.50 150.11 -82.23
N HIS W 161 61.87 149.06 -82.77
CA HIS W 161 60.50 148.68 -82.60
C HIS W 161 60.42 147.20 -82.38
N ASN W 162 59.32 146.72 -81.78
CA ASN W 162 59.16 145.34 -81.45
C ASN W 162 57.68 145.08 -81.59
N VAL W 163 57.28 144.14 -82.46
CA VAL W 163 55.88 143.81 -82.69
C VAL W 163 55.75 142.30 -82.54
N PRO W 164 55.08 141.74 -81.52
CA PRO W 164 54.71 140.35 -81.47
C PRO W 164 53.50 140.10 -82.35
N ILE W 165 53.53 138.98 -83.07
CA ILE W 165 52.48 138.56 -83.94
C ILE W 165 52.23 137.10 -83.60
N TYR W 166 50.98 136.63 -83.70
CA TYR W 166 50.63 135.24 -83.54
C TYR W 166 49.58 134.85 -84.58
N GLU W 167 49.96 133.98 -85.53
CA GLU W 167 49.09 133.39 -86.54
C GLU W 167 48.44 134.44 -87.44
N GLY W 168 49.27 135.34 -87.99
CA GLY W 168 48.79 136.68 -88.31
C GLY W 168 48.47 137.41 -87.03
N TYR W 169 47.25 137.97 -86.88
CA TYR W 169 46.83 138.86 -85.80
C TYR W 169 47.88 139.93 -85.49
N ALA W 170 48.04 140.34 -84.23
CA ALA W 170 48.91 141.43 -83.79
C ALA W 170 48.42 141.84 -82.44
N LEU W 171 49.31 142.32 -81.56
CA LEU W 171 48.92 142.71 -80.22
C LEU W 171 49.27 144.17 -79.95
N PRO W 172 48.34 145.13 -80.01
CA PRO W 172 48.65 146.55 -79.92
C PRO W 172 49.29 146.98 -78.61
N HIS W 173 48.83 146.42 -77.46
CA HIS W 173 49.36 146.68 -76.14
C HIS W 173 50.76 146.15 -75.93
N ALA W 174 51.07 145.02 -76.60
CA ALA W 174 52.35 144.36 -76.50
C ALA W 174 53.40 144.92 -77.47
N ILE W 175 53.02 145.76 -78.46
CA ILE W 175 53.97 146.49 -79.29
C ILE W 175 54.79 147.45 -78.45
N MET W 176 56.13 147.37 -78.59
CA MET W 176 57.05 148.22 -77.88
C MET W 176 57.91 148.96 -78.86
N ARG W 177 58.21 150.22 -78.55
CA ARG W 177 59.07 151.08 -79.31
C ARG W 177 60.11 151.59 -78.34
N LEU W 178 61.39 151.48 -78.73
CA LEU W 178 62.51 151.80 -77.91
C LEU W 178 63.38 152.78 -78.64
N ASP W 179 63.64 153.97 -78.07
CA ASP W 179 64.44 155.00 -78.69
C ASP W 179 65.93 154.67 -78.56
N LEU W 180 66.39 153.78 -79.44
CA LEU W 180 67.77 153.47 -79.73
C LEU W 180 67.79 153.26 -81.21
N ALA W 181 68.95 153.46 -81.84
CA ALA W 181 69.05 153.25 -83.24
C ALA W 181 70.49 153.06 -83.65
N GLY W 182 70.71 152.74 -84.94
CA GLY W 182 71.99 152.96 -85.61
C GLY W 182 72.55 154.34 -85.42
N ARG W 183 71.75 155.40 -85.62
CA ARG W 183 72.21 156.76 -85.48
C ARG W 183 72.72 157.15 -84.09
N ASP W 184 72.02 156.71 -83.02
CA ASP W 184 72.44 156.90 -81.63
C ASP W 184 73.73 156.13 -81.30
N LEU W 185 73.92 154.91 -81.86
CA LEU W 185 75.19 154.20 -81.81
C LEU W 185 76.32 154.92 -82.52
N THR W 186 76.04 155.57 -83.66
CA THR W 186 77.00 156.45 -84.34
C THR W 186 77.43 157.64 -83.49
N ASP W 187 76.48 158.37 -82.83
CA ASP W 187 76.74 159.48 -81.93
C ASP W 187 77.53 159.03 -80.70
N TYR W 188 77.20 157.84 -80.11
CA TYR W 188 78.01 157.21 -79.07
C TYR W 188 79.42 156.85 -79.55
N LEU W 189 79.53 156.31 -80.77
CA LEU W 189 80.81 155.90 -81.33
C LEU W 189 81.76 157.03 -81.57
N MET W 190 81.34 158.14 -82.19
CA MET W 190 82.22 159.28 -82.36
C MET W 190 82.60 159.92 -81.03
N LYS W 191 81.71 159.86 -79.99
CA LYS W 191 82.07 160.17 -78.62
C LYS W 191 83.10 159.25 -77.97
N ILE W 192 83.06 157.92 -78.23
CA ILE W 192 84.04 157.02 -77.65
C ILE W 192 85.34 156.97 -78.45
N LEU W 193 85.41 157.47 -79.70
CA LEU W 193 86.68 157.64 -80.40
C LEU W 193 87.55 158.77 -79.84
N THR W 194 86.92 159.79 -79.21
CA THR W 194 87.62 161.00 -78.73
C THR W 194 88.62 160.74 -77.63
N GLU W 195 88.39 159.70 -76.78
CA GLU W 195 89.31 159.29 -75.73
C GLU W 195 90.59 158.70 -76.32
N ARG W 196 90.55 158.26 -77.60
CA ARG W 196 91.70 157.75 -78.29
C ARG W 196 92.48 158.84 -79.04
N GLY W 197 91.91 160.06 -79.13
CA GLY W 197 92.49 161.23 -79.78
C GLY W 197 91.92 161.55 -81.13
N TYR W 198 91.09 160.66 -81.70
CA TYR W 198 90.47 160.91 -83.00
C TYR W 198 89.17 161.67 -82.82
N SER W 199 89.07 162.86 -83.43
CA SER W 199 87.97 163.76 -83.17
C SER W 199 87.26 164.01 -84.46
N PHE W 200 86.00 163.59 -84.54
CA PHE W 200 85.20 163.69 -85.72
C PHE W 200 84.05 164.57 -85.33
N VAL W 201 84.00 165.81 -85.85
CA VAL W 201 83.20 166.87 -85.28
C VAL W 201 82.06 167.26 -86.19
N THR W 202 82.05 166.78 -87.45
CA THR W 202 81.20 167.36 -88.49
C THR W 202 80.43 166.23 -89.17
N THR W 203 79.32 166.54 -89.86
CA THR W 203 78.42 165.59 -90.51
C THR W 203 79.05 164.68 -91.54
N ALA W 204 79.99 165.20 -92.35
CA ALA W 204 80.74 164.48 -93.35
C ALA W 204 81.54 163.28 -92.79
N GLU W 205 82.33 163.44 -91.71
CA GLU W 205 83.04 162.35 -91.11
C GLU W 205 82.22 161.59 -90.05
N ARG W 206 81.05 162.09 -89.67
CA ARG W 206 80.03 161.34 -88.96
C ARG W 206 79.51 160.15 -89.77
N GLU W 207 79.41 160.33 -91.10
CA GLU W 207 79.17 159.22 -92.01
C GLU W 207 80.38 158.33 -92.26
N ILE W 208 81.62 158.85 -92.08
CA ILE W 208 82.81 158.00 -91.99
C ILE W 208 82.81 157.06 -90.77
N VAL W 209 82.41 157.50 -89.55
CA VAL W 209 82.23 156.57 -88.43
C VAL W 209 81.03 155.67 -88.58
N ARG W 210 79.99 156.09 -89.33
CA ARG W 210 78.93 155.19 -89.72
C ARG W 210 79.45 154.02 -90.56
N ASP W 211 80.31 154.27 -91.59
CA ASP W 211 80.99 153.26 -92.40
C ASP W 211 81.92 152.33 -91.58
N ILE W 212 82.65 152.91 -90.58
CA ILE W 212 83.49 152.13 -89.67
C ILE W 212 82.66 151.12 -88.90
N LYS W 213 81.55 151.60 -88.32
CA LYS W 213 80.65 150.84 -87.51
C LYS W 213 79.88 149.77 -88.28
N GLU W 214 79.56 150.02 -89.57
CA GLU W 214 78.99 149.09 -90.53
C GLU W 214 79.88 147.87 -90.85
N LYS W 215 81.22 147.95 -90.60
CA LYS W 215 82.05 146.74 -90.72
C LYS W 215 82.87 146.40 -89.49
N LEU W 216 83.59 147.35 -88.86
CA LEU W 216 84.52 146.99 -87.80
C LEU W 216 83.82 146.50 -86.55
N CYS W 217 82.75 147.21 -86.11
CA CYS W 217 82.03 146.90 -84.89
C CYS W 217 81.46 145.49 -84.82
N TYR W 218 81.47 144.87 -83.64
CA TYR W 218 80.83 143.59 -83.45
C TYR W 218 80.29 143.57 -82.04
N VAL W 219 79.42 142.60 -81.70
CA VAL W 219 78.88 142.44 -80.36
C VAL W 219 79.57 141.32 -79.63
N ALA W 220 80.07 141.59 -78.41
CA ALA W 220 80.63 140.62 -77.52
C ALA W 220 79.68 139.50 -77.04
N LEU W 221 80.14 138.25 -77.06
CA LEU W 221 79.39 137.12 -76.54
C LEU W 221 79.51 137.06 -75.04
N ASP W 222 80.48 137.78 -74.47
CA ASP W 222 80.34 138.32 -73.16
C ASP W 222 81.15 139.61 -73.15
N PHE W 223 80.55 140.74 -72.69
CA PHE W 223 81.14 142.06 -72.73
C PHE W 223 82.36 142.16 -71.82
N GLU W 224 82.25 141.75 -70.54
CA GLU W 224 83.31 141.83 -69.56
C GLU W 224 84.50 140.97 -69.92
N ASN W 225 84.26 139.75 -70.42
CA ASN W 225 85.31 138.86 -70.89
C ASN W 225 86.11 139.45 -72.04
N GLU W 226 85.42 140.03 -73.06
CA GLU W 226 86.10 140.70 -74.15
C GLU W 226 86.80 141.99 -73.76
N MET W 227 86.21 142.78 -72.85
CA MET W 227 86.88 143.91 -72.23
C MET W 227 88.09 143.59 -71.36
N ALA W 228 88.07 142.45 -70.63
CA ALA W 228 89.23 141.93 -69.96
C ALA W 228 90.38 141.51 -70.90
N THR W 229 90.07 140.81 -72.02
CA THR W 229 91.09 140.39 -73.00
C THR W 229 91.58 141.56 -73.86
N ALA W 230 90.89 142.73 -73.84
CA ALA W 230 91.44 143.98 -74.35
C ALA W 230 92.69 144.51 -73.64
N ALA W 231 93.10 143.95 -72.48
CA ALA W 231 94.40 144.22 -71.88
C ALA W 231 95.57 143.75 -72.75
N SER W 232 95.48 142.56 -73.35
CA SER W 232 96.46 142.04 -74.29
C SER W 232 95.96 142.28 -75.71
N SER W 233 96.19 143.51 -76.22
CA SER W 233 95.65 143.87 -77.53
C SER W 233 96.37 143.19 -78.67
N SER W 234 95.62 142.37 -79.43
CA SER W 234 96.13 141.66 -80.60
C SER W 234 95.07 141.69 -81.69
N SER W 235 94.00 140.87 -81.58
CA SER W 235 92.98 140.78 -82.61
C SER W 235 91.89 141.83 -82.51
N LEU W 236 91.78 142.48 -81.34
CA LEU W 236 90.71 143.41 -81.04
C LEU W 236 90.98 144.77 -81.65
N GLU W 237 92.25 145.09 -81.91
CA GLU W 237 92.62 146.25 -82.68
C GLU W 237 92.43 145.96 -84.15
N LYS W 238 91.92 146.94 -84.89
CA LYS W 238 91.92 146.89 -86.33
C LYS W 238 92.30 148.24 -86.81
N SER W 239 93.25 148.25 -87.76
CA SER W 239 93.58 149.36 -88.62
C SER W 239 92.41 149.65 -89.55
N TYR W 240 92.01 150.93 -89.65
CA TYR W 240 91.04 151.45 -90.57
C TYR W 240 91.66 152.60 -91.32
N GLU W 241 91.42 152.68 -92.64
CA GLU W 241 91.90 153.70 -93.52
C GLU W 241 90.81 154.76 -93.70
N LEU W 242 91.10 156.04 -93.42
CA LEU W 242 90.19 157.14 -93.74
C LEU W 242 90.33 157.55 -95.19
N PRO W 243 89.35 158.19 -95.83
CA PRO W 243 89.52 158.77 -97.16
C PRO W 243 90.58 159.87 -97.23
N ASP W 244 90.94 160.51 -96.10
CA ASP W 244 92.05 161.44 -95.97
C ASP W 244 93.41 160.74 -96.22
N GLY W 245 93.54 159.43 -95.86
CA GLY W 245 94.79 158.69 -95.87
C GLY W 245 95.36 158.56 -94.48
N GLN W 246 94.65 159.14 -93.49
CA GLN W 246 94.88 158.88 -92.10
C GLN W 246 94.43 157.49 -91.66
N VAL W 247 95.18 156.86 -90.74
CA VAL W 247 94.94 155.53 -90.28
C VAL W 247 94.44 155.64 -88.86
N ILE W 248 93.41 154.86 -88.53
CA ILE W 248 92.74 154.79 -87.25
C ILE W 248 92.91 153.38 -86.75
N THR W 249 93.19 153.22 -85.45
CA THR W 249 93.46 151.92 -84.83
C THR W 249 92.54 151.80 -83.65
N ILE W 250 91.52 150.94 -83.70
CA ILE W 250 90.44 150.87 -82.71
C ILE W 250 90.40 149.53 -82.00
N GLY W 251 90.55 149.53 -80.65
CA GLY W 251 90.64 148.31 -79.85
C GLY W 251 89.33 147.91 -79.22
N ASN W 252 89.21 148.04 -77.89
CA ASN W 252 88.01 147.67 -77.13
C ASN W 252 86.79 148.53 -77.38
N GLU W 253 87.06 149.77 -77.80
CA GLU W 253 86.17 150.81 -78.27
C GLU W 253 85.26 150.31 -79.38
N ARG W 254 85.79 149.42 -80.25
CA ARG W 254 85.03 148.76 -81.28
C ARG W 254 83.78 147.99 -80.80
N PHE W 255 83.90 147.05 -79.82
CA PHE W 255 82.77 146.19 -79.50
C PHE W 255 81.88 146.77 -78.43
N ARG W 256 82.36 147.76 -77.65
CA ARG W 256 81.49 148.41 -76.70
C ARG W 256 80.55 149.44 -77.29
N CYS W 257 80.73 149.83 -78.58
CA CYS W 257 79.69 150.58 -79.27
C CYS W 257 78.40 149.76 -79.47
N PRO W 258 78.33 148.55 -80.03
CA PRO W 258 77.06 147.84 -80.09
C PRO W 258 76.55 147.36 -78.75
N GLU W 259 77.40 147.28 -77.70
CA GLU W 259 77.06 146.90 -76.34
C GLU W 259 75.99 147.82 -75.76
N THR W 260 75.97 149.11 -76.18
CA THR W 260 74.95 150.11 -75.85
C THR W 260 73.50 149.64 -76.04
N LEU W 261 73.22 148.76 -77.05
CA LEU W 261 71.91 148.16 -77.24
C LEU W 261 71.43 147.34 -76.06
N PHE W 262 72.37 146.72 -75.33
CA PHE W 262 72.14 145.82 -74.22
C PHE W 262 72.43 146.53 -72.89
N GLN W 263 73.01 147.76 -72.94
CA GLN W 263 73.34 148.57 -71.78
C GLN W 263 73.07 150.05 -72.10
N PRO W 264 71.84 150.56 -72.18
CA PRO W 264 71.55 151.97 -72.47
C PRO W 264 71.92 152.88 -71.32
N SER W 265 72.43 152.41 -70.20
CA SER W 265 73.10 153.20 -69.20
C SER W 265 74.37 153.88 -69.73
N PHE W 266 75.05 153.31 -70.76
CA PHE W 266 76.19 153.91 -71.48
C PHE W 266 75.81 155.15 -72.27
N ILE W 267 74.63 155.15 -72.90
CA ILE W 267 74.10 156.33 -73.57
C ILE W 267 73.49 157.32 -72.55
N GLY W 268 73.09 156.83 -71.35
CA GLY W 268 72.52 157.63 -70.25
C GLY W 268 71.03 157.58 -70.18
N MET W 269 70.41 156.70 -70.97
CA MET W 269 68.98 156.48 -70.94
C MET W 269 68.64 155.33 -70.02
N GLU W 270 67.55 155.46 -69.25
CA GLU W 270 67.07 154.41 -68.38
C GLU W 270 66.45 153.25 -69.10
N SER W 271 65.79 153.56 -70.26
CA SER W 271 65.09 152.63 -71.13
C SER W 271 65.82 151.34 -71.33
N ALA W 272 65.17 150.20 -71.02
CA ALA W 272 65.86 148.93 -70.93
C ALA W 272 66.55 148.47 -72.21
N GLY W 273 67.61 147.64 -72.08
CA GLY W 273 68.26 147.01 -73.23
C GLY W 273 67.29 146.24 -74.11
N ILE W 274 67.70 145.97 -75.35
CA ILE W 274 66.83 145.38 -76.35
C ILE W 274 66.30 143.97 -76.05
N HIS W 275 67.03 143.16 -75.26
CA HIS W 275 66.59 141.87 -74.79
C HIS W 275 65.51 141.96 -73.70
N GLU W 276 65.65 142.90 -72.73
CA GLU W 276 64.59 143.20 -71.76
C GLU W 276 63.36 143.82 -72.41
N THR W 277 63.50 144.68 -73.46
CA THR W 277 62.35 145.17 -74.23
C THR W 277 61.58 144.05 -74.89
N THR W 278 62.28 143.04 -75.47
CA THR W 278 61.67 141.83 -76.00
C THR W 278 60.92 141.02 -74.95
N TYR W 279 61.49 140.89 -73.73
CA TYR W 279 60.79 140.32 -72.57
C TYR W 279 59.56 141.13 -72.19
N ASN W 280 59.66 142.47 -72.18
CA ASN W 280 58.57 143.40 -71.90
C ASN W 280 57.40 143.24 -72.89
N SER W 281 57.70 143.08 -74.19
CA SER W 281 56.70 142.74 -75.21
C SER W 281 56.08 141.36 -75.03
N ILE W 282 56.88 140.29 -74.83
CA ILE W 282 56.41 138.90 -74.63
C ILE W 282 55.60 138.72 -73.34
N MET W 283 55.99 139.38 -72.24
CA MET W 283 55.25 139.42 -71.00
C MET W 283 53.91 140.10 -71.08
N LYS W 284 53.76 141.10 -71.96
CA LYS W 284 52.47 141.71 -72.18
C LYS W 284 51.52 140.86 -73.00
N CYS W 285 52.04 139.82 -73.68
CA CYS W 285 51.24 138.89 -74.44
C CYS W 285 50.57 137.86 -73.56
N ASP W 286 49.50 137.23 -74.09
CA ASP W 286 48.81 136.15 -73.43
C ASP W 286 49.72 134.96 -73.15
N ILE W 287 49.45 134.24 -72.04
CA ILE W 287 50.30 133.15 -71.55
C ILE W 287 50.50 132.04 -72.58
N ASP W 288 49.42 131.65 -73.29
CA ASP W 288 49.36 130.55 -74.22
C ASP W 288 50.36 130.66 -75.38
N ILE W 289 50.43 131.85 -76.01
CA ILE W 289 51.21 131.99 -77.23
C ILE W 289 52.69 132.13 -76.97
N ARG W 290 53.11 132.50 -75.73
CA ARG W 290 54.49 132.87 -75.47
C ARG W 290 55.55 131.85 -75.88
N LYS W 291 55.20 130.55 -75.85
CA LYS W 291 56.06 129.44 -76.23
C LYS W 291 56.68 129.56 -77.61
N ASP W 292 55.90 130.01 -78.64
CA ASP W 292 56.41 130.12 -79.98
C ASP W 292 57.07 131.47 -80.19
N LEU W 293 56.65 132.55 -79.50
CA LEU W 293 57.29 133.85 -79.54
C LEU W 293 58.71 133.87 -79.03
N TYR W 294 58.98 133.11 -77.95
CA TYR W 294 60.31 132.77 -77.53
C TYR W 294 61.12 132.05 -78.60
N ALA W 295 60.51 131.08 -79.32
CA ALA W 295 61.20 130.29 -80.30
C ALA W 295 61.20 130.85 -81.74
N ASN W 296 60.56 132.01 -82.01
CA ASN W 296 60.36 132.54 -83.35
C ASN W 296 60.67 134.03 -83.36
N ASN W 297 61.63 134.51 -82.54
CA ASN W 297 62.15 135.86 -82.61
C ASN W 297 62.83 136.14 -83.96
N VAL W 298 62.36 137.17 -84.69
CA VAL W 298 62.86 137.57 -85.99
C VAL W 298 63.56 138.90 -85.79
N MET W 299 64.84 138.98 -86.19
CA MET W 299 65.55 140.23 -86.28
C MET W 299 65.41 140.84 -87.65
N SER W 300 65.18 142.16 -87.73
CA SER W 300 65.12 142.87 -88.98
C SER W 300 65.85 144.18 -88.85
N GLY W 301 66.08 144.85 -89.99
CA GLY W 301 66.60 146.19 -90.04
C GLY W 301 68.09 146.26 -90.21
N GLY W 302 68.62 147.49 -90.37
CA GLY W 302 70.05 147.65 -90.62
C GLY W 302 70.94 147.53 -89.41
N THR W 303 70.47 147.81 -88.18
CA THR W 303 71.34 147.82 -87.00
C THR W 303 71.21 146.51 -86.22
N THR W 304 70.59 145.46 -86.84
CA THR W 304 70.76 144.06 -86.42
C THR W 304 71.79 143.37 -87.28
N MET W 305 72.51 144.09 -88.17
CA MET W 305 73.52 143.45 -88.98
C MET W 305 74.82 143.09 -88.29
N TYR W 306 75.18 143.70 -87.13
CA TYR W 306 76.46 143.47 -86.45
C TYR W 306 76.73 141.98 -86.18
N PRO W 307 77.90 141.44 -86.46
CA PRO W 307 78.26 140.07 -86.09
C PRO W 307 78.09 139.76 -84.61
N GLY W 308 77.42 138.65 -84.26
CA GLY W 308 77.26 138.18 -82.89
C GLY W 308 76.07 138.73 -82.13
N ILE W 309 75.22 139.61 -82.74
CA ILE W 309 73.99 140.08 -82.08
C ILE W 309 73.04 138.94 -81.71
N ALA W 310 72.81 138.01 -82.67
CA ALA W 310 71.90 136.88 -82.51
C ALA W 310 72.28 135.97 -81.36
N ASP W 311 73.57 135.64 -81.22
CA ASP W 311 74.13 134.86 -80.15
C ASP W 311 74.00 135.54 -78.78
N ARG W 312 74.28 136.86 -78.72
CA ARG W 312 74.12 137.63 -77.49
C ARG W 312 72.66 137.70 -77.03
N MET W 313 71.71 137.98 -77.94
CA MET W 313 70.29 137.96 -77.64
C MET W 313 69.80 136.60 -77.19
N GLN W 314 70.30 135.52 -77.83
CA GLN W 314 70.00 134.17 -77.44
C GLN W 314 70.46 133.85 -76.04
N LYS W 315 71.72 134.18 -75.69
CA LYS W 315 72.21 133.92 -74.35
C LYS W 315 71.47 134.71 -73.26
N GLU W 316 71.13 136.00 -73.51
CA GLU W 316 70.43 136.83 -72.55
C GLU W 316 68.97 136.47 -72.38
N ILE W 317 68.23 136.26 -73.49
CA ILE W 317 66.84 135.84 -73.40
C ILE W 317 66.70 134.46 -72.78
N THR W 318 67.57 133.49 -73.15
CA THR W 318 67.63 132.16 -72.49
C THR W 318 67.97 132.26 -71.01
N ALA W 319 68.91 133.14 -70.61
CA ALA W 319 69.22 133.39 -69.20
C ALA W 319 68.08 133.96 -68.36
N LEU W 320 67.32 134.93 -68.91
CA LEU W 320 66.16 135.51 -68.26
C LEU W 320 64.91 134.64 -68.26
N ALA W 321 64.63 133.94 -69.36
CA ALA W 321 63.41 133.20 -69.55
C ALA W 321 63.40 131.86 -68.80
N PRO W 322 62.28 131.18 -68.65
CA PRO W 322 62.26 129.76 -68.35
C PRO W 322 63.10 128.90 -69.31
N SER W 323 64.08 128.11 -68.82
CA SER W 323 64.87 127.18 -69.62
C SER W 323 64.11 125.89 -69.89
N THR W 324 62.81 125.87 -69.48
CA THR W 324 61.78 124.88 -69.76
C THR W 324 61.51 124.77 -71.24
N MET W 325 61.60 125.90 -71.97
CA MET W 325 61.40 125.94 -73.40
C MET W 325 62.59 126.49 -74.13
N LYS W 326 62.80 126.03 -75.36
CA LYS W 326 63.97 126.41 -76.12
C LYS W 326 63.76 127.68 -76.94
N ILE W 327 64.73 128.60 -76.80
CA ILE W 327 64.65 129.92 -77.37
C ILE W 327 65.44 129.91 -78.66
N LYS W 328 64.77 129.68 -79.79
CA LYS W 328 65.36 129.85 -81.08
C LYS W 328 65.19 131.29 -81.55
N ILE W 329 66.26 131.90 -82.07
CA ILE W 329 66.21 133.20 -82.70
C ILE W 329 66.48 132.93 -84.13
N ILE W 330 65.64 133.44 -85.03
CA ILE W 330 65.81 133.33 -86.44
C ILE W 330 66.17 134.69 -86.97
N ALA W 331 67.45 134.88 -87.28
CA ALA W 331 67.95 136.12 -87.80
C ALA W 331 68.58 135.83 -89.15
N PRO W 332 67.94 136.06 -90.29
CA PRO W 332 68.50 135.67 -91.57
C PRO W 332 69.67 136.61 -91.91
N PRO W 333 70.77 136.26 -92.58
CA PRO W 333 71.42 137.21 -93.48
C PRO W 333 70.42 137.69 -94.54
N GLU W 334 70.62 138.91 -95.09
CA GLU W 334 69.65 139.59 -95.95
C GLU W 334 68.62 140.35 -95.10
N ARG W 335 68.72 140.25 -93.75
CA ARG W 335 67.79 140.86 -92.80
C ARG W 335 67.66 142.38 -92.89
N LYS W 336 68.69 143.04 -93.48
CA LYS W 336 68.70 144.45 -93.77
C LYS W 336 67.56 144.85 -94.71
N TYR W 337 67.28 144.02 -95.73
CA TYR W 337 66.34 144.38 -96.77
C TYR W 337 65.00 143.74 -96.51
N SER W 338 64.81 143.07 -95.35
CA SER W 338 63.61 142.30 -95.05
C SER W 338 62.29 143.05 -95.10
N VAL W 339 62.27 144.32 -94.66
CA VAL W 339 61.12 145.20 -94.79
C VAL W 339 60.73 145.46 -96.24
N TRP W 340 61.70 145.77 -97.14
CA TRP W 340 61.43 145.97 -98.56
C TRP W 340 60.92 144.71 -99.23
N ILE W 341 61.54 143.54 -98.94
CA ILE W 341 61.09 142.24 -99.46
C ILE W 341 59.69 141.93 -98.98
N GLY W 342 59.36 142.26 -97.72
CA GLY W 342 58.02 142.13 -97.21
C GLY W 342 57.00 143.02 -97.86
N GLY W 343 57.44 144.19 -98.34
CA GLY W 343 56.63 145.07 -99.15
C GLY W 343 56.46 144.60 -100.58
N SER W 344 57.50 143.96 -101.17
CA SER W 344 57.45 143.33 -102.49
C SER W 344 56.44 142.22 -102.53
N ILE W 345 56.49 141.29 -101.55
CA ILE W 345 55.55 140.18 -101.44
C ILE W 345 54.12 140.67 -101.22
N LEU W 346 53.90 141.68 -100.34
CA LEU W 346 52.57 142.22 -100.09
C LEU W 346 51.85 142.81 -101.29
N ALA W 347 52.56 143.65 -102.08
CA ALA W 347 51.96 144.25 -103.25
C ALA W 347 51.81 143.26 -104.40
N SER W 348 52.59 142.15 -104.42
CA SER W 348 52.39 141.01 -105.31
C SER W 348 51.21 140.13 -104.95
N LEU W 349 50.73 140.15 -103.69
CA LEU W 349 49.53 139.43 -103.28
C LEU W 349 48.24 139.91 -103.94
N SER W 350 47.48 138.99 -104.56
CA SER W 350 46.29 139.30 -105.33
C SER W 350 45.16 139.93 -104.52
N THR W 351 44.89 139.41 -103.31
CA THR W 351 43.88 139.95 -102.38
C THR W 351 44.19 141.36 -101.92
N PHE W 352 45.48 141.67 -101.68
CA PHE W 352 45.97 142.96 -101.26
C PHE W 352 45.63 144.06 -102.27
N GLN W 353 45.52 143.70 -103.57
CA GLN W 353 45.08 144.62 -104.61
C GLN W 353 43.67 145.21 -104.48
N GLN W 354 42.86 144.78 -103.49
CA GLN W 354 41.62 145.45 -103.14
C GLN W 354 41.72 146.30 -101.87
N MET W 355 42.82 146.17 -101.09
CA MET W 355 42.97 146.84 -99.81
C MET W 355 43.78 148.11 -99.95
N TRP W 356 44.21 148.46 -101.18
CA TRP W 356 44.87 149.72 -101.46
C TRP W 356 44.00 150.90 -101.07
N ILE W 357 44.63 151.97 -100.58
CA ILE W 357 43.92 153.23 -100.46
C ILE W 357 43.85 153.80 -101.86
N THR W 358 42.65 153.90 -102.46
CA THR W 358 42.55 154.44 -103.81
C THR W 358 42.69 155.93 -103.78
N LYS W 359 43.13 156.54 -104.90
CA LYS W 359 43.11 157.97 -105.09
C LYS W 359 41.70 158.56 -104.95
N GLN W 360 40.70 157.86 -105.53
CA GLN W 360 39.31 158.25 -105.46
C GLN W 360 38.80 158.34 -104.02
N GLU W 361 39.04 157.29 -103.20
CA GLU W 361 38.62 157.22 -101.80
C GLU W 361 39.24 158.31 -100.93
N TYR W 362 40.53 158.64 -101.18
CA TYR W 362 41.18 159.84 -100.64
C TYR W 362 40.51 161.14 -101.07
N ASP W 363 40.21 161.33 -102.37
CA ASP W 363 39.63 162.57 -102.89
C ASP W 363 38.25 162.85 -102.24
N GLU W 364 37.38 161.83 -102.07
CA GLU W 364 36.14 161.94 -101.31
C GLU W 364 36.30 162.13 -99.79
N ALA W 365 37.14 161.31 -99.13
CA ALA W 365 37.07 161.20 -97.69
C ALA W 365 38.26 161.83 -96.96
N GLY W 366 39.24 162.39 -97.70
CA GLY W 366 40.36 163.15 -97.16
C GLY W 366 41.54 162.36 -96.62
N PRO W 367 42.59 163.05 -96.13
CA PRO W 367 43.82 162.43 -95.67
C PRO W 367 43.65 161.65 -94.40
N SER W 368 42.59 161.86 -93.62
CA SER W 368 42.43 161.27 -92.31
C SER W 368 42.12 159.77 -92.33
N ILE W 369 41.68 159.28 -93.52
CA ILE W 369 41.27 157.90 -93.76
C ILE W 369 42.35 156.87 -93.66
N VAL W 370 43.63 157.26 -93.51
CA VAL W 370 44.74 156.33 -93.35
C VAL W 370 44.48 155.36 -92.22
N HIS W 371 44.24 155.91 -91.02
CA HIS W 371 44.05 155.16 -89.80
C HIS W 371 42.76 154.34 -89.79
N ARG W 372 41.72 154.87 -90.45
CA ARG W 372 40.44 154.21 -90.63
C ARG W 372 40.48 152.90 -91.42
N LYS W 373 41.25 152.87 -92.52
CA LYS W 373 41.34 151.70 -93.36
C LYS W 373 42.46 150.76 -92.97
N CYS W 374 43.68 151.31 -92.75
CA CYS W 374 44.88 150.54 -92.51
C CYS W 374 45.30 150.60 -91.06
N PHE W 375 46.13 149.62 -90.64
CA PHE W 375 46.79 149.60 -89.36
C PHE W 375 48.05 150.55 -89.33
N GLU X 2 -81.98 18.37 43.18
CA GLU X 2 -82.29 19.24 44.36
C GLU X 2 -83.71 19.05 44.81
N ASP X 3 -84.05 19.45 46.05
CA ASP X 3 -85.38 19.35 46.60
C ASP X 3 -86.14 20.60 46.23
N GLU X 4 -87.45 20.45 45.99
CA GLU X 4 -88.41 21.51 45.66
C GLU X 4 -88.20 22.26 44.35
N THR X 5 -87.00 22.15 43.72
CA THR X 5 -86.62 22.63 42.39
C THR X 5 -86.43 24.13 42.30
N THR X 6 -86.50 24.86 43.44
CA THR X 6 -86.83 26.31 43.54
C THR X 6 -88.13 26.64 42.81
N ALA X 7 -88.37 27.91 42.46
CA ALA X 7 -89.42 28.23 41.52
C ALA X 7 -89.04 29.60 41.02
N LEU X 8 -89.64 30.07 39.93
CA LEU X 8 -89.39 31.37 39.36
C LEU X 8 -90.62 32.23 39.45
N VAL X 9 -90.41 33.54 39.68
CA VAL X 9 -91.48 34.47 39.86
C VAL X 9 -91.18 35.66 39.00
N CYS X 10 -92.17 36.12 38.21
CA CYS X 10 -92.10 37.32 37.42
C CYS X 10 -93.35 38.18 37.63
N ASP X 11 -93.16 39.44 38.01
CA ASP X 11 -94.16 40.49 37.96
C ASP X 11 -93.94 41.27 36.68
N ASN X 12 -94.97 41.25 35.79
CA ASN X 12 -95.16 42.14 34.67
C ASN X 12 -96.52 42.80 34.75
N GLY X 13 -96.70 43.75 35.69
CA GLY X 13 -97.38 44.99 35.32
C GLY X 13 -96.58 45.77 34.26
N SER X 14 -97.16 46.78 33.56
CA SER X 14 -96.38 47.65 32.66
C SER X 14 -95.19 48.34 33.31
N GLY X 15 -94.14 48.63 32.54
CA GLY X 15 -93.07 49.49 33.01
C GLY X 15 -91.86 48.76 33.52
N LEU X 16 -92.01 47.75 34.40
CA LEU X 16 -90.90 47.03 35.00
C LEU X 16 -91.18 45.55 35.04
N VAL X 17 -90.18 44.75 34.65
CA VAL X 17 -90.13 43.33 34.94
C VAL X 17 -89.49 43.24 36.29
N LYS X 18 -90.14 42.59 37.26
CA LYS X 18 -89.49 42.21 38.49
C LYS X 18 -89.42 40.71 38.51
N ALA X 19 -88.21 40.13 38.54
CA ALA X 19 -88.04 38.71 38.43
C ALA X 19 -86.92 38.17 39.29
N GLY X 20 -87.06 36.90 39.70
CA GLY X 20 -86.06 36.29 40.53
C GLY X 20 -86.54 34.93 40.92
N PHE X 21 -85.83 34.30 41.86
CA PHE X 21 -86.20 33.04 42.43
C PHE X 21 -87.25 33.23 43.49
N ALA X 22 -88.28 32.36 43.50
CA ALA X 22 -89.12 32.11 44.63
C ALA X 22 -88.32 31.56 45.80
N GLY X 23 -88.63 31.99 47.03
CA GLY X 23 -87.86 31.59 48.21
C GLY X 23 -86.82 32.57 48.65
N ASP X 24 -86.75 33.75 48.01
CA ASP X 24 -85.88 34.83 48.37
C ASP X 24 -86.73 36.06 48.69
N ASP X 25 -86.24 36.99 49.53
CA ASP X 25 -86.91 38.19 49.99
C ASP X 25 -86.89 39.30 48.94
N ALA X 26 -85.91 39.29 48.00
CA ALA X 26 -85.87 40.29 46.95
C ALA X 26 -85.59 39.68 45.57
N PRO X 27 -86.11 40.27 44.48
CA PRO X 27 -85.85 39.80 43.13
C PRO X 27 -84.41 40.08 42.76
N ARG X 28 -83.78 39.18 41.99
CA ARG X 28 -82.46 39.41 41.45
C ARG X 28 -82.44 40.48 40.38
N ALA X 29 -83.43 40.47 39.48
CA ALA X 29 -83.44 41.32 38.32
C ALA X 29 -84.69 42.16 38.30
N VAL X 30 -84.49 43.48 38.21
CA VAL X 30 -85.56 44.42 38.02
C VAL X 30 -85.09 45.34 36.92
N PHE X 31 -85.87 45.46 35.83
CA PHE X 31 -85.45 46.30 34.74
C PHE X 31 -86.68 46.84 34.01
N PRO X 32 -86.58 47.91 33.24
CA PRO X 32 -87.71 48.44 32.48
C PRO X 32 -88.17 47.56 31.34
N SER X 33 -89.48 47.33 31.25
CA SER X 33 -90.11 46.54 30.21
C SER X 33 -90.23 47.29 28.91
N ILE X 34 -89.12 47.47 28.18
CA ILE X 34 -89.09 48.29 27.00
C ILE X 34 -88.35 47.56 25.93
N VAL X 35 -88.84 47.71 24.70
CA VAL X 35 -88.25 47.18 23.50
C VAL X 35 -87.96 48.41 22.71
N GLY X 36 -86.67 48.74 22.55
CA GLY X 36 -86.24 49.91 21.83
C GLY X 36 -85.57 49.59 20.55
N ARG X 37 -86.09 50.15 19.45
CA ARG X 37 -85.68 49.79 18.11
C ARG X 37 -84.84 50.89 17.51
N PRO X 38 -83.68 50.66 16.88
CA PRO X 38 -82.99 51.63 16.05
C PRO X 38 -83.87 52.23 14.95
N ARG X 39 -84.42 53.43 15.20
CA ARG X 39 -85.20 54.21 14.26
C ARG X 39 -84.30 54.82 13.17
N HIS X 40 -83.10 55.29 13.54
CA HIS X 40 -82.16 55.90 12.61
C HIS X 40 -81.33 54.81 11.99
N GLN X 41 -81.24 54.77 10.64
CA GLN X 41 -80.35 53.86 9.96
C GLN X 41 -78.89 54.13 10.27
N GLY X 42 -78.16 53.10 10.71
CA GLY X 42 -76.77 53.25 11.12
C GLY X 42 -75.85 53.15 9.95
N VAL X 43 -74.77 53.96 9.94
CA VAL X 43 -73.79 53.94 8.86
C VAL X 43 -72.41 53.84 9.47
N MET X 44 -71.93 52.61 9.61
CA MET X 44 -70.58 52.25 9.99
C MET X 44 -70.49 50.85 9.43
N VAL X 45 -69.44 50.09 9.78
CA VAL X 45 -69.37 48.65 9.51
C VAL X 45 -68.94 48.07 10.85
N GLY X 46 -69.43 46.86 11.21
CA GLY X 46 -69.10 46.25 12.51
C GLY X 46 -69.86 46.81 13.67
N MET X 47 -71.07 47.31 13.39
CA MET X 47 -72.05 47.58 14.42
C MET X 47 -72.93 46.38 14.52
N GLY X 48 -73.34 46.06 15.76
CA GLY X 48 -74.48 45.21 16.10
C GLY X 48 -74.73 43.97 15.26
N GLN X 49 -75.68 43.97 14.29
CA GLN X 49 -76.64 45.03 14.02
C GLN X 49 -77.61 45.19 15.16
N LYS X 50 -78.14 44.04 15.64
CA LYS X 50 -79.13 43.94 16.70
C LYS X 50 -80.42 44.67 16.38
N ASP X 51 -81.47 43.95 15.91
CA ASP X 51 -82.76 44.49 15.49
C ASP X 51 -83.42 45.37 16.55
N SER X 52 -83.21 45.03 17.82
CA SER X 52 -83.82 45.75 18.90
C SER X 52 -83.07 45.45 20.17
N TYR X 53 -83.19 46.34 21.16
CA TYR X 53 -82.58 46.27 22.48
C TYR X 53 -83.69 46.17 23.50
N VAL X 54 -83.45 45.41 24.58
CA VAL X 54 -84.44 45.08 25.57
C VAL X 54 -83.87 45.39 26.93
N GLY X 55 -84.71 45.84 27.88
CA GLY X 55 -84.27 46.06 29.25
C GLY X 55 -83.54 47.37 29.46
N ASP X 56 -82.70 47.49 30.48
CA ASP X 56 -81.92 48.68 30.78
C ASP X 56 -80.76 48.94 29.78
N GLU X 57 -80.45 47.99 28.87
CA GLU X 57 -79.69 48.22 27.65
C GLU X 57 -80.28 49.35 26.78
N ALA X 58 -81.63 49.36 26.61
CA ALA X 58 -82.40 50.38 25.94
C ALA X 58 -82.36 51.74 26.66
N GLN X 59 -82.34 51.74 28.02
CA GLN X 59 -82.13 52.94 28.83
C GLN X 59 -80.78 53.58 28.60
N SER X 60 -79.70 52.77 28.50
CA SER X 60 -78.35 53.22 28.21
C SER X 60 -78.23 53.81 26.82
N LYS X 61 -78.77 53.11 25.80
CA LYS X 61 -78.74 53.58 24.42
C LYS X 61 -80.08 54.16 24.05
N ARG X 62 -80.49 55.26 24.69
CA ARG X 62 -81.84 55.75 24.56
C ARG X 62 -82.13 56.59 23.32
N GLY X 63 -81.15 57.46 22.96
CA GLY X 63 -81.36 58.53 21.99
C GLY X 63 -81.57 58.12 20.57
N ILE X 64 -80.95 56.99 20.18
CA ILE X 64 -81.10 56.34 18.89
C ILE X 64 -82.46 55.71 18.74
N LEU X 65 -82.91 55.05 19.81
CA LEU X 65 -84.02 54.15 19.84
C LEU X 65 -85.33 54.91 19.89
N THR X 66 -86.34 54.31 19.27
CA THR X 66 -87.71 54.59 19.68
C THR X 66 -88.04 53.47 20.63
N LEU X 67 -88.68 53.79 21.77
CA LEU X 67 -89.00 52.81 22.79
C LEU X 67 -90.46 52.52 22.73
N LYS X 68 -90.80 51.24 22.80
CA LYS X 68 -92.16 50.81 22.82
C LYS X 68 -92.35 50.01 24.09
N TYR X 69 -93.25 50.48 24.98
CA TYR X 69 -93.78 49.68 26.06
C TYR X 69 -94.69 48.61 25.45
N PRO X 70 -94.54 47.32 25.71
CA PRO X 70 -95.35 46.30 25.05
C PRO X 70 -96.60 46.06 25.85
N ILE X 71 -96.66 46.53 27.10
CA ILE X 71 -97.83 46.37 27.94
C ILE X 71 -98.42 47.75 28.15
N GLU X 72 -99.70 47.93 27.83
CA GLU X 72 -100.42 49.15 28.14
C GLU X 72 -101.68 48.79 28.85
N HIS X 73 -101.92 49.42 30.01
CA HIS X 73 -103.10 49.26 30.85
C HIS X 73 -103.31 47.84 31.38
N GLY X 74 -102.20 47.12 31.63
CA GLY X 74 -102.19 45.70 31.97
C GLY X 74 -102.38 44.79 30.79
N ILE X 75 -102.55 45.35 29.57
CA ILE X 75 -102.81 44.60 28.34
C ILE X 75 -101.53 44.52 27.56
N ILE X 76 -101.11 43.31 27.13
CA ILE X 76 -100.01 43.23 26.19
C ILE X 76 -100.48 43.64 24.82
N THR X 77 -99.94 44.74 24.29
CA THR X 77 -100.18 45.25 22.95
C THR X 77 -99.50 44.42 21.90
N ASN X 78 -98.23 44.05 22.18
CA ASN X 78 -97.39 43.33 21.26
C ASN X 78 -96.75 42.11 21.92
N TRP X 79 -97.06 40.90 21.42
CA TRP X 79 -96.69 39.63 22.01
C TRP X 79 -95.24 39.22 21.82
N ASP X 80 -94.67 39.47 20.61
CA ASP X 80 -93.28 39.19 20.29
C ASP X 80 -92.37 40.01 21.17
N ASP X 81 -92.66 41.30 21.36
CA ASP X 81 -91.99 42.19 22.28
C ASP X 81 -92.03 41.70 23.74
N MET X 82 -93.17 41.17 24.26
CA MET X 82 -93.25 40.50 25.56
C MET X 82 -92.41 39.24 25.67
N GLU X 83 -92.44 38.38 24.62
CA GLU X 83 -91.61 37.20 24.54
C GLU X 83 -90.13 37.55 24.60
N LYS X 84 -89.69 38.58 23.86
CA LYS X 84 -88.34 39.13 23.91
C LYS X 84 -87.93 39.61 25.29
N ILE X 85 -88.84 40.29 26.02
CA ILE X 85 -88.61 40.68 27.40
C ILE X 85 -88.41 39.51 28.34
N TRP X 86 -89.27 38.49 28.27
CA TRP X 86 -89.07 37.27 29.02
C TRP X 86 -87.84 36.48 28.58
N HIS X 87 -87.50 36.46 27.29
CA HIS X 87 -86.26 35.87 26.83
C HIS X 87 -85.02 36.50 27.46
N HIS X 88 -85.03 37.85 27.54
CA HIS X 88 -84.05 38.67 28.24
C HIS X 88 -84.01 38.32 29.74
N THR X 89 -85.16 38.20 30.49
CA THR X 89 -85.14 37.85 31.93
C THR X 89 -84.43 36.56 32.24
N PHE X 90 -84.79 35.50 31.48
CA PHE X 90 -84.33 34.15 31.74
C PHE X 90 -82.90 33.95 31.33
N TYR X 91 -82.52 34.38 30.10
CA TYR X 91 -81.19 34.11 29.59
C TYR X 91 -80.20 35.19 29.96
N ASN X 92 -80.55 36.49 29.83
CA ASN X 92 -79.61 37.58 30.09
C ASN X 92 -79.33 37.77 31.59
N GLU X 93 -80.37 37.78 32.45
CA GLU X 93 -80.17 38.00 33.88
C GLU X 93 -80.07 36.72 34.67
N LEU X 94 -81.15 35.91 34.71
CA LEU X 94 -81.21 34.85 35.70
C LEU X 94 -80.39 33.64 35.36
N ARG X 95 -80.16 33.40 34.06
CA ARG X 95 -79.37 32.35 33.48
C ARG X 95 -79.89 30.97 33.82
N VAL X 96 -81.21 30.80 33.61
CA VAL X 96 -81.92 29.62 33.98
C VAL X 96 -82.43 28.99 32.72
N ALA X 97 -82.62 27.66 32.71
CA ALA X 97 -83.43 27.01 31.71
C ALA X 97 -84.85 26.96 32.31
N PRO X 98 -85.90 27.56 31.76
CA PRO X 98 -87.26 27.45 32.30
C PRO X 98 -87.77 26.01 32.40
N GLU X 99 -87.24 25.03 31.64
CA GLU X 99 -87.52 23.60 31.78
C GLU X 99 -87.22 23.07 33.18
N GLU X 100 -86.31 23.72 33.90
CA GLU X 100 -85.87 23.29 35.21
C GLU X 100 -86.61 24.01 36.31
N HIS X 101 -87.59 24.91 36.02
CA HIS X 101 -88.23 25.66 37.09
C HIS X 101 -89.72 25.85 36.85
N PRO X 102 -90.66 25.65 37.77
CA PRO X 102 -92.00 26.22 37.64
C PRO X 102 -92.02 27.74 37.70
N THR X 103 -92.84 28.44 36.87
CA THR X 103 -92.81 29.91 36.74
C THR X 103 -94.13 30.53 37.14
N LEU X 104 -94.13 31.43 38.12
CA LEU X 104 -95.25 32.23 38.50
C LEU X 104 -95.25 33.53 37.73
N LEU X 105 -96.39 33.90 37.14
CA LEU X 105 -96.60 35.20 36.58
C LEU X 105 -97.66 35.91 37.37
N THR X 106 -97.45 37.21 37.59
CA THR X 106 -98.52 38.06 38.07
C THR X 106 -99.34 38.57 36.91
N GLU X 107 -100.56 39.04 37.18
CA GLU X 107 -101.42 39.63 36.18
C GLU X 107 -102.46 40.48 36.90
N ALA X 108 -103.01 41.49 36.20
CA ALA X 108 -103.87 42.47 36.82
C ALA X 108 -105.37 42.08 36.89
N PRO X 109 -106.16 42.46 37.89
CA PRO X 109 -107.62 42.25 37.86
C PRO X 109 -108.42 42.79 36.70
N LEU X 110 -109.56 42.12 36.42
CA LEU X 110 -110.58 42.51 35.45
C LEU X 110 -109.96 42.61 34.08
N ASN X 111 -108.93 41.80 33.84
CA ASN X 111 -108.11 41.88 32.69
C ASN X 111 -108.70 40.94 31.65
N PRO X 112 -108.81 41.31 30.36
CA PRO X 112 -109.11 40.41 29.27
C PRO X 112 -108.60 38.99 29.40
N LYS X 113 -109.46 38.01 29.10
CA LYS X 113 -109.17 36.59 29.19
C LYS X 113 -108.01 36.17 28.29
N ALA X 114 -107.94 36.82 27.11
CA ALA X 114 -106.94 36.62 26.09
C ALA X 114 -105.54 36.85 26.58
N ASN X 115 -105.29 37.84 27.48
CA ASN X 115 -103.98 37.99 28.09
C ASN X 115 -103.59 36.80 28.93
N ARG X 116 -104.45 36.31 29.85
CA ARG X 116 -104.13 35.12 30.65
C ARG X 116 -103.92 33.86 29.82
N GLU X 117 -104.83 33.58 28.86
CA GLU X 117 -104.79 32.46 27.95
C GLU X 117 -103.65 32.47 26.95
N LYS X 118 -103.32 33.63 26.35
CA LYS X 118 -102.15 33.76 25.52
C LYS X 118 -100.84 33.75 26.29
N MET X 119 -100.81 34.30 27.52
CA MET X 119 -99.67 34.28 28.42
C MET X 119 -99.24 32.86 28.78
N THR X 120 -100.24 31.98 29.11
CA THR X 120 -100.02 30.54 29.30
C THR X 120 -99.60 29.81 28.06
N GLN X 121 -100.20 30.12 26.91
CA GLN X 121 -99.83 29.55 25.63
C GLN X 121 -98.36 29.79 25.28
N ILE X 122 -97.87 31.04 25.48
CA ILE X 122 -96.44 31.35 25.36
C ILE X 122 -95.61 30.63 26.40
N MET X 123 -96.00 30.61 27.69
CA MET X 123 -95.19 29.93 28.67
C MET X 123 -95.00 28.46 28.38
N PHE X 124 -96.02 27.72 27.94
CA PHE X 124 -95.80 26.35 27.54
C PHE X 124 -95.13 26.13 26.19
N GLU X 125 -95.47 26.91 25.14
CA GLU X 125 -95.07 26.64 23.77
C GLU X 125 -93.99 27.56 23.24
N THR X 126 -93.34 28.33 24.13
CA THR X 126 -92.18 29.14 23.78
C THR X 126 -91.04 28.71 24.68
N PHE X 127 -91.10 28.99 26.00
CA PHE X 127 -90.07 28.52 26.91
C PHE X 127 -90.56 27.24 27.52
N ASN X 128 -90.13 26.04 27.07
CA ASN X 128 -90.73 24.81 27.57
C ASN X 128 -90.58 24.76 29.12
N VAL X 129 -91.67 24.52 29.88
CA VAL X 129 -91.63 24.76 31.32
C VAL X 129 -92.47 23.66 31.97
N PRO X 130 -92.15 23.08 33.13
CA PRO X 130 -92.92 21.99 33.72
C PRO X 130 -94.28 22.44 34.20
N ALA X 131 -94.36 23.70 34.69
CA ALA X 131 -95.57 24.18 35.27
C ALA X 131 -95.55 25.67 35.41
N MET X 132 -96.73 26.27 35.59
CA MET X 132 -96.83 27.69 35.75
C MET X 132 -98.06 28.06 36.50
N TYR X 133 -98.20 29.34 36.87
CA TYR X 133 -99.39 29.84 37.45
C TYR X 133 -99.49 31.30 37.04
N VAL X 134 -100.70 31.84 36.92
CA VAL X 134 -100.97 33.25 36.72
C VAL X 134 -101.77 33.63 37.94
N ALA X 135 -101.40 34.74 38.59
CA ALA X 135 -101.99 35.12 39.84
C ALA X 135 -102.31 36.59 39.84
N ILE X 136 -103.29 36.97 40.67
CA ILE X 136 -103.73 38.35 40.73
C ILE X 136 -102.77 39.24 41.51
N GLN X 137 -102.38 40.43 41.00
CA GLN X 137 -101.39 41.29 41.64
C GLN X 137 -101.65 41.69 43.10
N ALA X 138 -102.90 42.08 43.41
CA ALA X 138 -103.30 42.59 44.70
C ALA X 138 -103.22 41.59 45.86
N VAL X 139 -103.63 40.34 45.63
CA VAL X 139 -103.52 39.26 46.59
C VAL X 139 -102.08 38.97 46.96
N LEU X 140 -101.15 38.98 45.98
CA LEU X 140 -99.72 38.80 46.24
C LEU X 140 -99.16 39.90 47.15
N SER X 141 -99.50 41.18 46.93
CA SER X 141 -99.07 42.25 47.83
C SER X 141 -99.59 42.10 49.26
N LEU X 142 -100.84 41.63 49.40
CA LEU X 142 -101.43 41.30 50.68
C LEU X 142 -100.66 40.23 51.46
N TYR X 143 -100.27 39.13 50.78
CA TYR X 143 -99.38 38.09 51.31
C TYR X 143 -98.05 38.65 51.75
N ALA X 144 -97.43 39.52 50.94
CA ALA X 144 -96.17 40.17 51.24
C ALA X 144 -96.22 41.05 52.47
N SER X 145 -97.36 41.74 52.69
CA SER X 145 -97.62 42.53 53.88
C SER X 145 -97.92 41.69 55.11
N GLY X 146 -98.18 40.36 54.96
CA GLY X 146 -98.34 39.42 56.06
C GLY X 146 -99.67 39.49 56.75
N ARG X 147 -100.68 40.03 56.05
CA ARG X 147 -101.98 40.29 56.63
C ARG X 147 -103.00 39.40 55.93
N THR X 148 -104.06 38.98 56.62
CA THR X 148 -105.03 38.07 56.02
C THR X 148 -106.19 38.82 55.41
N THR X 149 -106.29 40.13 55.72
CA THR X 149 -107.44 40.99 55.47
C THR X 149 -106.91 42.35 55.14
N GLY X 150 -107.57 42.99 54.18
CA GLY X 150 -107.29 44.34 53.79
C GLY X 150 -107.90 44.65 52.49
N ILE X 151 -107.90 45.93 52.14
CA ILE X 151 -108.29 46.35 50.82
C ILE X 151 -107.03 46.78 50.17
N VAL X 152 -106.64 46.11 49.10
CA VAL X 152 -105.39 46.37 48.45
C VAL X 152 -105.60 47.34 47.32
N LEU X 153 -104.98 48.53 47.45
CA LEU X 153 -104.92 49.52 46.43
C LEU X 153 -103.63 49.25 45.66
N ASP X 154 -103.75 48.73 44.45
CA ASP X 154 -102.66 48.34 43.60
C ASP X 154 -102.67 49.41 42.54
N SER X 155 -101.56 50.15 42.43
CA SER X 155 -101.37 50.99 41.27
C SER X 155 -99.96 50.87 40.76
N GLY X 156 -99.81 50.29 39.56
CA GLY X 156 -98.53 50.23 38.88
C GLY X 156 -98.36 51.32 37.85
N ASP X 157 -97.48 51.08 36.86
CA ASP X 157 -97.38 51.90 35.67
C ASP X 157 -98.42 51.46 34.62
N GLY X 158 -99.00 50.25 34.80
CA GLY X 158 -100.02 49.71 33.91
C GLY X 158 -101.37 50.30 34.16
N VAL X 159 -102.11 49.86 35.19
CA VAL X 159 -103.39 50.44 35.53
C VAL X 159 -103.43 50.34 37.06
N THR X 160 -104.37 51.08 37.69
CA THR X 160 -104.80 51.02 39.08
C THR X 160 -105.94 50.02 39.27
N HIS X 161 -105.84 49.20 40.32
CA HIS X 161 -106.76 48.15 40.69
C HIS X 161 -107.00 48.22 42.19
N ASN X 162 -108.11 47.64 42.64
CA ASN X 162 -108.49 47.69 44.01
C ASN X 162 -109.19 46.36 44.27
N VAL X 163 -108.70 45.55 45.22
CA VAL X 163 -109.29 44.26 45.54
C VAL X 163 -109.50 44.23 47.05
N PRO X 164 -110.72 44.25 47.59
CA PRO X 164 -110.99 43.95 48.99
C PRO X 164 -110.93 42.48 49.25
N ILE X 165 -110.33 42.10 50.37
CA ILE X 165 -110.19 40.75 50.80
C ILE X 165 -110.61 40.73 52.25
N TYR X 166 -111.23 39.63 52.71
CA TYR X 166 -111.57 39.43 54.09
C TYR X 166 -111.29 37.98 54.49
N GLU X 167 -110.30 37.77 55.38
CA GLU X 167 -109.95 36.49 55.96
C GLU X 167 -109.54 35.45 54.93
N GLY X 168 -108.61 35.85 54.03
CA GLY X 168 -108.60 35.26 52.69
C GLY X 168 -109.84 35.71 51.95
N TYR X 169 -110.63 34.77 51.38
CA TYR X 169 -111.75 35.02 50.48
C TYR X 169 -111.42 36.06 49.41
N ALA X 170 -112.38 36.89 48.99
CA ALA X 170 -112.26 37.85 47.91
C ALA X 170 -113.65 38.19 47.49
N LEU X 171 -113.88 39.42 46.99
CA LEU X 171 -115.21 39.83 46.59
C LEU X 171 -115.22 40.27 45.14
N PRO X 172 -115.67 39.46 44.16
CA PRO X 172 -115.57 39.77 42.73
C PRO X 172 -116.30 41.03 42.30
N HIS X 173 -117.51 41.29 42.85
CA HIS X 173 -118.33 42.45 42.57
C HIS X 173 -117.74 43.74 43.12
N ALA X 174 -117.01 43.63 44.25
CA ALA X 174 -116.38 44.74 44.92
C ALA X 174 -115.00 45.09 44.38
N ILE X 175 -114.37 44.21 43.55
CA ILE X 175 -113.15 44.56 42.81
C ILE X 175 -113.38 45.70 41.86
N MET X 176 -112.53 46.74 41.94
CA MET X 176 -112.60 47.89 41.10
C MET X 176 -111.29 48.06 40.36
N ARG X 177 -111.38 48.49 39.10
CA ARG X 177 -110.27 48.78 38.25
C ARG X 177 -110.49 50.18 37.74
N LEU X 178 -109.47 51.03 37.86
CA LEU X 178 -109.53 52.43 37.54
C LEU X 178 -108.41 52.74 36.57
N ASP X 179 -108.74 53.27 35.38
CA ASP X 179 -107.76 53.59 34.36
C ASP X 179 -107.07 54.90 34.69
N LEU X 180 -106.07 54.80 35.59
CA LEU X 180 -105.08 55.79 35.91
C LEU X 180 -103.84 54.99 36.14
N ALA X 181 -102.67 55.62 35.95
CA ALA X 181 -101.44 54.92 36.17
C ALA X 181 -100.30 55.89 36.37
N GLY X 182 -99.11 55.36 36.71
CA GLY X 182 -97.85 56.05 36.50
C GLY X 182 -97.67 56.62 35.12
N ARG X 183 -97.94 55.86 34.05
CA ARG X 183 -97.79 56.31 32.69
C ARG X 183 -98.67 57.50 32.31
N ASP X 184 -99.95 57.51 32.72
CA ASP X 184 -100.87 58.63 32.52
C ASP X 184 -100.45 59.89 33.29
N LEU X 185 -99.89 59.73 34.51
CA LEU X 185 -99.23 60.82 35.24
C LEU X 185 -98.00 61.36 34.53
N THR X 186 -97.20 60.51 33.88
CA THR X 186 -96.09 60.93 33.03
C THR X 186 -96.56 61.76 31.82
N ASP X 187 -97.62 61.32 31.09
CA ASP X 187 -98.21 62.05 29.97
C ASP X 187 -98.83 63.39 30.42
N TYR X 188 -99.50 63.43 31.59
CA TYR X 188 -99.92 64.68 32.22
C TYR X 188 -98.75 65.60 32.58
N LEU X 189 -97.67 65.01 33.14
CA LEU X 189 -96.51 65.76 33.56
C LEU X 189 -95.76 66.43 32.44
N MET X 190 -95.47 65.74 31.33
CA MET X 190 -94.83 66.36 30.20
C MET X 190 -95.72 67.42 29.55
N LYS X 191 -97.07 67.26 29.59
CA LYS X 191 -98.02 68.31 29.27
C LYS X 191 -97.99 69.53 30.18
N ILE X 192 -97.82 69.35 31.52
CA ILE X 192 -97.77 70.49 32.42
C ILE X 192 -96.37 71.13 32.49
N LEU X 193 -95.30 70.49 31.99
CA LEU X 193 -94.01 71.18 31.83
C LEU X 193 -93.99 72.20 30.71
N THR X 194 -94.85 72.03 29.68
CA THR X 194 -94.85 72.87 28.47
C THR X 194 -95.20 74.32 28.72
N GLU X 195 -96.06 74.60 29.75
CA GLU X 195 -96.43 75.95 30.16
C GLU X 195 -95.23 76.68 30.77
N ARG X 196 -94.19 75.94 31.20
CA ARG X 196 -92.99 76.52 31.74
C ARG X 196 -91.92 76.75 30.66
N GLY X 197 -92.15 76.22 29.43
CA GLY X 197 -91.28 76.36 28.27
C GLY X 197 -90.46 75.13 27.97
N TYR X 198 -90.46 74.12 28.85
CA TYR X 198 -89.72 72.89 28.62
C TYR X 198 -90.57 71.91 27.85
N SER X 199 -90.11 71.48 26.66
CA SER X 199 -90.93 70.70 25.75
C SER X 199 -90.25 69.41 25.51
N PHE X 200 -90.89 68.31 25.93
CA PHE X 200 -90.34 66.99 25.83
C PHE X 200 -91.29 66.25 24.94
N VAL X 201 -90.87 65.90 23.71
CA VAL X 201 -91.78 65.56 22.63
C VAL X 201 -91.64 64.11 22.25
N THR X 202 -90.60 63.40 22.74
CA THR X 202 -90.20 62.11 22.17
C THR X 202 -90.08 61.11 23.30
N THR X 203 -90.10 59.79 22.99
CA THR X 203 -90.08 58.68 23.94
C THR X 203 -88.87 58.65 24.87
N ALA X 204 -87.68 58.98 24.36
CA ALA X 204 -86.45 59.06 25.10
C ALA X 204 -86.47 60.03 26.28
N GLU X 205 -86.94 61.29 26.11
CA GLU X 205 -87.06 62.21 27.22
C GLU X 205 -88.39 62.11 27.96
N ARG X 206 -89.36 61.35 27.45
CA ARG X 206 -90.52 60.89 28.19
C ARG X 206 -90.15 60.01 29.38
N GLU X 207 -89.09 59.19 29.22
CA GLU X 207 -88.48 58.50 30.33
C GLU X 207 -87.60 59.36 31.23
N ILE X 208 -87.07 60.49 30.73
CA ILE X 208 -86.49 61.54 31.58
C ILE X 208 -87.52 62.21 32.50
N VAL X 209 -88.76 62.55 32.04
CA VAL X 209 -89.80 63.03 32.96
C VAL X 209 -90.34 61.94 33.86
N ARG X 210 -90.28 60.66 33.44
CA ARG X 210 -90.56 59.56 34.34
C ARG X 210 -89.59 59.54 35.53
N ASP X 211 -88.25 59.68 35.29
CA ASP X 211 -87.21 59.80 36.31
C ASP X 211 -87.39 61.03 37.22
N ILE X 212 -87.80 62.19 36.65
CA ILE X 212 -88.12 63.39 37.42
C ILE X 212 -89.22 63.13 38.42
N LYS X 213 -90.31 62.52 37.93
CA LYS X 213 -91.50 62.22 38.68
C LYS X 213 -91.29 61.16 39.75
N GLU X 214 -90.39 60.17 39.52
CA GLU X 214 -89.91 59.18 40.45
C GLU X 214 -89.17 59.74 41.67
N LYS X 215 -88.64 60.98 41.60
CA LYS X 215 -88.10 61.61 42.81
C LYS X 215 -88.66 62.97 43.14
N LEU X 216 -88.79 63.93 42.20
CA LEU X 216 -89.16 65.29 42.55
C LEU X 216 -90.59 65.40 43.02
N CYS X 217 -91.53 64.75 42.31
CA CYS X 217 -92.95 64.82 42.60
C CYS X 217 -93.34 64.38 44.01
N TYR X 218 -94.32 65.06 44.62
CA TYR X 218 -94.86 64.62 45.88
C TYR X 218 -96.33 64.95 45.90
N VAL X 219 -97.09 64.42 46.86
CA VAL X 219 -98.51 64.72 46.99
C VAL X 219 -98.77 65.69 48.12
N ALA X 220 -99.50 66.78 47.84
CA ALA X 220 -99.93 67.75 48.81
C ALA X 220 -100.86 67.22 49.90
N LEU X 221 -100.61 67.59 51.16
CA LEU X 221 -101.48 67.26 52.29
C LEU X 221 -102.66 68.19 52.33
N ASP X 222 -102.58 69.32 51.61
CA ASP X 222 -103.76 69.92 51.06
C ASP X 222 -103.31 70.60 49.77
N PHE X 223 -104.01 70.36 48.64
CA PHE X 223 -103.63 70.82 47.31
C PHE X 223 -103.70 72.34 47.22
N GLU X 224 -104.83 72.95 47.62
CA GLU X 224 -105.07 74.37 47.53
C GLU X 224 -104.12 75.17 48.39
N ASN X 225 -103.85 74.70 49.62
CA ASN X 225 -102.89 75.31 50.52
C ASN X 225 -101.48 75.33 49.95
N GLU X 226 -101.00 74.20 49.38
CA GLU X 226 -99.72 74.16 48.71
C GLU X 226 -99.64 74.96 47.43
N MET X 227 -100.72 74.98 46.62
CA MET X 227 -100.85 75.87 45.49
C MET X 227 -100.91 77.36 45.81
N ALA X 228 -101.53 77.75 46.94
CA ALA X 228 -101.46 79.10 47.47
C ALA X 228 -100.05 79.53 47.90
N THR X 229 -99.29 78.65 48.61
CA THR X 229 -97.92 78.96 49.05
C THR X 229 -96.92 78.88 47.88
N ALA X 230 -97.30 78.32 46.71
CA ALA X 230 -96.56 78.50 45.47
C ALA X 230 -96.45 79.94 44.93
N ALA X 231 -97.21 80.91 45.49
CA ALA X 231 -96.98 82.33 45.21
C ALA X 231 -95.61 82.83 45.70
N SER X 232 -95.17 82.43 46.91
CA SER X 232 -93.85 82.72 47.42
C SER X 232 -92.94 81.52 47.19
N SER X 233 -92.38 81.41 45.97
CA SER X 233 -91.58 80.25 45.63
C SER X 233 -90.24 80.21 46.32
N SER X 234 -90.03 79.16 47.14
CA SER X 234 -88.79 78.96 47.87
C SER X 234 -88.47 77.47 47.84
N SER X 235 -89.16 76.64 48.66
CA SER X 235 -88.86 75.22 48.75
C SER X 235 -89.54 74.36 47.70
N LEU X 236 -90.56 74.92 47.03
CA LEU X 236 -91.39 74.19 46.10
C LEU X 236 -90.73 74.08 44.74
N GLU X 237 -89.80 74.99 44.43
CA GLU X 237 -88.94 74.88 43.27
C GLU X 237 -87.83 73.89 43.58
N LYS X 238 -87.48 73.06 42.61
CA LYS X 238 -86.29 72.27 42.67
C LYS X 238 -85.67 72.32 41.33
N SER X 239 -84.35 72.59 41.32
CA SER X 239 -83.44 72.37 40.22
C SER X 239 -83.30 70.89 39.93
N TYR X 240 -83.42 70.50 38.66
CA TYR X 240 -83.19 69.17 38.15
C TYR X 240 -82.20 69.29 37.01
N GLU X 241 -81.25 68.35 36.94
CA GLU X 241 -80.23 68.26 35.93
C GLU X 241 -80.67 67.26 34.87
N LEU X 242 -80.74 67.65 33.58
CA LEU X 242 -80.97 66.72 32.49
C LEU X 242 -79.68 66.03 32.09
N PRO X 243 -79.68 64.86 31.45
CA PRO X 243 -78.47 64.27 30.88
C PRO X 243 -77.81 65.11 29.79
N ASP X 244 -78.54 66.02 29.13
CA ASP X 244 -78.04 67.03 28.21
C ASP X 244 -77.08 68.02 28.92
N GLY X 245 -77.32 68.32 30.23
CA GLY X 245 -76.63 69.37 30.97
C GLY X 245 -77.47 70.61 31.10
N GLN X 246 -78.68 70.57 30.50
CA GLN X 246 -79.72 71.53 30.76
C GLN X 246 -80.35 71.41 32.13
N VAL X 247 -80.70 72.54 32.75
CA VAL X 247 -81.24 72.58 34.08
C VAL X 247 -82.69 72.96 33.96
N ILE X 248 -83.55 72.28 34.73
CA ILE X 248 -84.98 72.43 34.79
C ILE X 248 -85.32 72.85 36.19
N THR X 249 -86.25 73.81 36.34
CA THR X 249 -86.63 74.37 37.63
C THR X 249 -88.12 74.26 37.74
N ILE X 250 -88.66 73.38 38.60
CA ILE X 250 -90.08 73.05 38.65
C ILE X 250 -90.71 73.40 39.98
N GLY X 251 -91.75 74.26 39.97
CA GLY X 251 -92.38 74.79 41.18
C GLY X 251 -93.63 74.04 41.57
N ASN X 252 -94.81 74.68 41.42
CA ASN X 252 -96.10 74.10 41.79
C ASN X 252 -96.57 72.94 40.92
N GLU X 253 -96.05 72.93 39.69
CA GLU X 253 -96.13 71.93 38.66
C GLU X 253 -95.72 70.56 39.15
N ARG X 254 -94.71 70.52 40.05
CA ARG X 254 -94.28 69.33 40.72
C ARG X 254 -95.38 68.55 41.48
N PHE X 255 -96.14 69.19 42.42
CA PHE X 255 -97.05 68.43 43.27
C PHE X 255 -98.43 68.27 42.67
N ARG X 256 -98.79 69.11 41.67
CA ARG X 256 -100.06 68.91 41.01
C ARG X 256 -100.07 67.80 39.99
N CYS X 257 -98.90 67.23 39.61
CA CYS X 257 -98.90 65.98 38.86
C CYS X 257 -99.44 64.80 39.67
N PRO X 258 -99.03 64.43 40.88
CA PRO X 258 -99.69 63.34 41.59
C PRO X 258 -101.11 63.65 42.05
N GLU X 259 -101.49 64.95 42.13
CA GLU X 259 -102.83 65.42 42.49
C GLU X 259 -103.90 64.85 41.56
N THR X 260 -103.53 64.59 40.28
CA THR X 260 -104.37 63.92 39.27
C THR X 260 -105.01 62.61 39.74
N LEU X 261 -104.34 61.83 40.62
CA LEU X 261 -104.92 60.63 41.21
C LEU X 261 -106.17 60.88 42.03
N PHE X 262 -106.27 62.07 42.64
CA PHE X 262 -107.33 62.50 43.53
C PHE X 262 -108.27 63.46 42.81
N GLN X 263 -107.89 63.93 41.59
CA GLN X 263 -108.67 64.83 40.76
C GLN X 263 -108.54 64.43 39.28
N PRO X 264 -109.14 63.35 38.77
CA PRO X 264 -109.05 62.97 37.36
C PRO X 264 -109.79 63.91 36.44
N SER X 265 -110.45 64.95 36.90
CA SER X 265 -110.89 66.07 36.10
C SER X 265 -109.75 66.84 35.43
N PHE X 266 -108.51 66.82 36.02
CA PHE X 266 -107.29 67.37 35.44
C PHE X 266 -106.82 66.62 34.19
N ILE X 267 -106.96 65.27 34.20
CA ILE X 267 -106.68 64.47 33.03
C ILE X 267 -107.85 64.52 32.02
N GLY X 268 -109.08 64.86 32.49
CA GLY X 268 -110.30 65.00 31.68
C GLY X 268 -111.18 63.78 31.73
N MET X 269 -110.88 62.84 32.61
CA MET X 269 -111.69 61.65 32.83
C MET X 269 -112.67 61.89 33.96
N GLU X 270 -113.91 61.40 33.83
CA GLU X 270 -114.91 61.49 34.86
C GLU X 270 -114.66 60.57 36.04
N SER X 271 -114.06 59.39 35.73
CA SER X 271 -113.74 58.32 36.66
C SER X 271 -113.17 58.82 37.96
N ALA X 272 -113.80 58.46 39.09
CA ALA X 272 -113.52 59.07 40.36
C ALA X 272 -112.07 58.94 40.83
N GLY X 273 -111.60 59.89 41.68
CA GLY X 273 -110.29 59.80 42.31
C GLY X 273 -110.10 58.52 43.09
N ILE X 274 -108.84 58.16 43.37
CA ILE X 274 -108.49 56.89 43.97
C ILE X 274 -109.05 56.62 45.37
N HIS X 275 -109.33 57.67 46.17
CA HIS X 275 -109.96 57.55 47.47
C HIS X 275 -111.46 57.26 47.35
N GLU X 276 -112.20 57.92 46.41
CA GLU X 276 -113.58 57.56 46.11
C GLU X 276 -113.71 56.18 45.47
N THR X 277 -112.75 55.72 44.63
CA THR X 277 -112.74 54.33 44.13
C THR X 277 -112.62 53.33 45.26
N THR X 278 -111.77 53.58 46.27
CA THR X 278 -111.68 52.78 47.49
C THR X 278 -112.97 52.75 48.28
N TYR X 279 -113.68 53.91 48.41
CA TYR X 279 -115.03 53.95 48.96
C TYR X 279 -116.02 53.14 48.14
N ASN X 280 -115.97 53.23 46.80
CA ASN X 280 -116.79 52.47 45.87
C ASN X 280 -116.62 50.96 46.03
N SER X 281 -115.37 50.48 46.21
CA SER X 281 -115.07 49.09 46.55
C SER X 281 -115.60 48.66 47.92
N ILE X 282 -115.32 49.44 49.00
CA ILE X 282 -115.75 49.17 50.37
C ILE X 282 -117.28 49.20 50.54
N MET X 283 -117.98 50.15 49.88
CA MET X 283 -119.43 50.21 49.82
C MET X 283 -120.09 49.04 49.13
N LYS X 284 -119.43 48.44 48.15
CA LYS X 284 -119.95 47.24 47.53
C LYS X 284 -119.80 46.00 48.39
N CYS X 285 -118.96 46.06 49.43
CA CYS X 285 -118.77 44.96 50.36
C CYS X 285 -119.89 44.90 51.38
N ASP X 286 -120.05 43.72 52.01
CA ASP X 286 -120.99 43.50 53.08
C ASP X 286 -120.74 44.42 54.27
N ILE X 287 -121.82 44.82 54.98
CA ILE X 287 -121.78 45.79 56.07
C ILE X 287 -120.81 45.40 57.18
N ASP X 288 -120.82 44.10 57.59
CA ASP X 288 -120.10 43.54 58.69
C ASP X 288 -118.56 43.73 58.60
N ILE X 289 -117.99 43.44 57.41
CA ILE X 289 -116.55 43.42 57.29
C ILE X 289 -115.94 44.79 57.16
N ARG X 290 -116.74 45.82 56.77
CA ARG X 290 -116.18 47.11 56.41
C ARG X 290 -115.27 47.76 57.43
N LYS X 291 -115.51 47.50 58.74
CA LYS X 291 -114.73 48.00 59.86
C LYS X 291 -113.23 47.75 59.75
N ASP X 292 -112.79 46.55 59.30
CA ASP X 292 -111.40 46.23 59.22
C ASP X 292 -110.85 46.66 57.86
N LEU X 293 -111.64 46.68 56.79
CA LEU X 293 -111.23 47.20 55.47
C LEU X 293 -110.88 48.66 55.47
N TYR X 294 -111.63 49.47 56.21
CA TYR X 294 -111.25 50.82 56.55
C TYR X 294 -109.92 50.91 57.29
N ALA X 295 -109.67 50.00 58.26
CA ALA X 295 -108.47 50.03 59.08
C ALA X 295 -107.27 49.23 58.51
N ASN X 296 -107.38 48.56 57.35
CA ASN X 296 -106.38 47.64 56.83
C ASN X 296 -106.18 47.90 55.35
N ASN X 297 -106.33 49.14 54.87
CA ASN X 297 -105.97 49.54 53.52
C ASN X 297 -104.46 49.36 53.25
N VAL X 298 -104.11 48.56 52.23
CA VAL X 298 -102.74 48.27 51.85
C VAL X 298 -102.50 48.95 50.53
N MET X 299 -101.46 49.80 50.45
CA MET X 299 -100.99 50.33 49.19
C MET X 299 -99.90 49.47 48.60
N SER X 300 -99.96 49.21 47.29
CA SER X 300 -98.94 48.48 46.58
C SER X 300 -98.64 49.17 45.28
N GLY X 301 -97.56 48.72 44.63
CA GLY X 301 -97.20 49.13 43.28
C GLY X 301 -96.23 50.27 43.22
N GLY X 302 -95.81 50.63 42.00
CA GLY X 302 -94.81 51.68 41.85
C GLY X 302 -95.31 53.09 41.96
N THR X 303 -96.60 53.38 41.66
CA THR X 303 -97.11 54.75 41.64
C THR X 303 -97.82 55.08 42.96
N THR X 304 -97.67 54.22 44.00
CA THR X 304 -97.94 54.59 45.40
C THR X 304 -96.67 54.99 46.10
N MET X 305 -95.53 55.09 45.40
CA MET X 305 -94.29 55.47 46.04
C MET X 305 -94.15 56.94 46.40
N TYR X 306 -94.92 57.89 45.79
CA TYR X 306 -94.77 59.32 46.03
C TYR X 306 -94.87 59.70 47.50
N PRO X 307 -93.98 60.52 48.06
CA PRO X 307 -94.12 61.03 49.41
C PRO X 307 -95.45 61.71 49.71
N GLY X 308 -96.12 61.34 50.82
CA GLY X 308 -97.35 61.99 51.28
C GLY X 308 -98.63 61.40 50.71
N ILE X 309 -98.59 60.36 49.84
CA ILE X 309 -99.82 59.70 49.35
C ILE X 309 -100.66 59.11 50.48
N ALA X 310 -100.00 58.39 51.43
CA ALA X 310 -100.65 57.72 52.55
C ALA X 310 -101.41 58.67 53.45
N ASP X 311 -100.81 59.82 53.79
CA ASP X 311 -101.41 60.88 54.56
C ASP X 311 -102.61 61.52 53.86
N ARG X 312 -102.49 61.81 52.54
CA ARG X 312 -103.59 62.34 51.76
C ARG X 312 -104.79 61.39 51.67
N MET X 313 -104.55 60.09 51.40
CA MET X 313 -105.58 59.07 51.40
C MET X 313 -106.25 58.92 52.76
N GLN X 314 -105.44 58.98 53.85
CA GLN X 314 -105.96 58.94 55.20
C GLN X 314 -106.86 60.10 55.52
N LYS X 315 -106.46 61.35 55.19
CA LYS X 315 -107.30 62.49 55.43
C LYS X 315 -108.61 62.48 54.63
N GLU X 316 -108.58 62.05 53.34
CA GLU X 316 -109.77 62.00 52.50
C GLU X 316 -110.71 60.88 52.84
N ILE X 317 -110.21 59.65 53.07
CA ILE X 317 -111.05 58.55 53.47
C ILE X 317 -111.66 58.76 54.85
N THR X 318 -110.88 59.30 55.84
CA THR X 318 -111.40 59.71 57.15
C THR X 318 -112.45 60.81 57.05
N ALA X 319 -112.26 61.81 56.16
CA ALA X 319 -113.25 62.85 55.91
C ALA X 319 -114.58 62.36 55.32
N LEU X 320 -114.53 61.42 54.35
CA LEU X 320 -115.71 60.82 53.75
C LEU X 320 -116.42 59.78 54.62
N ALA X 321 -115.65 58.94 55.34
CA ALA X 321 -116.17 57.82 56.07
C ALA X 321 -116.83 58.23 57.40
N PRO X 322 -117.57 57.37 58.08
CA PRO X 322 -117.85 57.53 59.50
C PRO X 322 -116.59 57.69 60.35
N SER X 323 -116.48 58.78 61.15
CA SER X 323 -115.38 59.01 62.09
C SER X 323 -115.59 58.22 63.38
N THR X 324 -116.64 57.37 63.39
CA THR X 324 -116.98 56.36 64.38
C THR X 324 -115.91 55.31 64.50
N MET X 325 -115.24 54.98 63.38
CA MET X 325 -114.17 54.02 63.34
C MET X 325 -112.89 54.61 62.80
N LYS X 326 -111.74 54.11 63.28
CA LYS X 326 -110.47 54.65 62.92
C LYS X 326 -109.89 54.04 61.65
N ILE X 327 -109.46 54.91 60.74
CA ILE X 327 -109.01 54.53 59.42
C ILE X 327 -107.50 54.48 59.44
N LYS X 328 -106.93 53.29 59.69
CA LYS X 328 -105.52 53.06 59.53
C LYS X 328 -105.21 52.67 58.10
N ILE X 329 -104.19 53.27 57.49
CA ILE X 329 -103.68 52.88 56.20
C ILE X 329 -102.33 52.31 56.49
N ILE X 330 -102.06 51.11 55.98
CA ILE X 330 -100.77 50.48 56.11
C ILE X 330 -100.12 50.48 54.75
N ALA X 331 -99.15 51.38 54.57
CA ALA X 331 -98.43 51.49 53.33
C ALA X 331 -96.96 51.28 53.64
N PRO X 332 -96.37 50.12 53.43
CA PRO X 332 -94.99 49.87 53.83
C PRO X 332 -94.06 50.66 52.90
N PRO X 333 -92.89 51.20 53.26
CA PRO X 333 -91.77 51.25 52.32
C PRO X 333 -91.44 49.84 51.84
N GLU X 334 -90.85 49.69 50.64
CA GLU X 334 -90.67 48.41 49.94
C GLU X 334 -91.94 48.02 49.17
N ARG X 335 -93.01 48.85 49.27
CA ARG X 335 -94.31 48.60 48.64
C ARG X 335 -94.28 48.44 47.14
N LYS X 336 -93.23 48.97 46.47
CA LYS X 336 -92.96 48.81 45.06
C LYS X 336 -92.81 47.35 44.67
N TYR X 337 -92.11 46.54 45.51
CA TYR X 337 -91.77 45.19 45.16
C TYR X 337 -92.74 44.22 45.79
N SER X 338 -93.81 44.70 46.45
CA SER X 338 -94.74 43.86 47.21
C SER X 338 -95.40 42.74 46.45
N VAL X 339 -95.77 42.97 45.18
CA VAL X 339 -96.29 41.93 44.29
C VAL X 339 -95.29 40.80 44.04
N TRP X 340 -94.01 41.12 43.75
CA TRP X 340 -92.98 40.11 43.55
C TRP X 340 -92.71 39.31 44.82
N ILE X 341 -92.63 39.98 46.00
CA ILE X 341 -92.45 39.34 47.29
C ILE X 341 -93.63 38.42 47.59
N GLY X 342 -94.86 38.85 47.26
CA GLY X 342 -96.03 38.00 47.36
C GLY X 342 -96.04 36.79 46.49
N GLY X 343 -95.39 36.91 45.32
CA GLY X 343 -95.15 35.78 44.44
C GLY X 343 -94.06 34.85 44.92
N SER X 344 -93.00 35.39 45.57
CA SER X 344 -91.94 34.62 46.21
C SER X 344 -92.47 33.75 47.33
N ILE X 345 -93.28 34.34 48.24
CA ILE X 345 -93.89 33.62 49.35
C ILE X 345 -94.86 32.56 48.85
N LEU X 346 -95.70 32.85 47.82
CA LEU X 346 -96.64 31.88 47.28
C LEU X 346 -96.04 30.63 46.70
N ALA X 347 -94.98 30.77 45.87
CA ALA X 347 -94.32 29.62 45.27
C ALA X 347 -93.46 28.86 46.28
N SER X 348 -93.03 29.50 47.39
CA SER X 348 -92.40 28.84 48.54
C SER X 348 -93.37 28.06 49.41
N LEU X 349 -94.69 28.36 49.38
CA LEU X 349 -95.70 27.58 50.09
C LEU X 349 -95.85 26.15 49.59
N SER X 350 -95.77 25.17 50.53
CA SER X 350 -95.79 23.75 50.22
C SER X 350 -97.06 23.26 49.58
N THR X 351 -98.24 23.70 50.09
CA THR X 351 -99.56 23.39 49.53
C THR X 351 -99.77 23.89 48.12
N PHE X 352 -99.23 25.10 47.81
CA PHE X 352 -99.31 25.74 46.53
C PHE X 352 -98.65 24.90 45.43
N GLN X 353 -97.63 24.08 45.79
CA GLN X 353 -96.99 23.14 44.89
C GLN X 353 -97.88 22.04 44.28
N GLN X 354 -99.15 21.91 44.71
CA GLN X 354 -100.12 21.07 44.04
C GLN X 354 -101.11 21.86 43.17
N MET X 355 -101.17 23.20 43.29
CA MET X 355 -102.14 24.04 42.61
C MET X 355 -101.56 24.63 41.35
N TRP X 356 -100.29 24.31 41.02
CA TRP X 356 -99.69 24.70 39.77
C TRP X 356 -100.47 24.19 38.57
N ILE X 357 -100.53 24.98 37.49
CA ILE X 357 -101.00 24.45 36.24
C ILE X 357 -99.88 23.62 35.68
N THR X 358 -100.03 22.29 35.58
CA THR X 358 -98.96 21.47 35.05
C THR X 358 -98.88 21.60 33.56
N LYS X 359 -97.71 21.34 32.97
CA LYS X 359 -97.56 21.22 31.54
C LYS X 359 -98.43 20.12 30.94
N GLN X 360 -98.51 18.96 31.64
CA GLN X 360 -99.34 17.85 31.25
C GLN X 360 -100.82 18.21 31.13
N GLU X 361 -101.39 18.88 32.18
CA GLU X 361 -102.78 19.30 32.23
C GLU X 361 -103.15 20.30 31.13
N TYR X 362 -102.22 21.23 30.81
CA TYR X 362 -102.31 22.07 29.62
C TYR X 362 -102.30 21.28 28.32
N ASP X 363 -101.38 20.30 28.13
CA ASP X 363 -101.25 19.53 26.90
C ASP X 363 -102.55 18.74 26.60
N GLU X 364 -103.19 18.11 27.63
CA GLU X 364 -104.51 17.50 27.50
C GLU X 364 -105.67 18.48 27.29
N ALA X 365 -105.78 19.54 28.10
CA ALA X 365 -107.02 20.27 28.19
C ALA X 365 -106.96 21.67 27.57
N GLY X 366 -105.80 22.08 27.03
CA GLY X 366 -105.61 23.31 26.27
C GLY X 366 -105.42 24.59 27.06
N PRO X 367 -105.25 25.72 26.37
CA PRO X 367 -104.95 27.01 26.99
C PRO X 367 -106.11 27.58 27.75
N SER X 368 -107.35 27.12 27.52
CA SER X 368 -108.53 27.72 28.10
C SER X 368 -108.70 27.45 29.60
N ILE X 369 -107.96 26.43 30.11
CA ILE X 369 -108.01 25.96 31.48
C ILE X 369 -107.51 26.91 32.52
N VAL X 370 -106.92 28.06 32.13
CA VAL X 370 -106.44 29.06 33.06
C VAL X 370 -107.53 29.48 34.03
N HIS X 371 -108.65 29.94 33.46
CA HIS X 371 -109.78 30.46 34.21
C HIS X 371 -110.52 29.40 35.01
N ARG X 372 -110.55 28.16 34.50
CA ARG X 372 -111.11 27.00 35.15
C ARG X 372 -110.44 26.59 36.45
N LYS X 373 -109.09 26.63 36.51
CA LYS X 373 -108.36 26.24 37.68
C LYS X 373 -108.07 27.39 38.62
N CYS X 374 -107.58 28.53 38.08
CA CYS X 374 -107.12 29.66 38.85
C CYS X 374 -108.10 30.82 38.78
N PHE X 375 -108.00 31.74 39.76
CA PHE X 375 -108.70 33.00 39.77
C PHE X 375 -108.02 34.06 38.82
N GLU Y 2 -120.54 8.61 85.84
CA GLU Y 2 -121.25 9.73 86.53
C GLU Y 2 -122.68 9.37 86.83
N ASP Y 3 -123.35 10.07 87.76
CA ASP Y 3 -124.73 9.85 88.12
C ASP Y 3 -125.59 10.68 87.20
N GLU Y 4 -126.78 10.14 86.84
CA GLU Y 4 -127.80 10.76 86.01
C GLU Y 4 -127.44 11.03 84.56
N THR Y 5 -126.14 11.00 84.20
CA THR Y 5 -125.56 11.09 82.84
C THR Y 5 -125.62 12.47 82.20
N THR Y 6 -126.07 13.50 82.97
CA THR Y 6 -126.66 14.76 82.46
C THR Y 6 -127.80 14.50 81.48
N ALA Y 7 -128.19 15.46 80.64
CA ALA Y 7 -129.03 15.18 79.51
C ALA Y 7 -128.80 16.35 78.59
N LEU Y 8 -129.23 16.25 77.32
CA LEU Y 8 -129.08 17.30 76.35
C LEU Y 8 -130.43 17.82 75.94
N VAL Y 9 -130.51 19.12 75.66
CA VAL Y 9 -131.73 19.78 75.32
C VAL Y 9 -131.47 20.64 74.12
N CYS Y 10 -132.33 20.53 73.09
CA CYS Y 10 -132.29 21.39 71.92
C CYS Y 10 -133.68 21.92 71.61
N ASP Y 11 -133.80 23.26 71.49
CA ASP Y 11 -134.94 23.94 70.91
C ASP Y 11 -134.57 24.26 69.46
N ASN Y 12 -135.37 23.69 68.53
CA ASN Y 12 -135.46 24.07 67.13
C ASN Y 12 -136.89 24.36 66.76
N GLY Y 13 -137.45 25.50 67.24
CA GLY Y 13 -138.23 26.34 66.32
C GLY Y 13 -137.37 26.87 65.17
N SER Y 14 -137.94 27.40 64.06
CA SER Y 14 -137.15 28.07 63.03
C SER Y 14 -136.27 29.21 63.52
N GLY Y 15 -135.13 29.46 62.85
CA GLY Y 15 -134.36 30.66 63.09
C GLY Y 15 -133.19 30.47 64.01
N LEU Y 16 -133.35 29.82 65.17
CA LEU Y 16 -132.29 29.64 66.16
C LEU Y 16 -132.31 28.25 66.71
N VAL Y 17 -131.12 27.62 66.81
CA VAL Y 17 -130.90 26.45 67.62
C VAL Y 17 -130.55 26.99 68.98
N LYS Y 18 -131.28 26.58 70.03
CA LYS Y 18 -130.86 26.81 71.38
C LYS Y 18 -130.54 25.47 71.99
N ALA Y 19 -129.29 25.25 72.40
CA ALA Y 19 -128.85 23.96 72.86
C ALA Y 19 -127.87 24.04 74.01
N GLY Y 20 -127.87 23.00 74.86
CA GLY Y 20 -126.99 22.97 75.99
C GLY Y 20 -127.29 21.75 76.79
N PHE Y 21 -126.71 21.68 78.00
CA PHE Y 21 -126.97 20.64 78.95
C PHE Y 21 -128.26 20.93 79.70
N ALA Y 22 -129.08 19.89 79.90
CA ALA Y 22 -130.11 19.85 80.92
C ALA Y 22 -129.49 19.95 82.30
N GLY Y 23 -130.13 20.69 83.21
CA GLY Y 23 -129.58 20.92 84.55
C GLY Y 23 -128.84 22.20 84.72
N ASP Y 24 -128.85 23.06 83.70
CA ASP Y 24 -128.27 24.40 83.73
C ASP Y 24 -129.38 25.41 83.43
N ASP Y 25 -129.25 26.66 83.91
CA ASP Y 25 -130.20 27.75 83.78
C ASP Y 25 -130.14 28.39 82.40
N ALA Y 26 -129.00 28.31 81.69
CA ALA Y 26 -128.90 28.86 80.35
C ALA Y 26 -128.23 27.91 79.36
N PRO Y 27 -128.60 27.93 78.07
CA PRO Y 27 -127.97 27.10 77.05
C PRO Y 27 -126.55 27.58 76.80
N ARG Y 28 -125.61 26.64 76.53
CA ARG Y 28 -124.27 26.99 76.14
C ARG Y 28 -124.20 27.60 74.75
N ALA Y 29 -124.96 27.04 73.78
CA ALA Y 29 -124.87 27.41 72.41
C ALA Y 29 -126.20 27.87 71.90
N VAL Y 30 -126.22 29.08 71.34
CA VAL Y 30 -127.36 29.60 70.65
C VAL Y 30 -126.84 30.17 69.35
N PHE Y 31 -127.37 29.73 68.20
CA PHE Y 31 -126.87 30.21 66.94
C PHE Y 31 -127.98 30.15 65.91
N PRO Y 32 -127.91 30.88 64.80
CA PRO Y 32 -128.93 30.82 63.75
C PRO Y 32 -128.97 29.53 62.99
N SER Y 33 -130.16 28.97 62.80
CA SER Y 33 -130.40 27.74 62.07
C SER Y 33 -130.36 27.94 60.58
N ILE Y 34 -129.17 28.13 60.00
CA ILE Y 34 -129.02 28.46 58.61
C ILE Y 34 -127.96 27.62 58.02
N VAL Y 35 -128.19 27.21 56.77
CA VAL Y 35 -127.26 26.47 55.96
C VAL Y 35 -127.02 27.39 54.82
N GLY Y 36 -125.80 27.93 54.71
CA GLY Y 36 -125.45 28.85 53.67
C GLY Y 36 -124.46 28.28 52.71
N ARG Y 37 -124.82 28.29 51.42
CA ARG Y 37 -124.07 27.60 50.40
C ARG Y 37 -123.32 28.59 49.54
N PRO Y 38 -122.03 28.44 49.22
CA PRO Y 38 -121.36 29.21 48.17
C PRO Y 38 -122.06 29.17 46.83
N ARG Y 39 -122.86 30.20 46.51
CA ARG Y 39 -123.53 30.40 45.25
C ARG Y 39 -122.54 30.79 44.15
N HIS Y 40 -121.54 31.65 44.47
CA HIS Y 40 -120.54 32.11 43.51
C HIS Y 40 -119.42 31.11 43.48
N GLN Y 41 -119.04 30.62 42.27
CA GLN Y 41 -117.88 29.77 42.14
C GLN Y 41 -116.59 30.49 42.52
N GLY Y 42 -115.81 29.88 43.42
CA GLY Y 42 -114.59 30.49 43.92
C GLY Y 42 -113.42 30.22 43.02
N VAL Y 43 -112.52 31.21 42.84
CA VAL Y 43 -111.34 31.05 42.00
C VAL Y 43 -110.14 31.51 42.78
N MET Y 44 -109.49 30.56 43.46
CA MET Y 44 -108.21 30.69 44.12
C MET Y 44 -107.77 29.24 44.17
N VAL Y 45 -106.71 28.92 44.92
CA VAL Y 45 -106.32 27.56 45.24
C VAL Y 45 -106.11 27.57 46.74
N GLY Y 46 -106.44 26.50 47.47
CA GLY Y 46 -106.30 26.47 48.93
C GLY Y 46 -107.38 27.19 49.67
N MET Y 47 -108.58 27.26 49.07
CA MET Y 47 -109.79 27.63 49.75
C MET Y 47 -110.45 26.35 50.19
N GLY Y 48 -111.05 26.39 51.40
CA GLY Y 48 -112.08 25.47 51.86
C GLY Y 48 -111.92 23.99 51.54
N GLN Y 49 -112.62 23.43 50.52
CA GLN Y 49 -113.66 24.05 49.73
C GLN Y 49 -114.87 24.36 50.57
N LYS Y 50 -115.29 23.35 51.38
CA LYS Y 50 -116.45 23.40 52.26
C LYS Y 50 -117.75 23.63 51.50
N ASP Y 51 -118.53 22.57 51.20
CA ASP Y 51 -119.77 22.59 50.44
C ASP Y 51 -120.79 23.59 50.97
N SER Y 52 -120.80 23.79 52.29
CA SER Y 52 -121.76 24.66 52.92
C SER Y 52 -121.25 25.01 54.30
N TYR Y 53 -121.74 26.13 54.85
CA TYR Y 53 -121.44 26.65 56.16
C TYR Y 53 -122.70 26.65 56.98
N VAL Y 54 -122.58 26.39 58.29
CA VAL Y 54 -123.69 26.20 59.18
C VAL Y 54 -123.49 27.08 60.38
N GLY Y 55 -124.58 27.62 60.96
CA GLY Y 55 -124.50 28.38 62.19
C GLY Y 55 -124.07 29.82 61.98
N ASP Y 56 -123.51 30.49 62.99
CA ASP Y 56 -123.02 31.85 62.91
C ASP Y 56 -121.75 32.03 62.05
N GLU Y 57 -121.08 30.93 61.63
CA GLU Y 57 -120.13 30.91 60.53
C GLU Y 57 -120.69 31.49 59.22
N ALA Y 58 -121.95 31.12 58.88
CA ALA Y 58 -122.73 31.63 57.77
C ALA Y 58 -123.08 33.11 57.92
N GLN Y 59 -123.36 33.58 59.16
CA GLN Y 59 -123.55 34.99 59.47
C GLN Y 59 -122.31 35.83 59.20
N SER Y 60 -121.12 35.32 59.58
CA SER Y 60 -119.83 35.96 59.33
C SER Y 60 -119.50 36.04 57.84
N LYS Y 61 -119.68 34.93 57.10
CA LYS Y 61 -119.44 34.88 55.67
C LYS Y 61 -120.74 34.96 54.93
N ARG Y 62 -121.47 36.08 55.03
CA ARG Y 62 -122.82 36.15 54.53
C ARG Y 62 -122.97 36.42 53.04
N GLY Y 63 -122.11 37.32 52.51
CA GLY Y 63 -122.28 37.92 51.18
C GLY Y 63 -122.10 36.99 50.01
N ILE Y 64 -121.22 35.99 50.18
CA ILE Y 64 -120.97 34.92 49.22
C ILE Y 64 -122.14 33.96 49.14
N LEU Y 65 -122.69 33.62 50.31
CA LEU Y 65 -123.61 32.55 50.54
C LEU Y 65 -125.00 32.93 50.11
N THR Y 66 -125.74 31.94 49.63
CA THR Y 66 -127.19 32.00 49.70
C THR Y 66 -127.52 31.24 50.95
N LEU Y 67 -128.44 31.75 51.79
CA LEU Y 67 -128.81 31.15 53.05
C LEU Y 67 -130.14 30.51 52.90
N LYS Y 68 -130.26 29.29 53.42
CA LYS Y 68 -131.49 28.57 53.40
C LYS Y 68 -131.82 28.24 54.84
N TYR Y 69 -132.96 28.76 55.35
CA TYR Y 69 -133.57 28.28 56.57
C TYR Y 69 -134.12 26.88 56.30
N PRO Y 70 -133.80 25.83 57.06
CA PRO Y 70 -134.25 24.48 56.74
C PRO Y 70 -135.59 24.23 57.37
N ILE Y 71 -136.02 25.07 58.34
CA ILE Y 71 -137.29 24.94 59.00
C ILE Y 71 -138.14 26.12 58.59
N GLU Y 72 -139.33 25.87 58.03
CA GLU Y 72 -140.30 26.90 57.76
C GLU Y 72 -141.62 26.51 58.37
N HIS Y 73 -142.20 27.43 59.16
CA HIS Y 73 -143.49 27.28 59.82
C HIS Y 73 -143.57 26.13 60.81
N GLY Y 74 -142.42 25.83 61.47
CA GLY Y 74 -142.24 24.66 62.34
C GLY Y 74 -142.00 23.38 61.57
N ILE Y 75 -141.99 23.43 60.22
CA ILE Y 75 -141.85 22.27 59.35
C ILE Y 75 -140.43 22.23 58.85
N ILE Y 76 -139.73 21.08 58.98
CA ILE Y 76 -138.46 20.96 58.31
C ILE Y 76 -138.68 20.74 56.83
N THR Y 77 -138.23 21.70 56.00
CA THR Y 77 -138.27 21.64 54.54
C THR Y 77 -137.24 20.68 54.01
N ASN Y 78 -136.01 20.76 54.57
CA ASN Y 78 -134.89 19.97 54.12
C ASN Y 78 -134.20 19.27 55.29
N TRP Y 79 -134.18 17.91 55.25
CA TRP Y 79 -133.72 17.06 56.32
C TRP Y 79 -132.23 16.96 56.51
N ASP Y 80 -131.46 16.92 55.38
CA ASP Y 80 -130.01 16.89 55.39
C ASP Y 80 -129.46 18.16 56.02
N ASP Y 81 -130.01 19.33 55.65
CA ASP Y 81 -129.73 20.61 56.24
C ASP Y 81 -130.00 20.66 57.76
N MET Y 82 -131.12 20.08 58.27
CA MET Y 82 -131.35 19.90 59.71
C MET Y 82 -130.35 18.99 60.41
N GLU Y 83 -130.01 17.85 59.79
CA GLU Y 83 -128.99 16.96 60.28
C GLU Y 83 -127.64 17.64 60.40
N LYS Y 84 -127.23 18.44 59.39
CA LYS Y 84 -126.05 19.27 59.41
C LYS Y 84 -126.03 20.29 60.55
N ILE Y 85 -127.18 20.93 60.82
CA ILE Y 85 -127.33 21.83 61.96
C ILE Y 85 -127.14 21.12 63.29
N TRP Y 86 -127.78 19.97 63.51
CA TRP Y 86 -127.54 19.16 64.68
C TRP Y 86 -126.13 18.61 64.76
N HIS Y 87 -125.51 18.22 63.63
CA HIS Y 87 -124.12 17.83 63.61
C HIS Y 87 -123.18 18.93 64.12
N HIS Y 88 -123.42 20.17 63.66
CA HIS Y 88 -122.79 21.39 64.13
C HIS Y 88 -123.02 21.60 65.65
N THR Y 89 -124.26 21.47 66.21
CA THR Y 89 -124.50 21.65 67.67
C THR Y 89 -123.66 20.75 68.55
N PHE Y 90 -123.65 19.44 68.20
CA PHE Y 90 -123.04 18.43 69.02
C PHE Y 90 -121.53 18.45 68.92
N TYR Y 91 -120.98 18.50 67.69
CA TYR Y 91 -119.55 18.41 67.51
C TYR Y 91 -118.86 19.76 67.56
N ASN Y 92 -119.40 20.81 66.90
CA ASN Y 92 -118.74 22.11 66.85
C ASN Y 92 -118.83 22.87 68.19
N GLU Y 93 -120.02 22.93 68.83
CA GLU Y 93 -120.19 23.66 70.08
C GLU Y 93 -120.04 22.80 71.31
N LEU Y 94 -120.93 21.82 71.50
CA LEU Y 94 -121.03 21.18 72.80
C LEU Y 94 -119.96 20.15 73.08
N ARG Y 95 -119.41 19.56 72.00
CA ARG Y 95 -118.34 18.59 71.99
C ARG Y 95 -118.68 17.33 72.74
N VAL Y 96 -119.85 16.78 72.45
CA VAL Y 96 -120.43 15.65 73.15
C VAL Y 96 -120.53 14.54 72.15
N ALA Y 97 -120.48 13.28 72.62
CA ALA Y 97 -120.94 12.15 71.86
C ALA Y 97 -122.41 11.97 72.22
N PRO Y 98 -123.40 12.07 71.35
CA PRO Y 98 -124.81 11.83 71.70
C PRO Y 98 -125.07 10.44 72.27
N GLU Y 99 -124.23 9.41 72.02
CA GLU Y 99 -124.28 8.10 72.66
C GLU Y 99 -124.21 8.16 74.18
N GLU Y 100 -123.60 9.23 74.72
CA GLU Y 100 -123.39 9.40 76.13
C GLU Y 100 -124.47 10.24 76.77
N HIS Y 101 -125.49 10.73 76.02
CA HIS Y 101 -126.48 11.62 76.62
C HIS Y 101 -127.89 11.35 76.13
N PRO Y 102 -128.95 11.26 76.91
CA PRO Y 102 -130.31 11.40 76.39
C PRO Y 102 -130.62 12.81 75.85
N THR Y 103 -131.33 12.95 74.71
CA THR Y 103 -131.54 14.25 74.04
C THR Y 103 -133.00 14.63 73.98
N LEU Y 104 -133.36 15.78 74.53
CA LEU Y 104 -134.67 16.37 74.42
C LEU Y 104 -134.74 17.28 73.21
N LEU Y 105 -135.76 17.14 72.37
CA LEU Y 105 -136.07 18.07 71.33
C LEU Y 105 -137.38 18.73 71.64
N THR Y 106 -137.45 20.03 71.37
CA THR Y 106 -138.72 20.72 71.33
C THR Y 106 -139.35 20.58 69.97
N GLU Y 107 -140.66 20.80 69.86
CA GLU Y 107 -141.37 20.79 68.61
C GLU Y 107 -142.67 21.56 68.80
N ALA Y 108 -143.23 22.10 67.70
CA ALA Y 108 -144.36 23.00 67.77
C ALA Y 108 -145.74 22.31 67.77
N PRO Y 109 -146.80 22.79 68.43
CA PRO Y 109 -148.14 22.24 68.28
C PRO Y 109 -148.75 22.14 66.91
N LEU Y 110 -149.67 21.16 66.75
CA LEU Y 110 -150.50 20.93 65.57
C LEU Y 110 -149.62 20.71 64.37
N ASN Y 111 -148.45 20.14 64.59
CA ASN Y 111 -147.42 20.01 63.63
C ASN Y 111 -147.60 18.66 62.97
N PRO Y 112 -147.48 18.52 61.63
CA PRO Y 112 -147.38 17.26 60.94
C PRO Y 112 -146.67 16.14 61.67
N LYS Y 113 -147.26 14.94 61.66
CA LYS Y 113 -146.76 13.75 62.30
C LYS Y 113 -145.39 13.34 61.82
N ALA Y 114 -145.16 13.54 60.51
CA ALA Y 114 -143.96 13.26 59.78
C ALA Y 114 -142.74 13.97 60.34
N ASN Y 115 -142.88 15.23 60.82
CA ASN Y 115 -141.78 15.90 61.50
C ASN Y 115 -141.38 15.20 62.77
N ARG Y 116 -142.31 14.86 63.69
CA ARG Y 116 -141.99 14.15 64.91
C ARG Y 116 -141.38 12.76 64.67
N GLU Y 117 -142.00 11.96 63.77
CA GLU Y 117 -141.56 10.63 63.38
C GLU Y 117 -140.26 10.58 62.62
N LYS Y 118 -140.02 11.51 61.67
CA LYS Y 118 -138.74 11.62 61.02
C LYS Y 118 -137.64 12.20 61.91
N MET Y 119 -137.97 13.13 62.83
CA MET Y 119 -137.07 13.68 63.82
C MET Y 119 -136.48 12.63 64.76
N THR Y 120 -137.36 11.70 65.25
CA THR Y 120 -136.95 10.51 66.01
C THR Y 120 -136.15 9.53 65.21
N GLN Y 121 -136.52 9.27 63.95
CA GLN Y 121 -135.79 8.40 63.05
C GLN Y 121 -134.35 8.85 62.84
N ILE Y 122 -134.14 10.17 62.63
CA ILE Y 122 -132.79 10.75 62.60
C ILE Y 122 -132.08 10.67 63.93
N MET Y 123 -132.75 10.99 65.06
CA MET Y 123 -132.06 10.91 66.33
C MET Y 123 -131.57 9.52 66.65
N PHE Y 124 -132.32 8.46 66.40
CA PHE Y 124 -131.78 7.14 66.59
C PHE Y 124 -130.80 6.63 65.53
N GLU Y 125 -131.05 6.90 64.23
CA GLU Y 125 -130.31 6.27 63.13
C GLU Y 125 -129.32 7.19 62.45
N THR Y 126 -129.02 8.34 63.06
CA THR Y 126 -127.96 9.25 62.59
C THR Y 126 -126.99 9.44 63.73
N PHE Y 127 -127.38 10.12 64.82
CA PHE Y 127 -126.51 10.26 65.97
C PHE Y 127 -126.90 9.20 66.95
N ASN Y 128 -126.18 8.05 67.05
CA ASN Y 128 -126.65 6.97 67.91
C ASN Y 128 -126.84 7.48 69.36
N VAL Y 129 -128.01 7.28 70.00
CA VAL Y 129 -128.34 8.00 71.22
C VAL Y 129 -129.08 7.01 72.12
N PRO Y 130 -128.93 6.96 73.45
CA PRO Y 130 -129.62 5.99 74.31
C PRO Y 130 -131.10 6.24 74.38
N ALA Y 131 -131.50 7.53 74.33
CA ALA Y 131 -132.87 7.87 74.51
C ALA Y 131 -133.15 9.27 74.07
N MET Y 132 -134.42 9.60 73.85
CA MET Y 132 -134.80 10.92 73.43
C MET Y 132 -136.22 11.22 73.80
N TYR Y 133 -136.64 12.47 73.62
CA TYR Y 133 -138.01 12.84 73.80
C TYR Y 133 -138.25 13.99 72.85
N VAL Y 134 -139.49 14.15 72.37
CA VAL Y 134 -139.95 15.30 71.62
C VAL Y 134 -141.05 15.87 72.46
N ALA Y 135 -141.02 17.18 72.70
CA ALA Y 135 -141.93 17.83 73.60
C ALA Y 135 -142.49 19.08 73.00
N ILE Y 136 -143.69 19.48 73.47
CA ILE Y 136 -144.36 20.63 72.94
C ILE Y 136 -143.76 21.94 73.44
N GLN Y 137 -143.49 22.94 72.58
CA GLN Y 137 -142.82 24.19 72.96
C GLN Y 137 -143.46 24.98 74.10
N ALA Y 138 -144.80 25.13 74.06
CA ALA Y 138 -145.55 25.95 75.00
C ALA Y 138 -145.55 25.47 76.45
N VAL Y 139 -145.68 24.14 76.66
CA VAL Y 139 -145.60 23.53 77.97
C VAL Y 139 -144.23 23.74 78.61
N LEU Y 140 -143.13 23.64 77.85
CA LEU Y 140 -141.80 23.92 78.34
C LEU Y 140 -141.63 25.36 78.84
N SER Y 141 -142.14 26.36 78.10
CA SER Y 141 -142.11 27.74 78.57
C SER Y 141 -142.89 27.97 79.86
N LEU Y 142 -144.04 27.29 80.00
CA LEU Y 142 -144.84 27.30 81.21
C LEU Y 142 -144.08 26.78 82.44
N TYR Y 143 -143.36 25.63 82.28
CA TYR Y 143 -142.45 25.09 83.29
C TYR Y 143 -141.37 26.07 83.69
N ALA Y 144 -140.74 26.74 82.68
CA ALA Y 144 -139.70 27.73 82.88
C ALA Y 144 -140.18 28.94 83.66
N SER Y 145 -141.44 29.36 83.44
CA SER Y 145 -142.08 30.43 84.19
C SER Y 145 -142.50 30.01 85.59
N GLY Y 146 -142.49 28.69 85.92
CA GLY Y 146 -142.71 28.18 87.26
C GLY Y 146 -144.15 28.17 87.68
N ARG Y 147 -145.07 28.16 86.71
CA ARG Y 147 -146.49 28.28 86.95
C ARG Y 147 -147.15 26.99 86.51
N THR Y 148 -148.26 26.59 87.15
CA THR Y 148 -148.90 25.33 86.82
C THR Y 148 -150.03 25.52 85.82
N THR Y 149 -150.41 26.78 85.59
CA THR Y 149 -151.60 27.20 84.88
C THR Y 149 -151.26 28.45 84.12
N GLY Y 150 -151.79 28.54 82.90
CA GLY Y 150 -151.67 29.70 82.07
C GLY Y 150 -152.03 29.39 80.68
N ILE Y 151 -152.17 30.43 79.87
CA ILE Y 151 -152.32 30.26 78.45
C ILE Y 151 -151.05 30.74 77.87
N VAL Y 152 -150.33 29.84 77.19
CA VAL Y 152 -149.03 30.17 76.69
C VAL Y 152 -149.15 30.61 75.25
N LEU Y 153 -148.80 31.88 75.00
CA LEU Y 153 -148.67 32.45 73.69
C LEU Y 153 -147.23 32.25 73.28
N ASP Y 154 -146.99 31.33 72.35
CA ASP Y 154 -145.69 30.94 71.87
C ASP Y 154 -145.65 31.55 70.49
N SER Y 155 -144.68 32.45 70.26
CA SER Y 155 -144.41 32.86 68.92
C SER Y 155 -142.91 32.93 68.69
N GLY Y 156 -142.41 32.02 67.83
CA GLY Y 156 -141.01 32.03 67.41
C GLY Y 156 -140.82 32.70 66.08
N ASP Y 157 -139.72 32.36 65.39
CA ASP Y 157 -139.50 32.72 64.00
C ASP Y 157 -140.19 31.72 63.07
N GLY Y 158 -140.58 30.54 63.61
CA GLY Y 158 -141.27 29.50 62.87
C GLY Y 158 -142.73 29.80 62.68
N VAL Y 159 -143.58 29.56 63.69
CA VAL Y 159 -144.99 29.90 63.61
C VAL Y 159 -145.35 30.32 65.03
N THR Y 160 -146.52 30.98 65.19
CA THR Y 160 -147.23 31.30 66.42
C THR Y 160 -148.18 30.19 66.82
N HIS Y 161 -148.18 29.83 68.11
CA HIS Y 161 -148.95 28.78 68.71
C HIS Y 161 -149.53 29.29 70.03
N ASN Y 162 -150.59 28.65 70.52
CA ASN Y 162 -151.26 29.08 71.70
C ASN Y 162 -151.76 27.81 72.34
N VAL Y 163 -151.36 27.51 73.59
CA VAL Y 163 -151.77 26.31 74.29
C VAL Y 163 -152.30 26.76 75.66
N PRO Y 164 -153.60 26.66 75.97
CA PRO Y 164 -154.10 26.81 77.32
C PRO Y 164 -153.85 25.56 78.13
N ILE Y 165 -153.45 25.76 79.39
CA ILE Y 165 -153.16 24.71 80.31
C ILE Y 165 -153.89 25.08 81.59
N TYR Y 166 -154.40 24.10 82.35
CA TYR Y 166 -155.00 24.32 83.65
C TYR Y 166 -154.56 23.21 84.59
N GLU Y 167 -153.76 23.56 85.62
CA GLU Y 167 -153.34 22.68 86.70
C GLU Y 167 -152.54 21.48 86.20
N GLY Y 168 -151.52 21.76 85.36
CA GLY Y 168 -151.12 20.77 84.37
C GLY Y 168 -152.22 20.62 83.35
N TYR Y 169 -152.69 19.37 83.09
CA TYR Y 169 -153.62 19.02 82.01
C TYR Y 169 -153.24 19.69 80.68
N ALA Y 170 -154.23 20.06 79.84
CA ALA Y 170 -154.02 20.59 78.50
C ALA Y 170 -155.33 20.41 77.79
N LEU Y 171 -155.66 21.31 76.84
CA LEU Y 171 -156.93 21.22 76.13
C LEU Y 171 -156.69 21.11 74.62
N PRO Y 172 -156.77 19.94 73.99
CA PRO Y 172 -156.42 19.75 72.59
C PRO Y 172 -157.24 20.56 71.60
N HIS Y 173 -158.56 20.70 71.83
CA HIS Y 173 -159.49 21.46 71.03
C HIS Y 173 -159.26 22.96 71.11
N ALA Y 174 -158.79 23.43 72.28
CA ALA Y 174 -158.54 24.82 72.55
C ALA Y 174 -157.14 25.27 72.13
N ILE Y 175 -156.20 24.35 71.79
CA ILE Y 175 -154.94 24.70 71.17
C ILE Y 175 -155.15 25.36 69.82
N MET Y 176 -154.53 26.53 69.61
CA MET Y 176 -154.61 27.28 68.38
C MET Y 176 -153.22 27.49 67.83
N ARG Y 177 -153.10 27.42 66.50
CA ARG Y 177 -151.90 27.68 65.77
C ARG Y 177 -152.24 28.70 64.73
N LEU Y 178 -151.44 29.77 64.67
CA LEU Y 178 -151.66 30.91 63.83
C LEU Y 178 -150.44 31.12 62.97
N ASP Y 179 -150.58 31.13 61.63
CA ASP Y 179 -149.48 31.29 60.72
C ASP Y 179 -149.11 32.77 60.62
N LEU Y 180 -148.34 33.23 61.62
CA LEU Y 180 -147.61 34.47 61.66
C LEU Y 180 -146.34 34.13 62.35
N ALA Y 181 -145.28 34.91 62.10
CA ALA Y 181 -144.03 34.66 62.73
C ALA Y 181 -143.15 35.88 62.70
N GLY Y 182 -141.99 35.80 63.38
CA GLY Y 182 -140.86 36.66 63.11
C GLY Y 182 -140.48 36.75 61.65
N ARG Y 183 -140.38 35.62 60.93
CA ARG Y 183 -140.01 35.60 59.54
C ARG Y 183 -140.98 36.34 58.60
N ASP Y 184 -142.30 36.18 58.80
CA ASP Y 184 -143.33 36.90 58.07
C ASP Y 184 -143.32 38.42 58.34
N LEU Y 185 -143.02 38.82 59.59
CA LEU Y 185 -142.72 40.22 59.93
C LEU Y 185 -141.49 40.76 59.24
N THR Y 186 -140.43 39.96 59.10
CA THR Y 186 -139.26 40.32 58.29
C THR Y 186 -139.58 40.54 56.82
N ASP Y 187 -140.35 39.64 56.18
CA ASP Y 187 -140.82 39.76 54.79
C ASP Y 187 -141.73 40.99 54.61
N TYR Y 188 -142.65 41.27 55.55
CA TYR Y 188 -143.41 42.51 55.60
C TYR Y 188 -142.52 43.75 55.74
N LEU Y 189 -141.50 43.68 56.62
CA LEU Y 189 -140.60 44.79 56.88
C LEU Y 189 -139.76 45.18 55.71
N MET Y 190 -139.12 44.25 55.00
CA MET Y 190 -138.37 44.58 53.81
C MET Y 190 -139.25 45.10 52.69
N LYS Y 191 -140.54 44.63 52.61
CA LYS Y 191 -141.56 45.26 51.77
C LYS Y 191 -141.95 46.68 52.15
N ILE Y 192 -142.04 47.02 53.46
CA ILE Y 192 -142.38 48.38 53.86
C ILE Y 192 -141.18 49.32 53.86
N LEU Y 193 -139.92 48.83 53.80
CA LEU Y 193 -138.77 49.70 53.58
C LEU Y 193 -138.68 50.25 52.16
N THR Y 194 -139.24 49.54 51.17
CA THR Y 194 -139.13 49.89 49.74
C THR Y 194 -139.78 51.19 49.37
N GLU Y 195 -140.87 51.60 50.08
CA GLU Y 195 -141.55 52.88 49.88
C GLU Y 195 -140.67 54.04 50.32
N ARG Y 196 -139.64 53.77 51.16
CA ARG Y 196 -138.69 54.77 51.59
C ARG Y 196 -137.47 54.87 50.65
N GLY Y 197 -137.33 53.91 49.71
CA GLY Y 197 -136.26 53.84 48.71
C GLY Y 197 -135.20 52.81 49.02
N TYR Y 198 -135.22 52.21 50.22
CA TYR Y 198 -134.24 51.20 50.57
C TYR Y 198 -134.71 49.83 50.13
N SER Y 199 -133.94 49.15 49.28
CA SER Y 199 -134.40 47.93 48.63
C SER Y 199 -133.46 46.83 49.00
N PHE Y 200 -133.98 45.84 49.72
CA PHE Y 200 -133.21 44.72 50.21
C PHE Y 200 -133.80 43.52 49.55
N VAL Y 201 -133.07 42.89 48.62
CA VAL Y 201 -133.65 42.00 47.64
C VAL Y 201 -133.18 40.58 47.86
N THR Y 202 -132.17 40.35 48.72
CA THR Y 202 -131.44 39.08 48.76
C THR Y 202 -131.38 38.59 50.19
N THR Y 203 -131.12 37.28 50.40
CA THR Y 203 -131.10 36.62 51.70
C THR Y 203 -130.15 37.19 52.74
N ALA Y 204 -128.94 37.60 52.30
CA ALA Y 204 -127.93 38.22 53.12
C ALA Y 204 -128.40 39.51 53.83
N GLU Y 205 -129.02 40.48 53.12
CA GLU Y 205 -129.54 41.67 53.76
C GLU Y 205 -130.96 41.51 54.30
N ARG Y 206 -131.65 40.40 53.99
CA ARG Y 206 -132.85 39.97 54.68
C ARG Y 206 -132.58 39.66 56.15
N GLU Y 207 -131.40 39.13 56.47
CA GLU Y 207 -130.93 39.02 57.83
C GLU Y 207 -130.44 40.33 58.45
N ILE Y 208 -130.01 41.30 57.61
CA ILE Y 208 -129.82 42.69 58.08
C ILE Y 208 -131.13 43.37 58.52
N VAL Y 209 -132.27 43.22 57.81
CA VAL Y 209 -133.56 43.72 58.31
C VAL Y 209 -134.09 42.91 59.47
N ARG Y 210 -133.72 41.62 59.58
CA ARG Y 210 -133.98 40.87 60.79
C ARG Y 210 -133.31 41.49 62.02
N ASP Y 211 -131.99 41.86 61.94
CA ASP Y 211 -131.23 42.57 62.97
C ASP Y 211 -131.83 43.96 63.30
N ILE Y 212 -132.30 44.71 62.27
CA ILE Y 212 -132.99 45.99 62.48
C ILE Y 212 -134.21 45.83 63.34
N LYS Y 213 -135.05 44.85 62.97
CA LYS Y 213 -136.30 44.55 63.61
C LYS Y 213 -136.15 44.00 65.03
N GLU Y 214 -135.07 43.24 65.30
CA GLU Y 214 -134.63 42.77 66.61
C GLU Y 214 -134.29 43.88 67.61
N LYS Y 215 -133.98 45.12 67.15
CA LYS Y 215 -133.83 46.24 68.08
C LYS Y 215 -134.68 47.45 67.79
N LEU Y 216 -134.76 47.97 66.54
CA LEU Y 216 -135.42 49.23 66.30
C LEU Y 216 -136.92 49.14 66.48
N CYS Y 217 -137.56 48.08 65.95
CA CYS Y 217 -139.00 47.91 65.99
C CYS Y 217 -139.61 47.89 67.39
N TYR Y 218 -140.81 48.48 67.55
CA TYR Y 218 -141.52 48.39 68.80
C TYR Y 218 -142.99 48.33 68.48
N VAL Y 219 -143.84 48.00 69.46
CA VAL Y 219 -145.28 47.97 69.28
C VAL Y 219 -145.93 49.19 69.89
N ALA Y 220 -146.77 49.90 69.11
CA ALA Y 220 -147.57 51.00 69.57
C ALA Y 220 -148.61 50.67 70.64
N LEU Y 221 -148.71 51.51 71.69
CA LEU Y 221 -149.73 51.39 72.72
C LEU Y 221 -151.03 51.95 72.24
N ASP Y 222 -151.00 52.75 71.16
CA ASP Y 222 -152.11 52.83 70.26
C ASP Y 222 -151.51 53.10 68.90
N PHE Y 223 -151.89 52.33 67.85
CA PHE Y 223 -151.33 52.39 66.52
C PHE Y 223 -151.64 53.72 65.84
N GLU Y 224 -152.92 54.13 65.81
CA GLU Y 224 -153.37 55.34 65.16
C GLU Y 224 -152.79 56.58 65.76
N ASN Y 225 -152.71 56.64 67.11
CA ASN Y 225 -152.10 57.74 67.82
C ASN Y 225 -150.62 57.91 67.49
N GLU Y 226 -149.84 56.80 67.46
CA GLU Y 226 -148.46 56.85 67.06
C GLU Y 226 -148.23 57.14 65.59
N MET Y 227 -149.10 56.63 64.70
CA MET Y 227 -149.13 57.02 63.30
C MET Y 227 -149.52 58.46 63.01
N ALA Y 228 -150.44 59.05 63.81
CA ALA Y 228 -150.71 60.47 63.79
C ALA Y 228 -149.52 61.35 64.21
N THR Y 229 -148.80 60.98 65.29
CA THR Y 229 -147.63 61.75 65.77
C THR Y 229 -146.40 61.52 64.87
N ALA Y 230 -146.42 60.52 63.96
CA ALA Y 230 -145.46 60.42 62.86
C ALA Y 230 -145.48 61.57 61.84
N ALA Y 231 -146.51 62.46 61.87
CA ALA Y 231 -146.47 63.71 61.12
C ALA Y 231 -145.35 64.66 61.55
N SER Y 232 -145.12 64.81 62.87
CA SER Y 232 -144.02 65.57 63.42
C SER Y 232 -142.89 64.64 63.79
N SER Y 233 -142.07 64.25 62.79
CA SER Y 233 -141.01 63.28 63.03
C SER Y 233 -139.88 63.81 63.87
N SER Y 234 -139.67 63.19 65.05
CA SER Y 234 -138.60 63.54 65.96
C SER Y 234 -138.02 62.26 66.56
N SER Y 235 -138.73 61.63 67.52
CA SER Y 235 -138.22 60.44 68.19
C SER Y 235 -138.50 59.13 67.47
N LEU Y 236 -139.43 59.16 66.50
CA LEU Y 236 -139.89 57.98 65.80
C LEU Y 236 -138.94 57.58 64.70
N GLU Y 237 -138.14 58.52 64.20
CA GLU Y 237 -137.04 58.23 63.31
C GLU Y 237 -135.88 57.71 64.12
N LYS Y 238 -135.18 56.70 63.60
CA LYS Y 238 -133.91 56.29 64.12
C LYS Y 238 -133.02 56.02 62.96
N SER Y 239 -131.81 56.58 63.04
CA SER Y 239 -130.66 56.24 62.24
C SER Y 239 -130.20 54.82 62.57
N TYR Y 240 -129.97 54.00 61.54
CA TYR Y 240 -129.41 52.68 61.61
C TYR Y 240 -128.24 52.62 60.66
N GLU Y 241 -127.14 51.99 61.09
CA GLU Y 241 -125.92 51.80 60.34
C GLU Y 241 -125.94 50.42 59.69
N LEU Y 242 -125.80 50.32 58.37
CA LEU Y 242 -125.61 49.04 57.69
C LEU Y 242 -124.17 48.58 57.76
N PRO Y 243 -123.83 47.31 57.63
CA PRO Y 243 -122.43 46.87 57.51
C PRO Y 243 -121.71 47.41 56.28
N ASP Y 244 -122.43 47.85 55.23
CA ASP Y 244 -121.92 48.56 54.07
C ASP Y 244 -121.33 49.94 54.47
N GLY Y 245 -121.90 50.60 55.51
CA GLY Y 245 -121.57 51.98 55.89
C GLY Y 245 -122.62 52.94 55.41
N GLN Y 246 -123.63 52.41 54.72
CA GLN Y 246 -124.87 53.11 54.43
C GLN Y 246 -125.75 53.32 55.66
N VAL Y 247 -126.42 54.48 55.73
CA VAL Y 247 -127.24 54.85 56.86
C VAL Y 247 -128.67 54.79 56.40
N ILE Y 248 -129.54 54.24 57.25
CA ILE Y 248 -130.96 54.04 57.04
C ILE Y 248 -131.66 54.84 58.11
N THR Y 249 -132.75 55.52 57.75
CA THR Y 249 -133.50 56.38 58.67
C THR Y 249 -134.93 55.97 58.60
N ILE Y 250 -135.49 55.33 59.66
CA ILE Y 250 -136.80 54.69 59.63
C ILE Y 250 -137.76 55.32 60.63
N GLY Y 251 -138.91 55.85 60.14
CA GLY Y 251 -139.88 56.60 60.96
C GLY Y 251 -141.03 55.74 61.42
N ASN Y 252 -142.24 55.99 60.88
CA ASN Y 252 -143.46 55.29 61.25
C ASN Y 252 -143.51 53.82 60.84
N GLU Y 253 -142.75 53.51 59.79
CA GLU Y 253 -142.42 52.23 59.22
C GLU Y 253 -141.90 51.25 60.25
N ARG Y 254 -141.13 51.77 61.23
CA ARG Y 254 -140.65 51.02 62.37
C ARG Y 254 -141.74 50.31 63.20
N PHE Y 255 -142.78 51.02 63.71
CA PHE Y 255 -143.71 50.41 64.65
C PHE Y 255 -144.87 49.74 63.97
N ARG Y 256 -145.15 50.05 62.69
CA ARG Y 256 -146.19 49.34 61.98
C ARG Y 256 -145.78 47.98 61.48
N CYS Y 257 -144.48 47.62 61.51
CA CYS Y 257 -144.10 46.23 61.31
C CYS Y 257 -144.59 45.30 62.43
N PRO Y 258 -144.40 45.49 63.74
CA PRO Y 258 -144.99 44.57 64.71
C PRO Y 258 -146.51 44.67 64.81
N GLU Y 259 -147.12 45.79 64.32
CA GLU Y 259 -148.56 46.02 64.29
C GLU Y 259 -149.29 44.92 63.51
N THR Y 260 -148.62 44.34 62.50
CA THR Y 260 -149.09 43.18 61.71
C THR Y 260 -149.58 41.99 62.55
N LEU Y 261 -148.99 41.75 63.76
CA LEU Y 261 -149.47 40.73 64.68
C LEU Y 261 -150.90 40.93 65.14
N PHE Y 262 -151.32 42.20 65.24
CA PHE Y 262 -152.61 42.63 65.73
C PHE Y 262 -153.52 43.04 64.58
N GLN Y 263 -152.97 43.13 63.35
CA GLN Y 263 -153.70 43.47 62.12
C GLN Y 263 -153.17 42.63 60.94
N PRO Y 264 -153.47 41.34 60.81
CA PRO Y 264 -153.00 40.51 59.69
C PRO Y 264 -153.66 40.89 58.39
N SER Y 265 -154.59 41.83 58.32
CA SER Y 265 -155.03 42.46 57.09
C SER Y 265 -153.92 43.20 56.35
N PHE Y 266 -152.86 43.68 57.05
CA PHE Y 266 -151.65 44.28 56.49
C PHE Y 266 -150.80 43.29 55.70
N ILE Y 267 -150.69 42.04 56.20
CA ILE Y 267 -150.03 40.97 55.48
C ILE Y 267 -150.94 40.39 54.38
N GLY Y 268 -152.29 40.56 54.52
CA GLY Y 268 -153.31 40.11 53.55
C GLY Y 268 -153.95 38.82 53.93
N MET Y 269 -153.70 38.32 55.15
CA MET Y 269 -154.32 37.14 55.68
C MET Y 269 -155.54 37.50 56.50
N GLU Y 270 -156.62 36.71 56.38
CA GLU Y 270 -157.82 36.90 57.16
C GLU Y 270 -157.68 36.54 58.61
N SER Y 271 -156.83 35.50 58.88
CA SER Y 271 -156.54 34.94 60.18
C SER Y 271 -156.36 35.97 61.25
N ALA Y 272 -157.15 35.87 62.34
CA ALA Y 272 -157.27 36.95 63.30
C ALA Y 272 -155.96 37.34 63.99
N GLY Y 273 -155.85 38.61 64.46
CA GLY Y 273 -154.72 39.05 65.25
C GLY Y 273 -154.49 38.21 66.48
N ILE Y 274 -153.28 38.28 67.05
CA ILE Y 274 -152.85 37.42 68.13
C ILE Y 274 -153.65 37.52 69.43
N HIS Y 275 -154.27 38.68 69.73
CA HIS Y 275 -155.14 38.87 70.86
C HIS Y 275 -156.51 38.20 70.66
N GLU Y 276 -157.12 38.29 69.45
CA GLU Y 276 -158.31 37.53 69.11
C GLU Y 276 -158.07 36.03 69.04
N THR Y 277 -156.88 35.56 68.59
CA THR Y 277 -156.53 34.12 68.67
C THR Y 277 -156.48 33.63 70.10
N THR Y 278 -155.93 34.43 71.04
CA THR Y 278 -155.97 34.14 72.48
C THR Y 278 -157.38 34.06 73.03
N TYR Y 279 -158.29 34.99 72.61
CA TYR Y 279 -159.72 34.89 72.91
C TYR Y 279 -160.34 33.63 72.33
N ASN Y 280 -160.03 33.26 71.08
CA ASN Y 280 -160.48 32.06 70.41
C ASN Y 280 -160.08 30.77 71.16
N SER Y 281 -158.83 30.71 71.67
CA SER Y 281 -158.38 29.64 72.56
C SER Y 281 -159.11 29.60 73.91
N ILE Y 282 -159.21 30.74 74.63
CA ILE Y 282 -159.89 30.86 75.92
C ILE Y 282 -161.40 30.58 75.86
N MET Y 283 -162.09 31.04 74.79
CA MET Y 283 -163.47 30.73 74.51
C MET Y 283 -163.76 29.27 74.24
N LYS Y 284 -162.80 28.53 73.67
CA LYS Y 284 -162.96 27.12 73.49
C LYS Y 284 -162.79 26.32 74.77
N CYS Y 285 -162.21 26.93 75.82
CA CYS Y 285 -162.05 26.31 77.12
C CYS Y 285 -163.34 26.33 77.92
N ASP Y 286 -163.43 25.43 78.92
CA ASP Y 286 -164.53 25.38 79.86
C ASP Y 286 -164.70 26.68 80.62
N ILE Y 287 -165.97 27.04 80.96
CA ILE Y 287 -166.33 28.30 81.60
C ILE Y 287 -165.57 28.56 82.90
N ASP Y 288 -165.44 27.52 83.75
CA ASP Y 288 -164.89 27.56 85.09
C ASP Y 288 -163.44 28.07 85.13
N ILE Y 289 -162.58 27.53 84.25
CA ILE Y 289 -161.16 27.83 84.35
C ILE Y 289 -160.79 29.18 83.78
N ARG Y 290 -161.65 29.79 82.92
CA ARG Y 290 -161.26 30.97 82.17
C ARG Y 290 -160.72 32.13 82.99
N LYS Y 291 -161.19 32.28 84.25
CA LYS Y 291 -160.77 33.32 85.18
C LYS Y 291 -159.26 33.41 85.39
N ASP Y 292 -158.54 32.27 85.50
CA ASP Y 292 -157.12 32.29 85.73
C ASP Y 292 -156.37 32.34 84.41
N LEU Y 293 -156.91 31.80 83.31
CA LEU Y 293 -156.32 31.92 81.97
C LEU Y 293 -156.22 33.33 81.45
N TYR Y 294 -157.25 34.14 81.71
CA TYR Y 294 -157.20 35.57 81.55
C TYR Y 294 -156.09 36.22 82.39
N ALA Y 295 -155.92 35.80 83.65
CA ALA Y 295 -154.95 36.40 84.56
C ALA Y 295 -153.52 35.77 84.52
N ASN Y 296 -153.27 34.73 83.70
CA ASN Y 296 -152.03 33.98 83.71
C ASN Y 296 -151.56 33.73 82.28
N ASN Y 297 -151.81 34.67 81.35
CA ASN Y 297 -151.24 34.64 80.02
C ASN Y 297 -149.71 34.75 80.06
N VAL Y 298 -149.01 33.77 79.47
CA VAL Y 298 -147.56 33.70 79.42
C VAL Y 298 -147.15 33.93 77.98
N MET Y 299 -146.29 34.92 77.74
CA MET Y 299 -145.65 35.09 76.44
C MET Y 299 -144.33 34.35 76.40
N SER Y 300 -144.05 33.66 75.29
CA SER Y 300 -142.79 33.00 75.06
C SER Y 300 -142.34 33.25 73.65
N GLY Y 301 -141.08 32.88 73.38
CA GLY Y 301 -140.52 32.87 72.04
C GLY Y 301 -139.77 34.12 71.68
N GLY Y 302 -139.15 34.13 70.50
CA GLY Y 302 -138.34 35.27 70.08
C GLY Y 302 -139.11 36.47 69.58
N THR Y 303 -140.32 36.31 69.01
CA THR Y 303 -141.04 37.43 68.40
C THR Y 303 -142.08 38.00 69.37
N THR Y 304 -142.00 37.62 70.68
CA THR Y 304 -142.64 38.37 71.78
C THR Y 304 -141.63 39.28 72.45
N MET Y 305 -140.40 39.41 71.91
CA MET Y 305 -139.43 40.28 72.53
C MET Y 305 -139.62 41.77 72.32
N TYR Y 306 -140.39 42.23 71.29
CA TYR Y 306 -140.54 43.65 70.98
C TYR Y 306 -141.03 44.47 72.17
N PRO Y 307 -140.45 45.62 72.48
CA PRO Y 307 -140.95 46.52 73.51
C PRO Y 307 -142.41 46.92 73.32
N GLY Y 308 -143.24 46.81 74.40
CA GLY Y 308 -144.63 47.25 74.40
C GLY Y 308 -145.63 46.22 73.92
N ILE Y 309 -145.22 44.98 73.54
CA ILE Y 309 -146.19 43.92 73.17
C ILE Y 309 -147.13 43.57 74.31
N ALA Y 310 -146.59 43.39 75.54
CA ALA Y 310 -147.33 43.02 76.73
C ALA Y 310 -148.42 44.00 77.08
N ASP Y 311 -148.12 45.31 77.03
CA ASP Y 311 -149.04 46.40 77.25
C ASP Y 311 -150.16 46.46 76.20
N ARG Y 312 -149.81 46.28 74.90
CA ARG Y 312 -150.80 46.23 73.84
C ARG Y 312 -151.75 45.05 73.95
N MET Y 313 -151.24 43.83 74.23
CA MET Y 313 -152.06 42.65 74.49
C MET Y 313 -152.96 42.82 75.69
N GLN Y 314 -152.44 43.45 76.78
CA GLN Y 314 -153.23 43.76 77.95
C GLN Y 314 -154.36 44.70 77.67
N LYS Y 315 -154.13 45.81 76.95
CA LYS Y 315 -155.18 46.73 76.60
C LYS Y 315 -156.27 46.13 75.71
N GLU Y 316 -155.88 45.30 74.69
CA GLU Y 316 -156.82 44.68 73.78
C GLU Y 316 -157.61 43.56 74.40
N ILE Y 317 -156.96 42.64 75.13
CA ILE Y 317 -157.67 41.57 75.82
C ILE Y 317 -158.60 42.10 76.91
N THR Y 318 -158.15 43.10 77.71
CA THR Y 318 -159.01 43.81 78.68
C THR Y 318 -160.18 44.52 78.02
N ALA Y 319 -159.99 45.17 76.85
CA ALA Y 319 -161.05 45.79 76.09
C ALA Y 319 -162.12 44.81 75.56
N LEU Y 320 -161.71 43.64 75.04
CA LEU Y 320 -162.60 42.60 74.56
C LEU Y 320 -163.28 41.79 75.65
N ALA Y 321 -162.56 41.45 76.73
CA ALA Y 321 -163.03 40.57 77.76
C ALA Y 321 -164.02 41.24 78.72
N PRO Y 322 -164.73 40.51 79.57
CA PRO Y 322 -165.33 41.08 80.76
C PRO Y 322 -164.35 41.83 81.66
N SER Y 323 -164.60 43.11 81.98
CA SER Y 323 -163.78 43.91 82.91
C SER Y 323 -164.14 43.59 84.37
N THR Y 324 -164.99 42.56 84.55
CA THR Y 324 -165.38 41.91 85.80
C THR Y 324 -164.19 41.25 86.46
N MET Y 325 -163.24 40.74 85.65
CA MET Y 325 -162.04 40.10 86.14
C MET Y 325 -160.80 40.77 85.60
N LYS Y 326 -159.71 40.75 86.38
CA LYS Y 326 -158.50 41.43 86.01
C LYS Y 326 -157.56 40.57 85.19
N ILE Y 327 -157.09 41.16 84.07
CA ILE Y 327 -156.32 40.48 83.07
C ILE Y 327 -154.86 40.79 83.33
N LYS Y 328 -154.16 39.94 84.08
CA LYS Y 328 -152.74 40.02 84.22
C LYS Y 328 -152.06 39.24 83.10
N ILE Y 329 -151.05 39.83 82.46
CA ILE Y 329 -150.21 39.15 81.51
C ILE Y 329 -148.88 39.06 82.17
N ILE Y 330 -148.29 37.86 82.20
CA ILE Y 330 -146.98 37.65 82.74
C ILE Y 330 -146.05 37.34 81.59
N ALA Y 331 -145.24 38.32 81.21
CA ALA Y 331 -144.30 38.18 80.14
C ALA Y 331 -142.92 38.45 80.71
N PRO Y 332 -142.10 37.46 81.04
CA PRO Y 332 -140.82 37.71 81.68
C PRO Y 332 -139.86 38.33 80.67
N PRO Y 333 -138.92 39.23 80.96
CA PRO Y 333 -137.64 39.22 80.23
C PRO Y 333 -136.97 37.86 80.39
N GLU Y 334 -136.12 37.45 79.42
CA GLU Y 334 -135.57 36.10 79.30
C GLU Y 334 -136.55 35.16 78.57
N ARG Y 335 -137.74 35.69 78.19
CA ARG Y 335 -138.82 34.93 77.54
C ARG Y 335 -138.43 34.27 76.22
N LYS Y 336 -137.36 34.78 75.57
CA LYS Y 336 -136.77 34.22 74.38
C LYS Y 336 -136.29 32.79 74.59
N TYR Y 337 -135.67 32.52 75.77
CA TYR Y 337 -135.01 31.26 76.01
C TYR Y 337 -135.91 30.35 76.82
N SER Y 338 -137.18 30.75 77.10
CA SER Y 338 -138.10 30.04 77.98
C SER Y 338 -138.38 28.60 77.63
N VAL Y 339 -138.49 28.28 76.33
CA VAL Y 339 -138.61 26.91 75.84
C VAL Y 339 -137.41 26.04 76.18
N TRP Y 340 -136.17 26.53 75.98
CA TRP Y 340 -134.95 25.80 76.33
C TRP Y 340 -134.83 25.57 77.83
N ILE Y 341 -135.13 26.62 78.65
CA ILE Y 341 -135.13 26.51 80.12
C ILE Y 341 -136.18 25.51 80.57
N GLY Y 342 -137.36 25.48 79.93
CA GLY Y 342 -138.35 24.46 80.19
C GLY Y 342 -137.96 23.06 79.85
N GLY Y 343 -137.10 22.92 78.84
CA GLY Y 343 -136.48 21.65 78.50
C GLY Y 343 -135.38 21.24 79.44
N SER Y 344 -134.60 22.21 79.99
CA SER Y 344 -133.58 21.99 81.01
C SER Y 344 -134.18 21.46 82.28
N ILE Y 345 -135.26 22.11 82.78
CA ILE Y 345 -135.97 21.68 83.98
C ILE Y 345 -136.61 20.31 83.80
N LEU Y 346 -137.24 20.03 82.63
CA LEU Y 346 -137.85 18.73 82.38
C LEU Y 346 -136.93 17.54 82.41
N ALA Y 347 -135.77 17.64 81.74
CA ALA Y 347 -134.81 16.56 81.73
C ALA Y 347 -134.06 16.42 83.07
N SER Y 348 -134.01 17.49 83.89
CA SER Y 348 -133.54 17.43 85.28
C SER Y 348 -134.52 16.80 86.24
N LEU Y 349 -135.83 16.74 85.92
CA LEU Y 349 -136.82 16.02 86.72
C LEU Y 349 -136.62 14.51 86.80
N SER Y 350 -136.57 13.98 88.04
CA SER Y 350 -136.27 12.58 88.30
C SER Y 350 -137.27 11.60 87.72
N THR Y 351 -138.60 11.89 87.86
CA THR Y 351 -139.68 11.08 87.28
C THR Y 351 -139.65 11.01 85.77
N PHE Y 352 -139.30 12.13 85.11
CA PHE Y 352 -139.19 12.26 83.67
C PHE Y 352 -138.18 11.27 83.09
N GLN Y 353 -137.13 10.90 83.88
CA GLN Y 353 -136.17 9.89 83.49
C GLN Y 353 -136.69 8.47 83.24
N GLN Y 354 -137.98 8.19 83.50
CA GLN Y 354 -138.62 6.96 83.07
C GLN Y 354 -139.52 7.15 81.84
N MET Y 355 -139.83 8.39 81.44
CA MET Y 355 -140.77 8.68 80.36
C MET Y 355 -140.03 8.93 79.06
N TRP Y 356 -138.69 8.82 79.05
CA TRP Y 356 -137.90 8.89 77.84
C TRP Y 356 -138.30 7.84 76.84
N ILE Y 357 -138.26 8.17 75.55
CA ILE Y 357 -138.35 7.14 74.54
C ILE Y 357 -137.00 6.47 74.50
N THR Y 358 -136.90 5.19 74.89
CA THR Y 358 -135.62 4.52 74.89
C THR Y 358 -135.24 4.13 73.47
N LYS Y 359 -133.93 3.99 73.20
CA LYS Y 359 -133.45 3.42 71.96
C LYS Y 359 -133.98 2.01 71.71
N GLN Y 360 -134.00 1.18 72.78
CA GLN Y 360 -134.52 -0.17 72.74
C GLN Y 360 -135.98 -0.24 72.29
N GLU Y 361 -136.86 0.59 72.91
CA GLU Y 361 -138.28 0.65 72.61
C GLU Y 361 -138.58 1.09 71.17
N TYR Y 362 -137.78 2.05 70.64
CA TYR Y 362 -137.74 2.39 69.23
C TYR Y 362 -137.31 1.22 68.34
N ASP Y 363 -136.23 0.48 68.67
CA ASP Y 363 -135.70 -0.61 67.86
C ASP Y 363 -136.74 -1.74 67.71
N GLU Y 364 -137.47 -2.10 68.80
CA GLU Y 364 -138.61 -3.02 68.73
C GLU Y 364 -139.84 -2.49 68.01
N ALA Y 365 -140.31 -1.27 68.33
CA ALA Y 365 -141.65 -0.88 67.96
C ALA Y 365 -141.70 0.20 66.87
N GLY Y 366 -140.53 0.66 66.37
CA GLY Y 366 -140.40 1.56 65.23
C GLY Y 366 -140.61 3.04 65.49
N PRO Y 367 -140.49 3.87 64.43
CA PRO Y 367 -140.57 5.33 64.57
C PRO Y 367 -141.95 5.82 64.88
N SER Y 368 -143.00 5.03 64.68
CA SER Y 368 -144.38 5.49 64.82
C SER Y 368 -144.82 5.70 66.27
N ILE Y 369 -144.04 5.14 67.22
CA ILE Y 369 -144.30 5.17 68.65
C ILE Y 369 -144.21 6.52 69.31
N VAL Y 370 -143.75 7.57 68.58
CA VAL Y 370 -143.68 8.91 69.12
C VAL Y 370 -145.01 9.36 69.69
N HIS Y 371 -146.05 9.31 68.84
CA HIS Y 371 -147.39 9.76 69.16
C HIS Y 371 -148.08 8.91 70.20
N ARG Y 372 -147.78 7.59 70.20
CA ARG Y 372 -148.27 6.64 71.16
C ARG Y 372 -147.83 6.87 72.61
N LYS Y 373 -146.55 7.25 72.83
CA LYS Y 373 -146.05 7.48 74.16
C LYS Y 373 -146.17 8.92 74.62
N CYS Y 374 -145.77 9.89 73.74
CA CYS Y 374 -145.69 11.29 74.08
C CYS Y 374 -146.83 12.08 73.43
N PHE Y 375 -147.09 13.27 73.99
CA PHE Y 375 -147.99 14.25 73.42
C PHE Y 375 -147.31 15.04 72.24
N GLU Z 2 -162.84 71.96 21.27
CA GLU Z 2 -162.86 70.56 20.73
C GLU Z 2 -163.47 69.61 21.72
N ASP Z 3 -163.91 68.41 21.28
CA ASP Z 3 -164.50 67.40 22.12
C ASP Z 3 -163.39 66.53 22.65
N GLU Z 4 -163.54 66.06 23.90
CA GLU Z 4 -162.63 65.17 24.61
C GLU Z 4 -161.25 65.70 24.95
N THR Z 5 -160.81 66.81 24.30
CA THR Z 5 -159.59 67.60 24.55
C THR Z 5 -158.30 66.93 24.10
N THR Z 6 -158.39 65.77 23.42
CA THR Z 6 -157.33 64.73 23.32
C THR Z 6 -156.82 64.30 24.69
N ALA Z 7 -155.63 63.70 24.79
CA ALA Z 7 -154.97 63.56 26.06
C ALA Z 7 -153.53 63.32 25.69
N LEU Z 8 -152.62 63.43 26.65
CA LEU Z 8 -151.19 63.21 26.43
C LEU Z 8 -150.73 62.02 27.21
N VAL Z 9 -149.78 61.26 26.63
CA VAL Z 9 -149.28 60.05 27.22
C VAL Z 9 -147.78 60.11 27.15
N CYS Z 10 -147.10 59.82 28.26
CA CYS Z 10 -145.66 59.70 28.33
C CYS Z 10 -145.27 58.42 29.07
N ASP Z 11 -144.44 57.59 28.42
CA ASP Z 11 -143.72 56.50 29.05
C ASP Z 11 -142.31 57.02 29.35
N ASN Z 12 -141.96 57.02 30.65
CA ASN Z 12 -140.62 57.14 31.19
C ASN Z 12 -140.32 55.99 32.13
N GLY Z 13 -140.14 54.77 31.58
CA GLY Z 13 -139.00 53.96 32.06
C GLY Z 13 -137.66 54.64 31.76
N SER Z 14 -136.52 54.21 32.37
CA SER Z 14 -135.20 54.72 31.99
C SER Z 14 -134.86 54.58 30.52
N GLY Z 15 -134.03 55.49 29.97
CA GLY Z 15 -133.46 55.29 28.65
C GLY Z 15 -134.18 56.01 27.55
N LEU Z 16 -135.52 55.93 27.45
CA LEU Z 16 -136.30 56.55 26.39
C LEU Z 16 -137.54 57.19 26.93
N VAL Z 17 -137.82 58.42 26.49
CA VAL Z 17 -139.13 59.04 26.61
C VAL Z 17 -139.89 58.58 25.41
N LYS Z 18 -141.06 57.97 25.60
CA LYS Z 18 -141.99 57.75 24.51
C LYS Z 18 -143.20 58.60 24.79
N ALA Z 19 -143.52 59.55 23.91
CA ALA Z 19 -144.57 60.50 24.14
C ALA Z 19 -145.35 60.86 22.89
N GLY Z 20 -146.62 61.22 23.08
CA GLY Z 20 -147.46 61.57 21.97
C GLY Z 20 -148.84 61.82 22.47
N PHE Z 21 -149.79 61.94 21.54
CA PHE Z 21 -151.20 62.07 21.84
C PHE Z 21 -151.79 60.72 22.13
N ALA Z 22 -152.64 60.65 23.17
CA ALA Z 22 -153.61 59.60 23.34
C ALA Z 22 -154.62 59.59 22.21
N GLY Z 23 -155.03 58.41 21.74
CA GLY Z 23 -155.92 58.30 20.58
C GLY Z 23 -155.25 58.06 19.28
N ASP Z 24 -153.92 57.84 19.29
CA ASP Z 24 -153.13 57.49 18.12
C ASP Z 24 -152.45 56.15 18.40
N ASP Z 25 -152.12 55.38 17.35
CA ASP Z 25 -151.52 54.06 17.39
C ASP Z 25 -150.02 54.12 17.67
N ALA Z 26 -149.34 55.24 17.34
CA ALA Z 26 -147.93 55.39 17.62
C ALA Z 26 -147.58 56.76 18.23
N PRO Z 27 -146.55 56.84 19.10
CA PRO Z 27 -146.11 58.10 19.67
C PRO Z 27 -145.47 58.97 18.61
N ARG Z 28 -145.66 60.29 18.68
CA ARG Z 28 -144.99 61.22 17.80
C ARG Z 28 -143.50 61.32 18.09
N ALA Z 29 -143.13 61.36 19.39
CA ALA Z 29 -141.77 61.63 19.79
C ALA Z 29 -141.25 60.50 20.64
N VAL Z 30 -140.12 59.94 20.22
CA VAL Z 30 -139.40 58.97 21.00
C VAL Z 30 -137.96 59.41 20.97
N PHE Z 31 -137.33 59.61 22.15
CA PHE Z 31 -135.97 60.07 22.17
C PHE Z 31 -135.30 59.57 23.44
N PRO Z 32 -133.96 59.53 23.51
CA PRO Z 32 -133.27 59.10 24.72
C PRO Z 32 -133.37 60.06 25.88
N SER Z 33 -133.69 59.54 27.07
CA SER Z 33 -133.81 60.29 28.30
C SER Z 33 -132.47 60.64 28.90
N ILE Z 34 -131.75 61.61 28.31
CA ILE Z 34 -130.40 61.93 28.70
C ILE Z 34 -130.27 63.40 28.80
N VAL Z 35 -129.51 63.84 29.80
CA VAL Z 35 -129.16 65.21 30.04
C VAL Z 35 -127.67 65.19 29.92
N GLY Z 36 -127.13 65.82 28.87
CA GLY Z 36 -125.72 65.86 28.62
C GLY Z 36 -125.14 67.21 28.80
N ARG Z 37 -124.12 67.33 29.66
CA ARG Z 37 -123.59 68.60 30.08
C ARG Z 37 -122.23 68.82 29.45
N PRO Z 38 -121.90 69.98 28.86
CA PRO Z 38 -120.54 70.35 28.50
C PRO Z 38 -119.54 70.23 29.65
N ARG Z 39 -118.81 69.12 29.71
CA ARG Z 39 -117.74 68.87 30.66
C ARG Z 39 -116.50 69.72 30.34
N HIS Z 40 -116.16 69.87 29.04
CA HIS Z 40 -115.01 70.64 28.60
C HIS Z 40 -115.40 72.08 28.48
N GLN Z 41 -114.65 73.00 29.10
CA GLN Z 41 -114.87 74.43 28.92
C GLN Z 41 -114.62 74.86 27.49
N GLY Z 42 -115.61 75.55 26.89
CA GLY Z 42 -115.53 75.96 25.50
C GLY Z 42 -114.80 77.26 25.35
N VAL Z 43 -114.00 77.41 24.28
CA VAL Z 43 -113.26 78.64 24.03
C VAL Z 43 -113.49 79.05 22.60
N MET Z 44 -114.50 79.90 22.39
CA MET Z 44 -114.82 80.59 21.17
C MET Z 44 -115.62 81.75 21.70
N VAL Z 45 -116.28 82.53 20.83
CA VAL Z 45 -117.27 83.52 21.22
C VAL Z 45 -118.46 83.23 20.32
N GLY Z 46 -119.71 83.40 20.80
CA GLY Z 46 -120.90 83.09 20.00
C GLY Z 46 -121.23 81.63 19.91
N MET Z 47 -120.83 80.87 20.94
CA MET Z 47 -121.34 79.53 21.17
C MET Z 47 -122.49 79.66 22.12
N GLY Z 48 -123.52 78.83 21.89
CA GLY Z 48 -124.55 78.46 22.85
C GLY Z 48 -125.11 79.54 23.77
N GLN Z 49 -124.68 79.65 25.06
CA GLN Z 49 -123.80 78.72 25.75
C GLN Z 49 -124.46 77.38 25.95
N LYS Z 50 -125.74 77.41 26.40
CA LYS Z 50 -126.56 76.26 26.68
C LYS Z 50 -125.97 75.35 27.77
N ASP Z 51 -126.42 75.49 29.03
CA ASP Z 51 -125.93 74.77 30.21
C ASP Z 51 -125.92 73.24 30.01
N SER Z 52 -126.89 72.73 29.25
CA SER Z 52 -127.03 71.31 29.04
C SER Z 52 -127.90 71.09 27.84
N TYR Z 53 -127.78 69.90 27.23
CA TYR Z 53 -128.51 69.43 26.07
C TYR Z 53 -129.33 68.25 26.49
N VAL Z 54 -130.54 68.11 25.91
CA VAL Z 54 -131.52 67.11 26.30
C VAL Z 54 -131.97 66.40 25.06
N GLY Z 55 -132.27 65.08 25.16
CA GLY Z 55 -132.82 64.33 24.05
C GLY Z 55 -131.80 63.88 23.05
N ASP Z 56 -132.17 63.62 21.80
CA ASP Z 56 -131.29 63.20 20.73
C ASP Z 56 -130.34 64.31 20.24
N GLU Z 57 -130.53 65.58 20.65
CA GLU Z 57 -129.52 66.64 20.59
C GLU Z 57 -128.20 66.25 21.27
N ALA Z 58 -128.28 65.63 22.47
CA ALA Z 58 -127.18 65.07 23.22
C ALA Z 58 -126.51 63.89 22.51
N GLN Z 59 -127.29 63.04 21.80
CA GLN Z 59 -126.76 61.97 20.96
C GLN Z 59 -125.92 62.49 19.81
N SER Z 60 -126.38 63.58 19.14
CA SER Z 60 -125.65 64.26 18.06
C SER Z 60 -124.36 64.89 18.54
N LYS Z 61 -124.40 65.63 19.66
CA LYS Z 61 -123.24 66.26 20.25
C LYS Z 61 -122.74 65.45 21.41
N ARG Z 62 -122.28 64.22 21.18
CA ARG Z 62 -121.99 63.30 22.26
C ARG Z 62 -120.64 63.46 22.93
N GLY Z 63 -119.60 63.75 22.12
CA GLY Z 63 -118.20 63.65 22.54
C GLY Z 63 -117.73 64.68 23.55
N ILE Z 64 -118.34 65.89 23.48
CA ILE Z 64 -118.13 66.99 24.41
C ILE Z 64 -118.73 66.68 25.76
N LEU Z 65 -119.95 66.12 25.73
CA LEU Z 65 -120.86 65.99 26.84
C LEU Z 65 -120.45 64.84 27.73
N THR Z 66 -120.71 65.00 29.02
CA THR Z 66 -120.91 63.87 29.88
C THR Z 66 -122.40 63.69 29.92
N LEU Z 67 -122.91 62.45 29.79
CA LEU Z 67 -124.32 62.16 29.76
C LEU Z 67 -124.72 61.56 31.07
N LYS Z 68 -125.84 62.05 31.60
CA LYS Z 68 -126.39 61.53 32.82
C LYS Z 68 -127.79 61.06 32.50
N TYR Z 69 -128.05 59.75 32.69
CA TYR Z 69 -129.39 59.21 32.75
C TYR Z 69 -130.02 59.69 34.06
N PRO Z 70 -131.20 60.32 34.09
CA PRO Z 70 -131.75 60.86 35.33
C PRO Z 70 -132.56 59.81 36.01
N ILE Z 71 -132.93 58.72 35.32
CA ILE Z 71 -133.70 57.64 35.90
C ILE Z 71 -132.80 56.44 35.96
N GLU Z 72 -132.63 55.84 37.15
CA GLU Z 72 -131.94 54.59 37.32
C GLU Z 72 -132.82 53.65 38.08
N HIS Z 73 -133.02 52.44 37.54
CA HIS Z 73 -133.79 51.36 38.13
C HIS Z 73 -135.26 51.67 38.35
N GLY Z 74 -135.83 52.53 37.46
CA GLY Z 74 -137.17 53.09 37.60
C GLY Z 74 -137.24 54.24 38.57
N ILE Z 75 -136.11 54.62 39.20
CA ILE Z 75 -136.04 55.66 40.21
C ILE Z 75 -135.48 56.90 39.57
N ILE Z 76 -136.15 58.07 39.71
CA ILE Z 76 -135.52 59.30 39.30
C ILE Z 76 -134.46 59.69 40.31
N THR Z 77 -133.18 59.72 39.87
CA THR Z 77 -132.04 60.15 40.65
C THR Z 77 -132.01 61.65 40.81
N ASN Z 78 -132.28 62.36 39.70
CA ASN Z 78 -132.23 63.80 39.65
C ASN Z 78 -133.50 64.39 39.03
N TRP Z 79 -134.23 65.21 39.83
CA TRP Z 79 -135.54 65.74 39.50
C TRP Z 79 -135.56 66.88 38.50
N ASP Z 80 -134.57 67.81 38.58
CA ASP Z 80 -134.43 68.92 37.66
C ASP Z 80 -134.15 68.40 36.27
N ASP Z 81 -133.26 67.42 36.12
CA ASP Z 81 -132.98 66.70 34.89
C ASP Z 81 -134.23 66.02 34.29
N MET Z 82 -135.11 65.37 35.10
CA MET Z 82 -136.41 64.87 34.63
C MET Z 82 -137.38 65.95 34.18
N GLU Z 83 -137.47 67.07 34.92
CA GLU Z 83 -138.25 68.22 34.55
C GLU Z 83 -137.80 68.80 33.21
N LYS Z 84 -136.47 68.94 32.99
CA LYS Z 84 -135.88 69.33 31.72
C LYS Z 84 -136.24 68.41 30.57
N ILE Z 85 -136.23 67.08 30.79
CA ILE Z 85 -136.69 66.11 29.81
C ILE Z 85 -138.14 66.27 29.43
N TRP Z 86 -139.05 66.41 30.42
CA TRP Z 86 -140.43 66.71 30.14
C TRP Z 86 -140.64 68.08 29.51
N HIS Z 87 -139.87 69.10 29.90
CA HIS Z 87 -139.91 70.40 29.24
C HIS Z 87 -139.58 70.31 27.74
N HIS Z 88 -138.54 69.52 27.40
CA HIS Z 88 -138.16 69.16 26.06
C HIS Z 88 -139.31 68.42 25.32
N THR Z 89 -139.99 67.38 25.92
CA THR Z 89 -141.10 66.67 25.26
C THR Z 89 -142.23 67.58 24.80
N PHE Z 90 -142.69 68.44 25.73
CA PHE Z 90 -143.85 69.26 25.51
C PHE Z 90 -143.58 70.42 24.58
N TYR Z 91 -142.48 71.17 24.81
CA TYR Z 91 -142.22 72.35 24.02
C TYR Z 91 -141.41 72.07 22.77
N ASN Z 92 -140.35 71.24 22.83
CA ASN Z 92 -139.49 70.98 21.68
C ASN Z 92 -140.16 70.08 20.63
N GLU Z 93 -140.80 68.96 21.05
CA GLU Z 93 -141.43 68.04 20.10
C GLU Z 93 -142.90 68.29 19.90
N LEU Z 94 -143.72 68.14 20.95
CA LEU Z 94 -145.15 68.06 20.74
C LEU Z 94 -145.82 69.38 20.52
N ARG Z 95 -145.23 70.46 21.04
CA ARG Z 95 -145.62 71.85 20.92
C ARG Z 95 -146.99 72.11 21.49
N VAL Z 96 -147.20 71.62 22.72
CA VAL Z 96 -148.47 71.65 23.39
C VAL Z 96 -148.31 72.52 24.60
N ALA Z 97 -149.40 73.15 25.07
CA ALA Z 97 -149.46 73.70 26.39
C ALA Z 97 -150.05 72.59 27.28
N PRO Z 98 -149.38 72.03 28.30
CA PRO Z 98 -149.97 71.01 29.16
C PRO Z 98 -151.26 71.46 29.86
N GLU Z 99 -151.54 72.77 30.04
CA GLU Z 99 -152.80 73.31 30.52
C GLU Z 99 -154.00 72.88 29.67
N GLU Z 100 -153.77 72.56 28.40
CA GLU Z 100 -154.80 72.21 27.45
C GLU Z 100 -154.97 70.71 27.35
N HIS Z 101 -154.20 69.87 28.11
CA HIS Z 101 -154.31 68.43 27.92
C HIS Z 101 -154.23 67.66 29.23
N PRO Z 102 -155.06 66.68 29.59
CA PRO Z 102 -154.71 65.72 30.64
C PRO Z 102 -153.51 64.84 30.28
N THR Z 103 -152.58 64.54 31.23
CA THR Z 103 -151.33 63.83 30.94
C THR Z 103 -151.23 62.52 31.68
N LEU Z 104 -151.09 61.40 30.98
CA LEU Z 104 -150.82 60.10 31.54
C LEU Z 104 -149.33 59.88 31.65
N LEU Z 105 -148.84 59.44 32.80
CA LEU Z 105 -147.50 58.97 32.98
C LEU Z 105 -147.54 57.49 33.29
N THR Z 106 -146.59 56.76 32.71
CA THR Z 106 -146.32 55.40 33.16
C THR Z 106 -145.37 55.42 34.32
N GLU Z 107 -145.32 54.33 35.09
CA GLU Z 107 -144.38 54.16 36.17
C GLU Z 107 -144.26 52.68 36.48
N ALA Z 108 -143.13 52.27 37.06
CA ALA Z 108 -142.80 50.87 37.23
C ALA Z 108 -143.37 50.23 38.52
N PRO Z 109 -143.75 48.95 38.59
CA PRO Z 109 -144.11 48.30 39.86
C PRO Z 109 -143.11 48.30 40.99
N LEU Z 110 -143.65 48.24 42.24
CA LEU Z 110 -142.91 48.09 43.49
C LEU Z 110 -141.95 49.24 43.65
N ASN Z 111 -142.32 50.40 43.11
CA ASN Z 111 -141.47 51.53 43.00
C ASN Z 111 -141.71 52.39 44.23
N PRO Z 112 -140.68 52.94 44.89
CA PRO Z 112 -140.83 53.96 45.90
C PRO Z 112 -141.97 54.94 45.73
N LYS Z 113 -142.70 55.20 46.83
CA LYS Z 113 -143.85 56.09 46.86
C LYS Z 113 -143.52 57.50 46.46
N ALA Z 114 -142.30 57.94 46.86
CA ALA Z 114 -141.73 59.23 46.60
C ALA Z 114 -141.64 59.56 45.12
N ASN Z 115 -141.33 58.58 44.24
CA ASN Z 115 -141.38 58.82 42.80
C ASN Z 115 -142.76 59.17 42.31
N ARG Z 116 -143.81 58.38 42.67
CA ARG Z 116 -145.18 58.69 42.27
C ARG Z 116 -145.69 60.03 42.80
N GLU Z 117 -145.49 60.30 44.11
CA GLU Z 117 -145.87 61.52 44.80
C GLU Z 117 -145.10 62.77 44.36
N LYS Z 118 -143.78 62.68 44.13
CA LYS Z 118 -143.03 63.77 43.56
C LYS Z 118 -143.31 64.00 42.08
N MET Z 119 -143.58 62.94 41.30
CA MET Z 119 -143.95 62.99 39.90
C MET Z 119 -145.25 63.78 39.68
N THR Z 120 -146.27 63.52 40.54
CA THR Z 120 -147.52 64.30 40.58
C THR Z 120 -147.33 65.72 41.03
N GLN Z 121 -146.50 65.96 42.06
CA GLN Z 121 -146.16 67.28 42.53
C GLN Z 121 -145.57 68.17 41.44
N ILE Z 122 -144.61 67.62 40.64
CA ILE Z 122 -144.11 68.29 39.45
C ILE Z 122 -145.15 68.49 38.38
N MET Z 123 -145.98 67.46 38.07
CA MET Z 123 -146.98 67.66 37.04
C MET Z 123 -147.97 68.75 37.37
N PHE Z 124 -148.44 68.88 38.60
CA PHE Z 124 -149.28 70.01 38.93
C PHE Z 124 -148.59 71.35 39.11
N GLU Z 125 -147.40 71.39 39.77
CA GLU Z 125 -146.77 72.64 40.19
C GLU Z 125 -145.57 73.06 39.36
N THR Z 126 -145.38 72.43 38.19
CA THR Z 126 -144.38 72.83 37.22
C THR Z 126 -145.07 73.12 35.92
N PHE Z 127 -145.63 72.09 35.23
CA PHE Z 127 -146.38 72.33 34.01
C PHE Z 127 -147.83 72.38 34.39
N ASN Z 128 -148.48 73.56 34.55
CA ASN Z 128 -149.84 73.58 35.05
C ASN Z 128 -150.75 72.71 34.16
N VAL Z 129 -151.53 71.76 34.72
CA VAL Z 129 -152.17 70.74 33.90
C VAL Z 129 -153.55 70.49 34.51
N PRO Z 130 -154.65 70.24 33.78
CA PRO Z 130 -155.97 70.04 34.37
C PRO Z 130 -156.06 68.75 35.14
N ALA Z 131 -155.36 67.71 34.67
CA ALA Z 131 -155.48 66.41 35.28
C ALA Z 131 -154.35 65.51 34.85
N MET Z 132 -154.14 64.43 35.59
CA MET Z 132 -153.10 63.50 35.28
C MET Z 132 -153.40 62.14 35.83
N TYR Z 133 -152.60 61.15 35.46
CA TYR Z 133 -152.71 59.85 36.05
C TYR Z 133 -151.31 59.26 36.00
N VAL Z 134 -150.97 58.37 36.95
CA VAL Z 134 -149.76 57.57 36.96
C VAL Z 134 -150.27 56.16 36.91
N ALA Z 135 -149.71 55.34 36.01
CA ALA Z 135 -150.20 54.01 35.78
C ALA Z 135 -149.07 53.04 35.72
N ILE Z 136 -149.37 51.76 36.02
CA ILE Z 136 -148.37 50.74 36.06
C ILE Z 136 -147.96 50.28 34.65
N GLN Z 137 -146.66 50.14 34.33
CA GLN Z 137 -146.19 49.80 32.98
C GLN Z 137 -146.76 48.52 32.36
N ALA Z 138 -146.80 47.43 33.15
CA ALA Z 138 -147.19 46.11 32.70
C ALA Z 138 -148.65 45.96 32.27
N VAL Z 139 -149.58 46.58 33.01
CA VAL Z 139 -150.99 46.62 32.66
C VAL Z 139 -151.24 47.34 31.35
N LEU Z 140 -150.53 48.45 31.07
CA LEU Z 140 -150.62 49.16 29.81
C LEU Z 140 -150.20 48.29 28.62
N SER Z 141 -149.08 47.53 28.73
CA SER Z 141 -148.69 46.59 27.67
C SER Z 141 -149.71 45.50 27.40
N LEU Z 142 -150.33 44.98 28.47
CA LEU Z 142 -151.42 44.02 28.37
C LEU Z 142 -152.63 44.54 27.59
N TYR Z 143 -153.06 45.80 27.86
CA TYR Z 143 -154.08 46.50 27.09
C TYR Z 143 -153.72 46.64 25.62
N ALA Z 144 -152.45 47.02 25.33
CA ALA Z 144 -151.93 47.15 23.99
C ALA Z 144 -151.94 45.84 23.20
N SER Z 145 -151.67 44.73 23.88
CA SER Z 145 -151.75 43.39 23.30
C SER Z 145 -153.19 42.92 23.12
N GLY Z 146 -154.19 43.59 23.71
CA GLY Z 146 -155.62 43.33 23.49
C GLY Z 146 -156.13 42.13 24.22
N ARG Z 147 -155.45 41.73 25.30
CA ARG Z 147 -155.76 40.51 26.03
C ARG Z 147 -156.20 40.90 27.42
N THR Z 148 -157.09 40.12 28.05
CA THR Z 148 -157.60 40.47 29.36
C THR Z 148 -156.81 39.80 30.47
N THR Z 149 -155.96 38.84 30.09
CA THR Z 149 -155.27 37.90 30.98
C THR Z 149 -153.92 37.65 30.41
N GLY Z 150 -152.93 37.56 31.30
CA GLY Z 150 -151.59 37.21 30.96
C GLY Z 150 -150.68 37.53 32.07
N ILE Z 151 -149.44 37.05 31.95
CA ILE Z 151 -148.39 37.45 32.85
C ILE Z 151 -147.49 38.31 32.05
N VAL Z 152 -147.36 39.57 32.43
CA VAL Z 152 -146.60 40.50 31.66
C VAL Z 152 -145.20 40.58 32.19
N LEU Z 153 -144.23 40.18 31.35
CA LEU Z 153 -142.83 40.32 31.59
C LEU Z 153 -142.43 41.65 30.97
N ASP Z 154 -142.17 42.65 31.82
CA ASP Z 154 -141.84 43.99 31.44
C ASP Z 154 -140.36 44.08 31.75
N SER Z 155 -139.56 44.34 30.70
CA SER Z 155 -138.18 44.71 30.97
C SER Z 155 -137.78 45.87 30.07
N GLY Z 156 -137.53 47.03 30.71
CA GLY Z 156 -137.02 48.19 30.00
C GLY Z 156 -135.52 48.34 30.15
N ASP Z 157 -135.02 49.58 29.98
CA ASP Z 157 -133.66 49.94 30.32
C ASP Z 157 -133.55 50.27 31.81
N GLY Z 158 -134.70 50.51 32.48
CA GLY Z 158 -134.77 50.83 33.89
C GLY Z 158 -134.62 49.60 34.75
N VAL Z 159 -135.68 48.81 34.94
CA VAL Z 159 -135.59 47.56 35.70
C VAL Z 159 -136.55 46.64 34.98
N THR Z 160 -136.46 45.32 35.27
CA THR Z 160 -137.37 44.23 34.93
C THR Z 160 -138.43 44.04 35.99
N HIS Z 161 -139.68 43.88 35.57
CA HIS Z 161 -140.87 43.72 36.36
C HIS Z 161 -141.72 42.61 35.79
N ASN Z 162 -142.61 42.03 36.60
CA ASN Z 162 -143.40 40.93 36.20
C ASN Z 162 -144.71 41.11 36.95
N VAL Z 163 -145.85 41.23 36.24
CA VAL Z 163 -147.16 41.41 36.86
C VAL Z 163 -148.08 40.35 36.27
N PRO Z 164 -148.56 39.34 37.00
CA PRO Z 164 -149.63 38.46 36.57
C PRO Z 164 -150.96 39.15 36.73
N ILE Z 165 -151.83 38.97 35.74
CA ILE Z 165 -153.14 39.53 35.70
C ILE Z 165 -154.06 38.38 35.32
N TYR Z 166 -155.29 38.35 35.85
CA TYR Z 166 -156.31 37.40 35.46
C TYR Z 166 -157.65 38.10 35.35
N GLU Z 167 -158.21 38.18 34.12
CA GLU Z 167 -159.52 38.70 33.82
C GLU Z 167 -159.70 40.15 34.25
N GLY Z 168 -158.74 41.01 33.85
CA GLY Z 168 -158.44 42.19 34.66
C GLY Z 168 -157.82 41.75 35.97
N TYR Z 169 -158.36 42.20 37.12
CA TYR Z 169 -157.79 42.02 38.46
C TYR Z 169 -156.29 42.30 38.49
N ALA Z 170 -155.50 41.60 39.32
CA ALA Z 170 -154.09 41.83 39.55
C ALA Z 170 -153.77 41.16 40.85
N LEU Z 171 -152.53 40.67 41.02
CA LEU Z 171 -152.15 39.97 42.23
C LEU Z 171 -150.95 40.65 42.89
N PRO Z 172 -151.10 41.47 43.94
CA PRO Z 172 -150.01 42.26 44.51
C PRO Z 172 -148.86 41.45 45.06
N HIS Z 173 -149.13 40.30 45.72
CA HIS Z 173 -148.14 39.39 46.27
C HIS Z 173 -147.34 38.66 45.21
N ALA Z 174 -147.99 38.39 44.06
CA ALA Z 174 -147.39 37.70 42.95
C ALA Z 174 -146.61 38.60 42.00
N ILE Z 175 -146.74 39.95 42.09
CA ILE Z 175 -145.89 40.89 41.39
C ILE Z 175 -144.44 40.74 41.81
N MET Z 176 -143.54 40.57 40.83
CA MET Z 176 -142.12 40.44 41.06
C MET Z 176 -141.38 41.52 40.31
N ARG Z 177 -140.32 42.04 40.94
CA ARG Z 177 -139.44 43.02 40.37
C ARG Z 177 -138.05 42.46 40.51
N LEU Z 178 -137.30 42.47 39.41
CA LEU Z 178 -135.99 41.88 39.30
C LEU Z 178 -135.03 42.92 38.81
N ASP Z 179 -133.96 43.21 39.57
CA ASP Z 179 -132.98 44.21 39.22
C ASP Z 179 -132.01 43.65 38.17
N LEU Z 180 -132.48 43.67 36.91
CA LEU Z 180 -131.73 43.48 35.70
C LEU Z 180 -132.33 44.44 34.73
N ALA Z 181 -131.57 44.85 33.72
CA ALA Z 181 -132.08 45.75 32.75
C ALA Z 181 -131.27 45.71 31.48
N GLY Z 182 -131.72 46.43 30.45
CA GLY Z 182 -130.87 46.86 29.34
C GLY Z 182 -129.58 47.53 29.78
N ARG Z 183 -129.62 48.49 30.72
CA ARG Z 183 -128.45 49.17 31.18
C ARG Z 183 -127.39 48.29 31.85
N ASP Z 184 -127.80 47.33 32.69
CA ASP Z 184 -126.91 46.35 33.30
C ASP Z 184 -126.29 45.39 32.27
N LEU Z 185 -127.04 45.00 31.22
CA LEU Z 185 -126.50 44.31 30.06
C LEU Z 185 -125.48 45.12 29.28
N THR Z 186 -125.68 46.43 29.13
CA THR Z 186 -124.69 47.34 28.57
C THR Z 186 -123.39 47.40 29.39
N ASP Z 187 -123.47 47.53 30.73
CA ASP Z 187 -122.32 47.53 31.64
C ASP Z 187 -121.59 46.17 31.61
N TYR Z 188 -122.32 45.04 31.56
CA TYR Z 188 -121.75 43.72 31.31
C TYR Z 188 -121.05 43.63 29.95
N LEU Z 189 -121.69 44.18 28.89
CA LEU Z 189 -121.18 44.13 27.54
C LEU Z 189 -119.89 44.88 27.36
N MET Z 190 -119.77 46.11 27.83
CA MET Z 190 -118.52 46.84 27.74
C MET Z 190 -117.41 46.19 28.58
N LYS Z 191 -117.75 45.52 29.71
CA LYS Z 191 -116.85 44.63 30.42
C LYS Z 191 -116.40 43.38 29.66
N ILE Z 192 -117.28 42.73 28.87
CA ILE Z 192 -116.88 41.56 28.10
C ILE Z 192 -116.21 41.92 26.77
N LEU Z 193 -116.30 43.18 26.28
CA LEU Z 193 -115.48 43.59 25.14
C LEU Z 193 -114.00 43.76 25.47
N THR Z 194 -113.65 44.05 26.74
CA THR Z 194 -112.28 44.34 27.18
C THR Z 194 -111.31 43.19 27.01
N GLU Z 195 -111.80 41.93 27.13
CA GLU Z 195 -111.01 40.72 26.93
C GLU Z 195 -110.60 40.58 25.46
N ARG Z 196 -111.31 41.27 24.54
CA ARG Z 196 -110.98 41.28 23.13
C ARG Z 196 -110.02 42.41 22.76
N GLY Z 197 -109.76 43.35 23.69
CA GLY Z 197 -108.87 44.50 23.53
C GLY Z 197 -109.57 45.81 23.29
N TYR Z 198 -110.89 45.80 23.06
CA TYR Z 198 -111.64 47.02 22.84
C TYR Z 198 -112.11 47.60 24.16
N SER Z 199 -111.70 48.84 24.48
CA SER Z 199 -111.92 49.39 25.80
C SER Z 199 -112.72 50.63 25.66
N PHE Z 200 -113.93 50.62 26.22
CA PHE Z 200 -114.87 51.70 26.12
C PHE Z 200 -115.09 52.16 27.53
N VAL Z 201 -114.58 53.36 27.88
CA VAL Z 201 -114.36 53.74 29.26
C VAL Z 201 -115.28 54.86 29.68
N THR Z 202 -116.00 55.50 28.73
CA THR Z 202 -116.66 56.78 28.97
C THR Z 202 -118.10 56.69 28.52
N THR Z 203 -118.97 57.59 29.00
CA THR Z 203 -120.42 57.61 28.73
C THR Z 203 -120.82 57.70 27.27
N ALA Z 204 -120.08 58.48 26.47
CA ALA Z 204 -120.28 58.64 25.06
C ALA Z 204 -120.19 57.34 24.24
N GLU Z 205 -119.15 56.50 24.44
CA GLU Z 205 -119.05 55.22 23.77
C GLU Z 205 -119.75 54.09 24.50
N ARG Z 206 -120.20 54.31 25.75
CA ARG Z 206 -121.16 53.46 26.43
C ARG Z 206 -122.51 53.39 25.71
N GLU Z 207 -122.92 54.51 25.11
CA GLU Z 207 -124.03 54.52 24.19
C GLU Z 207 -123.74 53.95 22.80
N ILE Z 208 -122.46 53.94 22.37
CA ILE Z 208 -122.04 53.13 21.22
C ILE Z 208 -122.18 51.62 21.44
N VAL Z 209 -121.80 51.07 22.62
CA VAL Z 209 -122.11 49.65 22.90
C VAL Z 209 -123.56 49.38 23.15
N ARG Z 210 -124.35 50.38 23.60
CA ARG Z 210 -125.78 50.27 23.62
C ARG Z 210 -126.36 50.06 22.21
N ASP Z 211 -125.92 50.85 21.19
CA ASP Z 211 -126.27 50.70 19.77
C ASP Z 211 -125.84 49.34 19.19
N ILE Z 212 -124.63 48.85 19.56
CA ILE Z 212 -124.16 47.52 19.15
C ILE Z 212 -125.09 46.43 19.62
N LYS Z 213 -125.44 46.49 20.91
CA LYS Z 213 -126.28 45.54 21.57
C LYS Z 213 -127.73 45.56 21.09
N GLU Z 214 -128.27 46.73 20.70
CA GLU Z 214 -129.54 46.95 20.04
C GLU Z 214 -129.69 46.27 18.67
N LYS Z 215 -128.58 45.90 17.98
CA LYS Z 215 -128.69 45.09 16.77
C LYS Z 215 -127.86 43.81 16.77
N LEU Z 216 -126.57 43.83 17.14
CA LEU Z 216 -125.74 42.66 16.95
C LEU Z 216 -126.12 41.53 17.88
N CYS Z 217 -126.35 41.82 19.17
CA CYS Z 217 -126.66 40.83 20.18
C CYS Z 217 -127.89 39.95 19.89
N TYR Z 218 -127.82 38.66 20.24
CA TYR Z 218 -128.99 37.81 20.12
C TYR Z 218 -128.93 36.83 21.27
N VAL Z 219 -130.02 36.10 21.53
CA VAL Z 219 -130.06 35.08 22.57
C VAL Z 219 -129.95 33.69 21.98
N ALA Z 220 -129.02 32.87 22.49
CA ALA Z 220 -128.87 31.48 22.14
C ALA Z 220 -130.05 30.57 22.46
N LEU Z 221 -130.45 29.70 21.52
CA LEU Z 221 -131.48 28.70 21.74
C LEU Z 221 -130.92 27.53 22.50
N ASP Z 222 -129.60 27.40 22.54
CA ASP Z 222 -128.95 26.79 23.66
C ASP Z 222 -127.60 27.48 23.80
N PHE Z 223 -127.23 27.95 25.01
CA PHE Z 223 -126.04 28.74 25.27
C PHE Z 223 -124.77 27.93 25.04
N GLU Z 224 -124.68 26.72 25.64
CA GLU Z 224 -123.51 25.87 25.55
C GLU Z 224 -123.24 25.40 24.15
N ASN Z 225 -124.29 25.02 23.40
CA ASN Z 225 -124.18 24.64 22.00
C ASN Z 225 -123.63 25.75 21.12
N GLU Z 226 -124.16 26.99 21.28
CA GLU Z 226 -123.63 28.13 20.55
C GLU Z 226 -122.22 28.56 20.97
N MET Z 227 -121.89 28.47 22.27
CA MET Z 227 -120.54 28.63 22.76
C MET Z 227 -119.54 27.57 22.31
N ALA Z 228 -119.96 26.31 22.16
CA ALA Z 228 -119.18 25.26 21.52
C ALA Z 228 -118.88 25.52 20.04
N THR Z 229 -119.89 25.96 19.24
CA THR Z 229 -119.70 26.26 17.82
C THR Z 229 -118.95 27.58 17.60
N ALA Z 230 -118.78 28.43 18.64
CA ALA Z 230 -117.82 29.53 18.62
C ALA Z 230 -116.34 29.13 18.47
N ALA Z 231 -115.98 27.83 18.61
CA ALA Z 231 -114.66 27.35 18.24
C ALA Z 231 -114.34 27.52 16.75
N SER Z 232 -115.31 27.20 15.85
CA SER Z 232 -115.19 27.43 14.42
C SER Z 232 -115.89 28.72 14.06
N SER Z 233 -115.20 29.87 14.25
CA SER Z 233 -115.82 31.16 14.01
C SER Z 233 -116.07 31.46 12.56
N SER Z 234 -117.35 31.63 12.20
CA SER Z 234 -117.77 31.96 10.85
C SER Z 234 -118.91 32.97 10.93
N SER Z 235 -120.13 32.53 11.28
CA SER Z 235 -121.30 33.41 11.30
C SER Z 235 -121.47 34.18 12.60
N LEU Z 236 -120.78 33.75 13.67
CA LEU Z 236 -120.93 34.29 15.00
C LEU Z 236 -120.15 35.57 15.16
N GLU Z 237 -119.11 35.78 14.34
CA GLU Z 237 -118.42 37.03 14.25
C GLU Z 237 -119.22 37.98 13.39
N LYS Z 238 -119.29 39.25 13.80
CA LYS Z 238 -119.80 40.30 12.94
C LYS Z 238 -118.89 41.46 13.11
N SER Z 239 -118.50 42.02 11.96
CA SER Z 239 -117.90 43.34 11.81
C SER Z 239 -118.90 44.41 12.18
N TYR Z 240 -118.51 45.37 13.02
CA TYR Z 240 -119.23 46.55 13.39
C TYR Z 240 -118.35 47.75 13.14
N GLU Z 241 -118.93 48.82 12.58
CA GLU Z 241 -118.27 50.07 12.28
C GLU Z 241 -118.53 51.05 13.42
N LEU Z 242 -117.49 51.62 14.04
CA LEU Z 242 -117.63 52.70 15.00
C LEU Z 242 -117.78 54.04 14.29
N PRO Z 243 -118.35 55.09 14.88
CA PRO Z 243 -118.33 56.43 14.31
C PRO Z 243 -116.93 57.01 14.12
N ASP Z 244 -115.91 56.52 14.87
CA ASP Z 244 -114.51 56.84 14.69
C ASP Z 244 -113.99 56.35 13.31
N GLY Z 245 -114.53 55.23 12.78
CA GLY Z 245 -114.03 54.56 11.58
C GLY Z 245 -113.22 53.34 11.93
N GLN Z 246 -113.07 53.09 13.24
CA GLN Z 246 -112.59 51.84 13.76
C GLN Z 246 -113.58 50.68 13.61
N VAL Z 247 -113.07 49.48 13.34
CA VAL Z 247 -113.88 48.32 13.08
C VAL Z 247 -113.71 47.40 14.27
N ILE Z 248 -114.82 46.82 14.73
CA ILE Z 248 -114.92 45.92 15.87
C ILE Z 248 -115.44 44.61 15.33
N THR Z 249 -114.88 43.49 15.81
CA THR Z 249 -115.24 42.16 15.34
C THR Z 249 -115.59 41.33 16.54
N ILE Z 250 -116.88 40.99 16.74
CA ILE Z 250 -117.38 40.37 17.97
C ILE Z 250 -117.94 38.98 17.73
N GLY Z 251 -117.40 37.95 18.40
CA GLY Z 251 -117.76 36.55 18.19
C GLY Z 251 -118.75 36.05 19.20
N ASN Z 252 -118.32 35.15 20.10
CA ASN Z 252 -119.16 34.53 21.12
C ASN Z 252 -119.67 35.47 22.20
N GLU Z 253 -118.89 36.53 22.41
CA GLU Z 253 -119.10 37.70 23.24
C GLU Z 253 -120.44 38.36 22.95
N ARG Z 254 -120.85 38.36 21.66
CA ARG Z 254 -122.14 38.82 21.23
C ARG Z 254 -123.35 38.16 21.93
N PHE Z 255 -123.49 36.82 21.94
CA PHE Z 255 -124.72 36.20 22.42
C PHE Z 255 -124.69 35.91 23.91
N ARG Z 256 -123.49 35.90 24.53
CA ARG Z 256 -123.44 35.73 25.97
C ARG Z 256 -123.75 36.99 26.76
N CYS Z 257 -123.82 38.18 26.10
CA CYS Z 257 -124.39 39.34 26.77
C CYS Z 257 -125.89 39.18 27.07
N PRO Z 258 -126.82 38.83 26.19
CA PRO Z 258 -128.21 38.63 26.63
C PRO Z 258 -128.41 37.40 27.49
N GLU Z 259 -127.47 36.43 27.48
CA GLU Z 259 -127.48 35.21 28.29
C GLU Z 259 -127.55 35.54 29.79
N THR Z 260 -126.97 36.68 30.20
CA THR Z 260 -127.04 37.24 31.56
C THR Z 260 -128.45 37.31 32.14
N LEU Z 261 -129.50 37.55 31.31
CA LEU Z 261 -130.89 37.53 31.76
C LEU Z 261 -131.33 36.19 32.32
N PHE Z 262 -130.75 35.09 31.82
CA PHE Z 262 -131.05 33.73 32.15
C PHE Z 262 -129.99 33.13 33.07
N GLN Z 263 -128.87 33.86 33.29
CA GLN Z 263 -127.77 33.47 34.16
C GLN Z 263 -127.21 34.70 34.89
N PRO Z 264 -127.86 35.28 35.90
CA PRO Z 264 -127.35 36.45 36.63
C PRO Z 264 -126.17 36.11 37.50
N SER Z 265 -125.69 34.88 37.58
CA SER Z 265 -124.39 34.54 38.10
C SER Z 265 -123.22 35.17 37.32
N PHE Z 266 -123.40 35.47 36.00
CA PHE Z 266 -122.46 36.20 35.17
C PHE Z 266 -122.28 37.66 35.58
N ILE Z 267 -123.38 38.33 35.99
CA ILE Z 267 -123.31 39.66 36.54
C ILE Z 267 -122.85 39.63 38.01
N GLY Z 268 -123.02 38.49 38.72
CA GLY Z 268 -122.61 38.27 40.11
C GLY Z 268 -123.73 38.42 41.09
N MET Z 269 -124.97 38.54 40.60
CA MET Z 269 -126.16 38.62 41.44
C MET Z 269 -126.76 37.24 41.60
N GLU Z 270 -127.24 36.92 42.82
CA GLU Z 270 -127.91 35.67 43.10
C GLU Z 270 -129.29 35.57 42.50
N SER Z 271 -129.99 36.74 42.42
CA SER Z 271 -131.33 36.91 41.92
C SER Z 271 -131.60 36.11 40.68
N ALA Z 272 -132.64 35.26 40.70
CA ALA Z 272 -132.83 34.26 39.67
C ALA Z 272 -133.01 34.81 38.26
N GLY Z 273 -132.66 34.02 37.23
CA GLY Z 273 -132.93 34.37 35.84
C GLY Z 273 -134.38 34.68 35.57
N ILE Z 274 -134.66 35.38 34.47
CA ILE Z 274 -135.99 35.90 34.15
C ILE Z 274 -137.08 34.84 33.97
N HIS Z 275 -136.75 33.61 33.54
CA HIS Z 275 -137.67 32.51 33.44
C HIS Z 275 -138.05 31.93 34.80
N GLU Z 276 -137.08 31.77 35.75
CA GLU Z 276 -137.38 31.41 37.13
C GLU Z 276 -138.14 32.50 37.87
N THR Z 277 -137.89 33.81 37.61
CA THR Z 277 -138.73 34.89 38.17
C THR Z 277 -140.16 34.80 37.73
N THR Z 278 -140.43 34.47 36.43
CA THR Z 278 -141.76 34.19 35.91
C THR Z 278 -142.42 32.99 36.60
N TYR Z 279 -141.67 31.91 36.85
CA TYR Z 279 -142.13 30.79 37.69
C TYR Z 279 -142.45 31.23 39.11
N ASN Z 280 -141.60 32.06 39.74
CA ASN Z 280 -141.78 32.61 41.06
C ASN Z 280 -143.07 33.44 41.17
N SER Z 281 -143.38 34.28 40.15
CA SER Z 281 -144.66 34.98 40.04
C SER Z 281 -145.87 34.06 39.87
N ILE Z 282 -145.83 33.10 38.93
CA ILE Z 282 -146.90 32.14 38.64
C ILE Z 282 -147.18 31.19 39.81
N MET Z 283 -146.13 30.71 40.52
CA MET Z 283 -146.24 29.93 41.73
C MET Z 283 -146.88 30.64 42.89
N LYS Z 284 -146.70 31.97 42.99
CA LYS Z 284 -147.39 32.74 44.01
C LYS Z 284 -148.86 32.95 43.72
N CYS Z 285 -149.30 32.72 42.47
CA CYS Z 285 -150.69 32.83 42.09
C CYS Z 285 -151.49 31.61 42.51
N ASP Z 286 -152.82 31.77 42.59
CA ASP Z 286 -153.74 30.69 42.87
C ASP Z 286 -153.67 29.57 41.84
N ILE Z 287 -153.91 28.31 42.28
CA ILE Z 287 -153.74 27.10 41.48
C ILE Z 287 -154.58 27.14 40.20
N ASP Z 288 -155.84 27.60 40.29
CA ASP Z 288 -156.84 27.60 39.24
C ASP Z 288 -156.41 28.38 37.98
N ILE Z 289 -155.89 29.61 38.18
CA ILE Z 289 -155.63 30.47 37.05
C ILE Z 289 -154.37 30.13 36.31
N ARG Z 290 -153.43 29.38 36.93
CA ARG Z 290 -152.10 29.19 36.36
C ARG Z 290 -152.05 28.69 34.94
N LYS Z 291 -153.04 27.87 34.53
CA LYS Z 291 -153.17 27.32 33.19
C LYS Z 291 -153.11 28.33 32.06
N ASP Z 292 -153.76 29.51 32.20
CA ASP Z 292 -153.78 30.50 31.16
C ASP Z 292 -152.57 31.42 31.30
N LEU Z 293 -152.03 31.66 32.51
CA LEU Z 293 -150.80 32.42 32.72
C LEU Z 293 -149.58 31.83 32.10
N TYR Z 294 -149.46 30.50 32.16
CA TYR Z 294 -148.51 29.74 31.37
C TYR Z 294 -148.70 29.95 29.87
N ALA Z 295 -149.95 29.96 29.36
CA ALA Z 295 -150.22 30.08 27.95
C ALA Z 295 -150.38 31.52 27.42
N ASN Z 296 -150.27 32.57 28.26
CA ASN Z 296 -150.56 33.95 27.90
C ASN Z 296 -149.47 34.86 28.44
N ASN Z 297 -148.22 34.40 28.53
CA ASN Z 297 -147.07 35.24 28.83
C ASN Z 297 -146.85 36.32 27.76
N VAL Z 298 -146.85 37.61 28.18
CA VAL Z 298 -146.68 38.75 27.30
C VAL Z 298 -145.32 39.34 27.62
N MET Z 299 -144.46 39.48 26.61
CA MET Z 299 -143.24 40.25 26.73
C MET Z 299 -143.44 41.68 26.34
N SER Z 300 -142.89 42.63 27.11
CA SER Z 300 -142.94 44.03 26.79
C SER Z 300 -141.59 44.65 27.06
N GLY Z 301 -141.42 45.90 26.59
CA GLY Z 301 -140.26 46.72 26.90
C GLY Z 301 -139.19 46.65 25.87
N GLY Z 302 -138.12 47.46 26.05
CA GLY Z 302 -137.06 47.53 25.07
C GLY Z 302 -136.06 46.40 25.11
N THR Z 303 -135.83 45.75 26.27
CA THR Z 303 -134.78 44.72 26.39
C THR Z 303 -135.38 43.32 26.24
N THR Z 304 -136.65 43.20 25.77
CA THR Z 304 -137.20 41.98 25.20
C THR Z 304 -137.12 41.99 23.69
N MET Z 305 -136.46 43.01 23.08
CA MET Z 305 -136.36 43.05 21.64
C MET Z 305 -135.37 42.08 21.01
N TYR Z 306 -134.36 41.55 21.76
CA TYR Z 306 -133.32 40.69 21.18
C TYR Z 306 -133.89 39.49 20.42
N PRO Z 307 -133.42 39.16 19.22
CA PRO Z 307 -133.83 37.95 18.52
C PRO Z 307 -133.62 36.66 19.32
N GLY Z 308 -134.65 35.79 19.38
CA GLY Z 308 -134.57 34.49 20.03
C GLY Z 308 -134.89 34.47 21.51
N ILE Z 309 -135.23 35.62 22.16
CA ILE Z 309 -135.64 35.63 23.58
C ILE Z 309 -136.88 34.79 23.83
N ALA Z 310 -137.91 34.94 22.97
CA ALA Z 310 -139.19 34.24 23.07
C ALA Z 310 -139.06 32.73 23.03
N ASP Z 311 -138.25 32.21 22.10
CA ASP Z 311 -137.91 30.81 21.96
C ASP Z 311 -137.16 30.25 23.17
N ARG Z 312 -136.15 31.00 23.68
CA ARG Z 312 -135.43 30.59 24.88
C ARG Z 312 -136.31 30.54 26.13
N MET Z 313 -137.16 31.55 26.36
CA MET Z 313 -138.13 31.55 27.44
C MET Z 313 -139.12 30.41 27.34
N GLN Z 314 -139.59 30.12 26.09
CA GLN Z 314 -140.47 29.00 25.83
C GLN Z 314 -139.85 27.67 26.17
N LYS Z 315 -138.60 27.42 25.73
CA LYS Z 315 -137.93 26.18 26.04
C LYS Z 315 -137.67 25.98 27.54
N GLU Z 316 -137.26 27.05 28.27
CA GLU Z 316 -136.98 26.98 29.69
C GLU Z 316 -138.21 26.86 30.55
N ILE Z 317 -139.26 27.67 30.30
CA ILE Z 317 -140.50 27.55 31.04
C ILE Z 317 -141.21 26.23 30.78
N THR Z 318 -141.24 25.74 29.51
CA THR Z 318 -141.73 24.39 29.18
C THR Z 318 -140.94 23.28 29.86
N ALA Z 319 -139.60 23.40 29.93
CA ALA Z 319 -138.75 22.45 30.64
C ALA Z 319 -139.00 22.38 32.16
N LEU Z 320 -139.18 23.53 32.83
CA LEU Z 320 -139.49 23.61 34.25
C LEU Z 320 -140.91 23.24 34.62
N ALA Z 321 -141.90 23.67 33.81
CA ALA Z 321 -143.30 23.53 34.12
C ALA Z 321 -143.82 22.11 33.89
N PRO Z 322 -145.01 21.75 34.35
CA PRO Z 322 -145.73 20.61 33.82
C PRO Z 322 -145.93 20.65 32.30
N SER Z 323 -145.50 19.61 31.55
CA SER Z 323 -145.71 19.49 30.11
C SER Z 323 -147.11 18.98 29.79
N THR Z 324 -147.95 18.88 30.86
CA THR Z 324 -149.39 18.61 30.87
C THR Z 324 -150.15 19.70 30.14
N MET Z 325 -149.67 20.96 30.24
CA MET Z 325 -150.28 22.09 29.59
C MET Z 325 -149.31 22.79 28.67
N LYS Z 326 -149.84 23.39 27.59
CA LYS Z 326 -149.01 24.02 26.60
C LYS Z 326 -148.71 25.47 26.90
N ILE Z 327 -147.40 25.81 26.81
CA ILE Z 327 -146.88 27.09 27.20
C ILE Z 327 -146.73 27.93 25.96
N LYS Z 328 -147.75 28.73 25.63
CA LYS Z 328 -147.64 29.72 24.59
C LYS Z 328 -147.10 31.02 25.15
N ILE Z 329 -146.12 31.63 24.48
CA ILE Z 329 -145.62 32.93 24.81
C ILE Z 329 -146.05 33.80 23.67
N ILE Z 330 -146.68 34.93 23.98
CA ILE Z 330 -147.09 35.89 22.99
C ILE Z 330 -146.22 37.11 23.14
N ALA Z 331 -145.25 37.25 22.23
CA ALA Z 331 -144.34 38.36 22.24
C ALA Z 331 -144.49 39.07 20.91
N PRO Z 332 -145.22 40.18 20.79
CA PRO Z 332 -145.45 40.80 19.50
C PRO Z 332 -144.17 41.48 19.02
N PRO Z 333 -143.77 41.57 17.76
CA PRO Z 333 -143.03 42.76 17.30
C PRO Z 333 -143.84 44.02 17.58
N GLU Z 334 -143.19 45.19 17.73
CA GLU Z 334 -143.79 46.42 18.23
C GLU Z 334 -143.84 46.45 19.77
N ARG Z 335 -143.37 45.34 20.42
CA ARG Z 335 -143.39 45.17 21.88
C ARG Z 335 -142.64 46.23 22.66
N LYS Z 336 -141.69 46.94 22.01
CA LYS Z 336 -140.96 48.07 22.54
C LYS Z 336 -141.89 49.20 22.95
N TYR Z 337 -142.92 49.48 22.12
CA TYR Z 337 -143.76 50.65 22.32
C TYR Z 337 -145.05 50.25 23.02
N SER Z 338 -145.20 48.98 23.47
CA SER Z 338 -146.43 48.45 24.03
C SER Z 338 -146.98 49.19 25.23
N VAL Z 339 -146.12 49.67 26.14
CA VAL Z 339 -146.51 50.53 27.25
C VAL Z 339 -147.13 51.86 26.81
N TRP Z 340 -146.54 52.56 25.82
CA TRP Z 340 -147.09 53.80 25.30
C TRP Z 340 -148.43 53.58 24.60
N ILE Z 341 -148.56 52.50 23.78
CA ILE Z 341 -149.81 52.13 23.12
C ILE Z 341 -150.87 51.80 24.14
N GLY Z 342 -150.50 51.11 25.24
CA GLY Z 342 -151.40 50.88 26.35
C GLY Z 342 -151.87 52.10 27.08
N GLY Z 343 -151.02 53.14 27.11
CA GLY Z 343 -151.38 54.43 27.61
C GLY Z 343 -152.25 55.23 26.67
N SER Z 344 -152.05 55.10 25.34
CA SER Z 344 -152.90 55.69 24.30
C SER Z 344 -154.31 55.18 24.37
N ILE Z 345 -154.48 53.83 24.44
CA ILE Z 345 -155.78 53.19 24.55
C ILE Z 345 -156.48 53.57 25.85
N LEU Z 346 -155.77 53.60 27.00
CA LEU Z 346 -156.37 53.97 28.27
C LEU Z 346 -156.96 55.36 28.36
N ALA Z 347 -156.22 56.38 27.87
CA ALA Z 347 -156.70 57.74 27.89
C ALA Z 347 -157.78 57.99 26.83
N SER Z 348 -157.85 57.17 25.76
CA SER Z 348 -158.95 57.14 24.81
C SER Z 348 -160.22 56.49 25.33
N LEU Z 349 -160.15 55.63 26.38
CA LEU Z 349 -161.31 55.06 27.03
C LEU Z 349 -162.21 56.08 27.73
N SER Z 350 -163.52 56.07 27.40
CA SER Z 350 -164.49 57.03 27.89
C SER Z 350 -164.69 57.03 29.40
N THR Z 351 -164.80 55.82 30.01
CA THR Z 351 -164.91 55.64 31.46
C THR Z 351 -163.71 56.14 32.24
N PHE Z 352 -162.49 55.95 31.68
CA PHE Z 352 -161.23 56.38 32.26
C PHE Z 352 -161.19 57.90 32.47
N GLN Z 353 -161.93 58.68 31.61
CA GLN Z 353 -162.06 60.10 31.77
C GLN Z 353 -162.71 60.61 33.06
N GLN Z 354 -163.25 59.72 33.93
CA GLN Z 354 -163.67 60.09 35.26
C GLN Z 354 -162.67 59.68 36.35
N MET Z 355 -161.67 58.83 36.02
CA MET Z 355 -160.74 58.27 36.99
C MET Z 355 -159.44 59.06 37.02
N TRP Z 356 -159.35 60.14 36.22
CA TRP Z 356 -158.22 61.05 36.27
C TRP Z 356 -158.05 61.66 37.65
N ILE Z 357 -156.79 61.88 38.07
CA ILE Z 357 -156.56 62.71 39.22
C ILE Z 357 -156.74 64.13 38.76
N THR Z 358 -157.78 64.84 39.24
CA THR Z 358 -157.99 66.21 38.80
C THR Z 358 -157.01 67.13 39.48
N LYS Z 359 -156.72 68.29 38.87
CA LYS Z 359 -155.97 69.35 39.50
C LYS Z 359 -156.63 69.85 40.77
N GLN Z 360 -157.97 70.00 40.74
CA GLN Z 360 -158.76 70.41 41.89
C GLN Z 360 -158.60 69.48 43.09
N GLU Z 361 -158.75 68.15 42.88
CA GLU Z 361 -158.64 67.12 43.90
C GLU Z 361 -157.25 67.08 44.55
N TYR Z 362 -156.18 67.27 43.73
CA TYR Z 362 -154.83 67.52 44.23
C TYR Z 362 -154.71 68.79 45.06
N ASP Z 363 -155.27 69.94 44.62
CA ASP Z 363 -155.16 71.21 45.32
C ASP Z 363 -155.80 71.14 46.73
N GLU Z 364 -156.98 70.48 46.88
CA GLU Z 364 -157.59 70.19 48.17
C GLU Z 364 -156.84 69.15 49.02
N ALA Z 365 -156.47 67.99 48.45
CA ALA Z 365 -156.10 66.85 49.26
C ALA Z 365 -154.61 66.51 49.22
N GLY Z 366 -153.80 67.27 48.44
CA GLY Z 366 -152.36 67.17 48.40
C GLY Z 366 -151.75 66.07 47.55
N PRO Z 367 -150.41 65.98 47.50
CA PRO Z 367 -149.71 65.04 46.65
C PRO Z 367 -149.84 63.60 47.09
N SER Z 368 -150.25 63.34 48.34
CA SER Z 368 -150.27 61.99 48.89
C SER Z 368 -151.38 61.10 48.33
N ILE Z 369 -152.39 61.74 47.68
CA ILE Z 369 -153.57 61.11 47.12
C ILE Z 369 -153.34 60.19 45.95
N VAL Z 370 -152.10 60.13 45.40
CA VAL Z 370 -151.77 59.24 44.30
C VAL Z 370 -152.15 57.81 44.63
N HIS Z 371 -151.59 57.30 45.74
CA HIS Z 371 -151.77 55.93 46.19
C HIS Z 371 -153.19 55.60 46.62
N ARG Z 372 -153.89 56.60 47.18
CA ARG Z 372 -155.28 56.52 47.58
C ARG Z 372 -156.28 56.29 46.45
N LYS Z 373 -156.08 56.96 45.29
CA LYS Z 373 -156.98 56.82 44.17
C LYS Z 373 -156.56 55.73 43.20
N CYS Z 374 -155.25 55.73 42.81
CA CYS Z 374 -154.73 54.86 41.77
C CYS Z 374 -153.89 53.74 42.36
N PHE Z 375 -153.71 52.67 41.57
CA PHE Z 375 -152.79 51.60 41.87
C PHE Z 375 -151.30 51.98 41.55
N GLU AA 2 -165.32 1.02 112.70
CA GLU AA 2 -166.41 2.03 112.84
C GLU AA 2 -167.76 1.38 112.85
N ASP AA 3 -168.81 2.07 113.35
CA ASP AA 3 -170.16 1.57 113.39
C ASP AA 3 -170.84 1.92 112.09
N GLU AA 4 -171.73 1.03 111.61
CA GLU AA 4 -172.53 1.17 110.41
C GLU AA 4 -171.81 1.20 109.07
N THR AA 5 -170.47 1.44 109.08
CA THR AA 5 -169.52 1.38 107.95
C THR AA 5 -169.64 2.52 106.96
N THR AA 6 -170.49 3.54 107.25
CA THR AA 6 -171.13 4.46 106.28
C THR AA 6 -171.84 3.70 105.15
N ALA AA 7 -172.11 4.32 104.01
CA ALA AA 7 -172.49 3.59 102.83
C ALA AA 7 -172.20 4.55 101.70
N LEU AA 8 -172.19 4.07 100.46
CA LEU AA 8 -171.95 4.89 99.28
C LEU AA 8 -173.18 4.93 98.42
N VAL AA 9 -173.41 6.07 97.78
CA VAL AA 9 -174.57 6.29 96.97
C VAL AA 9 -174.11 6.91 95.68
N CYS AA 10 -174.56 6.37 94.53
CA CYS AA 10 -174.33 6.92 93.23
C CYS AA 10 -175.62 7.00 92.43
N ASP AA 11 -175.96 8.19 91.92
CA ASP AA 11 -176.96 8.41 90.89
C ASP AA 11 -176.23 8.50 89.56
N ASN AA 12 -176.56 7.54 88.66
CA ASN AA 12 -176.29 7.56 87.24
C ASN AA 12 -177.57 7.39 86.45
N GLY AA 13 -178.45 8.42 86.43
CA GLY AA 13 -179.04 8.79 85.14
C GLY AA 13 -177.98 9.28 84.15
N SER AA 14 -178.27 9.40 82.83
CA SER AA 14 -177.34 10.01 81.87
C SER AA 14 -176.89 11.41 82.23
N GLY AA 15 -175.67 11.81 81.82
CA GLY AA 15 -175.26 13.20 81.90
C GLY AA 15 -174.41 13.52 83.11
N LEU AA 16 -174.81 13.11 84.33
CA LEU AA 16 -174.09 13.44 85.55
C LEU AA 16 -174.02 12.24 86.46
N VAL AA 17 -172.83 11.99 87.02
CA VAL AA 17 -172.65 11.13 88.17
C VAL AA 17 -172.86 12.01 89.36
N LYS AA 18 -173.78 11.66 90.25
CA LYS AA 18 -173.85 12.28 91.56
C LYS AA 18 -173.50 11.25 92.57
N ALA AA 19 -172.43 11.45 93.33
CA ALA AA 19 -171.91 10.46 94.24
C ALA AA 19 -171.37 11.04 95.53
N GLY AA 20 -171.44 10.25 96.60
CA GLY AA 20 -170.97 10.69 97.88
C GLY AA 20 -171.27 9.63 98.89
N PHE AA 21 -171.09 9.99 100.17
CA PHE AA 21 -171.44 9.14 101.28
C PHE AA 21 -172.92 9.23 101.57
N ALA AA 22 -173.55 8.08 101.84
CA ALA AA 22 -174.82 8.00 102.54
C ALA AA 22 -174.69 8.54 103.94
N GLY AA 23 -175.72 9.27 104.42
CA GLY AA 23 -175.66 9.92 105.73
C GLY AA 23 -175.27 11.36 105.71
N ASP AA 24 -175.12 11.95 104.52
CA ASP AA 24 -174.84 13.36 104.32
C ASP AA 24 -175.97 13.95 103.47
N ASP AA 25 -176.24 15.27 103.59
CA ASP AA 25 -177.29 16.01 102.93
C ASP AA 25 -176.93 16.34 101.47
N ALA AA 26 -175.63 16.41 101.13
CA ALA AA 26 -175.23 16.66 99.76
C ALA AA 26 -174.10 15.73 99.29
N PRO AA 27 -174.05 15.37 97.99
CA PRO AA 27 -173.00 14.54 97.44
C PRO AA 27 -171.68 15.30 97.44
N ARG AA 28 -170.56 14.62 97.69
CA ARG AA 28 -169.24 15.21 97.57
C ARG AA 28 -168.86 15.51 96.12
N ALA AA 29 -169.16 14.57 95.20
CA ALA AA 29 -168.71 14.65 93.84
C ALA AA 29 -169.88 14.62 92.91
N VAL AA 30 -169.95 15.63 92.04
CA VAL AA 30 -170.91 15.67 90.97
C VAL AA 30 -170.12 16.07 89.74
N PHE AA 31 -170.17 15.26 88.67
CA PHE AA 31 -169.40 15.58 87.49
C PHE AA 31 -170.10 14.99 86.27
N PRO AA 32 -169.83 15.47 85.06
CA PRO AA 32 -170.44 14.92 83.85
C PRO AA 32 -169.99 13.53 83.49
N SER AA 33 -170.93 12.64 83.18
CA SER AA 33 -170.70 11.27 82.79
C SER AA 33 -170.24 11.15 81.37
N ILE AA 34 -168.98 11.51 81.08
CA ILE AA 34 -168.47 11.57 79.73
C ILE AA 34 -167.13 10.93 79.69
N VAL AA 35 -166.88 10.21 78.61
CA VAL AA 35 -165.63 9.59 78.30
C VAL AA 35 -165.21 10.26 77.03
N GLY AA 36 -164.15 11.07 77.10
CA GLY AA 36 -163.67 11.81 75.96
C GLY AA 36 -162.35 11.32 75.48
N ARG AA 37 -162.27 10.95 74.20
CA ARG AA 37 -161.12 10.28 73.64
C ARG AA 37 -160.36 11.24 72.74
N PRO AA 38 -159.02 11.36 72.82
CA PRO AA 38 -158.22 12.04 71.81
C PRO AA 38 -158.44 11.52 70.39
N ARG AA 39 -159.28 12.22 69.61
CA ARG AA 39 -159.55 11.96 68.22
C ARG AA 39 -158.35 12.35 67.33
N HIS AA 40 -157.68 13.49 67.64
CA HIS AA 40 -156.56 13.97 66.88
C HIS AA 40 -155.31 13.31 67.41
N GLN AA 41 -154.48 12.71 66.53
CA GLN AA 41 -153.19 12.19 66.94
C GLN AA 41 -152.25 13.28 67.41
N GLY AA 42 -151.68 13.10 68.61
CA GLY AA 42 -150.83 14.11 69.22
C GLY AA 42 -149.41 13.98 68.75
N VAL AA 43 -148.71 15.10 68.54
CA VAL AA 43 -147.31 15.08 68.11
C VAL AA 43 -146.53 16.00 69.00
N MET AA 44 -145.95 15.43 70.07
CA MET AA 44 -145.00 16.03 70.95
C MET AA 44 -144.32 14.80 71.52
N VAL AA 45 -143.50 14.94 72.58
CA VAL AA 45 -142.99 13.82 73.36
C VAL AA 45 -143.26 14.22 74.79
N GLY AA 46 -143.60 13.28 75.69
CA GLY AA 46 -143.91 13.60 77.09
C GLY AA 46 -145.30 14.16 77.30
N MET AA 47 -146.23 13.77 76.41
CA MET AA 47 -147.64 13.94 76.64
C MET AA 47 -148.15 12.66 77.24
N GLY AA 48 -149.10 12.80 78.19
CA GLY AA 48 -150.02 11.77 78.63
C GLY AA 48 -149.49 10.35 78.79
N GLN AA 49 -149.72 9.42 77.82
CA GLN AA 49 -150.56 9.56 76.65
C GLN AA 49 -152.01 9.71 77.04
N LYS AA 50 -152.46 8.83 77.97
CA LYS AA 50 -153.82 8.75 78.47
C LYS AA 50 -154.84 8.46 77.37
N ASP AA 51 -155.27 7.19 77.20
CA ASP AA 51 -156.19 6.72 76.17
C ASP AA 51 -157.50 7.52 76.13
N SER AA 52 -157.96 7.98 77.29
CA SER AA 52 -159.20 8.69 77.39
C SER AA 52 -159.23 9.44 78.69
N TYR AA 53 -160.08 10.47 78.76
CA TYR AA 53 -160.30 11.35 79.90
C TYR AA 53 -161.72 11.18 80.34
N VAL AA 54 -161.97 11.24 81.65
CA VAL AA 54 -163.26 10.96 82.25
C VAL AA 54 -163.62 12.11 83.16
N GLY AA 55 -164.91 12.45 83.27
CA GLY AA 55 -165.37 13.46 84.21
C GLY AA 55 -165.17 14.88 83.72
N ASP AA 56 -165.09 15.87 84.60
CA ASP AA 56 -164.87 17.26 84.26
C ASP AA 56 -163.46 17.58 83.75
N GLU AA 57 -162.49 16.63 83.83
CA GLU AA 57 -161.25 16.63 83.06
C GLU AA 57 -161.48 16.75 81.55
N ALA AA 58 -162.48 15.98 81.02
CA ALA AA 58 -162.95 16.02 79.65
C ALA AA 58 -163.60 17.35 79.28
N GLN AA 59 -164.34 17.99 80.22
CA GLN AA 59 -164.88 19.34 80.06
C GLN AA 59 -163.81 20.39 79.89
N SER AA 60 -162.71 20.31 80.68
CA SER AA 60 -161.55 21.19 80.60
C SER AA 60 -160.81 21.04 79.28
N LYS AA 61 -160.53 19.78 78.86
CA LYS AA 61 -159.84 19.50 77.61
C LYS AA 61 -160.84 19.07 76.57
N ARG AA 62 -161.76 19.94 76.17
CA ARG AA 62 -162.88 19.55 75.35
C ARG AA 62 -162.61 19.44 73.86
N GLY AA 63 -161.81 20.40 73.32
CA GLY AA 63 -161.67 20.63 71.90
C GLY AA 63 -160.96 19.55 71.11
N ILE AA 64 -160.00 18.88 71.77
CA ILE AA 64 -159.26 17.73 71.26
C ILE AA 64 -160.15 16.51 71.15
N LEU AA 65 -160.96 16.30 72.20
CA LEU AA 65 -161.68 15.09 72.48
C LEU AA 65 -162.92 15.00 71.62
N THR AA 66 -163.27 13.76 71.27
CA THR AA 66 -164.65 13.45 70.95
C THR AA 66 -165.21 12.92 72.24
N LEU AA 67 -166.42 13.35 72.64
CA LEU AA 67 -167.04 12.96 73.88
C LEU AA 67 -168.12 11.96 73.59
N LYS AA 68 -168.15 10.89 74.38
CA LYS AA 68 -169.16 9.89 74.26
C LYS AA 68 -169.85 9.80 75.60
N TYR AA 69 -171.17 10.10 75.64
CA TYR AA 69 -172.02 9.75 76.75
C TYR AA 69 -172.19 8.23 76.76
N PRO AA 70 -171.94 7.49 77.84
CA PRO AA 70 -172.00 6.04 77.80
C PRO AA 70 -173.40 5.58 78.12
N ILE AA 71 -174.24 6.47 78.68
CA ILE AA 71 -175.61 6.16 79.00
C ILE AA 71 -176.50 6.95 78.08
N GLU AA 72 -177.39 6.27 77.33
CA GLU AA 72 -178.41 6.93 76.54
C GLU AA 72 -179.75 6.35 76.89
N HIS AA 73 -180.71 7.23 77.20
CA HIS AA 73 -182.08 6.89 77.53
C HIS AA 73 -182.25 6.01 78.76
N GLY AA 74 -181.34 6.17 79.74
CA GLY AA 74 -181.22 5.30 80.91
C GLY AA 74 -180.51 4.00 80.63
N ILE AA 75 -180.09 3.75 79.38
CA ILE AA 75 -179.47 2.52 78.94
C ILE AA 75 -177.99 2.75 78.84
N ILE AA 76 -177.15 1.89 79.45
CA ILE AA 76 -175.74 1.95 79.19
C ILE AA 76 -175.44 1.37 77.82
N THR AA 77 -174.94 2.21 76.90
CA THR AA 77 -174.50 1.83 75.57
C THR AA 77 -173.20 1.10 75.60
N ASN AA 78 -172.25 1.61 76.41
CA ASN AA 78 -170.92 1.07 76.50
C ASN AA 78 -170.50 0.84 77.96
N TRP AA 79 -170.22 -0.43 78.30
CA TRP AA 79 -169.97 -0.89 79.67
C TRP AA 79 -168.61 -0.54 80.24
N ASP AA 80 -167.54 -0.62 79.40
CA ASP AA 80 -166.18 -0.27 79.79
C ASP AA 80 -166.11 1.21 80.14
N ASP AA 81 -166.73 2.08 79.33
CA ASP AA 81 -166.90 3.49 79.59
C ASP AA 81 -167.63 3.78 80.92
N MET AA 82 -168.73 3.06 81.27
CA MET AA 82 -169.36 3.14 82.59
C MET AA 82 -168.48 2.69 83.75
N GLU AA 83 -167.75 1.59 83.57
CA GLU AA 83 -166.78 1.11 84.55
C GLU AA 83 -165.69 2.15 84.81
N LYS AA 84 -165.14 2.78 83.74
CA LYS AA 84 -164.20 3.89 83.83
C LYS AA 84 -164.74 5.09 84.60
N ILE AA 85 -166.02 5.46 84.38
CA ILE AA 85 -166.68 6.50 85.14
C ILE AA 85 -166.80 6.17 86.62
N TRP AA 86 -167.23 4.97 86.98
CA TRP AA 86 -167.22 4.53 88.36
C TRP AA 86 -165.83 4.39 88.95
N HIS AA 87 -164.82 3.95 88.17
CA HIS AA 87 -163.45 3.95 88.62
C HIS AA 87 -162.93 5.33 89.01
N HIS AA 88 -163.27 6.35 88.18
CA HIS AA 88 -163.05 7.76 88.42
C HIS AA 88 -163.78 8.21 89.70
N THR AA 89 -165.09 7.89 89.95
CA THR AA 89 -165.80 8.31 91.19
C THR AA 89 -165.12 7.87 92.46
N PHE AA 90 -164.76 6.58 92.52
CA PHE AA 90 -164.25 5.96 93.72
C PHE AA 90 -162.82 6.36 94.00
N TYR AA 91 -161.94 6.27 92.98
CA TYR AA 91 -160.53 6.53 93.21
C TYR AA 91 -160.16 7.99 93.05
N ASN AA 92 -160.65 8.70 92.01
CA ASN AA 92 -160.28 10.09 91.76
C ASN AA 92 -160.92 11.06 92.75
N GLU AA 93 -162.24 10.94 93.04
CA GLU AA 93 -162.91 11.86 93.93
C GLU AA 93 -162.99 11.35 95.35
N LEU AA 94 -163.71 10.24 95.59
CA LEU AA 94 -164.08 9.89 96.95
C LEU AA 94 -162.98 9.27 97.76
N ARG AA 95 -162.03 8.62 97.07
CA ARG AA 95 -160.84 7.99 97.60
C ARG AA 95 -161.15 6.88 98.58
N VAL AA 96 -162.05 6.00 98.16
CA VAL AA 96 -162.59 4.94 98.98
C VAL AA 96 -162.15 3.64 98.36
N ALA AA 97 -162.02 2.57 99.16
CA ALA AA 97 -161.98 1.22 98.65
C ALA AA 97 -163.44 0.74 98.68
N PRO AA 98 -164.11 0.38 97.57
CA PRO AA 98 -165.48 -0.13 97.61
C PRO AA 98 -165.65 -1.39 98.48
N GLU AA 99 -164.59 -2.18 98.75
CA GLU AA 99 -164.58 -3.30 99.70
C GLU AA 99 -165.00 -2.89 101.11
N GLU AA 100 -164.81 -1.61 101.46
CA GLU AA 100 -165.09 -1.09 102.77
C GLU AA 100 -166.45 -0.44 102.84
N HIS AA 101 -167.27 -0.42 101.76
CA HIS AA 101 -168.54 0.29 101.81
C HIS AA 101 -169.64 -0.44 101.07
N PRO AA 102 -170.86 -0.64 101.56
CA PRO AA 102 -171.99 -0.98 100.68
C PRO AA 102 -172.37 0.14 99.72
N THR AA 103 -172.70 -0.15 98.44
CA THR AA 103 -172.94 0.87 97.41
C THR AA 103 -174.35 0.83 96.87
N LEU AA 104 -175.08 1.94 96.96
CA LEU AA 104 -176.37 2.11 96.36
C LEU AA 104 -176.23 2.70 94.96
N LEU AA 105 -176.89 2.11 93.97
CA LEU AA 105 -177.03 2.69 92.67
C LEU AA 105 -178.47 3.02 92.44
N THR AA 106 -178.70 4.17 91.79
CA THR AA 106 -180.01 4.47 91.25
C THR AA 106 -180.14 3.88 89.86
N GLU AA 107 -181.37 3.72 89.37
CA GLU AA 107 -181.64 3.26 88.04
C GLU AA 107 -183.05 3.67 87.66
N ALA AA 108 -183.33 3.79 86.36
CA ALA AA 108 -184.57 4.36 85.88
C ALA AA 108 -185.73 3.35 85.73
N PRO AA 109 -187.00 3.67 85.93
CA PRO AA 109 -188.11 2.77 85.61
C PRO AA 109 -188.23 2.21 84.21
N LEU AA 110 -188.84 1.01 84.12
CA LEU AA 110 -189.20 0.32 82.88
C LEU AA 110 -187.98 0.07 82.05
N ASN AA 111 -186.85 -0.09 82.72
CA ASN AA 111 -185.56 -0.16 82.11
C ASN AA 111 -185.25 -1.61 81.84
N PRO AA 112 -184.71 -2.00 80.67
CA PRO AA 112 -184.16 -3.31 80.42
C PRO AA 112 -183.51 -4.02 81.60
N LYS AA 113 -183.84 -5.30 81.77
CA LYS AA 113 -183.34 -6.14 82.83
C LYS AA 113 -181.83 -6.27 82.85
N ALA AA 114 -181.26 -6.31 81.63
CA ALA AA 114 -179.85 -6.42 81.36
C ALA AA 114 -179.03 -5.31 81.97
N ASN AA 115 -179.54 -4.05 82.02
CA ASN AA 115 -178.86 -2.99 82.73
C ASN AA 115 -178.75 -3.26 84.22
N ARG AA 116 -179.85 -3.63 84.92
CA ARG AA 116 -179.79 -3.96 86.35
C ARG AA 116 -178.88 -5.15 86.67
N GLU AA 117 -179.03 -6.25 85.91
CA GLU AA 117 -178.25 -7.48 86.02
C GLU AA 117 -176.78 -7.35 85.67
N LYS AA 118 -176.44 -6.61 84.58
CA LYS AA 118 -175.06 -6.31 84.27
C LYS AA 118 -174.44 -5.29 85.22
N MET AA 119 -175.20 -4.30 85.72
CA MET AA 119 -174.79 -3.33 86.70
C MET AA 119 -174.34 -3.96 88.02
N THR AA 120 -175.13 -4.96 88.51
CA THR AA 120 -174.76 -5.80 89.66
C THR AA 120 -173.58 -6.69 89.41
N GLN AA 121 -173.48 -7.30 88.22
CA GLN AA 121 -172.36 -8.13 87.82
C GLN AA 121 -171.03 -7.36 87.87
N ILE AA 122 -171.02 -6.10 87.34
CA ILE AA 122 -169.86 -5.22 87.49
C ILE AA 122 -169.61 -4.83 88.92
N MET AA 123 -170.64 -4.45 89.71
CA MET AA 123 -170.38 -4.07 91.08
C MET AA 123 -169.76 -5.17 91.90
N PHE AA 124 -170.17 -6.43 91.77
CA PHE AA 124 -169.49 -7.49 92.46
C PHE AA 124 -168.15 -7.93 91.88
N GLU AA 125 -168.03 -8.03 90.52
CA GLU AA 125 -166.88 -8.66 89.89
C GLU AA 125 -165.91 -7.68 89.23
N THR AA 126 -166.04 -6.38 89.55
CA THR AA 126 -165.09 -5.36 89.13
C THR AA 126 -164.56 -4.68 90.37
N PHE AA 127 -165.41 -3.90 91.08
CA PHE AA 127 -164.98 -3.29 92.34
C PHE AA 127 -165.45 -4.18 93.45
N ASN AA 128 -164.60 -5.05 94.05
CA ASN AA 128 -165.10 -6.00 95.02
C ASN AA 128 -165.81 -5.26 96.17
N VAL AA 129 -167.06 -5.63 96.52
CA VAL AA 129 -167.89 -4.77 97.37
C VAL AA 129 -168.67 -5.70 98.30
N PRO AA 130 -168.94 -5.42 99.58
CA PRO AA 130 -169.67 -6.33 100.47
C PRO AA 130 -171.12 -6.46 100.09
N ALA AA 131 -171.72 -5.38 99.58
CA ALA AA 131 -173.12 -5.38 99.31
C ALA AA 131 -173.50 -4.22 98.43
N MET AA 132 -174.68 -4.30 97.81
CA MET AA 132 -175.15 -3.25 96.95
C MET AA 132 -176.64 -3.26 96.86
N TYR AA 133 -177.21 -2.24 96.23
CA TYR AA 133 -178.61 -2.21 95.95
C TYR AA 133 -178.77 -1.40 94.68
N VAL AA 134 -179.80 -1.69 93.87
CA VAL AA 134 -180.21 -0.88 92.73
C VAL AA 134 -181.60 -0.46 93.08
N ALA AA 135 -181.90 0.84 92.92
CA ALA AA 135 -183.16 1.40 93.35
C ALA AA 135 -183.73 2.29 92.29
N ILE AA 136 -185.05 2.46 92.32
CA ILE AA 136 -185.73 3.24 91.33
C ILE AA 136 -185.58 4.75 91.57
N GLN AA 137 -185.26 5.57 90.55
CA GLN AA 137 -184.98 7.00 90.73
C GLN AA 137 -186.08 7.82 91.40
N ALA AA 138 -187.35 7.61 90.99
CA ALA AA 138 -188.49 8.38 91.43
C ALA AA 138 -188.86 8.24 92.91
N VAL AA 139 -188.79 7.01 93.44
CA VAL AA 139 -189.01 6.73 94.86
C VAL AA 139 -187.98 7.42 95.73
N LEU AA 140 -186.70 7.46 95.32
CA LEU AA 140 -185.66 8.18 96.04
C LEU AA 140 -185.94 9.68 96.13
N SER AA 141 -186.38 10.33 95.03
CA SER AA 141 -186.76 11.74 95.09
C SER AA 141 -187.92 12.03 96.02
N LEU AA 142 -188.92 11.12 96.06
CA LEU AA 142 -190.03 11.17 96.98
C LEU AA 142 -189.61 11.15 98.45
N TYR AA 143 -188.67 10.23 98.82
CA TYR AA 143 -188.04 10.19 100.13
C TYR AA 143 -187.34 11.47 100.49
N ALA AA 144 -186.57 12.04 99.53
CA ALA AA 144 -185.86 13.29 99.69
C ALA AA 144 -186.78 14.48 99.96
N SER AA 145 -187.96 14.49 99.31
CA SER AA 145 -188.99 15.49 99.54
C SER AA 145 -189.74 15.29 100.86
N GLY AA 146 -189.58 14.12 101.53
CA GLY AA 146 -190.11 13.88 102.86
C GLY AA 146 -191.58 13.57 102.88
N ARG AA 147 -192.13 13.11 101.76
CA ARG AA 147 -193.55 12.90 101.59
C ARG AA 147 -193.78 11.42 101.38
N THR AA 148 -194.93 10.89 101.81
CA THR AA 148 -195.20 9.46 101.70
C THR AA 148 -195.96 9.13 100.43
N THR AA 149 -196.48 10.16 99.77
CA THR AA 149 -197.45 10.09 98.69
C THR AA 149 -197.13 11.19 97.71
N GLY AA 150 -197.27 10.88 96.43
CA GLY AA 150 -197.11 11.82 95.36
C GLY AA 150 -196.95 11.13 94.07
N ILE AA 151 -197.03 11.89 92.99
CA ILE AA 151 -196.70 11.39 91.69
C ILE AA 151 -195.41 12.05 91.34
N VAL AA 152 -194.37 11.25 91.15
CA VAL AA 152 -193.06 11.80 90.91
C VAL AA 152 -192.82 11.86 89.43
N LEU AA 153 -192.65 13.09 88.93
CA LEU AA 153 -192.23 13.38 87.58
C LEU AA 153 -190.72 13.49 87.62
N ASP AA 154 -190.03 12.48 87.09
CA ASP AA 154 -188.60 12.36 87.08
C ASP AA 154 -188.24 12.64 85.64
N SER AA 155 -187.44 13.70 85.42
CA SER AA 155 -186.84 13.86 84.13
C SER AA 155 -185.39 14.27 84.28
N GLY AA 156 -184.49 13.35 83.87
CA GLY AA 156 -183.06 13.66 83.83
C GLY AA 156 -182.59 14.05 82.45
N ASP AA 157 -181.28 13.87 82.19
CA ASP AA 157 -180.72 13.97 80.86
C ASP AA 157 -180.89 12.64 80.11
N GLY AA 158 -181.19 11.55 80.85
CA GLY AA 158 -181.40 10.22 80.28
C GLY AA 158 -182.75 10.09 79.65
N VAL AA 159 -183.82 9.85 80.44
CA VAL AA 159 -185.17 9.78 79.91
C VAL AA 159 -186.02 10.39 81.01
N THR AA 160 -187.29 10.73 80.69
CA THR AA 160 -188.40 11.11 81.55
C THR AA 160 -189.20 9.90 81.99
N HIS AA 161 -189.52 9.84 83.29
CA HIS AA 161 -190.24 8.79 83.96
C HIS AA 161 -191.28 9.40 84.88
N ASN AA 162 -192.30 8.63 85.25
CA ASN AA 162 -193.38 9.10 86.04
C ASN AA 162 -193.81 7.91 86.87
N VAL AA 163 -193.76 8.01 88.21
CA VAL AA 163 -194.14 6.93 89.10
C VAL AA 163 -195.15 7.49 90.10
N PRO AA 164 -196.43 7.12 90.09
CA PRO AA 164 -197.35 7.43 91.17
C PRO AA 164 -197.13 6.51 92.34
N ILE AA 165 -197.18 7.07 93.54
CA ILE AA 165 -197.01 6.35 94.76
C ILE AA 165 -198.16 6.79 95.66
N TYR AA 166 -198.68 5.89 96.51
CA TYR AA 166 -199.68 6.21 97.50
C TYR AA 166 -199.36 5.49 98.80
N GLU AA 167 -199.01 6.25 99.85
CA GLU AA 167 -198.78 5.78 101.21
C GLU AA 167 -197.66 4.75 101.29
N GLY AA 168 -196.50 5.10 100.70
CA GLY AA 168 -195.62 4.06 100.16
C GLY AA 168 -196.30 3.40 98.98
N TYR AA 169 -196.42 2.05 98.96
CA TYR AA 169 -196.88 1.25 97.83
C TYR AA 169 -196.24 1.68 96.51
N ALA AA 170 -196.96 1.60 95.38
CA ALA AA 170 -196.46 1.86 94.04
C ALA AA 170 -197.43 1.19 93.11
N LEU AA 171 -197.60 1.74 91.89
CA LEU AA 171 -198.54 1.18 90.93
C LEU AA 171 -197.83 0.81 89.64
N PRO AA 172 -197.48 -0.46 89.36
CA PRO AA 172 -196.68 -0.83 88.20
C PRO AA 172 -197.30 -0.51 86.86
N HIS AA 173 -198.62 -0.68 86.70
CA HIS AA 173 -199.38 -0.38 85.50
C HIS AA 173 -199.48 1.11 85.22
N ALA AA 174 -199.50 1.93 86.29
CA ALA AA 174 -199.60 3.36 86.20
C ALA AA 174 -198.26 4.07 86.04
N ILE AA 175 -197.11 3.37 86.21
CA ILE AA 175 -195.80 3.89 85.86
C ILE AA 175 -195.70 4.17 84.37
N MET AA 176 -195.28 5.39 84.01
CA MET AA 176 -195.12 5.80 82.64
C MET AA 176 -193.70 6.26 82.42
N ARG AA 177 -193.16 5.93 81.24
CA ARG AA 177 -191.86 6.33 80.80
C ARG AA 177 -192.05 6.98 79.45
N LEU AA 178 -191.48 8.19 79.30
CA LEU AA 178 -191.63 9.01 78.13
C LEU AA 178 -190.28 9.35 77.59
N ASP AA 179 -189.99 9.02 76.33
CA ASP AA 179 -188.70 9.28 75.71
C ASP AA 179 -188.61 10.75 75.29
N LEU AA 180 -188.29 11.60 76.28
CA LEU AA 180 -187.88 12.97 76.16
C LEU AA 180 -186.83 13.13 77.21
N ALA AA 181 -185.92 14.10 77.02
CA ALA AA 181 -184.91 14.32 78.00
C ALA AA 181 -184.31 15.69 77.84
N GLY AA 182 -183.43 16.07 78.78
CA GLY AA 182 -182.44 17.13 78.58
C GLY AA 182 -181.65 16.99 77.29
N ARG AA 183 -181.11 15.80 76.98
CA ARG AA 183 -180.34 15.58 75.79
C ARG AA 183 -181.09 15.81 74.48
N ASP AA 184 -182.36 15.35 74.36
CA ASP AA 184 -183.21 15.60 73.23
C ASP AA 184 -183.58 17.09 73.06
N LEU AA 185 -183.77 17.83 74.18
CA LEU AA 185 -183.87 19.29 74.16
C LEU AA 185 -182.61 19.98 73.69
N THR AA 186 -181.42 19.47 74.04
CA THR AA 186 -180.15 19.94 73.49
C THR AA 186 -180.03 19.75 71.99
N ASP AA 187 -180.38 18.55 71.45
CA ASP AA 187 -180.40 18.26 70.01
C ASP AA 187 -181.42 19.12 69.26
N TYR AA 188 -182.62 19.35 69.84
CA TYR AA 188 -183.59 20.33 69.34
C TYR AA 188 -183.03 21.75 69.33
N LEU AA 189 -182.35 22.15 70.43
CA LEU AA 189 -181.80 23.48 70.58
C LEU AA 189 -180.73 23.83 69.59
N MET AA 190 -179.74 22.96 69.37
CA MET AA 190 -178.72 23.22 68.37
C MET AA 190 -179.30 23.23 66.95
N LYS AA 191 -180.38 22.44 66.68
CA LYS AA 191 -181.19 22.57 65.48
C LYS AA 191 -181.94 23.89 65.33
N ILE AA 192 -182.50 24.47 66.42
CA ILE AA 192 -183.20 25.74 66.32
C ILE AA 192 -182.26 26.94 66.36
N LEU AA 193 -180.97 26.80 66.77
CA LEU AA 193 -180.00 27.88 66.59
C LEU AA 193 -179.57 28.11 65.14
N THR AA 194 -179.66 27.08 64.29
CA THR AA 194 -179.17 27.12 62.90
C THR AA 194 -179.91 28.11 62.02
N GLU AA 195 -181.22 28.35 62.29
CA GLU AA 195 -182.03 29.32 61.57
C GLU AA 195 -181.57 30.75 61.87
N ARG AA 196 -180.82 30.95 62.98
CA ARG AA 196 -180.26 32.23 63.33
C ARG AA 196 -178.85 32.44 62.75
N GLY AA 197 -178.25 31.37 62.19
CA GLY AA 197 -176.93 31.37 61.56
C GLY AA 197 -175.84 30.76 62.39
N TYR AA 198 -176.11 30.45 63.67
CA TYR AA 198 -175.13 29.82 64.54
C TYR AA 198 -175.17 28.32 64.40
N SER AA 199 -174.05 27.70 64.00
CA SER AA 199 -174.04 26.30 63.63
C SER AA 199 -173.09 25.59 64.51
N PHE AA 200 -173.60 24.67 65.33
CA PHE AA 200 -172.82 23.94 66.30
C PHE AA 200 -172.93 22.50 65.88
N VAL AA 201 -171.85 21.92 65.38
CA VAL AA 201 -171.90 20.69 64.58
C VAL AA 201 -171.27 19.53 65.30
N THR AA 202 -170.55 19.77 66.42
CA THR AA 202 -169.65 18.79 67.00
C THR AA 202 -169.96 18.64 68.48
N THR AA 203 -169.53 17.53 69.11
CA THR AA 203 -169.80 17.19 70.51
C THR AA 203 -169.34 18.20 71.54
N ALA AA 204 -168.16 18.81 71.33
CA ALA AA 204 -167.59 19.85 72.17
C ALA AA 204 -168.48 21.08 72.34
N GLU AA 205 -169.03 21.68 71.25
CA GLU AA 205 -169.93 22.80 71.38
C GLU AA 205 -171.39 22.39 71.55
N ARG AA 206 -171.73 21.10 71.41
CA ARG AA 206 -172.97 20.52 71.86
C ARG AA 206 -173.14 20.62 73.38
N GLU AA 207 -172.04 20.49 74.13
CA GLU AA 207 -172.01 20.82 75.53
C GLU AA 207 -171.99 22.31 75.86
N ILE AA 208 -171.52 23.17 74.93
CA ILE AA 208 -171.75 24.62 75.01
C ILE AA 208 -173.23 25.01 74.89
N VAL AA 209 -174.03 24.42 73.98
CA VAL AA 209 -175.49 24.65 73.99
C VAL AA 209 -176.19 24.00 75.16
N ARG AA 210 -175.65 22.91 75.72
CA ARG AA 210 -176.13 22.38 76.98
C ARG AA 210 -176.00 23.41 78.11
N ASP AA 211 -174.82 24.09 78.26
CA ASP AA 211 -174.57 25.18 79.21
C ASP AA 211 -175.50 26.40 78.98
N ILE AA 212 -175.74 26.76 77.70
CA ILE AA 212 -176.69 27.83 77.34
C ILE AA 212 -178.08 27.54 77.88
N LYS AA 213 -178.55 26.32 77.59
CA LYS AA 213 -179.85 25.85 77.96
C LYS AA 213 -180.05 25.68 79.46
N GLU AA 214 -178.99 25.31 80.21
CA GLU AA 214 -178.91 25.26 81.67
C GLU AA 214 -179.11 26.61 82.37
N LYS AA 215 -178.90 27.77 81.66
CA LYS AA 215 -179.28 29.05 82.25
C LYS AA 215 -180.21 29.91 81.41
N LEU AA 216 -179.98 30.09 80.09
CA LEU AA 216 -180.76 31.05 79.34
C LEU AA 216 -182.21 30.62 79.16
N CYS AA 217 -182.43 29.34 78.80
CA CYS AA 217 -183.75 28.80 78.53
C CYS AA 217 -184.75 28.94 79.67
N TYR AA 218 -186.02 29.21 79.35
CA TYR AA 218 -187.06 29.20 80.35
C TYR AA 218 -188.32 28.70 79.70
N VAL AA 219 -189.36 28.36 80.49
CA VAL AA 219 -190.63 27.92 79.97
C VAL AA 219 -191.67 29.02 80.03
N ALA AA 220 -192.34 29.30 78.90
CA ALA AA 220 -193.44 30.22 78.80
C ALA AA 220 -194.68 29.87 79.63
N LEU AA 221 -195.25 30.86 80.32
CA LEU AA 221 -196.50 30.70 81.05
C LEU AA 221 -197.68 30.78 80.13
N ASP AA 222 -197.46 31.31 78.91
CA ASP AA 222 -198.22 30.89 77.78
C ASP AA 222 -197.29 31.01 76.58
N PHE AA 223 -197.16 29.96 75.74
CA PHE AA 223 -196.23 29.88 74.64
C PHE AA 223 -196.56 30.89 73.55
N GLU AA 224 -197.83 30.93 73.08
CA GLU AA 224 -198.27 31.81 72.01
C GLU AA 224 -198.16 33.27 72.38
N ASN AA 225 -198.53 33.64 73.62
CA ASN AA 225 -198.38 34.99 74.13
C ASN AA 225 -196.93 35.46 74.14
N GLU AA 226 -195.99 34.62 74.64
CA GLU AA 226 -194.58 34.94 74.60
C GLU AA 226 -193.97 34.97 73.21
N MET AA 227 -194.40 34.05 72.30
CA MET AA 227 -194.06 34.11 70.90
C MET AA 227 -194.61 35.30 70.12
N ALA AA 228 -195.83 35.80 70.46
CA ALA AA 228 -196.34 37.05 69.97
C ALA AA 228 -195.54 38.29 70.41
N THR AA 229 -195.13 38.36 71.71
CA THR AA 229 -194.33 39.49 72.22
C THR AA 229 -192.87 39.41 71.76
N ALA AA 230 -192.41 38.27 71.20
CA ALA AA 230 -191.16 38.19 70.46
C ALA AA 230 -191.09 39.05 69.18
N ALA AA 231 -192.22 39.62 68.70
CA ALA AA 231 -192.18 40.64 67.65
C ALA AA 231 -191.45 41.92 68.07
N SER AA 232 -191.68 42.41 69.30
CA SER AA 232 -190.97 43.54 69.88
C SER AA 232 -189.86 43.03 70.76
N SER AA 233 -188.71 42.67 70.17
CA SER AA 233 -187.62 42.08 70.93
C SER AA 233 -186.92 43.07 71.84
N SER AA 234 -186.97 42.78 73.15
CA SER AA 234 -186.34 43.60 74.17
C SER AA 234 -185.74 42.68 75.23
N SER AA 235 -186.58 42.11 76.12
CA SER AA 235 -186.09 41.27 77.22
C SER AA 235 -185.87 39.81 76.84
N LEU AA 236 -186.44 39.38 75.71
CA LEU AA 236 -186.43 38.00 75.28
C LEU AA 236 -185.13 37.63 74.62
N GLU AA 237 -184.40 38.62 74.09
CA GLU AA 237 -183.05 38.45 73.62
C GLU AA 237 -182.12 38.45 74.81
N LYS AA 238 -181.12 37.56 74.79
CA LYS AA 238 -180.02 37.62 75.72
C LYS AA 238 -178.78 37.35 74.94
N SER AA 239 -177.78 38.23 75.16
CA SER AA 239 -176.39 38.04 74.81
C SER AA 239 -175.80 36.89 75.63
N TYR AA 240 -175.11 35.96 74.96
CA TYR AA 240 -174.37 34.88 75.55
C TYR AA 240 -172.96 34.93 74.98
N GLU AA 241 -171.95 34.71 75.83
CA GLU AA 241 -170.55 34.70 75.51
C GLU AA 241 -170.11 33.25 75.29
N LEU AA 242 -169.53 32.91 74.13
CA LEU AA 242 -168.92 31.61 73.91
C LEU AA 242 -167.50 31.59 74.47
N PRO AA 243 -166.90 30.45 74.81
CA PRO AA 243 -165.49 30.36 75.16
C PRO AA 243 -164.53 30.81 74.05
N ASP AA 244 -164.95 30.79 72.77
CA ASP AA 244 -164.25 31.36 71.63
C ASP AA 244 -164.09 32.89 71.76
N GLY AA 245 -165.07 33.59 72.39
CA GLY AA 245 -165.15 35.05 72.44
C GLY AA 245 -166.16 35.58 71.46
N GLN AA 246 -166.78 34.66 70.70
CA GLN AA 246 -167.97 34.94 69.93
C GLN AA 246 -169.22 35.16 70.78
N VAL AA 247 -170.09 36.09 70.36
CA VAL AA 247 -171.27 36.47 71.09
C VAL AA 247 -172.45 35.94 70.32
N ILE AA 248 -173.41 35.36 71.04
CA ILE AA 248 -174.63 34.77 70.54
C ILE AA 248 -175.77 35.55 71.14
N THR AA 249 -176.80 35.83 70.33
CA THR AA 249 -177.95 36.64 70.75
C THR AA 249 -179.19 35.86 70.43
N ILE AA 250 -179.91 35.34 71.45
CA ILE AA 250 -181.01 34.39 71.27
C ILE AA 250 -182.33 34.95 71.78
N GLY AA 251 -183.35 35.04 70.89
CA GLY AA 251 -184.64 35.66 71.19
C GLY AA 251 -185.69 34.66 71.57
N ASN AA 252 -186.70 34.45 70.70
CA ASN AA 252 -187.82 33.54 70.93
C ASN AA 252 -187.46 32.06 70.96
N GLU AA 253 -186.36 31.75 70.26
CA GLU AA 253 -185.65 30.50 70.17
C GLU AA 253 -185.29 29.95 71.55
N ARG AA 254 -184.97 30.85 72.50
CA ARG AA 254 -184.74 30.52 73.88
C ARG AA 254 -185.88 29.74 74.57
N PHE AA 255 -187.15 30.25 74.58
CA PHE AA 255 -188.19 29.63 75.39
C PHE AA 255 -188.94 28.54 74.66
N ARG AA 256 -188.86 28.49 73.32
CA ARG AA 256 -189.46 27.39 72.60
C ARG AA 256 -188.67 26.10 72.62
N CYS AA 257 -187.39 26.12 73.09
CA CYS AA 257 -186.71 24.87 73.39
C CYS AA 257 -187.35 24.11 74.55
N PRO AA 258 -187.61 24.61 75.76
CA PRO AA 258 -188.30 23.81 76.77
C PRO AA 258 -189.76 23.53 76.45
N GLU AA 259 -190.39 24.31 75.53
CA GLU AA 259 -191.76 24.14 75.07
C GLU AA 259 -191.99 22.75 74.48
N THR AA 260 -190.94 22.15 73.87
CA THR AA 260 -190.91 20.77 73.37
C THR AA 260 -191.40 19.72 74.35
N LEU AA 261 -191.18 19.89 75.67
CA LEU AA 261 -191.72 19.01 76.71
C LEU AA 261 -193.24 18.93 76.71
N PHE AA 262 -193.90 20.02 76.34
CA PHE AA 262 -195.33 20.20 76.35
C PHE AA 262 -195.90 20.10 74.93
N GLN AA 263 -195.03 20.06 73.90
CA GLN AA 263 -195.39 19.93 72.49
C GLN AA 263 -194.37 19.02 71.77
N PRO AA 264 -194.35 17.70 71.94
CA PRO AA 264 -193.40 16.81 71.25
C PRO AA 264 -193.69 16.69 69.77
N SER AA 265 -194.70 17.32 69.22
CA SER AA 265 -194.86 17.53 67.79
C SER AA 265 -193.73 18.36 67.17
N PHE AA 266 -193.06 19.25 67.95
CA PHE AA 266 -191.87 20.00 67.56
C PHE AA 266 -190.64 19.13 67.34
N ILE AA 267 -190.47 18.09 68.18
CA ILE AA 267 -189.42 17.10 67.98
C ILE AA 267 -189.82 16.08 66.90
N GLY AA 268 -191.14 15.91 66.63
CA GLY AA 268 -191.70 15.02 65.62
C GLY AA 268 -192.18 13.71 66.17
N MET AA 269 -192.22 13.58 67.50
CA MET AA 269 -192.75 12.41 68.17
C MET AA 269 -194.21 12.61 68.52
N GLU AA 270 -195.03 11.55 68.37
CA GLU AA 270 -196.43 11.58 68.72
C GLU AA 270 -196.68 11.59 70.21
N SER AA 271 -195.77 10.90 70.95
CA SER AA 271 -195.80 10.73 72.39
C SER AA 271 -196.17 11.98 73.13
N ALA AA 272 -197.22 11.91 73.97
CA ALA AA 272 -197.83 13.09 74.53
C ALA AA 272 -196.91 13.96 75.39
N GLY AA 273 -197.19 15.28 75.48
CA GLY AA 273 -196.47 16.17 76.38
C GLY AA 273 -196.48 15.70 77.82
N ILE AA 274 -195.55 16.22 78.62
CA ILE AA 274 -195.32 15.75 79.99
C ILE AA 274 -196.50 15.91 80.95
N HIS AA 275 -197.38 16.91 80.74
CA HIS AA 275 -198.58 17.10 81.52
C HIS AA 275 -199.67 16.07 81.18
N GLU AA 276 -199.87 15.73 79.87
CA GLU AA 276 -200.73 14.63 79.48
C GLU AA 276 -200.20 13.26 79.90
N THR AA 277 -198.87 13.02 79.91
CA THR AA 277 -198.28 11.80 80.49
C THR AA 277 -198.60 11.65 81.96
N THR AA 278 -198.53 12.75 82.75
CA THR AA 278 -198.96 12.78 84.15
C THR AA 278 -200.43 12.45 84.32
N TYR AA 279 -201.33 12.98 83.44
CA TYR AA 279 -202.73 12.59 83.38
C TYR AA 279 -202.89 11.11 83.05
N ASN AA 280 -202.13 10.58 82.07
CA ASN AA 280 -202.11 9.19 81.67
C ASN AA 280 -201.74 8.26 82.84
N SER AA 281 -200.72 8.63 83.65
CA SER AA 281 -200.38 7.93 84.89
C SER AA 281 -201.46 8.00 85.95
N ILE AA 282 -202.01 9.20 86.27
CA ILE AA 282 -203.06 9.42 87.27
C ILE AA 282 -204.39 8.73 86.90
N MET AA 283 -204.79 8.76 85.61
CA MET AA 283 -205.93 8.03 85.10
C MET AA 283 -205.84 6.54 85.19
N LYS AA 284 -204.62 5.97 85.10
CA LYS AA 284 -204.45 4.55 85.30
C LYS AA 284 -204.55 4.13 86.75
N CYS AA 285 -204.46 5.08 87.70
CA CYS AA 285 -204.59 4.81 89.11
C CYS AA 285 -206.03 4.67 89.52
N ASP AA 286 -206.27 4.02 90.68
CA ASP AA 286 -207.57 3.88 91.28
C ASP AA 286 -208.22 5.22 91.58
N ILE AA 287 -209.57 5.30 91.48
CA ILE AA 287 -210.35 6.53 91.62
C ILE AA 287 -210.10 7.25 92.93
N ASP AA 288 -210.05 6.50 94.06
CA ASP AA 288 -209.96 6.97 95.42
C ASP AA 288 -208.72 7.84 95.68
N ILE AA 289 -207.53 7.37 95.22
CA ILE AA 289 -206.31 8.04 95.59
C ILE AA 289 -206.04 9.28 94.78
N ARG AA 290 -206.69 9.45 93.60
CA ARG AA 290 -206.31 10.50 92.67
C ARG AA 290 -206.28 11.90 93.23
N LYS AA 291 -207.15 12.20 94.24
CA LYS AA 291 -207.24 13.48 94.91
C LYS AA 291 -205.92 14.02 95.46
N ASP AA 292 -205.07 13.15 96.07
CA ASP AA 292 -203.82 13.59 96.64
C ASP AA 292 -202.72 13.57 95.59
N LEU AA 293 -202.77 12.68 94.59
CA LEU AA 293 -201.83 12.66 93.46
C LEU AA 293 -201.85 13.89 92.61
N TYR AA 294 -203.04 14.44 92.36
CA TYR AA 294 -203.22 15.77 91.82
C TYR AA 294 -202.57 16.85 92.69
N ALA AA 295 -202.72 16.77 94.02
CA ALA AA 295 -202.20 17.78 94.93
C ALA AA 295 -200.76 17.56 95.43
N ASN AA 296 -200.06 16.48 95.03
CA ASN AA 296 -198.77 16.08 95.58
C ASN AA 296 -197.84 15.68 94.44
N ASN AA 297 -197.97 16.29 93.25
CA ASN AA 297 -197.01 16.13 92.17
C ASN AA 297 -195.61 16.65 92.56
N VAL AA 298 -194.59 15.78 92.48
CA VAL AA 298 -193.21 16.08 92.82
C VAL AA 298 -192.44 16.09 91.53
N MET AA 299 -191.75 17.20 91.24
CA MET AA 299 -190.78 17.25 90.15
C MET AA 299 -189.39 16.90 90.64
N SER AA 300 -188.66 16.08 89.88
CA SER AA 300 -187.29 15.74 90.18
C SER AA 300 -186.47 15.80 88.93
N GLY AA 301 -185.14 15.72 89.10
CA GLY AA 301 -184.19 15.57 88.01
C GLY AA 301 -183.64 16.87 87.51
N GLY AA 302 -182.68 16.78 86.56
CA GLY AA 302 -182.02 17.98 86.07
C GLY AA 302 -182.79 18.79 85.07
N THR AA 303 -183.72 18.21 84.28
CA THR AA 303 -184.42 18.94 83.21
C THR AA 303 -185.79 19.41 83.69
N THR AA 304 -186.06 19.36 85.02
CA THR AA 304 -187.14 20.13 85.67
C THR AA 304 -186.58 21.40 86.29
N MET AA 305 -185.29 21.73 86.07
CA MET AA 305 -184.74 22.94 86.64
C MET AA 305 -185.14 24.24 85.96
N TYR AA 306 -185.62 24.24 84.68
CA TYR AA 306 -185.93 25.47 83.96
C TYR AA 306 -186.92 26.37 84.70
N PRO AA 307 -186.69 27.68 84.81
CA PRO AA 307 -187.65 28.61 85.39
C PRO AA 307 -189.03 28.56 84.74
N GLY AA 308 -190.11 28.47 85.54
CA GLY AA 308 -191.49 28.50 85.07
C GLY AA 308 -192.08 27.18 84.66
N ILE AA 309 -191.35 26.03 84.76
CA ILE AA 309 -191.93 24.70 84.49
C ILE AA 309 -193.10 24.37 85.40
N ALA AA 310 -192.95 24.62 86.73
CA ALA AA 310 -193.93 24.33 87.74
C ALA AA 310 -195.25 25.04 87.52
N ASP AA 311 -195.20 26.34 87.18
CA ASP AA 311 -196.33 27.16 86.83
C ASP AA 311 -197.05 26.69 85.57
N ARG AA 312 -196.28 26.34 84.51
CA ARG AA 312 -196.87 25.81 83.28
C ARG AA 312 -197.56 24.47 83.48
N MET AA 313 -196.94 23.51 84.21
CA MET AA 313 -197.56 22.26 84.58
C MET AA 313 -198.82 22.43 85.41
N GLN AA 314 -198.79 23.40 86.36
CA GLN AA 314 -199.94 23.74 87.18
C GLN AA 314 -201.10 24.25 86.36
N LYS AA 315 -200.86 25.20 85.44
CA LYS AA 315 -201.90 25.72 84.59
C LYS AA 315 -202.53 24.67 83.66
N GLU AA 316 -201.69 23.78 83.05
CA GLU AA 316 -202.16 22.75 82.15
C GLU AA 316 -202.88 21.61 82.84
N ILE AA 317 -202.33 21.09 83.95
CA ILE AA 317 -203.00 20.04 84.70
C ILE AA 317 -204.30 20.54 85.32
N THR AA 318 -204.32 21.77 85.90
CA THR AA 318 -205.56 22.40 86.37
C THR AA 318 -206.59 22.62 85.27
N ALA AA 319 -206.16 23.03 84.05
CA ALA AA 319 -207.04 23.17 82.89
C ALA AA 319 -207.68 21.86 82.42
N LEU AA 320 -206.90 20.76 82.37
CA LEU AA 320 -207.39 19.43 81.99
C LEU AA 320 -208.21 18.73 83.06
N ALA AA 321 -207.82 18.84 84.34
CA ALA AA 321 -208.41 18.10 85.42
C ALA AA 321 -209.76 18.68 85.87
N PRO AA 322 -210.54 17.99 86.68
CA PRO AA 322 -211.58 18.62 87.47
C PRO AA 322 -211.08 19.78 88.34
N SER AA 323 -211.67 21.00 88.22
CA SER AA 323 -211.35 22.16 89.04
C SER AA 323 -212.06 22.07 90.40
N THR AA 324 -212.74 20.92 90.64
CA THR AA 324 -213.35 20.47 91.88
C THR AA 324 -212.33 20.32 92.98
N MET AA 325 -211.10 19.91 92.62
CA MET AA 325 -210.01 19.74 93.55
C MET AA 325 -208.81 20.58 93.17
N LYS AA 326 -208.04 21.01 94.18
CA LYS AA 326 -206.93 21.89 93.96
C LYS AA 326 -205.64 21.15 93.67
N ILE AA 327 -204.96 21.59 92.59
CA ILE AA 327 -203.79 20.93 92.06
C ILE AA 327 -202.58 21.67 92.57
N LYS AA 328 -202.01 21.21 93.69
CA LYS AA 328 -200.74 21.70 94.15
C LYS AA 328 -199.61 20.90 93.51
N ILE AA 329 -198.58 21.59 93.01
CA ILE AA 329 -197.37 20.96 92.53
C ILE AA 329 -196.32 21.38 93.51
N ILE AA 330 -195.56 20.41 94.02
CA ILE AA 330 -194.47 20.66 94.91
C ILE AA 330 -193.19 20.37 94.18
N ALA AA 331 -192.50 21.43 93.74
CA ALA AA 331 -191.25 21.32 93.03
C ALA AA 331 -190.20 22.05 93.83
N PRO AA 332 -189.36 21.42 94.62
CA PRO AA 332 -188.42 22.13 95.48
C PRO AA 332 -187.32 22.74 94.61
N PRO AA 333 -186.70 23.90 94.85
CA PRO AA 333 -185.28 24.07 94.51
C PRO AA 333 -184.45 22.99 95.20
N GLU AA 334 -183.27 22.63 94.65
CA GLU AA 334 -182.48 21.48 95.06
C GLU AA 334 -182.99 20.18 94.40
N ARG AA 335 -184.07 20.28 93.60
CA ARG AA 335 -184.72 19.15 92.94
C ARG AA 335 -183.83 18.35 92.00
N LYS AA 336 -182.74 18.96 91.52
CA LYS AA 336 -181.70 18.34 90.73
C LYS AA 336 -181.05 17.16 91.46
N TYR AA 337 -180.79 17.33 92.78
CA TYR AA 337 -180.02 16.37 93.52
C TYR AA 337 -180.94 15.45 94.31
N SER AA 338 -182.28 15.56 94.13
CA SER AA 338 -183.26 14.84 94.91
C SER AA 338 -183.14 13.33 94.92
N VAL AA 339 -182.79 12.72 93.78
CA VAL AA 339 -182.49 11.30 93.69
C VAL AA 339 -181.30 10.87 94.56
N TRP AA 340 -180.18 11.62 94.54
CA TRP AA 340 -179.02 11.33 95.38
C TRP AA 340 -179.34 11.47 96.86
N ILE AA 341 -180.06 12.54 97.25
CA ILE AA 341 -180.51 12.76 98.63
C ILE AA 341 -181.43 11.64 99.08
N GLY AA 342 -182.32 11.18 98.19
CA GLY AA 342 -183.14 10.01 98.47
C GLY AA 342 -182.40 8.71 98.65
N GLY AA 343 -181.26 8.59 97.98
CA GLY AA 343 -180.33 7.49 98.18
C GLY AA 343 -179.53 7.59 99.44
N SER AA 344 -179.16 8.83 99.86
CA SER AA 344 -178.48 9.12 101.13
C SER AA 344 -179.34 8.73 102.31
N ILE AA 345 -180.62 9.17 102.31
CA ILE AA 345 -181.58 8.84 103.36
C ILE AA 345 -181.85 7.34 103.43
N LEU AA 346 -182.03 6.65 102.27
CA LEU AA 346 -182.28 5.22 102.24
C LEU AA 346 -181.20 4.34 102.85
N ALA AA 347 -179.93 4.60 102.50
CA ALA AA 347 -178.82 3.84 103.04
C ALA AA 347 -178.52 4.18 104.49
N SER AA 348 -178.93 5.38 104.97
CA SER AA 348 -178.91 5.76 106.38
C SER AA 348 -180.00 5.11 107.22
N LEU AA 349 -181.11 4.64 106.60
CA LEU AA 349 -182.15 3.88 107.28
C LEU AA 349 -181.70 2.54 107.84
N SER AA 350 -181.94 2.31 109.16
CA SER AA 350 -181.48 1.13 109.87
C SER AA 350 -182.05 -0.18 109.36
N THR AA 351 -183.37 -0.24 109.07
CA THR AA 351 -184.06 -1.39 108.49
C THR AA 351 -183.54 -1.79 107.11
N PHE AA 352 -183.21 -0.78 106.28
CA PHE AA 352 -182.69 -0.94 104.94
C PHE AA 352 -181.37 -1.73 104.93
N GLN AA 353 -180.58 -1.63 106.04
CA GLN AA 353 -179.36 -2.40 106.21
C GLN AA 353 -179.51 -3.93 106.24
N GLN AA 354 -180.74 -4.49 106.24
CA GLN AA 354 -180.96 -5.90 106.03
C GLN AA 354 -181.46 -6.23 104.61
N MET AA 355 -181.85 -5.23 103.80
CA MET AA 355 -182.44 -5.44 102.49
C MET AA 355 -181.41 -5.29 101.40
N TRP AA 356 -180.13 -5.04 101.77
CA TRP AA 356 -179.04 -5.02 100.83
C TRP AA 356 -178.90 -6.34 100.09
N ILE AA 357 -178.51 -6.30 98.81
CA ILE AA 357 -178.08 -7.50 98.14
C ILE AA 357 -176.69 -7.78 98.64
N THR AA 358 -176.48 -8.88 99.40
CA THR AA 358 -175.14 -9.17 99.91
C THR AA 358 -174.28 -9.74 98.80
N LYS AA 359 -172.96 -9.59 98.92
CA LYS AA 359 -172.01 -10.26 98.06
C LYS AA 359 -172.16 -11.78 98.10
N GLN AA 360 -172.36 -12.34 99.32
CA GLN AA 360 -172.57 -13.76 99.53
C GLN AA 360 -173.78 -14.30 98.76
N GLU AA 361 -174.96 -13.62 98.87
CA GLU AA 361 -176.20 -14.00 98.22
C GLU AA 361 -176.10 -13.97 96.69
N TYR AA 362 -175.37 -12.97 96.13
CA TYR AA 362 -174.96 -12.96 94.74
C TYR AA 362 -174.06 -14.13 94.36
N ASP AA 363 -173.02 -14.46 95.15
CA ASP AA 363 -172.06 -15.52 94.84
C ASP AA 363 -172.78 -16.90 94.75
N GLU AA 364 -173.72 -17.21 95.68
CA GLU AA 364 -174.59 -18.38 95.59
C GLU AA 364 -175.61 -18.36 94.47
N ALA AA 365 -176.38 -17.27 94.29
CA ALA AA 365 -177.58 -17.33 93.50
C ALA AA 365 -177.49 -16.57 92.18
N GLY AA 366 -176.33 -15.93 91.88
CA GLY AA 366 -176.03 -15.30 90.61
C GLY AA 366 -176.59 -13.91 90.36
N PRO AA 367 -176.30 -13.32 89.20
CA PRO AA 367 -176.69 -11.94 88.88
C PRO AA 367 -178.17 -11.77 88.68
N SER AA 368 -178.94 -12.85 88.46
CA SER AA 368 -180.35 -12.74 88.10
C SER AA 368 -181.25 -12.34 89.27
N ILE AA 369 -180.72 -12.46 90.51
CA ILE AA 369 -181.41 -12.20 91.76
C ILE AA 369 -181.78 -10.76 92.01
N VAL AA 370 -181.33 -9.81 91.16
CA VAL AA 370 -181.69 -8.41 91.29
C VAL AA 370 -183.19 -8.22 91.35
N HIS AA 371 -183.88 -8.71 90.32
CA HIS AA 371 -185.31 -8.58 90.15
C HIS AA 371 -186.12 -9.35 91.18
N ARG AA 372 -185.59 -10.50 91.63
CA ARG AA 372 -186.17 -11.33 92.66
C ARG AA 372 -186.26 -10.68 94.06
N LYS AA 373 -185.21 -9.93 94.46
CA LYS AA 373 -185.19 -9.29 95.76
C LYS AA 373 -185.73 -7.88 95.74
N CYS AA 374 -185.27 -7.05 94.76
CA CYS AA 374 -185.57 -5.64 94.70
C CYS AA 374 -186.57 -5.34 93.60
N PHE AA 375 -187.22 -4.17 93.69
CA PHE AA 375 -188.05 -3.61 92.67
C PHE AA 375 -187.21 -2.93 91.53
N GLU BA 2 -201.23 29.27 30.13
CA GLU BA 2 -200.89 27.82 30.08
C GLU BA 2 -201.68 27.04 31.10
N ASP BA 3 -201.80 25.70 30.93
CA ASP BA 3 -202.50 24.83 31.84
C ASP BA 3 -201.54 24.39 32.92
N GLU BA 4 -202.04 24.24 34.16
CA GLU BA 4 -201.33 23.78 35.34
C GLU BA 4 -200.22 24.67 35.88
N THR BA 5 -199.74 25.64 35.07
CA THR BA 5 -198.78 26.71 35.41
C THR BA 5 -197.35 26.26 35.58
N THR BA 6 -197.05 24.97 35.30
CA THR BA 6 -195.90 24.20 35.83
C THR BA 6 -195.84 24.25 37.36
N ALA BA 7 -194.68 23.98 37.98
CA ALA BA 7 -194.50 24.31 39.37
C ALA BA 7 -192.99 24.31 39.53
N LEU BA 8 -192.47 24.86 40.63
CA LEU BA 8 -191.05 24.91 40.91
C LEU BA 8 -190.73 24.08 42.12
N VAL BA 9 -189.56 23.44 42.10
CA VAL BA 9 -189.14 22.55 43.16
C VAL BA 9 -187.72 22.92 43.50
N CYS BA 10 -187.43 23.08 44.81
CA CYS BA 10 -186.10 23.30 45.32
C CYS BA 10 -185.82 22.38 46.50
N ASP BA 11 -184.73 21.61 46.42
CA ASP BA 11 -184.13 20.90 47.54
C ASP BA 11 -182.99 21.77 48.05
N ASN BA 12 -183.11 22.18 49.33
CA ASN BA 12 -182.06 22.73 50.16
C ASN BA 12 -181.96 21.94 51.46
N GLY BA 13 -181.44 20.70 51.41
CA GLY BA 13 -180.46 20.31 52.41
C GLY BA 13 -179.18 21.17 52.31
N SER BA 14 -178.28 21.17 53.33
CA SER BA 14 -176.98 21.85 53.21
C SER BA 14 -176.14 21.41 52.03
N GLY BA 15 -175.29 22.31 51.48
CA GLY BA 15 -174.29 21.92 50.52
C GLY BA 15 -174.68 22.17 49.09
N LEU BA 16 -175.89 21.77 48.64
CA LEU BA 16 -176.32 21.90 47.26
C LEU BA 16 -177.75 22.38 47.19
N VAL BA 17 -178.02 23.36 46.32
CA VAL BA 17 -179.34 23.69 45.87
C VAL BA 17 -179.59 22.78 44.70
N LYS BA 18 -180.67 22.00 44.72
CA LYS BA 18 -181.13 21.32 43.54
C LYS BA 18 -182.46 21.91 43.17
N ALA BA 19 -182.58 22.52 41.99
CA ALA BA 19 -183.76 23.24 41.60
C ALA BA 19 -184.10 23.08 40.13
N GLY BA 20 -185.39 23.19 39.81
CA GLY BA 20 -185.84 23.06 38.46
C GLY BA 20 -187.32 23.11 38.44
N PHE BA 21 -187.91 22.78 37.29
CA PHE BA 21 -189.33 22.68 37.11
C PHE BA 21 -189.82 21.34 37.63
N ALA BA 22 -190.96 21.35 38.34
CA ALA BA 22 -191.79 20.19 38.54
C ALA BA 22 -192.34 19.68 37.22
N GLY BA 23 -192.41 18.35 37.04
CA GLY BA 23 -192.84 17.76 35.78
C GLY BA 23 -191.74 17.34 34.87
N ASP BA 24 -190.48 17.44 35.33
CA ASP BA 24 -189.30 16.98 34.61
C ASP BA 24 -188.59 15.94 35.48
N ASP BA 25 -187.82 15.02 34.86
CA ASP BA 25 -187.11 13.92 35.49
C ASP BA 25 -185.81 14.39 36.15
N ALA BA 26 -185.22 15.50 35.70
CA ALA BA 26 -184.01 16.03 36.31
C ALA BA 26 -184.06 17.55 36.54
N PRO BA 27 -183.41 18.07 37.59
CA PRO BA 27 -183.37 19.50 37.87
C PRO BA 27 -182.52 20.18 36.81
N ARG BA 28 -182.89 21.41 36.40
CA ARG BA 28 -182.07 22.22 35.52
C ARG BA 28 -180.80 22.70 36.18
N ALA BA 29 -180.89 23.16 37.44
CA ALA BA 29 -179.81 23.81 38.13
C ALA BA 29 -179.47 23.08 39.39
N VAL BA 30 -178.21 22.70 39.52
CA VAL BA 30 -177.68 22.14 40.74
C VAL BA 30 -176.38 22.86 40.99
N PHE BA 31 -176.23 23.48 42.17
CA PHE BA 31 -175.02 24.23 42.44
C PHE BA 31 -174.76 24.23 43.94
N PRO BA 32 -173.54 24.50 44.40
CA PRO BA 32 -173.25 24.55 45.83
C PRO BA 32 -173.86 25.73 46.55
N SER BA 33 -174.49 25.48 47.70
CA SER BA 33 -175.13 26.47 48.54
C SER BA 33 -174.13 27.25 49.36
N ILE BA 34 -173.38 28.16 48.74
CA ILE BA 34 -172.30 28.86 49.39
C ILE BA 34 -172.40 30.30 49.06
N VAL BA 35 -172.09 31.13 50.05
CA VAL BA 35 -172.00 32.56 49.93
C VAL BA 35 -170.58 32.85 50.26
N GLY BA 36 -169.80 33.29 49.26
CA GLY BA 36 -168.41 33.57 49.44
C GLY BA 36 -168.10 35.03 49.35
N ARG BA 37 -167.46 35.57 50.38
CA ARG BA 37 -167.27 37.00 50.54
C ARG BA 37 -165.82 37.34 50.28
N PRO BA 38 -165.46 38.36 49.48
CA PRO BA 38 -164.10 38.91 49.43
C PRO BA 38 -163.56 39.32 50.80
N ARG BA 39 -162.75 38.45 51.43
CA ARG BA 39 -162.05 38.69 52.66
C ARG BA 39 -160.89 39.68 52.46
N HIS BA 40 -160.15 39.56 51.34
CA HIS BA 40 -159.02 40.43 51.04
C HIS BA 40 -159.54 41.67 50.37
N GLN BA 41 -159.16 42.87 50.86
CA GLN BA 41 -159.48 44.11 50.19
C GLN BA 41 -158.82 44.21 48.82
N GLY BA 42 -159.62 44.49 47.79
CA GLY BA 42 -159.12 44.54 46.43
C GLY BA 42 -158.55 45.88 46.10
N VAL BA 43 -157.46 45.94 45.32
CA VAL BA 43 -156.84 47.20 44.92
C VAL BA 43 -156.62 47.16 43.43
N MET BA 44 -157.60 47.69 42.69
CA MET BA 44 -157.56 47.96 41.28
C MET BA 44 -158.63 49.01 41.16
N VAL BA 45 -159.05 49.38 39.93
CA VAL BA 45 -160.23 50.20 39.68
C VAL BA 45 -160.99 49.44 38.63
N GLY BA 46 -162.34 49.43 38.65
CA GLY BA 46 -163.14 48.68 37.67
C GLY BA 46 -163.23 47.20 37.96
N MET BA 47 -163.12 46.84 39.25
CA MET BA 47 -163.50 45.54 39.71
C MET BA 47 -164.92 45.64 40.20
N GLY BA 48 -165.69 44.57 39.95
CA GLY BA 48 -166.93 44.23 40.65
C GLY BA 48 -167.90 45.36 40.98
N GLN BA 49 -167.95 45.89 42.23
CA GLN BA 49 -167.25 45.38 43.41
C GLN BA 49 -167.77 44.02 43.80
N LYS BA 50 -169.12 43.88 43.83
CA LYS BA 50 -169.84 42.69 44.21
C LYS BA 50 -169.54 42.25 45.64
N ASP BA 51 -170.41 42.59 46.62
CA ASP BA 51 -170.26 42.31 48.04
C ASP BA 51 -170.00 40.83 48.34
N SER BA 52 -170.58 39.94 47.53
CA SER BA 52 -170.46 38.54 47.75
C SER BA 52 -170.82 37.82 46.48
N TYR BA 53 -170.37 36.57 46.33
CA TYR BA 53 -170.59 35.68 45.21
C TYR BA 53 -171.35 34.49 45.71
N VAL BA 54 -172.25 33.94 44.90
CA VAL BA 54 -173.17 32.89 45.28
C VAL BA 54 -173.08 31.79 44.25
N GLY BA 55 -173.22 30.53 44.66
CA GLY BA 55 -173.28 29.42 43.73
C GLY BA 55 -171.92 28.96 43.26
N ASP BA 56 -171.81 28.30 42.10
CA ASP BA 56 -170.56 27.84 41.53
C ASP BA 56 -169.65 28.97 41.00
N GLU BA 57 -170.13 30.23 40.92
CA GLU BA 57 -169.31 31.44 40.83
C GLU BA 57 -168.25 31.53 41.95
N ALA BA 58 -168.67 31.23 43.20
CA ALA BA 58 -167.82 31.15 44.38
C ALA BA 58 -166.80 30.00 44.30
N GLN BA 59 -167.18 28.84 43.70
CA GLN BA 59 -166.27 27.74 43.41
C GLN BA 59 -165.17 28.12 42.45
N SER BA 60 -165.49 28.88 41.38
CA SER BA 60 -164.54 29.40 40.40
C SER BA 60 -163.57 30.41 41.02
N LYS BA 61 -164.09 31.38 41.79
CA LYS BA 61 -163.28 32.38 42.46
C LYS BA 61 -163.11 32.02 43.92
N ARG BA 62 -162.45 30.90 44.22
CA ARG BA 62 -162.44 30.37 45.56
C ARG BA 62 -161.43 30.99 46.51
N GLY BA 63 -160.21 31.29 46.00
CA GLY BA 63 -159.04 31.61 46.81
C GLY BA 63 -159.09 32.94 47.53
N ILE BA 64 -159.78 33.92 46.92
CA ILE BA 64 -160.03 35.24 47.48
C ILE BA 64 -161.03 35.16 48.62
N LEU BA 65 -162.08 34.36 48.41
CA LEU BA 65 -163.28 34.32 49.20
C LEU BA 65 -163.07 33.55 50.49
N THR BA 66 -163.77 33.98 51.52
CA THR BA 66 -164.11 33.07 52.60
C THR BA 66 -165.49 32.58 52.26
N LEU BA 67 -165.75 31.28 52.38
CA LEU BA 67 -167.02 30.69 52.03
C LEU BA 67 -167.77 30.36 53.29
N LYS BA 68 -169.06 30.70 53.29
CA LYS BA 68 -169.92 30.41 54.39
C LYS BA 68 -171.05 29.58 53.86
N TYR BA 69 -171.20 28.34 54.36
CA TYR BA 69 -172.40 27.55 54.20
C TYR BA 69 -173.50 28.19 55.04
N PRO BA 70 -174.68 28.54 54.54
CA PRO BA 70 -175.68 29.24 55.32
C PRO BA 70 -176.55 28.25 56.04
N ILE BA 71 -176.51 26.97 55.64
CA ILE BA 71 -177.28 25.92 56.28
C ILE BA 71 -176.32 24.99 56.97
N GLU BA 72 -176.50 24.78 58.28
CA GLU BA 72 -175.75 23.79 59.02
C GLU BA 72 -176.71 22.90 59.75
N HIS BA 73 -176.55 21.58 59.58
CA HIS BA 73 -177.35 20.55 60.22
C HIS BA 73 -178.83 20.58 59.90
N GLY BA 74 -179.16 21.03 58.67
CA GLY BA 74 -180.53 21.30 58.23
C GLY BA 74 -181.08 22.61 58.73
N ILE BA 75 -180.29 23.38 59.52
CA ILE BA 75 -180.70 24.63 60.12
C ILE BA 75 -180.11 25.77 59.31
N ILE BA 76 -180.93 26.75 58.90
CA ILE BA 76 -180.35 27.95 58.32
C ILE BA 76 -179.77 28.81 59.41
N THR BA 77 -178.43 29.00 59.38
CA THR BA 77 -177.68 29.86 60.28
C THR BA 77 -177.90 31.32 59.97
N ASN BA 78 -177.86 31.64 58.66
CA ASN BA 78 -177.97 33.00 58.18
C ASN BA 78 -179.03 33.12 57.07
N TRP BA 79 -180.07 33.92 57.33
CA TRP BA 79 -181.25 34.06 56.48
C TRP BA 79 -181.07 34.87 55.21
N ASP BA 80 -180.30 35.99 55.29
CA ASP BA 80 -179.99 36.83 54.15
C ASP BA 80 -179.19 36.05 53.13
N ASP BA 81 -178.19 35.28 53.56
CA ASP BA 81 -177.41 34.36 52.76
C ASP BA 81 -178.29 33.29 52.06
N MET BA 82 -179.30 32.68 52.74
CA MET BA 82 -180.29 31.81 52.10
C MET BA 82 -181.17 32.50 51.07
N GLU BA 83 -181.65 33.72 51.37
CA GLU BA 83 -182.41 34.54 50.44
C GLU BA 83 -181.59 34.84 49.19
N LYS BA 84 -180.31 35.21 49.32
CA LYS BA 84 -179.37 35.38 48.23
C LYS BA 84 -179.19 34.15 47.36
N ILE BA 85 -179.10 32.96 47.98
CA ILE BA 85 -179.06 31.70 47.26
C ILE BA 85 -180.30 31.42 46.45
N TRP BA 86 -181.49 31.60 47.03
CA TRP BA 86 -182.74 31.52 46.30
C TRP BA 86 -182.89 32.60 45.24
N HIS BA 87 -182.43 33.83 45.49
CA HIS BA 87 -182.41 34.87 44.48
C HIS BA 87 -181.58 34.49 43.25
N HIS BA 88 -180.40 33.89 43.49
CA HIS BA 88 -179.53 33.28 42.50
C HIS BA 88 -180.26 32.15 41.73
N THR BA 89 -180.96 31.18 42.40
CA THR BA 89 -181.69 30.10 41.69
C THR BA 89 -182.70 30.58 40.67
N PHE BA 90 -183.55 31.54 41.10
CA PHE BA 90 -184.66 32.00 40.31
C PHE BA 90 -184.24 32.91 39.20
N TYR BA 91 -183.38 33.91 39.48
CA TYR BA 91 -183.02 34.89 38.48
C TYR BA 91 -181.81 34.47 37.67
N ASN BA 92 -180.73 33.95 38.30
CA ASN BA 92 -179.51 33.60 37.57
C ASN BA 92 -179.66 32.34 36.72
N GLU BA 93 -180.26 31.25 37.25
CA GLU BA 93 -180.40 30.01 36.51
C GLU BA 93 -181.73 29.87 35.82
N LEU BA 94 -182.84 29.81 36.58
CA LEU BA 94 -184.09 29.36 36.01
C LEU BA 94 -184.80 30.41 35.18
N ARG BA 95 -184.56 31.69 35.51
CA ARG BA 95 -185.06 32.87 34.84
C ARG BA 95 -186.57 32.96 34.88
N VAL BA 96 -187.13 32.77 36.08
CA VAL BA 96 -188.54 32.69 36.32
C VAL BA 96 -188.92 33.85 37.19
N ALA BA 97 -190.16 34.33 37.10
CA ALA BA 97 -190.75 35.17 38.12
C ALA BA 97 -191.45 34.21 39.09
N PRO BA 98 -191.11 34.10 40.38
CA PRO BA 98 -191.83 33.22 41.31
C PRO BA 98 -193.32 33.53 41.42
N GLU BA 99 -193.81 34.75 41.10
CA GLU BA 99 -195.22 35.11 40.99
C GLU BA 99 -195.99 34.23 40.02
N GLU BA 100 -195.29 33.64 39.03
CA GLU BA 100 -195.89 32.85 37.99
C GLU BA 100 -195.83 31.37 38.31
N HIS BA 101 -195.27 30.94 39.47
CA HIS BA 101 -195.12 29.51 39.73
C HIS BA 101 -195.40 29.14 41.17
N PRO BA 102 -196.16 28.12 41.56
CA PRO BA 102 -196.07 27.57 42.91
C PRO BA 102 -194.73 26.91 43.22
N THR BA 103 -194.15 27.08 44.43
CA THR BA 103 -192.80 26.60 44.76
C THR BA 103 -192.80 25.58 45.87
N LEU BA 104 -192.28 24.38 45.62
CA LEU BA 104 -192.06 23.36 46.60
C LEU BA 104 -190.67 23.51 47.20
N LEU BA 105 -190.57 23.50 48.54
CA LEU BA 105 -189.31 23.39 49.23
C LEU BA 105 -189.27 22.07 49.95
N THR BA 106 -188.10 21.44 49.94
CA THR BA 106 -187.83 20.34 50.83
C THR BA 106 -187.33 20.85 52.15
N GLU BA 107 -187.42 20.03 53.21
CA GLU BA 107 -186.89 20.36 54.51
C GLU BA 107 -186.69 19.07 55.28
N ALA BA 108 -185.79 19.08 56.27
CA ALA BA 108 -185.37 17.88 56.96
C ALA BA 108 -186.26 17.47 58.16
N PRO BA 109 -186.48 16.20 58.52
CA PRO BA 109 -187.15 15.83 59.75
C PRO BA 109 -186.62 16.34 61.08
N LEU BA 110 -187.53 16.49 62.06
CA LEU BA 110 -187.26 16.83 63.46
C LEU BA 110 -186.56 18.15 63.52
N ASN BA 111 -186.86 19.02 62.57
CA ASN BA 111 -186.18 20.25 62.35
C ASN BA 111 -186.93 21.32 63.13
N PRO BA 112 -186.27 22.24 63.86
CA PRO BA 112 -186.88 23.42 64.42
C PRO BA 112 -188.01 24.05 63.63
N LYS BA 113 -189.10 24.40 64.32
CA LYS BA 113 -190.29 25.00 63.75
C LYS BA 113 -190.02 26.31 63.04
N ALA BA 114 -189.08 27.09 63.61
CA ALA BA 114 -188.62 28.37 63.13
C ALA BA 114 -188.07 28.33 61.73
N ASN BA 115 -187.36 27.25 61.32
CA ASN BA 115 -186.95 27.10 59.94
C ASN BA 115 -188.12 26.98 58.99
N ARG BA 116 -189.12 26.11 59.25
CA ARG BA 116 -190.29 26.00 58.39
C ARG BA 116 -191.11 27.28 58.31
N GLU BA 117 -191.40 27.91 59.47
CA GLU BA 117 -192.15 29.15 59.60
C GLU BA 117 -191.45 30.39 59.04
N LYS BA 118 -190.13 30.53 59.24
CA LYS BA 118 -189.38 31.59 58.60
C LYS BA 118 -189.15 31.36 57.11
N MET BA 119 -189.00 30.10 56.66
CA MET BA 119 -188.88 29.72 55.27
C MET BA 119 -190.11 30.11 54.44
N THR BA 120 -191.32 29.87 55.01
CA THR BA 120 -192.60 30.33 54.44
C THR BA 120 -192.76 31.82 54.46
N GLN BA 121 -192.35 32.49 55.55
CA GLN BA 121 -192.38 33.94 55.67
C GLN BA 121 -191.56 34.62 54.58
N ILE BA 122 -190.33 34.11 54.30
CA ILE BA 122 -189.53 34.56 53.16
C ILE BA 122 -190.17 34.24 51.83
N MET BA 123 -190.69 33.02 51.62
CA MET BA 123 -191.31 32.72 50.34
C MET BA 123 -192.47 33.61 50.01
N PHE BA 124 -193.36 33.95 50.95
CA PHE BA 124 -194.40 34.90 50.65
C PHE BA 124 -193.98 36.38 50.61
N GLU BA 125 -193.10 36.84 51.52
CA GLU BA 125 -192.82 38.26 51.70
C GLU BA 125 -191.47 38.70 51.17
N THR BA 126 -190.81 37.85 50.36
CA THR BA 126 -189.59 38.21 49.65
C THR BA 126 -189.83 38.00 48.18
N PHE BA 127 -189.99 36.73 47.72
CA PHE BA 127 -190.31 36.48 46.32
C PHE BA 127 -191.80 36.30 46.23
N ASN BA 128 -192.60 37.31 45.82
CA ASN BA 128 -194.05 37.17 45.87
C ASN BA 128 -194.48 35.92 45.07
N VAL BA 129 -195.28 35.00 45.65
CA VAL BA 129 -195.46 33.68 45.05
C VAL BA 129 -196.93 33.29 45.27
N PRO BA 130 -197.66 32.63 44.37
CA PRO BA 130 -199.07 32.31 44.58
C PRO BA 130 -199.26 31.26 45.65
N ALA BA 131 -198.31 30.32 45.77
CA ALA BA 131 -198.46 29.23 46.67
C ALA BA 131 -197.16 28.52 46.90
N MET BA 132 -197.08 27.74 47.97
CA MET BA 132 -195.88 27.00 48.28
C MET BA 132 -196.19 25.81 49.11
N TYR BA 133 -195.19 24.95 49.32
CA TYR BA 133 -195.32 23.84 50.22
C TYR BA 133 -193.93 23.59 50.77
N VAL BA 134 -193.83 23.08 52.00
CA VAL BA 134 -192.61 22.59 52.60
C VAL BA 134 -192.88 21.14 52.86
N ALA BA 135 -191.95 20.26 52.46
CA ALA BA 135 -192.16 18.84 52.53
C ALA BA 135 -190.96 18.15 53.10
N ILE BA 136 -191.19 16.96 53.68
CA ILE BA 136 -190.13 16.22 54.32
C ILE BA 136 -189.22 15.53 53.32
N GLN BA 137 -187.87 15.60 53.44
CA GLN BA 137 -186.94 15.04 52.46
C GLN BA 137 -187.09 13.55 52.14
N ALA BA 138 -187.26 12.72 53.18
CA ALA BA 138 -187.31 11.27 53.06
C ALA BA 138 -188.50 10.71 52.31
N VAL BA 139 -189.70 11.27 52.51
CA VAL BA 139 -190.90 10.91 51.77
C VAL BA 139 -190.77 11.19 50.29
N LEU BA 140 -190.15 12.33 49.90
CA LEU BA 140 -189.89 12.66 48.51
C LEU BA 140 -188.99 11.62 47.82
N SER BA 141 -187.89 11.18 48.49
CA SER BA 141 -187.05 10.13 47.93
C SER BA 141 -187.76 8.80 47.74
N LEU BA 142 -188.66 8.45 48.68
CA LEU BA 142 -189.50 7.28 48.58
C LEU BA 142 -190.42 7.31 47.35
N TYR BA 143 -191.09 8.46 47.08
CA TYR BA 143 -191.86 8.71 45.87
C TYR BA 143 -191.04 8.54 44.61
N ALA BA 144 -189.81 9.10 44.59
CA ALA BA 144 -188.87 9.01 43.49
C ALA BA 144 -188.46 7.58 43.17
N SER BA 145 -188.30 6.75 44.22
CA SER BA 145 -188.01 5.32 44.09
C SER BA 145 -189.22 4.52 43.65
N GLY BA 146 -190.45 5.08 43.70
CA GLY BA 146 -191.66 4.47 43.16
C GLY BA 146 -192.24 3.40 44.04
N ARG BA 147 -191.92 3.45 45.35
CA ARG BA 147 -192.30 2.42 46.29
C ARG BA 147 -193.24 3.05 47.30
N THR BA 148 -194.18 2.26 47.86
CA THR BA 148 -195.15 2.81 48.79
C THR BA 148 -194.71 2.65 50.23
N THR BA 149 -193.66 1.83 50.43
CA THR BA 149 -193.22 1.32 51.72
C THR BA 149 -191.72 1.25 51.68
N GLY BA 150 -191.10 1.60 52.81
CA GLY BA 150 -189.68 1.47 52.99
C GLY BA 150 -189.25 2.27 54.16
N ILE BA 151 -188.01 2.06 54.56
CA ILE BA 151 -187.39 2.90 55.56
C ILE BA 151 -186.37 3.69 54.82
N VAL BA 152 -186.55 5.01 54.82
CA VAL BA 152 -185.70 5.86 54.04
C VAL BA 152 -184.58 6.38 54.91
N LEU BA 153 -183.35 6.00 54.55
CA LEU BA 153 -182.14 6.50 55.13
C LEU BA 153 -181.72 7.68 54.28
N ASP BA 154 -181.90 8.90 54.81
CA ASP BA 154 -181.63 10.14 54.14
C ASP BA 154 -180.37 10.62 54.82
N SER BA 155 -179.29 10.78 54.03
CA SER BA 155 -178.15 11.49 54.54
C SER BA 155 -177.61 12.45 53.49
N GLY BA 156 -177.75 13.77 53.78
CA GLY BA 156 -177.18 14.79 52.93
C GLY BA 156 -175.85 15.30 53.44
N ASP BA 157 -175.49 16.52 53.05
CA ASP BA 157 -174.38 17.26 53.65
C ASP BA 157 -174.82 17.98 54.92
N GLY BA 158 -176.15 18.12 55.11
CA GLY BA 158 -176.73 18.76 56.28
C GLY BA 158 -176.74 17.86 57.47
N VAL BA 159 -177.69 16.92 57.59
CA VAL BA 159 -177.71 15.97 58.69
C VAL BA 159 -178.24 14.70 58.05
N THR BA 160 -178.09 13.55 58.74
CA THR BA 160 -178.68 12.23 58.52
C THR BA 160 -180.01 12.09 59.23
N HIS BA 161 -181.01 11.56 58.54
CA HIS BA 161 -182.37 11.35 58.96
C HIS BA 161 -182.83 9.97 58.54
N ASN BA 162 -183.85 9.44 59.19
CA ASN BA 162 -184.33 8.12 58.95
C ASN BA 162 -185.82 8.19 59.19
N VAL BA 163 -186.66 7.87 58.19
CA VAL BA 163 -188.10 7.91 58.31
C VAL BA 163 -188.63 6.56 57.84
N PRO BA 164 -189.19 5.69 58.68
CA PRO BA 164 -189.93 4.52 58.24
C PRO BA 164 -191.32 4.91 57.78
N ILE BA 165 -191.76 4.30 56.70
CA ILE BA 165 -193.05 4.52 56.11
C ILE BA 165 -193.63 3.15 55.86
N TYR BA 166 -194.95 2.98 55.98
CA TYR BA 166 -195.65 1.76 55.64
C TYR BA 166 -196.95 2.09 54.93
N GLU BA 167 -197.06 1.75 53.63
CA GLU BA 167 -198.25 1.87 52.82
C GLU BA 167 -198.74 3.30 52.71
N GLY BA 168 -197.82 4.22 52.35
CA GLY BA 168 -197.96 5.60 52.80
C GLY BA 168 -197.77 5.65 54.30
N TYR BA 169 -198.73 6.25 55.05
CA TYR BA 169 -198.63 6.55 56.48
C TYR BA 169 -197.28 7.16 56.85
N ALA BA 170 -196.74 6.87 58.06
CA ALA BA 170 -195.53 7.46 58.60
C ALA BA 170 -195.60 7.22 60.08
N LEU BA 171 -194.43 7.08 60.75
CA LEU BA 171 -194.40 6.82 62.17
C LEU BA 171 -193.60 7.89 62.90
N PRO BA 172 -194.21 8.89 63.55
CA PRO BA 172 -193.48 10.02 64.14
C PRO BA 172 -192.49 9.65 65.22
N HIS BA 173 -192.83 8.68 66.10
CA HIS BA 173 -191.98 8.18 67.17
C HIS BA 173 -190.79 7.40 66.67
N ALA BA 174 -190.96 6.70 65.52
CA ALA BA 174 -189.93 5.91 64.91
C ALA BA 174 -189.00 6.69 63.99
N ILE BA 175 -189.33 7.95 63.62
CA ILE BA 175 -188.40 8.85 62.93
C ILE BA 175 -187.18 9.13 63.78
N MET BA 176 -185.98 8.94 63.21
CA MET BA 176 -184.72 9.17 63.87
C MET BA 176 -183.91 10.17 63.07
N ARG BA 177 -183.21 11.05 63.78
CA ARG BA 177 -182.33 12.02 63.22
C ARG BA 177 -181.01 11.84 63.93
N LEU BA 178 -179.93 11.73 63.13
CA LEU BA 178 -178.61 11.43 63.62
C LEU BA 178 -177.67 12.51 63.12
N ASP BA 179 -176.96 13.21 64.03
CA ASP BA 179 -176.06 14.27 63.67
C ASP BA 179 -174.73 13.69 63.17
N LEU BA 180 -174.75 13.29 61.90
CA LEU BA 180 -173.61 12.96 61.08
C LEU BA 180 -173.95 13.49 59.73
N ALA BA 181 -172.95 13.79 58.90
CA ALA BA 181 -173.21 14.28 57.60
C ALA BA 181 -172.00 14.11 56.71
N GLY BA 182 -172.16 14.42 55.41
CA GLY BA 182 -171.05 14.73 54.53
C GLY BA 182 -170.08 15.75 55.08
N ARG BA 183 -170.57 16.88 55.63
CA ARG BA 183 -169.72 17.91 56.18
C ARG BA 183 -168.85 17.48 57.35
N ASP BA 184 -169.40 16.69 58.30
CA ASP BA 184 -168.66 16.12 59.41
C ASP BA 184 -167.60 15.09 58.97
N LEU BA 185 -167.90 14.30 57.91
CA LEU BA 185 -166.90 13.47 57.23
C LEU BA 185 -165.80 14.26 56.58
N THR BA 186 -166.11 15.42 55.98
CA THR BA 186 -165.09 16.35 55.47
C THR BA 186 -164.18 16.89 56.56
N ASP BA 187 -164.72 17.35 57.71
CA ASP BA 187 -163.96 17.82 58.87
C ASP BA 187 -163.10 16.70 59.48
N TYR BA 188 -163.62 15.45 59.58
CA TYR BA 188 -162.83 14.28 59.92
C TYR BA 188 -161.71 13.99 58.93
N LEU BA 189 -162.02 14.11 57.61
CA LEU BA 189 -161.06 13.83 56.56
C LEU BA 189 -159.89 14.77 56.52
N MET BA 190 -160.10 16.09 56.61
CA MET BA 190 -159.00 17.03 56.66
C MET BA 190 -158.17 16.87 57.94
N LYS BA 191 -158.80 16.45 59.07
CA LYS BA 191 -158.09 15.99 60.25
C LYS BA 191 -157.24 14.73 60.09
N ILE BA 192 -157.72 13.72 59.32
CA ILE BA 192 -156.94 12.51 59.11
C ILE BA 192 -155.91 12.65 57.98
N LEU BA 193 -155.97 13.69 57.12
CA LEU BA 193 -154.87 13.98 56.20
C LEU BA 193 -153.62 14.54 56.87
N THR BA 194 -153.78 15.21 58.04
CA THR BA 194 -152.69 15.90 58.73
C THR BA 194 -151.58 14.99 59.22
N GLU BA 195 -151.92 13.73 59.58
CA GLU BA 195 -150.96 12.72 60.01
C GLU BA 195 -150.06 12.30 58.84
N ARG BA 196 -150.49 12.56 57.58
CA ARG BA 196 -149.70 12.27 56.41
C ARG BA 196 -148.83 13.46 56.00
N GLY BA 197 -149.03 14.64 56.61
CA GLY BA 197 -148.28 15.88 56.37
C GLY BA 197 -149.01 16.89 55.54
N TYR BA 198 -150.17 16.54 54.96
CA TYR BA 198 -150.95 17.47 54.16
C TYR BA 198 -151.91 18.24 55.04
N SER BA 199 -151.79 19.57 55.06
CA SER BA 199 -152.51 20.39 56.03
C SER BA 199 -153.37 21.35 55.28
N PHE BA 200 -154.68 21.21 55.43
CA PHE BA 200 -155.66 22.00 54.73
C PHE BA 200 -156.40 22.74 55.81
N VAL BA 201 -156.21 24.07 55.90
CA VAL BA 201 -156.52 24.82 57.09
C VAL BA 201 -157.66 25.78 56.85
N THR BA 202 -158.09 25.98 55.59
CA THR BA 202 -158.93 27.11 55.22
C THR BA 202 -160.11 26.59 54.41
N THR BA 203 -161.21 27.37 54.32
CA THR BA 203 -162.46 27.01 53.65
C THR BA 203 -162.36 26.62 52.19
N ALA BA 204 -161.49 27.33 51.43
CA ALA BA 204 -161.21 27.07 50.04
C ALA BA 204 -160.69 25.65 49.74
N GLU BA 205 -159.67 25.15 50.48
CA GLU BA 205 -159.19 23.79 50.29
C GLU BA 205 -159.96 22.76 51.12
N ARG BA 206 -160.84 23.19 52.04
CA ARG BA 206 -161.85 22.35 52.65
C ARG BA 206 -162.84 21.80 51.63
N GLU BA 207 -163.17 22.61 50.60
CA GLU BA 207 -163.89 22.14 49.46
C GLU BA 207 -163.07 21.32 48.47
N ILE BA 208 -161.74 21.48 48.44
CA ILE BA 208 -160.84 20.52 47.77
C ILE BA 208 -160.86 19.13 48.41
N VAL BA 209 -160.84 18.98 49.76
CA VAL BA 209 -161.05 17.65 50.37
C VAL BA 209 -162.45 17.14 50.24
N ARG BA 210 -163.47 18.02 50.12
CA ARG BA 210 -164.79 17.61 49.76
C ARG BA 210 -164.81 16.92 48.38
N ASP BA 211 -164.17 17.51 47.34
CA ASP BA 211 -163.99 16.93 46.00
C ASP BA 211 -163.21 15.60 46.02
N ILE BA 212 -162.14 15.49 46.87
CA ILE BA 212 -161.40 14.25 47.04
C ILE BA 212 -162.30 13.13 47.53
N LYS BA 213 -163.08 13.43 48.58
CA LYS BA 213 -163.96 12.52 49.24
C LYS BA 213 -165.15 12.09 48.37
N GLU BA 214 -165.65 12.99 47.49
CA GLU BA 214 -166.65 12.74 46.46
C GLU BA 214 -166.24 11.72 45.40
N LYS BA 215 -164.92 11.45 45.21
CA LYS BA 215 -164.51 10.35 44.33
C LYS BA 215 -163.59 9.33 44.96
N LEU BA 216 -162.50 9.72 45.67
CA LEU BA 216 -161.51 8.76 46.12
C LEU BA 216 -162.04 7.84 47.19
N CYS BA 217 -162.74 8.39 48.20
CA CYS BA 217 -163.25 7.65 49.33
C CYS BA 217 -164.18 6.49 48.98
N TYR BA 218 -164.08 5.37 49.72
CA TYR BA 218 -165.02 4.29 49.54
C TYR BA 218 -165.23 3.65 50.90
N VAL BA 219 -166.24 2.79 51.06
CA VAL BA 219 -166.50 2.09 52.30
C VAL BA 219 -166.03 0.65 52.22
N ALA BA 220 -165.23 0.22 53.21
CA ALA BA 220 -164.79 -1.13 53.37
C ALA BA 220 -165.89 -2.17 53.61
N LEU BA 221 -165.83 -3.32 52.92
CA LEU BA 221 -166.75 -4.44 53.13
C LEU BA 221 -166.34 -5.23 54.34
N ASP BA 222 -165.10 -5.04 54.80
CA ASP BA 222 -164.80 -5.19 56.19
C ASP BA 222 -163.67 -4.21 56.49
N PHE BA 223 -163.80 -3.38 57.54
CA PHE BA 223 -162.89 -2.30 57.88
C PHE BA 223 -161.52 -2.86 58.30
N GLU BA 224 -161.48 -3.81 59.24
CA GLU BA 224 -160.26 -4.38 59.76
C GLU BA 224 -159.47 -5.12 58.72
N ASN BA 225 -160.15 -5.89 57.86
CA ASN BA 225 -159.52 -6.60 56.74
C ASN BA 225 -158.85 -5.65 55.76
N GLU BA 226 -159.54 -4.55 55.36
CA GLU BA 226 -158.95 -3.54 54.51
C GLU BA 226 -157.84 -2.73 55.15
N MET BA 227 -157.96 -2.41 56.45
CA MET BA 227 -156.89 -1.83 57.23
C MET BA 227 -155.67 -2.72 57.45
N ALA BA 228 -155.85 -4.05 57.59
CA ALA BA 228 -154.77 -5.01 57.56
C ALA BA 228 -154.03 -5.09 56.23
N THR BA 229 -154.75 -5.10 55.07
CA THR BA 229 -154.12 -5.14 53.74
C THR BA 229 -153.51 -3.78 53.35
N ALA BA 230 -153.82 -2.68 54.08
CA ALA BA 230 -153.06 -1.44 54.00
C ALA BA 230 -151.58 -1.53 54.42
N ALA BA 231 -151.12 -2.64 55.05
CA ALA BA 231 -149.70 -2.89 55.25
C ALA BA 231 -148.93 -3.04 53.94
N SER BA 232 -149.48 -3.78 52.96
CA SER BA 232 -148.91 -3.90 51.62
C SER BA 232 -149.60 -2.93 50.68
N SER BA 233 -149.16 -1.66 50.69
CA SER BA 233 -149.82 -0.63 49.90
C SER BA 233 -149.59 -0.77 48.41
N SER BA 234 -150.69 -0.98 47.67
CA SER BA 234 -150.66 -1.11 46.23
C SER BA 234 -151.87 -0.38 45.65
N SER BA 235 -153.08 -0.99 45.75
CA SER BA 235 -154.28 -0.40 45.15
C SER BA 235 -154.99 0.61 46.04
N LEU BA 236 -154.65 0.62 47.34
CA LEU BA 236 -155.31 1.45 48.33
C LEU BA 236 -154.81 2.86 48.32
N GLU BA 237 -153.58 3.09 47.81
CA GLU BA 237 -153.06 4.39 47.54
C GLU BA 237 -153.64 4.89 46.23
N LYS BA 238 -154.00 6.17 46.18
CA LYS BA 238 -154.31 6.83 44.93
C LYS BA 238 -153.67 8.17 44.99
N SER BA 239 -152.98 8.49 43.88
CA SER BA 239 -152.54 9.82 43.52
C SER BA 239 -153.74 10.70 43.22
N TYR BA 240 -153.78 11.90 43.80
CA TYR BA 240 -154.74 12.95 43.56
C TYR BA 240 -153.98 14.21 43.21
N GLU BA 241 -154.46 14.96 42.21
CA GLU BA 241 -153.90 16.20 41.73
C GLU BA 241 -154.65 17.36 42.38
N LEU BA 242 -153.97 18.27 43.07
CA LEU BA 242 -154.56 19.51 43.56
C LEU BA 242 -154.63 20.56 42.45
N PRO BA 243 -155.49 21.56 42.50
CA PRO BA 243 -155.45 22.69 41.57
C PRO BA 243 -154.15 23.51 41.63
N ASP BA 244 -153.40 23.46 42.75
CA ASP BA 244 -152.07 24.02 42.89
C ASP BA 244 -151.05 23.33 41.95
N GLY BA 245 -151.24 22.01 41.66
CA GLY BA 245 -150.27 21.18 40.93
C GLY BA 245 -149.48 20.30 41.86
N GLN BA 246 -149.77 20.44 43.18
CA GLN BA 246 -149.33 19.49 44.17
C GLN BA 246 -150.06 18.15 44.11
N VAL BA 247 -149.35 17.06 44.37
CA VAL BA 247 -149.86 15.72 44.28
C VAL BA 247 -149.99 15.20 45.69
N ILE BA 248 -151.11 14.52 45.96
CA ILE BA 248 -151.48 13.94 47.24
C ILE BA 248 -151.61 12.46 47.01
N THR BA 249 -151.12 11.65 47.96
CA THR BA 249 -151.12 10.20 47.84
C THR BA 249 -151.76 9.64 49.09
N ILE BA 250 -152.98 9.09 49.00
CA ILE BA 250 -153.78 8.71 50.17
C ILE BA 250 -154.06 7.22 50.21
N GLY BA 251 -153.65 6.53 51.31
CA GLY BA 251 -153.73 5.08 51.45
C GLY BA 251 -154.94 4.63 52.22
N ASN BA 252 -154.74 4.12 53.45
CA ASN BA 252 -155.79 3.61 54.32
C ASN BA 252 -156.75 4.66 54.86
N GLU BA 253 -156.22 5.88 54.94
CA GLU BA 253 -156.86 7.14 55.26
C GLU BA 253 -158.08 7.40 54.41
N ARG BA 254 -158.03 6.98 53.13
CA ARG BA 254 -159.15 7.02 52.22
C ARG BA 254 -160.42 6.32 52.70
N PHE BA 255 -160.38 5.01 53.09
CA PHE BA 255 -161.62 4.29 53.37
C PHE BA 255 -162.06 4.40 54.81
N ARG BA 256 -161.16 4.80 55.73
CA ARG BA 256 -161.58 5.03 57.09
C ARG BA 256 -162.30 6.35 57.32
N CYS BA 257 -162.29 7.29 56.35
CA CYS BA 257 -163.19 8.42 56.42
C CYS BA 257 -164.66 8.02 56.31
N PRO BA 258 -165.20 7.26 55.34
CA PRO BA 258 -166.61 6.87 55.40
C PRO BA 258 -166.95 5.89 56.51
N GLU BA 259 -165.93 5.18 57.08
CA GLU BA 259 -166.08 4.24 58.18
C GLU BA 259 -166.69 4.90 59.40
N THR BA 260 -166.44 6.23 59.60
CA THR BA 260 -167.03 7.07 60.63
C THR BA 260 -168.56 6.99 60.74
N LEU BA 261 -169.29 6.77 59.60
CA LEU BA 261 -170.72 6.55 59.61
C LEU BA 261 -171.15 5.33 60.42
N PHE BA 262 -170.30 4.30 60.47
CA PHE BA 262 -170.53 3.03 61.11
C PHE BA 262 -169.79 2.94 62.43
N GLN BA 263 -168.90 3.92 62.72
CA GLN BA 263 -168.12 4.02 63.95
C GLN BA 263 -168.01 5.49 64.39
N PRO BA 264 -169.04 6.15 64.94
CA PRO BA 264 -168.96 7.55 65.39
C PRO BA 264 -168.11 7.71 66.61
N SER BA 265 -167.54 6.68 67.20
CA SER BA 265 -166.46 6.77 68.17
C SER BA 265 -165.19 7.42 67.61
N PHE BA 266 -164.94 7.33 66.27
CA PHE BA 266 -163.87 8.02 65.55
C PHE BA 266 -164.02 9.54 65.52
N ILE BA 267 -165.27 10.02 65.36
CA ILE BA 267 -165.57 11.44 65.47
C ILE BA 267 -165.64 11.89 66.95
N GLY BA 268 -165.90 10.95 67.89
CA GLY BA 268 -165.95 11.18 69.34
C GLY BA 268 -167.36 11.33 69.86
N MET BA 269 -168.36 11.05 69.02
CA MET BA 269 -169.75 11.07 69.41
C MET BA 269 -170.21 9.68 69.81
N GLU BA 270 -171.03 9.59 70.87
CA GLU BA 270 -171.59 8.33 71.31
C GLU BA 270 -172.65 7.78 70.41
N SER BA 271 -173.42 8.70 69.77
CA SER BA 271 -174.53 8.44 68.87
C SER BA 271 -174.26 7.32 67.92
N ALA BA 272 -175.11 6.29 67.91
CA ALA BA 272 -174.83 5.05 67.23
C ALA BA 272 -174.58 5.17 65.73
N GLY BA 273 -173.80 4.24 65.14
CA GLY BA 273 -173.62 4.16 63.70
C GLY BA 273 -174.92 4.06 62.94
N ILE BA 274 -174.89 4.38 61.63
CA ILE BA 274 -176.08 4.49 60.81
C ILE BA 274 -176.91 3.22 60.65
N HIS BA 275 -176.29 2.02 60.75
CA HIS BA 275 -176.98 0.75 60.72
C HIS BA 275 -177.72 0.48 62.03
N GLU BA 276 -177.12 0.77 63.22
CA GLU BA 276 -177.83 0.72 64.50
C GLU BA 276 -178.93 1.76 64.61
N THR BA 277 -178.78 2.98 64.04
CA THR BA 277 -179.88 3.96 63.97
C THR BA 277 -181.06 3.44 63.17
N THR BA 278 -180.81 2.75 62.03
CA THR BA 278 -181.85 2.06 61.26
C THR BA 278 -182.55 0.96 62.07
N TYR BA 279 -181.79 0.17 62.85
CA TYR BA 279 -182.37 -0.78 63.82
C TYR BA 279 -183.21 -0.07 64.88
N ASN BA 280 -182.72 1.05 65.44
CA ASN BA 280 -183.42 1.88 66.41
C ASN BA 280 -184.77 2.40 65.88
N SER BA 281 -184.82 2.86 64.60
CA SER BA 281 -186.05 3.21 63.92
C SER BA 281 -187.00 2.04 63.70
N ILE BA 282 -186.52 0.89 63.15
CA ILE BA 282 -187.30 -0.31 62.88
C ILE BA 282 -187.84 -0.98 64.15
N MET BA 283 -187.05 -1.01 65.25
CA MET BA 283 -187.47 -1.47 66.55
C MET BA 283 -188.55 -0.64 67.20
N LYS BA 284 -188.59 0.67 66.92
CA LYS BA 284 -189.66 1.50 67.41
C LYS BA 284 -190.97 1.31 66.67
N CYS BA 285 -190.92 0.67 65.48
CA CYS BA 285 -192.11 0.37 64.69
C CYS BA 285 -192.83 -0.84 65.22
N ASP BA 286 -194.12 -0.97 64.86
CA ASP BA 286 -194.95 -2.11 65.17
C ASP BA 286 -194.37 -3.41 64.62
N ILE BA 287 -194.59 -4.53 65.35
CA ILE BA 287 -194.01 -5.85 65.02
C ILE BA 287 -194.35 -6.32 63.62
N ASP BA 288 -195.62 -6.14 63.20
CA ASP BA 288 -196.20 -6.63 61.96
C ASP BA 288 -195.47 -6.12 60.70
N ILE BA 289 -195.20 -4.80 60.65
CA ILE BA 289 -194.69 -4.21 59.43
C ILE BA 289 -193.21 -4.44 59.23
N ARG BA 290 -192.45 -4.78 60.30
CA ARG BA 290 -191.01 -4.80 60.23
C ARG BA 290 -190.40 -5.64 59.11
N LYS BA 291 -191.08 -6.73 58.70
CA LYS BA 291 -190.68 -7.63 57.64
C LYS BA 291 -190.36 -6.93 56.31
N ASP BA 292 -191.17 -5.93 55.89
CA ASP BA 292 -190.95 -5.27 54.63
C ASP BA 292 -189.99 -4.10 54.82
N LEU BA 293 -189.93 -3.45 55.99
CA LEU BA 293 -188.96 -2.40 56.30
C LEU BA 293 -187.53 -2.86 56.28
N TYR BA 294 -187.27 -4.07 56.78
CA TYR BA 294 -186.03 -4.77 56.58
C TYR BA 294 -185.70 -5.00 55.11
N ALA BA 295 -186.70 -5.38 54.28
CA ALA BA 295 -186.50 -5.70 52.89
C ALA BA 295 -186.64 -4.50 51.90
N ASN BA 296 -186.96 -3.28 52.37
CA ASN BA 296 -187.28 -2.14 51.53
C ASN BA 296 -186.56 -0.90 52.05
N ASN BA 297 -185.37 -1.05 52.64
CA ASN BA 297 -184.50 0.09 52.99
C ASN BA 297 -184.07 0.88 51.75
N VAL BA 298 -184.37 2.20 51.72
CA VAL BA 298 -184.06 3.09 50.62
C VAL BA 298 -182.98 4.03 51.12
N MET BA 299 -181.85 4.09 50.41
CA MET BA 299 -180.85 5.12 50.65
C MET BA 299 -181.09 6.32 49.77
N SER BA 300 -180.96 7.53 50.35
CA SER BA 300 -181.07 8.77 49.60
C SER BA 300 -179.98 9.71 50.04
N GLY BA 301 -179.82 10.80 49.28
CA GLY BA 301 -178.95 11.91 49.64
C GLY BA 301 -177.59 11.82 49.03
N GLY BA 302 -176.77 12.87 49.25
CA GLY BA 302 -175.44 12.92 48.66
C GLY BA 302 -174.39 12.08 49.34
N THR BA 303 -174.49 11.80 50.66
CA THR BA 303 -173.42 11.10 51.39
C THR BA 303 -173.75 9.61 51.52
N THR BA 304 -174.76 9.10 50.75
CA THR BA 304 -174.92 7.68 50.46
C THR BA 304 -174.33 7.34 49.11
N MET BA 305 -173.64 8.28 48.44
CA MET BA 305 -173.06 7.98 47.16
C MET BA 305 -171.80 7.13 47.17
N TYR BA 306 -171.04 7.03 48.29
CA TYR BA 306 -169.77 6.31 48.35
C TYR BA 306 -169.89 4.86 47.87
N PRO BA 307 -169.00 4.35 47.03
CA PRO BA 307 -168.98 2.94 46.64
C PRO BA 307 -168.90 1.98 47.83
N GLY BA 308 -169.78 0.95 47.86
CA GLY BA 308 -169.77 -0.10 48.87
C GLY BA 308 -170.56 0.19 50.13
N ILE BA 309 -171.24 1.36 50.26
CA ILE BA 309 -172.12 1.64 51.43
C ILE BA 309 -173.25 0.62 51.55
N ALA BA 310 -173.94 0.33 50.42
CA ALA BA 310 -175.07 -0.57 50.38
C ALA BA 310 -174.74 -1.98 50.84
N ASP BA 311 -173.61 -2.54 50.40
CA ASP BA 311 -173.08 -3.81 50.81
C ASP BA 311 -172.71 -3.87 52.28
N ARG BA 312 -172.04 -2.81 52.81
CA ARG BA 312 -171.73 -2.73 54.23
C ARG BA 312 -172.96 -2.66 55.13
N MET BA 313 -173.97 -1.83 54.78
CA MET BA 313 -175.24 -1.77 55.47
C MET BA 313 -175.99 -3.09 55.44
N GLN BA 314 -175.96 -3.78 54.27
CA GLN BA 314 -176.55 -5.10 54.13
C GLN BA 314 -175.92 -6.13 55.03
N LYS BA 315 -174.58 -6.21 55.07
CA LYS BA 315 -173.90 -7.15 55.93
C LYS BA 315 -174.14 -6.89 57.43
N GLU BA 316 -174.14 -5.61 57.87
CA GLU BA 316 -174.36 -5.26 59.26
C GLU BA 316 -175.78 -5.42 59.72
N ILE BA 317 -176.78 -4.95 58.94
CA ILE BA 317 -178.17 -5.15 59.28
C ILE BA 317 -178.57 -6.62 59.26
N THR BA 318 -178.11 -7.40 58.25
CA THR BA 318 -178.28 -8.87 58.23
C THR BA 318 -177.64 -9.56 59.41
N ALA BA 319 -176.42 -9.15 59.84
CA ALA BA 319 -175.76 -9.66 61.02
C ALA BA 319 -176.50 -9.41 62.34
N LEU BA 320 -177.04 -8.19 62.54
CA LEU BA 320 -177.83 -7.83 63.71
C LEU BA 320 -179.24 -8.39 63.74
N ALA BA 321 -179.93 -8.41 62.60
CA ALA BA 321 -181.32 -8.77 62.52
C ALA BA 321 -181.55 -10.29 62.60
N PRO BA 322 -182.77 -10.77 62.79
CA PRO BA 322 -183.12 -12.14 62.44
C PRO BA 322 -182.79 -12.53 61.00
N SER BA 323 -182.00 -13.60 60.77
CA SER BA 323 -181.68 -14.14 59.45
C SER BA 323 -182.83 -14.99 58.91
N THR BA 324 -183.96 -15.01 59.66
CA THR BA 324 -185.27 -15.57 59.33
C THR BA 324 -185.86 -14.90 58.13
N MET BA 325 -185.60 -13.59 57.95
CA MET BA 325 -186.09 -12.82 56.84
C MET BA 325 -184.97 -12.18 56.08
N LYS BA 326 -185.17 -12.00 54.76
CA LYS BA 326 -184.13 -11.48 53.90
C LYS BA 326 -184.13 -9.96 53.82
N ILE BA 327 -182.94 -9.39 54.01
CA ILE BA 327 -182.74 -7.97 54.11
C ILE BA 327 -182.29 -7.46 52.76
N LYS BA 328 -183.23 -7.00 51.92
CA LYS BA 328 -182.89 -6.32 50.70
C LYS BA 328 -182.75 -4.84 50.97
N ILE BA 329 -181.67 -4.22 50.45
CA ILE BA 329 -181.49 -2.79 50.49
C ILE BA 329 -181.61 -2.36 49.06
N ILE BA 330 -182.44 -1.36 48.80
CA ILE BA 330 -182.61 -0.80 47.49
C ILE BA 330 -182.01 0.59 47.50
N ALA BA 331 -180.81 0.70 46.92
CA ALA BA 331 -180.10 1.96 46.84
C ALA BA 331 -179.88 2.26 45.37
N PRO BA 332 -180.66 3.11 44.71
CA PRO BA 332 -180.51 3.32 43.27
C PRO BA 332 -179.23 4.12 43.01
N PRO BA 333 -178.44 3.97 41.95
CA PRO BA 333 -177.75 5.12 41.37
C PRO BA 333 -178.76 6.20 41.00
N GLU BA 334 -178.36 7.49 40.98
CA GLU BA 334 -179.24 8.65 40.87
C GLU BA 334 -179.81 9.05 42.23
N ARG BA 335 -179.46 8.28 43.30
CA ARG BA 335 -179.95 8.48 44.66
C ARG BA 335 -179.66 9.86 45.27
N LYS BA 336 -178.64 10.55 44.73
CA LYS BA 336 -178.29 11.90 45.07
C LYS BA 336 -179.43 12.88 44.81
N TYR BA 337 -180.15 12.71 43.68
CA TYR BA 337 -181.14 13.67 43.26
C TYR BA 337 -182.53 13.20 43.64
N SER BA 338 -182.66 12.08 44.40
CA SER BA 338 -183.93 11.45 44.71
C SER BA 338 -184.96 12.33 45.40
N VAL BA 339 -184.52 13.21 46.33
CA VAL BA 339 -185.37 14.21 46.95
C VAL BA 339 -185.97 15.20 45.96
N TRP BA 340 -185.16 15.75 45.02
CA TRP BA 340 -185.65 16.66 44.01
C TRP BA 340 -186.63 15.98 43.06
N ILE BA 341 -186.33 14.74 42.61
CA ILE BA 341 -187.23 13.94 41.77
C ILE BA 341 -188.53 13.66 42.49
N GLY BA 342 -188.48 13.37 43.80
CA GLY BA 342 -189.66 13.23 44.61
C GLY BA 342 -190.50 14.45 44.76
N GLY BA 343 -189.86 15.62 44.71
CA GLY BA 343 -190.53 16.90 44.66
C GLY BA 343 -191.13 17.23 43.31
N SER BA 344 -190.45 16.80 42.20
CA SER BA 344 -190.96 16.91 40.82
C SER BA 344 -192.24 16.14 40.64
N ILE BA 345 -192.25 14.85 41.07
CA ILE BA 345 -193.42 13.99 40.99
C ILE BA 345 -194.56 14.52 41.84
N LEU BA 346 -194.30 14.99 43.09
CA LEU BA 346 -195.34 15.54 43.95
C LEU BA 346 -196.09 16.74 43.43
N ALA BA 347 -195.36 17.73 42.88
CA ALA BA 347 -195.99 18.91 42.34
C ALA BA 347 -196.67 18.64 40.99
N SER BA 348 -196.25 17.58 40.26
CA SER BA 348 -196.95 17.07 39.08
C SER BA 348 -198.24 16.31 39.39
N LEU BA 349 -198.42 15.79 40.63
CA LEU BA 349 -199.65 15.16 41.05
C LEU BA 349 -200.85 16.10 41.11
N SER BA 350 -201.97 15.72 40.43
CA SER BA 350 -203.15 16.54 40.30
C SER BA 350 -203.85 16.86 41.61
N THR BA 351 -204.01 15.86 42.50
CA THR BA 351 -204.59 16.03 43.85
C THR BA 351 -203.80 16.97 44.74
N PHE BA 352 -202.45 16.92 44.65
CA PHE BA 352 -201.53 17.75 45.40
C PHE BA 352 -201.76 19.24 45.13
N GLN BA 353 -202.25 19.59 43.91
CA GLN BA 353 -202.60 20.94 43.55
C GLN BA 353 -203.72 21.60 44.38
N GLN BA 354 -204.40 20.88 45.29
CA GLN BA 354 -205.29 21.46 46.26
C GLN BA 354 -204.68 21.56 47.66
N MET BA 355 -203.53 20.91 47.92
CA MET BA 355 -202.92 20.84 49.24
C MET BA 355 -201.83 21.87 49.39
N TRP BA 356 -201.60 22.70 48.36
CA TRP BA 356 -200.68 23.82 48.45
C TRP BA 356 -201.07 24.78 49.55
N ILE BA 357 -200.07 25.37 50.23
CA ILE BA 357 -200.35 26.50 51.08
C ILE BA 357 -200.55 27.68 50.16
N THR BA 358 -201.77 28.24 50.09
CA THR BA 358 -201.99 29.38 49.20
C THR BA 358 -201.42 30.64 49.81
N LYS BA 359 -201.08 31.63 48.98
CA LYS BA 359 -200.73 32.95 49.45
C LYS BA 359 -201.85 33.60 50.24
N GLN BA 360 -203.11 33.44 49.79
CA GLN BA 360 -204.28 33.94 50.46
C GLN BA 360 -204.43 33.41 51.88
N GLU BA 361 -204.32 32.07 52.06
CA GLU BA 361 -204.44 31.39 53.34
C GLU BA 361 -203.37 31.81 54.34
N TYR BA 362 -202.12 32.03 53.86
CA TYR BA 362 -201.05 32.68 54.61
C TYR BA 362 -201.39 34.11 55.01
N ASP BA 363 -201.91 34.96 54.09
CA ASP BA 363 -202.19 36.36 54.36
C ASP BA 363 -203.26 36.50 55.48
N GLU BA 364 -204.34 35.68 55.46
CA GLU BA 364 -205.31 35.58 56.56
C GLU BA 364 -204.77 34.99 57.87
N ALA BA 365 -204.08 33.84 57.82
CA ALA BA 365 -203.89 33.05 59.01
C ALA BA 365 -202.43 33.05 59.51
N GLY BA 366 -201.51 33.74 58.81
CA GLY BA 366 -200.14 33.96 59.22
C GLY BA 366 -199.14 32.84 58.97
N PRO BA 367 -197.86 33.03 59.34
CA PRO BA 367 -196.79 32.09 59.07
C PRO BA 367 -196.90 30.82 59.88
N SER BA 368 -197.67 30.79 60.97
CA SER BA 368 -197.70 29.66 61.87
C SER BA 368 -198.45 28.44 61.32
N ILE BA 369 -199.23 28.65 60.25
CA ILE BA 369 -200.07 27.65 59.60
C ILE BA 369 -199.33 26.54 58.90
N VAL BA 370 -197.99 26.62 58.77
CA VAL BA 370 -197.20 25.57 58.15
C VAL BA 370 -197.47 24.22 58.78
N HIS BA 371 -197.27 24.16 60.11
CA HIS BA 371 -197.42 22.93 60.89
C HIS BA 371 -198.84 22.42 60.98
N ARG BA 372 -199.82 23.35 60.97
CA ARG BA 372 -201.24 23.08 60.95
C ARG BA 372 -201.75 22.34 59.72
N LYS BA 373 -201.26 22.73 58.51
CA LYS BA 373 -201.70 22.11 57.27
C LYS BA 373 -200.83 20.94 56.86
N CYS BA 374 -199.49 21.12 56.88
CA CYS BA 374 -198.53 20.16 56.37
C CYS BA 374 -197.81 19.44 57.50
N PHE BA 375 -197.24 18.27 57.17
CA PHE BA 375 -196.34 17.53 58.03
C PHE BA 375 -194.90 18.14 58.05
#